data_4V5I
#
_entry.id   4V5I
#
_cell.length_a   219.521
_cell.length_b   219.337
_cell.length_c   392.432
_cell.angle_alpha   90.00
_cell.angle_beta   90.02
_cell.angle_gamma   90.00
#
_symmetry.space_group_name_H-M   'P 1 21 1'
#
loop_
_entity.id
_entity.type
_entity.pdbx_description
1 polymer ORF16
2 polymer 'PUTATIVE RECEPTOR BINDING PROTEIN'
3 polymer ORF15
4 non-polymer 'CALCIUM ION'
#
loop_
_entity_poly.entity_id
_entity_poly.type
_entity_poly.pdbx_seq_one_letter_code
_entity_poly.pdbx_strand_id
1 'polypeptide(L)'
;MLEANVYDNFNPNYYNISDFSMPNGKKEKRGLPIPKARCQVINYELWETGYLYTSSATLTVSVEVGDIVQILFPEVVPIE
EALGKKKKLNLDMVYLVTDVDESNKATLKNYFWAMIESLDVPNAITKTTNFAIIDYLIDPNKNNLMSYGYFFNSSIFAGK
ATINRKAETSSAHDVAKRIFSKVQFQPTTTIQHAPSETDPRNLLFINFASRNWNRKRITTRVDIKQSVTMDTETIVDRSA
YNFAVVFVKNKATDDYTDPPKMYIAKNNGDVIDYSTYHGDGTDLPDVRTAKTLFYDRDDHGNPPELSTIKVEISPSTIVT
RLIFNQNELLPLYVNDLVDIWYEGKLYSGYIADRVKTEFNDRLIFVESGDKP
;
A0,AY,AZ,B0,BY,BZ
2 'polypeptide(L)'
;TIKNFTFFSPNSTEFPVGSNNDGKLYMMLTGMDYRTIRRKDWSSPLNTALNVQYTNTSIIAGGRYFELLNETVALKGDSV
NYIHANIDLTQTANPVSLSAETANNSNGVDINNGSGVLKVCFDIVTTSGTGVTSTKPIVQTSTLDSISVNDMTVSGSIDV
PVQTLTVEAGNGLQLQLTKKNNDLVIVRFFGSVSNIQKGWNMSGTWVDRPFRPAAVQSLVGHFAGRDTSFHIDINPNGSI
TWWGANIDKTPIATRGNGSYFIK
;
AA,AB,AC,AD,AE,AF,AG,AH,AI,AJ,AK,AL,AM,AN,AO,AP,AQ,AR,BA,BB,BC,BD,BE,BF,BG,BH,BI,BJ,BK,BL,BM,BN,BO,BP,BQ,BR
3 'polypeptide(L)'
;MVRQYKIHTNLDGTDDKVWDVTNGKVRFYQPSNLGLQSTNNIWQSNGIGVMGTRSITQPQIEFKLETFGESLEENYQLMK
DFVNDILSKKFVTLEYQTEIFQVYADLALADVTKTEGYGKNGTFSEKITFDIITKWYTYENLTFDKIQNGKVIAGMSKIY
GGTAPGNYKYIKGTSYTYYGESDIDRLSRWDIKEEIFSFMGILYPKLPKTPAGVRFLDDIGNEYTAIVFKTEQVQDYILI
NTDVNDETYQGWKGTTALNLFPVMDFERYRTRIIEKGQMELINLSKAEFKIKRKADFV
;
AS,AT,AU,AV,AW,AX,BS,BT,BU,BV,BW,BX
#
# COMPACT_ATOMS: atom_id res chain seq x y z
N MET A 1 51.46 7.55 11.37
CA MET A 1 51.96 6.85 12.55
C MET A 1 53.45 7.15 12.82
N LEU A 2 53.96 6.71 13.98
CA LEU A 2 55.36 6.84 14.37
C LEU A 2 56.04 5.46 14.34
N GLU A 3 57.35 5.45 14.10
CA GLU A 3 58.14 4.20 14.08
C GLU A 3 58.60 3.84 15.49
N ALA A 4 58.55 2.56 15.83
CA ALA A 4 58.95 2.08 17.15
C ALA A 4 59.91 0.90 17.09
N ASN A 5 60.99 0.97 17.88
CA ASN A 5 62.00 -0.07 18.00
C ASN A 5 61.77 -0.82 19.30
N VAL A 6 61.50 -2.14 19.23
CA VAL A 6 61.24 -2.94 20.41
C VAL A 6 62.44 -3.83 20.77
N TYR A 7 63.01 -3.59 21.96
CA TYR A 7 64.15 -4.33 22.51
C TYR A 7 63.70 -5.07 23.76
N ASP A 8 64.39 -6.16 24.14
CA ASP A 8 64.11 -6.86 25.39
C ASP A 8 64.71 -6.04 26.54
N ASN A 9 64.21 -6.24 27.78
CA ASN A 9 64.65 -5.50 28.97
C ASN A 9 66.15 -5.26 29.02
N PHE A 10 66.55 -3.99 29.25
CA PHE A 10 67.96 -3.60 29.37
C PHE A 10 68.45 -3.98 30.76
N ASN A 11 68.61 -5.30 30.97
CA ASN A 11 69.03 -5.94 32.20
C ASN A 11 70.46 -5.50 32.56
N PRO A 12 70.65 -4.78 33.69
CA PRO A 12 72.01 -4.38 34.07
C PRO A 12 72.84 -5.54 34.61
N ASN A 13 72.19 -6.70 34.89
CA ASN A 13 72.84 -7.93 35.35
C ASN A 13 73.62 -8.54 34.17
N TYR A 14 73.34 -8.10 32.93
CA TYR A 14 73.95 -8.55 31.70
C TYR A 14 74.81 -7.46 31.03
N TYR A 15 74.21 -6.28 30.74
CA TYR A 15 74.86 -5.17 30.04
C TYR A 15 75.93 -4.36 30.79
N ASN A 16 75.96 -4.40 32.14
CA ASN A 16 76.93 -3.65 32.94
C ASN A 16 78.38 -4.20 32.87
N ILE A 17 78.55 -5.45 32.39
CA ILE A 17 79.85 -6.12 32.28
C ILE A 17 80.73 -5.47 31.21
N SER A 18 81.98 -5.09 31.60
CA SER A 18 82.97 -4.44 30.74
C SER A 18 83.91 -5.45 30.07
N ASP A 19 83.34 -6.40 29.32
CA ASP A 19 84.08 -7.46 28.62
C ASP A 19 84.19 -7.26 27.10
N PHE A 20 83.39 -6.33 26.52
CA PHE A 20 83.39 -6.05 25.08
C PHE A 20 84.73 -5.47 24.61
N SER A 21 85.39 -6.17 23.68
CA SER A 21 86.67 -5.76 23.12
C SER A 21 86.47 -4.73 22.01
N MET A 22 86.90 -3.48 22.29
CA MET A 22 86.80 -2.33 21.38
C MET A 22 87.78 -2.52 20.20
N PRO A 23 87.53 -1.90 19.00
CA PRO A 23 88.45 -2.11 17.85
C PRO A 23 89.92 -1.82 18.10
N ASN A 24 90.24 -0.86 19.00
CA ASN A 24 91.62 -0.53 19.35
C ASN A 24 92.27 -1.64 20.21
N GLY A 25 91.46 -2.32 21.02
CA GLY A 25 91.89 -3.39 21.89
C GLY A 25 91.33 -3.33 23.31
N LYS A 26 90.99 -2.11 23.76
CA LYS A 26 90.43 -1.75 25.07
C LYS A 26 89.16 -2.56 25.41
N LYS A 27 88.93 -2.84 26.71
CA LYS A 27 87.75 -3.56 27.18
C LYS A 27 86.76 -2.59 27.80
N GLU A 28 85.56 -2.46 27.20
CA GLU A 28 84.48 -1.57 27.64
C GLU A 28 83.15 -2.31 27.85
N LYS A 29 82.13 -1.60 28.40
CA LYS A 29 80.78 -2.12 28.67
C LYS A 29 80.07 -2.67 27.43
N ARG A 30 79.11 -3.58 27.62
CA ARG A 30 78.34 -4.19 26.53
C ARG A 30 77.35 -3.19 25.94
N GLY A 31 77.36 -3.07 24.62
CA GLY A 31 76.47 -2.17 23.88
C GLY A 31 75.05 -2.69 23.79
N LEU A 32 74.09 -1.78 23.57
CA LEU A 32 72.66 -2.12 23.44
C LEU A 32 72.39 -3.03 22.23
N PRO A 33 71.39 -3.95 22.31
CA PRO A 33 71.15 -4.86 21.19
C PRO A 33 70.40 -4.22 20.02
N ILE A 34 70.17 -4.99 18.96
CA ILE A 34 69.38 -4.57 17.81
C ILE A 34 67.90 -4.83 18.15
N PRO A 35 66.92 -4.04 17.66
CA PRO A 35 65.51 -4.33 18.02
C PRO A 35 65.08 -5.71 17.54
N LYS A 36 64.46 -6.50 18.45
CA LYS A 36 63.98 -7.85 18.12
C LYS A 36 62.88 -7.79 17.04
N ALA A 37 62.19 -6.64 16.94
CA ALA A 37 61.14 -6.35 15.97
C ALA A 37 60.95 -4.85 15.75
N ARG A 38 60.83 -4.44 14.48
CA ARG A 38 60.57 -3.06 14.09
C ARG A 38 59.06 -3.00 13.86
N CYS A 39 58.39 -2.17 14.64
CA CYS A 39 56.95 -2.02 14.52
C CYS A 39 56.56 -0.56 14.39
N GLN A 40 55.27 -0.29 14.36
CA GLN A 40 54.74 1.06 14.26
C GLN A 40 53.76 1.31 15.37
N VAL A 41 54.07 2.33 16.18
CA VAL A 41 53.28 2.77 17.33
C VAL A 41 52.04 3.51 16.82
N ILE A 42 50.88 3.01 17.24
CA ILE A 42 49.56 3.46 16.79
C ILE A 42 48.55 3.61 17.94
N ASN A 43 47.67 4.64 17.90
CA ASN A 43 46.66 4.97 18.93
C ASN A 43 47.41 5.29 20.22
N TYR A 44 48.18 6.38 20.15
CA TYR A 44 49.14 6.81 21.17
C TYR A 44 48.87 8.12 21.90
N GLU A 45 49.33 8.15 23.16
CA GLU A 45 49.36 9.26 24.11
C GLU A 45 50.79 9.12 24.65
N LEU A 46 51.74 9.84 24.03
CA LEU A 46 53.15 9.73 24.41
C LEU A 46 53.70 11.00 25.02
N TRP A 47 54.08 10.94 26.30
CA TRP A 47 54.63 12.08 27.04
C TRP A 47 56.13 12.21 26.81
N GLU A 48 56.70 13.39 27.07
CA GLU A 48 58.13 13.61 26.85
C GLU A 48 58.99 13.27 28.07
N THR A 49 58.51 13.62 29.29
CA THR A 49 59.24 13.39 30.54
C THR A 49 58.48 12.52 31.55
N GLY A 50 57.15 12.49 31.42
CA GLY A 50 56.25 11.75 32.30
C GLY A 50 56.09 12.41 33.65
N TYR A 51 55.85 13.73 33.65
CA TYR A 51 55.69 14.56 34.84
C TYR A 51 54.42 14.24 35.64
N LEU A 52 53.29 14.08 34.93
CA LEU A 52 52.00 13.84 35.56
C LEU A 52 51.31 12.53 35.16
N TYR A 53 51.26 12.23 33.85
CA TYR A 53 50.60 11.04 33.33
C TYR A 53 51.58 10.03 32.74
N THR A 54 51.17 8.75 32.71
CA THR A 54 51.93 7.65 32.11
C THR A 54 51.43 7.42 30.69
N SER A 55 52.36 7.19 29.75
CA SER A 55 52.05 6.97 28.35
C SER A 55 51.34 5.65 28.11
N SER A 56 50.53 5.59 27.04
CA SER A 56 49.77 4.41 26.66
C SER A 56 49.65 4.38 25.14
N ALA A 57 50.03 3.25 24.51
CA ALA A 57 49.99 3.11 23.06
C ALA A 57 49.85 1.66 22.61
N THR A 58 49.05 1.44 21.56
CA THR A 58 48.88 0.11 20.96
C THR A 58 50.04 -0.06 19.95
N LEU A 59 50.61 -1.25 19.90
CA LEU A 59 51.74 -1.54 19.00
C LEU A 59 51.41 -2.71 18.09
N THR A 60 51.91 -2.67 16.83
CA THR A 60 51.66 -3.70 15.83
C THR A 60 52.18 -5.09 16.21
N VAL A 61 53.42 -5.17 16.74
CA VAL A 61 54.00 -6.43 17.19
C VAL A 61 53.52 -6.73 18.63
N SER A 62 53.42 -8.01 18.99
CA SER A 62 52.95 -8.41 20.32
C SER A 62 54.04 -8.30 21.39
N VAL A 63 54.27 -7.09 21.88
CA VAL A 63 55.25 -6.78 22.93
C VAL A 63 54.81 -7.38 24.29
N GLU A 64 55.78 -7.64 25.17
CA GLU A 64 55.48 -8.17 26.51
C GLU A 64 56.09 -7.29 27.61
N VAL A 65 55.58 -7.43 28.85
CA VAL A 65 56.03 -6.67 30.03
C VAL A 65 57.54 -6.83 30.23
N GLY A 66 58.24 -5.71 30.35
CA GLY A 66 59.70 -5.67 30.53
C GLY A 66 60.44 -5.06 29.36
N ASP A 67 59.93 -5.29 28.13
CA ASP A 67 60.50 -4.80 26.89
C ASP A 67 60.62 -3.28 26.84
N ILE A 68 61.67 -2.77 26.18
CA ILE A 68 61.95 -1.33 26.04
C ILE A 68 61.48 -0.86 24.65
N VAL A 69 60.65 0.21 24.62
CA VAL A 69 60.13 0.78 23.38
C VAL A 69 60.75 2.16 23.06
N GLN A 70 61.46 2.24 21.92
CA GLN A 70 62.13 3.46 21.43
C GLN A 70 61.33 4.04 20.26
N ILE A 71 60.59 5.13 20.52
CA ILE A 71 59.78 5.80 19.50
C ILE A 71 60.64 6.81 18.74
N LEU A 72 60.71 6.65 17.42
CA LEU A 72 61.54 7.46 16.52
C LEU A 72 60.78 8.57 15.82
N PHE A 73 61.44 9.74 15.68
CA PHE A 73 60.94 10.93 15.02
C PHE A 73 61.98 11.42 14.00
N PRO A 74 61.59 11.78 12.74
CA PRO A 74 62.60 12.22 11.76
C PRO A 74 63.12 13.65 11.96
N GLU A 75 63.38 14.03 13.21
CA GLU A 75 63.90 15.34 13.58
C GLU A 75 65.00 15.24 14.63
N VAL A 76 65.81 16.30 14.75
CA VAL A 76 66.96 16.37 15.65
C VAL A 76 66.88 17.45 16.71
N VAL A 77 67.30 17.13 17.93
CA VAL A 77 67.32 18.04 19.07
C VAL A 77 68.78 18.41 19.43
N PRO A 78 69.14 19.71 19.42
CA PRO A 78 70.51 20.09 19.75
C PRO A 78 70.62 20.44 21.22
N ILE A 79 71.39 19.65 21.97
CA ILE A 79 71.63 19.87 23.39
C ILE A 79 73.00 20.52 23.58
N GLU A 80 73.06 21.54 24.46
CA GLU A 80 74.29 22.24 24.76
C GLU A 80 74.91 21.56 25.99
N GLU A 81 75.86 20.62 25.75
CA GLU A 81 76.53 19.86 26.82
C GLU A 81 77.68 20.61 27.51
N ALA A 82 78.28 21.58 26.79
CA ALA A 82 79.34 22.48 27.26
C ALA A 82 79.05 23.89 26.74
N LEU A 83 79.64 24.92 27.33
CA LEU A 83 79.39 26.36 27.05
C LEU A 83 79.23 26.65 25.56
N GLY A 84 80.17 26.12 24.80
CA GLY A 84 80.18 26.28 23.35
C GLY A 84 79.85 25.02 22.56
N LYS A 85 80.10 23.85 23.16
CA LYS A 85 79.88 22.53 22.54
C LYS A 85 78.40 22.14 22.50
N LYS A 86 77.88 22.01 21.28
CA LYS A 86 76.49 21.64 20.99
C LYS A 86 76.53 20.34 20.18
N LYS A 87 75.83 19.29 20.63
CA LYS A 87 75.87 18.02 19.91
C LYS A 87 74.58 17.59 19.22
N LYS A 88 74.74 17.02 18.01
CA LYS A 88 73.69 16.50 17.15
C LYS A 88 73.09 15.23 17.78
N LEU A 89 71.91 15.39 18.41
CA LEU A 89 71.18 14.32 19.09
C LEU A 89 69.83 14.13 18.39
N ASN A 90 69.47 12.87 18.06
CA ASN A 90 68.25 12.50 17.36
C ASN A 90 67.05 12.40 18.31
N LEU A 91 65.86 12.88 17.90
CA LEU A 91 64.65 12.86 18.74
C LEU A 91 64.14 11.45 19.03
N ASP A 92 64.06 11.13 20.34
CA ASP A 92 63.65 9.83 20.85
C ASP A 92 62.71 9.92 22.04
N MET A 93 61.82 8.92 22.14
CA MET A 93 60.90 8.74 23.26
C MET A 93 61.05 7.28 23.71
N VAL A 94 61.84 7.08 24.77
CA VAL A 94 62.18 5.76 25.32
C VAL A 94 61.33 5.43 26.57
N TYR A 95 60.63 4.29 26.52
CA TYR A 95 59.75 3.82 27.59
C TYR A 95 59.97 2.35 27.93
N LEU A 96 59.51 1.95 29.13
CA LEU A 96 59.52 0.56 29.60
C LEU A 96 58.07 0.08 29.59
N VAL A 97 57.83 -1.14 29.09
CA VAL A 97 56.48 -1.71 29.07
C VAL A 97 56.12 -2.19 30.48
N THR A 98 55.07 -1.61 31.09
CA THR A 98 54.61 -1.97 32.43
C THR A 98 53.47 -2.99 32.41
N ASP A 99 52.54 -2.90 31.42
CA ASP A 99 51.42 -3.83 31.23
C ASP A 99 50.80 -3.73 29.85
N VAL A 100 50.47 -4.90 29.26
CA VAL A 100 49.82 -5.05 27.96
C VAL A 100 48.48 -5.76 28.19
N ASP A 101 47.37 -5.21 27.64
CA ASP A 101 46.06 -5.83 27.79
C ASP A 101 45.79 -6.81 26.62
N GLU A 102 44.54 -7.31 26.52
CA GLU A 102 44.07 -8.25 25.49
C GLU A 102 44.19 -7.67 24.08
N SER A 103 43.85 -6.37 23.93
CA SER A 103 43.88 -5.62 22.67
C SER A 103 45.28 -5.05 22.31
N ASN A 104 46.33 -5.58 22.94
CA ASN A 104 47.75 -5.21 22.77
C ASN A 104 48.09 -3.72 23.02
N LYS A 105 47.26 -3.04 23.85
CA LYS A 105 47.50 -1.64 24.23
C LYS A 105 48.46 -1.68 25.42
N ALA A 106 49.71 -1.23 25.19
CA ALA A 106 50.77 -1.23 26.19
C ALA A 106 50.84 0.04 27.02
N THR A 107 50.93 -0.11 28.35
CA THR A 107 51.08 1.00 29.30
C THR A 107 52.58 1.26 29.39
N LEU A 108 53.01 2.42 28.89
CA LEU A 108 54.42 2.79 28.84
C LEU A 108 54.81 3.78 29.93
N LYS A 109 55.90 3.46 30.65
CA LYS A 109 56.45 4.31 31.70
C LYS A 109 57.80 4.84 31.22
N ASN A 110 57.99 6.18 31.31
CA ASN A 110 59.21 6.88 30.89
C ASN A 110 60.44 6.26 31.57
N TYR A 111 61.42 5.84 30.75
CA TYR A 111 62.64 5.14 31.14
C TYR A 111 63.33 5.63 32.42
N PHE A 112 63.49 6.95 32.62
CA PHE A 112 64.14 7.52 33.80
C PHE A 112 63.44 7.17 35.12
N TRP A 113 62.13 7.45 35.21
CA TRP A 113 61.33 7.19 36.41
C TRP A 113 61.18 5.70 36.70
N ALA A 114 61.31 4.88 35.67
CA ALA A 114 61.26 3.41 35.72
C ALA A 114 62.64 2.84 36.08
N MET A 115 63.68 3.70 36.03
CA MET A 115 65.08 3.38 36.33
C MET A 115 65.40 3.67 37.80
N ILE A 116 64.96 4.84 38.31
CA ILE A 116 65.17 5.26 39.71
C ILE A 116 64.13 4.64 40.67
N GLU A 117 63.46 3.57 40.23
CA GLU A 117 62.45 2.84 40.99
C GLU A 117 63.04 2.10 42.17
N SER A 118 62.33 2.14 43.30
CA SER A 118 62.57 1.44 44.58
C SER A 118 63.85 1.86 45.26
N LEU A 119 64.54 2.82 44.67
CA LEU A 119 65.79 3.35 45.22
C LEU A 119 65.47 4.35 46.33
N ASP A 120 66.09 4.16 47.50
CA ASP A 120 65.94 5.04 48.66
C ASP A 120 67.24 5.81 48.89
N VAL A 121 67.12 7.07 49.33
CA VAL A 121 68.28 7.93 49.57
C VAL A 121 68.25 8.60 50.96
N PRO A 122 69.27 8.38 51.82
CA PRO A 122 69.27 9.02 53.14
C PRO A 122 69.59 10.52 53.07
N ASN A 123 69.32 11.25 54.17
CA ASN A 123 69.56 12.69 54.29
C ASN A 123 71.03 13.08 54.10
N ALA A 124 71.96 12.18 54.49
CA ALA A 124 73.41 12.38 54.40
C ALA A 124 73.89 12.75 52.99
N ILE A 125 73.32 12.10 51.94
CA ILE A 125 73.65 12.35 50.53
C ILE A 125 73.08 13.71 50.07
N THR A 126 71.85 14.02 50.51
CA THR A 126 71.12 15.26 50.18
C THR A 126 71.72 16.55 50.79
N LYS A 127 72.70 16.42 51.71
CA LYS A 127 73.40 17.53 52.37
C LYS A 127 74.30 18.32 51.41
N THR A 128 74.84 17.65 50.39
CA THR A 128 75.72 18.25 49.37
C THR A 128 74.92 18.92 48.23
N THR A 129 75.61 19.28 47.12
CA THR A 129 74.99 19.93 45.95
C THR A 129 74.11 18.94 45.17
N ASN A 130 73.27 19.48 44.26
CA ASN A 130 72.36 18.69 43.43
C ASN A 130 73.08 17.73 42.46
N PHE A 131 74.36 18.03 42.11
CA PHE A 131 75.20 17.20 41.25
C PHE A 131 75.48 15.83 41.89
N ALA A 132 75.71 15.82 43.22
CA ALA A 132 75.98 14.63 44.01
C ALA A 132 74.79 13.68 44.07
N ILE A 133 73.56 14.23 44.10
CA ILE A 133 72.32 13.45 44.14
C ILE A 133 72.06 12.81 42.76
N ILE A 134 72.27 13.59 41.68
CA ILE A 134 72.12 13.13 40.29
C ILE A 134 73.14 12.01 40.00
N ASP A 135 74.40 12.18 40.46
CA ASP A 135 75.47 11.19 40.28
C ASP A 135 75.18 9.89 41.06
N TYR A 136 74.43 9.99 42.17
CA TYR A 136 74.01 8.83 42.98
C TYR A 136 72.85 8.12 42.28
N LEU A 137 71.76 8.86 41.96
CA LEU A 137 70.56 8.36 41.30
C LEU A 137 70.84 7.64 39.98
N ILE A 138 71.71 8.22 39.12
CA ILE A 138 72.09 7.63 37.84
C ILE A 138 73.37 6.81 38.01
N ASP A 139 73.19 5.49 38.14
CA ASP A 139 74.25 4.49 38.33
C ASP A 139 73.74 3.13 37.85
N PRO A 140 74.43 2.47 36.88
CA PRO A 140 73.93 1.15 36.41
C PRO A 140 74.18 0.02 37.40
N ASN A 141 75.07 0.26 38.39
CA ASN A 141 75.44 -0.68 39.45
C ASN A 141 74.32 -0.83 40.48
N LYS A 142 73.43 0.17 40.59
CA LYS A 142 72.32 0.19 41.56
C LYS A 142 70.93 0.05 40.94
N ASN A 143 70.65 0.87 39.89
CA ASN A 143 69.36 0.95 39.20
C ASN A 143 68.87 -0.35 38.56
N ASN A 144 67.53 -0.51 38.50
CA ASN A 144 66.80 -1.65 37.92
C ASN A 144 67.05 -1.77 36.41
N LEU A 145 67.35 -0.64 35.75
CA LEU A 145 67.60 -0.54 34.31
C LEU A 145 69.02 -0.04 34.00
N MET A 146 69.54 -0.44 32.83
CA MET A 146 70.88 -0.09 32.37
C MET A 146 71.02 1.39 31.99
N SER A 147 72.15 2.00 32.41
CA SER A 147 72.49 3.41 32.16
C SER A 147 73.94 3.47 31.65
N TYR A 148 74.23 4.32 30.64
CA TYR A 148 75.59 4.44 30.09
C TYR A 148 76.28 5.76 30.38
N GLY A 149 75.51 6.85 30.32
CA GLY A 149 76.03 8.19 30.58
C GLY A 149 74.96 9.20 30.92
N TYR A 150 75.37 10.33 31.50
CA TYR A 150 74.46 11.41 31.85
C TYR A 150 74.96 12.74 31.30
N PHE A 151 74.07 13.50 30.64
CA PHE A 151 74.40 14.83 30.12
C PHE A 151 73.76 15.80 31.09
N PHE A 152 74.53 16.71 31.69
CA PHE A 152 73.89 17.69 32.56
C PHE A 152 74.45 19.11 32.48
N ASN A 153 73.53 20.09 32.42
CA ASN A 153 73.79 21.52 32.37
C ASN A 153 74.21 21.94 33.78
N SER A 154 75.51 22.26 33.94
CA SER A 154 76.15 22.63 35.20
C SER A 154 75.52 23.79 35.96
N SER A 155 75.09 24.85 35.25
CA SER A 155 74.48 26.05 35.83
C SER A 155 73.16 25.79 36.56
N ILE A 156 72.26 24.96 35.99
CA ILE A 156 70.95 24.65 36.59
C ILE A 156 71.02 23.79 37.85
N PHE A 157 72.00 22.88 37.93
CA PHE A 157 72.18 22.03 39.10
C PHE A 157 73.39 22.48 39.98
N ALA A 158 73.83 23.73 39.79
CA ALA A 158 74.95 24.34 40.53
C ALA A 158 74.59 24.66 41.98
N GLY A 159 73.34 25.12 42.20
CA GLY A 159 72.81 25.51 43.49
C GLY A 159 72.80 24.44 44.56
N LYS A 160 72.73 24.87 45.83
CA LYS A 160 72.67 23.98 47.01
C LYS A 160 71.31 23.28 47.03
N ALA A 161 71.32 21.98 47.35
CA ALA A 161 70.13 21.11 47.41
C ALA A 161 69.09 21.55 48.44
N THR A 162 67.80 21.35 48.10
CA THR A 162 66.66 21.69 48.94
C THR A 162 66.70 20.95 50.29
N ILE A 163 66.32 21.64 51.38
CA ILE A 163 66.32 21.06 52.72
C ILE A 163 65.22 20.03 52.93
N ASN A 164 65.61 18.86 53.46
CA ASN A 164 64.71 17.74 53.70
C ASN A 164 63.99 17.85 55.03
N ARG A 165 62.71 17.44 55.02
CA ARG A 165 61.82 17.47 56.18
C ARG A 165 62.13 16.29 57.10
N LYS A 166 62.33 16.60 58.41
CA LYS A 166 62.66 15.64 59.49
C LYS A 166 64.03 14.93 59.32
N ALA A 167 64.78 15.27 58.24
CA ALA A 167 66.08 14.70 57.86
C ALA A 167 66.03 13.16 57.76
N GLU A 168 64.90 12.65 57.24
CA GLU A 168 64.59 11.23 57.09
C GLU A 168 65.11 10.63 55.78
N THR A 169 64.82 9.33 55.60
CA THR A 169 65.17 8.57 54.41
C THR A 169 63.99 8.68 53.43
N SER A 170 64.25 9.27 52.27
CA SER A 170 63.25 9.49 51.22
C SER A 170 63.53 8.60 50.00
N SER A 171 62.49 8.37 49.17
CA SER A 171 62.61 7.59 47.93
C SER A 171 63.20 8.46 46.83
N ALA A 172 63.93 7.86 45.88
CA ALA A 172 64.57 8.54 44.74
C ALA A 172 63.56 9.36 43.92
N HIS A 173 62.29 8.92 43.90
CA HIS A 173 61.18 9.58 43.20
C HIS A 173 60.83 10.91 43.87
N ASP A 174 60.63 10.90 45.21
CA ASP A 174 60.27 12.08 46.00
C ASP A 174 61.34 13.18 45.99
N VAL A 175 62.64 12.79 46.06
CA VAL A 175 63.75 13.75 46.03
C VAL A 175 63.93 14.37 44.65
N ALA A 176 63.83 13.54 43.58
CA ALA A 176 63.94 13.99 42.19
C ALA A 176 62.86 15.02 41.90
N LYS A 177 61.59 14.71 42.29
CA LYS A 177 60.43 15.59 42.15
C LYS A 177 60.66 16.92 42.87
N ARG A 178 61.23 16.87 44.10
CA ARG A 178 61.53 18.04 44.94
C ARG A 178 62.64 18.88 44.30
N ILE A 179 63.68 18.22 43.73
CA ILE A 179 64.80 18.87 43.06
C ILE A 179 64.36 19.48 41.72
N PHE A 180 63.69 18.69 40.86
CA PHE A 180 63.19 19.10 39.55
C PHE A 180 62.18 20.26 39.60
N SER A 181 61.54 20.48 40.76
CA SER A 181 60.58 21.56 40.98
C SER A 181 61.32 22.89 41.21
N LYS A 182 62.43 22.86 41.99
CA LYS A 182 63.23 24.03 42.30
C LYS A 182 64.13 24.44 41.12
N VAL A 183 64.79 23.46 40.47
CA VAL A 183 65.67 23.70 39.32
C VAL A 183 64.90 24.03 38.04
N GLN A 184 63.57 23.72 38.02
CA GLN A 184 62.64 23.95 36.90
C GLN A 184 63.08 23.21 35.63
N PHE A 185 63.41 21.92 35.80
CA PHE A 185 63.86 21.04 34.73
C PHE A 185 63.26 19.65 34.86
N GLN A 186 63.21 18.90 33.74
CA GLN A 186 62.69 17.54 33.68
C GLN A 186 63.60 16.63 32.83
N PRO A 187 63.82 15.35 33.21
CA PRO A 187 64.72 14.49 32.43
C PRO A 187 64.10 13.78 31.23
N THR A 188 64.92 13.57 30.19
CA THR A 188 64.56 12.90 28.93
C THR A 188 65.60 11.83 28.56
N THR A 189 65.16 10.55 28.50
CA THR A 189 66.04 9.43 28.14
C THR A 189 66.17 9.32 26.61
N THR A 190 67.42 9.17 26.11
CA THR A 190 67.70 9.07 24.68
C THR A 190 68.70 7.96 24.28
N ILE A 191 68.32 7.17 23.26
CA ILE A 191 69.16 6.11 22.69
C ILE A 191 69.88 6.71 21.47
N GLN A 192 71.22 6.66 21.49
CA GLN A 192 72.07 7.18 20.42
C GLN A 192 73.41 6.46 20.38
N HIS A 193 73.94 6.24 19.16
CA HIS A 193 75.22 5.59 18.91
C HIS A 193 76.37 6.41 19.52
N ALA A 194 77.38 5.73 20.10
CA ALA A 194 78.57 6.30 20.75
C ALA A 194 79.20 7.47 19.97
N PRO A 195 79.64 8.56 20.64
CA PRO A 195 80.20 9.71 19.90
C PRO A 195 81.38 9.41 18.99
N SER A 196 82.40 8.65 19.48
CA SER A 196 83.58 8.28 18.70
C SER A 196 83.23 7.27 17.61
N GLU A 197 83.74 7.51 16.38
CA GLU A 197 83.51 6.66 15.21
C GLU A 197 84.12 5.26 15.36
N THR A 198 85.18 5.12 16.17
CA THR A 198 85.86 3.86 16.46
C THR A 198 84.95 2.92 17.26
N ASP A 199 84.24 3.47 18.28
CA ASP A 199 83.30 2.74 19.13
C ASP A 199 82.01 2.43 18.34
N PRO A 200 81.69 1.14 18.06
CA PRO A 200 80.49 0.84 17.26
C PRO A 200 79.21 0.61 18.07
N ARG A 201 79.28 0.75 19.41
CA ARG A 201 78.18 0.52 20.34
C ARG A 201 77.04 1.53 20.23
N ASN A 202 75.81 1.06 20.48
CA ASN A 202 74.60 1.86 20.55
C ASN A 202 74.37 2.03 22.05
N LEU A 203 74.25 3.27 22.53
CA LEU A 203 74.12 3.54 23.96
C LEU A 203 72.87 4.30 24.38
N LEU A 204 72.48 4.14 25.67
CA LEU A 204 71.34 4.81 26.29
C LEU A 204 71.87 5.82 27.31
N PHE A 205 71.41 7.08 27.19
CA PHE A 205 71.80 8.16 28.11
C PHE A 205 70.60 8.92 28.63
N ILE A 206 70.79 9.62 29.77
CA ILE A 206 69.75 10.45 30.40
C ILE A 206 70.10 11.91 30.12
N ASN A 207 69.11 12.72 29.71
CA ASN A 207 69.35 14.13 29.39
C ASN A 207 68.87 15.13 30.42
N PHE A 208 69.80 16.00 30.85
CA PHE A 208 69.58 17.10 31.77
C PHE A 208 70.20 18.36 31.12
N ALA A 209 70.16 18.42 29.78
CA ALA A 209 70.69 19.51 28.97
C ALA A 209 69.60 20.23 28.19
N SER A 210 69.84 21.50 27.83
CA SER A 210 68.91 22.34 27.09
C SER A 210 69.55 22.95 25.83
N ARG A 211 68.72 23.46 24.91
CA ARG A 211 69.12 24.13 23.65
C ARG A 211 70.02 25.36 23.91
N ASN A 212 69.90 25.96 25.11
CA ASN A 212 70.69 27.09 25.59
C ASN A 212 71.35 26.67 26.90
N TRP A 213 72.69 26.83 26.99
CA TRP A 213 73.45 26.52 28.20
C TRP A 213 73.01 27.45 29.33
N ASN A 214 72.90 28.76 29.03
CA ASN A 214 72.44 29.77 29.96
C ASN A 214 71.01 30.12 29.58
N ARG A 215 70.05 29.37 30.15
CA ARG A 215 68.60 29.49 29.90
C ARG A 215 68.06 30.90 30.09
N LYS A 216 67.26 31.35 29.12
CA LYS A 216 66.64 32.67 29.09
C LYS A 216 65.13 32.54 29.29
N ARG A 217 64.50 33.54 29.93
CA ARG A 217 63.06 33.54 30.20
C ARG A 217 62.25 34.13 29.03
N ILE A 218 61.23 33.38 28.59
CA ILE A 218 60.34 33.72 27.48
C ILE A 218 59.04 34.33 28.03
N THR A 219 58.42 35.24 27.27
CA THR A 219 57.15 35.86 27.62
C THR A 219 56.12 35.57 26.51
N THR A 220 55.05 34.83 26.85
CA THR A 220 54.01 34.41 25.90
C THR A 220 52.57 34.50 26.44
N ARG A 221 51.56 34.29 25.54
CA ARG A 221 50.14 34.30 25.86
C ARG A 221 49.48 32.97 25.45
N VAL A 222 48.59 32.48 26.32
CA VAL A 222 47.81 31.25 26.11
C VAL A 222 46.33 31.65 26.04
N ASP A 223 45.72 31.43 24.86
CA ASP A 223 44.30 31.75 24.61
C ASP A 223 43.42 30.56 25.02
N ILE A 224 42.16 30.85 25.43
CA ILE A 224 41.14 29.87 25.85
C ILE A 224 40.82 28.84 24.76
N LYS A 225 41.08 29.18 23.48
CA LYS A 225 40.86 28.31 22.32
C LYS A 225 41.71 27.04 22.28
N GLN A 226 42.86 27.04 22.99
CA GLN A 226 43.81 25.92 23.03
C GLN A 226 43.42 24.77 24.00
N SER A 227 42.11 24.68 24.36
CA SER A 227 41.51 23.68 25.27
C SER A 227 42.29 23.57 26.60
N VAL A 228 42.50 24.72 27.24
CA VAL A 228 43.26 24.91 28.48
C VAL A 228 42.63 24.22 29.70
N THR A 229 43.44 23.45 30.45
CA THR A 229 43.04 22.74 31.67
C THR A 229 43.82 23.31 32.87
N MET A 230 43.13 24.06 33.74
CA MET A 230 43.70 24.69 34.92
C MET A 230 43.42 23.86 36.19
N ASP A 231 44.51 23.49 36.90
CA ASP A 231 44.45 22.74 38.15
C ASP A 231 45.62 23.13 39.05
N THR A 232 45.38 23.20 40.36
CA THR A 232 46.40 23.62 41.33
C THR A 232 47.22 22.51 41.98
N GLU A 233 48.57 22.61 41.86
CA GLU A 233 49.54 21.68 42.45
C GLU A 233 50.20 22.31 43.69
N THR A 234 50.80 21.46 44.54
CA THR A 234 51.51 21.85 45.75
C THR A 234 52.95 21.34 45.68
N ILE A 235 53.93 22.27 45.65
CA ILE A 235 55.35 21.93 45.59
C ILE A 235 55.83 21.49 46.99
N VAL A 236 55.66 22.37 47.99
CA VAL A 236 56.09 22.16 49.38
C VAL A 236 54.94 21.73 50.27
N ASP A 237 55.20 20.75 51.15
CA ASP A 237 54.21 20.24 52.10
C ASP A 237 54.20 21.07 53.38
N ARG A 238 53.13 21.83 53.56
CA ARG A 238 52.87 22.67 54.73
C ARG A 238 51.40 22.45 55.13
N SER A 239 51.08 22.62 56.42
CA SER A 239 49.74 22.33 56.94
C SER A 239 48.55 23.24 56.56
N ALA A 240 47.34 22.65 56.50
CA ALA A 240 46.10 23.27 56.04
C ALA A 240 45.06 23.85 57.04
N TYR A 241 45.28 23.79 58.35
CA TYR A 241 44.30 24.39 59.25
C TYR A 241 44.94 25.65 59.82
N ASN A 242 44.58 26.80 59.24
CA ASN A 242 45.20 28.11 59.55
C ASN A 242 45.00 28.65 60.96
N PHE A 243 44.00 28.13 61.66
CA PHE A 243 43.67 28.53 63.03
C PHE A 243 44.00 27.37 63.97
N ALA A 244 44.63 27.64 65.12
CA ALA A 244 44.99 26.57 66.04
C ALA A 244 44.48 26.74 67.46
N VAL A 245 43.67 25.76 67.92
CA VAL A 245 43.13 25.69 69.28
C VAL A 245 44.20 24.87 70.04
N VAL A 246 45.24 25.58 70.55
CA VAL A 246 46.38 24.95 71.23
C VAL A 246 46.13 24.75 72.72
N PHE A 247 46.32 23.51 73.19
CA PHE A 247 46.18 23.11 74.59
C PHE A 247 47.55 22.81 75.20
N VAL A 248 47.78 23.29 76.44
CA VAL A 248 49.02 23.09 77.19
C VAL A 248 48.67 22.36 78.49
N LYS A 249 49.35 21.21 78.75
CA LYS A 249 49.16 20.36 79.93
C LYS A 249 49.69 21.04 81.19
N ASN A 250 48.89 21.01 82.27
CA ASN A 250 49.25 21.60 83.56
C ASN A 250 50.22 20.69 84.29
N LYS A 251 51.32 21.26 84.83
CA LYS A 251 52.36 20.50 85.54
C LYS A 251 51.86 19.84 86.82
N ALA A 252 51.09 20.58 87.65
CA ALA A 252 50.55 20.09 88.93
C ALA A 252 49.54 18.96 88.80
N THR A 253 48.65 19.03 87.79
CA THR A 253 47.62 18.02 87.56
C THR A 253 48.07 16.91 86.59
N ASP A 254 49.17 17.16 85.82
CA ASP A 254 49.71 16.29 84.75
C ASP A 254 48.57 16.03 83.75
N ASP A 255 47.68 17.04 83.63
CA ASP A 255 46.49 17.07 82.82
C ASP A 255 46.27 18.39 82.08
N TYR A 256 45.32 18.38 81.15
CA TYR A 256 45.04 19.54 80.29
C TYR A 256 44.03 20.47 80.91
N THR A 257 44.04 20.54 82.25
CA THR A 257 43.09 21.31 83.07
C THR A 257 42.94 22.77 82.68
N ASP A 258 44.05 23.40 82.31
CA ASP A 258 44.08 24.80 81.87
C ASP A 258 43.36 25.04 80.52
N PRO A 259 42.68 26.20 80.35
CA PRO A 259 41.98 26.49 79.08
C PRO A 259 42.91 26.70 77.88
N PRO A 260 42.42 26.49 76.64
CA PRO A 260 43.29 26.66 75.46
C PRO A 260 43.58 28.09 75.03
N LYS A 261 44.69 28.26 74.28
CA LYS A 261 45.10 29.54 73.70
C LYS A 261 44.99 29.43 72.18
N MET A 262 44.17 30.30 71.58
CA MET A 262 43.91 30.31 70.14
C MET A 262 44.89 31.17 69.38
N TYR A 263 45.47 30.61 68.29
CA TYR A 263 46.45 31.30 67.44
C TYR A 263 45.98 31.39 65.99
N ILE A 264 46.03 32.61 65.44
CA ILE A 264 45.62 32.92 64.06
C ILE A 264 46.80 33.42 63.21
N ALA A 265 46.87 32.96 61.95
CA ALA A 265 47.89 33.36 61.01
C ALA A 265 47.36 34.52 60.15
N LYS A 266 48.08 35.65 60.14
CA LYS A 266 47.71 36.84 59.36
C LYS A 266 47.98 36.61 57.86
N ASN A 267 47.47 37.50 56.99
CA ASN A 267 47.65 37.42 55.53
C ASN A 267 49.11 37.58 55.10
N ASN A 268 49.90 38.32 55.89
CA ASN A 268 51.33 38.57 55.66
C ASN A 268 52.18 37.31 55.81
N GLY A 269 51.84 36.47 56.79
CA GLY A 269 52.54 35.23 57.09
C GLY A 269 52.82 35.00 58.57
N ASP A 270 52.76 36.07 59.38
CA ASP A 270 53.01 36.04 60.83
C ASP A 270 51.88 35.33 61.59
N VAL A 271 52.22 34.74 62.75
CA VAL A 271 51.29 34.04 63.63
C VAL A 271 51.19 34.76 64.98
N ILE A 272 49.97 35.14 65.36
CA ILE A 272 49.65 35.88 66.59
C ILE A 272 48.59 35.14 67.40
N ASP A 273 48.47 35.46 68.72
CA ASP A 273 47.43 34.90 69.58
C ASP A 273 46.13 35.61 69.15
N TYR A 274 44.98 34.92 69.13
CA TYR A 274 43.69 35.52 68.70
C TYR A 274 43.22 36.64 69.62
N SER A 275 43.48 36.51 70.94
CA SER A 275 43.14 37.50 71.96
C SER A 275 43.89 38.82 71.75
N THR A 276 45.16 38.75 71.30
CA THR A 276 46.02 39.91 71.04
C THR A 276 45.58 40.78 69.86
N TYR A 277 44.74 40.25 68.96
CA TYR A 277 44.24 40.97 67.79
C TYR A 277 43.38 42.20 68.13
N HIS A 278 43.65 43.32 67.46
CA HIS A 278 42.98 44.61 67.66
C HIS A 278 42.55 45.28 66.34
N GLY A 279 42.58 44.51 65.25
CA GLY A 279 42.30 45.04 63.90
C GLY A 279 40.87 45.01 63.42
N ASP A 280 40.68 45.25 62.10
CA ASP A 280 39.38 45.30 61.42
C ASP A 280 39.02 44.05 60.57
N GLY A 281 39.89 43.05 60.56
CA GLY A 281 39.67 41.81 59.82
C GLY A 281 40.21 41.76 58.41
N THR A 282 40.70 42.92 57.90
CA THR A 282 41.29 43.04 56.56
C THR A 282 42.61 42.29 56.43
N ASP A 283 43.39 42.22 57.52
CA ASP A 283 44.69 41.55 57.56
C ASP A 283 44.60 40.06 57.93
N LEU A 284 43.38 39.54 58.17
CA LEU A 284 43.11 38.15 58.51
C LEU A 284 42.51 37.36 57.32
N PRO A 285 42.63 36.00 57.28
CA PRO A 285 42.10 35.24 56.12
C PRO A 285 40.58 35.30 55.90
N ASP A 286 40.17 35.06 54.64
CA ASP A 286 38.78 35.07 54.18
C ASP A 286 37.96 33.87 54.68
N VAL A 287 38.64 32.76 55.03
CA VAL A 287 38.03 31.53 55.55
C VAL A 287 38.85 30.96 56.70
N ARG A 288 38.17 30.53 57.78
CA ARG A 288 38.87 29.99 58.94
C ARG A 288 38.95 28.47 58.93
N THR A 289 40.12 27.94 58.57
CA THR A 289 40.41 26.50 58.61
C THR A 289 41.04 26.29 59.98
N ALA A 290 40.42 25.44 60.82
CA ALA A 290 40.89 25.23 62.19
C ALA A 290 41.22 23.79 62.55
N LYS A 291 42.10 23.59 63.56
CA LYS A 291 42.52 22.30 64.11
C LYS A 291 42.84 22.43 65.60
N THR A 292 42.66 21.33 66.35
CA THR A 292 42.98 21.33 67.78
C THR A 292 44.29 20.60 67.98
N LEU A 293 45.28 21.29 68.59
CA LEU A 293 46.62 20.74 68.84
C LEU A 293 46.90 20.49 70.31
N PHE A 294 47.54 19.35 70.60
CA PHE A 294 47.93 18.97 71.94
C PHE A 294 49.43 18.93 72.07
N TYR A 295 49.94 19.65 73.06
CA TYR A 295 51.36 19.71 73.33
C TYR A 295 51.71 19.35 74.76
N ASP A 296 52.88 18.74 74.92
CA ASP A 296 53.43 18.32 76.20
C ASP A 296 54.52 19.31 76.58
N ARG A 297 54.50 19.77 77.85
CA ARG A 297 55.49 20.71 78.35
C ARG A 297 56.88 20.10 78.38
N ASP A 298 57.88 20.89 77.95
CA ASP A 298 59.29 20.50 77.91
C ASP A 298 59.85 20.22 79.31
N ASP A 299 61.07 19.67 79.39
CA ASP A 299 61.74 19.34 80.65
C ASP A 299 61.95 20.59 81.53
N HIS A 300 62.16 21.76 80.90
CA HIS A 300 62.31 23.06 81.56
C HIS A 300 60.99 23.53 82.20
N GLY A 301 59.86 23.17 81.59
CA GLY A 301 58.52 23.53 82.04
C GLY A 301 57.88 24.67 81.29
N ASN A 302 58.65 25.33 80.39
CA ASN A 302 58.17 26.46 79.58
C ASN A 302 57.16 26.03 78.50
N PRO A 303 56.14 26.89 78.19
CA PRO A 303 55.17 26.53 77.13
C PRO A 303 55.82 26.41 75.73
N PRO A 304 55.27 25.62 74.77
CA PRO A 304 55.92 25.52 73.45
C PRO A 304 56.00 26.84 72.71
N GLU A 305 57.16 27.08 72.05
CA GLU A 305 57.53 28.28 71.28
C GLU A 305 56.46 28.67 70.26
N LEU A 306 56.28 29.99 70.02
CA LEU A 306 55.32 30.49 69.02
C LEU A 306 55.72 29.96 67.66
N SER A 307 57.04 30.03 67.33
CA SER A 307 57.64 29.59 66.08
C SER A 307 57.36 28.13 65.76
N THR A 308 57.34 27.25 66.77
CA THR A 308 57.06 25.81 66.58
C THR A 308 55.61 25.58 66.16
N ILE A 309 54.67 26.37 66.70
CA ILE A 309 53.25 26.33 66.36
C ILE A 309 53.06 26.88 64.93
N LYS A 310 53.76 28.01 64.62
CA LYS A 310 53.77 28.71 63.35
C LYS A 310 54.03 27.78 62.14
N VAL A 311 55.03 26.89 62.24
CA VAL A 311 55.43 25.90 61.23
C VAL A 311 54.24 24.97 60.90
N GLU A 312 53.47 24.57 61.92
CA GLU A 312 52.32 23.71 61.72
C GLU A 312 51.10 24.42 61.12
N ILE A 313 50.94 25.74 61.34
CA ILE A 313 49.80 26.46 60.75
C ILE A 313 50.15 27.21 59.45
N SER A 314 51.47 27.27 59.12
CA SER A 314 52.04 27.95 57.93
C SER A 314 51.46 27.47 56.58
N PRO A 315 51.29 28.38 55.60
CA PRO A 315 50.68 28.00 54.31
C PRO A 315 51.58 27.21 53.36
N SER A 316 50.96 26.37 52.50
CA SER A 316 51.65 25.59 51.48
C SER A 316 51.67 26.30 50.14
N THR A 317 52.64 25.97 49.29
CA THR A 317 52.83 26.59 47.97
C THR A 317 51.72 26.27 46.96
N ILE A 318 50.74 27.19 46.83
CA ILE A 318 49.64 27.08 45.88
C ILE A 318 50.22 27.40 44.50
N VAL A 319 50.28 26.40 43.62
CA VAL A 319 50.89 26.51 42.30
C VAL A 319 49.88 26.16 41.20
N THR A 320 49.84 26.95 40.10
CA THR A 320 48.90 26.73 38.99
C THR A 320 49.51 25.93 37.83
N ARG A 321 48.83 24.84 37.41
CA ARG A 321 49.25 23.99 36.29
C ARG A 321 48.36 24.23 35.08
N LEU A 322 48.95 24.48 33.90
CA LEU A 322 48.21 24.73 32.66
C LEU A 322 48.58 23.74 31.56
N ILE A 323 47.58 22.97 31.09
CA ILE A 323 47.74 22.00 30.01
C ILE A 323 46.99 22.54 28.80
N PHE A 324 47.70 22.85 27.71
CA PHE A 324 47.13 23.45 26.50
C PHE A 324 47.77 22.97 25.20
N ASN A 325 47.09 23.20 24.07
CA ASN A 325 47.56 22.84 22.73
C ASN A 325 48.77 23.69 22.32
N GLN A 326 49.67 23.10 21.51
CA GLN A 326 50.87 23.76 21.00
C GLN A 326 50.50 24.83 20.00
N ASN A 327 50.99 26.05 20.23
CA ASN A 327 50.73 27.19 19.35
C ASN A 327 51.84 27.26 18.32
N GLU A 328 51.51 27.10 17.02
CA GLU A 328 52.51 27.15 15.95
C GLU A 328 53.07 28.54 15.67
N LEU A 329 52.40 29.59 16.18
CA LEU A 329 52.81 30.98 16.07
C LEU A 329 54.01 31.25 17.00
N LEU A 330 54.01 30.62 18.19
CA LEU A 330 55.07 30.69 19.20
C LEU A 330 55.21 29.29 19.85
N PRO A 331 56.03 28.38 19.27
CA PRO A 331 56.15 27.04 19.83
C PRO A 331 56.90 27.00 21.15
N LEU A 332 56.41 26.17 22.09
CA LEU A 332 56.98 26.01 23.43
C LEU A 332 57.39 24.56 23.61
N TYR A 333 58.70 24.31 23.71
CA TYR A 333 59.24 22.97 23.88
C TYR A 333 59.55 22.69 25.36
N VAL A 334 59.79 21.41 25.71
CA VAL A 334 60.09 21.00 27.09
C VAL A 334 61.43 21.59 27.56
N ASN A 335 61.51 21.95 28.87
CA ASN A 335 62.68 22.53 29.55
C ASN A 335 62.98 23.97 29.12
N ASP A 336 61.92 24.81 29.05
CA ASP A 336 62.01 26.23 28.69
C ASP A 336 61.35 27.09 29.76
N LEU A 337 62.06 28.14 30.22
CA LEU A 337 61.57 29.08 31.23
C LEU A 337 60.59 30.05 30.56
N VAL A 338 59.30 30.01 30.94
CA VAL A 338 58.24 30.83 30.34
C VAL A 338 57.42 31.69 31.31
N ASP A 339 56.83 32.79 30.79
CA ASP A 339 55.94 33.70 31.52
C ASP A 339 54.64 33.79 30.73
N ILE A 340 53.68 32.95 31.09
CA ILE A 340 52.37 32.78 30.45
C ILE A 340 51.28 33.74 30.92
N TRP A 341 50.59 34.37 29.94
CA TRP A 341 49.46 35.27 30.17
C TRP A 341 48.18 34.50 29.87
N TYR A 342 47.35 34.27 30.90
CA TYR A 342 46.08 33.53 30.73
C TYR A 342 44.88 34.22 31.40
N GLU A 343 43.94 34.70 30.56
CA GLU A 343 42.70 35.39 30.94
C GLU A 343 42.91 36.67 31.77
N GLY A 344 43.98 37.40 31.44
CA GLY A 344 44.35 38.65 32.10
C GLY A 344 45.29 38.52 33.28
N LYS A 345 45.63 37.27 33.67
CA LYS A 345 46.52 36.99 34.80
C LYS A 345 47.84 36.40 34.31
N LEU A 346 48.96 36.83 34.93
CA LEU A 346 50.30 36.35 34.58
C LEU A 346 50.75 35.23 35.51
N TYR A 347 51.18 34.12 34.90
CA TYR A 347 51.68 32.91 35.54
C TYR A 347 53.11 32.67 35.03
N SER A 348 54.07 32.45 35.94
CA SER A 348 55.48 32.24 35.58
C SER A 348 55.99 30.85 35.97
N GLY A 349 56.64 30.16 35.02
CA GLY A 349 57.16 28.82 35.28
C GLY A 349 57.85 28.14 34.14
N TYR A 350 57.76 26.80 34.07
CA TYR A 350 58.43 26.05 32.98
C TYR A 350 57.54 25.00 32.29
N ILE A 351 57.95 24.52 31.10
CA ILE A 351 57.24 23.47 30.36
C ILE A 351 57.82 22.10 30.81
N ALA A 352 57.06 21.37 31.64
CA ALA A 352 57.45 20.09 32.22
C ALA A 352 57.30 18.89 31.31
N ASP A 353 56.15 18.76 30.63
CA ASP A 353 55.87 17.62 29.76
C ASP A 353 55.27 18.04 28.42
N ARG A 354 55.18 17.09 27.46
CA ARG A 354 54.64 17.31 26.12
C ARG A 354 54.03 16.03 25.59
N VAL A 355 52.73 16.04 25.25
CA VAL A 355 52.07 14.86 24.72
C VAL A 355 51.98 14.84 23.19
N LYS A 356 52.55 13.78 22.59
CA LYS A 356 52.52 13.57 21.16
C LYS A 356 51.42 12.56 20.88
N THR A 357 50.25 13.06 20.49
CA THR A 357 49.09 12.22 20.17
C THR A 357 48.79 12.29 18.67
N GLU A 358 47.78 11.55 18.23
CA GLU A 358 47.35 11.51 16.84
C GLU A 358 46.59 12.77 16.47
N PHE A 359 45.78 13.28 17.41
CA PHE A 359 44.95 14.47 17.23
C PHE A 359 45.67 15.78 17.56
N ASN A 360 46.22 15.91 18.77
CA ASN A 360 46.88 17.16 19.17
C ASN A 360 48.30 17.03 19.71
N ASP A 361 48.93 18.18 19.95
CA ASP A 361 50.27 18.33 20.52
C ASP A 361 50.03 19.28 21.70
N ARG A 362 50.17 18.78 22.94
CA ARG A 362 49.90 19.58 24.15
C ARG A 362 51.09 19.75 25.09
N LEU A 363 51.06 20.80 25.93
CA LEU A 363 52.12 21.13 26.90
C LEU A 363 51.62 21.20 28.33
N ILE A 364 52.47 20.82 29.31
CA ILE A 364 52.18 20.93 30.74
C ILE A 364 53.05 22.06 31.29
N PHE A 365 52.40 23.15 31.71
CA PHE A 365 53.07 24.31 32.27
C PHE A 365 52.96 24.29 33.80
N VAL A 366 54.11 24.40 34.49
CA VAL A 366 54.16 24.38 35.95
C VAL A 366 54.68 25.71 36.46
N GLU A 367 53.80 26.49 37.14
CA GLU A 367 54.14 27.78 37.76
C GLU A 367 55.06 27.51 38.95
N SER A 368 56.33 27.94 38.85
CA SER A 368 57.36 27.69 39.88
C SER A 368 57.13 28.42 41.20
N GLY A 369 56.22 29.40 41.18
CA GLY A 369 55.91 30.23 42.33
C GLY A 369 56.97 31.28 42.54
N ASP A 370 57.34 31.53 43.82
CA ASP A 370 58.35 32.52 44.25
C ASP A 370 58.06 33.92 43.64
N LYS A 371 56.77 34.31 43.67
CA LYS A 371 56.25 35.57 43.14
C LYS A 371 56.64 36.83 43.95
N PRO A 372 56.40 36.93 45.29
CA PRO A 372 56.80 38.17 45.99
C PRO A 372 58.28 38.14 46.41
N THR B 1 1.99 -78.87 55.67
CA THR B 1 2.11 -79.81 54.55
C THR B 1 3.57 -80.18 54.29
N ILE B 2 3.79 -81.35 53.67
CA ILE B 2 5.12 -81.81 53.31
C ILE B 2 5.25 -81.83 51.80
N LYS B 3 6.25 -81.11 51.28
CA LYS B 3 6.54 -81.03 49.86
C LYS B 3 7.78 -81.88 49.59
N ASN B 4 7.62 -82.92 48.78
CA ASN B 4 8.69 -83.86 48.46
C ASN B 4 9.33 -83.54 47.13
N PHE B 5 10.65 -83.72 47.04
CA PHE B 5 11.38 -83.41 45.82
C PHE B 5 12.22 -84.57 45.26
N THR B 6 13.12 -85.12 46.07
CA THR B 6 14.01 -86.20 45.61
C THR B 6 13.28 -87.54 45.69
N PHE B 7 12.13 -87.63 45.02
CA PHE B 7 11.28 -88.85 45.02
C PHE B 7 10.68 -89.07 43.65
N PHE B 8 10.41 -90.34 43.30
CA PHE B 8 9.84 -90.66 42.00
C PHE B 8 8.37 -90.27 41.83
N SER B 9 8.05 -89.70 40.67
CA SER B 9 6.72 -89.25 40.27
C SER B 9 6.09 -90.34 39.40
N PRO B 10 5.19 -91.17 39.96
CA PRO B 10 4.58 -92.27 39.19
C PRO B 10 3.91 -91.89 37.88
N ASN B 11 3.27 -90.72 37.84
CA ASN B 11 2.60 -90.23 36.64
C ASN B 11 3.33 -89.02 36.04
N SER B 12 4.64 -88.92 36.34
CA SER B 12 5.59 -87.88 35.88
C SER B 12 5.19 -86.44 36.25
N THR B 13 4.24 -86.26 37.19
CA THR B 13 3.71 -84.95 37.57
C THR B 13 3.72 -84.65 39.08
N GLU B 14 3.78 -85.70 39.93
CA GLU B 14 3.71 -85.61 41.38
C GLU B 14 4.70 -84.69 42.09
N PHE B 15 6.02 -84.87 41.84
CA PHE B 15 7.04 -84.09 42.54
C PHE B 15 7.99 -83.29 41.63
N PRO B 16 7.54 -82.16 41.03
CA PRO B 16 8.46 -81.37 40.21
C PRO B 16 9.45 -80.60 41.06
N VAL B 17 10.72 -80.56 40.62
CA VAL B 17 11.74 -79.86 41.40
C VAL B 17 12.06 -78.47 40.85
N GLY B 18 11.77 -77.47 41.66
CA GLY B 18 11.98 -76.07 41.31
C GLY B 18 13.42 -75.65 41.50
N SER B 19 13.81 -74.54 40.85
CA SER B 19 15.16 -74.01 40.97
C SER B 19 15.44 -73.50 42.40
N ASN B 20 14.40 -72.98 43.11
CA ASN B 20 14.53 -72.52 44.49
C ASN B 20 14.74 -73.68 45.44
N ASN B 21 14.11 -74.83 45.17
CA ASN B 21 14.24 -76.05 45.99
C ASN B 21 15.63 -76.61 45.86
N ASP B 22 16.16 -76.64 44.62
CA ASP B 22 17.52 -77.09 44.40
C ASP B 22 18.54 -76.10 44.98
N GLY B 23 18.22 -74.80 44.91
CA GLY B 23 19.03 -73.74 45.50
C GLY B 23 19.22 -73.96 46.98
N LYS B 24 18.12 -74.18 47.71
CA LYS B 24 18.14 -74.46 49.14
C LYS B 24 18.88 -75.77 49.44
N LEU B 25 18.63 -76.82 48.64
CA LEU B 25 19.30 -78.11 48.77
C LEU B 25 20.81 -77.92 48.70
N TYR B 26 21.30 -77.23 47.64
CA TYR B 26 22.72 -76.99 47.43
C TYR B 26 23.35 -76.19 48.54
N MET B 27 22.65 -75.15 49.03
CA MET B 27 23.13 -74.32 50.15
C MET B 27 23.33 -75.17 51.38
N MET B 28 22.39 -76.09 51.65
CA MET B 28 22.44 -76.99 52.79
C MET B 28 23.55 -78.03 52.70
N LEU B 29 23.79 -78.57 51.48
CA LEU B 29 24.84 -79.57 51.27
C LEU B 29 26.23 -79.00 51.50
N THR B 30 26.48 -77.77 51.01
CA THR B 30 27.79 -77.13 51.13
C THR B 30 27.99 -76.31 52.41
N GLY B 31 26.89 -75.99 53.08
CA GLY B 31 26.91 -75.19 54.30
C GLY B 31 27.21 -73.73 54.00
N MET B 32 26.42 -73.12 53.11
CA MET B 32 26.57 -71.71 52.77
C MET B 32 25.30 -70.93 53.10
N ASP B 33 25.47 -69.65 53.45
CA ASP B 33 24.35 -68.76 53.67
C ASP B 33 24.28 -67.79 52.48
N TYR B 34 23.43 -66.76 52.55
CA TYR B 34 23.31 -65.80 51.46
C TYR B 34 24.40 -64.73 51.44
N ARG B 35 25.34 -64.79 52.40
CA ARG B 35 26.42 -63.82 52.51
C ARG B 35 27.79 -64.32 52.04
N THR B 36 27.81 -65.50 51.41
CA THR B 36 29.03 -66.09 50.87
C THR B 36 28.77 -66.70 49.51
N ILE B 37 29.83 -67.25 48.90
CA ILE B 37 29.77 -67.89 47.59
C ILE B 37 30.62 -69.15 47.59
N ARG B 38 30.52 -69.88 46.48
CA ARG B 38 31.42 -70.94 46.08
C ARG B 38 31.91 -70.41 44.76
N ARG B 39 33.22 -70.39 44.55
CA ARG B 39 33.81 -69.81 43.34
C ARG B 39 35.03 -70.60 42.90
N LYS B 40 35.15 -70.82 41.60
CA LYS B 40 36.31 -71.52 41.04
C LYS B 40 36.69 -70.94 39.69
N ASP B 41 37.94 -70.47 39.58
CA ASP B 41 38.49 -69.99 38.32
C ASP B 41 39.09 -71.24 37.65
N TRP B 42 38.38 -71.82 36.66
CA TRP B 42 38.88 -72.99 35.93
C TRP B 42 40.05 -72.58 35.05
N SER B 43 40.04 -71.32 34.59
CA SER B 43 41.13 -70.64 33.88
C SER B 43 41.26 -69.24 34.50
N SER B 44 42.48 -68.69 34.48
CA SER B 44 42.76 -67.39 35.08
C SER B 44 42.04 -66.23 34.43
N PRO B 45 41.39 -65.34 35.22
CA PRO B 45 40.80 -64.13 34.62
C PRO B 45 41.91 -63.26 34.02
N LEU B 46 41.59 -62.49 32.97
CA LEU B 46 42.57 -61.66 32.29
C LEU B 46 42.30 -60.19 32.48
N ASN B 47 43.35 -59.44 32.89
CA ASN B 47 43.26 -58.02 33.12
C ASN B 47 43.77 -57.27 31.90
N THR B 48 42.94 -56.37 31.35
CA THR B 48 43.25 -55.54 30.18
C THR B 48 42.77 -54.14 30.49
N ALA B 49 43.72 -53.19 30.64
CA ALA B 49 43.45 -51.80 31.03
C ALA B 49 42.60 -51.82 32.32
N LEU B 50 41.53 -51.01 32.41
CA LEU B 50 40.66 -51.00 33.59
C LEU B 50 39.47 -51.95 33.40
N ASN B 51 39.79 -53.24 33.18
CA ASN B 51 38.82 -54.31 32.96
C ASN B 51 39.36 -55.64 33.43
N VAL B 52 38.46 -56.50 33.93
CA VAL B 52 38.76 -57.88 34.31
C VAL B 52 37.87 -58.78 33.48
N GLN B 53 38.49 -59.70 32.74
CA GLN B 53 37.75 -60.66 31.92
C GLN B 53 37.77 -62.00 32.62
N TYR B 54 36.60 -62.47 33.06
CA TYR B 54 36.49 -63.79 33.66
C TYR B 54 36.36 -64.74 32.50
N THR B 55 37.44 -65.50 32.25
CA THR B 55 37.57 -66.42 31.12
C THR B 55 36.69 -67.65 31.30
N ASN B 56 36.78 -68.27 32.48
CA ASN B 56 35.98 -69.44 32.84
C ASN B 56 35.95 -69.58 34.35
N THR B 57 34.97 -68.90 34.96
CA THR B 57 34.76 -68.92 36.40
C THR B 57 33.35 -69.41 36.71
N SER B 58 33.23 -70.37 37.62
CA SER B 58 31.93 -70.86 38.07
C SER B 58 31.66 -70.26 39.43
N ILE B 59 30.40 -69.86 39.68
CA ILE B 59 29.98 -69.29 40.95
C ILE B 59 28.68 -69.91 41.40
N ILE B 60 28.57 -70.13 42.72
CA ILE B 60 27.35 -70.57 43.38
C ILE B 60 27.02 -69.45 44.35
N ALA B 61 25.88 -68.78 44.15
CA ALA B 61 25.41 -67.70 45.00
C ALA B 61 23.95 -67.98 45.30
N GLY B 62 23.60 -68.08 46.59
CA GLY B 62 22.26 -68.44 47.04
C GLY B 62 21.83 -69.80 46.53
N GLY B 63 22.79 -70.72 46.40
CA GLY B 63 22.59 -72.06 45.89
C GLY B 63 22.37 -72.14 44.38
N ARG B 64 22.52 -71.01 43.69
CA ARG B 64 22.33 -70.93 42.24
C ARG B 64 23.67 -70.96 41.53
N TYR B 65 23.82 -71.92 40.61
CA TYR B 65 25.04 -72.12 39.85
C TYR B 65 24.98 -71.40 38.51
N PHE B 66 26.07 -70.70 38.18
CA PHE B 66 26.23 -70.00 36.91
C PHE B 66 27.69 -69.91 36.52
N GLU B 67 27.95 -69.71 35.23
CA GLU B 67 29.30 -69.65 34.69
C GLU B 67 29.58 -68.35 33.99
N LEU B 68 30.76 -67.79 34.24
CA LEU B 68 31.22 -66.56 33.62
C LEU B 68 32.19 -67.00 32.53
N LEU B 69 31.77 -66.90 31.27
CA LEU B 69 32.56 -67.32 30.12
C LEU B 69 32.85 -66.11 29.28
N ASN B 70 34.11 -65.64 29.33
CA ASN B 70 34.60 -64.42 28.67
C ASN B 70 33.67 -63.24 28.99
N GLU B 71 33.47 -63.02 30.30
CA GLU B 71 32.62 -61.97 30.83
C GLU B 71 33.51 -60.87 31.40
N THR B 72 33.46 -59.68 30.78
CA THR B 72 34.28 -58.54 31.16
C THR B 72 33.54 -57.55 32.05
N VAL B 73 34.20 -57.13 33.14
CA VAL B 73 33.69 -56.15 34.09
C VAL B 73 34.60 -54.91 34.00
N ALA B 74 34.00 -53.74 33.71
CA ALA B 74 34.71 -52.47 33.63
C ALA B 74 34.98 -51.96 35.04
N LEU B 75 36.20 -51.46 35.26
CA LEU B 75 36.66 -50.99 36.58
C LEU B 75 36.90 -49.49 36.67
N LYS B 76 36.84 -48.98 37.90
CA LYS B 76 37.12 -47.59 38.25
C LYS B 76 38.64 -47.52 38.47
N GLY B 77 39.27 -46.48 37.93
CA GLY B 77 40.71 -46.27 38.06
C GLY B 77 41.10 -45.78 39.44
N ASP B 78 42.34 -46.11 39.88
CA ASP B 78 42.93 -45.75 41.18
C ASP B 78 41.96 -46.04 42.32
N SER B 79 41.35 -47.23 42.29
CA SER B 79 40.32 -47.61 43.23
C SER B 79 40.36 -49.07 43.59
N VAL B 80 39.67 -49.42 44.69
CA VAL B 80 39.47 -50.78 45.15
C VAL B 80 38.05 -51.14 44.67
N ASN B 81 37.98 -52.03 43.67
CA ASN B 81 36.72 -52.45 43.05
C ASN B 81 36.21 -53.74 43.68
N TYR B 82 34.98 -53.68 44.22
CA TYR B 82 34.32 -54.84 44.81
C TYR B 82 33.40 -55.45 43.77
N ILE B 83 33.78 -56.63 43.25
CA ILE B 83 33.04 -57.32 42.19
C ILE B 83 31.91 -58.12 42.79
N HIS B 84 30.67 -57.81 42.38
CA HIS B 84 29.47 -58.45 42.88
C HIS B 84 28.74 -59.26 41.84
N ALA B 85 28.13 -60.35 42.28
CA ALA B 85 27.21 -61.15 41.48
C ALA B 85 25.84 -60.70 41.98
N ASN B 86 24.97 -60.26 41.06
CA ASN B 86 23.63 -59.77 41.41
C ASN B 86 22.59 -60.66 40.79
N ILE B 87 21.70 -61.23 41.62
CA ILE B 87 20.67 -62.15 41.15
C ILE B 87 19.27 -61.56 41.33
N ASP B 88 18.57 -61.34 40.21
CA ASP B 88 17.21 -60.82 40.21
C ASP B 88 16.37 -61.82 39.44
N LEU B 89 15.59 -62.62 40.16
CA LEU B 89 14.77 -63.68 39.58
C LEU B 89 13.62 -63.19 38.69
N THR B 90 13.22 -61.91 38.83
CA THR B 90 12.17 -61.31 38.02
C THR B 90 12.66 -61.06 36.59
N GLN B 91 13.99 -60.92 36.42
CA GLN B 91 14.64 -60.73 35.12
C GLN B 91 14.84 -62.14 34.55
N THR B 92 13.72 -62.75 34.15
CA THR B 92 13.60 -64.10 33.60
C THR B 92 14.67 -64.53 32.58
N ALA B 93 14.95 -63.67 31.58
CA ALA B 93 15.91 -63.94 30.52
C ALA B 93 17.38 -63.81 30.96
N ASN B 94 17.68 -62.85 31.85
CA ASN B 94 19.04 -62.60 32.35
C ASN B 94 19.00 -62.38 33.87
N PRO B 95 18.84 -63.44 34.70
CA PRO B 95 18.72 -63.23 36.15
C PRO B 95 20.00 -62.79 36.86
N VAL B 96 21.16 -63.08 36.26
CA VAL B 96 22.46 -62.75 36.84
C VAL B 96 23.20 -61.67 36.06
N SER B 97 23.80 -60.73 36.81
CA SER B 97 24.62 -59.65 36.27
C SER B 97 25.78 -59.35 37.23
N LEU B 98 26.88 -58.82 36.69
CA LEU B 98 28.04 -58.46 37.49
C LEU B 98 28.21 -56.95 37.60
N SER B 99 28.70 -56.49 38.74
CA SER B 99 28.95 -55.07 38.96
C SER B 99 30.26 -54.86 39.70
N ALA B 100 30.93 -53.72 39.46
CA ALA B 100 32.16 -53.30 40.13
C ALA B 100 31.73 -52.11 40.99
N GLU B 101 31.83 -52.27 42.31
CA GLU B 101 31.36 -51.26 43.25
C GLU B 101 32.43 -50.72 44.17
N THR B 102 32.18 -49.53 44.74
CA THR B 102 33.10 -48.81 45.61
C THR B 102 33.22 -49.41 47.03
N ALA B 103 32.27 -50.29 47.42
CA ALA B 103 32.24 -50.94 48.72
C ALA B 103 31.70 -52.36 48.62
N ASN B 104 31.86 -53.16 49.68
CA ASN B 104 31.27 -54.50 49.71
C ASN B 104 29.80 -54.30 50.12
N ASN B 105 28.92 -54.41 49.14
CA ASN B 105 27.49 -54.19 49.30
C ASN B 105 26.65 -55.45 49.33
N SER B 106 27.24 -56.58 49.81
CA SER B 106 26.56 -57.86 49.96
C SER B 106 25.36 -57.64 50.89
N ASN B 107 24.15 -58.06 50.47
CA ASN B 107 22.91 -57.79 51.21
C ASN B 107 22.23 -58.97 51.91
N GLY B 108 22.70 -60.19 51.64
CA GLY B 108 22.15 -61.41 52.24
C GLY B 108 20.68 -61.70 51.99
N VAL B 109 20.13 -61.19 50.87
CA VAL B 109 18.72 -61.36 50.51
C VAL B 109 18.36 -62.82 50.20
N ASP B 110 17.34 -63.36 50.89
CA ASP B 110 16.87 -64.75 50.71
C ASP B 110 16.01 -64.85 49.45
N ILE B 111 16.67 -65.13 48.31
CA ILE B 111 16.01 -65.26 47.01
C ILE B 111 15.25 -66.57 46.81
N ASN B 112 15.51 -67.57 47.65
CA ASN B 112 14.85 -68.87 47.49
C ASN B 112 13.53 -68.97 48.25
N ASN B 113 13.30 -68.06 49.20
CA ASN B 113 12.08 -68.02 50.01
C ASN B 113 11.25 -66.75 49.81
N GLY B 114 11.89 -65.67 49.37
CA GLY B 114 11.20 -64.40 49.18
C GLY B 114 11.64 -63.60 47.97
N SER B 115 11.12 -62.37 47.88
CA SER B 115 11.42 -61.43 46.80
C SER B 115 12.67 -60.60 47.13
N GLY B 116 13.21 -59.92 46.12
CA GLY B 116 14.39 -59.08 46.26
C GLY B 116 15.55 -59.50 45.38
N VAL B 117 16.54 -58.61 45.29
CA VAL B 117 17.75 -58.85 44.50
C VAL B 117 18.86 -59.27 45.45
N LEU B 118 19.49 -60.42 45.19
CA LEU B 118 20.62 -60.86 45.99
C LEU B 118 21.89 -60.24 45.41
N LYS B 119 22.67 -59.58 46.26
CA LYS B 119 23.95 -59.00 45.89
C LYS B 119 24.99 -59.67 46.76
N VAL B 120 26.02 -60.23 46.14
CA VAL B 120 27.09 -60.89 46.89
C VAL B 120 28.44 -60.61 46.23
N CYS B 121 29.37 -60.07 47.03
CA CYS B 121 30.71 -59.74 46.56
C CYS B 121 31.57 -61.01 46.53
N PHE B 122 32.31 -61.25 45.44
CA PHE B 122 33.16 -62.42 45.31
C PHE B 122 34.64 -62.13 44.98
N ASP B 123 34.94 -60.90 44.53
CA ASP B 123 36.30 -60.51 44.16
C ASP B 123 36.59 -59.07 44.54
N ILE B 124 37.86 -58.78 44.87
CA ILE B 124 38.34 -57.44 45.17
C ILE B 124 39.48 -57.14 44.21
N VAL B 125 39.26 -56.20 43.28
CA VAL B 125 40.23 -55.83 42.26
C VAL B 125 40.71 -54.40 42.47
N THR B 126 42.02 -54.23 42.78
CA THR B 126 42.63 -52.93 42.99
C THR B 126 43.30 -52.45 41.71
N THR B 127 43.07 -51.16 41.37
CA THR B 127 43.61 -50.57 40.16
C THR B 127 44.55 -49.39 40.41
N SER B 128 45.29 -49.02 39.35
CA SER B 128 46.12 -47.84 39.28
C SER B 128 45.30 -46.96 38.32
N GLY B 129 45.91 -45.94 37.75
CA GLY B 129 45.23 -45.10 36.77
C GLY B 129 45.15 -45.77 35.41
N THR B 130 45.97 -46.81 35.18
CA THR B 130 46.09 -47.51 33.89
C THR B 130 45.59 -48.96 33.82
N GLY B 131 45.62 -49.67 34.94
CA GLY B 131 45.20 -51.08 34.97
C GLY B 131 45.15 -51.69 36.35
N VAL B 132 45.00 -53.03 36.39
CA VAL B 132 44.90 -53.81 37.62
C VAL B 132 46.28 -53.99 38.27
N THR B 133 46.37 -53.68 39.58
CA THR B 133 47.61 -53.85 40.34
C THR B 133 47.59 -55.11 41.18
N SER B 134 46.41 -55.49 41.71
CA SER B 134 46.23 -56.70 42.51
C SER B 134 44.78 -57.17 42.53
N THR B 135 44.59 -58.48 42.79
CA THR B 135 43.28 -59.11 42.92
C THR B 135 43.30 -60.02 44.15
N LYS B 136 42.25 -59.92 44.96
CA LYS B 136 42.08 -60.73 46.16
C LYS B 136 40.66 -61.31 46.15
N PRO B 137 40.50 -62.63 46.24
CA PRO B 137 39.15 -63.18 46.27
C PRO B 137 38.49 -63.05 47.63
N ILE B 138 37.16 -63.07 47.66
CA ILE B 138 36.39 -63.06 48.89
C ILE B 138 36.42 -64.49 49.41
N VAL B 139 36.50 -64.64 50.75
CA VAL B 139 36.53 -65.92 51.45
C VAL B 139 35.23 -66.71 51.21
N GLN B 140 35.36 -68.02 50.99
CA GLN B 140 34.22 -68.93 50.81
C GLN B 140 33.99 -69.59 52.16
N THR B 141 32.91 -69.22 52.85
CA THR B 141 32.62 -69.73 54.20
C THR B 141 31.77 -70.99 54.20
N SER B 142 32.22 -71.99 54.97
CA SER B 142 31.51 -73.24 55.20
C SER B 142 31.01 -73.21 56.65
N THR B 143 29.69 -73.12 56.83
CA THR B 143 29.08 -73.10 58.15
C THR B 143 28.58 -74.50 58.47
N LEU B 144 29.25 -75.18 59.40
CA LEU B 144 28.93 -76.57 59.74
C LEU B 144 28.56 -76.77 61.22
N ASP B 145 27.75 -77.79 61.50
CA ASP B 145 27.36 -78.09 62.88
C ASP B 145 28.36 -78.97 63.68
N SER B 146 28.77 -80.10 63.12
CA SER B 146 29.63 -81.04 63.85
C SER B 146 30.44 -81.79 62.83
N ILE B 147 31.76 -81.83 63.03
CA ILE B 147 32.68 -82.48 62.11
C ILE B 147 33.40 -83.65 62.78
N SER B 148 33.39 -84.81 62.11
CA SER B 148 34.16 -85.98 62.47
C SER B 148 35.15 -86.08 61.28
N VAL B 149 36.47 -85.88 61.54
CA VAL B 149 37.54 -85.88 60.54
C VAL B 149 38.73 -86.74 60.99
N ASN B 150 39.51 -87.23 60.01
CA ASN B 150 40.71 -87.99 60.30
C ASN B 150 41.89 -87.05 60.47
N ASP B 151 42.22 -86.28 59.43
CA ASP B 151 43.33 -85.33 59.50
C ASP B 151 42.95 -83.99 58.90
N MET B 152 43.56 -82.91 59.42
CA MET B 152 43.34 -81.55 58.96
C MET B 152 44.62 -80.74 58.95
N THR B 153 44.78 -79.91 57.90
CA THR B 153 45.90 -78.99 57.77
C THR B 153 45.34 -77.58 57.72
N VAL B 154 45.86 -76.71 58.60
CA VAL B 154 45.46 -75.31 58.71
C VAL B 154 46.63 -74.43 58.30
N SER B 155 46.43 -73.55 57.30
CA SER B 155 47.47 -72.65 56.82
C SER B 155 47.46 -71.30 57.55
N GLY B 156 46.29 -70.91 58.04
CA GLY B 156 46.10 -69.68 58.81
C GLY B 156 46.05 -69.98 60.29
N SER B 157 44.88 -69.80 60.92
CA SER B 157 44.72 -70.06 62.35
C SER B 157 43.36 -70.61 62.71
N ILE B 158 43.28 -71.31 63.85
CA ILE B 158 42.02 -71.82 64.40
C ILE B 158 41.68 -70.94 65.59
N ASP B 159 40.46 -70.40 65.59
CA ASP B 159 39.96 -69.60 66.70
C ASP B 159 39.07 -70.51 67.56
N VAL B 160 39.50 -70.76 68.80
CA VAL B 160 38.76 -71.60 69.76
C VAL B 160 38.21 -70.73 70.89
N PRO B 161 37.14 -71.15 71.61
CA PRO B 161 36.63 -70.32 72.72
C PRO B 161 37.65 -70.08 73.82
N VAL B 162 37.63 -68.87 74.38
CA VAL B 162 38.53 -68.44 75.45
C VAL B 162 37.70 -67.91 76.61
N GLN B 163 38.01 -68.37 77.83
CA GLN B 163 37.38 -67.92 79.06
C GLN B 163 38.49 -67.48 80.01
N THR B 164 38.25 -66.38 80.73
CA THR B 164 39.22 -65.85 81.71
C THR B 164 38.58 -65.75 83.08
N LEU B 165 39.40 -65.89 84.13
CA LEU B 165 38.96 -65.82 85.51
C LEU B 165 40.09 -65.31 86.39
N THR B 166 39.77 -64.35 87.26
CA THR B 166 40.71 -63.84 88.26
C THR B 166 40.23 -64.35 89.61
N VAL B 167 41.13 -65.01 90.34
CA VAL B 167 40.80 -65.59 91.65
C VAL B 167 41.63 -64.91 92.74
N GLU B 168 40.94 -64.34 93.74
CA GLU B 168 41.59 -63.80 94.92
C GLU B 168 41.62 -64.98 95.86
N ALA B 169 42.66 -65.81 95.70
CA ALA B 169 42.86 -67.08 96.39
C ALA B 169 42.96 -67.02 97.91
N GLY B 170 43.38 -65.86 98.42
CA GLY B 170 43.57 -65.63 99.84
C GLY B 170 45.03 -65.47 100.17
N ASN B 171 45.32 -64.88 101.35
CA ASN B 171 46.67 -64.62 101.86
C ASN B 171 47.48 -63.68 100.95
N GLY B 172 46.79 -62.96 100.07
CA GLY B 172 47.38 -62.01 99.13
C GLY B 172 47.67 -62.58 97.75
N LEU B 173 47.47 -63.90 97.57
CA LEU B 173 47.72 -64.56 96.29
C LEU B 173 46.59 -64.31 95.30
N GLN B 174 46.96 -63.97 94.05
CA GLN B 174 46.01 -63.77 92.97
C GLN B 174 46.38 -64.70 91.81
N LEU B 175 45.37 -65.33 91.20
CA LEU B 175 45.56 -66.18 90.03
C LEU B 175 44.77 -65.58 88.89
N GLN B 176 45.38 -65.48 87.71
CA GLN B 176 44.69 -65.04 86.49
C GLN B 176 44.73 -66.25 85.56
N LEU B 177 43.59 -66.90 85.41
CA LEU B 177 43.45 -68.12 84.61
C LEU B 177 42.87 -67.84 83.25
N THR B 178 43.47 -68.42 82.21
CA THR B 178 42.99 -68.33 80.83
C THR B 178 42.79 -69.74 80.32
N LYS B 179 41.56 -70.07 79.94
CA LYS B 179 41.20 -71.39 79.46
C LYS B 179 40.83 -71.34 77.98
N LYS B 180 41.44 -72.22 77.18
CA LYS B 180 41.17 -72.28 75.75
C LYS B 180 40.71 -73.66 75.35
N ASN B 181 39.70 -73.71 74.44
CA ASN B 181 39.08 -74.95 73.97
C ASN B 181 38.40 -75.71 75.12
N ASN B 182 38.19 -75.02 76.27
CA ASN B 182 37.57 -75.59 77.47
C ASN B 182 38.47 -76.66 78.09
N ASP B 183 39.77 -76.69 77.69
CA ASP B 183 40.68 -77.71 78.18
C ASP B 183 42.01 -77.18 78.73
N LEU B 184 42.79 -76.48 77.88
CA LEU B 184 44.09 -75.98 78.31
C LEU B 184 43.98 -74.71 79.11
N VAL B 185 44.55 -74.71 80.32
CA VAL B 185 44.55 -73.55 81.20
C VAL B 185 45.97 -73.10 81.48
N ILE B 186 46.22 -71.79 81.37
CA ILE B 186 47.48 -71.18 81.77
C ILE B 186 47.15 -70.25 82.94
N VAL B 187 47.78 -70.50 84.09
CA VAL B 187 47.61 -69.72 85.31
C VAL B 187 48.79 -68.77 85.44
N ARG B 188 48.50 -67.48 85.65
CA ARG B 188 49.51 -66.44 85.85
C ARG B 188 49.38 -65.97 87.30
N PHE B 189 50.47 -66.09 88.08
CA PHE B 189 50.44 -65.69 89.48
C PHE B 189 50.72 -64.21 89.65
N PHE B 190 49.98 -63.57 90.57
CA PHE B 190 50.13 -62.16 90.94
C PHE B 190 49.92 -61.99 92.45
N GLY B 191 50.08 -60.77 92.93
CA GLY B 191 49.93 -60.45 94.33
C GLY B 191 51.17 -60.75 95.15
N SER B 192 51.00 -60.82 96.48
CA SER B 192 52.08 -61.08 97.43
C SER B 192 51.52 -61.89 98.60
N VAL B 193 52.16 -63.03 98.90
CA VAL B 193 51.71 -63.96 99.95
C VAL B 193 52.34 -63.72 101.33
N SER B 194 51.52 -63.87 102.40
CA SER B 194 51.92 -63.75 103.79
C SER B 194 50.99 -64.57 104.69
N ASN B 195 51.47 -64.95 105.90
CA ASN B 195 50.72 -65.67 106.93
C ASN B 195 50.08 -66.98 106.43
N ILE B 196 50.90 -67.90 105.92
CA ILE B 196 50.45 -69.19 105.40
C ILE B 196 51.45 -70.30 105.79
N GLN B 197 50.95 -71.53 105.93
CA GLN B 197 51.81 -72.68 106.24
C GLN B 197 51.66 -73.75 105.16
N LYS B 198 52.69 -74.58 105.01
CA LYS B 198 52.69 -75.69 104.06
C LYS B 198 51.54 -76.66 104.39
N GLY B 199 50.81 -77.06 103.36
CA GLY B 199 49.67 -77.96 103.49
C GLY B 199 48.35 -77.29 103.79
N TRP B 200 48.39 -75.98 104.08
CA TRP B 200 47.19 -75.22 104.41
C TRP B 200 46.47 -74.70 103.19
N ASN B 201 45.14 -74.71 103.26
CA ASN B 201 44.23 -74.22 102.24
C ASN B 201 44.32 -72.69 102.29
N MET B 202 44.38 -72.00 101.10
CA MET B 202 44.40 -70.53 101.05
C MET B 202 43.05 -70.03 101.58
N SER B 203 43.04 -68.91 102.30
CA SER B 203 41.86 -68.35 102.97
C SER B 203 40.81 -67.62 102.14
N GLY B 204 40.98 -67.55 100.82
CA GLY B 204 40.06 -66.84 99.95
C GLY B 204 39.13 -67.66 99.09
N THR B 205 38.82 -67.12 97.91
CA THR B 205 37.90 -67.69 96.93
C THR B 205 38.43 -68.96 96.27
N TRP B 206 37.55 -69.97 96.12
CA TRP B 206 37.86 -71.21 95.45
C TRP B 206 37.69 -71.02 93.95
N VAL B 207 38.36 -71.85 93.14
CA VAL B 207 38.30 -71.79 91.68
C VAL B 207 36.89 -72.16 91.20
N ASP B 208 36.31 -71.32 90.31
CA ASP B 208 34.99 -71.55 89.72
C ASP B 208 34.94 -72.89 89.01
N ARG B 209 33.79 -73.58 89.08
CA ARG B 209 33.55 -74.90 88.46
C ARG B 209 34.10 -75.05 87.01
N PRO B 210 33.88 -74.09 86.08
CA PRO B 210 34.41 -74.26 84.70
C PRO B 210 35.92 -74.35 84.55
N PHE B 211 36.68 -73.96 85.58
CA PHE B 211 38.15 -73.98 85.57
C PHE B 211 38.74 -75.11 86.42
N ARG B 212 37.88 -75.86 87.14
CA ARG B 212 38.32 -76.96 87.99
C ARG B 212 38.85 -78.15 87.20
N PRO B 213 40.05 -78.68 87.55
CA PRO B 213 40.58 -79.86 86.86
C PRO B 213 39.95 -81.16 87.33
N ALA B 214 40.06 -82.24 86.54
CA ALA B 214 39.54 -83.56 86.91
C ALA B 214 40.40 -84.18 88.01
N ALA B 215 41.71 -83.88 88.01
CA ALA B 215 42.70 -84.35 88.97
C ALA B 215 43.50 -83.18 89.52
N VAL B 216 44.05 -83.32 90.74
CA VAL B 216 44.86 -82.30 91.41
C VAL B 216 46.03 -81.81 90.52
N GLN B 217 46.20 -80.49 90.42
CA GLN B 217 47.25 -79.91 89.58
C GLN B 217 48.20 -79.06 90.41
N SER B 218 49.50 -79.44 90.41
CA SER B 218 50.55 -78.72 91.14
C SER B 218 51.18 -77.69 90.22
N LEU B 219 51.05 -76.40 90.57
CA LEU B 219 51.60 -75.33 89.74
C LEU B 219 52.72 -74.58 90.43
N VAL B 220 53.92 -74.61 89.83
CA VAL B 220 55.13 -73.98 90.34
C VAL B 220 55.12 -72.46 90.11
N GLY B 221 55.49 -71.71 91.14
CA GLY B 221 55.61 -70.26 91.11
C GLY B 221 56.95 -69.80 91.63
N HIS B 222 57.27 -68.51 91.43
CA HIS B 222 58.54 -67.93 91.86
C HIS B 222 58.35 -66.64 92.67
N PHE B 223 59.23 -66.42 93.65
CA PHE B 223 59.23 -65.20 94.45
C PHE B 223 60.11 -64.16 93.80
N ALA B 224 59.48 -63.06 93.35
CA ALA B 224 60.16 -61.97 92.64
C ALA B 224 61.38 -61.42 93.39
N GLY B 225 62.50 -61.36 92.68
CA GLY B 225 63.78 -60.86 93.19
C GLY B 225 64.52 -61.79 94.13
N ARG B 226 64.07 -63.06 94.21
CA ARG B 226 64.66 -64.07 95.09
C ARG B 226 65.06 -65.33 94.31
N ASP B 227 65.78 -66.25 94.99
CA ASP B 227 66.20 -67.53 94.44
C ASP B 227 65.21 -68.63 94.86
N THR B 228 64.16 -68.23 95.59
CA THR B 228 63.16 -69.13 96.16
C THR B 228 61.91 -69.31 95.32
N SER B 229 61.26 -70.47 95.47
CA SER B 229 60.06 -70.83 94.73
C SER B 229 59.00 -71.45 95.64
N PHE B 230 57.81 -71.68 95.10
CA PHE B 230 56.68 -72.29 95.79
C PHE B 230 55.87 -73.08 94.77
N HIS B 231 54.86 -73.81 95.26
CA HIS B 231 53.87 -74.44 94.42
C HIS B 231 52.54 -74.48 95.13
N ILE B 232 51.47 -74.46 94.36
CA ILE B 232 50.11 -74.55 94.87
C ILE B 232 49.42 -75.70 94.19
N ASP B 233 48.46 -76.32 94.87
CA ASP B 233 47.67 -77.39 94.29
C ASP B 233 46.27 -76.90 94.04
N ILE B 234 45.80 -76.99 92.79
CA ILE B 234 44.41 -76.66 92.47
C ILE B 234 43.72 -78.02 92.55
N ASN B 235 42.88 -78.19 93.56
CA ASN B 235 42.19 -79.44 93.80
C ASN B 235 40.92 -79.56 92.95
N PRO B 236 40.47 -80.79 92.59
CA PRO B 236 39.22 -80.92 91.79
C PRO B 236 37.98 -80.24 92.39
N ASN B 237 37.94 -80.03 93.72
CA ASN B 237 36.81 -79.35 94.38
C ASN B 237 36.87 -77.82 94.27
N GLY B 238 37.98 -77.29 93.73
CA GLY B 238 38.18 -75.87 93.54
C GLY B 238 39.07 -75.19 94.57
N SER B 239 39.35 -75.88 95.69
CA SER B 239 40.22 -75.36 96.75
C SER B 239 41.66 -75.29 96.29
N ILE B 240 42.45 -74.40 96.91
CA ILE B 240 43.85 -74.21 96.61
C ILE B 240 44.68 -74.47 97.86
N THR B 241 45.63 -75.42 97.78
CA THR B 241 46.51 -75.78 98.90
C THR B 241 47.90 -75.18 98.68
N TRP B 242 48.44 -74.52 99.71
CA TRP B 242 49.78 -73.94 99.69
C TRP B 242 50.83 -75.01 99.91
N TRP B 243 51.81 -75.08 99.01
CA TRP B 243 52.89 -76.04 99.15
C TRP B 243 54.30 -75.46 99.10
N GLY B 244 54.40 -74.17 99.39
CA GLY B 244 55.68 -73.50 99.55
C GLY B 244 56.05 -73.63 101.02
N ALA B 245 57.14 -72.96 101.45
CA ALA B 245 57.54 -72.96 102.86
C ALA B 245 56.58 -72.07 103.65
N ASN B 246 56.60 -72.12 105.01
CA ASN B 246 55.74 -71.26 105.85
C ASN B 246 56.13 -69.80 105.66
N ILE B 247 55.16 -68.91 105.48
CA ILE B 247 55.43 -67.46 105.32
C ILE B 247 54.96 -66.68 106.53
N ASP B 248 55.82 -65.76 106.98
CA ASP B 248 55.61 -64.83 108.08
C ASP B 248 54.87 -63.61 107.58
N LYS B 249 54.69 -62.63 108.45
CA LYS B 249 53.92 -61.43 108.24
C LYS B 249 54.28 -60.61 107.03
N THR B 250 55.57 -60.57 106.65
CA THR B 250 56.05 -59.79 105.51
C THR B 250 55.64 -60.42 104.19
N PRO B 251 54.89 -59.72 103.35
CA PRO B 251 54.42 -60.32 102.08
C PRO B 251 55.57 -60.44 101.09
N ILE B 252 55.57 -61.53 100.31
CA ILE B 252 56.56 -61.78 99.28
C ILE B 252 55.81 -61.87 97.95
N ALA B 253 56.24 -61.09 96.93
CA ALA B 253 55.61 -61.05 95.62
C ALA B 253 55.71 -62.41 94.90
N THR B 254 54.56 -62.90 94.42
CA THR B 254 54.41 -64.21 93.78
C THR B 254 54.12 -64.05 92.30
N ARG B 255 54.93 -64.69 91.44
CA ARG B 255 54.78 -64.60 89.99
C ARG B 255 55.01 -65.96 89.33
N GLY B 256 54.69 -66.05 88.03
CA GLY B 256 54.93 -67.25 87.25
C GLY B 256 53.75 -67.83 86.50
N ASN B 257 54.05 -68.57 85.42
CA ASN B 257 53.06 -69.24 84.58
C ASN B 257 53.11 -70.75 84.77
N GLY B 258 51.93 -71.33 84.96
CA GLY B 258 51.75 -72.76 85.12
C GLY B 258 50.60 -73.24 84.25
N SER B 259 50.76 -74.39 83.59
CA SER B 259 49.71 -74.94 82.70
C SER B 259 49.16 -76.26 83.18
N TYR B 260 47.87 -76.51 82.87
CA TYR B 260 47.19 -77.77 83.18
C TYR B 260 46.05 -78.04 82.21
N PHE B 261 45.65 -79.32 82.13
CA PHE B 261 44.53 -79.77 81.33
C PHE B 261 43.36 -80.02 82.28
N ILE B 262 42.17 -79.57 81.90
CA ILE B 262 40.96 -79.80 82.68
C ILE B 262 40.51 -81.25 82.46
N LYS B 263 40.50 -81.69 81.19
CA LYS B 263 40.07 -83.02 80.76
C LYS B 263 41.20 -84.05 80.80
N THR C 1 30.10 -104.71 36.59
CA THR C 1 29.27 -103.80 35.80
C THR C 1 29.34 -102.38 36.36
N ILE C 2 29.53 -101.39 35.47
CA ILE C 2 29.63 -99.97 35.85
C ILE C 2 28.38 -99.21 35.41
N LYS C 3 27.70 -98.55 36.37
CA LYS C 3 26.51 -97.73 36.16
C LYS C 3 26.90 -96.26 36.20
N ASN C 4 26.94 -95.61 35.03
CA ASN C 4 27.30 -94.19 34.91
C ASN C 4 26.07 -93.30 35.04
N PHE C 5 26.21 -92.13 35.72
CA PHE C 5 25.09 -91.23 35.94
C PHE C 5 25.27 -89.78 35.49
N THR C 6 26.30 -89.08 35.99
CA THR C 6 26.55 -87.67 35.63
C THR C 6 27.24 -87.61 34.25
N PHE C 7 26.54 -88.12 33.21
CA PHE C 7 27.05 -88.18 31.84
C PHE C 7 25.95 -87.97 30.81
N PHE C 8 26.37 -87.57 29.60
CA PHE C 8 25.46 -87.31 28.47
C PHE C 8 24.93 -88.59 27.85
N SER C 9 23.62 -88.58 27.55
CA SER C 9 22.91 -89.69 26.91
C SER C 9 22.71 -89.33 25.43
N PRO C 10 23.50 -89.93 24.49
CA PRO C 10 23.38 -89.57 23.06
C PRO C 10 22.00 -89.77 22.45
N ASN C 11 21.39 -90.93 22.67
CA ASN C 11 20.07 -91.27 22.16
C ASN C 11 18.96 -90.99 23.19
N SER C 12 19.30 -90.22 24.26
CA SER C 12 18.43 -89.81 25.37
C SER C 12 17.81 -91.01 26.13
N THR C 13 18.57 -92.12 26.24
CA THR C 13 18.17 -93.35 26.92
C THR C 13 19.33 -93.97 27.70
N GLU C 14 20.58 -93.62 27.32
CA GLU C 14 21.84 -94.15 27.86
C GLU C 14 22.04 -94.06 29.38
N PHE C 15 22.02 -92.85 29.97
CA PHE C 15 22.25 -92.70 31.40
C PHE C 15 21.12 -92.05 32.22
N PRO C 16 20.06 -92.81 32.54
CA PRO C 16 18.97 -92.23 33.34
C PRO C 16 19.31 -92.23 34.83
N VAL C 17 19.21 -91.05 35.47
CA VAL C 17 19.53 -90.91 36.89
C VAL C 17 18.28 -90.90 37.78
N GLY C 18 18.21 -91.88 38.68
CA GLY C 18 17.10 -92.06 39.61
C GLY C 18 17.20 -91.28 40.89
N SER C 19 16.11 -91.32 41.70
CA SER C 19 15.98 -90.64 43.00
C SER C 19 16.97 -91.18 44.03
N ASN C 20 17.23 -92.50 44.00
CA ASN C 20 18.16 -93.17 44.90
C ASN C 20 19.61 -92.88 44.50
N ASN C 21 19.89 -92.80 43.18
CA ASN C 21 21.20 -92.51 42.60
C ASN C 21 21.65 -91.09 42.96
N ASP C 22 20.72 -90.12 42.87
CA ASP C 22 20.96 -88.73 43.25
C ASP C 22 21.01 -88.63 44.78
N GLY C 23 20.18 -89.42 45.46
CA GLY C 23 20.12 -89.51 46.91
C GLY C 23 21.45 -89.89 47.52
N LYS C 24 22.09 -90.94 46.95
CA LYS C 24 23.40 -91.42 47.36
C LYS C 24 24.46 -90.35 47.05
N LEU C 25 24.34 -89.71 45.86
CA LEU C 25 25.23 -88.66 45.37
C LEU C 25 25.25 -87.46 46.35
N TYR C 26 24.07 -86.98 46.78
CA TYR C 26 23.93 -85.85 47.71
C TYR C 26 24.52 -86.15 49.09
N MET C 27 24.41 -87.41 49.56
CA MET C 27 24.93 -87.86 50.85
C MET C 27 26.45 -87.75 50.91
N MET C 28 27.13 -88.23 49.85
CA MET C 28 28.58 -88.24 49.71
C MET C 28 29.19 -86.84 49.63
N LEU C 29 28.45 -85.88 49.04
CA LEU C 29 28.88 -84.49 48.89
C LEU C 29 28.95 -83.77 50.24
N THR C 30 27.89 -83.89 51.05
CA THR C 30 27.82 -83.27 52.37
C THR C 30 28.51 -84.10 53.48
N GLY C 31 28.70 -85.39 53.23
CA GLY C 31 29.33 -86.32 54.15
C GLY C 31 28.41 -86.75 55.27
N MET C 32 27.28 -87.38 54.92
CA MET C 32 26.28 -87.85 55.88
C MET C 32 25.92 -89.33 55.71
N ASP C 33 25.42 -89.94 56.80
CA ASP C 33 24.95 -91.33 56.83
C ASP C 33 23.43 -91.34 56.98
N TYR C 34 22.82 -92.52 57.15
CA TYR C 34 21.37 -92.65 57.32
C TYR C 34 20.91 -92.34 58.76
N ARG C 35 21.86 -91.99 59.65
CA ARG C 35 21.60 -91.67 61.05
C ARG C 35 21.59 -90.17 61.36
N THR C 36 22.05 -89.32 60.41
CA THR C 36 22.06 -87.86 60.55
C THR C 36 21.24 -87.15 59.46
N ILE C 37 20.90 -85.87 59.68
CA ILE C 37 20.12 -85.04 58.76
C ILE C 37 20.84 -83.74 58.40
N ARG C 38 20.23 -82.99 57.47
CA ARG C 38 20.62 -81.65 57.06
C ARG C 38 19.31 -80.88 57.19
N ARG C 39 19.23 -80.05 58.24
CA ARG C 39 18.01 -79.31 58.58
C ARG C 39 18.28 -77.80 58.70
N LYS C 40 17.37 -76.99 58.16
CA LYS C 40 17.45 -75.53 58.22
C LYS C 40 16.08 -74.90 58.37
N ASP C 41 15.90 -74.10 59.44
CA ASP C 41 14.68 -73.38 59.72
C ASP C 41 14.78 -71.99 59.07
N TRP C 42 14.15 -71.83 57.89
CA TRP C 42 14.15 -70.56 57.14
C TRP C 42 13.31 -69.53 57.89
N SER C 43 12.23 -70.01 58.54
CA SER C 43 11.33 -69.26 59.39
C SER C 43 11.12 -70.10 60.65
N SER C 44 11.31 -69.48 61.83
CA SER C 44 11.21 -70.13 63.14
C SER C 44 9.88 -70.87 63.35
N PRO C 45 9.92 -72.17 63.76
CA PRO C 45 8.67 -72.92 63.96
C PRO C 45 7.83 -72.39 65.12
N LEU C 46 6.50 -72.38 64.94
CA LEU C 46 5.56 -71.89 65.94
C LEU C 46 5.02 -73.00 66.84
N ASN C 47 4.97 -72.71 68.15
CA ASN C 47 4.49 -73.64 69.17
C ASN C 47 3.15 -73.16 69.74
N THR C 48 2.06 -73.87 69.41
CA THR C 48 0.71 -73.56 69.89
C THR C 48 0.21 -74.77 70.67
N ALA C 49 -0.01 -74.60 72.01
CA ALA C 49 -0.43 -75.65 72.95
C ALA C 49 0.53 -76.86 72.88
N LEU C 50 0.02 -78.11 72.91
CA LEU C 50 0.85 -79.31 72.83
C LEU C 50 1.02 -79.75 71.36
N ASN C 51 1.41 -78.79 70.49
CA ASN C 51 1.62 -78.97 69.05
C ASN C 51 2.74 -78.04 68.56
N VAL C 52 3.56 -78.52 67.60
CA VAL C 52 4.65 -77.76 66.99
C VAL C 52 4.48 -77.70 65.47
N GLN C 53 4.29 -76.47 64.94
CA GLN C 53 4.12 -76.23 63.51
C GLN C 53 5.42 -75.74 62.88
N TYR C 54 5.93 -76.50 61.89
CA TYR C 54 7.14 -76.12 61.17
C TYR C 54 6.75 -75.24 59.99
N THR C 55 6.79 -73.92 60.19
CA THR C 55 6.43 -72.87 59.22
C THR C 55 7.11 -73.08 57.86
N ASN C 56 8.46 -73.14 57.86
CA ASN C 56 9.28 -73.41 56.68
C ASN C 56 10.62 -73.99 57.13
N THR C 57 10.73 -75.31 57.04
CA THR C 57 11.91 -76.07 57.42
C THR C 57 12.20 -77.11 56.35
N SER C 58 13.39 -77.03 55.75
CA SER C 58 13.83 -77.98 54.72
C SER C 58 14.71 -79.04 55.40
N ILE C 59 14.50 -80.33 55.05
CA ILE C 59 15.27 -81.45 55.63
C ILE C 59 15.78 -82.40 54.55
N ILE C 60 17.07 -82.79 54.64
CA ILE C 60 17.70 -83.75 53.74
C ILE C 60 18.03 -84.99 54.58
N ALA C 61 17.13 -85.98 54.54
CA ALA C 61 17.29 -87.24 55.27
C ALA C 61 17.51 -88.36 54.28
N GLY C 62 18.65 -89.04 54.41
CA GLY C 62 19.07 -90.12 53.52
C GLY C 62 19.33 -89.65 52.10
N GLY C 63 19.76 -88.39 51.98
CA GLY C 63 20.04 -87.73 50.71
C GLY C 63 18.78 -87.32 49.95
N ARG C 64 17.62 -87.40 50.62
CA ARG C 64 16.32 -87.06 50.04
C ARG C 64 15.83 -85.72 50.59
N TYR C 65 15.67 -84.72 49.69
CA TYR C 65 15.23 -83.36 50.03
C TYR C 65 13.71 -83.23 50.08
N PHE C 66 13.22 -82.59 51.16
CA PHE C 66 11.80 -82.31 51.38
C PHE C 66 11.60 -81.06 52.24
N GLU C 67 10.50 -80.32 52.00
CA GLU C 67 10.16 -79.09 52.73
C GLU C 67 8.93 -79.27 53.61
N LEU C 68 8.99 -78.75 54.83
CA LEU C 68 7.86 -78.79 55.76
C LEU C 68 7.26 -77.38 55.75
N LEU C 69 6.11 -77.22 55.08
CA LEU C 69 5.45 -75.93 54.95
C LEU C 69 4.18 -75.89 55.77
N ASN C 70 4.27 -75.28 56.98
CA ASN C 70 3.20 -75.17 57.98
C ASN C 70 2.63 -76.53 58.42
N GLU C 71 3.53 -77.53 58.52
CA GLU C 71 3.21 -78.90 58.93
C GLU C 71 3.26 -78.98 60.46
N THR C 72 2.10 -79.17 61.08
CA THR C 72 1.94 -79.25 62.54
C THR C 72 1.96 -80.71 63.00
N VAL C 73 2.71 -80.99 64.08
CA VAL C 73 2.81 -82.33 64.67
C VAL C 73 2.43 -82.31 66.16
N ALA C 74 1.45 -83.16 66.54
CA ALA C 74 0.92 -83.29 67.91
C ALA C 74 1.98 -83.80 68.88
N LEU C 75 1.95 -83.31 70.13
CA LEU C 75 2.93 -83.66 71.16
C LEU C 75 2.31 -84.32 72.40
N LYS C 76 3.16 -84.97 73.22
CA LYS C 76 2.80 -85.65 74.46
C LYS C 76 3.03 -84.70 75.64
N GLY C 77 2.03 -84.59 76.52
CA GLY C 77 2.06 -83.71 77.69
C GLY C 77 3.09 -84.11 78.73
N ASP C 78 3.86 -83.11 79.21
CA ASP C 78 4.94 -83.24 80.22
C ASP C 78 5.99 -84.30 79.84
N SER C 79 6.30 -84.40 78.54
CA SER C 79 7.25 -85.39 78.03
C SER C 79 8.28 -84.80 77.08
N VAL C 80 9.40 -85.51 76.89
CA VAL C 80 10.49 -85.15 75.98
C VAL C 80 10.19 -85.85 74.65
N ASN C 81 9.60 -85.10 73.70
CA ASN C 81 9.20 -85.61 72.39
C ASN C 81 10.33 -85.57 71.36
N TYR C 82 10.62 -86.73 70.76
CA TYR C 82 11.65 -86.92 69.74
C TYR C 82 10.98 -86.94 68.37
N ILE C 83 11.05 -85.80 67.64
CA ILE C 83 10.43 -85.64 66.33
C ILE C 83 11.25 -86.36 65.26
N HIS C 84 10.62 -87.31 64.55
CA HIS C 84 11.26 -88.11 63.52
C HIS C 84 10.73 -87.85 62.12
N ALA C 85 11.62 -87.97 61.12
CA ALA C 85 11.30 -87.86 59.71
C ALA C 85 11.27 -89.30 59.19
N ASN C 86 10.08 -89.78 58.80
CA ASN C 86 9.88 -91.16 58.35
C ASN C 86 9.72 -91.26 56.84
N ILE C 87 10.63 -91.98 56.18
CA ILE C 87 10.61 -92.16 54.72
C ILE C 87 10.29 -93.61 54.34
N ASP C 88 9.18 -93.79 53.62
CA ASP C 88 8.74 -95.08 53.12
C ASP C 88 8.49 -94.93 51.63
N LEU C 89 9.42 -95.45 50.82
CA LEU C 89 9.39 -95.36 49.35
C LEU C 89 8.20 -96.08 48.70
N THR C 90 7.65 -97.11 49.38
CA THR C 90 6.49 -97.89 48.92
C THR C 90 5.24 -97.01 48.91
N GLN C 91 5.15 -96.04 49.84
CA GLN C 91 4.06 -95.07 49.93
C GLN C 91 4.37 -93.98 48.90
N THR C 92 4.14 -94.31 47.61
CA THR C 92 4.44 -93.47 46.46
C THR C 92 3.76 -92.10 46.42
N ALA C 93 2.54 -91.99 46.99
CA ALA C 93 1.78 -90.74 47.05
C ALA C 93 2.40 -89.76 48.05
N ASN C 94 2.72 -90.24 49.27
CA ASN C 94 3.34 -89.44 50.33
C ASN C 94 4.44 -90.24 51.06
N PRO C 95 5.70 -90.18 50.56
CA PRO C 95 6.78 -90.96 51.19
C PRO C 95 7.23 -90.45 52.56
N VAL C 96 7.26 -89.11 52.73
CA VAL C 96 7.68 -88.51 54.00
C VAL C 96 6.50 -88.23 54.93
N SER C 97 6.63 -88.67 56.18
CA SER C 97 5.67 -88.51 57.26
C SER C 97 6.43 -88.14 58.55
N LEU C 98 5.83 -87.29 59.39
CA LEU C 98 6.45 -86.89 60.65
C LEU C 98 5.79 -87.55 61.85
N SER C 99 6.56 -87.77 62.92
CA SER C 99 6.07 -88.41 64.15
C SER C 99 6.83 -87.96 65.39
N ALA C 100 6.09 -87.58 66.44
CA ALA C 100 6.64 -87.21 67.73
C ALA C 100 6.66 -88.49 68.57
N GLU C 101 7.86 -88.92 69.00
CA GLU C 101 8.02 -90.17 69.73
C GLU C 101 8.60 -90.04 71.14
N THR C 102 8.47 -91.12 71.93
CA THR C 102 8.95 -91.24 73.31
C THR C 102 10.48 -91.19 73.43
N ALA C 103 11.20 -91.86 72.51
CA ALA C 103 12.66 -91.91 72.49
C ALA C 103 13.24 -91.75 71.07
N ASN C 104 14.57 -91.55 70.97
CA ASN C 104 15.27 -91.41 69.68
C ASN C 104 15.35 -92.78 69.01
N ASN C 105 14.36 -93.07 68.16
CA ASN C 105 14.19 -94.33 67.45
C ASN C 105 14.78 -94.31 66.02
N SER C 106 15.97 -93.67 65.85
CA SER C 106 16.66 -93.59 64.56
C SER C 106 17.21 -94.97 64.19
N ASN C 107 16.80 -95.51 63.03
CA ASN C 107 17.19 -96.85 62.57
C ASN C 107 18.41 -96.90 61.66
N GLY C 108 18.51 -95.93 60.75
CA GLY C 108 19.60 -95.86 59.78
C GLY C 108 19.47 -96.86 58.65
N VAL C 109 18.21 -97.11 58.21
CA VAL C 109 17.86 -98.03 57.12
C VAL C 109 18.35 -97.48 55.78
N ASP C 110 19.09 -98.29 55.02
CA ASP C 110 19.62 -97.92 53.71
C ASP C 110 18.49 -98.01 52.67
N ILE C 111 17.72 -96.93 52.54
CA ILE C 111 16.58 -96.82 51.62
C ILE C 111 17.01 -96.71 50.15
N ASN C 112 18.19 -96.10 49.89
CA ASN C 112 18.71 -95.91 48.54
C ASN C 112 19.20 -97.20 47.88
N ASN C 113 19.84 -98.10 48.65
CA ASN C 113 20.35 -99.38 48.13
C ASN C 113 19.37 -100.54 48.34
N GLY C 114 18.76 -100.60 49.52
CA GLY C 114 17.82 -101.65 49.88
C GLY C 114 16.41 -101.16 50.18
N SER C 115 15.61 -102.02 50.83
CA SER C 115 14.22 -101.73 51.20
C SER C 115 14.12 -101.31 52.68
N GLY C 116 12.90 -101.02 53.13
CA GLY C 116 12.62 -100.63 54.49
C GLY C 116 12.17 -99.19 54.68
N VAL C 117 11.85 -98.84 55.94
CA VAL C 117 11.40 -97.50 56.33
C VAL C 117 12.52 -96.82 57.13
N LEU C 118 12.97 -95.65 56.66
CA LEU C 118 14.03 -94.89 57.32
C LEU C 118 13.44 -93.93 58.36
N LYS C 119 13.94 -94.04 59.59
CA LYS C 119 13.55 -93.20 60.73
C LYS C 119 14.79 -92.44 61.19
N VAL C 120 14.65 -91.12 61.38
CA VAL C 120 15.75 -90.26 61.83
C VAL C 120 15.23 -89.01 62.57
N CYS C 121 15.67 -88.84 63.84
CA CYS C 121 15.30 -87.73 64.69
C CYS C 121 16.07 -86.47 64.30
N PHE C 122 15.37 -85.32 64.26
CA PHE C 122 15.95 -84.03 63.92
C PHE C 122 15.73 -82.95 64.98
N ASP C 123 14.63 -83.07 65.74
CA ASP C 123 14.26 -82.10 66.78
C ASP C 123 13.82 -82.79 68.07
N ILE C 124 14.19 -82.21 69.23
CA ILE C 124 13.84 -82.71 70.56
C ILE C 124 13.00 -81.62 71.24
N VAL C 125 11.69 -81.85 71.37
CA VAL C 125 10.73 -80.91 71.96
C VAL C 125 10.35 -81.33 73.38
N THR C 126 10.76 -80.52 74.37
CA THR C 126 10.44 -80.74 75.78
C THR C 126 9.17 -79.95 76.08
N THR C 127 8.13 -80.64 76.60
CA THR C 127 6.83 -80.03 76.87
C THR C 127 6.40 -80.06 78.34
N SER C 128 5.36 -79.28 78.66
CA SER C 128 4.72 -79.18 79.97
C SER C 128 3.29 -79.71 79.85
N GLY C 129 2.42 -79.36 80.80
CA GLY C 129 1.02 -79.76 80.79
C GLY C 129 0.20 -78.95 79.81
N THR C 130 0.57 -77.68 79.62
CA THR C 130 -0.10 -76.73 78.73
C THR C 130 0.54 -76.67 77.33
N GLY C 131 1.82 -76.30 77.27
CA GLY C 131 2.53 -76.17 76.01
C GLY C 131 3.96 -76.68 76.00
N VAL C 132 4.82 -76.01 75.19
CA VAL C 132 6.24 -76.33 75.01
C VAL C 132 7.11 -75.50 75.96
N THR C 133 8.10 -76.15 76.61
CA THR C 133 9.04 -75.49 77.52
C THR C 133 10.36 -75.14 76.83
N SER C 134 10.99 -76.11 76.15
CA SER C 134 12.27 -75.94 75.45
C SER C 134 12.40 -76.84 74.22
N THR C 135 13.17 -76.38 73.22
CA THR C 135 13.41 -77.11 71.97
C THR C 135 14.92 -77.16 71.67
N LYS C 136 15.44 -78.38 71.46
CA LYS C 136 16.85 -78.63 71.16
C LYS C 136 16.96 -79.48 69.87
N PRO C 137 17.57 -78.95 68.77
CA PRO C 137 17.67 -79.76 67.55
C PRO C 137 18.82 -80.77 67.59
N ILE C 138 18.66 -81.87 66.82
CA ILE C 138 19.67 -82.94 66.69
C ILE C 138 20.88 -82.40 65.90
N VAL C 139 22.09 -82.84 66.31
CA VAL C 139 23.36 -82.45 65.70
C VAL C 139 23.48 -82.95 64.24
N GLN C 140 24.12 -82.16 63.37
CA GLN C 140 24.31 -82.50 61.95
C GLN C 140 25.76 -82.92 61.71
N THR C 141 26.05 -84.22 61.88
CA THR C 141 27.41 -84.74 61.76
C THR C 141 27.90 -84.87 60.32
N SER C 142 28.91 -84.05 59.97
CA SER C 142 29.56 -84.05 58.66
C SER C 142 30.84 -84.89 58.72
N THR C 143 30.71 -86.18 58.36
CA THR C 143 31.80 -87.15 58.36
C THR C 143 32.72 -86.91 57.15
N LEU C 144 33.99 -86.56 57.43
CA LEU C 144 35.00 -86.26 56.40
C LEU C 144 36.30 -87.05 56.61
N ASP C 145 37.08 -87.22 55.52
CA ASP C 145 38.35 -87.96 55.52
C ASP C 145 39.54 -87.02 55.77
N SER C 146 39.75 -86.02 54.89
CA SER C 146 40.85 -85.06 55.02
C SER C 146 40.40 -83.64 54.71
N ILE C 147 40.84 -82.66 55.53
CA ILE C 147 40.49 -81.25 55.37
C ILE C 147 41.72 -80.38 55.10
N SER C 148 41.63 -79.53 54.05
CA SER C 148 42.67 -78.58 53.65
C SER C 148 42.06 -77.17 53.78
N VAL C 149 42.04 -76.65 55.01
CA VAL C 149 41.44 -75.35 55.32
C VAL C 149 42.48 -74.25 55.64
N ASN C 150 42.08 -72.98 55.45
CA ASN C 150 42.92 -71.81 55.74
C ASN C 150 42.63 -71.29 57.15
N ASP C 151 41.36 -70.95 57.44
CA ASP C 151 40.95 -70.44 58.77
C ASP C 151 39.75 -71.18 59.36
N MET C 152 39.59 -71.13 60.70
CA MET C 152 38.50 -71.80 61.42
C MET C 152 38.09 -71.04 62.68
N THR C 153 36.77 -71.04 62.98
CA THR C 153 36.18 -70.44 64.17
C THR C 153 35.25 -71.47 64.83
N VAL C 154 35.57 -71.86 66.06
CA VAL C 154 34.84 -72.86 66.85
C VAL C 154 34.06 -72.20 67.99
N SER C 155 32.77 -72.55 68.15
CA SER C 155 31.91 -72.04 69.21
C SER C 155 31.80 -72.98 70.43
N GLY C 156 32.17 -74.24 70.23
CA GLY C 156 32.15 -75.26 71.26
C GLY C 156 33.53 -75.78 71.62
N SER C 157 33.87 -77.00 71.16
CA SER C 157 35.17 -77.63 71.43
C SER C 157 35.63 -78.61 70.35
N ILE C 158 36.97 -78.81 70.25
CA ILE C 158 37.61 -79.74 69.31
C ILE C 158 38.19 -80.92 70.11
N ASP C 159 37.80 -82.15 69.74
CA ASP C 159 38.29 -83.36 70.39
C ASP C 159 39.53 -83.86 69.64
N VAL C 160 40.67 -83.86 70.35
CA VAL C 160 41.97 -84.29 69.80
C VAL C 160 42.43 -85.61 70.44
N PRO C 161 43.22 -86.48 69.74
CA PRO C 161 43.64 -87.75 70.36
C PRO C 161 44.53 -87.58 71.59
N VAL C 162 44.03 -88.08 72.73
CA VAL C 162 44.70 -88.00 74.04
C VAL C 162 45.33 -89.35 74.41
N GLN C 163 46.63 -89.33 74.76
CA GLN C 163 47.42 -90.49 75.19
C GLN C 163 48.05 -90.22 76.55
N THR C 164 47.92 -91.18 77.49
CA THR C 164 48.47 -91.04 78.85
C THR C 164 49.49 -92.13 79.18
N LEU C 165 50.53 -91.75 79.95
CA LEU C 165 51.62 -92.64 80.35
C LEU C 165 52.16 -92.27 81.74
N THR C 166 52.42 -93.30 82.57
CA THR C 166 52.99 -93.13 83.91
C THR C 166 54.34 -93.83 83.97
N VAL C 167 55.42 -93.04 83.98
CA VAL C 167 56.80 -93.53 83.99
C VAL C 167 57.40 -93.44 85.39
N GLU C 168 57.91 -94.59 85.90
CA GLU C 168 58.58 -94.66 87.20
C GLU C 168 60.06 -94.40 86.91
N ALA C 169 60.42 -93.11 86.80
CA ALA C 169 61.75 -92.58 86.47
C ALA C 169 62.89 -93.19 87.28
N GLY C 170 62.64 -93.46 88.56
CA GLY C 170 63.62 -94.04 89.47
C GLY C 170 64.02 -93.08 90.58
N ASN C 171 64.79 -93.59 91.56
CA ASN C 171 65.28 -92.87 92.74
C ASN C 171 64.15 -92.32 93.65
N GLY C 172 62.89 -92.57 93.23
CA GLY C 172 61.70 -92.13 93.94
C GLY C 172 60.85 -91.13 93.17
N LEU C 173 61.01 -91.08 91.84
CA LEU C 173 60.28 -90.15 90.97
C LEU C 173 59.24 -90.85 90.10
N GLN C 174 58.06 -90.21 89.97
CA GLN C 174 56.94 -90.65 89.15
C GLN C 174 56.54 -89.50 88.22
N LEU C 175 56.35 -89.81 86.91
CA LEU C 175 55.98 -88.81 85.91
C LEU C 175 54.66 -89.18 85.23
N GLN C 176 53.64 -88.30 85.34
CA GLN C 176 52.33 -88.49 84.74
C GLN C 176 52.23 -87.62 83.49
N LEU C 177 52.44 -88.25 82.31
CA LEU C 177 52.41 -87.57 81.01
C LEU C 177 51.03 -87.63 80.36
N THR C 178 50.59 -86.50 79.78
CA THR C 178 49.31 -86.37 79.09
C THR C 178 49.55 -85.71 77.73
N LYS C 179 49.56 -86.53 76.65
CA LYS C 179 49.81 -86.11 75.27
C LYS C 179 48.50 -85.88 74.52
N LYS C 180 48.32 -84.68 73.94
CA LYS C 180 47.13 -84.33 73.16
C LYS C 180 47.55 -83.90 71.76
N ASN C 181 46.89 -84.46 70.72
CA ASN C 181 47.12 -84.23 69.29
C ASN C 181 48.52 -84.71 68.83
N ASN C 182 49.15 -85.59 69.65
CA ASN C 182 50.49 -86.17 69.44
C ASN C 182 51.59 -85.07 69.41
N ASP C 183 51.34 -83.93 70.09
CA ASP C 183 52.25 -82.79 70.13
C ASP C 183 52.50 -82.21 71.52
N LEU C 184 51.50 -81.54 72.13
CA LEU C 184 51.61 -80.94 73.46
C LEU C 184 51.47 -81.97 74.57
N VAL C 185 52.45 -81.98 75.51
CA VAL C 185 52.48 -82.91 76.64
C VAL C 185 52.70 -82.15 77.95
N ILE C 186 51.81 -82.36 78.94
CA ILE C 186 51.94 -81.78 80.28
C ILE C 186 52.33 -82.91 81.24
N VAL C 187 53.52 -82.81 81.83
CA VAL C 187 54.07 -83.81 82.76
C VAL C 187 53.86 -83.37 84.20
N ARG C 188 53.31 -84.26 85.03
CA ARG C 188 53.04 -84.02 86.45
C ARG C 188 54.03 -84.80 87.32
N PHE C 189 54.68 -84.12 88.28
CA PHE C 189 55.66 -84.72 89.18
C PHE C 189 55.01 -85.35 90.41
N PHE C 190 55.39 -86.59 90.74
CA PHE C 190 54.88 -87.35 91.88
C PHE C 190 55.97 -88.18 92.55
N GLY C 191 55.75 -88.54 93.82
CA GLY C 191 56.68 -89.34 94.60
C GLY C 191 57.64 -88.53 95.45
N SER C 192 58.67 -89.20 96.00
CA SER C 192 59.70 -88.59 96.84
C SER C 192 61.09 -89.10 96.45
N VAL C 193 61.89 -88.24 95.79
CA VAL C 193 63.24 -88.55 95.30
C VAL C 193 64.28 -88.63 96.43
N SER C 194 65.12 -89.67 96.39
CA SER C 194 66.20 -89.94 97.34
C SER C 194 67.41 -90.59 96.67
N ASN C 195 68.63 -90.23 97.14
CA ASN C 195 69.93 -90.72 96.67
C ASN C 195 70.19 -90.48 95.17
N ILE C 196 70.48 -89.21 94.82
CA ILE C 196 70.77 -88.79 93.43
C ILE C 196 71.74 -87.58 93.39
N GLN C 197 72.58 -87.52 92.35
CA GLN C 197 73.56 -86.45 92.15
C GLN C 197 73.24 -85.63 90.89
N LYS C 198 73.77 -84.39 90.80
CA LYS C 198 73.56 -83.48 89.67
C LYS C 198 74.27 -83.98 88.40
N GLY C 199 73.53 -83.98 87.29
CA GLY C 199 74.02 -84.43 85.99
C GLY C 199 73.97 -85.92 85.77
N TRP C 200 73.53 -86.68 86.80
CA TRP C 200 73.41 -88.14 86.76
C TRP C 200 72.08 -88.61 86.21
N ASN C 201 72.08 -89.74 85.50
CA ASN C 201 70.89 -90.34 84.90
C ASN C 201 69.98 -91.00 85.94
N MET C 202 68.71 -91.27 85.57
CA MET C 202 67.71 -91.88 86.44
C MET C 202 67.79 -93.41 86.41
N SER C 203 67.79 -94.04 87.60
CA SER C 203 67.91 -95.48 87.81
C SER C 203 66.80 -96.36 87.23
N GLY C 204 65.55 -95.91 87.34
CA GLY C 204 64.38 -96.66 86.89
C GLY C 204 64.08 -96.65 85.40
N THR C 205 62.78 -96.74 85.07
CA THR C 205 62.22 -96.82 83.72
C THR C 205 62.50 -95.58 82.85
N TRP C 206 62.66 -95.81 81.54
CA TRP C 206 62.89 -94.78 80.51
C TRP C 206 61.57 -94.37 79.85
N VAL C 207 61.54 -93.18 79.23
CA VAL C 207 60.37 -92.63 78.53
C VAL C 207 60.14 -93.41 77.23
N ASP C 208 58.89 -93.86 77.00
CA ASP C 208 58.46 -94.61 75.81
C ASP C 208 58.58 -93.79 74.53
N ARG C 209 58.82 -94.45 73.39
CA ARG C 209 58.97 -93.85 72.05
C ARG C 209 57.88 -92.83 71.63
N PRO C 210 56.54 -93.07 71.82
CA PRO C 210 55.56 -92.05 71.40
C PRO C 210 55.59 -90.75 72.20
N PHE C 211 56.17 -90.79 73.42
CA PHE C 211 56.26 -89.63 74.32
C PHE C 211 57.64 -88.94 74.30
N ARG C 212 58.60 -89.49 73.52
CA ARG C 212 59.95 -88.94 73.37
C ARG C 212 59.96 -87.65 72.54
N PRO C 213 60.52 -86.53 73.06
CA PRO C 213 60.55 -85.30 72.27
C PRO C 213 61.67 -85.28 71.23
N ALA C 214 61.63 -84.31 70.28
CA ALA C 214 62.63 -84.16 69.23
C ALA C 214 63.97 -83.67 69.79
N ALA C 215 63.92 -82.78 70.78
CA ALA C 215 65.08 -82.19 71.45
C ALA C 215 64.95 -82.33 72.98
N VAL C 216 66.08 -82.18 73.71
CA VAL C 216 66.12 -82.27 75.18
C VAL C 216 65.30 -81.14 75.85
N GLN C 217 64.20 -81.53 76.52
CA GLN C 217 63.30 -80.60 77.19
C GLN C 217 63.60 -80.52 78.69
N SER C 218 63.92 -79.31 79.17
CA SER C 218 64.23 -79.05 80.57
C SER C 218 62.93 -78.71 81.31
N LEU C 219 62.40 -79.67 82.10
CA LEU C 219 61.14 -79.48 82.82
C LEU C 219 61.35 -79.22 84.31
N VAL C 220 60.93 -78.02 84.76
CA VAL C 220 61.07 -77.53 86.14
C VAL C 220 60.01 -78.10 87.09
N GLY C 221 60.45 -78.53 88.26
CA GLY C 221 59.63 -79.07 89.34
C GLY C 221 59.84 -78.33 90.64
N HIS C 222 59.21 -78.81 91.75
CA HIS C 222 59.32 -78.16 93.07
C HIS C 222 59.17 -79.16 94.22
N PHE C 223 59.93 -78.95 95.31
CA PHE C 223 59.90 -79.80 96.51
C PHE C 223 58.81 -79.30 97.47
N ALA C 224 57.77 -80.12 97.69
CA ALA C 224 56.62 -79.81 98.54
C ALA C 224 56.97 -79.36 99.96
N GLY C 225 56.40 -78.22 100.35
CA GLY C 225 56.59 -77.59 101.65
C GLY C 225 57.90 -76.84 101.83
N ARG C 226 58.67 -76.66 100.76
CA ARG C 226 59.97 -76.02 100.79
C ARG C 226 60.04 -74.83 99.82
N ASP C 227 61.15 -74.07 99.85
CA ASP C 227 61.38 -72.95 98.94
C ASP C 227 62.50 -73.29 97.93
N THR C 228 62.81 -74.60 97.83
CA THR C 228 63.81 -75.19 96.94
C THR C 228 63.12 -75.87 95.76
N SER C 229 63.72 -75.78 94.56
CA SER C 229 63.18 -76.37 93.33
C SER C 229 64.18 -77.28 92.62
N PHE C 230 63.75 -77.92 91.51
CA PHE C 230 64.57 -78.82 90.70
C PHE C 230 64.13 -78.80 89.23
N HIS C 231 64.93 -79.40 88.35
CA HIS C 231 64.61 -79.54 86.92
C HIS C 231 65.20 -80.82 86.33
N ILE C 232 64.42 -81.50 85.49
CA ILE C 232 64.83 -82.74 84.83
C ILE C 232 64.96 -82.58 83.31
N ASP C 233 65.92 -83.28 82.71
CA ASP C 233 66.18 -83.24 81.27
C ASP C 233 65.73 -84.54 80.58
N ILE C 234 64.61 -84.47 79.84
CA ILE C 234 64.08 -85.61 79.10
C ILE C 234 64.70 -85.57 77.69
N ASN C 235 65.80 -86.31 77.52
CA ASN C 235 66.58 -86.41 76.29
C ASN C 235 65.79 -87.14 75.18
N PRO C 236 66.09 -86.91 73.87
CA PRO C 236 65.31 -87.57 72.80
C PRO C 236 65.36 -89.10 72.75
N ASN C 237 66.37 -89.73 73.38
CA ASN C 237 66.52 -91.18 73.42
C ASN C 237 65.67 -91.86 74.52
N GLY C 238 64.95 -91.06 75.30
CA GLY C 238 64.07 -91.53 76.37
C GLY C 238 64.64 -91.38 77.77
N SER C 239 65.97 -91.15 77.87
CA SER C 239 66.68 -91.01 79.14
C SER C 239 66.30 -89.73 79.89
N ILE C 240 66.21 -89.85 81.23
CA ILE C 240 65.88 -88.74 82.13
C ILE C 240 67.15 -88.41 82.93
N THR C 241 67.62 -87.15 82.84
CA THR C 241 68.82 -86.71 83.53
C THR C 241 68.46 -85.68 84.62
N TRP C 242 68.82 -85.98 85.87
CA TRP C 242 68.58 -85.11 87.03
C TRP C 242 69.51 -83.90 86.95
N TRP C 243 68.97 -82.70 87.23
CA TRP C 243 69.74 -81.45 87.20
C TRP C 243 69.42 -80.49 88.36
N GLY C 244 68.99 -81.06 89.49
CA GLY C 244 68.71 -80.30 90.70
C GLY C 244 69.84 -80.41 91.70
N ALA C 245 69.53 -80.20 92.99
CA ALA C 245 70.54 -80.33 94.07
C ALA C 245 70.78 -81.81 94.37
N ASN C 246 71.94 -82.18 94.91
CA ASN C 246 72.21 -83.58 95.25
C ASN C 246 71.36 -83.98 96.43
N ILE C 247 70.66 -85.11 96.29
CA ILE C 247 69.74 -85.59 97.31
C ILE C 247 70.35 -86.75 98.10
N ASP C 248 70.28 -86.64 99.43
CA ASP C 248 70.76 -87.66 100.37
C ASP C 248 69.64 -88.65 100.69
N LYS C 249 69.96 -89.62 101.54
CA LYS C 249 69.08 -90.76 101.89
C LYS C 249 67.62 -90.41 102.19
N THR C 250 67.38 -89.24 102.79
CA THR C 250 66.04 -88.74 103.12
C THR C 250 65.24 -88.37 101.85
N PRO C 251 64.06 -88.96 101.66
CA PRO C 251 63.26 -88.66 100.45
C PRO C 251 62.40 -87.42 100.65
N ILE C 252 62.43 -86.51 99.68
CA ILE C 252 61.66 -85.27 99.69
C ILE C 252 60.62 -85.31 98.58
N ALA C 253 59.34 -85.02 98.92
CA ALA C 253 58.22 -85.04 97.99
C ALA C 253 58.42 -84.08 96.81
N THR C 254 58.21 -84.58 95.59
CA THR C 254 58.37 -83.81 94.36
C THR C 254 57.04 -83.64 93.64
N ARG C 255 56.64 -82.37 93.43
CA ARG C 255 55.38 -81.99 92.77
C ARG C 255 55.65 -80.88 91.74
N GLY C 256 54.73 -80.73 90.79
CA GLY C 256 54.83 -79.70 89.75
C GLY C 256 54.33 -80.12 88.39
N ASN C 257 54.11 -79.12 87.50
CA ASN C 257 53.64 -79.32 86.12
C ASN C 257 54.57 -78.65 85.12
N GLY C 258 55.00 -79.42 84.12
CA GLY C 258 55.89 -78.95 83.06
C GLY C 258 55.41 -79.37 81.68
N SER C 259 55.21 -78.39 80.78
CA SER C 259 54.74 -78.61 79.42
C SER C 259 55.83 -78.47 78.35
N TYR C 260 55.74 -79.31 77.29
CA TYR C 260 56.68 -79.34 76.16
C TYR C 260 56.02 -79.83 74.85
N PHE C 261 56.64 -79.50 73.70
CA PHE C 261 56.18 -79.93 72.37
C PHE C 261 57.04 -81.10 71.88
N ILE C 262 56.42 -82.10 71.22
CA ILE C 262 57.14 -83.24 70.66
C ILE C 262 57.71 -82.87 69.27
N LYS C 263 56.83 -82.40 68.37
CA LYS C 263 57.19 -82.01 67.00
C LYS C 263 58.00 -80.71 66.94
N THR D 1 30.07 -63.50 28.53
CA THR D 1 28.76 -64.14 28.65
C THR D 1 28.56 -64.82 30.00
N ILE D 2 27.33 -64.75 30.54
CA ILE D 2 26.97 -65.38 31.79
C ILE D 2 25.99 -66.52 31.49
N LYS D 3 26.45 -67.76 31.61
CA LYS D 3 25.63 -68.95 31.39
C LYS D 3 24.94 -69.33 32.71
N ASN D 4 23.62 -69.12 32.77
CA ASN D 4 22.79 -69.39 33.94
C ASN D 4 22.31 -70.85 33.92
N PHE D 5 22.26 -71.50 35.09
CA PHE D 5 21.84 -72.90 35.17
C PHE D 5 20.73 -73.24 36.16
N THR D 6 20.88 -72.90 37.46
CA THR D 6 19.88 -73.19 38.49
C THR D 6 18.74 -72.15 38.44
N PHE D 7 18.10 -72.03 37.26
CA PHE D 7 17.01 -71.09 37.00
C PHE D 7 16.02 -71.71 36.02
N PHE D 8 14.72 -71.53 36.30
CA PHE D 8 13.63 -72.07 35.49
C PHE D 8 13.53 -71.43 34.11
N SER D 9 13.09 -72.23 33.12
CA SER D 9 12.90 -71.80 31.74
C SER D 9 11.40 -71.79 31.43
N PRO D 10 10.78 -70.60 31.21
CA PRO D 10 9.32 -70.58 30.96
C PRO D 10 8.91 -71.26 29.66
N ASN D 11 9.72 -71.11 28.60
CA ASN D 11 9.50 -71.73 27.30
C ASN D 11 10.20 -73.10 27.20
N SER D 12 10.72 -73.59 28.37
CA SER D 12 11.42 -74.86 28.58
C SER D 12 12.67 -75.09 27.70
N THR D 13 13.35 -74.01 27.30
CA THR D 13 14.56 -74.05 26.45
C THR D 13 15.66 -73.08 26.91
N GLU D 14 15.29 -72.04 27.67
CA GLU D 14 16.18 -70.98 28.17
C GLU D 14 17.45 -71.43 28.90
N PHE D 15 17.33 -72.19 30.00
CA PHE D 15 18.49 -72.60 30.77
C PHE D 15 18.71 -74.12 30.93
N PRO D 16 19.25 -74.80 29.89
CA PRO D 16 19.50 -76.24 30.00
C PRO D 16 20.83 -76.51 30.71
N VAL D 17 20.83 -77.47 31.65
CA VAL D 17 22.02 -77.82 32.41
C VAL D 17 22.57 -79.21 32.05
N GLY D 18 23.81 -79.23 31.59
CA GLY D 18 24.53 -80.43 31.17
C GLY D 18 25.34 -81.11 32.25
N SER D 19 25.90 -82.29 31.89
CA SER D 19 26.72 -83.15 32.74
C SER D 19 27.96 -82.46 33.30
N ASN D 20 28.67 -81.68 32.46
CA ASN D 20 29.88 -80.95 32.84
C ASN D 20 29.54 -79.76 33.74
N ASN D 21 28.38 -79.11 33.49
CA ASN D 21 27.89 -77.95 34.23
C ASN D 21 27.53 -78.36 35.66
N ASP D 22 26.86 -79.52 35.83
CA ASP D 22 26.51 -80.07 37.13
C ASP D 22 27.76 -80.66 37.79
N GLY D 23 28.65 -81.24 37.00
CA GLY D 23 29.91 -81.82 37.43
C GLY D 23 30.79 -80.81 38.14
N LYS D 24 30.88 -79.60 37.56
CA LYS D 24 31.62 -78.47 38.12
C LYS D 24 30.93 -77.99 39.40
N LEU D 25 29.58 -77.98 39.41
CA LEU D 25 28.74 -77.59 40.55
C LEU D 25 29.01 -78.49 41.77
N TYR D 26 28.97 -79.83 41.56
CA TYR D 26 29.20 -80.83 42.61
C TYR D 26 30.60 -80.74 43.23
N MET D 27 31.61 -80.45 42.40
CA MET D 27 33.00 -80.29 42.83
C MET D 27 33.17 -79.13 43.83
N MET D 28 32.43 -78.04 43.61
CA MET D 28 32.46 -76.85 44.46
C MET D 28 31.72 -77.07 45.77
N LEU D 29 30.60 -77.82 45.74
CA LEU D 29 29.77 -78.14 46.91
C LEU D 29 30.54 -78.90 47.97
N THR D 30 31.27 -79.95 47.56
CA THR D 30 32.05 -80.80 48.46
C THR D 30 33.49 -80.31 48.71
N GLY D 31 34.01 -79.50 47.77
CA GLY D 31 35.35 -78.94 47.84
C GLY D 31 36.43 -79.92 47.42
N MET D 32 36.28 -80.48 46.21
CA MET D 32 37.23 -81.45 45.64
C MET D 32 37.83 -80.95 44.32
N ASP D 33 39.01 -81.49 43.97
CA ASP D 33 39.70 -81.20 42.70
C ASP D 33 39.68 -82.44 41.80
N TYR D 34 40.44 -82.43 40.70
CA TYR D 34 40.52 -83.57 39.78
C TYR D 34 41.54 -84.63 40.25
N ARG D 35 42.22 -84.37 41.38
CA ARG D 35 43.22 -85.26 41.98
C ARG D 35 42.66 -86.10 43.13
N THR D 36 41.50 -85.70 43.70
CA THR D 36 40.82 -86.40 44.79
C THR D 36 39.44 -86.90 44.36
N ILE D 37 38.82 -87.80 45.16
CA ILE D 37 37.51 -88.40 44.89
C ILE D 37 36.61 -88.46 46.13
N ARG D 38 35.34 -88.83 45.91
CA ARG D 38 34.34 -89.08 46.94
C ARG D 38 33.94 -90.53 46.72
N ARG D 39 34.28 -91.40 47.67
CA ARG D 39 34.04 -92.84 47.57
C ARG D 39 33.36 -93.39 48.83
N LYS D 40 32.38 -94.27 48.64
CA LYS D 40 31.64 -94.93 49.71
C LYS D 40 31.29 -96.37 49.35
N ASP D 41 31.70 -97.31 50.21
CA ASP D 41 31.43 -98.74 50.04
C ASP D 41 30.18 -99.09 50.83
N TRP D 42 29.07 -99.35 50.12
CA TRP D 42 27.79 -99.72 50.72
C TRP D 42 27.85 -101.17 51.19
N SER D 43 28.67 -101.99 50.50
CA SER D 43 28.97 -103.38 50.78
C SER D 43 30.45 -103.61 50.45
N SER D 44 31.20 -104.21 51.40
CA SER D 44 32.63 -104.48 51.30
C SER D 44 33.03 -105.24 50.02
N PRO D 45 34.10 -104.80 49.31
CA PRO D 45 34.50 -105.49 48.07
C PRO D 45 35.16 -106.84 48.34
N LEU D 46 34.76 -107.86 47.56
CA LEU D 46 35.28 -109.22 47.68
C LEU D 46 36.63 -109.38 47.00
N ASN D 47 37.50 -110.22 47.60
CA ASN D 47 38.83 -110.51 47.08
C ASN D 47 38.97 -111.99 46.75
N THR D 48 39.07 -112.31 45.46
CA THR D 48 39.20 -113.68 44.96
C THR D 48 40.55 -113.80 44.25
N ALA D 49 41.56 -114.34 44.96
CA ALA D 49 42.94 -114.52 44.50
C ALA D 49 43.53 -113.19 43.99
N LEU D 50 44.00 -113.12 42.72
CA LEU D 50 44.55 -111.90 42.14
C LEU D 50 43.49 -111.07 41.38
N ASN D 51 42.32 -110.88 42.03
CA ASN D 51 41.18 -110.12 41.52
C ASN D 51 40.42 -109.45 42.67
N VAL D 52 39.86 -108.25 42.41
CA VAL D 52 39.07 -107.47 43.37
C VAL D 52 37.72 -107.04 42.79
N GLN D 53 36.62 -107.63 43.31
CA GLN D 53 35.26 -107.34 42.86
C GLN D 53 34.56 -106.35 43.79
N TYR D 54 34.22 -105.16 43.26
CA TYR D 54 33.53 -104.11 44.00
C TYR D 54 32.02 -104.39 43.95
N THR D 55 31.49 -104.99 45.02
CA THR D 55 30.08 -105.38 45.17
C THR D 55 29.10 -104.22 44.94
N ASN D 56 29.26 -103.12 45.71
CA ASN D 56 28.47 -101.89 45.60
C ASN D 56 29.27 -100.71 46.16
N THR D 57 29.97 -100.00 45.25
CA THR D 57 30.80 -98.85 45.59
C THR D 57 30.48 -97.68 44.65
N SER D 58 30.04 -96.55 45.23
CA SER D 58 29.72 -95.32 44.51
C SER D 58 30.93 -94.39 44.55
N ILE D 59 31.29 -93.80 43.40
CA ILE D 59 32.45 -92.91 43.28
C ILE D 59 32.09 -91.62 42.51
N ILE D 60 32.56 -90.46 43.03
CA ILE D 60 32.42 -89.16 42.39
C ILE D 60 33.82 -88.68 42.01
N ALA D 61 34.21 -88.90 40.75
CA ALA D 61 35.52 -88.50 40.23
C ALA D 61 35.35 -87.36 39.23
N GLY D 62 35.97 -86.22 39.55
CA GLY D 62 35.88 -85.00 38.76
C GLY D 62 34.47 -84.44 38.67
N GLY D 63 33.69 -84.64 39.74
CA GLY D 63 32.31 -84.22 39.85
C GLY D 63 31.32 -85.11 39.12
N ARG D 64 31.80 -86.23 38.55
CA ARG D 64 30.98 -87.19 37.81
C ARG D 64 30.73 -88.43 38.66
N TYR D 65 29.45 -88.71 38.95
CA TYR D 65 29.01 -89.84 39.77
C TYR D 65 28.79 -91.12 38.96
N PHE D 66 29.21 -92.26 39.53
CA PHE D 66 29.07 -93.60 38.95
C PHE D 66 29.11 -94.69 40.01
N GLU D 67 28.33 -95.77 39.80
CA GLU D 67 28.24 -96.91 40.71
C GLU D 67 28.92 -98.15 40.15
N LEU D 68 29.66 -98.87 41.00
CA LEU D 68 30.33 -100.12 40.63
C LEU D 68 29.53 -101.26 41.23
N LEU D 69 28.80 -101.99 40.39
CA LEU D 69 27.95 -103.11 40.84
C LEU D 69 28.50 -104.45 40.38
N ASN D 70 29.23 -105.13 41.29
CA ASN D 70 29.91 -106.42 41.09
C ASN D 70 30.93 -106.38 39.94
N GLU D 71 31.72 -105.29 39.90
CA GLU D 71 32.76 -105.05 38.90
C GLU D 71 34.11 -105.55 39.41
N THR D 72 34.66 -106.57 38.72
CA THR D 72 35.94 -107.20 39.08
C THR D 72 37.12 -106.52 38.38
N VAL D 73 38.21 -106.28 39.13
CA VAL D 73 39.43 -105.64 38.65
C VAL D 73 40.58 -106.65 38.74
N ALA D 74 41.26 -106.92 37.61
CA ALA D 74 42.40 -107.85 37.51
C ALA D 74 43.62 -107.25 38.21
N LEU D 75 44.35 -108.06 39.00
CA LEU D 75 45.51 -107.62 39.76
C LEU D 75 46.83 -108.28 39.34
N LYS D 76 47.96 -107.57 39.59
CA LYS D 76 49.31 -108.04 39.29
C LYS D 76 49.85 -108.86 40.47
N GLY D 77 50.49 -109.99 40.14
CA GLY D 77 51.07 -110.92 41.11
C GLY D 77 52.28 -110.37 41.84
N ASP D 78 52.25 -110.44 43.19
CA ASP D 78 53.30 -109.99 44.12
C ASP D 78 53.75 -108.54 43.86
N SER D 79 52.77 -107.61 43.85
CA SER D 79 53.00 -106.19 43.59
C SER D 79 51.97 -105.31 44.30
N VAL D 80 52.30 -104.02 44.48
CA VAL D 80 51.42 -103.04 45.11
C VAL D 80 50.66 -102.30 43.99
N ASN D 81 49.44 -102.79 43.70
CA ASN D 81 48.55 -102.25 42.67
C ASN D 81 47.85 -100.98 43.10
N TYR D 82 47.61 -100.07 42.15
CA TYR D 82 46.92 -98.80 42.35
C TYR D 82 45.69 -98.79 41.44
N ILE D 83 44.48 -98.88 42.03
CA ILE D 83 43.23 -98.91 41.26
C ILE D 83 42.81 -97.50 40.87
N HIS D 84 42.75 -97.24 39.55
CA HIS D 84 42.41 -95.94 38.97
C HIS D 84 41.06 -95.92 38.27
N ALA D 85 40.37 -94.77 38.35
CA ALA D 85 39.10 -94.52 37.68
C ALA D 85 39.44 -93.68 36.44
N ASN D 86 39.20 -94.23 35.24
CA ASN D 86 39.53 -93.56 33.98
C ASN D 86 38.28 -93.06 33.26
N ILE D 87 38.16 -91.73 33.13
CA ILE D 87 37.02 -91.08 32.48
C ILE D 87 37.39 -90.47 31.13
N ASP D 88 36.92 -91.10 30.04
CA ASP D 88 37.12 -90.62 28.69
C ASP D 88 35.76 -90.32 28.09
N LEU D 89 35.41 -89.02 28.04
CA LEU D 89 34.13 -88.50 27.56
C LEU D 89 33.84 -88.78 26.08
N THR D 90 34.89 -89.08 25.28
CA THR D 90 34.75 -89.42 23.85
C THR D 90 33.99 -90.74 23.70
N GLN D 91 34.15 -91.65 24.66
CA GLN D 91 33.47 -92.95 24.71
C GLN D 91 32.08 -92.66 25.28
N THR D 92 31.14 -92.25 24.41
CA THR D 92 29.76 -91.88 24.79
C THR D 92 28.97 -93.02 25.44
N ALA D 93 29.25 -94.28 25.04
CA ALA D 93 28.60 -95.47 25.57
C ALA D 93 29.18 -95.88 26.92
N ASN D 94 30.52 -95.90 27.04
CA ASN D 94 31.21 -96.30 28.28
C ASN D 94 32.33 -95.32 28.67
N PRO D 95 31.99 -94.16 29.29
CA PRO D 95 33.04 -93.20 29.65
C PRO D 95 33.97 -93.64 30.78
N VAL D 96 33.44 -94.35 31.80
CA VAL D 96 34.23 -94.80 32.96
C VAL D 96 34.74 -96.23 32.76
N SER D 97 36.06 -96.41 32.98
CA SER D 97 36.79 -97.67 32.91
C SER D 97 37.77 -97.77 34.08
N LEU D 98 38.03 -98.98 34.58
CA LEU D 98 38.95 -99.18 35.71
C LEU D 98 40.26 -99.84 35.28
N SER D 99 41.35 -99.55 36.01
CA SER D 99 42.68 -100.10 35.75
C SER D 99 43.55 -100.19 37.00
N ALA D 100 44.28 -101.32 37.15
CA ALA D 100 45.20 -101.55 38.25
C ALA D 100 46.61 -101.27 37.73
N GLU D 101 47.23 -100.19 38.21
CA GLU D 101 48.54 -99.74 37.75
C GLU D 101 49.66 -99.90 38.76
N THR D 102 50.92 -99.94 38.26
CA THR D 102 52.15 -100.09 39.03
C THR D 102 52.38 -98.96 40.05
N ALA D 103 52.17 -97.71 39.62
CA ALA D 103 52.33 -96.51 40.46
C ALA D 103 51.08 -95.62 40.41
N ASN D 104 50.98 -94.62 41.31
CA ASN D 104 49.87 -93.68 41.36
C ASN D 104 50.01 -92.70 40.19
N ASN D 105 49.20 -92.91 39.14
CA ASN D 105 49.19 -92.12 37.91
C ASN D 105 47.99 -91.17 37.82
N SER D 106 47.72 -90.42 38.91
CA SER D 106 46.63 -89.44 38.95
C SER D 106 47.07 -88.21 38.16
N ASN D 107 46.41 -87.96 37.01
CA ASN D 107 46.75 -86.85 36.12
C ASN D 107 46.13 -85.50 36.45
N GLY D 108 44.89 -85.54 36.96
CA GLY D 108 44.15 -84.34 37.34
C GLY D 108 43.70 -83.50 36.15
N VAL D 109 43.36 -84.16 35.03
CA VAL D 109 42.92 -83.54 33.77
C VAL D 109 41.52 -82.93 33.93
N ASP D 110 41.37 -81.64 33.57
CA ASP D 110 40.10 -80.93 33.64
C ASP D 110 39.21 -81.40 32.48
N ILE D 111 38.29 -82.32 32.78
CA ILE D 111 37.36 -82.91 31.81
C ILE D 111 36.07 -82.12 31.60
N ASN D 112 35.61 -81.43 32.64
CA ASN D 112 34.38 -80.63 32.61
C ASN D 112 34.53 -79.37 31.75
N ASN D 113 35.76 -78.84 31.61
CA ASN D 113 36.04 -77.64 30.82
C ASN D 113 36.75 -77.96 29.50
N GLY D 114 37.84 -78.73 29.60
CA GLY D 114 38.64 -79.12 28.44
C GLY D 114 38.56 -80.59 28.11
N SER D 115 39.33 -81.00 27.09
CA SER D 115 39.41 -82.38 26.60
C SER D 115 40.45 -83.19 27.39
N GLY D 116 40.44 -84.51 27.18
CA GLY D 116 41.38 -85.42 27.82
C GLY D 116 40.72 -86.53 28.62
N VAL D 117 41.56 -87.45 29.14
CA VAL D 117 41.13 -88.59 29.95
C VAL D 117 41.56 -88.35 31.39
N LEU D 118 40.60 -88.40 32.33
CA LEU D 118 40.87 -88.19 33.75
C LEU D 118 41.20 -89.50 34.46
N LYS D 119 42.41 -89.58 35.01
CA LYS D 119 42.90 -90.73 35.77
C LYS D 119 43.06 -90.30 37.22
N VAL D 120 42.49 -91.08 38.15
CA VAL D 120 42.53 -90.79 39.59
C VAL D 120 42.46 -92.07 40.45
N CYS D 121 43.45 -92.25 41.33
CA CYS D 121 43.56 -93.41 42.23
C CYS D 121 42.62 -93.26 43.41
N PHE D 122 41.93 -94.36 43.77
CA PHE D 122 40.98 -94.38 44.89
C PHE D 122 41.24 -95.50 45.89
N ASP D 123 41.86 -96.61 45.44
CA ASP D 123 42.17 -97.77 46.26
C ASP D 123 43.55 -98.36 45.93
N ILE D 124 44.34 -98.68 46.97
CA ILE D 124 45.68 -99.27 46.83
C ILE D 124 45.58 -100.72 47.31
N VAL D 125 45.87 -101.67 46.40
CA VAL D 125 45.79 -103.10 46.70
C VAL D 125 47.18 -103.74 46.71
N THR D 126 47.63 -104.20 47.90
CA THR D 126 48.92 -104.88 48.08
C THR D 126 48.66 -106.38 47.93
N THR D 127 49.34 -107.02 46.97
CA THR D 127 49.15 -108.45 46.68
C THR D 127 50.42 -109.29 46.80
N SER D 128 50.22 -110.63 46.93
CA SER D 128 51.25 -111.65 46.98
C SER D 128 51.14 -112.50 45.70
N GLY D 129 51.84 -113.63 45.65
CA GLY D 129 51.80 -114.54 44.52
C GLY D 129 50.46 -115.23 44.35
N THR D 130 49.79 -115.52 45.48
CA THR D 130 48.49 -116.20 45.54
C THR D 130 47.31 -115.23 45.46
N GLY D 131 47.17 -114.36 46.46
CA GLY D 131 46.08 -113.41 46.53
C GLY D 131 46.38 -112.08 47.20
N VAL D 132 45.29 -111.34 47.54
CA VAL D 132 45.32 -110.02 48.18
C VAL D 132 45.80 -110.14 49.64
N THR D 133 46.81 -109.34 50.02
CA THR D 133 47.36 -109.32 51.38
C THR D 133 46.71 -108.22 52.23
N SER D 134 46.66 -106.98 51.70
CA SER D 134 46.09 -105.82 52.38
C SER D 134 45.58 -104.77 51.40
N THR D 135 44.58 -103.97 51.82
CA THR D 135 43.99 -102.90 51.02
C THR D 135 43.91 -101.57 51.80
N LYS D 136 44.32 -100.47 51.14
CA LYS D 136 44.34 -99.13 51.72
C LYS D 136 43.65 -98.14 50.78
N PRO D 137 42.57 -97.44 51.21
CA PRO D 137 41.92 -96.48 50.31
C PRO D 137 42.58 -95.11 50.30
N ILE D 138 42.57 -94.43 49.13
CA ILE D 138 43.14 -93.08 48.94
C ILE D 138 42.29 -92.07 49.73
N VAL D 139 42.96 -91.17 50.49
CA VAL D 139 42.33 -90.14 51.30
C VAL D 139 41.47 -89.17 50.48
N GLN D 140 40.25 -88.87 50.97
CA GLN D 140 39.31 -87.98 50.32
C GLN D 140 39.55 -86.55 50.81
N THR D 141 40.28 -85.76 49.99
CA THR D 141 40.66 -84.37 50.30
C THR D 141 39.47 -83.43 50.12
N SER D 142 39.21 -82.60 51.14
CA SER D 142 38.14 -81.61 51.13
C SER D 142 38.73 -80.21 51.33
N THR D 143 39.13 -79.57 50.22
CA THR D 143 39.73 -78.24 50.20
C THR D 143 38.66 -77.19 50.46
N LEU D 144 38.82 -76.43 51.57
CA LEU D 144 37.88 -75.38 51.99
C LEU D 144 38.61 -74.09 52.35
N ASP D 145 37.92 -72.93 52.24
CA ASP D 145 38.50 -71.62 52.51
C ASP D 145 38.41 -71.22 53.99
N SER D 146 37.19 -71.30 54.59
CA SER D 146 36.96 -70.98 56.00
C SER D 146 35.81 -71.78 56.57
N ILE D 147 35.94 -72.21 57.85
CA ILE D 147 34.92 -73.01 58.51
C ILE D 147 34.40 -72.39 59.82
N SER D 148 33.07 -72.26 59.90
CA SER D 148 32.33 -71.83 61.07
C SER D 148 31.73 -73.13 61.58
N VAL D 149 32.17 -73.60 62.76
CA VAL D 149 31.71 -74.89 63.29
C VAL D 149 31.42 -74.90 64.80
N ASN D 150 30.44 -75.71 65.25
CA ASN D 150 30.12 -75.82 66.67
C ASN D 150 31.08 -76.76 67.37
N ASP D 151 31.11 -78.05 66.96
CA ASP D 151 31.99 -79.07 67.55
C ASP D 151 32.78 -79.86 66.51
N MET D 152 33.95 -80.39 66.90
CA MET D 152 34.81 -81.17 66.02
C MET D 152 35.45 -82.35 66.75
N THR D 153 35.69 -83.46 66.02
CA THR D 153 36.35 -84.65 66.55
C THR D 153 37.41 -85.09 65.54
N VAL D 154 38.67 -85.16 66.00
CA VAL D 154 39.83 -85.53 65.19
C VAL D 154 40.39 -86.87 65.65
N SER D 155 40.50 -87.85 64.73
CA SER D 155 41.03 -89.19 65.01
C SER D 155 42.53 -89.33 64.75
N GLY D 156 43.06 -88.51 63.84
CA GLY D 156 44.48 -88.50 63.48
C GLY D 156 45.24 -87.39 64.17
N SER D 157 45.39 -86.23 63.48
CA SER D 157 46.10 -85.04 63.98
C SER D 157 45.79 -83.77 63.19
N ILE D 158 46.11 -82.60 63.78
CA ILE D 158 45.91 -81.27 63.18
C ILE D 158 47.28 -80.63 62.94
N ASP D 159 47.50 -80.10 61.73
CA ASP D 159 48.74 -79.42 61.37
C ASP D 159 48.54 -77.89 61.42
N VAL D 160 48.96 -77.27 62.54
CA VAL D 160 48.87 -75.83 62.76
C VAL D 160 50.21 -75.15 62.41
N PRO D 161 50.23 -73.91 61.88
CA PRO D 161 51.51 -73.28 61.52
C PRO D 161 52.46 -73.08 62.69
N VAL D 162 53.72 -73.53 62.52
CA VAL D 162 54.78 -73.47 63.53
C VAL D 162 55.79 -72.37 63.17
N GLN D 163 56.25 -71.62 64.19
CA GLN D 163 57.24 -70.56 64.07
C GLN D 163 58.30 -70.68 65.17
N THR D 164 59.59 -70.69 64.76
CA THR D 164 60.72 -70.81 65.70
C THR D 164 61.50 -69.50 65.81
N LEU D 165 62.03 -69.22 67.01
CA LEU D 165 62.80 -68.01 67.31
C LEU D 165 63.84 -68.27 68.40
N THR D 166 65.06 -67.72 68.22
CA THR D 166 66.15 -67.84 69.18
C THR D 166 66.73 -66.46 69.49
N VAL D 167 66.17 -65.80 70.52
CA VAL D 167 66.57 -64.45 70.96
C VAL D 167 67.61 -64.51 72.08
N GLU D 168 68.76 -63.84 71.86
CA GLU D 168 69.84 -63.75 72.84
C GLU D 168 69.49 -62.56 73.75
N ALA D 169 68.79 -62.85 74.85
CA ALA D 169 68.31 -61.87 75.85
C ALA D 169 69.40 -60.98 76.46
N GLY D 170 70.63 -61.49 76.51
CA GLY D 170 71.78 -60.78 77.06
C GLY D 170 72.25 -61.30 78.39
N ASN D 171 73.38 -60.77 78.87
CA ASN D 171 74.04 -61.14 80.13
C ASN D 171 74.48 -62.63 80.20
N GLY D 172 74.21 -63.36 79.13
CA GLY D 172 74.53 -64.78 78.98
C GLY D 172 73.33 -65.70 78.85
N LEU D 173 72.12 -65.12 78.68
CA LEU D 173 70.87 -65.87 78.56
C LEU D 173 70.43 -66.04 77.10
N GLN D 174 69.99 -67.27 76.75
CA GLN D 174 69.50 -67.65 75.43
C GLN D 174 68.09 -68.24 75.60
N LEU D 175 67.15 -67.84 74.72
CA LEU D 175 65.76 -68.31 74.76
C LEU D 175 65.39 -68.99 73.45
N GLN D 176 64.77 -70.19 73.51
CA GLN D 176 64.32 -70.92 72.33
C GLN D 176 62.79 -70.98 72.35
N LEU D 177 62.16 -70.13 71.51
CA LEU D 177 60.71 -69.99 71.40
C LEU D 177 60.14 -70.81 70.24
N THR D 178 58.97 -71.44 70.46
CA THR D 178 58.26 -72.23 69.45
C THR D 178 56.76 -71.86 69.51
N LYS D 179 56.30 -71.06 68.54
CA LYS D 179 54.91 -70.57 68.44
C LYS D 179 54.10 -71.41 67.45
N LYS D 180 52.98 -71.97 67.93
CA LYS D 180 52.06 -72.78 67.11
C LYS D 180 50.66 -72.17 67.13
N ASN D 181 50.05 -72.02 65.93
CA ASN D 181 48.71 -71.42 65.71
C ASN D 181 48.63 -69.95 66.17
N ASN D 182 49.78 -69.24 66.13
CA ASN D 182 49.96 -67.83 66.52
C ASN D 182 49.44 -67.47 67.93
N ASP D 183 49.45 -68.46 68.85
CA ASP D 183 48.96 -68.26 70.22
C ASP D 183 49.86 -68.86 71.31
N LEU D 184 49.96 -70.21 71.37
CA LEU D 184 50.76 -70.91 72.39
C LEU D 184 52.24 -70.94 72.02
N VAL D 185 53.10 -70.46 72.95
CA VAL D 185 54.56 -70.41 72.78
C VAL D 185 55.23 -71.08 73.99
N ILE D 186 56.18 -71.99 73.72
CA ILE D 186 56.95 -72.66 74.76
C ILE D 186 58.40 -72.16 74.68
N VAL D 187 58.82 -71.42 75.72
CA VAL D 187 60.16 -70.83 75.84
C VAL D 187 61.09 -71.83 76.53
N ARG D 188 62.24 -72.11 75.89
CA ARG D 188 63.27 -73.02 76.39
C ARG D 188 64.50 -72.21 76.82
N PHE D 189 64.87 -72.29 78.11
CA PHE D 189 66.02 -71.57 78.67
C PHE D 189 67.35 -72.25 78.38
N PHE D 190 68.35 -71.46 77.90
CA PHE D 190 69.70 -71.92 77.58
C PHE D 190 70.76 -70.86 77.89
N GLY D 191 72.02 -71.30 78.00
CA GLY D 191 73.16 -70.43 78.29
C GLY D 191 73.54 -70.39 79.76
N SER D 192 74.18 -69.29 80.19
CA SER D 192 74.63 -69.05 81.57
C SER D 192 74.65 -67.55 81.86
N VAL D 193 73.70 -67.07 82.67
CA VAL D 193 73.56 -65.65 83.04
C VAL D 193 74.59 -65.16 84.07
N SER D 194 75.16 -63.94 83.84
CA SER D 194 76.14 -63.28 84.70
C SER D 194 76.03 -61.75 84.64
N ASN D 195 76.32 -61.07 85.77
CA ASN D 195 76.28 -59.61 85.95
C ASN D 195 74.89 -58.99 85.70
N ILE D 196 73.92 -59.32 86.59
CA ILE D 196 72.53 -58.84 86.52
C ILE D 196 71.90 -58.66 87.91
N GLN D 197 71.04 -57.63 88.05
CA GLN D 197 70.33 -57.30 89.29
C GLN D 197 68.81 -57.49 89.13
N LYS D 198 68.07 -57.57 90.25
CA LYS D 198 66.61 -57.74 90.26
C LYS D 198 65.88 -56.49 89.78
N GLY D 199 64.94 -56.69 88.84
CA GLY D 199 64.15 -55.62 88.24
C GLY D 199 64.84 -54.88 87.10
N TRP D 200 66.07 -55.29 86.76
CA TRP D 200 66.88 -54.69 85.70
C TRP D 200 66.64 -55.35 84.34
N ASN D 201 66.50 -54.53 83.29
CA ASN D 201 66.28 -54.95 81.91
C ASN D 201 67.53 -55.63 81.37
N MET D 202 67.36 -56.70 80.58
CA MET D 202 68.47 -57.48 80.03
C MET D 202 69.09 -56.87 78.77
N SER D 203 70.43 -56.65 78.83
CA SER D 203 71.31 -56.01 77.85
C SER D 203 71.15 -56.35 76.37
N GLY D 204 71.00 -57.63 76.04
CA GLY D 204 70.92 -58.12 74.67
C GLY D 204 69.66 -57.82 73.88
N THR D 205 69.42 -58.65 72.84
CA THR D 205 68.31 -58.60 71.88
C THR D 205 66.93 -58.70 72.56
N TRP D 206 65.94 -57.99 72.00
CA TRP D 206 64.55 -57.97 72.45
C TRP D 206 63.72 -58.98 71.64
N VAL D 207 62.57 -59.41 72.20
CA VAL D 207 61.66 -60.38 71.59
C VAL D 207 60.96 -59.76 70.36
N ASP D 208 60.98 -60.49 69.23
CA ASP D 208 60.38 -60.09 67.95
C ASP D 208 58.87 -59.92 68.06
N ARG D 209 58.30 -58.99 67.26
CA ARG D 209 56.87 -58.66 67.19
C ARG D 209 55.90 -59.87 67.06
N PRO D 210 56.14 -60.91 66.19
CA PRO D 210 55.18 -62.03 66.13
C PRO D 210 55.15 -62.93 67.37
N PHE D 211 56.17 -62.79 68.26
CA PHE D 211 56.31 -63.56 69.49
C PHE D 211 56.00 -62.77 70.77
N ARG D 212 55.77 -61.44 70.63
CA ARG D 212 55.46 -60.55 71.77
C ARG D 212 54.04 -60.82 72.32
N PRO D 213 53.87 -60.94 73.65
CA PRO D 213 52.52 -61.18 74.19
C PRO D 213 51.70 -59.91 74.42
N ALA D 214 50.39 -60.05 74.69
CA ALA D 214 49.48 -58.93 74.93
C ALA D 214 49.75 -58.27 76.29
N ALA D 215 50.05 -59.09 77.31
CA ALA D 215 50.35 -58.65 78.66
C ALA D 215 51.70 -59.23 79.11
N VAL D 216 52.25 -58.69 80.22
CA VAL D 216 53.54 -59.14 80.78
C VAL D 216 53.44 -60.60 81.29
N GLN D 217 54.24 -61.50 80.68
CA GLN D 217 54.26 -62.92 81.01
C GLN D 217 55.44 -63.29 81.90
N SER D 218 55.15 -63.71 83.14
CA SER D 218 56.15 -64.13 84.13
C SER D 218 56.47 -65.62 83.93
N LEU D 219 57.67 -65.92 83.38
CA LEU D 219 58.11 -67.30 83.08
C LEU D 219 59.24 -67.77 83.99
N VAL D 220 58.99 -68.87 84.72
CA VAL D 220 59.92 -69.47 85.69
C VAL D 220 60.92 -70.42 85.03
N GLY D 221 62.18 -70.28 85.42
CA GLY D 221 63.31 -71.11 85.01
C GLY D 221 64.03 -71.71 86.20
N HIS D 222 65.12 -72.48 85.95
CA HIS D 222 65.88 -73.12 87.02
C HIS D 222 67.39 -73.15 86.76
N PHE D 223 68.19 -72.97 87.83
CA PHE D 223 69.65 -73.01 87.75
C PHE D 223 70.12 -74.47 87.87
N ALA D 224 70.70 -75.01 86.78
CA ALA D 224 71.18 -76.40 86.69
C ALA D 224 72.20 -76.78 87.76
N GLY D 225 71.94 -77.89 88.44
CA GLY D 225 72.78 -78.43 89.50
C GLY D 225 72.54 -77.84 90.88
N ARG D 226 71.58 -76.90 90.99
CA ARG D 226 71.25 -76.22 92.24
C ARG D 226 69.78 -76.42 92.64
N ASP D 227 69.35 -75.77 93.73
CA ASP D 227 67.96 -75.79 94.21
C ASP D 227 67.37 -74.36 94.20
N THR D 228 68.09 -73.45 93.50
CA THR D 228 67.74 -72.03 93.32
C THR D 228 66.99 -71.86 91.99
N SER D 229 66.02 -70.93 91.98
CA SER D 229 65.18 -70.65 90.81
C SER D 229 65.19 -69.16 90.40
N PHE D 230 64.66 -68.88 89.19
CA PHE D 230 64.55 -67.51 88.64
C PHE D 230 63.30 -67.36 87.77
N HIS D 231 62.92 -66.10 87.47
CA HIS D 231 61.81 -65.78 86.59
C HIS D 231 62.05 -64.51 85.78
N ILE D 232 61.66 -64.52 84.50
CA ILE D 232 61.83 -63.37 83.61
C ILE D 232 60.51 -62.84 83.06
N ASP D 233 60.31 -61.51 83.16
CA ASP D 233 59.11 -60.84 82.71
C ASP D 233 59.22 -60.36 81.25
N ILE D 234 58.50 -61.04 80.34
CA ILE D 234 58.49 -60.68 78.92
C ILE D 234 57.34 -59.68 78.72
N ASN D 235 57.67 -58.39 78.77
CA ASN D 235 56.75 -57.26 78.64
C ASN D 235 56.18 -57.17 77.20
N PRO D 236 55.01 -56.52 76.97
CA PRO D 236 54.46 -56.47 75.59
C PRO D 236 55.33 -55.80 74.52
N ASN D 237 56.29 -54.95 74.92
CA ASN D 237 57.19 -54.25 73.99
C ASN D 237 58.41 -55.09 73.53
N GLY D 238 58.49 -56.33 74.01
CA GLY D 238 59.55 -57.27 73.67
C GLY D 238 60.70 -57.31 74.66
N SER D 239 60.72 -56.37 75.62
CA SER D 239 61.75 -56.25 76.65
C SER D 239 61.68 -57.38 77.67
N ILE D 240 62.84 -57.98 77.99
CA ILE D 240 62.96 -59.07 78.96
C ILE D 240 63.56 -58.52 80.26
N THR D 241 62.74 -58.41 81.31
CA THR D 241 63.15 -57.88 82.61
C THR D 241 63.46 -59.04 83.57
N TRP D 242 64.68 -59.06 84.11
CA TRP D 242 65.16 -60.07 85.06
C TRP D 242 64.47 -59.88 86.42
N TRP D 243 64.04 -60.99 87.04
CA TRP D 243 63.39 -60.95 88.36
C TRP D 243 63.84 -62.03 89.35
N GLY D 244 65.07 -62.48 89.19
CA GLY D 244 65.71 -63.46 90.08
C GLY D 244 66.62 -62.74 91.05
N ALA D 245 67.44 -63.49 91.80
CA ALA D 245 68.40 -62.88 92.75
C ALA D 245 69.60 -62.30 91.99
N ASN D 246 70.24 -61.25 92.56
CA ASN D 246 71.39 -60.57 91.97
C ASN D 246 72.54 -61.52 91.70
N ILE D 247 72.96 -61.59 90.42
CA ILE D 247 74.04 -62.47 89.98
C ILE D 247 75.31 -61.70 89.69
N ASP D 248 76.43 -62.18 90.24
CA ASP D 248 77.76 -61.59 90.09
C ASP D 248 78.46 -62.03 88.79
N LYS D 249 79.77 -61.88 88.77
CA LYS D 249 80.64 -62.19 87.62
C LYS D 249 80.66 -63.66 87.20
N THR D 250 80.43 -64.58 88.16
CA THR D 250 80.42 -66.03 87.92
C THR D 250 79.12 -66.44 87.18
N PRO D 251 79.22 -67.08 85.98
CA PRO D 251 77.99 -67.47 85.27
C PRO D 251 77.41 -68.82 85.70
N ILE D 252 76.09 -68.87 85.92
CA ILE D 252 75.36 -70.07 86.34
C ILE D 252 74.44 -70.53 85.20
N ALA D 253 74.52 -71.83 84.83
CA ALA D 253 73.71 -72.46 83.76
C ALA D 253 72.22 -72.37 84.03
N THR D 254 71.48 -71.79 83.07
CA THR D 254 70.02 -71.58 83.15
C THR D 254 69.27 -72.48 82.17
N ARG D 255 68.37 -73.32 82.70
CA ARG D 255 67.55 -74.26 81.91
C ARG D 255 66.11 -74.29 82.42
N GLY D 256 65.16 -74.54 81.52
CA GLY D 256 63.74 -74.61 81.87
C GLY D 256 62.77 -74.39 80.72
N ASN D 257 61.49 -74.77 80.95
CA ASN D 257 60.40 -74.61 79.99
C ASN D 257 59.27 -73.78 80.57
N GLY D 258 58.82 -72.78 79.79
CA GLY D 258 57.74 -71.87 80.18
C GLY D 258 56.75 -71.62 79.06
N SER D 259 55.47 -71.83 79.34
CA SER D 259 54.37 -71.66 78.37
C SER D 259 53.55 -70.40 78.65
N TYR D 260 53.11 -69.72 77.58
CA TYR D 260 52.29 -68.50 77.64
C TYR D 260 51.43 -68.31 76.39
N PHE D 261 50.31 -67.57 76.54
CA PHE D 261 49.40 -67.24 75.44
C PHE D 261 49.63 -65.80 74.98
N ILE D 262 49.73 -65.58 73.67
CA ILE D 262 49.89 -64.24 73.09
C ILE D 262 48.53 -63.54 73.13
N LYS D 263 47.50 -64.16 72.53
CA LYS D 263 46.13 -63.66 72.44
C LYS D 263 45.43 -63.66 73.80
N THR E 1 -39.16 -10.39 88.21
CA THR E 1 -39.75 -11.52 87.49
C THR E 1 -39.02 -12.84 87.77
N ILE E 2 -39.77 -13.94 87.98
CA ILE E 2 -39.18 -15.26 88.23
C ILE E 2 -39.50 -16.19 87.05
N LYS E 3 -38.47 -16.84 86.51
CA LYS E 3 -38.60 -17.76 85.39
C LYS E 3 -38.47 -19.19 85.88
N ASN E 4 -39.56 -19.96 85.69
CA ASN E 4 -39.63 -21.34 86.15
C ASN E 4 -39.33 -22.34 85.05
N PHE E 5 -38.52 -23.35 85.33
CA PHE E 5 -38.16 -24.33 84.33
C PHE E 5 -38.49 -25.75 84.69
N THR E 6 -38.08 -26.15 85.87
CA THR E 6 -38.33 -27.53 86.35
C THR E 6 -39.73 -27.64 86.96
N PHE E 7 -40.78 -27.33 86.17
CA PHE E 7 -42.16 -27.38 86.61
C PHE E 7 -43.01 -27.86 85.46
N PHE E 8 -44.11 -28.52 85.78
CA PHE E 8 -45.01 -29.03 84.75
C PHE E 8 -45.81 -27.90 84.09
N SER E 9 -46.01 -28.01 82.77
CA SER E 9 -46.70 -27.05 81.93
C SER E 9 -48.10 -27.58 81.64
N PRO E 10 -49.14 -27.04 82.29
CA PRO E 10 -50.52 -27.56 82.10
C PRO E 10 -51.01 -27.65 80.66
N ASN E 11 -50.62 -26.67 79.84
CA ASN E 11 -51.01 -26.63 78.43
C ASN E 11 -49.81 -26.86 77.50
N SER E 12 -48.77 -27.53 78.03
CA SER E 12 -47.51 -27.90 77.36
C SER E 12 -46.73 -26.71 76.75
N THR E 13 -47.03 -25.47 77.18
CA THR E 13 -46.41 -24.26 76.64
C THR E 13 -45.84 -23.30 77.69
N GLU E 14 -46.31 -23.41 78.95
CA GLU E 14 -45.94 -22.52 80.06
C GLU E 14 -44.45 -22.39 80.40
N PHE E 15 -43.76 -23.51 80.63
CA PHE E 15 -42.35 -23.47 81.04
C PHE E 15 -41.38 -24.25 80.11
N PRO E 16 -41.07 -23.72 78.90
CA PRO E 16 -40.11 -24.44 78.05
C PRO E 16 -38.68 -24.29 78.55
N VAL E 17 -37.90 -25.36 78.49
CA VAL E 17 -36.54 -25.30 78.98
C VAL E 17 -35.52 -25.09 77.87
N GLY E 18 -34.92 -23.91 77.89
CA GLY E 18 -33.90 -23.50 76.92
C GLY E 18 -32.55 -24.10 77.23
N SER E 19 -31.71 -24.29 76.19
CA SER E 19 -30.38 -24.88 76.36
C SER E 19 -29.47 -24.12 77.32
N ASN E 20 -29.60 -22.78 77.38
CA ASN E 20 -28.80 -21.98 78.30
C ASN E 20 -29.26 -22.15 79.74
N ASN E 21 -30.55 -22.43 79.95
CA ASN E 21 -31.11 -22.67 81.29
C ASN E 21 -30.60 -24.00 81.83
N ASP E 22 -30.53 -25.02 80.97
CA ASP E 22 -29.97 -26.31 81.36
C ASP E 22 -28.47 -26.18 81.58
N GLY E 23 -27.80 -25.35 80.78
CA GLY E 23 -26.38 -25.03 80.89
C GLY E 23 -26.08 -24.50 82.27
N LYS E 24 -26.83 -23.48 82.70
CA LYS E 24 -26.66 -22.92 84.03
C LYS E 24 -26.96 -23.94 85.13
N LEU E 25 -28.07 -24.69 84.98
CA LEU E 25 -28.46 -25.74 85.93
C LEU E 25 -27.32 -26.73 86.12
N TYR E 26 -26.77 -27.25 85.02
CA TYR E 26 -25.69 -28.23 85.07
C TYR E 26 -24.44 -27.68 85.69
N MET E 27 -24.07 -26.43 85.38
CA MET E 27 -22.91 -25.78 85.97
C MET E 27 -23.06 -25.70 87.48
N MET E 28 -24.26 -25.37 87.96
CA MET E 28 -24.56 -25.26 89.38
C MET E 28 -24.55 -26.60 90.10
N LEU E 29 -25.07 -27.66 89.45
CA LEU E 29 -25.10 -28.99 90.04
C LEU E 29 -23.69 -29.55 90.25
N THR E 30 -22.80 -29.36 89.28
CA THR E 30 -21.44 -29.86 89.34
C THR E 30 -20.42 -28.94 89.98
N GLY E 31 -20.79 -27.67 90.15
CA GLY E 31 -19.92 -26.66 90.73
C GLY E 31 -18.79 -26.28 89.80
N MET E 32 -19.11 -25.89 88.56
CA MET E 32 -18.12 -25.47 87.58
C MET E 32 -18.38 -24.03 87.13
N ASP E 33 -17.31 -23.31 86.78
CA ASP E 33 -17.41 -21.97 86.22
C ASP E 33 -17.08 -22.07 84.73
N TYR E 34 -16.93 -20.93 84.05
CA TYR E 34 -16.62 -20.93 82.62
C TYR E 34 -15.14 -21.17 82.32
N ARG E 35 -14.30 -21.34 83.35
CA ARG E 35 -12.87 -21.53 83.19
C ARG E 35 -12.39 -22.97 83.41
N THR E 36 -13.34 -23.91 83.50
CA THR E 36 -13.04 -25.33 83.67
C THR E 36 -13.97 -26.17 82.80
N ILE E 37 -13.77 -27.49 82.87
CA ILE E 37 -14.55 -28.46 82.11
C ILE E 37 -14.84 -29.69 82.97
N ARG E 38 -15.68 -30.56 82.42
CA ARG E 38 -15.89 -31.91 82.87
C ARG E 38 -15.50 -32.68 81.61
N ARG E 39 -14.64 -33.68 81.75
CA ARG E 39 -14.12 -34.42 80.61
C ARG E 39 -13.94 -35.88 80.95
N LYS E 40 -14.32 -36.77 80.01
CA LYS E 40 -14.15 -38.20 80.19
C LYS E 40 -13.80 -38.87 78.88
N ASP E 41 -12.65 -39.56 78.84
CA ASP E 41 -12.23 -40.35 77.69
C ASP E 41 -12.81 -41.74 77.93
N TRP E 42 -13.93 -42.06 77.26
CA TRP E 42 -14.56 -43.39 77.38
C TRP E 42 -13.66 -44.44 76.75
N SER E 43 -12.94 -44.03 75.69
CA SER E 43 -11.91 -44.80 75.02
C SER E 43 -10.71 -43.86 74.83
N SER E 44 -9.50 -44.43 74.81
CA SER E 44 -8.29 -43.64 74.70
C SER E 44 -8.14 -42.91 73.38
N PRO E 45 -7.78 -41.59 73.42
CA PRO E 45 -7.49 -40.88 72.16
C PRO E 45 -6.27 -41.52 71.48
N LEU E 46 -6.22 -41.46 70.15
CA LEU E 46 -5.13 -42.08 69.39
C LEU E 46 -4.26 -41.04 68.70
N ASN E 47 -2.95 -41.16 68.89
CA ASN E 47 -1.97 -40.26 68.30
C ASN E 47 -1.41 -40.87 67.03
N THR E 48 -1.48 -40.13 65.92
CA THR E 48 -0.98 -40.53 64.61
C THR E 48 -0.26 -39.33 64.04
N ALA E 49 1.09 -39.41 63.88
CA ALA E 49 1.94 -38.31 63.43
C ALA E 49 1.64 -37.06 64.30
N LEU E 50 1.49 -35.87 63.69
CA LEU E 50 1.18 -34.65 64.44
C LEU E 50 -0.34 -34.42 64.51
N ASN E 51 -1.06 -35.41 65.06
CA ASN E 51 -2.51 -35.40 65.19
C ASN E 51 -2.94 -36.21 66.40
N VAL E 52 -4.03 -35.77 67.04
CA VAL E 52 -4.68 -36.48 68.14
C VAL E 52 -6.12 -36.76 67.72
N GLN E 53 -6.51 -38.03 67.73
CA GLN E 53 -7.87 -38.42 67.41
C GLN E 53 -8.59 -38.75 68.69
N TYR E 54 -9.62 -37.97 69.02
CA TYR E 54 -10.45 -38.24 70.17
C TYR E 54 -11.47 -39.25 69.68
N THR E 55 -11.30 -40.51 70.13
CA THR E 55 -12.12 -41.65 69.72
C THR E 55 -13.53 -41.58 70.30
N ASN E 56 -13.63 -41.36 71.61
CA ASN E 56 -14.89 -41.21 72.32
C ASN E 56 -14.64 -40.46 73.62
N THR E 57 -14.71 -39.13 73.54
CA THR E 57 -14.52 -38.24 74.67
C THR E 57 -15.75 -37.37 74.84
N SER E 58 -16.28 -37.29 76.07
CA SER E 58 -17.40 -36.42 76.38
C SER E 58 -16.86 -35.21 77.13
N ILE E 59 -17.37 -34.02 76.79
CA ILE E 59 -16.96 -32.78 77.45
C ILE E 59 -18.19 -31.96 77.83
N ILE E 60 -18.10 -31.31 79.00
CA ILE E 60 -19.07 -30.34 79.47
C ILE E 60 -18.30 -29.04 79.60
N ALA E 61 -18.68 -28.04 78.81
CA ALA E 61 -18.05 -26.73 78.83
C ALA E 61 -19.16 -25.70 78.88
N GLY E 62 -19.16 -24.85 79.90
CA GLY E 62 -20.21 -23.85 80.13
C GLY E 62 -21.57 -24.51 80.33
N GLY E 63 -21.57 -25.70 80.93
CA GLY E 63 -22.76 -26.50 81.17
C GLY E 63 -23.32 -27.18 79.93
N ARG E 64 -22.61 -27.08 78.80
CA ARG E 64 -23.03 -27.66 77.53
C ARG E 64 -22.31 -28.97 77.29
N TYR E 65 -23.09 -30.04 77.08
CA TYR E 65 -22.58 -31.39 76.85
C TYR E 65 -22.43 -31.67 75.35
N PHE E 66 -21.29 -32.25 74.98
CA PHE E 66 -21.01 -32.67 73.62
C PHE E 66 -20.04 -33.83 73.61
N GLU E 67 -20.02 -34.58 72.50
CA GLU E 67 -19.18 -35.76 72.33
C GLU E 67 -18.26 -35.64 71.16
N LEU E 68 -17.02 -36.06 71.36
CA LEU E 68 -15.99 -36.08 70.32
C LEU E 68 -15.87 -37.54 69.88
N LEU E 69 -16.41 -37.85 68.70
CA LEU E 69 -16.42 -39.21 68.18
C LEU E 69 -15.58 -39.24 66.92
N ASN E 70 -14.37 -39.82 67.04
CA ASN E 70 -13.36 -39.88 65.97
C ASN E 70 -13.11 -38.48 65.38
N GLU E 71 -12.80 -37.54 66.29
CA GLU E 71 -12.54 -36.14 65.98
C GLU E 71 -11.03 -35.90 66.08
N THR E 72 -10.39 -35.59 64.94
CA THR E 72 -8.95 -35.37 64.86
C THR E 72 -8.59 -33.89 64.89
N VAL E 73 -7.59 -33.55 65.72
CA VAL E 73 -7.04 -32.21 65.84
C VAL E 73 -5.59 -32.26 65.35
N ALA E 74 -5.25 -31.40 64.38
CA ALA E 74 -3.90 -31.31 63.83
C ALA E 74 -3.02 -30.49 64.77
N LEU E 75 -1.77 -30.94 64.97
CA LEU E 75 -0.83 -30.33 65.91
C LEU E 75 0.38 -29.68 65.27
N LYS E 76 0.99 -28.75 66.01
CA LYS E 76 2.22 -28.07 65.64
C LYS E 76 3.36 -28.95 66.15
N GLY E 77 4.38 -29.15 65.31
CA GLY E 77 5.55 -29.95 65.66
C GLY E 77 6.48 -29.26 66.63
N ASP E 78 7.21 -30.06 67.45
CA ASP E 78 8.17 -29.61 68.47
C ASP E 78 7.59 -28.49 69.33
N SER E 79 6.34 -28.69 69.78
CA SER E 79 5.61 -27.69 70.52
C SER E 79 4.69 -28.26 71.58
N VAL E 80 4.25 -27.40 72.49
CA VAL E 80 3.28 -27.71 73.53
C VAL E 80 1.96 -27.17 72.97
N ASN E 81 1.05 -28.09 72.61
CA ASN E 81 -0.24 -27.75 72.02
C ASN E 81 -1.33 -27.72 73.08
N TYR E 82 -2.02 -26.59 73.20
CA TYR E 82 -3.13 -26.41 74.13
C TYR E 82 -4.42 -26.65 73.36
N ILE E 83 -5.09 -27.77 73.64
CA ILE E 83 -6.32 -28.16 72.95
C ILE E 83 -7.51 -27.49 73.59
N HIS E 84 -8.25 -26.71 72.79
CA HIS E 84 -9.40 -25.94 73.26
C HIS E 84 -10.70 -26.40 72.64
N ALA E 85 -11.77 -26.30 73.43
CA ALA E 85 -13.14 -26.50 72.97
C ALA E 85 -13.65 -25.06 72.82
N ASN E 86 -14.16 -24.72 71.63
CA ASN E 86 -14.65 -23.37 71.33
C ASN E 86 -16.13 -23.44 71.04
N ILE E 87 -16.94 -22.69 71.80
CA ILE E 87 -18.39 -22.68 71.65
C ILE E 87 -18.90 -21.34 71.15
N ASP E 88 -19.50 -21.33 69.96
CA ASP E 88 -20.09 -20.14 69.35
C ASP E 88 -21.54 -20.47 69.04
N LEU E 89 -22.46 -19.94 69.87
CA LEU E 89 -23.89 -20.20 69.75
C LEU E 89 -24.57 -19.65 68.51
N THR E 90 -23.93 -18.68 67.84
CA THR E 90 -24.45 -18.08 66.60
C THR E 90 -24.27 -19.05 65.43
N GLN E 91 -23.29 -19.97 65.54
CA GLN E 91 -23.03 -21.00 64.55
C GLN E 91 -24.00 -22.14 64.86
N THR E 92 -25.29 -21.89 64.58
CA THR E 92 -26.42 -22.78 64.83
C THR E 92 -26.22 -24.25 64.43
N ALA E 93 -25.66 -24.52 63.25
CA ALA E 93 -25.42 -25.88 62.75
C ALA E 93 -24.23 -26.58 63.40
N ASN E 94 -23.14 -25.84 63.70
CA ASN E 94 -21.91 -26.39 64.30
C ASN E 94 -21.43 -25.45 65.42
N PRO E 95 -22.07 -25.45 66.61
CA PRO E 95 -21.65 -24.51 67.66
C PRO E 95 -20.29 -24.80 68.29
N VAL E 96 -19.86 -26.07 68.25
CA VAL E 96 -18.59 -26.47 68.86
C VAL E 96 -17.53 -26.81 67.83
N SER E 97 -16.29 -26.38 68.09
CA SER E 97 -15.11 -26.66 67.29
C SER E 97 -13.89 -26.81 68.20
N LEU E 98 -12.89 -27.58 67.75
CA LEU E 98 -11.65 -27.78 68.49
C LEU E 98 -10.48 -27.08 67.84
N SER E 99 -9.54 -26.59 68.65
CA SER E 99 -8.34 -25.92 68.15
C SER E 99 -7.12 -26.34 68.96
N ALA E 100 -5.93 -26.32 68.32
CA ALA E 100 -4.64 -26.59 68.97
C ALA E 100 -3.90 -25.26 68.95
N GLU E 101 -3.63 -24.71 70.13
CA GLU E 101 -3.05 -23.39 70.26
C GLU E 101 -1.72 -23.36 71.01
N THR E 102 -0.94 -22.28 70.80
CA THR E 102 0.40 -22.10 71.38
C THR E 102 0.39 -21.76 72.88
N ALA E 103 -0.77 -21.35 73.42
CA ALA E 103 -0.93 -20.99 74.83
C ALA E 103 -2.31 -21.37 75.33
N ASN E 104 -2.51 -21.35 76.67
CA ASN E 104 -3.82 -21.60 77.24
C ASN E 104 -4.59 -20.29 77.11
N ASN E 105 -5.50 -20.26 76.14
CA ASN E 105 -6.29 -19.08 75.81
C ASN E 105 -7.74 -19.13 76.29
N SER E 106 -7.99 -19.85 77.40
CA SER E 106 -9.31 -19.95 78.04
C SER E 106 -9.76 -18.52 78.40
N ASN E 107 -10.96 -18.13 77.97
CA ASN E 107 -11.45 -16.76 78.13
C ASN E 107 -12.56 -16.50 79.16
N GLY E 108 -13.14 -17.58 79.70
CA GLY E 108 -14.22 -17.52 80.69
C GLY E 108 -15.47 -16.77 80.27
N VAL E 109 -15.76 -16.72 78.96
CA VAL E 109 -16.93 -16.02 78.41
C VAL E 109 -18.25 -16.68 78.82
N ASP E 110 -19.16 -15.90 79.43
CA ASP E 110 -20.46 -16.36 79.89
C ASP E 110 -21.42 -16.49 78.70
N ILE E 111 -21.45 -17.68 78.09
CA ILE E 111 -22.29 -17.98 76.93
C ILE E 111 -23.76 -18.22 77.27
N ASN E 112 -24.08 -18.46 78.54
CA ASN E 112 -25.46 -18.73 78.94
C ASN E 112 -26.25 -17.47 79.27
N ASN E 113 -25.54 -16.36 79.55
CA ASN E 113 -26.14 -15.06 79.88
C ASN E 113 -25.90 -13.98 78.85
N GLY E 114 -24.80 -14.08 78.10
CA GLY E 114 -24.44 -13.09 77.10
C GLY E 114 -23.90 -13.63 75.80
N SER E 115 -23.43 -12.71 74.93
CA SER E 115 -22.85 -13.02 73.63
C SER E 115 -21.35 -13.29 73.76
N GLY E 116 -20.76 -13.84 72.71
CA GLY E 116 -19.34 -14.15 72.65
C GLY E 116 -19.04 -15.62 72.45
N VAL E 117 -17.78 -15.91 72.15
CA VAL E 117 -17.30 -17.27 71.94
C VAL E 117 -16.60 -17.74 73.21
N LEU E 118 -17.04 -18.90 73.75
CA LEU E 118 -16.38 -19.46 74.92
C LEU E 118 -15.22 -20.33 74.43
N LYS E 119 -14.03 -20.08 74.97
CA LYS E 119 -12.83 -20.87 74.67
C LYS E 119 -12.39 -21.46 75.99
N VAL E 120 -12.21 -22.78 76.02
CA VAL E 120 -11.76 -23.45 77.23
C VAL E 120 -10.79 -24.58 76.88
N CYS E 121 -9.59 -24.53 77.47
CA CYS E 121 -8.56 -25.52 77.24
C CYS E 121 -8.85 -26.76 78.08
N PHE E 122 -8.76 -27.97 77.49
CA PHE E 122 -9.02 -29.21 78.20
C PHE E 122 -7.88 -30.24 78.14
N ASP E 123 -6.94 -30.07 77.20
CA ASP E 123 -5.82 -30.99 77.02
C ASP E 123 -4.55 -30.27 76.65
N ILE E 124 -3.40 -30.82 77.07
CA ILE E 124 -2.07 -30.29 76.74
C ILE E 124 -1.31 -31.44 76.06
N VAL E 125 -1.02 -31.28 74.76
CA VAL E 125 -0.36 -32.30 73.97
C VAL E 125 1.01 -31.79 73.50
N THR E 126 2.08 -32.45 73.98
CA THR E 126 3.46 -32.09 73.63
C THR E 126 3.94 -32.97 72.47
N THR E 127 4.58 -32.34 71.48
CA THR E 127 5.07 -33.04 70.29
C THR E 127 6.56 -32.97 70.10
N SER E 128 7.07 -33.84 69.22
CA SER E 128 8.45 -33.84 68.74
C SER E 128 8.26 -33.35 67.31
N GLY E 129 9.25 -33.54 66.45
CA GLY E 129 9.12 -33.16 65.05
C GLY E 129 8.28 -34.15 64.26
N THR E 130 8.07 -35.37 64.81
CA THR E 130 7.37 -36.48 64.16
C THR E 130 6.03 -36.91 64.74
N GLY E 131 5.82 -36.70 66.03
CA GLY E 131 4.60 -37.12 66.69
C GLY E 131 4.44 -36.67 68.13
N VAL E 132 3.44 -37.22 68.82
CA VAL E 132 3.12 -36.90 70.22
C VAL E 132 4.09 -37.59 71.17
N THR E 133 4.69 -36.83 72.10
CA THR E 133 5.61 -37.36 73.10
C THR E 133 4.91 -37.56 74.45
N SER E 134 3.98 -36.66 74.80
CA SER E 134 3.20 -36.73 76.04
C SER E 134 1.89 -35.97 75.96
N THR E 135 0.93 -36.37 76.81
CA THR E 135 -0.37 -35.73 76.94
C THR E 135 -0.70 -35.55 78.41
N LYS E 136 -1.15 -34.36 78.78
CA LYS E 136 -1.54 -34.03 80.14
C LYS E 136 -2.92 -33.36 80.10
N PRO E 137 -3.91 -33.87 80.84
CA PRO E 137 -5.22 -33.21 80.82
C PRO E 137 -5.25 -31.96 81.71
N ILE E 138 -6.18 -31.05 81.42
CA ILE E 138 -6.40 -29.86 82.24
C ILE E 138 -7.23 -30.34 83.43
N VAL E 139 -6.95 -29.79 84.62
CA VAL E 139 -7.64 -30.08 85.88
C VAL E 139 -9.14 -29.72 85.78
N GLN E 140 -10.01 -30.59 86.32
CA GLN E 140 -11.45 -30.36 86.37
C GLN E 140 -11.76 -29.81 87.76
N THR E 141 -12.06 -28.51 87.88
CA THR E 141 -12.31 -27.86 89.16
C THR E 141 -13.76 -27.94 89.62
N SER E 142 -13.96 -28.38 90.88
CA SER E 142 -15.26 -28.42 91.54
C SER E 142 -15.24 -27.35 92.63
N THR E 143 -16.01 -26.28 92.43
CA THR E 143 -16.08 -25.18 93.40
C THR E 143 -17.33 -25.37 94.26
N LEU E 144 -17.11 -25.67 95.54
CA LEU E 144 -18.20 -25.94 96.48
C LEU E 144 -18.19 -25.03 97.72
N ASP E 145 -19.37 -24.82 98.33
CA ASP E 145 -19.46 -23.99 99.53
C ASP E 145 -19.19 -24.71 100.86
N SER E 146 -19.93 -25.78 101.11
CA SER E 146 -19.84 -26.52 102.38
C SER E 146 -20.03 -27.99 102.06
N ILE E 147 -19.14 -28.86 102.59
CA ILE E 147 -19.19 -30.31 102.36
C ILE E 147 -19.37 -31.11 103.64
N SER E 148 -20.29 -32.07 103.60
CA SER E 148 -20.51 -33.06 104.66
C SER E 148 -20.05 -34.38 104.06
N VAL E 149 -19.03 -35.03 104.66
CA VAL E 149 -18.49 -36.29 104.15
C VAL E 149 -18.16 -37.31 105.22
N ASN E 150 -18.20 -38.59 104.85
CA ASN E 150 -17.84 -39.65 105.78
C ASN E 150 -16.33 -39.93 105.63
N ASP E 151 -15.87 -40.31 104.44
CA ASP E 151 -14.45 -40.57 104.19
C ASP E 151 -13.94 -39.92 102.91
N MET E 152 -12.64 -39.55 102.89
CA MET E 152 -11.99 -38.93 101.74
C MET E 152 -10.58 -39.46 101.54
N THR E 153 -10.17 -39.64 100.27
CA THR E 153 -8.83 -40.06 99.91
C THR E 153 -8.20 -38.97 99.05
N VAL E 154 -7.01 -38.49 99.45
CA VAL E 154 -6.28 -37.44 98.73
C VAL E 154 -4.99 -38.04 98.19
N SER E 155 -4.77 -37.95 96.87
CA SER E 155 -3.56 -38.46 96.22
C SER E 155 -2.47 -37.41 96.12
N GLY E 156 -2.87 -36.14 96.07
CA GLY E 156 -1.97 -34.99 96.01
C GLY E 156 -1.83 -34.36 97.37
N SER E 157 -2.33 -33.13 97.55
CA SER E 157 -2.24 -32.43 98.84
C SER E 157 -3.47 -31.58 99.13
N ILE E 158 -3.71 -31.32 100.42
CA ILE E 158 -4.77 -30.44 100.88
C ILE E 158 -4.09 -29.16 101.34
N ASP E 159 -4.55 -28.02 100.82
CA ASP E 159 -4.05 -26.72 101.23
C ASP E 159 -5.05 -26.12 102.22
N VAL E 160 -4.63 -25.93 103.48
CA VAL E 160 -5.45 -25.35 104.53
C VAL E 160 -4.94 -23.94 104.90
N PRO E 161 -5.79 -23.06 105.49
CA PRO E 161 -5.29 -21.72 105.86
C PRO E 161 -4.17 -21.75 106.89
N VAL E 162 -3.21 -20.82 106.74
CA VAL E 162 -2.04 -20.68 107.60
C VAL E 162 -1.96 -19.26 108.12
N GLN E 163 -1.74 -19.11 109.43
CA GLN E 163 -1.55 -17.83 110.09
C GLN E 163 -0.24 -17.89 110.89
N THR E 164 0.53 -16.80 110.88
CA THR E 164 1.80 -16.72 111.61
C THR E 164 1.78 -15.53 112.58
N LEU E 165 2.53 -15.66 113.68
CA LEU E 165 2.63 -14.64 114.71
C LEU E 165 3.98 -14.72 115.41
N THR E 166 4.63 -13.57 115.57
CA THR E 166 5.88 -13.46 116.32
C THR E 166 5.55 -12.73 117.61
N VAL E 167 5.90 -13.34 118.75
CA VAL E 167 5.64 -12.77 120.07
C VAL E 167 6.94 -12.46 120.79
N GLU E 168 7.11 -11.19 121.20
CA GLU E 168 8.24 -10.79 122.02
C GLU E 168 7.69 -10.96 123.44
N ALA E 169 7.80 -12.20 123.94
CA ALA E 169 7.26 -12.65 125.22
C ALA E 169 7.76 -11.91 126.46
N GLY E 170 8.95 -11.34 126.35
CA GLY E 170 9.62 -10.63 127.44
C GLY E 170 10.82 -11.42 127.92
N ASN E 171 11.72 -10.74 128.65
CA ASN E 171 12.95 -11.30 129.22
C ASN E 171 13.91 -11.84 128.14
N GLY E 172 13.71 -11.39 126.90
CA GLY E 172 14.51 -11.79 125.74
C GLY E 172 13.98 -12.96 124.96
N LEU E 173 12.91 -13.62 125.44
CA LEU E 173 12.30 -14.76 124.77
C LEU E 173 11.44 -14.33 123.60
N GLN E 174 11.59 -15.03 122.46
CA GLN E 174 10.79 -14.80 121.26
C GLN E 174 10.12 -16.11 120.86
N LEU E 175 8.83 -16.04 120.48
CA LEU E 175 8.08 -17.20 119.99
C LEU E 175 7.65 -16.89 118.57
N GLN E 176 7.83 -17.85 117.66
CA GLN E 176 7.36 -17.74 116.28
C GLN E 176 6.32 -18.86 116.15
N LEU E 177 5.04 -18.47 116.12
CA LEU E 177 3.92 -19.40 116.06
C LEU E 177 3.36 -19.52 114.66
N THR E 178 3.10 -20.76 114.22
CA THR E 178 2.49 -21.06 112.93
C THR E 178 1.26 -21.92 113.20
N LYS E 179 0.08 -21.41 112.81
CA LYS E 179 -1.19 -22.08 113.03
C LYS E 179 -1.78 -22.53 111.70
N LYS E 180 -2.17 -23.80 111.60
CA LYS E 180 -2.76 -24.36 110.38
C LYS E 180 -4.13 -24.95 110.67
N ASN E 181 -5.08 -24.73 109.74
CA ASN E 181 -6.49 -25.17 109.85
C ASN E 181 -7.17 -24.51 111.08
N ASN E 182 -6.56 -23.43 111.61
CA ASN E 182 -7.05 -22.68 112.77
C ASN E 182 -7.01 -23.56 114.04
N ASP E 183 -6.23 -24.66 113.99
CA ASP E 183 -6.17 -25.57 115.13
C ASP E 183 -4.76 -25.96 115.59
N LEU E 184 -3.97 -26.58 114.70
CA LEU E 184 -2.63 -27.03 115.05
C LEU E 184 -1.62 -25.90 115.03
N VAL E 185 -0.93 -25.70 116.15
CA VAL E 185 0.09 -24.66 116.28
C VAL E 185 1.45 -25.28 116.57
N ILE E 186 2.49 -24.82 115.87
CA ILE E 186 3.87 -25.20 116.14
C ILE E 186 4.58 -23.91 116.54
N VAL E 187 5.13 -23.91 117.75
CA VAL E 187 5.86 -22.78 118.33
C VAL E 187 7.36 -23.05 118.18
N ARG E 188 8.09 -22.07 117.63
CA ARG E 188 9.53 -22.15 117.47
C ARG E 188 10.14 -21.10 118.40
N PHE E 189 11.02 -21.52 119.33
CA PHE E 189 11.64 -20.61 120.28
C PHE E 189 12.88 -19.95 119.71
N PHE E 190 13.03 -18.65 119.99
CA PHE E 190 14.19 -17.85 119.60
C PHE E 190 14.55 -16.86 120.71
N GLY E 191 15.62 -16.11 120.51
CA GLY E 191 16.10 -15.13 121.48
C GLY E 191 16.96 -15.76 122.56
N SER E 192 17.13 -15.02 123.67
CA SER E 192 17.94 -15.43 124.82
C SER E 192 17.30 -14.88 126.10
N VAL E 193 17.04 -15.77 127.07
CA VAL E 193 16.37 -15.42 128.33
C VAL E 193 17.32 -15.04 129.48
N SER E 194 16.93 -14.02 130.27
CA SER E 194 17.65 -13.53 131.44
C SER E 194 16.69 -12.86 132.42
N ASN E 195 17.08 -12.78 133.71
CA ASN E 195 16.33 -12.13 134.79
C ASN E 195 14.87 -12.60 134.93
N ILE E 196 14.69 -13.91 135.15
CA ILE E 196 13.37 -14.53 135.31
C ILE E 196 13.40 -15.60 136.39
N GLN E 197 12.26 -15.81 137.08
CA GLN E 197 12.14 -16.83 138.11
C GLN E 197 11.04 -17.81 137.75
N LYS E 198 11.14 -19.05 138.26
CA LYS E 198 10.15 -20.10 138.06
C LYS E 198 8.79 -19.64 138.60
N GLY E 199 7.75 -19.85 137.80
CA GLY E 199 6.39 -19.46 138.16
C GLY E 199 6.01 -18.03 137.81
N TRP E 200 6.99 -17.23 137.38
CA TRP E 200 6.76 -15.84 137.02
C TRP E 200 6.30 -15.67 135.59
N ASN E 201 5.38 -14.72 135.41
CA ASN E 201 4.82 -14.33 134.12
C ASN E 201 5.92 -13.56 133.39
N MET E 202 6.09 -13.83 132.10
CA MET E 202 7.10 -13.14 131.30
C MET E 202 6.66 -11.69 131.09
N SER E 203 7.63 -10.76 131.12
CA SER E 203 7.43 -9.31 131.11
C SER E 203 6.95 -8.62 129.83
N GLY E 204 6.79 -9.36 128.74
CA GLY E 204 6.42 -8.78 127.46
C GLY E 204 4.99 -8.99 127.00
N THR E 205 4.84 -9.07 125.67
CA THR E 205 3.57 -9.21 124.96
C THR E 205 2.90 -10.56 125.19
N TRP E 206 1.58 -10.53 125.40
CA TRP E 206 0.77 -11.73 125.56
C TRP E 206 0.39 -12.25 124.18
N VAL E 207 0.08 -13.55 124.07
CA VAL E 207 -0.29 -14.20 122.81
C VAL E 207 -1.63 -13.64 122.32
N ASP E 208 -1.69 -13.25 121.03
CA ASP E 208 -2.92 -12.72 120.39
C ASP E 208 -4.04 -13.74 120.47
N ARG E 209 -5.28 -13.26 120.66
CA ARG E 209 -6.49 -14.07 120.77
C ARG E 209 -6.59 -15.25 119.76
N PRO E 210 -6.32 -15.07 118.43
CA PRO E 210 -6.44 -16.21 117.50
C PRO E 210 -5.49 -17.39 117.72
N PHE E 211 -4.44 -17.20 118.53
CA PHE E 211 -3.46 -18.24 118.83
C PHE E 211 -3.60 -18.81 120.25
N ARG E 212 -4.51 -18.25 121.05
CA ARG E 212 -4.73 -18.71 122.43
C ARG E 212 -5.39 -20.08 122.50
N PRO E 213 -4.83 -21.01 123.31
CA PRO E 213 -5.45 -22.34 123.44
C PRO E 213 -6.65 -22.33 124.39
N ALA E 214 -7.51 -23.36 124.31
CA ALA E 214 -8.68 -23.50 125.20
C ALA E 214 -8.23 -23.88 126.61
N ALA E 215 -7.12 -24.64 126.72
CA ALA E 215 -6.52 -25.08 127.98
C ALA E 215 -5.03 -24.78 127.99
N VAL E 216 -4.44 -24.63 129.19
CA VAL E 216 -3.01 -24.33 129.37
C VAL E 216 -2.11 -25.33 128.63
N GLN E 217 -1.11 -24.82 127.89
CA GLN E 217 -0.20 -25.66 127.12
C GLN E 217 1.23 -25.47 127.56
N SER E 218 1.86 -26.56 128.03
CA SER E 218 3.25 -26.56 128.48
C SER E 218 4.16 -26.94 127.31
N LEU E 219 5.04 -26.01 126.89
CA LEU E 219 5.92 -26.24 125.76
C LEU E 219 7.38 -26.30 126.17
N VAL E 220 8.02 -27.45 125.93
CA VAL E 220 9.42 -27.72 126.29
C VAL E 220 10.39 -27.06 125.29
N GLY E 221 11.41 -26.41 125.84
CA GLY E 221 12.48 -25.75 125.09
C GLY E 221 13.85 -26.20 125.55
N HIS E 222 14.89 -25.83 124.80
CA HIS E 222 16.27 -26.21 125.14
C HIS E 222 17.23 -25.03 125.09
N PHE E 223 18.24 -25.05 125.96
CA PHE E 223 19.28 -24.02 125.99
C PHE E 223 20.41 -24.43 125.08
N ALA E 224 20.62 -23.66 124.00
CA ALA E 224 21.64 -23.92 122.99
C ALA E 224 23.05 -24.11 123.57
N GLY E 225 23.68 -25.22 123.18
CA GLY E 225 25.02 -25.61 123.59
C GLY E 225 25.12 -26.13 125.01
N ARG E 226 23.98 -26.43 125.64
CA ARG E 226 23.92 -26.92 127.02
C ARG E 226 23.14 -28.23 127.11
N ASP E 227 23.17 -28.88 128.29
CA ASP E 227 22.42 -30.11 128.53
C ASP E 227 21.15 -29.78 129.34
N THR E 228 20.86 -28.48 129.48
CA THR E 228 19.73 -27.95 130.24
C THR E 228 18.53 -27.58 129.38
N SER E 229 17.33 -27.65 129.98
CA SER E 229 16.08 -27.36 129.30
C SER E 229 15.16 -26.48 130.17
N PHE E 230 14.05 -26.04 129.58
CA PHE E 230 13.03 -25.23 130.25
C PHE E 230 11.68 -25.57 129.65
N HIS E 231 10.62 -25.00 130.21
CA HIS E 231 9.29 -25.06 129.66
C HIS E 231 8.53 -23.80 129.99
N ILE E 232 7.61 -23.42 129.12
CA ILE E 232 6.77 -22.25 129.31
C ILE E 232 5.33 -22.71 129.19
N ASP E 233 4.42 -22.03 129.89
CA ASP E 233 3.00 -22.31 129.80
C ASP E 233 2.32 -21.20 129.05
N ILE E 234 1.60 -21.53 127.96
CA ILE E 234 0.79 -20.56 127.25
C ILE E 234 -0.59 -20.75 127.87
N ASN E 235 -1.02 -19.75 128.64
CA ASN E 235 -2.29 -19.80 129.35
C ASN E 235 -3.45 -19.40 128.44
N PRO E 236 -4.70 -19.90 128.68
CA PRO E 236 -5.84 -19.50 127.84
C PRO E 236 -6.07 -17.99 127.71
N ASN E 237 -5.63 -17.19 128.70
CA ASN E 237 -5.77 -15.73 128.67
C ASN E 237 -4.71 -15.03 127.80
N GLY E 238 -3.73 -15.79 127.30
CA GLY E 238 -2.67 -15.29 126.44
C GLY E 238 -1.34 -15.06 127.14
N SER E 239 -1.34 -15.05 128.49
CA SER E 239 -0.13 -14.86 129.28
C SER E 239 0.81 -16.07 129.16
N ILE E 240 2.11 -15.82 129.37
CA ILE E 240 3.14 -16.85 129.31
C ILE E 240 3.86 -16.93 130.66
N THR E 241 3.84 -18.13 131.27
CA THR E 241 4.49 -18.37 132.56
C THR E 241 5.79 -19.15 132.35
N TRP E 242 6.88 -18.66 132.99
CA TRP E 242 8.18 -19.31 132.93
C TRP E 242 8.22 -20.50 133.88
N TRP E 243 8.62 -21.67 133.36
CA TRP E 243 8.74 -22.85 134.19
C TRP E 243 10.08 -23.56 134.14
N GLY E 244 11.11 -22.82 133.74
CA GLY E 244 12.48 -23.30 133.79
C GLY E 244 13.04 -22.88 135.14
N ALA E 245 14.34 -23.08 135.36
CA ALA E 245 14.99 -22.66 136.62
C ALA E 245 15.14 -21.14 136.61
N ASN E 246 15.50 -20.54 137.75
CA ASN E 246 15.70 -19.10 137.84
C ASN E 246 16.92 -18.71 136.99
N ILE E 247 16.80 -17.64 136.21
CA ILE E 247 17.88 -17.18 135.35
C ILE E 247 18.43 -15.84 135.81
N ASP E 248 19.78 -15.75 135.88
CA ASP E 248 20.49 -14.55 136.25
C ASP E 248 20.62 -13.60 135.08
N LYS E 249 21.41 -12.56 135.29
CA LYS E 249 21.61 -11.47 134.33
C LYS E 249 22.14 -11.90 132.94
N THR E 250 23.01 -12.94 132.90
CA THR E 250 23.59 -13.45 131.65
C THR E 250 22.56 -14.18 130.79
N PRO E 251 22.30 -13.69 129.58
CA PRO E 251 21.27 -14.31 128.74
C PRO E 251 21.72 -15.68 128.23
N ILE E 252 20.78 -16.62 128.16
CA ILE E 252 21.01 -17.97 127.65
C ILE E 252 20.09 -18.16 126.43
N ALA E 253 20.68 -18.60 125.29
CA ALA E 253 19.92 -18.82 124.06
C ALA E 253 18.85 -19.90 124.22
N THR E 254 17.64 -19.60 123.78
CA THR E 254 16.47 -20.47 123.90
C THR E 254 15.99 -20.93 122.52
N ARG E 255 15.90 -22.26 122.32
CA ARG E 255 15.48 -22.83 121.03
C ARG E 255 14.54 -24.02 121.23
N GLY E 256 13.93 -24.48 120.15
CA GLY E 256 13.06 -25.66 120.17
C GLY E 256 11.67 -25.50 119.59
N ASN E 257 11.09 -26.62 119.15
CA ASN E 257 9.75 -26.70 118.61
C ASN E 257 8.80 -27.41 119.56
N GLY E 258 7.64 -26.80 119.77
CA GLY E 258 6.58 -27.33 120.61
C GLY E 258 5.24 -27.20 119.90
N SER E 259 4.39 -28.23 119.98
CA SER E 259 3.08 -28.22 119.31
C SER E 259 1.92 -28.28 120.29
N TYR E 260 0.79 -27.66 119.90
CA TYR E 260 -0.46 -27.69 120.67
C TYR E 260 -1.68 -27.51 119.78
N PHE E 261 -2.84 -27.93 120.28
CA PHE E 261 -4.13 -27.76 119.63
C PHE E 261 -4.85 -26.60 120.29
N ILE E 262 -5.45 -25.73 119.49
CA ILE E 262 -6.24 -24.62 120.02
C ILE E 262 -7.60 -25.15 120.50
N LYS E 263 -8.22 -26.01 119.67
CA LYS E 263 -9.54 -26.58 119.91
C LYS E 263 -9.47 -27.88 120.72
N THR F 1 -42.71 -52.63 92.55
CA THR F 1 -42.85 -52.00 91.24
C THR F 1 -41.65 -51.08 90.97
N ILE F 2 -41.06 -51.19 89.77
CA ILE F 2 -39.91 -50.37 89.36
C ILE F 2 -40.33 -49.34 88.32
N LYS F 3 -40.08 -48.05 88.60
CA LYS F 3 -40.37 -46.94 87.71
C LYS F 3 -39.07 -46.45 87.06
N ASN F 4 -38.87 -46.78 85.78
CA ASN F 4 -37.68 -46.41 85.01
C ASN F 4 -37.84 -45.04 84.37
N PHE F 5 -36.77 -44.22 84.34
CA PHE F 5 -36.84 -42.87 83.78
C PHE F 5 -35.82 -42.53 82.68
N THR F 6 -34.51 -42.64 82.96
CA THR F 6 -33.47 -42.32 81.98
C THR F 6 -33.32 -43.47 80.97
N PHE F 7 -34.40 -43.78 80.23
CA PHE F 7 -34.49 -44.86 79.24
C PHE F 7 -35.41 -44.48 78.09
N PHE F 8 -35.22 -45.12 76.92
CA PHE F 8 -36.05 -44.86 75.74
C PHE F 8 -37.43 -45.47 75.83
N SER F 9 -38.43 -44.80 75.25
CA SER F 9 -39.82 -45.26 75.19
C SER F 9 -40.08 -45.76 73.75
N PRO F 10 -40.19 -47.11 73.51
CA PRO F 10 -40.41 -47.61 72.14
C PRO F 10 -41.65 -47.08 71.42
N ASN F 11 -42.81 -47.10 72.11
CA ASN F 11 -44.08 -46.63 71.56
C ASN F 11 -44.37 -45.18 71.99
N SER F 12 -43.33 -44.47 72.52
CA SER F 12 -43.36 -43.08 72.99
C SER F 12 -44.39 -42.84 74.11
N THR F 13 -44.58 -43.86 74.98
CA THR F 13 -45.52 -43.85 76.12
C THR F 13 -44.93 -44.55 77.34
N GLU F 14 -43.95 -45.46 77.11
CA GLU F 14 -43.31 -46.29 78.13
C GLU F 14 -42.69 -45.58 79.33
N PHE F 15 -41.71 -44.68 79.11
CA PHE F 15 -41.04 -44.01 80.23
C PHE F 15 -41.12 -42.48 80.25
N PRO F 16 -42.26 -41.92 80.71
CA PRO F 16 -42.39 -40.46 80.78
C PRO F 16 -41.76 -39.92 82.05
N VAL F 17 -40.84 -38.95 81.92
CA VAL F 17 -40.16 -38.36 83.07
C VAL F 17 -40.75 -37.01 83.49
N GLY F 18 -41.26 -36.96 84.72
CA GLY F 18 -41.88 -35.80 85.33
C GLY F 18 -40.95 -34.81 85.98
N SER F 19 -41.49 -33.65 86.39
CA SER F 19 -40.77 -32.56 87.05
C SER F 19 -40.21 -32.97 88.42
N ASN F 20 -40.97 -33.81 89.15
CA ASN F 20 -40.59 -34.33 90.47
C ASN F 20 -39.50 -35.41 90.33
N ASN F 21 -39.60 -36.25 89.28
CA ASN F 21 -38.66 -37.33 88.97
C ASN F 21 -37.29 -36.76 88.62
N ASP F 22 -37.26 -35.69 87.81
CA ASP F 22 -36.04 -34.99 87.43
C ASP F 22 -35.54 -34.17 88.63
N GLY F 23 -36.48 -33.63 89.42
CA GLY F 23 -36.21 -32.86 90.63
C GLY F 23 -35.43 -33.68 91.64
N LYS F 24 -35.87 -34.92 91.89
CA LYS F 24 -35.21 -35.88 92.78
C LYS F 24 -33.85 -36.25 92.22
N LEU F 25 -33.78 -36.47 90.88
CA LEU F 25 -32.57 -36.82 90.13
C LEU F 25 -31.49 -35.75 90.31
N TYR F 26 -31.83 -34.45 90.11
CA TYR F 26 -30.91 -33.33 90.24
C TYR F 26 -30.37 -33.16 91.67
N MET F 27 -31.20 -33.46 92.69
CA MET F 27 -30.83 -33.38 94.10
C MET F 27 -29.73 -34.36 94.45
N MET F 28 -29.87 -35.62 94.00
CA MET F 28 -28.94 -36.72 94.24
C MET F 28 -27.58 -36.50 93.57
N LEU F 29 -27.56 -35.82 92.41
CA LEU F 29 -26.34 -35.51 91.65
C LEU F 29 -25.46 -34.52 92.39
N THR F 30 -26.05 -33.41 92.88
CA THR F 30 -25.33 -32.38 93.60
C THR F 30 -25.15 -32.70 95.11
N GLY F 31 -25.99 -33.58 95.62
CA GLY F 31 -25.98 -34.01 97.02
C GLY F 31 -26.60 -32.99 97.94
N MET F 32 -27.90 -32.68 97.72
CA MET F 32 -28.65 -31.71 98.51
C MET F 32 -29.95 -32.26 99.08
N ASP F 33 -30.43 -31.65 100.16
CA ASP F 33 -31.71 -31.98 100.81
C ASP F 33 -32.70 -30.83 100.58
N TYR F 34 -33.89 -30.89 101.21
CA TYR F 34 -34.91 -29.84 101.06
C TYR F 34 -34.63 -28.63 101.97
N ARG F 35 -33.52 -28.67 102.72
CA ARG F 35 -33.11 -27.60 103.64
C ARG F 35 -31.99 -26.70 103.09
N THR F 36 -31.34 -27.11 101.99
CA THR F 36 -30.28 -26.33 101.32
C THR F 36 -30.62 -25.98 99.86
N ILE F 37 -29.90 -25.01 99.29
CA ILE F 37 -30.09 -24.53 97.91
C ILE F 37 -28.80 -24.58 97.10
N ARG F 38 -28.92 -24.28 95.81
CA ARG F 38 -27.84 -24.11 94.85
C ARG F 38 -28.14 -22.75 94.23
N ARG F 39 -27.35 -21.73 94.62
CA ARG F 39 -27.57 -20.35 94.22
C ARG F 39 -26.32 -19.75 93.58
N LYS F 40 -26.50 -18.99 92.49
CA LYS F 40 -25.42 -18.31 91.77
C LYS F 40 -25.87 -16.95 91.26
N ASP F 41 -25.14 -15.90 91.66
CA ASP F 41 -25.40 -14.53 91.22
C ASP F 41 -24.54 -14.26 89.98
N TRP F 42 -25.17 -14.34 88.79
CA TRP F 42 -24.50 -14.11 87.50
C TRP F 42 -24.14 -12.64 87.37
N SER F 43 -25.02 -11.77 87.91
CA SER F 43 -24.85 -10.32 88.00
C SER F 43 -25.23 -9.94 89.42
N SER F 44 -24.35 -9.17 90.10
CA SER F 44 -24.51 -8.74 91.49
C SER F 44 -25.86 -8.06 91.76
N PRO F 45 -26.63 -8.51 92.79
CA PRO F 45 -27.93 -7.89 93.08
C PRO F 45 -27.81 -6.43 93.55
N LEU F 46 -28.74 -5.58 93.12
CA LEU F 46 -28.75 -4.16 93.46
C LEU F 46 -29.62 -3.85 94.67
N ASN F 47 -29.10 -3.03 95.59
CA ASN F 47 -29.79 -2.61 96.81
C ASN F 47 -30.17 -1.14 96.72
N THR F 48 -31.49 -0.86 96.60
CA THR F 48 -32.03 0.50 96.53
C THR F 48 -32.98 0.66 97.70
N ALA F 49 -32.66 1.57 98.65
CA ALA F 49 -33.40 1.85 99.89
C ALA F 49 -33.63 0.55 100.69
N LEU F 50 -34.83 0.33 101.25
CA LEU F 50 -35.15 -0.89 102.00
C LEU F 50 -35.74 -1.97 101.07
N ASN F 51 -35.04 -2.22 99.93
CA ASN F 51 -35.42 -3.19 98.90
C ASN F 51 -34.17 -3.80 98.26
N VAL F 52 -34.23 -5.09 97.89
CA VAL F 52 -33.15 -5.81 97.23
C VAL F 52 -33.62 -6.45 95.93
N GLN F 53 -33.04 -5.99 94.80
CA GLN F 53 -33.38 -6.48 93.46
C GLN F 53 -32.34 -7.48 92.97
N TYR F 54 -32.79 -8.72 92.68
CA TYR F 54 -31.92 -9.77 92.16
C TYR F 54 -31.90 -9.67 90.65
N THR F 55 -30.89 -8.94 90.11
CA THR F 55 -30.68 -8.68 88.69
C THR F 55 -30.73 -9.96 87.84
N ASN F 56 -29.88 -10.94 88.18
CA ASN F 56 -29.84 -12.27 87.55
C ASN F 56 -29.23 -13.26 88.53
N THR F 57 -30.10 -14.04 89.19
CA THR F 57 -29.73 -15.06 90.16
C THR F 57 -30.54 -16.32 89.91
N SER F 58 -29.85 -17.43 89.64
CA SER F 58 -30.48 -18.73 89.41
C SER F 58 -30.45 -19.53 90.71
N ILE F 59 -31.55 -20.20 91.07
CA ILE F 59 -31.66 -20.98 92.31
C ILE F 59 -32.27 -22.37 92.06
N ILE F 60 -31.64 -23.42 92.63
CA ILE F 60 -32.11 -24.79 92.57
C ILE F 60 -32.53 -25.21 93.98
N ALA F 61 -33.84 -25.07 94.26
CA ALA F 61 -34.42 -25.41 95.56
C ALA F 61 -35.30 -26.64 95.40
N GLY F 62 -34.97 -27.70 96.14
CA GLY F 62 -35.67 -28.98 96.09
C GLY F 62 -35.53 -29.66 94.74
N GLY F 63 -34.40 -29.42 94.08
CA GLY F 63 -34.08 -29.95 92.75
C GLY F 63 -34.83 -29.27 91.63
N ARG F 64 -35.49 -28.14 91.93
CA ARG F 64 -36.27 -27.37 90.96
C ARG F 64 -35.55 -26.08 90.59
N TYR F 65 -35.18 -25.95 89.31
CA TYR F 65 -34.45 -24.80 88.76
C TYR F 65 -35.35 -23.64 88.36
N PHE F 66 -34.99 -22.42 88.80
CA PHE F 66 -35.69 -21.17 88.50
C PHE F 66 -34.74 -19.96 88.49
N GLU F 67 -35.07 -18.94 87.69
CA GLU F 67 -34.23 -17.73 87.59
C GLU F 67 -34.96 -16.49 88.09
N LEU F 68 -34.22 -15.62 88.81
CA LEU F 68 -34.75 -14.34 89.32
C LEU F 68 -34.19 -13.24 88.44
N LEU F 69 -35.02 -12.69 87.55
CA LEU F 69 -34.59 -11.66 86.61
C LEU F 69 -35.20 -10.30 86.98
N ASN F 70 -34.39 -9.46 87.66
CA ASN F 70 -34.75 -8.13 88.18
C ASN F 70 -35.96 -8.16 89.13
N GLU F 71 -36.03 -9.24 89.94
CA GLU F 71 -37.07 -9.46 90.94
C GLU F 71 -36.68 -8.77 92.24
N THR F 72 -37.43 -7.70 92.59
CA THR F 72 -37.19 -6.89 93.79
C THR F 72 -38.07 -7.39 94.94
N VAL F 73 -37.48 -7.48 96.15
CA VAL F 73 -38.17 -7.90 97.36
C VAL F 73 -38.01 -6.86 98.48
N ALA F 74 -39.15 -6.37 99.03
CA ALA F 74 -39.20 -5.37 100.09
C ALA F 74 -38.60 -5.88 101.40
N LEU F 75 -37.93 -4.98 102.15
CA LEU F 75 -37.25 -5.32 103.40
C LEU F 75 -37.80 -4.57 104.62
N LYS F 76 -37.47 -5.07 105.83
CA LYS F 76 -37.85 -4.50 107.12
C LYS F 76 -36.71 -3.62 107.64
N GLY F 77 -37.05 -2.40 108.08
CA GLY F 77 -36.11 -1.42 108.59
C GLY F 77 -35.41 -1.82 109.87
N ASP F 78 -34.08 -1.65 109.92
CA ASP F 78 -33.18 -1.98 111.05
C ASP F 78 -33.33 -3.43 111.53
N SER F 79 -33.55 -4.35 110.59
CA SER F 79 -33.75 -5.77 110.90
C SER F 79 -32.92 -6.70 110.02
N VAL F 80 -32.73 -7.93 110.51
CA VAL F 80 -32.00 -8.99 109.81
C VAL F 80 -33.05 -9.79 109.02
N ASN F 81 -33.17 -9.49 107.71
CA ASN F 81 -34.15 -10.12 106.82
C ASN F 81 -33.65 -11.43 106.21
N TYR F 82 -34.43 -12.49 106.39
CA TYR F 82 -34.15 -13.84 105.88
C TYR F 82 -34.98 -14.06 104.62
N ILE F 83 -34.33 -13.94 103.44
CA ILE F 83 -34.97 -14.09 102.14
C ILE F 83 -35.22 -15.57 101.83
N HIS F 84 -36.49 -15.95 101.61
CA HIS F 84 -36.91 -17.32 101.34
C HIS F 84 -37.45 -17.54 99.94
N ALA F 85 -37.19 -18.74 99.39
CA ALA F 85 -37.70 -19.19 98.10
C ALA F 85 -38.86 -20.14 98.43
N ASN F 86 -40.09 -19.73 98.08
CA ASN F 86 -41.30 -20.50 98.40
C ASN F 86 -41.87 -21.21 97.18
N ILE F 87 -41.93 -22.55 97.23
CA ILE F 87 -42.44 -23.39 96.13
C ILE F 87 -43.76 -24.06 96.51
N ASP F 88 -44.82 -23.77 95.75
CA ASP F 88 -46.14 -24.35 95.92
C ASP F 88 -46.58 -24.89 94.56
N LEU F 89 -46.52 -26.22 94.40
CA LEU F 89 -46.85 -26.94 93.16
C LEU F 89 -48.31 -26.79 92.73
N THR F 90 -49.23 -26.54 93.69
CA THR F 90 -50.66 -26.35 93.43
C THR F 90 -50.89 -25.07 92.64
N GLN F 91 -50.04 -24.04 92.87
CA GLN F 91 -50.06 -22.76 92.14
C GLN F 91 -49.36 -23.02 90.81
N THR F 92 -50.07 -23.71 89.90
CA THR F 92 -49.59 -24.12 88.59
C THR F 92 -49.10 -23.02 87.66
N ALA F 93 -49.70 -21.81 87.76
CA ALA F 93 -49.32 -20.65 86.95
C ALA F 93 -47.97 -20.11 87.37
N ASN F 94 -47.76 -19.89 88.69
CA ASN F 94 -46.50 -19.39 89.25
C ASN F 94 -46.15 -20.11 90.55
N PRO F 95 -45.40 -21.23 90.46
CA PRO F 95 -45.06 -22.00 91.68
C PRO F 95 -44.08 -21.33 92.63
N VAL F 96 -43.09 -20.59 92.10
CA VAL F 96 -42.08 -19.92 92.92
C VAL F 96 -42.44 -18.48 93.25
N SER F 97 -42.30 -18.13 94.55
CA SER F 97 -42.54 -16.81 95.12
C SER F 97 -41.45 -16.50 96.14
N LEU F 98 -41.05 -15.23 96.26
CA LEU F 98 -40.03 -14.80 97.23
C LEU F 98 -40.62 -14.04 98.41
N SER F 99 -39.95 -14.14 99.58
CA SER F 99 -40.39 -13.46 100.81
C SER F 99 -39.24 -13.14 101.76
N ALA F 100 -39.19 -11.89 102.26
CA ALA F 100 -38.21 -11.44 103.25
C ALA F 100 -38.87 -11.64 104.61
N GLU F 101 -38.26 -12.48 105.46
CA GLU F 101 -38.84 -12.83 106.76
C GLU F 101 -37.99 -12.46 107.98
N THR F 102 -38.62 -12.49 109.16
CA THR F 102 -38.03 -12.18 110.47
C THR F 102 -36.95 -13.17 110.88
N ALA F 103 -37.18 -14.48 110.65
CA ALA F 103 -36.25 -15.56 111.01
C ALA F 103 -36.13 -16.61 109.89
N ASN F 104 -35.13 -17.52 110.00
CA ASN F 104 -34.90 -18.61 109.04
C ASN F 104 -36.00 -19.66 109.24
N ASN F 105 -37.08 -19.52 108.46
CA ASN F 105 -38.26 -20.38 108.51
C ASN F 105 -38.23 -21.51 107.48
N SER F 106 -37.04 -22.14 107.27
CA SER F 106 -36.86 -23.25 106.34
C SER F 106 -37.55 -24.49 106.90
N ASN F 107 -38.50 -25.05 106.14
CA ASN F 107 -39.29 -26.22 106.57
C ASN F 107 -38.74 -27.58 106.14
N GLY F 108 -38.23 -27.66 104.92
CA GLY F 108 -37.70 -28.90 104.35
C GLY F 108 -38.77 -29.87 103.93
N VAL F 109 -39.90 -29.34 103.39
CA VAL F 109 -41.06 -30.10 102.91
C VAL F 109 -40.69 -30.87 101.64
N ASP F 110 -40.95 -32.19 101.64
CA ASP F 110 -40.67 -33.07 100.50
C ASP F 110 -41.75 -32.86 99.43
N ILE F 111 -41.55 -31.85 98.57
CA ILE F 111 -42.47 -31.49 97.48
C ILE F 111 -42.48 -32.49 96.32
N ASN F 112 -41.34 -33.16 96.08
CA ASN F 112 -41.19 -34.14 95.01
C ASN F 112 -41.93 -35.46 95.27
N ASN F 113 -41.94 -35.94 96.53
CA ASN F 113 -42.62 -37.19 96.89
C ASN F 113 -44.03 -36.96 97.45
N GLY F 114 -44.18 -35.94 98.29
CA GLY F 114 -45.45 -35.59 98.93
C GLY F 114 -45.98 -34.22 98.56
N SER F 115 -46.95 -33.74 99.35
CA SER F 115 -47.59 -32.42 99.17
C SER F 115 -46.99 -31.37 100.12
N GLY F 116 -47.49 -30.14 100.04
CA GLY F 116 -47.05 -29.04 100.90
C GLY F 116 -46.31 -27.93 100.18
N VAL F 117 -45.95 -26.88 100.94
CA VAL F 117 -45.21 -25.70 100.45
C VAL F 117 -43.80 -25.75 101.00
N LEU F 118 -42.79 -25.75 100.11
CA LEU F 118 -41.39 -25.77 100.50
C LEU F 118 -40.84 -24.35 100.71
N LYS F 119 -40.28 -24.12 101.89
CA LYS F 119 -39.65 -22.85 102.27
C LYS F 119 -38.18 -23.11 102.54
N VAL F 120 -37.30 -22.28 101.97
CA VAL F 120 -35.84 -22.39 102.13
C VAL F 120 -35.13 -21.05 101.97
N CYS F 121 -34.38 -20.64 103.01
CA CYS F 121 -33.63 -19.40 103.03
C CYS F 121 -32.35 -19.53 102.22
N PHE F 122 -32.01 -18.48 101.43
CA PHE F 122 -30.82 -18.45 100.58
C PHE F 122 -29.94 -17.23 100.83
N ASP F 123 -30.55 -16.12 101.27
CA ASP F 123 -29.84 -14.87 101.53
C ASP F 123 -30.27 -14.23 102.84
N ILE F 124 -29.30 -13.63 103.57
CA ILE F 124 -29.53 -12.94 104.85
C ILE F 124 -29.14 -11.47 104.63
N VAL F 125 -30.14 -10.58 104.56
CA VAL F 125 -29.95 -9.16 104.34
C VAL F 125 -30.11 -8.36 105.64
N THR F 126 -29.01 -7.76 106.12
CA THR F 126 -28.99 -6.94 107.32
C THR F 126 -29.20 -5.49 106.87
N THR F 127 -30.22 -4.82 107.41
CA THR F 127 -30.60 -3.45 107.03
C THR F 127 -30.50 -2.43 108.15
N SER F 128 -30.56 -1.14 107.78
CA SER F 128 -30.55 0.02 108.66
C SER F 128 -31.91 0.73 108.52
N GLY F 129 -31.98 1.99 108.93
CA GLY F 129 -33.19 2.79 108.82
C GLY F 129 -33.44 3.27 107.40
N THR F 130 -32.35 3.53 106.66
CA THR F 130 -32.37 4.02 105.28
C THR F 130 -32.29 2.89 104.24
N GLY F 131 -31.21 2.11 104.28
CA GLY F 131 -30.98 1.03 103.34
C GLY F 131 -30.39 -0.23 103.91
N VAL F 132 -29.57 -0.94 103.09
CA VAL F 132 -28.91 -2.21 103.42
C VAL F 132 -27.49 -1.95 103.95
N THR F 133 -27.11 -2.63 105.04
CA THR F 133 -25.79 -2.51 105.65
C THR F 133 -24.84 -3.63 105.19
N SER F 134 -25.29 -4.91 105.31
CA SER F 134 -24.51 -6.09 104.92
C SER F 134 -25.39 -7.23 104.41
N THR F 135 -24.82 -8.06 103.52
CA THR F 135 -25.51 -9.22 102.93
C THR F 135 -24.64 -10.46 103.05
N LYS F 136 -25.19 -11.53 103.65
CA LYS F 136 -24.51 -12.81 103.86
C LYS F 136 -25.37 -13.95 103.27
N PRO F 137 -24.91 -14.68 102.23
CA PRO F 137 -25.73 -15.76 101.67
C PRO F 137 -25.67 -17.04 102.50
N ILE F 138 -26.74 -17.85 102.45
CA ILE F 138 -26.87 -19.14 103.15
C ILE F 138 -25.90 -20.14 102.54
N VAL F 139 -25.29 -20.98 103.39
CA VAL F 139 -24.33 -22.01 103.00
C VAL F 139 -24.95 -23.08 102.08
N GLN F 140 -24.19 -23.55 101.09
CA GLN F 140 -24.66 -24.57 100.15
C GLN F 140 -24.07 -25.94 100.52
N THR F 141 -24.86 -26.70 101.30
CA THR F 141 -24.52 -28.03 101.83
C THR F 141 -24.47 -29.09 100.74
N SER F 142 -23.31 -29.75 100.62
CA SER F 142 -23.06 -30.83 99.67
C SER F 142 -22.84 -32.13 100.43
N THR F 143 -23.95 -32.84 100.75
CA THR F 143 -23.92 -34.09 101.49
C THR F 143 -23.41 -35.21 100.59
N LEU F 144 -22.24 -35.76 100.94
CA LEU F 144 -21.56 -36.83 100.20
C LEU F 144 -21.17 -38.00 101.11
N ASP F 145 -21.01 -39.20 100.50
CA ASP F 145 -20.66 -40.43 101.19
C ASP F 145 -19.14 -40.67 101.18
N SER F 146 -18.53 -40.78 99.98
CA SER F 146 -17.10 -41.02 99.83
C SER F 146 -16.50 -40.14 98.72
N ILE F 147 -15.32 -39.55 98.97
CA ILE F 147 -14.63 -38.68 98.01
C ILE F 147 -13.26 -39.26 97.61
N SER F 148 -12.99 -39.29 96.30
CA SER F 148 -11.72 -39.74 95.71
C SER F 148 -11.13 -38.56 94.93
N VAL F 149 -10.48 -37.63 95.65
CA VAL F 149 -9.92 -36.40 95.09
C VAL F 149 -8.38 -36.41 94.99
N ASN F 150 -7.82 -35.57 94.09
CA ASN F 150 -6.39 -35.42 93.91
C ASN F 150 -5.87 -34.24 94.73
N ASP F 151 -6.42 -33.03 94.53
CA ASP F 151 -6.02 -31.82 95.27
C ASP F 151 -7.19 -31.05 95.88
N MET F 152 -6.91 -30.24 96.93
CA MET F 152 -7.91 -29.45 97.65
C MET F 152 -7.34 -28.14 98.21
N THR F 153 -8.15 -27.06 98.18
CA THR F 153 -7.82 -25.74 98.74
C THR F 153 -9.00 -25.29 99.61
N VAL F 154 -8.73 -25.10 100.92
CA VAL F 154 -9.73 -24.71 101.92
C VAL F 154 -9.51 -23.26 102.37
N SER F 155 -10.59 -22.47 102.41
CA SER F 155 -10.55 -21.06 102.82
C SER F 155 -10.98 -20.86 104.29
N GLY F 156 -11.64 -21.87 104.86
CA GLY F 156 -12.10 -21.85 106.25
C GLY F 156 -11.43 -22.89 107.12
N SER F 157 -12.16 -23.98 107.44
CA SER F 157 -11.64 -25.07 108.29
C SER F 157 -12.27 -26.43 108.00
N ILE F 158 -11.54 -27.52 108.33
CA ILE F 158 -11.99 -28.90 108.18
C ILE F 158 -12.21 -29.50 109.58
N ASP F 159 -13.42 -30.02 109.83
CA ASP F 159 -13.75 -30.66 111.11
C ASP F 159 -13.41 -32.14 111.02
N VAL F 160 -12.45 -32.59 111.85
CA VAL F 160 -11.98 -33.98 111.90
C VAL F 160 -12.41 -34.66 113.21
N PRO F 161 -12.63 -36.02 113.24
CA PRO F 161 -13.05 -36.67 114.50
C PRO F 161 -12.00 -36.59 115.61
N VAL F 162 -12.36 -35.93 116.73
CA VAL F 162 -11.49 -35.73 117.89
C VAL F 162 -11.89 -36.68 119.03
N GLN F 163 -10.90 -37.42 119.57
CA GLN F 163 -11.05 -38.36 120.68
C GLN F 163 -10.07 -37.98 121.80
N THR F 164 -10.57 -37.92 123.05
CA THR F 164 -9.77 -37.57 124.22
C THR F 164 -9.72 -38.68 125.27
N LEU F 165 -8.54 -38.83 125.92
CA LEU F 165 -8.29 -39.85 126.94
C LEU F 165 -7.32 -39.35 128.01
N THR F 166 -7.62 -39.66 129.28
CA THR F 166 -6.78 -39.30 130.43
C THR F 166 -6.31 -40.59 131.11
N VAL F 167 -5.02 -40.93 130.94
CA VAL F 167 -4.41 -42.14 131.48
C VAL F 167 -3.58 -41.82 132.72
N GLU F 168 -3.88 -42.51 133.84
CA GLU F 168 -3.13 -42.38 135.10
C GLU F 168 -2.02 -43.43 135.02
N ALA F 169 -0.92 -43.06 134.33
CA ALA F 169 0.27 -43.88 134.07
C ALA F 169 0.85 -44.58 135.30
N GLY F 170 0.82 -43.91 136.44
CA GLY F 170 1.33 -44.45 137.70
C GLY F 170 2.55 -43.69 138.20
N ASN F 171 2.98 -44.01 139.44
CA ASN F 171 4.11 -43.38 140.15
C ASN F 171 3.94 -41.87 140.38
N GLY F 172 2.82 -41.32 139.92
CA GLY F 172 2.47 -39.91 140.03
C GLY F 172 2.37 -39.19 138.69
N LEU F 173 2.18 -39.93 137.59
CA LEU F 173 2.07 -39.37 136.24
C LEU F 173 0.66 -39.44 135.66
N GLN F 174 0.25 -38.35 134.98
CA GLN F 174 -1.04 -38.20 134.30
C GLN F 174 -0.76 -37.79 132.84
N LEU F 175 -1.44 -38.45 131.89
CA LEU F 175 -1.28 -38.18 130.46
C LEU F 175 -2.60 -37.78 129.81
N GLN F 176 -2.67 -36.56 129.25
CA GLN F 176 -3.86 -36.05 128.58
C GLN F 176 -3.66 -36.14 127.06
N LEU F 177 -4.24 -37.19 126.45
CA LEU F 177 -4.14 -37.47 125.01
C LEU F 177 -5.29 -36.85 124.22
N THR F 178 -4.97 -36.27 123.04
CA THR F 178 -5.95 -35.64 122.14
C THR F 178 -5.72 -36.14 120.71
N LYS F 179 -6.44 -37.21 120.32
CA LYS F 179 -6.37 -37.86 119.00
C LYS F 179 -7.28 -37.15 118.01
N LYS F 180 -6.74 -36.74 116.85
CA LYS F 180 -7.50 -36.07 115.78
C LYS F 180 -7.33 -36.81 114.46
N ASN F 181 -8.46 -37.08 113.76
CA ASN F 181 -8.54 -37.83 112.48
C ASN F 181 -8.03 -39.29 112.64
N ASN F 182 -7.98 -39.79 113.90
CA ASN F 182 -7.51 -41.12 114.30
C ASN F 182 -6.02 -41.35 113.94
N ASP F 183 -5.23 -40.25 113.89
CA ASP F 183 -3.82 -40.30 113.52
C ASP F 183 -2.90 -39.47 114.45
N LEU F 184 -2.95 -38.12 114.35
CA LEU F 184 -2.12 -37.22 115.16
C LEU F 184 -2.64 -37.10 116.59
N VAL F 185 -1.75 -37.34 117.58
CA VAL F 185 -2.07 -37.27 119.01
C VAL F 185 -1.06 -36.40 119.75
N ILE F 186 -1.54 -35.38 120.48
CA ILE F 186 -0.69 -34.50 121.31
C ILE F 186 -0.95 -34.88 122.77
N VAL F 187 0.09 -35.38 123.46
CA VAL F 187 0.01 -35.82 124.85
C VAL F 187 0.55 -34.73 125.79
N ARG F 188 -0.22 -34.40 126.82
CA ARG F 188 0.12 -33.39 127.83
C ARG F 188 0.49 -34.06 129.15
N PHE F 189 1.66 -33.68 129.72
CA PHE F 189 2.16 -34.23 130.99
C PHE F 189 1.59 -33.47 132.19
N PHE F 190 1.08 -34.23 133.19
CA PHE F 190 0.51 -33.70 134.44
C PHE F 190 0.87 -34.57 135.66
N GLY F 191 0.80 -33.97 136.84
CA GLY F 191 1.09 -34.64 138.11
C GLY F 191 2.52 -34.47 138.58
N SER F 192 2.91 -35.27 139.59
CA SER F 192 4.26 -35.26 140.19
C SER F 192 4.76 -36.69 140.42
N VAL F 193 5.72 -37.12 139.59
CA VAL F 193 6.31 -38.46 139.62
C VAL F 193 7.26 -38.67 140.81
N SER F 194 7.12 -39.83 141.49
CA SER F 194 7.92 -40.23 142.65
C SER F 194 8.14 -41.75 142.67
N ASN F 195 9.35 -42.18 143.12
CA ASN F 195 9.78 -43.58 143.25
C ASN F 195 9.74 -44.38 141.93
N ILE F 196 10.70 -44.11 141.02
CA ILE F 196 10.84 -44.78 139.72
C ILE F 196 12.31 -44.85 139.26
N GLN F 197 12.66 -45.93 138.54
CA GLN F 197 14.01 -46.16 138.00
C GLN F 197 14.02 -46.13 136.47
N LYS F 198 15.21 -45.90 135.87
CA LYS F 198 15.39 -45.85 134.41
C LYS F 198 15.20 -47.22 133.75
N GLY F 199 14.42 -47.26 132.68
CA GLY F 199 14.11 -48.48 131.93
C GLY F 199 13.01 -49.33 132.51
N TRP F 200 12.45 -48.91 133.67
CA TRP F 200 11.37 -49.60 134.38
C TRP F 200 9.99 -49.16 133.90
N ASN F 201 9.04 -50.11 133.88
CA ASN F 201 7.65 -49.90 133.46
C ASN F 201 6.85 -49.07 134.49
N MET F 202 5.71 -48.51 134.07
CA MET F 202 4.82 -47.70 134.90
C MET F 202 3.82 -48.55 135.68
N SER F 203 3.71 -48.30 137.00
CA SER F 203 2.86 -49.02 137.95
C SER F 203 1.35 -48.98 137.69
N GLY F 204 0.82 -47.82 137.30
CA GLY F 204 -0.60 -47.60 137.07
C GLY F 204 -1.19 -48.14 135.78
N THR F 205 -2.22 -47.44 135.28
CA THR F 205 -3.00 -47.75 134.08
C THR F 205 -2.20 -47.74 132.78
N TRP F 206 -2.58 -48.62 131.84
CA TRP F 206 -1.99 -48.76 130.50
C TRP F 206 -2.79 -47.96 129.46
N VAL F 207 -2.15 -47.63 128.32
CA VAL F 207 -2.76 -46.87 127.22
C VAL F 207 -3.79 -47.76 126.49
N ASP F 208 -5.01 -47.23 126.29
CA ASP F 208 -6.13 -47.91 125.61
C ASP F 208 -5.81 -48.19 124.13
N ARG F 209 -6.41 -49.28 123.59
CA ARG F 209 -6.24 -49.74 122.20
C ARG F 209 -6.40 -48.66 121.09
N PRO F 210 -7.42 -47.75 121.10
CA PRO F 210 -7.52 -46.75 120.02
C PRO F 210 -6.41 -45.70 120.02
N PHE F 211 -5.72 -45.51 121.16
CA PHE F 211 -4.64 -44.54 121.32
C PHE F 211 -3.23 -45.16 121.23
N ARG F 212 -3.15 -46.50 121.06
CA ARG F 212 -1.88 -47.23 120.93
C ARG F 212 -1.21 -46.99 119.57
N PRO F 213 0.08 -46.54 119.54
CA PRO F 213 0.73 -46.32 118.24
C PRO F 213 1.25 -47.61 117.60
N ALA F 214 1.63 -47.55 116.31
CA ALA F 214 2.16 -48.69 115.56
C ALA F 214 3.55 -49.10 116.04
N ALA F 215 4.39 -48.10 116.40
CA ALA F 215 5.74 -48.29 116.90
C ALA F 215 5.95 -47.50 118.20
N VAL F 216 7.02 -47.86 118.96
CA VAL F 216 7.37 -47.20 120.23
C VAL F 216 7.74 -45.72 120.04
N GLN F 217 6.90 -44.81 120.58
CA GLN F 217 7.09 -43.37 120.47
C GLN F 217 7.74 -42.81 121.72
N SER F 218 8.91 -42.16 121.56
CA SER F 218 9.66 -41.55 122.65
C SER F 218 9.19 -40.11 122.82
N LEU F 219 8.38 -39.83 123.87
CA LEU F 219 7.83 -38.50 124.11
C LEU F 219 8.54 -37.77 125.25
N VAL F 220 9.18 -36.63 124.92
CA VAL F 220 9.97 -35.79 125.83
C VAL F 220 9.09 -34.87 126.70
N GLY F 221 9.41 -34.83 127.99
CA GLY F 221 8.76 -34.00 128.99
C GLY F 221 9.75 -33.11 129.73
N HIS F 222 9.27 -32.39 130.77
CA HIS F 222 10.10 -31.48 131.57
C HIS F 222 9.63 -31.36 133.02
N PHE F 223 10.59 -31.19 133.96
CA PHE F 223 10.29 -31.00 135.39
C PHE F 223 10.14 -29.52 135.70
N ALA F 224 8.91 -29.10 136.10
CA ALA F 224 8.56 -27.71 136.41
C ALA F 224 9.46 -27.03 137.44
N GLY F 225 9.95 -25.85 137.07
CA GLY F 225 10.84 -25.04 137.90
C GLY F 225 12.27 -25.55 137.99
N ARG F 226 12.68 -26.40 137.04
CA ARG F 226 14.03 -26.99 137.00
C ARG F 226 14.63 -26.90 135.59
N ASP F 227 15.91 -27.26 135.46
CA ASP F 227 16.61 -27.31 134.16
C ASP F 227 16.88 -28.76 133.73
N THR F 228 16.17 -29.70 134.38
CA THR F 228 16.23 -31.15 134.15
C THR F 228 14.98 -31.60 133.38
N SER F 229 15.14 -32.56 132.47
CA SER F 229 14.06 -33.09 131.64
C SER F 229 13.94 -34.62 131.73
N PHE F 230 12.92 -35.20 131.04
CA PHE F 230 12.66 -36.64 131.00
C PHE F 230 11.99 -37.05 129.69
N HIS F 231 11.91 -38.37 129.43
CA HIS F 231 11.23 -38.91 128.25
C HIS F 231 10.61 -40.29 128.54
N ILE F 232 9.39 -40.51 128.05
CA ILE F 232 8.66 -41.77 128.23
C ILE F 232 8.46 -42.51 126.91
N ASP F 233 8.48 -43.86 126.97
CA ASP F 233 8.32 -44.72 125.81
C ASP F 233 6.96 -45.42 125.82
N ILE F 234 6.04 -44.96 124.94
CA ILE F 234 4.71 -45.56 124.81
C ILE F 234 4.79 -46.67 123.74
N ASN F 235 5.00 -47.90 124.21
CA ASN F 235 5.14 -49.11 123.41
C ASN F 235 3.82 -49.48 122.70
N PRO F 236 3.85 -50.22 121.55
CA PRO F 236 2.59 -50.55 120.85
C PRO F 236 1.56 -51.39 121.62
N ASN F 237 2.00 -52.12 122.67
CA ASN F 237 1.12 -52.96 123.49
C ASN F 237 0.35 -52.16 124.57
N GLY F 238 0.61 -50.86 124.66
CA GLY F 238 -0.03 -49.96 125.61
C GLY F 238 0.81 -49.59 126.81
N SER F 239 1.91 -50.35 127.05
CA SER F 239 2.83 -50.15 128.18
C SER F 239 3.62 -48.85 128.06
N ILE F 240 3.83 -48.17 129.21
CA ILE F 240 4.60 -46.93 129.30
C ILE F 240 5.89 -47.25 130.06
N THR F 241 7.05 -46.97 129.43
CA THR F 241 8.36 -47.24 130.02
C THR F 241 9.09 -45.92 130.32
N TRP F 242 9.46 -45.70 131.60
CA TRP F 242 10.19 -44.52 132.04
C TRP F 242 11.64 -44.58 131.55
N TRP F 243 12.14 -43.45 131.04
CA TRP F 243 13.51 -43.35 130.53
C TRP F 243 14.24 -42.06 130.93
N GLY F 244 13.86 -41.49 132.07
CA GLY F 244 14.49 -40.30 132.63
C GLY F 244 15.45 -40.66 133.74
N ALA F 245 15.72 -39.70 134.65
CA ALA F 245 16.59 -39.92 135.81
C ALA F 245 15.82 -40.70 136.88
N ASN F 246 16.50 -41.45 137.76
CA ASN F 246 15.82 -42.19 138.83
C ASN F 246 15.25 -41.22 139.83
N ILE F 247 13.98 -41.40 140.17
CA ILE F 247 13.27 -40.51 141.09
C ILE F 247 13.10 -41.16 142.44
N ASP F 248 13.46 -40.41 143.48
CA ASP F 248 13.33 -40.79 144.87
C ASP F 248 11.94 -40.45 145.41
N LYS F 249 11.76 -40.67 146.70
CA LYS F 249 10.45 -40.48 147.38
C LYS F 249 9.79 -39.13 147.12
N THR F 250 10.59 -38.05 147.06
CA THR F 250 10.10 -36.71 146.79
C THR F 250 9.50 -36.60 145.37
N PRO F 251 8.24 -36.11 145.27
CA PRO F 251 7.59 -35.99 143.96
C PRO F 251 7.89 -34.65 143.30
N ILE F 252 8.29 -34.68 142.02
CA ILE F 252 8.60 -33.50 141.22
C ILE F 252 7.56 -33.34 140.12
N ALA F 253 6.97 -32.13 139.99
CA ALA F 253 5.95 -31.82 138.99
C ALA F 253 6.44 -32.04 137.56
N THR F 254 5.64 -32.75 136.76
CA THR F 254 5.96 -33.08 135.37
C THR F 254 4.98 -32.42 134.42
N ARG F 255 5.51 -31.58 133.50
CA ARG F 255 4.74 -30.84 132.50
C ARG F 255 5.41 -30.96 131.12
N GLY F 256 4.65 -30.70 130.06
CA GLY F 256 5.15 -30.76 128.69
C GLY F 256 4.17 -31.29 127.68
N ASN F 257 4.47 -31.10 126.38
CA ASN F 257 3.66 -31.56 125.27
C ASN F 257 4.49 -32.37 124.26
N GLY F 258 3.99 -33.54 123.90
CA GLY F 258 4.65 -34.45 122.96
C GLY F 258 3.68 -35.00 121.93
N SER F 259 3.98 -34.81 120.64
CA SER F 259 3.16 -35.28 119.52
C SER F 259 3.72 -36.50 118.79
N TYR F 260 2.81 -37.38 118.33
CA TYR F 260 3.14 -38.62 117.60
C TYR F 260 2.02 -39.06 116.63
N PHE F 261 2.36 -39.90 115.63
CA PHE F 261 1.41 -40.46 114.67
C PHE F 261 1.08 -41.91 115.03
N ILE F 262 -0.19 -42.30 114.87
CA ILE F 262 -0.63 -43.68 115.15
C ILE F 262 -0.35 -44.57 113.93
N LYS F 263 -0.88 -44.17 112.75
CA LYS F 263 -0.71 -44.89 111.49
C LYS F 263 0.70 -44.82 110.93
N THR G 1 -15.79 -36.34 64.17
CA THR G 1 -17.14 -35.77 64.22
C THR G 1 -17.51 -35.31 65.63
N ILE G 2 -18.17 -34.15 65.75
CA ILE G 2 -18.59 -33.59 67.03
C ILE G 2 -20.11 -33.70 67.16
N LYS G 3 -20.59 -34.46 68.16
CA LYS G 3 -22.02 -34.62 68.42
C LYS G 3 -22.44 -33.66 69.53
N ASN G 4 -23.17 -32.60 69.15
CA ASN G 4 -23.66 -31.56 70.05
C ASN G 4 -25.00 -31.96 70.67
N PHE G 5 -25.20 -31.64 71.98
CA PHE G 5 -26.44 -32.02 72.67
C PHE G 5 -27.19 -30.90 73.38
N THR G 6 -26.53 -30.16 74.31
CA THR G 6 -27.16 -29.07 75.06
C THR G 6 -27.25 -27.80 74.19
N PHE G 7 -27.92 -27.93 73.03
CA PHE G 7 -28.09 -26.88 72.04
C PHE G 7 -29.46 -27.01 71.37
N PHE G 8 -30.12 -25.86 71.13
CA PHE G 8 -31.44 -25.80 70.51
C PHE G 8 -31.44 -26.18 69.03
N SER G 9 -32.53 -26.79 68.55
CA SER G 9 -32.69 -27.20 67.16
C SER G 9 -33.79 -26.31 66.52
N PRO G 10 -33.44 -25.42 65.55
CA PRO G 10 -34.47 -24.53 64.97
C PRO G 10 -35.51 -25.26 64.14
N ASN G 11 -35.08 -26.28 63.38
CA ASN G 11 -35.95 -27.12 62.55
C ASN G 11 -36.44 -28.35 63.34
N SER G 12 -36.17 -28.36 64.67
CA SER G 12 -36.54 -29.39 65.66
C SER G 12 -36.03 -30.81 65.36
N THR G 13 -34.89 -30.92 64.65
CA THR G 13 -34.27 -32.21 64.29
C THR G 13 -32.74 -32.22 64.47
N GLU G 14 -32.10 -31.04 64.47
CA GLU G 14 -30.65 -30.84 64.57
C GLU G 14 -29.93 -31.55 65.71
N PHE G 15 -30.28 -31.25 66.98
CA PHE G 15 -29.60 -31.86 68.12
C PHE G 15 -30.47 -32.66 69.09
N PRO G 16 -30.83 -33.92 68.73
CA PRO G 16 -31.62 -34.74 69.66
C PRO G 16 -30.73 -35.42 70.69
N VAL G 17 -31.15 -35.39 71.95
CA VAL G 17 -30.40 -36.00 73.05
C VAL G 17 -31.09 -37.25 73.63
N GLY G 18 -30.39 -38.38 73.56
CA GLY G 18 -30.88 -39.67 74.01
C GLY G 18 -30.57 -40.02 75.45
N SER G 19 -31.10 -41.18 75.90
CA SER G 19 -30.95 -41.72 77.26
C SER G 19 -29.49 -41.96 77.66
N ASN G 20 -28.68 -42.51 76.72
CA ASN G 20 -27.26 -42.79 76.93
C ASN G 20 -26.44 -41.51 76.95
N ASN G 21 -26.83 -40.50 76.13
CA ASN G 21 -26.16 -39.20 76.02
C ASN G 21 -26.33 -38.40 77.31
N ASP G 22 -27.54 -38.44 77.91
CA ASP G 22 -27.83 -37.79 79.18
C ASP G 22 -27.23 -38.59 80.33
N GLY G 23 -27.23 -39.93 80.19
CA GLY G 23 -26.67 -40.86 81.15
C GLY G 23 -25.20 -40.60 81.41
N LYS G 24 -24.43 -40.35 80.32
CA LYS G 24 -23.01 -40.02 80.34
C LYS G 24 -22.80 -38.65 80.99
N LEU G 25 -23.72 -37.69 80.69
CA LEU G 25 -23.74 -36.32 81.21
C LEU G 25 -23.89 -36.32 82.74
N TYR G 26 -24.89 -37.07 83.26
CA TYR G 26 -25.18 -37.18 84.69
C TYR G 26 -24.00 -37.78 85.48
N MET G 27 -23.32 -38.79 84.90
CA MET G 27 -22.16 -39.46 85.50
C MET G 27 -21.00 -38.49 85.74
N MET G 28 -20.78 -37.55 84.79
CA MET G 28 -19.71 -36.55 84.83
C MET G 28 -20.01 -35.44 85.84
N LEU G 29 -21.29 -35.07 86.01
CA LEU G 29 -21.74 -34.02 86.92
C LEU G 29 -21.50 -34.39 88.39
N THR G 30 -21.90 -35.62 88.78
CA THR G 30 -21.74 -36.13 90.15
C THR G 30 -20.37 -36.77 90.42
N GLY G 31 -19.70 -37.21 89.37
CA GLY G 31 -18.38 -37.84 89.44
C GLY G 31 -18.45 -39.30 89.86
N MET G 32 -19.25 -40.10 89.13
CA MET G 32 -19.42 -41.54 89.39
C MET G 32 -19.01 -42.41 88.21
N ASP G 33 -18.67 -43.69 88.49
CA ASP G 33 -18.33 -44.66 87.47
C ASP G 33 -19.44 -45.73 87.37
N TYR G 34 -19.20 -46.84 86.64
CA TYR G 34 -20.17 -47.92 86.52
C TYR G 34 -20.10 -48.91 87.70
N ARG G 35 -19.18 -48.68 88.64
CA ARG G 35 -18.97 -49.51 89.83
C ARG G 35 -19.64 -48.93 91.09
N THR G 36 -19.99 -47.63 91.07
CA THR G 36 -20.66 -46.94 92.17
C THR G 36 -22.06 -46.42 91.75
N ILE G 37 -22.88 -46.03 92.74
CA ILE G 37 -24.26 -45.54 92.52
C ILE G 37 -24.58 -44.29 93.35
N ARG G 38 -25.75 -43.71 93.08
CA ARG G 38 -26.34 -42.59 93.81
C ARG G 38 -27.68 -43.13 94.30
N ARG G 39 -27.80 -43.32 95.62
CA ARG G 39 -28.99 -43.91 96.25
C ARG G 39 -29.51 -43.05 97.39
N LYS G 40 -30.85 -42.90 97.47
CA LYS G 40 -31.53 -42.14 98.52
C LYS G 40 -32.85 -42.80 98.90
N ASP G 41 -33.02 -43.09 100.20
CA ASP G 41 -34.24 -43.68 100.74
C ASP G 41 -35.13 -42.57 101.28
N TRP G 42 -36.23 -42.28 100.57
CA TRP G 42 -37.20 -41.25 100.95
C TRP G 42 -38.05 -41.77 102.11
N SER G 43 -38.24 -43.10 102.16
CA SER G 43 -38.94 -43.85 103.20
C SER G 43 -38.20 -45.17 103.40
N SER G 44 -37.87 -45.50 104.66
CA SER G 44 -37.13 -46.70 105.07
C SER G 44 -37.71 -48.01 104.52
N PRO G 45 -36.87 -48.92 103.95
CA PRO G 45 -37.39 -50.17 103.40
C PRO G 45 -37.83 -51.17 104.49
N LEU G 46 -39.01 -51.78 104.29
CA LEU G 46 -39.60 -52.74 105.22
C LEU G 46 -38.98 -54.13 105.06
N ASN G 47 -38.84 -54.86 106.19
CA ASN G 47 -38.27 -56.21 106.21
C ASN G 47 -39.31 -57.20 106.75
N THR G 48 -39.79 -58.09 105.87
CA THR G 48 -40.78 -59.12 106.21
C THR G 48 -40.15 -60.50 106.00
N ALA G 49 -39.66 -61.11 107.11
CA ALA G 49 -38.97 -62.41 107.14
C ALA G 49 -37.77 -62.42 106.17
N LEU G 50 -37.72 -63.37 105.20
CA LEU G 50 -36.65 -63.46 104.22
C LEU G 50 -36.97 -62.69 102.93
N ASN G 51 -37.45 -61.44 103.08
CA ASN G 51 -37.82 -60.52 102.01
C ASN G 51 -37.57 -59.07 102.42
N VAL G 52 -37.16 -58.21 101.45
CA VAL G 52 -36.91 -56.78 101.66
C VAL G 52 -37.66 -55.92 100.64
N GLN G 53 -38.67 -55.17 101.11
CA GLN G 53 -39.50 -54.31 100.28
C GLN G 53 -39.03 -52.85 100.36
N TYR G 54 -38.57 -52.30 99.22
CA TYR G 54 -38.12 -50.91 99.13
C TYR G 54 -39.33 -50.02 98.86
N THR G 55 -39.85 -49.38 99.94
CA THR G 55 -41.03 -48.50 99.92
C THR G 55 -40.92 -47.36 98.89
N ASN G 56 -39.85 -46.54 98.99
CA ASN G 56 -39.55 -45.44 98.06
C ASN G 56 -38.05 -45.15 98.09
N THR G 57 -37.31 -45.75 97.15
CA THR G 57 -35.86 -45.60 97.02
C THR G 57 -35.50 -45.29 95.56
N SER G 58 -34.86 -44.12 95.34
CA SER G 58 -34.40 -43.68 94.03
C SER G 58 -32.93 -44.04 93.86
N ILE G 59 -32.57 -44.61 92.69
CA ILE G 59 -31.20 -45.04 92.39
C ILE G 59 -30.74 -44.56 91.01
N ILE G 60 -29.49 -44.06 90.92
CA ILE G 60 -28.84 -43.64 89.68
C ILE G 60 -27.65 -44.59 89.45
N ALA G 61 -27.87 -45.62 88.62
CA ALA G 61 -26.84 -46.61 88.29
C ALA G 61 -26.42 -46.44 86.83
N GLY G 62 -25.13 -46.15 86.64
CA GLY G 62 -24.53 -45.90 85.33
C GLY G 62 -25.11 -44.69 84.64
N GLY G 63 -25.51 -43.69 85.43
CA GLY G 63 -26.12 -42.45 84.97
C GLY G 63 -27.59 -42.57 84.60
N ARG G 64 -28.19 -43.76 84.86
CA ARG G 64 -29.60 -44.05 84.56
C ARG G 64 -30.41 -44.04 85.84
N TYR G 65 -31.40 -43.14 85.92
CA TYR G 65 -32.28 -42.96 87.09
C TYR G 65 -33.52 -43.85 87.05
N PHE G 66 -33.88 -44.41 88.22
CA PHE G 66 -35.05 -45.26 88.42
C PHE G 66 -35.52 -45.27 89.87
N GLU G 67 -36.84 -45.37 90.08
CA GLU G 67 -37.47 -45.38 91.41
C GLU G 67 -38.02 -46.75 91.75
N LEU G 68 -37.81 -47.19 93.00
CA LEU G 68 -38.32 -48.46 93.51
C LEU G 68 -39.51 -48.14 94.42
N LEU G 69 -40.73 -48.43 93.94
CA LEU G 69 -41.95 -48.13 94.69
C LEU G 69 -42.64 -49.42 95.15
N ASN G 70 -42.39 -49.79 96.42
CA ASN G 70 -42.89 -51.00 97.10
C ASN G 70 -42.48 -52.29 96.37
N GLU G 71 -41.19 -52.34 95.96
CA GLU G 71 -40.58 -53.46 95.25
C GLU G 71 -39.89 -54.40 96.25
N THR G 72 -40.41 -55.63 96.35
CA THR G 72 -39.91 -56.66 97.28
C THR G 72 -38.82 -57.52 96.63
N VAL G 73 -37.72 -57.76 97.36
CA VAL G 73 -36.57 -58.56 96.92
C VAL G 73 -36.48 -59.83 97.78
N ALA G 74 -36.51 -61.01 97.14
CA ALA G 74 -36.41 -62.32 97.81
C ALA G 74 -35.00 -62.53 98.36
N LEU G 75 -34.89 -63.04 99.60
CA LEU G 75 -33.60 -63.24 100.27
C LEU G 75 -33.28 -64.70 100.58
N LYS G 76 -31.98 -65.04 100.67
CA LYS G 76 -31.46 -66.37 100.98
C LYS G 76 -31.39 -66.56 102.50
N GLY G 77 -31.83 -67.73 102.98
CA GLY G 77 -31.84 -68.08 104.39
C GLY G 77 -30.47 -68.30 104.99
N ASP G 78 -30.19 -67.63 106.13
CA ASP G 78 -28.95 -67.66 106.90
C ASP G 78 -27.70 -67.40 106.05
N SER G 79 -27.71 -66.27 105.33
CA SER G 79 -26.63 -65.85 104.42
C SER G 79 -26.52 -64.32 104.31
N VAL G 80 -25.35 -63.83 103.86
CA VAL G 80 -25.10 -62.40 103.66
C VAL G 80 -25.38 -62.07 102.18
N ASN G 81 -26.61 -61.62 101.91
CA ASN G 81 -27.08 -61.26 100.57
C ASN G 81 -26.55 -59.90 100.11
N TYR G 82 -26.32 -59.79 98.78
CA TYR G 82 -25.84 -58.57 98.13
C TYR G 82 -26.89 -58.17 97.08
N ILE G 83 -27.62 -57.06 97.33
CA ILE G 83 -28.67 -56.59 96.42
C ILE G 83 -28.05 -55.81 95.26
N HIS G 84 -28.24 -56.32 94.03
CA HIS G 84 -27.71 -55.75 92.81
C HIS G 84 -28.79 -55.14 91.90
N ALA G 85 -28.42 -54.06 91.20
CA ALA G 85 -29.26 -53.40 90.21
C ALA G 85 -28.76 -53.86 88.84
N ASN G 86 -29.61 -54.58 88.10
CA ASN G 86 -29.25 -55.14 86.79
C ASN G 86 -29.91 -54.38 85.64
N ILE G 87 -29.10 -53.72 84.81
CA ILE G 87 -29.60 -52.93 83.67
C ILE G 87 -29.26 -53.57 82.33
N ASP G 88 -30.29 -54.12 81.66
CA ASP G 88 -30.17 -54.72 80.34
C ASP G 88 -31.05 -53.93 79.38
N LEU G 89 -30.40 -53.06 78.57
CA LEU G 89 -31.04 -52.16 77.61
C LEU G 89 -31.82 -52.85 76.49
N THR G 90 -31.52 -54.14 76.23
CA THR G 90 -32.20 -54.95 75.21
C THR G 90 -33.67 -55.16 75.60
N GLN G 91 -33.93 -55.24 76.93
CA GLN G 91 -35.28 -55.39 77.50
C GLN G 91 -35.90 -53.99 77.51
N THR G 92 -36.49 -53.58 76.36
CA THR G 92 -37.10 -52.26 76.17
C THR G 92 -38.26 -51.96 77.14
N ALA G 93 -39.01 -53.00 77.54
CA ALA G 93 -40.13 -52.88 78.46
C ALA G 93 -39.67 -52.78 79.93
N ASN G 94 -38.71 -53.65 80.34
CA ASN G 94 -38.20 -53.66 81.71
C ASN G 94 -36.66 -53.74 81.74
N PRO G 95 -35.94 -52.61 81.55
CA PRO G 95 -34.48 -52.66 81.56
C PRO G 95 -33.86 -52.93 82.93
N VAL G 96 -34.44 -52.38 84.01
CA VAL G 96 -33.93 -52.55 85.37
C VAL G 96 -34.62 -53.72 86.08
N SER G 97 -33.80 -54.62 86.66
CA SER G 97 -34.23 -55.79 87.43
C SER G 97 -33.33 -55.91 88.66
N LEU G 98 -33.88 -56.43 89.77
CA LEU G 98 -33.12 -56.60 91.02
C LEU G 98 -32.80 -58.06 91.32
N SER G 99 -31.69 -58.30 92.02
CA SER G 99 -31.24 -59.65 92.40
C SER G 99 -30.41 -59.65 93.68
N ALA G 100 -30.67 -60.63 94.56
CA ALA G 100 -29.94 -60.83 95.81
C ALA G 100 -28.93 -61.95 95.55
N GLU G 101 -27.64 -61.60 95.53
CA GLU G 101 -26.57 -62.55 95.22
C GLU G 101 -25.67 -62.89 96.41
N THR G 102 -24.97 -64.04 96.30
CA THR G 102 -24.06 -64.60 97.32
C THR G 102 -22.87 -63.67 97.61
N ALA G 103 -22.24 -63.13 96.56
CA ALA G 103 -21.09 -62.22 96.66
C ALA G 103 -21.31 -60.94 95.86
N ASN G 104 -20.46 -59.91 96.06
CA ASN G 104 -20.54 -58.64 95.33
C ASN G 104 -20.06 -58.85 93.90
N ASN G 105 -21.01 -58.94 92.96
CA ASN G 105 -20.77 -59.18 91.54
C ASN G 105 -20.93 -57.91 90.68
N SER G 106 -20.33 -56.79 91.11
CA SER G 106 -20.35 -55.53 90.38
C SER G 106 -19.41 -55.64 89.18
N ASN G 107 -19.96 -55.66 87.96
CA ASN G 107 -19.19 -55.81 86.72
C ASN G 107 -18.60 -54.53 86.15
N GLY G 108 -19.31 -53.42 86.29
CA GLY G 108 -18.88 -52.11 85.78
C GLY G 108 -18.89 -52.00 84.27
N VAL G 109 -19.86 -52.67 83.62
CA VAL G 109 -20.04 -52.70 82.15
C VAL G 109 -20.52 -51.33 81.63
N ASP G 110 -19.81 -50.79 80.63
CA ASP G 110 -20.14 -49.50 80.00
C ASP G 110 -21.36 -49.70 79.09
N ILE G 111 -22.55 -49.36 79.61
CA ILE G 111 -23.83 -49.50 78.89
C ILE G 111 -24.20 -48.32 78.00
N ASN G 112 -23.75 -47.11 78.38
CA ASN G 112 -24.02 -45.88 77.63
C ASN G 112 -23.26 -45.80 76.31
N ASN G 113 -22.09 -46.46 76.22
CA ASN G 113 -21.26 -46.49 75.01
C ASN G 113 -21.34 -47.83 74.28
N GLY G 114 -21.13 -48.92 75.01
CA GLY G 114 -21.15 -50.27 74.46
C GLY G 114 -22.32 -51.11 74.94
N SER G 115 -22.34 -52.38 74.51
CA SER G 115 -23.37 -53.37 74.84
C SER G 115 -23.05 -54.08 76.16
N GLY G 116 -24.03 -54.83 76.68
CA GLY G 116 -23.89 -55.60 77.91
C GLY G 116 -24.91 -55.27 78.98
N VAL G 117 -24.85 -56.04 80.08
CA VAL G 117 -25.74 -55.89 81.24
C VAL G 117 -24.91 -55.33 82.40
N LEU G 118 -25.36 -54.19 82.98
CA LEU G 118 -24.68 -53.55 84.09
C LEU G 118 -25.19 -54.05 85.43
N LYS G 119 -24.29 -54.66 86.22
CA LYS G 119 -24.57 -55.18 87.56
C LYS G 119 -23.79 -54.33 88.57
N VAL G 120 -24.49 -53.83 89.60
CA VAL G 120 -23.90 -52.98 90.64
C VAL G 120 -24.62 -53.12 91.99
N CYS G 121 -23.86 -53.45 93.05
CA CYS G 121 -24.36 -53.62 94.41
C CYS G 121 -24.59 -52.28 95.08
N PHE G 122 -25.72 -52.15 95.79
CA PHE G 122 -26.10 -50.91 96.49
C PHE G 122 -26.45 -51.14 97.96
N ASP G 123 -26.92 -52.35 98.32
CA ASP G 123 -27.33 -52.71 99.68
C ASP G 123 -26.90 -54.14 100.03
N ILE G 124 -26.32 -54.32 101.24
CA ILE G 124 -25.88 -55.62 101.76
C ILE G 124 -26.84 -56.03 102.88
N VAL G 125 -27.53 -57.16 102.69
CA VAL G 125 -28.52 -57.65 103.67
C VAL G 125 -28.04 -58.94 104.35
N THR G 126 -27.76 -58.88 105.67
CA THR G 126 -27.32 -60.02 106.47
C THR G 126 -28.59 -60.66 107.07
N THR G 127 -28.83 -61.95 106.77
CA THR G 127 -30.02 -62.67 107.23
C THR G 127 -29.72 -63.92 108.06
N SER G 128 -30.75 -64.36 108.82
CA SER G 128 -30.76 -65.57 109.64
C SER G 128 -31.76 -66.57 108.99
N GLY G 129 -32.09 -67.63 109.71
CA GLY G 129 -33.04 -68.65 109.23
C GLY G 129 -34.46 -68.13 109.15
N THR G 130 -34.83 -67.22 110.08
CA THR G 130 -36.16 -66.61 110.16
C THR G 130 -36.29 -65.35 109.32
N GLY G 131 -35.53 -64.30 109.67
CA GLY G 131 -35.57 -63.02 108.96
C GLY G 131 -34.29 -62.24 108.89
N VAL G 132 -34.41 -60.94 108.54
CA VAL G 132 -33.31 -59.97 108.38
C VAL G 132 -32.71 -59.63 109.76
N THR G 133 -31.38 -59.74 109.89
CA THR G 133 -30.66 -59.42 111.12
C THR G 133 -30.11 -57.99 111.09
N SER G 134 -29.41 -57.62 110.00
CA SER G 134 -28.81 -56.29 109.81
C SER G 134 -28.65 -55.92 108.34
N THR G 135 -28.66 -54.60 108.04
CA THR G 135 -28.49 -54.07 106.69
C THR G 135 -27.42 -52.97 106.62
N LYS G 136 -26.54 -53.05 105.60
CA LYS G 136 -25.45 -52.10 105.37
C LYS G 136 -25.45 -51.61 103.92
N PRO G 137 -25.56 -50.28 103.65
CA PRO G 137 -25.55 -49.82 102.25
C PRO G 137 -24.15 -49.62 101.68
N ILE G 138 -23.99 -49.87 100.37
CA ILE G 138 -22.72 -49.70 99.64
C ILE G 138 -22.39 -48.21 99.55
N VAL G 139 -21.12 -47.85 99.85
CA VAL G 139 -20.61 -46.47 99.81
C VAL G 139 -20.72 -45.82 98.43
N GLN G 140 -21.20 -44.56 98.39
CA GLN G 140 -21.37 -43.79 97.16
C GLN G 140 -20.08 -43.01 96.86
N THR G 141 -19.26 -43.55 95.95
CA THR G 141 -17.97 -42.98 95.55
C THR G 141 -18.16 -41.77 94.64
N SER G 142 -17.49 -40.64 94.97
CA SER G 142 -17.53 -39.41 94.20
C SER G 142 -16.12 -39.01 93.76
N THR G 143 -15.69 -39.55 92.61
CA THR G 143 -14.37 -39.32 92.03
C THR G 143 -14.30 -37.91 91.44
N LEU G 144 -13.40 -37.06 91.98
CA LEU G 144 -13.21 -35.68 91.55
C LEU G 144 -11.73 -35.34 91.33
N ASP G 145 -11.45 -34.32 90.49
CA ASP G 145 -10.08 -33.91 90.16
C ASP G 145 -9.51 -32.90 91.18
N SER G 146 -10.22 -31.76 91.41
CA SER G 146 -9.80 -30.73 92.36
C SER G 146 -11.01 -30.05 93.00
N ILE G 147 -10.93 -29.75 94.31
CA ILE G 147 -12.02 -29.11 95.05
C ILE G 147 -11.61 -27.78 95.71
N SER G 148 -12.38 -26.72 95.44
CA SER G 148 -12.23 -25.40 96.04
C SER G 148 -13.42 -25.26 97.00
N VAL G 149 -13.15 -25.44 98.31
CA VAL G 149 -14.18 -25.45 99.34
C VAL G 149 -13.95 -24.43 100.48
N ASN G 150 -15.05 -23.97 101.11
CA ASN G 150 -14.99 -23.05 102.25
C ASN G 150 -14.82 -23.82 103.55
N ASP G 151 -15.82 -24.67 103.90
CA ASP G 151 -15.78 -25.48 105.13
C ASP G 151 -16.11 -26.95 104.88
N MET G 152 -15.56 -27.86 105.72
CA MET G 152 -15.76 -29.30 105.60
C MET G 152 -15.92 -29.98 106.96
N THR G 153 -16.71 -31.08 107.00
CA THR G 153 -16.96 -31.89 108.20
C THR G 153 -16.77 -33.37 107.83
N VAL G 154 -15.82 -34.04 108.49
CA VAL G 154 -15.47 -35.44 108.25
C VAL G 154 -15.89 -36.29 109.47
N SER G 155 -16.71 -37.31 109.23
CA SER G 155 -17.19 -38.22 110.29
C SER G 155 -16.33 -39.47 110.46
N GLY G 156 -15.64 -39.88 109.38
CA GLY G 156 -14.77 -41.05 109.38
C GLY G 156 -13.31 -40.67 109.52
N SER G 157 -12.59 -40.53 108.37
CA SER G 157 -11.16 -40.17 108.30
C SER G 157 -10.72 -39.70 106.91
N ILE G 158 -9.55 -39.04 106.86
CA ILE G 158 -8.92 -38.52 105.63
C ILE G 158 -7.60 -39.27 105.38
N ASP G 159 -7.40 -39.78 104.15
CA ASP G 159 -6.18 -40.48 103.78
C ASP G 159 -5.25 -39.54 102.98
N VAL G 160 -4.26 -38.96 103.66
CA VAL G 160 -3.27 -38.06 103.08
C VAL G 160 -1.98 -38.83 102.72
N PRO G 161 -1.24 -38.47 101.63
CA PRO G 161 -0.04 -39.23 101.28
C PRO G 161 1.06 -39.19 102.34
N VAL G 162 1.57 -40.37 102.69
CA VAL G 162 2.61 -40.57 103.71
C VAL G 162 3.96 -40.89 103.06
N GLN G 163 5.04 -40.32 103.61
CA GLN G 163 6.42 -40.52 103.16
C GLN G 163 7.35 -40.79 104.35
N THR G 164 8.11 -41.89 104.30
CA THR G 164 9.06 -42.27 105.36
C THR G 164 10.51 -42.10 104.93
N LEU G 165 11.37 -41.71 105.88
CA LEU G 165 12.80 -41.48 105.66
C LEU G 165 13.62 -41.80 106.91
N THR G 166 14.78 -42.44 106.73
CA THR G 166 15.70 -42.79 107.82
C THR G 166 17.12 -42.33 107.46
N VAL G 167 17.45 -41.08 107.86
CA VAL G 167 18.76 -40.46 107.60
C VAL G 167 19.72 -40.66 108.78
N GLU G 168 20.90 -41.22 108.48
CA GLU G 168 21.96 -41.44 109.47
C GLU G 168 22.77 -40.14 109.53
N ALA G 169 22.38 -39.24 110.46
CA ALA G 169 22.96 -37.91 110.68
C ALA G 169 24.48 -37.91 110.94
N GLY G 170 24.98 -39.00 111.51
CA GLY G 170 26.40 -39.16 111.82
C GLY G 170 26.70 -39.10 113.30
N ASN G 171 27.98 -39.38 113.66
CA ASN G 171 28.50 -39.42 115.04
C ASN G 171 27.80 -40.45 115.95
N GLY G 172 26.83 -41.17 115.38
CA GLY G 172 26.05 -42.20 116.07
C GLY G 172 24.57 -41.89 116.19
N LEU G 173 24.09 -40.83 115.49
CA LEU G 173 22.69 -40.40 115.52
C LEU G 173 21.89 -40.91 114.31
N GLN G 174 20.67 -41.41 114.57
CA GLN G 174 19.73 -41.91 113.57
C GLN G 174 18.40 -41.16 113.72
N LEU G 175 17.82 -40.73 112.60
CA LEU G 175 16.54 -39.99 112.58
C LEU G 175 15.50 -40.73 111.77
N GLN G 176 14.27 -40.88 112.33
CA GLN G 176 13.15 -41.53 111.65
C GLN G 176 12.07 -40.49 111.37
N LEU G 177 12.00 -40.03 110.11
CA LEU G 177 11.07 -38.99 109.65
C LEU G 177 9.83 -39.60 108.99
N THR G 178 8.65 -39.00 109.26
CA THR G 178 7.36 -39.41 108.70
C THR G 178 6.60 -38.15 108.24
N LYS G 179 6.58 -37.90 106.92
CA LYS G 179 5.94 -36.74 106.29
C LYS G 179 4.55 -37.08 105.73
N LYS G 180 3.52 -36.36 106.19
CA LYS G 180 2.14 -36.55 105.74
C LYS G 180 1.60 -35.24 105.16
N ASN G 181 0.97 -35.34 103.96
CA ASN G 181 0.40 -34.22 103.18
C ASN G 181 1.47 -33.17 102.77
N ASN G 182 2.74 -33.62 102.62
CA ASN G 182 3.92 -32.83 102.25
C ASN G 182 4.17 -31.58 103.12
N ASP G 183 3.74 -31.62 104.40
CA ASP G 183 3.89 -30.51 105.32
C ASP G 183 4.38 -30.89 106.73
N LEU G 184 3.54 -31.62 107.51
CA LEU G 184 3.88 -32.03 108.87
C LEU G 184 4.78 -33.26 108.90
N VAL G 185 5.93 -33.16 109.59
CA VAL G 185 6.92 -34.22 109.73
C VAL G 185 7.24 -34.44 111.21
N ILE G 186 7.19 -35.71 111.67
CA ILE G 186 7.54 -36.07 113.04
C ILE G 186 8.84 -36.87 113.02
N VAL G 187 9.91 -36.26 113.57
CA VAL G 187 11.25 -36.83 113.63
C VAL G 187 11.41 -37.65 114.92
N ARG G 188 11.82 -38.92 114.77
CA ARG G 188 12.04 -39.85 115.88
C ARG G 188 13.55 -40.09 116.05
N PHE G 189 14.08 -39.74 117.25
CA PHE G 189 15.51 -39.89 117.57
C PHE G 189 15.87 -41.33 117.95
N PHE G 190 16.97 -41.84 117.35
CA PHE G 190 17.51 -43.19 117.61
C PHE G 190 19.05 -43.23 117.54
N GLY G 191 19.63 -44.28 118.11
CA GLY G 191 21.08 -44.49 118.14
C GLY G 191 21.73 -44.01 119.42
N SER G 192 23.04 -43.68 119.33
CA SER G 192 23.86 -43.19 120.44
C SER G 192 24.98 -42.28 119.92
N VAL G 193 24.86 -40.97 120.15
CA VAL G 193 25.83 -39.96 119.68
C VAL G 193 27.15 -39.92 120.50
N SER G 194 28.30 -39.80 119.79
CA SER G 194 29.64 -39.74 120.36
C SER G 194 30.58 -38.89 119.50
N ASN G 195 31.54 -38.19 120.16
CA ASN G 195 32.56 -37.32 119.55
C ASN G 195 31.96 -36.15 118.72
N ILE G 196 31.31 -35.20 119.43
CA ILE G 196 30.67 -34.02 118.83
C ILE G 196 30.72 -32.79 119.75
N GLN G 197 30.87 -31.59 119.16
CA GLN G 197 30.92 -30.30 119.86
C GLN G 197 29.71 -29.42 119.51
N LYS G 198 29.44 -28.39 120.33
CA LYS G 198 28.33 -27.44 120.13
C LYS G 198 28.55 -26.53 118.92
N GLY G 199 27.55 -26.44 118.06
CA GLY G 199 27.58 -25.63 116.84
C GLY G 199 28.26 -26.30 115.66
N TRP G 200 28.73 -27.54 115.84
CA TRP G 200 29.42 -28.32 114.81
C TRP G 200 28.46 -29.17 113.98
N ASN G 201 28.66 -29.17 112.65
CA ASN G 201 27.85 -29.92 111.69
C ASN G 201 28.12 -31.42 111.85
N MET G 202 27.06 -32.23 111.72
CA MET G 202 27.14 -33.69 111.90
C MET G 202 27.67 -34.43 110.67
N SER G 203 28.74 -35.21 110.88
CA SER G 203 29.53 -35.99 109.92
C SER G 203 28.81 -36.79 108.81
N GLY G 204 27.75 -37.51 109.19
CA GLY G 204 27.01 -38.38 108.27
C GLY G 204 26.13 -37.74 107.22
N THR G 205 25.15 -38.52 106.74
CA THR G 205 24.17 -38.19 105.69
C THR G 205 23.34 -36.95 106.01
N TRP G 206 22.99 -36.17 104.98
CA TRP G 206 22.17 -34.97 105.05
C TRP G 206 20.71 -35.31 104.74
N VAL G 207 19.77 -34.45 105.19
CA VAL G 207 18.32 -34.62 105.00
C VAL G 207 17.95 -34.43 103.52
N ASP G 208 17.18 -35.39 102.96
CA ASP G 208 16.71 -35.39 101.57
C ASP G 208 15.81 -34.20 101.26
N ARG G 209 15.86 -33.73 100.00
CA ARG G 209 15.08 -32.59 99.48
C ARG G 209 13.55 -32.61 99.78
N PRO G 210 12.79 -33.74 99.66
CA PRO G 210 11.35 -33.68 99.99
C PRO G 210 11.05 -33.51 101.48
N PHE G 211 12.05 -33.69 102.34
CA PHE G 211 11.95 -33.58 103.80
C PHE G 211 12.60 -32.32 104.38
N ARG G 212 13.32 -31.54 103.54
CA ARG G 212 13.99 -30.30 103.94
C ARG G 212 12.98 -29.18 104.25
N PRO G 213 13.13 -28.45 105.39
CA PRO G 213 12.17 -27.36 105.68
C PRO G 213 12.54 -26.03 105.03
N ALA G 214 11.61 -25.05 105.06
CA ALA G 214 11.82 -23.71 104.49
C ALA G 214 12.80 -22.89 105.32
N ALA G 215 12.70 -23.01 106.67
CA ALA G 215 13.56 -22.32 107.62
C ALA G 215 14.20 -23.33 108.57
N VAL G 216 15.24 -22.89 109.32
CA VAL G 216 15.96 -23.73 110.28
C VAL G 216 15.04 -24.16 111.44
N GLN G 217 14.82 -25.49 111.57
CA GLN G 217 13.94 -26.06 112.59
C GLN G 217 14.73 -26.64 113.77
N SER G 218 14.52 -26.04 114.96
CA SER G 218 15.17 -26.45 116.20
C SER G 218 14.32 -27.57 116.83
N LEU G 219 14.84 -28.81 116.83
CA LEU G 219 14.14 -29.97 117.39
C LEU G 219 14.82 -30.55 118.60
N VAL G 220 14.09 -30.58 119.74
CA VAL G 220 14.57 -31.06 121.05
C VAL G 220 14.43 -32.58 121.20
N GLY G 221 15.49 -33.19 121.71
CA GLY G 221 15.59 -34.62 122.02
C GLY G 221 15.98 -34.84 123.47
N HIS G 222 16.13 -36.11 123.88
CA HIS G 222 16.49 -36.45 125.27
C HIS G 222 17.45 -37.64 125.37
N PHE G 223 18.39 -37.59 126.33
CA PHE G 223 19.35 -38.67 126.59
C PHE G 223 18.71 -39.68 127.55
N ALA G 224 18.46 -40.90 127.05
CA ALA G 224 17.81 -42.01 127.78
C ALA G 224 18.53 -42.39 129.07
N GLY G 225 17.76 -42.43 130.16
CA GLY G 225 18.25 -42.77 131.50
C GLY G 225 18.85 -41.63 132.28
N ARG G 226 18.85 -40.41 131.70
CA ARG G 226 19.41 -39.20 132.31
C ARG G 226 18.36 -38.09 132.44
N ASP G 227 18.79 -36.91 132.92
CA ASP G 227 17.96 -35.71 133.04
C ASP G 227 18.52 -34.57 132.17
N THR G 228 19.45 -34.94 131.26
CA THR G 228 20.12 -34.06 130.31
C THR G 228 19.39 -34.10 128.96
N SER G 229 19.34 -32.95 128.27
CA SER G 229 18.66 -32.83 126.96
C SER G 229 19.56 -32.23 125.87
N PHE G 230 19.12 -32.34 124.61
CA PHE G 230 19.83 -31.82 123.43
C PHE G 230 18.86 -31.30 122.37
N HIS G 231 19.38 -30.55 121.39
CA HIS G 231 18.60 -30.04 120.26
C HIS G 231 19.44 -29.95 118.99
N ILE G 232 18.84 -30.31 117.84
CA ILE G 232 19.50 -30.29 116.53
C ILE G 232 18.82 -29.37 115.54
N ASP G 233 19.61 -28.50 114.90
CA ASP G 233 19.13 -27.53 113.92
C ASP G 233 19.15 -28.09 112.50
N ILE G 234 17.97 -28.40 111.94
CA ILE G 234 17.83 -28.90 110.57
C ILE G 234 17.67 -27.69 109.65
N ASN G 235 18.80 -27.23 109.08
CA ASN G 235 18.90 -26.08 108.19
C ASN G 235 18.19 -26.35 106.85
N PRO G 236 17.78 -25.32 106.06
CA PRO G 236 17.08 -25.59 104.78
C PRO G 236 17.84 -26.38 103.73
N ASN G 237 19.19 -26.42 103.81
CA ASN G 237 20.05 -27.16 102.87
C ASN G 237 20.18 -28.66 103.18
N GLY G 238 19.53 -29.11 104.24
CA GLY G 238 19.53 -30.51 104.67
C GLY G 238 20.55 -30.84 105.75
N SER G 239 21.44 -29.88 106.05
CA SER G 239 22.50 -30.04 107.06
C SER G 239 21.94 -30.06 108.48
N ILE G 240 22.42 -31.02 109.30
CA ILE G 240 22.00 -31.18 110.69
C ILE G 240 23.14 -30.67 111.59
N THR G 241 22.91 -29.51 112.24
CA THR G 241 23.89 -28.90 113.14
C THR G 241 23.56 -29.22 114.59
N TRP G 242 24.53 -29.82 115.31
CA TRP G 242 24.41 -30.20 116.72
C TRP G 242 24.42 -28.95 117.61
N TRP G 243 23.53 -28.90 118.62
CA TRP G 243 23.45 -27.78 119.55
C TRP G 243 23.26 -28.16 121.03
N GLY G 244 23.77 -29.33 121.39
CA GLY G 244 23.77 -29.83 122.76
C GLY G 244 25.13 -29.63 123.39
N ALA G 245 25.38 -30.22 124.56
CA ALA G 245 26.69 -30.10 125.22
C ALA G 245 27.71 -31.02 124.55
N ASN G 246 29.01 -30.65 124.61
CA ASN G 246 30.11 -31.40 124.00
C ASN G 246 30.19 -32.83 124.52
N ILE G 247 30.10 -33.80 123.59
CA ILE G 247 30.12 -35.24 123.91
C ILE G 247 31.45 -35.88 123.52
N ASP G 248 32.03 -36.64 124.46
CA ASP G 248 33.29 -37.35 124.30
C ASP G 248 33.14 -38.72 123.60
N LYS G 249 34.14 -39.57 123.75
CA LYS G 249 34.22 -40.91 123.14
C LYS G 249 33.12 -41.88 123.57
N THR G 250 32.57 -41.73 124.80
CA THR G 250 31.52 -42.58 125.34
C THR G 250 30.16 -42.24 124.68
N PRO G 251 29.47 -43.22 124.03
CA PRO G 251 28.18 -42.90 123.40
C PRO G 251 26.98 -42.98 124.33
N ILE G 252 26.10 -41.96 124.26
CA ILE G 252 24.89 -41.86 125.09
C ILE G 252 23.65 -42.01 124.18
N ALA G 253 22.73 -42.92 124.57
CA ALA G 253 21.48 -43.21 123.85
C ALA G 253 20.58 -41.98 123.71
N THR G 254 20.22 -41.64 122.45
CA THR G 254 19.39 -40.48 122.11
C THR G 254 18.01 -40.90 121.61
N ARG G 255 16.95 -40.44 122.30
CA ARG G 255 15.55 -40.74 121.98
C ARG G 255 14.68 -39.49 122.11
N GLY G 256 13.63 -39.40 121.29
CA GLY G 256 12.69 -38.28 121.33
C GLY G 256 11.88 -38.06 120.07
N ASN G 257 10.81 -37.25 120.19
CA ASN G 257 9.91 -36.89 119.09
C ASN G 257 9.86 -35.37 118.91
N GLY G 258 10.03 -34.94 117.66
CA GLY G 258 10.02 -33.53 117.28
C GLY G 258 9.22 -33.26 116.01
N SER G 259 8.26 -32.33 116.10
CA SER G 259 7.39 -31.95 114.98
C SER G 259 7.76 -30.60 114.38
N TYR G 260 7.65 -30.47 113.05
CA TYR G 260 7.93 -29.24 112.30
C TYR G 260 7.14 -29.17 110.98
N PHE G 261 6.92 -27.93 110.49
CA PHE G 261 6.24 -27.68 109.21
C PHE G 261 7.26 -27.33 108.14
N ILE G 262 7.13 -27.94 106.94
CA ILE G 262 8.01 -27.66 105.80
C ILE G 262 7.57 -26.32 105.19
N LYS G 263 6.28 -26.23 104.80
CA LYS G 263 5.66 -25.06 104.18
C LYS G 263 5.52 -23.90 105.16
N THR H 1 -15.29 69.46 64.62
CA THR H 1 -16.72 69.11 64.64
C THR H 1 -17.05 68.16 65.79
N ILE H 2 -18.27 68.30 66.35
CA ILE H 2 -18.74 67.45 67.45
C ILE H 2 -19.80 66.49 66.96
N LYS H 3 -19.54 65.19 67.15
CA LYS H 3 -20.45 64.11 66.76
C LYS H 3 -21.15 63.60 68.01
N ASN H 4 -22.48 63.74 68.05
CA ASN H 4 -23.34 63.40 69.17
C ASN H 4 -24.01 62.05 68.96
N PHE H 5 -23.94 61.16 69.97
CA PHE H 5 -24.48 59.81 69.88
C PHE H 5 -25.64 59.53 70.82
N THR H 6 -25.42 59.63 72.15
CA THR H 6 -26.46 59.36 73.17
C THR H 6 -27.44 60.53 73.29
N PHE H 7 -28.10 60.89 72.17
CA PHE H 7 -29.03 62.02 72.10
C PHE H 7 -30.20 61.67 71.19
N PHE H 8 -31.36 62.27 71.44
CA PHE H 8 -32.52 61.98 70.61
C PHE H 8 -32.45 62.60 69.23
N SER H 9 -32.94 61.86 68.22
CA SER H 9 -32.98 62.26 66.81
C SER H 9 -34.41 62.69 66.50
N PRO H 10 -34.69 64.02 66.44
CA PRO H 10 -36.06 64.50 66.18
C PRO H 10 -36.73 63.96 64.93
N ASN H 11 -35.96 63.76 63.86
CA ASN H 11 -36.47 63.24 62.59
C ASN H 11 -35.94 61.83 62.30
N SER H 12 -35.55 61.11 63.37
CA SER H 12 -35.04 59.73 63.39
C SER H 12 -33.78 59.50 62.51
N THR H 13 -33.07 60.58 62.14
CA THR H 13 -31.90 60.49 61.25
C THR H 13 -30.65 61.22 61.76
N GLU H 14 -30.82 62.21 62.66
CA GLU H 14 -29.76 63.07 63.19
C GLU H 14 -28.55 62.41 63.82
N PHE H 15 -28.76 61.53 64.82
CA PHE H 15 -27.64 60.90 65.53
C PHE H 15 -27.60 59.37 65.49
N PRO H 16 -27.19 58.75 64.35
CA PRO H 16 -27.10 57.29 64.33
C PRO H 16 -25.87 56.79 65.10
N VAL H 17 -26.05 55.72 65.86
CA VAL H 17 -24.94 55.18 66.64
C VAL H 17 -24.29 53.95 65.99
N GLY H 18 -23.02 54.11 65.60
CA GLY H 18 -22.25 53.07 64.96
C GLY H 18 -21.68 52.06 65.92
N SER H 19 -21.30 50.88 65.42
CA SER H 19 -20.73 49.83 66.24
C SER H 19 -19.37 50.23 66.83
N ASN H 20 -18.58 51.05 66.10
CA ASN H 20 -17.28 51.53 66.57
C ASN H 20 -17.45 52.58 67.67
N ASN H 21 -18.53 53.38 67.61
CA ASN H 21 -18.85 54.40 68.61
C ASN H 21 -19.26 53.72 69.91
N ASP H 22 -20.06 52.66 69.81
CA ASP H 22 -20.44 51.89 70.99
C ASP H 22 -19.24 51.12 71.55
N GLY H 23 -18.37 50.62 70.66
CA GLY H 23 -17.13 49.96 71.03
C GLY H 23 -16.28 50.87 71.91
N LYS H 24 -16.04 52.11 71.46
CA LYS H 24 -15.26 53.09 72.22
C LYS H 24 -15.93 53.45 73.54
N LEU H 25 -17.27 53.64 73.52
CA LEU H 25 -18.06 53.92 74.71
C LEU H 25 -17.86 52.80 75.73
N TYR H 26 -18.03 51.53 75.32
CA TYR H 26 -17.89 50.38 76.22
C TYR H 26 -16.51 50.26 76.80
N MET H 27 -15.47 50.50 75.97
CA MET H 27 -14.07 50.48 76.41
C MET H 27 -13.85 51.51 77.51
N MET H 28 -14.42 52.71 77.33
CA MET H 28 -14.30 53.80 78.29
C MET H 28 -15.04 53.54 79.59
N LEU H 29 -16.23 52.93 79.52
CA LEU H 29 -17.03 52.60 80.71
C LEU H 29 -16.33 51.58 81.60
N THR H 30 -15.75 50.54 81.00
CA THR H 30 -15.08 49.47 81.75
C THR H 30 -13.60 49.72 82.06
N GLY H 31 -13.01 50.68 81.34
CA GLY H 31 -11.60 51.01 81.51
C GLY H 31 -10.70 49.96 80.90
N MET H 32 -10.92 49.63 79.63
CA MET H 32 -10.10 48.65 78.93
C MET H 32 -9.42 49.28 77.71
N ASP H 33 -8.22 48.77 77.37
CA ASP H 33 -7.52 49.20 76.17
C ASP H 33 -7.63 48.05 75.15
N TYR H 34 -6.90 48.13 74.03
CA TYR H 34 -6.95 47.09 73.01
C TYR H 34 -6.07 45.88 73.34
N ARG H 35 -5.38 45.90 74.49
CA ARG H 35 -4.48 44.82 74.90
C ARG H 35 -5.03 43.92 76.01
N THR H 36 -6.33 44.08 76.32
CA THR H 36 -7.01 43.28 77.33
C THR H 36 -8.41 42.88 76.84
N ILE H 37 -9.11 42.12 77.67
CA ILE H 37 -10.47 41.65 77.38
C ILE H 37 -11.32 41.72 78.63
N ARG H 38 -12.61 41.45 78.44
CA ARG H 38 -13.59 41.15 79.48
C ARG H 38 -14.04 39.78 79.02
N ARG H 39 -14.03 38.80 79.94
CA ARG H 39 -14.35 37.43 79.61
C ARG H 39 -15.12 36.76 80.73
N LYS H 40 -16.14 35.98 80.37
CA LYS H 40 -16.91 35.24 81.36
C LYS H 40 -17.34 33.90 80.81
N ASP H 41 -16.96 32.81 81.49
CA ASP H 41 -17.40 31.47 81.16
C ASP H 41 -18.69 31.25 81.94
N TRP H 42 -19.84 31.36 81.27
CA TRP H 42 -21.14 31.15 81.91
C TRP H 42 -21.29 29.67 82.27
N SER H 43 -20.70 28.80 81.43
CA SER H 43 -20.55 27.37 81.63
C SER H 43 -19.09 27.00 81.31
N SER H 44 -18.58 25.97 81.97
CA SER H 44 -17.19 25.55 81.81
C SER H 44 -16.85 25.06 80.41
N PRO H 45 -15.71 25.54 79.82
CA PRO H 45 -15.27 24.97 78.53
C PRO H 45 -14.93 23.50 78.72
N LEU H 46 -15.10 22.69 77.65
CA LEU H 46 -14.84 21.25 77.73
C LEU H 46 -13.66 20.83 76.88
N ASN H 47 -12.75 20.07 77.48
CA ASN H 47 -11.54 19.58 76.82
C ASN H 47 -11.76 18.15 76.34
N THR H 48 -11.53 17.93 75.05
CA THR H 48 -11.67 16.62 74.40
C THR H 48 -10.47 16.45 73.49
N ALA H 49 -9.56 15.48 73.82
CA ALA H 49 -8.30 15.25 73.12
C ALA H 49 -7.54 16.59 73.02
N LEU H 50 -6.99 16.94 71.85
CA LEU H 50 -6.28 18.21 71.67
C LEU H 50 -7.22 19.30 71.14
N ASN H 51 -8.29 19.56 71.90
CA ASN H 51 -9.33 20.56 71.57
C ASN H 51 -9.95 21.14 72.83
N VAL H 52 -10.34 22.41 72.76
CA VAL H 52 -11.07 23.10 73.83
C VAL H 52 -12.38 23.59 73.23
N GLN H 53 -13.50 23.19 73.83
CA GLN H 53 -14.82 23.61 73.39
C GLN H 53 -15.34 24.66 74.34
N TYR H 54 -15.51 25.90 73.86
CA TYR H 54 -16.10 26.97 74.65
C TYR H 54 -17.60 26.78 74.54
N THR H 55 -18.21 26.31 75.63
CA THR H 55 -19.63 25.97 75.69
C THR H 55 -20.51 27.21 75.69
N ASN H 56 -20.20 28.16 76.56
CA ASN H 56 -20.90 29.44 76.66
C ASN H 56 -19.98 30.45 77.33
N THR H 57 -19.17 31.13 76.52
CA THR H 57 -18.25 32.15 76.96
C THR H 57 -18.54 33.47 76.25
N SER H 58 -18.64 34.56 77.01
CA SER H 58 -18.83 35.88 76.43
C SER H 58 -17.50 36.61 76.52
N ILE H 59 -17.17 37.35 75.47
CA ILE H 59 -15.93 38.13 75.41
C ILE H 59 -16.21 39.53 74.90
N ILE H 60 -15.51 40.52 75.46
CA ILE H 60 -15.50 41.89 75.01
C ILE H 60 -14.05 42.16 74.63
N ALA H 61 -13.81 42.43 73.34
CA ALA H 61 -12.47 42.73 72.82
C ALA H 61 -12.62 43.97 71.95
N GLY H 62 -11.86 45.02 72.29
CA GLY H 62 -11.94 46.31 71.61
C GLY H 62 -13.33 46.93 71.71
N GLY H 63 -14.00 46.68 72.83
CA GLY H 63 -15.35 47.13 73.11
C GLY H 63 -16.44 46.40 72.35
N ARG H 64 -16.07 45.34 71.63
CA ARG H 64 -17.00 44.54 70.83
C ARG H 64 -17.38 43.29 71.59
N TYR H 65 -18.70 43.09 71.78
CA TYR H 65 -19.25 41.94 72.49
C TYR H 65 -19.60 40.82 71.53
N PHE H 66 -19.21 39.60 71.90
CA PHE H 66 -19.52 38.39 71.15
C PHE H 66 -19.58 37.19 72.07
N GLU H 67 -20.26 36.14 71.62
CA GLU H 67 -20.44 34.91 72.40
C GLU H 67 -19.91 33.70 71.69
N LEU H 68 -19.24 32.83 72.44
CA LEU H 68 -18.71 31.57 71.94
C LEU H 68 -19.65 30.50 72.44
N LEU H 69 -20.47 29.96 71.53
CA LEU H 69 -21.46 28.94 71.87
C LEU H 69 -21.12 27.66 71.16
N ASN H 70 -20.59 26.68 71.92
CA ASN H 70 -20.08 25.40 71.42
C ASN H 70 -19.10 25.62 70.27
N GLU H 71 -18.08 26.44 70.55
CA GLU H 71 -17.03 26.81 69.61
C GLU H 71 -15.74 26.08 70.01
N THR H 72 -15.30 25.15 69.15
CA THR H 72 -14.11 24.33 69.39
C THR H 72 -12.86 24.88 68.72
N VAL H 73 -11.76 24.92 69.47
CA VAL H 73 -10.45 25.36 69.00
C VAL H 73 -9.51 24.15 69.06
N ALA H 74 -8.90 23.80 67.91
CA ALA H 74 -7.94 22.70 67.82
C ALA H 74 -6.59 23.15 68.39
N LEU H 75 -5.94 22.28 69.16
CA LEU H 75 -4.68 22.59 69.85
C LEU H 75 -3.49 21.79 69.35
N LYS H 76 -2.29 22.35 69.57
CA LYS H 76 -1.02 21.72 69.27
C LYS H 76 -0.65 20.88 70.49
N GLY H 77 -0.19 19.65 70.25
CA GLY H 77 0.20 18.73 71.32
C GLY H 77 1.53 19.11 71.96
N ASP H 78 1.70 18.75 73.26
CA ASP H 78 2.90 19.01 74.08
C ASP H 78 3.35 20.46 73.95
N SER H 79 2.38 21.37 74.05
CA SER H 79 2.62 22.79 73.84
C SER H 79 1.78 23.67 74.72
N VAL H 80 2.20 24.94 74.83
CA VAL H 80 1.46 25.98 75.54
C VAL H 80 0.74 26.74 74.41
N ASN H 81 -0.60 26.60 74.36
CA ASN H 81 -1.43 27.21 73.34
C ASN H 81 -2.01 28.52 73.83
N TYR H 82 -1.74 29.60 73.09
CA TYR H 82 -2.26 30.92 73.41
C TYR H 82 -3.50 31.14 72.54
N ILE H 83 -4.67 31.15 73.18
CA ILE H 83 -5.96 31.29 72.49
C ILE H 83 -6.26 32.75 72.26
N HIS H 84 -6.43 33.13 71.00
CA HIS H 84 -6.69 34.51 70.59
C HIS H 84 -8.05 34.70 69.99
N ALA H 85 -8.62 35.88 70.23
CA ALA H 85 -9.83 36.35 69.57
C ALA H 85 -9.30 37.31 68.51
N ASN H 86 -9.66 37.09 67.25
CA ASN H 86 -9.19 37.92 66.13
C ASN H 86 -10.37 38.61 65.49
N ILE H 87 -10.33 39.94 65.43
CA ILE H 87 -11.41 40.74 64.87
C ILE H 87 -10.99 41.46 63.60
N ASP H 88 -11.64 41.11 62.48
CA ASP H 88 -11.39 41.71 61.18
C ASP H 88 -12.72 42.24 60.68
N LEU H 89 -12.90 43.56 60.76
CA LEU H 89 -14.15 44.23 60.39
C LEU H 89 -14.49 44.17 58.91
N THR H 90 -13.49 43.88 58.05
CA THR H 90 -13.69 43.77 56.61
C THR H 90 -14.42 42.46 56.26
N GLN H 91 -14.29 41.46 57.15
CA GLN H 91 -14.98 40.17 57.03
C GLN H 91 -16.38 40.37 57.61
N THR H 92 -17.22 41.12 56.88
CA THR H 92 -18.58 41.51 57.23
C THR H 92 -19.47 40.40 57.81
N ALA H 93 -19.47 39.21 57.18
CA ALA H 93 -20.29 38.08 57.61
C ALA H 93 -19.76 37.36 58.86
N ASN H 94 -18.43 37.26 59.01
CA ASN H 94 -17.78 36.60 60.16
C ASN H 94 -16.60 37.44 60.65
N PRO H 95 -16.85 38.56 61.39
CA PRO H 95 -15.73 39.43 61.81
C PRO H 95 -14.82 38.85 62.87
N VAL H 96 -15.32 37.88 63.66
CA VAL H 96 -14.57 37.26 64.74
C VAL H 96 -14.21 35.80 64.45
N SER H 97 -12.96 35.43 64.78
CA SER H 97 -12.43 34.08 64.66
C SER H 97 -11.48 33.80 65.81
N LEU H 98 -11.33 32.52 66.16
CA LEU H 98 -10.42 32.10 67.24
C LEU H 98 -9.22 31.36 66.68
N SER H 99 -8.06 31.51 67.33
CA SER H 99 -6.85 30.81 66.92
C SER H 99 -6.09 30.33 68.14
N ALA H 100 -5.32 29.24 67.99
CA ALA H 100 -4.44 28.69 69.02
C ALA H 100 -3.03 28.92 68.48
N GLU H 101 -2.26 29.74 69.20
CA GLU H 101 -0.93 30.14 68.74
C GLU H 101 0.19 29.78 69.70
N THR H 102 1.41 29.73 69.18
CA THR H 102 2.63 29.35 69.91
C THR H 102 3.13 30.42 70.89
N ALA H 103 2.65 31.67 70.75
CA ALA H 103 3.04 32.79 71.60
C ALA H 103 1.87 33.75 71.80
N ASN H 104 1.99 34.68 72.77
CA ASN H 104 0.97 35.70 72.97
C ASN H 104 1.25 36.77 71.92
N ASN H 105 0.43 36.78 70.87
CA ASN H 105 0.56 37.67 69.72
C ASN H 105 -0.44 38.82 69.71
N SER H 106 -0.89 39.27 70.91
CA SER H 106 -1.80 40.40 71.05
C SER H 106 -1.12 41.63 70.42
N ASN H 107 -1.82 42.32 69.51
CA ASN H 107 -1.25 43.43 68.74
C ASN H 107 -1.70 44.85 69.07
N GLY H 108 -2.73 44.97 69.90
CA GLY H 108 -3.30 46.26 70.33
C GLY H 108 -3.81 47.17 69.22
N VAL H 109 -4.23 46.59 68.08
CA VAL H 109 -4.72 47.33 66.93
C VAL H 109 -6.05 48.05 67.23
N ASP H 110 -6.09 49.38 67.00
CA ASP H 110 -7.27 50.22 67.23
C ASP H 110 -8.27 50.04 66.09
N ILE H 111 -9.17 49.06 66.25
CA ILE H 111 -10.20 48.74 65.25
C ILE H 111 -11.38 49.72 65.22
N ASN H 112 -11.53 50.55 66.24
CA ASN H 112 -12.64 51.49 66.30
C ASN H 112 -12.33 52.83 65.64
N ASN H 113 -11.03 53.13 65.43
CA ASN H 113 -10.57 54.37 64.81
C ASN H 113 -9.84 54.19 63.49
N GLY H 114 -9.30 53.00 63.25
CA GLY H 114 -8.55 52.71 62.04
C GLY H 114 -8.73 51.31 61.49
N SER H 115 -7.95 50.99 60.45
CA SER H 115 -7.96 49.70 59.78
C SER H 115 -7.02 48.72 60.48
N GLY H 116 -7.15 47.44 60.15
CA GLY H 116 -6.33 46.38 60.70
C GLY H 116 -7.10 45.30 61.43
N VAL H 117 -6.42 44.19 61.73
CA VAL H 117 -7.00 43.07 62.45
C VAL H 117 -6.57 43.15 63.90
N LEU H 118 -7.53 43.14 64.83
CA LEU H 118 -7.22 43.12 66.25
C LEU H 118 -7.03 41.68 66.68
N LYS H 119 -5.90 41.40 67.33
CA LYS H 119 -5.59 40.09 67.88
C LYS H 119 -5.42 40.29 69.37
N VAL H 120 -6.15 39.53 70.18
CA VAL H 120 -6.04 39.62 71.63
C VAL H 120 -6.14 38.23 72.27
N CYS H 121 -5.11 37.87 73.05
CA CYS H 121 -5.06 36.59 73.74
C CYS H 121 -5.94 36.63 74.99
N PHE H 122 -6.78 35.60 75.21
CA PHE H 122 -7.65 35.54 76.38
C PHE H 122 -7.51 34.27 77.23
N ASP H 123 -6.88 33.22 76.67
CA ASP H 123 -6.69 31.95 77.38
C ASP H 123 -5.36 31.32 77.07
N ILE H 124 -4.80 30.58 78.04
CA ILE H 124 -3.55 29.83 77.88
C ILE H 124 -3.88 28.38 78.20
N VAL H 125 -3.81 27.51 77.19
CA VAL H 125 -4.13 26.10 77.33
C VAL H 125 -2.88 25.24 77.10
N THR H 126 -2.43 24.55 78.15
CA THR H 126 -1.26 23.67 78.08
C THR H 126 -1.69 22.23 77.81
N THR H 127 -0.99 21.57 76.88
CA THR H 127 -1.30 20.20 76.50
C THR H 127 -0.16 19.22 76.75
N SER H 128 -0.51 17.93 76.72
CA SER H 128 0.42 16.82 76.76
C SER H 128 0.34 16.32 75.31
N GLY H 129 0.79 15.09 75.06
CA GLY H 129 0.68 14.52 73.73
C GLY H 129 -0.72 14.03 73.42
N THR H 130 -1.56 13.87 74.47
CA THR H 130 -2.92 13.31 74.38
C THR H 130 -4.10 14.26 74.65
N GLY H 131 -3.88 15.29 75.45
CA GLY H 131 -4.94 16.23 75.80
C GLY H 131 -4.50 17.41 76.64
N VAL H 132 -5.48 18.14 77.17
CA VAL H 132 -5.26 19.34 77.99
C VAL H 132 -4.82 18.95 79.40
N THR H 133 -3.71 19.54 79.87
CA THR H 133 -3.20 19.31 81.23
C THR H 133 -3.59 20.44 82.18
N SER H 134 -3.63 21.70 81.68
CA SER H 134 -4.01 22.87 82.46
C SER H 134 -4.50 24.01 81.59
N THR H 135 -5.31 24.91 82.18
CA THR H 135 -5.83 26.11 81.53
C THR H 135 -5.68 27.28 82.50
N LYS H 136 -5.17 28.40 81.99
CA LYS H 136 -4.99 29.62 82.75
C LYS H 136 -5.56 30.78 81.95
N PRO H 137 -6.49 31.56 82.50
CA PRO H 137 -7.02 32.70 81.74
C PRO H 137 -6.06 33.89 81.75
N ILE H 138 -6.19 34.76 80.74
CA ILE H 138 -5.43 36.00 80.67
C ILE H 138 -6.14 36.98 81.61
N VAL H 139 -5.35 37.80 82.33
CA VAL H 139 -5.82 38.81 83.28
C VAL H 139 -6.68 39.87 82.55
N GLN H 140 -7.79 40.29 83.19
CA GLN H 140 -8.67 41.32 82.68
C GLN H 140 -8.28 42.62 83.38
N THR H 141 -7.64 43.55 82.66
CA THR H 141 -7.14 44.79 83.23
C THR H 141 -8.14 45.94 83.20
N SER H 142 -8.31 46.61 84.36
CA SER H 142 -9.14 47.79 84.51
C SER H 142 -8.21 48.98 84.70
N THR H 143 -8.12 49.86 83.71
CA THR H 143 -7.27 51.05 83.79
C THR H 143 -8.13 52.22 84.22
N LEU H 144 -7.92 52.71 85.45
CA LEU H 144 -8.71 53.79 86.03
C LEU H 144 -7.85 54.96 86.49
N ASP H 145 -8.44 56.15 86.57
CA ASP H 145 -7.74 57.37 86.98
C ASP H 145 -7.75 57.61 88.49
N SER H 146 -8.93 57.59 89.12
CA SER H 146 -9.08 57.88 90.55
C SER H 146 -10.24 57.08 91.07
N ILE H 147 -10.02 56.38 92.19
CA ILE H 147 -11.03 55.54 92.81
C ILE H 147 -11.34 56.03 94.22
N SER H 148 -12.64 56.15 94.53
CA SER H 148 -13.15 56.42 95.85
C SER H 148 -13.89 55.10 96.20
N VAL H 149 -13.43 54.38 97.24
CA VAL H 149 -14.01 53.10 97.64
C VAL H 149 -14.16 53.04 99.17
N ASN H 150 -15.13 52.24 99.65
CA ASN H 150 -15.31 52.04 101.07
C ASN H 150 -14.40 50.91 101.54
N ASP H 151 -14.55 49.72 100.97
CA ASP H 151 -13.73 48.57 101.35
C ASP H 151 -13.22 47.81 100.14
N MET H 152 -12.03 47.19 100.28
CA MET H 152 -11.40 46.42 99.22
C MET H 152 -10.71 45.17 99.78
N THR H 153 -10.83 44.06 99.04
CA THR H 153 -10.15 42.80 99.37
C THR H 153 -9.22 42.46 98.22
N VAL H 154 -7.95 42.23 98.54
CA VAL H 154 -6.90 41.88 97.58
C VAL H 154 -6.44 40.44 97.86
N SER H 155 -6.53 39.56 96.85
CA SER H 155 -6.12 38.16 96.98
C SER H 155 -4.65 37.96 96.59
N GLY H 156 -4.14 38.82 95.71
CA GLY H 156 -2.76 38.80 95.25
C GLY H 156 -1.94 39.84 95.99
N SER H 157 -1.48 40.88 95.27
CA SER H 157 -0.68 41.95 95.90
C SER H 157 -0.97 43.31 95.30
N ILE H 158 -0.67 44.37 96.09
CA ILE H 158 -0.78 45.75 95.64
C ILE H 158 0.65 46.25 95.43
N ASP H 159 0.94 46.78 94.24
CA ASP H 159 2.23 47.36 93.93
C ASP H 159 2.11 48.87 94.06
N VAL H 160 2.84 49.45 95.03
CA VAL H 160 2.85 50.90 95.28
C VAL H 160 4.20 51.51 94.88
N PRO H 161 4.30 52.84 94.59
CA PRO H 161 5.59 53.43 94.23
C PRO H 161 6.64 53.33 95.35
N VAL H 162 7.91 53.13 94.94
CA VAL H 162 9.04 52.98 95.85
C VAL H 162 10.15 53.96 95.45
N GLN H 163 10.71 54.67 96.44
CA GLN H 163 11.83 55.59 96.26
C GLN H 163 12.91 55.21 97.26
N THR H 164 14.18 55.28 96.83
CA THR H 164 15.33 54.97 97.69
C THR H 164 16.29 56.15 97.75
N LEU H 165 17.00 56.29 98.88
CA LEU H 165 17.96 57.35 99.11
C LEU H 165 19.05 56.89 100.06
N THR H 166 20.31 57.15 99.71
CA THR H 166 21.46 56.87 100.56
C THR H 166 21.98 58.22 101.05
N VAL H 167 22.09 58.37 102.37
CA VAL H 167 22.56 59.62 102.97
C VAL H 167 23.87 59.39 103.71
N GLU H 168 24.91 60.17 103.35
CA GLU H 168 26.17 60.17 104.06
C GLU H 168 25.98 61.26 105.10
N ALA H 169 25.37 60.87 106.24
CA ALA H 169 24.97 61.75 107.34
C ALA H 169 26.08 62.54 108.00
N GLY H 170 27.30 62.03 107.90
CA GLY H 170 28.49 62.62 108.51
C GLY H 170 28.95 61.77 109.66
N ASN H 171 30.22 62.01 110.09
CA ASN H 171 30.88 61.29 111.18
C ASN H 171 30.99 59.77 110.92
N GLY H 172 30.86 59.37 109.65
CA GLY H 172 30.95 57.98 109.21
C GLY H 172 29.63 57.24 109.14
N LEU H 173 28.53 57.87 109.61
CA LEU H 173 27.20 57.26 109.58
C LEU H 173 26.58 57.32 108.18
N GLN H 174 26.00 56.20 107.75
CA GLN H 174 25.29 56.10 106.49
C GLN H 174 23.86 55.62 106.74
N LEU H 175 22.88 56.24 106.06
CA LEU H 175 21.49 55.83 106.14
C LEU H 175 21.05 55.39 104.75
N GLN H 176 20.37 54.26 104.65
CA GLN H 176 19.79 53.79 103.40
C GLN H 176 18.28 53.78 103.66
N LEU H 177 17.58 54.75 103.06
CA LEU H 177 16.15 54.95 103.25
C LEU H 177 15.34 54.40 102.08
N THR H 178 14.27 53.67 102.39
CA THR H 178 13.34 53.13 101.41
C THR H 178 11.95 53.63 101.77
N LYS H 179 11.32 54.37 100.86
CA LYS H 179 9.99 54.96 101.07
C LYS H 179 8.98 54.31 100.13
N LYS H 180 7.86 53.85 100.70
CA LYS H 180 6.79 53.21 99.92
C LYS H 180 5.48 53.94 100.11
N ASN H 181 4.70 54.08 99.02
CA ASN H 181 3.42 54.80 98.98
C ASN H 181 3.61 56.30 99.35
N ASN H 182 4.89 56.78 99.31
CA ASN H 182 5.27 58.14 99.63
C ASN H 182 5.02 58.43 101.13
N ASP H 183 4.85 57.37 101.93
CA ASP H 183 4.57 57.54 103.35
C ASP H 183 5.45 56.75 104.31
N LEU H 184 5.45 55.41 104.20
CA LEU H 184 6.22 54.57 105.09
C LEU H 184 7.67 54.50 104.69
N VAL H 185 8.57 54.83 105.63
CA VAL H 185 10.01 54.81 105.41
C VAL H 185 10.67 53.83 106.36
N ILE H 186 11.58 52.99 105.83
CA ILE H 186 12.40 52.10 106.64
C ILE H 186 13.84 52.55 106.39
N VAL H 187 14.52 52.93 107.48
CA VAL H 187 15.91 53.39 107.47
C VAL H 187 16.80 52.23 107.92
N ARG H 188 17.84 51.94 107.13
CA ARG H 188 18.82 50.91 107.45
C ARG H 188 20.14 51.62 107.72
N PHE H 189 20.71 51.41 108.93
CA PHE H 189 21.97 52.05 109.30
C PHE H 189 23.17 51.27 108.82
N PHE H 190 24.19 52.00 108.33
CA PHE H 190 25.47 51.44 107.89
C PHE H 190 26.61 52.38 108.28
N GLY H 191 27.84 51.98 107.97
CA GLY H 191 29.03 52.75 108.29
C GLY H 191 29.49 52.55 109.73
N SER H 192 30.34 53.48 110.20
CA SER H 192 30.91 53.47 111.54
C SER H 192 31.08 54.89 112.04
N VAL H 193 30.54 55.19 113.23
CA VAL H 193 30.55 56.54 113.80
C VAL H 193 31.74 56.82 114.74
N SER H 194 32.29 58.05 114.65
CA SER H 194 33.38 58.55 115.47
C SER H 194 33.33 60.07 115.57
N ASN H 195 33.96 60.64 116.62
CA ASN H 195 34.08 62.09 116.87
C ASN H 195 32.73 62.84 116.86
N ILE H 196 31.81 62.41 117.73
CA ILE H 196 30.48 63.02 117.85
C ILE H 196 30.06 63.12 119.32
N GLN H 197 29.26 64.13 119.66
CA GLN H 197 28.72 64.31 121.01
C GLN H 197 27.21 64.28 120.99
N LYS H 198 26.60 63.90 122.12
CA LYS H 198 25.15 63.87 122.31
C LYS H 198 24.58 65.28 122.08
N GLY H 199 23.50 65.36 121.30
CA GLY H 199 22.83 66.61 120.97
C GLY H 199 23.40 67.34 119.78
N TRP H 200 24.54 66.87 119.25
CA TRP H 200 25.18 67.50 118.11
C TRP H 200 24.62 67.01 116.79
N ASN H 201 24.52 67.95 115.84
CA ASN H 201 24.07 67.73 114.47
C ASN H 201 25.21 66.99 113.77
N MET H 202 24.87 65.96 112.98
CA MET H 202 25.88 65.20 112.24
C MET H 202 26.46 66.09 111.12
N SER H 203 27.77 65.99 110.88
CA SER H 203 28.54 66.85 109.98
C SER H 203 28.35 66.73 108.46
N GLY H 204 27.52 65.80 108.01
CA GLY H 204 27.34 65.57 106.58
C GLY H 204 26.06 66.06 105.96
N THR H 205 25.59 65.32 104.95
CA THR H 205 24.42 65.62 104.13
C THR H 205 23.10 65.49 104.91
N TRP H 206 22.19 66.45 104.69
CA TRP H 206 20.86 66.45 105.29
C TRP H 206 19.96 65.59 104.41
N VAL H 207 18.87 65.07 105.00
CA VAL H 207 17.90 64.22 104.30
C VAL H 207 17.16 65.04 103.23
N ASP H 208 17.08 64.51 101.99
CA ASP H 208 16.38 65.15 100.88
C ASP H 208 14.92 65.39 101.23
N ARG H 209 14.37 66.51 100.75
CA ARG H 209 12.98 66.92 100.98
C ARG H 209 11.92 65.80 100.85
N PRO H 210 11.94 64.93 99.80
CA PRO H 210 10.91 63.87 99.70
C PRO H 210 10.90 62.82 100.81
N PHE H 211 11.97 62.75 101.61
CA PHE H 211 12.09 61.78 102.71
C PHE H 211 11.93 62.42 104.09
N ARG H 212 11.80 63.76 104.15
CA ARG H 212 11.65 64.49 105.40
C ARG H 212 10.30 64.24 106.08
N PRO H 213 10.30 63.92 107.39
CA PRO H 213 9.03 63.71 108.09
C PRO H 213 8.36 65.02 108.50
N ALA H 214 7.05 65.00 108.80
CA ALA H 214 6.30 66.17 109.25
C ALA H 214 6.71 66.55 110.67
N ALA H 215 7.05 65.54 111.50
CA ALA H 215 7.47 65.68 112.89
C ALA H 215 8.77 64.92 113.12
N VAL H 216 9.58 65.35 114.12
CA VAL H 216 10.85 64.71 114.47
C VAL H 216 10.70 63.20 114.72
N GLN H 217 11.59 62.40 114.13
CA GLN H 217 11.54 60.94 114.26
C GLN H 217 12.82 60.41 114.89
N SER H 218 12.68 59.74 116.05
CA SER H 218 13.81 59.14 116.78
C SER H 218 13.97 57.69 116.34
N LEU H 219 15.11 57.38 115.72
CA LEU H 219 15.37 56.02 115.22
C LEU H 219 16.50 55.33 115.96
N VAL H 220 16.17 54.21 116.62
CA VAL H 220 17.10 53.41 117.42
C VAL H 220 18.02 52.56 116.54
N GLY H 221 19.31 52.57 116.87
CA GLY H 221 20.34 51.79 116.19
C GLY H 221 21.17 50.99 117.18
N HIS H 222 22.00 50.07 116.67
CA HIS H 222 22.82 49.21 117.51
C HIS H 222 24.29 49.19 117.07
N PHE H 223 25.21 49.07 118.03
CA PHE H 223 26.64 48.97 117.74
C PHE H 223 27.01 47.51 117.58
N ALA H 224 27.43 47.13 116.36
CA ALA H 224 27.79 45.76 116.00
C ALA H 224 28.81 45.13 116.94
N GLY H 225 28.48 43.94 117.45
CA GLY H 225 29.31 43.17 118.36
C GLY H 225 29.36 43.66 119.79
N ARG H 226 28.46 44.61 120.14
CA ARG H 226 28.41 45.22 121.47
C ARG H 226 27.02 45.10 122.08
N ASP H 227 26.89 45.44 123.37
CA ASP H 227 25.60 45.45 124.06
C ASP H 227 25.06 46.89 124.16
N THR H 228 25.71 47.81 123.43
CA THR H 228 25.39 49.23 123.41
C THR H 228 24.55 49.65 122.20
N SER H 229 23.76 50.71 122.38
CA SER H 229 22.87 51.24 121.35
C SER H 229 22.95 52.77 121.26
N PHE H 230 22.30 53.34 120.26
CA PHE H 230 22.22 54.78 120.03
C PHE H 230 20.88 55.10 119.39
N HIS H 231 20.59 56.38 119.22
CA HIS H 231 19.46 56.85 118.45
C HIS H 231 19.79 58.16 117.78
N ILE H 232 19.17 58.40 116.64
CA ILE H 232 19.33 59.64 115.89
C ILE H 232 17.96 60.23 115.68
N ASP H 233 17.90 61.56 115.57
CA ASP H 233 16.65 62.24 115.28
C ASP H 233 16.69 62.78 113.88
N ILE H 234 15.71 62.41 113.04
CA ILE H 234 15.58 62.98 111.70
C ILE H 234 14.59 64.11 111.92
N ASN H 235 15.08 65.34 111.81
CA ASN H 235 14.28 66.53 112.04
C ASN H 235 13.48 66.92 110.79
N PRO H 236 12.30 67.58 110.93
CA PRO H 236 11.54 67.99 109.74
C PRO H 236 12.31 68.83 108.70
N ASN H 237 13.37 69.54 109.12
CA ASN H 237 14.20 70.35 108.21
C ASN H 237 15.23 69.51 107.42
N GLY H 238 15.34 68.22 107.76
CA GLY H 238 16.25 67.29 107.10
C GLY H 238 17.53 67.00 107.86
N SER H 239 17.83 67.81 108.89
CA SER H 239 19.03 67.63 109.71
C SER H 239 18.91 66.38 110.57
N ILE H 240 20.06 65.81 110.95
CA ILE H 240 20.14 64.62 111.79
C ILE H 240 20.92 64.94 113.06
N THR H 241 20.28 64.71 114.22
CA THR H 241 20.89 64.96 115.53
C THR H 241 21.29 63.64 116.18
N TRP H 242 22.53 63.58 116.68
CA TRP H 242 23.07 62.40 117.38
C TRP H 242 22.55 62.35 118.81
N TRP H 243 21.98 61.21 119.19
CA TRP H 243 21.49 61.01 120.55
C TRP H 243 22.02 59.78 121.28
N GLY H 244 23.15 59.27 120.81
CA GLY H 244 23.87 58.22 121.48
C GLY H 244 24.82 58.89 122.45
N ALA H 245 25.70 58.11 123.10
CA ALA H 245 26.71 58.67 124.00
C ALA H 245 27.80 59.34 123.16
N ASN H 246 28.70 60.13 123.79
CA ASN H 246 29.80 60.78 123.08
C ASN H 246 30.75 59.72 122.53
N ILE H 247 31.19 59.87 121.27
CA ILE H 247 32.09 58.91 120.64
C ILE H 247 33.45 59.54 120.36
N ASP H 248 34.50 58.80 120.72
CA ASP H 248 35.88 59.20 120.50
C ASP H 248 36.31 58.87 119.06
N LYS H 249 37.61 59.08 118.81
CA LYS H 249 38.28 58.88 117.53
C LYS H 249 38.07 57.51 116.88
N THR H 250 38.07 56.43 117.69
CA THR H 250 37.89 55.06 117.21
C THR H 250 36.45 54.81 116.67
N PRO H 251 36.30 54.46 115.40
CA PRO H 251 34.94 54.28 114.83
C PRO H 251 34.29 53.01 115.36
N ILE H 252 32.98 53.08 115.57
CA ILE H 252 32.16 51.95 116.02
C ILE H 252 31.10 51.69 114.95
N ALA H 253 30.99 50.44 114.48
CA ALA H 253 30.03 50.06 113.44
C ALA H 253 28.59 50.27 113.90
N THR H 254 27.79 50.92 113.05
CA THR H 254 26.40 51.27 113.33
C THR H 254 25.45 50.51 112.40
N ARG H 255 24.49 49.78 112.98
CA ARG H 255 23.52 48.99 112.20
C ARG H 255 22.11 49.09 112.79
N GLY H 256 21.12 48.59 112.05
CA GLY H 256 19.74 48.54 112.51
C GLY H 256 18.70 49.14 111.60
N ASN H 257 17.45 48.67 111.75
CA ASN H 257 16.29 49.15 111.00
C ASN H 257 15.35 49.94 111.89
N GLY H 258 14.95 51.10 111.39
CA GLY H 258 14.00 52.01 112.05
C GLY H 258 12.96 52.47 111.06
N SER H 259 11.69 52.52 111.49
CA SER H 259 10.58 52.95 110.62
C SER H 259 9.91 54.22 111.09
N TYR H 260 9.39 55.01 110.12
CA TYR H 260 8.64 56.23 110.39
C TYR H 260 7.65 56.54 109.27
N PHE H 261 6.65 57.36 109.59
CA PHE H 261 5.66 57.86 108.64
C PHE H 261 6.02 59.29 108.30
N ILE H 262 5.96 59.63 107.01
CA ILE H 262 6.21 61.00 106.56
C ILE H 262 4.99 61.87 106.87
N LYS H 263 3.79 61.33 106.57
CA LYS H 263 2.50 62.00 106.74
C LYS H 263 1.90 61.78 108.14
N THR I 1 -44.79 52.92 90.55
CA THR I 1 -44.73 52.52 89.14
C THR I 1 -43.31 52.10 88.77
N ILE I 2 -43.18 50.96 88.06
CA ILE I 2 -41.88 50.43 87.63
C ILE I 2 -41.71 50.59 86.12
N LYS I 3 -40.63 51.26 85.70
CA LYS I 3 -40.27 51.48 84.30
C LYS I 3 -39.13 50.54 83.91
N ASN I 4 -39.46 49.47 83.15
CA ASN I 4 -38.49 48.47 82.70
C ASN I 4 -37.84 48.90 81.39
N PHE I 5 -36.53 48.63 81.21
CA PHE I 5 -35.81 49.02 80.00
C PHE I 5 -35.06 47.92 79.25
N THR I 6 -34.12 47.21 79.92
CA THR I 6 -33.34 46.14 79.29
C THR I 6 -34.19 44.85 79.20
N PHE I 7 -35.34 44.93 78.49
CA PHE I 7 -36.29 43.84 78.32
C PHE I 7 -36.94 43.82 76.94
N PHE I 8 -37.46 42.63 76.54
CA PHE I 8 -38.12 42.43 75.26
C PHE I 8 -39.53 43.03 75.22
N SER I 9 -39.86 43.67 74.08
CA SER I 9 -41.15 44.30 73.82
C SER I 9 -41.96 43.38 72.88
N PRO I 10 -42.98 42.65 73.40
CA PRO I 10 -43.74 41.72 72.54
C PRO I 10 -44.42 42.33 71.32
N ASN I 11 -45.13 43.45 71.51
CA ASN I 11 -45.83 44.16 70.44
C ASN I 11 -44.98 45.31 69.87
N SER I 12 -43.67 45.32 70.20
CA SER I 12 -42.65 46.30 69.78
C SER I 12 -43.00 47.76 70.20
N THR I 13 -43.66 47.90 71.37
CA THR I 13 -44.08 49.19 71.95
C THR I 13 -43.90 49.20 73.47
N GLU I 14 -43.83 48.02 74.11
CA GLU I 14 -43.73 47.81 75.55
C GLU I 14 -42.60 48.52 76.29
N PHE I 15 -41.33 48.26 75.93
CA PHE I 15 -40.20 48.88 76.64
C PHE I 15 -39.25 49.74 75.78
N PRO I 16 -39.65 50.99 75.47
CA PRO I 16 -38.76 51.86 74.68
C PRO I 16 -37.73 52.53 75.57
N VAL I 17 -36.43 52.40 75.21
CA VAL I 17 -35.34 52.97 75.99
C VAL I 17 -34.82 54.29 75.39
N GLY I 18 -34.92 55.36 76.18
CA GLY I 18 -34.51 56.71 75.82
C GLY I 18 -33.06 57.03 76.07
N SER I 19 -32.62 58.21 75.59
CA SER I 19 -31.26 58.74 75.72
C SER I 19 -30.86 58.99 77.17
N ASN I 20 -31.83 59.46 78.00
CA ASN I 20 -31.63 59.73 79.41
C ASN I 20 -31.57 58.43 80.22
N ASN I 21 -32.40 57.42 79.83
CA ASN I 21 -32.48 56.11 80.47
C ASN I 21 -31.17 55.35 80.28
N ASP I 22 -30.59 55.40 79.06
CA ASP I 22 -29.31 54.79 78.74
C ASP I 22 -28.18 55.61 79.38
N GLY I 23 -28.37 56.94 79.42
CA GLY I 23 -27.44 57.88 80.02
C GLY I 23 -27.20 57.58 81.49
N LYS I 24 -28.30 57.35 82.24
CA LYS I 24 -28.28 56.99 83.66
C LYS I 24 -27.69 55.60 83.85
N LEU I 25 -27.98 54.68 82.91
CA LEU I 25 -27.48 53.29 82.89
C LEU I 25 -25.95 53.28 82.75
N TYR I 26 -25.39 54.04 81.79
CA TYR I 26 -23.95 54.13 81.54
C TYR I 26 -23.17 54.74 82.72
N MET I 27 -23.77 55.71 83.43
CA MET I 27 -23.18 56.36 84.61
C MET I 27 -22.94 55.38 85.75
N MET I 28 -23.95 54.54 86.04
CA MET I 28 -23.95 53.53 87.09
C MET I 28 -22.94 52.42 86.86
N LEU I 29 -22.70 52.07 85.57
CA LEU I 29 -21.76 51.02 85.17
C LEU I 29 -20.31 51.44 85.46
N THR I 30 -19.94 52.66 85.05
CA THR I 30 -18.58 53.20 85.26
C THR I 30 -18.37 53.82 86.65
N GLY I 31 -19.46 54.19 87.31
CA GLY I 31 -19.46 54.79 88.63
C GLY I 31 -19.07 56.25 88.61
N MET I 32 -19.86 57.08 87.88
CA MET I 32 -19.63 58.52 87.74
C MET I 32 -20.84 59.38 88.12
N ASP I 33 -20.59 60.64 88.48
CA ASP I 33 -21.62 61.64 88.80
C ASP I 33 -21.65 62.70 87.69
N TYR I 34 -22.43 63.78 87.87
CA TYR I 34 -22.52 64.86 86.87
C TYR I 34 -21.35 65.87 87.00
N ARG I 35 -20.41 65.61 87.93
CA ARG I 35 -19.25 66.45 88.17
C ARG I 35 -17.94 65.91 87.56
N THR I 36 -17.94 64.63 87.11
CA THR I 36 -16.79 63.99 86.48
C THR I 36 -17.09 63.52 85.04
N ILE I 37 -16.03 63.23 84.27
CA ILE I 37 -16.13 62.78 82.88
C ILE I 37 -15.37 61.47 82.65
N ARG I 38 -15.51 60.94 81.43
CA ARG I 38 -14.79 59.79 80.90
C ARG I 38 -14.24 60.32 79.59
N ARG I 39 -12.93 60.61 79.56
CA ARG I 39 -12.25 61.22 78.41
C ARG I 39 -11.06 60.38 77.94
N LYS I 40 -10.92 60.23 76.62
CA LYS I 40 -9.82 59.50 76.02
C LYS I 40 -9.38 60.15 74.71
N ASP I 41 -8.08 60.49 74.64
CA ASP I 41 -7.46 61.08 73.46
C ASP I 41 -6.91 59.95 72.60
N TRP I 42 -7.65 59.56 71.54
CA TRP I 42 -7.26 58.50 70.61
C TRP I 42 -6.07 58.96 69.79
N SER I 43 -6.05 60.27 69.46
CA SER I 43 -4.98 60.98 68.75
C SER I 43 -4.74 62.27 69.53
N SER I 44 -3.47 62.54 69.87
CA SER I 44 -3.04 63.71 70.64
C SER I 44 -3.55 65.04 70.07
N PRO I 45 -4.20 65.90 70.91
CA PRO I 45 -4.71 67.18 70.38
C PRO I 45 -3.60 68.15 69.98
N LEU I 46 -3.82 68.89 68.88
CA LEU I 46 -2.85 69.83 68.33
C LEU I 46 -3.08 71.26 68.82
N ASN I 47 -1.98 71.93 69.21
CA ASN I 47 -2.00 73.31 69.71
C ASN I 47 -1.37 74.25 68.69
N THR I 48 -2.19 75.11 68.06
CA THR I 48 -1.74 76.09 67.07
C THR I 48 -2.13 77.47 67.61
N ALA I 49 -1.12 78.32 67.91
CA ALA I 49 -1.26 79.67 68.48
C ALA I 49 -2.11 79.62 69.78
N LEU I 50 -3.03 80.58 70.00
CA LEU I 50 -3.90 80.58 71.19
C LEU I 50 -5.20 79.81 70.91
N ASN I 51 -5.07 78.58 70.38
CA ASN I 51 -6.17 77.68 70.03
C ASN I 51 -5.74 76.22 70.23
N VAL I 52 -6.68 75.37 70.69
CA VAL I 52 -6.46 73.94 70.90
C VAL I 52 -7.47 73.10 70.11
N GLN I 53 -6.96 72.30 69.15
CA GLN I 53 -7.79 71.44 68.30
C GLN I 53 -7.75 70.00 68.80
N TYR I 54 -8.93 69.46 69.14
CA TYR I 54 -9.06 68.07 69.59
C TYR I 54 -9.27 67.19 68.36
N THR I 55 -8.16 66.62 67.84
CA THR I 55 -8.10 65.76 66.66
C THR I 55 -9.13 64.63 66.71
N ASN I 56 -9.07 63.80 67.77
CA ASN I 56 -10.01 62.72 68.05
C ASN I 56 -10.01 62.42 69.55
N THR I 57 -11.03 62.96 70.23
CA THR I 57 -11.22 62.80 71.67
C THR I 57 -12.69 62.49 71.95
N SER I 58 -12.95 61.34 72.58
CA SER I 58 -14.29 60.92 72.94
C SER I 58 -14.52 61.27 74.41
N ILE I 59 -15.70 61.83 74.73
CA ILE I 59 -16.06 62.24 76.10
C ILE I 59 -17.45 61.74 76.50
N ILE I 60 -17.56 61.15 77.70
CA ILE I 60 -18.81 60.69 78.28
C ILE I 60 -19.11 61.58 79.48
N ALA I 61 -19.93 62.62 79.25
CA ALA I 61 -20.34 63.57 80.29
C ALA I 61 -21.82 63.37 80.57
N GLY I 62 -22.13 63.08 81.84
CA GLY I 62 -23.47 62.79 82.31
C GLY I 62 -24.08 61.56 81.67
N GLY I 63 -23.22 60.58 81.35
CA GLY I 63 -23.58 59.33 80.70
C GLY I 63 -23.89 59.47 79.23
N ARG I 64 -23.59 60.65 78.63
CA ARG I 64 -23.85 60.95 77.23
C ARG I 64 -22.55 60.94 76.44
N TYR I 65 -22.46 60.02 75.47
CA TYR I 65 -21.28 59.84 74.61
C TYR I 65 -21.27 60.80 73.43
N PHE I 66 -20.10 61.42 73.18
CA PHE I 66 -19.86 62.33 72.05
C PHE I 66 -18.39 62.36 71.66
N GLU I 67 -18.12 62.56 70.36
CA GLU I 67 -16.77 62.60 69.81
C GLU I 67 -16.39 63.99 69.30
N LEU I 68 -15.16 64.42 69.63
CA LEU I 68 -14.64 65.71 69.17
C LEU I 68 -13.68 65.40 68.02
N LEU I 69 -14.12 65.64 66.78
CA LEU I 69 -13.33 65.35 65.59
C LEU I 69 -12.84 66.63 64.94
N ASN I 70 -11.57 66.99 65.23
CA ASN I 70 -10.87 68.20 64.76
C ASN I 70 -11.61 69.50 65.16
N GLU I 71 -12.19 69.48 66.38
CA GLU I 71 -12.92 70.60 66.97
C GLU I 71 -11.93 71.52 67.70
N THR I 72 -11.73 72.73 67.14
CA THR I 72 -10.80 73.73 67.68
C THR I 72 -11.55 74.71 68.59
N VAL I 73 -10.94 75.03 69.75
CA VAL I 73 -11.50 75.96 70.72
C VAL I 73 -10.51 77.10 71.04
N ALA I 74 -10.95 78.36 70.86
CA ALA I 74 -10.14 79.56 71.10
C ALA I 74 -9.76 79.71 72.57
N LEU I 75 -8.55 80.24 72.83
CA LEU I 75 -8.02 80.41 74.19
C LEU I 75 -7.70 81.86 74.54
N LYS I 76 -7.55 82.14 75.85
CA LYS I 76 -7.21 83.44 76.43
C LYS I 76 -5.69 83.52 76.64
N GLY I 77 -5.09 84.62 76.19
CA GLY I 77 -3.66 84.88 76.29
C GLY I 77 -3.15 85.04 77.70
N ASP I 78 -2.03 84.34 78.03
CA ASP I 78 -1.35 84.32 79.33
C ASP I 78 -2.30 83.96 80.50
N SER I 79 -3.24 83.04 80.24
CA SER I 79 -4.23 82.62 81.23
C SER I 79 -4.37 81.10 81.33
N VAL I 80 -4.93 80.64 82.46
CA VAL I 80 -5.19 79.22 82.74
C VAL I 80 -6.64 78.96 82.28
N ASN I 81 -6.79 78.40 81.08
CA ASN I 81 -8.10 78.12 80.46
C ASN I 81 -8.67 76.77 80.88
N TYR I 82 -9.91 76.80 81.41
CA TYR I 82 -10.65 75.62 81.86
C TYR I 82 -11.66 75.25 80.79
N ILE I 83 -11.33 74.21 79.99
CA ILE I 83 -12.16 73.73 78.87
C ILE I 83 -13.34 72.92 79.41
N HIS I 84 -14.57 73.37 79.08
CA HIS I 84 -15.82 72.74 79.53
C HIS I 84 -16.63 72.13 78.41
N ALA I 85 -17.32 71.02 78.74
CA ALA I 85 -18.23 70.32 77.84
C ALA I 85 -19.62 70.74 78.29
N ASN I 86 -20.34 71.49 77.44
CA ASN I 86 -21.67 72.02 77.76
C ASN I 86 -22.78 71.28 77.04
N ILE I 87 -23.69 70.66 77.82
CA ILE I 87 -24.81 69.89 77.28
C ILE I 87 -26.14 70.58 77.57
N ASP I 88 -26.87 70.94 76.51
CA ASP I 88 -28.19 71.56 76.58
C ASP I 88 -29.12 70.75 75.68
N LEU I 89 -29.98 69.92 76.31
CA LEU I 89 -30.93 69.03 75.64
C LEU I 89 -31.98 69.75 74.80
N THR I 90 -32.31 71.01 75.15
CA THR I 90 -33.28 71.84 74.43
C THR I 90 -32.76 72.19 73.04
N GLN I 91 -31.42 72.33 72.90
CA GLN I 91 -30.74 72.59 71.63
C GLN I 91 -30.64 71.24 70.91
N THR I 92 -31.78 70.78 70.36
CA THR I 92 -31.94 69.49 69.71
C THR I 92 -31.02 69.22 68.50
N ALA I 93 -30.65 70.29 67.75
CA ALA I 93 -29.77 70.20 66.59
C ALA I 93 -28.33 69.90 67.01
N ASN I 94 -27.81 70.68 68.00
CA ASN I 94 -26.46 70.51 68.53
C ASN I 94 -26.44 70.65 70.07
N PRO I 95 -26.65 69.53 70.80
CA PRO I 95 -26.68 69.61 72.26
C PRO I 95 -25.34 69.89 72.94
N VAL I 96 -24.24 69.34 72.39
CA VAL I 96 -22.90 69.52 72.96
C VAL I 96 -22.16 70.70 72.31
N SER I 97 -21.61 71.57 73.16
CA SER I 97 -20.82 72.75 72.79
C SER I 97 -19.63 72.85 73.74
N LEU I 98 -18.48 73.33 73.22
CA LEU I 98 -17.27 73.49 74.02
C LEU I 98 -16.99 74.95 74.35
N SER I 99 -16.35 75.20 75.50
CA SER I 99 -16.01 76.56 75.95
C SER I 99 -14.77 76.59 76.82
N ALA I 100 -13.85 77.51 76.52
CA ALA I 100 -12.64 77.74 77.31
C ALA I 100 -13.00 78.86 78.29
N GLU I 101 -12.92 78.58 79.60
CA GLU I 101 -13.31 79.53 80.63
C GLU I 101 -12.21 79.93 81.61
N THR I 102 -12.46 81.02 82.36
CA THR I 102 -11.57 81.60 83.37
C THR I 102 -11.33 80.68 84.56
N ALA I 103 -12.38 80.00 85.05
CA ALA I 103 -12.32 79.08 86.20
C ALA I 103 -13.13 77.80 85.97
N ASN I 104 -12.94 76.79 86.86
CA ASN I 104 -13.66 75.51 86.79
C ASN I 104 -15.11 75.74 87.23
N ASN I 105 -15.98 76.00 86.24
CA ASN I 105 -17.40 76.30 86.43
C ASN I 105 -18.31 75.06 86.28
N SER I 106 -17.86 73.90 86.80
CA SER I 106 -18.63 72.65 86.76
C SER I 106 -19.84 72.77 87.69
N ASN I 107 -21.06 72.59 87.14
CA ASN I 107 -22.30 72.71 87.90
C ASN I 107 -22.87 71.41 88.48
N GLY I 108 -22.79 70.33 87.70
CA GLY I 108 -23.32 69.04 88.11
C GLY I 108 -24.82 68.94 88.01
N VAL I 109 -25.40 69.58 86.98
CA VAL I 109 -26.84 69.62 86.69
C VAL I 109 -27.32 68.24 86.23
N ASP I 110 -28.38 67.70 86.88
CA ASP I 110 -28.97 66.41 86.55
C ASP I 110 -29.83 66.55 85.29
N ILE I 111 -29.19 66.43 84.12
CA ILE I 111 -29.83 66.54 82.80
C ILE I 111 -30.71 65.35 82.44
N ASN I 112 -30.35 64.14 82.95
CA ASN I 112 -31.10 62.92 82.69
C ASN I 112 -32.45 62.84 83.40
N ASN I 113 -32.53 63.34 84.65
CA ASN I 113 -33.78 63.33 85.42
C ASN I 113 -34.55 64.64 85.32
N GLY I 114 -33.84 65.76 85.40
CA GLY I 114 -34.43 67.10 85.33
C GLY I 114 -33.97 67.93 84.14
N SER I 115 -34.23 69.25 84.21
CA SER I 115 -33.87 70.21 83.17
C SER I 115 -32.56 70.95 83.51
N GLY I 116 -32.15 71.85 82.63
CA GLY I 116 -30.94 72.66 82.81
C GLY I 116 -29.82 72.35 81.85
N VAL I 117 -28.72 73.11 81.96
CA VAL I 117 -27.51 72.98 81.14
C VAL I 117 -26.39 72.42 82.00
N LEU I 118 -25.82 71.27 81.60
CA LEU I 118 -24.73 70.63 82.32
C LEU I 118 -23.37 71.14 81.85
N LYS I 119 -22.57 71.62 82.80
CA LYS I 119 -21.22 72.12 82.56
C LYS I 119 -20.25 71.24 83.35
N VAL I 120 -19.17 70.80 82.68
CA VAL I 120 -18.15 69.95 83.30
C VAL I 120 -16.78 70.11 82.63
N CYS I 121 -15.76 70.50 83.41
CA CYS I 121 -14.40 70.70 82.95
C CYS I 121 -13.69 69.36 82.76
N PHE I 122 -12.93 69.22 81.66
CA PHE I 122 -12.20 68.00 81.34
C PHE I 122 -10.70 68.25 81.10
N ASP I 123 -10.35 69.46 80.63
CA ASP I 123 -8.97 69.84 80.32
C ASP I 123 -8.62 71.22 80.85
N ILE I 124 -7.38 71.39 81.34
CA ILE I 124 -6.85 72.66 81.86
C ILE I 124 -5.66 73.06 80.98
N VAL I 125 -5.86 74.09 80.15
CA VAL I 125 -4.85 74.58 79.21
C VAL I 125 -4.21 75.88 79.70
N THR I 126 -2.91 75.81 80.04
CA THR I 126 -2.13 76.96 80.50
C THR I 126 -1.46 77.57 79.26
N THR I 127 -1.69 78.86 79.01
CA THR I 127 -1.17 79.56 77.83
C THR I 127 -0.21 80.71 78.13
N SER I 128 0.49 81.18 77.08
CA SER I 128 1.40 82.32 77.10
C SER I 128 0.81 83.42 76.20
N GLY I 129 1.65 84.36 75.77
CA GLY I 129 1.25 85.44 74.88
C GLY I 129 1.09 84.98 73.45
N THR I 130 1.92 84.01 73.04
CA THR I 130 1.94 83.43 71.69
C THR I 130 1.08 82.17 71.56
N GLY I 131 1.40 81.14 72.35
CA GLY I 131 0.70 79.87 72.31
C GLY I 131 0.44 79.21 73.65
N VAL I 132 0.43 77.85 73.64
CA VAL I 132 0.19 77.00 74.81
C VAL I 132 1.52 76.61 75.48
N THR I 133 1.57 76.68 76.83
CA THR I 133 2.75 76.30 77.62
C THR I 133 2.64 74.88 78.16
N SER I 134 1.52 74.56 78.85
CA SER I 134 1.27 73.24 79.44
C SER I 134 -0.21 72.86 79.46
N THR I 135 -0.51 71.56 79.41
CA THR I 135 -1.87 71.01 79.42
C THR I 135 -1.99 69.90 80.48
N LYS I 136 -2.98 70.04 81.39
CA LYS I 136 -3.25 69.09 82.47
C LYS I 136 -4.73 68.67 82.42
N PRO I 137 -5.06 67.37 82.17
CA PRO I 137 -6.47 66.98 82.12
C PRO I 137 -7.09 66.76 83.51
N ILE I 138 -8.42 66.95 83.61
CA ILE I 138 -9.20 66.76 84.84
C ILE I 138 -9.25 65.26 85.20
N VAL I 139 -9.19 64.95 86.50
CA VAL I 139 -9.23 63.59 87.04
C VAL I 139 -10.57 62.89 86.76
N GLN I 140 -10.54 61.57 86.50
CA GLN I 140 -11.74 60.78 86.20
C GLN I 140 -12.14 59.94 87.42
N THR I 141 -13.04 60.49 88.23
CA THR I 141 -13.54 59.89 89.47
C THR I 141 -14.41 58.65 89.23
N SER I 142 -14.00 57.51 89.83
CA SER I 142 -14.71 56.25 89.75
C SER I 142 -15.24 55.88 91.15
N THR I 143 -16.46 56.35 91.47
CA THR I 143 -17.12 56.13 92.75
C THR I 143 -17.66 54.71 92.82
N LEU I 144 -17.12 53.90 93.76
CA LEU I 144 -17.49 52.50 93.96
C LEU I 144 -17.78 52.20 95.45
N ASP I 145 -18.55 51.12 95.70
CA ASP I 145 -18.94 50.70 97.05
C ASP I 145 -17.91 49.71 97.63
N SER I 146 -17.82 48.50 97.04
CA SER I 146 -16.90 47.45 97.48
C SER I 146 -16.14 46.85 96.29
N ILE I 147 -14.83 46.58 96.47
CA ILE I 147 -13.95 46.01 95.43
C ILE I 147 -13.42 44.62 95.80
N SER I 148 -13.56 43.66 94.87
CA SER I 148 -13.06 42.29 95.02
C SER I 148 -12.02 42.05 93.90
N VAL I 149 -10.78 42.55 94.13
CA VAL I 149 -9.69 42.47 93.15
C VAL I 149 -8.59 41.46 93.52
N ASN I 150 -7.83 41.00 92.50
CA ASN I 150 -6.71 40.07 92.67
C ASN I 150 -5.40 40.85 92.77
N ASP I 151 -5.06 41.69 91.77
CA ASP I 151 -3.83 42.48 91.76
C ASP I 151 -4.05 43.97 91.48
N MET I 152 -3.10 44.82 91.89
CA MET I 152 -3.16 46.28 91.72
C MET I 152 -1.77 46.92 91.55
N THR I 153 -1.68 47.95 90.69
CA THR I 153 -0.46 48.72 90.44
C THR I 153 -0.83 50.21 90.54
N VAL I 154 -0.22 50.93 91.50
CA VAL I 154 -0.47 52.34 91.78
C VAL I 154 0.71 53.19 91.33
N SER I 155 0.43 54.30 90.60
CA SER I 155 1.44 55.23 90.12
C SER I 155 1.59 56.47 91.02
N GLY I 156 0.60 56.72 91.87
CA GLY I 156 0.59 57.84 92.80
C GLY I 156 0.62 57.41 94.26
N SER I 157 -0.54 57.51 94.94
CA SER I 157 -0.66 57.14 96.36
C SER I 157 -2.06 56.69 96.76
N ILE I 158 -2.14 55.88 97.84
CA ILE I 158 -3.39 55.37 98.39
C ILE I 158 -3.63 56.03 99.75
N ASP I 159 -4.80 56.66 99.93
CA ASP I 159 -5.19 57.30 101.19
C ASP I 159 -5.91 56.27 102.07
N VAL I 160 -5.29 55.93 103.20
CA VAL I 160 -5.81 54.96 104.16
C VAL I 160 -6.27 55.65 105.46
N PRO I 161 -7.29 55.13 106.19
CA PRO I 161 -7.74 55.81 107.42
C PRO I 161 -6.68 55.86 108.52
N VAL I 162 -6.28 57.09 108.89
CA VAL I 162 -5.25 57.36 109.91
C VAL I 162 -5.90 57.80 111.23
N GLN I 163 -5.53 57.13 112.33
CA GLN I 163 -6.00 57.41 113.69
C GLN I 163 -4.80 57.66 114.60
N THR I 164 -4.85 58.75 115.39
CA THR I 164 -3.77 59.12 116.31
C THR I 164 -4.22 59.15 117.77
N LEU I 165 -3.31 58.73 118.68
CA LEU I 165 -3.56 58.66 120.12
C LEU I 165 -2.29 58.94 120.92
N THR I 166 -2.42 59.73 121.99
CA THR I 166 -1.32 60.08 122.90
C THR I 166 -1.65 59.55 124.29
N VAL I 167 -0.97 58.46 124.70
CA VAL I 167 -1.18 57.79 125.98
C VAL I 167 -0.09 58.17 126.98
N GLU I 168 -0.50 58.67 128.16
CA GLU I 168 0.40 59.02 129.25
C GLU I 168 0.53 57.77 130.10
N ALA I 169 1.42 56.85 129.65
CA ALA I 169 1.72 55.54 130.24
C ALA I 169 1.95 55.55 131.75
N GLY I 170 2.61 56.60 132.25
CA GLY I 170 2.92 56.75 133.66
C GLY I 170 4.40 56.69 133.93
N ASN I 171 4.79 57.00 135.19
CA ASN I 171 6.18 57.02 135.69
C ASN I 171 7.08 58.04 134.93
N GLY I 172 6.51 58.74 133.96
CA GLY I 172 7.17 59.75 133.14
C GLY I 172 7.28 59.37 131.68
N LEU I 173 6.41 58.45 131.21
CA LEU I 173 6.40 58.00 129.81
C LEU I 173 5.19 58.50 129.02
N GLN I 174 5.45 58.90 127.76
CA GLN I 174 4.45 59.37 126.80
C GLN I 174 4.60 58.55 125.51
N LEU I 175 3.46 58.06 124.98
CA LEU I 175 3.44 57.24 123.76
C LEU I 175 2.58 57.89 122.68
N GLN I 176 3.20 58.21 121.52
CA GLN I 176 2.51 58.82 120.38
C GLN I 176 2.26 57.74 119.32
N LEU I 177 1.02 57.20 119.31
CA LEU I 177 0.61 56.13 118.39
C LEU I 177 -0.02 56.70 117.11
N THR I 178 0.33 56.10 115.95
CA THR I 178 -0.19 56.49 114.64
C THR I 178 -0.66 55.23 113.88
N LYS I 179 -1.96 54.91 113.99
CA LYS I 179 -2.60 53.75 113.37
C LYS I 179 -3.05 54.09 111.94
N LYS I 180 -2.63 53.27 110.96
CA LYS I 180 -2.99 53.45 109.56
C LYS I 180 -3.63 52.18 109.01
N ASN I 181 -4.80 52.32 108.32
CA ASN I 181 -5.61 51.24 107.75
C ASN I 181 -6.15 50.26 108.83
N ASN I 182 -6.16 50.72 110.10
CA ASN I 182 -6.57 49.99 111.31
C ASN I 182 -5.70 48.74 111.57
N ASP I 183 -4.44 48.78 111.11
CA ASP I 183 -3.50 47.66 111.24
C ASP I 183 -2.10 48.06 111.72
N LEU I 184 -1.28 48.72 110.85
CA LEU I 184 0.08 49.14 111.19
C LEU I 184 0.09 50.37 112.08
N VAL I 185 0.81 50.30 113.21
CA VAL I 185 0.93 51.39 114.20
C VAL I 185 2.40 51.63 114.55
N ILE I 186 2.87 52.89 114.39
CA ILE I 186 4.22 53.29 114.75
C ILE I 186 4.12 54.15 116.03
N VAL I 187 4.70 53.65 117.13
CA VAL I 187 4.68 54.30 118.44
C VAL I 187 5.98 55.07 118.67
N ARG I 188 5.84 56.35 119.07
CA ARG I 188 6.97 57.24 119.36
C ARG I 188 7.11 57.47 120.86
N PHE I 189 8.32 57.27 121.40
CA PHE I 189 8.62 57.44 122.83
C PHE I 189 8.95 58.89 123.18
N PHE I 190 8.31 59.41 124.24
CA PHE I 190 8.51 60.78 124.74
C PHE I 190 8.48 60.84 126.27
N GLY I 191 9.07 61.90 126.82
CA GLY I 191 9.13 62.14 128.25
C GLY I 191 10.40 61.62 128.91
N SER I 192 10.39 61.57 130.26
CA SER I 192 11.51 61.09 131.06
C SER I 192 11.02 60.20 132.21
N VAL I 193 11.26 58.88 132.08
CA VAL I 193 10.83 57.84 133.03
C VAL I 193 11.66 57.86 134.33
N SER I 194 10.97 57.78 135.49
CA SER I 194 11.56 57.75 136.83
C SER I 194 10.74 56.87 137.77
N ASN I 195 11.44 56.16 138.69
CA ASN I 195 10.89 55.26 139.71
C ASN I 195 10.05 54.09 139.14
N ILE I 196 10.73 53.09 138.56
CA ILE I 196 10.12 51.88 137.99
C ILE I 196 11.05 50.66 138.06
N GLN I 197 10.47 49.46 138.22
CA GLN I 197 11.19 48.18 138.31
C GLN I 197 10.88 47.28 137.11
N LYS I 198 11.77 46.31 136.83
CA LYS I 198 11.62 45.34 135.73
C LYS I 198 10.46 44.37 135.97
N GLY I 199 9.63 44.20 134.94
CA GLY I 199 8.46 43.32 134.98
C GLY I 199 7.22 43.93 135.62
N TRP I 200 7.34 45.17 136.12
CA TRP I 200 6.26 45.91 136.77
C TRP I 200 5.41 46.70 135.78
N ASN I 201 4.10 46.81 136.06
CA ASN I 201 3.13 47.52 135.23
C ASN I 201 3.30 49.06 135.34
N MET I 202 2.72 49.80 134.37
CA MET I 202 2.79 51.26 134.31
C MET I 202 1.67 51.91 135.13
N SER I 203 2.04 52.90 135.97
CA SER I 203 1.17 53.63 136.89
C SER I 203 0.01 54.43 136.26
N GLY I 204 0.29 55.11 135.15
CA GLY I 204 -0.66 55.97 134.46
C GLY I 204 -1.72 55.29 133.61
N THR I 205 -2.14 55.99 132.54
CA THR I 205 -3.19 55.61 131.58
C THR I 205 -2.87 54.34 130.79
N TRP I 206 -3.91 53.56 130.47
CA TRP I 206 -3.86 52.32 129.68
C TRP I 206 -4.17 52.62 128.21
N VAL I 207 -3.73 51.71 127.30
CA VAL I 207 -3.95 51.82 125.86
C VAL I 207 -5.43 51.57 125.53
N ASP I 208 -6.04 52.48 124.73
CA ASP I 208 -7.44 52.42 124.29
C ASP I 208 -7.71 51.21 123.41
N ARG I 209 -8.97 50.69 123.44
CA ARG I 209 -9.44 49.52 122.68
C ARG I 209 -9.11 49.51 121.16
N PRO I 210 -9.29 50.61 120.38
CA PRO I 210 -8.94 50.54 118.94
C PRO I 210 -7.44 50.39 118.64
N PHE I 211 -6.57 50.73 119.60
CA PHE I 211 -5.12 50.65 119.47
C PHE I 211 -4.50 49.41 120.12
N ARG I 212 -5.34 48.57 120.78
CA ARG I 212 -4.91 47.34 121.45
C ARG I 212 -4.56 46.24 120.45
N PRO I 213 -3.34 45.65 120.52
CA PRO I 213 -3.00 44.57 119.56
C PRO I 213 -3.59 43.22 119.95
N ALA I 214 -3.55 42.24 119.01
CA ALA I 214 -4.06 40.88 119.23
C ALA I 214 -3.18 40.10 120.21
N ALA I 215 -1.86 40.30 120.15
CA ALA I 215 -0.87 39.65 121.00
C ALA I 215 0.07 40.70 121.61
N VAL I 216 0.79 40.31 122.70
CA VAL I 216 1.75 41.18 123.39
C VAL I 216 2.94 41.59 122.50
N GLN I 217 3.02 42.88 122.16
CA GLN I 217 4.06 43.45 121.29
C GLN I 217 5.18 44.07 122.12
N SER I 218 6.41 43.59 121.94
CA SER I 218 7.60 44.07 122.63
C SER I 218 8.22 45.20 121.79
N LEU I 219 8.02 46.47 122.23
CA LEU I 219 8.53 47.63 121.50
C LEU I 219 9.78 48.24 122.16
N VAL I 220 10.90 48.22 121.42
CA VAL I 220 12.22 48.71 121.86
C VAL I 220 12.35 50.24 121.77
N GLY I 221 12.90 50.83 122.82
CA GLY I 221 13.18 52.26 122.94
C GLY I 221 14.64 52.53 123.27
N HIS I 222 14.98 53.82 123.53
CA HIS I 222 16.35 54.22 123.85
C HIS I 222 16.40 55.46 124.77
N PHE I 223 17.42 55.51 125.66
CA PHE I 223 17.63 56.63 126.58
C PHE I 223 18.55 57.67 125.93
N ALA I 224 18.01 58.89 125.66
CA ALA I 224 18.71 60.00 125.00
C ALA I 224 20.03 60.39 125.65
N GLY I 225 21.07 60.48 124.83
CA GLY I 225 22.42 60.82 125.25
C GLY I 225 23.14 59.73 126.03
N ARG I 226 22.71 58.46 125.85
CA ARG I 226 23.31 57.30 126.53
C ARG I 226 23.49 56.13 125.55
N ASP I 227 24.19 55.06 125.99
CA ASP I 227 24.38 53.84 125.21
C ASP I 227 23.55 52.68 125.79
N THR I 228 22.56 53.03 126.65
CA THR I 228 21.62 52.13 127.32
C THR I 228 20.25 52.21 126.64
N SER I 229 19.55 51.08 126.54
CA SER I 229 18.23 50.99 125.91
C SER I 229 17.17 50.34 126.82
N PHE I 230 15.91 50.27 126.35
CA PHE I 230 14.79 49.68 127.08
C PHE I 230 13.75 49.10 126.11
N HIS I 231 12.78 48.33 126.64
CA HIS I 231 11.67 47.78 125.87
C HIS I 231 10.40 47.64 126.71
N ILE I 232 9.25 48.00 126.12
CA ILE I 232 7.94 47.91 126.79
C ILE I 232 7.03 46.87 126.14
N ASP I 233 6.20 46.21 126.97
CA ASP I 233 5.26 45.18 126.53
C ASP I 233 3.82 45.68 126.56
N ILE I 234 3.25 45.95 125.38
CA ILE I 234 1.85 46.40 125.26
C ILE I 234 0.98 45.15 125.10
N ASN I 235 0.44 44.68 126.23
CA ASN I 235 -0.41 43.49 126.35
C ASN I 235 -1.78 43.69 125.65
N PRO I 236 -2.48 42.62 125.19
CA PRO I 236 -3.77 42.82 124.51
C PRO I 236 -4.89 43.49 125.31
N ASN I 237 -4.82 43.47 126.65
CA ASN I 237 -5.82 44.09 127.52
C ASN I 237 -5.63 45.61 127.70
N GLY I 238 -4.59 46.16 127.08
CA GLY I 238 -4.28 47.59 127.13
C GLY I 238 -3.16 47.96 128.07
N SER I 239 -2.78 47.05 128.99
CA SER I 239 -1.73 47.25 129.99
C SER I 239 -0.33 47.33 129.38
N ILE I 240 0.50 48.23 129.93
CA ILE I 240 1.87 48.45 129.50
C ILE I 240 2.80 47.94 130.61
N THR I 241 3.69 46.99 130.28
CA THR I 241 4.61 46.38 131.24
C THR I 241 6.05 46.78 130.91
N TRP I 242 6.74 47.42 131.86
CA TRP I 242 8.14 47.84 131.73
C TRP I 242 9.04 46.62 131.77
N TRP I 243 10.05 46.58 130.87
CA TRP I 243 11.00 45.47 130.79
C TRP I 243 12.46 45.90 130.56
N GLY I 244 12.79 47.11 131.00
CA GLY I 244 14.13 47.66 130.92
C GLY I 244 14.85 47.54 132.25
N ALA I 245 15.87 48.40 132.47
CA ALA I 245 16.61 48.44 133.73
C ALA I 245 15.78 49.17 134.79
N ASN I 246 15.99 48.90 136.11
CA ASN I 246 15.23 49.59 137.18
C ASN I 246 15.66 51.04 137.23
N ILE I 247 14.67 51.95 137.21
CA ILE I 247 14.94 53.39 137.19
C ILE I 247 14.68 54.05 138.54
N ASP I 248 15.67 54.79 139.03
CA ASP I 248 15.61 55.53 140.26
C ASP I 248 14.98 56.92 140.03
N LYS I 249 14.82 57.65 141.11
CA LYS I 249 14.18 58.96 141.20
C LYS I 249 14.55 59.90 140.08
N THR I 250 15.84 59.90 139.67
CA THR I 250 16.31 60.75 138.57
C THR I 250 15.64 60.32 137.24
N PRO I 251 15.01 61.28 136.54
CA PRO I 251 14.32 60.93 135.28
C PRO I 251 15.27 61.03 134.08
N ILE I 252 15.25 59.99 133.23
CA ILE I 252 16.09 59.91 132.03
C ILE I 252 15.16 59.98 130.81
N ALA I 253 15.48 60.88 129.86
CA ALA I 253 14.70 61.08 128.64
C ALA I 253 14.61 59.80 127.80
N THR I 254 13.38 59.46 127.37
CA THR I 254 13.11 58.27 126.58
C THR I 254 12.62 58.65 125.19
N ARG I 255 13.34 58.19 124.15
CA ARG I 255 13.04 58.45 122.74
C ARG I 255 13.14 57.16 121.93
N GLY I 256 12.52 57.13 120.77
CA GLY I 256 12.55 55.97 119.87
C GLY I 256 11.26 55.70 119.13
N ASN I 257 11.32 54.84 118.10
CA ASN I 257 10.17 54.45 117.29
C ASN I 257 10.05 52.93 117.20
N GLY I 258 8.85 52.41 117.47
CA GLY I 258 8.54 50.99 117.43
C GLY I 258 7.25 50.69 116.70
N SER I 259 7.32 49.83 115.67
CA SER I 259 6.17 49.45 114.86
C SER I 259 5.62 48.05 115.15
N TYR I 260 4.28 47.87 115.06
CA TYR I 260 3.58 46.61 115.30
C TYR I 260 2.27 46.52 114.49
N PHE I 261 1.76 45.27 114.29
CA PHE I 261 0.49 45.01 113.62
C PHE I 261 -0.61 44.70 114.64
N ILE I 262 -1.84 45.19 114.41
CA ILE I 262 -2.97 44.92 115.29
C ILE I 262 -3.61 43.57 114.92
N LYS I 263 -3.99 43.40 113.65
CA LYS I 263 -4.63 42.18 113.13
C LYS I 263 -3.65 41.00 113.05
N THR J 1 -19.86 27.65 67.36
CA THR J 1 -20.47 28.79 66.68
C THR J 1 -20.18 30.10 67.43
N ILE J 2 -19.87 31.17 66.67
CA ILE J 2 -19.57 32.48 67.25
C ILE J 2 -20.73 33.45 66.95
N LYS J 3 -21.40 33.94 68.01
CA LYS J 3 -22.50 34.91 67.88
C LYS J 3 -21.97 36.31 68.09
N ASN J 4 -21.89 37.07 66.98
CA ASN J 4 -21.39 38.46 66.97
C ASN J 4 -22.51 39.44 67.28
N PHE J 5 -22.22 40.51 68.04
CA PHE J 5 -23.24 41.50 68.42
C PHE J 5 -22.92 42.96 68.12
N THR J 6 -21.78 43.50 68.63
CA THR J 6 -21.39 44.90 68.43
C THR J 6 -20.77 45.10 67.03
N PHE J 7 -21.53 44.72 65.98
CA PHE J 7 -21.10 44.78 64.58
C PHE J 7 -22.31 45.11 63.71
N PHE J 8 -22.09 45.94 62.67
CA PHE J 8 -23.17 46.35 61.76
C PHE J 8 -23.68 45.25 60.84
N SER J 9 -24.96 45.35 60.43
CA SER J 9 -25.62 44.41 59.53
C SER J 9 -26.00 45.13 58.23
N PRO J 10 -25.36 44.79 57.08
CA PRO J 10 -25.66 45.51 55.82
C PRO J 10 -27.05 45.25 55.28
N ASN J 11 -27.54 44.00 55.41
CA ASN J 11 -28.87 43.59 54.97
C ASN J 11 -29.90 43.73 56.12
N SER J 12 -29.46 44.38 57.23
CA SER J 12 -30.22 44.67 58.46
C SER J 12 -30.83 43.45 59.17
N THR J 13 -30.18 42.27 59.04
CA THR J 13 -30.63 41.02 59.66
C THR J 13 -29.49 40.20 60.29
N GLU J 14 -28.24 40.43 59.82
CA GLU J 14 -27.03 39.72 60.22
C GLU J 14 -26.75 39.62 61.73
N PHE J 15 -26.60 40.75 62.43
CA PHE J 15 -26.28 40.73 63.86
C PHE J 15 -27.27 41.43 64.79
N PRO J 16 -28.41 40.78 65.11
CA PRO J 16 -29.38 41.40 66.04
C PRO J 16 -28.98 41.15 67.49
N VAL J 17 -29.05 42.20 68.33
CA VAL J 17 -28.69 42.10 69.75
C VAL J 17 -29.90 42.24 70.67
N GLY J 18 -30.15 41.21 71.47
CA GLY J 18 -31.27 41.13 72.39
C GLY J 18 -30.98 41.62 73.80
N SER J 19 -32.04 41.63 74.64
CA SER J 19 -32.03 42.07 76.04
C SER J 19 -31.06 41.28 76.91
N ASN J 20 -31.00 39.94 76.73
CA ASN J 20 -30.11 39.05 77.46
C ASN J 20 -28.66 39.21 77.01
N ASN J 21 -28.45 39.47 75.71
CA ASN J 21 -27.13 39.67 75.09
C ASN J 21 -26.47 40.95 75.59
N ASP J 22 -27.27 42.03 75.72
CA ASP J 22 -26.81 43.31 76.27
C ASP J 22 -26.67 43.20 77.79
N GLY J 23 -27.58 42.44 78.42
CA GLY J 23 -27.59 42.18 79.86
C GLY J 23 -26.30 41.56 80.34
N LYS J 24 -25.78 40.56 79.60
CA LYS J 24 -24.52 39.88 79.88
C LYS J 24 -23.33 40.82 79.64
N LEU J 25 -23.46 41.71 78.63
CA LEU J 25 -22.47 42.73 78.27
C LEU J 25 -22.29 43.74 79.41
N TYR J 26 -23.41 44.28 79.93
CA TYR J 26 -23.41 45.26 81.02
C TYR J 26 -22.80 44.71 82.31
N MET J 27 -23.07 43.42 82.62
CA MET J 27 -22.55 42.72 83.80
C MET J 27 -21.02 42.64 83.79
N MET J 28 -20.42 42.39 82.62
CA MET J 28 -18.98 42.28 82.43
C MET J 28 -18.27 43.63 82.51
N LEU J 29 -18.92 44.70 82.02
CA LEU J 29 -18.40 46.07 82.02
C LEU J 29 -18.18 46.61 83.44
N THR J 30 -19.20 46.47 84.30
CA THR J 30 -19.15 46.94 85.69
C THR J 30 -18.51 45.93 86.67
N GLY J 31 -18.52 44.64 86.30
CA GLY J 31 -17.96 43.56 87.11
C GLY J 31 -18.88 43.11 88.22
N MET J 32 -20.13 42.75 87.85
CA MET J 32 -21.16 42.29 88.79
C MET J 32 -21.66 40.88 88.47
N ASP J 33 -22.21 40.18 89.49
CA ASP J 33 -22.80 38.86 89.33
C ASP J 33 -24.32 38.94 89.53
N TYR J 34 -25.02 37.80 89.64
CA TYR J 34 -26.46 37.77 89.86
C TYR J 34 -26.84 37.93 91.35
N ARG J 35 -25.82 38.04 92.23
CA ARG J 35 -25.99 38.20 93.68
C ARG J 35 -25.85 39.66 94.14
N THR J 36 -25.26 40.53 93.29
CA THR J 36 -25.08 41.96 93.56
C THR J 36 -25.84 42.83 92.54
N ILE J 37 -25.99 44.13 92.85
CA ILE J 37 -26.71 45.11 92.00
C ILE J 37 -25.97 46.43 91.86
N ARG J 38 -26.49 47.30 90.98
CA ARG J 38 -26.03 48.67 90.76
C ARG J 38 -27.28 49.51 91.04
N ARG J 39 -27.23 50.29 92.13
CA ARG J 39 -28.36 51.09 92.60
C ARG J 39 -27.96 52.54 92.87
N LYS J 40 -28.81 53.49 92.45
CA LYS J 40 -28.61 54.92 92.65
C LYS J 40 -29.93 55.64 92.93
N ASP J 41 -30.00 56.37 94.05
CA ASP J 41 -31.16 57.14 94.45
C ASP J 41 -30.98 58.58 93.98
N TRP J 42 -31.74 58.98 92.95
CA TRP J 42 -31.70 60.34 92.39
C TRP J 42 -32.43 61.29 93.33
N SER J 43 -33.43 60.75 94.04
CA SER J 43 -34.24 61.44 95.06
C SER J 43 -34.52 60.42 96.17
N SER J 44 -34.26 60.81 97.43
CA SER J 44 -34.42 59.97 98.63
C SER J 44 -35.81 59.34 98.76
N PRO J 45 -35.90 58.02 99.06
CA PRO J 45 -37.21 57.38 99.18
C PRO J 45 -37.97 57.79 100.45
N LEU J 46 -39.27 58.08 100.28
CA LEU J 46 -40.15 58.51 101.37
C LEU J 46 -40.64 57.33 102.20
N ASN J 47 -40.79 57.55 103.53
CA ASN J 47 -41.25 56.53 104.47
C ASN J 47 -42.55 56.99 105.14
N THR J 48 -43.66 56.31 104.82
CA THR J 48 -44.98 56.61 105.36
C THR J 48 -45.46 55.39 106.15
N ALA J 49 -45.29 55.43 107.50
CA ALA J 49 -45.63 54.37 108.45
C ALA J 49 -44.95 53.04 108.05
N LEU J 50 -45.73 51.95 107.85
CA LEU J 50 -45.20 50.65 107.45
C LEU J 50 -45.19 50.46 105.92
N ASN J 51 -44.69 51.49 105.20
CA ASN J 51 -44.57 51.54 103.74
C ASN J 51 -43.35 52.38 103.32
N VAL J 52 -42.69 51.97 102.21
CA VAL J 52 -41.53 52.67 101.66
C VAL J 52 -41.71 52.96 100.16
N GLN J 53 -41.87 54.25 99.81
CA GLN J 53 -42.06 54.70 98.43
C GLN J 53 -40.75 55.21 97.82
N TYR J 54 -40.27 54.51 96.77
CA TYR J 54 -39.05 54.87 96.05
C TYR J 54 -39.40 55.93 94.99
N THR J 55 -39.15 57.21 95.32
CA THR J 55 -39.43 58.39 94.48
C THR J 55 -38.81 58.29 93.09
N ASN J 56 -37.48 58.10 93.02
CA ASN J 56 -36.72 57.92 91.77
C ASN J 56 -35.42 57.17 92.07
N THR J 57 -35.46 55.82 91.89
CA THR J 57 -34.33 54.93 92.13
C THR J 57 -34.14 54.00 90.92
N SER J 58 -32.96 54.07 90.30
CA SER J 58 -32.58 53.23 89.16
C SER J 58 -31.78 52.03 89.66
N ILE J 59 -32.12 50.82 89.17
CA ILE J 59 -31.46 49.57 89.58
C ILE J 59 -31.07 48.70 88.37
N ILE J 60 -29.85 48.13 88.40
CA ILE J 60 -29.34 47.21 87.39
C ILE J 60 -29.15 45.85 88.09
N ALA J 61 -30.14 44.96 87.95
CA ALA J 61 -30.11 43.63 88.54
C ALA J 61 -29.98 42.58 87.45
N GLY J 62 -28.88 41.82 87.51
CA GLY J 62 -28.54 40.79 86.53
C GLY J 62 -28.30 41.35 85.14
N GLY J 63 -27.78 42.59 85.10
CA GLY J 63 -27.51 43.31 83.86
C GLY J 63 -28.73 43.94 83.22
N ARG J 64 -29.89 43.86 83.89
CA ARG J 64 -31.16 44.40 83.40
C ARG J 64 -31.50 45.69 84.17
N TYR J 65 -31.60 46.81 83.44
CA TYR J 65 -31.88 48.13 83.98
C TYR J 65 -33.38 48.41 84.08
N PHE J 66 -33.78 49.07 85.19
CA PHE J 66 -35.16 49.47 85.48
C PHE J 66 -35.23 50.62 86.48
N GLU J 67 -36.21 51.53 86.31
CA GLU J 67 -36.43 52.68 87.17
C GLU J 67 -37.66 52.50 88.05
N LEU J 68 -37.57 52.94 89.32
CA LEU J 68 -38.68 52.91 90.27
C LEU J 68 -39.16 54.33 90.44
N LEU J 69 -40.33 54.67 89.86
CA LEU J 69 -40.89 56.02 89.94
C LEU J 69 -42.14 56.05 90.80
N ASN J 70 -41.97 56.48 92.07
CA ASN J 70 -42.98 56.57 93.12
C ASN J 70 -43.67 55.23 93.40
N GLU J 71 -42.84 54.15 93.48
CA GLU J 71 -43.27 52.78 93.73
C GLU J 71 -43.19 52.49 95.23
N THR J 72 -44.36 52.24 95.85
CA THR J 72 -44.49 51.96 97.29
C THR J 72 -44.38 50.46 97.58
N VAL J 73 -43.60 50.10 98.62
CA VAL J 73 -43.37 48.72 99.06
C VAL J 73 -43.97 48.54 100.46
N ALA J 74 -44.88 47.56 100.62
CA ALA J 74 -45.54 47.25 101.90
C ALA J 74 -44.54 46.59 102.85
N LEU J 75 -44.55 47.02 104.14
CA LEU J 75 -43.62 46.51 105.15
C LEU J 75 -44.28 45.76 106.30
N LYS J 76 -43.53 44.84 106.94
CA LYS J 76 -43.96 44.03 108.08
C LYS J 76 -43.73 44.80 109.38
N GLY J 77 -44.72 44.77 110.27
CA GLY J 77 -44.69 45.44 111.57
C GLY J 77 -43.72 44.83 112.55
N ASP J 78 -42.84 45.68 113.14
CA ASP J 78 -41.81 45.36 114.13
C ASP J 78 -40.89 44.21 113.68
N SER J 79 -40.30 44.36 112.48
CA SER J 79 -39.42 43.35 111.87
C SER J 79 -38.37 44.00 110.95
N VAL J 80 -37.28 43.25 110.68
CA VAL J 80 -36.20 43.70 109.80
C VAL J 80 -36.48 43.15 108.39
N ASN J 81 -37.12 43.99 107.55
CA ASN J 81 -37.51 43.67 106.18
C ASN J 81 -36.33 43.74 105.21
N TYR J 82 -36.33 42.86 104.20
CA TYR J 82 -35.33 42.79 103.15
C TYR J 82 -36.04 43.02 101.80
N ILE J 83 -35.78 44.18 101.16
CA ILE J 83 -36.41 44.53 99.89
C ILE J 83 -35.68 43.85 98.73
N HIS J 84 -36.40 42.98 98.01
CA HIS J 84 -35.87 42.21 96.89
C HIS J 84 -36.43 42.63 95.54
N ALA J 85 -35.60 42.54 94.49
CA ALA J 85 -35.96 42.81 93.11
C ALA J 85 -36.16 41.45 92.45
N ASN J 86 -37.40 41.16 92.03
CA ASN J 86 -37.76 39.87 91.42
C ASN J 86 -37.97 39.99 89.92
N ILE J 87 -37.10 39.32 89.13
CA ILE J 87 -37.16 39.35 87.67
C ILE J 87 -37.62 38.00 87.08
N ASP J 88 -38.86 37.97 86.56
CA ASP J 88 -39.41 36.79 85.91
C ASP J 88 -39.71 37.15 84.46
N LEU J 89 -38.83 36.71 83.56
CA LEU J 89 -38.89 36.99 82.12
C LEU J 89 -40.13 36.44 81.41
N THR J 90 -40.82 35.44 82.01
CA THR J 90 -42.05 34.85 81.47
C THR J 90 -43.18 35.89 81.47
N GLN J 91 -43.17 36.81 82.45
CA GLN J 91 -44.12 37.91 82.58
C GLN J 91 -43.65 39.01 81.61
N THR J 92 -44.03 38.89 80.33
CA THR J 92 -43.64 39.81 79.25
C THR J 92 -44.07 41.26 79.48
N ALA J 93 -45.23 41.46 80.15
CA ALA J 93 -45.79 42.78 80.46
C ALA J 93 -45.11 43.41 81.67
N ASN J 94 -44.91 42.63 82.76
CA ASN J 94 -44.28 43.13 83.99
C ASN J 94 -43.22 42.16 84.52
N PRO J 95 -41.98 42.17 83.96
CA PRO J 95 -40.95 41.24 84.44
C PRO J 95 -40.41 41.53 85.84
N VAL J 96 -40.27 42.82 86.19
CA VAL J 96 -39.75 43.24 87.50
C VAL J 96 -40.87 43.50 88.50
N SER J 97 -40.76 42.88 89.68
CA SER J 97 -41.68 43.01 90.81
C SER J 97 -40.87 43.12 92.11
N LEU J 98 -41.40 43.86 93.09
CA LEU J 98 -40.72 44.05 94.38
C LEU J 98 -41.39 43.30 95.52
N SER J 99 -40.59 42.90 96.54
CA SER J 99 -41.08 42.17 97.71
C SER J 99 -40.23 42.42 98.95
N ALA J 100 -40.89 42.61 100.11
CA ALA J 100 -40.25 42.80 101.40
C ALA J 100 -40.29 41.46 102.12
N GLU J 101 -39.13 40.82 102.28
CA GLU J 101 -39.03 39.49 102.89
C GLU J 101 -38.36 39.46 104.27
N THR J 102 -38.64 38.38 105.03
CA THR J 102 -38.14 38.14 106.39
C THR J 102 -36.61 38.05 106.46
N ALA J 103 -35.99 37.31 105.52
CA ALA J 103 -34.54 37.12 105.44
C ALA J 103 -34.03 37.43 104.02
N ASN J 104 -32.69 37.55 103.86
CA ASN J 104 -32.05 37.81 102.57
C ASN J 104 -32.13 36.54 101.71
N ASN J 105 -33.06 36.53 100.75
CA ASN J 105 -33.31 35.41 99.86
C ASN J 105 -32.78 35.63 98.43
N SER J 106 -31.51 36.08 98.33
CA SER J 106 -30.84 36.30 97.04
C SER J 106 -30.46 34.95 96.46
N ASN J 107 -31.11 34.55 95.34
CA ASN J 107 -30.90 33.26 94.70
C ASN J 107 -29.73 33.19 93.71
N GLY J 108 -29.49 34.30 92.99
CA GLY J 108 -28.42 34.40 91.99
C GLY J 108 -28.65 33.55 90.75
N VAL J 109 -29.92 33.42 90.32
CA VAL J 109 -30.36 32.65 89.16
C VAL J 109 -29.90 33.32 87.86
N ASP J 110 -29.23 32.56 86.98
CA ASP J 110 -28.75 33.04 85.69
C ASP J 110 -29.94 33.15 84.72
N ILE J 111 -30.49 34.38 84.58
CA ILE J 111 -31.65 34.67 83.74
C ILE J 111 -31.30 34.96 82.27
N ASN J 112 -30.11 35.54 82.02
CA ASN J 112 -29.64 35.88 80.68
C ASN J 112 -29.29 34.65 79.83
N ASN J 113 -28.90 33.54 80.47
CA ASN J 113 -28.54 32.29 79.79
C ASN J 113 -29.63 31.22 79.94
N GLY J 114 -30.05 30.97 81.18
CA GLY J 114 -31.07 29.98 81.50
C GLY J 114 -32.37 30.55 81.99
N SER J 115 -33.31 29.66 82.36
CA SER J 115 -34.64 30.01 82.86
C SER J 115 -34.64 30.22 84.38
N GLY J 116 -35.73 30.76 84.92
CA GLY J 116 -35.89 31.02 86.34
C GLY J 116 -36.21 32.45 86.70
N VAL J 117 -36.46 32.68 88.00
CA VAL J 117 -36.77 34.00 88.56
C VAL J 117 -35.58 34.47 89.39
N LEU J 118 -35.05 35.66 89.08
CA LEU J 118 -33.92 36.24 89.80
C LEU J 118 -34.35 37.10 90.96
N LYS J 119 -33.95 36.70 92.18
CA LYS J 119 -34.23 37.40 93.42
C LYS J 119 -32.92 37.96 93.95
N VAL J 120 -32.88 39.27 94.28
CA VAL J 120 -31.70 39.95 94.79
C VAL J 120 -32.05 41.14 95.70
N CYS J 121 -31.50 41.13 96.93
CA CYS J 121 -31.72 42.17 97.94
C CYS J 121 -30.88 43.41 97.64
N PHE J 122 -31.48 44.59 97.79
CA PHE J 122 -30.80 45.87 97.54
C PHE J 122 -30.92 46.86 98.70
N ASP J 123 -31.99 46.74 99.52
CA ASP J 123 -32.25 47.62 100.65
C ASP J 123 -32.80 46.85 101.85
N ILE J 124 -32.26 47.12 103.06
CA ILE J 124 -32.69 46.49 104.31
C ILE J 124 -33.45 47.55 105.12
N VAL J 125 -34.73 47.31 105.42
CA VAL J 125 -35.58 48.24 106.15
C VAL J 125 -35.94 47.68 107.54
N THR J 126 -35.43 48.35 108.60
CA THR J 126 -35.70 47.98 109.99
C THR J 126 -36.93 48.80 110.44
N THR J 127 -38.00 48.11 110.87
CA THR J 127 -39.26 48.75 111.28
C THR J 127 -39.70 48.44 112.71
N SER J 128 -40.59 49.30 113.24
CA SER J 128 -41.22 49.18 114.55
C SER J 128 -42.71 48.90 114.32
N GLY J 129 -43.52 48.99 115.37
CA GLY J 129 -44.97 48.79 115.29
C GLY J 129 -45.69 49.88 114.52
N THR J 130 -45.17 51.12 114.63
CA THR J 130 -45.73 52.31 113.97
C THR J 130 -45.17 52.53 112.56
N GLY J 131 -43.86 52.78 112.47
CA GLY J 131 -43.20 53.05 111.20
C GLY J 131 -41.75 52.61 111.08
N VAL J 132 -41.06 53.13 110.05
CA VAL J 132 -39.66 52.86 109.71
C VAL J 132 -38.72 53.48 110.76
N THR J 133 -37.80 52.67 111.31
CA THR J 133 -36.81 53.13 112.29
C THR J 133 -35.49 53.50 111.63
N SER J 134 -34.95 52.61 110.78
CA SER J 134 -33.68 52.79 110.08
C SER J 134 -33.61 52.00 108.78
N THR J 135 -32.81 52.50 107.80
CA THR J 135 -32.61 51.85 106.51
C THR J 135 -31.13 51.70 106.15
N LYS J 136 -30.74 50.52 105.66
CA LYS J 136 -29.36 50.18 105.29
C LYS J 136 -29.32 49.56 103.88
N PRO J 137 -28.60 50.15 102.90
CA PRO J 137 -28.56 49.54 101.57
C PRO J 137 -27.51 48.44 101.42
N ILE J 138 -27.82 47.41 100.59
CA ILE J 138 -26.93 46.28 100.30
C ILE J 138 -25.72 46.77 99.51
N VAL J 139 -24.51 46.34 99.92
CA VAL J 139 -23.23 46.69 99.30
C VAL J 139 -23.16 46.29 97.82
N GLN J 140 -22.76 47.25 96.97
CA GLN J 140 -22.64 47.06 95.53
C GLN J 140 -21.26 46.49 95.21
N THR J 141 -21.19 45.15 95.14
CA THR J 141 -19.95 44.38 94.89
C THR J 141 -19.46 44.54 93.46
N SER J 142 -18.18 44.90 93.30
CA SER J 142 -17.52 45.08 92.01
C SER J 142 -16.31 44.15 91.92
N THR J 143 -16.53 42.95 91.34
CA THR J 143 -15.49 41.93 91.18
C THR J 143 -14.66 42.25 89.95
N LEU J 144 -13.34 42.44 90.15
CA LEU J 144 -12.38 42.77 89.08
C LEU J 144 -11.13 41.89 89.15
N ASP J 145 -10.43 41.71 88.01
CA ASP J 145 -9.24 40.88 87.93
C ASP J 145 -7.97 41.67 88.32
N SER J 146 -7.71 42.82 87.67
CA SER J 146 -6.57 43.68 87.96
C SER J 146 -6.88 45.14 87.69
N ILE J 147 -6.30 46.05 88.51
CA ILE J 147 -6.53 47.49 88.41
C ILE J 147 -5.22 48.28 88.28
N SER J 148 -5.16 49.16 87.25
CA SER J 148 -4.06 50.09 87.01
C SER J 148 -4.64 51.48 87.37
N VAL J 149 -4.32 51.97 88.58
CA VAL J 149 -4.86 53.23 89.12
C VAL J 149 -3.78 54.28 89.48
N ASN J 150 -4.10 55.57 89.31
CA ASN J 150 -3.21 56.68 89.65
C ASN J 150 -3.30 56.95 91.15
N ASP J 151 -4.48 57.36 91.65
CA ASP J 151 -4.70 57.66 93.08
C ASP J 151 -5.94 56.98 93.65
N MET J 152 -5.91 56.65 94.95
CA MET J 152 -7.00 55.96 95.63
C MET J 152 -7.27 56.53 97.03
N THR J 153 -8.54 56.49 97.46
CA THR J 153 -8.97 56.95 98.79
C THR J 153 -9.92 55.90 99.38
N VAL J 154 -9.50 55.27 100.50
CA VAL J 154 -10.26 54.24 101.20
C VAL J 154 -10.78 54.77 102.53
N SER J 155 -12.09 54.60 102.79
CA SER J 155 -12.76 55.05 104.01
C SER J 155 -12.88 53.97 105.10
N GLY J 156 -12.90 52.71 104.68
CA GLY J 156 -13.01 51.56 105.59
C GLY J 156 -11.67 50.92 105.89
N SER J 157 -11.37 49.79 105.22
CA SER J 157 -10.11 49.02 105.39
C SER J 157 -9.83 48.10 104.21
N ILE J 158 -8.53 47.95 103.88
CA ILE J 158 -8.03 47.08 102.80
C ILE J 158 -7.60 45.74 103.40
N ASP J 159 -8.06 44.62 102.79
CA ASP J 159 -7.69 43.28 103.25
C ASP J 159 -6.59 42.70 102.36
N VAL J 160 -5.34 42.77 102.84
CA VAL J 160 -4.15 42.27 102.14
C VAL J 160 -3.73 40.87 102.65
N PRO J 161 -3.20 39.96 101.79
CA PRO J 161 -2.84 38.61 102.27
C PRO J 161 -1.74 38.58 103.32
N VAL J 162 -2.01 37.84 104.41
CA VAL J 162 -1.15 37.71 105.58
C VAL J 162 -0.50 36.30 105.61
N GLN J 163 0.79 36.24 105.98
CA GLN J 163 1.56 35.01 106.12
C GLN J 163 2.34 35.00 107.43
N THR J 164 2.18 33.93 108.23
CA THR J 164 2.86 33.78 109.52
C THR J 164 3.95 32.72 109.48
N LEU J 165 5.04 32.93 110.24
CA LEU J 165 6.19 32.03 110.32
C LEU J 165 6.87 32.11 111.68
N THR J 166 7.27 30.94 112.23
CA THR J 166 7.95 30.84 113.51
C THR J 166 9.22 29.98 113.36
N VAL J 167 10.35 30.65 113.05
CA VAL J 167 11.64 30.00 112.83
C VAL J 167 12.48 30.00 114.11
N GLU J 168 12.93 28.81 114.54
CA GLU J 168 13.78 28.62 115.70
C GLU J 168 15.23 28.82 115.23
N ALA J 169 15.71 30.07 115.32
CA ALA J 169 17.05 30.51 114.89
C ALA J 169 18.22 29.72 115.50
N GLY J 170 18.02 29.19 116.70
CA GLY J 170 19.02 28.41 117.42
C GLY J 170 19.61 29.13 118.61
N ASN J 171 20.44 28.41 119.39
CA ASN J 171 21.11 28.89 120.62
C ASN J 171 20.13 29.35 121.73
N GLY J 172 18.83 29.24 121.44
CA GLY J 172 17.75 29.62 122.34
C GLY J 172 16.89 30.78 121.87
N LEU J 173 17.07 31.20 120.60
CA LEU J 173 16.32 32.31 119.99
C LEU J 173 15.15 31.81 119.13
N GLN J 174 13.99 32.47 119.29
CA GLN J 174 12.75 32.21 118.56
C GLN J 174 12.30 33.51 117.88
N LEU J 175 11.88 33.43 116.60
CA LEU J 175 11.43 34.58 115.82
C LEU J 175 10.00 34.38 115.33
N GLN J 176 9.13 35.39 115.51
CA GLN J 176 7.75 35.35 115.07
C GLN J 176 7.55 36.40 113.96
N LEU J 177 7.53 35.92 112.71
CA LEU J 177 7.39 36.75 111.50
C LEU J 177 5.95 36.82 111.01
N THR J 178 5.54 38.02 110.55
CA THR J 178 4.21 38.29 110.01
C THR J 178 4.35 39.13 108.72
N LYS J 179 4.20 38.48 107.55
CA LYS J 179 4.34 39.09 106.23
C LYS J 179 2.97 39.45 105.63
N LYS J 180 2.78 40.74 105.29
CA LYS J 180 1.55 41.24 104.68
C LYS J 180 1.85 41.90 103.34
N ASN J 181 1.06 41.54 102.30
CA ASN J 181 1.19 42.02 100.91
C ASN J 181 2.56 41.62 100.27
N ASN J 182 3.16 40.50 100.76
CA ASN J 182 4.45 39.94 100.32
C ASN J 182 5.63 40.93 100.34
N ASP J 183 5.58 41.93 101.24
CA ASP J 183 6.61 42.96 101.34
C ASP J 183 7.03 43.29 102.79
N LEU J 184 6.13 43.91 103.58
CA LEU J 184 6.42 44.30 104.97
C LEU J 184 6.29 43.13 105.93
N VAL J 185 7.37 42.88 106.71
CA VAL J 185 7.43 41.80 107.70
C VAL J 185 7.86 42.38 109.06
N ILE J 186 7.11 42.04 110.13
CA ILE J 186 7.44 42.45 111.49
C ILE J 186 7.88 41.23 112.28
N VAL J 187 9.17 41.20 112.66
CA VAL J 187 9.81 40.11 113.39
C VAL J 187 9.67 40.36 114.89
N ARG J 188 9.13 39.37 115.62
CA ARG J 188 8.94 39.42 117.08
C ARG J 188 9.94 38.47 117.75
N PHE J 189 10.81 39.02 118.62
CA PHE J 189 11.83 38.25 119.34
C PHE J 189 11.26 37.52 120.55
N PHE J 190 11.60 36.22 120.69
CA PHE J 190 11.18 35.36 121.80
C PHE J 190 12.27 34.33 122.18
N GLY J 191 12.16 33.78 123.39
CA GLY J 191 13.09 32.79 123.93
C GLY J 191 14.16 33.38 124.81
N SER J 192 15.31 32.70 124.91
CA SER J 192 16.48 33.10 125.71
C SER J 192 17.77 32.53 125.09
N VAL J 193 18.58 33.42 124.47
CA VAL J 193 19.83 33.05 123.79
C VAL J 193 21.01 32.74 124.76
N SER J 194 21.76 31.66 124.46
CA SER J 194 22.91 31.19 125.24
C SER J 194 23.96 30.51 124.34
N ASN J 195 25.26 30.66 124.69
CA ASN J 195 26.43 30.11 123.99
C ASN J 195 26.56 30.59 122.53
N ILE J 196 26.85 31.90 122.35
CA ILE J 196 27.00 32.53 121.04
C ILE J 196 28.04 33.68 121.06
N GLN J 197 28.79 33.84 119.95
CA GLN J 197 29.81 34.89 119.77
C GLN J 197 29.41 35.87 118.66
N LYS J 198 30.05 37.06 118.63
CA LYS J 198 29.79 38.11 117.63
C LYS J 198 30.29 37.71 116.23
N GLY J 199 29.41 37.87 115.24
CA GLY J 199 29.68 37.54 113.85
C GLY J 199 29.49 36.07 113.50
N TRP J 200 29.08 35.25 114.48
CA TRP J 200 28.86 33.81 114.32
C TRP J 200 27.43 33.49 113.91
N ASN J 201 27.28 32.57 112.92
CA ASN J 201 25.99 32.12 112.40
C ASN J 201 25.26 31.29 113.45
N MET J 202 23.93 31.46 113.54
CA MET J 202 23.11 30.77 114.54
C MET J 202 22.73 29.34 114.16
N SER J 203 23.07 28.39 115.05
CA SER J 203 22.94 26.93 114.98
C SER J 203 21.66 26.33 114.38
N GLY J 204 20.49 26.84 114.80
CA GLY J 204 19.19 26.33 114.40
C GLY J 204 18.73 26.56 112.97
N THR J 205 17.39 26.50 112.79
CA THR J 205 16.66 26.64 111.53
C THR J 205 16.91 27.99 110.83
N TRP J 206 16.93 27.97 109.49
CA TRP J 206 17.11 29.14 108.63
C TRP J 206 15.75 29.69 108.19
N VAL J 207 15.72 30.98 107.80
CA VAL J 207 14.50 31.69 107.35
C VAL J 207 14.02 31.13 106.01
N ASP J 208 12.72 30.79 105.91
CA ASP J 208 12.06 30.25 104.71
C ASP J 208 12.10 31.24 103.55
N ARG J 209 12.15 30.69 102.31
CA ARG J 209 12.19 31.45 101.04
C ARG J 209 11.13 32.57 100.88
N PRO J 210 9.82 32.40 101.22
CA PRO J 210 8.87 33.53 101.06
C PRO J 210 9.09 34.69 102.03
N PHE J 211 9.91 34.48 103.07
CA PHE J 211 10.21 35.47 104.11
C PHE J 211 11.64 36.05 104.01
N ARG J 212 12.48 35.49 103.11
CA ARG J 212 13.86 35.95 102.89
C ARG J 212 13.91 37.32 102.21
N PRO J 213 14.73 38.29 102.70
CA PRO J 213 14.79 39.60 102.04
C PRO J 213 15.78 39.67 100.88
N ALA J 214 15.73 40.76 100.09
CA ALA J 214 16.61 40.97 98.94
C ALA J 214 18.04 41.28 99.38
N ALA J 215 18.19 42.07 100.45
CA ALA J 215 19.48 42.45 101.03
C ALA J 215 19.51 42.10 102.52
N VAL J 216 20.72 42.12 103.13
CA VAL J 216 20.92 41.83 104.54
C VAL J 216 20.22 42.88 105.44
N GLN J 217 19.24 42.42 106.24
CA GLN J 217 18.45 43.28 107.12
C GLN J 217 18.92 43.20 108.57
N SER J 218 19.42 44.34 109.09
CA SER J 218 19.90 44.47 110.46
C SER J 218 18.71 44.80 111.36
N LEU J 219 18.29 43.84 112.23
CA LEU J 219 17.15 44.04 113.12
C LEU J 219 17.54 44.03 114.59
N VAL J 220 17.25 45.16 115.28
CA VAL J 220 17.58 45.40 116.68
C VAL J 220 16.54 44.80 117.65
N GLY J 221 17.04 44.13 118.68
CA GLY J 221 16.26 43.53 119.77
C GLY J 221 16.72 44.04 121.12
N HIS J 222 16.11 43.54 122.21
CA HIS J 222 16.46 43.96 123.57
C HIS J 222 16.41 42.83 124.60
N PHE J 223 17.36 42.86 125.57
CA PHE J 223 17.43 41.86 126.64
C PHE J 223 16.52 42.32 127.79
N ALA J 224 15.43 41.55 128.04
CA ALA J 224 14.42 41.83 129.06
C ALA J 224 14.99 41.96 130.47
N GLY J 225 14.63 43.07 131.14
CA GLY J 225 15.05 43.39 132.50
C GLY J 225 16.41 44.06 132.60
N ARG J 226 17.06 44.33 131.45
CA ARG J 226 18.38 44.96 131.39
C ARG J 226 18.35 46.26 130.56
N ASP J 227 19.54 46.87 130.37
CA ASP J 227 19.71 48.07 129.54
C ASP J 227 20.67 47.78 128.38
N THR J 228 20.91 46.47 128.14
CA THR J 228 21.77 45.93 127.07
C THR J 228 20.91 45.56 125.86
N SER J 229 21.46 45.77 124.65
CA SER J 229 20.75 45.47 123.40
C SER J 229 21.55 44.57 122.44
N PHE J 230 20.88 44.03 121.40
CA PHE J 230 21.48 43.14 120.41
C PHE J 230 20.86 43.39 119.02
N HIS J 231 21.51 42.86 117.97
CA HIS J 231 21.02 42.93 116.59
C HIS J 231 21.41 41.70 115.78
N ILE J 232 20.48 41.21 114.94
CA ILE J 232 20.69 40.02 114.11
C ILE J 232 20.56 40.32 112.62
N ASP J 233 21.56 39.88 111.83
CA ASP J 233 21.61 40.09 110.39
C ASP J 233 20.96 38.94 109.62
N ILE J 234 19.76 39.20 109.05
CA ILE J 234 19.04 38.21 108.24
C ILE J 234 19.50 38.38 106.79
N ASN J 235 20.49 37.57 106.40
CA ASN J 235 21.11 37.57 105.07
C ASN J 235 20.12 37.06 104.00
N PRO J 236 20.31 37.38 102.69
CA PRO J 236 19.33 36.92 101.67
C PRO J 236 19.16 35.40 101.51
N ASN J 237 20.14 34.59 101.96
CA ASN J 237 20.09 33.13 101.88
C ASN J 237 19.29 32.46 103.04
N GLY J 238 18.75 33.28 103.94
CA GLY J 238 17.95 32.82 105.07
C GLY J 238 18.73 32.66 106.37
N SER J 239 20.07 32.77 106.30
CA SER J 239 20.96 32.63 107.44
C SER J 239 20.86 33.82 108.41
N ILE J 240 20.77 33.53 109.72
CA ILE J 240 20.67 34.52 110.77
C ILE J 240 22.03 34.62 111.49
N THR J 241 22.75 35.73 111.26
CA THR J 241 24.07 35.97 111.87
C THR J 241 23.93 36.88 113.08
N TRP J 242 24.42 36.39 114.25
CA TRP J 242 24.39 37.13 115.52
C TRP J 242 25.40 38.28 115.50
N TRP J 243 25.00 39.46 116.01
CA TRP J 243 25.87 40.63 116.05
C TRP J 243 25.82 41.43 117.37
N GLY J 244 25.52 40.74 118.46
CA GLY J 244 25.50 41.31 119.80
C GLY J 244 26.77 40.93 120.54
N ALA J 245 26.83 41.18 121.85
CA ALA J 245 28.00 40.82 122.65
C ALA J 245 28.01 39.31 122.94
N ASN J 246 29.22 38.72 123.12
CA ASN J 246 29.42 37.30 123.38
C ASN J 246 28.66 36.82 124.62
N ILE J 247 27.78 35.84 124.44
CA ILE J 247 26.94 35.29 125.50
C ILE J 247 27.42 33.90 125.94
N ASP J 248 27.56 33.72 127.25
CA ASP J 248 27.99 32.48 127.88
C ASP J 248 26.85 31.46 128.08
N LYS J 249 27.08 30.49 128.97
CA LYS J 249 26.14 29.40 129.29
C LYS J 249 24.79 29.86 129.88
N THR J 250 24.77 31.00 130.59
CA THR J 250 23.57 31.56 131.21
C THR J 250 22.64 32.18 130.14
N PRO J 251 21.37 31.72 130.02
CA PRO J 251 20.49 32.30 128.99
C PRO J 251 19.77 33.57 129.44
N ILE J 252 19.75 34.59 128.56
CA ILE J 252 19.11 35.90 128.81
C ILE J 252 17.91 36.05 127.87
N ALA J 253 16.72 36.40 128.43
CA ALA J 253 15.47 36.59 127.70
C ALA J 253 15.57 37.70 126.65
N THR J 254 15.24 37.34 125.39
CA THR J 254 15.30 38.24 124.23
C THR J 254 13.91 38.59 123.72
N ARG J 255 13.58 39.90 123.70
CA ARG J 255 12.29 40.42 123.24
C ARG J 255 12.48 41.67 122.39
N GLY J 256 11.58 41.89 121.43
CA GLY J 256 11.63 43.06 120.55
C GLY J 256 10.89 42.93 119.23
N ASN J 257 10.64 44.07 118.57
CA ASN J 257 9.96 44.16 117.27
C ASN J 257 10.84 44.87 116.23
N GLY J 258 11.02 44.23 115.08
CA GLY J 258 11.83 44.73 113.97
C GLY J 258 11.13 44.60 112.63
N SER J 259 11.04 45.72 111.89
CA SER J 259 10.39 45.80 110.58
C SER J 259 11.40 45.90 109.44
N TYR J 260 11.10 45.22 108.30
CA TYR J 260 11.93 45.23 107.09
C TYR J 260 11.12 44.97 105.82
N PHE J 261 11.63 45.45 104.66
CA PHE J 261 11.01 45.25 103.35
C PHE J 261 11.74 44.14 102.60
N ILE J 262 11.00 43.20 101.99
CA ILE J 262 11.57 42.13 101.19
C ILE J 262 11.96 42.71 99.82
N LYS J 263 10.99 43.32 99.12
CA LYS J 263 11.14 43.93 97.80
C LYS J 263 12.01 45.18 97.85
N THR K 1 20.54 64.38 34.71
CA THR K 1 20.75 64.86 33.36
C THR K 1 22.01 65.70 33.28
N ILE K 2 22.82 65.45 32.26
CA ILE K 2 24.07 66.18 32.05
C ILE K 2 23.84 67.30 31.04
N LYS K 3 24.28 68.53 31.37
CA LYS K 3 24.21 69.70 30.50
C LYS K 3 25.62 70.10 30.04
N ASN K 4 25.85 70.11 28.71
CA ASN K 4 27.13 70.35 28.05
C ASN K 4 27.24 71.80 27.54
N PHE K 5 28.21 72.56 28.09
CA PHE K 5 28.41 73.97 27.74
C PHE K 5 29.59 74.29 26.83
N THR K 6 30.81 73.90 27.21
CA THR K 6 32.02 74.20 26.42
C THR K 6 32.31 73.12 25.34
N PHE K 7 31.32 72.87 24.48
CA PHE K 7 31.40 71.88 23.40
C PHE K 7 30.80 72.46 22.13
N PHE K 8 31.25 71.98 20.97
CA PHE K 8 30.76 72.47 19.68
C PHE K 8 29.34 72.02 19.37
N SER K 9 28.54 72.95 18.80
CA SER K 9 27.16 72.71 18.41
C SER K 9 27.11 72.45 16.90
N PRO K 10 26.96 71.16 16.47
CA PRO K 10 26.96 70.84 15.02
C PRO K 10 25.96 71.61 14.16
N ASN K 11 24.78 71.89 14.71
CA ASN K 11 23.73 72.64 14.01
C ASN K 11 23.50 74.02 14.64
N SER K 12 24.54 74.53 15.34
CA SER K 12 24.61 75.83 16.03
C SER K 12 23.50 76.07 17.07
N THR K 13 22.84 75.01 17.53
CA THR K 13 21.72 75.10 18.49
C THR K 13 21.84 74.19 19.71
N GLU K 14 22.63 73.11 19.61
CA GLU K 14 22.79 72.07 20.65
C GLU K 14 23.26 72.55 22.01
N PHE K 15 24.31 73.37 22.02
CA PHE K 15 24.87 73.80 23.28
C PHE K 15 24.94 75.32 23.56
N PRO K 16 23.81 75.98 23.90
CA PRO K 16 23.88 77.41 24.22
C PRO K 16 24.34 77.70 25.64
N VAL K 17 25.22 78.69 25.78
CA VAL K 17 25.75 79.05 27.09
C VAL K 17 25.16 80.33 27.66
N GLY K 18 24.51 80.20 28.82
CA GLY K 18 23.87 81.31 29.52
C GLY K 18 24.81 82.09 30.41
N SER K 19 24.39 83.30 30.81
CA SER K 19 25.19 84.16 31.68
C SER K 19 25.43 83.58 33.07
N ASN K 20 24.46 82.80 33.60
CA ASN K 20 24.59 82.16 34.90
C ASN K 20 25.56 80.97 34.83
N ASN K 21 25.61 80.29 33.67
CA ASN K 21 26.52 79.18 33.43
C ASN K 21 27.96 79.68 33.35
N ASP K 22 28.17 80.84 32.70
CA ASP K 22 29.50 81.45 32.62
C ASP K 22 29.88 82.08 33.95
N GLY K 23 28.88 82.60 34.68
CA GLY K 23 29.04 83.18 36.01
C GLY K 23 29.61 82.12 36.96
N LYS K 24 29.00 80.91 36.94
CA LYS K 24 29.45 79.75 37.70
C LYS K 24 30.82 79.25 37.24
N LEU K 25 31.10 79.31 35.91
CA LEU K 25 32.38 78.92 35.30
C LEU K 25 33.51 79.86 35.74
N TYR K 26 33.27 81.18 35.70
CA TYR K 26 34.25 82.20 36.10
C TYR K 26 34.57 82.15 37.59
N MET K 27 33.57 81.84 38.43
CA MET K 27 33.74 81.70 39.89
C MET K 27 34.66 80.51 40.22
N MET K 28 34.45 79.37 39.54
CA MET K 28 35.20 78.13 39.73
C MET K 28 36.65 78.23 39.27
N LEU K 29 36.92 79.07 38.26
CA LEU K 29 38.27 79.29 37.75
C LEU K 29 39.08 80.13 38.73
N THR K 30 38.59 81.35 39.03
CA THR K 30 39.26 82.27 39.94
C THR K 30 39.26 81.81 41.40
N GLY K 31 38.36 80.89 41.75
CA GLY K 31 38.23 80.38 43.10
C GLY K 31 37.57 81.40 44.01
N MET K 32 36.38 81.89 43.64
CA MET K 32 35.63 82.86 44.43
C MET K 32 34.25 82.31 44.81
N ASP K 33 33.74 82.75 45.95
CA ASP K 33 32.40 82.40 46.39
C ASP K 33 31.51 83.66 46.25
N TYR K 34 30.28 83.62 46.76
CA TYR K 34 29.39 84.77 46.67
C TYR K 34 29.65 85.85 47.72
N ARG K 35 30.67 85.64 48.58
CA ARG K 35 31.02 86.58 49.66
C ARG K 35 32.30 87.39 49.40
N THR K 36 32.83 87.31 48.18
CA THR K 36 34.02 88.05 47.78
C THR K 36 33.83 88.64 46.39
N ILE K 37 34.85 89.37 45.92
CA ILE K 37 34.85 90.00 44.59
C ILE K 37 36.23 89.89 43.96
N ARG K 38 36.30 90.30 42.70
CA ARG K 38 37.51 90.56 41.95
C ARG K 38 37.31 92.01 41.58
N ARG K 39 38.29 92.86 41.88
CA ARG K 39 38.16 94.30 41.65
C ARG K 39 39.47 94.90 41.17
N LYS K 40 39.39 95.81 40.19
CA LYS K 40 40.55 96.49 39.67
C LYS K 40 40.22 97.93 39.30
N ASP K 41 40.94 98.89 39.92
CA ASP K 41 40.81 100.30 39.59
C ASP K 41 41.83 100.54 38.48
N TRP K 42 41.38 100.62 37.21
CA TRP K 42 42.27 100.88 36.07
C TRP K 42 42.78 102.31 36.15
N SER K 43 41.94 103.19 36.73
CA SER K 43 42.24 104.58 37.07
C SER K 43 41.70 104.85 38.48
N SER K 44 42.37 105.74 39.21
CA SER K 44 42.01 106.04 40.58
C SER K 44 40.62 106.67 40.75
N PRO K 45 39.79 106.17 41.69
CA PRO K 45 38.50 106.84 41.95
C PRO K 45 38.73 108.24 42.50
N LEU K 46 37.80 109.16 42.24
CA LEU K 46 37.95 110.56 42.66
C LEU K 46 36.94 110.95 43.73
N ASN K 47 37.44 111.55 44.81
CA ASN K 47 36.62 111.99 45.93
C ASN K 47 36.31 113.48 45.80
N THR K 48 35.02 113.82 45.80
CA THR K 48 34.52 115.20 45.71
C THR K 48 33.42 115.35 46.75
N ALA K 49 33.65 116.19 47.78
CA ALA K 49 32.74 116.38 48.92
C ALA K 49 32.40 114.99 49.52
N LEU K 50 31.12 114.71 49.83
CA LEU K 50 30.72 113.40 50.35
C LEU K 50 30.27 112.46 49.23
N ASN K 51 31.18 112.23 48.26
CA ASN K 51 30.95 111.40 47.09
C ASN K 51 32.25 110.75 46.62
N VAL K 52 32.14 109.52 46.09
CA VAL K 52 33.26 108.79 45.48
C VAL K 52 32.87 108.50 44.04
N GLN K 53 33.70 108.95 43.09
CA GLN K 53 33.47 108.70 41.69
C GLN K 53 34.41 107.62 41.22
N TYR K 54 33.85 106.47 40.81
CA TYR K 54 34.65 105.40 40.26
C TYR K 54 34.82 105.72 38.79
N THR K 55 36.03 106.14 38.44
CA THR K 55 36.39 106.59 37.09
C THR K 55 36.43 105.44 36.09
N ASN K 56 37.14 104.35 36.43
CA ASN K 56 37.24 103.15 35.62
C ASN K 56 37.63 101.99 36.51
N THR K 57 36.62 101.34 37.10
CA THR K 57 36.79 100.20 37.98
C THR K 57 36.02 99.02 37.42
N SER K 58 36.66 97.84 37.34
CA SER K 58 36.01 96.61 36.91
C SER K 58 35.78 95.74 38.13
N ILE K 59 34.60 95.11 38.22
CA ILE K 59 34.24 94.24 39.33
C ILE K 59 33.65 92.94 38.80
N ILE K 60 34.00 91.83 39.46
CA ILE K 60 33.41 90.51 39.23
C ILE K 60 32.75 90.15 40.55
N ALA K 61 31.44 90.01 40.55
CA ALA K 61 30.64 89.65 41.73
C ALA K 61 29.71 88.54 41.30
N GLY K 62 29.80 87.39 41.97
CA GLY K 62 29.03 86.19 41.62
C GLY K 62 29.31 85.68 40.21
N GLY K 63 30.56 85.87 39.76
CA GLY K 63 31.04 85.51 38.42
C GLY K 63 30.58 86.45 37.31
N ARG K 64 29.89 87.54 37.68
CA ARG K 64 29.36 88.53 36.75
C ARG K 64 30.27 89.72 36.65
N TYR K 65 30.70 90.04 35.43
CA TYR K 65 31.62 91.14 35.15
C TYR K 65 30.87 92.39 34.76
N PHE K 66 31.27 93.51 35.35
CA PHE K 66 30.71 94.82 35.07
C PHE K 66 31.74 95.91 35.30
N GLU K 67 31.63 96.99 34.54
CA GLU K 67 32.53 98.11 34.64
C GLU K 67 31.79 99.29 35.29
N LEU K 68 32.50 100.11 36.09
CA LEU K 68 32.02 101.35 36.70
C LEU K 68 32.78 102.49 36.00
N LEU K 69 32.09 103.20 35.09
CA LEU K 69 32.70 104.27 34.31
C LEU K 69 32.04 105.57 34.70
N ASN K 70 32.80 106.42 35.44
CA ASN K 70 32.34 107.68 36.00
C ASN K 70 31.02 107.51 36.76
N GLU K 71 31.03 106.55 37.71
CA GLU K 71 29.89 106.19 38.54
C GLU K 71 30.10 106.75 39.94
N THR K 72 29.25 107.70 40.35
CA THR K 72 29.35 108.39 41.64
C THR K 72 28.41 107.80 42.68
N VAL K 73 28.95 107.54 43.87
CA VAL K 73 28.20 107.03 45.02
C VAL K 73 28.20 108.13 46.09
N ALA K 74 26.99 108.53 46.54
CA ALA K 74 26.82 109.55 47.59
C ALA K 74 27.10 108.91 48.95
N LEU K 75 27.83 109.63 49.82
CA LEU K 75 28.24 109.14 51.13
C LEU K 75 27.60 109.86 52.30
N LYS K 76 27.56 109.19 53.45
CA LYS K 76 27.08 109.72 54.72
C LYS K 76 28.29 110.40 55.37
N GLY K 77 28.09 111.60 55.93
CA GLY K 77 29.13 112.37 56.59
C GLY K 77 29.49 111.81 57.95
N ASP K 78 30.77 112.02 58.38
CA ASP K 78 31.35 111.56 59.66
C ASP K 78 31.03 110.09 59.93
N SER K 79 31.17 109.26 58.90
CA SER K 79 30.80 107.86 58.96
C SER K 79 31.75 106.96 58.19
N VAL K 80 31.65 105.65 58.46
CA VAL K 80 32.37 104.60 57.75
C VAL K 80 31.35 104.02 56.76
N ASN K 81 31.55 104.28 55.46
CA ASN K 81 30.65 103.87 54.40
C ASN K 81 31.13 102.58 53.78
N TYR K 82 30.25 101.57 53.79
CA TYR K 82 30.52 100.26 53.18
C TYR K 82 29.87 100.26 51.80
N ILE K 83 30.71 100.29 50.75
CA ILE K 83 30.25 100.35 49.36
C ILE K 83 29.94 98.96 48.85
N HIS K 84 28.70 98.75 48.44
CA HIS K 84 28.22 97.46 47.97
C HIS K 84 27.85 97.47 46.51
N ALA K 85 28.07 96.33 45.85
CA ALA K 85 27.60 96.06 44.50
C ALA K 85 26.38 95.19 44.73
N ASN K 86 25.23 95.60 44.19
CA ASN K 86 23.97 94.88 44.36
C ASN K 86 23.49 94.37 43.01
N ILE K 87 23.27 93.04 42.90
CA ILE K 87 22.85 92.42 41.65
C ILE K 87 21.45 91.82 41.78
N ASP K 88 20.52 92.35 40.98
CA ASP K 88 19.14 91.88 40.93
C ASP K 88 18.86 91.55 39.48
N LEU K 89 18.81 90.25 39.16
CA LEU K 89 18.60 89.76 37.80
C LEU K 89 17.21 90.00 37.22
N THR K 90 16.22 90.28 38.08
CA THR K 90 14.85 90.58 37.66
C THR K 90 14.79 91.98 37.05
N GLN K 91 15.73 92.87 37.43
CA GLN K 91 15.87 94.23 36.91
C GLN K 91 16.66 94.12 35.60
N THR K 92 16.01 93.56 34.59
CA THR K 92 16.53 93.29 33.26
C THR K 92 17.37 94.41 32.61
N ALA K 93 16.90 95.67 32.65
CA ALA K 93 17.60 96.80 32.06
C ALA K 93 18.80 97.31 32.88
N ASN K 94 18.70 97.26 34.23
CA ASN K 94 19.76 97.72 35.14
C ASN K 94 19.95 96.70 36.27
N PRO K 95 20.61 95.54 36.01
CA PRO K 95 20.74 94.54 37.07
C PRO K 95 21.69 94.89 38.20
N VAL K 96 22.65 95.78 37.95
CA VAL K 96 23.64 96.20 38.95
C VAL K 96 23.43 97.64 39.42
N SER K 97 23.55 97.84 40.73
CA SER K 97 23.47 99.14 41.39
C SER K 97 24.44 99.19 42.56
N LEU K 98 24.91 100.40 42.90
CA LEU K 98 25.83 100.61 44.02
C LEU K 98 25.15 101.30 45.19
N SER K 99 25.55 100.95 46.41
CA SER K 99 25.00 101.54 47.62
C SER K 99 26.10 101.79 48.63
N ALA K 100 25.92 102.82 49.48
CA ALA K 100 26.83 103.18 50.57
C ALA K 100 26.04 102.88 51.84
N GLU K 101 26.51 101.90 52.60
CA GLU K 101 25.78 101.43 53.78
C GLU K 101 26.56 101.59 55.08
N THR K 102 25.83 101.60 56.21
CA THR K 102 26.36 101.77 57.56
C THR K 102 27.14 100.55 58.08
N ALA K 103 26.96 99.37 57.47
CA ALA K 103 27.61 98.13 57.87
C ALA K 103 27.92 97.26 56.64
N ASN K 104 28.77 96.22 56.81
CA ASN K 104 29.05 95.29 55.73
C ASN K 104 27.88 94.30 55.70
N ASN K 105 27.00 94.52 54.74
CA ASN K 105 25.77 93.74 54.57
C ASN K 105 25.83 92.71 53.45
N SER K 106 27.02 92.15 53.16
CA SER K 106 27.22 91.10 52.16
C SER K 106 26.37 89.89 52.58
N ASN K 107 25.51 89.40 51.66
CA ASN K 107 24.54 88.35 51.96
C ASN K 107 24.83 86.96 51.42
N GLY K 108 25.79 86.84 50.50
CA GLY K 108 26.19 85.58 49.87
C GLY K 108 25.12 84.84 49.09
N VAL K 109 24.13 85.59 48.54
CA VAL K 109 23.01 85.03 47.77
C VAL K 109 23.46 84.44 46.43
N ASP K 110 23.11 83.16 46.20
CA ASP K 110 23.45 82.43 44.98
C ASP K 110 22.52 82.84 43.83
N ILE K 111 22.94 83.86 43.09
CA ILE K 111 22.20 84.40 41.95
C ILE K 111 22.27 83.57 40.67
N ASN K 112 23.23 82.65 40.59
CA ASN K 112 23.38 81.82 39.40
C ASN K 112 22.54 80.56 39.43
N ASN K 113 22.08 80.15 40.63
CA ASN K 113 21.27 78.96 40.83
C ASN K 113 19.85 79.24 41.30
N GLY K 114 19.66 80.35 42.00
CA GLY K 114 18.35 80.70 42.53
C GLY K 114 18.00 82.17 42.45
N SER K 115 16.87 82.53 43.08
CA SER K 115 16.34 83.90 43.15
C SER K 115 16.95 84.68 44.31
N GLY K 116 16.77 86.01 44.28
CA GLY K 116 17.27 86.90 45.31
C GLY K 116 18.25 87.94 44.80
N VAL K 117 18.51 88.93 45.63
CA VAL K 117 19.43 90.01 45.31
C VAL K 117 20.78 89.70 45.96
N LEU K 118 21.86 89.72 45.18
CA LEU K 118 23.20 89.52 45.72
C LEU K 118 23.75 90.87 46.14
N LYS K 119 24.20 90.97 47.40
CA LYS K 119 24.83 92.17 47.95
C LYS K 119 26.24 91.78 48.36
N VAL K 120 27.24 92.51 47.86
CA VAL K 120 28.62 92.23 48.19
C VAL K 120 29.39 93.54 48.37
N CYS K 121 30.01 93.70 49.53
CA CYS K 121 30.81 94.89 49.85
C CYS K 121 32.19 94.79 49.20
N PHE K 122 32.66 95.87 48.54
CA PHE K 122 33.96 95.89 47.88
C PHE K 122 34.89 97.03 48.31
N ASP K 123 34.34 98.08 48.95
CA ASP K 123 35.11 99.24 49.38
C ASP K 123 34.61 99.77 50.72
N ILE K 124 35.54 100.33 51.52
CA ILE K 124 35.24 100.97 52.80
C ILE K 124 35.75 102.40 52.71
N VAL K 125 34.82 103.37 52.70
CA VAL K 125 35.15 104.79 52.57
C VAL K 125 34.78 105.55 53.85
N THR K 126 35.78 106.08 54.54
CA THR K 126 35.59 106.85 55.78
C THR K 126 35.53 108.34 55.46
N THR K 127 34.56 109.04 56.06
CA THR K 127 34.35 110.47 55.83
C THR K 127 34.48 111.32 57.09
N SER K 128 34.62 112.64 56.87
CA SER K 128 34.59 113.67 57.89
C SER K 128 33.23 114.32 57.62
N GLY K 129 33.00 115.52 58.14
CA GLY K 129 31.76 116.23 57.87
C GLY K 129 31.76 116.88 56.49
N THR K 130 32.95 117.01 55.86
CA THR K 130 33.14 117.68 54.57
C THR K 130 33.54 116.81 53.38
N GLY K 131 34.23 115.70 53.63
CA GLY K 131 34.69 114.82 52.56
C GLY K 131 35.32 113.52 53.01
N VAL K 132 35.95 112.80 52.07
CA VAL K 132 36.60 111.51 52.30
C VAL K 132 37.94 111.70 53.01
N THR K 133 38.16 110.96 54.11
CA THR K 133 39.41 111.00 54.86
C THR K 133 40.31 109.82 54.52
N SER K 134 39.72 108.63 54.27
CA SER K 134 40.45 107.42 53.90
C SER K 134 39.56 106.41 53.15
N THR K 135 40.21 105.55 52.35
CA THR K 135 39.56 104.48 51.60
C THR K 135 40.37 103.20 51.77
N LYS K 136 39.68 102.10 52.07
CA LYS K 136 40.28 100.78 52.25
C LYS K 136 39.48 99.78 51.42
N PRO K 137 40.12 99.03 50.51
CA PRO K 137 39.36 98.04 49.73
C PRO K 137 39.10 96.76 50.52
N ILE K 138 38.05 96.03 50.13
CA ILE K 138 37.73 94.74 50.72
C ILE K 138 38.68 93.73 50.09
N VAL K 139 39.16 92.77 50.89
CA VAL K 139 40.08 91.70 50.48
C VAL K 139 39.43 90.82 49.40
N GLN K 140 40.20 90.46 48.37
CA GLN K 140 39.75 89.57 47.29
C GLN K 140 40.26 88.17 47.65
N THR K 141 39.34 87.29 48.09
CA THR K 141 39.69 85.94 48.53
C THR K 141 39.73 84.93 47.39
N SER K 142 40.84 84.18 47.31
CA SER K 142 41.06 83.13 46.32
C SER K 142 41.06 81.80 47.07
N THR K 143 39.93 81.09 47.06
CA THR K 143 39.78 79.81 47.74
C THR K 143 40.27 78.70 46.82
N LEU K 144 41.35 78.02 47.21
CA LEU K 144 41.97 76.96 46.42
C LEU K 144 42.18 75.66 47.22
N ASP K 145 42.22 74.52 46.52
CA ASP K 145 42.39 73.24 47.20
C ASP K 145 43.86 72.81 47.37
N SER K 146 44.66 72.87 46.32
CA SER K 146 46.06 72.44 46.36
C SER K 146 46.88 73.23 45.38
N ILE K 147 48.07 73.66 45.83
CA ILE K 147 48.96 74.48 45.01
C ILE K 147 50.36 73.88 44.84
N SER K 148 50.82 73.75 43.60
CA SER K 148 52.16 73.36 43.23
C SER K 148 52.69 74.67 42.59
N VAL K 149 53.66 75.37 43.25
CA VAL K 149 54.26 76.62 42.79
C VAL K 149 55.79 76.67 43.02
N ASN K 150 56.51 77.39 42.13
CA ASN K 150 57.97 77.55 42.24
C ASN K 150 58.36 78.52 43.35
N ASP K 151 58.10 79.83 43.18
CA ASP K 151 58.44 80.85 44.17
C ASP K 151 57.25 81.72 44.58
N MET K 152 57.31 82.29 45.80
CA MET K 152 56.25 83.13 46.36
C MET K 152 56.81 84.33 47.17
N THR K 153 56.16 85.50 47.02
CA THR K 153 56.50 86.73 47.73
C THR K 153 55.31 87.14 48.60
N VAL K 154 55.47 87.01 49.94
CA VAL K 154 54.43 87.34 50.92
C VAL K 154 54.73 88.69 51.55
N SER K 155 53.78 89.65 51.45
CA SER K 155 53.96 90.97 52.04
C SER K 155 53.40 91.05 53.46
N GLY K 156 52.40 90.23 53.76
CA GLY K 156 51.77 90.15 55.07
C GLY K 156 52.27 88.95 55.86
N SER K 157 51.34 88.10 56.35
CA SER K 157 51.69 86.91 57.12
C SER K 157 50.93 85.65 56.73
N ILE K 158 51.65 84.51 56.68
CA ILE K 158 51.10 83.20 56.38
C ILE K 158 50.63 82.60 57.70
N ASP K 159 49.38 82.16 57.75
CA ASP K 159 48.83 81.51 58.93
C ASP K 159 48.86 80.00 58.67
N VAL K 160 49.68 79.27 59.44
CA VAL K 160 49.80 77.82 59.34
C VAL K 160 49.18 77.14 60.56
N PRO K 161 48.75 75.86 60.49
CA PRO K 161 48.16 75.21 61.68
C PRO K 161 49.14 75.12 62.86
N VAL K 162 48.60 75.33 64.07
CA VAL K 162 49.35 75.30 65.33
C VAL K 162 48.70 74.31 66.29
N GLN K 163 49.51 73.43 66.88
CA GLN K 163 49.10 72.47 67.88
C GLN K 163 49.98 72.65 69.12
N THR K 164 49.37 72.55 70.31
CA THR K 164 50.10 72.67 71.58
C THR K 164 49.90 71.44 72.44
N LEU K 165 50.89 71.11 73.26
CA LEU K 165 50.87 69.95 74.15
C LEU K 165 51.71 70.21 75.39
N THR K 166 51.16 69.89 76.56
CA THR K 166 51.87 69.99 77.83
C THR K 166 52.12 68.54 78.28
N VAL K 167 53.39 68.22 78.55
CA VAL K 167 53.78 66.87 78.97
C VAL K 167 54.35 66.90 80.38
N GLU K 168 53.76 66.10 81.29
CA GLU K 168 54.28 65.92 82.63
C GLU K 168 55.20 64.72 82.47
N ALA K 169 56.44 65.00 82.04
CA ALA K 169 57.49 64.03 81.70
C ALA K 169 57.90 63.09 82.82
N GLY K 170 57.71 63.52 84.06
CA GLY K 170 58.08 62.77 85.25
C GLY K 170 59.24 63.42 85.95
N ASN K 171 59.47 63.05 87.22
CA ASN K 171 60.54 63.56 88.08
C ASN K 171 60.44 65.09 88.31
N GLY K 172 59.26 65.64 88.05
CA GLY K 172 58.98 67.07 88.20
C GLY K 172 59.17 67.91 86.96
N LEU K 173 59.69 67.31 85.87
CA LEU K 173 59.92 68.00 84.60
C LEU K 173 58.62 68.17 83.81
N GLN K 174 58.42 69.37 83.28
CA GLN K 174 57.26 69.70 82.43
C GLN K 174 57.77 70.25 81.10
N LEU K 175 57.16 69.80 79.99
CA LEU K 175 57.47 70.31 78.66
C LEU K 175 56.22 70.94 78.08
N GLN K 176 56.35 72.13 77.49
CA GLN K 176 55.25 72.80 76.80
C GLN K 176 55.71 72.87 75.35
N LEU K 177 55.11 72.03 74.50
CA LEU K 177 55.47 71.91 73.08
C LEU K 177 54.49 72.67 72.19
N THR K 178 55.02 73.43 71.23
CA THR K 178 54.24 74.16 70.23
C THR K 178 54.73 73.72 68.86
N LYS K 179 53.83 73.12 68.07
CA LYS K 179 54.14 72.61 66.73
C LYS K 179 53.44 73.45 65.67
N LYS K 180 54.19 73.92 64.67
CA LYS K 180 53.65 74.72 63.58
C LYS K 180 53.93 74.07 62.23
N ASN K 181 52.94 74.11 61.32
CA ASN K 181 52.99 73.50 59.98
C ASN K 181 53.16 71.96 60.07
N ASN K 182 52.89 71.40 61.27
CA ASN K 182 53.02 69.96 61.57
C ASN K 182 54.49 69.52 61.49
N ASP K 183 55.42 70.48 61.54
CA ASP K 183 56.85 70.16 61.41
C ASP K 183 57.76 70.77 62.48
N LEU K 184 57.80 72.11 62.57
CA LEU K 184 58.67 72.79 63.53
C LEU K 184 58.08 72.80 64.93
N VAL K 185 58.85 72.28 65.89
CA VAL K 185 58.44 72.23 67.31
C VAL K 185 59.40 73.04 68.16
N ILE K 186 58.86 73.85 69.07
CA ILE K 186 59.62 74.58 70.07
C ILE K 186 59.15 74.06 71.42
N VAL K 187 60.08 73.50 72.19
CA VAL K 187 59.84 72.94 73.52
C VAL K 187 60.29 73.96 74.56
N ARG K 188 59.41 74.27 75.51
CA ARG K 188 59.70 75.20 76.61
C ARG K 188 59.71 74.36 77.90
N PHE K 189 60.84 74.37 78.63
CA PHE K 189 60.97 73.60 79.88
C PHE K 189 60.42 74.34 81.07
N PHE K 190 59.72 73.61 81.95
CA PHE K 190 59.17 74.12 83.20
C PHE K 190 59.29 73.05 84.30
N GLY K 191 58.88 73.40 85.51
CA GLY K 191 58.94 72.51 86.66
C GLY K 191 60.31 72.49 87.32
N SER K 192 60.55 71.46 88.15
CA SER K 192 61.80 71.25 88.89
C SER K 192 62.10 69.76 88.98
N VAL K 193 63.31 69.35 88.56
CA VAL K 193 63.73 67.95 88.51
C VAL K 193 64.46 67.45 89.77
N SER K 194 64.14 66.20 90.18
CA SER K 194 64.73 65.51 91.32
C SER K 194 64.65 63.99 91.14
N ASN K 195 65.52 63.24 91.83
CA ASN K 195 65.58 61.76 91.84
C ASN K 195 65.69 61.14 90.45
N ILE K 196 66.72 61.52 89.68
CA ILE K 196 66.97 61.02 88.33
C ILE K 196 68.46 60.77 88.09
N GLN K 197 68.78 59.80 87.22
CA GLN K 197 70.16 59.49 86.86
C GLN K 197 70.36 59.63 85.36
N LYS K 198 71.61 59.92 84.94
CA LYS K 198 71.99 60.03 83.53
C LYS K 198 71.68 58.71 82.80
N GLY K 199 71.05 58.83 81.63
CA GLY K 199 70.68 57.68 80.80
C GLY K 199 69.34 57.06 81.16
N TRP K 200 68.72 57.50 82.25
CA TRP K 200 67.44 56.97 82.70
C TRP K 200 66.25 57.65 82.05
N ASN K 201 65.23 56.85 81.75
CA ASN K 201 63.97 57.26 81.17
C ASN K 201 63.20 58.00 82.27
N MET K 202 62.57 59.14 81.92
CA MET K 202 61.80 59.91 82.89
C MET K 202 60.52 59.14 83.24
N SER K 203 60.13 59.17 84.52
CA SER K 203 59.03 58.38 85.11
C SER K 203 57.57 58.71 84.75
N GLY K 204 57.34 59.75 83.96
CA GLY K 204 55.99 60.17 83.62
C GLY K 204 55.49 59.85 82.23
N THR K 205 54.63 60.74 81.71
CA THR K 205 53.96 60.65 80.42
C THR K 205 54.92 60.78 79.23
N TRP K 206 54.73 59.92 78.22
CA TRP K 206 55.50 59.95 76.98
C TRP K 206 54.86 60.97 76.04
N VAL K 207 55.64 61.49 75.08
CA VAL K 207 55.19 62.49 74.11
C VAL K 207 54.14 61.87 73.18
N ASP K 208 53.00 62.56 72.99
CA ASP K 208 51.92 62.12 72.10
C ASP K 208 52.42 61.94 70.68
N ARG K 209 51.91 60.93 69.97
CA ARG K 209 52.27 60.58 68.59
C ARG K 209 52.41 61.79 67.62
N PRO K 210 51.47 62.79 67.58
CA PRO K 210 51.64 63.92 66.65
C PRO K 210 52.86 64.82 66.87
N PHE K 211 53.51 64.72 68.04
CA PHE K 211 54.69 65.52 68.38
C PHE K 211 55.99 64.72 68.34
N ARG K 212 55.91 63.40 68.10
CA ARG K 212 57.08 62.53 68.05
C ARG K 212 57.95 62.78 66.82
N PRO K 213 59.29 62.94 67.00
CA PRO K 213 60.17 63.16 65.84
C PRO K 213 60.50 61.84 65.12
N ALA K 214 61.00 61.94 63.87
CA ALA K 214 61.39 60.77 63.08
C ALA K 214 62.71 60.18 63.62
N ALA K 215 63.58 61.05 64.16
CA ALA K 215 64.88 60.69 64.75
C ALA K 215 65.02 61.32 66.12
N VAL K 216 65.83 60.73 67.00
CA VAL K 216 66.10 61.21 68.37
C VAL K 216 66.54 62.69 68.38
N GLN K 217 65.92 63.49 69.26
CA GLN K 217 66.23 64.92 69.36
C GLN K 217 66.73 65.27 70.75
N SER K 218 67.97 65.81 70.81
CA SER K 218 68.59 66.22 72.06
C SER K 218 68.32 67.70 72.30
N LEU K 219 67.59 68.02 73.39
CA LEU K 219 67.23 69.40 73.70
C LEU K 219 67.89 69.90 74.97
N VAL K 220 68.70 70.95 74.84
CA VAL K 220 69.47 71.58 75.92
C VAL K 220 68.57 72.46 76.80
N GLY K 221 68.71 72.32 78.11
CA GLY K 221 68.01 73.10 79.12
C GLY K 221 68.96 73.71 80.13
N HIS K 222 68.47 74.65 80.96
CA HIS K 222 69.29 75.34 81.94
C HIS K 222 68.65 75.40 83.34
N PHE K 223 69.46 75.18 84.39
CA PHE K 223 69.01 75.22 85.79
C PHE K 223 68.96 76.66 86.26
N ALA K 224 67.75 77.16 86.56
CA ALA K 224 67.52 78.54 87.00
C ALA K 224 68.37 78.96 88.20
N GLY K 225 69.05 80.10 88.03
CA GLY K 225 69.93 80.70 89.04
C GLY K 225 71.26 80.00 89.21
N ARG K 226 71.61 79.10 88.29
CA ARG K 226 72.87 78.32 88.33
C ARG K 226 73.67 78.47 87.04
N ASP K 227 74.91 77.98 87.03
CA ASP K 227 75.77 77.97 85.85
C ASP K 227 75.78 76.57 85.22
N THR K 228 74.87 75.70 85.70
CA THR K 228 74.73 74.31 85.25
C THR K 228 73.61 74.12 84.24
N SER K 229 73.76 73.12 83.37
CA SER K 229 72.81 72.78 82.32
C SER K 229 72.53 71.28 82.25
N PHE K 230 71.56 70.90 81.41
CA PHE K 230 71.16 69.51 81.18
C PHE K 230 70.68 69.38 79.75
N HIS K 231 70.40 68.15 79.33
CA HIS K 231 69.75 67.86 78.07
C HIS K 231 68.90 66.63 78.19
N ILE K 232 67.83 66.58 77.41
CA ILE K 232 66.92 65.45 77.37
C ILE K 232 66.82 64.98 75.92
N ASP K 233 66.56 63.69 75.74
CA ASP K 233 66.38 63.13 74.41
C ASP K 233 64.93 62.77 74.22
N ILE K 234 64.29 63.32 73.19
CA ILE K 234 62.91 62.94 72.83
C ILE K 234 63.13 61.85 71.78
N ASN K 235 62.82 60.62 72.16
CA ASN K 235 63.02 59.47 71.28
C ASN K 235 61.84 59.29 70.31
N PRO K 236 62.06 58.71 69.10
CA PRO K 236 60.94 58.51 68.16
C PRO K 236 59.71 57.76 68.72
N ASN K 237 59.91 56.92 69.76
CA ASN K 237 58.81 56.18 70.39
C ASN K 237 57.98 57.03 71.38
N GLY K 238 58.45 58.25 71.66
CA GLY K 238 57.79 59.18 72.56
C GLY K 238 58.41 59.29 73.94
N SER K 239 59.28 58.34 74.30
CA SER K 239 59.97 58.34 75.60
C SER K 239 60.97 59.48 75.70
N ILE K 240 61.25 59.90 76.94
CA ILE K 240 62.20 60.97 77.23
C ILE K 240 63.32 60.43 78.12
N THR K 241 64.57 60.56 77.65
CA THR K 241 65.75 60.10 78.38
C THR K 241 66.49 61.30 78.99
N TRP K 242 66.81 61.21 80.29
CA TRP K 242 67.56 62.25 81.01
C TRP K 242 69.04 62.16 80.67
N TRP K 243 69.63 63.29 80.26
CA TRP K 243 71.05 63.32 79.95
C TRP K 243 71.85 64.40 80.67
N GLY K 244 71.31 64.88 81.78
CA GLY K 244 72.00 65.80 82.67
C GLY K 244 72.74 64.95 83.69
N ALA K 245 73.33 65.58 84.72
CA ALA K 245 74.00 64.84 85.78
C ALA K 245 72.96 64.19 86.71
N ASN K 246 73.36 63.27 87.60
CA ASN K 246 72.45 62.62 88.55
C ASN K 246 71.90 63.65 89.52
N ILE K 247 70.59 63.60 89.80
CA ILE K 247 69.94 64.55 90.71
C ILE K 247 69.38 63.87 91.95
N ASP K 248 69.68 64.46 93.11
CA ASP K 248 69.20 64.02 94.42
C ASP K 248 67.80 64.55 94.71
N LYS K 249 67.29 64.20 95.88
CA LYS K 249 65.95 64.52 96.39
C LYS K 249 65.56 65.95 96.22
N THR K 250 66.50 66.90 96.47
CA THR K 250 66.25 68.32 96.32
C THR K 250 65.98 68.72 94.86
N PRO K 251 64.82 69.33 94.58
CA PRO K 251 64.45 69.68 93.19
C PRO K 251 65.19 70.92 92.73
N ILE K 252 65.57 70.94 91.46
CA ILE K 252 66.24 72.06 90.80
C ILE K 252 65.34 72.53 89.64
N ALA K 253 65.06 73.85 89.56
CA ALA K 253 64.22 74.43 88.53
C ALA K 253 64.83 74.23 87.13
N THR K 254 64.00 73.80 86.18
CA THR K 254 64.42 73.52 84.81
C THR K 254 63.72 74.46 83.83
N ARG K 255 64.50 75.19 83.02
CA ARG K 255 63.97 76.15 82.04
C ARG K 255 64.73 76.07 80.71
N GLY K 256 64.20 76.74 79.68
CA GLY K 256 64.83 76.82 78.37
C GLY K 256 64.01 76.42 77.18
N ASN K 257 64.38 76.96 76.00
CA ASN K 257 63.74 76.67 74.72
C ASN K 257 64.65 75.83 73.82
N GLY K 258 64.08 74.79 73.26
CA GLY K 258 64.74 73.87 72.32
C GLY K 258 63.86 73.62 71.12
N SER K 259 64.45 73.60 69.92
CA SER K 259 63.70 73.38 68.67
C SER K 259 64.10 72.11 67.94
N TYR K 260 63.14 71.49 67.24
CA TYR K 260 63.36 70.30 66.42
C TYR K 260 62.35 70.20 65.29
N PHE K 261 62.71 69.42 64.26
CA PHE K 261 61.86 69.12 63.11
C PHE K 261 61.31 67.71 63.29
N ILE K 262 60.01 67.54 63.05
CA ILE K 262 59.38 66.22 63.11
C ILE K 262 59.75 65.43 61.86
N LYS K 263 59.67 66.08 60.68
CA LYS K 263 59.94 65.50 59.37
C LYS K 263 61.42 65.59 58.99
N THR L 1 52.69 80.24 11.89
CA THR L 1 51.34 80.77 11.75
C THR L 1 50.77 81.12 13.14
N ILE L 2 50.17 82.32 13.26
CA ILE L 2 49.58 82.78 14.52
C ILE L 2 48.05 82.79 14.42
N LYS L 3 47.39 82.07 15.35
CA LYS L 3 45.93 81.96 15.45
C LYS L 3 45.44 82.84 16.59
N ASN L 4 44.84 83.99 16.26
CA ASN L 4 44.33 84.95 17.25
C ASN L 4 42.89 84.62 17.62
N PHE L 5 42.52 84.79 18.92
CA PHE L 5 41.17 84.46 19.38
C PHE L 5 40.41 85.57 20.12
N THR L 6 40.99 86.15 21.19
CA THR L 6 40.35 87.23 21.97
C THR L 6 40.59 88.59 21.27
N PHE L 7 40.14 88.71 20.01
CA PHE L 7 40.29 89.92 19.20
C PHE L 7 39.07 90.19 18.34
N PHE L 8 38.87 91.47 17.98
CA PHE L 8 37.76 91.94 17.16
C PHE L 8 37.80 91.38 15.73
N SER L 9 36.62 90.93 15.23
CA SER L 9 36.42 90.37 13.89
C SER L 9 35.65 91.39 13.02
N PRO L 10 36.36 92.19 12.17
CA PRO L 10 35.67 93.20 11.35
C PRO L 10 34.42 92.75 10.59
N ASN L 11 34.56 91.69 9.76
CA ASN L 11 33.46 91.15 8.94
C ASN L 11 32.72 90.00 9.62
N SER L 12 32.83 89.93 10.97
CA SER L 12 32.21 88.92 11.84
C SER L 12 32.55 87.47 11.41
N THR L 13 33.76 87.29 10.85
CA THR L 13 34.30 86.00 10.39
C THR L 13 35.79 85.86 10.74
N GLU L 14 36.41 86.98 11.21
CA GLU L 14 37.84 87.05 11.53
C GLU L 14 38.40 86.15 12.63
N PHE L 15 37.90 86.23 13.85
CA PHE L 15 38.48 85.37 14.87
C PHE L 15 37.45 84.44 15.52
N PRO L 16 37.08 83.34 14.82
CA PRO L 16 36.11 82.40 15.40
C PRO L 16 36.78 81.56 16.46
N VAL L 17 36.24 81.62 17.69
CA VAL L 17 36.79 80.89 18.83
C VAL L 17 36.02 79.59 19.12
N GLY L 18 36.72 78.46 19.00
CA GLY L 18 36.18 77.13 19.22
C GLY L 18 36.17 76.68 20.66
N SER L 19 35.51 75.53 20.91
CA SER L 19 35.40 74.95 22.26
C SER L 19 36.74 74.45 22.81
N ASN L 20 37.64 73.99 21.93
CA ASN L 20 38.98 73.55 22.31
C ASN L 20 39.89 74.74 22.62
N ASN L 21 39.72 75.84 21.84
CA ASN L 21 40.46 77.09 21.99
C ASN L 21 40.14 77.76 23.31
N ASP L 22 38.84 77.81 23.68
CA ASP L 22 38.38 78.34 24.95
C ASP L 22 38.74 77.37 26.08
N GLY L 23 38.67 76.08 25.77
CA GLY L 23 39.02 74.99 26.68
C GLY L 23 40.45 75.12 27.18
N LYS L 24 41.37 75.39 26.23
CA LYS L 24 42.79 75.61 26.48
C LYS L 24 42.99 76.91 27.26
N LEU L 25 42.20 77.95 26.90
CA LEU L 25 42.23 79.26 27.56
C LEU L 25 41.86 79.15 29.04
N TYR L 26 40.69 78.53 29.34
CA TYR L 26 40.19 78.33 30.70
C TYR L 26 41.15 77.54 31.61
N MET L 27 41.87 76.53 31.04
CA MET L 27 42.84 75.71 31.76
C MET L 27 44.01 76.54 32.27
N MET L 28 44.57 77.39 31.41
CA MET L 28 45.72 78.27 31.69
C MET L 28 45.40 79.32 32.74
N LEU L 29 44.15 79.82 32.78
CA LEU L 29 43.69 80.83 33.72
C LEU L 29 43.66 80.29 35.15
N THR L 30 43.06 79.09 35.35
CA THR L 30 42.97 78.45 36.67
C THR L 30 44.23 77.66 37.05
N GLY L 31 45.02 77.29 36.06
CA GLY L 31 46.26 76.54 36.22
C GLY L 31 46.02 75.07 36.46
N MET L 32 45.37 74.39 35.50
CA MET L 32 45.05 72.96 35.58
C MET L 32 45.57 72.16 34.38
N ASP L 33 45.76 70.85 34.59
CA ASP L 33 46.17 69.90 33.55
C ASP L 33 44.99 68.96 33.23
N TYR L 34 45.21 67.94 32.41
CA TYR L 34 44.16 66.99 32.04
C TYR L 34 43.96 65.91 33.12
N ARG L 35 44.72 65.99 34.23
CA ARG L 35 44.64 65.03 35.34
C ARG L 35 43.85 65.55 36.55
N THR L 36 43.53 66.87 36.57
CA THR L 36 42.74 67.48 37.65
C THR L 36 41.45 68.13 37.14
N ILE L 37 40.52 68.44 38.07
CA ILE L 37 39.22 69.05 37.77
C ILE L 37 38.99 70.32 38.59
N ARG L 38 37.87 71.00 38.29
CA ARG L 38 37.34 72.15 39.01
C ARG L 38 35.90 71.74 39.26
N ARG L 39 35.59 71.37 40.51
CA ARG L 39 34.28 70.85 40.90
C ARG L 39 33.68 71.63 42.05
N LYS L 40 32.37 71.93 41.96
CA LYS L 40 31.62 72.64 43.00
C LYS L 40 30.20 72.09 43.13
N ASP L 41 29.84 71.67 44.36
CA ASP L 41 28.52 71.17 44.69
C ASP L 41 27.68 72.35 45.19
N TRP L 42 26.82 72.89 44.30
CA TRP L 42 25.95 74.01 44.61
C TRP L 42 24.86 73.56 45.59
N SER L 43 24.41 72.32 45.42
CA SER L 43 23.45 71.63 46.28
C SER L 43 24.03 70.24 46.54
N SER L 44 24.10 69.85 47.82
CA SER L 44 24.67 68.59 48.28
C SER L 44 24.08 67.36 47.56
N PRO L 45 24.93 66.47 46.98
CA PRO L 45 24.41 65.29 46.28
C PRO L 45 23.69 64.31 47.21
N LEU L 46 22.59 63.72 46.72
CA LEU L 46 21.78 62.78 47.49
C LEU L 46 22.17 61.32 47.23
N ASN L 47 22.26 60.54 48.31
CA ASN L 47 22.63 59.12 48.26
C ASN L 47 21.43 58.26 48.61
N THR L 48 20.89 57.53 47.61
CA THR L 48 19.74 56.63 47.78
C THR L 48 20.21 55.23 47.38
N ALA L 49 20.22 54.28 48.35
CA ALA L 49 20.68 52.90 48.20
C ALA L 49 22.12 52.87 47.63
N LEU L 50 22.44 51.95 46.68
CA LEU L 50 23.76 51.89 46.05
C LEU L 50 23.82 52.77 44.79
N ASN L 51 23.39 54.03 44.94
CA ASN L 51 23.35 55.04 43.87
C ASN L 51 23.61 56.43 44.45
N VAL L 52 24.31 57.29 43.69
CA VAL L 52 24.60 58.67 44.07
C VAL L 52 24.11 59.66 43.01
N GLN L 53 23.14 60.52 43.40
CA GLN L 53 22.54 61.52 42.52
C GLN L 53 23.17 62.89 42.77
N TYR L 54 23.78 63.47 41.73
CA TYR L 54 24.37 64.80 41.80
C TYR L 54 23.29 65.82 41.45
N THR L 55 22.62 66.36 42.49
CA THR L 55 21.53 67.34 42.42
C THR L 55 21.89 68.53 41.52
N ASN L 56 23.00 69.22 41.85
CA ASN L 56 23.56 70.33 41.08
C ASN L 56 25.04 70.46 41.37
N THR L 57 25.85 69.93 40.45
CA THR L 57 27.31 69.93 40.54
C THR L 57 27.90 70.31 39.19
N SER L 58 28.67 71.40 39.15
CA SER L 58 29.33 71.87 37.93
C SER L 58 30.78 71.38 37.95
N ILE L 59 31.26 70.88 36.80
CA ILE L 59 32.63 70.36 36.67
C ILE L 59 33.33 70.90 35.43
N ILE L 60 34.58 71.35 35.59
CA ILE L 60 35.44 71.84 34.51
C ILE L 60 36.58 70.83 34.35
N ALA L 61 36.40 69.89 33.42
CA ALA L 61 37.39 68.85 33.13
C ALA L 61 37.99 69.11 31.75
N GLY L 62 39.31 69.28 31.70
CA GLY L 62 40.05 69.59 30.49
C GLY L 62 39.65 70.94 29.90
N GLY L 63 39.28 71.87 30.78
CA GLY L 63 38.83 73.22 30.42
C GLY L 63 37.44 73.27 29.85
N ARG L 64 36.68 72.15 29.92
CA ARG L 64 35.32 72.08 29.40
C ARG L 64 34.32 72.08 30.54
N TYR L 65 33.43 73.09 30.56
CA TYR L 65 32.41 73.27 31.58
C TYR L 65 31.14 72.50 31.26
N PHE L 66 30.63 71.76 32.27
CA PHE L 66 29.40 70.97 32.19
C PHE L 66 28.72 70.89 33.56
N GLU L 67 27.37 70.85 33.57
CA GLU L 67 26.55 70.78 34.79
C GLU L 67 25.85 69.43 34.94
N LEU L 68 25.91 68.84 36.15
CA LEU L 68 25.23 67.58 36.46
C LEU L 68 23.96 67.95 37.22
N LEU L 69 22.80 67.88 36.56
CA LEU L 69 21.52 68.25 37.15
C LEU L 69 20.66 67.01 37.40
N ASN L 70 20.67 66.53 38.67
CA ASN L 70 19.97 65.33 39.15
C ASN L 70 20.39 64.05 38.38
N GLU L 71 21.68 63.98 38.03
CA GLU L 71 22.30 62.86 37.32
C GLU L 71 22.74 61.79 38.34
N THR L 72 22.06 60.64 38.33
CA THR L 72 22.32 59.53 39.24
C THR L 72 23.26 58.52 38.59
N VAL L 73 24.25 58.03 39.37
CA VAL L 73 25.21 57.03 38.93
C VAL L 73 25.23 55.80 39.87
N ALA L 74 25.02 54.60 39.29
CA ALA L 74 24.99 53.32 40.02
C ALA L 74 26.33 52.99 40.66
N LEU L 75 26.30 52.35 41.84
CA LEU L 75 27.51 52.00 42.61
C LEU L 75 27.67 50.50 42.86
N LYS L 76 28.90 50.09 43.24
CA LYS L 76 29.27 48.70 43.56
C LYS L 76 29.17 48.50 45.07
N GLY L 77 28.51 47.42 45.49
CA GLY L 77 28.31 47.07 46.89
C GLY L 77 29.58 46.73 47.64
N ASP L 78 29.74 47.31 48.86
CA ASP L 78 30.88 47.15 49.77
C ASP L 78 32.23 47.45 49.09
N SER L 79 32.25 48.45 48.20
CA SER L 79 33.44 48.83 47.45
C SER L 79 33.71 50.32 47.45
N VAL L 80 34.97 50.70 47.15
CA VAL L 80 35.43 52.08 47.05
C VAL L 80 35.28 52.48 45.57
N ASN L 81 34.18 53.17 45.24
CA ASN L 81 33.86 53.61 43.88
C ASN L 81 34.50 54.94 43.49
N TYR L 82 35.26 54.93 42.38
CA TYR L 82 35.95 56.09 41.83
C TYR L 82 35.13 56.65 40.68
N ILE L 83 34.38 57.74 40.94
CA ILE L 83 33.50 58.39 39.97
C ILE L 83 34.32 59.21 38.98
N HIS L 84 34.20 58.89 37.67
CA HIS L 84 34.93 59.55 36.60
C HIS L 84 34.05 60.34 35.66
N ALA L 85 34.60 61.45 35.13
CA ALA L 85 33.97 62.30 34.14
C ALA L 85 34.64 61.92 32.81
N ASN L 86 33.87 61.33 31.89
CA ASN L 86 34.39 60.85 30.61
C ASN L 86 33.97 61.75 29.45
N ILE L 87 34.97 62.34 28.76
CA ILE L 87 34.74 63.23 27.63
C ILE L 87 35.22 62.60 26.32
N ASP L 88 34.27 62.42 25.38
CA ASP L 88 34.55 61.89 24.05
C ASP L 88 33.94 62.86 23.04
N LEU L 89 34.81 63.65 22.40
CA LEU L 89 34.44 64.68 21.43
C LEU L 89 33.77 64.15 20.17
N THR L 90 34.03 62.88 19.80
CA THR L 90 33.43 62.20 18.64
C THR L 90 31.93 62.01 18.86
N GLN L 91 31.51 61.80 20.13
CA GLN L 91 30.11 61.67 20.53
C GLN L 91 29.55 63.10 20.61
N THR L 92 29.31 63.70 19.43
CA THR L 92 28.86 65.08 19.28
C THR L 92 27.53 65.45 19.97
N ALA L 93 26.61 64.48 20.07
CA ALA L 93 25.31 64.67 20.72
C ALA L 93 25.46 64.79 22.23
N ASN L 94 26.21 63.86 22.86
CA ASN L 94 26.47 63.85 24.30
C ASN L 94 27.94 63.51 24.60
N PRO L 95 28.83 64.52 24.67
CA PRO L 95 30.25 64.24 24.90
C PRO L 95 30.60 63.77 26.31
N VAL L 96 29.91 64.31 27.33
CA VAL L 96 30.18 63.96 28.73
C VAL L 96 29.29 62.81 29.22
N SER L 97 29.93 61.82 29.86
CA SER L 97 29.30 60.65 30.45
C SER L 97 29.99 60.34 31.79
N LEU L 98 29.22 59.86 32.78
CA LEU L 98 29.76 59.52 34.10
C LEU L 98 29.88 58.02 34.30
N SER L 99 30.86 57.60 35.12
CA SER L 99 31.10 56.18 35.43
C SER L 99 31.73 55.96 36.79
N ALA L 100 31.16 55.02 37.57
CA ALA L 100 31.68 54.62 38.87
C ALA L 100 32.60 53.43 38.61
N GLU L 101 33.89 53.56 38.94
CA GLU L 101 34.87 52.53 38.67
C GLU L 101 35.58 51.95 39.89
N THR L 102 36.27 50.81 39.69
CA THR L 102 37.02 50.07 40.70
C THR L 102 38.24 50.83 41.23
N ALA L 103 38.97 51.51 40.34
CA ALA L 103 40.17 52.29 40.70
C ALA L 103 40.22 53.64 39.98
N ASN L 104 41.14 54.54 40.39
CA ASN L 104 41.33 55.86 39.80
C ASN L 104 42.03 55.67 38.43
N ASN L 105 41.20 55.58 37.38
CA ASN L 105 41.64 55.36 36.00
C ASN L 105 41.77 56.66 35.18
N SER L 106 42.32 57.73 35.80
CA SER L 106 42.54 59.03 35.15
C SER L 106 43.68 58.89 34.14
N ASN L 107 43.39 59.22 32.86
CA ASN L 107 44.36 59.08 31.76
C ASN L 107 45.15 60.33 31.43
N GLY L 108 44.49 61.49 31.47
CA GLY L 108 45.12 62.77 31.14
C GLY L 108 45.32 62.99 29.65
N VAL L 109 44.35 62.50 28.83
CA VAL L 109 44.34 62.60 27.37
C VAL L 109 44.11 64.07 26.93
N ASP L 110 45.00 64.59 26.06
CA ASP L 110 44.90 65.96 25.55
C ASP L 110 43.82 66.02 24.47
N ILE L 111 42.56 66.21 24.90
CA ILE L 111 41.39 66.28 24.02
C ILE L 111 41.31 67.57 23.20
N ASN L 112 41.83 68.68 23.76
CA ASN L 112 41.81 69.99 23.10
C ASN L 112 42.76 70.08 21.89
N ASN L 113 43.96 69.47 21.98
CA ASN L 113 44.95 69.47 20.90
C ASN L 113 44.90 68.24 20.02
N GLY L 114 44.73 67.07 20.64
CA GLY L 114 44.68 65.79 19.94
C GLY L 114 43.36 65.05 20.09
N SER L 115 43.38 63.75 19.76
CA SER L 115 42.21 62.86 19.81
C SER L 115 42.22 62.01 21.10
N GLY L 116 41.20 61.18 21.25
CA GLY L 116 41.05 60.27 22.40
C GLY L 116 39.92 60.61 23.35
N VAL L 117 39.75 59.76 24.37
CA VAL L 117 38.73 59.92 25.41
C VAL L 117 39.40 60.30 26.72
N LEU L 118 39.01 61.45 27.30
CA LEU L 118 39.57 61.94 28.56
C LEU L 118 38.80 61.39 29.75
N LYS L 119 39.53 60.74 30.67
CA LYS L 119 38.99 60.18 31.91
C LYS L 119 39.66 60.90 33.07
N VAL L 120 38.84 61.34 34.04
CA VAL L 120 39.33 62.05 35.23
C VAL L 120 38.40 61.88 36.44
N CYS L 121 38.93 61.34 37.54
CA CYS L 121 38.20 61.10 38.78
C CYS L 121 38.01 62.40 39.56
N PHE L 122 36.80 62.60 40.10
CA PHE L 122 36.46 63.80 40.88
C PHE L 122 35.92 63.48 42.27
N ASP L 123 35.27 62.30 42.42
CA ASP L 123 34.67 61.88 43.68
C ASP L 123 34.99 60.42 44.01
N ILE L 124 35.22 60.12 45.30
CA ILE L 124 35.50 58.77 45.80
C ILE L 124 34.38 58.41 46.78
N VAL L 125 33.50 57.49 46.34
CA VAL L 125 32.35 57.05 47.11
C VAL L 125 32.58 55.67 47.73
N THR L 126 32.66 55.62 49.07
CA THR L 126 32.84 54.37 49.82
C THR L 126 31.45 53.87 50.20
N THR L 127 31.14 52.62 49.82
CA THR L 127 29.82 52.02 50.06
C THR L 127 29.82 50.80 50.94
N SER L 128 28.62 50.39 51.39
CA SER L 128 28.35 49.22 52.21
C SER L 128 27.49 48.25 51.38
N GLY L 129 26.82 47.31 52.04
CA GLY L 129 25.93 46.36 51.39
C GLY L 129 24.61 46.97 51.01
N THR L 130 24.14 47.94 51.82
CA THR L 130 22.87 48.64 51.64
C THR L 130 23.02 49.96 50.88
N GLY L 131 23.82 50.88 51.42
CA GLY L 131 24.03 52.19 50.82
C GLY L 131 25.45 52.72 50.87
N VAL L 132 25.58 54.06 50.98
CA VAL L 132 26.85 54.80 51.03
C VAL L 132 27.27 55.05 52.48
N THR L 133 28.58 54.82 52.78
CA THR L 133 29.15 55.03 54.11
C THR L 133 29.84 56.40 54.22
N SER L 134 30.76 56.71 53.28
CA SER L 134 31.51 57.98 53.26
C SER L 134 31.85 58.43 51.84
N THR L 135 31.99 59.76 51.65
CA THR L 135 32.32 60.37 50.36
C THR L 135 33.48 61.36 50.53
N LYS L 136 34.54 61.17 49.73
CA LYS L 136 35.74 62.02 49.74
C LYS L 136 36.02 62.54 48.31
N PRO L 137 35.98 63.86 48.06
CA PRO L 137 36.24 64.35 46.71
C PRO L 137 37.74 64.45 46.38
N ILE L 138 38.07 64.33 45.07
CA ILE L 138 39.43 64.43 44.55
C ILE L 138 39.96 65.86 44.70
N VAL L 139 41.26 66.00 45.01
CA VAL L 139 41.95 67.27 45.17
C VAL L 139 41.99 68.09 43.86
N GLN L 140 41.87 69.44 43.98
CA GLN L 140 41.88 70.34 42.83
C GLN L 140 43.23 71.05 42.72
N THR L 141 44.14 70.48 41.90
CA THR L 141 45.50 70.95 41.68
C THR L 141 45.55 72.27 40.90
N SER L 142 46.19 73.29 41.50
CA SER L 142 46.39 74.61 40.91
C SER L 142 47.88 74.84 40.67
N THR L 143 48.36 74.43 39.48
CA THR L 143 49.76 74.54 39.06
C THR L 143 50.07 75.98 38.66
N LEU L 144 50.99 76.63 39.40
CA LEU L 144 51.39 78.02 39.17
C LEU L 144 52.91 78.20 39.09
N ASP L 145 53.36 79.32 38.49
CA ASP L 145 54.78 79.65 38.31
C ASP L 145 55.32 80.53 39.45
N SER L 146 54.73 81.73 39.64
CA SER L 146 55.14 82.69 40.67
C SER L 146 53.92 83.36 41.32
N ILE L 147 53.98 83.57 42.65
CA ILE L 147 52.90 84.19 43.41
C ILE L 147 53.36 85.46 44.15
N SER L 148 52.54 86.52 44.07
CA SER L 148 52.75 87.80 44.75
C SER L 148 51.52 88.03 45.63
N VAL L 149 51.46 87.29 46.77
CA VAL L 149 50.34 87.33 47.70
C VAL L 149 50.60 88.20 48.94
N ASN L 150 49.51 88.78 49.49
CA ASN L 150 49.60 89.59 50.70
C ASN L 150 49.45 88.69 51.93
N ASP L 151 48.32 87.96 52.04
CA ASP L 151 48.06 87.06 53.18
C ASP L 151 47.66 85.65 52.76
N MET L 152 47.86 84.67 53.66
CA MET L 152 47.58 83.26 53.41
C MET L 152 47.13 82.52 54.68
N THR L 153 46.15 81.61 54.51
CA THR L 153 45.59 80.75 55.55
C THR L 153 45.70 79.29 55.08
N VAL L 154 46.45 78.47 55.80
CA VAL L 154 46.66 77.05 55.46
C VAL L 154 45.97 76.16 56.50
N SER L 155 45.17 75.18 56.03
CA SER L 155 44.46 74.23 56.89
C SER L 155 45.21 72.89 57.04
N GLY L 156 46.15 72.62 56.13
CA GLY L 156 46.96 71.41 56.12
C GLY L 156 48.43 71.67 56.37
N SER L 157 49.25 71.60 55.31
CA SER L 157 50.71 71.82 55.40
C SER L 157 51.34 72.35 54.12
N ILE L 158 52.50 73.03 54.25
CA ILE L 158 53.27 73.57 53.13
C ILE L 158 54.57 72.76 53.01
N ASP L 159 54.83 72.21 51.81
CA ASP L 159 56.04 71.44 51.53
C ASP L 159 57.12 72.40 51.02
N VAL L 160 58.20 72.53 51.79
CA VAL L 160 59.34 73.42 51.48
C VAL L 160 60.59 72.60 51.11
N PRO L 161 61.51 73.10 50.25
CA PRO L 161 62.71 72.31 49.90
C PRO L 161 63.63 72.05 51.08
N VAL L 162 63.81 70.75 51.41
CA VAL L 162 64.64 70.28 52.53
C VAL L 162 65.97 69.73 52.02
N GLN L 163 67.09 70.23 52.59
CA GLN L 163 68.45 69.80 52.27
C GLN L 163 69.15 69.34 53.54
N THR L 164 69.81 68.18 53.49
CA THR L 164 70.53 67.61 54.64
C THR L 164 72.02 67.43 54.38
N LEU L 165 72.83 67.66 55.43
CA LEU L 165 74.29 67.56 55.37
C LEU L 165 74.88 67.08 56.71
N THR L 166 75.86 66.17 56.64
CA THR L 166 76.55 65.63 57.80
C THR L 166 78.03 66.01 57.70
N VAL L 167 78.47 66.97 58.53
CA VAL L 167 79.84 67.49 58.54
C VAL L 167 80.63 66.90 59.71
N GLU L 168 81.78 66.28 59.40
CA GLU L 168 82.70 65.73 60.39
C GLU L 168 83.67 66.86 60.75
N ALA L 169 83.20 67.75 61.65
CA ALA L 169 83.90 68.96 62.14
C ALA L 169 85.35 68.73 62.55
N GLY L 170 85.62 67.58 63.17
CA GLY L 170 86.95 67.22 63.64
C GLY L 170 87.04 67.15 65.15
N ASN L 171 88.18 66.65 65.67
CA ASN L 171 88.48 66.46 67.08
C ASN L 171 87.51 65.48 67.80
N GLY L 172 86.54 64.95 67.04
CA GLY L 172 85.53 64.02 67.51
C GLY L 172 84.11 64.56 67.46
N LEU L 173 83.86 65.60 66.63
CA LEU L 173 82.55 66.23 66.50
C LEU L 173 81.89 65.93 65.15
N GLN L 174 80.57 65.67 65.21
CA GLN L 174 79.70 65.40 64.06
C GLN L 174 78.51 66.38 64.12
N LEU L 175 78.20 67.01 62.97
CA LEU L 175 77.10 67.98 62.88
C LEU L 175 76.07 67.54 61.84
N GLN L 176 74.82 67.32 62.26
CA GLN L 176 73.72 66.92 61.38
C GLN L 176 72.83 68.14 61.11
N LEU L 177 73.03 68.77 59.93
CA LEU L 177 72.32 69.96 59.50
C LEU L 177 71.08 69.62 58.67
N THR L 178 69.97 70.33 58.93
CA THR L 178 68.70 70.16 58.22
C THR L 178 68.16 71.54 57.77
N LYS L 179 68.49 71.93 56.53
CA LYS L 179 68.10 73.20 55.92
C LYS L 179 66.73 73.08 55.27
N LYS L 180 65.80 73.99 55.62
CA LYS L 180 64.44 74.03 55.07
C LYS L 180 64.14 75.40 54.48
N ASN L 181 63.60 75.44 53.24
CA ASN L 181 63.27 76.65 52.47
C ASN L 181 64.53 77.52 52.17
N ASN L 182 65.74 76.88 52.27
CA ASN L 182 67.06 77.49 52.08
C ASN L 182 67.34 78.63 53.08
N ASP L 183 66.71 78.56 54.27
CA ASP L 183 66.84 79.58 55.32
C ASP L 183 67.07 79.01 56.73
N LEU L 184 66.03 78.42 57.36
CA LEU L 184 66.12 77.85 58.71
C LEU L 184 66.86 76.51 58.72
N VAL L 185 67.89 76.39 59.58
CA VAL L 185 68.70 75.18 59.72
C VAL L 185 68.83 74.78 61.19
N ILE L 186 68.46 73.53 61.52
CA ILE L 186 68.59 72.97 62.87
C ILE L 186 69.75 71.98 62.85
N VAL L 187 70.81 72.28 63.61
CA VAL L 187 72.03 71.47 63.69
C VAL L 187 72.00 70.59 64.94
N ARG L 188 72.25 69.28 64.74
CA ARG L 188 72.27 68.27 65.80
C ARG L 188 73.71 67.85 66.11
N PHE L 189 74.10 67.88 67.40
CA PHE L 189 75.44 67.51 67.86
C PHE L 189 75.58 66.01 68.10
N PHE L 190 76.65 65.41 67.55
CA PHE L 190 76.96 63.97 67.69
C PHE L 190 78.46 63.72 67.84
N GLY L 191 78.80 62.57 68.41
CA GLY L 191 80.18 62.15 68.62
C GLY L 191 80.72 62.48 70.00
N SER L 192 82.05 62.36 70.17
CA SER L 192 82.75 62.64 71.42
C SER L 192 84.04 63.42 71.16
N VAL L 193 84.04 64.72 71.50
CA VAL L 193 85.15 65.65 71.28
C VAL L 193 86.32 65.40 72.26
N SER L 194 87.55 65.39 71.71
CA SER L 194 88.80 65.20 72.46
C SER L 194 89.94 66.01 71.86
N ASN L 195 90.85 66.53 72.73
CA ASN L 195 92.03 67.35 72.39
C ASN L 195 91.72 68.63 71.61
N ILE L 196 91.17 69.64 72.31
CA ILE L 196 90.81 70.95 71.75
C ILE L 196 90.90 72.09 72.79
N GLN L 197 91.28 73.29 72.35
CA GLN L 197 91.42 74.49 73.18
C GLN L 197 90.39 75.55 72.80
N LYS L 198 90.12 76.50 73.73
CA LYS L 198 89.16 77.60 73.54
C LYS L 198 89.66 78.62 72.50
N GLY L 199 88.79 78.98 71.57
CA GLY L 199 89.09 79.93 70.49
C GLY L 199 89.81 79.34 69.30
N TRP L 200 90.15 78.04 69.37
CA TRP L 200 90.85 77.30 68.31
C TRP L 200 89.89 76.71 67.28
N ASN L 201 90.32 76.66 66.01
CA ASN L 201 89.55 76.14 64.89
C ASN L 201 89.46 74.60 64.92
N MET L 202 88.50 74.03 64.17
CA MET L 202 88.26 72.59 64.09
C MET L 202 89.15 71.92 63.03
N SER L 203 89.80 70.80 63.41
CA SER L 203 90.74 70.02 62.59
C SER L 203 90.18 69.40 61.32
N GLY L 204 88.97 68.85 61.39
CA GLY L 204 88.33 68.16 60.27
C GLY L 204 87.72 69.02 59.19
N THR L 205 86.63 68.49 58.58
CA THR L 205 85.88 69.07 57.45
C THR L 205 85.20 70.41 57.79
N TRP L 206 85.12 71.30 56.78
CA TRP L 206 84.49 72.62 56.85
C TRP L 206 83.04 72.55 56.33
N VAL L 207 82.21 73.52 56.73
CA VAL L 207 80.79 73.63 56.33
C VAL L 207 80.70 74.02 54.84
N ASP L 208 79.90 73.27 54.06
CA ASP L 208 79.66 73.48 52.63
C ASP L 208 78.97 74.83 52.36
N ARG L 209 79.23 75.42 51.18
CA ARG L 209 78.69 76.71 50.72
C ARG L 209 77.14 76.88 50.86
N PRO L 210 76.27 75.91 50.49
CA PRO L 210 74.82 76.14 50.66
C PRO L 210 74.34 76.22 52.10
N PHE L 211 75.13 75.70 53.06
CA PHE L 211 74.81 75.68 54.48
C PHE L 211 75.51 76.78 55.29
N ARG L 212 76.37 77.58 54.62
CA ARG L 212 77.12 78.68 55.24
C ARG L 212 76.20 79.88 55.56
N PRO L 213 76.17 80.36 56.83
CA PRO L 213 75.32 81.51 57.14
C PRO L 213 75.94 82.85 56.72
N ALA L 214 75.12 83.93 56.74
CA ALA L 214 75.56 85.28 56.38
C ALA L 214 76.50 85.88 57.43
N ALA L 215 76.23 85.59 58.72
CA ALA L 215 77.02 86.04 59.86
C ALA L 215 77.37 84.87 60.78
N VAL L 216 78.38 85.05 61.66
CA VAL L 216 78.84 84.03 62.61
C VAL L 216 77.75 83.66 63.63
N GLN L 217 77.26 82.40 63.55
CA GLN L 217 76.20 81.89 64.42
C GLN L 217 76.79 81.07 65.57
N SER L 218 76.50 81.49 66.81
CA SER L 218 76.97 80.83 68.02
C SER L 218 75.93 79.77 68.44
N LEU L 219 76.24 78.49 68.18
CA LEU L 219 75.31 77.39 68.49
C LEU L 219 75.72 76.61 69.74
N VAL L 220 74.85 76.65 70.76
CA VAL L 220 75.04 76.02 72.08
C VAL L 220 74.75 74.51 72.06
N GLY L 221 75.64 73.74 72.69
CA GLY L 221 75.56 72.30 72.84
C GLY L 221 75.65 71.87 74.29
N HIS L 222 75.71 70.55 74.55
CA HIS L 222 75.79 69.99 75.91
C HIS L 222 76.55 68.66 75.97
N PHE L 223 77.28 68.42 77.08
CA PHE L 223 78.02 67.18 77.30
C PHE L 223 77.13 66.17 78.03
N ALA L 224 76.79 65.04 77.36
CA ALA L 224 75.93 63.97 77.86
C ALA L 224 76.33 63.41 79.22
N GLY L 225 75.37 63.37 80.14
CA GLY L 225 75.56 62.87 81.50
C GLY L 225 76.32 63.79 82.42
N ARG L 226 76.41 65.09 82.07
CA ARG L 226 77.12 66.10 82.86
C ARG L 226 76.27 67.38 83.02
N ASP L 227 76.75 68.32 83.85
CA ASP L 227 76.10 69.61 84.05
C ASP L 227 76.91 70.74 83.41
N THR L 228 77.84 70.35 82.51
CA THR L 228 78.73 71.24 81.74
C THR L 228 78.24 71.34 80.30
N SER L 229 78.36 72.53 79.69
CA SER L 229 77.93 72.80 78.31
C SER L 229 79.05 73.40 77.45
N PHE L 230 78.77 73.61 76.15
CA PHE L 230 79.71 74.19 75.18
C PHE L 230 78.96 74.97 74.09
N HIS L 231 79.71 75.73 73.27
CA HIS L 231 79.16 76.45 72.12
C HIS L 231 80.18 76.58 70.99
N ILE L 232 79.72 76.39 69.73
CA ILE L 232 80.56 76.48 68.54
C ILE L 232 80.17 77.66 67.65
N ASP L 233 81.18 78.27 67.00
CA ASP L 233 80.98 79.41 66.11
C ASP L 233 81.16 79.01 64.64
N ILE L 234 80.04 78.95 63.90
CA ILE L 234 80.06 78.63 62.48
C ILE L 234 80.16 79.94 61.70
N ASN L 235 81.40 80.31 61.36
CA ASN L 235 81.76 81.53 60.64
C ASN L 235 81.24 81.52 59.18
N PRO L 236 81.02 82.68 58.53
CA PRO L 236 80.50 82.68 57.15
C PRO L 236 81.35 82.00 56.08
N ASN L 237 82.67 81.84 56.33
CA ASN L 237 83.59 81.19 55.39
C ASN L 237 83.56 79.64 55.46
N GLY L 238 82.76 79.10 56.36
CA GLY L 238 82.58 77.67 56.55
C GLY L 238 83.32 77.09 57.75
N SER L 239 84.27 77.86 58.30
CA SER L 239 85.09 77.44 59.45
C SER L 239 84.29 77.33 60.74
N ILE L 240 84.61 76.31 61.55
CA ILE L 240 83.97 76.04 62.84
C ILE L 240 85.01 76.34 63.94
N THR L 241 84.67 77.26 64.85
CA THR L 241 85.56 77.66 65.94
C THR L 241 85.00 77.21 67.29
N TRP L 242 85.78 76.40 68.03
CA TRP L 242 85.40 75.90 69.36
C TRP L 242 85.46 77.04 70.37
N TRP L 243 84.45 77.13 71.25
CA TRP L 243 84.37 78.16 72.28
C TRP L 243 83.89 77.66 73.65
N GLY L 244 84.15 76.38 73.93
CA GLY L 244 83.81 75.75 75.20
C GLY L 244 85.04 75.64 76.09
N ALA L 245 85.02 74.68 77.05
CA ALA L 245 86.16 74.42 77.94
C ALA L 245 87.23 73.64 77.19
N ASN L 246 88.51 73.74 77.58
CA ASN L 246 89.59 72.98 76.92
C ASN L 246 89.42 71.50 77.22
N ILE L 247 89.46 70.67 76.17
CA ILE L 247 89.27 69.24 76.29
C ILE L 247 90.57 68.49 76.15
N ASP L 248 90.81 67.59 77.09
CA ASP L 248 91.98 66.73 77.11
C ASP L 248 91.73 65.46 76.27
N LYS L 249 92.68 64.53 76.34
CA LYS L 249 92.68 63.28 75.56
C LYS L 249 91.40 62.48 75.67
N THR L 250 90.80 62.44 76.87
CA THR L 250 89.55 61.74 77.12
C THR L 250 88.39 62.37 76.32
N PRO L 251 87.67 61.55 75.53
CA PRO L 251 86.56 62.08 74.72
C PRO L 251 85.24 62.06 75.50
N ILE L 252 84.52 63.19 75.48
CA ILE L 252 83.23 63.36 76.15
C ILE L 252 82.14 63.51 75.09
N ALA L 253 81.05 62.72 75.21
CA ALA L 253 79.93 62.73 74.28
C ALA L 253 79.26 64.11 74.19
N THR L 254 79.04 64.59 72.96
CA THR L 254 78.45 65.89 72.68
C THR L 254 77.10 65.73 71.99
N ARG L 255 76.04 66.26 72.61
CA ARG L 255 74.65 66.20 72.11
C ARG L 255 73.99 67.58 72.24
N GLY L 256 72.93 67.81 71.47
CA GLY L 256 72.18 69.06 71.49
C GLY L 256 71.66 69.51 70.16
N ASN L 257 70.74 70.49 70.17
CA ASN L 257 70.14 71.07 68.96
C ASN L 257 70.25 72.59 68.98
N GLY L 258 70.73 73.16 67.87
CA GLY L 258 70.91 74.59 67.69
C GLY L 258 70.40 75.07 66.34
N SER L 259 69.47 76.05 66.36
CA SER L 259 68.87 76.63 65.15
C SER L 259 69.39 78.01 64.79
N TYR L 260 69.50 78.30 63.46
CA TYR L 260 69.99 79.57 62.91
C TYR L 260 69.37 79.87 61.53
N PHE L 261 69.40 81.15 61.11
CA PHE L 261 68.93 81.60 59.80
C PHE L 261 70.13 81.86 58.87
N ILE L 262 70.01 81.49 57.59
CA ILE L 262 71.06 81.73 56.60
C ILE L 262 70.96 83.16 56.04
N LYS L 263 69.77 83.52 55.52
CA LYS L 263 69.49 84.84 54.94
C LYS L 263 69.41 85.94 55.99
N THR M 1 28.10 105.90 35.29
CA THR M 1 27.44 104.90 34.45
C THR M 1 27.99 103.50 34.71
N ILE M 2 27.10 102.50 34.76
CA ILE M 2 27.48 101.10 35.00
C ILE M 2 27.31 100.29 33.70
N LYS M 3 28.42 99.74 33.17
CA LYS M 3 28.40 98.91 31.97
C LYS M 3 28.35 97.43 32.38
N ASN M 4 27.17 96.81 32.19
CA ASN M 4 26.93 95.40 32.53
C ASN M 4 27.33 94.50 31.37
N PHE M 5 27.92 93.32 31.67
CA PHE M 5 28.38 92.39 30.63
C PHE M 5 27.88 90.96 30.73
N THR M 6 28.11 90.25 31.85
CA THR M 6 27.66 88.86 32.00
C THR M 6 26.18 88.83 32.40
N PHE M 7 25.31 89.40 31.54
CA PHE M 7 23.86 89.51 31.75
C PHE M 7 23.12 89.35 30.42
N PHE M 8 21.77 89.39 30.44
CA PHE M 8 20.97 89.17 29.24
C PHE M 8 20.44 90.38 28.50
N SER M 9 20.39 90.23 27.16
CA SER M 9 19.86 91.20 26.21
C SER M 9 18.59 90.57 25.61
N PRO M 10 17.40 90.75 26.23
CA PRO M 10 16.16 90.16 25.68
C PRO M 10 15.83 90.64 24.26
N ASN M 11 16.13 91.91 23.97
CA ASN M 11 15.94 92.52 22.65
C ASN M 11 17.22 92.37 21.79
N SER M 12 18.17 91.54 22.28
CA SER M 12 19.46 91.18 21.64
C SER M 12 20.39 92.37 21.33
N THR M 13 20.30 93.46 22.13
CA THR M 13 21.12 94.66 21.95
C THR M 13 21.65 95.24 23.26
N GLU M 14 20.94 94.97 24.38
CA GLU M 14 21.22 95.49 25.73
C GLU M 14 22.65 95.38 26.26
N PHE M 15 23.19 94.15 26.40
CA PHE M 15 24.53 93.97 26.96
C PHE M 15 25.55 93.26 26.08
N PRO M 16 26.14 93.97 25.09
CA PRO M 16 27.16 93.34 24.24
C PRO M 16 28.53 93.36 24.91
N VAL M 17 29.24 92.22 24.87
CA VAL M 17 30.59 92.11 25.47
C VAL M 17 31.69 91.98 24.41
N GLY M 18 32.61 92.95 24.42
CA GLY M 18 33.72 93.05 23.48
C GLY M 18 35.01 92.36 23.92
N SER M 19 36.01 92.35 23.02
CA SER M 19 37.32 91.72 23.23
C SER M 19 38.08 92.31 24.42
N ASN M 20 38.04 93.65 24.57
CA ASN M 20 38.70 94.36 25.67
C ASN M 20 37.99 94.10 27.01
N ASN M 21 36.65 93.97 26.97
CA ASN M 21 35.80 93.71 28.14
C ASN M 21 36.06 92.31 28.70
N ASP M 22 36.22 91.33 27.81
CA ASP M 22 36.55 89.95 28.18
C ASP M 22 38.03 89.86 28.57
N GLY M 23 38.87 90.63 27.88
CA GLY M 23 40.31 90.71 28.12
C GLY M 23 40.63 91.15 29.54
N LYS M 24 39.89 92.17 30.01
CA LYS M 24 39.99 92.72 31.37
C LYS M 24 39.51 91.69 32.38
N LEU M 25 38.42 90.95 32.05
CA LEU M 25 37.85 89.88 32.89
C LEU M 25 38.87 88.76 33.11
N TYR M 26 39.44 88.22 32.01
CA TYR M 26 40.43 87.13 32.07
C TYR M 26 41.65 87.48 32.93
N MET M 27 42.12 88.75 32.86
CA MET M 27 43.26 89.27 33.64
C MET M 27 42.99 89.23 35.14
N MET M 28 41.76 89.60 35.53
CA MET M 28 41.31 89.64 36.92
C MET M 28 41.14 88.23 37.51
N LEU M 29 40.67 87.28 36.67
CA LEU M 29 40.44 85.89 37.07
C LEU M 29 41.75 85.16 37.40
N THR M 30 42.77 85.30 36.53
CA THR M 30 44.08 84.66 36.71
C THR M 30 45.06 85.46 37.60
N GLY M 31 44.78 86.75 37.77
CA GLY M 31 45.59 87.66 38.57
C GLY M 31 46.89 88.07 37.90
N MET M 32 46.79 88.57 36.66
CA MET M 32 47.94 89.01 35.86
C MET M 32 47.86 90.49 35.47
N ASP M 33 49.03 91.10 35.18
CA ASP M 33 49.12 92.48 34.71
C ASP M 33 49.56 92.50 33.23
N TYR M 34 49.91 93.67 32.70
CA TYR M 34 50.37 93.81 31.31
C TYR M 34 51.88 93.51 31.16
N ARG M 35 52.56 93.22 32.29
CA ARG M 35 53.99 92.91 32.33
C ARG M 35 54.27 91.39 32.38
N THR M 36 53.25 90.59 32.74
CA THR M 36 53.34 89.12 32.81
C THR M 36 52.39 88.44 31.81
N ILE M 37 52.58 87.13 31.57
CA ILE M 37 51.79 86.32 30.64
C ILE M 37 51.39 84.96 31.21
N ARG M 38 50.54 84.25 30.47
CA ARG M 38 50.11 82.88 30.73
C ARG M 38 50.53 82.12 29.49
N ARG M 39 51.52 81.23 29.63
CA ARG M 39 52.08 80.47 28.52
C ARG M 39 52.15 78.97 28.82
N LYS M 40 51.79 78.14 27.82
CA LYS M 40 51.84 76.69 27.92
C LYS M 40 52.26 76.07 26.59
N ASP M 41 53.31 75.22 26.64
CA ASP M 41 53.82 74.51 25.47
C ASP M 41 53.20 73.12 25.45
N TRP M 42 52.27 72.89 24.51
CA TRP M 42 51.59 71.61 24.33
C TRP M 42 52.55 70.62 23.66
N SER M 43 53.46 71.15 22.84
CA SER M 43 54.52 70.43 22.14
C SER M 43 55.75 71.32 22.13
N SER M 44 56.91 70.77 22.54
CA SER M 44 58.18 71.49 22.66
C SER M 44 58.61 72.21 21.37
N PRO M 45 59.06 73.49 21.47
CA PRO M 45 59.45 74.22 20.26
C PRO M 45 60.76 73.73 19.67
N LEU M 46 60.80 73.55 18.34
CA LEU M 46 61.97 73.08 17.60
C LEU M 46 62.99 74.19 17.38
N ASN M 47 64.29 73.84 17.41
CA ASN M 47 65.38 74.77 17.21
C ASN M 47 66.22 74.35 16.00
N THR M 48 66.15 75.15 14.93
CA THR M 48 66.89 74.90 13.68
C THR M 48 67.86 76.06 13.46
N ALA M 49 69.14 75.85 13.83
CA ALA M 49 70.24 76.82 13.75
C ALA M 49 69.87 78.12 14.48
N LEU M 50 69.91 79.29 13.79
CA LEU M 50 69.55 80.58 14.40
C LEU M 50 68.07 80.94 14.18
N ASN M 51 67.18 79.97 14.46
CA ASN M 51 65.72 80.07 14.33
C ASN M 51 65.03 79.19 15.38
N VAL M 52 63.87 79.66 15.90
CA VAL M 52 63.06 78.94 16.88
C VAL M 52 61.59 78.84 16.43
N GLN M 53 61.15 77.62 16.09
CA GLN M 53 59.78 77.34 15.64
C GLN M 53 58.92 76.81 16.78
N TYR M 54 57.87 77.57 17.15
CA TYR M 54 56.93 77.20 18.20
C TYR M 54 55.85 76.30 17.59
N THR M 55 55.99 74.97 17.76
CA THR M 55 55.11 73.93 17.24
C THR M 55 53.64 74.13 17.64
N ASN M 56 53.37 74.23 18.95
CA ASN M 56 52.05 74.48 19.52
C ASN M 56 52.19 75.09 20.92
N THR M 57 52.15 76.43 20.97
CA THR M 57 52.27 77.20 22.21
C THR M 57 51.15 78.24 22.30
N SER M 58 50.34 78.15 23.36
CA SER M 58 49.23 79.07 23.62
C SER M 58 49.70 80.13 24.60
N ILE M 59 49.39 81.42 24.32
CA ILE M 59 49.79 82.56 25.15
C ILE M 59 48.62 83.52 25.42
N ILE M 60 48.50 83.99 26.68
CA ILE M 60 47.50 84.98 27.11
C ILE M 60 48.28 86.23 27.54
N ALA M 61 48.41 87.21 26.64
CA ALA M 61 49.11 88.46 26.90
C ALA M 61 48.12 89.62 26.98
N GLY M 62 48.07 90.27 28.13
CA GLY M 62 47.16 91.38 28.43
C GLY M 62 45.70 90.96 28.38
N GLY M 63 45.45 89.71 28.74
CA GLY M 63 44.12 89.11 28.74
C GLY M 63 43.64 88.65 27.38
N ARG M 64 44.53 88.69 26.37
CA ARG M 64 44.18 88.32 25.00
C ARG M 64 44.86 86.99 24.62
N TYR M 65 44.03 85.99 24.28
CA TYR M 65 44.46 84.63 23.92
C TYR M 65 44.81 84.46 22.46
N PHE M 66 45.91 83.73 22.20
CA PHE M 66 46.40 83.40 20.86
C PHE M 66 47.28 82.15 20.84
N GLU M 67 47.20 81.37 19.75
CA GLU M 67 47.99 80.14 19.57
C GLU M 67 49.06 80.30 18.51
N LEU M 68 50.26 79.76 18.79
CA LEU M 68 51.38 79.78 17.85
C LEU M 68 51.49 78.38 17.26
N LEU M 69 51.10 78.21 15.99
CA LEU M 69 51.12 76.91 15.32
C LEU M 69 52.18 76.88 14.22
N ASN M 70 53.36 76.29 14.55
CA ASN M 70 54.54 76.17 13.71
C ASN M 70 55.07 77.53 13.22
N GLU M 71 55.11 78.51 14.15
CA GLU M 71 55.57 79.87 13.90
C GLU M 71 57.05 80.01 14.24
N THR M 72 57.89 80.27 13.22
CA THR M 72 59.35 80.39 13.35
C THR M 72 59.76 81.84 13.65
N VAL M 73 60.68 82.00 14.62
CA VAL M 73 61.21 83.31 15.05
C VAL M 73 62.71 83.37 14.70
N ALA M 74 63.11 84.39 13.92
CA ALA M 74 64.50 84.61 13.52
C ALA M 74 65.34 85.07 14.72
N LEU M 75 66.55 84.51 14.87
CA LEU M 75 67.44 84.81 16.00
C LEU M 75 68.76 85.48 15.61
N LYS M 76 69.34 86.25 16.54
CA LYS M 76 70.62 86.95 16.37
C LYS M 76 71.78 86.02 16.75
N GLY M 77 72.82 86.03 15.92
CA GLY M 77 74.03 85.21 16.10
C GLY M 77 74.89 85.62 17.27
N ASP M 78 75.22 84.63 18.13
CA ASP M 78 76.04 84.76 19.34
C ASP M 78 75.57 85.88 20.28
N SER M 79 74.28 85.82 20.66
CA SER M 79 73.62 86.80 21.52
C SER M 79 72.48 86.20 22.33
N VAL M 80 72.09 86.87 23.43
CA VAL M 80 71.00 86.45 24.31
C VAL M 80 69.72 87.17 23.86
N ASN M 81 68.94 86.50 23.01
CA ASN M 81 67.68 87.01 22.45
C ASN M 81 66.53 86.95 23.44
N TYR M 82 65.61 87.93 23.35
CA TYR M 82 64.42 88.04 24.19
C TYR M 82 63.20 88.02 23.26
N ILE M 83 62.42 86.93 23.28
CA ILE M 83 61.23 86.78 22.43
C ILE M 83 60.05 87.53 23.03
N HIS M 84 59.54 88.53 22.30
CA HIS M 84 58.42 89.38 22.72
C HIS M 84 57.15 89.16 21.91
N ALA M 85 56.00 89.30 22.58
CA ALA M 85 54.67 89.22 21.97
C ALA M 85 54.19 90.66 21.81
N ASN M 86 54.00 91.10 20.56
CA ASN M 86 53.60 92.48 20.24
C ASN M 86 52.14 92.55 19.79
N ILE M 87 51.30 93.22 20.58
CA ILE M 87 49.86 93.36 20.30
C ILE M 87 49.49 94.79 19.91
N ASP M 88 49.17 94.99 18.62
CA ASP M 88 48.73 96.28 18.09
C ASP M 88 47.32 96.09 17.55
N LEU M 89 46.32 96.55 18.31
CA LEU M 89 44.89 96.44 18.01
C LEU M 89 44.44 97.15 16.73
N THR M 90 45.24 98.14 16.25
CA THR M 90 44.97 98.89 15.02
C THR M 90 45.06 97.96 13.81
N GLN M 91 45.94 96.95 13.88
CA GLN M 91 46.12 95.93 12.85
C GLN M 91 45.00 94.90 13.05
N THR M 92 43.82 95.19 12.47
CA THR M 92 42.61 94.35 12.58
C THR M 92 42.79 92.94 12.04
N ALA M 93 43.62 92.78 10.99
CA ALA M 93 43.90 91.48 10.37
C ALA M 93 44.93 90.68 11.17
N ASN M 94 46.03 91.33 11.60
CA ASN M 94 47.09 90.65 12.36
C ASN M 94 47.52 91.46 13.60
N PRO M 95 46.74 91.38 14.72
CA PRO M 95 47.12 92.16 15.91
C PRO M 95 48.39 91.68 16.62
N VAL M 96 48.60 90.34 16.68
CA VAL M 96 49.76 89.74 17.34
C VAL M 96 50.89 89.47 16.37
N SER M 97 52.10 89.94 16.72
CA SER M 97 53.36 89.76 15.98
C SER M 97 54.48 89.43 16.96
N LEU M 98 55.47 88.64 16.53
CA LEU M 98 56.59 88.24 17.37
C LEU M 98 57.91 88.92 16.98
N SER M 99 58.81 89.13 17.95
CA SER M 99 60.11 89.75 17.73
C SER M 99 61.16 89.29 18.74
N ALA M 100 62.39 89.03 18.25
CA ALA M 100 63.53 88.63 19.08
C ALA M 100 64.38 89.89 19.27
N GLU M 101 64.41 90.41 20.51
CA GLU M 101 65.11 91.64 20.84
C GLU M 101 66.36 91.46 21.71
N THR M 102 67.27 92.45 21.67
CA THR M 102 68.54 92.50 22.39
C THR M 102 68.36 92.46 23.92
N ALA M 103 67.41 93.25 24.44
CA ALA M 103 67.09 93.33 25.87
C ALA M 103 65.59 93.14 26.12
N ASN M 104 65.20 92.94 27.41
CA ASN M 104 63.80 92.77 27.79
C ASN M 104 63.09 94.13 27.73
N ASN M 105 62.30 94.34 26.66
CA ASN M 105 61.57 95.57 26.38
C ASN M 105 60.07 95.46 26.66
N SER M 106 59.70 94.92 27.84
CA SER M 106 58.32 94.78 28.27
C SER M 106 57.81 96.17 28.69
N ASN M 107 56.86 96.73 27.93
CA ASN M 107 56.31 98.07 28.18
C ASN M 107 55.16 98.14 29.17
N GLY M 108 54.30 97.13 29.17
CA GLY M 108 53.14 97.06 30.05
C GLY M 108 52.05 98.06 29.74
N VAL M 109 51.86 98.34 28.43
CA VAL M 109 50.86 99.28 27.90
C VAL M 109 49.43 98.73 28.09
N ASP M 110 48.54 99.53 28.70
CA ASP M 110 47.13 99.16 28.92
C ASP M 110 46.38 99.27 27.59
N ILE M 111 46.21 98.13 26.91
CA ILE M 111 45.54 98.03 25.60
C ILE M 111 44.02 97.88 25.70
N ASN M 112 43.52 97.25 26.77
CA ASN M 112 42.10 97.04 27.00
C ASN M 112 41.33 98.32 27.34
N ASN M 113 42.01 99.32 27.94
CA ASN M 113 41.41 100.60 28.30
C ASN M 113 41.85 101.73 27.37
N GLY M 114 43.16 101.86 27.16
CA GLY M 114 43.74 102.89 26.31
C GLY M 114 44.38 102.36 25.03
N SER M 115 44.97 103.28 24.26
CA SER M 115 45.64 102.97 22.99
C SER M 115 47.11 102.57 23.21
N GLY M 116 47.75 102.07 22.15
CA GLY M 116 49.16 101.67 22.18
C GLY M 116 49.42 100.23 21.79
N VAL M 117 50.71 99.87 21.72
CA VAL M 117 51.19 98.53 21.37
C VAL M 117 51.76 97.88 22.62
N LEU M 118 51.24 96.69 22.97
CA LEU M 118 51.71 95.95 24.14
C LEU M 118 52.85 94.99 23.79
N LYS M 119 54.01 95.21 24.42
CA LYS M 119 55.21 94.39 24.26
C LYS M 119 55.46 93.67 25.59
N VAL M 120 55.65 92.34 25.53
CA VAL M 120 55.88 91.51 26.72
C VAL M 120 56.72 90.26 26.39
N CYS M 121 57.84 90.08 27.12
CA CYS M 121 58.76 88.96 26.96
C CYS M 121 58.20 87.71 27.62
N PHE M 122 58.34 86.56 26.94
CA PHE M 122 57.85 85.27 27.42
C PHE M 122 58.92 84.17 27.40
N ASP M 123 59.90 84.28 26.49
CA ASP M 123 60.98 83.30 26.33
C ASP M 123 62.32 83.98 26.06
N ILE M 124 63.39 83.53 26.75
CA ILE M 124 64.76 84.03 26.59
C ILE M 124 65.58 82.95 25.88
N VAL M 125 66.10 83.27 24.69
CA VAL M 125 66.88 82.32 23.88
C VAL M 125 68.35 82.74 23.81
N THR M 126 69.24 81.93 24.41
CA THR M 126 70.70 82.14 24.40
C THR M 126 71.26 81.38 23.19
N THR M 127 71.92 82.11 22.28
CA THR M 127 72.48 81.52 21.04
C THR M 127 73.98 81.70 20.87
N SER M 128 74.56 80.86 20.00
CA SER M 128 75.98 80.88 19.60
C SER M 128 76.03 81.30 18.13
N GLY M 129 77.20 81.16 17.48
CA GLY M 129 77.38 81.49 16.09
C GLY M 129 76.65 80.56 15.15
N THR M 130 76.54 79.27 15.54
CA THR M 130 75.87 78.22 14.76
C THR M 130 74.37 78.12 15.07
N GLY M 131 74.02 77.76 16.31
CA GLY M 131 72.65 77.60 16.72
C GLY M 131 72.33 77.93 18.17
N VAL M 132 71.14 77.47 18.63
CA VAL M 132 70.60 77.68 19.98
C VAL M 132 71.39 76.85 21.01
N THR M 133 71.86 77.52 22.09
CA THR M 133 72.61 76.87 23.16
C THR M 133 71.70 76.47 24.32
N SER M 134 70.87 77.42 24.80
CA SER M 134 69.93 77.20 25.92
C SER M 134 68.73 78.14 25.85
N THR M 135 67.59 77.69 26.44
CA THR M 135 66.35 78.47 26.49
C THR M 135 65.77 78.53 27.91
N LYS M 136 65.35 79.73 28.33
CA LYS M 136 64.78 80.00 29.65
C LYS M 136 63.45 80.78 29.53
N PRO M 137 62.32 80.25 30.03
CA PRO M 137 61.05 81.00 29.91
C PRO M 137 60.85 82.02 31.03
N ILE M 138 60.18 83.15 30.69
CA ILE M 138 59.86 84.24 31.63
C ILE M 138 58.82 83.73 32.63
N VAL M 139 59.04 84.02 33.93
CA VAL M 139 58.16 83.61 35.04
C VAL M 139 56.75 84.20 34.92
N GLN M 140 55.73 83.35 35.15
CA GLN M 140 54.32 83.73 35.08
C GLN M 140 53.86 84.21 36.45
N THR M 141 53.81 85.54 36.64
CA THR M 141 53.43 86.20 37.89
C THR M 141 51.91 86.13 38.11
N SER M 142 51.51 85.69 39.31
CA SER M 142 50.12 85.58 39.70
C SER M 142 49.89 86.43 40.95
N THR M 143 49.53 87.71 40.75
CA THR M 143 49.28 88.67 41.83
C THR M 143 47.89 88.41 42.42
N LEU M 144 47.85 88.05 43.72
CA LEU M 144 46.62 87.71 44.45
C LEU M 144 46.55 88.46 45.78
N ASP M 145 45.32 88.76 46.28
CA ASP M 145 45.12 89.48 47.53
C ASP M 145 45.26 88.55 48.75
N SER M 146 44.46 87.47 48.80
CA SER M 146 44.47 86.50 49.90
C SER M 146 44.16 85.10 49.40
N ILE M 147 44.91 84.10 49.92
CA ILE M 147 44.76 82.70 49.54
C ILE M 147 44.35 81.83 50.74
N SER M 148 43.21 81.12 50.60
CA SER M 148 42.70 80.17 51.61
C SER M 148 42.90 78.79 50.97
N VAL M 149 44.03 78.15 51.29
CA VAL M 149 44.46 76.87 50.73
C VAL M 149 44.54 75.72 51.75
N ASN M 150 44.36 74.47 51.27
CA ASN M 150 44.46 73.26 52.08
C ASN M 150 45.93 72.82 52.18
N ASP M 151 46.55 72.49 51.03
CA ASP M 151 47.95 72.05 50.98
C ASP M 151 48.75 72.79 49.90
N MET M 152 50.08 72.93 50.10
CA MET M 152 50.97 73.62 49.18
C MET M 152 52.32 72.92 49.03
N THR M 153 52.93 73.00 47.83
CA THR M 153 54.23 72.43 47.52
C THR M 153 55.09 73.50 46.83
N VAL M 154 56.22 73.84 47.44
CA VAL M 154 57.14 74.87 46.95
C VAL M 154 58.45 74.22 46.48
N SER M 155 58.83 74.46 45.21
CA SER M 155 60.06 73.92 44.62
C SER M 155 61.24 74.90 44.73
N GLY M 156 60.95 76.20 44.84
CA GLY M 156 61.94 77.26 44.98
C GLY M 156 62.08 77.75 46.40
N SER M 157 61.45 78.91 46.72
CA SER M 157 61.49 79.52 48.06
C SER M 157 60.37 80.53 48.32
N ILE M 158 59.90 80.58 49.58
CA ILE M 158 58.88 81.51 50.06
C ILE M 158 59.59 82.71 50.68
N ASP M 159 59.26 83.94 50.22
CA ASP M 159 59.85 85.17 50.77
C ASP M 159 58.90 85.80 51.80
N VAL M 160 59.19 85.58 53.09
CA VAL M 160 58.40 86.10 54.21
C VAL M 160 59.02 87.41 54.75
N PRO M 161 58.22 88.38 55.26
CA PRO M 161 58.80 89.63 55.76
C PRO M 161 59.75 89.46 56.95
N VAL M 162 60.95 90.05 56.84
CA VAL M 162 62.02 89.97 57.84
C VAL M 162 62.14 91.29 58.60
N GLN M 163 62.36 91.20 59.93
CA GLN M 163 62.55 92.35 60.83
C GLN M 163 63.75 92.13 61.75
N THR M 164 64.69 93.09 61.79
CA THR M 164 65.88 93.03 62.65
C THR M 164 65.82 94.01 63.81
N LEU M 165 66.40 93.62 64.96
CA LEU M 165 66.42 94.42 66.18
C LEU M 165 67.67 94.11 67.02
N THR M 166 68.29 95.17 67.58
CA THR M 166 69.48 95.05 68.42
C THR M 166 69.26 95.83 69.73
N VAL M 167 68.72 95.13 70.75
CA VAL M 167 68.41 95.70 72.06
C VAL M 167 69.56 95.48 73.06
N GLU M 168 70.06 96.58 73.65
CA GLU M 168 71.12 96.54 74.66
C GLU M 168 70.44 96.31 76.01
N ALA M 169 70.31 95.02 76.40
CA ALA M 169 69.66 94.55 77.62
C ALA M 169 70.19 95.16 78.92
N GLY M 170 71.46 95.54 78.92
CA GLY M 170 72.13 96.15 80.07
C GLY M 170 73.13 95.24 80.73
N ASN M 171 73.87 95.79 81.71
CA ASN M 171 74.93 95.11 82.49
C ASN M 171 76.10 94.59 81.61
N GLY M 172 76.01 94.82 80.30
CA GLY M 172 77.00 94.42 79.31
C GLY M 172 76.51 93.40 78.30
N LEU M 173 75.18 93.13 78.28
CA LEU M 173 74.56 92.17 77.37
C LEU M 173 73.93 92.86 76.15
N GLN M 174 74.15 92.26 74.96
CA GLN M 174 73.64 92.71 73.67
C GLN M 174 72.88 91.54 73.02
N LEU M 175 71.69 91.82 72.47
CA LEU M 175 70.84 90.80 71.81
C LEU M 175 70.58 91.17 70.35
N GLN M 176 70.77 90.21 69.43
CA GLN M 176 70.51 90.41 68.01
C GLN M 176 69.32 89.54 67.59
N LEU M 177 68.15 90.17 67.45
CA LEU M 177 66.88 89.51 67.09
C LEU M 177 66.57 89.61 65.60
N THR M 178 66.04 88.51 65.04
CA THR M 178 65.64 88.42 63.62
C THR M 178 64.27 87.73 63.53
N LYS M 179 63.21 88.54 63.29
CA LYS M 179 61.81 88.09 63.22
C LYS M 179 61.36 87.91 61.76
N LYS M 180 60.90 86.70 61.42
CA LYS M 180 60.41 86.37 60.08
C LYS M 180 58.97 85.88 60.16
N ASN M 181 58.08 86.45 59.30
CA ASN M 181 56.64 86.16 59.20
C ASN M 181 55.86 86.53 60.50
N ASN M 182 56.42 87.50 61.27
CA ASN M 182 55.87 88.00 62.54
C ASN M 182 55.62 86.93 63.61
N ASP M 183 56.40 85.82 63.58
CA ASP M 183 56.26 84.72 64.52
C ASP M 183 57.58 84.18 65.08
N LEU M 184 58.41 83.53 64.23
CA LEU M 184 59.68 82.94 64.64
C LEU M 184 60.80 83.99 64.74
N VAL M 185 61.45 84.06 65.92
CA VAL M 185 62.54 84.99 66.21
C VAL M 185 63.75 84.21 66.74
N ILE M 186 64.94 84.47 66.17
CA ILE M 186 66.19 83.87 66.62
C ILE M 186 67.06 84.94 67.27
N VAL M 187 67.25 84.83 68.59
CA VAL M 187 68.02 85.77 69.41
C VAL M 187 69.49 85.33 69.44
N ARG M 188 70.40 86.27 69.09
CA ARG M 188 71.84 86.04 69.08
C ARG M 188 72.50 86.83 70.23
N PHE M 189 73.16 86.11 71.16
CA PHE M 189 73.82 86.70 72.31
C PHE M 189 75.18 87.31 71.98
N PHE M 190 75.42 88.55 72.45
CA PHE M 190 76.67 89.29 72.25
C PHE M 190 77.02 90.18 73.46
N GLY M 191 78.29 90.59 73.55
CA GLY M 191 78.81 91.42 74.62
C GLY M 191 79.48 90.64 75.74
N SER M 192 79.49 91.24 76.95
CA SER M 192 80.07 90.65 78.16
C SER M 192 79.35 91.18 79.40
N VAL M 193 78.54 90.34 80.06
CA VAL M 193 77.75 90.70 81.24
C VAL M 193 78.58 90.79 82.55
N SER M 194 78.31 91.84 83.36
CA SER M 194 78.97 92.12 84.63
C SER M 194 78.03 92.82 85.62
N ASN M 195 78.18 92.53 86.93
CA ASN M 195 77.40 93.08 88.06
C ASN M 195 75.89 92.79 87.95
N ILE M 196 75.52 91.49 88.10
CA ILE M 196 74.13 91.02 88.04
C ILE M 196 73.87 89.81 88.95
N GLN M 197 72.66 89.73 89.54
CA GLN M 197 72.23 88.66 90.43
C GLN M 197 71.07 87.85 89.81
N LYS M 198 70.82 86.63 90.34
CA LYS M 198 69.75 85.75 89.87
C LYS M 198 68.35 86.28 90.22
N GLY M 199 67.48 86.32 89.21
CA GLY M 199 66.11 86.81 89.34
C GLY M 199 65.96 88.31 89.24
N TRP M 200 67.08 89.03 89.03
CA TRP M 200 67.12 90.48 88.91
C TRP M 200 66.94 90.96 87.48
N ASN M 201 66.10 92.00 87.30
CA ASN M 201 65.80 92.63 86.00
C ASN M 201 67.04 93.35 85.48
N MET M 202 67.29 93.27 84.17
CA MET M 202 68.46 93.88 83.53
C MET M 202 68.30 95.38 83.25
N SER M 203 69.25 96.18 83.78
CA SER M 203 69.36 97.64 83.77
C SER M 203 69.03 98.41 82.48
N GLY M 204 69.53 97.93 81.34
CA GLY M 204 69.37 98.59 80.05
C GLY M 204 68.01 98.58 79.39
N THR M 205 68.01 98.76 78.06
CA THR M 205 66.84 98.83 77.16
C THR M 205 65.98 97.57 77.20
N TRP M 206 64.65 97.75 77.05
CA TRP M 206 63.65 96.69 77.03
C TRP M 206 63.34 96.30 75.58
N VAL M 207 62.80 95.07 75.38
CA VAL M 207 62.44 94.52 74.07
C VAL M 207 61.24 95.28 73.47
N ASP M 208 61.37 95.72 72.21
CA ASP M 208 60.34 96.46 71.45
C ASP M 208 59.07 95.64 71.26
N ARG M 209 57.91 96.32 71.21
CA ARG M 209 56.57 95.73 71.03
C ARG M 209 56.42 94.72 69.86
N PRO M 210 56.95 94.94 68.62
CA PRO M 210 56.78 93.93 67.56
C PRO M 210 57.57 92.63 67.80
N PHE M 211 58.52 92.65 68.75
CA PHE M 211 59.38 91.51 69.09
C PHE M 211 59.01 90.85 70.43
N ARG M 212 58.08 91.44 71.19
CA ARG M 212 57.62 90.92 72.49
C ARG M 212 56.79 89.65 72.33
N PRO M 213 57.06 88.58 73.12
CA PRO M 213 56.25 87.36 72.98
C PRO M 213 54.95 87.37 73.81
N ALA M 214 54.05 86.39 73.56
CA ALA M 214 52.78 86.27 74.28
C ALA M 214 52.98 85.80 75.72
N ALA M 215 53.93 84.87 75.93
CA ALA M 215 54.28 84.33 77.24
C ALA M 215 55.78 84.47 77.48
N VAL M 216 56.22 84.29 78.75
CA VAL M 216 57.63 84.39 79.14
C VAL M 216 58.48 83.29 78.47
N GLN M 217 59.45 83.72 77.65
CA GLN M 217 60.32 82.81 76.89
C GLN M 217 61.69 82.66 77.55
N SER M 218 62.00 81.45 78.00
CA SER M 218 63.27 81.10 78.64
C SER M 218 64.29 80.74 77.54
N LEU M 219 65.29 81.61 77.32
CA LEU M 219 66.31 81.40 76.28
C LEU M 219 67.70 81.17 76.86
N VAL M 220 68.29 80.00 76.55
CA VAL M 220 69.61 79.56 77.03
C VAL M 220 70.76 80.10 76.17
N GLY M 221 71.79 80.60 76.85
CA GLY M 221 73.04 81.11 76.27
C GLY M 221 74.24 80.40 76.85
N HIS M 222 75.46 80.79 76.43
CA HIS M 222 76.70 80.17 76.91
C HIS M 222 77.85 81.16 77.10
N PHE M 223 78.67 80.95 78.14
CA PHE M 223 79.84 81.79 78.44
C PHE M 223 81.04 81.26 77.64
N ALA M 224 81.52 82.06 76.67
CA ALA M 224 82.63 81.73 75.78
C ALA M 224 83.93 81.38 76.49
N GLY M 225 84.50 80.23 76.13
CA GLY M 225 85.74 79.70 76.69
C GLY M 225 85.58 78.91 77.98
N ARG M 226 84.33 78.75 78.46
CA ARG M 226 84.01 78.04 79.70
C ARG M 226 83.05 76.87 79.46
N ASP M 227 82.62 76.20 80.53
CA ASP M 227 81.66 75.11 80.51
C ASP M 227 80.41 75.47 81.33
N THR M 228 80.29 76.78 81.66
CA THR M 228 79.20 77.38 82.42
C THR M 228 78.17 77.97 81.44
N SER M 229 76.87 77.89 81.81
CA SER M 229 75.77 78.40 80.98
C SER M 229 74.83 79.35 81.74
N PHE M 230 73.97 80.06 81.00
CA PHE M 230 73.00 81.02 81.53
C PHE M 230 71.70 81.00 80.75
N HIS M 231 70.63 81.61 81.30
CA HIS M 231 69.34 81.75 80.65
C HIS M 231 68.63 83.06 81.03
N ILE M 232 67.99 83.71 80.06
CA ILE M 232 67.28 84.97 80.27
C ILE M 232 65.79 84.88 79.93
N ASP M 233 64.94 85.33 80.85
CA ASP M 233 63.49 85.31 80.71
C ASP M 233 62.95 86.59 80.07
N ILE M 234 62.52 86.50 78.79
CA ILE M 234 61.94 87.63 78.07
C ILE M 234 60.43 87.62 78.33
N ASN M 235 60.01 88.39 79.34
CA ASN M 235 58.62 88.52 79.79
C ASN M 235 57.75 89.24 78.72
N PRO M 236 56.40 89.07 78.71
CA PRO M 236 55.58 89.73 77.68
C PRO M 236 55.63 91.26 77.61
N ASN M 237 56.04 91.93 78.71
CA ASN M 237 56.14 93.39 78.78
C ASN M 237 57.46 93.96 78.20
N GLY M 238 58.32 93.08 77.69
CA GLY M 238 59.60 93.45 77.09
C GLY M 238 60.79 93.38 78.02
N SER M 239 60.52 93.20 79.33
CA SER M 239 61.55 93.11 80.38
C SER M 239 62.37 91.82 80.28
N ILE M 240 63.71 91.95 80.39
CA ILE M 240 64.65 90.83 80.33
C ILE M 240 65.16 90.55 81.75
N THR M 241 64.71 89.43 82.33
CA THR M 241 65.09 89.03 83.69
C THR M 241 66.21 87.98 83.62
N TRP M 242 67.33 88.27 84.29
CA TRP M 242 68.51 87.38 84.36
C TRP M 242 68.20 86.18 85.25
N TRP M 243 68.63 84.97 84.81
CA TRP M 243 68.41 83.73 85.57
C TRP M 243 69.62 82.78 85.60
N GLY M 244 70.83 83.35 85.50
CA GLY M 244 72.08 82.61 85.60
C GLY M 244 72.67 82.80 86.99
N ALA M 245 73.94 82.38 87.18
CA ALA M 245 74.60 82.55 88.48
C ALA M 245 75.05 84.00 88.66
N ASN M 246 75.15 84.47 89.93
CA ASN M 246 75.55 85.83 90.28
C ASN M 246 76.92 86.19 89.73
N ILE M 247 76.97 87.26 88.91
CA ILE M 247 78.21 87.73 88.27
C ILE M 247 78.73 89.01 88.92
N ASP M 248 80.03 89.00 89.24
CA ASP M 248 80.74 90.12 89.86
C ASP M 248 81.21 91.18 88.85
N LYS M 249 82.15 92.01 89.28
CA LYS M 249 82.72 93.12 88.49
C LYS M 249 83.44 92.71 87.20
N THR M 250 84.01 91.49 87.15
CA THR M 250 84.72 90.95 85.98
C THR M 250 83.71 90.54 84.89
N PRO M 251 83.82 91.10 83.65
CA PRO M 251 82.86 90.72 82.61
C PRO M 251 83.24 89.46 81.83
N ILE M 252 82.27 88.56 81.62
CA ILE M 252 82.44 87.29 80.90
C ILE M 252 81.67 87.35 79.58
N ALA M 253 82.34 87.02 78.45
CA ALA M 253 81.77 87.02 77.10
C ALA M 253 80.58 86.05 76.97
N THR M 254 79.43 86.58 76.52
CA THR M 254 78.18 85.83 76.36
C THR M 254 77.82 85.66 74.90
N ARG M 255 77.69 84.40 74.45
CA ARG M 255 77.35 84.03 73.06
C ARG M 255 76.34 82.88 73.04
N GLY M 256 75.48 82.86 72.01
CA GLY M 256 74.48 81.81 71.85
C GLY M 256 73.30 82.16 70.97
N ASN M 257 72.55 81.12 70.54
CA ASN M 257 71.34 81.25 69.71
C ASN M 257 70.13 80.63 70.40
N GLY M 258 69.04 81.39 70.45
CA GLY M 258 67.79 80.98 71.07
C GLY M 258 66.57 81.32 70.23
N SER M 259 65.72 80.31 69.95
CA SER M 259 64.51 80.45 69.14
C SER M 259 63.24 80.43 69.99
N TYR M 260 62.24 81.26 69.61
CA TYR M 260 60.93 81.35 70.28
C TYR M 260 59.82 81.82 69.33
N PHE M 261 58.56 81.46 69.66
CA PHE M 261 57.38 81.88 68.89
C PHE M 261 56.67 83.01 69.64
N ILE M 262 56.28 84.07 68.90
CA ILE M 262 55.54 85.20 69.47
C ILE M 262 54.08 84.76 69.64
N LYS M 263 53.44 84.32 68.54
CA LYS M 263 52.05 83.86 68.49
C LYS M 263 51.84 82.54 69.23
N THR N 1 65.65 37.27 -2.31
CA THR N 1 65.86 36.54 -3.56
C THR N 1 67.32 36.14 -3.73
N ILE N 2 67.57 34.92 -4.25
CA ILE N 2 68.92 34.38 -4.47
C ILE N 2 69.30 34.43 -5.94
N LYS N 3 70.42 35.12 -6.25
CA LYS N 3 70.96 35.23 -7.60
C LYS N 3 72.14 34.26 -7.76
N ASN N 4 71.99 33.26 -8.65
CA ASN N 4 72.93 32.16 -8.89
C ASN N 4 73.87 32.51 -10.02
N PHE N 5 75.17 32.63 -9.71
CA PHE N 5 76.13 32.97 -10.75
C PHE N 5 76.96 31.84 -11.36
N THR N 6 77.69 31.06 -10.54
CA THR N 6 78.57 29.96 -11.00
C THR N 6 77.81 28.64 -11.21
N PHE N 7 76.76 28.69 -12.03
CA PHE N 7 75.94 27.52 -12.31
C PHE N 7 75.60 27.44 -13.80
N PHE N 8 75.19 26.24 -14.28
CA PHE N 8 74.87 26.04 -15.68
C PHE N 8 73.49 26.54 -16.05
N SER N 9 73.40 27.17 -17.24
CA SER N 9 72.18 27.73 -17.79
C SER N 9 71.62 26.75 -18.85
N PRO N 10 70.58 25.97 -18.49
CA PRO N 10 70.03 24.98 -19.45
C PRO N 10 69.63 25.51 -20.82
N ASN N 11 69.10 26.73 -20.87
CA ASN N 11 68.67 27.37 -22.11
C ASN N 11 69.57 28.57 -22.47
N SER N 12 70.82 28.56 -21.94
CA SER N 12 71.89 29.56 -22.12
C SER N 12 71.51 31.00 -21.74
N THR N 13 70.43 31.17 -20.95
CA THR N 13 69.93 32.49 -20.57
C THR N 13 69.71 32.67 -19.05
N GLU N 14 69.54 31.56 -18.30
CA GLU N 14 69.24 31.54 -16.86
C GLU N 14 70.16 32.31 -15.93
N PHE N 15 71.48 32.04 -15.98
CA PHE N 15 72.42 32.68 -15.06
C PHE N 15 73.55 33.51 -15.70
N PRO N 16 73.26 34.72 -16.23
CA PRO N 16 74.35 35.55 -16.78
C PRO N 16 75.20 36.20 -15.68
N VAL N 17 76.51 36.23 -15.89
CA VAL N 17 77.41 36.83 -14.91
C VAL N 17 77.94 38.19 -15.33
N GLY N 18 77.63 39.19 -14.52
CA GLY N 18 78.03 40.57 -14.77
C GLY N 18 79.44 40.87 -14.27
N SER N 19 80.01 41.98 -14.76
CA SER N 19 81.34 42.42 -14.36
C SER N 19 81.45 42.80 -12.87
N ASN N 20 80.36 43.35 -12.29
CA ASN N 20 80.32 43.70 -10.86
C ASN N 20 80.23 42.45 -10.00
N ASN N 21 79.55 41.41 -10.53
CA ASN N 21 79.37 40.11 -9.88
C ASN N 21 80.68 39.32 -9.83
N ASP N 22 81.57 39.51 -10.84
CA ASP N 22 82.89 38.90 -10.88
C ASP N 22 83.87 39.75 -10.09
N GLY N 23 83.68 41.08 -10.09
CA GLY N 23 84.45 42.03 -9.30
C GLY N 23 84.32 41.69 -7.83
N LYS N 24 83.07 41.45 -7.37
CA LYS N 24 82.73 41.02 -6.01
C LYS N 24 83.31 39.63 -5.71
N LEU N 25 83.24 38.70 -6.69
CA LEU N 25 83.78 37.33 -6.59
C LEU N 25 85.31 37.34 -6.43
N TYR N 26 86.00 38.13 -7.28
CA TYR N 26 87.45 38.25 -7.24
C TYR N 26 87.99 38.91 -5.97
N MET N 27 87.22 39.83 -5.33
CA MET N 27 87.60 40.52 -4.09
C MET N 27 87.55 39.61 -2.86
N MET N 28 86.62 38.65 -2.87
CA MET N 28 86.39 37.70 -1.76
C MET N 28 87.40 36.56 -1.78
N LEU N 29 87.93 36.25 -2.98
CA LEU N 29 88.96 35.22 -3.19
C LEU N 29 90.29 35.68 -2.61
N THR N 30 90.88 36.73 -3.20
CA THR N 30 92.14 37.30 -2.75
C THR N 30 92.05 37.93 -1.37
N GLY N 31 90.83 38.25 -0.93
CA GLY N 31 90.55 38.87 0.37
C GLY N 31 90.96 40.34 0.40
N MET N 32 90.49 41.12 -0.59
CA MET N 32 90.80 42.54 -0.72
C MET N 32 89.56 43.42 -0.52
N ASP N 33 89.79 44.66 -0.11
CA ASP N 33 88.73 45.63 0.08
C ASP N 33 88.88 46.76 -0.94
N TYR N 34 87.99 47.77 -0.91
CA TYR N 34 88.08 48.87 -1.86
C TYR N 34 89.21 49.86 -1.55
N ARG N 35 89.98 49.61 -0.48
CA ARG N 35 91.08 50.47 -0.06
C ARG N 35 92.47 49.90 -0.33
N THR N 36 92.52 48.77 -1.05
CA THR N 36 93.76 48.09 -1.45
C THR N 36 93.70 47.66 -2.93
N ILE N 37 94.86 47.21 -3.47
CA ILE N 37 95.00 46.74 -4.84
C ILE N 37 95.78 45.44 -4.89
N ARG N 38 95.83 44.85 -6.08
CA ARG N 38 96.72 43.77 -6.47
C ARG N 38 97.46 44.41 -7.63
N ARG N 39 98.79 44.37 -7.60
CA ARG N 39 99.59 45.04 -8.61
C ARG N 39 100.81 44.21 -8.96
N LYS N 40 101.15 44.14 -10.26
CA LYS N 40 102.33 43.42 -10.72
C LYS N 40 102.96 44.13 -11.89
N ASP N 41 104.23 44.50 -11.76
CA ASP N 41 105.02 45.10 -12.84
C ASP N 41 105.68 43.92 -13.56
N TRP N 42 105.12 43.50 -14.71
CA TRP N 42 105.67 42.39 -15.50
C TRP N 42 107.01 42.83 -16.09
N SER N 43 107.12 44.12 -16.40
CA SER N 43 108.34 44.83 -16.82
C SER N 43 108.44 46.12 -16.00
N SER N 44 109.66 46.57 -15.74
CA SER N 44 109.91 47.76 -14.93
C SER N 44 109.38 49.05 -15.55
N PRO N 45 108.65 49.88 -14.76
CA PRO N 45 108.23 51.19 -15.29
C PRO N 45 109.47 52.06 -15.58
N LEU N 46 109.37 52.97 -16.57
CA LEU N 46 110.49 53.81 -16.97
C LEU N 46 110.26 55.27 -16.63
N ASN N 47 111.25 55.88 -15.97
CA ASN N 47 111.21 57.29 -15.57
C ASN N 47 111.94 58.12 -16.60
N THR N 48 111.27 59.14 -17.14
CA THR N 48 111.82 60.08 -18.12
C THR N 48 111.37 61.47 -17.70
N ALA N 49 112.33 62.34 -17.30
CA ALA N 49 112.06 63.69 -16.77
C ALA N 49 111.00 63.56 -15.63
N LEU N 50 109.97 64.43 -15.60
CA LEU N 50 108.92 64.36 -14.58
C LEU N 50 107.73 63.52 -15.08
N ASN N 51 108.02 62.25 -15.43
CA ASN N 51 107.04 61.30 -15.95
C ASN N 51 107.42 59.88 -15.59
N VAL N 52 106.41 59.03 -15.35
CA VAL N 52 106.58 57.59 -15.10
C VAL N 52 105.79 56.86 -16.18
N GLN N 53 106.48 55.99 -16.93
CA GLN N 53 105.84 55.19 -17.96
C GLN N 53 105.68 53.77 -17.45
N TYR N 54 104.44 53.33 -17.29
CA TYR N 54 104.17 51.96 -16.89
C TYR N 54 104.19 51.15 -18.17
N THR N 55 105.26 50.37 -18.34
CA THR N 55 105.51 49.58 -19.54
C THR N 55 104.55 48.41 -19.67
N ASN N 56 104.42 47.62 -18.61
CA ASN N 56 103.51 46.48 -18.53
C ASN N 56 103.21 46.17 -17.07
N THR N 57 102.18 46.84 -16.55
CA THR N 57 101.74 46.68 -15.17
C THR N 57 100.27 46.26 -15.16
N SER N 58 99.94 45.22 -14.38
CA SER N 58 98.56 44.77 -14.21
C SER N 58 98.08 45.20 -12.83
N ILE N 59 96.83 45.69 -12.74
CA ILE N 59 96.24 46.12 -11.49
C ILE N 59 94.84 45.56 -11.34
N ILE N 60 94.51 45.17 -10.12
CA ILE N 60 93.17 44.76 -9.71
C ILE N 60 92.74 45.78 -8.67
N ALA N 61 91.69 46.55 -8.97
CA ALA N 61 91.15 47.57 -8.07
C ALA N 61 89.64 47.37 -8.05
N GLY N 62 89.09 47.12 -6.86
CA GLY N 62 87.67 46.82 -6.67
C GLY N 62 87.23 45.55 -7.40
N GLY N 63 88.14 44.58 -7.51
CA GLY N 63 87.95 43.32 -8.22
C GLY N 63 88.01 43.42 -9.74
N ARG N 64 88.33 44.62 -10.25
CA ARG N 64 88.39 44.91 -11.68
C ARG N 64 89.82 44.85 -12.17
N TYR N 65 90.06 44.00 -13.18
CA TYR N 65 91.37 43.80 -13.76
C TYR N 65 91.59 44.68 -14.97
N PHE N 66 92.76 45.33 -15.01
CA PHE N 66 93.16 46.17 -16.14
C PHE N 66 94.68 46.20 -16.28
N GLU N 67 95.15 46.39 -17.51
CA GLU N 67 96.56 46.43 -17.85
C GLU N 67 96.97 47.87 -18.19
N LEU N 68 98.20 48.27 -17.81
CA LEU N 68 98.82 49.56 -18.17
C LEU N 68 99.97 49.23 -19.12
N LEU N 69 99.75 49.49 -20.43
CA LEU N 69 100.72 49.17 -21.46
C LEU N 69 101.21 50.46 -22.07
N ASN N 70 102.48 50.83 -21.75
CA ASN N 70 103.12 52.09 -22.15
C ASN N 70 102.22 53.29 -21.83
N GLU N 71 101.79 53.36 -20.56
CA GLU N 71 100.92 54.40 -20.03
C GLU N 71 101.76 55.37 -19.19
N THR N 72 101.89 56.63 -19.64
CA THR N 72 102.70 57.65 -19.00
C THR N 72 101.85 58.56 -18.13
N VAL N 73 102.33 58.80 -16.89
CA VAL N 73 101.70 59.69 -15.93
C VAL N 73 102.67 60.86 -15.70
N ALA N 74 102.19 62.10 -15.92
CA ALA N 74 102.96 63.32 -15.71
C ALA N 74 103.03 63.64 -14.22
N LEU N 75 104.22 64.05 -13.75
CA LEU N 75 104.47 64.31 -12.33
C LEU N 75 104.76 65.76 -12.00
N LYS N 76 104.51 66.13 -10.73
CA LYS N 76 104.81 67.44 -10.18
C LYS N 76 106.27 67.38 -9.70
N GLY N 77 107.04 68.42 -9.99
CA GLY N 77 108.44 68.53 -9.61
C GLY N 77 108.62 68.82 -8.12
N ASP N 78 109.75 68.35 -7.54
CA ASP N 78 110.12 68.51 -6.12
C ASP N 78 108.97 68.16 -5.18
N SER N 79 108.30 67.05 -5.48
CA SER N 79 107.11 66.63 -4.77
C SER N 79 107.01 65.12 -4.60
N VAL N 80 106.13 64.70 -3.68
CA VAL N 80 105.79 63.30 -3.45
C VAL N 80 104.46 63.08 -4.20
N ASN N 81 104.52 62.33 -5.30
CA ASN N 81 103.37 62.08 -6.15
C ASN N 81 102.71 60.77 -5.78
N TYR N 82 101.40 60.83 -5.47
CA TYR N 82 100.60 59.66 -5.13
C TYR N 82 99.83 59.25 -6.40
N ILE N 83 100.22 58.11 -6.99
CA ILE N 83 99.63 57.62 -8.23
C ILE N 83 98.38 56.82 -7.94
N HIS N 84 97.26 57.26 -8.51
CA HIS N 84 95.95 56.66 -8.28
C HIS N 84 95.37 56.05 -9.52
N ALA N 85 94.64 54.95 -9.34
CA ALA N 85 93.83 54.32 -10.37
C ALA N 85 92.42 54.80 -10.05
N ASN N 86 91.75 55.42 -11.03
CA ASN N 86 90.41 55.97 -10.84
C ASN N 86 89.44 55.23 -11.74
N ILE N 87 88.38 54.64 -11.15
CA ILE N 87 87.38 53.85 -11.88
C ILE N 87 86.02 54.52 -11.85
N ASP N 88 85.52 54.92 -13.03
CA ASP N 88 84.22 55.53 -13.21
C ASP N 88 83.47 54.70 -14.23
N LEU N 89 82.52 53.89 -13.75
CA LEU N 89 81.74 52.98 -14.59
C LEU N 89 80.78 53.65 -15.59
N THR N 90 80.46 54.93 -15.36
CA THR N 90 79.57 55.71 -16.24
C THR N 90 80.33 56.09 -17.52
N GLN N 91 81.68 56.15 -17.44
CA GLN N 91 82.56 56.43 -18.58
C GLN N 91 82.78 55.10 -19.30
N THR N 92 81.72 54.65 -19.97
CA THR N 92 81.62 53.39 -20.72
C THR N 92 82.83 53.03 -21.60
N ALA N 93 83.34 53.99 -22.40
CA ALA N 93 84.48 53.76 -23.30
C ALA N 93 85.84 53.73 -22.60
N ASN N 94 86.03 54.57 -21.55
CA ASN N 94 87.29 54.65 -20.80
C ASN N 94 86.98 54.68 -19.29
N PRO N 95 86.64 53.53 -18.67
CA PRO N 95 86.29 53.55 -17.24
C PRO N 95 87.44 53.80 -16.28
N VAL N 96 88.68 53.48 -16.71
CA VAL N 96 89.87 53.64 -15.89
C VAL N 96 90.79 54.75 -16.39
N SER N 97 91.31 55.56 -15.44
CA SER N 97 92.24 56.65 -15.69
C SER N 97 93.23 56.75 -14.53
N LEU N 98 94.44 57.25 -14.82
CA LEU N 98 95.48 57.43 -13.80
C LEU N 98 95.71 58.89 -13.46
N SER N 99 96.03 59.19 -12.20
CA SER N 99 96.30 60.54 -11.75
C SER N 99 97.48 60.55 -10.80
N ALA N 100 98.21 61.68 -10.77
CA ALA N 100 99.34 61.92 -9.85
C ALA N 100 98.84 63.02 -8.92
N GLU N 101 98.69 62.68 -7.64
CA GLU N 101 98.12 63.61 -6.67
C GLU N 101 99.06 63.96 -5.52
N THR N 102 98.78 65.09 -4.86
CA THR N 102 99.57 65.63 -3.75
C THR N 102 99.42 64.84 -2.43
N ALA N 103 98.38 64.01 -2.31
CA ALA N 103 98.10 63.21 -1.13
C ALA N 103 97.49 61.85 -1.50
N ASN N 104 97.43 60.91 -0.54
CA ASN N 104 96.77 59.62 -0.78
C ASN N 104 95.28 59.86 -0.59
N ASN N 105 94.58 59.97 -1.71
CA ASN N 105 93.16 60.27 -1.75
C ASN N 105 92.25 59.06 -2.03
N SER N 106 92.69 57.85 -1.60
CA SER N 106 91.92 56.61 -1.73
C SER N 106 90.60 56.80 -0.98
N ASN N 107 89.46 56.55 -1.66
CA ASN N 107 88.14 56.84 -1.11
C ASN N 107 87.28 55.65 -0.67
N GLY N 108 87.70 54.43 -1.04
CA GLY N 108 87.02 53.19 -0.70
C GLY N 108 85.59 53.04 -1.21
N VAL N 109 85.26 53.70 -2.33
CA VAL N 109 83.92 53.69 -2.94
C VAL N 109 83.56 52.31 -3.51
N ASP N 110 82.41 51.76 -3.06
CA ASP N 110 81.91 50.46 -3.49
C ASP N 110 81.27 50.57 -4.88
N ILE N 111 82.09 50.38 -5.91
CA ILE N 111 81.66 50.45 -7.31
C ILE N 111 80.87 49.24 -7.81
N ASN N 112 80.93 48.11 -7.09
CA ASN N 112 80.24 46.90 -7.50
C ASN N 112 78.79 46.83 -7.00
N ASN N 113 78.45 47.62 -5.98
CA ASN N 113 77.08 47.64 -5.46
C ASN N 113 76.39 48.98 -5.65
N GLY N 114 77.16 50.06 -5.66
CA GLY N 114 76.59 51.40 -5.82
C GLY N 114 77.27 52.30 -6.83
N SER N 115 76.85 53.58 -6.85
CA SER N 115 77.39 54.61 -7.74
C SER N 115 78.60 55.31 -7.12
N GLY N 116 79.34 56.06 -7.95
CA GLY N 116 80.52 56.79 -7.52
C GLY N 116 81.79 56.38 -8.23
N VAL N 117 82.82 57.21 -8.07
CA VAL N 117 84.13 56.98 -8.66
C VAL N 117 85.04 56.36 -7.60
N LEU N 118 85.65 55.22 -7.91
CA LEU N 118 86.59 54.59 -7.00
C LEU N 118 87.99 55.16 -7.28
N LYS N 119 88.64 55.66 -6.23
CA LYS N 119 90.00 56.18 -6.29
C LYS N 119 90.84 55.33 -5.35
N VAL N 120 91.93 54.76 -5.88
CA VAL N 120 92.82 53.94 -5.06
C VAL N 120 94.27 54.21 -5.44
N CYS N 121 95.09 54.57 -4.45
CA CYS N 121 96.50 54.84 -4.64
C CYS N 121 97.30 53.53 -4.70
N PHE N 122 98.20 53.38 -5.69
CA PHE N 122 98.99 52.16 -5.86
C PHE N 122 100.51 52.39 -5.89
N ASP N 123 100.95 53.64 -6.13
CA ASP N 123 102.36 53.99 -6.21
C ASP N 123 102.66 55.34 -5.61
N ILE N 124 103.87 55.49 -5.04
CA ILE N 124 104.36 56.75 -4.48
C ILE N 124 105.65 57.08 -5.20
N VAL N 125 105.64 58.15 -6.02
CA VAL N 125 106.79 58.56 -6.81
C VAL N 125 107.30 59.93 -6.33
N THR N 126 108.53 59.96 -5.79
CA THR N 126 109.16 61.19 -5.32
C THR N 126 110.06 61.78 -6.41
N THR N 127 109.96 63.10 -6.60
CA THR N 127 110.72 63.80 -7.63
C THR N 127 111.65 64.87 -7.08
N SER N 128 112.57 65.31 -7.95
CA SER N 128 113.47 66.43 -7.74
C SER N 128 112.88 67.48 -8.70
N GLY N 129 113.65 68.51 -9.02
CA GLY N 129 113.18 69.51 -9.99
C GLY N 129 113.32 69.02 -11.42
N THR N 130 114.12 67.95 -11.63
CA THR N 130 114.43 67.40 -12.96
C THR N 130 113.87 66.01 -13.30
N GLY N 131 113.66 65.17 -12.29
CA GLY N 131 113.17 63.81 -12.50
C GLY N 131 112.84 63.04 -11.25
N VAL N 132 112.62 61.73 -11.41
CA VAL N 132 112.27 60.80 -10.32
C VAL N 132 113.50 60.45 -9.48
N THR N 133 113.39 60.60 -8.15
CA THR N 133 114.47 60.26 -7.23
C THR N 133 114.25 58.90 -6.58
N SER N 134 112.98 58.54 -6.29
CA SER N 134 112.60 57.25 -5.70
C SER N 134 111.14 56.89 -5.98
N THR N 135 110.86 55.58 -5.94
CA THR N 135 109.52 55.02 -6.12
C THR N 135 109.28 53.97 -5.04
N LYS N 136 108.12 54.05 -4.39
CA LYS N 136 107.71 53.12 -3.35
C LYS N 136 106.28 52.64 -3.67
N PRO N 137 106.05 51.33 -3.78
CA PRO N 137 104.68 50.87 -4.06
C PRO N 137 103.81 50.87 -2.81
N ILE N 138 102.49 50.95 -3.00
CA ILE N 138 101.53 50.88 -1.91
C ILE N 138 101.40 49.39 -1.56
N VAL N 139 101.26 49.09 -0.26
CA VAL N 139 101.11 47.74 0.28
C VAL N 139 99.83 47.07 -0.25
N GLN N 140 99.94 45.80 -0.64
CA GLN N 140 98.82 44.99 -1.12
C GLN N 140 98.30 44.20 0.08
N THR N 141 97.14 44.62 0.62
CA THR N 141 96.49 44.05 1.80
C THR N 141 95.67 42.81 1.45
N SER N 142 95.93 41.71 2.17
CA SER N 142 95.23 40.44 2.02
C SER N 142 94.58 40.08 3.37
N THR N 143 93.36 40.58 3.59
CA THR N 143 92.59 40.40 4.82
C THR N 143 91.97 39.01 4.83
N LEU N 144 92.40 38.18 5.80
CA LEU N 144 91.93 36.79 5.93
C LEU N 144 91.38 36.48 7.32
N ASP N 145 90.52 35.45 7.41
CA ASP N 145 89.88 35.09 8.68
C ASP N 145 90.67 34.07 9.50
N SER N 146 91.08 32.96 8.87
CA SER N 146 91.82 31.89 9.57
C SER N 146 92.73 31.17 8.59
N ILE N 147 93.96 30.88 9.03
CA ILE N 147 94.95 30.24 8.18
C ILE N 147 95.52 28.94 8.76
N SER N 148 95.48 27.87 7.96
CA SER N 148 96.09 26.59 8.23
C SER N 148 97.23 26.54 7.17
N VAL N 149 98.49 26.68 7.62
CA VAL N 149 99.67 26.66 6.73
C VAL N 149 100.79 25.76 7.29
N ASN N 150 101.65 25.24 6.40
CA ASN N 150 102.78 24.38 6.75
C ASN N 150 103.99 25.22 7.13
N ASP N 151 104.50 26.04 6.21
CA ASP N 151 105.68 26.88 6.48
C ASP N 151 105.49 28.34 6.03
N MET N 152 106.18 29.26 6.71
CA MET N 152 106.11 30.69 6.42
C MET N 152 107.47 31.41 6.59
N THR N 153 107.76 32.36 5.69
CA THR N 153 108.97 33.18 5.71
C THR N 153 108.56 34.66 5.72
N VAL N 154 108.90 35.36 6.82
CA VAL N 154 108.60 36.78 7.04
C VAL N 154 109.87 37.60 6.86
N SER N 155 109.85 38.61 5.97
CA SER N 155 111.00 39.49 5.71
C SER N 155 110.98 40.73 6.61
N GLY N 156 109.79 41.15 7.03
CA GLY N 156 109.59 42.30 7.91
C GLY N 156 109.36 41.83 9.33
N SER N 157 108.13 42.03 9.85
CA SER N 157 107.79 41.62 11.22
C SER N 157 106.36 41.15 11.37
N ILE N 158 106.12 40.32 12.40
CA ILE N 158 104.78 39.84 12.75
C ILE N 158 104.35 40.61 14.00
N ASP N 159 103.17 41.22 13.95
CA ASP N 159 102.61 41.92 15.09
C ASP N 159 101.58 41.00 15.74
N VAL N 160 101.85 40.56 16.98
CA VAL N 160 100.95 39.68 17.74
C VAL N 160 100.32 40.46 18.92
N PRO N 161 99.16 40.02 19.49
CA PRO N 161 98.57 40.78 20.62
C PRO N 161 99.43 40.79 21.88
N VAL N 162 99.54 41.97 22.52
CA VAL N 162 100.33 42.20 23.73
C VAL N 162 99.43 42.68 24.87
N GLN N 163 99.59 42.05 26.05
CA GLN N 163 98.89 42.41 27.27
C GLN N 163 99.91 42.66 28.36
N THR N 164 99.68 43.68 29.19
CA THR N 164 100.57 44.02 30.30
C THR N 164 99.81 44.03 31.63
N LEU N 165 100.51 43.70 32.71
CA LEU N 165 99.93 43.65 34.06
C LEU N 165 100.99 43.96 35.11
N THR N 166 100.66 44.84 36.06
CA THR N 166 101.51 45.16 37.19
C THR N 166 100.86 44.53 38.41
N VAL N 167 101.63 43.72 39.15
CA VAL N 167 101.13 43.03 40.34
C VAL N 167 101.89 43.51 41.57
N GLU N 168 101.13 43.99 42.57
CA GLU N 168 101.70 44.35 43.87
C GLU N 168 101.55 43.07 44.66
N ALA N 169 102.54 42.17 44.48
CA ALA N 169 102.59 40.82 45.05
C ALA N 169 102.53 40.72 46.57
N GLY N 170 102.95 41.78 47.24
CA GLY N 170 102.99 41.85 48.70
C GLY N 170 104.42 41.85 49.18
N ASN N 171 104.63 42.26 50.44
CA ASN N 171 105.94 42.33 51.11
C ASN N 171 106.91 43.31 50.40
N GLY N 172 106.35 44.19 49.56
CA GLY N 172 107.10 45.19 48.81
C GLY N 172 107.51 44.78 47.41
N LEU N 173 107.26 43.50 47.04
CA LEU N 173 107.59 42.98 45.71
C LEU N 173 106.58 43.43 44.66
N GLN N 174 107.09 43.87 43.51
CA GLN N 174 106.28 44.27 42.36
C GLN N 174 106.71 43.46 41.14
N LEU N 175 105.72 42.97 40.36
CA LEU N 175 105.97 42.25 39.12
C LEU N 175 105.35 43.04 37.99
N GLN N 176 106.08 43.21 36.88
CA GLN N 176 105.57 43.85 35.68
C GLN N 176 105.62 42.76 34.62
N LEU N 177 104.45 42.21 34.27
CA LEU N 177 104.31 41.10 33.33
C LEU N 177 103.89 41.59 31.95
N THR N 178 104.55 41.08 30.90
CA THR N 178 104.24 41.37 29.50
C THR N 178 104.00 40.04 28.82
N LYS N 179 102.79 39.84 28.28
CA LYS N 179 102.38 38.62 27.60
C LYS N 179 102.17 38.87 26.13
N LYS N 180 102.79 38.05 25.27
CA LYS N 180 102.68 38.17 23.82
C LYS N 180 102.15 36.88 23.21
N ASN N 181 101.26 37.01 22.21
CA ASN N 181 100.56 35.92 21.51
C ASN N 181 99.75 35.04 22.50
N ASN N 182 99.43 35.62 23.69
CA ASN N 182 98.67 34.99 24.77
C ASN N 182 99.44 33.77 25.35
N ASP N 183 100.75 33.69 25.09
CA ASP N 183 101.55 32.56 25.54
C ASP N 183 102.85 32.91 26.27
N LEU N 184 103.77 33.61 25.60
CA LEU N 184 105.06 33.96 26.20
C LEU N 184 104.96 35.16 27.13
N VAL N 185 105.39 34.97 28.39
CA VAL N 185 105.37 36.02 29.40
C VAL N 185 106.79 36.33 29.87
N ILE N 186 107.13 37.61 29.98
CA ILE N 186 108.39 38.07 30.56
C ILE N 186 108.01 38.89 31.78
N VAL N 187 108.49 38.46 32.95
CA VAL N 187 108.26 39.11 34.24
C VAL N 187 109.47 39.94 34.59
N ARG N 188 109.25 41.22 34.93
CA ARG N 188 110.31 42.14 35.35
C ARG N 188 110.06 42.44 36.83
N PHE N 189 111.06 42.17 37.69
CA PHE N 189 110.93 42.40 39.13
C PHE N 189 111.28 43.82 39.50
N PHE N 190 110.49 44.41 40.41
CA PHE N 190 110.70 45.75 40.98
C PHE N 190 110.34 45.77 42.46
N GLY N 191 110.54 46.91 43.11
CA GLY N 191 110.27 47.09 44.52
C GLY N 191 111.40 46.59 45.42
N SER N 192 111.09 46.39 46.70
CA SER N 192 112.03 45.92 47.73
C SER N 192 111.30 45.03 48.72
N VAL N 193 111.81 43.81 48.94
CA VAL N 193 111.19 42.80 49.80
C VAL N 193 111.68 42.82 51.26
N SER N 194 110.73 42.62 52.21
CA SER N 194 110.96 42.55 53.66
C SER N 194 109.88 41.72 54.33
N ASN N 195 110.18 41.18 55.54
CA ASN N 195 109.27 40.41 56.40
C ASN N 195 108.63 39.21 55.68
N ILE N 196 109.46 38.31 55.14
CA ILE N 196 109.00 37.11 54.44
C ILE N 196 109.88 35.90 54.78
N GLN N 197 109.29 34.69 54.73
CA GLN N 197 110.01 33.45 54.98
C GLN N 197 109.91 32.53 53.78
N LYS N 198 110.90 31.64 53.62
CA LYS N 198 110.94 30.63 52.56
C LYS N 198 109.70 29.73 52.64
N GLY N 199 109.05 29.51 51.50
CA GLY N 199 107.85 28.68 51.41
C GLY N 199 106.55 29.41 51.68
N TRP N 200 106.64 30.68 52.13
CA TRP N 200 105.46 31.48 52.44
C TRP N 200 104.90 32.20 51.24
N ASN N 201 103.56 32.26 51.18
CA ASN N 201 102.78 32.94 50.16
C ASN N 201 102.95 34.44 50.40
N MET N 202 103.15 35.22 49.33
CA MET N 202 103.31 36.66 49.44
C MET N 202 101.96 37.29 49.81
N SER N 203 101.97 38.31 50.69
CA SER N 203 100.80 38.93 51.31
C SER N 203 99.88 39.82 50.46
N GLY N 204 100.21 40.03 49.19
CA GLY N 204 99.43 40.92 48.33
C GLY N 204 98.54 40.26 47.29
N THR N 205 98.38 40.96 46.15
CA THR N 205 97.54 40.59 45.03
C THR N 205 98.05 39.35 44.28
N TRP N 206 97.13 38.45 43.92
CA TRP N 206 97.43 37.26 43.14
C TRP N 206 97.42 37.64 41.66
N VAL N 207 98.12 36.85 40.82
CA VAL N 207 98.22 37.08 39.38
C VAL N 207 96.85 36.89 38.73
N ASP N 208 96.41 37.86 37.88
CA ASP N 208 95.15 37.81 37.16
C ASP N 208 95.08 36.57 36.27
N ARG N 209 93.88 35.97 36.16
CA ARG N 209 93.62 34.76 35.36
C ARG N 209 94.29 34.73 33.97
N PRO N 210 94.25 35.81 33.13
CA PRO N 210 94.89 35.74 31.80
C PRO N 210 96.42 35.55 31.78
N PHE N 211 97.08 35.76 32.93
CA PHE N 211 98.54 35.61 33.05
C PHE N 211 98.95 34.36 33.81
N ARG N 212 97.98 33.60 34.35
CA ARG N 212 98.26 32.38 35.11
C ARG N 212 98.77 31.23 34.24
N PRO N 213 99.88 30.58 34.64
CA PRO N 213 100.41 29.45 33.84
C PRO N 213 99.64 28.16 34.11
N ALA N 214 99.78 27.17 33.20
CA ALA N 214 99.13 25.86 33.35
C ALA N 214 99.82 25.04 34.45
N ALA N 215 101.14 25.23 34.61
CA ALA N 215 101.98 24.57 35.61
C ALA N 215 102.81 25.61 36.37
N VAL N 216 103.21 25.29 37.61
CA VAL N 216 104.02 26.17 38.48
C VAL N 216 105.30 26.65 37.77
N GLN N 217 105.57 27.96 37.84
CA GLN N 217 106.74 28.55 37.20
C GLN N 217 107.66 29.21 38.21
N SER N 218 108.91 28.75 38.29
CA SER N 218 109.92 29.28 39.20
C SER N 218 110.74 30.34 38.48
N LEU N 219 110.66 31.60 38.96
CA LEU N 219 111.35 32.71 38.32
C LEU N 219 112.44 33.29 39.20
N VAL N 220 113.70 33.24 38.72
CA VAL N 220 114.90 33.70 39.42
C VAL N 220 115.02 35.23 39.36
N GLY N 221 115.33 35.83 40.52
CA GLY N 221 115.54 37.26 40.68
C GLY N 221 116.87 37.54 41.37
N HIS N 222 117.30 38.81 41.36
CA HIS N 222 118.58 39.22 41.96
C HIS N 222 118.46 40.46 42.84
N PHE N 223 119.14 40.45 44.02
CA PHE N 223 119.15 41.57 44.96
C PHE N 223 120.16 42.62 44.52
N ALA N 224 119.67 43.81 44.14
CA ALA N 224 120.49 44.92 43.65
C ALA N 224 121.66 45.28 44.57
N GLY N 225 122.85 45.34 43.98
CA GLY N 225 124.10 45.66 44.66
C GLY N 225 124.66 44.57 45.53
N ARG N 226 124.12 43.34 45.42
CA ARG N 226 124.53 42.19 46.22
C ARG N 226 124.93 41.00 45.34
N ASP N 227 125.51 39.96 45.95
CA ASP N 227 125.87 38.72 45.26
C ASP N 227 124.82 37.64 45.53
N THR N 228 123.70 38.04 46.17
CA THR N 228 122.59 37.17 46.56
C THR N 228 121.43 37.20 45.57
N SER N 229 120.69 36.08 45.51
CA SER N 229 119.55 35.91 44.62
C SER N 229 118.36 35.28 45.35
N PHE N 230 117.21 35.22 44.66
CA PHE N 230 115.97 34.62 45.16
C PHE N 230 115.22 34.03 43.97
N HIS N 231 114.12 33.34 44.27
CA HIS N 231 113.18 32.87 43.26
C HIS N 231 111.78 32.86 43.84
N ILE N 232 110.80 33.05 42.98
CA ILE N 232 109.39 33.03 43.34
C ILE N 232 108.69 32.02 42.46
N ASP N 233 107.62 31.42 42.96
CA ASP N 233 106.83 30.47 42.19
C ASP N 233 105.49 31.11 41.87
N ILE N 234 105.15 31.20 40.58
CA ILE N 234 103.83 31.66 40.16
C ILE N 234 103.05 30.37 40.00
N ASN N 235 102.11 30.14 40.91
CA ASN N 235 101.30 28.93 40.92
C ASN N 235 100.12 29.02 39.95
N PRO N 236 99.63 27.89 39.40
CA PRO N 236 98.47 27.96 38.47
C PRO N 236 97.22 28.66 39.02
N ASN N 237 97.05 28.72 40.35
CA ASN N 237 95.91 29.41 40.98
C ASN N 237 96.10 30.94 41.06
N GLY N 238 97.28 31.43 40.70
CA GLY N 238 97.62 32.85 40.71
C GLY N 238 98.44 33.31 41.89
N SER N 239 98.55 32.47 42.94
CA SER N 239 99.32 32.79 44.14
C SER N 239 100.82 32.80 43.84
N ILE N 240 101.58 33.56 44.64
CA ILE N 240 103.03 33.67 44.52
C ILE N 240 103.69 33.20 45.81
N THR N 241 104.58 32.20 45.70
CA THR N 241 105.30 31.64 46.85
C THR N 241 106.75 32.14 46.83
N TRP N 242 107.23 32.63 47.99
CA TRP N 242 108.59 33.11 48.16
C TRP N 242 109.54 31.92 48.35
N TRP N 243 110.61 31.89 47.53
CA TRP N 243 111.60 30.83 47.65
C TRP N 243 113.04 31.29 47.81
N GLY N 244 113.20 32.51 48.28
CA GLY N 244 114.51 33.07 48.63
C GLY N 244 114.72 32.76 50.10
N ALA N 245 115.79 33.30 50.70
CA ALA N 245 116.03 33.12 52.14
C ALA N 245 115.06 33.99 52.95
N ASN N 246 114.96 33.77 54.26
CA ASN N 246 114.08 34.57 55.13
C ASN N 246 114.58 36.02 55.17
N ILE N 247 113.65 36.98 55.07
CA ILE N 247 114.00 38.41 55.07
C ILE N 247 113.43 39.14 56.30
N ASP N 248 114.30 39.92 56.96
CA ASP N 248 113.95 40.74 58.12
C ASP N 248 113.36 42.09 57.70
N LYS N 249 112.98 42.88 58.69
CA LYS N 249 112.36 44.20 58.52
C LYS N 249 112.99 45.09 57.45
N THR N 250 114.33 45.12 57.35
CA THR N 250 115.05 45.92 56.36
C THR N 250 114.79 45.45 54.91
N PRO N 251 114.22 46.34 54.07
CA PRO N 251 113.89 45.94 52.69
C PRO N 251 115.13 45.84 51.83
N ILE N 252 115.13 44.88 50.92
CA ILE N 252 116.20 44.63 49.94
C ILE N 252 115.60 44.77 48.53
N ALA N 253 116.23 45.58 47.67
CA ALA N 253 115.77 45.79 46.29
C ALA N 253 115.78 44.51 45.48
N THR N 254 114.68 44.25 44.76
CA THR N 254 114.48 43.05 43.95
C THR N 254 114.37 43.40 42.47
N ARG N 255 115.23 42.80 41.63
CA ARG N 255 115.24 43.06 40.18
C ARG N 255 115.45 41.77 39.38
N GLY N 256 115.27 41.85 38.06
CA GLY N 256 115.50 40.72 37.17
C GLY N 256 114.35 40.35 36.24
N ASN N 257 114.71 39.71 35.11
CA ASN N 257 113.78 39.22 34.10
C ASN N 257 113.69 37.70 34.11
N GLY N 258 112.47 37.19 34.11
CA GLY N 258 112.15 35.78 34.07
C GLY N 258 111.07 35.50 33.04
N SER N 259 111.23 34.42 32.26
CA SER N 259 110.26 34.06 31.22
C SER N 259 109.57 32.73 31.47
N TYR N 260 108.30 32.63 31.02
CA TYR N 260 107.50 31.40 31.10
C TYR N 260 106.44 31.33 30.00
N PHE N 261 105.97 30.11 29.74
CA PHE N 261 104.90 29.84 28.79
C PHE N 261 103.62 29.57 29.58
N ILE N 262 102.51 30.16 29.13
CA ILE N 262 101.21 29.94 29.77
C ILE N 262 100.68 28.56 29.33
N LYS N 263 100.78 28.27 28.02
CA LYS N 263 100.31 27.04 27.39
C LYS N 263 101.36 25.92 27.44
N THR O 1 94.21 11.33 -19.83
CA THR O 1 93.56 12.38 -20.62
C THR O 1 93.69 13.73 -19.89
N ILE O 2 94.08 14.78 -20.63
CA ILE O 2 94.24 16.13 -20.09
C ILE O 2 93.12 17.04 -20.59
N LYS O 3 92.39 17.66 -19.65
CA LYS O 3 91.30 18.59 -19.92
C LYS O 3 91.79 20.01 -19.66
N ASN O 4 92.05 20.77 -20.74
CA ASN O 4 92.53 22.15 -20.65
C ASN O 4 91.35 23.12 -20.58
N PHE O 5 91.49 24.21 -19.78
CA PHE O 5 90.40 25.18 -19.61
C PHE O 5 90.73 26.64 -19.90
N THR O 6 91.74 27.23 -19.22
CA THR O 6 92.12 28.64 -19.44
C THR O 6 93.05 28.73 -20.66
N PHE O 7 92.52 28.35 -21.84
CA PHE O 7 93.23 28.34 -23.13
C PHE O 7 92.29 28.67 -24.30
N PHE O 8 92.87 29.22 -25.37
CA PHE O 8 92.19 29.61 -26.61
C PHE O 8 91.61 28.43 -27.39
N SER O 9 90.36 28.59 -27.86
CA SER O 9 89.64 27.60 -28.67
C SER O 9 89.66 28.10 -30.13
N PRO O 10 90.49 27.49 -31.01
CA PRO O 10 90.58 27.96 -32.41
C PRO O 10 89.26 27.96 -33.20
N ASN O 11 88.51 26.85 -33.15
CA ASN O 11 87.23 26.71 -33.83
C ASN O 11 86.05 27.04 -32.91
N SER O 12 86.34 27.68 -31.74
CA SER O 12 85.39 28.09 -30.70
C SER O 12 84.57 26.92 -30.12
N THR O 13 85.19 25.73 -30.04
CA THR O 13 84.59 24.48 -29.52
C THR O 13 85.60 23.67 -28.71
N GLU O 14 86.91 23.92 -28.91
CA GLU O 14 88.02 23.22 -28.26
C GLU O 14 88.04 23.17 -26.73
N PHE O 15 88.04 24.32 -26.05
CA PHE O 15 88.10 24.33 -24.58
C PHE O 15 86.93 25.03 -23.86
N PRO O 16 85.76 24.35 -23.75
CA PRO O 16 84.62 24.95 -23.04
C PRO O 16 84.75 24.76 -21.54
N VAL O 17 84.65 25.87 -20.78
CA VAL O 17 84.78 25.83 -19.33
C VAL O 17 83.43 25.84 -18.60
N GLY O 18 83.18 24.78 -17.84
CA GLY O 18 81.95 24.58 -17.07
C GLY O 18 81.95 25.21 -15.71
N SER O 19 80.77 25.19 -15.05
CA SER O 19 80.56 25.75 -13.72
C SER O 19 81.34 25.02 -12.63
N ASN O 20 81.50 23.69 -12.78
CA ASN O 20 82.25 22.85 -11.84
C ASN O 20 83.76 23.06 -12.02
N ASN O 21 84.20 23.26 -13.28
CA ASN O 21 85.60 23.50 -13.67
C ASN O 21 86.09 24.82 -13.10
N ASP O 22 85.25 25.87 -13.20
CA ASP O 22 85.55 27.19 -12.65
C ASP O 22 85.42 27.15 -11.13
N GLY O 23 84.45 26.35 -10.65
CA GLY O 23 84.18 26.13 -9.23
C GLY O 23 85.39 25.57 -8.50
N LYS O 24 86.02 24.53 -9.10
CA LYS O 24 87.24 23.90 -8.57
C LYS O 24 88.41 24.89 -8.62
N LEU O 25 88.50 25.65 -9.74
CA LEU O 25 89.52 26.68 -9.97
C LEU O 25 89.48 27.75 -8.89
N TYR O 26 88.28 28.32 -8.60
CA TYR O 26 88.10 29.35 -7.58
C TYR O 26 88.46 28.88 -6.17
N MET O 27 88.19 27.60 -5.84
CA MET O 27 88.49 26.99 -4.55
C MET O 27 89.99 26.97 -4.28
N MET O 28 90.78 26.54 -5.28
CA MET O 28 92.24 26.43 -5.23
C MET O 28 92.94 27.77 -5.09
N LEU O 29 92.37 28.84 -5.68
CA LEU O 29 92.90 30.20 -5.63
C LEU O 29 92.84 30.78 -4.22
N THR O 30 91.66 30.67 -3.56
CA THR O 30 91.45 31.17 -2.21
C THR O 30 91.90 30.20 -1.11
N GLY O 31 92.02 28.92 -1.47
CA GLY O 31 92.44 27.86 -0.56
C GLY O 31 91.33 27.42 0.39
N MET O 32 90.23 26.93 -0.18
CA MET O 32 89.06 26.47 0.59
C MET O 32 88.63 25.04 0.25
N ASP O 33 87.93 24.39 1.20
CA ASP O 33 87.38 23.05 1.03
C ASP O 33 85.83 23.14 0.96
N TYR O 34 85.13 22.00 0.94
CA TYR O 34 83.67 21.99 0.89
C TYR O 34 83.02 22.21 2.27
N ARG O 35 83.86 22.42 3.31
CA ARG O 35 83.41 22.64 4.69
C ARG O 35 83.44 24.12 5.13
N THR O 36 84.10 25.00 4.33
CA THR O 36 84.19 26.43 4.60
C THR O 36 83.59 27.28 3.47
N ILE O 37 83.32 28.57 3.76
CA ILE O 37 82.74 29.53 2.82
C ILE O 37 83.59 30.80 2.69
N ARG O 38 83.19 31.67 1.76
CA ARG O 38 83.72 33.00 1.53
C ARG O 38 82.46 33.86 1.54
N ARG O 39 82.26 34.61 2.63
CA ARG O 39 81.06 35.41 2.85
C ARG O 39 81.40 36.87 3.14
N LYS O 40 80.64 37.80 2.53
CA LYS O 40 80.79 39.24 2.73
C LYS O 40 79.45 39.96 2.73
N ASP O 41 79.18 40.69 3.82
CA ASP O 41 77.96 41.48 3.98
C ASP O 41 78.26 42.89 3.48
N TRP O 42 77.84 43.19 2.23
CA TRP O 42 78.03 44.51 1.61
C TRP O 42 77.16 45.54 2.33
N SER O 43 75.95 45.11 2.74
CA SER O 43 74.99 45.88 3.51
C SER O 43 74.55 44.97 4.66
N SER O 44 74.60 45.48 5.89
CA SER O 44 74.25 44.76 7.12
C SER O 44 72.87 44.10 7.06
N PRO O 45 72.76 42.77 7.36
CA PRO O 45 71.45 42.11 7.32
C PRO O 45 70.49 42.62 8.38
N LEU O 46 69.20 42.74 8.02
CA LEU O 46 68.15 43.24 8.91
C LEU O 46 67.42 42.11 9.63
N ASN O 47 67.20 42.30 10.95
CA ASN O 47 66.52 41.33 11.80
C ASN O 47 65.16 41.88 12.22
N THR O 48 64.07 41.29 11.69
CA THR O 48 62.69 41.67 12.00
C THR O 48 62.01 40.45 12.61
N ALA O 49 61.60 40.54 13.90
CA ALA O 49 60.97 39.46 14.69
C ALA O 49 61.85 38.19 14.65
N LEU O 50 61.25 36.99 14.51
CA LEU O 50 62.02 35.73 14.43
C LEU O 50 62.36 35.39 12.97
N ASN O 51 62.94 36.38 12.26
CA ASN O 51 63.34 36.28 10.84
C ASN O 51 64.59 37.15 10.59
N VAL O 52 65.48 36.67 9.72
CA VAL O 52 66.71 37.40 9.33
C VAL O 52 66.78 37.58 7.81
N GLN O 53 66.75 38.84 7.36
CA GLN O 53 66.81 39.20 5.95
C GLN O 53 68.22 39.64 5.56
N TYR O 54 68.81 38.93 4.60
CA TYR O 54 70.14 39.25 4.09
C TYR O 54 69.98 40.24 2.94
N THR O 55 70.08 41.55 3.26
CA THR O 55 69.94 42.69 2.34
C THR O 55 70.80 42.52 1.08
N ASN O 56 72.13 42.35 1.26
CA ASN O 56 73.10 42.10 0.21
C ASN O 56 74.31 41.39 0.79
N THR O 57 74.34 40.06 0.60
CA THR O 57 75.41 39.19 1.09
C THR O 57 75.78 38.21 -0.01
N SER O 58 77.06 38.24 -0.43
CA SER O 58 77.59 37.34 -1.45
C SER O 58 78.28 36.18 -0.75
N ILE O 59 78.05 34.94 -1.23
CA ILE O 59 78.65 33.74 -0.64
C ILE O 59 79.25 32.83 -1.71
N ILE O 60 80.49 32.35 -1.47
CA ILE O 60 81.19 31.42 -2.34
C ILE O 60 81.31 30.10 -1.59
N ALA O 61 80.36 29.18 -1.84
CA ALA O 61 80.31 27.86 -1.20
C ALA O 61 80.62 26.81 -2.26
N GLY O 62 81.67 26.02 -2.02
CA GLY O 62 82.15 24.99 -2.94
C GLY O 62 82.64 25.57 -4.26
N GLY O 63 83.18 26.79 -4.19
CA GLY O 63 83.67 27.53 -5.35
C GLY O 63 82.58 28.11 -6.22
N ARG O 64 81.33 28.07 -5.75
CA ARG O 64 80.17 28.56 -6.48
C ARG O 64 79.69 29.88 -5.89
N TYR O 65 79.74 30.95 -6.71
CA TYR O 65 79.35 32.30 -6.31
C TYR O 65 77.84 32.53 -6.47
N PHE O 66 77.23 33.12 -5.44
CA PHE O 66 75.81 33.47 -5.41
C PHE O 66 75.56 34.67 -4.49
N GLU O 67 74.55 35.49 -4.82
CA GLU O 67 74.19 36.69 -4.06
C GLU O 67 72.83 36.54 -3.40
N LEU O 68 72.74 36.96 -2.12
CA LEU O 68 71.48 36.95 -1.37
C LEU O 68 70.98 38.39 -1.35
N LEU O 69 69.96 38.69 -2.17
CA LEU O 69 69.41 40.04 -2.27
C LEU O 69 68.04 40.11 -1.64
N ASN O 70 67.99 40.62 -0.39
CA ASN O 70 66.79 40.75 0.46
C ASN O 70 66.07 39.41 0.69
N GLU O 71 66.87 38.33 0.84
CA GLU O 71 66.42 36.97 1.09
C GLU O 71 66.24 36.77 2.59
N THR O 72 64.97 36.63 3.03
CA THR O 72 64.60 36.45 4.43
C THR O 72 64.46 34.97 4.76
N VAL O 73 65.01 34.55 5.92
CA VAL O 73 64.94 33.17 6.40
C VAL O 73 64.33 33.11 7.82
N ALA O 74 63.26 32.30 7.98
CA ALA O 74 62.53 32.12 9.25
C ALA O 74 63.40 31.47 10.31
N LEU O 75 63.22 31.87 11.59
CA LEU O 75 64.01 31.36 12.70
C LEU O 75 63.17 30.66 13.79
N LYS O 76 63.84 29.89 14.65
CA LYS O 76 63.25 29.17 15.77
C LYS O 76 63.39 30.01 17.05
N GLY O 77 62.28 30.14 17.80
CA GLY O 77 62.20 30.91 19.02
C GLY O 77 63.04 30.36 20.16
N ASP O 78 63.82 31.25 20.83
CA ASP O 78 64.73 30.97 21.96
C ASP O 78 65.73 29.85 21.64
N SER O 79 66.22 29.82 20.38
CA SER O 79 67.16 28.80 19.93
C SER O 79 68.35 29.37 19.17
N VAL O 80 69.43 28.58 19.10
CA VAL O 80 70.65 28.93 18.39
C VAL O 80 70.50 28.34 16.96
N ASN O 81 70.12 29.21 16.01
CA ASN O 81 69.89 28.83 14.61
C ASN O 81 71.15 28.86 13.76
N TYR O 82 71.44 27.73 13.12
CA TYR O 82 72.59 27.54 12.24
C TYR O 82 72.13 27.66 10.79
N ILE O 83 72.39 28.85 10.18
CA ILE O 83 71.99 29.16 8.80
C ILE O 83 72.92 28.46 7.81
N HIS O 84 72.34 27.62 6.94
CA HIS O 84 73.07 26.84 5.95
C HIS O 84 72.77 27.25 4.51
N ALA O 85 73.79 27.14 3.65
CA ALA O 85 73.69 27.38 2.23
C ALA O 85 73.65 25.99 1.58
N ASN O 86 72.50 25.64 0.97
CA ASN O 86 72.28 24.32 0.39
C ASN O 86 72.34 24.36 -1.14
N ILE O 87 73.30 23.61 -1.72
CA ILE O 87 73.48 23.55 -3.16
C ILE O 87 73.13 22.16 -3.71
N ASP O 88 72.14 22.12 -4.60
CA ASP O 88 71.69 20.90 -5.28
C ASP O 88 71.67 21.19 -6.77
N LEU O 89 72.70 20.67 -7.47
CA LEU O 89 72.91 20.85 -8.92
C LEU O 89 71.79 20.27 -9.79
N THR O 90 71.07 19.25 -9.29
CA THR O 90 69.94 18.61 -9.99
C THR O 90 68.78 19.57 -10.12
N GLN O 91 68.60 20.48 -9.13
CA GLN O 91 67.59 21.53 -9.13
C GLN O 91 68.13 22.66 -10.01
N THR O 92 68.08 22.43 -11.34
CA THR O 92 68.62 23.32 -12.36
C THR O 92 68.03 24.74 -12.39
N ALA O 93 66.75 24.90 -12.00
CA ALA O 93 66.06 26.18 -11.94
C ALA O 93 66.59 27.05 -10.79
N ASN O 94 66.68 26.47 -9.57
CA ASN O 94 67.18 27.14 -8.37
C ASN O 94 68.10 26.22 -7.55
N PRO O 95 69.42 26.20 -7.85
CA PRO O 95 70.33 25.31 -7.12
C PRO O 95 70.60 25.68 -5.67
N VAL O 96 70.67 26.98 -5.36
CA VAL O 96 70.94 27.46 -4.00
C VAL O 96 69.65 27.75 -3.23
N SER O 97 69.58 27.21 -2.01
CA SER O 97 68.47 27.37 -1.06
C SER O 97 69.05 27.57 0.34
N LEU O 98 68.39 28.40 1.16
CA LEU O 98 68.83 28.66 2.53
C LEU O 98 67.95 27.96 3.56
N SER O 99 68.55 27.60 4.72
CA SER O 99 67.84 26.92 5.80
C SER O 99 68.43 27.22 7.17
N ALA O 100 67.56 27.57 8.13
CA ALA O 100 67.94 27.80 9.52
C ALA O 100 67.74 26.47 10.24
N GLU O 101 68.83 25.91 10.78
CA GLU O 101 68.79 24.59 11.42
C GLU O 101 69.16 24.58 12.91
N THR O 102 68.84 23.45 13.56
CA THR O 102 69.08 23.18 14.98
C THR O 102 70.57 23.10 15.33
N ALA O 103 71.38 22.44 14.46
CA ALA O 103 72.82 22.27 14.66
C ALA O 103 73.61 22.49 13.36
N ASN O 104 74.96 22.60 13.46
CA ASN O 104 75.86 22.78 12.31
C ASN O 104 75.94 21.46 11.55
N ASN O 105 75.07 21.32 10.53
CA ASN O 105 74.94 20.12 9.70
C ASN O 105 75.73 20.21 8.39
N SER O 106 76.97 20.76 8.44
CA SER O 106 77.85 20.88 7.28
C SER O 106 78.36 19.49 6.87
N ASN O 107 78.09 19.08 5.62
CA ASN O 107 78.46 17.75 5.11
C ASN O 107 79.80 17.67 4.37
N GLY O 108 80.11 18.70 3.57
CA GLY O 108 81.34 18.74 2.79
C GLY O 108 81.31 17.85 1.56
N VAL O 109 80.13 17.74 0.92
CA VAL O 109 79.88 16.94 -0.29
C VAL O 109 80.60 17.57 -1.50
N ASP O 110 81.40 16.75 -2.22
CA ASP O 110 82.14 17.20 -3.41
C ASP O 110 81.17 17.29 -4.61
N ILE O 111 80.49 18.44 -4.73
CA ILE O 111 79.52 18.71 -5.79
C ILE O 111 80.15 18.92 -7.16
N ASN O 112 81.38 19.46 -7.20
CA ASN O 112 82.10 19.74 -8.45
C ASN O 112 82.58 18.48 -9.17
N ASN O 113 83.04 17.46 -8.42
CA ASN O 113 83.52 16.19 -8.98
C ASN O 113 82.48 15.09 -9.00
N GLY O 114 81.70 14.98 -7.92
CA GLY O 114 80.65 13.97 -7.78
C GLY O 114 79.26 14.54 -7.63
N SER O 115 78.33 13.68 -7.19
CA SER O 115 76.92 14.03 -6.97
C SER O 115 76.63 14.34 -5.49
N GLY O 116 75.37 14.68 -5.19
CA GLY O 116 74.92 14.99 -3.84
C GLY O 116 74.54 16.43 -3.59
N VAL O 117 74.07 16.71 -2.37
CA VAL O 117 73.66 18.05 -1.93
C VAL O 117 74.68 18.57 -0.93
N LEU O 118 75.29 19.74 -1.22
CA LEU O 118 76.28 20.36 -0.35
C LEU O 118 75.61 21.27 0.67
N LYS O 119 75.90 21.03 1.95
CA LYS O 119 75.40 21.81 3.08
C LYS O 119 76.60 22.44 3.78
N VAL O 120 76.53 23.75 4.08
CA VAL O 120 77.59 24.48 4.75
C VAL O 120 77.07 25.70 5.52
N CYS O 121 77.32 25.72 6.84
CA CYS O 121 76.90 26.81 7.72
C CYS O 121 77.80 28.03 7.55
N PHE O 122 77.20 29.22 7.53
CA PHE O 122 77.91 30.49 7.37
C PHE O 122 77.61 31.50 8.48
N ASP O 123 76.40 31.41 9.07
CA ASP O 123 75.95 32.32 10.12
C ASP O 123 75.28 31.58 11.27
N ILE O 124 75.52 32.04 12.51
CA ILE O 124 74.93 31.48 13.73
C ILE O 124 74.08 32.59 14.37
N VAL O 125 72.76 32.43 14.29
CA VAL O 125 71.79 33.41 14.81
C VAL O 125 71.17 32.92 16.13
N THR O 126 71.48 33.62 17.23
CA THR O 126 70.95 33.33 18.56
C THR O 126 69.70 34.19 18.75
N THR O 127 68.56 33.56 19.04
CA THR O 127 67.28 34.25 19.18
C THR O 127 66.66 34.15 20.57
N SER O 128 65.63 34.98 20.81
CA SER O 128 64.84 35.04 22.03
C SER O 128 63.39 34.64 21.67
N GLY O 129 62.43 34.98 22.53
CA GLY O 129 61.02 34.71 22.29
C GLY O 129 60.41 35.64 21.27
N THR O 130 60.90 36.90 21.24
CA THR O 130 60.42 37.95 20.36
C THR O 130 61.25 38.07 19.07
N GLY O 131 62.55 38.33 19.21
CA GLY O 131 63.44 38.50 18.07
C GLY O 131 64.82 37.88 18.21
N VAL O 132 65.82 38.52 17.60
CA VAL O 132 67.23 38.10 17.58
C VAL O 132 68.01 38.80 18.71
N THR O 133 68.85 38.02 19.43
CA THR O 133 69.69 38.53 20.52
C THR O 133 71.12 38.83 20.06
N SER O 134 71.78 37.85 19.40
CA SER O 134 73.15 37.97 18.90
C SER O 134 73.39 37.17 17.62
N THR O 135 74.33 37.63 16.78
CA THR O 135 74.69 36.97 15.52
C THR O 135 76.22 36.82 15.43
N LYS O 136 76.69 35.58 15.20
CA LYS O 136 78.11 35.24 15.09
C LYS O 136 78.34 34.49 13.77
N PRO O 137 79.13 35.04 12.81
CA PRO O 137 79.37 34.32 11.55
C PRO O 137 80.43 33.22 11.67
N ILE O 138 80.31 32.18 10.81
CA ILE O 138 81.25 31.05 10.73
C ILE O 138 82.61 31.52 10.19
N VAL O 139 83.70 30.95 10.73
CA VAL O 139 85.08 31.25 10.36
C VAL O 139 85.39 30.87 8.89
N GLN O 140 86.21 31.69 8.20
CA GLN O 140 86.57 31.45 6.79
C GLN O 140 88.00 30.89 6.70
N THR O 141 88.10 29.55 6.65
CA THR O 141 89.35 28.79 6.60
C THR O 141 90.10 28.95 5.28
N SER O 142 91.37 29.39 5.36
CA SER O 142 92.26 29.57 4.21
C SER O 142 93.43 28.59 4.31
N THR O 143 93.24 27.38 3.75
CA THR O 143 94.23 26.30 3.75
C THR O 143 95.33 26.58 2.71
N LEU O 144 96.57 26.75 3.17
CA LEU O 144 97.72 27.07 2.31
C LEU O 144 98.92 26.14 2.56
N ASP O 145 99.86 26.06 1.59
CA ASP O 145 101.07 25.23 1.68
C ASP O 145 102.26 26.02 2.19
N SER O 146 102.67 27.09 1.48
CA SER O 146 103.82 27.93 1.85
C SER O 146 103.51 29.41 1.67
N ILE O 147 103.88 30.24 2.67
CA ILE O 147 103.64 31.69 2.66
C ILE O 147 104.96 32.50 2.62
N SER O 148 105.07 33.39 1.61
CA SER O 148 106.19 34.31 1.43
C SER O 148 105.65 35.72 1.62
N VAL O 149 105.57 36.16 2.89
CA VAL O 149 105.02 37.46 3.27
C VAL O 149 106.08 38.43 3.82
N ASN O 150 105.79 39.75 3.77
CA ASN O 150 106.66 40.80 4.29
C ASN O 150 106.24 41.16 5.71
N ASP O 151 104.96 41.56 5.91
CA ASP O 151 104.44 41.93 7.24
C ASP O 151 103.14 41.22 7.61
N MET O 152 102.83 41.13 8.92
CA MET O 152 101.63 40.48 9.44
C MET O 152 101.12 41.11 10.74
N THR O 153 99.78 41.19 10.89
CA THR O 153 99.10 41.69 12.09
C THR O 153 98.04 40.67 12.51
N VAL O 154 98.20 40.11 13.71
CA VAL O 154 97.32 39.07 14.28
C VAL O 154 96.47 39.67 15.41
N SER O 155 95.14 39.40 15.38
CA SER O 155 94.19 39.87 16.38
C SER O 155 93.87 38.80 17.45
N GLY O 156 94.19 37.55 17.15
CA GLY O 156 93.98 36.41 18.04
C GLY O 156 95.26 35.75 18.49
N SER O 157 95.58 34.57 17.93
CA SER O 157 96.78 33.80 18.28
C SER O 157 97.29 32.90 17.15
N ILE O 158 98.61 32.59 17.19
CA ILE O 158 99.28 31.72 16.21
C ILE O 158 99.66 30.42 16.92
N ASP O 159 99.23 29.27 16.36
CA ASP O 159 99.56 27.96 16.90
C ASP O 159 100.85 27.47 16.25
N VAL O 160 101.90 27.30 17.06
CA VAL O 160 103.22 26.85 16.62
C VAL O 160 103.53 25.43 17.12
N PRO O 161 104.33 24.60 16.41
CA PRO O 161 104.60 23.23 16.89
C PRO O 161 105.37 23.19 18.22
N VAL O 162 104.74 22.61 19.25
CA VAL O 162 105.28 22.50 20.61
C VAL O 162 105.78 21.08 20.87
N GLN O 163 107.04 20.95 21.33
CA GLN O 163 107.69 19.69 21.67
C GLN O 163 108.20 19.75 23.11
N THR O 164 107.90 18.70 23.90
CA THR O 164 108.30 18.63 25.32
C THR O 164 109.22 17.44 25.61
N LEU O 165 110.19 17.65 26.52
CA LEU O 165 111.18 16.64 26.91
C LEU O 165 111.59 16.81 28.37
N THR O 166 111.70 15.68 29.10
CA THR O 166 112.12 15.64 30.49
C THR O 166 113.41 14.83 30.58
N VAL O 167 114.53 15.52 30.79
CA VAL O 167 115.87 14.93 30.88
C VAL O 167 116.33 14.80 32.34
N GLU O 168 116.70 13.58 32.74
CA GLU O 168 117.23 13.29 34.08
C GLU O 168 118.74 13.47 33.97
N ALA O 169 119.20 14.73 34.05
CA ALA O 169 120.58 15.19 33.93
C ALA O 169 121.59 14.40 34.76
N GLY O 170 121.19 14.00 35.96
CA GLY O 170 122.02 13.25 36.89
C GLY O 170 122.37 14.04 38.12
N ASN O 171 123.00 13.35 39.10
CA ASN O 171 123.41 13.90 40.41
C ASN O 171 122.24 14.42 41.26
N GLY O 172 121.02 14.34 40.71
CA GLY O 172 119.78 14.77 41.35
C GLY O 172 119.09 15.92 40.63
N LEU O 173 119.40 16.11 39.34
CA LEU O 173 118.82 17.19 38.52
C LEU O 173 117.83 16.68 37.47
N GLN O 174 116.73 17.43 37.31
CA GLN O 174 115.66 17.16 36.34
C GLN O 174 115.44 18.44 35.52
N LEU O 175 115.36 18.32 34.18
CA LEU O 175 115.17 19.44 33.28
C LEU O 175 113.91 19.27 32.43
N GLN O 176 112.95 20.20 32.56
CA GLN O 176 111.69 20.18 31.81
C GLN O 176 111.79 21.20 30.67
N LEU O 177 112.07 20.70 29.45
CA LEU O 177 112.23 21.53 28.25
C LEU O 177 110.92 21.65 27.47
N THR O 178 110.64 22.87 26.97
CA THR O 178 109.44 23.17 26.18
C THR O 178 109.84 23.95 24.91
N LYS O 179 110.06 23.22 23.81
CA LYS O 179 110.46 23.77 22.50
C LYS O 179 109.24 24.20 21.71
N LYS O 180 109.23 25.46 21.23
CA LYS O 180 108.14 26.01 20.43
C LYS O 180 108.68 26.57 19.10
N ASN O 181 108.03 26.20 17.98
CA ASN O 181 108.41 26.58 16.60
C ASN O 181 109.82 26.05 16.21
N ASN O 182 110.30 25.02 16.96
CA ASN O 182 111.62 24.37 16.82
C ASN O 182 112.78 25.37 17.03
N ASP O 183 112.53 26.45 17.81
CA ASP O 183 113.51 27.51 18.08
C ASP O 183 113.65 27.87 19.57
N LEU O 184 112.65 28.58 20.14
CA LEU O 184 112.67 29.02 21.54
C LEU O 184 112.33 27.87 22.50
N VAL O 185 113.20 27.65 23.51
CA VAL O 185 113.04 26.60 24.52
C VAL O 185 113.20 27.18 25.92
N ILE O 186 112.19 26.96 26.79
CA ILE O 186 112.24 27.38 28.20
C ILE O 186 112.43 26.12 29.05
N VAL O 187 113.57 26.05 29.75
CA VAL O 187 113.95 24.92 30.59
C VAL O 187 113.62 25.19 32.06
N ARG O 188 112.92 24.26 32.72
CA ARG O 188 112.52 24.35 34.11
C ARG O 188 113.37 23.40 34.98
N PHE O 189 113.96 23.92 36.07
CA PHE O 189 114.80 23.14 36.98
C PHE O 189 113.97 22.43 38.06
N PHE O 190 114.23 21.13 38.27
CA PHE O 190 113.56 20.28 39.26
C PHE O 190 114.52 19.29 39.92
N GLY O 191 114.15 18.82 41.11
CA GLY O 191 114.93 17.85 41.88
C GLY O 191 115.86 18.48 42.90
N SER O 192 116.78 17.67 43.46
CA SER O 192 117.75 18.09 44.46
C SER O 192 119.14 17.52 44.15
N VAL O 193 120.06 18.39 43.68
CA VAL O 193 121.43 18.04 43.28
C VAL O 193 122.34 17.74 44.47
N SER O 194 123.11 16.64 44.40
CA SER O 194 124.05 16.18 45.41
C SER O 194 125.29 15.52 44.77
N ASN O 195 126.47 15.71 45.38
CA ASN O 195 127.77 15.17 44.96
C ASN O 195 128.20 15.57 43.54
N ILE O 196 128.62 16.85 43.37
CA ILE O 196 129.08 17.40 42.09
C ILE O 196 130.11 18.52 42.29
N GLN O 197 131.08 18.64 41.36
CA GLN O 197 132.14 19.65 41.37
C GLN O 197 132.00 20.63 40.20
N LYS O 198 132.62 21.83 40.33
CA LYS O 198 132.59 22.87 39.30
C LYS O 198 133.38 22.48 38.06
N GLY O 199 132.78 22.68 36.89
CA GLY O 199 133.37 22.36 35.59
C GLY O 199 133.23 20.90 35.18
N TRP O 200 132.65 20.05 36.05
CA TRP O 200 132.44 18.63 35.83
C TRP O 200 131.12 18.34 35.12
N ASN O 201 131.12 17.30 34.26
CA ASN O 201 129.96 16.86 33.48
C ASN O 201 128.91 16.16 34.36
N MET O 202 127.68 16.04 33.85
CA MET O 202 126.55 15.41 34.54
C MET O 202 126.52 13.89 34.32
N SER O 203 126.36 13.13 35.41
CA SER O 203 126.35 11.67 35.46
C SER O 203 125.25 10.96 34.67
N GLY O 204 124.04 11.48 34.73
CA GLY O 204 122.86 10.89 34.07
C GLY O 204 122.73 11.09 32.58
N THR O 205 121.46 11.14 32.12
CA THR O 205 121.04 11.27 30.72
C THR O 205 121.49 12.57 30.04
N TRP O 206 121.78 12.49 28.73
CA TRP O 206 122.19 13.61 27.87
C TRP O 206 120.98 14.19 27.13
N VAL O 207 121.09 15.44 26.66
CA VAL O 207 120.04 16.16 25.93
C VAL O 207 119.90 15.56 24.52
N ASP O 208 118.65 15.24 24.12
CA ASP O 208 118.30 14.66 22.81
C ASP O 208 118.60 15.62 21.67
N ARG O 209 118.92 15.07 20.47
CA ARG O 209 119.25 15.81 19.25
C ARG O 209 118.27 16.94 18.84
N PRO O 210 116.92 16.80 18.88
CA PRO O 210 116.06 17.94 18.50
C PRO O 210 116.09 19.12 19.46
N PHE O 211 116.53 18.91 20.71
CA PHE O 211 116.61 19.93 21.75
C PHE O 211 118.03 20.52 21.93
N ARG O 212 119.02 19.98 21.19
CA ARG O 212 120.41 20.43 21.25
C ARG O 212 120.59 21.81 20.58
N PRO O 213 121.18 22.81 21.29
CA PRO O 213 121.37 24.13 20.65
C PRO O 213 122.59 24.18 19.73
N ALA O 214 122.70 25.25 18.92
CA ALA O 214 123.82 25.44 17.99
C ALA O 214 125.12 25.76 18.73
N ALA O 215 125.03 26.54 19.83
CA ALA O 215 126.16 26.93 20.67
C ALA O 215 125.86 26.64 22.15
N VAL O 216 126.91 26.61 23.00
CA VAL O 216 126.79 26.35 24.44
C VAL O 216 125.99 27.45 25.17
N GLN O 217 124.80 27.08 25.68
CA GLN O 217 123.89 27.99 26.37
C GLN O 217 124.05 27.88 27.88
N SER O 218 124.39 29.00 28.54
CA SER O 218 124.57 29.07 29.99
C SER O 218 123.22 29.42 30.63
N LEU O 219 122.56 28.43 31.25
CA LEU O 219 121.25 28.63 31.86
C LEU O 219 121.32 28.70 33.40
N VAL O 220 120.94 29.87 33.94
CA VAL O 220 120.97 30.19 35.38
C VAL O 220 119.77 29.59 36.14
N GLY O 221 120.06 29.00 37.30
CA GLY O 221 119.10 28.40 38.21
C GLY O 221 119.23 28.97 39.62
N HIS O 222 118.46 28.41 40.58
CA HIS O 222 118.46 28.86 41.97
C HIS O 222 118.16 27.74 42.97
N PHE O 223 118.78 27.81 44.17
CA PHE O 223 118.57 26.82 45.24
C PHE O 223 117.43 27.30 46.15
N ALA O 224 116.32 26.53 46.17
CA ALA O 224 115.10 26.83 46.93
C ALA O 224 115.33 27.08 48.42
N GLY O 225 114.80 28.21 48.91
CA GLY O 225 114.92 28.64 50.30
C GLY O 225 116.29 29.17 50.71
N ARG O 226 117.10 29.56 49.72
CA ARG O 226 118.46 30.07 49.94
C ARG O 226 118.71 31.37 49.14
N ASP O 227 119.85 32.02 49.38
CA ASP O 227 120.27 33.21 48.65
C ASP O 227 121.45 32.90 47.71
N THR O 228 121.68 31.59 47.47
CA THR O 228 122.72 31.03 46.61
C THR O 228 122.11 30.56 45.29
N SER O 229 122.83 30.73 44.17
CA SER O 229 122.39 30.33 42.84
C SER O 229 123.39 29.43 42.11
N PHE O 230 123.04 28.96 40.90
CA PHE O 230 123.89 28.10 40.06
C PHE O 230 123.59 28.33 38.57
N HIS O 231 124.44 27.76 37.69
CA HIS O 231 124.26 27.82 36.24
C HIS O 231 124.82 26.58 35.55
N ILE O 232 124.08 26.05 34.56
CA ILE O 232 124.48 24.87 33.80
C ILE O 232 124.77 25.20 32.33
N ASP O 233 125.74 24.49 31.73
CA ASP O 233 126.14 24.68 30.35
C ASP O 233 125.69 23.52 29.47
N ILE O 234 124.65 23.76 28.64
CA ILE O 234 124.14 22.75 27.70
C ILE O 234 124.89 22.91 26.38
N ASN O 235 125.95 22.10 26.23
CA ASN O 235 126.86 22.08 25.07
C ASN O 235 126.13 21.55 23.81
N PRO O 236 126.58 21.92 22.58
CA PRO O 236 125.89 21.44 21.36
C PRO O 236 125.83 19.93 21.14
N ASN O 237 126.74 19.15 21.78
CA ASN O 237 126.78 17.69 21.65
C ASN O 237 125.77 16.97 22.56
N GLY O 238 125.03 17.73 23.37
CA GLY O 238 124.01 17.21 24.29
C GLY O 238 124.44 17.14 25.74
N SER O 239 125.76 17.25 26.00
CA SER O 239 126.34 17.20 27.34
C SER O 239 125.98 18.40 28.20
N ILE O 240 125.73 18.14 29.49
CA ILE O 240 125.39 19.16 30.48
C ILE O 240 126.59 19.29 31.44
N THR O 241 127.15 20.51 31.55
CA THR O 241 128.30 20.79 32.40
C THR O 241 127.90 21.70 33.56
N TRP O 242 128.10 21.23 34.80
CA TRP O 242 127.81 21.98 36.02
C TRP O 242 128.82 23.12 36.19
N TRP O 243 128.34 24.30 36.56
CA TRP O 243 129.19 25.48 36.76
C TRP O 243 128.82 26.33 38.00
N GLY O 244 128.25 25.67 39.01
CA GLY O 244 127.87 26.29 40.26
C GLY O 244 128.90 25.98 41.34
N ALA O 245 128.47 26.06 42.62
CA ALA O 245 129.34 25.73 43.76
C ALA O 245 129.44 24.21 43.89
N ASN O 246 130.53 23.66 44.49
CA ASN O 246 130.68 22.19 44.68
C ASN O 246 129.66 21.72 45.68
N ILE O 247 128.91 20.66 45.34
CA ILE O 247 127.86 20.12 46.19
C ILE O 247 128.26 18.82 46.85
N ASP O 248 128.13 18.77 48.17
CA ASP O 248 128.41 17.59 48.96
C ASP O 248 127.19 16.67 49.01
N LYS O 249 127.32 15.56 49.71
CA LYS O 249 126.31 14.50 49.88
C LYS O 249 124.90 14.99 50.13
N THR O 250 124.73 16.07 50.93
CA THR O 250 123.42 16.65 51.22
C THR O 250 122.79 17.26 49.94
N PRO O 251 121.57 16.83 49.60
CA PRO O 251 120.93 17.34 48.38
C PRO O 251 120.13 18.61 48.64
N ILE O 252 120.33 19.62 47.79
CA ILE O 252 119.64 20.91 47.87
C ILE O 252 118.70 21.06 46.67
N ALA O 253 117.42 21.43 46.93
CA ALA O 253 116.40 21.61 45.91
C ALA O 253 116.77 22.68 44.88
N THR O 254 116.63 22.34 43.60
CA THR O 254 116.95 23.23 42.49
C THR O 254 115.72 23.59 41.71
N ARG O 255 115.47 24.89 41.57
CA ARG O 255 114.33 25.46 40.85
C ARG O 255 114.77 26.65 39.99
N GLY O 256 113.97 27.00 38.99
CA GLY O 256 114.25 28.12 38.09
C GLY O 256 113.86 27.90 36.65
N ASN O 257 113.83 28.99 35.86
CA ASN O 257 113.50 28.97 34.44
C ASN O 257 114.57 29.68 33.62
N GLY O 258 115.04 29.02 32.56
CA GLY O 258 116.05 29.53 31.66
C GLY O 258 115.70 29.32 30.20
N SER O 259 115.67 30.41 29.41
CA SER O 259 115.33 30.38 27.99
C SER O 259 116.52 30.55 27.05
N TYR O 260 116.48 29.85 25.90
CA TYR O 260 117.53 29.87 24.87
C TYR O 260 116.97 29.60 23.46
N PHE O 261 117.73 30.00 22.41
CA PHE O 261 117.38 29.76 21.00
C PHE O 261 118.21 28.60 20.45
N ILE O 262 117.59 27.74 19.63
CA ILE O 262 118.29 26.62 18.99
C ILE O 262 119.01 27.09 17.72
N LYS O 263 118.28 27.73 16.80
CA LYS O 263 118.79 28.25 15.53
C LYS O 263 119.69 29.48 15.71
N THR P 1 98.57 53.57 -22.98
CA THR P 1 97.31 52.90 -23.29
C THR P 1 96.90 51.96 -22.16
N ILE P 2 95.66 52.08 -21.70
CA ILE P 2 95.10 51.24 -20.64
C ILE P 2 94.13 50.23 -21.24
N LYS P 3 94.40 48.94 -21.01
CA LYS P 3 93.55 47.86 -21.49
C LYS P 3 92.62 47.40 -20.36
N ASN P 4 91.32 47.70 -20.49
CA ASN P 4 90.28 47.36 -19.51
C ASN P 4 89.70 45.98 -19.79
N PHE P 5 89.48 45.18 -18.74
CA PHE P 5 88.95 43.83 -18.93
C PHE P 5 87.67 43.48 -18.17
N THR P 6 87.63 43.69 -16.86
CA THR P 6 86.44 43.33 -16.06
C THR P 6 85.43 44.46 -16.16
N PHE P 7 84.98 44.75 -17.40
CA PHE P 7 84.08 45.85 -17.74
C PHE P 7 83.19 45.46 -18.92
N PHE P 8 82.16 46.28 -19.19
CA PHE P 8 81.17 46.00 -20.24
C PHE P 8 81.44 46.53 -21.64
N SER P 9 81.03 45.74 -22.63
CA SER P 9 81.09 46.09 -24.04
C SER P 9 79.63 46.21 -24.53
N PRO P 10 79.05 47.44 -24.54
CA PRO P 10 77.64 47.60 -24.98
C PRO P 10 77.43 47.23 -26.45
N ASN P 11 78.43 47.51 -27.30
CA ASN P 11 78.42 47.17 -28.73
C ASN P 11 79.04 45.79 -28.98
N SER P 12 79.28 45.03 -27.88
CA SER P 12 79.84 43.67 -27.82
C SER P 12 81.22 43.49 -28.47
N THR P 13 82.05 44.55 -28.46
CA THR P 13 83.40 44.53 -29.03
C THR P 13 84.44 45.25 -28.16
N GLU P 14 83.99 46.22 -27.33
CA GLU P 14 84.81 47.08 -26.48
C GLU P 14 85.88 46.42 -25.59
N PHE P 15 85.47 45.55 -24.65
CA PHE P 15 86.42 44.94 -23.73
C PHE P 15 86.47 43.40 -23.72
N PRO P 16 87.15 42.79 -24.73
CA PRO P 16 87.27 41.33 -24.74
C PRO P 16 88.40 40.85 -23.85
N VAL P 17 88.15 39.82 -23.03
CA VAL P 17 89.16 39.25 -22.13
C VAL P 17 89.62 37.85 -22.58
N GLY P 18 90.91 37.73 -22.85
CA GLY P 18 91.53 36.50 -23.31
C GLY P 18 92.09 35.60 -22.21
N SER P 19 92.61 34.43 -22.64
CA SER P 19 93.20 33.39 -21.79
C SER P 19 94.39 33.91 -20.96
N ASN P 20 95.27 34.71 -21.61
CA ASN P 20 96.45 35.31 -20.97
C ASN P 20 96.07 36.41 -19.99
N ASN P 21 95.00 37.18 -20.32
CA ASN P 21 94.48 38.29 -19.52
C ASN P 21 93.84 37.79 -18.23
N ASP P 22 93.16 36.64 -18.28
CA ASP P 22 92.57 35.99 -17.11
C ASP P 22 93.65 35.25 -16.34
N GLY P 23 94.61 34.68 -17.08
CA GLY P 23 95.76 33.96 -16.54
C GLY P 23 96.59 34.80 -15.60
N LYS P 24 96.87 36.06 -15.99
CA LYS P 24 97.62 37.03 -15.18
C LYS P 24 96.80 37.42 -13.96
N LEU P 25 95.46 37.57 -14.15
CA LEU P 25 94.48 37.91 -13.11
C LEU P 25 94.46 36.86 -12.00
N TYR P 26 94.37 35.55 -12.37
CA TYR P 26 94.36 34.44 -11.42
C TYR P 26 95.66 34.34 -10.61
N MET P 27 96.81 34.63 -11.25
CA MET P 27 98.14 34.62 -10.62
C MET P 27 98.24 35.65 -9.50
N MET P 28 97.65 36.83 -9.71
CA MET P 28 97.64 37.94 -8.75
C MET P 28 96.72 37.68 -7.57
N LEU P 29 95.58 36.98 -7.80
CA LEU P 29 94.59 36.66 -6.77
C LEU P 29 95.13 35.70 -5.72
N THR P 30 95.78 34.62 -6.15
CA THR P 30 96.36 33.61 -5.26
C THR P 30 97.79 33.96 -4.78
N GLY P 31 98.49 34.80 -5.54
CA GLY P 31 99.85 35.23 -5.24
C GLY P 31 100.90 34.22 -5.62
N MET P 32 100.89 33.80 -6.91
CA MET P 32 101.84 32.82 -7.45
C MET P 32 102.66 33.38 -8.61
N ASP P 33 103.84 32.77 -8.86
CA ASP P 33 104.71 33.13 -9.98
C ASP P 33 104.72 31.98 -11.01
N TYR P 34 105.63 32.04 -12.00
CA TYR P 34 105.75 30.99 -13.03
C TYR P 34 106.59 29.79 -12.55
N ARG P 35 107.14 29.88 -11.32
CA ARG P 35 107.98 28.85 -10.71
C ARG P 35 107.21 27.94 -9.73
N THR P 36 106.02 28.40 -9.28
CA THR P 36 105.14 27.66 -8.37
C THR P 36 103.79 27.33 -9.04
N ILE P 37 103.01 26.41 -8.42
CA ILE P 37 101.71 25.96 -8.92
C ILE P 37 100.65 25.86 -7.82
N ARG P 38 99.40 25.62 -8.24
CA ARG P 38 98.25 25.37 -7.38
C ARG P 38 97.77 24.00 -7.79
N ARG P 39 97.92 23.00 -6.90
CA ARG P 39 97.59 21.60 -7.20
C ARG P 39 96.71 20.99 -6.09
N LYS P 40 95.70 20.22 -6.50
CA LYS P 40 94.78 19.53 -5.60
C LYS P 40 94.38 18.17 -6.16
N ASP P 41 94.60 17.11 -5.37
CA ASP P 41 94.24 15.74 -5.72
C ASP P 41 92.88 15.41 -5.13
N TRP P 42 91.86 15.34 -6.00
CA TRP P 42 90.49 15.03 -5.60
C TRP P 42 90.37 13.54 -5.30
N SER P 43 91.20 12.74 -5.98
CA SER P 43 91.34 11.29 -5.83
C SER P 43 92.83 10.96 -6.00
N SER P 44 93.39 10.19 -5.05
CA SER P 44 94.80 9.80 -5.00
C SER P 44 95.30 9.14 -6.30
N PRO P 45 96.49 9.55 -6.82
CA PRO P 45 96.99 8.95 -8.07
C PRO P 45 97.48 7.52 -7.89
N LEU P 46 97.09 6.63 -8.82
CA LEU P 46 97.47 5.22 -8.79
C LEU P 46 98.89 5.00 -9.32
N ASN P 47 99.60 4.03 -8.73
CA ASN P 47 100.97 3.67 -9.11
C ASN P 47 101.02 2.21 -9.59
N THR P 48 101.26 2.03 -10.90
CA THR P 48 101.34 0.71 -11.53
C THR P 48 102.75 0.53 -12.09
N ALA P 49 103.62 -0.17 -11.32
CA ALA P 49 105.04 -0.42 -11.63
C ALA P 49 105.79 0.89 -11.90
N LEU P 50 106.42 1.04 -13.09
CA LEU P 50 107.15 2.27 -13.44
C LEU P 50 106.27 3.26 -14.23
N ASN P 51 105.04 3.50 -13.71
CA ASN P 51 104.04 4.41 -14.26
C ASN P 51 103.19 5.03 -13.14
N VAL P 52 102.78 6.30 -13.32
CA VAL P 52 101.94 7.04 -12.38
C VAL P 52 100.72 7.66 -13.07
N GLN P 53 99.52 7.13 -12.76
CA GLN P 53 98.25 7.58 -13.34
C GLN P 53 97.54 8.54 -12.39
N TYR P 54 97.37 9.81 -12.81
CA TYR P 54 96.67 10.84 -12.04
C TYR P 54 95.17 10.72 -12.31
N THR P 55 94.45 10.05 -11.38
CA THR P 55 93.00 9.79 -11.46
C THR P 55 92.17 11.05 -11.66
N ASN P 56 92.32 12.04 -10.76
CA ASN P 56 91.65 13.35 -10.83
C ASN P 56 92.46 14.39 -10.05
N THR P 57 93.32 15.12 -10.77
CA THR P 57 94.20 16.15 -10.21
C THR P 57 94.09 17.43 -11.03
N SER P 58 93.67 18.53 -10.39
CA SER P 58 93.54 19.84 -11.01
C SER P 58 94.80 20.65 -10.72
N ILE P 59 95.36 21.32 -11.75
CA ILE P 59 96.59 22.12 -11.63
C ILE P 59 96.43 23.50 -12.29
N ILE P 60 96.93 24.55 -11.60
CA ILE P 60 96.96 25.93 -12.10
C ILE P 60 98.44 26.32 -12.25
N ALA P 61 98.97 26.20 -13.47
CA ALA P 61 100.36 26.53 -13.78
C ALA P 61 100.42 27.77 -14.65
N GLY P 62 101.08 28.82 -14.13
CA GLY P 62 101.20 30.12 -14.78
C GLY P 62 99.87 30.81 -14.99
N GLY P 63 98.94 30.57 -14.07
CA GLY P 63 97.58 31.10 -14.09
C GLY P 63 96.64 30.39 -15.04
N ARG P 64 97.11 29.29 -15.66
CA ARG P 64 96.33 28.49 -16.60
C ARG P 64 95.87 27.20 -15.93
N TYR P 65 94.54 27.01 -15.83
CA TYR P 65 93.88 25.85 -15.19
C TYR P 65 93.70 24.67 -16.16
N PHE P 66 93.94 23.44 -15.66
CA PHE P 66 93.78 22.18 -16.40
C PHE P 66 93.58 20.99 -15.45
N GLU P 67 92.76 20.01 -15.88
CA GLU P 67 92.47 18.80 -15.12
C GLU P 67 93.12 17.57 -15.73
N LEU P 68 93.68 16.69 -14.88
CA LEU P 68 94.29 15.44 -15.30
C LEU P 68 93.32 14.32 -14.93
N LEU P 69 92.64 13.74 -15.94
CA LEU P 69 91.66 12.68 -15.72
C LEU P 69 92.16 11.35 -16.27
N ASN P 70 92.70 10.51 -15.35
CA ASN P 70 93.29 9.19 -15.61
C ASN P 70 94.45 9.25 -16.63
N GLU P 71 95.32 10.26 -16.44
CA GLU P 71 96.50 10.51 -17.27
C GLU P 71 97.73 9.83 -16.66
N THR P 72 98.27 8.84 -17.38
CA THR P 72 99.43 8.05 -16.96
C THR P 72 100.75 8.68 -17.42
N VAL P 73 101.73 8.75 -16.51
CA VAL P 73 103.07 9.32 -16.77
C VAL P 73 104.11 8.19 -16.67
N ALA P 74 104.90 7.99 -17.74
CA ALA P 74 105.96 6.97 -17.80
C ALA P 74 107.13 7.38 -16.89
N LEU P 75 107.66 6.42 -16.12
CA LEU P 75 108.76 6.67 -15.18
C LEU P 75 110.05 5.93 -15.51
N LYS P 76 111.19 6.50 -15.06
CA LYS P 76 112.54 5.94 -15.25
C LYS P 76 112.85 4.95 -14.12
N GLY P 77 113.42 3.81 -14.48
CA GLY P 77 113.79 2.74 -13.57
C GLY P 77 114.94 3.08 -12.65
N ASP P 78 114.73 2.88 -11.32
CA ASP P 78 115.68 3.12 -10.23
C ASP P 78 116.28 4.54 -10.27
N SER P 79 115.40 5.55 -10.28
CA SER P 79 115.77 6.97 -10.35
C SER P 79 114.72 7.86 -9.66
N VAL P 80 115.14 9.09 -9.30
CA VAL P 80 114.27 10.09 -8.68
C VAL P 80 113.72 11.00 -9.78
N ASN P 81 112.51 10.67 -10.27
CA ASN P 81 111.82 11.39 -11.33
C ASN P 81 111.17 12.68 -10.84
N TYR P 82 111.14 13.71 -11.70
CA TYR P 82 110.53 15.01 -11.44
C TYR P 82 109.43 15.23 -12.49
N ILE P 83 108.16 15.20 -12.07
CA ILE P 83 107.01 15.37 -12.97
C ILE P 83 106.78 16.85 -13.25
N HIS P 84 106.90 17.25 -14.53
CA HIS P 84 106.75 18.62 -14.98
C HIS P 84 105.52 18.85 -15.84
N ALA P 85 104.93 20.04 -15.71
CA ALA P 85 103.79 20.48 -16.50
C ALA P 85 104.35 21.41 -17.59
N ASN P 86 104.23 21.01 -18.86
CA ASN P 86 104.78 21.76 -20.00
C ASN P 86 103.68 22.46 -20.80
N ILE P 87 103.68 23.79 -20.79
CA ILE P 87 102.68 24.60 -21.50
C ILE P 87 103.28 25.31 -22.73
N ASP P 88 102.92 24.84 -23.92
CA ASP P 88 103.33 25.43 -25.19
C ASP P 88 102.07 25.90 -25.91
N LEU P 89 101.83 27.22 -25.87
CA LEU P 89 100.67 27.89 -26.45
C LEU P 89 100.53 27.75 -27.97
N THR P 90 101.65 27.45 -28.67
CA THR P 90 101.69 27.25 -30.12
C THR P 90 100.88 26.01 -30.51
N GLN P 91 100.85 25.00 -29.63
CA GLN P 91 100.09 23.76 -29.79
C GLN P 91 98.65 24.09 -29.38
N THR P 92 97.86 24.64 -30.33
CA THR P 92 96.47 25.06 -30.11
C THR P 92 95.53 23.92 -29.69
N ALA P 93 95.80 22.69 -30.16
CA ALA P 93 95.01 21.51 -29.84
C ALA P 93 95.37 20.94 -28.47
N ASN P 94 96.68 20.82 -28.16
CA ASN P 94 97.15 20.27 -26.89
C ASN P 94 98.27 21.14 -26.28
N PRO P 95 97.93 22.26 -25.60
CA PRO P 95 98.97 23.12 -25.01
C PRO P 95 99.71 22.50 -23.82
N VAL P 96 98.99 21.76 -22.96
CA VAL P 96 99.58 21.13 -21.78
C VAL P 96 100.01 19.68 -22.06
N SER P 97 101.27 19.37 -21.71
CA SER P 97 101.89 18.05 -21.85
C SER P 97 102.69 17.75 -20.58
N LEU P 98 102.78 16.48 -20.20
CA LEU P 98 103.52 16.07 -19.00
C LEU P 98 104.81 15.33 -19.33
N SER P 99 105.82 15.46 -18.44
CA SER P 99 107.12 14.81 -18.61
C SER P 99 107.80 14.50 -17.28
N ALA P 100 108.40 13.30 -17.17
CA ALA P 100 109.15 12.87 -16.00
C ALA P 100 110.63 13.07 -16.32
N GLU P 101 111.26 14.04 -15.65
CA GLU P 101 112.66 14.41 -15.89
C GLU P 101 113.62 14.03 -14.77
N THR P 102 114.92 13.93 -15.11
CA THR P 102 116.04 13.58 -14.22
C THR P 102 116.21 14.56 -13.07
N ALA P 103 116.16 15.88 -13.36
CA ALA P 103 116.31 16.95 -12.38
C ALA P 103 115.15 17.96 -12.49
N ASN P 104 115.02 18.86 -11.49
CA ASN P 104 113.98 19.90 -11.47
C ASN P 104 114.36 20.98 -12.48
N ASN P 105 113.68 20.96 -13.64
CA ASN P 105 113.90 21.86 -14.76
C ASN P 105 112.80 22.94 -14.89
N SER P 106 112.44 23.59 -13.77
CA SER P 106 111.45 24.66 -13.73
C SER P 106 112.08 25.93 -14.33
N ASN P 107 111.60 26.36 -15.50
CA ASN P 107 112.14 27.51 -16.23
C ASN P 107 111.58 28.87 -15.81
N GLY P 108 110.29 28.90 -15.47
CA GLY P 108 109.60 30.12 -15.06
C GLY P 108 109.41 31.12 -16.19
N VAL P 109 109.16 30.62 -17.41
CA VAL P 109 108.95 31.41 -18.64
C VAL P 109 107.59 32.13 -18.58
N ASP P 110 107.61 33.47 -18.80
CA ASP P 110 106.41 34.30 -18.81
C ASP P 110 105.64 34.06 -20.12
N ILE P 111 104.62 33.19 -20.05
CA ILE P 111 103.79 32.79 -21.20
C ILE P 111 102.62 33.74 -21.47
N ASN P 112 102.08 34.38 -20.41
CA ASN P 112 100.96 35.30 -20.51
C ASN P 112 101.32 36.64 -21.17
N ASN P 113 102.59 37.05 -21.08
CA ASN P 113 103.09 38.29 -21.68
C ASN P 113 103.94 38.03 -22.92
N GLY P 114 104.93 37.15 -22.80
CA GLY P 114 105.84 36.79 -23.89
C GLY P 114 105.68 35.38 -24.41
N SER P 115 106.54 35.00 -25.35
CA SER P 115 106.56 33.67 -25.98
C SER P 115 107.40 32.67 -25.18
N GLY P 116 107.30 31.39 -25.54
CA GLY P 116 108.05 30.32 -24.90
C GLY P 116 107.21 29.18 -24.34
N VAL P 117 107.90 28.15 -23.82
CA VAL P 117 107.28 26.97 -23.22
C VAL P 117 107.52 27.02 -21.70
N LEU P 118 106.44 26.95 -20.91
CA LEU P 118 106.54 26.99 -19.45
C LEU P 118 106.67 25.58 -18.86
N LYS P 119 107.79 25.34 -18.17
CA LYS P 119 108.08 24.07 -17.49
C LYS P 119 108.07 24.33 -15.99
N VAL P 120 107.32 23.52 -15.22
CA VAL P 120 107.20 23.65 -13.77
C VAL P 120 106.92 22.31 -13.08
N CYS P 121 107.78 21.94 -12.11
CA CYS P 121 107.67 20.69 -11.35
C CYS P 121 106.59 20.81 -10.28
N PHE P 122 105.77 19.75 -10.12
CA PHE P 122 104.69 19.69 -9.15
C PHE P 122 104.72 18.45 -8.25
N ASP P 123 105.32 17.35 -8.76
CA ASP P 123 105.41 16.08 -8.04
C ASP P 123 106.77 15.39 -8.26
N ILE P 124 107.39 14.90 -7.18
CA ILE P 124 108.68 14.19 -7.22
C ILE P 124 108.40 12.72 -6.93
N VAL P 125 108.72 11.84 -7.90
CA VAL P 125 108.49 10.40 -7.78
C VAL P 125 109.81 9.63 -7.68
N THR P 126 110.06 9.01 -6.51
CA THR P 126 111.25 8.19 -6.25
C THR P 126 110.89 6.74 -6.61
N THR P 127 111.64 6.14 -7.55
CA THR P 127 111.37 4.77 -8.02
C THR P 127 112.54 3.80 -7.86
N SER P 128 112.22 2.49 -7.90
CA SER P 128 113.15 1.38 -7.84
C SER P 128 113.14 0.69 -9.23
N GLY P 129 113.74 -0.50 -9.32
CA GLY P 129 113.78 -1.29 -10.55
C GLY P 129 112.41 -1.83 -10.95
N THR P 130 111.59 -2.17 -9.95
CA THR P 130 110.25 -2.72 -10.13
C THR P 130 109.17 -1.64 -10.24
N GLY P 131 108.97 -0.88 -9.17
CA GLY P 131 107.95 0.17 -9.12
C GLY P 131 108.27 1.39 -8.26
N VAL P 132 107.22 2.19 -7.97
CA VAL P 132 107.26 3.42 -7.18
C VAL P 132 107.54 3.10 -5.70
N THR P 133 108.55 3.77 -5.12
CA THR P 133 108.91 3.60 -3.71
C THR P 133 108.26 4.65 -2.82
N SER P 134 108.38 5.94 -3.20
CA SER P 134 107.82 7.08 -2.47
C SER P 134 107.54 8.29 -3.38
N THR P 135 106.56 9.12 -2.98
CA THR P 135 106.18 10.33 -3.71
C THR P 135 106.11 11.57 -2.81
N LYS P 136 106.68 12.69 -3.28
CA LYS P 136 106.74 13.96 -2.55
C LYS P 136 106.26 15.11 -3.45
N PRO P 137 105.20 15.87 -3.07
CA PRO P 137 104.75 16.97 -3.92
C PRO P 137 105.51 18.28 -3.69
N ILE P 138 105.70 19.06 -4.77
CA ILE P 138 106.38 20.38 -4.74
C ILE P 138 105.50 21.37 -3.96
N VAL P 139 106.13 22.13 -3.04
CA VAL P 139 105.46 23.14 -2.20
C VAL P 139 104.81 24.27 -3.00
N GLN P 140 103.56 24.62 -2.65
CA GLN P 140 102.78 25.67 -3.31
C GLN P 140 103.06 27.01 -2.62
N THR P 141 103.94 27.82 -3.25
CA THR P 141 104.36 29.12 -2.74
C THR P 141 103.28 30.19 -2.97
N SER P 142 102.94 30.94 -1.90
CA SER P 142 101.95 32.01 -1.94
C SER P 142 102.58 33.34 -1.51
N THR P 143 103.20 34.04 -2.48
CA THR P 143 103.88 35.32 -2.27
C THR P 143 102.84 36.42 -2.04
N LEU P 144 102.87 37.04 -0.85
CA LEU P 144 101.94 38.10 -0.45
C LEU P 144 102.67 39.29 0.16
N ASP P 145 102.05 40.49 0.13
CA ASP P 145 102.65 41.72 0.66
C ASP P 145 102.41 41.90 2.17
N SER P 146 101.14 41.91 2.61
CA SER P 146 100.78 42.05 4.03
C SER P 146 99.49 41.31 4.35
N ILE P 147 99.47 40.60 5.48
CA ILE P 147 98.32 39.81 5.91
C ILE P 147 97.72 40.31 7.23
N SER P 148 96.39 40.55 7.21
CA SER P 148 95.59 40.92 8.37
C SER P 148 94.75 39.67 8.68
N VAL P 149 95.17 38.92 9.71
CA VAL P 149 94.54 37.66 10.09
C VAL P 149 94.07 37.60 11.57
N ASN P 150 93.03 36.78 11.84
CA ASN P 150 92.50 36.58 13.18
C ASN P 150 93.28 35.47 13.90
N ASP P 151 93.25 34.23 13.37
CA ASP P 151 93.95 33.08 13.94
C ASP P 151 94.77 32.31 12.91
N MET P 152 95.86 31.67 13.35
CA MET P 152 96.75 30.90 12.48
C MET P 152 97.24 29.60 13.13
N THR P 153 97.47 28.56 12.30
CA THR P 153 97.98 27.26 12.73
C THR P 153 99.14 26.86 11.80
N VAL P 154 100.33 26.67 12.39
CA VAL P 154 101.56 26.33 11.67
C VAL P 154 101.98 24.89 12.04
N SER P 155 102.11 24.02 11.01
CA SER P 155 102.52 22.62 11.20
C SER P 155 104.03 22.40 11.07
N GLY P 156 104.71 23.27 10.33
CA GLY P 156 106.15 23.21 10.12
C GLY P 156 106.91 24.18 11.01
N SER P 157 107.21 25.39 10.48
CA SER P 157 107.94 26.47 11.18
C SER P 157 107.80 27.84 10.52
N ILE P 158 108.13 28.92 11.27
CA ILE P 158 108.10 30.30 10.81
C ILE P 158 109.52 30.86 10.79
N ASP P 159 109.92 31.50 9.66
CA ASP P 159 111.24 32.11 9.52
C ASP P 159 111.14 33.63 9.73
N VAL P 160 111.47 34.09 10.94
CA VAL P 160 111.46 35.50 11.33
C VAL P 160 112.88 36.10 11.19
N PRO P 161 113.04 37.40 10.83
CA PRO P 161 114.39 37.96 10.67
C PRO P 161 115.23 37.96 11.95
N VAL P 162 116.46 37.42 11.84
CA VAL P 162 117.40 37.28 12.94
C VAL P 162 118.52 38.32 12.82
N GLN P 163 118.92 38.91 13.97
CA GLN P 163 119.99 39.91 14.07
C GLN P 163 120.92 39.57 15.24
N THR P 164 122.23 39.50 14.96
CA THR P 164 123.25 39.19 15.98
C THR P 164 124.11 40.40 16.33
N LEU P 165 124.52 40.51 17.60
CA LEU P 165 125.33 41.61 18.11
C LEU P 165 126.22 41.15 19.26
N THR P 166 127.49 41.62 19.27
CA THR P 166 128.47 41.29 20.32
C THR P 166 129.10 42.59 20.84
N VAL P 167 128.49 43.17 21.89
CA VAL P 167 128.94 44.42 22.51
C VAL P 167 129.84 44.15 23.71
N GLU P 168 131.05 44.74 23.69
CA GLU P 168 132.03 44.64 24.77
C GLU P 168 131.67 45.74 25.78
N ALA P 169 130.83 45.38 26.79
CA ALA P 169 130.33 46.27 27.84
C ALA P 169 131.41 47.00 28.64
N GLY P 170 132.59 46.38 28.76
CA GLY P 170 133.71 46.94 29.49
C GLY P 170 134.01 46.22 30.79
N ASN P 171 135.13 46.60 31.45
CA ASN P 171 135.62 46.03 32.71
C ASN P 171 135.94 44.51 32.64
N GLY P 172 135.73 43.93 31.45
CA GLY P 172 135.96 42.52 31.16
C GLY P 172 134.72 41.73 30.81
N LEU P 173 133.58 42.42 30.60
CA LEU P 173 132.29 41.80 30.26
C LEU P 173 132.01 41.83 28.76
N GLN P 174 131.52 40.69 28.23
CA GLN P 174 131.14 40.51 26.83
C GLN P 174 129.68 40.01 26.78
N LEU P 175 128.87 40.59 25.88
CA LEU P 175 127.46 40.23 25.71
C LEU P 175 127.18 39.74 24.30
N GLN P 176 126.48 38.60 24.17
CA GLN P 176 126.10 38.04 22.87
C GLN P 176 124.58 38.11 22.72
N LEU P 177 124.11 39.09 21.95
CA LEU P 177 122.68 39.35 21.72
C LEU P 177 122.19 38.72 20.42
N THR P 178 120.96 38.17 20.44
CA THR P 178 120.30 37.56 19.28
C THR P 178 118.84 38.03 19.23
N LYS P 179 118.54 38.98 18.33
CA LYS P 179 117.22 39.58 18.14
C LYS P 179 116.45 38.94 17.00
N LYS P 180 115.25 38.41 17.28
CA LYS P 180 114.37 37.78 16.30
C LYS P 180 113.02 38.49 16.25
N ASN P 181 112.55 38.82 15.03
CA ASN P 181 111.29 39.55 14.75
C ASN P 181 111.26 40.97 15.38
N ASN P 182 112.46 41.58 15.54
CA ASN P 182 112.69 42.92 16.11
C ASN P 182 112.05 43.15 17.49
N ASP P 183 111.89 42.07 18.29
CA ASP P 183 111.27 42.15 19.61
C ASP P 183 112.01 41.35 20.70
N LEU P 184 112.00 40.01 20.62
CA LEU P 184 112.64 39.14 21.61
C LEU P 184 114.15 39.02 21.39
N VAL P 185 114.93 39.33 22.44
CA VAL P 185 116.40 39.28 22.43
C VAL P 185 116.89 38.43 23.60
N ILE P 186 117.80 37.48 23.32
CA ILE P 186 118.41 36.63 24.35
C ILE P 186 119.89 37.01 24.48
N VAL P 187 120.26 37.60 25.62
CA VAL P 187 121.60 38.06 25.93
C VAL P 187 122.40 36.93 26.59
N ARG P 188 123.58 36.62 26.03
CA ARG P 188 124.48 35.59 26.52
C ARG P 188 125.71 36.24 27.15
N PHE P 189 125.95 35.98 28.46
CA PHE P 189 127.07 36.55 29.20
C PHE P 189 128.38 35.79 28.96
N PHE P 190 129.46 36.54 28.69
CA PHE P 190 130.81 36.02 28.44
C PHE P 190 131.91 36.94 28.98
N GLY P 191 133.11 36.39 29.15
CA GLY P 191 134.28 37.12 29.65
C GLY P 191 134.51 36.95 31.14
N SER P 192 135.18 37.95 31.77
CA SER P 192 135.49 37.98 33.20
C SER P 192 135.60 39.43 33.68
N VAL P 193 134.60 39.90 34.46
CA VAL P 193 134.52 41.26 34.97
C VAL P 193 135.48 41.56 36.16
N SER P 194 136.15 42.73 36.13
CA SER P 194 137.09 43.19 37.15
C SER P 194 137.09 44.72 37.27
N ASN P 195 137.31 45.24 38.50
CA ASN P 195 137.35 46.66 38.87
C ASN P 195 136.04 47.42 38.55
N ILE P 196 134.97 47.08 39.30
CA ILE P 196 133.63 47.68 39.15
C ILE P 196 132.86 47.76 40.48
N GLN P 197 132.07 48.83 40.67
CA GLN P 197 131.26 49.08 41.86
C GLN P 197 129.76 49.04 41.53
N LYS P 198 128.90 48.88 42.56
CA LYS P 198 127.44 48.85 42.41
C LYS P 198 126.85 50.20 42.02
N GLY P 199 126.01 50.19 40.98
CA GLY P 199 125.37 51.38 40.44
C GLY P 199 126.21 52.19 39.48
N TRP P 200 127.45 51.72 39.19
CA TRP P 200 128.39 52.37 38.30
C TRP P 200 128.24 51.89 36.85
N ASN P 201 128.28 52.84 35.90
CA ASN P 201 128.16 52.60 34.47
C ASN P 201 129.42 51.88 33.97
N MET P 202 129.25 50.92 33.05
CA MET P 202 130.36 50.12 32.51
C MET P 202 131.15 50.81 31.41
N SER P 203 132.48 50.93 31.63
CA SER P 203 133.51 51.59 30.81
C SER P 203 133.47 51.45 29.29
N GLY P 204 133.28 50.23 28.80
CA GLY P 204 133.30 49.91 27.37
C GLY P 204 132.14 50.40 26.51
N THR P 205 131.97 49.71 25.36
CA THR P 205 130.97 49.97 24.32
C THR P 205 129.52 49.89 24.84
N TRP P 206 128.65 50.75 24.27
CA TRP P 206 127.23 50.83 24.58
C TRP P 206 126.41 49.99 23.58
N VAL P 207 125.18 49.58 23.98
CA VAL P 207 124.27 48.77 23.16
C VAL P 207 123.75 49.58 21.95
N ASP P 208 123.85 48.98 20.74
CA ASP P 208 123.41 49.58 19.48
C ASP P 208 121.91 49.85 19.45
N ARG P 209 121.50 50.91 18.72
CA ARG P 209 120.11 51.36 18.56
C ARG P 209 119.08 50.26 18.17
N PRO P 210 119.33 49.31 17.22
CA PRO P 210 118.32 48.28 16.93
C PRO P 210 118.10 47.26 18.04
N PHE P 211 119.01 47.22 19.03
CA PHE P 211 118.98 46.29 20.16
C PHE P 211 118.58 46.96 21.50
N ARG P 212 118.46 48.31 21.51
CA ARG P 212 118.09 49.09 22.70
C ARG P 212 116.62 48.87 23.08
N PRO P 213 116.29 48.62 24.36
CA PRO P 213 114.87 48.42 24.74
C PRO P 213 114.13 49.73 25.05
N ALA P 214 112.79 49.66 25.15
CA ALA P 214 111.94 50.82 25.45
C ALA P 214 112.11 51.28 26.90
N ALA P 215 112.24 50.33 27.84
CA ALA P 215 112.43 50.59 29.27
C ALA P 215 113.69 49.86 29.77
N VAL P 216 114.17 50.22 30.97
CA VAL P 216 115.34 49.61 31.60
C VAL P 216 115.09 48.12 31.92
N GLN P 217 115.88 47.24 31.29
CA GLN P 217 115.77 45.79 31.44
C GLN P 217 116.82 45.22 32.39
N SER P 218 116.35 44.66 33.52
CA SER P 218 117.19 44.06 34.54
C SER P 218 117.45 42.59 34.15
N LEU P 219 118.70 42.27 33.75
CA LEU P 219 119.06 40.91 33.33
C LEU P 219 120.06 40.24 34.28
N VAL P 220 119.66 39.09 34.85
CA VAL P 220 120.43 38.31 35.82
C VAL P 220 121.44 37.36 35.15
N GLY P 221 122.66 37.36 35.68
CA GLY P 221 123.75 36.49 35.26
C GLY P 221 124.31 35.70 36.43
N HIS P 222 125.36 34.88 36.20
CA HIS P 222 125.96 34.05 37.25
C HIS P 222 127.48 33.94 37.13
N PHE P 223 128.17 33.92 38.29
CA PHE P 223 129.63 33.77 38.35
C PHE P 223 129.98 32.29 38.34
N ALA P 224 130.63 31.83 37.25
CA ALA P 224 131.02 30.43 37.03
C ALA P 224 131.90 29.84 38.13
N GLY P 225 131.49 28.68 38.64
CA GLY P 225 132.17 27.96 39.70
C GLY P 225 131.84 28.40 41.11
N ARG P 226 130.93 29.39 41.25
CA ARG P 226 130.52 29.94 42.54
C ARG P 226 129.01 29.81 42.77
N ASP P 227 128.51 30.37 43.88
CA ASP P 227 127.08 30.41 44.22
C ASP P 227 126.60 31.87 44.33
N THR P 228 127.43 32.80 43.83
CA THR P 228 127.21 34.25 43.78
C THR P 228 126.62 34.64 42.43
N SER P 229 125.71 35.63 42.42
CA SER P 229 125.04 36.11 41.20
C SER P 229 125.16 37.63 41.01
N PHE P 230 124.82 38.11 39.79
CA PHE P 230 124.86 39.53 39.42
C PHE P 230 123.72 39.89 38.46
N HIS P 231 123.47 41.20 38.28
CA HIS P 231 122.48 41.70 37.34
C HIS P 231 122.89 43.04 36.73
N ILE P 232 122.63 43.21 35.42
CA ILE P 232 122.98 44.44 34.69
C ILE P 232 121.77 45.12 34.09
N ASP P 233 121.65 46.44 34.33
CA ASP P 233 120.55 47.26 33.85
C ASP P 233 120.85 47.89 32.48
N ILE P 234 120.19 47.37 31.42
CA ILE P 234 120.34 47.91 30.06
C ILE P 234 119.29 49.00 29.88
N ASN P 235 119.71 50.25 30.11
CA ASN P 235 118.89 51.46 30.03
C ASN P 235 118.48 51.74 28.56
N PRO P 236 117.38 52.52 28.29
CA PRO P 236 116.98 52.78 26.89
C PRO P 236 118.00 53.48 25.99
N ASN P 237 118.97 54.20 26.58
CA ASN P 237 120.01 54.93 25.85
C ASN P 237 121.21 54.05 25.41
N GLY P 238 121.16 52.76 25.74
CA GLY P 238 122.19 51.78 25.39
C GLY P 238 123.21 51.54 26.47
N SER P 239 123.20 52.36 27.54
CA SER P 239 124.12 52.28 28.67
C SER P 239 123.87 51.05 29.54
N ILE P 240 124.94 50.33 29.90
CA ILE P 240 124.89 49.12 30.73
C ILE P 240 125.39 49.49 32.14
N THR P 241 124.46 49.53 33.11
CA THR P 241 124.79 49.87 34.50
C THR P 241 124.91 48.59 35.34
N TRP P 242 126.06 48.41 35.99
CA TRP P 242 126.36 47.26 36.84
C TRP P 242 125.56 47.35 38.15
N TRP P 243 124.99 46.22 38.59
CA TRP P 243 124.20 46.16 39.83
C TRP P 243 124.46 44.93 40.72
N GLY P 244 125.69 44.40 40.64
CA GLY P 244 126.14 43.28 41.45
C GLY P 244 127.01 43.80 42.58
N ALA P 245 127.69 42.91 43.31
CA ALA P 245 128.58 43.32 44.40
C ALA P 245 129.90 43.88 43.84
N ASN P 246 130.54 44.79 44.60
CA ASN P 246 131.80 45.44 44.21
C ASN P 246 132.91 44.43 43.93
N ILE P 247 133.47 44.47 42.71
CA ILE P 247 134.51 43.56 42.27
C ILE P 247 135.87 44.24 42.19
N ASP P 248 136.89 43.62 42.80
CA ASP P 248 138.26 44.09 42.84
C ASP P 248 139.07 43.75 41.57
N LYS P 249 140.39 43.81 41.67
CA LYS P 249 141.34 43.55 40.59
C LYS P 249 141.29 42.13 40.00
N THR P 250 140.90 41.13 40.81
CA THR P 250 140.81 39.73 40.38
C THR P 250 139.56 39.52 39.49
N PRO P 251 139.73 39.02 38.24
CA PRO P 251 138.56 38.83 37.37
C PRO P 251 137.85 37.49 37.57
N ILE P 252 136.49 37.53 37.66
CA ILE P 252 135.65 36.36 37.86
C ILE P 252 134.82 36.11 36.59
N ALA P 253 134.84 34.86 36.07
CA ALA P 253 134.12 34.44 34.87
C ALA P 253 132.61 34.62 34.99
N THR P 254 132.01 35.37 34.04
CA THR P 254 130.58 35.68 34.01
C THR P 254 129.87 34.97 32.86
N ARG P 255 128.86 34.15 33.20
CA ARG P 255 128.07 33.38 32.23
C ARG P 255 126.58 33.42 32.58
N GLY P 256 125.71 33.35 31.58
CA GLY P 256 124.27 33.36 31.78
C GLY P 256 123.43 33.78 30.58
N ASN P 257 122.13 33.48 30.64
CA ASN P 257 121.13 33.81 29.61
C ASN P 257 120.02 34.69 30.19
N GLY P 258 119.72 35.78 29.48
CA GLY P 258 118.69 36.74 29.88
C GLY P 258 117.85 37.20 28.70
N SER P 259 116.51 37.05 28.83
CA SER P 259 115.54 37.43 27.80
C SER P 259 114.79 38.71 28.14
N TYR P 260 114.52 39.54 27.11
CA TYR P 260 113.79 40.81 27.25
C TYR P 260 113.07 41.21 25.95
N PHE P 261 111.99 42.01 26.07
CA PHE P 261 111.24 42.53 24.94
C PHE P 261 111.61 44.00 24.69
N ILE P 262 111.86 44.35 23.41
CA ILE P 262 112.17 45.73 23.02
C ILE P 262 110.87 46.54 23.02
N LYS P 263 109.87 46.07 22.24
CA LYS P 263 108.55 46.69 22.09
C LYS P 263 107.72 46.59 23.37
N THR Q 1 67.36 -68.37 0.01
CA THR Q 1 67.55 -68.02 -1.38
C THR Q 1 68.72 -67.04 -1.50
N ILE Q 2 69.58 -67.28 -2.47
CA ILE Q 2 70.74 -66.42 -2.67
C ILE Q 2 70.49 -65.48 -3.84
N LYS Q 3 70.79 -64.17 -3.62
CA LYS Q 3 70.68 -63.14 -4.65
C LYS Q 3 72.07 -62.66 -5.06
N ASN Q 4 72.34 -62.68 -6.37
CA ASN Q 4 73.64 -62.33 -6.96
C ASN Q 4 73.58 -61.00 -7.72
N PHE Q 5 74.47 -60.07 -7.36
CA PHE Q 5 74.49 -58.74 -7.98
C PHE Q 5 75.70 -58.45 -8.84
N THR Q 6 76.91 -58.64 -8.31
CA THR Q 6 78.12 -58.34 -9.08
C THR Q 6 78.55 -59.52 -9.93
N PHE Q 7 77.66 -59.97 -10.82
CA PHE Q 7 77.93 -61.10 -11.70
C PHE Q 7 77.25 -60.78 -13.01
N PHE Q 8 77.79 -61.31 -14.11
CA PHE Q 8 77.26 -61.06 -15.44
C PHE Q 8 75.93 -61.72 -15.71
N SER Q 9 75.06 -61.04 -16.48
CA SER Q 9 73.75 -61.52 -16.87
C SER Q 9 73.80 -61.94 -18.36
N PRO Q 10 73.67 -63.24 -18.64
CA PRO Q 10 73.73 -63.73 -20.04
C PRO Q 10 72.67 -63.14 -20.96
N ASN Q 11 71.43 -62.97 -20.46
CA ASN Q 11 70.33 -62.45 -21.25
C ASN Q 11 69.91 -61.04 -20.80
N SER Q 12 70.88 -60.32 -20.15
CA SER Q 12 70.77 -58.95 -19.62
C SER Q 12 69.61 -58.72 -18.63
N THR Q 13 69.07 -59.81 -18.05
CA THR Q 13 67.93 -59.73 -17.13
C THR Q 13 68.13 -60.47 -15.80
N GLU Q 14 69.06 -61.43 -15.74
CA GLU Q 14 69.34 -62.29 -14.59
C GLU Q 14 69.66 -61.61 -13.26
N PHE Q 15 70.67 -60.71 -13.26
CA PHE Q 15 71.08 -60.07 -12.01
C PHE Q 15 71.02 -58.53 -12.01
N PRO Q 16 69.82 -57.93 -11.88
CA PRO Q 16 69.77 -56.46 -11.85
C PRO Q 16 70.18 -55.90 -10.50
N VAL Q 17 70.92 -54.79 -10.51
CA VAL Q 17 71.38 -54.18 -9.26
C VAL Q 17 70.62 -52.89 -8.87
N GLY Q 18 70.05 -52.90 -7.65
CA GLY Q 18 69.27 -51.79 -7.10
C GLY Q 18 69.99 -50.90 -6.12
N SER Q 19 69.47 -49.68 -5.93
CA SER Q 19 70.06 -48.68 -5.02
C SER Q 19 70.22 -49.09 -3.55
N ASN Q 20 69.37 -50.00 -3.05
CA ASN Q 20 69.48 -50.50 -1.68
C ASN Q 20 70.60 -51.54 -1.60
N ASN Q 21 70.78 -52.33 -2.70
CA ASN Q 21 71.80 -53.36 -2.83
C ASN Q 21 73.19 -52.73 -2.92
N ASP Q 22 73.33 -51.62 -3.65
CA ASP Q 22 74.59 -50.87 -3.74
C ASP Q 22 74.77 -50.03 -2.49
N GLY Q 23 73.65 -49.56 -1.92
CA GLY Q 23 73.60 -48.81 -0.66
C GLY Q 23 74.20 -49.64 0.46
N LYS Q 24 73.79 -50.92 0.56
CA LYS Q 24 74.31 -51.90 1.51
C LYS Q 24 75.78 -52.22 1.20
N LEU Q 25 76.13 -52.36 -0.10
CA LEU Q 25 77.47 -52.65 -0.62
C LEU Q 25 78.49 -51.56 -0.27
N TYR Q 26 78.10 -50.28 -0.44
CA TYR Q 26 78.97 -49.13 -0.14
C TYR Q 26 79.20 -48.91 1.37
N MET Q 27 78.25 -49.36 2.22
CA MET Q 27 78.33 -49.25 3.69
C MET Q 27 79.28 -50.30 4.29
N MET Q 28 79.46 -51.43 3.58
CA MET Q 28 80.30 -52.55 3.99
C MET Q 28 81.76 -52.35 3.58
N LEU Q 29 81.98 -51.53 2.53
CA LEU Q 29 83.30 -51.18 2.03
C LEU Q 29 83.90 -50.08 2.90
N THR Q 30 83.26 -48.90 2.98
CA THR Q 30 83.75 -47.81 3.81
C THR Q 30 83.65 -48.09 5.31
N GLY Q 31 82.84 -49.08 5.70
CA GLY Q 31 82.62 -49.49 7.08
C GLY Q 31 81.82 -48.47 7.87
N MET Q 32 80.61 -48.16 7.39
CA MET Q 32 79.74 -47.18 8.03
C MET Q 32 78.40 -47.80 8.43
N ASP Q 33 77.78 -47.28 9.48
CA ASP Q 33 76.46 -47.70 9.91
C ASP Q 33 75.46 -46.58 9.55
N TYR Q 34 74.21 -46.69 10.00
CA TYR Q 34 73.21 -45.66 9.70
C TYR Q 34 73.29 -44.42 10.59
N ARG Q 35 74.26 -44.39 11.53
CA ARG Q 35 74.44 -43.30 12.47
C ARG Q 35 75.63 -42.37 12.17
N THR Q 36 76.24 -42.57 11.00
CA THR Q 36 77.37 -41.76 10.56
C THR Q 36 77.23 -41.41 9.07
N ILE Q 37 78.17 -40.63 8.57
CA ILE Q 37 78.22 -40.19 7.17
C ILE Q 37 79.64 -40.24 6.64
N ARG Q 38 79.76 -40.01 5.34
CA ARG Q 38 81.00 -39.70 4.62
C ARG Q 38 80.67 -38.35 4.04
N ARG Q 39 81.54 -37.35 4.25
CA ARG Q 39 81.28 -35.98 3.83
C ARG Q 39 82.54 -35.32 3.33
N LYS Q 40 82.43 -34.56 2.23
CA LYS Q 40 83.55 -33.82 1.67
C LYS Q 40 83.09 -32.50 1.08
N ASP Q 41 83.66 -31.39 1.59
CA ASP Q 41 83.40 -30.05 1.05
C ASP Q 41 84.47 -29.85 -0.01
N TRP Q 42 84.10 -30.00 -1.30
CA TRP Q 42 85.02 -29.80 -2.41
C TRP Q 42 85.39 -28.33 -2.52
N SER Q 43 84.42 -27.48 -2.17
CA SER Q 43 84.56 -26.03 -2.02
C SER Q 43 83.90 -25.64 -0.68
N SER Q 44 84.42 -24.59 -0.05
CA SER Q 44 83.93 -24.14 1.25
C SER Q 44 82.49 -23.65 1.23
N PRO Q 45 81.64 -24.11 2.20
CA PRO Q 45 80.28 -23.57 2.29
C PRO Q 45 80.33 -22.07 2.64
N LEU Q 46 79.34 -21.30 2.18
CA LEU Q 46 79.31 -19.86 2.38
C LEU Q 46 78.20 -19.45 3.33
N ASN Q 47 78.55 -18.65 4.33
CA ASN Q 47 77.60 -18.14 5.33
C ASN Q 47 77.16 -16.74 4.95
N THR Q 48 75.85 -16.55 4.84
CA THR Q 48 75.22 -15.25 4.51
C THR Q 48 74.06 -15.07 5.46
N ALA Q 49 74.13 -14.06 6.36
CA ALA Q 49 73.14 -13.82 7.42
C ALA Q 49 72.90 -15.14 8.20
N LEU Q 50 71.63 -15.52 8.48
CA LEU Q 50 71.33 -16.77 9.17
C LEU Q 50 71.05 -17.90 8.17
N ASN Q 51 72.05 -18.17 7.31
CA ASN Q 51 71.98 -19.19 6.26
C ASN Q 51 73.35 -19.75 5.97
N VAL Q 52 73.42 -21.04 5.62
CA VAL Q 52 74.64 -21.73 5.19
C VAL Q 52 74.38 -22.26 3.80
N GLN Q 53 75.23 -21.87 2.84
CA GLN Q 53 75.12 -22.32 1.47
C GLN Q 53 76.20 -23.36 1.22
N TYR Q 54 75.80 -24.60 0.96
CA TYR Q 54 76.72 -25.65 0.62
C TYR Q 54 76.97 -25.51 -0.86
N THR Q 55 78.15 -25.01 -1.22
CA THR Q 55 78.55 -24.71 -2.59
C THR Q 55 78.77 -25.98 -3.40
N ASN Q 56 79.56 -26.91 -2.87
CA ASN Q 56 79.85 -28.20 -3.48
C ASN Q 56 80.30 -29.17 -2.40
N THR Q 57 79.32 -29.85 -1.79
CA THR Q 57 79.54 -30.84 -0.74
C THR Q 57 78.94 -32.17 -1.18
N SER Q 58 79.70 -33.26 -1.04
CA SER Q 58 79.23 -34.62 -1.32
C SER Q 58 79.01 -35.34 0.00
N ILE Q 59 77.90 -36.07 0.11
CA ILE Q 59 77.55 -36.83 1.32
C ILE Q 59 77.13 -38.24 0.96
N ILE Q 60 77.56 -39.20 1.78
CA ILE Q 60 77.14 -40.59 1.72
C ILE Q 60 76.43 -40.84 3.04
N ALA Q 61 75.11 -41.09 2.97
CA ALA Q 61 74.30 -41.31 4.16
C ALA Q 61 73.51 -42.60 3.94
N GLY Q 62 73.87 -43.64 4.67
CA GLY Q 62 73.25 -44.96 4.53
C GLY Q 62 73.53 -45.65 3.21
N GLY Q 63 74.72 -45.38 2.65
CA GLY Q 63 75.22 -45.91 1.37
C GLY Q 63 74.83 -45.11 0.12
N ARG Q 64 74.04 -44.06 0.32
CA ARG Q 64 73.48 -43.21 -0.73
C ARG Q 64 74.27 -41.96 -0.99
N TYR Q 65 74.85 -41.88 -2.18
CA TYR Q 65 75.68 -40.76 -2.61
C TYR Q 65 74.83 -39.64 -3.22
N PHE Q 66 74.98 -38.45 -2.67
CA PHE Q 66 74.30 -37.27 -3.18
C PHE Q 66 75.19 -36.04 -3.04
N GLU Q 67 75.00 -35.06 -3.94
CA GLU Q 67 75.77 -33.83 -3.96
C GLU Q 67 74.88 -32.64 -3.60
N LEU Q 68 75.43 -31.67 -2.83
CA LEU Q 68 74.78 -30.41 -2.45
C LEU Q 68 75.46 -29.31 -3.25
N LEU Q 69 74.78 -28.82 -4.29
CA LEU Q 69 75.32 -27.80 -5.19
C LEU Q 69 74.52 -26.54 -5.04
N ASN Q 70 75.12 -25.52 -4.40
CA ASN Q 70 74.49 -24.25 -4.05
C ASN Q 70 73.14 -24.46 -3.35
N GLU Q 71 73.19 -25.28 -2.27
CA GLU Q 71 72.04 -25.64 -1.46
C GLU Q 71 72.10 -24.88 -0.14
N THR Q 72 71.14 -23.96 0.06
CA THR Q 72 71.07 -23.10 1.24
C THR Q 72 70.13 -23.65 2.29
N VAL Q 73 70.60 -23.67 3.55
CA VAL Q 73 69.84 -24.09 4.72
C VAL Q 73 69.65 -22.86 5.61
N ALA Q 74 68.39 -22.53 5.94
CA ALA Q 74 68.03 -21.40 6.81
C ALA Q 74 68.28 -21.80 8.26
N LEU Q 75 68.87 -20.88 9.05
CA LEU Q 75 69.24 -21.14 10.45
C LEU Q 75 68.47 -20.31 11.45
N LYS Q 76 68.41 -20.83 12.69
CA LYS Q 76 67.79 -20.17 13.83
C LYS Q 76 68.89 -19.27 14.44
N GLY Q 77 68.53 -18.04 14.79
CA GLY Q 77 69.45 -17.07 15.39
C GLY Q 77 69.77 -17.38 16.84
N ASP Q 78 70.98 -16.98 17.30
CA ASP Q 78 71.51 -17.19 18.65
C ASP Q 78 71.32 -18.63 19.13
N SER Q 79 71.62 -19.58 18.24
CA SER Q 79 71.40 -20.98 18.49
C SER Q 79 72.47 -21.88 17.91
N VAL Q 80 72.48 -23.14 18.37
CA VAL Q 80 73.35 -24.20 17.87
C VAL Q 80 72.46 -25.03 16.92
N ASN Q 81 72.72 -24.92 15.62
CA ASN Q 81 71.94 -25.58 14.58
C ASN Q 81 72.59 -26.90 14.17
N TYR Q 82 71.83 -27.99 14.28
CA TYR Q 82 72.27 -29.33 13.89
C TYR Q 82 71.73 -29.61 12.49
N ILE Q 83 72.62 -29.63 11.49
CA ILE Q 83 72.26 -29.83 10.08
C ILE Q 83 72.14 -31.31 9.77
N HIS Q 84 70.95 -31.71 9.32
CA HIS Q 84 70.63 -33.11 9.03
C HIS Q 84 70.37 -33.35 7.57
N ALA Q 85 70.76 -34.53 7.10
CA ALA Q 85 70.43 -35.04 5.77
C ALA Q 85 69.29 -36.01 6.07
N ASN Q 86 68.13 -35.80 5.42
CA ASN Q 86 66.95 -36.64 5.62
C ASN Q 86 66.62 -37.39 4.35
N ILE Q 87 66.56 -38.72 4.41
CA ILE Q 87 66.29 -39.57 3.26
C ILE Q 87 64.96 -40.29 3.38
N ASP Q 88 64.03 -40.00 2.46
CA ASP Q 88 62.72 -40.61 2.40
C ASP Q 88 62.58 -41.19 1.01
N LEU Q 89 62.69 -42.51 0.89
CA LEU Q 89 62.64 -43.22 -0.39
C LEU Q 89 61.28 -43.22 -1.08
N THR Q 90 60.20 -42.92 -0.32
CA THR Q 90 58.85 -42.84 -0.87
C THR Q 90 58.69 -41.56 -1.70
N GLN Q 91 59.51 -40.54 -1.40
CA GLN Q 91 59.54 -39.27 -2.12
C GLN Q 91 60.44 -39.47 -3.34
N THR Q 92 59.93 -40.26 -4.30
CA THR Q 92 60.58 -40.64 -5.55
C THR Q 92 61.35 -39.53 -6.30
N ALA Q 93 60.74 -38.34 -6.48
CA ALA Q 93 61.34 -37.22 -7.19
C ALA Q 93 62.40 -36.46 -6.38
N ASN Q 94 62.22 -36.33 -5.04
CA ASN Q 94 63.16 -35.63 -4.15
C ASN Q 94 63.36 -36.46 -2.88
N PRO Q 95 64.17 -37.55 -2.93
CA PRO Q 95 64.33 -38.39 -1.72
C PRO Q 95 65.14 -37.76 -0.59
N VAL Q 96 66.02 -36.81 -0.92
CA VAL Q 96 66.88 -36.14 0.06
C VAL Q 96 66.49 -34.69 0.29
N SER Q 97 66.50 -34.28 1.57
CA SER Q 97 66.22 -32.93 2.03
C SER Q 97 67.10 -32.60 3.22
N LEU Q 98 67.40 -31.30 3.41
CA LEU Q 98 68.21 -30.83 4.54
C LEU Q 98 67.38 -30.06 5.56
N SER Q 99 67.74 -30.19 6.84
CA SER Q 99 67.04 -29.49 7.90
C SER Q 99 68.05 -28.97 8.91
N ALA Q 100 67.71 -27.86 9.59
CA ALA Q 100 68.49 -27.25 10.67
C ALA Q 100 67.65 -27.45 11.92
N GLU Q 101 68.16 -28.25 12.86
CA GLU Q 101 67.41 -28.63 14.05
C GLU Q 101 68.07 -28.21 15.35
N THR Q 102 67.27 -28.11 16.42
CA THR Q 102 67.68 -27.70 17.77
C THR Q 102 68.55 -28.73 18.51
N ALA Q 103 68.53 -29.99 18.06
CA ALA Q 103 69.28 -31.10 18.66
C ALA Q 103 69.76 -32.09 17.61
N ASN Q 104 70.69 -32.99 17.97
CA ASN Q 104 71.15 -34.04 17.06
C ASN Q 104 70.10 -35.13 17.12
N ASN Q 105 69.27 -35.17 16.08
CA ASN Q 105 68.15 -36.09 15.97
C ASN Q 105 68.38 -37.26 15.02
N SER Q 106 69.65 -37.71 14.88
CA SER Q 106 70.02 -38.87 14.06
C SER Q 106 69.28 -40.10 14.60
N ASN Q 107 68.55 -40.81 13.72
CA ASN Q 107 67.67 -41.91 14.13
C ASN Q 107 68.14 -43.33 13.81
N GLY Q 108 69.17 -43.45 12.99
CA GLY Q 108 69.74 -44.75 12.57
C GLY Q 108 68.79 -45.70 11.85
N VAL Q 109 67.78 -45.16 11.14
CA VAL Q 109 66.78 -45.94 10.40
C VAL Q 109 67.38 -46.70 9.21
N ASP Q 110 67.18 -48.02 9.16
CA ASP Q 110 67.68 -48.88 8.09
C ASP Q 110 66.80 -48.75 6.84
N ILE Q 111 67.17 -47.79 5.98
CA ILE Q 111 66.45 -47.50 4.73
C ILE Q 111 66.70 -48.51 3.60
N ASN Q 112 67.75 -49.32 3.71
CA ASN Q 112 68.07 -50.30 2.67
C ASN Q 112 67.37 -51.64 2.85
N ASN Q 113 66.89 -51.91 4.08
CA ASN Q 113 66.19 -53.15 4.41
C ASN Q 113 64.72 -52.97 4.75
N GLY Q 114 64.36 -51.79 5.26
CA GLY Q 114 62.98 -51.50 5.66
C GLY Q 114 62.49 -50.10 5.32
N SER Q 115 61.28 -49.78 5.82
CA SER Q 115 60.63 -48.48 5.62
C SER Q 115 61.06 -47.47 6.69
N GLY Q 116 60.75 -46.20 6.45
CA GLY Q 116 61.07 -45.11 7.36
C GLY Q 116 61.97 -44.05 6.76
N VAL Q 117 62.08 -42.91 7.45
CA VAL Q 117 62.91 -41.79 7.03
C VAL Q 117 64.22 -41.85 7.80
N LEU Q 118 65.35 -41.83 7.08
CA LEU Q 118 66.66 -41.81 7.71
C LEU Q 118 67.04 -40.35 7.97
N LYS Q 119 67.38 -40.03 9.21
CA LYS Q 119 67.83 -38.70 9.62
C LYS Q 119 69.25 -38.86 10.15
N VAL Q 120 70.18 -38.11 9.59
CA VAL Q 120 71.57 -38.17 10.05
C VAL Q 120 72.19 -36.77 10.07
N CYS Q 121 72.71 -36.37 11.23
CA CYS Q 121 73.35 -35.07 11.42
C CYS Q 121 74.77 -35.10 10.87
N PHE Q 122 75.16 -34.07 10.08
CA PHE Q 122 76.51 -34.01 9.49
C PHE Q 122 77.28 -32.72 9.81
N ASP Q 123 76.57 -31.67 10.25
CA ASP Q 123 77.18 -30.38 10.55
C ASP Q 123 76.56 -29.71 11.77
N ILE Q 124 77.35 -28.94 12.52
CA ILE Q 124 76.90 -28.16 13.67
C ILE Q 124 77.27 -26.71 13.39
N VAL Q 125 76.25 -25.86 13.19
CA VAL Q 125 76.44 -24.45 12.87
C VAL Q 125 75.90 -23.56 14.00
N THR Q 126 76.81 -22.82 14.66
CA THR Q 126 76.45 -21.91 15.76
C THR Q 126 76.27 -20.49 15.22
N THR Q 127 75.19 -19.83 15.65
CA THR Q 127 74.86 -18.48 15.21
C THR Q 127 74.83 -17.44 16.32
N SER Q 128 74.84 -16.17 15.92
CA SER Q 128 74.64 -15.01 16.77
C SER Q 128 73.24 -14.55 16.34
N GLY Q 129 72.87 -13.32 16.66
CA GLY Q 129 71.59 -12.78 16.23
C GLY Q 129 71.61 -12.34 14.77
N THR Q 130 72.83 -12.18 14.20
CA THR Q 130 73.04 -11.68 12.83
C THR Q 130 73.60 -12.67 11.80
N GLY Q 131 74.38 -13.65 12.24
CA GLY Q 131 74.98 -14.63 11.34
C GLY Q 131 75.71 -15.77 12.02
N VAL Q 132 76.47 -16.53 11.23
CA VAL Q 132 77.23 -17.70 11.69
C VAL Q 132 78.50 -17.26 12.43
N THR Q 133 78.70 -17.82 13.64
CA THR Q 133 79.89 -17.54 14.45
C THR Q 133 80.94 -18.65 14.31
N SER Q 134 80.48 -19.92 14.22
CA SER Q 134 81.34 -21.09 14.06
C SER Q 134 80.62 -22.28 13.43
N THR Q 135 81.41 -23.18 12.81
CA THR Q 135 80.92 -24.42 12.19
C THR Q 135 81.85 -25.55 12.60
N LYS Q 136 81.25 -26.67 13.02
CA LYS Q 136 81.96 -27.87 13.43
C LYS Q 136 81.32 -29.07 12.72
N PRO Q 137 82.11 -29.87 11.97
CA PRO Q 137 81.51 -31.04 11.32
C PRO Q 137 81.32 -32.22 12.27
N ILE Q 138 80.39 -33.11 11.93
CA ILE Q 138 80.16 -34.33 12.68
C ILE Q 138 81.26 -35.31 12.25
N VAL Q 139 81.76 -36.11 13.22
CA VAL Q 139 82.80 -37.12 13.02
C VAL Q 139 82.32 -38.21 12.04
N GLN Q 140 83.20 -38.64 11.13
CA GLN Q 140 82.93 -39.71 10.17
C GLN Q 140 83.51 -41.00 10.75
N THR Q 141 82.62 -41.89 11.23
CA THR Q 141 82.99 -43.15 11.87
C THR Q 141 83.22 -44.28 10.87
N SER Q 142 84.37 -44.96 10.99
CA SER Q 142 84.75 -46.11 10.17
C SER Q 142 84.90 -47.32 11.10
N THR Q 143 84.01 -48.32 10.96
CA THR Q 143 83.99 -49.52 11.79
C THR Q 143 84.63 -50.67 11.03
N LEU Q 144 85.76 -51.16 11.55
CA LEU Q 144 86.52 -52.25 10.91
C LEU Q 144 86.84 -53.40 11.87
N ASP Q 145 87.03 -54.60 11.31
CA ASP Q 145 87.32 -55.79 12.13
C ASP Q 145 88.80 -56.03 12.47
N SER Q 146 89.69 -56.00 11.47
CA SER Q 146 91.11 -56.28 11.65
C SER Q 146 91.91 -55.50 10.64
N ILE Q 147 93.01 -54.89 11.08
CA ILE Q 147 93.85 -54.06 10.22
C ILE Q 147 95.32 -54.51 10.21
N SER Q 148 95.86 -54.74 9.01
CA SER Q 148 97.25 -55.01 8.74
C SER Q 148 97.69 -53.70 8.02
N VAL Q 149 98.49 -52.87 8.71
CA VAL Q 149 99.00 -51.57 8.22
C VAL Q 149 100.52 -51.42 8.43
N ASN Q 150 101.18 -50.58 7.61
CA ASN Q 150 102.60 -50.30 7.70
C ASN Q 150 102.86 -49.13 8.66
N ASP Q 151 102.32 -47.94 8.36
CA ASP Q 151 102.49 -46.76 9.22
C ASP Q 151 101.19 -46.01 9.46
N MET Q 152 101.09 -45.35 10.62
CA MET Q 152 99.90 -44.58 11.03
C MET Q 152 100.28 -43.31 11.79
N THR Q 153 99.60 -42.19 11.52
CA THR Q 153 99.79 -40.90 12.20
C THR Q 153 98.47 -40.47 12.85
N VAL Q 154 98.46 -40.39 14.19
CA VAL Q 154 97.30 -40.03 15.00
C VAL Q 154 97.44 -38.59 15.50
N SER Q 155 96.43 -37.74 15.22
CA SER Q 155 96.44 -36.34 15.65
C SER Q 155 95.76 -36.14 17.00
N GLY Q 156 94.83 -37.03 17.35
CA GLY Q 156 94.09 -36.98 18.61
C GLY Q 156 94.63 -37.95 19.65
N SER Q 157 93.91 -39.06 19.89
CA SER Q 157 94.28 -40.08 20.88
C SER Q 157 93.71 -41.47 20.57
N ILE Q 158 94.53 -42.53 20.79
CA ILE Q 158 94.13 -43.94 20.62
C ILE Q 158 93.65 -44.44 21.96
N ASP Q 159 92.44 -45.01 21.99
CA ASP Q 159 91.88 -45.60 23.20
C ASP Q 159 92.08 -47.11 23.12
N VAL Q 160 92.90 -47.66 24.02
CA VAL Q 160 93.19 -49.10 24.09
C VAL Q 160 92.53 -49.72 25.33
N PRO Q 161 92.25 -51.05 25.36
CA PRO Q 161 91.63 -51.63 26.56
C PRO Q 161 92.49 -51.50 27.80
N VAL Q 162 91.83 -51.26 28.95
CA VAL Q 162 92.48 -51.08 30.25
C VAL Q 162 91.87 -52.07 31.25
N GLN Q 163 92.73 -52.78 31.97
CA GLN Q 163 92.35 -53.71 33.03
C GLN Q 163 93.09 -53.30 34.30
N THR Q 164 92.41 -53.35 35.45
CA THR Q 164 93.00 -53.03 36.74
C THR Q 164 92.87 -54.19 37.71
N LEU Q 165 93.83 -54.31 38.63
CA LEU Q 165 93.86 -55.37 39.63
C LEU Q 165 94.56 -54.89 40.89
N THR Q 166 93.94 -55.15 42.05
CA THR Q 166 94.54 -54.85 43.35
C THR Q 166 94.92 -56.20 43.96
N VAL Q 167 96.19 -56.33 44.35
CA VAL Q 167 96.70 -57.57 44.94
C VAL Q 167 97.14 -57.33 46.39
N GLU Q 168 96.58 -58.11 47.31
CA GLU Q 168 97.00 -58.09 48.71
C GLU Q 168 98.07 -59.17 48.74
N ALA Q 169 99.31 -58.77 48.37
CA ALA Q 169 100.48 -59.63 48.21
C ALA Q 169 100.90 -60.40 49.46
N GLY Q 170 100.56 -59.89 50.63
CA GLY Q 170 100.91 -60.46 51.92
C GLY Q 170 101.93 -59.60 52.61
N ASN Q 171 102.08 -59.81 53.94
CA ASN Q 171 103.01 -59.08 54.81
C ASN Q 171 102.71 -57.56 54.86
N GLY Q 172 101.49 -57.18 54.46
CA GLY Q 172 101.03 -55.81 54.44
C GLY Q 172 101.22 -55.07 53.12
N LEU Q 173 101.91 -55.70 52.15
CA LEU Q 173 102.15 -55.11 50.84
C LEU Q 173 100.92 -55.18 49.95
N GLN Q 174 100.61 -54.07 49.27
CA GLN Q 174 99.51 -53.99 48.32
C GLN Q 174 100.05 -53.51 46.97
N LEU Q 175 99.61 -54.14 45.88
CA LEU Q 175 99.97 -53.73 44.53
C LEU Q 175 98.70 -53.32 43.80
N GLN Q 176 98.74 -52.19 43.10
CA GLN Q 176 97.63 -51.74 42.26
C GLN Q 176 98.20 -51.74 40.85
N LEU Q 177 97.79 -52.73 40.06
CA LEU Q 177 98.27 -52.94 38.70
C LEU Q 177 97.29 -52.40 37.67
N THR Q 178 97.80 -51.68 36.66
CA THR Q 178 97.03 -51.15 35.55
C THR Q 178 97.69 -51.66 34.27
N LYS Q 179 96.93 -52.43 33.48
CA LYS Q 179 97.42 -53.02 32.24
C LYS Q 179 96.70 -52.39 31.05
N LYS Q 180 97.48 -51.93 30.07
CA LYS Q 180 96.95 -51.30 28.86
C LYS Q 180 97.42 -52.04 27.62
N ASN Q 181 96.51 -52.21 26.65
CA ASN Q 181 96.75 -52.93 25.39
C ASN Q 181 97.10 -54.42 25.66
N ASN Q 182 96.79 -54.91 26.88
CA ASN Q 182 97.06 -56.28 27.33
C ASN Q 182 98.59 -56.54 27.40
N ASP Q 183 99.40 -55.47 27.41
CA ASP Q 183 100.85 -55.61 27.42
C ASP Q 183 101.58 -54.79 28.47
N LEU Q 184 101.45 -53.45 28.43
CA LEU Q 184 102.16 -52.58 29.36
C LEU Q 184 101.46 -52.51 30.71
N VAL Q 185 102.19 -52.83 31.78
CA VAL Q 185 101.67 -52.80 33.15
C VAL Q 185 102.45 -51.80 33.98
N ILE Q 186 101.73 -50.96 34.74
CA ILE Q 186 102.32 -50.06 35.72
C ILE Q 186 101.80 -50.50 37.07
N VAL Q 187 102.72 -50.86 37.97
CA VAL Q 187 102.43 -51.31 39.33
C VAL Q 187 102.67 -50.15 40.29
N ARG Q 188 101.67 -49.86 41.13
CA ARG Q 188 101.74 -48.82 42.14
C ARG Q 188 101.76 -49.52 43.50
N PHE Q 189 102.81 -49.29 44.31
CA PHE Q 189 102.92 -49.91 45.63
C PHE Q 189 102.18 -49.13 46.70
N PHE Q 190 101.51 -49.86 47.59
CA PHE Q 190 100.79 -49.31 48.74
C PHE Q 190 100.94 -50.24 49.94
N GLY Q 191 100.38 -49.83 51.08
CA GLY Q 191 100.45 -50.59 52.33
C GLY Q 191 101.75 -50.37 53.08
N SER Q 192 102.05 -51.28 54.02
CA SER Q 192 103.24 -51.24 54.87
C SER Q 192 103.71 -52.66 55.14
N VAL Q 193 105.00 -52.94 54.85
CA VAL Q 193 105.58 -54.28 54.99
C VAL Q 193 106.25 -54.55 56.34
N SER Q 194 106.04 -55.78 56.86
CA SER Q 194 106.62 -56.28 58.12
C SER Q 194 106.75 -57.80 58.08
N ASN Q 195 107.64 -58.37 58.91
CA ASN Q 195 107.88 -59.81 59.09
C ASN Q 195 108.19 -60.56 57.79
N ILE Q 196 109.23 -60.11 57.08
CA ILE Q 196 109.64 -60.73 55.80
C ILE Q 196 111.18 -60.79 55.70
N GLN Q 197 111.69 -61.79 54.97
CA GLN Q 197 113.13 -61.95 54.74
C GLN Q 197 113.42 -61.94 53.26
N LYS Q 198 114.66 -61.55 52.90
CA LYS Q 198 115.15 -61.52 51.52
C LYS Q 198 115.06 -62.93 50.91
N GLY Q 199 114.54 -63.01 49.69
CA GLY Q 199 114.37 -64.27 48.98
C GLY Q 199 113.10 -65.03 49.29
N TRP Q 200 112.33 -64.56 50.30
CA TRP Q 200 111.09 -65.21 50.69
C TRP Q 200 109.90 -64.76 49.89
N ASN Q 201 109.01 -65.71 49.60
CA ASN Q 201 107.76 -65.52 48.89
C ASN Q 201 106.82 -64.79 49.84
N MET Q 202 106.09 -63.78 49.33
CA MET Q 202 105.15 -63.02 50.15
C MET Q 202 103.94 -63.92 50.49
N SER Q 203 103.43 -63.82 51.73
CA SER Q 203 102.40 -64.68 52.31
C SER Q 203 100.95 -64.57 51.82
N GLY Q 204 100.66 -63.66 50.90
CA GLY Q 204 99.30 -63.44 50.42
C GLY Q 204 98.97 -63.97 49.04
N THR Q 205 98.06 -63.24 48.36
CA THR Q 205 97.51 -63.55 47.05
C THR Q 205 98.55 -63.42 45.93
N TRP Q 206 98.55 -64.38 45.00
CA TRP Q 206 99.41 -64.38 43.82
C TRP Q 206 98.73 -63.54 42.74
N VAL Q 207 99.52 -63.01 41.79
CA VAL Q 207 99.05 -62.19 40.69
C VAL Q 207 98.17 -63.02 39.75
N ASP Q 208 96.96 -62.50 39.41
CA ASP Q 208 96.02 -63.17 38.50
C ASP Q 208 96.67 -63.40 37.14
N ARG Q 209 96.34 -64.55 36.51
CA ARG Q 209 96.86 -64.96 35.20
C ARG Q 209 96.93 -63.85 34.13
N PRO Q 210 95.89 -62.99 33.91
CA PRO Q 210 95.99 -61.94 32.89
C PRO Q 210 97.07 -60.87 33.09
N PHE Q 211 97.63 -60.77 34.32
CA PHE Q 211 98.67 -59.80 34.65
C PHE Q 211 100.06 -60.43 34.80
N ARG Q 212 100.16 -61.76 34.69
CA ARG Q 212 101.43 -62.48 34.81
C ARG Q 212 102.37 -62.24 33.62
N PRO Q 213 103.65 -61.89 33.90
CA PRO Q 213 104.59 -61.68 32.78
C PRO Q 213 105.15 -63.00 32.22
N ALA Q 214 105.72 -62.97 31.02
CA ALA Q 214 106.33 -64.14 30.39
C ALA Q 214 107.65 -64.50 31.08
N ALA Q 215 108.37 -63.48 31.59
CA ALA Q 215 109.64 -63.61 32.29
C ALA Q 215 109.58 -62.83 33.61
N VAL Q 216 110.39 -63.24 34.60
CA VAL Q 216 110.48 -62.60 35.92
C VAL Q 216 110.73 -61.07 35.81
N GLN Q 217 109.95 -60.28 36.55
CA GLN Q 217 110.08 -58.82 36.51
C GLN Q 217 110.41 -58.26 37.89
N SER Q 218 111.56 -57.58 38.00
CA SER Q 218 112.04 -56.96 39.24
C SER Q 218 111.55 -55.52 39.29
N LEU Q 219 110.71 -55.20 40.28
CA LEU Q 219 110.16 -53.84 40.42
C LEU Q 219 110.63 -53.14 41.67
N VAL Q 220 111.32 -52.01 41.48
CA VAL Q 220 111.91 -51.19 42.55
C VAL Q 220 110.84 -50.34 43.26
N GLY Q 221 110.88 -50.34 44.58
CA GLY Q 221 110.01 -49.56 45.45
C GLY Q 221 110.79 -48.74 46.45
N HIS Q 222 110.11 -47.80 47.13
CA HIS Q 222 110.76 -46.91 48.11
C HIS Q 222 110.00 -46.82 49.43
N PHE Q 223 110.74 -46.81 50.56
CA PHE Q 223 110.16 -46.69 51.90
C PHE Q 223 109.90 -45.22 52.23
N ALA Q 224 108.61 -44.84 52.38
CA ALA Q 224 108.15 -43.48 52.65
C ALA Q 224 108.82 -42.82 53.86
N GLY Q 225 109.42 -41.66 53.62
CA GLY Q 225 110.13 -40.86 54.60
C GLY Q 225 111.52 -41.35 54.96
N ARG Q 226 112.06 -42.29 54.17
CA ARG Q 226 113.38 -42.88 54.40
C ARG Q 226 114.27 -42.76 53.15
N ASP Q 227 115.57 -43.09 53.29
CA ASP Q 227 116.52 -43.10 52.19
C ASP Q 227 116.74 -44.54 51.70
N THR Q 228 115.92 -45.47 52.20
CA THR Q 228 115.97 -46.90 51.89
C THR Q 228 114.97 -47.33 50.83
N SER Q 229 115.33 -48.39 50.08
CA SER Q 229 114.52 -48.94 49.01
C SER Q 229 114.43 -50.46 49.08
N PHE Q 230 113.59 -51.05 48.22
CA PHE Q 230 113.39 -52.49 48.12
C PHE Q 230 113.05 -52.82 46.67
N HIS Q 231 112.95 -54.12 46.37
CA HIS Q 231 112.46 -54.61 45.09
C HIS Q 231 111.75 -55.93 45.29
N ILE Q 232 110.76 -56.19 44.44
CA ILE Q 232 110.00 -57.44 44.46
C ILE Q 232 110.09 -58.04 43.07
N ASP Q 233 110.01 -59.37 43.00
CA ASP Q 233 110.00 -60.07 41.73
C ASP Q 233 108.63 -60.64 41.48
N ILE Q 234 108.02 -60.28 40.34
CA ILE Q 234 106.74 -60.87 39.94
C ILE Q 234 107.17 -62.01 39.02
N ASN Q 235 106.99 -63.24 39.50
CA ASN Q 235 107.39 -64.43 38.78
C ASN Q 235 106.33 -64.84 37.74
N PRO Q 236 106.72 -65.52 36.63
CA PRO Q 236 105.71 -65.94 35.62
C PRO Q 236 104.55 -66.78 36.16
N ASN Q 237 104.75 -67.49 37.31
CA ASN Q 237 103.70 -68.30 37.93
C ASN Q 237 102.70 -67.47 38.77
N GLY Q 238 102.99 -66.17 38.94
CA GLY Q 238 102.14 -65.25 39.69
C GLY Q 238 102.63 -64.94 41.09
N SER Q 239 103.58 -65.73 41.62
CA SER Q 239 104.14 -65.52 42.95
C SER Q 239 104.99 -64.26 43.01
N ILE Q 240 105.11 -63.68 44.21
CA ILE Q 240 105.89 -62.46 44.45
C ILE Q 240 106.99 -62.77 45.47
N THR Q 241 108.26 -62.52 45.09
CA THR Q 241 109.41 -62.76 45.95
C THR Q 241 109.95 -61.42 46.47
N TRP Q 242 110.17 -61.34 47.79
CA TRP Q 242 110.71 -60.15 48.44
C TRP Q 242 112.22 -60.08 48.24
N TRP Q 243 112.70 -58.93 47.75
CA TRP Q 243 114.13 -58.74 47.55
C TRP Q 243 114.73 -57.50 48.20
N GLY Q 244 114.04 -57.00 49.21
CA GLY Q 244 114.53 -55.91 50.04
C GLY Q 244 115.28 -56.56 51.20
N ALA Q 245 115.69 -55.75 52.19
CA ALA Q 245 116.36 -56.30 53.38
C ALA Q 245 115.33 -56.96 54.29
N ASN Q 246 115.77 -57.74 55.29
CA ASN Q 246 114.85 -58.40 56.23
C ASN Q 246 114.09 -57.35 57.05
N ILE Q 247 112.78 -57.54 57.22
CA ILE Q 247 111.95 -56.60 57.97
C ILE Q 247 111.39 -57.22 59.24
N ASP Q 248 111.49 -56.47 60.35
CA ASP Q 248 110.94 -56.85 61.62
C ASP Q 248 109.44 -56.47 61.73
N LYS Q 249 108.88 -56.74 62.90
CA LYS Q 249 107.49 -56.56 63.30
C LYS Q 249 106.94 -55.20 62.96
N THR Q 250 107.74 -54.11 63.18
CA THR Q 250 107.35 -52.74 62.87
C THR Q 250 107.15 -52.53 61.36
N PRO Q 251 105.93 -52.16 60.93
CA PRO Q 251 105.65 -52.00 59.49
C PRO Q 251 106.29 -50.74 58.96
N ILE Q 252 106.77 -50.80 57.72
CA ILE Q 252 107.36 -49.67 57.00
C ILE Q 252 106.54 -49.44 55.73
N ALA Q 253 106.10 -48.18 55.50
CA ALA Q 253 105.30 -47.81 54.34
C ALA Q 253 106.05 -48.10 53.05
N THR Q 254 105.35 -48.69 52.08
CA THR Q 254 105.91 -49.05 50.77
C THR Q 254 105.19 -48.32 49.66
N ARG Q 255 105.94 -47.57 48.82
CA ARG Q 255 105.38 -46.80 47.71
C ARG Q 255 106.27 -46.91 46.45
N GLY Q 256 105.76 -46.50 45.30
CA GLY Q 256 106.51 -46.54 44.05
C GLY Q 256 105.76 -47.01 42.82
N ASN Q 257 106.26 -46.60 41.64
CA ASN Q 257 105.70 -46.96 40.33
C ASN Q 257 106.71 -47.70 39.45
N GLY Q 258 106.43 -48.98 39.20
CA GLY Q 258 107.27 -49.86 38.40
C GLY Q 258 106.53 -50.36 37.17
N SER Q 259 107.22 -50.41 36.03
CA SER Q 259 106.63 -50.85 34.77
C SER Q 259 107.24 -52.13 34.20
N TYR Q 260 106.41 -52.93 33.51
CA TYR Q 260 106.84 -54.15 32.83
C TYR Q 260 105.96 -54.50 31.64
N PHE Q 261 106.49 -55.32 30.74
CA PHE Q 261 105.79 -55.84 29.57
C PHE Q 261 105.39 -57.28 29.86
N ILE Q 262 104.15 -57.64 29.53
CA ILE Q 262 103.68 -59.02 29.69
C ILE Q 262 104.25 -59.87 28.56
N LYS Q 263 104.18 -59.35 27.32
CA LYS Q 263 104.63 -60.01 26.10
C LYS Q 263 106.12 -59.77 25.82
N THR R 1 98.95 -52.21 -23.06
CA THR R 1 97.55 -51.82 -23.26
C THR R 1 96.99 -51.17 -22.00
N ILE R 2 96.35 -49.99 -22.14
CA ILE R 2 95.74 -49.27 -21.03
C ILE R 2 94.22 -49.45 -21.12
N LYS R 3 93.62 -50.11 -20.13
CA LYS R 3 92.18 -50.36 -20.08
C LYS R 3 91.52 -49.41 -19.09
N ASN R 4 90.84 -48.36 -19.60
CA ASN R 4 90.17 -47.36 -18.79
C ASN R 4 88.74 -47.80 -18.45
N PHE R 5 88.27 -47.52 -17.23
CA PHE R 5 86.93 -47.93 -16.80
C PHE R 5 86.00 -46.84 -16.26
N THR R 6 86.42 -46.10 -15.21
CA THR R 6 85.61 -45.03 -14.61
C THR R 6 85.68 -43.75 -15.48
N PHE R 7 85.27 -43.87 -16.75
CA PHE R 7 85.29 -42.79 -17.74
C PHE R 7 84.11 -42.80 -18.70
N PHE R 8 83.84 -41.64 -19.31
CA PHE R 8 82.75 -41.44 -20.28
C PHE R 8 83.04 -42.09 -21.63
N SER R 9 82.02 -42.75 -22.19
CA SER R 9 82.07 -43.40 -23.51
C SER R 9 81.31 -42.51 -24.51
N PRO R 10 82.05 -41.78 -25.40
CA PRO R 10 81.37 -40.86 -26.34
C PRO R 10 80.35 -41.51 -27.28
N ASN R 11 80.73 -42.63 -27.92
CA ASN R 11 79.87 -43.36 -28.84
C ASN R 11 79.14 -44.52 -28.14
N SER R 12 79.16 -44.52 -26.78
CA SER R 12 78.54 -45.51 -25.88
C SER R 12 79.05 -46.95 -26.11
N THR R 13 80.35 -47.07 -26.47
CA THR R 13 81.04 -48.34 -26.74
C THR R 13 82.49 -48.33 -26.21
N GLU R 14 83.06 -47.13 -26.01
CA GLU R 14 84.43 -46.89 -25.56
C GLU R 14 84.89 -47.57 -24.28
N PHE R 15 84.24 -47.31 -23.13
CA PHE R 15 84.69 -47.90 -21.86
C PHE R 15 83.65 -48.77 -21.13
N PRO R 16 83.47 -50.04 -21.57
CA PRO R 16 82.50 -50.91 -20.88
C PRO R 16 83.14 -51.56 -19.65
N VAL R 17 82.50 -51.41 -18.48
CA VAL R 17 83.00 -51.97 -17.23
C VAL R 17 82.32 -53.28 -16.83
N GLY R 18 83.12 -54.34 -16.73
CA GLY R 18 82.66 -55.69 -16.40
C GLY R 18 82.58 -55.98 -14.91
N SER R 19 82.03 -57.17 -14.58
CA SER R 19 81.86 -57.66 -13.21
C SER R 19 83.18 -57.88 -12.49
N ASN R 20 84.21 -58.33 -13.24
CA ASN R 20 85.55 -58.58 -12.71
C ASN R 20 86.30 -57.27 -12.47
N ASN R 21 86.12 -56.27 -13.37
CA ASN R 21 86.74 -54.95 -13.29
C ASN R 21 86.22 -54.18 -12.09
N ASP R 22 84.90 -54.25 -11.83
CA ASP R 22 84.26 -53.64 -10.67
C ASP R 22 84.62 -54.44 -9.42
N GLY R 23 84.71 -55.76 -9.56
CA GLY R 23 85.09 -56.69 -8.51
C GLY R 23 86.46 -56.37 -7.95
N LYS R 24 87.42 -56.12 -8.85
CA LYS R 24 88.79 -55.72 -8.51
C LYS R 24 88.81 -54.32 -7.91
N LEU R 25 87.95 -53.42 -8.44
CA LEU R 25 87.79 -52.04 -7.96
C LEU R 25 87.32 -52.01 -6.51
N TYR R 26 86.27 -52.80 -6.18
CA TYR R 26 85.71 -52.87 -4.83
C TYR R 26 86.69 -53.44 -3.79
N MET R 27 87.54 -54.41 -4.21
CA MET R 27 88.54 -55.05 -3.35
C MET R 27 89.59 -54.05 -2.89
N MET R 28 90.10 -53.22 -3.81
CA MET R 28 91.12 -52.20 -3.57
C MET R 28 90.64 -51.07 -2.66
N LEU R 29 89.34 -50.73 -2.73
CA LEU R 29 88.72 -49.68 -1.92
C LEU R 29 88.65 -50.07 -0.44
N THR R 30 88.18 -51.30 -0.15
CA THR R 30 88.08 -51.81 1.21
C THR R 30 89.39 -52.42 1.75
N GLY R 31 90.28 -52.80 0.82
CA GLY R 31 91.57 -53.38 1.15
C GLY R 31 91.49 -54.84 1.54
N MET R 32 90.97 -55.68 0.62
CA MET R 32 90.79 -57.12 0.85
C MET R 32 91.45 -57.99 -0.23
N ASP R 33 91.76 -59.25 0.13
CA ASP R 33 92.32 -60.26 -0.78
C ASP R 33 91.25 -61.34 -1.04
N TYR R 34 91.62 -62.42 -1.75
CA TYR R 34 90.69 -63.51 -2.05
C TYR R 34 90.55 -64.51 -0.87
N ARG R 35 91.23 -64.22 0.26
CA ARG R 35 91.20 -65.04 1.46
C ARG R 35 90.30 -64.49 2.58
N THR R 36 89.85 -63.22 2.45
CA THR R 36 88.95 -62.58 3.41
C THR R 36 87.62 -62.13 2.78
N ILE R 37 86.62 -61.84 3.63
CA ILE R 37 85.28 -61.41 3.22
C ILE R 37 84.87 -60.09 3.87
N ARG R 38 83.72 -59.58 3.45
CA ARG R 38 83.02 -58.44 4.01
C ARG R 38 81.62 -58.96 4.25
N ARG R 39 81.29 -59.24 5.52
CA ARG R 39 80.03 -59.86 5.93
C ARG R 39 79.29 -59.02 6.97
N LYS R 40 77.97 -58.88 6.81
CA LYS R 40 77.11 -58.16 7.73
C LYS R 40 75.75 -58.82 7.89
N ASP R 41 75.39 -59.16 9.13
CA ASP R 41 74.11 -59.76 9.48
C ASP R 41 73.14 -58.63 9.82
N TRP R 42 72.27 -58.26 8.86
CA TRP R 42 71.27 -57.20 9.04
C TRP R 42 70.22 -57.68 10.04
N SER R 43 69.88 -58.98 9.95
CA SER R 43 68.97 -59.69 10.85
C SER R 43 69.68 -60.98 11.27
N SER R 44 69.72 -61.23 12.59
CA SER R 44 70.40 -62.38 13.19
C SER R 44 69.97 -63.74 12.58
N PRO R 45 70.93 -64.58 12.15
CA PRO R 45 70.56 -65.88 11.54
C PRO R 45 69.91 -66.83 12.54
N LEU R 46 68.90 -67.58 12.08
CA LEU R 46 68.16 -68.53 12.91
C LEU R 46 68.71 -69.95 12.82
N ASN R 47 68.84 -70.62 13.99
CA ASN R 47 69.34 -71.99 14.10
C ASN R 47 68.21 -72.94 14.49
N THR R 48 67.80 -73.80 13.55
CA THR R 48 66.74 -74.80 13.76
C THR R 48 67.37 -76.17 13.53
N ALA R 49 67.44 -77.01 14.59
CA ALA R 49 68.05 -78.35 14.60
C ALA R 49 69.50 -78.29 14.09
N LEU R 50 69.95 -79.25 13.25
CA LEU R 50 71.30 -79.24 12.68
C LEU R 50 71.32 -78.49 11.34
N ASN R 51 70.76 -77.27 11.33
CA ASN R 51 70.67 -76.38 10.16
C ASN R 51 70.74 -74.92 10.61
N VAL R 52 71.39 -74.06 9.79
CA VAL R 52 71.54 -72.63 10.04
C VAL R 52 70.98 -71.82 8.87
N GLN R 53 69.93 -71.03 9.13
CA GLN R 53 69.28 -70.18 8.13
C GLN R 53 69.73 -68.74 8.25
N TYR R 54 70.33 -68.20 7.19
CA TYR R 54 70.78 -66.81 7.14
C TYR R 54 69.63 -65.95 6.64
N THR R 55 68.86 -65.38 7.61
CA THR R 55 67.68 -64.54 7.38
C THR R 55 67.96 -63.40 6.38
N ASN R 56 68.97 -62.56 6.67
CA ASN R 56 69.44 -61.48 5.80
C ASN R 56 70.89 -61.17 6.13
N THR R 57 71.80 -61.71 5.31
CA THR R 57 73.23 -61.53 5.45
C THR R 57 73.85 -61.24 4.07
N SER R 58 74.50 -60.08 3.94
CA SER R 58 75.17 -59.67 2.70
C SER R 58 76.64 -60.02 2.82
N ILE R 59 77.24 -60.58 1.74
CA ILE R 59 78.65 -60.98 1.72
C ILE R 59 79.36 -60.49 0.45
N ILE R 60 80.56 -59.89 0.61
CA ILE R 60 81.40 -59.43 -0.49
C ILE R 60 82.65 -60.30 -0.50
N ALA R 61 82.63 -61.36 -1.32
CA ALA R 61 83.74 -62.30 -1.46
C ALA R 61 84.38 -62.12 -2.84
N GLY R 62 85.67 -61.80 -2.85
CA GLY R 62 86.44 -61.54 -4.06
C GLY R 62 85.95 -60.31 -4.81
N GLY R 63 85.43 -59.33 -4.05
CA GLY R 63 84.87 -58.08 -4.57
C GLY R 63 83.52 -58.24 -5.22
N ARG R 64 82.89 -59.42 -5.02
CA ARG R 64 81.59 -59.75 -5.59
C ARG R 64 80.52 -59.77 -4.50
N TYR R 65 79.54 -58.86 -4.62
CA TYR R 65 78.44 -58.71 -3.67
C TYR R 65 77.29 -59.68 -3.95
N PHE R 66 76.75 -60.26 -2.88
CA PHE R 66 75.61 -61.18 -2.91
C PHE R 66 74.88 -61.19 -1.56
N GLU R 67 73.56 -61.40 -1.59
CA GLU R 67 72.73 -61.43 -0.38
C GLU R 67 72.14 -62.81 -0.12
N LEU R 68 72.17 -63.24 1.15
CA LEU R 68 71.60 -64.52 1.58
C LEU R 68 70.27 -64.20 2.25
N LEU R 69 69.16 -64.47 1.55
CA LEU R 69 67.83 -64.17 2.06
C LEU R 69 67.08 -65.47 2.41
N ASN R 70 67.08 -65.81 3.72
CA ASN R 70 66.49 -67.03 4.29
C ASN R 70 67.06 -68.32 3.68
N GLU R 71 68.38 -68.29 3.39
CA GLU R 71 69.13 -69.41 2.82
C GLU R 71 69.63 -70.31 3.95
N THR R 72 69.06 -71.53 4.04
CA THR R 72 69.39 -72.52 5.07
C THR R 72 70.46 -73.48 4.56
N VAL R 73 71.45 -73.77 5.42
CA VAL R 73 72.54 -74.71 5.11
C VAL R 73 72.64 -75.82 6.17
N ALA R 74 72.58 -77.09 5.73
CA ALA R 74 72.64 -78.29 6.57
C ALA R 74 73.98 -78.43 7.29
N LEU R 75 73.97 -78.93 8.53
CA LEU R 75 75.16 -79.07 9.37
C LEU R 75 75.46 -80.52 9.78
N LYS R 76 76.71 -80.77 10.23
CA LYS R 76 77.20 -82.06 10.71
C LYS R 76 77.06 -82.12 12.23
N GLY R 77 76.49 -83.23 12.73
CA GLY R 77 76.26 -83.47 14.16
C GLY R 77 77.53 -83.60 14.98
N ASP R 78 77.56 -82.88 16.13
CA ASP R 78 78.69 -82.83 17.10
C ASP R 78 80.03 -82.46 16.45
N SER R 79 79.99 -81.55 15.45
CA SER R 79 81.17 -81.13 14.71
C SER R 79 81.28 -79.62 14.57
N VAL R 80 82.51 -79.13 14.29
CA VAL R 80 82.82 -77.73 14.08
C VAL R 80 82.71 -77.49 12.57
N ASN R 81 81.56 -76.95 12.13
CA ASN R 81 81.26 -76.69 10.72
C ASN R 81 81.79 -75.34 10.23
N TYR R 82 82.59 -75.37 9.16
CA TYR R 82 83.19 -74.20 8.52
C TYR R 82 82.37 -73.85 7.27
N ILE R 83 81.50 -72.82 7.39
CA ILE R 83 80.61 -72.37 6.32
C ILE R 83 81.38 -71.57 5.29
N HIS R 84 81.36 -72.04 4.03
CA HIS R 84 82.08 -71.43 2.91
C HIS R 84 81.17 -70.82 1.85
N ALA R 85 81.62 -69.74 1.24
CA ALA R 85 80.96 -69.06 0.13
C ALA R 85 81.74 -69.49 -1.12
N ASN R 86 81.08 -70.27 -2.00
CA ASN R 86 81.71 -70.81 -3.19
C ASN R 86 81.26 -70.10 -4.46
N ILE R 87 82.22 -69.48 -5.17
CA ILE R 87 81.95 -68.74 -6.41
C ILE R 87 82.55 -69.45 -7.62
N ASP R 88 81.69 -69.84 -8.56
CA ASP R 88 82.08 -70.48 -9.81
C ASP R 88 81.42 -69.71 -10.94
N LEU R 89 82.21 -68.89 -11.65
CA LEU R 89 81.77 -68.03 -12.74
C LEU R 89 81.21 -68.78 -13.95
N THR R 90 81.65 -70.04 -14.15
CA THR R 90 81.20 -70.91 -15.25
C THR R 90 79.72 -71.27 -15.06
N GLN R 91 79.28 -71.40 -13.79
CA GLN R 91 77.88 -71.67 -13.42
C GLN R 91 77.15 -70.33 -13.52
N THR R 92 76.87 -69.91 -14.76
CA THR R 92 76.23 -68.64 -15.09
C THR R 92 74.85 -68.39 -14.49
N ALA R 93 74.06 -69.47 -14.29
CA ALA R 93 72.73 -69.40 -13.70
C ALA R 93 72.79 -69.07 -12.20
N ASN R 94 73.64 -69.80 -11.45
CA ASN R 94 73.84 -69.61 -10.01
C ASN R 94 75.33 -69.70 -9.64
N PRO R 95 76.07 -68.56 -9.69
CA PRO R 95 77.51 -68.60 -9.39
C PRO R 95 77.85 -68.84 -7.92
N VAL R 96 77.06 -68.27 -7.00
CA VAL R 96 77.30 -68.41 -5.56
C VAL R 96 76.51 -69.58 -4.97
N SER R 97 77.21 -70.44 -4.21
CA SER R 97 76.69 -71.61 -3.52
C SER R 97 77.33 -71.68 -2.13
N LEU R 98 76.57 -72.14 -1.13
CA LEU R 98 77.07 -72.26 0.23
C LEU R 98 77.33 -73.72 0.60
N SER R 99 78.31 -73.95 1.50
CA SER R 99 78.68 -75.29 1.95
C SER R 99 79.25 -75.29 3.36
N ALA R 100 78.74 -76.20 4.20
CA ALA R 100 79.24 -76.41 5.56
C ALA R 100 80.29 -77.52 5.46
N GLU R 101 81.54 -77.21 5.83
CA GLU R 101 82.65 -78.15 5.70
C GLU R 101 83.34 -78.53 7.00
N THR R 102 84.16 -79.61 6.95
CA THR R 102 84.93 -80.16 8.05
C THR R 102 86.03 -79.22 8.56
N ALA R 103 86.74 -78.54 7.63
CA ALA R 103 87.83 -77.62 7.95
C ALA R 103 87.78 -76.34 7.09
N ASN R 104 88.58 -75.32 7.46
CA ASN R 104 88.67 -74.05 6.73
C ASN R 104 89.43 -74.30 5.42
N ASN R 105 88.68 -74.58 4.35
CA ASN R 105 89.20 -74.89 3.02
C ASN R 105 89.25 -73.67 2.08
N SER R 106 89.65 -72.50 2.62
CA SER R 106 89.76 -71.25 1.84
C SER R 106 90.95 -71.37 0.88
N ASN R 107 90.70 -71.22 -0.43
CA ASN R 107 91.73 -71.35 -1.46
C ASN R 107 92.40 -70.05 -1.91
N GLY R 108 91.63 -68.98 -2.02
CA GLY R 108 92.13 -67.68 -2.46
C GLY R 108 92.38 -67.61 -3.96
N VAL R 109 91.52 -68.28 -4.74
CA VAL R 109 91.58 -68.33 -6.22
C VAL R 109 91.21 -66.96 -6.80
N ASP R 110 92.09 -66.43 -7.69
CA ASP R 110 91.89 -65.15 -8.36
C ASP R 110 90.86 -65.32 -9.49
N ILE R 111 89.57 -65.22 -9.14
CA ILE R 111 88.45 -65.35 -10.07
C ILE R 111 88.29 -64.16 -11.03
N ASN R 112 88.69 -62.96 -10.59
CA ASN R 112 88.59 -61.74 -11.38
C ASN R 112 89.61 -61.67 -12.53
N ASN R 113 90.85 -62.15 -12.32
CA ASN R 113 91.89 -62.15 -13.35
C ASN R 113 91.99 -63.48 -14.10
N GLY R 114 91.89 -64.59 -13.38
CA GLY R 114 91.97 -65.93 -13.94
C GLY R 114 90.72 -66.77 -13.77
N SER R 115 90.86 -68.09 -13.98
CA SER R 115 89.76 -69.06 -13.85
C SER R 115 89.81 -69.78 -12.49
N GLY R 116 88.87 -70.69 -12.27
CA GLY R 116 88.78 -71.49 -11.05
C GLY R 116 87.59 -71.18 -10.17
N VAL R 117 87.46 -71.94 -9.06
CA VAL R 117 86.38 -71.79 -8.09
C VAL R 117 86.94 -71.19 -6.80
N LEU R 118 86.40 -70.05 -6.37
CA LEU R 118 86.84 -69.38 -5.15
C LEU R 118 86.07 -69.88 -3.94
N LYS R 119 86.82 -70.34 -2.93
CA LYS R 119 86.29 -70.83 -1.66
C LYS R 119 86.80 -69.92 -0.55
N VAL R 120 85.91 -69.47 0.35
CA VAL R 120 86.26 -68.60 1.47
C VAL R 120 85.28 -68.75 2.64
N CYS R 121 85.82 -69.11 3.82
CA CYS R 121 85.05 -69.30 5.05
C CYS R 121 84.69 -67.95 5.66
N PHE R 122 83.44 -67.83 6.14
CA PHE R 122 82.94 -66.60 6.77
C PHE R 122 82.36 -66.84 8.17
N ASP R 123 81.84 -68.05 8.42
CA ASP R 123 81.23 -68.42 9.69
C ASP R 123 81.68 -69.80 10.18
N ILE R 124 81.87 -69.93 11.51
CA ILE R 124 82.27 -71.19 12.16
C ILE R 124 81.14 -71.59 13.12
N VAL R 125 80.39 -72.63 12.75
CA VAL R 125 79.25 -73.12 13.52
C VAL R 125 79.60 -74.41 14.28
N THR R 126 79.63 -74.33 15.63
CA THR R 126 79.90 -75.46 16.50
C THR R 126 78.55 -76.07 16.88
N THR R 127 78.38 -77.38 16.61
CA THR R 127 77.12 -78.09 16.86
C THR R 127 77.21 -79.22 17.88
N SER R 128 76.04 -79.71 18.32
CA SER R 128 75.85 -80.83 19.23
C SER R 128 75.12 -81.95 18.47
N GLY R 129 74.53 -82.89 19.19
CA GLY R 129 73.77 -83.99 18.60
C GLY R 129 72.41 -83.56 18.11
N THR R 130 71.81 -82.57 18.81
CA THR R 130 70.48 -82.03 18.51
C THR R 130 70.53 -80.78 17.63
N GLY R 131 71.21 -79.73 18.11
CA GLY R 131 71.32 -78.46 17.39
C GLY R 131 72.68 -77.78 17.44
N VAL R 132 72.66 -76.44 17.43
CA VAL R 132 73.85 -75.57 17.44
C VAL R 132 74.18 -75.14 18.88
N THR R 133 75.48 -75.19 19.25
CA THR R 133 75.96 -74.79 20.57
C THR R 133 76.50 -73.36 20.57
N SER R 134 77.43 -73.04 19.63
CA SER R 134 78.05 -71.71 19.51
C SER R 134 78.40 -71.36 18.06
N THR R 135 78.42 -70.05 17.75
CA THR R 135 78.74 -69.52 16.42
C THR R 135 79.77 -68.40 16.52
N LYS R 136 80.88 -68.53 15.78
CA LYS R 136 81.98 -67.57 15.74
C LYS R 136 82.28 -67.16 14.27
N PRO R 137 82.09 -65.88 13.89
CA PRO R 137 82.38 -65.50 12.50
C PRO R 137 83.86 -65.26 12.22
N ILE R 138 84.28 -65.46 10.95
CA ILE R 138 85.64 -65.26 10.46
C ILE R 138 85.99 -63.76 10.47
N VAL R 139 87.24 -63.43 10.82
CA VAL R 139 87.76 -62.06 10.88
C VAL R 139 87.79 -61.39 9.48
N GLN R 140 87.52 -60.07 9.43
CA GLN R 140 87.50 -59.30 8.18
C GLN R 140 88.77 -58.44 8.05
N THR R 141 89.77 -59.00 7.36
CA THR R 141 91.09 -58.38 7.15
C THR R 141 91.04 -57.16 6.23
N SER R 142 91.52 -56.01 6.74
CA SER R 142 91.60 -54.75 6.02
C SER R 142 93.08 -54.36 5.83
N THR R 143 93.67 -54.84 4.72
CA THR R 143 95.08 -54.62 4.38
C THR R 143 95.25 -53.19 3.84
N LEU R 144 96.03 -52.36 4.55
CA LEU R 144 96.28 -50.96 4.20
C LEU R 144 97.77 -50.61 4.20
N ASP R 145 98.15 -49.52 3.50
CA ASP R 145 99.53 -49.05 3.40
C ASP R 145 99.85 -47.97 4.44
N SER R 146 99.12 -46.83 4.41
CA SER R 146 99.34 -45.71 5.33
C SER R 146 98.00 -45.15 5.82
N ILE R 147 97.91 -44.84 7.14
CA ILE R 147 96.71 -44.30 7.76
C ILE R 147 96.94 -42.90 8.35
N SER R 148 96.04 -41.97 8.01
CA SER R 148 96.04 -40.59 8.50
C SER R 148 94.72 -40.40 9.27
N VAL R 149 94.71 -40.82 10.55
CA VAL R 149 93.53 -40.76 11.41
C VAL R 149 93.63 -39.74 12.55
N ASN R 150 92.47 -39.28 13.08
CA ASN R 150 92.39 -38.35 14.20
C ASN R 150 92.24 -39.12 15.51
N ASP R 151 91.21 -39.97 15.62
CA ASP R 151 90.94 -40.76 16.83
C ASP R 151 90.73 -42.26 16.55
N MET R 152 90.94 -43.11 17.58
CA MET R 152 90.80 -44.56 17.48
C MET R 152 90.37 -45.21 18.80
N THR R 153 89.52 -46.25 18.71
CA THR R 153 89.04 -47.04 19.86
C THR R 153 89.25 -48.53 19.52
N VAL R 154 90.08 -49.21 20.32
CA VAL R 154 90.44 -50.62 20.14
C VAL R 154 89.78 -51.48 21.23
N SER R 155 89.14 -52.60 20.82
CA SER R 155 88.48 -53.54 21.72
C SER R 155 89.36 -54.76 22.07
N GLY R 156 90.40 -55.00 21.27
CA GLY R 156 91.33 -56.11 21.45
C GLY R 156 92.75 -55.64 21.76
N SER R 157 93.66 -55.73 20.77
CA SER R 157 95.06 -55.33 20.91
C SER R 157 95.73 -54.87 19.62
N ILE R 158 96.79 -54.04 19.76
CA ILE R 158 97.60 -53.53 18.64
C ILE R 158 98.98 -54.17 18.69
N ASP R 159 99.40 -54.81 17.59
CA ASP R 159 100.72 -55.44 17.49
C ASP R 159 101.71 -54.41 16.94
N VAL R 160 102.71 -54.05 17.76
CA VAL R 160 103.75 -53.06 17.42
C VAL R 160 105.13 -53.75 17.24
N PRO R 161 106.04 -53.22 16.38
CA PRO R 161 107.35 -53.88 16.20
C PRO R 161 108.20 -53.92 17.47
N VAL R 162 108.50 -55.14 17.95
CA VAL R 162 109.29 -55.38 19.15
C VAL R 162 110.72 -55.80 18.80
N GLN R 163 111.72 -55.12 19.39
CA GLN R 163 113.15 -55.38 19.22
C GLN R 163 113.79 -55.63 20.59
N THR R 164 114.58 -56.69 20.71
CA THR R 164 115.27 -57.05 21.96
C THR R 164 116.78 -57.07 21.84
N LEU R 165 117.48 -56.63 22.90
CA LEU R 165 118.94 -56.54 22.97
C LEU R 165 119.45 -56.80 24.38
N THR R 166 120.55 -57.58 24.48
CA THR R 166 121.20 -57.91 25.75
C THR R 166 122.63 -57.35 25.71
N VAL R 167 122.87 -56.26 26.46
CA VAL R 167 124.16 -55.57 26.52
C VAL R 167 124.92 -55.94 27.80
N GLU R 168 126.16 -56.44 27.64
CA GLU R 168 127.04 -56.77 28.76
C GLU R 168 127.83 -55.50 29.05
N ALA R 169 127.19 -54.58 29.82
CA ALA R 169 127.69 -53.26 30.23
C ALA R 169 129.12 -53.24 30.77
N GLY R 170 129.48 -54.28 31.52
CA GLY R 170 130.80 -54.41 32.13
C GLY R 170 130.76 -54.34 33.64
N ASN R 171 131.90 -54.63 34.27
CA ASN R 171 132.10 -54.65 35.74
C ASN R 171 131.19 -55.66 36.47
N GLY R 172 130.36 -56.38 35.71
CA GLY R 172 129.44 -57.39 36.20
C GLY R 172 127.98 -57.05 36.00
N LEU R 173 127.68 -56.13 35.04
CA LEU R 173 126.32 -55.70 34.74
C LEU R 173 125.80 -56.22 33.40
N GLN R 174 124.52 -56.63 33.38
CA GLN R 174 123.80 -57.12 32.21
C GLN R 174 122.51 -56.31 32.07
N LEU R 175 122.21 -55.83 30.85
CA LEU R 175 121.02 -55.03 30.57
C LEU R 175 120.14 -55.69 29.50
N GLN R 176 118.89 -56.03 29.86
CA GLN R 176 117.92 -56.65 28.95
C GLN R 176 116.93 -55.59 28.48
N LEU R 177 117.16 -55.06 27.26
CA LEU R 177 116.34 -54.02 26.65
C LEU R 177 115.22 -54.60 25.78
N THR R 178 114.02 -54.01 25.87
CA THR R 178 112.84 -54.41 25.09
C THR R 178 112.18 -53.17 24.46
N LYS R 179 112.57 -52.85 23.22
CA LYS R 179 112.09 -51.71 22.44
C LYS R 179 110.79 -52.07 21.71
N LYS R 180 109.74 -51.25 21.89
CA LYS R 180 108.43 -51.46 21.26
C LYS R 180 108.03 -50.20 20.50
N ASN R 181 107.60 -50.35 19.21
CA ASN R 181 107.19 -49.28 18.29
C ASN R 181 108.36 -48.30 17.99
N ASN R 182 109.61 -48.75 18.25
CA ASN R 182 110.87 -48.01 18.09
C ASN R 182 110.92 -46.74 18.98
N ASP R 183 110.20 -46.77 20.12
CA ASP R 183 110.12 -45.65 21.06
C ASP R 183 110.30 -46.04 22.54
N LEU R 184 109.28 -46.69 23.15
CA LEU R 184 109.32 -47.10 24.56
C LEU R 184 110.22 -48.33 24.77
N VAL R 185 111.18 -48.23 25.71
CA VAL R 185 112.12 -49.31 26.04
C VAL R 185 112.15 -49.55 27.56
N ILE R 186 111.91 -50.79 27.99
CA ILE R 186 111.99 -51.19 29.40
C ILE R 186 113.27 -52.03 29.57
N VAL R 187 114.21 -51.51 30.37
CA VAL R 187 115.52 -52.15 30.62
C VAL R 187 115.48 -52.91 31.95
N ARG R 188 115.91 -54.19 31.92
CA ARG R 188 115.96 -55.07 33.08
C ARG R 188 117.41 -55.27 33.53
N PHE R 189 117.68 -55.07 34.84
CA PHE R 189 119.01 -55.21 35.43
C PHE R 189 119.31 -56.66 35.84
N PHE R 190 120.49 -57.17 35.45
CA PHE R 190 120.95 -58.52 35.76
C PHE R 190 122.46 -58.56 36.05
N GLY R 191 122.89 -59.61 36.76
CA GLY R 191 124.28 -59.82 37.13
C GLY R 191 124.65 -59.28 38.49
N SER R 192 125.97 -59.22 38.77
CA SER R 192 126.52 -58.73 40.03
C SER R 192 127.73 -57.81 39.78
N VAL R 193 127.53 -56.50 39.98
CA VAL R 193 128.54 -55.46 39.74
C VAL R 193 129.63 -55.45 40.82
N SER R 194 130.92 -55.36 40.37
CA SER R 194 132.11 -55.31 41.22
C SER R 194 133.20 -54.41 40.63
N ASN R 195 133.94 -53.69 41.50
CA ASN R 195 135.04 -52.78 41.16
C ASN R 195 134.64 -51.63 40.22
N ILE R 196 133.92 -50.63 40.77
CA ILE R 196 133.45 -49.44 40.03
C ILE R 196 133.32 -48.21 40.96
N GLN R 197 133.59 -47.02 40.41
CA GLN R 197 133.51 -45.73 41.13
C GLN R 197 132.39 -44.85 40.57
N LYS R 198 131.92 -43.87 41.36
CA LYS R 198 130.86 -42.93 40.98
C LYS R 198 131.32 -41.95 39.88
N GLY R 199 130.49 -41.81 38.84
CA GLY R 199 130.77 -40.93 37.70
C GLY R 199 131.66 -41.54 36.64
N TRP R 200 132.14 -42.78 36.87
CA TRP R 200 133.01 -43.52 35.96
C TRP R 200 132.22 -44.32 34.93
N ASN R 201 132.77 -44.44 33.71
CA ASN R 201 132.17 -45.17 32.59
C ASN R 201 132.27 -46.70 32.79
N MET R 202 131.46 -47.45 32.03
CA MET R 202 131.40 -48.92 32.09
C MET R 202 132.45 -49.56 31.17
N SER R 203 133.19 -50.54 31.73
CA SER R 203 134.29 -51.27 31.06
C SER R 203 133.93 -52.09 29.82
N GLY R 204 132.79 -52.78 29.86
CA GLY R 204 132.33 -53.65 28.79
C GLY R 204 131.71 -53.00 27.57
N THR R 205 130.76 -53.71 26.95
CA THR R 205 130.04 -53.34 25.71
C THR R 205 129.18 -52.08 25.86
N TRP R 206 129.08 -51.32 24.75
CA TRP R 206 128.28 -50.09 24.63
C TRP R 206 126.91 -50.40 24.02
N VAL R 207 125.92 -49.50 24.24
CA VAL R 207 124.55 -49.62 23.73
C VAL R 207 124.54 -49.39 22.21
N ASP R 208 123.90 -50.32 21.46
CA ASP R 208 123.77 -50.28 20.00
C ASP R 208 122.95 -49.06 19.54
N ARG R 209 123.24 -48.56 18.31
CA ARG R 209 122.58 -47.42 17.68
C ARG R 209 121.03 -47.42 17.67
N PRO R 210 120.30 -48.54 17.36
CA PRO R 210 118.83 -48.47 17.39
C PRO R 210 118.21 -48.31 18.79
N PHE R 211 118.98 -48.65 19.84
CA PHE R 211 118.54 -48.55 21.24
C PHE R 211 119.04 -47.30 21.96
N ARG R 212 119.85 -46.46 21.28
CA ARG R 212 120.40 -45.21 21.83
C ARG R 212 119.32 -44.12 21.95
N PRO R 213 119.13 -43.52 23.15
CA PRO R 213 118.11 -42.46 23.28
C PRO R 213 118.60 -41.11 22.76
N ALA R 214 117.67 -40.14 22.60
CA ALA R 214 117.97 -38.78 22.13
C ALA R 214 118.74 -37.99 23.19
N ALA R 215 118.40 -38.17 24.47
CA ALA R 215 119.02 -37.51 25.62
C ALA R 215 119.44 -38.54 26.68
N VAL R 216 120.34 -38.14 27.61
CA VAL R 216 120.82 -38.99 28.69
C VAL R 216 119.71 -39.40 29.67
N GLN R 217 119.38 -40.70 29.69
CA GLN R 217 118.32 -41.27 30.52
C GLN R 217 118.90 -41.88 31.80
N SER R 218 118.46 -41.37 32.96
CA SER R 218 118.90 -41.86 34.26
C SER R 218 117.96 -42.98 34.70
N LEU R 219 118.43 -44.25 34.63
CA LEU R 219 117.63 -45.42 34.98
C LEU R 219 118.02 -46.01 36.34
N VAL R 220 117.06 -46.00 37.28
CA VAL R 220 117.21 -46.46 38.67
C VAL R 220 117.11 -47.99 38.78
N GLY R 221 118.03 -48.57 39.55
CA GLY R 221 118.11 -50.00 39.86
C GLY R 221 118.13 -50.26 41.36
N HIS R 222 118.32 -51.53 41.76
CA HIS R 222 118.35 -51.93 43.17
C HIS R 222 119.26 -53.15 43.43
N PHE R 223 119.92 -53.18 44.61
CA PHE R 223 120.78 -54.30 45.02
C PHE R 223 119.96 -55.33 45.79
N ALA R 224 119.83 -56.55 45.22
CA ALA R 224 119.05 -57.67 45.76
C ALA R 224 119.41 -58.04 47.21
N GLY R 225 118.39 -58.12 48.05
CA GLY R 225 118.51 -58.45 49.46
C GLY R 225 119.06 -57.35 50.33
N ARG R 226 119.02 -56.10 49.84
CA ARG R 226 119.54 -54.93 50.57
C ARG R 226 118.54 -53.77 50.54
N ASP R 227 118.82 -52.69 51.29
CA ASP R 227 118.01 -51.48 51.31
C ASP R 227 118.73 -50.31 50.61
N THR R 228 119.77 -50.66 49.83
CA THR R 228 120.61 -49.76 49.04
C THR R 228 120.23 -49.86 47.56
N SER R 229 120.26 -48.72 46.84
CA SER R 229 119.93 -48.65 45.41
C SER R 229 121.03 -47.99 44.58
N PHE R 230 120.84 -47.95 43.24
CA PHE R 230 121.79 -47.35 42.29
C PHE R 230 121.05 -46.80 41.07
N HIS R 231 121.77 -46.03 40.22
CA HIS R 231 121.23 -45.49 38.96
C HIS R 231 122.32 -45.35 37.90
N ILE R 232 122.00 -45.71 36.65
CA ILE R 232 122.92 -45.63 35.52
C ILE R 232 122.47 -44.60 34.48
N ASP R 233 123.45 -43.93 33.84
CA ASP R 233 123.20 -42.92 32.83
C ASP R 233 123.55 -43.43 31.42
N ILE R 234 122.51 -43.72 30.62
CA ILE R 234 122.70 -44.18 29.23
C ILE R 234 122.71 -42.94 28.33
N ASN R 235 123.92 -42.46 28.03
CA ASN R 235 124.19 -41.27 27.21
C ASN R 235 123.80 -41.50 25.74
N PRO R 236 123.50 -40.44 24.95
CA PRO R 236 123.10 -40.65 23.54
C PRO R 236 124.12 -41.31 22.62
N ASN R 237 125.42 -41.29 22.98
CA ASN R 237 126.50 -41.90 22.19
C ASN R 237 126.65 -43.41 22.41
N GLY R 238 125.82 -43.96 23.32
CA GLY R 238 125.82 -45.39 23.65
C GLY R 238 126.51 -45.75 24.94
N SER R 239 127.32 -44.81 25.48
CA SER R 239 128.07 -44.99 26.73
C SER R 239 127.18 -45.08 27.96
N ILE R 240 127.56 -45.97 28.89
CA ILE R 240 126.85 -46.19 30.16
C ILE R 240 127.74 -45.65 31.29
N THR R 241 127.22 -44.70 32.08
CA THR R 241 127.95 -44.08 33.18
C THR R 241 127.33 -44.46 34.52
N TRP R 242 128.13 -45.09 35.41
CA TRP R 242 127.71 -45.50 36.75
C TRP R 242 127.54 -44.26 37.63
N TRP R 243 126.45 -44.23 38.42
CA TRP R 243 126.16 -43.12 39.32
C TRP R 243 125.63 -43.55 40.70
N GLY R 244 126.01 -44.74 41.13
CA GLY R 244 125.66 -45.29 42.44
C GLY R 244 126.80 -45.15 43.42
N ALA R 245 126.81 -46.00 44.46
CA ALA R 245 127.89 -46.02 45.47
C ALA R 245 129.11 -46.72 44.88
N ASN R 246 130.34 -46.43 45.36
CA ASN R 246 131.55 -47.10 44.86
C ASN R 246 131.54 -48.55 45.31
N ILE R 247 131.78 -49.46 44.36
CA ILE R 247 131.76 -50.90 44.63
C ILE R 247 133.16 -51.47 44.64
N ASP R 248 133.44 -52.29 45.65
CA ASP R 248 134.72 -52.98 45.84
C ASP R 248 134.69 -54.38 45.26
N LYS R 249 135.84 -55.05 45.29
CA LYS R 249 136.01 -56.39 44.71
C LYS R 249 134.80 -57.31 44.80
N THR R 250 134.12 -57.34 45.98
CA THR R 250 132.92 -58.14 46.24
C THR R 250 131.73 -57.77 45.33
N PRO R 251 131.19 -58.75 44.58
CA PRO R 251 130.08 -58.46 43.66
C PRO R 251 128.72 -58.57 44.34
N ILE R 252 127.86 -57.55 44.12
CA ILE R 252 126.51 -57.49 44.67
C ILE R 252 125.50 -57.59 43.53
N ALA R 253 124.52 -58.50 43.65
CA ALA R 253 123.48 -58.72 42.64
C ALA R 253 122.65 -57.46 42.36
N THR R 254 122.49 -57.13 41.08
CA THR R 254 121.76 -55.95 40.61
C THR R 254 120.51 -56.35 39.84
N ARG R 255 119.34 -55.91 40.33
CA ARG R 255 118.02 -56.19 39.74
C ARG R 255 117.19 -54.90 39.65
N GLY R 256 116.18 -54.89 38.80
CA GLY R 256 115.28 -53.75 38.63
C GLY R 256 114.83 -53.51 37.21
N ASN R 257 113.80 -52.66 37.05
CA ASN R 257 113.24 -52.28 35.75
C ASN R 257 113.16 -50.76 35.62
N GLY R 258 113.66 -50.26 34.48
CA GLY R 258 113.68 -48.83 34.16
C GLY R 258 113.24 -48.55 32.74
N SER R 259 112.20 -47.70 32.58
CA SER R 259 111.64 -47.33 31.28
C SER R 259 112.02 -45.92 30.81
N TYR R 260 112.21 -45.77 29.48
CA TYR R 260 112.58 -44.51 28.82
C TYR R 260 112.06 -44.42 27.38
N PHE R 261 111.97 -43.19 26.83
CA PHE R 261 111.57 -42.95 25.43
C PHE R 261 112.80 -42.62 24.58
N ILE R 262 112.84 -43.13 23.33
CA ILE R 262 113.93 -42.85 22.40
C ILE R 262 113.70 -41.51 21.69
N LYS R 263 112.53 -41.35 21.05
CA LYS R 263 112.14 -40.14 20.32
C LYS R 263 111.84 -38.96 21.24
N THR S 1 70.53 -26.59 -4.73
CA THR S 1 70.04 -27.76 -5.44
C THR S 1 70.71 -29.04 -4.94
N ILE S 2 69.93 -30.13 -4.79
CA ILE S 2 70.44 -31.42 -4.33
C ILE S 2 70.45 -32.41 -5.50
N LYS S 3 71.65 -32.89 -5.88
CA LYS S 3 71.80 -33.88 -6.94
C LYS S 3 71.89 -35.28 -6.34
N ASN S 4 70.82 -36.05 -6.50
CA ASN S 4 70.70 -37.41 -5.99
C ASN S 4 71.29 -38.41 -7.00
N PHE S 5 71.98 -39.46 -6.51
CA PHE S 5 72.60 -40.45 -7.40
C PHE S 5 72.26 -41.91 -7.13
N THR S 6 72.45 -42.38 -5.89
CA THR S 6 72.15 -43.77 -5.50
C THR S 6 70.64 -43.92 -5.23
N PHE S 7 69.81 -43.57 -6.23
CA PHE S 7 68.34 -43.61 -6.15
C PHE S 7 67.69 -44.04 -7.48
N PHE S 8 66.33 -43.99 -7.58
CA PHE S 8 65.63 -44.44 -8.78
C PHE S 8 65.09 -43.46 -9.75
N SER S 9 65.15 -43.87 -11.01
CA SER S 9 64.61 -43.16 -12.14
C SER S 9 63.48 -44.06 -12.68
N PRO S 10 62.24 -43.98 -12.12
CA PRO S 10 61.12 -44.80 -12.65
C PRO S 10 60.87 -44.57 -14.13
N ASN S 11 61.05 -43.32 -14.60
CA ASN S 11 60.91 -42.92 -16.01
C ASN S 11 62.27 -43.03 -16.75
N SER S 12 63.27 -43.66 -16.08
CA SER S 12 64.64 -43.92 -16.55
C SER S 12 65.45 -42.67 -16.97
N THR S 13 65.15 -41.51 -16.38
CA THR S 13 65.82 -40.24 -16.68
C THR S 13 66.15 -39.40 -15.43
N GLU S 14 65.40 -39.62 -14.33
CA GLU S 14 65.50 -38.89 -13.06
C GLU S 14 66.89 -38.76 -12.44
N PHE S 15 67.56 -39.87 -12.10
CA PHE S 15 68.88 -39.81 -11.44
C PHE S 15 70.04 -40.51 -12.17
N PRO S 16 70.60 -39.86 -13.23
CA PRO S 16 71.74 -40.48 -13.92
C PRO S 16 73.05 -40.19 -13.19
N VAL S 17 73.90 -41.22 -13.04
CA VAL S 17 75.19 -41.09 -12.36
C VAL S 17 76.37 -41.23 -13.32
N GLY S 18 77.18 -40.17 -13.40
CA GLY S 18 78.34 -40.09 -14.27
C GLY S 18 79.65 -40.56 -13.67
N SER S 19 80.72 -40.57 -14.50
CA SER S 19 82.08 -40.98 -14.16
C SER S 19 82.69 -40.17 -13.01
N ASN S 20 82.48 -38.83 -13.03
CA ASN S 20 82.96 -37.91 -12.01
C ASN S 20 82.19 -38.07 -10.69
N ASN S 21 80.88 -38.36 -10.78
CA ASN S 21 79.98 -38.55 -9.63
C ASN S 21 80.34 -39.82 -8.87
N ASP S 22 80.67 -40.90 -9.60
CA ASP S 22 81.10 -42.16 -9.01
C ASP S 22 82.55 -42.03 -8.52
N GLY S 23 83.36 -41.27 -9.27
CA GLY S 23 84.75 -40.98 -8.95
C GLY S 23 84.92 -40.33 -7.60
N LYS S 24 84.05 -39.35 -7.30
CA LYS S 24 84.01 -38.64 -6.01
C LYS S 24 83.49 -39.57 -4.91
N LEU S 25 82.57 -40.50 -5.26
CA LEU S 25 82.01 -41.49 -4.34
C LEU S 25 83.11 -42.45 -3.88
N TYR S 26 83.88 -43.04 -4.84
CA TYR S 26 84.96 -43.99 -4.57
C TYR S 26 86.07 -43.39 -3.68
N MET S 27 86.40 -42.11 -3.90
CA MET S 27 87.41 -41.37 -3.13
C MET S 27 87.04 -41.25 -1.66
N MET S 28 85.75 -40.99 -1.38
CA MET S 28 85.20 -40.86 -0.03
C MET S 28 85.10 -42.21 0.67
N LEU S 29 84.91 -43.30 -0.12
CA LEU S 29 84.81 -44.66 0.40
C LEU S 29 86.14 -45.15 0.99
N THR S 30 87.23 -45.07 0.19
CA THR S 30 88.56 -45.50 0.60
C THR S 30 89.35 -44.46 1.44
N GLY S 31 88.92 -43.20 1.36
CA GLY S 31 89.55 -42.10 2.08
C GLY S 31 90.83 -41.64 1.45
N MET S 32 90.78 -41.30 0.15
CA MET S 32 91.93 -40.83 -0.63
C MET S 32 91.71 -39.43 -1.21
N ASP S 33 92.82 -38.73 -1.52
CA ASP S 33 92.79 -37.41 -2.14
C ASP S 33 93.34 -37.50 -3.59
N TYR S 34 93.59 -36.36 -4.25
CA TYR S 34 94.14 -36.34 -5.60
C TYR S 34 95.68 -36.49 -5.62
N ARG S 35 96.30 -36.57 -4.42
CA ARG S 35 97.75 -36.70 -4.25
C ARG S 35 98.18 -38.15 -3.99
N THR S 36 97.24 -39.02 -3.60
CA THR S 36 97.48 -40.45 -3.34
C THR S 36 96.68 -41.34 -4.30
N ILE S 37 97.04 -42.65 -4.35
CA ILE S 37 96.41 -43.65 -5.23
C ILE S 37 96.12 -44.97 -4.52
N ARG S 38 95.39 -45.86 -5.22
CA ARG S 38 95.11 -47.23 -4.81
C ARG S 38 95.69 -48.08 -5.93
N ARG S 39 96.75 -48.82 -5.62
CA ARG S 39 97.49 -49.63 -6.60
C ARG S 39 97.69 -51.07 -6.11
N LYS S 40 97.49 -52.04 -7.01
CA LYS S 40 97.67 -53.46 -6.74
C LYS S 40 98.26 -54.18 -7.95
N ASP S 41 99.39 -54.89 -7.74
CA ASP S 41 100.05 -55.67 -8.77
C ASP S 41 99.59 -57.13 -8.67
N TRP S 42 98.77 -57.57 -9.64
CA TRP S 42 98.24 -58.93 -9.71
C TRP S 42 99.33 -59.87 -10.19
N SER S 43 100.26 -59.33 -10.99
CA SER S 43 101.44 -60.00 -11.53
C SER S 43 102.56 -58.96 -11.57
N SER S 44 103.74 -59.32 -11.02
CA SER S 44 104.92 -58.45 -10.92
C SER S 44 105.35 -57.84 -12.27
N PRO S 45 105.65 -56.51 -12.30
CA PRO S 45 106.05 -55.89 -13.58
C PRO S 45 107.46 -56.28 -14.01
N LEU S 46 107.61 -56.61 -15.31
CA LEU S 46 108.88 -57.02 -15.92
C LEU S 46 109.78 -55.82 -16.22
N ASN S 47 111.10 -56.02 -16.07
CA ASN S 47 112.10 -54.99 -16.32
C ASN S 47 113.05 -55.45 -17.43
N THR S 48 112.98 -54.79 -18.60
CA THR S 48 113.82 -55.09 -19.75
C THR S 48 114.67 -53.86 -20.07
N ALA S 49 115.95 -53.87 -19.60
CA ALA S 49 116.93 -52.79 -19.73
C ALA S 49 116.37 -51.45 -19.20
N LEU S 50 116.32 -50.39 -20.02
CA LEU S 50 115.78 -49.09 -19.61
C LEU S 50 114.29 -48.94 -19.95
N ASN S 51 113.50 -49.97 -19.60
CA ASN S 51 112.05 -50.06 -19.82
C ASN S 51 111.39 -50.88 -18.71
N VAL S 52 110.15 -50.50 -18.33
CA VAL S 52 109.35 -51.18 -17.31
C VAL S 52 107.94 -51.52 -17.82
N GLN S 53 107.67 -52.82 -18.02
CA GLN S 53 106.37 -53.31 -18.52
C GLN S 53 105.49 -53.80 -17.37
N TYR S 54 104.35 -53.13 -17.16
CA TYR S 54 103.38 -53.49 -16.13
C TYR S 54 102.45 -54.58 -16.68
N THR S 55 102.74 -55.84 -16.34
CA THR S 55 102.00 -57.04 -16.78
C THR S 55 100.49 -56.97 -16.49
N ASN S 56 100.12 -56.76 -15.23
CA ASN S 56 98.73 -56.60 -14.77
C ASN S 56 98.71 -55.82 -13.45
N THR S 57 98.52 -54.50 -13.56
CA THR S 57 98.48 -53.57 -12.44
C THR S 57 97.25 -52.66 -12.54
N SER S 58 96.37 -52.72 -11.53
CA SER S 58 95.16 -51.91 -11.45
C SER S 58 95.44 -50.68 -10.58
N ILE S 59 95.02 -49.48 -11.04
CA ILE S 59 95.25 -48.22 -10.33
C ILE S 59 93.96 -47.38 -10.25
N ILE S 60 93.68 -46.79 -9.07
CA ILE S 60 92.57 -45.88 -8.82
C ILE S 60 93.18 -44.51 -8.50
N ALA S 61 93.26 -43.63 -9.51
CA ALA S 61 93.81 -42.29 -9.37
C ALA S 61 92.69 -41.25 -9.50
N GLY S 62 92.49 -40.47 -8.44
CA GLY S 62 91.44 -39.46 -8.35
C GLY S 62 90.04 -40.05 -8.43
N GLY S 63 89.90 -41.27 -7.92
CA GLY S 63 88.64 -42.02 -7.92
C GLY S 63 88.32 -42.71 -9.24
N ARG S 64 89.26 -42.67 -10.20
CA ARG S 64 89.10 -43.26 -11.52
C ARG S 64 89.95 -44.53 -11.65
N TYR S 65 89.27 -45.67 -11.88
CA TYR S 65 89.89 -46.99 -12.02
C TYR S 65 90.30 -47.29 -13.46
N PHE S 66 91.52 -47.85 -13.62
CA PHE S 66 92.11 -48.25 -14.89
C PHE S 66 93.12 -49.39 -14.70
N GLU S 67 93.19 -50.30 -15.69
CA GLU S 67 94.10 -51.46 -15.67
C GLU S 67 95.23 -51.30 -16.67
N LEU S 68 96.45 -51.67 -16.26
CA LEU S 68 97.63 -51.65 -17.13
C LEU S 68 97.94 -53.08 -17.52
N LEU S 69 97.65 -53.44 -18.78
CA LEU S 69 97.86 -54.80 -19.29
C LEU S 69 99.00 -54.84 -20.31
N ASN S 70 100.21 -55.24 -19.83
CA ASN S 70 101.46 -55.33 -20.58
C ASN S 70 101.85 -53.98 -21.22
N GLU S 71 101.73 -52.90 -20.41
CA GLU S 71 102.05 -51.52 -20.79
C GLU S 71 103.49 -51.21 -20.39
N THR S 72 104.35 -50.93 -21.38
CA THR S 72 105.77 -50.62 -21.19
C THR S 72 105.99 -49.11 -21.05
N VAL S 73 106.82 -48.72 -20.07
CA VAL S 73 107.18 -47.32 -19.77
C VAL S 73 108.67 -47.12 -20.04
N ALA S 74 109.02 -46.16 -20.91
CA ALA S 74 110.40 -45.82 -21.26
C ALA S 74 111.09 -45.13 -20.08
N LEU S 75 112.35 -45.52 -19.79
CA LEU S 75 113.10 -44.98 -18.66
C LEU S 75 114.36 -44.21 -19.07
N LYS S 76 114.79 -43.27 -18.20
CA LYS S 76 115.99 -42.44 -18.39
C LYS S 76 117.22 -43.18 -17.84
N GLY S 77 118.32 -43.13 -18.61
CA GLY S 77 119.58 -43.77 -18.27
C GLY S 77 120.31 -43.14 -17.11
N ASP S 78 120.69 -43.97 -16.12
CA ASP S 78 121.42 -43.60 -14.89
C ASP S 78 120.75 -42.44 -14.12
N SER S 79 119.46 -42.62 -13.81
CA SER S 79 118.64 -41.62 -13.11
C SER S 79 117.53 -42.27 -12.28
N VAL S 80 116.99 -41.52 -11.30
CA VAL S 80 115.90 -41.97 -10.43
C VAL S 80 114.58 -41.46 -11.04
N ASN S 81 113.93 -42.32 -11.83
CA ASN S 81 112.67 -42.03 -12.52
C ASN S 81 111.47 -42.12 -11.59
N TYR S 82 110.46 -41.26 -11.84
CA TYR S 82 109.20 -41.20 -11.10
C TYR S 82 108.07 -41.47 -12.09
N ILE S 83 107.41 -42.63 -11.97
CA ILE S 83 106.31 -43.02 -12.88
C ILE S 83 105.00 -42.36 -12.44
N HIS S 84 104.45 -41.51 -13.31
CA HIS S 84 103.23 -40.76 -13.06
C HIS S 84 102.05 -41.21 -13.92
N ALA S 85 100.84 -41.14 -13.34
CA ALA S 85 99.58 -41.44 -14.02
C ALA S 85 98.96 -40.09 -14.38
N ASN S 86 98.83 -39.82 -15.69
CA ASN S 86 98.31 -38.55 -16.20
C ASN S 86 96.90 -38.70 -16.75
N ILE S 87 95.92 -38.03 -16.09
CA ILE S 87 94.51 -38.09 -16.49
C ILE S 87 94.03 -36.77 -17.08
N ASP S 88 93.81 -36.75 -18.40
CA ASP S 88 93.28 -35.60 -19.13
C ASP S 88 91.95 -36.00 -19.74
N LEU S 89 90.86 -35.57 -19.10
CA LEU S 89 89.47 -35.87 -19.48
C LEU S 89 89.05 -35.35 -20.86
N THR S 90 89.79 -34.35 -21.40
CA THR S 90 89.54 -33.78 -22.74
C THR S 90 89.81 -34.83 -23.82
N GLN S 91 90.77 -35.74 -23.56
CA GLN S 91 91.14 -36.85 -24.45
C GLN S 91 90.12 -37.95 -24.19
N THR S 92 88.95 -37.87 -24.85
CA THR S 92 87.84 -38.81 -24.71
C THR S 92 88.19 -40.25 -25.06
N ALA S 93 89.10 -40.44 -26.03
CA ALA S 93 89.56 -41.77 -26.48
C ALA S 93 90.59 -42.37 -25.53
N ASN S 94 91.59 -41.57 -25.10
CA ASN S 94 92.65 -42.02 -24.21
C ASN S 94 92.91 -41.03 -23.05
N PRO S 95 92.07 -41.05 -21.99
CA PRO S 95 92.28 -40.10 -20.89
C PRO S 95 93.53 -40.36 -20.04
N VAL S 96 93.86 -41.64 -19.79
CA VAL S 96 95.02 -42.01 -18.97
C VAL S 96 96.26 -42.27 -19.84
N SER S 97 97.36 -41.62 -19.47
CA SER S 97 98.68 -41.73 -20.10
C SER S 97 99.75 -41.82 -19.01
N LEU S 98 100.85 -42.54 -19.28
CA LEU S 98 101.94 -42.71 -18.32
C LEU S 98 103.19 -41.93 -18.73
N SER S 99 103.98 -41.50 -17.73
CA SER S 99 105.22 -40.76 -17.95
C SER S 99 106.24 -40.97 -16.83
N ALA S 100 107.52 -41.14 -17.22
CA ALA S 100 108.63 -41.31 -16.28
C ALA S 100 109.32 -39.94 -16.20
N GLU S 101 109.20 -39.29 -15.03
CA GLU S 101 109.75 -37.94 -14.81
C GLU S 101 110.94 -37.88 -13.86
N THR S 102 111.73 -36.79 -13.96
CA THR S 102 112.93 -36.51 -13.17
C THR S 102 112.65 -36.41 -11.67
N ALA S 103 111.57 -35.67 -11.30
CA ALA S 103 111.16 -35.47 -9.91
C ALA S 103 109.67 -35.80 -9.73
N ASN S 104 109.20 -35.91 -8.45
CA ASN S 104 107.81 -36.20 -8.13
C ASN S 104 106.98 -34.95 -8.40
N ASN S 105 106.25 -34.96 -9.54
CA ASN S 105 105.42 -33.86 -10.00
C ASN S 105 103.91 -34.11 -9.80
N SER S 106 103.52 -34.55 -8.59
CA SER S 106 102.12 -34.79 -8.23
C SER S 106 101.44 -33.45 -8.01
N ASN S 107 100.50 -33.08 -8.90
CA ASN S 107 99.80 -31.80 -8.86
C ASN S 107 98.57 -31.74 -7.95
N GLY S 108 97.83 -32.85 -7.88
CA GLY S 108 96.62 -32.96 -7.07
C GLY S 108 95.45 -32.13 -7.58
N VAL S 109 95.33 -32.03 -8.92
CA VAL S 109 94.28 -31.28 -9.62
C VAL S 109 92.92 -31.98 -9.48
N ASP S 110 91.89 -31.23 -9.04
CA ASP S 110 90.52 -31.73 -8.86
C ASP S 110 89.87 -31.87 -10.25
N ILE S 111 89.88 -33.10 -10.79
CA ILE S 111 89.34 -33.43 -12.11
C ILE S 111 87.85 -33.75 -12.11
N ASN S 112 87.33 -34.31 -11.00
CA ASN S 112 85.93 -34.68 -10.84
C ASN S 112 84.99 -33.47 -10.73
N ASN S 113 85.51 -32.33 -10.22
CA ASN S 113 84.75 -31.09 -10.06
C ASN S 113 85.12 -30.04 -11.10
N GLY S 114 86.42 -29.76 -11.22
CA GLY S 114 86.95 -28.77 -12.15
C GLY S 114 87.75 -29.36 -13.30
N SER S 115 88.30 -28.47 -14.14
CA SER S 115 89.10 -28.83 -15.31
C SER S 115 90.59 -29.01 -14.94
N GLY S 116 91.36 -29.54 -15.88
CA GLY S 116 92.80 -29.76 -15.70
C GLY S 116 93.24 -31.20 -15.89
N VAL S 117 94.57 -31.41 -15.83
CA VAL S 117 95.21 -32.71 -15.99
C VAL S 117 95.75 -33.16 -14.62
N LEU S 118 95.34 -34.36 -14.17
CA LEU S 118 95.77 -34.90 -12.89
C LEU S 118 97.03 -35.75 -13.04
N LYS S 119 98.11 -35.32 -12.36
CA LYS S 119 99.40 -36.01 -12.34
C LYS S 119 99.62 -36.53 -10.93
N VAL S 120 99.95 -37.83 -10.81
CA VAL S 120 100.19 -38.49 -9.52
C VAL S 120 101.18 -39.67 -9.63
N CYS S 121 102.25 -39.62 -8.82
CA CYS S 121 103.30 -40.64 -8.79
C CYS S 121 102.84 -41.87 -8.02
N PHE S 122 103.14 -43.07 -8.55
CA PHE S 122 102.77 -44.34 -7.92
C PHE S 122 103.95 -45.31 -7.75
N ASP S 123 104.98 -45.18 -8.61
CA ASP S 123 106.16 -46.05 -8.59
C ASP S 123 107.44 -45.24 -8.88
N ILE S 124 108.50 -45.49 -8.07
CA ILE S 124 109.82 -44.84 -8.21
C ILE S 124 110.79 -45.89 -8.74
N VAL S 125 111.36 -45.65 -9.92
CA VAL S 125 112.29 -46.58 -10.57
C VAL S 125 113.71 -46.00 -10.62
N THR S 126 114.65 -46.63 -9.87
CA THR S 126 116.06 -46.24 -9.84
C THR S 126 116.79 -47.06 -10.90
N THR S 127 117.43 -46.38 -11.86
CA THR S 127 118.13 -47.03 -12.98
C THR S 127 119.62 -46.69 -13.10
N SER S 128 120.35 -47.55 -13.83
CA SER S 128 121.77 -47.40 -14.16
C SER S 128 121.88 -47.15 -15.67
N GLY S 129 123.10 -47.23 -16.22
CA GLY S 129 123.33 -47.04 -17.64
C GLY S 129 122.77 -48.16 -18.50
N THR S 130 122.78 -49.39 -17.96
CA THR S 130 122.28 -50.60 -18.62
C THR S 130 120.79 -50.85 -18.39
N GLY S 131 120.41 -51.10 -17.13
CA GLY S 131 119.03 -51.38 -16.77
C GLY S 131 118.58 -50.92 -15.40
N VAL S 132 117.43 -51.46 -14.95
CA VAL S 132 116.77 -51.17 -13.67
C VAL S 132 117.59 -51.75 -12.51
N THR S 133 117.90 -50.92 -11.50
CA THR S 133 118.65 -51.36 -10.31
C THR S 133 117.71 -51.72 -9.16
N SER S 134 116.74 -50.84 -8.84
CA SER S 134 115.76 -51.03 -7.76
C SER S 134 114.46 -50.27 -8.00
N THR S 135 113.34 -50.77 -7.44
CA THR S 135 112.02 -50.15 -7.54
C THR S 135 111.34 -49.99 -6.19
N LYS S 136 110.75 -48.80 -5.93
CA LYS S 136 110.07 -48.47 -4.69
C LYS S 136 108.67 -47.88 -4.98
N PRO S 137 107.56 -48.47 -4.48
CA PRO S 137 106.25 -47.89 -4.77
C PRO S 137 105.84 -46.78 -3.80
N ILE S 138 105.08 -45.78 -4.29
CA ILE S 138 104.57 -44.65 -3.52
C ILE S 138 103.51 -45.16 -2.53
N VAL S 139 103.61 -44.71 -1.25
CA VAL S 139 102.69 -45.08 -0.17
C VAL S 139 101.25 -44.67 -0.43
N GLN S 140 100.31 -45.61 -0.18
CA GLN S 140 98.87 -45.40 -0.37
C GLN S 140 98.26 -44.82 0.91
N THR S 141 98.05 -43.50 0.92
CA THR S 141 97.50 -42.75 2.06
C THR S 141 96.00 -42.96 2.20
N SER S 142 95.54 -43.32 3.40
CA SER S 142 94.13 -43.53 3.72
C SER S 142 93.69 -42.59 4.84
N THR S 143 93.29 -41.36 4.47
CA THR S 143 92.85 -40.31 5.40
C THR S 143 91.46 -40.65 5.94
N LEU S 144 91.35 -40.82 7.26
CA LEU S 144 90.10 -41.17 7.95
C LEU S 144 89.87 -40.29 9.18
N ASP S 145 88.60 -40.13 9.61
CA ASP S 145 88.24 -39.28 10.75
C ASP S 145 88.34 -40.04 12.09
N SER S 146 87.65 -41.19 12.22
CA SER S 146 87.67 -42.03 13.43
C SER S 146 87.52 -43.50 13.08
N ILE S 147 88.29 -44.38 13.76
CA ILE S 147 88.27 -45.82 13.52
C ILE S 147 87.87 -46.63 14.77
N SER S 148 86.88 -47.52 14.61
CA SER S 148 86.41 -48.47 15.63
C SER S 148 86.91 -49.84 15.16
N VAL S 149 87.99 -50.33 15.77
CA VAL S 149 88.65 -51.58 15.37
C VAL S 149 88.78 -52.62 16.50
N ASN S 150 88.80 -53.92 16.15
CA ASN S 150 88.99 -55.01 17.10
C ASN S 150 90.48 -55.26 17.32
N ASP S 151 91.22 -55.66 16.27
CA ASP S 151 92.67 -55.92 16.35
C ASP S 151 93.47 -55.22 15.25
N MET S 152 94.75 -54.91 15.51
CA MET S 152 95.62 -54.22 14.57
C MET S 152 97.06 -54.76 14.60
N THR S 153 97.74 -54.71 13.44
CA THR S 153 99.14 -55.14 13.28
C THR S 153 99.90 -54.05 12.52
N VAL S 154 100.93 -53.49 13.16
CA VAL S 154 101.77 -52.41 12.61
C VAL S 154 103.18 -52.94 12.32
N SER S 155 103.63 -52.81 11.05
CA SER S 155 104.96 -53.26 10.62
C SER S 155 106.03 -52.17 10.70
N GLY S 156 105.61 -50.91 10.61
CA GLY S 156 106.50 -49.76 10.68
C GLY S 156 106.51 -49.10 12.04
N SER S 157 105.66 -48.05 12.24
CA SER S 157 105.53 -47.31 13.49
C SER S 157 104.25 -46.44 13.55
N ILE S 158 103.87 -46.02 14.79
CA ILE S 158 102.70 -45.17 15.06
C ILE S 158 103.19 -43.81 15.60
N ASP S 159 102.68 -42.71 15.02
CA ASP S 159 103.03 -41.36 15.45
C ASP S 159 101.91 -40.78 16.34
N VAL S 160 102.09 -40.86 17.66
CA VAL S 160 101.15 -40.35 18.66
C VAL S 160 101.55 -38.93 19.11
N PRO S 161 100.59 -38.03 19.45
CA PRO S 161 100.98 -36.66 19.86
C PRO S 161 101.83 -36.61 21.12
N VAL S 162 102.96 -35.88 21.03
CA VAL S 162 103.94 -35.73 22.11
C VAL S 162 103.83 -34.33 22.74
N GLN S 163 103.93 -34.25 24.08
CA GLN S 163 103.88 -33.02 24.86
C GLN S 163 105.01 -33.00 25.90
N THR S 164 105.82 -31.92 25.90
CA THR S 164 106.94 -31.74 26.83
C THR S 164 106.66 -30.68 27.88
N LEU S 165 107.17 -30.88 29.10
CA LEU S 165 106.99 -29.98 30.23
C LEU S 165 108.19 -30.03 31.18
N THR S 166 108.63 -28.86 31.67
CA THR S 166 109.75 -28.74 32.62
C THR S 166 109.31 -27.87 33.82
N VAL S 167 108.77 -28.53 34.86
CA VAL S 167 108.29 -27.88 36.08
C VAL S 167 109.36 -27.86 37.17
N GLU S 168 109.67 -26.66 37.68
CA GLU S 168 110.63 -26.45 38.76
C GLU S 168 109.87 -26.65 40.07
N ALA S 169 109.87 -27.90 40.58
CA ALA S 169 109.17 -28.33 41.80
C ALA S 169 109.51 -27.54 43.06
N GLY S 170 110.72 -26.99 43.12
CA GLY S 170 111.21 -26.19 44.24
C GLY S 170 112.25 -26.90 45.06
N ASN S 171 112.84 -26.16 46.03
CA ASN S 171 113.90 -26.62 46.96
C ASN S 171 115.19 -27.06 46.23
N GLY S 172 115.19 -26.98 44.90
CA GLY S 172 116.30 -27.35 44.03
C GLY S 172 116.03 -28.51 43.10
N LEU S 173 114.75 -28.95 43.01
CA LEU S 173 114.33 -30.06 42.16
C LEU S 173 113.73 -29.59 40.83
N GLN S 174 114.14 -30.26 39.74
CA GLN S 174 113.67 -30.01 38.37
C GLN S 174 113.13 -31.33 37.79
N LEU S 175 111.97 -31.26 37.12
CA LEU S 175 111.30 -32.43 36.53
C LEU S 175 111.13 -32.24 35.02
N GLN S 176 111.50 -33.25 34.22
CA GLN S 176 111.35 -33.23 32.76
C GLN S 176 110.32 -34.28 32.36
N LEU S 177 109.10 -33.82 32.06
CA LEU S 177 107.96 -34.67 31.69
C LEU S 177 107.78 -34.76 30.18
N THR S 178 107.43 -35.96 29.68
CA THR S 178 107.18 -36.24 28.27
C THR S 178 105.91 -37.10 28.15
N LYS S 179 104.79 -36.46 27.76
CA LYS S 179 103.47 -37.10 27.62
C LYS S 179 103.17 -37.47 26.17
N LYS S 180 102.89 -38.76 25.92
CA LYS S 180 102.56 -39.27 24.60
C LYS S 180 101.18 -39.93 24.61
N ASN S 181 100.32 -39.58 23.64
CA ASN S 181 98.93 -40.06 23.48
C ASN S 181 98.03 -39.69 24.68
N ASN S 182 98.36 -38.56 25.35
CA ASN S 182 97.66 -38.01 26.53
C ASN S 182 97.45 -39.01 27.70
N ASP S 183 98.36 -40.00 27.82
CA ASP S 183 98.26 -41.02 28.86
C ASP S 183 99.59 -41.33 29.58
N LEU S 184 100.55 -41.94 28.86
CA LEU S 184 101.85 -42.31 29.43
C LEU S 184 102.81 -41.13 29.51
N VAL S 185 103.36 -40.87 30.71
CA VAL S 185 104.29 -39.78 30.98
C VAL S 185 105.54 -40.34 31.68
N ILE S 186 106.73 -39.98 31.17
CA ILE S 186 108.00 -40.38 31.78
C ILE S 186 108.67 -39.13 32.36
N VAL S 187 108.76 -39.09 33.70
CA VAL S 187 109.34 -37.98 34.47
C VAL S 187 110.84 -38.23 34.66
N ARG S 188 111.65 -37.22 34.27
CA ARG S 188 113.10 -37.26 34.39
C ARG S 188 113.55 -36.29 35.50
N PHE S 189 114.22 -36.83 36.54
CA PHE S 189 114.70 -36.04 37.68
C PHE S 189 116.01 -35.30 37.38
N PHE S 190 116.06 -34.00 37.73
CA PHE S 190 117.22 -33.12 37.54
C PHE S 190 117.35 -32.09 38.68
N GLY S 191 118.55 -31.51 38.81
CA GLY S 191 118.86 -30.51 39.83
C GLY S 191 119.52 -31.09 41.06
N SER S 192 119.36 -30.40 42.21
CA SER S 192 119.90 -30.77 43.51
C SER S 192 119.01 -30.22 44.65
N VAL S 193 118.26 -31.11 45.32
CA VAL S 193 117.33 -30.74 46.40
C VAL S 193 118.01 -30.41 47.74
N SER S 194 117.55 -29.33 48.42
CA SER S 194 118.06 -28.85 49.71
C SER S 194 116.95 -28.18 50.53
N ASN S 195 117.03 -28.32 51.88
CA ASN S 195 116.09 -27.77 52.88
C ASN S 195 114.64 -28.26 52.70
N ILE S 196 114.42 -29.57 52.95
CA ILE S 196 113.11 -30.22 52.83
C ILE S 196 112.93 -31.37 53.86
N GLN S 197 111.69 -31.53 54.36
CA GLN S 197 111.31 -32.57 55.33
C GLN S 197 110.32 -33.57 54.71
N LYS S 198 110.17 -34.76 55.34
CA LYS S 198 109.26 -35.82 54.89
C LYS S 198 107.78 -35.44 55.07
N GLY S 199 107.00 -35.61 54.00
CA GLY S 199 105.58 -35.30 53.98
C GLY S 199 105.26 -33.84 53.71
N TRP S 200 106.30 -33.01 53.51
CA TRP S 200 106.17 -31.58 53.24
C TRP S 200 106.05 -31.26 51.75
N ASN S 201 105.12 -30.36 51.40
CA ASN S 201 104.87 -29.91 50.03
C ASN S 201 106.05 -29.09 49.53
N MET S 202 106.41 -29.25 48.25
CA MET S 202 107.55 -28.56 47.64
C MET S 202 107.24 -27.13 47.18
N SER S 203 108.04 -26.18 47.70
CA SER S 203 107.98 -24.72 47.53
C SER S 203 107.66 -24.13 46.16
N GLY S 204 108.31 -24.64 45.11
CA GLY S 204 108.19 -24.14 43.75
C GLY S 204 106.90 -24.39 42.99
N THR S 205 107.00 -24.34 41.66
CA THR S 205 105.91 -24.50 40.67
C THR S 205 105.20 -25.86 40.79
N TRP S 206 103.88 -25.86 40.53
CA TRP S 206 103.02 -27.04 40.54
C TRP S 206 102.88 -27.61 39.12
N VAL S 207 102.52 -28.90 39.01
CA VAL S 207 102.35 -29.62 37.74
C VAL S 207 101.11 -29.08 36.98
N ASP S 208 101.30 -28.75 35.68
CA ASP S 208 100.26 -28.23 34.79
C ASP S 208 99.12 -29.23 34.59
N ARG S 209 97.89 -28.71 34.38
CA ARG S 209 96.66 -29.48 34.16
C ARG S 209 96.73 -30.61 33.10
N PRO S 210 97.34 -30.44 31.88
CA PRO S 210 97.39 -31.57 30.93
C PRO S 210 98.30 -32.73 31.37
N PHE S 211 99.17 -32.49 32.37
CA PHE S 211 100.12 -33.47 32.90
C PHE S 211 99.73 -34.04 34.27
N ARG S 212 98.66 -33.50 34.90
CA ARG S 212 98.16 -33.94 36.21
C ARG S 212 97.50 -35.32 36.12
N PRO S 213 97.82 -36.27 37.05
CA PRO S 213 97.18 -37.60 36.98
C PRO S 213 95.84 -37.68 37.70
N ALA S 214 95.09 -38.78 37.49
CA ALA S 214 93.78 -39.01 38.11
C ALA S 214 93.91 -39.29 39.61
N ALA S 215 94.94 -40.07 39.99
CA ALA S 215 95.24 -40.45 41.37
C ALA S 215 96.69 -40.07 41.71
N VAL S 216 97.04 -40.08 43.01
CA VAL S 216 98.37 -39.76 43.51
C VAL S 216 99.41 -40.80 43.02
N GLN S 217 100.39 -40.34 42.23
CA GLN S 217 101.43 -41.19 41.65
C GLN S 217 102.75 -41.09 42.40
N SER S 218 103.17 -42.20 43.03
CA SER S 218 104.42 -42.30 43.80
C SER S 218 105.57 -42.65 42.85
N LEU S 219 106.45 -41.67 42.55
CA LEU S 219 107.57 -41.87 41.63
C LEU S 219 108.94 -41.85 42.32
N VAL S 220 109.68 -42.96 42.18
CA VAL S 220 110.99 -43.18 42.81
C VAL S 220 112.14 -42.58 41.98
N GLY S 221 113.05 -41.89 42.68
CA GLY S 221 114.25 -41.29 42.14
C GLY S 221 115.49 -41.78 42.88
N HIS S 222 116.68 -41.26 42.51
CA HIS S 222 117.94 -41.68 43.14
C HIS S 222 118.94 -40.52 43.31
N PHE S 223 119.69 -40.52 44.43
CA PHE S 223 120.72 -39.53 44.71
C PHE S 223 122.03 -39.97 44.07
N ALA S 224 122.50 -39.21 43.05
CA ALA S 224 123.71 -39.48 42.28
C ALA S 224 124.98 -39.59 43.13
N GLY S 225 125.71 -40.68 42.92
CA GLY S 225 126.95 -40.99 43.63
C GLY S 225 126.77 -41.67 44.98
N ARG S 226 125.52 -41.93 45.38
CA ARG S 226 125.18 -42.55 46.67
C ARG S 226 124.40 -43.86 46.48
N ASP S 227 123.97 -44.47 47.60
CA ASP S 227 123.14 -45.68 47.61
C ASP S 227 121.79 -45.40 48.30
N THR S 228 121.50 -44.10 48.48
CA THR S 228 120.27 -43.56 49.08
C THR S 228 119.27 -43.21 47.99
N SER S 229 117.96 -43.43 48.26
CA SER S 229 116.88 -43.16 47.31
C SER S 229 115.77 -42.27 47.89
N PHE S 230 114.90 -41.74 47.00
CA PHE S 230 113.77 -40.86 47.37
C PHE S 230 112.56 -41.12 46.48
N HIS S 231 111.38 -40.60 46.90
CA HIS S 231 110.14 -40.69 46.14
C HIS S 231 109.26 -39.47 46.33
N ILE S 232 108.63 -39.00 45.24
CA ILE S 232 107.74 -37.82 45.27
C ILE S 232 106.32 -38.14 44.83
N ASP S 233 105.34 -37.72 45.63
CA ASP S 233 103.93 -37.94 45.39
C ASP S 233 103.29 -36.81 44.58
N ILE S 234 102.99 -37.08 43.30
CA ILE S 234 102.33 -36.10 42.41
C ILE S 234 100.82 -36.29 42.55
N ASN S 235 100.23 -35.48 43.45
CA ASN S 235 98.80 -35.49 43.77
C ASN S 235 97.95 -35.00 42.56
N PRO S 236 96.63 -35.34 42.48
CA PRO S 236 95.83 -34.90 41.32
C PRO S 236 95.70 -33.39 41.09
N ASN S 237 95.92 -32.56 42.15
CA ASN S 237 95.84 -31.10 42.06
C ASN S 237 97.12 -30.42 41.52
N GLY S 238 98.13 -31.23 41.18
CA GLY S 238 99.40 -30.76 40.64
C GLY S 238 100.50 -30.58 41.67
N SER S 239 100.15 -30.68 42.96
CA SER S 239 101.09 -30.53 44.08
C SER S 239 102.06 -31.69 44.19
N ILE S 240 103.36 -31.39 44.37
CA ILE S 240 104.43 -32.38 44.51
C ILE S 240 104.84 -32.46 45.98
N THR S 241 104.49 -33.57 46.65
CA THR S 241 104.80 -33.79 48.06
C THR S 241 106.03 -34.68 48.20
N TRP S 242 107.06 -34.18 48.90
CA TRP S 242 108.32 -34.90 49.16
C TRP S 242 108.10 -36.04 50.15
N TRP S 243 108.70 -37.21 49.87
CA TRP S 243 108.57 -38.39 50.74
C TRP S 243 109.87 -39.17 50.97
N GLY S 244 111.00 -38.46 50.90
CA GLY S 244 112.32 -39.02 51.17
C GLY S 244 112.77 -38.62 52.56
N ALA S 245 114.05 -38.85 52.89
CA ALA S 245 114.57 -38.48 54.21
C ALA S 245 114.83 -36.96 54.27
N ASN S 246 114.75 -36.37 55.48
CA ASN S 246 114.95 -34.94 55.72
C ASN S 246 116.32 -34.46 55.24
N ILE S 247 116.31 -33.48 54.32
CA ILE S 247 117.52 -32.92 53.72
C ILE S 247 117.83 -31.53 54.26
N ASP S 248 119.09 -31.33 54.68
CA ASP S 248 119.60 -30.08 55.23
C ASP S 248 120.02 -29.06 54.14
N LYS S 249 120.82 -28.08 54.55
CA LYS S 249 121.33 -26.99 53.69
C LYS S 249 122.19 -27.45 52.50
N THR S 250 122.90 -28.58 52.64
CA THR S 250 123.77 -29.13 51.60
C THR S 250 122.92 -29.77 50.46
N PRO S 251 123.07 -29.32 49.20
CA PRO S 251 122.25 -29.92 48.13
C PRO S 251 122.86 -31.19 47.52
N ILE S 252 122.02 -32.22 47.34
CA ILE S 252 122.41 -33.52 46.77
C ILE S 252 121.74 -33.69 45.39
N ALA S 253 122.55 -34.04 44.36
CA ALA S 253 122.10 -34.26 42.98
C ALA S 253 121.06 -35.36 42.86
N THR S 254 119.90 -35.04 42.28
CA THR S 254 118.77 -35.95 42.11
C THR S 254 118.56 -36.31 40.64
N ARG S 255 118.63 -37.61 40.32
CA ARG S 255 118.45 -38.15 38.97
C ARG S 255 117.59 -39.42 38.99
N GLY S 256 116.84 -39.65 37.91
CA GLY S 256 116.00 -40.83 37.77
C GLY S 256 114.85 -40.72 36.79
N ASN S 257 114.27 -41.89 36.43
CA ASN S 257 113.14 -42.00 35.52
C ASN S 257 111.95 -42.67 36.21
N GLY S 258 110.78 -42.09 36.04
CA GLY S 258 109.53 -42.58 36.61
C GLY S 258 108.37 -42.48 35.65
N SER S 259 107.67 -43.62 35.41
CA SER S 259 106.53 -43.72 34.51
C SER S 259 105.21 -43.82 35.26
N TYR S 260 104.15 -43.17 34.72
CA TYR S 260 102.79 -43.18 35.28
C TYR S 260 101.71 -42.95 34.21
N PHE S 261 100.49 -43.43 34.48
CA PHE S 261 99.33 -43.25 33.60
C PHE S 261 98.41 -42.16 34.16
N ILE S 262 97.97 -41.23 33.29
CA ILE S 262 97.06 -40.15 33.67
C ILE S 262 95.65 -40.75 33.78
N LYS S 263 95.16 -41.38 32.69
CA LYS S 263 93.86 -42.01 32.57
C LYS S 263 93.73 -43.26 33.44
N MET T 1 -9.17 -38.44 15.46
CA MET T 1 -8.75 -37.77 14.24
C MET T 1 -8.07 -36.45 14.49
N VAL T 2 -8.86 -35.41 14.79
CA VAL T 2 -8.39 -34.06 15.05
C VAL T 2 -7.84 -33.94 16.49
N ARG T 3 -7.08 -32.87 16.76
CA ARG T 3 -6.41 -32.52 18.02
C ARG T 3 -7.39 -32.07 19.11
N GLN T 4 -7.14 -32.50 20.35
CA GLN T 4 -7.97 -32.15 21.49
C GLN T 4 -7.14 -31.42 22.55
N TYR T 5 -7.54 -30.19 22.90
CA TYR T 5 -6.90 -29.42 23.97
C TYR T 5 -7.84 -29.36 25.16
N LYS T 6 -7.33 -29.66 26.36
CA LYS T 6 -8.12 -29.63 27.59
C LYS T 6 -7.35 -28.99 28.73
N ILE T 7 -8.05 -28.16 29.50
CA ILE T 7 -7.50 -27.45 30.65
C ILE T 7 -8.00 -28.09 31.93
N HIS T 8 -7.08 -28.48 32.81
CA HIS T 8 -7.38 -29.11 34.08
C HIS T 8 -6.94 -28.22 35.24
N THR T 9 -7.86 -27.97 36.17
CA THR T 9 -7.59 -27.18 37.36
C THR T 9 -6.62 -27.89 38.29
N ASN T 10 -6.87 -29.18 38.57
CA ASN T 10 -5.99 -29.98 39.41
C ASN T 10 -5.90 -31.43 38.93
N LEU T 11 -5.03 -31.67 37.94
CA LEU T 11 -4.82 -33.03 37.44
C LEU T 11 -4.20 -33.86 38.58
N ASP T 12 -4.63 -35.11 38.70
CA ASP T 12 -4.16 -36.01 39.79
C ASP T 12 -4.89 -35.70 41.09
N GLY T 13 -5.95 -34.91 41.01
CA GLY T 13 -6.73 -34.53 42.19
C GLY T 13 -8.21 -34.74 41.99
N THR T 14 -8.94 -35.00 43.08
CA THR T 14 -10.38 -35.22 43.06
C THR T 14 -11.18 -34.01 42.56
N ASP T 15 -10.74 -32.78 42.93
CA ASP T 15 -11.36 -31.49 42.55
C ASP T 15 -10.85 -31.01 41.17
N ASP T 16 -11.04 -31.85 40.14
CA ASP T 16 -10.55 -31.54 38.81
C ASP T 16 -11.65 -31.12 37.86
N LYS T 17 -11.73 -29.82 37.60
CA LYS T 17 -12.70 -29.23 36.69
C LYS T 17 -11.99 -29.19 35.35
N VAL T 18 -12.62 -29.74 34.32
CA VAL T 18 -12.03 -29.79 32.99
C VAL T 18 -12.72 -28.83 32.04
N TRP T 19 -11.92 -28.02 31.34
CA TRP T 19 -12.42 -27.08 30.34
C TRP T 19 -12.03 -27.58 28.94
N ASP T 20 -13.03 -27.85 28.07
CA ASP T 20 -12.78 -28.32 26.71
C ASP T 20 -12.55 -27.10 25.83
N VAL T 21 -11.28 -26.79 25.63
CA VAL T 21 -10.84 -25.66 24.81
C VAL T 21 -10.81 -25.94 23.29
N THR T 22 -11.09 -27.21 22.96
CA THR T 22 -11.31 -27.64 21.58
C THR T 22 -12.84 -27.65 21.25
N ASN T 23 -13.69 -28.17 22.14
CA ASN T 23 -15.11 -28.36 21.91
C ASN T 23 -16.06 -27.46 22.66
N GLY T 24 -15.73 -27.15 23.90
CA GLY T 24 -16.58 -26.34 24.78
C GLY T 24 -16.84 -24.91 24.38
N LYS T 25 -17.56 -24.19 25.27
CA LYS T 25 -17.93 -22.79 25.10
C LYS T 25 -16.71 -21.86 25.02
N VAL T 26 -15.69 -22.11 25.84
CA VAL T 26 -14.44 -21.35 25.83
C VAL T 26 -13.41 -22.13 25.03
N ARG T 27 -12.95 -21.57 23.90
CA ARG T 27 -12.02 -22.27 23.01
C ARG T 27 -10.68 -21.61 22.81
N PHE T 28 -9.62 -22.43 22.76
CA PHE T 28 -8.24 -22.03 22.48
C PHE T 28 -7.99 -22.33 21.01
N TYR T 29 -7.37 -21.38 20.31
CA TYR T 29 -7.05 -21.48 18.89
C TYR T 29 -5.64 -20.90 18.61
N GLN T 30 -5.01 -21.30 17.49
CA GLN T 30 -3.69 -20.84 17.01
C GLN T 30 -2.58 -20.73 18.08
N PRO T 31 -2.08 -21.86 18.61
CA PRO T 31 -0.97 -21.76 19.59
C PRO T 31 0.26 -21.11 18.94
N SER T 32 0.90 -20.17 19.65
CA SER T 32 2.08 -19.44 19.16
C SER T 32 3.24 -20.38 18.80
N ASN T 33 3.76 -21.11 19.79
CA ASN T 33 4.84 -22.08 19.54
C ASN T 33 4.69 -23.26 20.45
N LEU T 34 4.72 -24.47 19.89
CA LEU T 34 4.63 -25.72 20.64
C LEU T 34 5.99 -26.45 20.63
N GLY T 35 6.95 -25.87 19.90
CA GLY T 35 8.29 -26.40 19.76
C GLY T 35 9.19 -26.12 20.96
N LEU T 36 10.49 -25.90 20.71
CA LEU T 36 11.47 -25.61 21.76
C LEU T 36 12.66 -24.82 21.27
N GLN T 37 13.37 -24.16 22.20
CA GLN T 37 14.60 -23.42 21.95
C GLN T 37 15.70 -24.04 22.81
N SER T 38 16.95 -24.03 22.34
CA SER T 38 18.05 -24.62 23.09
C SER T 38 19.31 -23.77 22.99
N THR T 39 20.03 -23.63 24.10
CA THR T 39 21.31 -22.92 24.21
C THR T 39 22.40 -23.93 24.52
N ASN T 40 23.17 -24.26 23.48
CA ASN T 40 24.18 -25.31 23.45
C ASN T 40 25.58 -25.03 24.03
N ASN T 41 25.90 -23.74 24.35
CA ASN T 41 27.19 -23.28 24.92
C ASN T 41 28.43 -23.68 24.10
N ILE T 42 28.37 -23.43 22.79
CA ILE T 42 29.44 -23.78 21.88
C ILE T 42 30.49 -22.70 21.85
N TRP T 43 31.67 -23.06 22.37
CA TRP T 43 32.85 -22.21 22.36
C TRP T 43 33.81 -22.82 21.34
N GLN T 44 34.44 -21.97 20.51
CA GLN T 44 35.32 -22.46 19.46
C GLN T 44 36.76 -22.04 19.61
N SER T 45 37.67 -23.01 19.50
CA SER T 45 39.11 -22.81 19.58
C SER T 45 39.71 -23.10 18.21
N ASN T 46 40.37 -22.10 17.60
CA ASN T 46 41.04 -22.16 16.30
C ASN T 46 40.22 -22.85 15.17
N GLY T 47 38.95 -22.46 15.04
CA GLY T 47 38.06 -23.03 14.03
C GLY T 47 37.37 -24.33 14.43
N ILE T 48 37.95 -25.07 15.39
CA ILE T 48 37.41 -26.33 15.91
C ILE T 48 36.35 -26.00 16.97
N GLY T 49 35.21 -26.69 16.92
CA GLY T 49 34.09 -26.45 17.82
C GLY T 49 33.93 -27.46 18.93
N VAL T 50 33.84 -26.93 20.15
CA VAL T 50 33.64 -27.70 21.36
C VAL T 50 32.25 -27.33 21.89
N MET T 51 31.42 -28.36 22.17
CA MET T 51 30.06 -28.16 22.66
C MET T 51 29.89 -28.49 24.15
N GLY T 52 29.31 -27.54 24.89
CA GLY T 52 29.00 -27.66 26.31
C GLY T 52 27.76 -28.47 26.58
N THR T 53 26.86 -27.92 27.42
CA THR T 53 25.61 -28.55 27.82
C THR T 53 24.42 -27.78 27.31
N ARG T 54 23.45 -28.49 26.73
CA ARG T 54 22.25 -27.90 26.15
C ARG T 54 21.13 -27.64 27.16
N SER T 55 20.86 -26.36 27.39
CA SER T 55 19.77 -25.95 28.27
C SER T 55 18.57 -25.76 27.38
N ILE T 56 17.66 -26.73 27.40
CA ILE T 56 16.44 -26.70 26.60
C ILE T 56 15.48 -25.74 27.29
N THR T 57 15.26 -24.59 26.64
CA THR T 57 14.41 -23.50 27.09
C THR T 57 13.04 -23.60 26.44
N GLN T 58 11.97 -23.48 27.25
CA GLN T 58 10.60 -23.55 26.74
C GLN T 58 9.97 -22.17 26.63
N PRO T 59 9.37 -21.88 25.45
CA PRO T 59 8.81 -20.55 25.23
C PRO T 59 7.32 -20.46 25.59
N GLN T 60 6.87 -19.24 25.94
CA GLN T 60 5.48 -18.93 26.29
C GLN T 60 4.51 -19.33 25.17
N ILE T 61 3.37 -19.92 25.54
CA ILE T 61 2.37 -20.29 24.55
C ILE T 61 1.23 -19.29 24.66
N GLU T 62 0.91 -18.64 23.53
CA GLU T 62 -0.15 -17.64 23.41
C GLU T 62 -1.27 -18.21 22.52
N PHE T 63 -2.47 -18.31 23.09
CA PHE T 63 -3.66 -18.82 22.42
C PHE T 63 -4.67 -17.74 22.11
N LYS T 64 -5.36 -17.89 20.99
CA LYS T 64 -6.40 -16.98 20.54
C LYS T 64 -7.64 -17.55 21.23
N LEU T 65 -7.96 -17.02 22.41
CA LEU T 65 -9.08 -17.45 23.23
C LEU T 65 -10.40 -16.85 22.74
N GLU T 66 -11.33 -17.72 22.34
CA GLU T 66 -12.64 -17.34 21.83
C GLU T 66 -13.71 -17.92 22.72
N THR T 67 -14.82 -17.18 22.91
CA THR T 67 -15.98 -17.62 23.71
C THR T 67 -17.19 -17.85 22.80
N PHE T 68 -18.04 -18.83 23.14
CA PHE T 68 -19.20 -19.15 22.31
C PHE T 68 -20.57 -19.03 22.98
N GLY T 69 -20.77 -17.98 23.77
CA GLY T 69 -22.03 -17.73 24.45
C GLY T 69 -23.19 -17.44 23.52
N GLU T 70 -24.40 -17.43 24.07
CA GLU T 70 -25.63 -17.15 23.34
C GLU T 70 -26.11 -15.71 23.55
N SER T 71 -25.66 -15.05 24.63
CA SER T 71 -26.04 -13.69 24.99
C SER T 71 -24.82 -12.96 25.54
N LEU T 72 -24.94 -11.64 25.78
CA LEU T 72 -23.86 -10.83 26.35
C LEU T 72 -23.60 -11.31 27.77
N GLU T 73 -24.67 -11.69 28.49
CA GLU T 73 -24.67 -12.22 29.84
C GLU T 73 -23.85 -13.52 29.92
N GLU T 74 -24.06 -14.48 28.99
CA GLU T 74 -23.33 -15.75 28.97
C GLU T 74 -21.84 -15.63 28.65
N ASN T 75 -21.45 -14.73 27.71
CA ASN T 75 -20.05 -14.50 27.32
C ASN T 75 -19.24 -13.83 28.43
N TYR T 76 -19.88 -12.92 29.20
CA TYR T 76 -19.25 -12.27 30.34
C TYR T 76 -19.09 -13.29 31.46
N GLN T 77 -20.09 -14.20 31.57
CA GLN T 77 -20.13 -15.28 32.55
C GLN T 77 -19.08 -16.34 32.27
N LEU T 78 -18.67 -16.50 31.00
CA LEU T 78 -17.62 -17.45 30.65
C LEU T 78 -16.23 -16.89 30.98
N MET T 79 -15.97 -15.64 30.53
CA MET T 79 -14.71 -14.97 30.78
C MET T 79 -14.37 -14.86 32.27
N LYS T 80 -15.39 -14.56 33.12
CA LYS T 80 -15.26 -14.47 34.57
C LYS T 80 -14.98 -15.85 35.17
N ASP T 81 -15.70 -16.89 34.70
CA ASP T 81 -15.51 -18.25 35.18
C ASP T 81 -14.17 -18.86 34.77
N PHE T 82 -13.88 -18.94 33.45
CA PHE T 82 -12.65 -19.50 32.92
C PHE T 82 -11.36 -18.89 33.47
N VAL T 83 -11.24 -17.54 33.51
CA VAL T 83 -10.05 -16.86 34.02
C VAL T 83 -9.85 -17.01 35.54
N ASN T 84 -10.93 -16.92 36.37
CA ASN T 84 -10.83 -17.10 37.82
C ASN T 84 -10.51 -18.53 38.22
N ASP T 85 -10.97 -19.54 37.45
CA ASP T 85 -10.66 -20.95 37.70
C ASP T 85 -9.18 -21.21 37.52
N ILE T 86 -8.56 -20.52 36.55
CA ILE T 86 -7.12 -20.56 36.28
C ILE T 86 -6.36 -19.86 37.41
N LEU T 87 -6.94 -18.79 37.98
CA LEU T 87 -6.34 -18.04 39.08
C LEU T 87 -6.45 -18.73 40.42
N SER T 88 -7.57 -19.44 40.69
CA SER T 88 -7.81 -20.18 41.95
C SER T 88 -6.73 -21.22 42.29
N LYS T 89 -6.19 -21.92 41.28
CA LYS T 89 -5.13 -22.92 41.40
C LYS T 89 -3.84 -22.22 40.99
N LYS T 90 -2.74 -22.43 41.74
CA LYS T 90 -1.46 -21.78 41.45
C LYS T 90 -0.87 -22.07 40.06
N PHE T 91 -1.22 -23.24 39.47
CA PHE T 91 -0.80 -23.67 38.15
C PHE T 91 -1.85 -24.59 37.52
N VAL T 92 -2.03 -24.46 36.19
CA VAL T 92 -3.01 -25.21 35.39
C VAL T 92 -2.32 -26.24 34.47
N THR T 93 -2.97 -27.42 34.26
CA THR T 93 -2.45 -28.48 33.38
C THR T 93 -3.19 -28.56 32.04
N LEU T 94 -2.45 -28.38 30.94
CA LEU T 94 -2.95 -28.48 29.56
C LEU T 94 -2.91 -29.97 29.14
N GLU T 95 -3.74 -30.38 28.19
CA GLU T 95 -3.79 -31.76 27.67
C GLU T 95 -3.74 -31.74 26.13
N TYR T 96 -2.56 -32.01 25.58
CA TYR T 96 -2.37 -32.04 24.13
C TYR T 96 -2.65 -33.46 23.67
N GLN T 97 -3.79 -33.64 23.01
CA GLN T 97 -4.20 -34.96 22.55
C GLN T 97 -4.33 -35.06 21.04
N THR T 98 -3.85 -36.18 20.47
CA THR T 98 -3.89 -36.49 19.04
C THR T 98 -4.06 -38.00 18.85
N GLU T 99 -4.16 -38.44 17.59
CA GLU T 99 -4.32 -39.85 17.24
C GLU T 99 -3.20 -40.74 17.82
N ILE T 100 -1.97 -40.20 17.83
CA ILE T 100 -0.79 -40.91 18.33
C ILE T 100 -0.38 -40.65 19.79
N PHE T 101 -0.60 -39.45 20.32
CA PHE T 101 -0.16 -39.15 21.67
C PHE T 101 -1.12 -38.37 22.55
N GLN T 102 -0.85 -38.42 23.86
CA GLN T 102 -1.58 -37.64 24.87
C GLN T 102 -0.61 -37.04 25.91
N VAL T 103 -0.03 -35.88 25.59
CA VAL T 103 0.92 -35.19 26.48
C VAL T 103 0.30 -34.06 27.30
N TYR T 104 0.95 -33.67 28.42
CA TYR T 104 0.46 -32.61 29.29
C TYR T 104 1.53 -31.57 29.61
N ALA T 105 1.11 -30.30 29.82
CA ALA T 105 1.97 -29.18 30.16
C ALA T 105 1.47 -28.55 31.46
N ASP T 106 2.39 -28.01 32.27
CA ASP T 106 2.08 -27.34 33.53
C ASP T 106 2.29 -25.85 33.30
N LEU T 107 1.19 -25.15 33.01
CA LEU T 107 1.16 -23.74 32.67
C LEU T 107 0.79 -22.87 33.85
N ALA T 108 1.28 -21.62 33.81
CA ALA T 108 0.98 -20.57 34.77
C ALA T 108 0.51 -19.37 33.96
N LEU T 109 -0.58 -18.71 34.39
CA LEU T 109 -1.16 -17.58 33.66
C LEU T 109 -0.18 -16.40 33.59
N ALA T 110 0.27 -16.09 32.36
CA ALA T 110 1.20 -14.99 32.11
C ALA T 110 0.46 -13.68 31.80
N ASP T 111 -0.55 -13.70 30.88
CA ASP T 111 -1.33 -12.53 30.46
C ASP T 111 -2.65 -12.94 29.81
N VAL T 112 -3.74 -12.28 30.19
CA VAL T 112 -5.07 -12.45 29.61
C VAL T 112 -5.64 -11.06 29.26
N THR T 113 -6.31 -10.96 28.11
CA THR T 113 -6.85 -9.68 27.66
C THR T 113 -8.37 -9.63 27.66
N LYS T 114 -8.94 -8.46 27.99
CA LYS T 114 -10.39 -8.23 27.96
C LYS T 114 -10.62 -6.90 27.27
N THR T 115 -11.31 -6.94 26.10
CA THR T 115 -11.62 -5.76 25.28
C THR T 115 -13.11 -5.66 24.94
N GLU T 116 -13.53 -4.49 24.46
CA GLU T 116 -14.93 -4.23 24.10
C GLU T 116 -15.31 -4.40 22.63
N GLY T 117 -14.53 -5.18 21.89
CA GLY T 117 -14.81 -5.50 20.50
C GLY T 117 -15.59 -6.80 20.46
N TYR T 118 -16.92 -6.69 20.67
CA TYR T 118 -17.84 -7.83 20.70
C TYR T 118 -18.46 -8.08 19.34
N GLY T 119 -18.43 -9.33 18.92
CA GLY T 119 -18.84 -9.81 17.59
C GLY T 119 -20.30 -9.90 17.19
N LYS T 120 -21.02 -10.84 17.82
CA LYS T 120 -22.45 -11.15 17.73
C LYS T 120 -22.81 -11.79 19.05
N ASN T 121 -23.87 -11.27 19.70
CA ASN T 121 -24.37 -11.69 21.02
C ASN T 121 -23.31 -11.54 22.13
N GLY T 122 -22.46 -10.52 21.96
CA GLY T 122 -21.39 -10.19 22.88
C GLY T 122 -20.22 -11.16 22.90
N THR T 123 -19.89 -11.73 21.74
CA THR T 123 -18.80 -12.69 21.52
C THR T 123 -17.44 -12.13 21.97
N PHE T 124 -16.49 -13.00 22.36
CA PHE T 124 -15.15 -12.56 22.78
C PHE T 124 -14.05 -13.19 21.95
N SER T 125 -13.07 -12.38 21.52
CA SER T 125 -11.87 -12.81 20.82
C SER T 125 -10.72 -12.14 21.54
N GLU T 126 -9.98 -12.90 22.38
CA GLU T 126 -8.91 -12.36 23.22
C GLU T 126 -7.69 -13.26 23.21
N LYS T 127 -6.51 -12.69 23.47
CA LYS T 127 -5.26 -13.45 23.52
C LYS T 127 -4.87 -13.80 24.95
N ILE T 128 -4.62 -15.09 25.20
CA ILE T 128 -4.22 -15.61 26.51
C ILE T 128 -2.79 -16.18 26.42
N THR T 129 -1.85 -15.66 27.24
CA THR T 129 -0.45 -16.07 27.25
C THR T 129 -0.20 -16.88 28.51
N PHE T 130 0.61 -17.94 28.38
CA PHE T 130 0.96 -18.82 29.48
C PHE T 130 2.46 -18.96 29.61
N ASP T 131 2.94 -19.10 30.85
CA ASP T 131 4.33 -19.34 31.15
C ASP T 131 4.52 -20.84 31.35
N ILE T 132 5.62 -21.40 30.82
CA ILE T 132 5.88 -22.83 30.92
C ILE T 132 6.61 -23.21 32.22
N ILE T 133 6.00 -24.13 32.99
CA ILE T 133 6.62 -24.70 34.19
C ILE T 133 7.31 -25.98 33.67
N THR T 134 6.53 -26.99 33.25
CA THR T 134 7.02 -28.25 32.68
C THR T 134 6.33 -28.42 31.34
N LYS T 135 7.11 -28.65 30.27
CA LYS T 135 6.52 -28.87 28.95
C LYS T 135 6.63 -30.32 28.49
N TRP T 136 5.47 -30.87 28.11
CA TRP T 136 5.15 -32.24 27.69
C TRP T 136 5.61 -33.36 28.61
N TYR T 137 4.66 -33.88 29.38
CA TYR T 137 4.91 -34.99 30.27
C TYR T 137 3.80 -36.00 30.11
N THR T 138 4.14 -37.28 30.03
CA THR T 138 3.15 -38.33 29.91
C THR T 138 2.58 -38.61 31.31
N TYR T 139 1.26 -38.82 31.43
CA TYR T 139 0.65 -39.15 32.72
C TYR T 139 0.08 -40.52 32.52
N GLU T 140 0.74 -41.53 33.12
CA GLU T 140 0.35 -42.92 32.96
C GLU T 140 0.23 -43.65 34.28
N ASN T 141 -0.55 -44.75 34.26
CA ASN T 141 -0.83 -45.59 35.41
C ASN T 141 0.27 -46.65 35.49
N LEU T 142 1.04 -46.63 36.59
CA LEU T 142 2.11 -47.60 36.81
C LEU T 142 1.58 -48.77 37.66
N THR T 143 1.72 -50.01 37.13
CA THR T 143 1.32 -51.25 37.79
C THR T 143 2.47 -52.25 37.79
N PHE T 144 2.50 -53.11 38.81
CA PHE T 144 3.47 -54.19 38.98
C PHE T 144 3.24 -55.27 37.93
N ASP T 145 4.25 -56.12 37.75
CA ASP T 145 4.18 -57.23 36.81
C ASP T 145 4.25 -58.57 37.55
N LYS T 146 3.49 -59.55 37.07
CA LYS T 146 3.41 -60.86 37.71
C LYS T 146 4.21 -61.89 36.92
N ILE T 147 4.76 -62.89 37.63
CA ILE T 147 5.55 -63.95 37.03
C ILE T 147 4.80 -65.29 37.10
N GLN T 148 4.64 -65.95 35.94
CA GLN T 148 3.92 -67.22 35.82
C GLN T 148 4.82 -68.38 35.48
N ASN T 149 4.52 -69.56 36.06
CA ASN T 149 5.23 -70.81 35.89
C ASN T 149 5.13 -71.36 34.48
N GLY T 150 6.27 -71.77 33.91
CA GLY T 150 6.35 -72.39 32.59
C GLY T 150 5.77 -73.79 32.62
N LYS T 151 5.23 -74.25 31.48
CA LYS T 151 4.59 -75.56 31.38
C LYS T 151 5.58 -76.73 31.47
N VAL T 152 5.12 -77.87 32.01
CA VAL T 152 5.93 -79.07 32.18
C VAL T 152 5.85 -79.94 30.92
N ILE T 153 7.03 -80.28 30.37
CA ILE T 153 7.17 -81.08 29.15
C ILE T 153 8.08 -82.29 29.43
N ALA T 154 7.68 -83.48 28.93
CA ALA T 154 8.41 -84.73 29.10
C ALA T 154 9.71 -84.75 28.30
N GLY T 155 10.81 -84.97 29.02
CA GLY T 155 12.16 -84.98 28.45
C GLY T 155 12.86 -83.64 28.51
N MET T 156 12.08 -82.55 28.44
CA MET T 156 12.59 -81.18 28.47
C MET T 156 12.71 -80.63 29.88
N SER T 157 11.79 -81.02 30.78
CA SER T 157 11.76 -80.53 32.15
C SER T 157 12.46 -81.43 33.15
N LYS T 158 12.79 -80.89 34.33
CA LYS T 158 13.40 -81.72 35.37
C LYS T 158 12.29 -82.40 36.17
N ILE T 159 12.02 -83.66 35.81
CA ILE T 159 11.04 -84.57 36.41
C ILE T 159 11.57 -85.98 36.25
N TYR T 160 11.20 -86.88 37.16
CA TYR T 160 11.54 -88.28 37.06
C TYR T 160 10.24 -88.97 36.60
N GLY T 161 10.08 -89.14 35.30
CA GLY T 161 8.84 -89.69 34.75
C GLY T 161 8.99 -90.97 33.98
N GLY T 162 7.93 -91.33 33.29
CA GLY T 162 7.84 -92.54 32.47
C GLY T 162 8.01 -93.80 33.29
N THR T 163 8.86 -94.72 32.82
CA THR T 163 9.18 -96.01 33.45
C THR T 163 9.89 -95.82 34.79
N ALA T 164 9.44 -96.55 35.82
CA ALA T 164 9.93 -96.51 37.20
C ALA T 164 11.41 -96.91 37.34
N PRO T 165 12.19 -96.24 38.22
CA PRO T 165 11.84 -95.17 39.14
C PRO T 165 12.09 -93.73 38.65
N GLY T 166 11.52 -93.36 37.49
CA GLY T 166 11.63 -92.03 36.91
C GLY T 166 12.95 -91.82 36.23
N ASN T 167 12.93 -91.15 35.10
CA ASN T 167 14.18 -90.92 34.39
C ASN T 167 14.25 -89.55 33.73
N TYR T 168 15.32 -88.79 33.99
CA TYR T 168 15.55 -87.49 33.32
C TYR T 168 16.87 -87.56 32.56
N LYS T 169 16.86 -87.24 31.26
CA LYS T 169 18.05 -87.38 30.42
C LYS T 169 18.80 -86.07 30.13
N TYR T 170 20.14 -86.13 30.19
CA TYR T 170 21.01 -85.01 29.84
C TYR T 170 21.21 -85.07 28.33
N ILE T 171 20.62 -84.12 27.62
CA ILE T 171 20.72 -84.03 26.16
C ILE T 171 21.60 -82.81 25.82
N LYS T 172 21.86 -82.56 24.54
CA LYS T 172 22.67 -81.43 24.10
C LYS T 172 21.75 -80.35 23.54
N GLY T 173 21.47 -79.35 24.36
CA GLY T 173 20.60 -78.23 23.99
C GLY T 173 19.19 -78.35 24.54
N THR T 174 18.58 -79.53 24.39
CA THR T 174 17.22 -79.77 24.90
C THR T 174 17.21 -80.13 26.39
N SER T 175 18.24 -80.91 26.83
CA SER T 175 18.57 -81.38 28.19
C SER T 175 17.46 -81.26 29.25
N TYR T 176 17.73 -80.59 30.37
CA TYR T 176 16.72 -80.35 31.38
C TYR T 176 16.63 -78.89 31.73
N THR T 177 15.44 -78.31 31.61
CA THR T 177 15.16 -76.91 31.92
C THR T 177 14.06 -76.93 32.98
N TYR T 178 14.29 -76.25 34.10
CA TYR T 178 13.33 -76.16 35.21
C TYR T 178 11.99 -75.55 34.75
N TYR T 179 10.86 -76.14 35.18
CA TYR T 179 9.52 -75.68 34.80
C TYR T 179 9.18 -74.26 35.30
N GLY T 180 9.34 -74.04 36.60
CA GLY T 180 9.06 -72.77 37.26
C GLY T 180 9.50 -72.86 38.70
N GLU T 181 8.88 -72.08 39.54
CA GLU T 181 9.21 -72.06 40.95
C GLU T 181 7.99 -72.31 41.82
N SER T 182 8.17 -73.05 42.93
CA SER T 182 7.09 -73.30 43.89
C SER T 182 6.72 -71.93 44.48
N ASP T 183 5.43 -71.60 44.55
CA ASP T 183 4.97 -70.30 45.03
C ASP T 183 5.60 -69.13 44.23
N ILE T 184 5.49 -69.20 42.90
CA ILE T 184 5.98 -68.13 42.03
C ILE T 184 5.10 -66.87 42.14
N ASP T 185 4.04 -66.95 42.97
CA ASP T 185 3.12 -65.85 43.25
C ASP T 185 3.74 -64.80 44.20
N ARG T 186 4.89 -65.12 44.82
CA ARG T 186 5.63 -64.21 45.70
C ARG T 186 6.40 -63.16 44.90
N LEU T 187 6.84 -63.50 43.66
CA LEU T 187 7.60 -62.61 42.78
C LEU T 187 6.71 -61.59 42.08
N SER T 188 6.99 -60.32 42.33
CA SER T 188 6.30 -59.18 41.73
C SER T 188 7.33 -58.09 41.50
N ARG T 189 7.43 -57.62 40.25
CA ARG T 189 8.34 -56.54 39.93
C ARG T 189 7.56 -55.30 39.55
N TRP T 190 7.86 -54.19 40.21
CA TRP T 190 7.35 -52.87 39.85
C TRP T 190 8.47 -52.35 38.95
N ASP T 191 8.30 -52.44 37.63
CA ASP T 191 9.37 -52.09 36.69
C ASP T 191 9.41 -50.64 36.31
N ILE T 192 10.63 -50.07 36.34
CA ILE T 192 10.93 -48.70 35.93
C ILE T 192 11.87 -48.81 34.74
N LYS T 193 11.37 -48.48 33.53
CA LYS T 193 12.14 -48.61 32.31
C LYS T 193 12.78 -47.33 31.79
N GLU T 194 12.15 -46.18 32.02
CA GLU T 194 12.66 -44.85 31.63
C GLU T 194 12.67 -43.96 32.88
N GLU T 195 13.53 -42.93 32.89
CA GLU T 195 13.67 -41.98 34.01
C GLU T 195 12.40 -41.17 34.25
N ILE T 196 11.85 -41.26 35.47
CA ILE T 196 10.62 -40.54 35.82
C ILE T 196 10.95 -39.39 36.80
N PHE T 197 10.17 -38.27 36.73
CA PHE T 197 10.37 -37.09 37.57
C PHE T 197 9.49 -36.97 38.81
N SER T 198 8.16 -36.93 38.66
CA SER T 198 7.24 -36.91 39.81
C SER T 198 6.23 -38.05 39.71
N PHE T 199 5.54 -38.35 40.82
CA PHE T 199 4.55 -39.44 40.89
C PHE T 199 3.53 -39.24 42.01
N MET T 200 2.30 -39.79 41.83
CA MET T 200 1.21 -39.69 42.80
C MET T 200 0.79 -41.10 43.24
N GLY T 201 1.44 -41.61 44.27
CA GLY T 201 1.14 -42.94 44.77
C GLY T 201 0.22 -42.93 45.96
N ILE T 202 -0.68 -43.92 46.01
CA ILE T 202 -1.60 -44.14 47.12
C ILE T 202 -1.09 -45.43 47.79
N LEU T 203 -0.37 -45.26 48.90
CA LEU T 203 0.26 -46.38 49.62
C LEU T 203 -0.68 -46.96 50.66
N TYR T 204 -0.90 -48.27 50.66
CA TYR T 204 -1.74 -48.95 51.66
C TYR T 204 -0.82 -49.69 52.65
N PRO T 205 -0.63 -49.17 53.87
CA PRO T 205 0.31 -49.80 54.83
C PRO T 205 -0.22 -51.00 55.61
N LYS T 206 0.68 -51.92 55.98
CA LYS T 206 0.30 -53.13 56.73
C LYS T 206 0.41 -53.02 58.26
N LEU T 207 1.63 -52.86 58.76
CA LEU T 207 1.92 -52.85 60.20
C LEU T 207 2.21 -51.47 60.74
N PRO T 208 1.62 -51.12 61.90
CA PRO T 208 1.89 -49.80 62.49
C PRO T 208 3.25 -49.76 63.18
N LYS T 209 3.88 -48.58 63.16
CA LYS T 209 5.13 -48.32 63.87
C LYS T 209 6.36 -48.87 63.18
N THR T 210 6.15 -49.48 62.02
CA THR T 210 7.19 -50.04 61.18
C THR T 210 7.29 -49.10 59.99
N PRO T 211 8.50 -48.70 59.59
CA PRO T 211 8.62 -47.76 58.47
C PRO T 211 7.91 -48.27 57.22
N ALA T 212 6.84 -47.55 56.85
CA ALA T 212 6.00 -47.89 55.71
C ALA T 212 6.15 -46.83 54.62
N GLY T 213 6.47 -47.27 53.42
CA GLY T 213 6.68 -46.43 52.26
C GLY T 213 7.51 -47.11 51.21
N VAL T 214 7.57 -46.53 50.02
CA VAL T 214 8.34 -47.11 48.91
C VAL T 214 9.81 -46.72 48.94
N ARG T 215 10.67 -47.62 48.42
CA ARG T 215 12.12 -47.43 48.21
C ARG T 215 12.39 -47.73 46.75
N PHE T 216 13.48 -47.16 46.19
CA PHE T 216 13.82 -47.40 44.79
C PHE T 216 15.15 -48.05 44.59
N LEU T 217 15.15 -49.12 43.78
CA LEU T 217 16.34 -49.90 43.46
C LEU T 217 16.86 -49.55 42.10
N ASP T 218 18.18 -49.48 42.01
CA ASP T 218 18.85 -49.26 40.74
C ASP T 218 19.00 -50.62 40.04
N ASP T 219 19.64 -50.63 38.89
CA ASP T 219 19.89 -51.82 38.06
C ASP T 219 20.72 -52.95 38.74
N ILE T 220 21.48 -52.61 39.79
CA ILE T 220 22.32 -53.56 40.52
C ILE T 220 21.73 -54.02 41.88
N GLY T 221 20.50 -53.60 42.15
CA GLY T 221 19.79 -53.99 43.37
C GLY T 221 20.19 -53.25 44.64
N ASN T 222 20.61 -51.98 44.50
CA ASN T 222 20.99 -51.07 45.58
C ASN T 222 19.98 -49.93 45.71
N GLU T 223 19.93 -49.28 46.87
CA GLU T 223 18.98 -48.19 47.08
C GLU T 223 19.60 -46.80 47.00
N TYR T 224 18.95 -45.91 46.24
CA TYR T 224 19.37 -44.53 46.08
C TYR T 224 18.48 -43.57 46.83
N THR T 225 17.14 -43.72 46.70
CA THR T 225 16.12 -42.91 47.39
C THR T 225 15.03 -43.78 47.98
N ALA T 226 14.39 -43.29 49.06
CA ALA T 226 13.30 -43.96 49.75
C ALA T 226 12.42 -42.98 50.51
N ILE T 227 11.12 -43.04 50.25
CA ILE T 227 10.16 -42.19 50.95
C ILE T 227 9.58 -43.10 52.01
N VAL T 228 10.09 -43.03 53.22
CA VAL T 228 9.64 -43.92 54.26
C VAL T 228 9.15 -43.18 55.51
N PHE T 229 7.96 -43.54 55.98
CA PHE T 229 7.34 -42.91 57.15
C PHE T 229 7.15 -43.91 58.27
N LYS T 230 7.39 -43.47 59.51
CA LYS T 230 7.14 -44.32 60.67
C LYS T 230 6.01 -43.75 61.56
N THR T 231 4.78 -44.24 61.31
CA THR T 231 3.55 -43.81 61.97
C THR T 231 3.28 -44.56 63.27
N GLU T 232 2.46 -43.98 64.15
CA GLU T 232 2.10 -44.60 65.43
C GLU T 232 0.96 -45.59 65.29
N GLN T 233 -0.03 -45.28 64.44
CA GLN T 233 -1.16 -46.16 64.16
C GLN T 233 -1.22 -46.47 62.66
N VAL T 234 -1.93 -47.55 62.29
CA VAL T 234 -2.09 -47.96 60.89
C VAL T 234 -2.95 -46.97 60.11
N GLN T 235 -2.34 -46.30 59.14
CA GLN T 235 -3.06 -45.36 58.29
C GLN T 235 -3.80 -46.21 57.26
N ASP T 236 -5.00 -45.81 56.88
CA ASP T 236 -5.78 -46.57 55.89
C ASP T 236 -5.12 -46.51 54.52
N TYR T 237 -4.44 -45.38 54.23
CA TYR T 237 -3.63 -45.11 53.04
C TYR T 237 -2.78 -43.86 53.19
N ILE T 238 -1.52 -43.92 52.74
CA ILE T 238 -0.60 -42.78 52.74
C ILE T 238 -0.65 -42.21 51.32
N LEU T 239 -0.88 -40.89 51.19
CA LEU T 239 -0.89 -40.25 49.88
C LEU T 239 0.39 -39.47 49.71
N ILE T 240 1.18 -39.87 48.71
CA ILE T 240 2.44 -39.20 48.43
C ILE T 240 2.47 -38.60 47.04
N ASN T 241 2.85 -37.32 46.96
CA ASN T 241 3.04 -36.62 45.68
C ASN T 241 4.43 -36.03 45.66
N THR T 242 5.18 -36.34 44.61
CA THR T 242 6.55 -35.89 44.40
C THR T 242 6.62 -34.61 43.56
N ASP T 243 5.47 -34.08 43.13
CA ASP T 243 5.43 -32.85 42.35
C ASP T 243 6.14 -31.73 43.13
N VAL T 244 7.04 -31.03 42.46
CA VAL T 244 7.86 -30.00 43.09
C VAL T 244 7.04 -28.83 43.65
N ASN T 245 6.07 -28.39 42.86
CA ASN T 245 5.20 -27.27 43.19
C ASN T 245 4.25 -27.51 44.33
N ASP T 246 3.56 -28.66 44.37
CA ASP T 246 2.67 -28.96 45.49
C ASP T 246 2.92 -30.36 46.10
N GLU T 247 4.02 -30.51 46.87
CA GLU T 247 4.35 -31.79 47.50
C GLU T 247 3.31 -32.13 48.56
N THR T 248 2.78 -33.35 48.53
CA THR T 248 1.82 -33.83 49.54
C THR T 248 2.34 -35.13 50.11
N TYR T 249 2.41 -35.22 51.45
CA TYR T 249 2.80 -36.42 52.19
C TYR T 249 1.80 -36.58 53.35
N GLN T 250 0.54 -36.97 53.05
CA GLN T 250 -0.49 -37.11 54.08
C GLN T 250 -1.03 -38.52 54.36
N GLY T 251 -1.07 -38.88 55.63
CA GLY T 251 -1.60 -40.18 56.06
C GLY T 251 -3.07 -40.11 56.40
N TRP T 252 -3.92 -40.68 55.54
CA TRP T 252 -5.35 -40.67 55.81
C TRP T 252 -5.76 -41.86 56.65
N LYS T 253 -6.58 -41.61 57.69
CA LYS T 253 -7.20 -42.61 58.57
C LYS T 253 -8.65 -42.14 58.69
N GLY T 254 -9.59 -42.92 58.14
CA GLY T 254 -11.01 -42.58 58.12
C GLY T 254 -11.27 -41.37 57.25
N THR T 255 -11.76 -40.27 57.86
CA THR T 255 -12.05 -39.00 57.21
C THR T 255 -11.02 -37.93 57.62
N THR T 256 -10.04 -38.33 58.45
CA THR T 256 -8.99 -37.44 58.99
C THR T 256 -7.68 -37.51 58.19
N ALA T 257 -7.16 -36.33 57.79
CA ALA T 257 -5.90 -36.19 57.03
C ALA T 257 -4.79 -35.69 57.95
N LEU T 258 -3.67 -36.45 58.01
CA LEU T 258 -2.54 -36.17 58.88
C LEU T 258 -1.31 -35.84 58.08
N ASN T 259 -0.58 -34.78 58.46
CA ASN T 259 0.65 -34.38 57.78
C ASN T 259 1.80 -35.32 58.18
N LEU T 260 2.39 -36.01 57.20
CA LEU T 260 3.46 -36.98 57.46
C LEU T 260 4.88 -36.49 57.25
N PHE T 261 5.06 -35.19 56.98
CA PHE T 261 6.40 -34.60 56.78
C PHE T 261 7.39 -34.81 57.95
N PRO T 262 7.06 -34.53 59.24
CA PRO T 262 8.07 -34.71 60.29
C PRO T 262 8.41 -36.17 60.62
N VAL T 263 7.51 -37.09 60.33
CA VAL T 263 7.65 -38.51 60.60
C VAL T 263 8.51 -39.24 59.55
N MET T 264 8.67 -38.63 58.36
CA MET T 264 9.44 -39.10 57.20
C MET T 264 10.95 -39.22 57.49
N ASP T 265 11.64 -40.15 56.79
CA ASP T 265 13.10 -40.33 56.92
C ASP T 265 13.77 -39.41 55.90
N PHE T 266 14.38 -38.34 56.42
CA PHE T 266 15.04 -37.33 55.62
C PHE T 266 16.35 -37.78 54.98
N GLU T 267 17.07 -38.71 55.63
CA GLU T 267 18.34 -39.21 55.13
C GLU T 267 18.19 -40.19 53.97
N ARG T 268 17.16 -41.06 54.02
CA ARG T 268 16.86 -42.05 52.98
C ARG T 268 16.35 -41.43 51.69
N TYR T 269 15.54 -40.36 51.80
CA TYR T 269 14.98 -39.61 50.67
C TYR T 269 16.07 -38.68 50.11
N ARG T 270 16.94 -39.24 49.26
CA ARG T 270 18.07 -38.54 48.65
C ARG T 270 17.72 -37.75 47.39
N THR T 271 16.86 -38.29 46.51
CA THR T 271 16.44 -37.63 45.27
C THR T 271 15.00 -37.88 44.88
N ARG T 272 14.44 -36.98 44.09
CA ARG T 272 13.07 -37.03 43.60
C ARG T 272 13.03 -37.77 42.25
N ILE T 273 14.11 -37.60 41.46
CA ILE T 273 14.31 -38.19 40.14
C ILE T 273 14.54 -39.70 40.27
N ILE T 274 13.60 -40.49 39.73
CA ILE T 274 13.67 -41.96 39.78
C ILE T 274 14.39 -42.49 38.55
N GLU T 275 15.41 -43.35 38.76
CA GLU T 275 16.23 -43.94 37.71
C GLU T 275 15.77 -45.36 37.32
N LYS T 276 16.32 -45.87 36.19
CA LYS T 276 16.03 -47.20 35.65
C LYS T 276 16.39 -48.30 36.66
N GLY T 277 15.39 -49.11 36.98
CA GLY T 277 15.49 -50.20 37.93
C GLY T 277 14.13 -50.69 38.36
N GLN T 278 13.97 -50.94 39.68
CA GLN T 278 12.70 -51.41 40.23
C GLN T 278 12.32 -50.75 41.56
N MET T 279 11.00 -50.70 41.85
CA MET T 279 10.49 -50.13 43.08
C MET T 279 10.11 -51.24 44.05
N GLU T 280 10.48 -51.08 45.33
CA GLU T 280 10.14 -52.03 46.38
C GLU T 280 9.21 -51.39 47.40
N LEU T 281 8.20 -52.14 47.85
CA LEU T 281 7.21 -51.67 48.82
C LEU T 281 7.64 -52.11 50.23
N ILE T 282 7.88 -51.15 51.13
CA ILE T 282 8.26 -51.47 52.51
C ILE T 282 7.01 -51.39 53.39
N ASN T 283 6.64 -52.51 54.04
CA ASN T 283 5.49 -52.63 54.93
C ASN T 283 4.18 -52.14 54.27
N LEU T 284 3.89 -52.69 53.07
CA LEU T 284 2.71 -52.31 52.29
C LEU T 284 1.94 -53.55 51.82
N SER T 285 0.60 -53.51 51.96
CA SER T 285 -0.33 -54.57 51.57
C SER T 285 -0.74 -54.46 50.09
N LYS T 286 -0.91 -53.22 49.61
CA LYS T 286 -1.35 -52.88 48.25
C LYS T 286 -0.77 -51.52 47.86
N ALA T 287 -0.62 -51.25 46.55
CA ALA T 287 -0.11 -49.97 46.04
C ALA T 287 -0.74 -49.58 44.70
N GLU T 288 -1.03 -48.28 44.54
CA GLU T 288 -1.62 -47.71 43.32
C GLU T 288 -0.82 -46.48 42.89
N PHE T 289 -0.12 -46.57 41.76
CA PHE T 289 0.75 -45.50 41.28
C PHE T 289 0.38 -44.86 39.96
N LYS T 290 0.64 -43.54 39.86
CA LYS T 290 0.44 -42.73 38.66
C LYS T 290 1.77 -42.05 38.36
N ILE T 291 2.43 -42.48 37.29
CA ILE T 291 3.72 -41.97 36.92
C ILE T 291 3.71 -40.94 35.81
N LYS T 292 4.34 -39.79 36.08
CA LYS T 292 4.52 -38.73 35.10
C LYS T 292 5.97 -38.65 34.70
N ARG T 293 6.22 -38.70 33.38
CA ARG T 293 7.54 -38.75 32.77
C ARG T 293 7.63 -37.70 31.65
N LYS T 294 8.68 -36.85 31.68
CA LYS T 294 8.88 -35.76 30.75
C LYS T 294 9.40 -36.13 29.36
N ALA T 295 8.98 -35.34 28.35
CA ALA T 295 9.35 -35.42 26.94
C ALA T 295 9.51 -33.97 26.46
N ASP T 296 10.72 -33.62 26.00
CA ASP T 296 11.03 -32.26 25.55
C ASP T 296 10.22 -31.78 24.34
N PHE T 297 10.18 -32.59 23.27
CA PHE T 297 9.41 -32.27 22.06
C PHE T 297 8.51 -33.43 21.70
N VAL T 298 7.23 -33.14 21.46
CA VAL T 298 6.21 -34.10 21.04
C VAL T 298 5.29 -33.44 20.00
N MET U 1 -28.77 -4.07 30.54
CA MET U 1 -28.33 -4.69 29.30
C MET U 1 -26.87 -4.41 28.98
N VAL U 2 -26.60 -3.20 28.47
CA VAL U 2 -25.26 -2.77 28.09
C VAL U 2 -24.47 -2.32 29.35
N ARG U 3 -23.13 -2.22 29.22
CA ARG U 3 -22.14 -1.84 30.23
C ARG U 3 -22.21 -0.36 30.60
N GLN U 4 -22.14 -0.06 31.90
CA GLN U 4 -22.18 1.29 32.41
C GLN U 4 -20.90 1.64 33.14
N TYR U 5 -20.16 2.64 32.65
CA TYR U 5 -18.96 3.15 33.32
C TYR U 5 -19.32 4.45 34.04
N LYS U 6 -18.85 4.61 35.29
CA LYS U 6 -19.07 5.80 36.10
C LYS U 6 -17.82 6.19 36.86
N ILE U 7 -17.51 7.47 36.80
CA ILE U 7 -16.37 8.08 37.47
C ILE U 7 -16.90 8.80 38.70
N HIS U 8 -16.30 8.51 39.86
CA HIS U 8 -16.71 9.08 41.14
C HIS U 8 -15.59 9.85 41.77
N THR U 9 -15.91 11.05 42.28
CA THR U 9 -14.94 11.88 42.98
C THR U 9 -14.62 11.33 44.37
N ASN U 10 -15.65 11.15 45.21
CA ASN U 10 -15.44 10.58 46.54
C ASN U 10 -16.43 9.47 46.83
N LEU U 11 -16.21 8.30 46.23
CA LEU U 11 -17.07 7.14 46.46
C LEU U 11 -16.93 6.76 47.95
N ASP U 12 -18.04 6.44 48.61
CA ASP U 12 -18.10 6.19 50.07
C ASP U 12 -18.10 7.49 50.86
N GLY U 13 -18.34 8.58 50.16
CA GLY U 13 -18.36 9.90 50.78
C GLY U 13 -19.57 10.74 50.41
N THR U 14 -19.84 11.79 51.17
CA THR U 14 -20.97 12.69 50.94
C THR U 14 -20.83 13.63 49.74
N ASP U 15 -19.62 14.15 49.49
CA ASP U 15 -19.31 15.08 48.39
C ASP U 15 -18.92 14.35 47.11
N ASP U 16 -19.73 13.36 46.67
CA ASP U 16 -19.42 12.54 45.51
C ASP U 16 -20.14 12.95 44.23
N LYS U 17 -19.52 13.83 43.42
CA LYS U 17 -20.09 14.18 42.12
C LYS U 17 -19.83 12.95 41.21
N VAL U 18 -20.85 12.48 40.49
CA VAL U 18 -20.69 11.31 39.63
C VAL U 18 -20.70 11.73 38.17
N TRP U 19 -19.72 11.22 37.41
CA TRP U 19 -19.62 11.48 35.98
C TRP U 19 -20.02 10.22 35.22
N ASP U 20 -21.14 10.28 34.46
CA ASP U 20 -21.64 9.15 33.69
C ASP U 20 -20.89 9.19 32.40
N VAL U 21 -19.75 8.51 32.38
CA VAL U 21 -18.89 8.47 31.22
C VAL U 21 -19.45 7.62 30.08
N THR U 22 -20.34 6.69 30.38
CA THR U 22 -20.97 5.88 29.33
C THR U 22 -22.07 6.69 28.64
N ASN U 23 -22.88 7.41 29.44
CA ASN U 23 -24.02 8.17 28.94
C ASN U 23 -23.84 9.65 28.68
N GLY U 24 -23.26 10.36 29.64
CA GLY U 24 -23.07 11.81 29.63
C GLY U 24 -22.33 12.48 28.49
N LYS U 25 -22.13 13.80 28.62
CA LYS U 25 -21.45 14.65 27.65
C LYS U 25 -20.00 14.24 27.44
N VAL U 26 -19.28 13.87 28.52
CA VAL U 26 -17.90 13.40 28.44
C VAL U 26 -17.95 11.86 28.42
N ARG U 27 -17.35 11.21 27.40
CA ARG U 27 -17.44 9.76 27.29
C ARG U 27 -16.16 8.96 27.22
N PHE U 28 -16.14 7.81 27.91
CA PHE U 28 -15.04 6.85 27.94
C PHE U 28 -15.41 5.72 27.00
N TYR U 29 -14.53 5.46 26.02
CA TYR U 29 -14.70 4.43 25.00
C TYR U 29 -13.41 3.61 24.84
N GLN U 30 -13.53 2.38 24.29
CA GLN U 30 -12.43 1.45 23.98
C GLN U 30 -11.34 1.32 25.07
N PRO U 31 -11.66 0.70 26.24
CA PRO U 31 -10.62 0.52 27.26
C PRO U 31 -9.48 -0.34 26.72
N SER U 32 -8.22 0.06 26.98
CA SER U 32 -7.03 -0.65 26.51
C SER U 32 -6.98 -2.10 27.01
N ASN U 33 -6.93 -2.30 28.32
CA ASN U 33 -6.94 -3.66 28.89
C ASN U 33 -7.65 -3.65 30.21
N LEU U 34 -8.63 -4.54 30.38
CA LEU U 34 -9.37 -4.68 31.63
C LEU U 34 -8.97 -5.98 32.33
N GLY U 35 -8.09 -6.73 31.67
CA GLY U 35 -7.56 -8.00 32.16
C GLY U 35 -6.47 -7.83 33.19
N LEU U 36 -5.53 -8.78 33.23
CA LEU U 36 -4.40 -8.78 34.17
C LEU U 36 -3.19 -9.49 33.63
N GLN U 37 -2.02 -9.19 34.21
CA GLN U 37 -0.73 -9.83 33.90
C GLN U 37 -0.19 -10.43 35.19
N SER U 38 0.53 -11.55 35.09
CA SER U 38 1.11 -12.19 36.27
C SER U 38 2.51 -12.70 35.98
N THR U 39 3.42 -12.52 36.95
CA THR U 39 4.81 -13.00 36.89
C THR U 39 4.98 -14.08 37.94
N ASN U 40 4.96 -15.33 37.47
CA ASN U 40 4.96 -16.56 38.26
C ASN U 40 6.30 -17.08 38.82
N ASN U 41 7.46 -16.51 38.40
CA ASN U 41 8.82 -16.88 38.84
C ASN U 41 9.17 -18.36 38.67
N ILE U 42 8.88 -18.89 37.48
CA ILE U 42 9.10 -20.29 37.14
C ILE U 42 10.53 -20.52 36.69
N TRP U 43 11.33 -21.18 37.53
CA TRP U 43 12.68 -21.60 37.18
C TRP U 43 12.63 -23.12 36.97
N GLN U 44 13.32 -23.62 35.93
CA GLN U 44 13.32 -25.03 35.57
C GLN U 44 14.73 -25.59 35.57
N SER U 45 14.92 -26.70 36.27
CA SER U 45 16.20 -27.41 36.32
C SER U 45 16.00 -28.76 35.69
N ASN U 46 16.81 -29.10 34.67
CA ASN U 46 16.77 -30.40 33.98
C ASN U 46 15.34 -30.81 33.51
N GLY U 47 14.66 -29.89 32.81
CA GLY U 47 13.32 -30.12 32.26
C GLY U 47 12.12 -30.05 33.19
N ILE U 48 12.34 -30.25 34.51
CA ILE U 48 11.30 -30.23 35.54
C ILE U 48 11.09 -28.83 36.10
N GLY U 49 9.83 -28.41 36.17
CA GLY U 49 9.45 -27.05 36.55
C GLY U 49 9.01 -26.81 37.97
N VAL U 50 9.64 -25.80 38.56
CA VAL U 50 9.36 -25.33 39.91
C VAL U 50 8.76 -23.93 39.82
N MET U 51 7.60 -23.71 40.47
CA MET U 51 6.92 -22.43 40.46
C MET U 51 7.04 -21.68 41.80
N GLY U 52 7.45 -20.41 41.71
CA GLY U 52 7.60 -19.50 42.84
C GLY U 52 6.29 -18.87 43.27
N THR U 53 6.28 -17.53 43.42
CA THR U 53 5.12 -16.76 43.85
C THR U 53 4.69 -15.84 42.75
N ARG U 54 3.40 -15.86 42.41
CA ARG U 54 2.87 -15.04 41.35
C ARG U 54 2.42 -13.65 41.74
N SER U 55 3.20 -12.65 41.29
CA SER U 55 2.94 -11.25 41.52
C SER U 55 1.93 -10.84 40.47
N ILE U 56 0.68 -10.66 40.90
CA ILE U 56 -0.45 -10.30 40.05
C ILE U 56 -0.48 -8.80 39.72
N THR U 57 0.24 -8.45 38.64
CA THR U 57 0.41 -7.09 38.10
C THR U 57 -0.84 -6.56 37.37
N GLN U 58 -1.15 -5.27 37.54
CA GLN U 58 -2.28 -4.61 36.87
C GLN U 58 -1.79 -3.58 35.86
N PRO U 59 -2.27 -3.65 34.60
CA PRO U 59 -1.79 -2.70 33.59
C PRO U 59 -2.64 -1.44 33.54
N GLN U 60 -2.02 -0.31 33.13
CA GLN U 60 -2.69 0.98 32.96
C GLN U 60 -3.94 0.83 32.10
N ILE U 61 -4.97 1.65 32.35
CA ILE U 61 -6.20 1.62 31.57
C ILE U 61 -6.27 2.94 30.82
N GLU U 62 -6.32 2.85 29.48
CA GLU U 62 -6.36 4.00 28.58
C GLU U 62 -7.69 4.02 27.81
N PHE U 63 -8.47 5.10 28.01
CA PHE U 63 -9.77 5.30 27.38
C PHE U 63 -9.74 6.36 26.30
N LYS U 64 -10.57 6.15 25.27
CA LYS U 64 -10.73 7.07 24.17
C LYS U 64 -11.81 8.01 24.67
N LEU U 65 -11.38 9.19 25.14
CA LEU U 65 -12.28 10.19 25.70
C LEU U 65 -12.82 11.16 24.65
N GLU U 66 -14.14 11.09 24.41
CA GLU U 66 -14.82 11.95 23.45
C GLU U 66 -15.77 12.84 24.22
N THR U 67 -15.87 14.11 23.80
CA THR U 67 -16.80 15.09 24.38
C THR U 67 -17.98 15.34 23.45
N PHE U 68 -19.17 15.64 23.99
CA PHE U 68 -20.37 15.82 23.15
C PHE U 68 -21.07 17.17 23.29
N GLY U 69 -20.30 18.26 23.41
CA GLY U 69 -20.83 19.60 23.54
C GLY U 69 -21.62 20.08 22.33
N GLU U 70 -22.26 21.22 22.47
CA GLU U 70 -23.06 21.84 21.41
C GLU U 70 -22.30 22.95 20.64
N SER U 71 -21.29 23.56 21.27
CA SER U 71 -20.48 24.63 20.70
C SER U 71 -19.03 24.42 21.12
N LEU U 72 -18.10 25.22 20.56
CA LEU U 72 -16.68 25.16 20.91
C LEU U 72 -16.52 25.54 22.38
N GLU U 73 -17.34 26.51 22.84
CA GLU U 73 -17.42 27.02 24.20
C GLU U 73 -17.82 25.89 25.17
N GLU U 74 -18.86 25.10 24.81
CA GLU U 74 -19.37 23.98 25.62
C GLU U 74 -18.39 22.80 25.75
N ASN U 75 -17.65 22.45 24.68
CA ASN U 75 -16.67 21.36 24.70
C ASN U 75 -15.42 21.73 25.53
N TYR U 76 -14.96 23.00 25.46
CA TYR U 76 -13.82 23.49 26.24
C TYR U 76 -14.19 23.53 27.72
N GLN U 77 -15.46 23.86 28.01
CA GLN U 77 -16.03 23.93 29.36
C GLN U 77 -16.15 22.55 29.99
N LEU U 78 -16.34 21.49 29.16
CA LEU U 78 -16.42 20.11 29.66
C LEU U 78 -15.01 19.60 30.05
N MET U 79 -14.06 19.69 29.11
CA MET U 79 -12.67 19.27 29.31
C MET U 79 -12.05 19.91 30.56
N LYS U 80 -12.29 21.21 30.78
CA LYS U 80 -11.82 21.96 31.95
C LYS U 80 -12.51 21.50 33.24
N ASP U 81 -13.85 21.34 33.22
CA ASP U 81 -14.61 20.87 34.38
C ASP U 81 -14.33 19.42 34.78
N PHE U 82 -14.31 18.49 33.80
CA PHE U 82 -14.04 17.07 34.03
C PHE U 82 -12.63 16.76 34.53
N VAL U 83 -11.57 17.17 33.78
CA VAL U 83 -10.16 16.96 34.15
C VAL U 83 -9.77 17.57 35.51
N ASN U 84 -10.25 18.79 35.84
CA ASN U 84 -9.98 19.42 37.14
C ASN U 84 -10.67 18.72 38.31
N ASP U 85 -11.87 18.14 38.09
CA ASP U 85 -12.59 17.38 39.12
C ASP U 85 -11.80 16.12 39.48
N ILE U 86 -11.13 15.51 38.48
CA ILE U 86 -10.25 14.35 38.67
C ILE U 86 -8.98 14.78 39.42
N LEU U 87 -8.50 16.01 39.17
CA LEU U 87 -7.31 16.55 39.83
C LEU U 87 -7.55 17.00 41.27
N SER U 88 -8.74 17.55 41.57
CA SER U 88 -9.14 18.02 42.91
C SER U 88 -9.06 16.95 44.00
N LYS U 89 -9.42 15.70 43.67
CA LYS U 89 -9.39 14.53 44.56
C LYS U 89 -8.11 13.78 44.20
N LYS U 90 -7.36 13.32 45.21
CA LYS U 90 -6.09 12.61 45.00
C LYS U 90 -6.22 11.32 44.18
N PHE U 91 -7.40 10.67 44.20
CA PHE U 91 -7.69 9.45 43.44
C PHE U 91 -9.18 9.39 43.08
N VAL U 92 -9.48 8.92 41.86
CA VAL U 92 -10.85 8.85 41.33
C VAL U 92 -11.34 7.40 41.13
N THR U 93 -12.48 7.04 41.78
CA THR U 93 -13.07 5.70 41.72
C THR U 93 -13.92 5.45 40.45
N LEU U 94 -13.54 4.42 39.66
CA LEU U 94 -14.29 4.00 38.47
C LEU U 94 -15.25 2.88 38.89
N GLU U 95 -16.38 2.73 38.17
CA GLU U 95 -17.39 1.72 38.43
C GLU U 95 -17.68 0.90 37.17
N TYR U 96 -17.39 -0.40 37.22
CA TYR U 96 -17.63 -1.29 36.11
C TYR U 96 -18.94 -2.01 36.39
N GLN U 97 -19.97 -1.67 35.64
CA GLN U 97 -21.29 -2.24 35.86
C GLN U 97 -21.84 -2.95 34.62
N THR U 98 -22.42 -4.14 34.82
CA THR U 98 -23.05 -4.96 33.78
C THR U 98 -24.26 -5.69 34.38
N GLU U 99 -24.94 -6.49 33.55
CA GLU U 99 -26.12 -7.26 33.95
C GLU U 99 -25.83 -8.17 35.14
N ILE U 100 -24.63 -8.76 35.17
CA ILE U 100 -24.19 -9.69 36.22
C ILE U 100 -23.39 -9.10 37.39
N PHE U 101 -22.58 -8.07 37.16
CA PHE U 101 -21.73 -7.54 38.23
C PHE U 101 -21.63 -6.03 38.32
N GLN U 102 -21.20 -5.57 39.50
CA GLN U 102 -20.91 -4.15 39.75
C GLN U 102 -19.63 -4.01 40.61
N VAL U 103 -18.49 -3.76 39.96
CA VAL U 103 -17.19 -3.64 40.63
C VAL U 103 -16.62 -2.25 40.55
N TYR U 104 -15.57 -1.95 41.33
CA TYR U 104 -14.95 -0.64 41.35
C TYR U 104 -13.42 -0.72 41.27
N ALA U 105 -12.81 0.34 40.70
CA ALA U 105 -11.37 0.50 40.56
C ALA U 105 -11.00 1.87 41.08
N ASP U 106 -9.83 2.01 41.74
CA ASP U 106 -9.36 3.28 42.29
C ASP U 106 -8.22 3.82 41.46
N LEU U 107 -8.57 4.39 40.32
CA LEU U 107 -7.62 4.92 39.38
C LEU U 107 -7.04 6.24 39.85
N ALA U 108 -5.80 6.51 39.46
CA ALA U 108 -5.07 7.75 39.71
C ALA U 108 -4.75 8.31 38.31
N LEU U 109 -5.04 9.58 38.07
CA LEU U 109 -4.88 10.19 36.74
C LEU U 109 -3.42 10.19 36.29
N ALA U 110 -3.09 9.39 35.28
CA ALA U 110 -1.72 9.28 34.80
C ALA U 110 -1.41 10.25 33.69
N ASP U 111 -2.24 10.31 32.63
CA ASP U 111 -2.03 11.16 31.46
C ASP U 111 -3.35 11.49 30.74
N VAL U 112 -3.52 12.77 30.37
CA VAL U 112 -4.66 13.27 29.60
C VAL U 112 -4.10 14.11 28.45
N THR U 113 -4.70 13.99 27.28
CA THR U 113 -4.23 14.72 26.10
C THR U 113 -5.19 15.80 25.63
N LYS U 114 -4.65 16.92 25.15
CA LYS U 114 -5.45 18.01 24.59
C LYS U 114 -4.79 18.45 23.29
N THR U 115 -5.52 18.28 22.17
CA THR U 115 -5.07 18.61 20.81
C THR U 115 -6.06 19.51 20.07
N GLU U 116 -5.62 20.12 18.94
CA GLU U 116 -6.47 21.01 18.15
C GLU U 116 -7.17 20.40 16.94
N GLY U 117 -7.33 19.08 16.94
CA GLY U 117 -8.06 18.37 15.90
C GLY U 117 -9.51 18.22 16.33
N TYR U 118 -10.29 19.29 16.11
CA TYR U 118 -11.67 19.34 16.53
C TYR U 118 -12.63 18.90 15.46
N GLY U 119 -13.55 18.03 15.88
CA GLY U 119 -14.67 17.58 15.10
C GLY U 119 -15.74 18.62 15.30
N LYS U 120 -16.89 18.37 14.74
CA LYS U 120 -18.05 19.25 14.65
C LYS U 120 -18.46 19.93 15.93
N ASN U 121 -18.58 21.27 15.88
CA ASN U 121 -18.88 22.18 16.99
C ASN U 121 -17.82 22.11 18.09
N GLY U 122 -16.57 21.95 17.66
CA GLY U 122 -15.39 21.88 18.50
C GLY U 122 -15.30 20.68 19.42
N THR U 123 -15.84 19.53 18.99
CA THR U 123 -15.84 18.27 19.74
C THR U 123 -14.41 17.73 19.93
N PHE U 124 -14.21 16.79 20.88
CA PHE U 124 -12.89 16.26 21.19
C PHE U 124 -12.80 14.74 21.06
N SER U 125 -11.61 14.26 20.65
CA SER U 125 -11.24 12.85 20.57
C SER U 125 -9.86 12.80 21.21
N GLU U 126 -9.79 12.35 22.47
CA GLU U 126 -8.54 12.36 23.25
C GLU U 126 -8.33 11.06 24.01
N LYS U 127 -7.08 10.77 24.34
CA LYS U 127 -6.78 9.58 25.12
C LYS U 127 -6.45 9.93 26.56
N ILE U 128 -7.15 9.28 27.49
CA ILE U 128 -6.99 9.46 28.94
C ILE U 128 -6.44 8.18 29.55
N THR U 129 -5.24 8.25 30.18
CA THR U 129 -4.55 7.11 30.78
C THR U 129 -4.64 7.22 32.28
N PHE U 130 -4.83 6.06 32.92
CA PHE U 130 -4.93 5.95 34.37
C PHE U 130 -3.96 4.94 34.91
N ASP U 131 -3.47 5.20 36.13
CA ASP U 131 -2.60 4.31 36.88
C ASP U 131 -3.49 3.65 37.92
N ILE U 132 -3.28 2.36 38.18
CA ILE U 132 -4.15 1.65 39.12
C ILE U 132 -3.62 1.53 40.53
N ILE U 133 -4.50 1.83 41.48
CA ILE U 133 -4.28 1.71 42.91
C ILE U 133 -4.84 0.33 43.25
N THR U 134 -6.16 0.10 43.10
CA THR U 134 -6.79 -1.19 43.33
C THR U 134 -7.66 -1.51 42.15
N LYS U 135 -7.40 -2.67 41.50
CA LYS U 135 -8.19 -3.10 40.36
C LYS U 135 -9.19 -4.19 40.75
N TRP U 136 -10.49 -3.84 40.60
CA TRP U 136 -11.72 -4.55 40.95
C TRP U 136 -11.92 -4.92 42.41
N TYR U 137 -12.83 -4.19 43.06
CA TYR U 137 -13.19 -4.40 44.45
C TYR U 137 -14.68 -4.17 44.61
N THR U 138 -15.37 -5.11 45.26
CA THR U 138 -16.81 -5.01 45.47
C THR U 138 -17.08 -4.03 46.62
N TYR U 139 -18.24 -3.35 46.62
CA TYR U 139 -18.63 -2.44 47.70
C TYR U 139 -19.96 -2.92 48.31
N GLU U 140 -19.90 -4.05 49.00
CA GLU U 140 -21.04 -4.71 49.63
C GLU U 140 -21.42 -4.07 50.96
N ASN U 141 -22.70 -4.19 51.33
CA ASN U 141 -23.28 -3.69 52.57
C ASN U 141 -23.25 -4.83 53.61
N LEU U 142 -22.52 -4.62 54.70
CA LEU U 142 -22.39 -5.60 55.79
C LEU U 142 -23.40 -5.34 56.93
N THR U 143 -24.20 -6.36 57.27
CA THR U 143 -25.20 -6.30 58.36
C THR U 143 -25.08 -7.55 59.23
N PHE U 144 -25.45 -7.40 60.51
CA PHE U 144 -25.45 -8.47 61.51
C PHE U 144 -26.55 -9.48 61.20
N ASP U 145 -26.45 -10.67 61.80
CA ASP U 145 -27.45 -11.72 61.66
C ASP U 145 -28.08 -12.03 63.02
N LYS U 146 -29.38 -12.35 63.02
CA LYS U 146 -30.12 -12.62 64.24
C LYS U 146 -30.39 -14.11 64.40
N ILE U 147 -30.48 -14.58 65.66
CA ILE U 147 -30.71 -15.99 65.99
C ILE U 147 -32.12 -16.17 66.56
N GLN U 148 -32.87 -17.14 66.00
CA GLN U 148 -34.25 -17.44 66.38
C GLN U 148 -34.43 -18.73 67.13
N ASN U 149 -35.35 -18.72 68.09
CA ASN U 149 -35.73 -19.82 68.95
C ASN U 149 -36.58 -20.84 68.20
N GLY U 150 -36.17 -22.10 68.23
CA GLY U 150 -36.89 -23.21 67.63
C GLY U 150 -38.23 -23.46 68.31
N LYS U 151 -39.23 -23.84 67.52
CA LYS U 151 -40.62 -24.07 67.96
C LYS U 151 -40.74 -25.21 68.98
N VAL U 152 -41.71 -25.08 69.89
CA VAL U 152 -41.96 -26.10 70.93
C VAL U 152 -42.98 -27.13 70.42
N ILE U 153 -42.62 -28.41 70.50
CA ILE U 153 -43.45 -29.52 70.05
C ILE U 153 -43.56 -30.56 71.17
N ALA U 154 -44.78 -31.11 71.36
CA ALA U 154 -45.06 -32.10 72.39
C ALA U 154 -44.45 -33.47 72.05
N GLY U 155 -43.62 -33.96 72.97
CA GLY U 155 -42.91 -35.21 72.81
C GLY U 155 -41.50 -35.05 72.26
N MET U 156 -41.26 -34.04 71.41
CA MET U 156 -39.95 -33.83 70.81
C MET U 156 -39.06 -32.90 71.61
N SER U 157 -39.66 -31.93 72.33
CA SER U 157 -38.89 -30.94 73.10
C SER U 157 -38.74 -31.29 74.59
N LYS U 158 -38.02 -30.44 75.34
CA LYS U 158 -37.85 -30.67 76.78
C LYS U 158 -38.85 -29.82 77.57
N ILE U 159 -39.94 -30.46 77.96
CA ILE U 159 -41.05 -29.89 78.74
C ILE U 159 -41.63 -31.02 79.56
N TYR U 160 -42.19 -30.69 80.73
CA TYR U 160 -42.85 -31.66 81.58
C TYR U 160 -44.35 -31.42 81.34
N GLY U 161 -44.92 -32.10 80.37
CA GLY U 161 -46.31 -31.89 79.96
C GLY U 161 -47.22 -33.07 80.20
N GLY U 162 -48.44 -32.96 79.68
CA GLY U 162 -49.48 -33.98 79.81
C GLY U 162 -49.91 -34.20 81.24
N THR U 163 -49.98 -35.48 81.67
CA THR U 163 -50.37 -35.91 83.01
C THR U 163 -49.37 -35.46 84.08
N ALA U 164 -49.88 -34.87 85.18
CA ALA U 164 -49.10 -34.34 86.29
C ALA U 164 -48.30 -35.41 87.06
N PRO U 165 -47.06 -35.12 87.52
CA PRO U 165 -46.31 -33.86 87.47
C PRO U 165 -45.35 -33.73 86.28
N GLY U 166 -45.89 -33.89 85.07
CA GLY U 166 -45.16 -33.77 83.81
C GLY U 166 -44.38 -34.98 83.37
N ASN U 167 -44.09 -35.09 82.06
CA ASN U 167 -43.34 -36.22 81.51
C ASN U 167 -42.66 -35.91 80.18
N TYR U 168 -41.37 -36.25 80.08
CA TYR U 168 -40.59 -36.13 78.83
C TYR U 168 -39.94 -37.49 78.56
N LYS U 169 -40.18 -38.05 77.36
CA LYS U 169 -39.72 -39.39 76.99
C LYS U 169 -38.46 -39.43 76.15
N TYR U 170 -37.54 -40.36 76.46
CA TYR U 170 -36.32 -40.58 75.68
C TYR U 170 -36.65 -41.52 74.52
N ILE U 171 -36.46 -41.08 73.27
CA ILE U 171 -36.71 -41.91 72.09
C ILE U 171 -35.54 -41.81 71.09
N LYS U 172 -35.30 -42.88 70.30
CA LYS U 172 -34.23 -42.96 69.31
C LYS U 172 -34.55 -42.01 68.15
N GLY U 173 -33.86 -40.88 68.14
CA GLY U 173 -34.01 -39.87 67.10
C GLY U 173 -34.88 -38.71 67.51
N THR U 174 -36.04 -38.99 68.13
CA THR U 174 -36.97 -37.95 68.58
C THR U 174 -36.61 -37.34 69.94
N SER U 175 -36.32 -38.17 70.98
CA SER U 175 -35.91 -37.86 72.37
C SER U 175 -36.28 -36.46 72.88
N TYR U 176 -35.34 -35.71 73.47
CA TYR U 176 -35.61 -34.34 73.84
C TYR U 176 -34.65 -33.39 73.17
N THR U 177 -35.18 -32.50 72.36
CA THR U 177 -34.40 -31.51 71.63
C THR U 177 -34.84 -30.18 72.21
N TYR U 178 -33.92 -29.47 72.86
CA TYR U 178 -34.18 -28.16 73.46
C TYR U 178 -34.80 -27.16 72.45
N TYR U 179 -35.81 -26.38 72.89
CA TYR U 179 -36.49 -25.44 72.01
C TYR U 179 -35.61 -24.25 71.54
N GLY U 180 -35.05 -23.51 72.48
CA GLY U 180 -34.21 -22.35 72.23
C GLY U 180 -33.59 -21.89 73.52
N GLU U 181 -33.28 -20.60 73.62
CA GLU U 181 -32.69 -20.04 74.82
C GLU U 181 -33.49 -18.86 75.34
N SER U 182 -33.58 -18.74 76.67
CA SER U 182 -34.26 -17.63 77.34
C SER U 182 -33.47 -16.36 76.98
N ASP U 183 -34.11 -15.40 76.31
CA ASP U 183 -33.44 -14.21 75.80
C ASP U 183 -32.36 -14.53 74.71
N ILE U 184 -32.78 -15.25 73.65
CA ILE U 184 -31.97 -15.57 72.47
C ILE U 184 -31.64 -14.27 71.69
N ASP U 185 -32.41 -13.20 71.96
CA ASP U 185 -32.27 -11.88 71.34
C ASP U 185 -30.92 -11.20 71.66
N ARG U 186 -30.16 -11.80 72.61
CA ARG U 186 -28.85 -11.36 73.08
C ARG U 186 -27.70 -11.80 72.16
N LEU U 187 -27.97 -12.75 71.24
CA LEU U 187 -27.00 -13.28 70.28
C LEU U 187 -27.18 -12.60 68.93
N SER U 188 -26.10 -11.97 68.47
CA SER U 188 -26.02 -11.30 67.17
C SER U 188 -24.62 -11.52 66.64
N ARG U 189 -24.54 -12.07 65.42
CA ARG U 189 -23.26 -12.33 64.78
C ARG U 189 -23.11 -11.39 63.59
N TRP U 190 -22.01 -10.63 63.57
CA TRP U 190 -21.62 -9.82 62.43
C TRP U 190 -20.64 -10.77 61.74
N ASP U 191 -21.13 -11.51 60.73
CA ASP U 191 -20.33 -12.53 60.07
C ASP U 191 -19.42 -11.99 58.99
N ILE U 192 -18.16 -12.46 59.02
CA ILE U 192 -17.13 -12.12 58.03
C ILE U 192 -16.81 -13.42 57.32
N LYS U 193 -17.20 -13.52 56.04
CA LYS U 193 -17.03 -14.74 55.26
C LYS U 193 -15.82 -14.76 54.32
N GLU U 194 -15.43 -13.59 53.79
CA GLU U 194 -14.26 -13.44 52.91
C GLU U 194 -13.35 -12.34 53.48
N GLU U 195 -12.04 -12.38 53.16
CA GLU U 195 -11.04 -11.40 53.62
C GLU U 195 -11.28 -10.02 53.01
N ILE U 196 -11.34 -8.97 53.85
CA ILE U 196 -11.57 -7.59 53.43
C ILE U 196 -10.33 -6.74 53.71
N PHE U 197 -10.13 -5.66 52.93
CA PHE U 197 -9.00 -4.75 53.13
C PHE U 197 -9.40 -3.43 53.77
N SER U 198 -10.38 -2.72 53.18
CA SER U 198 -10.89 -1.48 53.76
C SER U 198 -12.41 -1.55 53.95
N PHE U 199 -12.93 -0.73 54.89
CA PHE U 199 -14.35 -0.62 55.24
C PHE U 199 -14.72 0.77 55.79
N MET U 200 -15.97 1.17 55.57
CA MET U 200 -16.50 2.48 55.99
C MET U 200 -17.66 2.25 56.95
N GLY U 201 -17.32 2.02 58.20
CA GLY U 201 -18.33 1.75 59.21
C GLY U 201 -18.70 2.94 60.05
N ILE U 202 -20.00 3.25 60.12
CA ILE U 202 -20.52 4.32 60.98
C ILE U 202 -20.91 3.60 62.26
N LEU U 203 -20.38 4.07 63.40
CA LEU U 203 -20.71 3.45 64.69
C LEU U 203 -21.18 4.46 65.73
N TYR U 204 -22.37 4.22 66.28
CA TYR U 204 -22.99 5.07 67.29
C TYR U 204 -22.72 4.45 68.67
N PRO U 205 -22.01 5.18 69.55
CA PRO U 205 -21.68 4.66 70.90
C PRO U 205 -22.81 4.75 71.91
N LYS U 206 -22.76 3.91 72.96
CA LYS U 206 -23.79 3.93 74.00
C LYS U 206 -23.47 4.85 75.19
N LEU U 207 -22.36 4.58 75.86
CA LEU U 207 -21.99 5.27 77.10
C LEU U 207 -20.70 6.05 76.94
N PRO U 208 -20.66 7.28 77.44
CA PRO U 208 -19.41 8.05 77.36
C PRO U 208 -18.36 7.57 78.37
N LYS U 209 -17.08 7.68 78.01
CA LYS U 209 -15.96 7.32 78.90
C LYS U 209 -15.78 5.81 79.06
N THR U 210 -16.44 5.05 78.19
CA THR U 210 -16.31 3.61 78.14
C THR U 210 -15.72 3.39 76.76
N PRO U 211 -14.68 2.56 76.63
CA PRO U 211 -14.07 2.34 75.31
C PRO U 211 -15.08 1.88 74.25
N ALA U 212 -15.20 2.69 73.19
CA ALA U 212 -16.14 2.45 72.10
C ALA U 212 -15.42 2.17 70.80
N GLY U 213 -15.81 1.07 70.17
CA GLY U 213 -15.26 0.64 68.90
C GLY U 213 -15.58 -0.79 68.55
N VAL U 214 -15.05 -1.24 67.42
CA VAL U 214 -15.27 -2.60 66.98
C VAL U 214 -14.04 -3.44 67.15
N ARG U 215 -14.25 -4.71 67.53
CA ARG U 215 -13.17 -5.69 67.65
C ARG U 215 -13.45 -6.83 66.68
N PHE U 216 -12.39 -7.51 66.22
CA PHE U 216 -12.52 -8.61 65.27
C PHE U 216 -12.01 -9.92 65.83
N LEU U 217 -12.79 -10.98 65.65
CA LEU U 217 -12.50 -12.33 66.12
C LEU U 217 -12.28 -13.27 64.95
N ASP U 218 -11.32 -14.15 65.09
CA ASP U 218 -11.01 -15.16 64.09
C ASP U 218 -11.95 -16.37 64.27
N ASP U 219 -11.74 -17.39 63.48
CA ASP U 219 -12.53 -18.63 63.50
C ASP U 219 -12.51 -19.43 64.83
N ILE U 220 -11.48 -19.19 65.67
CA ILE U 220 -11.33 -19.86 66.97
C ILE U 220 -11.72 -18.98 68.18
N GLY U 221 -12.24 -17.79 67.91
CA GLY U 221 -12.69 -16.86 68.95
C GLY U 221 -11.60 -16.06 69.64
N ASN U 222 -10.48 -15.79 68.93
CA ASN U 222 -9.36 -14.98 69.41
C ASN U 222 -9.33 -13.65 68.68
N GLU U 223 -9.00 -12.56 69.38
CA GLU U 223 -8.96 -11.23 68.78
C GLU U 223 -7.64 -10.94 68.08
N TYR U 224 -7.71 -10.39 66.86
CA TYR U 224 -6.52 -10.04 66.10
C TYR U 224 -6.31 -8.54 65.99
N THR U 225 -7.40 -7.78 65.73
CA THR U 225 -7.40 -6.32 65.62
C THR U 225 -8.68 -5.74 66.24
N ALA U 226 -8.60 -4.49 66.71
CA ALA U 226 -9.71 -3.77 67.31
C ALA U 226 -9.51 -2.28 67.18
N ILE U 227 -10.49 -1.58 66.60
CA ILE U 227 -10.44 -0.14 66.49
C ILE U 227 -11.20 0.34 67.71
N VAL U 228 -10.47 0.70 68.78
CA VAL U 228 -11.06 1.09 70.07
C VAL U 228 -10.75 2.54 70.41
N PHE U 229 -11.78 3.36 70.62
CA PHE U 229 -11.64 4.76 71.00
C PHE U 229 -12.12 4.98 72.41
N LYS U 230 -11.52 5.95 73.11
CA LYS U 230 -11.95 6.36 74.44
C LYS U 230 -12.36 7.83 74.35
N THR U 231 -13.58 8.18 74.80
CA THR U 231 -14.06 9.55 74.67
C THR U 231 -14.53 10.10 75.98
N GLU U 232 -14.49 11.42 76.12
CA GLU U 232 -14.92 12.12 77.32
C GLU U 232 -16.45 12.30 77.31
N GLN U 233 -17.02 12.66 76.15
CA GLN U 233 -18.47 12.82 75.98
C GLN U 233 -18.93 11.90 74.86
N VAL U 234 -20.23 11.63 74.80
CA VAL U 234 -20.79 10.77 73.78
C VAL U 234 -20.95 11.47 72.43
N GLN U 235 -20.15 11.00 71.45
CA GLN U 235 -20.18 11.51 70.09
C GLN U 235 -21.32 10.74 69.44
N ASP U 236 -22.28 11.46 68.86
CA ASP U 236 -23.49 10.89 68.26
C ASP U 236 -23.18 9.65 67.40
N TYR U 237 -22.07 9.68 66.63
CA TYR U 237 -21.57 8.58 65.82
C TYR U 237 -20.07 8.73 65.54
N ILE U 238 -19.34 7.61 65.48
CA ILE U 238 -17.93 7.58 65.13
C ILE U 238 -17.88 7.11 63.67
N LEU U 239 -17.26 7.93 62.81
CA LEU U 239 -17.15 7.72 61.38
C LEU U 239 -15.75 7.28 61.00
N ILE U 240 -15.52 5.97 61.14
CA ILE U 240 -14.21 5.41 60.83
C ILE U 240 -14.11 4.85 59.42
N ASN U 241 -13.03 5.19 58.71
CA ASN U 241 -12.77 4.66 57.38
C ASN U 241 -11.38 4.06 57.38
N THR U 242 -11.28 2.80 56.94
CA THR U 242 -10.02 2.07 56.90
C THR U 242 -9.24 2.20 55.60
N ASP U 243 -9.76 2.90 54.58
CA ASP U 243 -9.04 3.08 53.33
C ASP U 243 -7.66 3.70 53.63
N VAL U 244 -6.61 3.10 53.07
CA VAL U 244 -5.21 3.51 53.24
C VAL U 244 -4.90 4.91 52.70
N ASN U 245 -5.43 5.20 51.50
CA ASN U 245 -5.23 6.45 50.78
C ASN U 245 -5.79 7.67 51.48
N ASP U 246 -7.02 7.57 52.02
CA ASP U 246 -7.66 8.66 52.76
C ASP U 246 -8.23 8.10 54.08
N GLU U 247 -7.34 7.58 54.94
CA GLU U 247 -7.79 7.01 56.22
C GLU U 247 -8.48 8.08 57.03
N THR U 248 -9.72 7.83 57.46
CA THR U 248 -10.48 8.82 58.20
C THR U 248 -11.04 8.24 59.48
N TYR U 249 -10.78 8.93 60.60
CA TYR U 249 -11.35 8.61 61.91
C TYR U 249 -11.89 9.92 62.47
N GLN U 250 -13.18 9.95 62.85
CA GLN U 250 -13.81 11.16 63.39
C GLN U 250 -15.12 10.97 64.15
N GLY U 251 -15.15 11.45 65.37
CA GLY U 251 -16.33 11.37 66.23
C GLY U 251 -17.23 12.58 66.06
N TRP U 252 -18.39 12.39 65.47
CA TRP U 252 -19.30 13.49 65.25
C TRP U 252 -20.23 13.73 66.42
N LYS U 253 -20.31 14.98 66.89
CA LYS U 253 -21.24 15.44 67.92
C LYS U 253 -21.87 16.69 67.32
N GLY U 254 -23.18 16.67 67.12
CA GLY U 254 -23.92 17.77 66.52
C GLY U 254 -23.48 18.03 65.10
N THR U 255 -22.96 19.24 64.85
CA THR U 255 -22.44 19.69 63.55
C THR U 255 -20.91 19.77 63.56
N THR U 256 -20.28 19.43 64.69
CA THR U 256 -18.84 19.48 64.91
C THR U 256 -18.18 18.10 64.71
N ALA U 257 -17.12 18.06 63.87
CA ALA U 257 -16.34 16.85 63.56
C ALA U 257 -14.98 16.90 64.28
N LEU U 258 -14.72 15.90 65.14
CA LEU U 258 -13.50 15.83 65.94
C LEU U 258 -12.65 14.67 65.53
N ASN U 259 -11.32 14.88 65.42
CA ASN U 259 -10.39 13.80 65.04
C ASN U 259 -10.13 12.88 66.25
N LEU U 260 -10.46 11.59 66.11
CA LEU U 260 -10.33 10.62 67.20
C LEU U 260 -9.08 9.74 67.18
N PHE U 261 -8.16 9.99 66.24
CA PHE U 261 -6.93 9.22 66.13
C PHE U 261 -6.04 9.19 67.39
N PRO U 262 -5.69 10.32 68.05
CA PRO U 262 -4.82 10.24 69.23
C PRO U 262 -5.44 9.58 70.46
N VAL U 263 -6.78 9.53 70.50
CA VAL U 263 -7.55 8.97 71.60
C VAL U 263 -7.88 7.47 71.37
N MET U 264 -7.41 6.89 70.25
CA MET U 264 -7.59 5.49 69.87
C MET U 264 -6.54 4.57 70.50
N ASP U 265 -6.94 3.33 70.80
CA ASP U 265 -6.09 2.28 71.38
C ASP U 265 -5.14 1.71 70.32
N PHE U 266 -3.87 2.15 70.36
CA PHE U 266 -2.85 1.75 69.40
C PHE U 266 -2.39 0.30 69.49
N GLU U 267 -2.43 -0.29 70.69
CA GLU U 267 -2.00 -1.67 70.94
C GLU U 267 -2.99 -2.69 70.34
N ARG U 268 -4.30 -2.44 70.50
CA ARG U 268 -5.37 -3.32 70.03
C ARG U 268 -5.49 -3.35 68.50
N TYR U 269 -5.28 -2.20 67.84
CA TYR U 269 -5.33 -2.06 66.38
C TYR U 269 -4.01 -2.58 65.79
N ARG U 270 -3.93 -3.90 65.61
CA ARG U 270 -2.76 -4.60 65.09
C ARG U 270 -2.72 -4.63 63.55
N THR U 271 -3.88 -4.85 62.90
CA THR U 271 -3.97 -4.91 61.43
C THR U 271 -5.23 -4.27 60.83
N ARG U 272 -5.18 -3.94 59.54
CA ARG U 272 -6.27 -3.35 58.77
C ARG U 272 -7.01 -4.47 58.02
N ILE U 273 -6.25 -5.51 57.60
CA ILE U 273 -6.75 -6.68 56.87
C ILE U 273 -7.60 -7.55 57.80
N ILE U 274 -8.88 -7.65 57.47
CA ILE U 274 -9.87 -8.41 58.24
C ILE U 274 -9.92 -9.84 57.73
N GLU U 275 -9.79 -10.81 58.66
CA GLU U 275 -9.82 -12.23 58.32
C GLU U 275 -11.18 -12.88 58.62
N LYS U 276 -11.39 -14.10 58.06
CA LYS U 276 -12.60 -14.90 58.21
C LYS U 276 -12.88 -15.21 59.68
N GLY U 277 -14.06 -14.83 60.14
CA GLY U 277 -14.51 -15.00 61.51
C GLY U 277 -15.74 -14.17 61.80
N GLN U 278 -15.67 -13.34 62.85
CA GLN U 278 -16.77 -12.47 63.23
C GLN U 278 -16.32 -11.13 63.85
N MET U 279 -17.23 -10.16 63.88
CA MET U 279 -16.97 -8.84 64.45
C MET U 279 -17.89 -8.57 65.63
N GLU U 280 -17.33 -8.05 66.72
CA GLU U 280 -18.08 -7.70 67.93
C GLU U 280 -18.08 -6.20 68.17
N LEU U 281 -19.21 -5.66 68.64
CA LEU U 281 -19.36 -4.24 68.92
C LEU U 281 -19.09 -3.96 70.40
N ILE U 282 -18.20 -3.02 70.68
CA ILE U 282 -17.86 -2.62 72.05
C ILE U 282 -18.45 -1.25 72.30
N ASN U 283 -19.32 -1.16 73.31
CA ASN U 283 -20.01 0.07 73.72
C ASN U 283 -20.80 0.71 72.57
N LEU U 284 -21.49 -0.12 71.76
CA LEU U 284 -22.24 0.39 70.61
C LEU U 284 -23.69 -0.04 70.60
N SER U 285 -24.59 0.94 70.48
CA SER U 285 -26.03 0.70 70.39
C SER U 285 -26.42 0.24 68.98
N LYS U 286 -25.81 0.85 67.94
CA LYS U 286 -26.10 0.59 66.54
C LYS U 286 -24.85 0.78 65.66
N ALA U 287 -24.79 0.08 64.52
CA ALA U 287 -23.70 0.20 63.55
C ALA U 287 -24.16 -0.10 62.12
N GLU U 288 -23.63 0.66 61.16
CA GLU U 288 -23.90 0.49 59.74
C GLU U 288 -22.53 0.40 59.07
N PHE U 289 -22.25 -0.76 58.47
CA PHE U 289 -20.98 -1.03 57.82
C PHE U 289 -21.11 -1.26 56.32
N LYS U 290 -20.09 -0.82 55.59
CA LYS U 290 -19.95 -0.97 54.13
C LYS U 290 -18.60 -1.62 53.88
N ILE U 291 -18.65 -2.89 53.48
CA ILE U 291 -17.49 -3.74 53.22
C ILE U 291 -16.98 -3.65 51.80
N LYS U 292 -15.65 -3.54 51.63
CA LYS U 292 -15.04 -3.51 50.31
C LYS U 292 -13.90 -4.51 50.09
N ARG U 293 -14.26 -5.72 49.61
CA ARG U 293 -13.31 -6.81 49.33
C ARG U 293 -12.94 -6.98 47.87
N LYS U 294 -11.70 -7.45 47.62
CA LYS U 294 -11.09 -7.60 46.30
C LYS U 294 -11.67 -8.63 45.33
N ALA U 295 -11.23 -8.51 44.06
CA ALA U 295 -11.54 -9.35 42.91
C ALA U 295 -10.48 -9.00 41.84
N ASP U 296 -9.52 -9.90 41.61
CA ASP U 296 -8.44 -9.65 40.64
C ASP U 296 -8.93 -9.50 39.20
N PHE U 297 -9.78 -10.42 38.72
CA PHE U 297 -10.37 -10.38 37.38
C PHE U 297 -11.88 -10.51 37.46
N VAL U 298 -12.59 -9.61 36.75
CA VAL U 298 -14.05 -9.60 36.66
C VAL U 298 -14.46 -9.23 35.23
N MET V 1 -15.64 33.22 19.42
CA MET V 1 -15.98 31.93 18.84
C MET V 1 -14.82 30.96 18.79
N VAL V 2 -13.92 31.16 17.83
CA VAL V 2 -12.74 30.32 17.62
C VAL V 2 -11.63 30.71 18.63
N ARG V 3 -10.59 29.85 18.80
CA ARG V 3 -9.49 30.05 19.73
C ARG V 3 -8.47 31.10 19.26
N GLN V 4 -8.10 32.00 20.16
CA GLN V 4 -7.17 33.06 19.86
C GLN V 4 -5.83 32.82 20.50
N TYR V 5 -4.81 32.59 19.68
CA TYR V 5 -3.43 32.41 20.13
C TYR V 5 -2.66 33.67 19.86
N LYS V 6 -1.87 34.14 20.86
CA LYS V 6 -1.06 35.35 20.76
C LYS V 6 0.24 35.14 21.47
N ILE V 7 1.32 35.44 20.76
CA ILE V 7 2.67 35.36 21.28
C ILE V 7 3.05 36.76 21.77
N HIS V 8 3.32 36.88 23.08
CA HIS V 8 3.69 38.13 23.72
C HIS V 8 5.18 38.09 24.10
N THR V 9 5.93 39.13 23.72
CA THR V 9 7.35 39.23 24.05
C THR V 9 7.58 39.50 25.53
N ASN V 10 6.94 40.57 26.04
CA ASN V 10 7.04 40.90 27.45
C ASN V 10 5.67 41.30 28.02
N LEU V 11 4.85 40.30 28.37
CA LEU V 11 3.55 40.54 28.98
C LEU V 11 3.80 41.22 30.34
N ASP V 12 2.96 42.19 30.69
CA ASP V 12 3.13 42.96 31.95
C ASP V 12 4.19 44.02 31.81
N GLY V 13 4.65 44.24 30.59
CA GLY V 13 5.71 45.21 30.30
C GLY V 13 5.37 46.16 29.18
N THR V 14 5.94 47.37 29.23
CA THR V 14 5.70 48.43 28.24
C THR V 14 6.15 48.07 26.83
N ASP V 15 7.27 47.35 26.70
CA ASP V 15 7.85 46.91 25.44
C ASP V 15 7.25 45.57 24.96
N ASP V 16 5.93 45.53 24.81
CA ASP V 16 5.25 44.30 24.42
C ASP V 16 4.80 44.23 22.97
N LYS V 17 5.61 43.55 22.15
CA LYS V 17 5.31 43.30 20.75
C LYS V 17 4.39 42.08 20.75
N VAL V 18 3.20 42.22 20.18
CA VAL V 18 2.23 41.11 20.16
C VAL V 18 2.20 40.51 18.77
N TRP V 19 2.44 39.20 18.68
CA TRP V 19 2.35 38.47 17.42
C TRP V 19 1.02 37.72 17.38
N ASP V 20 0.21 37.95 16.32
CA ASP V 20 -1.09 37.30 16.19
C ASP V 20 -0.87 36.05 15.38
N VAL V 21 -0.66 34.96 16.10
CA VAL V 21 -0.43 33.66 15.49
C VAL V 21 -1.73 32.95 15.04
N THR V 22 -2.87 33.60 15.29
CA THR V 22 -4.17 33.05 14.87
C THR V 22 -4.61 33.78 13.61
N ASN V 23 -4.43 35.11 13.59
CA ASN V 23 -4.88 35.97 12.51
C ASN V 23 -3.80 36.57 11.62
N GLY V 24 -2.67 36.90 12.21
CA GLY V 24 -1.56 37.54 11.54
C GLY V 24 -0.84 36.78 10.45
N LYS V 25 0.23 37.40 9.92
CA LYS V 25 1.07 36.86 8.85
C LYS V 25 1.74 35.55 9.27
N VAL V 26 2.25 35.49 10.52
CA VAL V 26 2.91 34.30 11.08
C VAL V 26 1.87 33.55 11.91
N ARG V 27 1.51 32.33 11.50
CA ARG V 27 0.49 31.56 12.19
C ARG V 27 0.94 30.25 12.78
N PHE V 28 0.42 29.93 13.98
CA PHE V 28 0.63 28.68 14.70
C PHE V 28 -0.59 27.81 14.43
N TYR V 29 -0.35 26.53 14.11
CA TYR V 29 -1.38 25.54 13.81
C TYR V 29 -1.04 24.19 14.45
N GLN V 30 -2.05 23.31 14.66
CA GLN V 30 -1.94 21.96 15.21
C GLN V 30 -1.01 21.79 16.44
N PRO V 31 -1.40 22.33 17.62
CA PRO V 31 -0.54 22.13 18.81
C PRO V 31 -0.42 20.65 19.13
N SER V 32 0.80 20.18 19.45
CA SER V 32 1.10 18.78 19.74
C SER V 32 0.28 18.27 20.94
N ASN V 33 0.48 18.84 22.12
CA ASN V 33 -0.29 18.46 23.30
C ASN V 33 -0.52 19.65 24.18
N LEU V 34 -1.78 19.89 24.56
CA LEU V 34 -2.16 20.99 25.45
C LEU V 34 -2.57 20.44 26.83
N GLY V 35 -2.56 19.12 26.96
CA GLY V 35 -2.90 18.42 28.19
C GLY V 35 -1.79 18.40 29.22
N LEU V 36 -1.71 17.31 29.99
CA LEU V 36 -0.69 17.16 31.03
C LEU V 36 -0.39 15.70 31.32
N GLN V 37 0.65 15.49 32.13
CA GLN V 37 1.05 14.17 32.61
C GLN V 37 1.63 14.31 34.01
N SER V 38 1.60 13.21 34.77
CA SER V 38 2.17 13.16 36.11
C SER V 38 2.73 11.79 36.38
N THR V 39 3.54 11.74 37.42
CA THR V 39 4.11 10.55 38.03
C THR V 39 3.43 10.59 39.38
N ASN V 40 2.80 9.49 39.76
CA ASN V 40 2.00 9.45 40.98
C ASN V 40 2.62 8.72 42.21
N ASN V 41 3.88 8.23 42.07
CA ASN V 41 4.67 7.53 43.10
C ASN V 41 3.91 6.42 43.86
N ILE V 42 3.22 5.58 43.09
CA ILE V 42 2.41 4.51 43.64
C ILE V 42 3.26 3.28 43.90
N TRP V 43 3.41 2.97 45.19
CA TRP V 43 4.11 1.79 45.69
C TRP V 43 3.02 0.83 46.17
N GLN V 44 3.12 -0.46 45.86
CA GLN V 44 2.07 -1.41 46.23
C GLN V 44 2.48 -2.48 47.21
N SER V 45 1.68 -2.66 48.26
CA SER V 45 1.86 -3.69 49.28
C SER V 45 0.71 -4.68 49.18
N ASN V 46 1.03 -5.97 48.92
CA ASN V 46 0.09 -7.09 48.81
C ASN V 46 -1.18 -6.79 47.96
N GLY V 47 -0.98 -6.22 46.78
CA GLY V 47 -2.07 -5.88 45.87
C GLY V 47 -2.76 -4.55 46.13
N ILE V 48 -2.63 -4.03 47.37
CA ILE V 48 -3.21 -2.75 47.80
C ILE V 48 -2.22 -1.64 47.39
N GLY V 49 -2.74 -0.54 46.86
CA GLY V 49 -1.93 0.58 46.42
C GLY V 49 -1.90 1.77 47.36
N VAL V 50 -0.70 2.25 47.67
CA VAL V 50 -0.47 3.43 48.50
C VAL V 50 0.06 4.50 47.54
N MET V 51 -0.64 5.64 47.41
CA MET V 51 -0.27 6.71 46.50
C MET V 51 0.44 7.85 47.20
N GLY V 52 1.60 8.22 46.63
CA GLY V 52 2.42 9.32 47.11
C GLY V 52 1.94 10.68 46.66
N THR V 53 2.84 11.47 46.07
CA THR V 53 2.57 12.82 45.59
C THR V 53 2.73 12.90 44.09
N ARG V 54 1.76 13.55 43.44
CA ARG V 54 1.73 13.73 41.99
C ARG V 54 2.53 14.91 41.48
N SER V 55 3.62 14.61 40.77
CA SER V 55 4.47 15.63 40.18
C SER V 55 3.90 15.85 38.79
N ILE V 56 3.19 16.97 38.59
CA ILE V 56 2.58 17.29 37.30
C ILE V 56 3.59 17.85 36.29
N THR V 57 4.14 16.93 35.50
CA THR V 57 5.12 17.15 34.43
C THR V 57 4.41 17.83 33.26
N GLN V 58 5.05 18.81 32.60
CA GLN V 58 4.46 19.48 31.45
C GLN V 58 5.20 19.16 30.16
N PRO V 59 4.47 18.72 29.10
CA PRO V 59 5.16 18.33 27.87
C PRO V 59 5.35 19.47 26.90
N GLN V 60 6.41 19.39 26.07
CA GLN V 60 6.74 20.35 25.02
C GLN V 60 5.59 20.57 24.06
N ILE V 61 5.35 21.82 23.66
CA ILE V 61 4.28 22.11 22.71
C ILE V 61 4.94 22.48 21.39
N GLU V 62 4.60 21.71 20.33
CA GLU V 62 5.12 21.85 18.98
C GLU V 62 4.01 22.32 18.04
N PHE V 63 4.22 23.48 17.42
CA PHE V 63 3.28 24.11 16.50
C PHE V 63 3.74 24.04 15.06
N LYS V 64 2.78 23.92 14.14
CA LYS V 64 3.02 23.89 12.70
C LYS V 64 2.98 25.37 12.35
N LEU V 65 4.17 26.01 12.34
CA LEU V 65 4.33 27.43 12.05
C LEU V 65 4.30 27.71 10.55
N GLU V 66 3.30 28.49 10.12
CA GLU V 66 3.09 28.86 8.73
C GLU V 66 3.18 30.36 8.57
N THR V 67 3.64 30.81 7.39
CA THR V 67 3.77 32.23 7.04
C THR V 67 2.84 32.56 5.87
N PHE V 68 2.33 33.82 5.83
CA PHE V 68 1.41 34.26 4.78
C PHE V 68 1.86 35.50 4.01
N GLY V 69 3.16 35.60 3.76
CA GLY V 69 3.76 36.69 3.02
C GLY V 69 3.28 36.76 1.58
N GLU V 70 3.51 37.91 0.96
CA GLU V 70 3.11 38.16 -0.42
C GLU V 70 4.23 37.91 -1.45
N SER V 71 5.50 37.92 -0.99
CA SER V 71 6.68 37.72 -1.84
C SER V 71 7.68 36.90 -1.07
N LEU V 72 8.78 36.49 -1.73
CA LEU V 72 9.87 35.75 -1.11
C LEU V 72 10.56 36.66 -0.10
N GLU V 73 10.67 37.97 -0.42
CA GLU V 73 11.25 39.03 0.39
C GLU V 73 10.49 39.21 1.71
N GLU V 74 9.14 39.23 1.65
CA GLU V 74 8.29 39.38 2.85
C GLU V 74 8.30 38.17 3.78
N ASN V 75 8.38 36.94 3.23
CA ASN V 75 8.42 35.70 4.01
C ASN V 75 9.75 35.52 4.73
N TYR V 76 10.86 35.95 4.11
CA TYR V 76 12.20 35.91 4.71
C TYR V 76 12.27 36.94 5.83
N GLN V 77 11.61 38.10 5.63
CA GLN V 77 11.53 39.19 6.60
C GLN V 77 10.67 38.80 7.80
N LEU V 78 9.66 37.94 7.60
CA LEU V 78 8.81 37.46 8.69
C LEU V 78 9.52 36.42 9.54
N MET V 79 10.06 35.36 8.90
CA MET V 79 10.78 34.31 9.61
C MET V 79 11.94 34.84 10.45
N LYS V 80 12.69 35.85 9.94
CA LYS V 80 13.80 36.50 10.64
C LYS V 80 13.30 37.33 11.81
N ASP V 81 12.22 38.12 11.60
CA ASP V 81 11.64 38.94 12.67
C ASP V 81 10.99 38.13 13.78
N PHE V 82 10.01 37.28 13.44
CA PHE V 82 9.30 36.44 14.42
C PHE V 82 10.21 35.62 15.32
N VAL V 83 11.24 34.96 14.76
CA VAL V 83 12.19 34.16 15.54
C VAL V 83 13.13 34.99 16.44
N ASN V 84 13.81 36.06 15.91
CA ASN V 84 14.69 36.94 16.68
C ASN V 84 14.01 37.68 17.84
N ASP V 85 12.68 37.84 17.77
CA ASP V 85 11.89 38.46 18.83
C ASP V 85 11.73 37.49 20.00
N ILE V 86 11.82 36.19 19.70
CA ILE V 86 11.74 35.10 20.70
C ILE V 86 13.14 34.83 21.28
N LEU V 87 14.18 35.41 20.67
CA LEU V 87 15.57 35.24 21.11
C LEU V 87 16.12 36.41 21.90
N SER V 88 15.54 37.61 21.71
CA SER V 88 15.91 38.84 22.44
C SER V 88 15.38 38.77 23.88
N LYS V 89 14.25 38.05 24.06
CA LYS V 89 13.55 37.81 25.31
C LYS V 89 13.79 36.36 25.70
N LYS V 90 14.42 36.14 26.87
CA LYS V 90 14.78 34.81 27.40
C LYS V 90 13.62 33.81 27.46
N PHE V 91 12.38 34.30 27.67
CA PHE V 91 11.15 33.50 27.69
C PHE V 91 9.98 34.33 27.13
N VAL V 92 9.19 33.70 26.25
CA VAL V 92 8.05 34.31 25.56
C VAL V 92 6.67 33.79 26.07
N THR V 93 5.70 34.69 26.30
CA THR V 93 4.37 34.34 26.81
C THR V 93 3.30 34.09 25.74
N LEU V 94 2.78 32.84 25.69
CA LEU V 94 1.68 32.46 24.78
C LEU V 94 0.37 32.75 25.49
N GLU V 95 -0.70 33.06 24.74
CA GLU V 95 -2.02 33.34 25.29
C GLU V 95 -3.06 32.41 24.68
N TYR V 96 -3.74 31.63 25.54
CA TYR V 96 -4.78 30.72 25.10
C TYR V 96 -6.10 31.38 25.41
N GLN V 97 -6.76 31.88 24.36
CA GLN V 97 -8.04 32.56 24.51
C GLN V 97 -9.17 31.80 23.81
N THR V 98 -10.28 31.62 24.52
CA THR V 98 -11.46 30.91 24.02
C THR V 98 -12.72 31.63 24.50
N GLU V 99 -13.89 31.13 24.10
CA GLU V 99 -15.18 31.69 24.50
C GLU V 99 -15.35 31.75 26.02
N ILE V 100 -14.86 30.71 26.71
CA ILE V 100 -14.95 30.58 28.17
C ILE V 100 -13.73 31.07 28.99
N PHE V 101 -12.51 30.96 28.45
CA PHE V 101 -11.33 31.33 29.22
C PHE V 101 -10.23 32.08 28.47
N GLN V 102 -9.37 32.76 29.23
CA GLN V 102 -8.20 33.45 28.70
C GLN V 102 -6.93 33.17 29.53
N VAL V 103 -6.35 31.98 29.36
CA VAL V 103 -5.13 31.56 30.08
C VAL V 103 -3.84 31.86 29.30
N TYR V 104 -2.68 31.79 29.97
CA TYR V 104 -1.37 32.06 29.37
C TYR V 104 -0.35 30.97 29.71
N ALA V 105 0.67 30.81 28.85
CA ALA V 105 1.75 29.85 29.02
C ALA V 105 3.06 30.60 28.93
N ASP V 106 4.08 30.17 29.67
CA ASP V 106 5.40 30.79 29.70
C ASP V 106 6.40 29.90 28.97
N LEU V 107 6.30 29.94 27.65
CA LEU V 107 7.14 29.13 26.77
C LEU V 107 8.55 29.67 26.71
N ALA V 108 9.50 28.79 26.33
CA ALA V 108 10.91 29.07 26.09
C ALA V 108 11.23 28.31 24.81
N LEU V 109 11.75 28.99 23.79
CA LEU V 109 12.07 28.44 22.47
C LEU V 109 12.91 27.15 22.52
N ALA V 110 12.30 26.03 22.11
CA ALA V 110 12.98 24.74 22.08
C ALA V 110 13.73 24.44 20.77
N ASP V 111 13.06 24.50 19.59
CA ASP V 111 13.65 24.20 18.28
C ASP V 111 12.77 24.73 17.14
N VAL V 112 13.30 25.68 16.36
CA VAL V 112 12.61 26.21 15.19
C VAL V 112 13.36 25.69 13.94
N THR V 113 12.62 25.35 12.87
CA THR V 113 13.24 24.81 11.65
C THR V 113 13.08 25.76 10.47
N LYS V 114 14.15 25.97 9.68
CA LYS V 114 14.11 26.77 8.46
C LYS V 114 14.58 25.86 7.33
N THR V 115 13.71 25.61 6.34
CA THR V 115 13.98 24.74 5.19
C THR V 115 13.71 25.43 3.86
N GLU V 116 14.25 24.86 2.76
CA GLU V 116 14.05 25.43 1.42
C GLU V 116 12.94 24.80 0.56
N GLY V 117 11.94 24.21 1.20
CA GLY V 117 10.75 23.71 0.51
C GLY V 117 9.71 24.81 0.51
N TYR V 118 9.74 25.71 -0.48
CA TYR V 118 8.82 26.84 -0.55
C TYR V 118 7.57 26.54 -1.35
N GLY V 119 6.46 27.14 -0.95
CA GLY V 119 5.18 26.91 -1.59
C GLY V 119 4.96 27.93 -2.68
N LYS V 120 4.04 28.85 -2.44
CA LYS V 120 3.71 29.92 -3.38
C LYS V 120 4.16 31.24 -2.81
N ASN V 121 4.90 32.03 -3.63
CA ASN V 121 5.49 33.34 -3.27
C ASN V 121 6.49 33.22 -2.13
N GLY V 122 7.17 32.07 -2.08
CA GLY V 122 8.16 31.74 -1.07
C GLY V 122 7.63 31.51 0.32
N THR V 123 6.42 30.93 0.44
CA THR V 123 5.79 30.66 1.74
C THR V 123 6.45 29.53 2.51
N PHE V 124 6.45 29.60 3.85
CA PHE V 124 7.10 28.64 4.75
C PHE V 124 6.10 27.83 5.57
N SER V 125 6.37 26.52 5.72
CA SER V 125 5.64 25.57 6.55
C SER V 125 6.72 24.86 7.38
N GLU V 126 6.84 25.22 8.68
CA GLU V 126 7.90 24.73 9.56
C GLU V 126 7.35 24.37 10.92
N LYS V 127 8.08 23.51 11.64
CA LYS V 127 7.69 23.13 13.00
C LYS V 127 8.51 23.87 14.04
N ILE V 128 7.82 24.47 15.01
CA ILE V 128 8.42 25.23 16.11
C ILE V 128 8.05 24.55 17.44
N THR V 129 9.06 24.16 18.25
CA THR V 129 8.84 23.47 19.52
C THR V 129 9.09 24.47 20.63
N PHE V 130 8.36 24.31 21.73
CA PHE V 130 8.50 25.18 22.88
C PHE V 130 8.59 24.38 24.16
N ASP V 131 9.49 24.80 25.04
CA ASP V 131 9.69 24.18 26.36
C ASP V 131 8.81 24.90 27.37
N ILE V 132 8.16 24.13 28.25
CA ILE V 132 7.24 24.70 29.25
C ILE V 132 7.96 25.20 30.50
N ILE V 133 7.75 26.48 30.84
CA ILE V 133 8.24 27.07 32.10
C ILE V 133 7.04 26.94 33.05
N THR V 134 5.93 27.64 32.76
CA THR V 134 4.69 27.56 33.55
C THR V 134 3.52 27.38 32.59
N LYS V 135 2.74 26.29 32.80
CA LYS V 135 1.58 26.00 31.95
C LYS V 135 0.24 26.39 32.58
N TRP V 136 -0.52 27.21 31.83
CA TRP V 136 -1.80 27.86 32.16
C TRP V 136 -1.88 28.65 33.47
N TYR V 137 -1.79 29.98 33.36
CA TYR V 137 -1.86 30.89 34.48
C TYR V 137 -2.62 32.13 34.05
N THR V 138 -3.54 32.58 34.88
CA THR V 138 -4.36 33.73 34.56
C THR V 138 -3.67 35.04 34.94
N TYR V 139 -3.75 36.07 34.07
CA TYR V 139 -3.23 37.40 34.35
C TYR V 139 -4.46 38.24 34.62
N GLU V 140 -4.74 38.46 35.91
CA GLU V 140 -5.91 39.20 36.37
C GLU V 140 -5.49 40.47 37.09
N ASN V 141 -6.39 41.46 37.09
CA ASN V 141 -6.20 42.74 37.75
C ASN V 141 -6.76 42.62 39.16
N LEU V 142 -5.87 42.76 40.15
CA LEU V 142 -6.26 42.69 41.56
C LEU V 142 -6.50 44.10 42.13
N THR V 143 -7.72 44.33 42.67
CA THR V 143 -8.10 45.61 43.26
C THR V 143 -8.69 45.38 44.65
N PHE V 144 -8.54 46.38 45.52
CA PHE V 144 -9.08 46.41 46.88
C PHE V 144 -10.60 46.49 46.85
N ASP V 145 -11.23 46.16 47.97
CA ASP V 145 -12.67 46.22 48.11
C ASP V 145 -13.04 47.27 49.15
N LYS V 146 -14.15 47.98 48.92
CA LYS V 146 -14.60 49.05 49.80
C LYS V 146 -15.79 48.59 50.62
N ILE V 147 -15.91 49.13 51.85
CA ILE V 147 -17.00 48.80 52.76
C ILE V 147 -17.94 50.00 52.91
N GLN V 148 -19.24 49.79 52.65
CA GLN V 148 -20.27 50.83 52.72
C GLN V 148 -21.22 50.66 53.87
N ASN V 149 -21.61 51.79 54.48
CA ASN V 149 -22.53 51.89 55.60
C ASN V 149 -23.94 51.48 55.22
N GLY V 150 -24.55 50.63 56.06
CA GLY V 150 -25.93 50.18 55.88
C GLY V 150 -26.92 51.30 56.15
N LYS V 151 -28.10 51.26 55.51
CA LYS V 151 -29.11 52.31 55.66
C LYS V 151 -29.77 52.32 57.04
N VAL V 152 -30.19 53.51 57.49
CA VAL V 152 -30.84 53.71 58.78
C VAL V 152 -32.36 53.53 58.65
N ILE V 153 -32.93 52.65 59.49
CA ILE V 153 -34.35 52.32 59.49
C ILE V 153 -34.91 52.51 60.90
N ALA V 154 -36.12 53.11 61.00
CA ALA V 154 -36.80 53.38 62.27
C ALA V 154 -37.30 52.10 62.92
N GLY V 155 -36.88 51.87 64.16
CA GLY V 155 -37.21 50.68 64.94
C GLY V 155 -36.21 49.56 64.79
N MET V 156 -35.56 49.47 63.61
CA MET V 156 -34.58 48.43 63.30
C MET V 156 -33.17 48.83 63.71
N SER V 157 -32.84 50.13 63.61
CA SER V 157 -31.50 50.64 63.89
C SER V 157 -31.34 51.17 65.31
N LYS V 158 -30.08 51.38 65.75
CA LYS V 158 -29.83 51.98 67.05
C LYS V 158 -29.77 53.51 66.91
N ILE V 159 -30.89 54.16 67.22
CA ILE V 159 -31.12 55.61 67.19
C ILE V 159 -32.13 55.92 68.27
N TYR V 160 -32.07 57.14 68.82
CA TYR V 160 -33.04 57.60 69.81
C TYR V 160 -33.95 58.54 69.01
N GLY V 161 -35.01 58.01 68.40
CA GLY V 161 -35.90 58.78 67.55
C GLY V 161 -37.30 58.92 68.06
N GLY V 162 -38.15 59.51 67.22
CA GLY V 162 -39.56 59.76 67.50
C GLY V 162 -39.75 60.73 68.65
N THR V 163 -40.63 60.38 69.60
CA THR V 163 -40.99 61.15 70.79
C THR V 163 -39.79 61.32 71.73
N ALA V 164 -39.56 62.56 72.20
CA ALA V 164 -38.46 62.95 73.08
C ALA V 164 -38.51 62.30 74.47
N PRO V 165 -37.36 61.90 75.08
CA PRO V 165 -35.98 62.06 74.63
C PRO V 165 -35.40 60.84 73.87
N GLY V 166 -36.11 60.42 72.83
CA GLY V 166 -35.71 59.31 71.96
C GLY V 166 -36.09 57.94 72.46
N ASN V 167 -36.21 56.95 71.56
CA ASN V 167 -36.58 55.61 71.95
C ASN V 167 -36.12 54.53 70.98
N TYR V 168 -35.47 53.49 71.51
CA TYR V 168 -35.06 52.30 70.75
C TYR V 168 -35.58 51.06 71.48
N LYS V 169 -36.37 50.24 70.79
CA LYS V 169 -37.03 49.07 71.40
C LYS V 169 -36.32 47.74 71.16
N TYR V 170 -36.23 46.91 72.22
CA TYR V 170 -35.68 45.56 72.14
C TYR V 170 -36.81 44.66 71.67
N ILE V 171 -36.70 44.18 70.44
CA ILE V 171 -37.70 43.27 69.85
C ILE V 171 -37.04 41.88 69.75
N LYS V 172 -37.79 40.87 69.27
CA LYS V 172 -37.27 39.52 69.10
C LYS V 172 -37.01 39.27 67.62
N GLY V 173 -35.74 39.38 67.24
CA GLY V 173 -35.29 39.19 65.88
C GLY V 173 -35.05 40.48 65.12
N THR V 174 -36.01 41.41 65.19
CA THR V 174 -35.89 42.72 64.53
C THR V 174 -35.06 43.72 65.34
N SER V 175 -35.21 43.67 66.69
CA SER V 175 -34.54 44.44 67.76
C SER V 175 -33.76 45.69 67.32
N TYR V 176 -32.47 45.79 67.65
CA TYR V 176 -31.64 46.89 67.18
C TYR V 176 -30.38 46.37 66.52
N THR V 177 -30.15 46.79 65.27
CA THR V 177 -28.99 46.42 64.48
C THR V 177 -28.29 47.73 64.11
N TYR V 178 -27.00 47.83 64.40
CA TYR V 178 -26.17 49.01 64.11
C TYR V 178 -26.17 49.34 62.61
N TYR V 179 -26.32 50.63 62.25
CA TYR V 179 -26.36 51.06 60.85
C TYR V 179 -25.05 50.81 60.07
N GLY V 180 -23.94 51.30 60.61
CA GLY V 180 -22.61 51.18 60.03
C GLY V 180 -21.60 51.74 61.01
N GLU V 181 -20.48 52.25 60.49
CA GLU V 181 -19.41 52.82 61.31
C GLU V 181 -19.05 54.23 60.90
N SER V 182 -18.76 55.08 61.89
CA SER V 182 -18.34 56.47 61.69
C SER V 182 -17.01 56.42 60.94
N ASP V 183 -16.99 57.01 59.75
CA ASP V 183 -15.84 56.95 58.86
C ASP V 183 -15.46 55.51 58.43
N ILE V 184 -16.44 54.81 57.84
CA ILE V 184 -16.30 53.47 57.29
C ILE V 184 -15.29 53.45 56.12
N ASP V 185 -15.01 54.64 55.55
CA ASP V 185 -14.10 54.85 54.43
C ASP V 185 -12.64 54.46 54.74
N ARG V 186 -12.31 54.23 56.01
CA ARG V 186 -10.98 53.80 56.42
C ARG V 186 -10.73 52.32 56.12
N LEU V 187 -11.80 51.49 56.14
CA LEU V 187 -11.73 50.05 55.89
C LEU V 187 -11.63 49.72 54.41
N SER V 188 -10.54 49.04 54.05
CA SER V 188 -10.26 48.58 52.70
C SER V 188 -9.57 47.24 52.80
N ARG V 189 -10.14 46.23 52.14
CA ARG V 189 -9.57 44.88 52.13
C ARG V 189 -9.08 44.56 50.73
N TRP V 190 -7.80 44.16 50.63
CA TRP V 190 -7.22 43.64 49.40
C TRP V 190 -7.39 42.14 49.62
N ASP V 191 -8.45 41.55 49.05
CA ASP V 191 -8.78 40.15 49.29
C ASP V 191 -8.04 39.16 48.42
N ILE V 192 -7.51 38.12 49.07
CA ILE V 192 -6.80 37.01 48.43
C ILE V 192 -7.65 35.77 48.71
N LYS V 193 -8.27 35.22 47.66
CA LYS V 193 -9.17 34.07 47.78
C LYS V 193 -8.59 32.73 47.37
N GLU V 194 -7.68 32.69 46.39
CA GLU V 194 -7.01 31.47 45.93
C GLU V 194 -5.50 31.73 45.98
N GLU V 195 -4.68 30.65 46.10
CA GLU V 195 -3.22 30.71 46.16
C GLU V 195 -2.58 31.23 44.87
N ILE V 196 -1.70 32.25 44.97
CA ILE V 196 -1.03 32.84 43.81
C ILE V 196 0.50 32.69 43.86
N PHE V 197 1.19 32.92 42.72
CA PHE V 197 2.65 32.84 42.65
C PHE V 197 3.44 34.13 42.37
N SER V 198 3.16 34.82 41.25
CA SER V 198 3.86 36.06 40.87
C SER V 198 2.88 37.22 40.77
N PHE V 199 3.37 38.47 40.93
CA PHE V 199 2.54 39.68 40.87
C PHE V 199 3.26 40.96 40.49
N MET V 200 2.67 41.73 39.56
CA MET V 200 3.22 42.96 39.03
C MET V 200 2.59 44.16 39.76
N GLY V 201 3.05 44.40 40.97
CA GLY V 201 2.53 45.49 41.77
C GLY V 201 3.28 46.79 41.64
N ILE V 202 2.55 47.90 41.48
CA ILE V 202 3.07 49.27 41.41
C ILE V 202 2.69 49.91 42.73
N LEU V 203 3.69 50.10 43.60
CA LEU V 203 3.50 50.68 44.93
C LEU V 203 3.84 52.18 44.90
N TYR V 204 3.02 53.03 45.54
CA TYR V 204 3.24 54.49 45.62
C TYR V 204 3.50 54.85 47.11
N PRO V 205 4.77 55.15 47.49
CA PRO V 205 5.08 55.42 48.91
C PRO V 205 4.71 56.79 49.45
N LYS V 206 4.41 56.85 50.77
CA LYS V 206 4.02 58.10 51.43
C LYS V 206 5.17 58.89 52.08
N LEU V 207 5.76 58.32 53.13
CA LEU V 207 6.81 58.97 53.93
C LEU V 207 8.17 58.39 53.67
N PRO V 208 9.19 59.25 53.56
CA PRO V 208 10.55 58.73 53.32
C PRO V 208 11.19 58.18 54.59
N LYS V 209 12.04 57.15 54.44
CA LYS V 209 12.80 56.57 55.56
C LYS V 209 11.93 55.70 56.47
N THR V 210 10.72 55.43 56.05
CA THR V 210 9.79 54.58 56.79
C THR V 210 9.61 53.39 55.86
N PRO V 211 9.67 52.17 56.39
CA PRO V 211 9.52 50.99 55.52
C PRO V 211 8.22 50.99 54.70
N ALA V 212 8.37 50.99 53.38
CA ALA V 212 7.27 51.01 52.43
C ALA V 212 7.21 49.73 51.59
N GLY V 213 6.02 49.19 51.43
CA GLY V 213 5.77 47.97 50.67
C GLY V 213 4.66 47.14 51.25
N VAL V 214 4.24 46.13 50.52
CA VAL V 214 3.15 45.27 50.98
C VAL V 214 3.59 44.15 51.92
N ARG V 215 2.69 43.76 52.83
CA ARG V 215 2.82 42.63 53.75
C ARG V 215 1.60 41.73 53.52
N PHE V 216 1.75 40.42 53.76
CA PHE V 216 0.67 39.46 53.54
C PHE V 216 0.19 38.78 54.80
N LEU V 217 -1.13 38.83 55.00
CA LEU V 217 -1.81 38.27 56.16
C LEU V 217 -2.60 37.04 55.80
N ASP V 218 -2.49 36.05 56.68
CA ASP V 218 -3.23 34.82 56.52
C ASP V 218 -4.65 35.03 57.06
N ASP V 219 -5.45 33.98 57.08
CA ASP V 219 -6.84 33.96 57.53
C ASP V 219 -7.06 34.31 59.01
N ILE V 220 -6.01 34.18 59.85
CA ILE V 220 -6.05 34.50 61.28
C ILE V 220 -5.42 35.85 61.65
N GLY V 221 -5.01 36.61 60.65
CA GLY V 221 -4.42 37.93 60.84
C GLY V 221 -2.96 37.95 61.26
N ASN V 222 -2.19 36.92 60.87
CA ASN V 222 -0.75 36.79 61.14
C ASN V 222 0.04 36.98 59.84
N GLU V 223 1.21 37.61 59.94
CA GLU V 223 2.05 37.88 58.79
C GLU V 223 2.92 36.68 58.38
N TYR V 224 2.93 36.36 57.09
CA TYR V 224 3.77 35.28 56.62
C TYR V 224 4.91 35.78 55.76
N THR V 225 4.66 36.74 54.84
CA THR V 225 5.67 37.34 53.96
C THR V 225 5.43 38.84 53.80
N ALA V 226 6.50 39.61 53.54
CA ALA V 226 6.42 41.06 53.36
C ALA V 226 7.56 41.59 52.49
N ILE V 227 7.23 42.33 51.42
CA ILE V 227 8.25 42.93 50.54
C ILE V 227 8.36 44.41 50.93
N VAL V 228 9.11 44.68 52.01
CA VAL V 228 9.24 46.02 52.54
C VAL V 228 10.61 46.66 52.29
N PHE V 229 10.59 47.91 51.81
CA PHE V 229 11.80 48.67 51.48
C PHE V 229 11.92 49.91 52.36
N LYS V 230 13.13 50.24 52.80
CA LYS V 230 13.38 51.47 53.57
C LYS V 230 14.35 52.41 52.84
N THR V 231 13.75 53.34 52.07
CA THR V 231 14.43 54.32 51.22
C THR V 231 14.83 55.59 51.96
N GLU V 232 15.79 56.34 51.40
CA GLU V 232 16.27 57.58 51.98
C GLU V 232 15.38 58.78 51.61
N GLN V 233 14.91 58.81 50.36
CA GLN V 233 14.02 59.85 49.87
C GLN V 233 12.72 59.24 49.35
N VAL V 234 11.66 60.04 49.24
CA VAL V 234 10.36 59.58 48.75
C VAL V 234 10.41 59.22 47.28
N GLN V 235 10.13 57.96 46.97
CA GLN V 235 10.09 57.47 45.60
C GLN V 235 8.71 57.70 45.04
N ASP V 236 8.63 58.16 43.79
CA ASP V 236 7.36 58.43 43.14
C ASP V 236 6.49 57.15 43.10
N TYR V 237 7.13 56.01 42.77
CA TYR V 237 6.51 54.68 42.77
C TYR V 237 7.55 53.55 42.82
N ILE V 238 7.23 52.45 43.51
CA ILE V 238 8.06 51.25 43.60
C ILE V 238 7.46 50.22 42.64
N LEU V 239 8.25 49.71 41.70
CA LEU V 239 7.81 48.75 40.70
C LEU V 239 8.38 47.40 41.07
N ILE V 240 7.52 46.59 41.69
CA ILE V 240 7.89 45.26 42.14
C ILE V 240 7.25 44.13 41.37
N ASN V 241 8.06 43.17 40.90
CA ASN V 241 7.54 42.00 40.21
C ASN V 241 8.08 40.75 40.88
N THR V 242 7.19 39.81 41.18
CA THR V 242 7.51 38.55 41.85
C THR V 242 7.91 37.42 40.90
N ASP V 243 7.79 37.62 39.58
CA ASP V 243 8.18 36.57 38.63
C ASP V 243 9.62 36.15 38.87
N VAL V 244 9.84 34.83 38.99
CA VAL V 244 11.15 34.25 39.30
C VAL V 244 12.23 34.52 38.25
N ASN V 245 11.86 34.37 36.96
CA ASN V 245 12.73 34.55 35.81
C ASN V 245 13.26 35.95 35.61
N ASP V 246 12.41 36.98 35.82
CA ASP V 246 12.76 38.40 35.70
C ASP V 246 12.26 39.20 36.93
N GLU V 247 12.77 38.88 38.12
CA GLU V 247 12.36 39.58 39.34
C GLU V 247 12.78 41.05 39.28
N THR V 248 11.87 41.98 39.60
CA THR V 248 12.19 43.41 39.59
C THR V 248 11.81 44.07 40.89
N TYR V 249 12.74 44.86 41.45
CA TYR V 249 12.51 45.66 42.66
C TYR V 249 13.13 47.05 42.43
N GLN V 250 12.43 47.94 41.71
CA GLN V 250 12.95 49.29 41.40
C GLN V 250 12.07 50.48 41.78
N GLY V 251 12.66 51.41 42.52
CA GLY V 251 11.99 52.64 42.97
C GLY V 251 12.21 53.78 42.02
N TRP V 252 11.17 54.20 41.33
CA TRP V 252 11.28 55.30 40.38
C TRP V 252 11.06 56.65 41.05
N LYS V 253 11.93 57.62 40.76
CA LYS V 253 11.84 59.02 41.20
C LYS V 253 12.10 59.84 39.93
N GLY V 254 11.07 60.55 39.45
CA GLY V 254 11.16 61.33 38.22
C GLY V 254 11.30 60.42 37.01
N THR V 255 12.43 60.55 36.30
CA THR V 255 12.79 59.74 35.12
C THR V 255 13.92 58.75 35.46
N THR V 256 14.37 58.76 36.73
CA THR V 256 15.47 57.92 37.23
C THR V 256 14.98 56.64 37.92
N ALA V 257 15.58 55.49 37.53
CA ALA V 257 15.25 54.17 38.10
C ALA V 257 16.32 53.72 39.08
N LEU V 258 15.92 53.39 40.31
CA LEU V 258 16.82 52.99 41.37
C LEU V 258 16.59 51.54 41.75
N ASN V 259 17.67 50.75 41.88
CA ASN V 259 17.60 49.36 42.30
C ASN V 259 17.33 49.29 43.81
N LEU V 260 16.21 48.66 44.20
CA LEU V 260 15.82 48.57 45.61
C LEU V 260 16.14 47.24 46.31
N PHE V 261 16.88 46.35 45.65
CA PHE V 261 17.28 45.06 46.21
C PHE V 261 18.05 45.14 47.55
N PRO V 262 19.12 45.97 47.72
CA PRO V 262 19.83 45.97 49.02
C PRO V 262 19.05 46.63 50.16
N VAL V 263 18.10 47.51 49.79
CA VAL V 263 17.29 48.25 50.73
C VAL V 263 16.24 47.38 51.40
N MET V 264 15.62 46.42 50.67
CA MET V 264 14.58 45.55 51.20
C MET V 264 14.92 44.66 52.39
N ASP V 265 13.89 44.26 53.17
CA ASP V 265 14.03 43.39 54.34
C ASP V 265 13.97 41.93 53.95
N PHE V 266 15.15 41.29 53.95
CA PHE V 266 15.32 39.89 53.59
C PHE V 266 14.69 38.91 54.57
N GLU V 267 14.57 39.25 55.87
CA GLU V 267 13.96 38.38 56.87
C GLU V 267 12.43 38.36 56.79
N ARG V 268 11.80 39.52 56.50
CA ARG V 268 10.34 39.62 56.38
C ARG V 268 9.80 38.93 55.12
N TYR V 269 10.57 38.97 54.01
CA TYR V 269 10.24 38.35 52.73
C TYR V 269 10.57 36.85 52.83
N ARG V 270 9.71 36.11 53.53
CA ARG V 270 9.87 34.68 53.80
C ARG V 270 9.58 33.81 52.59
N THR V 271 8.47 34.08 51.89
CA THR V 271 8.09 33.30 50.70
C THR V 271 7.53 34.16 49.58
N ARG V 272 7.62 33.63 48.36
CA ARG V 272 7.11 34.26 47.15
C ARG V 272 5.63 33.90 46.96
N ILE V 273 5.24 32.66 47.33
CA ILE V 273 3.89 32.12 47.22
C ILE V 273 2.94 32.78 48.20
N ILE V 274 1.86 33.37 47.67
CA ILE V 274 0.84 34.05 48.47
C ILE V 274 -0.31 33.10 48.81
N GLU V 275 -0.67 33.04 50.09
CA GLU V 275 -1.74 32.17 50.60
C GLU V 275 -3.04 32.93 50.85
N LYS V 276 -4.14 32.18 51.07
CA LYS V 276 -5.49 32.70 51.33
C LYS V 276 -5.53 33.61 52.56
N GLY V 277 -6.06 34.81 52.37
CA GLY V 277 -6.19 35.82 53.41
C GLY V 277 -6.34 37.22 52.84
N GLN V 278 -5.51 38.17 53.33
CA GLN V 278 -5.53 39.56 52.86
C GLN V 278 -4.14 40.22 52.80
N MET V 279 -4.02 41.26 51.97
CA MET V 279 -2.78 42.02 51.79
C MET V 279 -2.92 43.41 52.41
N GLU V 280 -1.90 43.84 53.18
CA GLU V 280 -1.87 45.17 53.80
C GLU V 280 -0.78 46.02 53.18
N LEU V 281 -1.06 47.31 52.99
CA LEU V 281 -0.12 48.28 52.41
C LEU V 281 0.60 49.04 53.53
N ILE V 282 1.94 48.92 53.60
CA ILE V 282 2.71 49.63 54.62
C ILE V 282 3.29 50.90 53.99
N ASN V 283 2.96 52.07 54.59
CA ASN V 283 3.40 53.41 54.18
C ASN V 283 3.16 53.67 52.68
N LEU V 284 1.92 53.43 52.22
CA LEU V 284 1.53 53.61 50.82
C LEU V 284 0.28 54.48 50.68
N SER V 285 0.26 55.34 49.65
CA SER V 285 -0.85 56.24 49.35
C SER V 285 -1.78 55.66 48.29
N LYS V 286 -1.22 54.81 47.40
CA LYS V 286 -1.92 54.18 46.28
C LYS V 286 -1.17 52.88 45.90
N ALA V 287 -1.88 51.89 45.31
CA ALA V 287 -1.31 50.62 44.87
C ALA V 287 -2.08 50.04 43.69
N GLU V 288 -1.36 49.56 42.68
CA GLU V 288 -1.94 48.95 41.47
C GLU V 288 -1.36 47.54 41.30
N PHE V 289 -2.22 46.51 41.34
CA PHE V 289 -1.76 45.12 41.26
C PHE V 289 -2.30 44.29 40.11
N LYS V 290 -1.44 43.41 39.57
CA LYS V 290 -1.75 42.46 38.51
C LYS V 290 -1.32 41.09 39.00
N ILE V 291 -2.29 40.23 39.31
CA ILE V 291 -2.04 38.90 39.87
C ILE V 291 -2.09 37.75 38.89
N LYS V 292 -1.06 36.88 38.93
CA LYS V 292 -0.96 35.69 38.08
C LYS V 292 -0.99 34.38 38.88
N ARG V 293 -2.07 33.62 38.68
CA ARG V 293 -2.44 32.39 39.39
C ARG V 293 -2.54 31.18 38.43
N LYS V 294 -1.87 30.07 38.79
CA LYS V 294 -1.78 28.85 37.98
C LYS V 294 -3.00 27.92 38.00
N ALA V 295 -3.19 27.21 36.88
CA ALA V 295 -4.21 26.18 36.62
C ALA V 295 -3.52 25.09 35.79
N ASP V 296 -3.47 23.85 36.30
CA ASP V 296 -2.78 22.75 35.64
C ASP V 296 -3.38 22.36 34.28
N PHE V 297 -4.70 22.14 34.23
CA PHE V 297 -5.40 21.81 32.98
C PHE V 297 -6.56 22.76 32.76
N VAL V 298 -6.62 23.35 31.57
CA VAL V 298 -7.67 24.29 31.14
C VAL V 298 -7.93 24.09 29.64
N MET W 1 16.10 37.98 -6.38
CA MET W 1 14.85 37.24 -6.21
C MET W 1 15.01 35.94 -5.46
N VAL W 2 15.52 34.91 -6.14
CA VAL W 2 15.74 33.58 -5.58
C VAL W 2 17.04 33.60 -4.74
N ARG W 3 17.22 32.62 -3.83
CA ARG W 3 18.38 32.52 -2.95
C ARG W 3 19.64 32.02 -3.68
N GLN W 4 20.82 32.34 -3.12
CA GLN W 4 22.11 31.95 -3.68
C GLN W 4 23.01 31.30 -2.62
N TYR W 5 23.51 30.08 -2.92
CA TYR W 5 24.47 29.35 -2.08
C TYR W 5 25.80 29.33 -2.82
N LYS W 6 26.90 29.70 -2.14
CA LYS W 6 28.23 29.77 -2.72
C LYS W 6 29.24 29.24 -1.73
N ILE W 7 29.94 28.16 -2.11
CA ILE W 7 31.01 27.56 -1.31
C ILE W 7 32.31 28.33 -1.62
N HIS W 8 33.06 28.75 -0.56
CA HIS W 8 34.32 29.51 -0.68
C HIS W 8 35.45 28.70 -0.05
N THR W 9 36.58 28.50 -0.79
CA THR W 9 37.75 27.77 -0.29
C THR W 9 38.35 28.56 0.86
N ASN W 10 38.67 29.84 0.61
CA ASN W 10 39.18 30.75 1.63
C ASN W 10 38.62 32.16 1.44
N LEU W 11 37.61 32.54 2.23
CA LEU W 11 37.03 33.89 2.21
C LEU W 11 38.05 34.78 2.93
N ASP W 12 38.06 36.10 2.67
CA ASP W 12 38.98 37.08 3.29
C ASP W 12 40.43 36.89 2.84
N GLY W 13 40.61 36.02 1.86
CA GLY W 13 41.93 35.67 1.38
C GLY W 13 42.14 35.75 -0.12
N THR W 14 43.39 36.03 -0.51
CA THR W 14 43.86 36.16 -1.89
C THR W 14 43.75 34.87 -2.70
N ASP W 15 43.88 33.69 -2.05
CA ASP W 15 43.82 32.38 -2.69
C ASP W 15 42.40 31.81 -2.67
N ASP W 16 41.37 32.69 -2.75
CA ASP W 16 39.98 32.26 -2.75
C ASP W 16 39.59 31.64 -4.09
N LYS W 17 38.69 30.65 -4.04
CA LYS W 17 38.08 29.95 -5.17
C LYS W 17 36.63 29.73 -4.78
N VAL W 18 35.71 30.20 -5.62
CA VAL W 18 34.28 30.11 -5.33
C VAL W 18 33.57 29.15 -6.29
N TRP W 19 32.71 28.30 -5.71
CA TRP W 19 31.88 27.33 -6.44
C TRP W 19 30.42 27.73 -6.27
N ASP W 20 29.69 27.91 -7.38
CA ASP W 20 28.29 28.28 -7.26
C ASP W 20 27.48 27.00 -7.18
N VAL W 21 26.95 26.70 -5.98
CA VAL W 21 26.13 25.52 -5.71
C VAL W 21 24.64 25.76 -6.01
N THR W 22 24.36 26.98 -6.45
CA THR W 22 23.04 27.39 -6.95
C THR W 22 22.92 27.40 -8.52
N ASN W 23 23.92 27.95 -9.21
CA ASN W 23 23.94 28.04 -10.67
C ASN W 23 24.99 27.20 -11.46
N GLY W 24 26.08 26.81 -10.82
CA GLY W 24 27.18 26.07 -11.46
C GLY W 24 26.89 24.63 -11.88
N LYS W 25 27.96 23.93 -12.25
CA LYS W 25 27.92 22.53 -12.68
C LYS W 25 27.57 21.59 -11.52
N VAL W 26 28.05 21.91 -10.29
CA VAL W 26 27.78 21.13 -9.07
C VAL W 26 26.89 21.92 -8.09
N ARG W 27 25.68 21.41 -7.84
CA ARG W 27 24.68 22.12 -7.09
C ARG W 27 24.23 21.48 -5.80
N PHE W 28 23.95 22.32 -4.80
CA PHE W 28 23.39 21.96 -3.50
C PHE W 28 21.88 22.20 -3.60
N TYR W 29 21.07 21.22 -3.13
CA TYR W 29 19.59 21.28 -3.13
C TYR W 29 18.98 20.75 -1.83
N GLN W 30 17.79 21.29 -1.45
CA GLN W 30 17.00 20.93 -0.26
C GLN W 30 17.80 20.81 1.05
N PRO W 31 18.26 21.94 1.63
CA PRO W 31 19.03 21.85 2.89
C PRO W 31 18.18 21.21 3.97
N SER W 32 18.79 20.29 4.75
CA SER W 32 18.12 19.55 5.83
C SER W 32 17.50 20.49 6.88
N ASN W 33 18.31 21.27 7.59
CA ASN W 33 17.81 22.24 8.56
C ASN W 33 18.69 23.46 8.58
N LEU W 34 18.08 24.64 8.46
CA LEU W 34 18.78 25.93 8.51
C LEU W 34 18.44 26.68 9.80
N GLY W 35 17.54 26.09 10.59
CA GLY W 35 17.09 26.63 11.88
C GLY W 35 18.04 26.40 13.03
N LEU W 36 17.50 26.14 14.24
CA LEU W 36 18.30 25.92 15.44
C LEU W 36 17.57 25.18 16.55
N GLN W 37 18.31 24.37 17.32
CA GLN W 37 17.80 23.64 18.50
C GLN W 37 18.31 24.39 19.75
N SER W 38 17.42 24.69 20.71
CA SER W 38 17.82 25.38 21.94
C SER W 38 17.50 24.51 23.16
N THR W 39 18.44 24.45 24.14
CA THR W 39 18.27 23.73 25.42
C THR W 39 18.34 24.71 26.61
N ASN W 40 17.16 25.08 27.13
CA ASN W 40 16.93 26.11 28.15
C ASN W 40 17.17 25.75 29.62
N ASN W 41 17.41 24.45 29.93
CA ASN W 41 17.66 23.94 31.30
C ASN W 41 16.55 24.30 32.31
N ILE W 42 15.32 24.08 31.89
CA ILE W 42 14.16 24.40 32.69
C ILE W 42 13.83 23.31 33.68
N TRP W 43 13.78 23.71 34.95
CA TRP W 43 13.40 22.81 36.03
C TRP W 43 12.13 23.36 36.69
N GLN W 44 11.10 22.53 36.87
CA GLN W 44 9.89 23.01 37.53
C GLN W 44 9.72 22.46 38.92
N SER W 45 9.53 23.37 39.90
CA SER W 45 9.29 23.04 41.29
C SER W 45 7.86 23.45 41.64
N ASN W 46 7.04 22.47 42.08
CA ASN W 46 5.64 22.65 42.50
C ASN W 46 4.77 23.52 41.54
N GLY W 47 4.87 23.24 40.25
CA GLY W 47 4.13 23.96 39.22
C GLY W 47 4.78 25.24 38.74
N ILE W 48 5.68 25.84 39.55
CA ILE W 48 6.40 27.07 39.23
C ILE W 48 7.61 26.69 38.37
N GLY W 49 7.85 27.45 37.31
CA GLY W 49 8.94 27.20 36.37
C GLY W 49 10.14 28.09 36.51
N VAL W 50 11.31 27.46 36.63
CA VAL W 50 12.61 28.13 36.74
C VAL W 50 13.44 27.82 35.51
N MET W 51 13.97 28.86 34.85
CA MET W 51 14.77 28.72 33.64
C MET W 51 16.25 29.05 33.84
N GLY W 52 17.12 28.14 33.41
CA GLY W 52 18.56 28.28 33.47
C GLY W 52 19.12 29.11 32.33
N THR W 53 20.13 28.58 31.63
CA THR W 53 20.78 29.25 30.51
C THR W 53 20.56 28.52 29.21
N ARG W 54 20.22 29.25 28.15
CA ARG W 54 19.97 28.67 26.85
C ARG W 54 21.20 28.41 26.01
N SER W 55 21.46 27.13 25.74
CA SER W 55 22.57 26.72 24.90
C SER W 55 22.02 26.50 23.50
N ILE W 56 22.23 27.48 22.63
CA ILE W 56 21.77 27.42 21.26
C ILE W 56 22.69 26.45 20.53
N THR W 57 22.15 25.28 20.14
CA THR W 57 22.84 24.19 19.45
C THR W 57 22.55 24.26 17.96
N GLN W 58 23.61 24.14 17.15
CA GLN W 58 23.47 24.18 15.69
C GLN W 58 23.57 22.79 15.10
N PRO W 59 22.61 22.43 14.22
CA PRO W 59 22.60 21.07 13.64
C PRO W 59 23.30 20.97 12.28
N GLN W 60 23.80 19.77 11.95
CA GLN W 60 24.47 19.48 10.69
C GLN W 60 23.56 19.79 9.48
N ILE W 61 24.08 20.50 8.49
CA ILE W 61 23.27 20.75 7.30
C ILE W 61 23.62 19.63 6.34
N GLU W 62 22.58 18.94 5.81
CA GLU W 62 22.73 17.87 4.83
C GLU W 62 22.10 18.38 3.56
N PHE W 63 22.92 18.52 2.52
CA PHE W 63 22.48 18.97 1.21
C PHE W 63 22.24 17.77 0.27
N LYS W 64 21.84 18.03 -0.98
CA LYS W 64 21.57 17.02 -1.99
C LYS W 64 22.49 17.35 -3.16
N LEU W 65 23.77 16.97 -3.04
CA LEU W 65 24.81 17.20 -4.06
C LEU W 65 24.39 16.62 -5.42
N GLU W 66 24.37 17.48 -6.46
CA GLU W 66 23.93 17.09 -7.80
C GLU W 66 24.80 17.75 -8.84
N THR W 67 25.44 16.93 -9.67
CA THR W 67 26.32 17.40 -10.74
C THR W 67 25.61 17.29 -12.10
N PHE W 68 25.87 18.26 -12.98
CA PHE W 68 25.34 18.30 -14.34
C PHE W 68 26.55 18.36 -15.26
N GLY W 69 26.78 17.25 -15.97
CA GLY W 69 27.94 17.12 -16.84
C GLY W 69 27.65 16.39 -18.12
N GLU W 70 28.18 16.94 -19.19
CA GLU W 70 28.04 16.49 -20.57
C GLU W 70 28.44 15.01 -20.81
N SER W 71 29.45 14.50 -20.07
CA SER W 71 29.97 13.14 -20.18
C SER W 71 30.23 12.53 -18.79
N LEU W 72 30.41 11.20 -18.71
CA LEU W 72 30.74 10.47 -17.47
C LEU W 72 32.09 10.98 -16.94
N GLU W 73 33.02 11.30 -17.86
CA GLU W 73 34.34 11.84 -17.61
C GLU W 73 34.22 13.19 -16.89
N GLU W 74 33.31 14.06 -17.37
CA GLU W 74 33.05 15.38 -16.80
C GLU W 74 32.56 15.33 -15.34
N ASN W 75 31.56 14.48 -15.02
CA ASN W 75 30.98 14.38 -13.68
C ASN W 75 31.91 13.73 -12.65
N TYR W 76 32.79 12.80 -13.08
CA TYR W 76 33.81 12.18 -12.23
C TYR W 76 34.90 13.23 -11.89
N GLN W 77 35.17 14.12 -12.87
CA GLN W 77 36.14 15.21 -12.73
C GLN W 77 35.55 16.28 -11.79
N LEU W 78 34.23 16.42 -11.75
CA LEU W 78 33.54 17.38 -10.87
C LEU W 78 33.52 16.93 -9.40
N MET W 79 33.31 15.63 -9.15
CA MET W 79 33.30 15.05 -7.81
C MET W 79 34.68 15.05 -7.19
N LYS W 80 35.72 14.68 -7.97
CA LYS W 80 37.11 14.67 -7.54
C LYS W 80 37.57 16.09 -7.21
N ASP W 81 37.17 17.09 -8.03
CA ASP W 81 37.51 18.49 -7.82
C ASP W 81 36.83 19.16 -6.63
N PHE W 82 35.48 19.23 -6.62
CA PHE W 82 34.68 19.85 -5.54
C PHE W 82 35.01 19.33 -4.14
N VAL W 83 35.11 18.00 -3.96
CA VAL W 83 35.45 17.39 -2.66
C VAL W 83 36.89 17.69 -2.21
N ASN W 84 37.92 17.47 -3.08
CA ASN W 84 39.33 17.78 -2.77
C ASN W 84 39.48 19.26 -2.39
N ASP W 85 38.78 20.15 -3.13
CA ASP W 85 38.79 21.58 -2.84
C ASP W 85 38.27 21.92 -1.44
N ILE W 86 37.28 21.14 -0.93
CA ILE W 86 36.75 21.29 0.42
C ILE W 86 37.76 20.67 1.40
N LEU W 87 38.37 19.52 1.03
CA LEU W 87 39.37 18.84 1.84
C LEU W 87 40.71 19.58 1.95
N SER W 88 41.13 20.27 0.87
CA SER W 88 42.39 21.03 0.79
C SER W 88 42.54 22.11 1.88
N LYS W 89 41.41 22.81 2.20
CA LYS W 89 41.35 23.84 3.25
C LYS W 89 40.73 23.18 4.47
N LYS W 90 41.22 23.49 5.69
CA LYS W 90 40.70 22.87 6.91
C LYS W 90 39.20 23.12 7.19
N PHE W 91 38.66 24.24 6.66
CA PHE W 91 37.26 24.63 6.78
C PHE W 91 36.81 25.46 5.59
N VAL W 92 35.55 25.30 5.20
CA VAL W 92 34.97 26.00 4.06
C VAL W 92 33.75 26.85 4.43
N THR W 93 33.75 28.11 3.99
CA THR W 93 32.68 29.06 4.27
C THR W 93 31.60 29.04 3.20
N LEU W 94 30.40 28.64 3.61
CA LEU W 94 29.20 28.61 2.79
C LEU W 94 28.47 29.95 2.97
N GLU W 95 28.24 30.64 1.84
CA GLU W 95 27.55 31.93 1.80
C GLU W 95 26.06 31.73 1.55
N TYR W 96 25.22 32.35 2.39
CA TYR W 96 23.78 32.29 2.23
C TYR W 96 23.32 33.66 1.80
N GLN W 97 22.72 33.76 0.61
CA GLN W 97 22.28 35.05 0.08
C GLN W 97 20.81 35.01 -0.33
N THR W 98 20.07 36.08 -0.01
CA THR W 98 18.66 36.26 -0.35
C THR W 98 18.43 37.74 -0.67
N GLU W 99 17.18 38.12 -0.99
CA GLU W 99 16.81 39.51 -1.31
C GLU W 99 17.15 40.48 -0.16
N ILE W 100 16.94 40.02 1.08
CA ILE W 100 17.18 40.81 2.29
C ILE W 100 18.55 40.69 2.99
N PHE W 101 19.25 39.54 2.90
CA PHE W 101 20.52 39.39 3.63
C PHE W 101 21.63 38.64 2.90
N GLN W 102 22.85 38.77 3.43
CA GLN W 102 24.00 38.04 2.92
C GLN W 102 24.86 37.44 4.06
N VAL W 103 24.34 36.42 4.75
CA VAL W 103 25.04 35.74 5.85
C VAL W 103 26.04 34.70 5.38
N TYR W 104 26.92 34.25 6.30
CA TYR W 104 27.94 33.22 6.04
C TYR W 104 28.03 32.21 7.19
N ALA W 105 28.36 30.95 6.86
CA ALA W 105 28.54 29.90 7.86
C ALA W 105 29.88 29.20 7.62
N ASP W 106 30.66 28.99 8.69
CA ASP W 106 31.94 28.26 8.61
C ASP W 106 31.64 26.77 8.74
N LEU W 107 31.95 25.98 7.69
CA LEU W 107 31.62 24.56 7.70
C LEU W 107 32.83 23.67 7.56
N ALA W 108 32.68 22.44 8.06
CA ALA W 108 33.69 21.41 7.98
C ALA W 108 33.00 20.18 7.40
N LEU W 109 33.67 19.51 6.46
CA LEU W 109 33.10 18.35 5.79
C LEU W 109 32.92 17.19 6.77
N ALA W 110 31.64 16.83 6.99
CA ALA W 110 31.26 15.76 7.89
C ALA W 110 31.17 14.41 7.18
N ASP W 111 30.48 14.36 6.01
CA ASP W 111 30.28 13.16 5.21
C ASP W 111 29.91 13.51 3.78
N VAL W 112 30.49 12.79 2.83
CA VAL W 112 30.18 12.90 1.40
C VAL W 112 29.99 11.47 0.85
N THR W 113 29.00 11.29 -0.01
CA THR W 113 28.69 9.97 -0.57
C THR W 113 28.97 9.86 -2.07
N LYS W 114 29.45 8.69 -2.50
CA LYS W 114 29.70 8.41 -3.90
C LYS W 114 29.13 7.02 -4.19
N THR W 115 28.12 6.96 -5.09
CA THR W 115 27.41 5.73 -5.46
C THR W 115 27.38 5.56 -6.98
N GLU W 116 27.03 4.35 -7.45
CA GLU W 116 26.95 4.05 -8.88
C GLU W 116 25.57 4.12 -9.54
N GLY W 117 24.68 4.90 -8.94
CA GLY W 117 23.34 5.16 -9.47
C GLY W 117 23.41 6.43 -10.29
N TYR W 118 23.89 6.30 -11.55
CA TYR W 118 24.07 7.44 -12.44
C TYR W 118 22.86 7.66 -13.33
N GLY W 119 22.53 8.92 -13.54
CA GLY W 119 21.43 9.31 -14.40
C GLY W 119 21.89 9.36 -15.83
N LYS W 120 21.67 10.48 -16.47
CA LYS W 120 22.02 10.64 -17.87
C LYS W 120 23.36 11.33 -18.07
N ASN W 121 24.25 10.70 -18.88
CA ASN W 121 25.63 11.09 -19.17
C ASN W 121 26.49 11.06 -17.90
N GLY W 122 26.15 10.10 -17.04
CA GLY W 122 26.77 9.81 -15.76
C GLY W 122 26.68 10.95 -14.76
N THR W 123 25.46 11.28 -14.32
CA THR W 123 25.21 12.38 -13.38
C THR W 123 24.93 11.96 -11.94
N PHE W 124 25.74 12.50 -11.01
CA PHE W 124 25.67 12.22 -9.58
C PHE W 124 24.47 12.88 -8.90
N SER W 125 23.92 12.17 -7.90
CA SER W 125 22.80 12.59 -7.05
C SER W 125 23.12 12.00 -5.67
N GLU W 126 23.89 12.75 -4.87
CA GLU W 126 24.42 12.31 -3.57
C GLU W 126 24.08 13.24 -2.39
N LYS W 127 24.38 12.79 -1.15
CA LYS W 127 24.16 13.58 0.07
C LYS W 127 25.49 14.04 0.64
N ILE W 128 25.61 15.36 0.85
CA ILE W 128 26.79 16.03 1.41
C ILE W 128 26.43 16.65 2.77
N THR W 129 27.00 16.10 3.85
CA THR W 129 26.74 16.54 5.21
C THR W 129 27.90 17.41 5.72
N PHE W 130 27.57 18.50 6.41
CA PHE W 130 28.54 19.44 6.96
C PHE W 130 28.37 19.63 8.46
N ASP W 131 29.48 19.84 9.16
CA ASP W 131 29.48 20.13 10.59
C ASP W 131 29.56 21.64 10.77
N ILE W 132 28.79 22.18 11.73
CA ILE W 132 28.77 23.62 12.00
C ILE W 132 29.92 24.08 12.89
N ILE W 133 30.72 25.05 12.40
CA ILE W 133 31.77 25.68 13.19
C ILE W 133 31.07 26.93 13.78
N THR W 134 30.61 27.85 12.92
CA THR W 134 29.88 29.05 13.30
C THR W 134 28.71 29.22 12.32
N LYS W 135 27.46 29.26 12.83
CA LYS W 135 26.30 29.43 11.96
C LYS W 135 25.85 30.88 11.94
N TRP W 136 25.76 31.42 10.72
CA TRP W 136 25.36 32.77 10.35
C TRP W 136 26.13 33.92 10.99
N TYR W 137 26.99 34.55 10.18
CA TYR W 137 27.75 35.71 10.58
C TYR W 137 27.83 36.72 9.43
N THR W 138 27.86 38.02 9.72
CA THR W 138 27.89 39.04 8.68
C THR W 138 29.31 39.56 8.44
N TYR W 139 29.83 39.37 7.22
CA TYR W 139 31.16 39.87 6.86
C TYR W 139 31.01 41.23 6.19
N GLU W 140 31.30 42.32 6.96
CA GLU W 140 31.15 43.71 6.51
C GLU W 140 32.37 44.59 6.70
N ASN W 141 32.42 45.72 5.99
CA ASN W 141 33.53 46.65 6.00
C ASN W 141 33.41 47.67 7.12
N LEU W 142 34.41 47.73 8.00
CA LEU W 142 34.44 48.67 9.12
C LEU W 142 35.33 49.88 8.78
N THR W 143 34.76 51.09 8.82
CA THR W 143 35.48 52.34 8.53
C THR W 143 35.25 53.38 9.63
N PHE W 144 36.24 54.26 9.81
CA PHE W 144 36.23 55.37 10.75
C PHE W 144 35.24 56.45 10.30
N ASP W 145 34.88 57.34 11.22
CA ASP W 145 33.97 58.45 10.94
C ASP W 145 34.73 59.78 11.17
N LYS W 146 34.44 60.78 10.33
CA LYS W 146 35.10 62.09 10.42
C LYS W 146 34.19 63.14 11.04
N ILE W 147 34.78 64.12 11.75
CA ILE W 147 34.04 65.20 12.42
C ILE W 147 34.32 66.53 11.71
N GLN W 148 33.25 67.26 11.34
CA GLN W 148 33.34 68.55 10.65
C GLN W 148 32.84 69.72 11.50
N ASN W 149 33.52 70.87 11.38
CA ASN W 149 33.22 72.13 12.08
C ASN W 149 31.89 72.72 11.65
N GLY W 150 31.11 73.18 12.64
CA GLY W 150 29.83 73.85 12.41
C GLY W 150 30.04 75.24 11.84
N LYS W 151 29.06 75.74 11.07
CA LYS W 151 29.14 77.05 10.43
C LYS W 151 29.09 78.23 11.41
N VAL W 152 29.77 79.34 11.06
CA VAL W 152 29.81 80.55 11.89
C VAL W 152 28.64 81.46 11.54
N ILE W 153 27.82 81.81 12.56
CA ILE W 153 26.63 82.65 12.40
C ILE W 153 26.75 83.87 13.31
N ALA W 154 26.45 85.08 12.78
CA ALA W 154 26.50 86.33 13.53
C ALA W 154 25.41 86.35 14.60
N GLY W 155 25.83 86.59 15.84
CA GLY W 155 24.95 86.62 17.01
C GLY W 155 24.83 85.28 17.71
N MET W 156 24.93 84.19 16.94
CA MET W 156 24.82 82.81 17.43
C MET W 156 26.15 82.22 17.88
N SER W 157 27.25 82.51 17.15
CA SER W 157 28.59 81.97 17.42
C SER W 157 29.46 82.90 18.27
N LYS W 158 30.45 82.34 19.01
CA LYS W 158 31.34 83.16 19.83
C LYS W 158 32.40 83.82 18.96
N ILE W 159 32.15 85.09 18.63
CA ILE W 159 32.99 85.99 17.82
C ILE W 159 32.79 87.40 18.32
N TYR W 160 33.80 88.26 18.18
CA TYR W 160 33.71 89.66 18.53
C TYR W 160 33.53 90.39 17.20
N GLY W 161 32.28 90.53 16.75
CA GLY W 161 31.97 91.14 15.46
C GLY W 161 31.23 92.46 15.50
N GLY W 162 30.81 92.92 14.33
CA GLY W 162 30.08 94.17 14.16
C GLY W 162 30.89 95.38 14.51
N THR W 163 30.32 96.28 15.34
CA THR W 163 30.93 97.52 15.81
C THR W 163 32.14 97.25 16.71
N ALA W 164 33.26 97.95 16.45
CA ALA W 164 34.53 97.83 17.16
C ALA W 164 34.43 98.23 18.65
N PRO W 165 35.12 97.54 19.59
CA PRO W 165 36.06 96.42 19.42
C PRO W 165 35.43 95.03 19.58
N GLY W 166 34.34 94.80 18.83
CA GLY W 166 33.60 93.55 18.80
C GLY W 166 32.53 93.43 19.86
N ASN W 167 31.60 92.45 19.67
CA ASN W 167 30.51 92.20 20.61
C ASN W 167 29.82 90.85 20.44
N TYR W 168 29.65 90.12 21.54
CA TYR W 168 28.90 88.86 21.59
C TYR W 168 27.87 88.97 22.71
N LYS W 169 26.60 88.75 22.40
CA LYS W 169 25.51 88.93 23.36
C LYS W 169 24.98 87.65 23.99
N TYR W 170 24.74 87.69 25.31
CA TYR W 170 24.15 86.58 26.05
C TYR W 170 22.63 86.71 25.89
N ILE W 171 22.03 85.78 25.14
CA ILE W 171 20.59 85.76 24.92
C ILE W 171 20.06 84.51 25.67
N LYS W 172 18.77 84.18 25.52
CA LYS W 172 18.18 83.02 26.18
C LYS W 172 17.82 81.97 25.14
N GLY W 173 18.67 80.95 25.01
CA GLY W 173 18.49 79.89 24.04
C GLY W 173 19.36 80.02 22.81
N THR W 174 19.40 81.23 22.22
CA THR W 174 20.21 81.50 21.03
C THR W 174 21.65 81.87 21.39
N SER W 175 21.84 82.68 22.48
CA SER W 175 23.09 83.18 23.11
C SER W 175 24.39 82.98 22.31
N TYR W 176 25.39 82.23 22.85
CA TYR W 176 26.62 81.93 22.13
C TYR W 176 26.94 80.46 22.15
N THR W 177 27.09 79.87 20.96
CA THR W 177 27.43 78.46 20.77
C THR W 177 28.73 78.42 19.96
N TYR W 178 29.75 77.70 20.47
CA TYR W 178 31.04 77.57 19.79
C TYR W 178 30.88 76.95 18.41
N TYR W 179 31.52 77.55 17.38
CA TYR W 179 31.41 77.10 15.99
C TYR W 179 31.91 75.66 15.77
N GLY W 180 33.11 75.40 16.25
CA GLY W 180 33.76 74.10 16.17
C GLY W 180 35.01 74.07 17.00
N GLU W 181 36.06 73.42 16.48
CA GLU W 181 37.36 73.35 17.13
C GLU W 181 38.48 73.56 16.12
N SER W 182 39.53 74.28 16.54
CA SER W 182 40.71 74.53 15.70
C SER W 182 41.35 73.18 15.41
N ASP W 183 41.52 72.85 14.14
CA ASP W 183 42.03 71.53 13.72
C ASP W 183 41.06 70.40 14.18
N ILE W 184 39.87 70.38 13.59
CA ILE W 184 38.85 69.36 13.84
C ILE W 184 39.20 68.05 13.10
N ASP W 185 40.18 68.11 12.17
CA ASP W 185 40.67 67.00 11.36
C ASP W 185 41.41 65.94 12.19
N ARG W 186 41.77 66.27 13.45
CA ARG W 186 42.45 65.34 14.35
C ARG W 186 41.49 64.27 14.89
N LEU W 187 40.20 64.63 15.09
CA LEU W 187 39.18 63.74 15.63
C LEU W 187 38.68 62.73 14.60
N SER W 188 38.81 61.44 14.93
CA SER W 188 38.35 60.33 14.11
C SER W 188 37.88 59.20 15.03
N ARG W 189 36.71 58.62 14.72
CA ARG W 189 36.15 57.54 15.54
C ARG W 189 35.83 56.28 14.76
N TRP W 190 36.45 55.16 15.16
CA TRP W 190 36.19 53.85 14.58
C TRP W 190 35.13 53.26 15.50
N ASP W 191 33.87 53.65 15.25
CA ASP W 191 32.73 53.25 16.09
C ASP W 191 32.37 51.77 16.01
N ILE W 192 32.21 51.15 17.17
CA ILE W 192 31.81 49.76 17.35
C ILE W 192 30.46 49.82 18.05
N LYS W 193 29.38 49.46 17.34
CA LYS W 193 28.02 49.52 17.88
C LYS W 193 27.45 48.23 18.43
N GLU W 194 27.85 47.08 17.87
CA GLU W 194 27.42 45.75 18.32
C GLU W 194 28.68 44.90 18.58
N GLU W 195 28.58 43.88 19.46
CA GLU W 195 29.68 42.99 19.81
C GLU W 195 30.15 42.15 18.61
N ILE W 196 31.43 42.30 18.23
CA ILE W 196 32.01 41.56 17.11
C ILE W 196 32.90 40.41 17.64
N PHE W 197 33.00 39.30 16.91
CA PHE W 197 33.76 38.13 17.38
C PHE W 197 35.14 37.86 16.73
N SER W 198 35.37 38.34 15.50
CA SER W 198 36.65 38.25 14.76
C SER W 198 36.74 39.27 13.62
N PHE W 199 37.98 39.60 13.17
CA PHE W 199 38.25 40.63 12.16
C PHE W 199 39.54 40.46 11.36
N MET W 200 39.57 41.01 10.12
CA MET W 200 40.71 40.96 9.21
C MET W 200 41.17 42.39 8.87
N GLY W 201 42.08 42.90 9.68
CA GLY W 201 42.62 44.26 9.51
C GLY W 201 43.92 44.31 8.74
N ILE W 202 44.07 45.34 7.88
CA ILE W 202 45.27 45.63 7.08
C ILE W 202 45.81 46.96 7.61
N LEU W 203 46.82 46.88 8.48
CA LEU W 203 47.41 48.04 9.16
C LEU W 203 48.69 48.52 8.47
N TYR W 204 48.79 49.82 8.20
CA TYR W 204 49.98 50.42 7.57
C TYR W 204 50.71 51.27 8.64
N PRO W 205 51.89 50.81 9.11
CA PRO W 205 52.61 51.52 10.19
C PRO W 205 53.28 52.83 9.81
N LYS W 206 53.49 53.70 10.82
CA LYS W 206 54.14 54.99 10.61
C LYS W 206 55.64 54.98 10.94
N LEU W 207 55.98 54.85 12.22
CA LEU W 207 57.36 54.91 12.72
C LEU W 207 57.91 53.55 13.15
N PRO W 208 59.16 53.25 12.76
CA PRO W 208 59.75 51.97 13.18
C PRO W 208 60.24 51.99 14.63
N LYS W 209 60.16 50.84 15.30
CA LYS W 209 60.65 50.64 16.67
C LYS W 209 59.73 51.25 17.72
N THR W 210 58.63 51.81 17.25
CA THR W 210 57.62 52.39 18.12
C THR W 210 56.45 51.42 17.99
N PRO W 211 55.89 50.93 19.11
CA PRO W 211 54.79 49.95 19.01
C PRO W 211 53.66 50.40 18.09
N ALA W 212 53.39 49.56 17.07
CA ALA W 212 52.38 49.81 16.05
C ALA W 212 51.31 48.72 16.03
N GLY W 213 50.05 49.16 15.99
CA GLY W 213 48.89 48.27 15.97
C GLY W 213 47.60 48.97 16.37
N VAL W 214 46.63 48.20 16.90
CA VAL W 214 45.33 48.73 17.33
C VAL W 214 45.02 48.48 18.80
N ARG W 215 44.26 49.40 19.42
CA ARG W 215 43.78 49.29 20.79
C ARG W 215 42.29 49.55 20.84
N PHE W 216 41.59 48.83 21.72
CA PHE W 216 40.13 48.91 21.84
C PHE W 216 39.69 49.44 23.18
N LEU W 217 38.79 50.44 23.16
CA LEU W 217 38.26 51.08 24.36
C LEU W 217 36.76 50.81 24.53
N ASP W 218 36.32 50.71 25.78
CA ASP W 218 34.91 50.48 26.09
C ASP W 218 34.11 51.80 26.11
N ASP W 219 32.85 51.73 26.51
CA ASP W 219 31.93 52.87 26.58
C ASP W 219 32.36 54.00 27.53
N ILE W 220 33.23 53.69 28.52
CA ILE W 220 33.73 54.65 29.50
C ILE W 220 35.18 55.12 29.23
N GLY W 221 35.73 54.70 28.10
CA GLY W 221 37.07 55.07 27.66
C GLY W 221 38.20 54.28 28.29
N ASN W 222 37.95 53.01 28.65
CA ASN W 222 38.95 52.11 29.25
C ASN W 222 39.33 51.01 28.27
N GLU W 223 40.65 50.77 28.15
CA GLU W 223 41.17 49.73 27.27
C GLU W 223 40.94 48.34 27.87
N TYR W 224 40.40 47.41 27.06
CA TYR W 224 40.15 46.03 27.48
C TYR W 224 41.06 45.03 26.77
N THR W 225 41.51 45.37 25.53
CA THR W 225 42.41 44.57 24.70
C THR W 225 43.17 45.44 23.69
N ALA W 226 44.34 44.97 23.22
CA ALA W 226 45.16 45.68 22.23
C ALA W 226 46.14 44.78 21.49
N ILE W 227 46.08 44.80 20.15
CA ILE W 227 46.99 44.04 19.29
C ILE W 227 48.04 45.06 18.83
N VAL W 228 49.24 45.00 19.41
CA VAL W 228 50.29 45.95 19.07
C VAL W 228 51.65 45.24 18.88
N PHE W 229 52.47 45.71 17.91
CA PHE W 229 53.75 45.09 17.54
C PHE W 229 54.91 46.08 17.52
N LYS W 230 56.07 45.67 18.05
CA LYS W 230 57.28 46.50 18.03
C LYS W 230 58.36 45.91 17.11
N THR W 231 58.30 46.30 15.83
CA THR W 231 59.20 45.84 14.77
C THR W 231 60.43 46.74 14.63
N GLU W 232 61.53 46.18 14.12
CA GLU W 232 62.80 46.89 13.93
C GLU W 232 62.78 47.85 12.76
N GLN W 233 62.12 47.46 11.66
CA GLN W 233 61.98 48.31 10.48
C GLN W 233 60.50 48.54 10.18
N VAL W 234 60.19 49.60 9.39
CA VAL W 234 58.83 49.95 9.00
C VAL W 234 58.30 48.92 8.01
N GLN W 235 57.26 48.18 8.41
CA GLN W 235 56.62 47.21 7.53
C GLN W 235 55.74 48.00 6.57
N ASP W 236 55.59 47.51 5.32
CA ASP W 236 54.71 48.14 4.33
C ASP W 236 53.28 48.07 4.85
N TYR W 237 52.94 46.93 5.49
CA TYR W 237 51.66 46.66 6.15
C TYR W 237 51.73 45.43 7.05
N ILE W 238 50.89 45.42 8.10
CA ILE W 238 50.76 44.31 9.03
C ILE W 238 49.36 43.71 8.80
N LEU W 239 49.32 42.51 8.22
CA LEU W 239 48.09 41.80 7.93
C LEU W 239 47.75 40.94 9.14
N ILE W 240 46.63 41.26 9.79
CA ILE W 240 46.19 40.57 10.99
C ILE W 240 44.83 39.92 10.82
N ASN W 241 44.71 38.66 11.21
CA ASN W 241 43.43 37.97 11.21
C ASN W 241 43.20 37.44 12.62
N THR W 242 42.08 37.83 13.23
CA THR W 242 41.73 37.40 14.59
C THR W 242 40.94 36.10 14.61
N ASP W 243 40.61 35.54 13.44
CA ASP W 243 39.87 34.28 13.34
C ASP W 243 40.62 33.22 14.15
N VAL W 244 39.89 32.48 15.00
CA VAL W 244 40.41 31.44 15.89
C VAL W 244 41.05 30.26 15.13
N ASN W 245 40.36 29.79 14.07
CA ASN W 245 40.77 28.65 13.25
C ASN W 245 42.06 28.86 12.49
N ASP W 246 42.27 30.05 11.88
CA ASP W 246 43.53 30.35 11.23
C ASP W 246 44.06 31.73 11.65
N GLU W 247 44.45 31.85 12.91
CA GLU W 247 44.95 33.13 13.42
C GLU W 247 46.22 33.55 12.66
N THR W 248 46.26 34.79 12.14
CA THR W 248 47.42 35.28 11.39
C THR W 248 47.84 36.66 11.88
N TYR W 249 49.12 36.81 12.21
CA TYR W 249 49.70 38.09 12.62
C TYR W 249 50.98 38.25 11.85
N GLN W 250 50.87 38.60 10.57
CA GLN W 250 52.05 38.74 9.72
C GLN W 250 52.29 40.13 9.14
N GLY W 251 53.57 40.52 9.13
CA GLY W 251 54.03 41.78 8.59
C GLY W 251 54.60 41.60 7.19
N TRP W 252 54.37 42.58 6.33
CA TRP W 252 54.82 42.53 4.96
C TRP W 252 55.71 43.71 4.61
N LYS W 253 56.86 43.43 3.99
CA LYS W 253 57.81 44.42 3.50
C LYS W 253 58.21 43.94 2.11
N GLY W 254 57.77 44.66 1.09
CA GLY W 254 58.01 44.32 -0.31
C GLY W 254 57.22 43.09 -0.69
N THR W 255 57.93 42.02 -1.05
CA THR W 255 57.36 40.71 -1.43
C THR W 255 57.61 39.67 -0.33
N THR W 256 58.25 40.09 0.78
CA THR W 256 58.61 39.24 1.92
C THR W 256 57.58 39.30 3.05
N ALA W 257 57.12 38.11 3.50
CA ALA W 257 56.16 37.94 4.60
C ALA W 257 56.87 37.48 5.86
N LEU W 258 56.67 38.22 6.96
CA LEU W 258 57.31 37.99 8.25
C LEU W 258 56.25 37.67 9.30
N ASN W 259 56.45 36.64 10.13
CA ASN W 259 55.51 36.33 11.22
C ASN W 259 55.80 37.29 12.37
N LEU W 260 54.79 38.10 12.77
CA LEU W 260 54.96 39.10 13.82
C LEU W 260 54.47 38.70 15.21
N PHE W 261 54.00 37.45 15.38
CA PHE W 261 53.52 36.94 16.66
C PHE W 261 54.50 37.08 17.85
N PRO W 262 55.81 36.72 17.76
CA PRO W 262 56.68 36.87 18.94
C PRO W 262 57.04 38.32 19.32
N VAL W 263 56.92 39.25 18.36
CA VAL W 263 57.21 40.66 18.56
C VAL W 263 56.03 41.43 19.23
N MET W 264 54.83 40.85 19.18
CA MET W 264 53.58 41.36 19.74
C MET W 264 53.62 41.52 21.27
N ASP W 265 52.84 42.49 21.79
CA ASP W 265 52.69 42.71 23.23
C ASP W 265 51.59 41.76 23.71
N PHE W 266 51.98 40.74 24.49
CA PHE W 266 51.09 39.72 25.01
C PHE W 266 50.23 40.16 26.19
N GLU W 267 50.69 41.16 26.95
CA GLU W 267 49.99 41.70 28.12
C GLU W 267 48.73 42.48 27.73
N ARG W 268 48.84 43.34 26.71
CA ARG W 268 47.76 44.20 26.21
C ARG W 268 46.64 43.42 25.53
N TYR W 269 47.00 42.35 24.80
CA TYR W 269 46.04 41.48 24.10
C TYR W 269 45.38 40.52 25.11
N ARG W 270 44.36 41.02 25.82
CA ARG W 270 43.63 40.28 26.85
C ARG W 270 42.48 39.44 26.26
N THR W 271 41.74 39.99 25.26
CA THR W 271 40.62 39.30 24.63
C THR W 271 40.50 39.50 23.12
N ARG W 272 39.77 38.59 22.46
CA ARG W 272 39.50 38.60 21.02
C ARG W 272 38.13 39.24 20.76
N ILE W 273 37.20 39.03 21.71
CA ILE W 273 35.83 39.54 21.69
C ILE W 273 35.84 41.05 21.91
N ILE W 274 35.45 41.79 20.87
CA ILE W 274 35.41 43.25 20.88
C ILE W 274 34.03 43.71 21.35
N GLU W 275 34.02 44.60 22.36
CA GLU W 275 32.79 45.14 22.95
C GLU W 275 32.43 46.52 22.40
N LYS W 276 31.21 46.99 22.73
CA LYS W 276 30.65 48.29 22.32
C LYS W 276 31.54 49.44 22.82
N GLY W 277 32.00 50.26 21.89
CA GLY W 277 32.86 51.40 22.15
C GLY W 277 33.55 51.92 20.90
N GLN W 278 34.85 52.20 21.00
CA GLN W 278 35.65 52.69 19.89
C GLN W 278 37.01 52.00 19.79
N MET W 279 37.69 52.17 18.64
CA MET W 279 39.00 51.59 18.35
C MET W 279 39.98 52.72 18.02
N GLU W 280 41.21 52.63 18.54
CA GLU W 280 42.25 53.62 18.28
C GLU W 280 43.37 53.01 17.46
N LEU W 281 44.09 53.86 16.68
CA LEU W 281 45.21 53.42 15.83
C LEU W 281 46.52 53.86 16.46
N ILE W 282 47.34 52.88 16.90
CA ILE W 282 48.64 53.13 17.51
C ILE W 282 49.70 53.10 16.43
N ASN W 283 50.40 54.24 16.22
CA ASN W 283 51.50 54.42 15.26
C ASN W 283 51.13 53.98 13.83
N LEU W 284 49.87 54.20 13.43
CA LEU W 284 49.38 53.83 12.10
C LEU W 284 49.00 55.03 11.27
N SER W 285 49.37 55.01 9.99
CA SER W 285 49.09 56.09 9.05
C SER W 285 47.76 55.84 8.33
N LYS W 286 47.46 54.56 8.05
CA LYS W 286 46.25 54.10 7.36
C LYS W 286 45.88 52.71 7.90
N ALA W 287 44.58 52.36 7.86
CA ALA W 287 44.05 51.07 8.31
C ALA W 287 42.78 50.69 7.55
N GLU W 288 42.67 49.42 7.16
CA GLU W 288 41.52 48.88 6.43
C GLU W 288 40.97 47.68 7.21
N PHE W 289 39.72 47.77 7.68
CA PHE W 289 39.12 46.71 8.50
C PHE W 289 37.89 46.03 7.92
N LYS W 290 37.79 44.72 8.14
CA LYS W 290 36.67 43.88 7.72
C LYS W 290 36.16 43.15 8.96
N ILE W 291 34.96 43.52 9.43
CA ILE W 291 34.38 42.98 10.64
C ILE W 291 33.33 41.89 10.43
N LYS W 292 33.50 40.74 11.11
CA LYS W 292 32.54 39.63 11.09
C LYS W 292 31.86 39.43 12.44
N ARG W 293 30.54 39.58 12.45
CA ARG W 293 29.66 39.57 13.63
C ARG W 293 28.55 38.50 13.49
N LYS W 294 28.38 37.67 14.53
CA LYS W 294 27.44 36.54 14.55
C LYS W 294 25.94 36.87 14.72
N ALA W 295 25.09 36.01 14.13
CA ALA W 295 23.62 36.04 14.19
C ALA W 295 23.16 34.58 14.30
N ASP W 296 22.45 34.22 15.37
CA ASP W 296 22.01 32.84 15.61
C ASP W 296 21.04 32.29 14.56
N PHE W 297 19.95 33.04 14.27
CA PHE W 297 18.97 32.66 13.27
C PHE W 297 18.76 33.77 12.27
N VAL W 298 18.80 33.43 10.98
CA VAL W 298 18.61 34.34 9.86
C VAL W 298 17.82 33.62 8.76
N MET X 1 36.03 4.67 -21.52
CA MET X 1 34.72 5.26 -21.37
C MET X 1 34.07 4.97 -20.04
N VAL X 2 33.52 3.75 -19.90
CA VAL X 2 32.84 3.31 -18.69
C VAL X 2 33.87 2.86 -17.63
N ARG X 3 33.43 2.74 -16.36
CA ARG X 3 34.19 2.34 -15.18
C ARG X 3 34.59 0.87 -15.19
N GLN X 4 35.84 0.58 -14.75
CA GLN X 4 36.39 -0.77 -14.67
C GLN X 4 36.80 -1.14 -13.23
N TYR X 5 36.42 -2.37 -12.78
CA TYR X 5 36.74 -2.87 -11.45
C TYR X 5 37.55 -4.17 -11.47
N LYS X 6 38.86 -4.07 -11.24
CA LYS X 6 39.67 -5.29 -11.17
C LYS X 6 39.90 -5.70 -9.71
N ILE X 7 40.07 -7.00 -9.48
CA ILE X 7 40.31 -7.57 -8.15
C ILE X 7 41.63 -8.34 -8.26
N HIS X 8 42.68 -7.79 -7.66
CA HIS X 8 44.02 -8.37 -7.72
C HIS X 8 44.28 -9.12 -6.44
N THR X 9 44.89 -10.33 -6.54
CA THR X 9 45.27 -11.16 -5.39
C THR X 9 46.49 -10.54 -4.71
N ASN X 10 47.58 -10.39 -5.48
CA ASN X 10 48.79 -9.74 -4.99
C ASN X 10 49.34 -8.75 -6.04
N LEU X 11 48.83 -7.47 -6.06
CA LEU X 11 49.35 -6.42 -6.96
C LEU X 11 50.81 -6.21 -6.55
N ASP X 12 51.69 -5.90 -7.49
CA ASP X 12 53.15 -5.74 -7.36
C ASP X 12 53.83 -7.10 -7.27
N GLY X 13 53.04 -8.15 -7.45
CA GLY X 13 53.59 -9.47 -7.24
C GLY X 13 53.58 -10.40 -8.42
N THR X 14 54.56 -11.32 -8.43
CA THR X 14 54.70 -12.36 -9.45
C THR X 14 53.52 -13.34 -9.44
N ASP X 15 52.94 -13.61 -8.25
CA ASP X 15 51.80 -14.51 -8.07
C ASP X 15 50.47 -13.73 -8.10
N ASP X 16 50.38 -12.71 -8.97
CA ASP X 16 49.14 -11.95 -9.07
C ASP X 16 48.13 -12.71 -9.95
N LYS X 17 46.86 -12.64 -9.56
CA LYS X 17 45.69 -13.21 -10.24
C LYS X 17 44.64 -12.10 -10.32
N VAL X 18 44.17 -11.81 -11.53
CA VAL X 18 43.23 -10.71 -11.74
C VAL X 18 41.85 -11.23 -12.09
N TRP X 19 40.84 -10.66 -11.40
CA TRP X 19 39.42 -10.94 -11.60
C TRP X 19 38.74 -9.67 -12.12
N ASP X 20 38.07 -9.77 -13.29
CA ASP X 20 37.36 -8.62 -13.85
C ASP X 20 35.95 -8.68 -13.32
N VAL X 21 35.65 -7.81 -12.38
CA VAL X 21 34.33 -7.76 -11.78
C VAL X 21 33.37 -6.86 -12.56
N THR X 22 33.90 -6.26 -13.63
CA THR X 22 33.13 -5.45 -14.57
C THR X 22 32.83 -6.21 -15.91
N ASN X 23 33.75 -7.07 -16.33
CA ASN X 23 33.57 -7.82 -17.57
C ASN X 23 33.48 -9.35 -17.46
N GLY X 24 34.21 -9.96 -16.53
CA GLY X 24 34.27 -11.40 -16.35
C GLY X 24 33.01 -12.10 -15.90
N LYS X 25 33.16 -13.38 -15.57
CA LYS X 25 32.07 -14.25 -15.11
C LYS X 25 31.52 -13.84 -13.74
N VAL X 26 32.41 -13.43 -12.82
CA VAL X 26 32.02 -12.96 -11.48
C VAL X 26 32.01 -11.42 -11.49
N ARG X 27 30.84 -10.81 -11.32
CA ARG X 27 30.73 -9.36 -11.42
C ARG X 27 30.28 -8.68 -10.17
N PHE X 28 30.88 -7.52 -9.87
CA PHE X 28 30.54 -6.63 -8.77
C PHE X 28 29.65 -5.53 -9.36
N TYR X 29 28.55 -5.22 -8.65
CA TYR X 29 27.57 -4.19 -9.05
C TYR X 29 27.12 -3.37 -7.82
N GLN X 30 26.59 -2.14 -8.06
CA GLN X 30 26.06 -1.21 -7.05
C GLN X 30 26.91 -1.05 -5.77
N PRO X 31 28.09 -0.40 -5.83
CA PRO X 31 28.88 -0.21 -4.60
C PRO X 31 28.08 0.64 -3.62
N SER X 32 28.07 0.25 -2.32
CA SER X 32 27.35 0.95 -1.26
C SER X 32 27.82 2.41 -1.11
N ASN X 33 29.10 2.63 -0.76
CA ASN X 33 29.64 3.97 -0.66
C ASN X 33 31.10 3.98 -1.09
N LEU X 34 31.45 4.92 -1.98
CA LEU X 34 32.82 5.10 -2.48
C LEU X 34 33.43 6.40 -1.93
N GLY X 35 32.61 7.16 -1.18
CA GLY X 35 32.99 8.42 -0.55
C GLY X 35 33.79 8.26 0.72
N LEU X 36 33.57 9.17 1.69
CA LEU X 36 34.28 9.14 2.98
C LEU X 36 33.50 9.82 4.09
N GLN X 37 33.82 9.47 5.34
CA GLN X 37 33.25 10.06 6.55
C GLN X 37 34.41 10.71 7.31
N SER X 38 34.16 11.83 8.00
CA SER X 38 35.21 12.52 8.75
C SER X 38 34.70 13.04 10.10
N THR X 39 35.53 12.87 11.15
CA THR X 39 35.26 13.34 12.51
C THR X 39 36.26 14.45 12.83
N ASN X 40 35.77 15.70 12.75
CA ASN X 40 36.52 16.93 12.87
C ASN X 40 36.89 17.46 14.27
N ASN X 41 36.33 16.85 15.35
CA ASN X 41 36.56 17.21 16.77
C ASN X 41 36.29 18.70 17.09
N ILE X 42 35.15 19.20 16.64
CA ILE X 42 34.78 20.58 16.84
C ILE X 42 34.15 20.76 18.20
N TRP X 43 34.86 21.50 19.05
CA TRP X 43 34.42 21.86 20.39
C TRP X 43 34.13 23.37 20.36
N GLN X 44 33.00 23.78 20.95
CA GLN X 44 32.60 25.18 20.92
C GLN X 44 32.58 25.84 22.28
N SER X 45 33.21 27.01 22.38
CA SER X 45 33.25 27.83 23.59
C SER X 45 32.45 29.10 23.33
N ASN X 46 31.40 29.35 24.13
CA ASN X 46 30.51 30.53 24.07
C ASN X 46 30.06 30.93 22.65
N GLY X 47 29.59 29.94 21.88
CA GLY X 47 29.13 30.16 20.51
C GLY X 47 30.21 30.17 19.45
N ILE X 48 31.48 30.44 19.84
CA ILE X 48 32.64 30.47 18.95
C ILE X 48 33.10 29.02 18.76
N GLY X 49 33.40 28.65 17.52
CA GLY X 49 33.82 27.29 17.16
C GLY X 49 35.28 27.09 16.89
N VAL X 50 35.87 26.12 17.58
CA VAL X 50 37.27 25.74 17.46
C VAL X 50 37.32 24.32 16.88
N MET X 51 38.14 24.13 15.84
CA MET X 51 38.28 22.83 15.18
C MET X 51 39.62 22.11 15.46
N GLY X 52 39.50 20.84 15.87
CA GLY X 52 40.63 19.97 16.17
C GLY X 52 41.24 19.37 14.92
N THR X 53 41.44 18.04 14.94
CA THR X 53 42.04 17.30 13.84
C THR X 53 41.04 16.34 13.23
N ARG X 54 40.99 16.34 11.89
CA ARG X 54 40.07 15.49 11.13
C ARG X 54 40.57 14.07 10.93
N SER X 55 39.84 13.12 11.51
CA SER X 55 40.14 11.71 11.34
C SER X 55 39.23 11.20 10.24
N ILE X 56 39.80 11.08 9.04
CA ILE X 56 39.06 10.62 7.88
C ILE X 56 38.88 9.12 8.04
N THR X 57 37.62 8.71 8.24
CA THR X 57 37.18 7.33 8.44
C THR X 57 36.63 6.77 7.12
N GLN X 58 37.07 5.56 6.76
CA GLN X 58 36.60 4.94 5.52
C GLN X 58 35.56 3.88 5.79
N PRO X 59 34.43 3.90 5.04
CA PRO X 59 33.34 2.95 5.31
C PRO X 59 33.40 1.69 4.45
N GLN X 60 32.82 0.59 4.96
CA GLN X 60 32.75 -0.71 4.29
C GLN X 60 32.08 -0.61 2.93
N ILE X 61 32.65 -1.25 1.90
CA ILE X 61 32.03 -1.24 0.59
C ILE X 61 31.34 -2.57 0.42
N GLU X 62 30.03 -2.53 0.11
CA GLU X 62 29.18 -3.70 -0.12
C GLU X 62 28.78 -3.71 -1.59
N PHE X 63 29.15 -4.80 -2.28
CA PHE X 63 28.85 -5.01 -3.69
C PHE X 63 27.79 -6.08 -3.91
N LYS X 64 26.99 -5.91 -4.96
CA LYS X 64 25.96 -6.86 -5.36
C LYS X 64 26.72 -7.79 -6.30
N LEU X 65 27.24 -8.88 -5.74
CA LEU X 65 28.03 -9.88 -6.47
C LEU X 65 27.13 -10.81 -7.27
N GLU X 66 27.32 -10.82 -8.60
CA GLU X 66 26.56 -11.65 -9.52
C GLU X 66 27.51 -12.57 -10.28
N THR X 67 27.08 -13.82 -10.54
CA THR X 67 27.86 -14.83 -11.28
C THR X 67 27.17 -15.11 -12.62
N PHE X 68 27.98 -15.30 -13.68
CA PHE X 68 27.45 -15.49 -15.03
C PHE X 68 27.75 -16.87 -15.67
N GLY X 69 27.57 -17.93 -14.89
CA GLY X 69 27.78 -19.31 -15.31
C GLY X 69 26.75 -19.84 -16.30
N GLU X 70 27.14 -20.85 -17.09
CA GLU X 70 26.31 -21.49 -18.10
C GLU X 70 25.51 -22.67 -17.53
N SER X 71 25.99 -23.26 -16.43
CA SER X 71 25.39 -24.40 -15.75
C SER X 71 25.42 -24.20 -14.24
N LEU X 72 24.67 -25.01 -13.47
CA LEU X 72 24.69 -24.95 -12.01
C LEU X 72 26.12 -25.25 -11.54
N GLU X 73 26.81 -26.19 -12.25
CA GLU X 73 28.20 -26.60 -12.04
C GLU X 73 29.15 -25.41 -12.18
N GLU X 74 28.98 -24.57 -13.24
CA GLU X 74 29.81 -23.38 -13.46
C GLU X 74 29.67 -22.38 -12.32
N ASN X 75 28.44 -21.90 -12.06
CA ASN X 75 28.11 -20.92 -11.00
C ASN X 75 28.60 -21.29 -9.59
N TYR X 76 28.64 -22.60 -9.26
CA TYR X 76 29.15 -23.10 -7.98
C TYR X 76 30.67 -23.03 -7.97
N GLN X 77 31.34 -23.42 -9.09
CA GLN X 77 32.79 -23.38 -9.28
C GLN X 77 33.32 -21.94 -9.22
N LEU X 78 32.52 -20.97 -9.69
CA LEU X 78 32.84 -19.54 -9.66
C LEU X 78 32.80 -19.00 -8.22
N MET X 79 31.82 -19.46 -7.41
CA MET X 79 31.70 -19.06 -6.01
C MET X 79 32.78 -19.72 -5.15
N LYS X 80 33.01 -21.04 -5.37
CA LYS X 80 34.03 -21.83 -4.67
C LYS X 80 35.43 -21.31 -5.00
N ASP X 81 35.63 -20.75 -6.23
CA ASP X 81 36.94 -20.20 -6.61
C ASP X 81 37.16 -18.75 -6.20
N PHE X 82 36.34 -17.81 -6.69
CA PHE X 82 36.46 -16.37 -6.38
C PHE X 82 36.57 -16.05 -4.88
N VAL X 83 35.68 -16.62 -4.04
CA VAL X 83 35.69 -16.40 -2.60
C VAL X 83 36.92 -17.00 -1.93
N ASN X 84 37.34 -18.21 -2.31
CA ASN X 84 38.55 -18.78 -1.74
C ASN X 84 39.83 -18.04 -2.11
N ASP X 85 39.90 -17.50 -3.34
CA ASP X 85 41.05 -16.70 -3.80
C ASP X 85 41.25 -15.45 -2.92
N ILE X 86 40.15 -14.80 -2.52
CA ILE X 86 40.14 -13.63 -1.61
C ILE X 86 40.58 -14.09 -0.22
N LEU X 87 40.25 -15.33 0.17
CA LEU X 87 40.61 -15.89 1.47
C LEU X 87 42.06 -16.33 1.56
N SER X 88 42.63 -16.88 0.47
CA SER X 88 44.02 -17.35 0.38
C SER X 88 45.07 -16.26 0.72
N LYS X 89 44.80 -15.02 0.28
CA LYS X 89 45.67 -13.86 0.53
C LYS X 89 45.06 -13.12 1.71
N LYS X 90 45.88 -12.60 2.65
CA LYS X 90 45.37 -11.87 3.81
C LYS X 90 44.58 -10.60 3.48
N PHE X 91 44.85 -9.99 2.31
CA PHE X 91 44.17 -8.79 1.81
C PHE X 91 44.18 -8.75 0.28
N VAL X 92 43.12 -8.18 -0.32
CA VAL X 92 42.97 -8.07 -1.78
C VAL X 92 42.86 -6.62 -2.29
N THR X 93 43.55 -6.34 -3.40
CA THR X 93 43.62 -5.02 -3.99
C THR X 93 42.53 -4.80 -5.05
N LEU X 94 41.58 -3.92 -4.74
CA LEU X 94 40.52 -3.53 -5.66
C LEU X 94 40.98 -2.32 -6.46
N GLU X 95 40.95 -2.42 -7.78
CA GLU X 95 41.34 -1.33 -8.64
C GLU X 95 40.12 -0.59 -9.22
N TYR X 96 40.03 0.71 -8.95
CA TYR X 96 38.99 1.57 -9.49
C TYR X 96 39.59 2.20 -10.74
N GLN X 97 38.93 2.06 -11.88
CA GLN X 97 39.44 2.63 -13.12
C GLN X 97 38.36 3.40 -13.89
N THR X 98 38.74 4.58 -14.41
CA THR X 98 37.88 5.47 -15.18
C THR X 98 38.72 6.21 -16.24
N GLU X 99 38.06 7.03 -17.06
CA GLU X 99 38.70 7.81 -18.13
C GLU X 99 39.81 8.71 -17.58
N ILE X 100 39.58 9.29 -16.39
CA ILE X 100 40.53 10.20 -15.73
C ILE X 100 41.51 9.59 -14.71
N PHE X 101 41.13 8.52 -13.99
CA PHE X 101 41.99 7.96 -12.96
C PHE X 101 42.06 6.45 -12.87
N GLN X 102 43.10 5.94 -12.21
CA GLN X 102 43.25 4.52 -11.94
C GLN X 102 43.71 4.27 -10.48
N VAL X 103 42.83 4.56 -9.51
CA VAL X 103 43.12 4.36 -8.08
C VAL X 103 42.94 2.91 -7.62
N TYR X 104 43.54 2.56 -6.49
CA TYR X 104 43.48 1.22 -5.89
C TYR X 104 43.15 1.28 -4.39
N ALA X 105 42.37 0.30 -3.89
CA ALA X 105 42.02 0.21 -2.47
C ALA X 105 42.23 -1.19 -1.95
N ASP X 106 43.02 -1.33 -0.87
CA ASP X 106 43.28 -2.63 -0.24
C ASP X 106 42.12 -3.03 0.66
N LEU X 107 41.43 -4.12 0.28
CA LEU X 107 40.25 -4.64 0.97
C LEU X 107 40.54 -5.94 1.70
N ALA X 108 39.74 -6.21 2.74
CA ALA X 108 39.74 -7.45 3.50
C ALA X 108 38.30 -7.92 3.53
N LEU X 109 38.09 -9.22 3.35
CA LEU X 109 36.75 -9.80 3.31
C LEU X 109 36.04 -9.68 4.66
N ALA X 110 34.96 -8.89 4.66
CA ALA X 110 34.15 -8.64 5.84
C ALA X 110 32.96 -9.61 5.95
N ASP X 111 32.19 -9.81 4.85
CA ASP X 111 31.03 -10.71 4.80
C ASP X 111 30.67 -11.09 3.37
N VAL X 112 30.39 -12.38 3.13
CA VAL X 112 29.95 -12.93 1.85
C VAL X 112 28.73 -13.83 2.10
N THR X 113 27.74 -13.76 1.21
CA THR X 113 26.50 -14.52 1.37
C THR X 113 26.32 -15.59 0.29
N LYS X 114 25.76 -16.74 0.67
CA LYS X 114 25.46 -17.83 -0.25
C LYS X 114 24.07 -18.33 0.08
N THR X 115 23.12 -18.20 -0.88
CA THR X 115 21.71 -18.60 -0.73
C THR X 115 21.26 -19.50 -1.88
N GLU X 116 20.12 -20.19 -1.71
CA GLU X 116 19.57 -21.09 -2.73
C GLU X 116 18.45 -20.52 -3.61
N GLY X 117 18.41 -19.18 -3.68
CA GLY X 117 17.48 -18.45 -4.52
C GLY X 117 18.13 -18.19 -5.86
N TYR X 118 18.03 -19.18 -6.76
CA TYR X 118 18.68 -19.12 -8.08
C TYR X 118 17.73 -18.73 -9.20
N GLY X 119 18.33 -18.18 -10.25
CA GLY X 119 17.61 -17.80 -11.46
C GLY X 119 17.59 -18.97 -12.43
N LYS X 120 18.18 -18.74 -13.63
CA LYS X 120 18.30 -19.68 -14.72
C LYS X 120 19.73 -20.19 -14.82
N ASN X 121 19.88 -21.52 -14.97
CA ASN X 121 21.14 -22.27 -15.02
C ASN X 121 21.95 -22.11 -13.73
N GLY X 122 21.22 -21.96 -12.62
CA GLY X 122 21.76 -21.81 -11.28
C GLY X 122 22.51 -20.53 -11.02
N THR X 123 21.98 -19.39 -11.52
CA THR X 123 22.58 -18.07 -11.39
C THR X 123 22.64 -17.56 -9.92
N PHE X 124 23.71 -16.81 -9.56
CA PHE X 124 23.90 -16.29 -8.21
C PHE X 124 23.77 -14.76 -8.13
N SER X 125 23.06 -14.28 -7.11
CA SER X 125 22.88 -12.85 -6.83
C SER X 125 23.02 -12.72 -5.31
N GLU X 126 24.23 -12.34 -4.86
CA GLU X 126 24.58 -12.26 -3.45
C GLU X 126 25.29 -10.95 -3.12
N LYS X 127 25.35 -10.60 -1.81
CA LYS X 127 26.02 -9.39 -1.33
C LYS X 127 27.35 -9.70 -0.66
N ILE X 128 28.40 -9.01 -1.13
CA ILE X 128 29.77 -9.15 -0.64
C ILE X 128 30.23 -7.85 0.01
N THR X 129 30.61 -7.91 1.29
CA THR X 129 31.04 -6.74 2.04
C THR X 129 32.54 -6.82 2.32
N PHE X 130 33.24 -5.70 2.17
CA PHE X 130 34.68 -5.61 2.41
C PHE X 130 35.01 -4.52 3.42
N ASP X 131 36.05 -4.76 4.21
CA ASP X 131 36.58 -3.81 5.19
C ASP X 131 37.72 -3.03 4.54
N ILE X 132 37.79 -1.72 4.79
CA ILE X 132 38.83 -0.87 4.18
C ILE X 132 40.13 -0.88 4.97
N ILE X 133 41.23 -1.21 4.29
CA ILE X 133 42.57 -1.13 4.86
C ILE X 133 43.09 0.28 4.51
N THR X 134 43.27 0.56 3.21
CA THR X 134 43.71 1.88 2.71
C THR X 134 42.85 2.22 1.48
N LYS X 135 42.08 3.33 1.55
CA LYS X 135 41.24 3.71 0.41
C LYS X 135 41.91 4.73 -0.50
N TRP X 136 41.94 4.37 -1.79
CA TRP X 136 42.49 5.11 -2.93
C TRP X 136 43.94 5.54 -2.83
N TYR X 137 44.79 4.85 -3.59
CA TYR X 137 46.22 5.15 -3.68
C TYR X 137 46.68 4.91 -5.12
N THR X 138 47.69 5.66 -5.58
CA THR X 138 48.19 5.53 -6.94
C THR X 138 49.44 4.65 -6.99
N TYR X 139 49.36 3.49 -7.67
CA TYR X 139 50.51 2.62 -7.85
C TYR X 139 51.14 3.00 -9.19
N GLU X 140 52.31 3.67 -9.14
CA GLU X 140 52.98 4.16 -10.33
C GLU X 140 54.50 3.97 -10.28
N ASN X 141 55.13 3.86 -11.47
CA ASN X 141 56.57 3.69 -11.64
C ASN X 141 57.32 4.97 -11.27
N LEU X 142 58.43 4.82 -10.52
CA LEU X 142 59.30 5.90 -10.08
C LEU X 142 60.66 5.73 -10.75
N THR X 143 61.10 6.77 -11.50
CA THR X 143 62.37 6.76 -12.22
C THR X 143 63.16 8.05 -11.96
N PHE X 144 64.49 7.94 -12.03
CA PHE X 144 65.44 9.02 -11.88
C PHE X 144 65.35 9.98 -13.06
N ASP X 145 65.85 11.21 -12.87
CA ASP X 145 65.89 12.25 -13.90
C ASP X 145 67.35 12.52 -14.27
N LYS X 146 67.61 12.72 -15.57
CA LYS X 146 68.95 12.99 -16.07
C LYS X 146 69.13 14.46 -16.38
N ILE X 147 70.37 14.97 -16.22
CA ILE X 147 70.70 16.37 -16.47
C ILE X 147 71.59 16.47 -17.72
N GLN X 148 71.19 17.32 -18.69
CA GLN X 148 71.94 17.50 -19.93
C GLN X 148 72.58 18.87 -20.06
N ASN X 149 73.79 18.89 -20.66
CA ASN X 149 74.59 20.10 -20.91
C ASN X 149 73.92 21.01 -21.91
N GLY X 150 73.89 22.31 -21.60
CA GLY X 150 73.35 23.34 -22.48
C GLY X 150 74.27 23.57 -23.66
N LYS X 151 73.72 23.99 -24.81
CA LYS X 151 74.48 24.22 -26.04
C LYS X 151 75.42 25.41 -25.96
N VAL X 152 76.55 25.32 -26.68
CA VAL X 152 77.59 26.36 -26.72
C VAL X 152 77.25 27.39 -27.81
N ILE X 153 77.19 28.67 -27.43
CA ILE X 153 76.86 29.78 -28.33
C ILE X 153 77.97 30.84 -28.23
N ALA X 154 78.41 31.37 -29.40
CA ALA X 154 79.45 32.39 -29.49
C ALA X 154 78.99 33.73 -28.92
N GLY X 155 79.75 34.24 -27.96
CA GLY X 155 79.45 35.50 -27.27
C GLY X 155 78.62 35.32 -26.01
N MET X 156 77.80 34.26 -25.97
CA MET X 156 76.92 33.90 -24.86
C MET X 156 77.60 33.01 -23.83
N SER X 157 78.32 31.97 -24.29
CA SER X 157 79.01 30.99 -23.43
C SER X 157 80.42 31.43 -23.03
N LYS X 158 80.96 30.89 -21.93
CA LYS X 158 82.34 31.18 -21.51
C LYS X 158 83.31 30.30 -22.30
N ILE X 159 83.88 30.89 -23.36
CA ILE X 159 84.85 30.30 -24.28
C ILE X 159 85.77 31.41 -24.75
N TYR X 160 87.01 31.06 -25.11
CA TYR X 160 87.97 32.00 -25.67
C TYR X 160 87.98 31.70 -27.17
N GLY X 161 87.09 32.33 -27.91
CA GLY X 161 86.92 32.09 -29.34
C GLY X 161 87.27 33.25 -30.24
N GLY X 162 86.97 33.06 -31.53
CA GLY X 162 87.23 34.06 -32.57
C GLY X 162 88.70 34.31 -32.79
N THR X 163 89.10 35.60 -32.82
CA THR X 163 90.47 36.07 -33.00
C THR X 163 91.38 35.66 -31.84
N ALA X 164 92.57 35.10 -32.16
CA ALA X 164 93.56 34.62 -31.20
C ALA X 164 94.15 35.74 -30.31
N PRO X 165 94.42 35.50 -29.00
CA PRO X 165 94.30 34.24 -28.24
C PRO X 165 92.97 34.09 -27.48
N GLY X 166 91.86 34.24 -28.20
CA GLY X 166 90.51 34.08 -27.67
C GLY X 166 89.94 35.30 -27.00
N ASN X 167 88.59 35.40 -26.93
CA ASN X 167 87.92 36.54 -26.32
C ASN X 167 86.50 36.24 -25.85
N TYR X 168 86.18 36.65 -24.60
CA TYR X 168 84.83 36.55 -24.02
C TYR X 168 84.46 37.93 -23.46
N LYS X 169 83.32 38.47 -23.91
CA LYS X 169 82.90 39.83 -23.54
C LYS X 169 81.85 39.90 -22.44
N TYR X 170 82.04 40.84 -21.50
CA TYR X 170 81.08 41.11 -20.43
C TYR X 170 80.02 42.04 -21.00
N ILE X 171 78.81 41.53 -21.19
CA ILE X 171 77.69 42.31 -21.72
C ILE X 171 76.68 42.48 -20.57
N LYS X 172 75.57 43.21 -20.81
CA LYS X 172 74.55 43.42 -19.78
C LYS X 172 73.35 42.55 -20.10
N GLY X 173 73.24 41.43 -19.40
CA GLY X 173 72.16 40.46 -19.57
C GLY X 173 72.56 39.25 -20.39
N THR X 174 73.22 39.47 -21.54
CA THR X 174 73.67 38.38 -22.40
C THR X 174 75.00 37.80 -21.95
N SER X 175 75.92 38.68 -21.45
CA SER X 175 77.26 38.45 -20.88
C SER X 175 77.88 37.06 -21.13
N TYR X 176 78.26 36.35 -20.07
CA TYR X 176 78.77 34.99 -20.17
C TYR X 176 78.04 34.05 -19.24
N THR X 177 77.44 33.00 -19.81
CA THR X 177 76.71 31.97 -19.07
C THR X 177 77.40 30.65 -19.37
N TYR X 178 77.78 29.90 -18.32
CA TYR X 178 78.45 28.61 -18.45
C TYR X 178 77.58 27.62 -19.24
N TYR X 179 78.17 26.92 -20.23
CA TYR X 179 77.45 25.98 -21.12
C TYR X 179 76.83 24.82 -20.35
N GLY X 180 77.64 24.17 -19.52
CA GLY X 180 77.25 23.04 -18.71
C GLY X 180 78.40 22.63 -17.81
N GLU X 181 78.46 21.35 -17.45
CA GLU X 181 79.52 20.83 -16.60
C GLU X 181 80.24 19.66 -17.24
N SER X 182 81.57 19.58 -17.04
CA SER X 182 82.39 18.50 -17.56
C SER X 182 81.90 17.21 -16.89
N ASP X 183 81.43 16.27 -17.71
CA ASP X 183 80.83 15.01 -17.25
C ASP X 183 79.56 15.24 -16.37
N ILE X 184 78.55 15.93 -16.93
CA ILE X 184 77.27 16.18 -16.27
C ILE X 184 76.48 14.86 -16.10
N ASP X 185 76.93 13.78 -16.80
CA ASP X 185 76.35 12.43 -16.78
C ASP X 185 76.42 11.77 -15.38
N ARG X 186 77.19 12.36 -14.45
CA ARG X 186 77.31 11.88 -13.07
C ARG X 186 76.05 12.26 -12.26
N LEU X 187 75.42 13.42 -12.59
CA LEU X 187 74.25 13.95 -11.89
C LEU X 187 72.98 13.22 -12.27
N SER X 188 72.31 12.65 -11.25
CA SER X 188 71.05 11.95 -11.39
C SER X 188 70.22 12.21 -10.14
N ARG X 189 69.01 12.72 -10.32
CA ARG X 189 68.11 13.01 -9.23
C ARG X 189 66.92 12.08 -9.27
N TRP X 190 66.66 11.37 -8.15
CA TRP X 190 65.47 10.56 -7.98
C TRP X 190 64.58 11.53 -7.22
N ASP X 191 63.70 12.24 -7.95
CA ASP X 191 62.87 13.29 -7.37
C ASP X 191 61.60 12.80 -6.69
N ILE X 192 61.35 13.32 -5.48
CA ILE X 192 60.17 13.04 -4.67
C ILE X 192 59.43 14.37 -4.56
N LYS X 193 58.28 14.48 -5.24
CA LYS X 193 57.49 15.70 -5.28
C LYS X 193 56.32 15.77 -4.32
N GLU X 194 55.69 14.63 -4.03
CA GLU X 194 54.57 14.53 -3.09
C GLU X 194 54.89 13.45 -2.05
N GLU X 195 54.30 13.54 -0.84
CA GLU X 195 54.52 12.58 0.25
C GLU X 195 54.08 11.16 -0.12
N ILE X 196 55.03 10.20 -0.12
CA ILE X 196 54.72 8.81 -0.46
C ILE X 196 54.55 7.96 0.80
N PHE X 197 53.48 7.14 0.84
CA PHE X 197 53.14 6.32 2.00
C PHE X 197 53.79 4.93 2.07
N SER X 198 53.93 4.25 0.91
CA SER X 198 54.52 2.91 0.79
C SER X 198 55.16 2.73 -0.60
N PHE X 199 56.11 1.79 -0.72
CA PHE X 199 56.81 1.50 -1.98
C PHE X 199 57.34 0.08 -2.11
N MET X 200 57.77 -0.28 -3.33
CA MET X 200 58.35 -1.58 -3.68
C MET X 200 59.53 -1.32 -4.63
N GLY X 201 60.74 -1.56 -4.13
CA GLY X 201 61.96 -1.32 -4.89
C GLY X 201 62.84 -2.54 -5.11
N ILE X 202 63.52 -2.56 -6.26
CA ILE X 202 64.47 -3.61 -6.68
C ILE X 202 65.83 -2.93 -6.77
N LEU X 203 66.75 -3.30 -5.87
CA LEU X 203 68.07 -2.67 -5.84
C LEU X 203 69.17 -3.63 -6.28
N TYR X 204 70.05 -3.18 -7.18
CA TYR X 204 71.16 -3.98 -7.67
C TYR X 204 72.47 -3.48 -7.06
N PRO X 205 73.04 -4.25 -6.10
CA PRO X 205 74.27 -3.82 -5.39
C PRO X 205 75.53 -3.88 -6.23
N LYS X 206 76.50 -2.99 -5.94
CA LYS X 206 77.79 -2.96 -6.64
C LYS X 206 78.91 -3.71 -5.92
N LEU X 207 79.16 -3.34 -4.68
CA LEU X 207 80.29 -3.86 -3.89
C LEU X 207 79.81 -4.64 -2.67
N PRO X 208 80.38 -5.83 -2.46
CA PRO X 208 79.98 -6.62 -1.29
C PRO X 208 80.60 -6.11 0.00
N LYS X 209 79.87 -6.27 1.12
CA LYS X 209 80.39 -5.90 2.46
C LYS X 209 80.37 -4.41 2.72
N THR X 210 79.77 -3.67 1.81
CA THR X 210 79.63 -2.22 1.93
C THR X 210 78.13 -2.04 2.09
N PRO X 211 77.66 -1.27 3.08
CA PRO X 211 76.21 -1.09 3.25
C PRO X 211 75.57 -0.67 1.93
N ALA X 212 74.60 -1.48 1.48
CA ALA X 212 73.91 -1.27 0.21
C ALA X 212 72.41 -1.07 0.41
N GLY X 213 71.89 -0.07 -0.30
CA GLY X 213 70.49 0.30 -0.24
C GLY X 213 70.23 1.75 -0.58
N VAL X 214 69.10 2.30 -0.12
CA VAL X 214 68.73 3.68 -0.39
C VAL X 214 68.51 4.54 0.85
N ARG X 215 68.94 5.80 0.77
CA ARG X 215 68.74 6.80 1.82
C ARG X 215 67.85 7.92 1.29
N PHE X 216 67.07 8.55 2.18
CA PHE X 216 66.17 9.61 1.77
C PHE X 216 66.55 10.94 2.38
N LEU X 217 66.58 11.98 1.54
CA LEU X 217 66.94 13.35 1.92
C LEU X 217 65.79 14.31 1.75
N ASP X 218 65.72 15.31 2.63
CA ASP X 218 64.73 16.36 2.57
C ASP X 218 65.16 17.48 1.61
N ASP X 219 64.38 18.55 1.55
CA ASP X 219 64.63 19.71 0.68
C ASP X 219 65.93 20.47 0.96
N ILE X 220 66.49 20.33 2.18
CA ILE X 220 67.74 20.99 2.60
C ILE X 220 68.98 20.10 2.58
N GLY X 221 68.83 18.87 2.08
CA GLY X 221 69.91 17.92 1.94
C GLY X 221 70.32 17.19 3.21
N ASN X 222 69.35 16.98 4.13
CA ASN X 222 69.57 16.24 5.38
C ASN X 222 68.89 14.88 5.32
N GLU X 223 69.58 13.83 5.78
CA GLU X 223 69.05 12.46 5.79
C GLU X 223 68.12 12.26 6.99
N TYR X 224 66.93 11.70 6.73
CA TYR X 224 65.96 11.40 7.79
C TYR X 224 65.72 9.91 7.94
N THR X 225 65.72 9.15 6.82
CA THR X 225 65.53 7.70 6.81
C THR X 225 66.40 7.00 5.78
N ALA X 226 66.77 5.72 6.05
CA ALA X 226 67.61 4.92 5.16
C ALA X 226 67.37 3.42 5.28
N ILE X 227 67.29 2.74 4.12
CA ILE X 227 67.11 1.29 4.04
C ILE X 227 68.47 0.75 3.60
N VAL X 228 69.37 0.48 4.56
CA VAL X 228 70.71 0.03 4.25
C VAL X 228 71.09 -1.33 4.86
N PHE X 229 71.68 -2.23 4.05
CA PHE X 229 72.03 -3.59 4.44
C PHE X 229 73.50 -3.90 4.18
N LYS X 230 74.20 -4.46 5.17
CA LYS X 230 75.60 -4.86 5.00
C LYS X 230 75.76 -6.37 4.84
N THR X 231 75.72 -6.83 3.59
CA THR X 231 75.81 -8.25 3.23
C THR X 231 77.27 -8.74 3.16
N GLU X 232 77.48 -10.07 3.04
CA GLU X 232 78.80 -10.67 2.94
C GLU X 232 79.23 -10.86 1.47
N GLN X 233 78.29 -11.25 0.61
CA GLN X 233 78.55 -11.41 -0.82
C GLN X 233 77.62 -10.51 -1.64
N VAL X 234 78.00 -10.24 -2.91
CA VAL X 234 77.22 -9.40 -3.82
C VAL X 234 75.91 -10.09 -4.20
N GLN X 235 74.79 -9.51 -3.79
CA GLN X 235 73.49 -10.04 -4.15
C GLN X 235 73.20 -9.58 -5.57
N ASP X 236 72.49 -10.41 -6.35
CA ASP X 236 72.12 -10.07 -7.73
C ASP X 236 71.20 -8.85 -7.67
N TYR X 237 70.21 -8.89 -6.75
CA TYR X 237 69.27 -7.81 -6.46
C TYR X 237 68.69 -7.92 -5.04
N ILE X 238 68.33 -6.77 -4.45
CA ILE X 238 67.70 -6.66 -3.14
C ILE X 238 66.26 -6.20 -3.35
N LEU X 239 65.27 -7.05 -3.01
CA LEU X 239 63.85 -6.78 -3.16
C LEU X 239 63.29 -6.23 -1.86
N ILE X 240 63.01 -4.92 -1.82
CA ILE X 240 62.50 -4.28 -0.62
C ILE X 240 61.08 -3.74 -0.81
N ASN X 241 60.18 -4.10 0.10
CA ASN X 241 58.81 -3.62 0.08
C ASN X 241 58.50 -2.98 1.43
N THR X 242 58.01 -1.73 1.38
CA THR X 242 57.67 -0.98 2.57
C THR X 242 56.25 -1.17 3.05
N ASP X 243 55.43 -1.93 2.31
CA ASP X 243 54.04 -2.15 2.70
C ASP X 243 53.98 -2.74 4.09
N VAL X 244 53.19 -2.10 4.96
CA VAL X 244 53.04 -2.50 6.37
C VAL X 244 52.48 -3.93 6.51
N ASN X 245 51.46 -4.25 5.70
CA ASN X 245 50.77 -5.53 5.73
C ASN X 245 51.62 -6.72 5.33
N ASP X 246 52.44 -6.56 4.29
CA ASP X 246 53.34 -7.62 3.80
C ASP X 246 54.77 -7.06 3.61
N GLU X 247 55.38 -6.61 4.70
CA GLU X 247 56.72 -6.06 4.64
C GLU X 247 57.68 -7.12 4.14
N THR X 248 58.39 -6.82 3.05
CA THR X 248 59.35 -7.75 2.45
C THR X 248 60.71 -7.13 2.26
N TYR X 249 61.73 -7.77 2.81
CA TYR X 249 63.11 -7.39 2.64
C TYR X 249 63.83 -8.68 2.34
N GLN X 250 64.49 -8.75 1.19
CA GLN X 250 65.23 -9.95 0.81
C GLN X 250 66.31 -9.75 -0.23
N GLY X 251 67.38 -10.54 -0.07
CA GLY X 251 68.52 -10.54 -0.97
C GLY X 251 68.48 -11.75 -1.88
N TRP X 252 68.50 -11.49 -3.18
CA TRP X 252 68.47 -12.56 -4.17
C TRP X 252 69.82 -12.77 -4.82
N LYS X 253 70.28 -14.01 -4.84
CA LYS X 253 71.52 -14.44 -5.49
C LYS X 253 71.16 -15.73 -6.22
N GLY X 254 71.14 -15.66 -7.55
CA GLY X 254 70.75 -16.78 -8.41
C GLY X 254 69.27 -17.08 -8.27
N THR X 255 68.95 -18.29 -7.77
CA THR X 255 67.58 -18.75 -7.52
C THR X 255 67.29 -18.81 -6.02
N THR X 256 68.27 -18.40 -5.19
CA THR X 256 68.20 -18.42 -3.73
C THR X 256 67.79 -17.06 -3.14
N ALA X 257 66.76 -17.07 -2.26
CA ALA X 257 66.23 -15.89 -1.57
C ALA X 257 66.69 -15.88 -0.11
N LEU X 258 67.30 -14.78 0.30
CA LEU X 258 67.88 -14.61 1.64
C LEU X 258 67.16 -13.50 2.41
N ASN X 259 66.82 -13.75 3.69
CA ASN X 259 66.17 -12.75 4.54
C ASN X 259 67.21 -11.73 5.01
N LEU X 260 66.99 -10.44 4.67
CA LEU X 260 67.94 -9.37 5.01
C LEU X 260 67.59 -8.54 6.23
N PHE X 261 66.54 -8.91 6.98
CA PHE X 261 66.11 -8.20 8.19
C PHE X 261 67.21 -8.01 9.25
N PRO X 262 67.95 -9.05 9.71
CA PRO X 262 68.94 -8.83 10.77
C PRO X 262 70.18 -8.04 10.36
N VAL X 263 70.51 -8.05 9.06
CA VAL X 263 71.67 -7.38 8.50
C VAL X 263 71.45 -5.87 8.27
N MET X 264 70.17 -5.45 8.23
CA MET X 264 69.69 -4.08 8.03
C MET X 264 70.12 -3.13 9.16
N ASP X 265 70.32 -1.83 8.84
CA ASP X 265 70.64 -0.82 9.86
C ASP X 265 69.32 -0.31 10.41
N PHE X 266 69.07 -0.62 11.68
CA PHE X 266 67.85 -0.26 12.40
C PHE X 266 67.79 1.19 12.85
N GLU X 267 68.95 1.81 13.11
CA GLU X 267 69.04 3.20 13.54
C GLU X 267 68.82 4.17 12.38
N ARG X 268 69.33 3.85 11.19
CA ARG X 268 69.19 4.70 10.00
C ARG X 268 67.76 4.73 9.45
N TYR X 269 67.02 3.60 9.56
CA TYR X 269 65.64 3.45 9.11
C TYR X 269 64.73 4.08 10.18
N ARG X 270 64.60 5.40 10.14
CA ARG X 270 63.80 6.13 11.12
C ARG X 270 62.31 6.16 10.83
N THR X 271 61.91 6.30 9.54
CA THR X 271 60.50 6.34 9.12
C THR X 271 60.21 5.64 7.79
N ARG X 272 58.93 5.29 7.58
CA ARG X 272 58.42 4.64 6.37
C ARG X 272 57.85 5.72 5.43
N ILE X 273 57.27 6.77 6.02
CA ILE X 273 56.67 7.92 5.33
C ILE X 273 57.77 8.78 4.70
N ILE X 274 57.81 8.84 3.36
CA ILE X 274 58.81 9.60 2.62
C ILE X 274 58.30 11.02 2.35
N GLU X 275 59.11 12.02 2.69
CA GLU X 275 58.78 13.44 2.51
C GLU X 275 59.40 14.03 1.24
N LYS X 276 58.94 15.25 0.86
CA LYS X 276 59.39 15.99 -0.33
C LYS X 276 60.90 16.26 -0.26
N GLY X 277 61.61 15.77 -1.27
CA GLY X 277 63.07 15.89 -1.38
C GLY X 277 63.63 14.99 -2.46
N GLN X 278 64.66 14.18 -2.12
CA GLN X 278 65.28 13.26 -3.07
C GLN X 278 65.81 11.95 -2.46
N MET X 279 66.05 10.94 -3.31
CA MET X 279 66.55 9.62 -2.93
C MET X 279 67.95 9.42 -3.51
N GLU X 280 68.87 8.88 -2.70
CA GLU X 280 70.24 8.57 -3.10
C GLU X 280 70.50 7.08 -3.00
N LEU X 281 71.23 6.53 -3.97
CA LEU X 281 71.54 5.10 -4.03
C LEU X 281 72.90 4.84 -3.40
N ILE X 282 72.91 4.15 -2.25
CA ILE X 282 74.14 3.80 -1.54
C ILE X 282 74.64 2.46 -2.07
N ASN X 283 75.82 2.46 -2.72
CA ASN X 283 76.48 1.28 -3.30
C ASN X 283 75.55 0.46 -4.23
N LEU X 284 74.97 1.13 -5.24
CA LEU X 284 74.06 0.51 -6.19
C LEU X 284 74.42 0.85 -7.62
N SER X 285 74.33 -0.15 -8.50
CA SER X 285 74.64 -0.02 -9.93
C SER X 285 73.39 0.36 -10.73
N LYS X 286 72.23 -0.18 -10.32
CA LYS X 286 70.93 0.02 -10.95
C LYS X 286 69.84 -0.08 -9.87
N ALA X 287 68.69 0.60 -10.09
CA ALA X 287 67.54 0.58 -9.16
C ALA X 287 66.23 0.76 -9.91
N GLU X 288 65.21 -0.03 -9.52
CA GLU X 288 63.87 0.01 -10.11
C GLU X 288 62.85 0.24 -9.01
N PHE X 289 62.09 1.34 -9.09
CA PHE X 289 61.09 1.69 -8.06
C PHE X 289 59.67 1.84 -8.55
N LYS X 290 58.72 1.38 -7.72
CA LYS X 290 57.28 1.46 -7.92
C LYS X 290 56.70 2.09 -6.66
N ILE X 291 56.28 3.35 -6.76
CA ILE X 291 55.77 4.12 -5.63
C ILE X 291 54.25 4.18 -5.52
N LYS X 292 53.73 3.91 -4.30
CA LYS X 292 52.29 3.98 -4.00
C LYS X 292 51.95 5.07 -2.98
N ARG X 293 51.24 6.10 -3.48
CA ARG X 293 50.88 7.35 -2.80
C ARG X 293 49.36 7.49 -2.63
N LYS X 294 48.91 7.78 -1.40
CA LYS X 294 47.50 7.86 -1.03
C LYS X 294 46.74 9.12 -1.46
N ALA X 295 45.42 8.95 -1.68
CA ALA X 295 44.44 9.98 -2.02
C ALA X 295 43.14 9.62 -1.27
N ASP X 296 42.66 10.51 -0.38
CA ASP X 296 41.48 10.25 0.44
C ASP X 296 40.18 10.08 -0.35
N PHE X 297 39.87 11.03 -1.25
CA PHE X 297 38.70 10.98 -2.11
C PHE X 297 39.09 11.15 -3.56
N VAL X 298 38.59 10.25 -4.42
CA VAL X 298 38.82 10.26 -5.86
C VAL X 298 37.52 9.79 -6.54
N MET Y 1 23.15 -33.32 -10.72
CA MET Y 1 22.65 -32.03 -11.21
C MET Y 1 22.27 -31.08 -10.10
N VAL Y 2 21.10 -31.30 -9.49
CA VAL Y 2 20.57 -30.49 -8.40
C VAL Y 2 21.26 -30.84 -7.07
N ARG Y 3 21.14 -29.95 -6.07
CA ARG Y 3 21.70 -29.99 -4.72
C ARG Y 3 21.00 -31.01 -3.83
N GLN Y 4 21.77 -31.73 -3.02
CA GLN Y 4 21.25 -32.73 -2.08
C GLN Y 4 21.63 -32.38 -0.64
N TYR Y 5 20.63 -32.28 0.26
CA TYR Y 5 20.83 -31.99 1.69
C TYR Y 5 20.49 -33.24 2.49
N LYS Y 6 21.43 -33.74 3.29
CA LYS Y 6 21.17 -34.92 4.12
C LYS Y 6 21.50 -34.66 5.55
N ILE Y 7 20.67 -35.19 6.45
CA ILE Y 7 20.81 -35.06 7.90
C ILE Y 7 21.16 -36.43 8.50
N HIS Y 8 22.34 -36.52 9.10
CA HIS Y 8 22.88 -37.74 9.70
C HIS Y 8 22.82 -37.61 11.21
N THR Y 9 22.39 -38.69 11.92
CA THR Y 9 22.35 -38.72 13.38
C THR Y 9 23.78 -38.75 13.90
N ASN Y 10 24.48 -39.87 13.68
CA ASN Y 10 25.88 -40.01 14.03
C ASN Y 10 26.61 -40.54 12.80
N LEU Y 11 27.40 -39.69 12.12
CA LEU Y 11 28.19 -40.10 10.96
C LEU Y 11 29.45 -40.79 11.49
N ASP Y 12 30.21 -41.49 10.64
CA ASP Y 12 31.40 -42.24 11.03
C ASP Y 12 30.98 -43.23 12.12
N GLY Y 13 29.73 -43.66 12.02
CA GLY Y 13 29.15 -44.54 13.02
C GLY Y 13 28.17 -45.55 12.48
N THR Y 14 28.20 -46.76 13.07
CA THR Y 14 27.35 -47.89 12.75
C THR Y 14 25.86 -47.64 12.98
N ASP Y 15 25.51 -46.84 14.00
CA ASP Y 15 24.12 -46.50 14.37
C ASP Y 15 23.64 -45.25 13.65
N ASP Y 16 24.13 -44.99 12.42
CA ASP Y 16 23.74 -43.81 11.66
C ASP Y 16 22.33 -43.97 11.11
N LYS Y 17 21.57 -42.86 11.08
CA LYS Y 17 20.23 -42.73 10.51
C LYS Y 17 20.26 -41.49 9.62
N VAL Y 18 19.88 -41.67 8.35
CA VAL Y 18 19.94 -40.60 7.37
C VAL Y 18 18.54 -40.12 7.00
N TRP Y 19 18.36 -38.79 7.00
CA TRP Y 19 17.12 -38.10 6.64
C TRP Y 19 17.36 -37.28 5.35
N ASP Y 20 16.56 -37.54 4.30
CA ASP Y 20 16.70 -36.80 3.05
C ASP Y 20 15.85 -35.55 3.13
N VAL Y 21 16.54 -34.43 3.41
CA VAL Y 21 15.91 -33.12 3.52
C VAL Y 21 15.69 -32.46 2.16
N THR Y 22 16.27 -33.03 1.14
CA THR Y 22 15.93 -32.76 -0.27
C THR Y 22 14.75 -33.70 -0.87
N ASN Y 23 14.76 -35.02 -0.64
CA ASN Y 23 13.77 -35.91 -1.25
C ASN Y 23 12.68 -36.53 -0.38
N GLY Y 24 12.98 -36.81 0.89
CA GLY Y 24 12.07 -37.46 1.82
C GLY Y 24 10.84 -36.67 2.23
N LYS Y 25 10.12 -37.23 3.20
CA LYS Y 25 8.89 -36.66 3.75
C LYS Y 25 9.12 -35.34 4.50
N VAL Y 26 10.24 -35.24 5.24
CA VAL Y 26 10.64 -34.02 5.96
C VAL Y 26 11.70 -33.27 5.13
N ARG Y 27 11.35 -32.08 4.63
CA ARG Y 27 12.26 -31.36 3.75
C ARG Y 27 12.72 -30.02 4.27
N PHE Y 28 14.01 -29.71 4.02
CA PHE Y 28 14.64 -28.43 4.33
C PHE Y 28 14.63 -27.59 3.06
N TYR Y 29 14.24 -26.31 3.18
CA TYR Y 29 14.17 -25.34 2.08
C TYR Y 29 14.70 -23.97 2.52
N GLN Y 30 15.11 -23.12 1.55
CA GLN Y 30 15.63 -21.76 1.73
C GLN Y 30 16.62 -21.55 2.89
N PRO Y 31 17.87 -22.06 2.79
CA PRO Y 31 18.84 -21.82 3.87
C PRO Y 31 19.09 -20.33 4.02
N SER Y 32 19.12 -19.81 5.27
CA SER Y 32 19.32 -18.40 5.57
C SER Y 32 20.66 -17.89 5.03
N ASN Y 33 21.79 -18.44 5.51
CA ASN Y 33 23.10 -18.06 5.00
C ASN Y 33 24.02 -19.26 5.02
N LEU Y 34 24.69 -19.51 3.90
CA LEU Y 34 25.65 -20.61 3.76
C LEU Y 34 27.08 -20.06 3.63
N GLY Y 35 27.19 -18.73 3.62
CA GLY Y 35 28.44 -18.00 3.52
C GLY Y 35 29.19 -17.89 4.83
N LEU Y 36 29.88 -16.77 5.05
CA LEU Y 36 30.65 -16.53 6.27
C LEU Y 36 30.82 -15.06 6.56
N GLN Y 37 31.09 -14.73 7.83
CA GLN Y 37 31.37 -13.38 8.30
C GLN Y 37 32.80 -13.39 8.85
N SER Y 38 33.55 -12.33 8.62
CA SER Y 38 34.93 -12.25 9.12
C SER Y 38 35.22 -10.89 9.72
N THR Y 39 35.85 -10.89 10.90
CA THR Y 39 36.27 -9.69 11.62
C THR Y 39 37.80 -9.64 11.61
N ASN Y 40 38.35 -8.84 10.68
CA ASN Y 40 39.78 -8.72 10.38
C ASN Y 40 40.60 -7.81 11.30
N ASN Y 41 39.95 -7.04 12.21
CA ASN Y 41 40.56 -6.11 13.19
C ASN Y 41 41.42 -5.02 12.51
N ILE Y 42 40.89 -4.39 11.47
CA ILE Y 42 41.60 -3.34 10.74
C ILE Y 42 41.37 -2.01 11.39
N TRP Y 43 42.44 -1.50 11.98
CA TRP Y 43 42.45 -0.19 12.60
C TRP Y 43 43.37 0.71 11.73
N GLN Y 44 42.95 1.96 11.48
CA GLN Y 44 43.73 2.84 10.62
C GLN Y 44 44.28 4.06 11.33
N SER Y 45 45.59 4.29 11.16
CA SER Y 45 46.30 5.44 11.71
C SER Y 45 46.74 6.35 10.57
N ASN Y 46 46.29 7.62 10.61
CA ASN Y 46 46.60 8.68 9.64
C ASN Y 46 46.49 8.24 8.15
N GLY Y 47 45.39 7.56 7.82
CA GLY Y 47 45.13 7.07 6.47
C GLY Y 47 45.77 5.74 6.13
N ILE Y 48 46.85 5.35 6.85
CA ILE Y 48 47.57 4.09 6.67
C ILE Y 48 46.80 3.01 7.41
N GLY Y 49 46.65 1.86 6.77
CA GLY Y 49 45.90 0.73 7.32
C GLY Y 49 46.73 -0.40 7.88
N VAL Y 50 46.42 -0.77 9.12
CA VAL Y 50 47.07 -1.86 9.85
C VAL Y 50 46.03 -2.96 10.04
N MET Y 51 46.38 -4.20 9.64
CA MET Y 51 45.50 -5.35 9.75
C MET Y 51 45.95 -6.36 10.81
N GLY Y 52 45.02 -6.70 11.71
CA GLY Y 52 45.25 -7.66 12.78
C GLY Y 52 45.08 -9.08 12.32
N THR Y 53 44.26 -9.86 13.05
CA THR Y 53 43.99 -11.28 12.75
C THR Y 53 42.52 -11.48 12.41
N ARG Y 54 42.26 -12.22 11.32
CA ARG Y 54 40.90 -12.50 10.87
C ARG Y 54 40.25 -13.68 11.59
N SER Y 55 39.20 -13.41 12.37
CA SER Y 55 38.48 -14.48 13.05
C SER Y 55 37.18 -14.75 12.33
N ILE Y 56 37.25 -15.74 11.44
CA ILE Y 56 36.16 -16.18 10.59
C ILE Y 56 35.05 -16.72 11.49
N THR Y 57 33.92 -15.99 11.52
CA THR Y 57 32.73 -16.27 12.32
C THR Y 57 31.68 -16.94 11.44
N GLN Y 58 31.10 -18.04 11.93
CA GLN Y 58 30.07 -18.76 11.19
C GLN Y 58 28.68 -18.45 11.72
N PRO Y 59 27.72 -18.11 10.82
CA PRO Y 59 26.37 -17.75 11.28
C PRO Y 59 25.39 -18.92 11.29
N GLN Y 60 24.36 -18.84 12.16
CA GLN Y 60 23.29 -19.82 12.30
C GLN Y 60 22.56 -20.07 10.97
N ILE Y 61 22.29 -21.34 10.65
CA ILE Y 61 21.55 -21.63 9.42
C ILE Y 61 20.12 -21.93 9.83
N GLU Y 62 19.16 -21.20 9.21
CA GLU Y 62 17.73 -21.34 9.43
C GLU Y 62 17.10 -21.88 8.16
N PHE Y 63 16.46 -23.05 8.27
CA PHE Y 63 15.78 -23.72 7.16
C PHE Y 63 14.27 -23.67 7.29
N LYS Y 64 13.57 -23.60 6.16
CA LYS Y 64 12.13 -23.61 6.08
C LYS Y 64 11.79 -25.10 6.01
N LEU Y 65 11.55 -25.68 7.18
CA LEU Y 65 11.24 -27.11 7.32
C LEU Y 65 9.79 -27.40 6.95
N GLU Y 66 9.58 -28.23 5.93
CA GLU Y 66 8.27 -28.62 5.45
C GLU Y 66 8.10 -30.13 5.57
N THR Y 67 6.86 -30.57 5.88
CA THR Y 67 6.50 -32.00 6.02
C THR Y 67 5.57 -32.40 4.87
N PHE Y 68 5.69 -33.64 4.40
CA PHE Y 68 4.88 -34.11 3.26
C PHE Y 68 3.99 -35.33 3.53
N GLY Y 69 3.35 -35.34 4.69
CA GLY Y 69 2.47 -36.42 5.14
C GLY Y 69 1.14 -36.55 4.44
N GLU Y 70 0.56 -37.76 4.48
CA GLU Y 70 -0.72 -38.10 3.86
C GLU Y 70 -1.95 -37.83 4.74
N SER Y 71 -1.78 -37.84 6.08
CA SER Y 71 -2.85 -37.62 7.07
C SER Y 71 -2.33 -36.76 8.22
N LEU Y 72 -3.24 -36.17 9.04
CA LEU Y 72 -2.85 -35.36 10.21
C LEU Y 72 -2.00 -36.20 11.15
N GLU Y 73 -2.36 -37.49 11.26
CA GLU Y 73 -1.69 -38.54 12.03
C GLU Y 73 -0.25 -38.72 11.54
N GLU Y 74 -0.06 -38.89 10.21
CA GLU Y 74 1.26 -39.05 9.60
C GLU Y 74 2.16 -37.82 9.78
N ASN Y 75 1.63 -36.60 9.53
CA ASN Y 75 2.34 -35.33 9.64
C ASN Y 75 2.86 -35.01 11.04
N TYR Y 76 2.14 -35.47 12.09
CA TYR Y 76 2.49 -35.33 13.50
C TYR Y 76 3.58 -36.33 13.90
N GLN Y 77 3.53 -37.58 13.37
CA GLN Y 77 4.55 -38.60 13.62
C GLN Y 77 5.87 -38.18 12.95
N LEU Y 78 5.78 -37.54 11.77
CA LEU Y 78 6.90 -37.01 10.98
C LEU Y 78 7.72 -35.95 11.72
N MET Y 79 7.05 -35.03 12.44
CA MET Y 79 7.69 -33.98 13.23
C MET Y 79 8.30 -34.55 14.51
N LYS Y 80 7.53 -35.39 15.25
CA LYS Y 80 7.94 -36.05 16.49
C LYS Y 80 9.18 -36.90 16.26
N ASP Y 81 9.25 -37.63 15.13
CA ASP Y 81 10.41 -38.45 14.77
C ASP Y 81 11.65 -37.65 14.42
N PHE Y 82 11.55 -36.75 13.41
CA PHE Y 82 12.66 -35.90 12.96
C PHE Y 82 13.31 -35.05 14.06
N VAL Y 83 12.51 -34.32 14.87
CA VAL Y 83 13.05 -33.47 15.95
C VAL Y 83 13.68 -34.26 17.10
N ASN Y 84 13.09 -35.39 17.54
CA ASN Y 84 13.65 -36.21 18.62
C ASN Y 84 14.94 -36.93 18.21
N ASP Y 85 15.04 -37.32 16.92
CA ASP Y 85 16.26 -37.94 16.39
C ASP Y 85 17.44 -36.98 16.45
N ILE Y 86 17.18 -35.67 16.22
CA ILE Y 86 18.17 -34.60 16.30
C ILE Y 86 18.54 -34.38 17.78
N LEU Y 87 17.57 -34.54 18.69
CA LEU Y 87 17.78 -34.38 20.12
C LEU Y 87 18.54 -35.53 20.77
N SER Y 88 18.28 -36.78 20.33
CA SER Y 88 18.93 -38.00 20.84
C SER Y 88 20.46 -37.98 20.77
N LYS Y 89 21.02 -37.43 19.67
CA LYS Y 89 22.46 -37.28 19.45
C LYS Y 89 22.83 -35.86 19.84
N LYS Y 90 23.97 -35.66 20.54
CA LYS Y 90 24.39 -34.31 20.99
C LYS Y 90 24.61 -33.31 19.84
N PHE Y 91 24.95 -33.81 18.63
CA PHE Y 91 25.17 -33.01 17.43
C PHE Y 91 24.84 -33.79 16.16
N VAL Y 92 24.36 -33.09 15.12
CA VAL Y 92 23.93 -33.68 13.84
C VAL Y 92 24.74 -33.16 12.63
N THR Y 93 25.15 -34.07 11.76
CA THR Y 93 25.95 -33.76 10.59
C THR Y 93 25.05 -33.48 9.38
N LEU Y 94 25.16 -32.25 8.85
CA LEU Y 94 24.44 -31.78 7.67
C LEU Y 94 25.34 -31.88 6.42
N GLU Y 95 24.99 -32.78 5.51
CA GLU Y 95 25.76 -32.95 4.29
C GLU Y 95 25.24 -32.10 3.14
N TYR Y 96 26.13 -31.28 2.59
CA TYR Y 96 25.85 -30.43 1.44
C TYR Y 96 26.42 -31.16 0.25
N GLN Y 97 25.59 -31.48 -0.74
CA GLN Y 97 26.04 -32.20 -1.92
C GLN Y 97 25.64 -31.50 -3.21
N THR Y 98 26.58 -31.41 -4.17
CA THR Y 98 26.40 -30.77 -5.47
C THR Y 98 27.25 -31.52 -6.51
N GLU Y 99 27.16 -31.09 -7.77
CA GLU Y 99 27.89 -31.67 -8.89
C GLU Y 99 29.40 -31.66 -8.66
N ILE Y 100 29.91 -30.58 -8.05
CA ILE Y 100 31.33 -30.39 -7.75
C ILE Y 100 31.83 -30.82 -6.35
N PHE Y 101 31.00 -30.72 -5.31
CA PHE Y 101 31.47 -31.04 -3.96
C PHE Y 101 30.51 -31.81 -3.07
N GLN Y 102 31.05 -32.44 -2.04
CA GLN Y 102 30.27 -33.14 -1.02
C GLN Y 102 30.77 -32.81 0.40
N VAL Y 103 30.53 -31.58 0.87
CA VAL Y 103 30.94 -31.14 2.21
C VAL Y 103 29.96 -31.55 3.30
N TYR Y 104 30.39 -31.46 4.57
CA TYR Y 104 29.60 -31.80 5.76
C TYR Y 104 29.75 -30.74 6.86
N ALA Y 105 28.69 -30.49 7.65
CA ALA Y 105 28.77 -29.52 8.74
C ALA Y 105 28.11 -30.05 10.00
N ASP Y 106 28.83 -29.99 11.12
CA ASP Y 106 28.30 -30.43 12.42
C ASP Y 106 27.45 -29.34 13.05
N LEU Y 107 26.15 -29.62 13.26
CA LEU Y 107 25.22 -28.64 13.84
C LEU Y 107 24.49 -29.16 15.05
N ALA Y 108 24.29 -28.26 16.02
CA ALA Y 108 23.51 -28.47 17.23
C ALA Y 108 22.18 -27.77 16.96
N LEU Y 109 21.07 -28.27 17.53
CA LEU Y 109 19.73 -27.70 17.36
C LEU Y 109 19.62 -26.42 18.20
N ALA Y 110 19.41 -25.29 17.53
CA ALA Y 110 19.27 -23.99 18.17
C ALA Y 110 17.81 -23.64 18.47
N ASP Y 111 16.89 -23.81 17.48
CA ASP Y 111 15.46 -23.51 17.62
C ASP Y 111 14.62 -24.23 16.58
N VAL Y 112 13.50 -24.82 17.00
CA VAL Y 112 12.53 -25.48 16.14
C VAL Y 112 11.12 -24.97 16.52
N THR Y 113 10.27 -24.74 15.52
CA THR Y 113 8.93 -24.21 15.74
C THR Y 113 7.81 -25.19 15.41
N LYS Y 114 6.73 -25.16 16.19
CA LYS Y 114 5.55 -25.97 15.97
C LYS Y 114 4.32 -25.07 16.13
N THR Y 115 3.55 -24.88 15.05
CA THR Y 115 2.36 -24.02 15.00
C THR Y 115 1.15 -24.77 14.45
N GLU Y 116 -0.06 -24.21 14.64
CA GLU Y 116 -1.29 -24.82 14.17
C GLU Y 116 -1.84 -24.33 12.82
N GLY Y 117 -0.96 -23.79 11.98
CA GLY Y 117 -1.29 -23.34 10.64
C GLY Y 117 -1.02 -24.48 9.68
N TYR Y 118 -1.94 -25.44 9.61
CA TYR Y 118 -1.83 -26.62 8.77
C TYR Y 118 -2.56 -26.39 7.47
N GLY Y 119 -2.02 -26.91 6.38
CA GLY Y 119 -2.66 -26.78 5.08
C GLY Y 119 -3.58 -27.94 4.83
N LYS Y 120 -3.18 -28.78 3.90
CA LYS Y 120 -3.93 -29.95 3.47
C LYS Y 120 -3.39 -31.24 4.05
N ASN Y 121 -4.28 -32.02 4.71
CA ASN Y 121 -4.01 -33.26 5.42
C ASN Y 121 -3.02 -33.06 6.57
N GLY Y 122 -3.08 -31.86 7.16
CA GLY Y 122 -2.29 -31.43 8.31
C GLY Y 122 -0.81 -31.18 8.10
N THR Y 123 -0.41 -30.65 6.92
CA THR Y 123 0.99 -30.36 6.56
C THR Y 123 1.61 -29.13 7.25
N PHE Y 124 2.83 -29.32 7.79
CA PHE Y 124 3.59 -28.31 8.52
C PHE Y 124 4.53 -27.50 7.62
N SER Y 125 4.66 -26.20 7.94
CA SER Y 125 5.58 -25.26 7.31
C SER Y 125 6.16 -24.45 8.47
N GLU Y 126 7.35 -24.88 8.93
CA GLU Y 126 8.01 -24.32 10.11
C GLU Y 126 9.44 -23.90 9.85
N LYS Y 127 10.04 -23.18 10.81
CA LYS Y 127 11.43 -22.73 10.71
C LYS Y 127 12.31 -23.43 11.74
N ILE Y 128 13.39 -24.05 11.26
CA ILE Y 128 14.36 -24.78 12.07
C ILE Y 128 15.70 -24.06 12.02
N THR Y 129 16.23 -23.68 13.19
CA THR Y 129 17.51 -22.97 13.31
C THR Y 129 18.57 -23.89 13.89
N PHE Y 130 19.80 -23.77 13.40
CA PHE Y 130 20.93 -24.57 13.86
C PHE Y 130 22.12 -23.71 14.22
N ASP Y 131 22.88 -24.15 15.24
CA ASP Y 131 24.10 -23.48 15.67
C ASP Y 131 25.28 -24.20 15.00
N ILE Y 132 26.27 -23.42 14.52
CA ILE Y 132 27.45 -23.99 13.85
C ILE Y 132 28.53 -24.45 14.82
N ILE Y 133 28.91 -25.74 14.73
CA ILE Y 133 30.02 -26.30 15.48
C ILE Y 133 31.23 -26.12 14.56
N THR Y 134 31.17 -26.74 13.36
CA THR Y 134 32.20 -26.66 12.32
C THR Y 134 31.53 -26.59 10.94
N LYS Y 135 31.77 -25.50 10.18
CA LYS Y 135 31.19 -25.34 8.85
C LYS Y 135 32.13 -25.83 7.76
N TRP Y 136 31.61 -26.75 6.95
CA TRP Y 136 32.25 -27.41 5.80
C TRP Y 136 33.54 -28.16 6.08
N TYR Y 137 33.45 -29.50 6.07
CA TYR Y 137 34.58 -30.39 6.24
C TYR Y 137 34.45 -31.60 5.33
N THR Y 138 35.51 -31.92 4.59
CA THR Y 138 35.51 -33.04 3.64
C THR Y 138 35.85 -34.36 4.32
N TYR Y 139 34.92 -35.33 4.26
CA TYR Y 139 35.11 -36.66 4.82
C TYR Y 139 35.57 -37.58 3.69
N GLU Y 140 36.88 -37.86 3.64
CA GLU Y 140 37.53 -38.66 2.60
C GLU Y 140 38.26 -39.88 3.19
N ASN Y 141 38.55 -40.86 2.34
CA ASN Y 141 39.22 -42.10 2.71
C ASN Y 141 40.75 -41.93 2.55
N LEU Y 142 41.53 -42.16 3.64
CA LEU Y 142 43.01 -42.01 3.62
C LEU Y 142 43.73 -43.37 3.54
N THR Y 143 44.29 -43.69 2.36
CA THR Y 143 44.98 -44.95 2.10
C THR Y 143 46.46 -44.71 1.80
N PHE Y 144 47.30 -45.70 2.11
CA PHE Y 144 48.73 -45.70 1.88
C PHE Y 144 49.03 -45.77 0.39
N ASP Y 145 50.27 -45.42 0.03
CA ASP Y 145 50.74 -45.49 -1.35
C ASP Y 145 51.89 -46.49 -1.45
N LYS Y 146 51.94 -47.21 -2.58
CA LYS Y 146 52.95 -48.24 -2.81
C LYS Y 146 54.03 -47.76 -3.79
N ILE Y 147 55.27 -48.26 -3.61
CA ILE Y 147 56.41 -47.91 -4.46
C ILE Y 147 56.80 -49.10 -5.34
N GLN Y 148 56.90 -48.88 -6.66
CA GLN Y 148 57.26 -49.93 -7.62
C GLN Y 148 58.63 -49.74 -8.27
N ASN Y 149 59.33 -50.88 -8.50
CA ASN Y 149 60.64 -50.93 -9.14
C ASN Y 149 60.58 -50.55 -10.61
N GLY Y 150 61.53 -49.74 -11.06
CA GLY Y 150 61.65 -49.36 -12.45
C GLY Y 150 62.23 -50.50 -13.27
N LYS Y 151 61.89 -50.55 -14.57
CA LYS Y 151 62.37 -51.62 -15.47
C LYS Y 151 63.86 -51.57 -15.76
N VAL Y 152 64.47 -52.74 -16.01
CA VAL Y 152 65.90 -52.87 -16.32
C VAL Y 152 66.14 -52.68 -17.81
N ILE Y 153 67.05 -51.76 -18.16
CA ILE Y 153 67.40 -51.42 -19.54
C ILE Y 153 68.92 -51.57 -19.75
N ALA Y 154 69.32 -52.20 -20.87
CA ALA Y 154 70.71 -52.44 -21.23
C ALA Y 154 71.42 -51.13 -21.59
N GLY Y 155 72.52 -50.86 -20.88
CA GLY Y 155 73.32 -49.66 -21.06
C GLY Y 155 72.91 -48.50 -20.16
N MET Y 156 71.62 -48.47 -19.79
CA MET Y 156 71.04 -47.43 -18.93
C MET Y 156 71.10 -47.77 -17.45
N SER Y 157 70.93 -49.06 -17.09
CA SER Y 157 70.96 -49.48 -15.68
C SER Y 157 72.24 -50.19 -15.23
N LYS Y 158 72.45 -50.31 -13.89
CA LYS Y 158 73.64 -50.94 -13.33
C LYS Y 158 73.54 -52.47 -13.33
N ILE Y 159 74.14 -53.09 -14.36
CA ILE Y 159 74.23 -54.52 -14.61
C ILE Y 159 75.53 -54.82 -15.36
N TYR Y 160 76.09 -56.01 -15.18
CA TYR Y 160 77.27 -56.45 -15.91
C TYR Y 160 76.71 -57.41 -16.94
N GLY Y 161 76.27 -56.88 -18.09
CA GLY Y 161 75.64 -57.67 -19.14
C GLY Y 161 76.42 -57.85 -20.43
N GLY Y 162 75.80 -58.56 -21.38
CA GLY Y 162 76.37 -58.85 -22.68
C GLY Y 162 77.57 -59.78 -22.63
N THR Y 163 78.68 -59.35 -23.26
CA THR Y 163 79.94 -60.08 -23.34
C THR Y 163 80.61 -60.25 -21.97
N ALA Y 164 81.04 -61.48 -21.65
CA ALA Y 164 81.69 -61.87 -20.39
C ALA Y 164 83.04 -61.15 -20.15
N PRO Y 165 83.39 -60.76 -18.90
CA PRO Y 165 82.68 -60.95 -17.63
C PRO Y 165 81.81 -59.75 -17.23
N GLY Y 166 80.99 -59.30 -18.17
CA GLY Y 166 80.07 -58.19 -17.97
C GLY Y 166 80.65 -56.81 -18.17
N ASN Y 167 79.76 -55.80 -18.32
CA ASN Y 167 80.12 -54.41 -18.53
C ASN Y 167 78.98 -53.43 -18.24
N TYR Y 168 79.35 -52.21 -17.85
CA TYR Y 168 78.47 -51.06 -17.64
C TYR Y 168 79.28 -49.80 -17.97
N LYS Y 169 78.78 -48.97 -18.91
CA LYS Y 169 79.50 -47.80 -19.41
C LYS Y 169 79.08 -46.48 -18.80
N TYR Y 170 80.06 -45.62 -18.46
CA TYR Y 170 79.82 -44.27 -17.95
C TYR Y 170 79.61 -43.38 -19.17
N ILE Y 171 78.37 -42.91 -19.37
CA ILE Y 171 78.01 -42.04 -20.48
C ILE Y 171 77.69 -40.65 -19.90
N LYS Y 172 77.38 -39.67 -20.74
CA LYS Y 172 77.06 -38.31 -20.31
C LYS Y 172 75.55 -38.11 -20.40
N GLY Y 173 74.88 -38.24 -19.26
CA GLY Y 173 73.43 -38.09 -19.15
C GLY Y 173 72.69 -39.41 -19.09
N THR Y 174 73.02 -40.35 -19.99
CA THR Y 174 72.39 -41.67 -20.02
C THR Y 174 73.01 -42.64 -19.01
N SER Y 175 74.36 -42.54 -18.84
CA SER Y 175 75.25 -43.28 -17.92
C SER Y 175 74.67 -44.54 -17.26
N TYR Y 176 74.67 -44.61 -15.91
CA TYR Y 176 74.05 -45.72 -15.20
C TYR Y 176 73.11 -45.21 -14.12
N THR Y 177 71.85 -45.66 -14.20
CA THR Y 177 70.80 -45.30 -13.26
C THR Y 177 70.30 -46.60 -12.64
N TYR Y 178 70.28 -46.69 -11.31
CA TYR Y 178 69.84 -47.88 -10.58
C TYR Y 178 68.39 -48.23 -10.94
N TYR Y 179 68.11 -49.54 -11.20
CA TYR Y 179 66.80 -50.04 -11.61
C TYR Y 179 65.68 -49.88 -10.57
N GLY Y 180 65.92 -50.41 -9.37
CA GLY Y 180 64.98 -50.45 -8.25
C GLY Y 180 65.58 -51.18 -7.07
N GLU Y 181 64.95 -51.09 -5.89
CA GLU Y 181 65.49 -51.72 -4.69
C GLU Y 181 65.05 -53.16 -4.54
N SER Y 182 65.95 -54.04 -4.06
CA SER Y 182 65.65 -55.44 -3.81
C SER Y 182 64.58 -55.46 -2.72
N ASP Y 183 63.39 -55.99 -3.04
CA ASP Y 183 62.23 -56.00 -2.13
C ASP Y 183 61.72 -54.56 -1.80
N ILE Y 184 61.35 -53.81 -2.85
CA ILE Y 184 60.80 -52.45 -2.72
C ILE Y 184 59.40 -52.46 -2.06
N ASP Y 185 58.82 -53.67 -1.88
CA ASP Y 185 57.53 -53.92 -1.27
C ASP Y 185 57.49 -53.54 0.22
N ARG Y 186 58.66 -53.27 0.85
CA ARG Y 186 58.72 -52.84 2.26
C ARG Y 186 58.42 -51.35 2.46
N LEU Y 187 58.51 -50.54 1.38
CA LEU Y 187 58.23 -49.10 1.44
C LEU Y 187 56.75 -48.81 1.19
N SER Y 188 56.13 -48.12 2.14
CA SER Y 188 54.74 -47.70 2.09
C SER Y 188 54.62 -46.35 2.77
N ARG Y 189 54.08 -45.36 2.06
CA ARG Y 189 53.90 -44.02 2.59
C ARG Y 189 52.42 -43.68 2.75
N TRP Y 190 52.06 -43.12 3.92
CA TRP Y 190 50.74 -42.61 4.26
C TRP Y 190 50.90 -41.08 4.23
N ASP Y 191 50.81 -40.52 3.02
CA ASP Y 191 51.03 -39.10 2.75
C ASP Y 191 49.92 -38.16 3.22
N ILE Y 192 50.26 -37.24 4.12
CA ILE Y 192 49.38 -36.19 4.64
C ILE Y 192 49.80 -34.95 3.86
N LYS Y 193 49.03 -34.60 2.83
CA LYS Y 193 49.33 -33.49 1.93
C LYS Y 193 48.83 -32.13 2.39
N GLU Y 194 47.68 -32.09 3.10
CA GLU Y 194 47.10 -30.85 3.65
C GLU Y 194 46.84 -31.09 5.14
N GLU Y 195 46.77 -30.01 5.95
CA GLU Y 195 46.52 -30.08 7.40
C GLU Y 195 45.11 -30.62 7.73
N ILE Y 196 45.04 -31.65 8.60
CA ILE Y 196 43.78 -32.28 8.99
C ILE Y 196 43.45 -32.05 10.49
N PHE Y 197 42.16 -32.02 10.87
CA PHE Y 197 41.78 -31.81 12.27
C PHE Y 197 41.40 -33.07 13.05
N SER Y 198 40.42 -33.84 12.55
CA SER Y 198 39.98 -35.07 13.19
C SER Y 198 39.88 -36.24 12.21
N PHE Y 199 39.99 -37.50 12.71
CA PHE Y 199 40.01 -38.71 11.88
C PHE Y 199 39.48 -39.96 12.57
N MET Y 200 38.89 -40.87 11.76
CA MET Y 200 38.33 -42.14 12.16
C MET Y 200 39.28 -43.23 11.67
N GLY Y 201 39.81 -44.03 12.60
CA GLY Y 201 40.76 -45.08 12.26
C GLY Y 201 40.51 -46.44 12.86
N ILE Y 202 40.67 -47.48 12.02
CA ILE Y 202 40.54 -48.88 12.42
C ILE Y 202 41.95 -49.45 12.32
N LEU Y 203 42.55 -49.76 13.46
CA LEU Y 203 43.91 -50.30 13.45
C LEU Y 203 43.92 -51.75 13.83
N TYR Y 204 44.60 -52.58 13.03
CA TYR Y 204 44.73 -54.01 13.29
C TYR Y 204 46.12 -54.28 13.86
N PRO Y 205 46.19 -54.55 15.19
CA PRO Y 205 47.50 -54.77 15.85
C PRO Y 205 48.15 -56.09 15.49
N LYS Y 206 49.48 -56.15 15.61
CA LYS Y 206 50.23 -57.39 15.33
C LYS Y 206 50.63 -58.17 16.58
N LEU Y 207 51.36 -57.50 17.48
CA LEU Y 207 51.94 -58.14 18.67
C LEU Y 207 51.37 -57.58 19.95
N PRO Y 208 50.99 -58.45 20.89
CA PRO Y 208 50.44 -57.96 22.17
C PRO Y 208 51.50 -57.43 23.11
N LYS Y 209 51.16 -56.39 23.88
CA LYS Y 209 52.05 -55.84 24.92
C LYS Y 209 53.13 -54.92 24.36
N THR Y 210 53.07 -54.69 23.06
CA THR Y 210 54.01 -53.82 22.37
C THR Y 210 53.16 -52.62 21.98
N PRO Y 211 53.66 -51.39 22.19
CA PRO Y 211 52.83 -50.22 21.86
C PRO Y 211 52.33 -50.25 20.43
N ALA Y 212 51.01 -50.32 20.29
CA ALA Y 212 50.31 -50.40 19.02
C ALA Y 212 49.47 -49.16 18.78
N GLY Y 213 49.56 -48.66 17.55
CA GLY Y 213 48.86 -47.46 17.12
C GLY Y 213 49.57 -46.74 15.99
N VAL Y 214 49.44 -45.40 15.95
CA VAL Y 214 50.04 -44.58 14.89
C VAL Y 214 50.88 -43.42 15.41
N ARG Y 215 51.89 -43.00 14.63
CA ARG Y 215 52.74 -41.86 14.93
C ARG Y 215 52.79 -40.94 13.70
N PHE Y 216 53.02 -39.64 13.92
CA PHE Y 216 53.03 -38.68 12.83
C PHE Y 216 54.35 -37.96 12.67
N LEU Y 217 54.88 -37.97 11.43
CA LEU Y 217 56.14 -37.34 11.08
C LEU Y 217 55.94 -36.11 10.21
N ASP Y 218 56.74 -35.08 10.45
CA ASP Y 218 56.70 -33.86 9.66
C ASP Y 218 57.53 -34.03 8.38
N ASP Y 219 57.67 -32.96 7.60
CA ASP Y 219 58.43 -32.94 6.34
C ASP Y 219 59.93 -33.26 6.49
N ILE Y 220 60.49 -33.10 7.70
CA ILE Y 220 61.90 -33.37 7.99
C ILE Y 220 62.14 -34.70 8.74
N GLY Y 221 61.08 -35.49 8.90
CA GLY Y 221 61.11 -36.80 9.55
C GLY Y 221 61.12 -36.81 11.08
N ASN Y 222 60.59 -35.75 11.70
CA ASN Y 222 60.52 -35.63 13.16
C ASN Y 222 59.11 -35.90 13.67
N GLU Y 223 59.00 -36.66 14.77
CA GLU Y 223 57.71 -36.99 15.38
C GLU Y 223 57.18 -35.81 16.19
N TYR Y 224 55.90 -35.45 15.95
CA TYR Y 224 55.23 -34.36 16.65
C TYR Y 224 54.08 -34.85 17.53
N THR Y 225 53.37 -35.92 17.09
CA THR Y 225 52.27 -36.55 17.82
C THR Y 225 52.18 -38.04 17.52
N ALA Y 226 51.70 -38.83 18.50
CA ALA Y 226 51.55 -40.27 18.37
C ALA Y 226 50.46 -40.84 19.28
N ILE Y 227 49.50 -41.55 18.68
CA ILE Y 227 48.43 -42.21 19.43
C ILE Y 227 48.89 -43.66 19.56
N VAL Y 228 49.42 -44.01 20.74
CA VAL Y 228 49.91 -45.36 20.96
C VAL Y 228 49.36 -46.01 22.24
N PHE Y 229 49.00 -47.30 22.14
CA PHE Y 229 48.40 -48.05 23.24
C PHE Y 229 49.17 -49.32 23.53
N LYS Y 230 49.43 -49.58 24.81
CA LYS Y 230 50.10 -50.81 25.23
C LYS Y 230 49.15 -51.76 25.96
N THR Y 231 48.49 -52.64 25.16
CA THR Y 231 47.49 -53.63 25.59
C THR Y 231 48.12 -54.91 26.13
N GLU Y 232 47.35 -55.68 26.91
CA GLU Y 232 47.82 -56.95 27.48
C GLU Y 232 47.67 -58.10 26.49
N GLN Y 233 46.55 -58.13 25.76
CA GLN Y 233 46.29 -59.15 24.73
C GLN Y 233 46.08 -58.49 23.38
N VAL Y 234 46.21 -59.26 22.28
CA VAL Y 234 46.05 -58.77 20.90
C VAL Y 234 44.60 -58.41 20.65
N GLN Y 235 44.34 -57.13 20.43
CA GLN Y 235 42.99 -56.67 20.11
C GLN Y 235 42.79 -57.00 18.63
N ASP Y 236 41.58 -57.45 18.27
CA ASP Y 236 41.26 -57.78 16.87
C ASP Y 236 41.46 -56.52 16.02
N TYR Y 237 41.03 -55.36 16.57
CA TYR Y 237 41.20 -54.02 16.02
C TYR Y 237 41.00 -52.94 17.09
N ILE Y 238 41.62 -51.77 16.88
CA ILE Y 238 41.49 -50.61 17.75
C ILE Y 238 40.74 -49.54 16.96
N LEU Y 239 39.66 -49.00 17.54
CA LEU Y 239 38.83 -47.99 16.90
C LEU Y 239 39.12 -46.64 17.53
N ILE Y 240 39.80 -45.77 16.77
CA ILE Y 240 40.19 -44.45 17.26
C ILE Y 240 39.54 -43.32 16.50
N ASN Y 241 38.95 -42.38 17.22
CA ASN Y 241 38.37 -41.19 16.62
C ASN Y 241 38.98 -39.96 17.28
N THR Y 242 39.56 -39.06 16.48
CA THR Y 242 40.18 -37.86 17.00
C THR Y 242 39.23 -36.70 17.16
N ASP Y 243 37.97 -36.84 16.71
CA ASP Y 243 36.97 -35.79 16.85
C ASP Y 243 36.86 -35.39 18.31
N VAL Y 244 36.82 -34.08 18.52
CA VAL Y 244 36.79 -33.43 19.84
C VAL Y 244 35.49 -33.71 20.62
N ASN Y 245 34.35 -33.62 19.93
CA ASN Y 245 33.00 -33.79 20.48
C ASN Y 245 32.72 -35.20 21.01
N ASP Y 246 33.16 -36.23 20.29
CA ASP Y 246 33.02 -37.64 20.69
C ASP Y 246 34.34 -38.42 20.56
N GLU Y 247 35.36 -38.04 21.33
CA GLU Y 247 36.65 -38.72 21.28
C GLU Y 247 36.48 -40.22 21.60
N THR Y 248 37.04 -41.09 20.74
CA THR Y 248 36.92 -42.53 20.94
C THR Y 248 38.27 -43.23 20.85
N TYR Y 249 38.59 -44.03 21.89
CA TYR Y 249 39.80 -44.83 21.93
C TYR Y 249 39.42 -46.18 22.48
N GLN Y 250 38.82 -47.03 21.64
CA GLN Y 250 38.37 -48.34 22.09
C GLN Y 250 38.93 -49.55 21.36
N GLY Y 251 39.45 -50.48 22.13
CA GLY Y 251 40.01 -51.74 21.65
C GLY Y 251 38.93 -52.80 21.53
N TRP Y 252 38.92 -53.50 20.41
CA TRP Y 252 37.92 -54.53 20.15
C TRP Y 252 38.52 -55.91 20.06
N LYS Y 253 37.93 -56.85 20.79
CA LYS Y 253 38.31 -58.25 20.80
C LYS Y 253 36.99 -59.02 20.78
N GLY Y 254 36.72 -59.67 19.65
CA GLY Y 254 35.46 -60.39 19.44
C GLY Y 254 34.30 -59.42 19.32
N THR Y 255 33.35 -59.51 20.26
CA THR Y 255 32.17 -58.65 20.35
C THR Y 255 32.28 -57.69 21.53
N THR Y 256 33.43 -57.74 22.25
CA THR Y 256 33.71 -56.92 23.44
C THR Y 256 34.53 -55.67 23.12
N ALA Y 257 34.03 -54.51 23.58
CA ALA Y 257 34.66 -53.19 23.42
C ALA Y 257 35.30 -52.75 24.73
N LEU Y 258 36.58 -52.39 24.67
CA LEU Y 258 37.38 -52.01 25.83
C LEU Y 258 37.82 -50.54 25.74
N ASN Y 259 37.78 -49.80 26.86
CA ASN Y 259 38.24 -48.40 26.89
C ASN Y 259 39.76 -48.36 26.93
N LEU Y 260 40.40 -48.01 25.79
CA LEU Y 260 41.85 -47.96 25.69
C LEU Y 260 42.52 -46.68 26.14
N PHE Y 261 41.73 -45.64 26.51
CA PHE Y 261 42.25 -44.34 26.97
C PHE Y 261 43.29 -44.42 28.11
N PRO Y 262 43.09 -45.17 29.22
CA PRO Y 262 44.11 -45.18 30.29
C PRO Y 262 45.40 -45.90 29.94
N VAL Y 263 45.35 -46.83 28.96
CA VAL Y 263 46.51 -47.61 28.52
C VAL Y 263 47.41 -46.82 27.53
N MET Y 264 46.87 -45.77 26.92
CA MET Y 264 47.51 -44.89 25.94
C MET Y 264 48.72 -44.15 26.51
N ASP Y 265 49.67 -43.80 25.61
CA ASP Y 265 50.89 -43.04 25.90
C ASP Y 265 50.52 -41.55 25.84
N PHE Y 266 50.37 -40.92 27.02
CA PHE Y 266 49.98 -39.52 27.14
C PHE Y 266 51.08 -38.53 26.74
N GLU Y 267 52.35 -38.94 26.85
CA GLU Y 267 53.51 -38.11 26.51
C GLU Y 267 53.66 -37.91 24.99
N ARG Y 268 53.51 -39.00 24.21
CA ARG Y 268 53.66 -38.99 22.76
C ARG Y 268 52.52 -38.31 22.00
N TYR Y 269 51.31 -38.31 22.59
CA TYR Y 269 50.12 -37.66 22.04
C TYR Y 269 50.14 -36.18 22.45
N ARG Y 270 50.93 -35.37 21.72
CA ARG Y 270 51.10 -33.94 21.99
C ARG Y 270 50.01 -33.08 21.32
N THR Y 271 49.58 -33.44 20.10
CA THR Y 271 48.54 -32.70 19.37
C THR Y 271 47.56 -33.56 18.58
N ARG Y 272 46.38 -33.00 18.28
CA ARG Y 272 45.31 -33.63 17.52
C ARG Y 272 45.42 -33.20 16.05
N ILE Y 273 45.88 -31.95 15.82
CA ILE Y 273 46.08 -31.33 14.52
C ILE Y 273 47.26 -31.98 13.81
N ILE Y 274 46.97 -32.66 12.70
CA ILE Y 274 47.96 -33.36 11.88
C ILE Y 274 48.54 -32.43 10.82
N GLU Y 275 49.87 -32.34 10.75
CA GLU Y 275 50.58 -31.48 9.80
C GLU Y 275 51.09 -32.25 8.58
N LYS Y 276 51.53 -31.50 7.54
CA LYS Y 276 52.05 -32.03 6.28
C LYS Y 276 53.29 -32.88 6.52
N GLY Y 277 53.26 -34.10 6.00
CA GLY Y 277 54.33 -35.07 6.12
C GLY Y 277 53.83 -36.47 5.89
N GLN Y 278 54.08 -37.37 6.85
CA GLN Y 278 53.63 -38.76 6.75
C GLN Y 278 53.26 -39.41 8.09
N MET Y 279 52.40 -40.42 8.02
CA MET Y 279 51.94 -41.19 9.18
C MET Y 279 52.59 -42.57 9.11
N GLU Y 280 53.19 -43.01 10.23
CA GLU Y 280 53.81 -44.33 10.35
C GLU Y 280 52.97 -45.20 11.29
N LEU Y 281 52.85 -46.49 10.95
CA LEU Y 281 52.05 -47.44 11.74
C LEU Y 281 52.96 -48.21 12.68
N ILE Y 282 52.73 -48.11 14.00
CA ILE Y 282 53.52 -48.83 15.00
C ILE Y 282 52.79 -50.09 15.42
N ASN Y 283 53.46 -51.25 15.27
CA ASN Y 283 53.00 -52.59 15.63
C ASN Y 283 51.64 -52.95 14.99
N LEU Y 284 51.47 -52.56 13.71
CA LEU Y 284 50.23 -52.84 12.99
C LEU Y 284 50.43 -53.71 11.77
N SER Y 285 49.44 -54.56 11.49
CA SER Y 285 49.43 -55.46 10.34
C SER Y 285 48.67 -54.81 9.18
N LYS Y 286 47.61 -54.06 9.49
CA LYS Y 286 46.73 -53.37 8.55
C LYS Y 286 46.10 -52.16 9.24
N ALA Y 287 45.72 -51.12 8.48
CA ALA Y 287 45.07 -49.91 9.01
C ALA Y 287 44.13 -49.28 7.99
N GLU Y 288 42.94 -48.85 8.45
CA GLU Y 288 41.92 -48.23 7.61
C GLU Y 288 41.57 -46.86 8.19
N PHE Y 289 41.76 -45.80 7.37
CA PHE Y 289 41.51 -44.44 7.82
C PHE Y 289 40.49 -43.63 7.05
N LYS Y 290 39.81 -42.72 7.76
CA LYS Y 290 38.84 -41.78 7.21
C LYS Y 290 39.22 -40.40 7.72
N ILE Y 291 39.76 -39.57 6.81
CA ILE Y 291 40.27 -38.22 7.05
C ILE Y 291 39.22 -37.09 6.86
N LYS Y 292 39.20 -36.12 7.78
CA LYS Y 292 38.29 -34.98 7.68
C LYS Y 292 38.94 -33.62 7.88
N ARG Y 293 39.15 -32.91 6.74
CA ARG Y 293 39.77 -31.58 6.64
C ARG Y 293 38.71 -30.49 6.56
N LYS Y 294 38.95 -29.34 7.20
CA LYS Y 294 38.02 -28.21 7.17
C LYS Y 294 38.23 -27.28 5.96
N ALA Y 295 37.14 -26.61 5.55
CA ALA Y 295 37.08 -25.64 4.46
C ALA Y 295 36.12 -24.54 4.91
N ASP Y 296 36.61 -23.29 5.01
CA ASP Y 296 35.81 -22.16 5.50
C ASP Y 296 34.61 -21.83 4.62
N PHE Y 297 34.81 -21.66 3.30
CA PHE Y 297 33.75 -21.38 2.35
C PHE Y 297 33.77 -22.38 1.21
N VAL Y 298 32.60 -22.96 0.91
CA VAL Y 298 32.40 -23.92 -0.18
C VAL Y 298 31.03 -23.65 -0.84
N MET Z 1 17.37 -31.36 39.27
CA MET Z 1 17.78 -30.55 40.42
C MET Z 1 18.42 -31.41 41.52
N LEU Z 2 18.94 -30.74 42.56
CA LEU Z 2 19.55 -31.39 43.71
C LEU Z 2 18.68 -31.21 44.95
N GLU Z 3 18.64 -32.23 45.82
CA GLU Z 3 17.84 -32.20 47.04
C GLU Z 3 18.59 -31.57 48.20
N ALA Z 4 17.90 -30.72 48.98
CA ALA Z 4 18.52 -30.04 50.11
C ALA Z 4 17.75 -30.18 51.42
N ASN Z 5 18.50 -30.41 52.50
CA ASN Z 5 17.97 -30.54 53.85
C ASN Z 5 18.40 -29.31 54.65
N VAL Z 6 17.43 -28.46 54.98
CA VAL Z 6 17.69 -27.21 55.70
C VAL Z 6 17.43 -27.36 57.20
N TYR Z 7 18.49 -27.18 58.00
CA TYR Z 7 18.47 -27.26 59.46
C TYR Z 7 18.81 -25.88 60.02
N ASP Z 8 18.38 -25.59 61.26
CA ASP Z 8 18.75 -24.35 61.94
C ASP Z 8 20.20 -24.49 62.43
N ASN Z 9 20.89 -23.36 62.68
CA ASN Z 9 22.29 -23.32 63.11
C ASN Z 9 22.65 -24.40 64.14
N PHE Z 10 23.73 -25.16 63.87
CA PHE Z 10 24.21 -26.20 64.77
C PHE Z 10 24.98 -25.54 65.92
N ASN Z 11 24.22 -24.88 66.80
CA ASN Z 11 24.69 -24.12 67.95
C ASN Z 11 25.36 -25.06 68.95
N PRO Z 12 26.68 -24.90 69.19
CA PRO Z 12 27.36 -25.77 70.17
C PRO Z 12 26.98 -25.43 71.61
N ASN Z 13 26.32 -24.27 71.84
CA ASN Z 13 25.83 -23.84 73.14
C ASN Z 13 24.62 -24.71 73.56
N TYR Z 14 24.05 -25.45 72.58
CA TYR Z 14 22.90 -26.34 72.76
C TYR Z 14 23.28 -27.82 72.57
N TYR Z 15 23.84 -28.17 71.40
CA TYR Z 15 24.19 -29.55 71.02
C TYR Z 15 25.39 -30.19 71.73
N ASN Z 16 26.28 -29.38 72.34
CA ASN Z 16 27.44 -29.89 73.07
C ASN Z 16 27.10 -30.14 74.54
N ILE Z 17 26.03 -30.92 74.77
CA ILE Z 17 25.52 -31.31 76.09
C ILE Z 17 25.24 -32.81 76.06
N SER Z 18 25.89 -33.58 76.95
CA SER Z 18 25.76 -35.03 77.05
C SER Z 18 24.57 -35.45 77.95
N ASP Z 19 23.34 -35.06 77.55
CA ASP Z 19 22.12 -35.38 78.31
C ASP Z 19 21.15 -36.32 77.56
N PHE Z 20 21.49 -36.69 76.31
CA PHE Z 20 20.66 -37.59 75.50
C PHE Z 20 20.75 -39.01 76.07
N SER Z 21 19.60 -39.58 76.44
CA SER Z 21 19.52 -40.92 77.00
C SER Z 21 19.53 -41.97 75.89
N MET Z 22 20.63 -42.74 75.80
CA MET Z 22 20.84 -43.80 74.80
C MET Z 22 19.98 -45.02 75.13
N PRO Z 23 19.57 -45.86 74.14
CA PRO Z 23 18.74 -47.04 74.46
C PRO Z 23 19.33 -48.05 75.45
N ASN Z 24 20.69 -48.15 75.54
CA ASN Z 24 21.35 -49.05 76.48
C ASN Z 24 21.26 -48.52 77.91
N GLY Z 25 21.25 -47.19 78.06
CA GLY Z 25 21.15 -46.52 79.35
C GLY Z 25 22.05 -45.31 79.54
N LYS Z 26 23.31 -45.39 79.08
CA LYS Z 26 24.31 -44.31 79.23
C LYS Z 26 23.97 -43.00 78.49
N LYS Z 27 24.57 -41.88 78.94
CA LYS Z 27 24.31 -40.57 78.36
C LYS Z 27 25.34 -40.15 77.31
N GLU Z 28 24.85 -39.66 76.16
CA GLU Z 28 25.65 -39.17 75.03
C GLU Z 28 25.24 -37.75 74.62
N LYS Z 29 26.04 -37.09 73.76
CA LYS Z 29 25.78 -35.72 73.27
C LYS Z 29 24.53 -35.66 72.40
N ARG Z 30 23.81 -34.52 72.44
CA ARG Z 30 22.58 -34.30 71.67
C ARG Z 30 22.82 -34.48 70.17
N GLY Z 31 22.02 -35.35 69.56
CA GLY Z 31 22.09 -35.63 68.13
C GLY Z 31 21.53 -34.50 67.29
N LEU Z 32 21.92 -34.44 66.00
CA LEU Z 32 21.47 -33.41 65.05
C LEU Z 32 19.95 -33.47 64.82
N PRO Z 33 19.27 -32.32 64.60
CA PRO Z 33 17.81 -32.36 64.41
C PRO Z 33 17.38 -32.85 63.03
N ILE Z 34 16.06 -32.93 62.81
CA ILE Z 34 15.47 -33.28 61.52
C ILE Z 34 15.39 -31.97 60.70
N PRO Z 35 15.50 -31.99 59.36
CA PRO Z 35 15.42 -30.72 58.61
C PRO Z 35 14.08 -30.03 58.82
N LYS Z 36 14.11 -28.72 59.15
CA LYS Z 36 12.89 -27.92 59.36
C LYS Z 36 12.06 -27.85 58.08
N ALA Z 37 12.73 -28.00 56.91
CA ALA Z 37 12.13 -28.01 55.58
C ALA Z 37 13.01 -28.74 54.56
N ARG Z 38 12.38 -29.58 53.72
CA ARG Z 38 13.03 -30.28 52.63
C ARG Z 38 12.73 -29.45 51.39
N CYS Z 39 13.79 -28.99 50.75
CA CYS Z 39 13.65 -28.17 49.56
C CYS Z 39 14.51 -28.72 48.44
N GLN Z 40 14.59 -27.98 47.33
CA GLN Z 40 15.38 -28.35 46.17
C GLN Z 40 16.23 -27.19 45.69
N VAL Z 41 17.51 -27.44 45.46
CA VAL Z 41 18.46 -26.41 45.02
C VAL Z 41 18.54 -26.24 43.49
N ILE Z 42 18.30 -25.00 43.03
CA ILE Z 42 18.31 -24.57 41.63
C ILE Z 42 19.26 -23.38 41.43
N ASN Z 43 19.81 -23.21 40.19
CA ASN Z 43 20.77 -22.15 39.82
C ASN Z 43 21.91 -22.09 40.83
N TYR Z 44 22.72 -23.17 40.85
CA TYR Z 44 23.80 -23.35 41.82
C TYR Z 44 25.22 -23.44 41.29
N GLU Z 45 26.17 -23.15 42.19
CA GLU Z 45 27.62 -23.22 42.05
C GLU Z 45 28.06 -23.79 43.40
N LEU Z 46 28.28 -25.13 43.46
CA LEU Z 46 28.63 -25.79 44.72
C LEU Z 46 30.05 -26.34 44.75
N TRP Z 47 30.85 -25.83 45.70
CA TRP Z 47 32.25 -26.22 45.89
C TRP Z 47 32.39 -27.34 46.91
N GLU Z 48 33.18 -28.38 46.56
CA GLU Z 48 33.41 -29.57 47.39
C GLU Z 48 34.12 -29.28 48.72
N THR Z 49 35.22 -28.49 48.70
CA THR Z 49 36.01 -28.16 49.89
C THR Z 49 36.03 -26.68 50.25
N GLY Z 50 35.91 -25.83 49.21
CA GLY Z 50 35.94 -24.38 49.35
C GLY Z 50 37.33 -23.83 49.56
N TYR Z 51 38.29 -24.35 48.78
CA TYR Z 51 39.70 -23.96 48.82
C TYR Z 51 39.93 -22.55 48.26
N LEU Z 52 39.16 -22.14 47.23
CA LEU Z 52 39.35 -20.85 46.60
C LEU Z 52 38.11 -19.95 46.58
N TYR Z 53 36.97 -20.49 46.12
CA TYR Z 53 35.72 -19.73 46.00
C TYR Z 53 34.65 -20.19 47.00
N THR Z 54 33.70 -19.29 47.32
CA THR Z 54 32.56 -19.56 48.19
C THR Z 54 31.36 -19.93 47.32
N SER Z 55 30.58 -20.93 47.75
CA SER Z 55 29.40 -21.43 47.03
C SER Z 55 28.18 -20.50 47.05
N SER Z 56 27.27 -20.68 46.06
CA SER Z 56 26.02 -19.91 45.91
C SER Z 56 24.91 -20.76 45.32
N ALA Z 57 23.66 -20.60 45.81
CA ALA Z 57 22.49 -21.36 45.37
C ALA Z 57 21.16 -20.68 45.70
N THR Z 58 20.17 -20.79 44.80
CA THR Z 58 18.82 -20.24 44.99
C THR Z 58 17.96 -21.42 45.47
N LEU Z 59 17.49 -21.34 46.71
CA LEU Z 59 16.72 -22.42 47.33
C LEU Z 59 15.22 -22.15 47.33
N THR Z 60 14.40 -23.20 47.17
CA THR Z 60 12.94 -23.08 47.11
C THR Z 60 12.31 -22.54 48.40
N VAL Z 61 12.75 -23.02 49.57
CA VAL Z 61 12.25 -22.54 50.86
C VAL Z 61 13.03 -21.27 51.25
N SER Z 62 12.39 -20.35 51.99
CA SER Z 62 13.01 -19.09 52.38
C SER Z 62 13.96 -19.25 53.58
N VAL Z 63 15.18 -19.73 53.31
CA VAL Z 63 16.24 -19.93 54.30
C VAL Z 63 16.74 -18.58 54.84
N GLU Z 64 17.28 -18.58 56.06
CA GLU Z 64 17.85 -17.37 56.67
C GLU Z 64 19.30 -17.58 57.12
N VAL Z 65 20.05 -16.48 57.32
CA VAL Z 65 21.45 -16.47 57.73
C VAL Z 65 21.62 -17.28 59.04
N GLY Z 66 22.54 -18.23 59.02
CA GLY Z 66 22.83 -19.10 60.16
C GLY Z 66 22.50 -20.55 59.91
N ASP Z 67 21.42 -20.79 59.14
CA ASP Z 67 20.92 -22.13 58.79
C ASP Z 67 21.97 -22.97 58.06
N ILE Z 68 21.94 -24.30 58.31
CA ILE Z 68 22.86 -25.27 57.71
C ILE Z 68 22.18 -25.97 56.54
N VAL Z 69 22.82 -25.97 55.35
CA VAL Z 69 22.28 -26.60 54.15
C VAL Z 69 23.06 -27.88 53.76
N GLN Z 70 22.36 -29.02 53.76
CA GLN Z 70 22.89 -30.34 53.42
C GLN Z 70 22.40 -30.73 52.02
N ILE Z 71 23.28 -30.67 51.02
CA ILE Z 71 22.95 -31.03 49.64
C ILE Z 71 23.19 -32.52 49.44
N LEU Z 72 22.14 -33.23 49.00
CA LEU Z 72 22.13 -34.68 48.82
C LEU Z 72 22.35 -35.12 47.38
N PHE Z 73 23.11 -36.22 47.22
CA PHE Z 73 23.44 -36.85 45.94
C PHE Z 73 23.12 -38.35 46.03
N PRO Z 74 22.45 -38.97 45.03
CA PRO Z 74 22.13 -40.41 45.13
C PRO Z 74 23.31 -41.35 44.85
N GLU Z 75 24.49 -41.02 45.38
CA GLU Z 75 25.71 -41.80 45.24
C GLU Z 75 26.47 -41.91 46.56
N VAL Z 76 27.34 -42.91 46.66
CA VAL Z 76 28.11 -43.20 47.88
C VAL Z 76 29.62 -43.12 47.72
N VAL Z 77 30.28 -42.53 48.72
CA VAL Z 77 31.73 -42.32 48.78
C VAL Z 77 32.39 -43.29 49.79
N PRO Z 78 33.33 -44.15 49.33
CA PRO Z 78 34.00 -45.06 50.27
C PRO Z 78 35.25 -44.43 50.87
N ILE Z 79 35.27 -44.21 52.19
CA ILE Z 79 36.45 -43.65 52.84
C ILE Z 79 37.17 -44.68 53.69
N GLU Z 80 38.50 -44.78 53.52
CA GLU Z 80 39.32 -45.72 54.28
C GLU Z 80 39.78 -45.05 55.58
N GLU Z 81 39.11 -45.40 56.70
CA GLU Z 81 39.35 -44.87 58.05
C GLU Z 81 40.43 -45.61 58.85
N ALA Z 82 40.65 -46.90 58.53
CA ALA Z 82 41.68 -47.76 59.13
C ALA Z 82 42.37 -48.53 57.99
N LEU Z 83 43.58 -49.05 58.21
CA LEU Z 83 44.43 -49.69 57.17
C LEU Z 83 43.62 -50.56 56.22
N GLY Z 84 42.75 -51.37 56.79
CA GLY Z 84 41.90 -52.27 56.02
C GLY Z 84 40.43 -51.92 56.02
N LYS Z 85 39.98 -51.18 57.05
CA LYS Z 85 38.58 -50.79 57.20
C LYS Z 85 38.14 -49.63 56.31
N LYS Z 86 37.03 -49.85 55.60
CA LYS Z 86 36.35 -48.89 54.72
C LYS Z 86 34.90 -48.78 55.21
N LYS Z 87 34.31 -47.58 55.11
CA LYS Z 87 32.91 -47.38 55.51
C LYS Z 87 32.07 -46.70 54.43
N LYS Z 88 30.83 -47.19 54.28
CA LYS Z 88 29.87 -46.68 53.30
C LYS Z 88 29.34 -45.31 53.71
N LEU Z 89 29.97 -44.25 53.19
CA LEU Z 89 29.65 -42.86 53.46
C LEU Z 89 28.83 -42.27 52.29
N ASN Z 90 27.61 -41.76 52.57
CA ASN Z 90 26.74 -41.16 51.56
C ASN Z 90 27.28 -39.79 51.11
N LEU Z 91 27.22 -39.48 49.79
CA LEU Z 91 27.72 -38.20 49.27
C LEU Z 91 26.91 -36.99 49.74
N ASP Z 92 27.61 -36.04 50.40
CA ASP Z 92 27.04 -34.84 50.98
C ASP Z 92 27.87 -33.58 50.74
N MET Z 93 27.18 -32.44 50.64
CA MET Z 93 27.78 -31.12 50.53
C MET Z 93 27.10 -30.24 51.57
N VAL Z 94 27.80 -30.06 52.72
CA VAL Z 94 27.32 -29.33 53.89
C VAL Z 94 27.91 -27.91 53.96
N TYR Z 95 27.01 -26.90 54.01
CA TYR Z 95 27.37 -25.48 54.04
C TYR Z 95 26.60 -24.72 55.12
N LEU Z 96 27.12 -23.52 55.49
CA LEU Z 96 26.50 -22.58 56.40
C LEU Z 96 26.01 -21.39 55.56
N VAL Z 97 24.79 -20.91 55.81
CA VAL Z 97 24.26 -19.76 55.08
C VAL Z 97 24.89 -18.49 55.66
N THR Z 98 25.63 -17.74 54.82
CA THR Z 98 26.30 -16.49 55.20
C THR Z 98 25.47 -15.25 54.89
N ASP Z 99 24.74 -15.24 53.74
CA ASP Z 99 23.85 -14.15 53.32
C ASP Z 99 22.87 -14.58 52.23
N VAL Z 100 21.61 -14.11 52.35
CA VAL Z 100 20.51 -14.35 51.41
C VAL Z 100 20.07 -12.98 50.88
N ASP Z 101 19.95 -12.84 49.55
CA ASP Z 101 19.49 -11.59 48.96
C ASP Z 101 17.95 -11.59 48.80
N GLU Z 102 17.40 -10.58 48.08
CA GLU Z 102 15.97 -10.38 47.83
C GLU Z 102 15.38 -11.55 47.03
N SER Z 103 16.13 -12.05 46.03
CA SER Z 103 15.75 -13.16 45.13
C SER Z 103 16.03 -14.56 45.72
N ASN Z 104 16.22 -14.64 47.05
CA ASN Z 104 16.50 -15.86 47.83
C ASN Z 104 17.74 -16.66 47.40
N LYS Z 105 18.73 -15.99 46.77
CA LYS Z 105 19.99 -16.62 46.37
C LYS Z 105 20.91 -16.56 47.60
N ALA Z 106 21.18 -17.73 48.18
CA ALA Z 106 21.99 -17.86 49.39
C ALA Z 106 23.47 -18.07 49.11
N THR Z 107 24.33 -17.31 49.82
CA THR Z 107 25.79 -17.41 49.74
C THR Z 107 26.19 -18.48 50.76
N LEU Z 108 26.68 -19.62 50.26
CA LEU Z 108 27.06 -20.77 51.08
C LEU Z 108 28.56 -20.90 51.33
N LYS Z 109 28.94 -21.03 52.62
CA LYS Z 109 30.34 -21.21 53.03
C LYS Z 109 30.48 -22.63 53.56
N ASN Z 110 31.50 -23.37 53.04
CA ASN Z 110 31.80 -24.75 53.44
C ASN Z 110 31.95 -24.87 54.96
N TYR Z 111 31.17 -25.77 55.57
CA TYR Z 111 31.07 -26.00 57.01
C TYR Z 111 32.38 -25.95 57.80
N PHE Z 112 33.46 -26.60 57.32
CA PHE Z 112 34.74 -26.63 58.01
C PHE Z 112 35.38 -25.26 58.21
N TRP Z 113 35.53 -24.48 57.12
CA TRP Z 113 36.13 -23.15 57.15
C TRP Z 113 35.31 -22.14 57.94
N ALA Z 114 33.99 -22.38 58.05
CA ALA Z 114 33.05 -21.56 58.81
C ALA Z 114 33.06 -21.97 60.30
N MET Z 115 33.63 -23.15 60.59
CA MET Z 115 33.76 -23.72 61.93
C MET Z 115 35.05 -23.24 62.61
N ILE Z 116 36.19 -23.25 61.88
CA ILE Z 116 37.49 -22.81 62.38
C ILE Z 116 37.68 -21.27 62.33
N GLU Z 117 36.57 -20.53 62.19
CA GLU Z 117 36.51 -19.07 62.13
C GLU Z 117 36.88 -18.43 63.47
N SER Z 118 37.65 -17.31 63.42
CA SER Z 118 38.08 -16.45 64.51
C SER Z 118 38.98 -17.13 65.52
N LEU Z 119 39.30 -18.39 65.25
CA LEU Z 119 40.16 -19.18 66.12
C LEU Z 119 41.64 -18.84 65.81
N ASP Z 120 42.40 -18.50 66.86
CA ASP Z 120 43.82 -18.18 66.76
C ASP Z 120 44.63 -19.29 67.42
N VAL Z 121 45.82 -19.57 66.88
CA VAL Z 121 46.70 -20.62 67.38
C VAL Z 121 48.15 -20.12 67.59
N PRO Z 122 48.69 -20.23 68.82
CA PRO Z 122 50.09 -19.79 69.04
C PRO Z 122 51.10 -20.79 68.49
N ASN Z 123 52.38 -20.37 68.41
CA ASN Z 123 53.49 -21.17 67.90
C ASN Z 123 53.75 -22.46 68.71
N ALA Z 124 53.40 -22.46 70.01
CA ALA Z 124 53.54 -23.57 70.95
C ALA Z 124 52.82 -24.84 70.47
N ILE Z 125 51.65 -24.69 69.83
CA ILE Z 125 50.86 -25.80 69.30
C ILE Z 125 51.46 -26.31 67.97
N THR Z 126 52.04 -25.39 67.16
CA THR Z 126 52.67 -25.73 65.88
C THR Z 126 54.00 -26.51 66.01
N LYS Z 127 54.53 -26.62 67.25
CA LYS Z 127 55.79 -27.31 67.55
C LYS Z 127 55.70 -28.83 67.39
N THR Z 128 54.51 -29.42 67.68
CA THR Z 128 54.27 -30.86 67.59
C THR Z 128 53.85 -31.30 66.18
N THR Z 129 53.38 -32.55 66.04
CA THR Z 129 52.93 -33.15 64.77
C THR Z 129 51.62 -32.51 64.28
N ASN Z 130 51.27 -32.75 63.00
CA ASN Z 130 50.06 -32.24 62.37
C ASN Z 130 48.76 -32.76 63.01
N PHE Z 131 48.81 -33.95 63.67
CA PHE Z 131 47.69 -34.57 64.37
C PHE Z 131 47.22 -33.70 65.55
N ALA Z 132 48.19 -33.11 66.28
CA ALA Z 132 47.94 -32.24 67.43
C ALA Z 132 47.22 -30.95 67.04
N ILE Z 133 47.53 -30.40 65.86
CA ILE Z 133 46.91 -29.17 65.34
C ILE Z 133 45.48 -29.46 64.91
N ILE Z 134 45.25 -30.61 64.22
CA ILE Z 134 43.92 -31.06 63.77
C ILE Z 134 43.02 -31.33 64.99
N ASP Z 135 43.57 -31.97 66.04
CA ASP Z 135 42.85 -32.28 67.28
C ASP Z 135 42.48 -31.00 68.06
N TYR Z 136 43.28 -29.93 67.90
CA TYR Z 136 43.03 -28.62 68.52
C TYR Z 136 41.93 -27.88 67.73
N LEU Z 137 42.14 -27.73 66.39
CA LEU Z 137 41.23 -27.07 65.46
C LEU Z 137 39.80 -27.62 65.49
N ILE Z 138 39.65 -28.97 65.52
CA ILE Z 138 38.35 -29.64 65.58
C ILE Z 138 38.02 -29.98 67.04
N ASP Z 139 37.19 -29.13 67.68
CA ASP Z 139 36.73 -29.23 69.07
C ASP Z 139 35.41 -28.45 69.23
N PRO Z 140 34.26 -29.14 69.50
CA PRO Z 140 32.98 -28.41 69.65
C PRO Z 140 32.87 -27.48 70.87
N ASN Z 141 33.88 -27.52 71.76
CA ASN Z 141 33.95 -26.70 72.98
C ASN Z 141 34.52 -25.31 72.68
N LYS Z 142 35.30 -25.17 71.59
CA LYS Z 142 35.91 -23.91 71.16
C LYS Z 142 35.24 -23.31 69.92
N ASN Z 143 34.98 -24.16 68.90
CA ASN Z 143 34.38 -23.82 67.61
C ASN Z 143 33.05 -23.08 67.67
N ASN Z 144 32.79 -22.25 66.62
CA ASN Z 144 31.54 -21.50 66.45
C ASN Z 144 30.39 -22.45 66.08
N LEU Z 145 30.73 -23.58 65.43
CA LEU Z 145 29.79 -24.61 64.96
C LEU Z 145 30.04 -25.99 65.59
N MET Z 146 28.97 -26.80 65.70
CA MET Z 146 29.00 -28.15 66.29
C MET Z 146 29.74 -29.15 65.39
N SER Z 147 30.48 -30.09 66.01
CA SER Z 147 31.23 -31.15 65.34
C SER Z 147 31.28 -32.41 66.22
N TYR Z 148 30.94 -33.58 65.63
CA TYR Z 148 30.91 -34.85 66.36
C TYR Z 148 32.12 -35.77 66.04
N GLY Z 149 33.31 -35.17 66.02
CA GLY Z 149 34.55 -35.88 65.76
C GLY Z 149 34.95 -35.97 64.30
N TYR Z 150 36.26 -35.89 64.04
CA TYR Z 150 36.86 -35.95 62.70
C TYR Z 150 37.31 -37.38 62.33
N PHE Z 151 37.42 -37.65 61.02
CA PHE Z 151 37.91 -38.91 60.48
C PHE Z 151 39.22 -38.59 59.78
N PHE Z 152 40.36 -39.16 60.21
CA PHE Z 152 41.63 -38.82 59.57
C PHE Z 152 42.59 -39.96 59.25
N ASN Z 153 43.15 -39.89 58.03
CA ASN Z 153 44.13 -40.81 57.46
C ASN Z 153 45.47 -40.48 58.11
N SER Z 154 45.96 -41.38 58.98
CA SER Z 154 47.19 -41.22 59.75
C SER Z 154 48.46 -40.98 58.94
N SER Z 155 48.63 -41.70 57.81
CA SER Z 155 49.81 -41.62 56.94
C SER Z 155 50.11 -40.23 56.39
N ILE Z 156 49.07 -39.49 55.97
CA ILE Z 156 49.19 -38.13 55.41
C ILE Z 156 49.49 -37.04 56.44
N PHE Z 157 48.99 -37.20 57.68
CA PHE Z 157 49.24 -36.23 58.75
C PHE Z 157 50.28 -36.75 59.78
N ALA Z 158 51.05 -37.78 59.39
CA ALA Z 158 52.10 -38.39 60.22
C ALA Z 158 53.32 -37.49 60.38
N GLY Z 159 53.70 -36.79 59.30
CA GLY Z 159 54.85 -35.91 59.24
C GLY Z 159 54.86 -34.76 60.22
N LYS Z 160 56.07 -34.21 60.46
CA LYS Z 160 56.30 -33.06 61.36
C LYS Z 160 55.73 -31.80 60.71
N ALA Z 161 55.06 -30.95 61.52
CA ALA Z 161 54.42 -29.70 61.07
C ALA Z 161 55.39 -28.68 60.48
N THR Z 162 54.91 -27.91 59.49
CA THR Z 162 55.66 -26.86 58.80
C THR Z 162 56.08 -25.75 59.77
N ILE Z 163 57.30 -25.21 59.60
CA ILE Z 163 57.84 -24.16 60.48
C ILE Z 163 57.17 -22.80 60.23
N ASN Z 164 56.69 -22.15 61.30
CA ASN Z 164 56.01 -20.86 61.27
C ASN Z 164 56.93 -19.69 60.97
N ARG Z 165 56.42 -18.67 60.26
CA ARG Z 165 57.17 -17.44 59.97
C ARG Z 165 57.14 -16.54 61.21
N LYS Z 166 58.33 -16.09 61.68
CA LYS Z 166 58.55 -15.23 62.85
C LYS Z 166 58.14 -15.88 64.19
N ALA Z 167 57.67 -17.16 64.16
CA ALA Z 167 57.19 -17.96 65.31
C ALA Z 167 56.07 -17.20 66.09
N GLU Z 168 55.20 -16.52 65.34
CA GLU Z 168 54.10 -15.69 65.84
C GLU Z 168 52.80 -16.45 66.03
N THR Z 169 51.76 -15.72 66.47
CA THR Z 169 50.41 -16.22 66.64
C THR Z 169 49.70 -16.11 65.28
N SER Z 170 49.36 -17.27 64.71
CA SER Z 170 48.68 -17.35 63.42
C SER Z 170 47.22 -17.73 63.65
N SER Z 171 46.36 -17.45 62.65
CA SER Z 171 44.94 -17.80 62.71
C SER Z 171 44.76 -19.26 62.28
N ALA Z 172 43.63 -19.89 62.67
CA ALA Z 172 43.33 -21.28 62.32
C ALA Z 172 43.22 -21.48 60.80
N HIS Z 173 42.80 -20.43 60.08
CA HIS Z 173 42.67 -20.42 58.62
C HIS Z 173 44.04 -20.48 57.93
N ASP Z 174 44.98 -19.60 58.35
CA ASP Z 174 46.33 -19.51 57.80
C ASP Z 174 47.17 -20.77 58.02
N VAL Z 175 47.06 -21.40 59.23
CA VAL Z 175 47.79 -22.64 59.55
C VAL Z 175 47.25 -23.83 58.79
N ALA Z 176 45.90 -23.95 58.70
CA ALA Z 176 45.22 -25.03 57.98
C ALA Z 176 45.64 -24.99 56.52
N LYS Z 177 45.59 -23.79 55.88
CA LYS Z 177 46.01 -23.55 54.50
C LYS Z 177 47.47 -23.95 54.28
N ARG Z 178 48.36 -23.61 55.24
CA ARG Z 178 49.79 -23.93 55.20
C ARG Z 178 50.01 -25.44 55.33
N ILE Z 179 49.24 -26.10 56.21
CA ILE Z 179 49.30 -27.56 56.45
C ILE Z 179 48.72 -28.32 55.26
N PHE Z 180 47.50 -27.96 54.81
CA PHE Z 180 46.81 -28.58 53.67
C PHE Z 180 47.57 -28.47 52.34
N SER Z 181 48.49 -27.50 52.22
CA SER Z 181 49.33 -27.29 51.05
C SER Z 181 50.46 -28.32 51.00
N LYS Z 182 51.09 -28.58 52.16
CA LYS Z 182 52.20 -29.53 52.29
C LYS Z 182 51.72 -30.99 52.26
N VAL Z 183 50.63 -31.30 53.01
CA VAL Z 183 50.04 -32.65 53.06
C VAL Z 183 49.30 -33.03 51.77
N GLN Z 184 48.95 -32.01 50.94
CA GLN Z 184 48.25 -32.13 49.66
C GLN Z 184 46.86 -32.76 49.85
N PHE Z 185 46.10 -32.23 50.82
CA PHE Z 185 44.77 -32.71 51.19
C PHE Z 185 43.84 -31.53 51.51
N GLN Z 186 42.53 -31.76 51.40
CA GLN Z 186 41.49 -30.77 51.68
C GLN Z 186 40.33 -31.39 52.49
N PRO Z 187 39.73 -30.67 53.46
CA PRO Z 187 38.66 -31.28 54.27
C PRO Z 187 37.26 -31.19 53.68
N THR Z 188 36.44 -32.22 53.97
CA THR Z 188 35.05 -32.36 53.51
C THR Z 188 34.13 -32.72 54.69
N THR Z 189 33.19 -31.82 55.02
CA THR Z 189 32.25 -32.06 56.11
C THR Z 189 31.10 -32.93 55.58
N THR Z 190 30.68 -33.94 56.37
CA THR Z 190 29.61 -34.85 55.98
C THR Z 190 28.67 -35.21 57.13
N ILE Z 191 27.35 -35.25 56.85
CA ILE Z 191 26.31 -35.61 57.81
C ILE Z 191 25.96 -37.09 57.58
N GLN Z 192 26.03 -37.90 58.64
CA GLN Z 192 25.75 -39.34 58.57
C GLN Z 192 25.31 -39.90 59.91
N HIS Z 193 24.36 -40.85 59.88
CA HIS Z 193 23.84 -41.54 61.07
C HIS Z 193 24.96 -42.33 61.77
N ALA Z 194 24.96 -42.34 63.12
CA ALA Z 194 25.94 -43.00 63.99
C ALA Z 194 26.27 -44.46 63.57
N PRO Z 195 27.55 -44.88 63.66
CA PRO Z 195 27.92 -46.25 63.21
C PRO Z 195 27.14 -47.40 63.87
N SER Z 196 27.02 -47.37 65.21
CA SER Z 196 26.31 -48.40 65.97
C SER Z 196 24.80 -48.32 65.75
N GLU Z 197 24.16 -49.48 65.51
CA GLU Z 197 22.72 -49.61 65.26
C GLU Z 197 21.86 -49.22 66.47
N THR Z 198 22.43 -49.37 67.69
CA THR Z 198 21.78 -49.02 68.96
C THR Z 198 21.59 -47.50 69.06
N ASP Z 199 22.63 -46.73 68.68
CA ASP Z 199 22.62 -45.25 68.70
C ASP Z 199 21.74 -44.73 67.54
N PRO Z 200 20.60 -44.05 67.82
CA PRO Z 200 19.73 -43.58 66.73
C PRO Z 200 20.03 -42.16 66.22
N ARG Z 201 21.05 -41.50 66.79
CA ARG Z 201 21.48 -40.13 66.47
C ARG Z 201 21.98 -39.96 65.05
N ASN Z 202 21.82 -38.74 64.53
CA ASN Z 202 22.33 -38.30 63.24
C ASN Z 202 23.51 -37.40 63.61
N LEU Z 203 24.72 -37.68 63.09
CA LEU Z 203 25.92 -36.92 63.46
C LEU Z 203 26.65 -36.26 62.29
N LEU Z 204 27.42 -35.20 62.60
CA LEU Z 204 28.21 -34.45 61.63
C LEU Z 204 29.71 -34.71 61.89
N PHE Z 205 30.42 -35.19 60.86
CA PHE Z 205 31.85 -35.49 60.96
C PHE Z 205 32.64 -34.73 59.89
N ILE Z 206 33.89 -34.37 60.21
CA ILE Z 206 34.81 -33.73 59.27
C ILE Z 206 35.66 -34.84 58.66
N ASN Z 207 35.85 -34.82 57.33
CA ASN Z 207 36.62 -35.87 56.65
C ASN Z 207 38.01 -35.46 56.20
N PHE Z 208 38.99 -36.27 56.63
CA PHE Z 208 40.40 -36.15 56.27
C PHE Z 208 40.87 -37.55 55.82
N ALA Z 209 39.95 -38.32 55.21
CA ALA Z 209 40.18 -39.68 54.72
C ALA Z 209 40.03 -39.75 53.20
N SER Z 210 40.69 -40.76 52.58
CA SER Z 210 40.70 -41.00 51.14
C SER Z 210 40.27 -42.42 50.77
N ARG Z 211 39.88 -42.65 49.49
CA ARG Z 211 39.47 -43.95 48.94
C ARG Z 211 40.58 -45.02 49.08
N ASN Z 212 41.84 -44.56 49.15
CA ASN Z 212 43.03 -45.37 49.35
C ASN Z 212 43.74 -44.87 50.61
N TRP Z 213 44.05 -45.77 51.55
CA TRP Z 213 44.75 -45.41 52.80
C TRP Z 213 46.17 -44.95 52.47
N ASN Z 214 46.84 -45.68 51.56
CA ASN Z 214 48.18 -45.37 51.09
C ASN Z 214 48.01 -44.83 49.66
N ARG Z 215 47.80 -43.49 49.56
CA ARG Z 215 47.58 -42.75 48.32
C ARG Z 215 48.65 -42.99 47.26
N LYS Z 216 48.19 -43.24 46.02
CA LYS Z 216 49.03 -43.50 44.86
C LYS Z 216 48.94 -42.32 43.88
N ARG Z 217 50.02 -42.06 43.14
CA ARG Z 217 50.07 -40.96 42.17
C ARG Z 217 49.68 -41.40 40.76
N ILE Z 218 48.66 -40.73 40.17
CA ILE Z 218 48.12 -40.99 38.83
C ILE Z 218 48.72 -39.99 37.83
N THR Z 219 48.99 -40.44 36.60
CA THR Z 219 49.50 -39.59 35.53
C THR Z 219 48.48 -39.49 34.39
N THR Z 220 47.97 -38.26 34.13
CA THR Z 220 46.93 -38.00 33.13
C THR Z 220 47.23 -36.76 32.24
N ARG Z 221 46.38 -36.53 31.21
CA ARG Z 221 46.49 -35.40 30.29
C ARG Z 221 45.23 -34.54 30.33
N VAL Z 222 45.42 -33.22 30.31
CA VAL Z 222 44.36 -32.23 30.30
C VAL Z 222 44.44 -31.47 28.97
N ASP Z 223 43.40 -31.64 28.13
CA ASP Z 223 43.31 -30.99 26.83
C ASP Z 223 42.71 -29.59 26.96
N ILE Z 224 43.05 -28.70 26.03
CA ILE Z 224 42.54 -27.32 25.97
C ILE Z 224 41.01 -27.26 25.79
N LYS Z 225 40.39 -28.34 25.24
CA LYS Z 225 38.95 -28.46 25.03
C LYS Z 225 38.15 -28.50 26.35
N GLN Z 226 38.87 -28.80 27.45
CA GLN Z 226 38.31 -28.87 28.80
C GLN Z 226 38.15 -27.49 29.45
N SER Z 227 38.34 -26.43 28.65
CA SER Z 227 38.16 -25.03 29.09
C SER Z 227 39.02 -24.66 30.31
N VAL Z 228 40.33 -24.91 30.20
CA VAL Z 228 41.34 -24.67 31.24
C VAL Z 228 41.55 -23.20 31.65
N THR Z 229 41.70 -22.97 32.98
CA THR Z 229 41.99 -21.67 33.61
C THR Z 229 43.35 -21.80 34.30
N MET Z 230 44.41 -21.37 33.60
CA MET Z 230 45.78 -21.42 34.11
C MET Z 230 46.12 -20.12 34.83
N ASP Z 231 46.44 -20.23 36.12
CA ASP Z 231 46.84 -19.10 36.96
C ASP Z 231 47.92 -19.52 37.96
N THR Z 232 48.59 -18.53 38.59
CA THR Z 232 49.69 -18.81 39.51
C THR Z 232 49.43 -18.39 40.95
N GLU Z 233 49.72 -19.31 41.88
CA GLU Z 233 49.59 -19.13 43.32
C GLU Z 233 50.97 -19.26 43.98
N THR Z 234 51.11 -18.75 45.20
CA THR Z 234 52.33 -18.86 45.99
C THR Z 234 51.99 -19.53 47.31
N ILE Z 235 52.59 -20.71 47.55
CA ILE Z 235 52.39 -21.48 48.78
C ILE Z 235 53.05 -20.75 49.95
N VAL Z 236 54.36 -20.47 49.81
CA VAL Z 236 55.18 -19.83 50.82
C VAL Z 236 55.38 -18.35 50.51
N ASP Z 237 55.26 -17.51 51.54
CA ASP Z 237 55.48 -16.08 51.43
C ASP Z 237 56.96 -15.80 51.58
N ARG Z 238 57.65 -15.62 50.45
CA ARG Z 238 59.07 -15.32 50.44
C ARG Z 238 59.24 -14.02 49.66
N SER Z 239 60.26 -13.23 50.02
CA SER Z 239 60.53 -11.90 49.48
C SER Z 239 60.63 -11.75 47.94
N ALA Z 240 59.98 -10.70 47.41
CA ALA Z 240 59.83 -10.43 45.98
C ALA Z 240 60.76 -9.43 45.26
N TYR Z 241 61.75 -8.85 45.94
CA TYR Z 241 62.66 -7.93 45.25
C TYR Z 241 63.99 -8.68 45.16
N ASN Z 242 64.31 -9.17 43.95
CA ASN Z 242 65.44 -10.07 43.73
C ASN Z 242 66.84 -9.59 44.09
N PHE Z 243 67.11 -8.29 44.00
CA PHE Z 243 68.42 -7.75 44.37
C PHE Z 243 68.32 -6.54 45.33
N ALA Z 244 69.06 -6.57 46.47
CA ALA Z 244 69.03 -5.49 47.48
C ALA Z 244 70.24 -4.53 47.56
N VAL Z 245 69.94 -3.22 47.61
CA VAL Z 245 70.88 -2.11 47.79
C VAL Z 245 70.96 -1.96 49.32
N VAL Z 246 72.03 -2.49 49.92
CA VAL Z 246 72.21 -2.52 51.37
C VAL Z 246 73.08 -1.36 51.89
N PHE Z 247 72.54 -0.61 52.86
CA PHE Z 247 73.21 0.51 53.52
C PHE Z 247 73.56 0.13 54.96
N VAL Z 248 74.78 0.50 55.39
CA VAL Z 248 75.28 0.24 56.74
C VAL Z 248 75.62 1.60 57.39
N LYS Z 249 75.06 1.86 58.59
CA LYS Z 249 75.26 3.08 59.36
C LYS Z 249 76.72 3.17 59.85
N ASN Z 250 77.30 4.37 59.84
CA ASN Z 250 78.66 4.64 60.31
C ASN Z 250 78.60 4.92 61.81
N LYS Z 251 79.53 4.32 62.59
CA LYS Z 251 79.60 4.47 64.05
C LYS Z 251 79.90 5.90 64.50
N ALA Z 252 80.89 6.56 63.86
CA ALA Z 252 81.34 7.92 64.19
C ALA Z 252 80.28 8.99 63.91
N THR Z 253 79.53 8.86 62.80
CA THR Z 253 78.50 9.83 62.43
C THR Z 253 77.12 9.46 62.95
N ASP Z 254 76.92 8.16 63.37
CA ASP Z 254 75.64 7.57 63.80
C ASP Z 254 74.61 7.81 62.64
N ASP Z 255 75.14 7.86 61.41
CA ASP Z 255 74.42 8.15 60.19
C ASP Z 255 74.89 7.21 59.07
N TYR Z 256 74.21 7.24 57.92
CA TYR Z 256 74.50 6.29 56.83
C TYR Z 256 75.56 6.77 55.85
N THR Z 257 76.42 7.66 56.32
CA THR Z 257 77.43 8.38 55.52
C THR Z 257 78.22 7.55 54.53
N ASP Z 258 78.52 6.33 54.91
CA ASP Z 258 79.22 5.36 54.05
C ASP Z 258 78.39 4.88 52.82
N PRO Z 259 79.04 4.66 51.65
CA PRO Z 259 78.30 4.22 50.45
C PRO Z 259 77.69 2.81 50.55
N PRO Z 260 76.63 2.51 49.77
CA PRO Z 260 76.01 1.17 49.86
C PRO Z 260 76.74 0.03 49.15
N LYS Z 261 76.47 -1.21 49.59
CA LYS Z 261 77.00 -2.44 48.99
C LYS Z 261 75.85 -3.21 48.37
N MET Z 262 75.92 -3.45 47.06
CA MET Z 262 74.88 -4.13 46.29
C MET Z 262 75.05 -5.63 46.28
N TYR Z 263 73.97 -6.36 46.63
CA TYR Z 263 73.96 -7.83 46.69
C TYR Z 263 72.93 -8.42 45.73
N ILE Z 264 73.38 -9.29 44.81
CA ILE Z 264 72.57 -9.95 43.79
C ILE Z 264 72.37 -11.46 44.08
N ALA Z 265 71.15 -11.96 43.86
CA ALA Z 265 70.81 -13.36 44.05
C ALA Z 265 70.84 -14.07 42.70
N LYS Z 266 71.72 -15.08 42.57
CA LYS Z 266 71.89 -15.87 41.35
C LYS Z 266 70.70 -16.81 41.10
N ASN Z 267 70.60 -17.38 39.88
CA ASN Z 267 69.53 -18.31 39.49
C ASN Z 267 69.47 -19.57 40.35
N ASN Z 268 70.65 -20.05 40.81
CA ASN Z 268 70.76 -21.22 41.68
C ASN Z 268 70.26 -20.91 43.11
N GLY Z 269 70.37 -19.64 43.50
CA GLY Z 269 69.94 -19.16 44.81
C GLY Z 269 71.04 -18.53 45.65
N ASP Z 270 72.30 -18.64 45.19
CA ASP Z 270 73.47 -18.09 45.89
C ASP Z 270 73.48 -16.57 45.85
N VAL Z 271 73.56 -15.93 47.03
CA VAL Z 271 73.59 -14.48 47.15
C VAL Z 271 75.04 -14.02 47.29
N ILE Z 272 75.49 -13.23 46.31
CA ILE Z 272 76.84 -12.68 46.23
C ILE Z 272 76.79 -11.16 46.12
N ASP Z 273 77.93 -10.49 46.32
CA ASP Z 273 78.02 -9.03 46.15
C ASP Z 273 78.02 -8.78 44.64
N TYR Z 274 77.43 -7.66 44.19
CA TYR Z 274 77.42 -7.36 42.76
C TYR Z 274 78.83 -7.09 42.22
N SER Z 275 79.70 -6.45 43.04
CA SER Z 275 81.09 -6.15 42.70
C SER Z 275 81.92 -7.43 42.49
N THR Z 276 81.66 -8.47 43.30
CA THR Z 276 82.36 -9.76 43.24
C THR Z 276 82.05 -10.60 42.00
N TYR Z 277 80.95 -10.28 41.30
CA TYR Z 277 80.50 -11.01 40.12
C TYR Z 277 81.48 -10.92 38.94
N HIS Z 278 81.79 -12.08 38.34
CA HIS Z 278 82.69 -12.15 37.18
C HIS Z 278 82.10 -12.96 36.01
N GLY Z 279 80.78 -13.18 36.01
CA GLY Z 279 80.13 -13.98 34.98
C GLY Z 279 79.66 -13.25 33.73
N ASP Z 280 78.87 -13.96 32.90
CA ASP Z 280 78.32 -13.46 31.62
C ASP Z 280 76.83 -13.09 31.65
N GLY Z 281 76.20 -13.18 32.83
CA GLY Z 281 74.79 -12.85 33.01
C GLY Z 281 73.84 -14.03 32.96
N THR Z 282 74.27 -15.15 32.31
CA THR Z 282 73.47 -16.38 32.15
C THR Z 282 73.02 -17.00 33.47
N ASP Z 283 73.83 -16.85 34.52
CA ASP Z 283 73.53 -17.37 35.86
C ASP Z 283 72.78 -16.34 36.74
N LEU Z 284 72.51 -15.14 36.19
CA LEU Z 284 71.78 -14.07 36.87
C LEU Z 284 70.33 -13.92 36.34
N PRO Z 285 69.37 -13.33 37.11
CA PRO Z 285 67.98 -13.22 36.60
C PRO Z 285 67.81 -12.40 35.33
N ASP Z 286 66.78 -12.77 34.54
CA ASP Z 286 66.40 -12.12 33.28
C ASP Z 286 65.80 -10.72 33.49
N VAL Z 287 65.32 -10.44 34.73
CA VAL Z 287 64.76 -9.16 35.15
C VAL Z 287 65.33 -8.76 36.51
N ARG Z 288 65.58 -7.47 36.71
CA ARG Z 288 66.13 -6.97 37.97
C ARG Z 288 65.10 -6.23 38.82
N THR Z 289 64.69 -6.85 39.93
CA THR Z 289 63.76 -6.26 40.89
C THR Z 289 64.57 -5.79 42.09
N ALA Z 290 64.90 -4.50 42.11
CA ALA Z 290 65.73 -3.89 43.16
C ALA Z 290 64.93 -3.36 44.35
N LYS Z 291 65.57 -3.30 45.52
CA LYS Z 291 65.03 -2.76 46.78
C LYS Z 291 66.16 -2.15 47.62
N THR Z 292 65.84 -1.15 48.45
CA THR Z 292 66.85 -0.53 49.30
C THR Z 292 66.59 -0.85 50.77
N LEU Z 293 67.56 -1.51 51.41
CA LEU Z 293 67.48 -1.92 52.82
C LEU Z 293 68.48 -1.20 53.70
N PHE Z 294 68.02 -0.76 54.87
CA PHE Z 294 68.84 -0.07 55.86
C PHE Z 294 68.97 -0.91 57.11
N TYR Z 295 70.22 -1.09 57.57
CA TYR Z 295 70.52 -1.87 58.77
C TYR Z 295 71.35 -1.11 59.79
N ASP Z 296 71.11 -1.42 61.07
CA ASP Z 296 71.81 -0.82 62.20
C ASP Z 296 72.90 -1.79 62.67
N ARG Z 297 74.10 -1.25 62.92
CA ARG Z 297 75.26 -2.02 63.38
C ARG Z 297 74.98 -2.64 64.74
N ASP Z 298 75.42 -3.90 64.93
CA ASP Z 298 75.24 -4.64 66.18
C ASP Z 298 76.09 -4.04 67.32
N ASP Z 299 75.90 -4.57 68.54
CA ASP Z 299 76.65 -4.14 69.73
C ASP Z 299 78.15 -4.40 69.61
N HIS Z 300 78.53 -5.50 68.92
CA HIS Z 300 79.93 -5.87 68.64
C HIS Z 300 80.58 -4.86 67.69
N GLY Z 301 79.77 -4.27 66.81
CA GLY Z 301 80.19 -3.26 65.84
C GLY Z 301 80.32 -3.78 64.42
N ASN Z 302 80.25 -5.12 64.24
CA ASN Z 302 80.40 -5.78 62.95
C ASN Z 302 79.22 -5.59 61.96
N PRO Z 303 79.50 -5.48 60.64
CA PRO Z 303 78.40 -5.32 59.65
C PRO Z 303 77.48 -6.55 59.59
N PRO Z 304 76.19 -6.41 59.19
CA PRO Z 304 75.31 -7.60 59.16
C PRO Z 304 75.77 -8.67 58.16
N GLU Z 305 75.69 -9.96 58.57
CA GLU Z 305 76.11 -11.08 57.74
C GLU Z 305 75.32 -11.19 56.44
N LEU Z 306 75.95 -11.76 55.41
CA LEU Z 306 75.41 -12.03 54.09
C LEU Z 306 74.16 -12.93 54.18
N SER Z 307 74.21 -13.99 55.01
CA SER Z 307 73.11 -14.95 55.22
C SER Z 307 71.81 -14.32 55.71
N THR Z 308 71.91 -13.25 56.52
CA THR Z 308 70.75 -12.51 57.05
C THR Z 308 70.09 -11.67 55.94
N ILE Z 309 70.92 -11.16 55.00
CA ILE Z 309 70.47 -10.38 53.84
C ILE Z 309 69.70 -11.32 52.89
N LYS Z 310 70.25 -12.54 52.67
CA LYS Z 310 69.72 -13.60 51.81
C LYS Z 310 68.23 -13.89 51.98
N VAL Z 311 67.76 -14.01 53.25
CA VAL Z 311 66.35 -14.32 53.52
C VAL Z 311 65.35 -13.24 52.98
N GLU Z 312 65.78 -11.97 53.05
CA GLU Z 312 65.03 -10.79 52.59
C GLU Z 312 65.08 -10.58 51.05
N ILE Z 313 65.85 -11.42 50.34
CA ILE Z 313 66.09 -11.36 48.89
C ILE Z 313 65.83 -12.73 48.17
N SER Z 314 65.34 -13.74 48.94
CA SER Z 314 65.04 -15.11 48.50
C SER Z 314 63.75 -15.26 47.66
N PRO Z 315 63.71 -16.17 46.65
CA PRO Z 315 62.49 -16.33 45.84
C PRO Z 315 61.35 -17.08 46.52
N SER Z 316 60.09 -16.78 46.13
CA SER Z 316 58.88 -17.43 46.64
C SER Z 316 58.44 -18.58 45.74
N THR Z 317 57.68 -19.53 46.30
CA THR Z 317 57.21 -20.70 45.56
C THR Z 317 56.17 -20.39 44.47
N ILE Z 318 56.64 -20.27 43.20
CA ILE Z 318 55.78 -20.02 42.04
C ILE Z 318 55.08 -21.35 41.74
N VAL Z 319 53.76 -21.39 41.96
CA VAL Z 319 52.95 -22.60 41.82
C VAL Z 319 51.78 -22.39 40.87
N THR Z 320 51.59 -23.33 39.92
CA THR Z 320 50.49 -23.27 38.94
C THR Z 320 49.19 -23.80 39.55
N ARG Z 321 48.05 -23.31 39.03
CA ARG Z 321 46.71 -23.66 39.45
C ARG Z 321 45.88 -23.90 38.18
N LEU Z 322 45.43 -25.15 37.96
CA LEU Z 322 44.66 -25.51 36.76
C LEU Z 322 43.21 -25.86 37.07
N ILE Z 323 42.27 -25.12 36.47
CA ILE Z 323 40.84 -25.32 36.64
C ILE Z 323 40.27 -25.77 35.29
N PHE Z 324 39.70 -26.99 35.23
CA PHE Z 324 39.20 -27.58 33.99
C PHE Z 324 37.98 -28.48 34.16
N ASN Z 325 37.28 -28.78 33.03
CA ASN Z 325 36.11 -29.66 32.97
C ASN Z 325 36.50 -31.10 33.27
N GLN Z 326 35.58 -31.84 33.92
CA GLN Z 326 35.73 -33.25 34.27
C GLN Z 326 35.78 -34.09 32.99
N ASN Z 327 36.86 -34.89 32.83
CA ASN Z 327 37.02 -35.78 31.67
C ASN Z 327 36.38 -37.10 32.04
N GLU Z 328 35.32 -37.51 31.32
CA GLU Z 328 34.61 -38.76 31.59
C GLU Z 328 35.40 -40.02 31.20
N LEU Z 329 36.46 -39.85 30.37
CA LEU Z 329 37.35 -40.92 29.95
C LEU Z 329 38.28 -41.34 31.11
N LEU Z 330 38.71 -40.36 31.93
CA LEU Z 330 39.53 -40.55 33.11
C LEU Z 330 39.06 -39.56 34.20
N PRO Z 331 38.04 -39.94 35.03
CA PRO Z 331 37.54 -39.00 36.04
C PRO Z 331 38.51 -38.78 37.19
N LEU Z 332 38.57 -37.52 37.65
CA LEU Z 332 39.44 -37.09 38.75
C LEU Z 332 38.58 -36.52 39.88
N TYR Z 333 38.88 -36.90 41.13
CA TYR Z 333 38.12 -36.44 42.30
C TYR Z 333 39.02 -35.74 43.33
N VAL Z 334 38.39 -35.02 44.28
CA VAL Z 334 39.06 -34.27 45.37
C VAL Z 334 39.97 -35.19 46.20
N ASN Z 335 41.18 -34.69 46.56
CA ASN Z 335 42.20 -35.36 47.37
C ASN Z 335 42.79 -36.59 46.70
N ASP Z 336 43.38 -36.36 45.53
CA ASP Z 336 43.99 -37.39 44.70
C ASP Z 336 45.35 -36.88 44.23
N LEU Z 337 46.42 -37.66 44.47
CA LEU Z 337 47.77 -37.29 44.04
C LEU Z 337 47.84 -37.49 42.54
N VAL Z 338 48.00 -36.39 41.78
CA VAL Z 338 47.97 -36.43 40.31
C VAL Z 338 49.14 -35.71 39.60
N ASP Z 339 49.47 -36.21 38.39
CA ASP Z 339 50.48 -35.67 37.49
C ASP Z 339 49.77 -35.32 36.18
N ILE Z 340 49.68 -34.03 35.86
CA ILE Z 340 48.96 -33.55 34.69
C ILE Z 340 49.85 -33.06 33.55
N TRP Z 341 49.52 -33.47 32.32
CA TRP Z 341 50.19 -33.03 31.10
C TRP Z 341 49.32 -31.95 30.46
N TYR Z 342 49.81 -30.70 30.46
CA TYR Z 342 49.05 -29.59 29.88
C TYR Z 342 49.87 -28.68 28.98
N GLU Z 343 49.53 -28.71 27.66
CA GLU Z 343 50.15 -27.94 26.58
C GLU Z 343 51.66 -28.22 26.39
N GLY Z 344 52.04 -29.49 26.59
CA GLY Z 344 53.42 -29.97 26.45
C GLY Z 344 54.26 -29.94 27.71
N LYS Z 345 53.71 -29.38 28.81
CA LYS Z 345 54.41 -29.27 30.09
C LYS Z 345 53.78 -30.18 31.13
N LEU Z 346 54.62 -30.82 31.97
CA LEU Z 346 54.17 -31.73 33.04
C LEU Z 346 54.11 -31.00 34.39
N TYR Z 347 52.99 -31.16 35.12
CA TYR Z 347 52.74 -30.54 36.43
C TYR Z 347 52.39 -31.60 37.48
N SER Z 348 53.07 -31.56 38.65
CA SER Z 348 52.83 -32.49 39.76
C SER Z 348 52.21 -31.80 40.97
N GLY Z 349 51.04 -32.26 41.37
CA GLY Z 349 50.31 -31.69 42.50
C GLY Z 349 49.11 -32.50 42.92
N TYR Z 350 48.03 -31.83 43.38
CA TYR Z 350 46.81 -32.53 43.81
C TYR Z 350 45.50 -31.83 43.39
N ILE Z 351 44.35 -32.53 43.47
CA ILE Z 351 43.03 -31.98 43.18
C ILE Z 351 42.48 -31.37 44.48
N ALA Z 352 42.43 -30.02 44.54
CA ALA Z 352 42.00 -29.28 45.73
C ALA Z 352 40.48 -29.06 45.84
N ASP Z 353 39.78 -28.82 44.72
CA ASP Z 353 38.33 -28.58 44.73
C ASP Z 353 37.60 -29.17 43.52
N ARG Z 354 36.26 -29.21 43.60
CA ARG Z 354 35.37 -29.74 42.56
C ARG Z 354 34.06 -28.95 42.60
N VAL Z 355 33.71 -28.28 41.49
CA VAL Z 355 32.48 -27.51 41.40
C VAL Z 355 31.34 -28.24 40.69
N LYS Z 356 30.26 -28.50 41.41
CA LYS Z 356 29.07 -29.16 40.89
C LYS Z 356 28.06 -28.07 40.53
N THR Z 357 27.79 -27.89 39.23
CA THR Z 357 26.85 -26.90 38.71
C THR Z 357 25.78 -27.59 37.84
N GLU Z 358 24.80 -26.82 37.35
CA GLU Z 358 23.74 -27.31 36.47
C GLU Z 358 24.30 -27.63 35.08
N PHE Z 359 25.37 -26.92 34.67
CA PHE Z 359 25.99 -27.07 33.36
C PHE Z 359 27.26 -27.91 33.34
N ASN Z 360 28.26 -27.58 34.17
CA ASN Z 360 29.52 -28.32 34.17
C ASN Z 360 29.96 -28.91 35.50
N ASP Z 361 31.02 -29.73 35.43
CA ASP Z 361 31.69 -30.38 36.55
C ASP Z 361 33.16 -30.02 36.34
N ARG Z 362 33.72 -29.16 37.22
CA ARG Z 362 35.09 -28.68 37.08
C ARG Z 362 35.96 -28.95 38.31
N LEU Z 363 37.28 -29.11 38.09
CA LEU Z 363 38.26 -29.39 39.14
C LEU Z 363 39.25 -28.24 39.32
N ILE Z 364 39.92 -28.17 40.50
CA ILE Z 364 40.98 -27.21 40.79
C ILE Z 364 42.24 -28.00 41.13
N PHE Z 365 43.15 -28.11 40.17
CA PHE Z 365 44.44 -28.79 40.35
C PHE Z 365 45.42 -27.74 40.88
N VAL Z 366 46.19 -28.10 41.92
CA VAL Z 366 47.18 -27.20 42.51
C VAL Z 366 48.54 -27.91 42.61
N GLU Z 367 49.55 -27.39 41.88
CA GLU Z 367 50.92 -27.91 41.88
C GLU Z 367 51.52 -27.62 43.27
N SER Z 368 52.23 -28.59 43.85
CA SER Z 368 52.82 -28.41 45.19
C SER Z 368 54.31 -28.08 45.16
N GLY Z 369 54.89 -28.09 43.95
CA GLY Z 369 56.29 -27.80 43.76
C GLY Z 369 57.16 -28.99 44.08
N ASP Z 370 58.37 -28.71 44.63
CA ASP Z 370 59.39 -29.70 45.02
C ASP Z 370 59.72 -30.66 43.87
N LYS Z 371 59.85 -30.11 42.65
CA LYS Z 371 60.12 -30.82 41.40
C LYS Z 371 61.56 -31.39 41.28
N PRO Z 372 62.67 -30.62 41.46
CA PRO Z 372 64.00 -31.24 41.31
C PRO Z 372 64.46 -31.91 42.60
N MET AA 1 7.98 25.96 45.46
CA MET AA 1 9.39 26.04 45.87
C MET AA 1 9.57 26.71 47.24
N LEU AA 2 10.82 26.75 47.73
CA LEU AA 2 11.20 27.37 49.00
C LEU AA 2 12.11 28.58 48.74
N GLU AA 3 12.02 29.60 49.62
CA GLU AA 3 12.84 30.82 49.52
C GLU AA 3 14.20 30.64 50.19
N ALA AA 4 15.26 31.13 49.54
CA ALA AA 4 16.61 31.02 50.07
C ALA AA 4 17.40 32.32 50.09
N ASN AA 5 18.09 32.57 51.21
CA ASN AA 5 18.94 33.74 51.41
C ASN AA 5 20.39 33.26 51.36
N VAL AA 6 21.17 33.79 50.40
CA VAL AA 6 22.58 33.39 50.24
C VAL AA 6 23.53 34.48 50.72
N TYR AA 7 24.34 34.16 51.74
CA TYR AA 7 25.33 35.04 52.34
C TYR AA 7 26.71 34.44 52.10
N ASP AA 8 27.76 35.28 52.13
CA ASP AA 8 29.14 34.78 52.03
C ASP AA 8 29.53 34.21 53.40
N ASN AA 9 30.54 33.32 53.44
CA ASN AA 9 31.01 32.64 54.65
C ASN AA 9 31.05 33.55 55.88
N PHE AA 10 30.43 33.09 56.99
CA PHE AA 10 30.42 33.82 58.25
C PHE AA 10 31.76 33.64 58.95
N ASN AA 11 32.78 34.29 58.38
CA ASN AA 11 34.17 34.26 58.81
C ASN AA 11 34.30 34.88 60.20
N PRO AA 12 34.71 34.08 61.22
CA PRO AA 12 34.87 34.64 62.58
C PRO AA 12 36.11 35.52 62.70
N ASN AA 13 37.00 35.48 61.69
CA ASN AA 13 38.21 36.32 61.62
C ASN AA 13 37.79 37.78 61.33
N TYR AA 14 36.54 37.98 60.87
CA TYR AA 14 35.95 39.28 60.54
C TYR AA 14 34.82 39.68 61.51
N TYR AA 15 33.79 38.83 61.65
CA TYR AA 15 32.61 39.10 62.47
C TYR AA 15 32.77 39.03 63.99
N ASN AA 16 33.85 38.39 64.48
CA ASN AA 16 34.13 38.29 65.93
C ASN AA 16 35.01 39.46 66.38
N ILE AA 17 34.55 40.70 66.11
CA ILE AA 17 35.20 41.96 66.45
C ILE AA 17 34.12 42.89 67.03
N SER AA 18 34.29 43.31 68.30
CA SER AA 18 33.35 44.18 69.01
C SER AA 18 33.60 45.68 68.74
N ASP AA 19 33.49 46.08 67.46
CA ASP AA 19 33.70 47.48 67.04
C ASP AA 19 32.43 48.16 66.51
N PHE AA 20 31.29 47.42 66.44
CA PHE AA 20 30.01 47.95 65.98
C PHE AA 20 29.44 48.94 67.01
N SER AA 21 29.25 50.20 66.59
CA SER AA 21 28.73 51.25 67.45
C SER AA 21 27.21 51.16 67.54
N MET AA 22 26.70 50.75 68.71
CA MET AA 22 25.27 50.60 69.01
C MET AA 22 24.59 51.97 69.12
N PRO AA 23 23.26 52.09 68.86
CA PRO AA 23 22.59 53.40 68.98
C PRO AA 23 22.69 54.09 70.34
N ASN AA 24 22.79 53.32 71.45
CA ASN AA 24 22.91 53.86 72.79
C ASN AA 24 24.31 54.44 73.04
N GLY AA 25 25.33 53.84 72.41
CA GLY AA 25 26.71 54.29 72.52
C GLY AA 25 27.75 53.19 72.65
N LYS AA 26 27.45 52.14 73.45
CA LYS AA 26 28.37 51.02 73.71
C LYS AA 26 28.73 50.17 72.47
N LYS AA 27 29.86 49.45 72.53
CA LYS AA 27 30.35 48.63 71.41
C LYS AA 27 29.98 47.15 71.53
N GLU AA 28 29.46 46.59 70.43
CA GLU AA 28 29.05 45.19 70.30
C GLU AA 28 29.69 44.53 69.07
N LYS AA 29 29.57 43.19 68.95
CA LYS AA 29 30.11 42.38 67.83
C LYS AA 29 29.47 42.77 66.48
N ARG AA 30 30.18 42.53 65.37
CA ARG AA 30 29.71 42.84 64.01
C ARG AA 30 28.52 41.95 63.63
N GLY AA 31 27.40 42.57 63.28
CA GLY AA 31 26.17 41.88 62.88
C GLY AA 31 26.29 41.22 61.52
N LEU AA 32 25.44 40.20 61.26
CA LEU AA 32 25.41 39.44 60.01
C LEU AA 32 25.08 40.33 58.80
N PRO AA 33 25.64 40.04 57.59
CA PRO AA 33 25.35 40.91 56.43
C PRO AA 33 23.97 40.65 55.81
N ILE AA 34 23.65 41.42 54.76
CA ILE AA 34 22.41 41.23 53.99
C ILE AA 34 22.72 40.15 52.93
N PRO AA 35 21.74 39.32 52.49
CA PRO AA 35 22.06 38.29 51.49
C PRO AA 35 22.56 38.92 50.19
N LYS AA 36 23.70 38.42 49.67
CA LYS AA 36 24.28 38.92 48.41
C LYS AA 36 23.34 38.68 47.22
N ALA AA 37 22.45 37.67 47.36
CA ALA AA 37 21.42 37.30 46.39
C ALA AA 37 20.28 36.53 47.03
N ARG AA 38 19.04 36.88 46.64
CA ARG AA 38 17.83 36.19 47.08
C ARG AA 38 17.49 35.22 45.95
N CYS AA 39 17.45 33.94 46.28
CA CYS AA 39 17.14 32.91 45.30
C CYS AA 39 16.09 31.94 45.83
N GLN AA 40 15.69 30.99 44.99
CA GLN AA 40 14.69 29.99 45.31
C GLN AA 40 15.26 28.59 45.18
N VAL AA 41 15.17 27.81 46.26
CA VAL AA 41 15.69 26.45 46.32
C VAL AA 41 14.71 25.45 45.71
N ILE AA 42 15.19 24.73 44.67
CA ILE AA 42 14.44 23.74 43.90
C ILE AA 42 15.14 22.38 43.88
N ASN AA 43 14.37 21.26 43.74
CA ASN AA 43 14.86 19.88 43.75
C ASN AA 43 15.71 19.63 45.01
N TYR AA 44 15.02 19.60 46.17
CA TYR AA 44 15.67 19.51 47.47
C TYR AA 44 15.34 18.31 48.36
N GLU AA 45 16.28 18.02 49.27
CA GLU AA 45 16.27 17.01 50.34
C GLU AA 45 16.88 17.81 51.51
N LEU AA 46 16.02 18.43 52.34
CA LEU AA 46 16.50 19.30 53.44
C LEU AA 46 16.30 18.76 54.85
N TRP AA 47 17.41 18.44 55.51
CA TRP AA 47 17.44 17.88 56.86
C TRP AA 47 17.43 18.96 57.93
N GLU AA 48 16.48 18.85 58.87
CA GLU AA 48 16.27 19.80 59.97
C GLU AA 48 17.45 19.89 60.94
N THR AA 49 18.10 18.75 61.27
CA THR AA 49 19.24 18.71 62.21
C THR AA 49 20.55 18.17 61.62
N GLY AA 50 20.44 17.22 60.71
CA GLY AA 50 21.59 16.56 60.08
C GLY AA 50 22.16 15.43 60.91
N TYR AA 51 21.28 14.60 61.48
CA TYR AA 51 21.61 13.45 62.33
C TYR AA 51 22.29 12.33 61.57
N LEU AA 52 21.77 11.99 60.38
CA LEU AA 52 22.28 10.87 59.58
C LEU AA 52 22.75 11.24 58.18
N TYR AA 53 21.92 11.99 57.44
CA TYR AA 53 22.23 12.37 56.07
C TYR AA 53 22.50 13.87 55.93
N THR AA 54 23.27 14.23 54.88
CA THR AA 54 23.59 15.62 54.54
C THR AA 54 22.62 16.10 53.48
N SER AA 55 22.18 17.37 53.60
CA SER AA 55 21.23 17.99 52.69
C SER AA 55 21.80 18.28 51.29
N SER AA 56 20.91 18.37 50.29
CA SER AA 56 21.25 18.65 48.90
C SER AA 56 20.13 19.46 48.26
N ALA AA 57 20.49 20.48 47.45
CA ALA AA 57 19.54 21.36 46.78
C ALA AA 57 20.12 22.10 45.58
N THR AA 58 19.32 22.25 44.51
CA THR AA 58 19.70 22.99 43.31
C THR AA 58 19.19 24.42 43.49
N LEU AA 59 20.10 25.41 43.47
CA LEU AA 59 19.73 26.81 43.71
C LEU AA 59 19.77 27.63 42.43
N THR AA 60 18.85 28.60 42.29
CA THR AA 60 18.75 29.46 41.10
C THR AA 60 19.99 30.31 40.84
N VAL AA 61 20.54 30.94 41.90
CA VAL AA 61 21.75 31.75 41.78
C VAL AA 61 22.99 30.83 41.85
N SER AA 62 24.09 31.21 41.20
CA SER AA 62 25.30 30.39 41.17
C SER AA 62 26.14 30.54 42.45
N VAL AA 63 25.73 29.84 43.52
CA VAL AA 63 26.41 29.83 44.82
C VAL AA 63 27.77 29.11 44.71
N GLU AA 64 28.71 29.45 45.60
CA GLU AA 64 30.02 28.81 45.64
C GLU AA 64 30.34 28.23 47.02
N VAL AA 65 31.31 27.30 47.10
CA VAL AA 65 31.74 26.63 48.33
C VAL AA 65 32.14 27.67 49.39
N GLY AA 66 31.57 27.54 50.59
CA GLY AA 66 31.83 28.45 51.70
C GLY AA 66 30.62 29.27 52.10
N ASP AA 67 29.80 29.66 51.11
CA ASP AA 67 28.58 30.46 51.28
C ASP AA 67 27.57 29.81 52.22
N ILE AA 68 26.85 30.64 53.00
CA ILE AA 68 25.83 30.20 53.96
C ILE AA 68 24.43 30.34 53.33
N VAL AA 69 23.64 29.25 53.35
CA VAL AA 69 22.29 29.23 52.79
C VAL AA 69 21.22 29.17 53.88
N GLN AA 70 20.37 30.20 53.95
CA GLN AA 70 19.28 30.32 54.91
C GLN AA 70 17.96 30.08 54.18
N ILE AA 71 17.34 28.90 54.42
CA ILE AA 71 16.07 28.54 53.80
C ILE AA 71 14.93 29.04 54.67
N LEU AA 72 14.05 29.85 54.07
CA LEU AA 72 12.92 30.50 54.75
C LEU AA 72 11.58 29.78 54.56
N PHE AA 73 10.78 29.75 55.64
CA PHE AA 73 9.45 29.14 55.69
C PHE AA 73 8.46 30.17 56.27
N PRO AA 74 7.25 30.35 55.68
CA PRO AA 74 6.30 31.34 56.23
C PRO AA 74 5.56 30.91 57.49
N GLU AA 75 6.28 30.27 58.42
CA GLU AA 75 5.73 29.80 59.70
C GLU AA 75 6.68 30.11 60.85
N VAL AA 76 6.15 30.12 62.08
CA VAL AA 76 6.89 30.44 63.30
C VAL AA 76 6.98 29.31 64.31
N VAL AA 77 8.17 29.15 64.88
CA VAL AA 77 8.46 28.13 65.88
C VAL AA 77 8.67 28.78 67.26
N PRO AA 78 7.87 28.38 68.27
CA PRO AA 78 8.04 28.92 69.61
C PRO AA 78 8.91 27.97 70.45
N ILE AA 79 10.08 28.45 70.85
CA ILE AA 79 10.99 27.69 71.72
C ILE AA 79 10.88 28.27 73.13
N GLU AA 80 10.88 27.41 74.15
CA GLU AA 80 10.78 27.86 75.54
C GLU AA 80 12.19 27.99 76.12
N GLU AA 81 12.69 29.25 76.23
CA GLU AA 81 14.04 29.57 76.74
C GLU AA 81 14.14 29.64 78.27
N ALA AA 82 13.01 29.88 78.94
CA ALA AA 82 12.88 29.93 80.40
C ALA AA 82 11.58 29.21 80.78
N LEU AA 83 11.37 28.92 82.06
CA LEU AA 83 10.21 28.18 82.56
C LEU AA 83 8.90 28.72 81.97
N GLY AA 84 8.77 30.04 82.02
CA GLY AA 84 7.58 30.71 81.52
C GLY AA 84 7.78 31.49 80.23
N LYS AA 85 9.03 31.92 79.95
CA LYS AA 85 9.35 32.72 78.78
C LYS AA 85 9.46 31.92 77.47
N LYS AA 86 8.74 32.40 76.45
CA LYS AA 86 8.70 31.87 75.09
C LYS AA 86 9.09 32.98 74.11
N LYS AA 87 9.88 32.64 73.07
CA LYS AA 87 10.30 33.63 72.07
C LYS AA 87 9.81 33.27 70.67
N LYS AA 88 9.19 34.26 70.00
CA LYS AA 88 8.69 34.12 68.63
C LYS AA 88 9.84 34.03 67.64
N LEU AA 89 10.25 32.78 67.37
CA LEU AA 89 11.35 32.43 66.49
C LEU AA 89 10.79 32.02 65.11
N ASN AA 90 11.24 32.68 64.03
CA ASN AA 90 10.82 32.38 62.66
C ASN AA 90 11.50 31.08 62.17
N LEU AA 91 10.76 30.20 61.45
CA LEU AA 91 11.30 28.93 60.96
C LEU AA 91 12.40 29.09 59.92
N ASP AA 92 13.58 28.53 60.22
CA ASP AA 92 14.78 28.59 59.40
C ASP AA 92 15.54 27.28 59.29
N MET AA 93 16.18 27.08 58.14
CA MET AA 93 17.06 25.95 57.85
C MET AA 93 18.36 26.54 57.31
N VAL AA 94 19.37 26.63 58.20
CA VAL AA 94 20.68 27.21 57.90
C VAL AA 94 21.71 26.12 57.62
N TYR AA 95 22.41 26.25 56.47
CA TYR AA 95 23.43 25.31 56.01
C TYR AA 95 24.67 26.03 55.46
N LEU AA 96 25.79 25.29 55.38
CA LEU AA 96 27.05 25.73 54.79
C LEU AA 96 27.22 24.96 53.47
N VAL AA 97 27.61 25.65 52.39
CA VAL AA 97 27.83 24.99 51.11
C VAL AA 97 29.18 24.26 51.16
N THR AA 98 29.15 22.93 51.00
CA THR AA 98 30.35 22.08 51.02
C THR AA 98 30.90 21.79 49.61
N ASP AA 99 30.01 21.62 48.60
CA ASP AA 99 30.37 21.39 47.20
C ASP AA 99 29.20 21.62 46.24
N VAL AA 100 29.50 22.28 45.10
CA VAL AA 100 28.56 22.57 44.01
C VAL AA 100 29.08 21.86 42.76
N ASP AA 101 28.20 21.11 42.06
CA ASP AA 101 28.60 20.43 40.83
C ASP AA 101 28.35 21.34 39.60
N GLU AA 102 28.48 20.77 38.38
CA GLU AA 102 28.29 21.46 37.10
C GLU AA 102 26.86 21.98 36.93
N SER AA 103 25.86 21.18 37.36
CA SER AA 103 24.43 21.48 37.29
C SER AA 103 23.90 22.34 38.47
N ASN AA 104 24.83 23.02 39.18
CA ASN AA 104 24.57 23.90 40.32
C ASN AA 104 23.83 23.26 41.53
N LYS AA 105 23.92 21.92 41.66
CA LYS AA 105 23.33 21.19 42.78
C LYS AA 105 24.33 21.27 43.94
N ALA AA 106 23.97 22.03 44.98
CA ALA AA 106 24.82 22.26 46.15
C ALA AA 106 24.61 21.25 47.27
N THR AA 107 25.72 20.71 47.80
CA THR AA 107 25.72 19.77 48.93
C THR AA 107 25.76 20.64 50.19
N LEU AA 108 24.67 20.62 50.96
CA LEU AA 108 24.50 21.43 52.16
C LEU AA 108 24.74 20.66 53.44
N LYS AA 109 25.58 21.22 54.32
CA LYS AA 109 25.88 20.65 55.63
C LYS AA 109 25.30 21.57 56.70
N ASN AA 110 24.52 21.00 57.65
CA ASN AA 110 23.88 21.73 58.74
C ASN AA 110 24.91 22.55 59.52
N TYR AA 111 24.66 23.87 59.65
CA TYR AA 111 25.54 24.87 60.27
C TYR AA 111 26.27 24.45 61.55
N PHE AA 112 25.56 23.81 62.50
CA PHE AA 112 26.16 23.38 63.77
C PHE AA 112 27.31 22.38 63.59
N TRP AA 113 27.07 21.27 62.87
CA TRP AA 113 28.05 20.21 62.64
C TRP AA 113 29.24 20.69 61.81
N ALA AA 114 29.03 21.74 61.00
CA ALA AA 114 30.05 22.37 60.17
C ALA AA 114 30.88 23.37 60.99
N MET AA 115 30.29 23.88 62.09
CA MET AA 115 30.89 24.84 63.02
C MET AA 115 31.83 24.15 64.02
N ILE AA 116 31.40 23.01 64.60
CA ILE AA 116 32.19 22.23 65.57
C ILE AA 116 33.23 21.32 64.89
N GLU AA 117 33.49 21.54 63.59
CA GLU AA 117 34.45 20.81 62.76
C GLU AA 117 35.88 20.97 63.22
N SER AA 118 36.64 19.85 63.20
CA SER AA 118 38.06 19.70 63.50
C SER AA 118 38.38 20.02 64.94
N LEU AA 119 37.33 20.23 65.75
CA LEU AA 119 37.53 20.56 67.15
C LEU AA 119 37.73 19.29 67.97
N ASP AA 120 38.80 19.27 68.78
CA ASP AA 120 39.11 18.14 69.65
C ASP AA 120 38.92 18.55 71.10
N VAL AA 121 38.39 17.64 71.91
CA VAL AA 121 38.11 17.87 73.32
C VAL AA 121 38.62 16.71 74.20
N PRO AA 122 39.61 16.98 75.10
CA PRO AA 122 40.14 15.91 75.96
C PRO AA 122 39.16 15.47 77.06
N ASN AA 123 39.54 14.41 77.80
CA ASN AA 123 38.76 13.85 78.89
C ASN AA 123 38.54 14.86 80.05
N ALA AA 124 39.46 15.86 80.17
CA ALA AA 124 39.43 16.89 81.20
C ALA AA 124 38.17 17.79 81.16
N ILE AA 125 37.74 18.19 79.95
CA ILE AA 125 36.56 19.04 79.77
C ILE AA 125 35.26 18.24 79.94
N THR AA 126 35.27 16.94 79.56
CA THR AA 126 34.12 16.05 79.67
C THR AA 126 33.77 15.66 81.12
N LYS AA 127 34.72 15.87 82.07
CA LYS AA 127 34.57 15.57 83.51
C LYS AA 127 33.43 16.35 84.18
N THR AA 128 33.13 17.56 83.69
CA THR AA 128 32.09 18.44 84.22
C THR AA 128 30.70 18.12 83.63
N THR AA 129 29.70 19.00 83.90
CA THR AA 129 28.33 18.87 83.42
C THR AA 129 28.23 19.13 81.91
N ASN AA 130 27.07 18.79 81.30
CA ASN AA 130 26.82 18.98 79.87
C ASN AA 130 26.84 20.45 79.44
N PHE AA 131 26.55 21.39 80.37
CA PHE AA 131 26.57 22.84 80.13
C PHE AA 131 27.97 23.34 79.79
N ALA AA 132 29.00 22.86 80.51
CA ALA AA 132 30.40 23.25 80.31
C ALA AA 132 30.95 22.81 78.95
N ILE AA 133 30.52 21.62 78.48
CA ILE AA 133 30.92 21.04 77.19
C ILE AA 133 30.28 21.84 76.04
N ILE AA 134 29.01 22.24 76.20
CA ILE AA 134 28.25 23.04 75.23
C ILE AA 134 28.84 24.47 75.16
N ASP AA 135 29.20 25.04 76.32
CA ASP AA 135 29.81 26.38 76.42
C ASP AA 135 31.21 26.41 75.77
N TYR AA 136 31.91 25.26 75.76
CA TYR AA 136 33.23 25.12 75.14
C TYR AA 136 33.07 24.99 73.62
N LEU AA 137 32.21 24.04 73.16
CA LEU AA 137 31.93 23.77 71.75
C LEU AA 137 31.38 24.96 70.97
N ILE AA 138 30.49 25.75 71.58
CA ILE AA 138 29.92 26.95 70.96
C ILE AA 138 30.69 28.17 71.47
N ASP AA 139 31.66 28.64 70.67
CA ASP AA 139 32.52 29.79 70.96
C ASP AA 139 33.08 30.35 69.65
N PRO AA 140 32.78 31.63 69.30
CA PRO AA 140 33.31 32.18 68.03
C PRO AA 140 34.81 32.48 68.03
N ASN AA 141 35.47 32.35 69.20
CA ASN AA 141 36.91 32.58 69.37
C ASN AA 141 37.73 31.32 69.04
N LYS AA 142 37.05 30.20 68.73
CA LYS AA 142 37.68 28.91 68.39
C LYS AA 142 37.15 28.31 67.08
N ASN AA 143 35.81 28.25 66.94
CA ASN AA 143 35.06 27.68 65.82
C ASN AA 143 35.45 28.20 64.43
N ASN AA 144 35.28 27.33 63.40
CA ASN AA 144 35.53 27.65 61.99
C ASN AA 144 34.49 28.67 61.48
N LEU AA 145 33.27 28.64 62.07
CA LEU AA 145 32.14 29.50 61.71
C LEU AA 145 31.67 30.41 62.86
N MET AA 146 31.10 31.56 62.50
CA MET AA 146 30.61 32.56 63.44
C MET AA 146 29.29 32.13 64.12
N SER AA 147 29.18 32.45 65.43
CA SER AA 147 28.02 32.18 66.28
C SER AA 147 27.94 33.28 67.34
N TYR AA 148 26.74 33.82 67.57
CA TYR AA 148 26.52 34.93 68.51
C TYR AA 148 26.03 34.53 69.90
N GLY AA 149 25.12 33.57 69.94
CA GLY AA 149 24.54 33.07 71.18
C GLY AA 149 23.87 31.72 71.04
N TYR AA 150 23.34 31.20 72.16
CA TYR AA 150 22.64 29.92 72.18
C TYR AA 150 21.56 29.89 73.23
N PHE AA 151 20.38 29.34 72.88
CA PHE AA 151 19.27 29.22 73.81
C PHE AA 151 19.12 27.74 74.15
N PHE AA 152 19.06 27.41 75.44
CA PHE AA 152 18.91 26.02 75.86
C PHE AA 152 18.08 25.78 77.11
N ASN AA 153 17.55 24.54 77.20
CA ASN AA 153 16.77 24.06 78.33
C ASN AA 153 17.74 23.56 79.40
N SER AA 154 17.69 24.21 80.58
CA SER AA 154 18.53 23.90 81.73
C SER AA 154 18.33 22.47 82.21
N SER AA 155 17.09 21.95 82.15
CA SER AA 155 16.72 20.60 82.60
C SER AA 155 17.35 19.45 81.81
N ILE AA 156 17.36 19.54 80.46
CA ILE AA 156 17.91 18.49 79.61
C ILE AA 156 19.44 18.32 79.67
N PHE AA 157 20.20 19.42 79.87
CA PHE AA 157 21.66 19.38 79.99
C PHE AA 157 22.15 19.49 81.46
N ALA AA 158 21.20 19.44 82.41
CA ALA AA 158 21.47 19.53 83.85
C ALA AA 158 22.28 18.35 84.38
N GLY AA 159 21.98 17.16 83.86
CA GLY AA 159 22.63 15.91 84.25
C GLY AA 159 24.12 15.84 83.99
N LYS AA 160 24.80 14.94 84.73
CA LYS AA 160 26.24 14.70 84.62
C LYS AA 160 26.56 14.04 83.28
N ALA AA 161 27.65 14.48 82.63
CA ALA AA 161 28.09 13.98 81.33
C ALA AA 161 28.43 12.49 81.32
N THR AA 162 28.34 11.87 80.14
CA THR AA 162 28.65 10.46 79.91
C THR AA 162 30.15 10.20 80.05
N ILE AA 163 30.54 9.05 80.65
CA ILE AA 163 31.95 8.69 80.84
C ILE AA 163 32.62 8.27 79.53
N ASN AA 164 33.79 8.87 79.22
CA ASN AA 164 34.56 8.63 78.00
C ASN AA 164 35.23 7.26 77.96
N ARG AA 165 35.36 6.69 76.74
CA ARG AA 165 36.03 5.40 76.50
C ARG AA 165 37.55 5.62 76.50
N LYS AA 166 38.28 4.85 77.34
CA LYS AA 166 39.74 4.90 77.51
C LYS AA 166 40.28 6.23 78.08
N ALA AA 167 39.38 7.20 78.39
CA ALA AA 167 39.66 8.56 78.90
C ALA AA 167 40.65 9.32 77.97
N GLU AA 168 40.49 9.11 76.66
CA GLU AA 168 41.32 9.68 75.60
C GLU AA 168 40.82 11.04 75.11
N THR AA 169 41.46 11.56 74.06
CA THR AA 169 41.11 12.79 73.38
C THR AA 169 40.08 12.46 72.30
N SER AA 170 38.86 12.99 72.44
CA SER AA 170 37.76 12.76 71.51
C SER AA 170 37.46 14.03 70.71
N SER AA 171 36.95 13.86 69.47
CA SER AA 171 36.58 14.99 68.61
C SER AA 171 35.26 15.59 69.08
N ALA AA 172 34.97 16.85 68.69
CA ALA AA 172 33.74 17.55 69.04
C ALA AA 172 32.51 16.86 68.48
N HIS AA 173 32.65 16.18 67.32
CA HIS AA 173 31.59 15.42 66.64
C HIS AA 173 31.20 14.18 67.45
N ASP AA 174 32.19 13.37 67.86
CA ASP AA 174 32.00 12.14 68.64
C ASP AA 174 31.39 12.37 70.01
N VAL AA 175 31.81 13.44 70.72
CA VAL AA 175 31.28 13.78 72.05
C VAL AA 175 29.86 14.30 71.97
N ALA AA 176 29.57 15.19 70.98
CA ALA AA 176 28.25 15.77 70.76
C ALA AA 176 27.26 14.63 70.49
N LYS AA 177 27.62 13.69 69.57
CA LYS AA 177 26.83 12.51 69.23
C LYS AA 177 26.54 11.65 70.46
N ARG AA 178 27.56 11.46 71.32
CA ARG AA 178 27.46 10.67 72.56
C ARG AA 178 26.54 11.37 73.57
N ILE AA 179 26.65 12.72 73.67
CA ILE AA 179 25.84 13.55 74.58
C ILE AA 179 24.39 13.62 74.08
N PHE AA 180 24.19 13.97 72.79
CA PHE AA 180 22.88 14.09 72.16
C PHE AA 180 22.05 12.78 72.15
N SER AA 181 22.74 11.62 72.29
CA SER AA 181 22.10 10.30 72.36
C SER AA 181 21.48 10.06 73.74
N LYS AA 182 22.20 10.46 74.81
CA LYS AA 182 21.76 10.31 76.19
C LYS AA 182 20.71 11.35 76.58
N VAL AA 183 20.93 12.63 76.21
CA VAL AA 183 19.99 13.73 76.50
C VAL AA 183 18.72 13.68 75.63
N GLN AA 184 18.75 12.90 74.52
CA GLN AA 184 17.67 12.72 73.55
C GLN AA 184 17.26 14.05 72.90
N PHE AA 185 18.26 14.80 72.42
CA PHE AA 185 18.05 16.10 71.79
C PHE AA 185 18.99 16.29 70.60
N GLN AA 186 18.63 17.19 69.68
CA GLN AA 186 19.41 17.52 68.48
C GLN AA 186 19.45 19.05 68.25
N PRO AA 187 20.59 19.62 67.81
CA PRO AA 187 20.65 21.08 67.62
C PRO AA 187 20.15 21.61 66.29
N THR AA 188 19.56 22.82 66.31
CA THR AA 188 19.03 23.52 65.13
C THR AA 188 19.60 24.94 65.06
N THR AA 189 20.19 25.33 63.93
CA THR AA 189 20.75 26.66 63.74
C THR AA 189 19.71 27.57 63.08
N THR AA 190 19.53 28.80 63.61
CA THR AA 190 18.56 29.77 63.11
C THR AA 190 19.06 31.22 63.14
N ILE AA 191 18.78 31.96 62.04
CA ILE AA 191 19.13 33.38 61.89
C ILE AA 191 17.93 34.24 62.27
N GLN AA 192 18.13 35.15 63.23
CA GLN AA 192 17.08 36.02 63.75
C GLN AA 192 17.62 37.37 64.20
N HIS AA 193 16.81 38.43 64.01
CA HIS AA 193 17.13 39.80 64.44
C HIS AA 193 17.22 39.82 65.98
N ALA AA 194 18.21 40.57 66.52
CA ALA AA 194 18.49 40.72 67.95
C ALA AA 194 17.23 41.00 68.79
N PRO AA 195 17.08 40.39 70.01
CA PRO AA 195 15.86 40.59 70.80
C PRO AA 195 15.50 42.04 71.13
N SER AA 196 16.49 42.84 71.57
CA SER AA 196 16.28 44.25 71.92
C SER AA 196 16.04 45.10 70.67
N GLU AA 197 15.02 45.98 70.72
CA GLU AA 197 14.63 46.87 69.62
C GLU AA 197 15.70 47.92 69.29
N THR AA 198 16.53 48.28 70.29
CA THR AA 198 17.64 49.23 70.14
C THR AA 198 18.72 48.66 69.22
N ASP AA 199 19.08 47.37 69.43
CA ASP AA 199 20.09 46.65 68.64
C ASP AA 199 19.53 46.34 67.23
N PRO AA 200 20.09 46.91 66.15
CA PRO AA 200 19.54 46.65 64.81
C PRO AA 200 20.17 45.46 64.07
N ARG AA 201 21.14 44.77 64.71
CA ARG AA 201 21.87 43.63 64.15
C ARG AA 201 21.00 42.42 63.84
N ASN AA 202 21.43 41.62 62.86
CA ASN AA 202 20.83 40.36 62.48
C ASN AA 202 21.82 39.31 63.03
N LEU AA 203 21.35 38.36 63.86
CA LEU AA 203 22.24 37.40 64.50
C LEU AA 203 21.92 35.92 64.26
N LEU AA 204 22.94 35.05 64.43
CA LEU AA 204 22.83 33.60 64.28
C LEU AA 204 22.93 32.95 65.67
N PHE AA 205 21.96 32.08 66.00
CA PHE AA 205 21.92 31.40 67.29
C PHE AA 205 21.71 29.89 67.12
N ILE AA 206 22.43 29.09 67.93
CA ILE AA 206 22.28 27.62 67.93
C ILE AA 206 21.18 27.30 68.95
N ASN AA 207 20.22 26.45 68.56
CA ASN AA 207 19.09 26.11 69.43
C ASN AA 207 19.16 24.75 70.09
N PHE AA 208 19.01 24.76 71.41
CA PHE AA 208 18.95 23.59 72.28
C PHE AA 208 17.70 23.74 73.17
N ALA AA 209 16.64 24.37 72.61
CA ALA AA 209 15.37 24.61 73.28
C ALA AA 209 14.20 23.91 72.58
N SER AA 210 13.11 23.66 73.31
CA SER AA 210 11.91 22.98 72.81
C SER AA 210 10.61 23.75 73.12
N ARG AA 211 9.50 23.36 72.47
CA ARG AA 211 8.16 23.95 72.65
C ARG AA 211 7.63 23.83 74.09
N ASN AA 212 8.12 22.81 74.83
CA ASN AA 212 7.82 22.55 76.23
C ASN AA 212 9.13 22.56 77.01
N TRP AA 213 9.19 23.34 78.10
CA TRP AA 213 10.37 23.40 78.96
C TRP AA 213 10.56 22.05 79.65
N ASN AA 214 9.48 21.50 80.19
CA ASN AA 214 9.50 20.19 80.83
C ASN AA 214 8.85 19.21 79.84
N ARG AA 215 9.69 18.63 78.96
CA ARG AA 215 9.31 17.70 77.89
C ARG AA 215 8.48 16.52 78.37
N LYS AA 216 7.40 16.24 77.63
CA LYS AA 216 6.46 15.16 77.92
C LYS AA 216 6.59 14.06 76.85
N ARG AA 217 6.37 12.79 77.26
CA ARG AA 217 6.46 11.63 76.37
C ARG AA 217 5.08 11.31 75.78
N ILE AA 218 5.04 11.20 74.44
CA ILE AA 218 3.82 10.93 73.67
C ILE AA 218 3.82 9.48 73.20
N THR AA 219 2.63 8.86 73.13
CA THR AA 219 2.50 7.48 72.64
C THR AA 219 1.64 7.43 71.38
N THR AA 220 2.27 7.06 70.24
CA THR AA 220 1.61 7.01 68.93
C THR AA 220 1.86 5.70 68.14
N ARG AA 221 1.17 5.56 66.97
CA ARG AA 221 1.30 4.41 66.08
C ARG AA 221 1.77 4.86 64.71
N VAL AA 222 2.70 4.10 64.11
CA VAL AA 222 3.23 4.34 62.77
C VAL AA 222 2.84 3.14 61.90
N ASP AA 223 2.06 3.39 60.83
CA ASP AA 223 1.54 2.38 59.91
C ASP AA 223 2.53 2.05 58.80
N ILE AA 224 2.36 0.86 58.19
CA ILE AA 224 3.18 0.36 57.06
C ILE AA 224 2.99 1.25 55.80
N LYS AA 225 1.83 1.94 55.69
CA LYS AA 225 1.52 2.83 54.58
C LYS AA 225 2.39 4.11 54.57
N GLN AA 226 3.01 4.43 55.72
CA GLN AA 226 3.89 5.59 55.89
C GLN AA 226 5.31 5.32 55.34
N SER AA 227 5.50 4.19 54.66
CA SER AA 227 6.77 3.78 54.01
C SER AA 227 8.02 3.73 54.93
N VAL AA 228 7.93 2.90 55.96
CA VAL AA 228 8.97 2.75 56.99
C VAL AA 228 10.22 1.98 56.57
N THR AA 229 11.41 2.59 56.79
CA THR AA 229 12.73 2.01 56.55
C THR AA 229 13.29 1.65 57.94
N MET AA 230 13.21 0.37 58.29
CA MET AA 230 13.65 -0.14 59.59
C MET AA 230 15.09 -0.66 59.52
N ASP AA 231 15.97 -0.07 60.34
CA ASP AA 231 17.39 -0.43 60.42
C ASP AA 231 17.90 -0.30 61.86
N THR AA 232 19.13 -0.76 62.13
CA THR AA 232 19.71 -0.74 63.48
C THR AA 232 20.99 0.09 63.62
N GLU AA 233 21.07 0.93 64.68
CA GLU AA 233 22.22 1.76 65.05
C GLU AA 233 22.70 1.37 66.45
N THR AA 234 24.00 1.56 66.75
CA THR AA 234 24.56 1.24 68.07
C THR AA 234 25.07 2.50 68.76
N ILE AA 235 24.50 2.82 69.95
CA ILE AA 235 24.87 4.00 70.75
C ILE AA 235 26.23 3.77 71.43
N VAL AA 236 26.32 2.69 72.21
CA VAL AA 236 27.51 2.34 72.98
C VAL AA 236 28.36 1.29 72.26
N ASP AA 237 29.70 1.38 72.43
CA ASP AA 237 30.66 0.46 71.84
C ASP AA 237 30.99 -0.67 72.79
N ARG AA 238 30.65 -1.89 72.38
CA ARG AA 238 30.94 -3.10 73.14
C ARG AA 238 31.28 -4.19 72.13
N SER AA 239 32.20 -5.10 72.48
CA SER AA 239 32.70 -6.13 71.55
C SER AA 239 31.68 -7.14 71.00
N ALA AA 240 31.90 -7.53 69.72
CA ALA AA 240 31.01 -8.39 68.95
C ALA AA 240 31.27 -9.91 68.85
N TYR AA 241 32.31 -10.44 69.51
CA TYR AA 241 32.53 -11.88 69.49
C TYR AA 241 32.16 -12.33 70.90
N ASN AA 242 30.92 -12.86 71.05
CA ASN AA 242 30.35 -13.18 72.35
C ASN AA 242 30.96 -14.34 73.15
N PHE AA 243 31.89 -15.07 72.52
CA PHE AA 243 32.59 -16.20 73.12
C PHE AA 243 34.10 -15.89 73.16
N ALA AA 244 34.76 -16.13 74.30
CA ALA AA 244 36.19 -15.84 74.39
C ALA AA 244 37.09 -17.04 74.71
N VAL AA 245 38.05 -17.30 73.81
CA VAL AA 245 39.07 -18.34 73.92
C VAL AA 245 40.28 -17.59 74.53
N VAL AA 246 40.38 -17.62 75.86
CA VAL AA 246 41.41 -16.90 76.60
C VAL AA 246 42.64 -17.75 76.89
N PHE AA 247 43.83 -17.24 76.49
CA PHE AA 247 45.13 -17.88 76.71
C PHE AA 247 45.93 -17.12 77.77
N VAL AA 248 46.57 -17.85 78.68
CA VAL AA 248 47.40 -17.29 79.75
C VAL AA 248 48.82 -17.86 79.61
N LYS AA 249 49.82 -16.98 79.61
CA LYS AA 249 51.24 -17.31 79.51
C LYS AA 249 51.70 -18.11 80.75
N ASN AA 250 52.63 -19.05 80.57
CA ASN AA 250 53.23 -19.83 81.66
C ASN AA 250 54.50 -19.12 82.12
N LYS AA 251 54.69 -18.97 83.44
CA LYS AA 251 55.85 -18.30 84.03
C LYS AA 251 57.18 -19.01 83.75
N ALA AA 252 57.21 -20.35 83.91
CA ALA AA 252 58.41 -21.18 83.73
C ALA AA 252 58.91 -21.21 82.28
N THR AA 253 57.99 -21.28 81.31
CA THR AA 253 58.34 -21.33 79.88
C THR AA 253 58.38 -19.94 79.22
N ASP AA 254 57.80 -18.90 79.89
CA ASP AA 254 57.64 -17.53 79.39
C ASP AA 254 56.91 -17.61 78.03
N ASP AA 255 56.06 -18.65 77.90
CA ASP AA 255 55.28 -19.01 76.73
C ASP AA 255 53.84 -19.39 77.08
N TYR AA 256 53.01 -19.56 76.05
CA TYR AA 256 51.57 -19.81 76.23
C TYR AA 256 51.29 -21.29 76.31
N THR AA 257 52.27 -22.05 76.80
CA THR AA 257 52.28 -23.53 76.82
C THR AA 257 51.03 -24.17 77.40
N ASP AA 258 50.47 -23.54 78.42
CA ASP AA 258 49.23 -23.99 79.06
C ASP AA 258 47.99 -23.89 78.14
N PRO AA 259 47.04 -24.85 78.24
CA PRO AA 259 45.84 -24.82 77.38
C PRO AA 259 44.89 -23.65 77.68
N PRO AA 260 44.06 -23.22 76.72
CA PRO AA 260 43.15 -22.09 76.97
C PRO AA 260 41.91 -22.39 77.81
N LYS AA 261 41.35 -21.34 78.42
CA LYS AA 261 40.13 -21.39 79.21
C LYS AA 261 39.05 -20.59 78.49
N MET AA 262 37.96 -21.27 78.14
CA MET AA 262 36.84 -20.68 77.40
C MET AA 262 35.82 -20.03 78.30
N TYR AA 263 35.47 -18.79 78.00
CA TYR AA 263 34.50 -18.02 78.78
C TYR AA 263 33.29 -17.64 77.94
N ILE AA 264 32.09 -17.98 78.44
CA ILE AA 264 30.82 -17.73 77.78
C ILE AA 264 29.99 -16.68 78.52
N ALA AA 265 29.36 -15.77 77.77
CA ALA AA 265 28.49 -14.73 78.30
C ALA AA 265 27.03 -15.18 78.14
N LYS AA 266 26.33 -15.34 79.27
CA LYS AA 266 24.92 -15.77 79.32
C LYS AA 266 23.98 -14.66 78.81
N ASN AA 267 22.70 -15.03 78.53
CA ASN AA 267 21.66 -14.09 78.04
C ASN AA 267 21.40 -12.94 79.00
N ASN AA 268 21.51 -13.19 80.33
CA ASN AA 268 21.34 -12.17 81.36
C ASN AA 268 22.52 -11.19 81.39
N GLY AA 269 23.70 -11.65 80.98
CA GLY AA 269 24.92 -10.87 80.92
C GLY AA 269 26.07 -11.41 81.77
N ASP AA 270 25.79 -12.43 82.61
CA ASP AA 270 26.79 -13.05 83.48
C ASP AA 270 27.82 -13.83 82.70
N VAL AA 271 29.12 -13.52 82.91
CA VAL AA 271 30.23 -14.19 82.25
C VAL AA 271 30.81 -15.26 83.16
N ILE AA 272 30.71 -16.51 82.70
CA ILE AA 272 31.15 -17.72 83.40
C ILE AA 272 32.13 -18.50 82.52
N ASP AA 273 32.90 -19.42 83.12
CA ASP AA 273 33.82 -20.32 82.41
C ASP AA 273 32.91 -21.35 81.70
N TYR AA 274 33.23 -21.75 80.44
CA TYR AA 274 32.40 -22.72 79.70
C TYR AA 274 32.32 -24.08 80.38
N SER AA 275 33.44 -24.51 81.02
CA SER AA 275 33.54 -25.77 81.75
C SER AA 275 32.59 -25.80 82.96
N THR AA 276 32.43 -24.64 83.64
CA THR AA 276 31.57 -24.49 84.82
C THR AA 276 30.06 -24.57 84.53
N TYR AA 277 29.67 -24.42 83.24
CA TYR AA 277 28.28 -24.46 82.81
C TYR AA 277 27.60 -25.81 83.04
N HIS AA 278 26.40 -25.77 83.60
CA HIS AA 278 25.61 -26.97 83.88
C HIS AA 278 24.13 -26.89 83.41
N GLY AA 279 23.84 -25.93 82.53
CA GLY AA 279 22.48 -25.72 82.05
C GLY AA 279 22.05 -26.49 80.82
N ASP AA 280 20.89 -26.11 80.27
CA ASP AA 280 20.26 -26.73 79.08
C ASP AA 280 20.40 -25.95 77.76
N GLY AA 281 21.08 -24.81 77.79
CA GLY AA 281 21.31 -23.98 76.61
C GLY AA 281 20.35 -22.83 76.43
N THR AA 282 19.19 -22.87 77.14
CA THR AA 282 18.14 -21.85 77.10
C THR AA 282 18.60 -20.48 77.60
N ASP AA 283 19.55 -20.46 78.56
CA ASP AA 283 20.12 -19.24 79.13
C ASP AA 283 21.38 -18.76 78.38
N LEU AA 284 21.79 -19.50 77.33
CA LEU AA 284 22.96 -19.17 76.49
C LEU AA 284 22.54 -18.62 75.12
N PRO AA 285 23.39 -17.85 74.39
CA PRO AA 285 22.97 -17.29 73.09
C PRO AA 285 22.63 -18.34 72.01
N ASP AA 286 21.72 -17.96 71.10
CA ASP AA 286 21.26 -18.79 69.98
C ASP AA 286 22.34 -18.96 68.90
N VAL AA 287 23.34 -18.08 68.88
CA VAL AA 287 24.49 -18.10 67.97
C VAL AA 287 25.78 -17.86 68.75
N ARG AA 288 26.86 -18.56 68.37
CA ARG AA 288 28.15 -18.38 69.03
C ARG AA 288 29.16 -17.66 68.14
N THR AA 289 29.46 -16.40 68.49
CA THR AA 289 30.47 -15.60 67.82
C THR AA 289 31.68 -15.69 68.73
N ALA AA 290 32.77 -16.34 68.28
CA ALA AA 290 33.96 -16.54 69.10
C ALA AA 290 35.12 -15.62 68.76
N LYS AA 291 36.09 -15.49 69.69
CA LYS AA 291 37.33 -14.71 69.56
C LYS AA 291 38.43 -15.27 70.45
N THR AA 292 39.69 -15.21 69.98
CA THR AA 292 40.83 -15.70 70.75
C THR AA 292 41.63 -14.51 71.32
N LEU AA 293 41.75 -14.46 72.65
CA LEU AA 293 42.44 -13.39 73.39
C LEU AA 293 43.72 -13.84 74.05
N PHE AA 294 44.78 -13.02 73.96
CA PHE AA 294 46.07 -13.30 74.58
C PHE AA 294 46.36 -12.35 75.72
N TYR AA 295 46.78 -12.91 76.86
CA TYR AA 295 47.08 -12.14 78.05
C TYR AA 295 48.46 -12.43 78.62
N ASP AA 296 49.06 -11.39 79.24
CA ASP AA 296 50.34 -11.47 79.92
C ASP AA 296 50.08 -11.44 81.42
N ARG AA 297 50.71 -12.37 82.16
CA ARG AA 297 50.57 -12.48 83.60
C ARG AA 297 51.07 -11.22 84.29
N ASP AA 298 50.36 -10.78 85.34
CA ASP AA 298 50.73 -9.58 86.11
C ASP AA 298 52.03 -9.76 86.88
N ASP AA 299 52.51 -8.69 87.54
CA ASP AA 299 53.74 -8.66 88.33
C ASP AA 299 53.69 -9.65 89.50
N HIS AA 300 52.49 -9.86 90.10
CA HIS AA 300 52.26 -10.79 91.21
C HIS AA 300 52.32 -12.23 90.68
N GLY AA 301 51.93 -12.40 89.42
CA GLY AA 301 51.91 -13.70 88.75
C GLY AA 301 50.53 -14.28 88.55
N ASN AA 302 49.51 -13.75 89.27
CA ASN AA 302 48.12 -14.21 89.23
C ASN AA 302 47.43 -14.05 87.86
N PRO AA 303 46.53 -14.99 87.45
CA PRO AA 303 45.85 -14.86 86.15
C PRO AA 303 44.95 -13.61 86.05
N PRO AA 304 44.66 -13.06 84.83
CA PRO AA 304 43.79 -11.87 84.74
C PRO AA 304 42.37 -12.10 85.27
N GLU AA 305 41.84 -11.10 85.97
CA GLU AA 305 40.52 -11.09 86.61
C GLU AA 305 39.38 -11.39 85.62
N LEU AA 306 38.28 -11.98 86.14
CA LEU AA 306 37.10 -12.33 85.35
C LEU AA 306 36.40 -11.09 84.77
N SER AA 307 36.22 -10.05 85.62
CA SER AA 307 35.58 -8.79 85.26
C SER AA 307 36.29 -8.08 84.10
N THR AA 308 37.65 -8.16 84.05
CA THR AA 308 38.46 -7.54 82.99
C THR AA 308 38.25 -8.21 81.64
N ILE AA 309 38.05 -9.55 81.64
CA ILE AA 309 37.74 -10.34 80.45
C ILE AA 309 36.34 -9.98 79.95
N LYS AA 310 35.38 -9.85 80.91
CA LYS AA 310 33.97 -9.49 80.67
C LYS AA 310 33.79 -8.27 79.73
N VAL AA 311 34.56 -7.20 79.97
CA VAL AA 311 34.55 -5.94 79.18
C VAL AA 311 34.84 -6.21 77.69
N GLU AA 312 35.79 -7.11 77.37
CA GLU AA 312 36.22 -7.48 76.02
C GLU AA 312 35.24 -8.44 75.31
N ILE AA 313 34.19 -8.90 76.03
CA ILE AA 313 33.18 -9.85 75.53
C ILE AA 313 31.72 -9.40 75.92
N SER AA 314 31.48 -8.08 75.98
CA SER AA 314 30.19 -7.50 76.37
C SER AA 314 29.26 -7.13 75.20
N PRO AA 315 27.91 -7.28 75.32
CA PRO AA 315 27.02 -6.90 74.21
C PRO AA 315 26.84 -5.39 74.06
N SER AA 316 26.69 -4.91 72.81
CA SER AA 316 26.49 -3.49 72.50
C SER AA 316 25.01 -3.12 72.40
N THR AA 317 24.68 -1.83 72.60
CA THR AA 317 23.30 -1.33 72.56
C THR AA 317 22.65 -1.40 71.17
N ILE AA 318 21.84 -2.45 70.92
CA ILE AA 318 21.10 -2.64 69.68
C ILE AA 318 19.91 -1.68 69.72
N VAL AA 319 19.91 -0.67 68.84
CA VAL AA 319 18.87 0.36 68.77
C VAL AA 319 18.24 0.44 67.37
N THR AA 320 16.90 0.41 67.30
CA THR AA 320 16.17 0.44 66.02
C THR AA 320 15.85 1.86 65.55
N ARG AA 321 16.21 2.18 64.29
CA ARG AA 321 15.96 3.47 63.65
C ARG AA 321 14.84 3.37 62.62
N LEU AA 322 13.75 4.14 62.83
CA LEU AA 322 12.59 4.14 61.94
C LEU AA 322 12.42 5.47 61.21
N ILE AA 323 12.59 5.47 59.88
CA ILE AA 323 12.42 6.66 59.03
C ILE AA 323 11.05 6.51 58.37
N PHE AA 324 10.12 7.44 58.66
CA PHE AA 324 8.74 7.35 58.17
C PHE AA 324 8.13 8.68 57.72
N ASN AA 325 7.05 8.62 56.91
CA ASN AA 325 6.30 9.77 56.43
C ASN AA 325 5.49 10.41 57.56
N GLN AA 326 5.29 11.73 57.49
CA GLN AA 326 4.53 12.53 58.47
C GLN AA 326 3.04 12.17 58.40
N ASN AA 327 2.44 11.87 59.57
CA ASN AA 327 1.02 11.55 59.69
C ASN AA 327 0.29 12.83 60.08
N GLU AA 328 -0.62 13.31 59.22
CA GLU AA 328 -1.38 14.54 59.48
C GLU AA 328 -2.43 14.41 60.59
N LEU AA 329 -2.79 13.16 60.95
CA LEU AA 329 -3.73 12.84 62.02
C LEU AA 329 -3.08 13.09 63.38
N LEU AA 330 -1.76 12.81 63.51
CA LEU AA 330 -0.95 13.03 64.70
C LEU AA 330 0.45 13.49 64.24
N PRO AA 331 0.66 14.81 64.03
CA PRO AA 331 1.98 15.27 63.55
C PRO AA 331 3.07 15.19 64.60
N LEU AA 332 4.27 14.79 64.18
CA LEU AA 332 5.46 14.66 65.02
C LEU AA 332 6.56 15.58 64.50
N TYR AA 333 7.22 16.32 65.40
CA TYR AA 333 8.27 17.27 65.04
C TYR AA 333 9.61 16.94 65.74
N VAL AA 334 10.70 17.59 65.30
CA VAL AA 334 12.06 17.42 65.83
C VAL AA 334 12.11 17.69 67.35
N ASN AA 335 12.85 16.81 68.09
CA ASN AA 335 13.09 16.85 69.54
C ASN AA 335 11.88 16.50 70.42
N ASP AA 336 10.97 15.66 69.89
CA ASP AA 336 9.77 15.20 70.62
C ASP AA 336 9.99 13.81 71.18
N LEU AA 337 9.75 13.65 72.50
CA LEU AA 337 9.87 12.35 73.18
C LEU AA 337 8.66 11.53 72.82
N VAL AA 338 8.88 10.40 72.12
CA VAL AA 338 7.81 9.55 71.60
C VAL AA 338 7.94 8.04 71.89
N ASP AA 339 6.79 7.35 71.87
CA ASP AA 339 6.64 5.91 72.03
C ASP AA 339 5.86 5.40 70.81
N ILE AA 340 6.58 4.78 69.86
CA ILE AA 340 6.00 4.31 68.60
C ILE AA 340 5.62 2.84 68.56
N TRP AA 341 4.40 2.57 68.06
CA TRP AA 341 3.87 1.22 67.86
C TRP AA 341 4.03 0.88 66.38
N TYR AA 342 4.87 -0.12 66.07
CA TYR AA 342 5.11 -0.52 64.68
C TYR AA 342 5.09 -2.03 64.48
N GLU AA 343 4.05 -2.50 63.75
CA GLU AA 343 3.78 -3.90 63.40
C GLU AA 343 3.63 -4.83 64.62
N GLY AA 344 2.99 -4.31 65.67
CA GLY AA 344 2.73 -5.04 66.91
C GLY AA 344 3.79 -4.92 67.99
N LYS AA 345 4.91 -4.24 67.67
CA LYS AA 345 6.03 -4.05 68.60
C LYS AA 345 6.16 -2.59 69.02
N LEU AA 346 6.45 -2.34 70.31
CA LEU AA 346 6.62 -0.99 70.85
C LEU AA 346 8.09 -0.60 70.93
N TYR AA 347 8.43 0.56 70.36
CA TYR AA 347 9.79 1.12 70.33
C TYR AA 347 9.74 2.52 70.96
N SER AA 348 10.66 2.82 71.90
CA SER AA 348 10.69 4.11 72.60
C SER AA 348 11.96 4.92 72.36
N GLY AA 349 11.78 6.18 71.98
CA GLY AA 349 12.92 7.06 71.71
C GLY AA 349 12.54 8.47 71.34
N TYR AA 350 13.33 9.11 70.46
CA TYR AA 350 13.02 10.52 70.07
C TYR AA 350 13.06 10.82 68.56
N ILE AA 351 12.38 11.90 68.11
CA ILE AA 351 12.41 12.36 66.71
C ILE AA 351 13.69 13.17 66.48
N ALA AA 352 14.74 12.51 65.96
CA ALA AA 352 16.06 13.10 65.74
C ALA AA 352 16.15 14.08 64.58
N ASP AA 353 15.48 13.78 63.44
CA ASP AA 353 15.55 14.62 62.26
C ASP AA 353 14.22 14.73 61.51
N ARG AA 354 14.17 15.60 60.48
CA ARG AA 354 13.01 15.85 59.63
C ARG AA 354 13.49 16.25 58.23
N VAL AA 355 13.04 15.52 57.19
CA VAL AA 355 13.43 15.82 55.82
C VAL AA 355 12.35 16.52 55.00
N LYS AA 356 12.63 17.76 54.60
CA LYS AA 356 11.75 18.58 53.78
C LYS AA 356 12.11 18.39 52.32
N THR AA 357 11.22 17.74 51.57
CA THR AA 357 11.37 17.51 50.13
C THR AA 357 10.17 18.13 49.42
N GLU AA 358 10.26 18.29 48.09
CA GLU AA 358 9.19 18.85 47.26
C GLU AA 358 7.94 17.97 47.28
N PHE AA 359 8.11 16.67 47.52
CA PHE AA 359 7.03 15.70 47.53
C PHE AA 359 6.52 15.30 48.91
N ASN AA 360 7.40 14.82 49.80
CA ASN AA 360 6.98 14.39 51.13
C ASN AA 360 7.72 15.02 52.30
N ASP AA 361 7.22 14.76 53.51
CA ASP AA 361 7.80 15.21 54.77
C ASP AA 361 8.00 13.96 55.63
N ARG AA 362 9.26 13.65 55.97
CA ARG AA 362 9.61 12.46 56.75
C ARG AA 362 10.30 12.76 58.08
N LEU AA 363 10.29 11.78 59.00
CA LEU AA 363 10.88 11.87 60.34
C LEU AA 363 11.78 10.65 60.62
N ILE AA 364 12.87 10.85 61.37
CA ILE AA 364 13.77 9.78 61.81
C ILE AA 364 13.54 9.55 63.31
N PHE AA 365 13.13 8.33 63.67
CA PHE AA 365 12.89 7.95 65.04
C PHE AA 365 14.08 7.12 65.54
N VAL AA 366 14.69 7.56 66.66
CA VAL AA 366 15.84 6.90 67.27
C VAL AA 366 15.46 6.41 68.66
N GLU AA 367 15.45 5.09 68.87
CA GLU AA 367 15.15 4.44 70.13
C GLU AA 367 16.30 4.73 71.12
N SER AA 368 15.99 5.20 72.34
CA SER AA 368 17.05 5.51 73.32
C SER AA 368 17.59 4.28 74.04
N GLY AA 369 16.89 3.15 73.88
CA GLY AA 369 17.23 1.88 74.50
C GLY AA 369 16.87 1.87 75.97
N ASP AA 370 17.73 1.25 76.78
CA ASP AA 370 17.59 1.09 78.24
C ASP AA 370 16.21 0.48 78.61
N LYS AA 371 15.78 -0.54 77.83
CA LYS AA 371 14.51 -1.26 77.96
C LYS AA 371 14.43 -2.18 79.20
N PRO AA 372 15.37 -3.15 79.46
CA PRO AA 372 15.22 -3.99 80.66
C PRO AA 372 15.79 -3.33 81.91
N MET BA 1 -0.43 -9.03 -52.51
CA MET BA 1 -1.46 -8.30 -53.26
C MET BA 1 -1.42 -8.64 -54.76
N LEU BA 2 -2.44 -8.19 -55.52
CA LEU BA 2 -2.51 -8.36 -56.97
C LEU BA 2 -2.30 -7.01 -57.66
N GLU BA 3 -1.79 -7.03 -58.90
CA GLU BA 3 -1.55 -5.83 -59.70
C GLU BA 3 -2.81 -5.45 -60.45
N ALA BA 4 -3.11 -4.14 -60.51
CA ALA BA 4 -4.30 -3.65 -61.21
C ALA BA 4 -3.99 -2.50 -62.15
N ASN BA 5 -4.54 -2.59 -63.38
CA ASN BA 5 -4.41 -1.58 -64.41
C ASN BA 5 -5.70 -0.79 -64.49
N VAL BA 6 -5.63 0.54 -64.25
CA VAL BA 6 -6.82 1.38 -64.27
C VAL BA 6 -6.88 2.24 -65.54
N TYR BA 7 -7.93 2.02 -66.34
CA TYR BA 7 -8.19 2.74 -67.59
C TYR BA 7 -9.48 3.52 -67.43
N ASP BA 8 -9.66 4.60 -68.23
CA ASP BA 8 -10.93 5.35 -68.23
C ASP BA 8 -11.95 4.54 -69.05
N ASN BA 9 -13.26 4.79 -68.83
CA ASN BA 9 -14.36 4.08 -69.48
C ASN BA 9 -14.11 3.78 -70.96
N PHE BA 10 -14.29 2.51 -71.37
CA PHE BA 10 -14.12 2.08 -72.75
C PHE BA 10 -15.36 2.48 -73.55
N ASN BA 11 -15.48 3.79 -73.78
CA ASN BA 11 -16.57 4.44 -74.46
C ASN BA 11 -16.63 3.98 -75.92
N PRO BA 12 -17.72 3.29 -76.33
CA PRO BA 12 -17.82 2.85 -77.73
C PRO BA 12 -18.14 3.99 -78.69
N ASN BA 13 -18.50 5.18 -78.14
CA ASN BA 13 -18.76 6.40 -78.92
C ASN BA 13 -17.43 6.95 -79.44
N TYR BA 14 -16.30 6.48 -78.88
CA TYR BA 14 -14.94 6.88 -79.24
C TYR BA 14 -14.16 5.73 -79.91
N TYR BA 15 -14.03 4.57 -79.22
CA TYR BA 15 -13.26 3.42 -79.68
C TYR BA 15 -13.80 2.59 -80.86
N ASN BA 16 -15.10 2.68 -81.18
CA ASN BA 16 -15.71 1.91 -82.28
C ASN BA 16 -15.32 2.40 -83.69
N ILE BA 17 -14.76 3.63 -83.78
CA ILE BA 17 -14.35 4.26 -85.04
C ILE BA 17 -13.14 3.54 -85.68
N SER BA 18 -13.28 3.13 -86.96
CA SER BA 18 -12.25 2.43 -87.73
C SER BA 18 -11.36 3.38 -88.54
N ASP BA 19 -10.70 4.33 -87.83
CA ASP BA 19 -9.84 5.34 -88.45
C ASP BA 19 -8.33 5.09 -88.23
N PHE BA 20 -7.97 4.18 -87.30
CA PHE BA 20 -6.57 3.84 -86.98
C PHE BA 20 -5.86 3.21 -88.18
N SER BA 21 -4.77 3.86 -88.64
CA SER BA 21 -3.98 3.38 -89.76
C SER BA 21 -2.98 2.32 -89.30
N MET BA 22 -3.20 1.07 -89.74
CA MET BA 22 -2.37 -0.10 -89.43
C MET BA 22 -1.00 0.02 -90.12
N PRO BA 23 0.09 -0.62 -89.62
CA PRO BA 23 1.41 -0.48 -90.26
C PRO BA 23 1.47 -0.82 -91.76
N ASN BA 24 0.62 -1.75 -92.23
CA ASN BA 24 0.56 -2.12 -93.65
C ASN BA 24 -0.10 -1.02 -94.50
N GLY BA 25 -1.03 -0.29 -93.90
CA GLY BA 25 -1.77 0.80 -94.53
C GLY BA 25 -3.26 0.80 -94.29
N LYS BA 26 -3.82 -0.40 -94.01
CA LYS BA 26 -5.24 -0.70 -93.74
C LYS BA 26 -5.80 0.18 -92.59
N LYS BA 27 -7.11 0.49 -92.64
CA LYS BA 27 -7.79 1.27 -91.62
C LYS BA 27 -8.65 0.34 -90.75
N GLU BA 28 -8.33 0.25 -89.45
CA GLU BA 28 -9.01 -0.60 -88.47
C GLU BA 28 -9.47 0.20 -87.23
N LYS BA 29 -10.24 -0.45 -86.33
CA LYS BA 29 -10.78 0.12 -85.08
C LYS BA 29 -9.69 0.66 -84.16
N ARG BA 30 -10.06 1.61 -83.27
CA ARG BA 30 -9.13 2.22 -82.30
C ARG BA 30 -8.80 1.23 -81.18
N GLY BA 31 -7.50 1.07 -80.91
CA GLY BA 31 -7.01 0.18 -79.86
C GLY BA 31 -7.20 0.75 -78.47
N LEU BA 32 -7.22 -0.14 -77.45
CA LEU BA 32 -7.39 0.24 -76.04
C LEU BA 32 -6.23 1.13 -75.55
N PRO BA 33 -6.49 2.09 -74.62
CA PRO BA 33 -5.40 2.98 -74.17
C PRO BA 33 -4.45 2.32 -73.17
N ILE BA 34 -3.42 3.07 -72.73
CA ILE BA 34 -2.49 2.64 -71.71
C ILE BA 34 -3.14 2.97 -70.34
N PRO BA 35 -2.89 2.20 -69.25
CA PRO BA 35 -3.52 2.54 -67.97
C PRO BA 35 -3.10 3.92 -67.49
N LYS BA 36 -4.08 4.76 -67.10
CA LYS BA 36 -3.82 6.12 -66.59
C LYS BA 36 -3.01 6.08 -65.29
N ALA BA 37 -3.10 4.94 -64.56
CA ALA BA 37 -2.37 4.67 -63.32
C ALA BA 37 -2.26 3.16 -63.05
N ARG BA 38 -1.06 2.72 -62.65
CA ARG BA 38 -0.79 1.34 -62.26
C ARG BA 38 -0.88 1.32 -60.75
N CYS BA 39 -1.81 0.54 -60.23
CA CYS BA 39 -2.01 0.44 -58.80
C CYS BA 39 -2.01 -1.02 -58.35
N GLN BA 40 -2.27 -1.24 -57.07
CA GLN BA 40 -2.32 -2.57 -56.50
C GLN BA 40 -3.63 -2.75 -55.76
N VAL BA 41 -4.39 -3.76 -56.21
CA VAL BA 41 -5.70 -4.14 -55.67
C VAL BA 41 -5.49 -4.85 -54.33
N ILE BA 42 -6.13 -4.29 -53.30
CA ILE BA 42 -5.98 -4.71 -51.91
C ILE BA 42 -7.33 -4.78 -51.17
N ASN BA 43 -7.51 -5.79 -50.26
CA ASN BA 43 -8.75 -6.05 -49.48
C ASN BA 43 -9.86 -6.35 -50.48
N TYR BA 44 -9.66 -7.48 -51.21
CA TYR BA 44 -10.47 -7.91 -52.33
C TYR BA 44 -11.29 -9.19 -52.19
N GLU BA 45 -12.43 -9.19 -52.91
CA GLU BA 45 -13.39 -10.27 -53.11
C GLU BA 45 -13.60 -10.18 -54.62
N LEU BA 46 -12.82 -10.93 -55.40
CA LEU BA 46 -12.89 -10.87 -56.86
C LEU BA 46 -13.42 -12.14 -57.50
N TRP BA 47 -14.59 -12.05 -58.13
CA TRP BA 47 -15.24 -13.19 -58.79
C TRP BA 47 -14.71 -13.39 -60.22
N GLU BA 48 -14.88 -14.58 -60.79
CA GLU BA 48 -14.36 -14.85 -62.13
C GLU BA 48 -15.37 -14.51 -63.24
N THR BA 49 -16.66 -14.80 -63.03
CA THR BA 49 -17.74 -14.55 -64.01
C THR BA 49 -18.85 -13.63 -63.50
N GLY BA 50 -19.00 -13.56 -62.18
CA GLY BA 50 -20.02 -12.76 -61.51
C GLY BA 50 -21.40 -13.37 -61.62
N TYR BA 51 -21.49 -14.69 -61.35
CA TYR BA 51 -22.74 -15.48 -61.42
C TYR BA 51 -23.75 -15.09 -60.37
N LEU BA 52 -23.30 -14.91 -59.12
CA LEU BA 52 -24.17 -14.60 -57.99
C LEU BA 52 -23.89 -13.28 -57.28
N TYR BA 53 -22.61 -13.02 -56.95
CA TYR BA 53 -22.19 -11.83 -56.22
C TYR BA 53 -21.38 -10.86 -57.09
N THR BA 54 -21.38 -9.57 -56.71
CA THR BA 54 -20.60 -8.52 -57.38
C THR BA 54 -19.31 -8.32 -56.58
N SER BA 55 -18.20 -8.16 -57.30
CA SER BA 55 -16.88 -7.96 -56.71
C SER BA 55 -16.74 -6.62 -55.99
N SER BA 56 -15.86 -6.57 -54.98
CA SER BA 56 -15.61 -5.37 -54.18
C SER BA 56 -14.15 -5.39 -53.74
N ALA BA 57 -13.42 -4.28 -54.01
CA ALA BA 57 -12.01 -4.18 -53.68
C ALA BA 57 -11.54 -2.75 -53.48
N THR BA 58 -10.67 -2.52 -52.49
CA THR BA 58 -10.07 -1.22 -52.22
C THR BA 58 -8.85 -1.11 -53.15
N LEU BA 59 -8.62 0.06 -53.73
CA LEU BA 59 -7.50 0.27 -54.65
C LEU BA 59 -6.64 1.43 -54.16
N THR BA 60 -5.31 1.33 -54.39
CA THR BA 60 -4.33 2.35 -53.96
C THR BA 60 -4.56 3.72 -54.59
N VAL BA 61 -4.80 3.78 -55.91
CA VAL BA 61 -5.08 5.03 -56.61
C VAL BA 61 -6.57 5.39 -56.46
N SER BA 62 -6.90 6.68 -56.47
CA SER BA 62 -8.27 7.14 -56.31
C SER BA 62 -9.10 7.02 -57.59
N VAL BA 63 -9.57 5.81 -57.89
CA VAL BA 63 -10.41 5.50 -59.06
C VAL BA 63 -11.79 6.15 -58.94
N GLU BA 64 -12.45 6.42 -60.07
CA GLU BA 64 -13.80 6.98 -60.09
C GLU BA 64 -14.78 6.12 -60.89
N VAL BA 65 -16.09 6.31 -60.66
CA VAL BA 65 -17.17 5.57 -61.33
C VAL BA 65 -17.05 5.69 -62.86
N GLY BA 66 -17.06 4.54 -63.54
CA GLY BA 66 -16.93 4.47 -64.99
C GLY BA 66 -15.65 3.80 -65.45
N ASP BA 67 -14.56 4.01 -64.70
CA ASP BA 67 -13.22 3.45 -64.97
C ASP BA 67 -13.22 1.92 -65.03
N ILE BA 68 -12.37 1.36 -65.91
CA ILE BA 68 -12.22 -0.08 -66.10
C ILE BA 68 -10.99 -0.59 -65.34
N VAL BA 69 -11.16 -1.62 -64.50
CA VAL BA 69 -10.09 -2.21 -63.70
C VAL BA 69 -9.70 -3.61 -64.21
N GLN BA 70 -8.44 -3.76 -64.65
CA GLN BA 70 -7.86 -5.01 -65.18
C GLN BA 70 -6.90 -5.60 -64.13
N ILE BA 71 -7.35 -6.65 -63.43
CA ILE BA 71 -6.55 -7.32 -62.40
C ILE BA 71 -5.67 -8.39 -63.05
N LEU BA 72 -4.36 -8.26 -62.84
CA LEU BA 72 -3.34 -9.13 -63.45
C LEU BA 72 -2.85 -10.23 -62.52
N PHE BA 73 -2.61 -11.42 -63.10
CA PHE BA 73 -2.12 -12.63 -62.44
C PHE BA 73 -0.91 -13.17 -63.23
N PRO BA 74 0.21 -13.56 -62.57
CA PRO BA 74 1.37 -14.06 -63.33
C PRO BA 74 1.23 -15.50 -63.84
N GLU BA 75 0.04 -15.85 -64.35
CA GLU BA 75 -0.26 -17.18 -64.89
C GLU BA 75 -1.04 -17.09 -66.20
N VAL BA 76 -1.02 -18.18 -66.99
CA VAL BA 76 -1.66 -18.24 -68.31
C VAL BA 76 -2.75 -19.31 -68.42
N VAL BA 77 -3.84 -18.95 -69.09
CA VAL BA 77 -4.99 -19.83 -69.32
C VAL BA 77 -5.04 -20.24 -70.82
N PRO BA 78 -5.01 -21.56 -71.13
CA PRO BA 78 -5.05 -21.98 -72.54
C PRO BA 78 -6.48 -22.28 -72.94
N ILE BA 79 -7.03 -21.49 -73.88
CA ILE BA 79 -8.37 -21.68 -74.41
C ILE BA 79 -8.28 -22.38 -75.77
N GLU BA 80 -9.16 -23.36 -75.98
CA GLU BA 80 -9.22 -24.11 -77.23
C GLU BA 80 -10.27 -23.41 -78.11
N GLU BA 81 -9.80 -22.51 -79.02
CA GLU BA 81 -10.67 -21.74 -79.93
C GLU BA 81 -11.13 -22.52 -81.17
N ALA BA 82 -10.34 -23.53 -81.58
CA ALA BA 82 -10.60 -24.44 -82.69
C ALA BA 82 -10.21 -25.86 -82.25
N LEU BA 83 -10.70 -26.89 -82.94
CA LEU BA 83 -10.53 -28.32 -82.58
C LEU BA 83 -9.11 -28.65 -82.10
N GLY BA 84 -8.15 -28.19 -82.87
CA GLY BA 84 -6.73 -28.39 -82.57
C GLY BA 84 -6.00 -27.14 -82.12
N LYS BA 85 -6.49 -25.96 -82.52
CA LYS BA 85 -5.88 -24.66 -82.21
C LYS BA 85 -6.14 -24.22 -80.77
N LYS BA 86 -5.06 -24.10 -80.00
CA LYS BA 86 -5.05 -23.69 -78.60
C LYS BA 86 -4.20 -22.42 -78.50
N LYS BA 87 -4.76 -21.33 -77.94
CA LYS BA 87 -4.00 -20.10 -77.87
C LYS BA 87 -3.58 -19.63 -76.46
N LYS BA 88 -2.35 -19.11 -76.38
CA LYS BA 88 -1.71 -18.58 -75.19
C LYS BA 88 -2.40 -17.27 -74.77
N LEU BA 89 -3.27 -17.36 -73.75
CA LEU BA 89 -4.06 -16.25 -73.21
C LEU BA 89 -3.65 -16.03 -71.74
N ASN BA 90 -3.36 -14.77 -71.37
CA ASN BA 90 -2.92 -14.37 -70.03
C ASN BA 90 -4.10 -14.21 -69.07
N LEU BA 91 -3.97 -14.67 -67.79
CA LEU BA 91 -5.04 -14.58 -66.80
C LEU BA 91 -5.38 -13.13 -66.41
N ASP BA 92 -6.66 -12.78 -66.60
CA ASP BA 92 -7.20 -11.45 -66.35
C ASP BA 92 -8.57 -11.46 -65.69
N MET BA 93 -8.82 -10.43 -64.88
CA MET BA 93 -10.10 -10.18 -64.21
C MET BA 93 -10.45 -8.73 -64.49
N VAL BA 94 -11.32 -8.51 -65.50
CA VAL BA 94 -11.73 -7.19 -65.98
C VAL BA 94 -13.10 -6.81 -65.43
N TYR BA 95 -13.17 -5.63 -64.77
CA TYR BA 95 -14.40 -5.11 -64.15
C TYR BA 95 -14.63 -3.63 -64.48
N LEU BA 96 -15.87 -3.18 -64.30
CA LEU BA 96 -16.28 -1.79 -64.44
C LEU BA 96 -16.56 -1.25 -63.04
N VAL BA 97 -16.07 -0.04 -62.73
CA VAL BA 97 -16.32 0.57 -61.42
C VAL BA 97 -17.76 1.12 -61.39
N THR BA 98 -18.59 0.59 -60.48
CA THR BA 98 -20.00 1.00 -60.32
C THR BA 98 -20.19 2.06 -59.23
N ASP BA 99 -19.41 1.98 -58.12
CA ASP BA 99 -19.43 2.95 -57.01
C ASP BA 99 -18.21 2.83 -56.10
N VAL BA 100 -17.66 3.98 -55.68
CA VAL BA 100 -16.52 4.12 -54.78
C VAL BA 100 -17.02 4.88 -53.53
N ASP BA 101 -16.73 4.35 -52.33
CA ASP BA 101 -17.12 5.03 -51.09
C ASP BA 101 -16.01 5.98 -50.60
N GLU BA 102 -16.15 6.51 -49.37
CA GLU BA 102 -15.22 7.45 -48.73
C GLU BA 102 -13.83 6.81 -48.53
N SER BA 103 -13.80 5.53 -48.13
CA SER BA 103 -12.59 4.75 -47.87
C SER BA 103 -11.97 4.10 -49.13
N ASN BA 104 -12.34 4.62 -50.32
CA ASN BA 104 -11.89 4.19 -51.65
C ASN BA 104 -12.13 2.70 -51.99
N LYS BA 105 -13.12 2.08 -51.35
CA LYS BA 105 -13.51 0.69 -51.62
C LYS BA 105 -14.46 0.72 -52.82
N ALA BA 106 -13.98 0.22 -53.97
CA ALA BA 106 -14.74 0.22 -55.22
C ALA BA 106 -15.58 -1.04 -55.43
N THR BA 107 -16.85 -0.85 -55.81
CA THR BA 107 -17.79 -1.93 -56.13
C THR BA 107 -17.58 -2.24 -57.60
N LEU BA 108 -17.03 -3.43 -57.89
CA LEU BA 108 -16.69 -3.85 -59.24
C LEU BA 108 -17.72 -4.82 -59.83
N LYS BA 109 -18.18 -4.52 -61.05
CA LYS BA 109 -19.12 -5.35 -61.78
C LYS BA 109 -18.39 -5.96 -62.98
N ASN BA 110 -18.48 -7.29 -63.16
CA ASN BA 110 -17.85 -8.04 -64.24
C ASN BA 110 -18.22 -7.44 -65.59
N TYR BA 111 -17.19 -7.09 -66.40
CA TYR BA 111 -17.30 -6.42 -67.70
C TYR BA 111 -18.42 -6.89 -68.63
N PHE BA 112 -18.62 -8.22 -68.78
CA PHE BA 112 -19.66 -8.77 -69.65
C PHE BA 112 -21.08 -8.36 -69.26
N TRP BA 113 -21.46 -8.58 -67.98
CA TRP BA 113 -22.80 -8.27 -67.47
C TRP BA 113 -23.07 -6.76 -67.44
N ALA BA 114 -21.98 -5.96 -67.36
CA ALA BA 114 -21.99 -4.51 -67.37
C ALA BA 114 -22.04 -3.98 -68.81
N MET BA 115 -21.81 -4.87 -69.79
CA MET BA 115 -21.79 -4.59 -71.22
C MET BA 115 -23.17 -4.85 -71.84
N ILE BA 116 -23.80 -5.99 -71.48
CA ILE BA 116 -25.13 -6.37 -71.98
C ILE BA 116 -26.27 -5.69 -71.19
N GLU BA 117 -25.94 -4.61 -70.47
CA GLU BA 117 -26.87 -3.81 -69.66
C GLU BA 117 -27.87 -3.06 -70.51
N SER BA 118 -29.13 -3.05 -70.05
CA SER BA 118 -30.29 -2.31 -70.58
C SER BA 118 -30.71 -2.76 -71.95
N LEU BA 119 -30.02 -3.76 -72.50
CA LEU BA 119 -30.31 -4.32 -73.81
C LEU BA 119 -31.50 -5.27 -73.71
N ASP BA 120 -32.51 -5.08 -74.57
CA ASP BA 120 -33.71 -5.92 -74.64
C ASP BA 120 -33.68 -6.72 -75.94
N VAL BA 121 -34.18 -7.96 -75.89
CA VAL BA 121 -34.20 -8.86 -77.04
C VAL BA 121 -35.60 -9.48 -77.28
N PRO BA 122 -36.20 -9.28 -78.48
CA PRO BA 122 -37.53 -9.88 -78.74
C PRO BA 122 -37.44 -11.39 -78.99
N ASN BA 123 -38.60 -12.08 -78.94
CA ASN BA 123 -38.72 -13.52 -79.16
C ASN BA 123 -38.24 -13.97 -80.54
N ALA BA 124 -38.39 -13.09 -81.56
CA ALA BA 124 -38.00 -13.33 -82.95
C ALA BA 124 -36.53 -13.77 -83.11
N ILE BA 125 -35.60 -13.13 -82.35
CA ILE BA 125 -34.16 -13.43 -82.37
C ILE BA 125 -33.88 -14.78 -81.67
N THR BA 126 -34.60 -15.04 -80.55
CA THR BA 126 -34.46 -16.26 -79.73
C THR BA 126 -34.98 -17.55 -80.42
N LYS BA 127 -35.67 -17.42 -81.57
CA LYS BA 127 -36.21 -18.54 -82.36
C LYS BA 127 -35.11 -19.39 -83.02
N THR BA 128 -33.96 -18.77 -83.34
CA THR BA 128 -32.81 -19.43 -83.97
C THR BA 128 -31.88 -20.11 -82.94
N THR BA 129 -30.68 -20.53 -83.36
CA THR BA 129 -29.69 -21.18 -82.50
C THR BA 129 -29.08 -20.20 -81.48
N ASN BA 130 -28.38 -20.73 -80.46
CA ASN BA 130 -27.73 -19.94 -79.42
C ASN BA 130 -26.61 -19.03 -79.93
N PHE BA 131 -26.01 -19.37 -81.10
CA PHE BA 131 -24.95 -18.60 -81.76
C PHE BA 131 -25.47 -17.22 -82.21
N ALA BA 132 -26.71 -17.19 -82.72
CA ALA BA 132 -27.39 -15.98 -83.19
C ALA BA 132 -27.66 -14.98 -82.06
N ILE BA 133 -27.98 -15.49 -80.86
CA ILE BA 133 -28.25 -14.67 -79.68
C ILE BA 133 -26.93 -14.07 -79.15
N ILE BA 134 -25.85 -14.88 -79.10
CA ILE BA 134 -24.51 -14.47 -78.67
C ILE BA 134 -23.97 -13.39 -79.64
N ASP BA 135 -24.17 -13.59 -80.95
CA ASP BA 135 -23.73 -12.65 -81.99
C ASP BA 135 -24.50 -11.32 -81.92
N TYR BA 136 -25.75 -11.35 -81.40
CA TYR BA 136 -26.59 -10.16 -81.21
C TYR BA 136 -26.12 -9.42 -79.95
N LEU BA 137 -26.07 -10.13 -78.80
CA LEU BA 137 -25.66 -9.61 -77.49
C LEU BA 137 -24.28 -8.94 -77.51
N ILE BA 138 -23.29 -9.58 -78.16
CA ILE BA 138 -21.93 -9.04 -78.28
C ILE BA 138 -21.80 -8.26 -79.59
N ASP BA 139 -21.91 -6.93 -79.47
CA ASP BA 139 -21.83 -5.97 -80.57
C ASP BA 139 -21.42 -4.59 -80.01
N PRO BA 140 -20.31 -3.99 -80.49
CA PRO BA 140 -19.90 -2.68 -79.95
C PRO BA 140 -20.78 -1.53 -80.44
N ASN BA 141 -21.56 -1.76 -81.51
CA ASN BA 141 -22.48 -0.81 -82.12
C ASN BA 141 -23.72 -0.58 -81.25
N LYS BA 142 -24.06 -1.56 -80.38
CA LYS BA 142 -25.24 -1.50 -79.50
C LYS BA 142 -24.91 -1.34 -78.02
N ASN BA 143 -23.99 -2.17 -77.49
CA ASN BA 143 -23.59 -2.22 -76.08
C ASN BA 143 -23.02 -0.94 -75.51
N ASN BA 144 -23.24 -0.73 -74.19
CA ASN BA 144 -22.77 0.42 -73.39
C ASN BA 144 -21.25 0.48 -73.31
N LEU BA 145 -20.59 -0.68 -73.44
CA LEU BA 145 -19.14 -0.82 -73.37
C LEU BA 145 -18.55 -1.38 -74.67
N MET BA 146 -17.28 -1.04 -74.94
CA MET BA 146 -16.56 -1.45 -76.15
C MET BA 146 -16.22 -2.94 -76.17
N SER BA 147 -16.40 -3.58 -77.33
CA SER BA 147 -16.13 -5.00 -77.57
C SER BA 147 -15.35 -5.14 -78.88
N TYR BA 148 -14.32 -6.01 -78.92
CA TYR BA 148 -13.51 -6.21 -80.13
C TYR BA 148 -13.69 -7.54 -80.82
N GLY BA 149 -13.83 -8.61 -80.04
CA GLY BA 149 -14.02 -9.95 -80.56
C GLY BA 149 -14.61 -10.92 -79.56
N TYR BA 150 -15.14 -12.04 -80.06
CA TYR BA 150 -15.71 -13.09 -79.21
C TYR BA 150 -15.13 -14.45 -79.55
N PHE BA 151 -14.69 -15.18 -78.51
CA PHE BA 151 -14.17 -16.54 -78.68
C PHE BA 151 -15.28 -17.45 -78.23
N PHE BA 152 -15.74 -18.38 -79.09
CA PHE BA 152 -16.76 -19.31 -78.63
C PHE BA 152 -16.62 -20.75 -79.13
N ASN BA 153 -16.79 -21.69 -78.18
CA ASN BA 153 -16.74 -23.14 -78.38
C ASN BA 153 -18.04 -23.53 -79.09
N SER BA 154 -17.93 -23.89 -80.38
CA SER BA 154 -19.05 -24.24 -81.26
C SER BA 154 -19.96 -25.35 -80.77
N SER BA 155 -19.39 -26.42 -80.18
CA SER BA 155 -20.14 -27.58 -79.66
C SER BA 155 -21.12 -27.26 -78.53
N ILE BA 156 -20.72 -26.41 -77.55
CA ILE BA 156 -21.57 -26.04 -76.43
C ILE BA 156 -22.76 -25.15 -76.78
N PHE BA 157 -22.59 -24.27 -77.78
CA PHE BA 157 -23.66 -23.39 -78.23
C PHE BA 157 -24.29 -23.85 -79.57
N ALA BA 158 -24.06 -25.13 -79.94
CA ALA BA 158 -24.56 -25.75 -81.17
C ALA BA 158 -26.07 -26.02 -81.10
N GLY BA 159 -26.56 -26.42 -79.94
CA GLY BA 159 -27.95 -26.76 -79.68
C GLY BA 159 -28.96 -25.65 -79.93
N LYS BA 160 -30.23 -26.04 -80.12
CA LYS BA 160 -31.36 -25.13 -80.33
C LYS BA 160 -31.64 -24.38 -79.04
N ALA BA 161 -31.91 -23.05 -79.15
CA ALA BA 161 -32.18 -22.15 -78.02
C ALA BA 161 -33.42 -22.53 -77.21
N THR BA 162 -33.36 -22.28 -75.88
CA THR BA 162 -34.44 -22.57 -74.93
C THR BA 162 -35.71 -21.78 -75.28
N ILE BA 163 -36.89 -22.43 -75.12
CA ILE BA 163 -38.17 -21.82 -75.43
C ILE BA 163 -38.57 -20.73 -74.43
N ASN BA 164 -38.96 -19.57 -74.96
CA ASN BA 164 -39.35 -18.41 -74.16
C ASN BA 164 -40.81 -18.45 -73.72
N ARG BA 165 -41.05 -18.01 -72.49
CA ARG BA 165 -42.37 -17.95 -71.87
C ARG BA 165 -43.17 -16.76 -72.39
N LYS BA 166 -44.41 -17.03 -72.87
CA LYS BA 166 -45.36 -16.07 -73.44
C LYS BA 166 -44.88 -15.41 -74.76
N ALA BA 167 -43.68 -15.81 -75.26
CA ALA BA 167 -43.01 -15.29 -76.47
C ALA BA 167 -42.88 -13.75 -76.44
N GLU BA 168 -42.58 -13.22 -75.24
CA GLU BA 168 -42.45 -11.80 -74.95
C GLU BA 168 -41.04 -11.26 -75.19
N THR BA 169 -40.87 -9.96 -74.91
CA THR BA 169 -39.62 -9.24 -75.01
C THR BA 169 -38.92 -9.35 -73.66
N SER BA 170 -37.74 -9.97 -73.63
CA SER BA 170 -36.93 -10.18 -72.43
C SER BA 170 -35.65 -9.35 -72.46
N SER BA 171 -35.05 -9.10 -71.29
CA SER BA 171 -33.80 -8.36 -71.17
C SER BA 171 -32.63 -9.29 -71.48
N ALA BA 172 -31.51 -8.74 -72.01
CA ALA BA 172 -30.29 -9.49 -72.36
C ALA BA 172 -29.74 -10.29 -71.19
N HIS BA 173 -29.97 -9.80 -69.96
CA HIS BA 173 -29.55 -10.44 -68.71
C HIS BA 173 -30.33 -11.74 -68.46
N ASP BA 174 -31.68 -11.69 -68.55
CA ASP BA 174 -32.56 -12.83 -68.34
C ASP BA 174 -32.36 -13.96 -69.35
N VAL BA 175 -32.14 -13.62 -70.64
CA VAL BA 175 -31.91 -14.62 -71.70
C VAL BA 175 -30.55 -15.28 -71.57
N ALA BA 176 -29.49 -14.48 -71.26
CA ALA BA 176 -28.13 -14.97 -71.07
C ALA BA 176 -28.13 -15.97 -69.92
N LYS BA 177 -28.75 -15.61 -68.77
CA LYS BA 177 -28.90 -16.46 -67.58
C LYS BA 177 -29.61 -17.77 -67.91
N ARG BA 178 -30.68 -17.70 -68.73
CA ARG BA 178 -31.47 -18.85 -69.17
C ARG BA 178 -30.65 -19.75 -70.10
N ILE BA 179 -29.85 -19.15 -71.01
CA ILE BA 179 -28.98 -19.85 -71.95
C ILE BA 179 -27.78 -20.49 -71.22
N PHE BA 180 -27.06 -19.69 -70.40
CA PHE BA 180 -25.90 -20.13 -69.62
C PHE BA 180 -26.20 -21.26 -68.62
N SER BA 181 -27.48 -21.41 -68.23
CA SER BA 181 -27.95 -22.46 -67.31
C SER BA 181 -28.05 -23.80 -68.04
N LYS BA 182 -28.58 -23.79 -69.29
CA LYS BA 182 -28.76 -24.98 -70.11
C LYS BA 182 -27.43 -25.45 -70.72
N VAL BA 183 -26.61 -24.51 -71.26
CA VAL BA 183 -25.31 -24.81 -71.87
C VAL BA 183 -24.24 -25.16 -70.83
N GLN BA 184 -24.49 -24.81 -69.55
CA GLN BA 184 -23.62 -25.04 -68.39
C GLN BA 184 -22.25 -24.35 -68.58
N PHE BA 185 -22.29 -23.06 -68.96
CA PHE BA 185 -21.12 -22.24 -69.20
C PHE BA 185 -21.33 -20.83 -68.68
N GLN BA 186 -20.22 -20.11 -68.41
CA GLN BA 186 -20.22 -18.73 -67.93
C GLN BA 186 -19.16 -17.88 -68.67
N PRO BA 187 -19.44 -16.60 -68.99
CA PRO BA 187 -18.45 -15.79 -69.74
C PRO BA 187 -17.40 -15.10 -68.89
N THR BA 188 -16.19 -14.95 -69.48
CA THR BA 188 -15.02 -14.31 -68.88
C THR BA 188 -14.40 -13.27 -69.83
N THR BA 189 -14.38 -11.99 -69.43
CA THR BA 189 -13.80 -10.92 -70.25
C THR BA 189 -12.27 -10.85 -70.05
N THR BA 190 -11.52 -10.76 -71.18
CA THR BA 190 -10.06 -10.72 -71.15
C THR BA 190 -9.42 -9.65 -72.07
N ILE BA 191 -8.46 -8.88 -71.51
CA ILE BA 191 -7.70 -7.87 -72.23
C ILE BA 191 -6.38 -8.53 -72.67
N GLN BA 192 -6.12 -8.53 -73.98
CA GLN BA 192 -4.91 -9.12 -74.56
C GLN BA 192 -4.56 -8.43 -75.88
N HIS BA 193 -3.24 -8.28 -76.14
CA HIS BA 193 -2.70 -7.68 -77.36
C HIS BA 193 -3.08 -8.53 -78.59
N ALA BA 194 -3.41 -7.85 -79.72
CA ALA BA 194 -3.83 -8.44 -81.00
C ALA BA 194 -2.96 -9.66 -81.42
N PRO BA 195 -3.57 -10.74 -81.96
CA PRO BA 195 -2.77 -11.94 -82.32
C PRO BA 195 -1.62 -11.71 -83.30
N SER BA 196 -1.86 -10.97 -84.40
CA SER BA 196 -0.84 -10.66 -85.41
C SER BA 196 0.19 -9.68 -84.86
N GLU BA 197 1.49 -9.96 -85.09
CA GLU BA 197 2.63 -9.15 -84.65
C GLU BA 197 2.67 -7.77 -85.31
N THR BA 198 2.09 -7.65 -86.52
CA THR BA 198 2.00 -6.39 -87.29
C THR BA 198 1.06 -5.41 -86.58
N ASP BA 199 -0.10 -5.89 -86.09
CA ASP BA 199 -1.11 -5.11 -85.38
C ASP BA 199 -0.59 -4.78 -83.96
N PRO BA 200 -0.34 -3.48 -83.63
CA PRO BA 200 0.19 -3.17 -82.29
C PRO BA 200 -0.86 -2.87 -81.22
N ARG BA 201 -2.15 -2.97 -81.57
CA ARG BA 201 -3.29 -2.67 -80.70
C ARG BA 201 -3.46 -3.64 -79.53
N ASN BA 202 -3.94 -3.12 -78.41
CA ASN BA 202 -4.30 -3.88 -77.21
C ASN BA 202 -5.82 -3.99 -77.31
N LEU BA 203 -6.36 -5.23 -77.25
CA LEU BA 203 -7.80 -5.44 -77.42
C LEU BA 203 -8.51 -6.15 -76.26
N LEU BA 204 -9.84 -5.93 -76.16
CA LEU BA 204 -10.71 -6.54 -75.17
C LEU BA 204 -11.62 -7.54 -75.86
N PHE BA 205 -11.66 -8.79 -75.36
CA PHE BA 205 -12.50 -9.84 -75.91
C PHE BA 205 -13.30 -10.55 -74.83
N ILE BA 206 -14.40 -11.23 -75.23
CA ILE BA 206 -15.26 -12.00 -74.33
C ILE BA 206 -14.96 -13.48 -74.57
N ASN BA 207 -14.80 -14.27 -73.49
CA ASN BA 207 -14.50 -15.69 -73.61
C ASN BA 207 -15.65 -16.64 -73.34
N PHE BA 208 -15.89 -17.52 -74.31
CA PHE BA 208 -16.87 -18.59 -74.26
C PHE BA 208 -16.16 -19.90 -74.69
N ALA BA 209 -14.85 -19.98 -74.37
CA ALA BA 209 -13.99 -21.12 -74.69
C ALA BA 209 -13.49 -21.83 -73.43
N SER BA 210 -13.14 -23.11 -73.56
CA SER BA 210 -12.64 -23.95 -72.48
C SER BA 210 -11.30 -24.62 -72.82
N ARG BA 211 -10.59 -25.12 -71.79
CA ARG BA 211 -9.30 -25.84 -71.89
C ARG BA 211 -9.41 -27.10 -72.79
N ASN BA 212 -10.63 -27.65 -72.91
CA ASN BA 212 -10.97 -28.80 -73.75
C ASN BA 212 -12.09 -28.36 -74.70
N TRP BA 213 -11.92 -28.57 -76.01
CA TRP BA 213 -12.92 -28.24 -77.02
C TRP BA 213 -14.15 -29.11 -76.81
N ASN BA 214 -13.93 -30.43 -76.60
CA ASN BA 214 -14.97 -31.41 -76.32
C ASN BA 214 -14.91 -31.72 -74.83
N ARG BA 215 -15.64 -30.91 -74.03
CA ARG BA 215 -15.71 -30.99 -72.56
C ARG BA 215 -16.06 -32.37 -72.04
N LYS BA 216 -15.30 -32.82 -71.03
CA LYS BA 216 -15.45 -34.13 -70.39
C LYS BA 216 -15.96 -33.93 -68.95
N ARG BA 217 -16.75 -34.89 -68.45
CA ARG BA 217 -17.32 -34.82 -67.11
C ARG BA 217 -16.38 -35.42 -66.05
N ILE BA 218 -16.13 -34.66 -64.99
CA ILE BA 218 -15.25 -34.99 -63.85
C ILE BA 218 -16.09 -35.55 -62.70
N THR BA 219 -15.51 -36.45 -61.90
CA THR BA 219 -16.15 -37.02 -60.71
C THR BA 219 -15.27 -36.72 -59.49
N THR BA 220 -15.80 -35.93 -58.53
CA THR BA 220 -15.08 -35.51 -57.32
C THR BA 220 -15.91 -35.53 -56.02
N ARG BA 221 -15.24 -35.32 -54.87
CA ARG BA 221 -15.84 -35.26 -53.54
C ARG BA 221 -15.55 -33.94 -52.84
N VAL BA 222 -16.56 -33.37 -52.18
CA VAL BA 222 -16.48 -32.14 -51.41
C VAL BA 222 -16.73 -32.48 -49.93
N ASP BA 223 -15.71 -32.27 -49.09
CA ASP BA 223 -15.78 -32.54 -47.64
C ASP BA 223 -16.32 -31.32 -46.90
N ILE BA 224 -16.99 -31.55 -45.75
CA ILE BA 224 -17.58 -30.53 -44.88
C ILE BA 224 -16.56 -29.51 -44.36
N LYS BA 225 -15.26 -29.90 -44.33
CA LYS BA 225 -14.14 -29.07 -43.89
C LYS BA 225 -13.87 -27.82 -44.76
N GLN BA 226 -14.33 -27.84 -46.03
CA GLN BA 226 -14.12 -26.75 -47.00
C GLN BA 226 -15.10 -25.56 -46.85
N SER BA 227 -15.74 -25.41 -45.65
CA SER BA 227 -16.71 -24.37 -45.28
C SER BA 227 -17.84 -24.24 -46.33
N VAL BA 228 -18.47 -25.39 -46.64
CA VAL BA 228 -19.52 -25.56 -47.64
C VAL BA 228 -20.82 -24.82 -47.29
N THR BA 229 -21.36 -24.06 -48.27
CA THR BA 229 -22.60 -23.29 -48.17
C THR BA 229 -23.63 -23.86 -49.17
N MET BA 230 -24.65 -24.55 -48.65
CA MET BA 230 -25.71 -25.17 -49.45
C MET BA 230 -26.97 -24.29 -49.47
N ASP BA 231 -27.42 -23.95 -50.68
CA ASP BA 231 -28.63 -23.15 -50.92
C ASP BA 231 -29.27 -23.56 -52.24
N THR BA 232 -30.61 -23.57 -52.29
CA THR BA 232 -31.36 -24.00 -53.47
C THR BA 232 -31.78 -22.90 -54.45
N GLU BA 233 -31.38 -23.05 -55.74
CA GLU BA 233 -31.71 -22.14 -56.84
C GLU BA 233 -32.82 -22.75 -57.73
N THR BA 234 -33.48 -21.90 -58.52
CA THR BA 234 -34.53 -22.29 -59.46
C THR BA 234 -34.14 -21.83 -60.87
N ILE BA 235 -33.93 -22.79 -61.79
CA ILE BA 235 -33.56 -22.50 -63.18
C ILE BA 235 -34.81 -22.04 -63.95
N VAL BA 236 -35.86 -22.88 -63.97
CA VAL BA 236 -37.11 -22.65 -64.70
C VAL BA 236 -38.22 -22.15 -63.78
N ASP BA 237 -38.99 -21.15 -64.25
CA ASP BA 237 -40.10 -20.58 -63.50
C ASP BA 237 -41.38 -21.36 -63.73
N ARG BA 238 -41.81 -22.09 -62.69
CA ARG BA 238 -43.04 -22.89 -62.68
C ARG BA 238 -43.73 -22.60 -61.33
N SER BA 239 -45.07 -22.73 -61.28
CA SER BA 239 -45.85 -22.36 -60.09
C SER BA 239 -45.76 -23.25 -58.84
N ALA BA 240 -45.94 -22.62 -57.66
CA ALA BA 240 -45.78 -23.21 -56.33
C ALA BA 240 -46.99 -23.72 -55.50
N TYR BA 241 -48.23 -23.63 -55.99
CA TYR BA 241 -49.33 -24.16 -55.21
C TYR BA 241 -49.80 -25.43 -55.92
N ASN BA 242 -49.35 -26.59 -55.42
CA ASN BA 242 -49.56 -27.89 -56.05
C ASN BA 242 -51.01 -28.39 -56.15
N PHE BA 243 -51.90 -27.82 -55.33
CA PHE BA 243 -53.30 -28.17 -55.28
C PHE BA 243 -54.11 -26.98 -55.84
N ALA BA 244 -55.11 -27.25 -56.70
CA ALA BA 244 -55.90 -26.16 -57.26
C ALA BA 244 -57.41 -26.27 -57.07
N VAL BA 245 -57.99 -25.26 -56.40
CA VAL BA 245 -59.42 -25.13 -56.17
C VAL BA 245 -59.91 -24.32 -57.40
N VAL BA 246 -60.23 -25.04 -58.49
CA VAL BA 246 -60.62 -24.45 -59.77
C VAL BA 246 -62.11 -24.19 -59.86
N PHE BA 247 -62.49 -22.93 -60.18
CA PHE BA 247 -63.87 -22.49 -60.35
C PHE BA 247 -64.17 -22.22 -61.83
N VAL BA 248 -65.35 -22.68 -62.29
CA VAL BA 248 -65.81 -22.50 -63.67
C VAL BA 248 -67.13 -21.72 -63.63
N LYS BA 249 -67.18 -20.59 -64.38
CA LYS BA 249 -68.35 -19.70 -64.47
C LYS BA 249 -69.49 -20.34 -65.24
N ASN BA 250 -70.73 -20.27 -64.70
CA ASN BA 250 -71.94 -20.83 -65.29
C ASN BA 250 -72.40 -19.92 -66.43
N LYS BA 251 -72.71 -20.52 -67.59
CA LYS BA 251 -73.17 -19.78 -68.77
C LYS BA 251 -74.50 -19.06 -68.59
N ALA BA 252 -75.50 -19.74 -67.99
CA ALA BA 252 -76.84 -19.21 -67.76
C ALA BA 252 -76.88 -18.05 -66.77
N THR BA 253 -76.09 -18.12 -65.69
CA THR BA 253 -76.05 -17.07 -64.65
C THR BA 253 -74.97 -16.02 -64.92
N ASP BA 254 -73.99 -16.33 -65.82
CA ASP BA 254 -72.81 -15.50 -66.15
C ASP BA 254 -72.05 -15.24 -64.82
N ASP BA 255 -72.16 -16.22 -63.91
CA ASP BA 255 -71.62 -16.23 -62.56
C ASP BA 255 -70.99 -17.56 -62.16
N TYR BA 256 -70.29 -17.55 -61.03
CA TYR BA 256 -69.55 -18.72 -60.56
C TYR BA 256 -70.41 -19.59 -59.66
N THR BA 257 -71.70 -19.62 -59.96
CA THR BA 257 -72.74 -20.34 -59.18
C THR BA 257 -72.45 -21.80 -58.91
N ASP BA 258 -71.87 -22.47 -59.90
CA ASP BA 258 -71.48 -23.89 -59.79
C ASP BA 258 -70.33 -24.14 -58.80
N PRO BA 259 -70.35 -25.29 -58.07
CA PRO BA 259 -69.27 -25.59 -57.10
C PRO BA 259 -67.90 -25.87 -57.76
N PRO BA 260 -66.79 -25.68 -57.02
CA PRO BA 260 -65.46 -25.90 -57.61
C PRO BA 260 -65.02 -27.36 -57.76
N LYS BA 261 -64.07 -27.60 -58.68
CA LYS BA 261 -63.46 -28.91 -58.92
C LYS BA 261 -62.00 -28.84 -58.50
N MET BA 262 -61.62 -29.69 -57.55
CA MET BA 262 -60.28 -29.74 -56.98
C MET BA 262 -59.34 -30.65 -57.76
N TYR BA 263 -58.14 -30.15 -58.11
CA TYR BA 263 -57.14 -30.89 -58.86
C TYR BA 263 -55.82 -31.01 -58.09
N ILE BA 264 -55.31 -32.25 -57.98
CA ILE BA 264 -54.07 -32.59 -57.28
C ILE BA 264 -53.01 -33.16 -58.23
N ALA BA 265 -51.74 -32.73 -58.05
CA ALA BA 265 -50.61 -33.21 -58.84
C ALA BA 265 -49.94 -34.36 -58.11
N LYS BA 266 -49.81 -35.52 -58.79
CA LYS BA 266 -49.17 -36.72 -58.22
C LYS BA 266 -47.63 -36.54 -58.18
N ASN BA 267 -46.94 -37.44 -57.46
CA ASN BA 267 -45.47 -37.41 -57.33
C ASN BA 267 -44.74 -37.62 -58.66
N ASN BA 268 -45.37 -38.38 -59.58
CA ASN BA 268 -44.85 -38.69 -60.92
C ASN BA 268 -44.78 -37.45 -61.82
N GLY BA 269 -45.78 -36.57 -61.71
CA GLY BA 269 -45.88 -35.34 -62.50
C GLY BA 269 -47.25 -35.08 -63.09
N ASP BA 270 -48.10 -36.13 -63.18
CA ASP BA 270 -49.45 -36.05 -63.72
C ASP BA 270 -50.40 -35.29 -62.81
N VAL BA 271 -51.46 -34.69 -63.41
CA VAL BA 271 -52.49 -33.92 -62.70
C VAL BA 271 -53.84 -34.60 -62.87
N ILE BA 272 -54.49 -34.93 -61.74
CA ILE BA 272 -55.79 -35.61 -61.69
C ILE BA 272 -56.78 -34.80 -60.85
N ASP BA 273 -58.10 -35.09 -60.99
CA ASP BA 273 -59.14 -34.46 -60.17
C ASP BA 273 -59.03 -35.15 -58.79
N TYR BA 274 -59.23 -34.42 -57.67
CA TYR BA 274 -59.10 -34.98 -56.32
C TYR BA 274 -60.14 -36.07 -56.02
N SER BA 275 -61.37 -35.89 -56.56
CA SER BA 275 -62.48 -36.84 -56.41
C SER BA 275 -62.15 -38.19 -57.06
N THR BA 276 -61.44 -38.17 -58.21
CA THR BA 276 -61.05 -39.37 -58.97
C THR BA 276 -60.03 -40.26 -58.26
N TYR BA 277 -59.31 -39.73 -57.26
CA TYR BA 277 -58.28 -40.47 -56.51
C TYR BA 277 -58.85 -41.65 -55.71
N HIS BA 278 -58.18 -42.81 -55.79
CA HIS BA 278 -58.57 -44.07 -55.15
C HIS BA 278 -57.39 -44.76 -54.42
N GLY BA 279 -56.29 -44.04 -54.24
CA GLY BA 279 -55.05 -44.58 -53.66
C GLY BA 279 -54.88 -44.52 -52.17
N ASP BA 280 -53.65 -44.79 -51.70
CA ASP BA 280 -53.26 -44.81 -50.29
C ASP BA 280 -52.46 -43.58 -49.78
N GLY BA 281 -52.23 -42.62 -50.66
CA GLY BA 281 -51.51 -41.38 -50.33
C GLY BA 281 -50.00 -41.41 -50.56
N THR BA 282 -49.46 -42.58 -50.89
CA THR BA 282 -48.03 -42.77 -51.18
C THR BA 282 -47.59 -42.07 -52.47
N ASP BA 283 -48.49 -42.01 -53.47
CA ASP BA 283 -48.23 -41.37 -54.76
C ASP BA 283 -48.56 -39.86 -54.79
N LEU BA 284 -49.03 -39.31 -53.65
CA LEU BA 284 -49.37 -37.88 -53.51
C LEU BA 284 -48.30 -37.11 -52.70
N PRO BA 285 -48.19 -35.76 -52.83
CA PRO BA 285 -47.14 -35.02 -52.08
C PRO BA 285 -47.25 -35.03 -50.56
N ASP BA 286 -46.10 -34.82 -49.90
CA ASP BA 286 -45.95 -34.79 -48.45
C ASP BA 286 -46.56 -33.55 -47.78
N VAL BA 287 -46.71 -32.45 -48.55
CA VAL BA 287 -47.31 -31.19 -48.10
C VAL BA 287 -48.24 -30.62 -49.16
N ARG BA 288 -49.43 -30.13 -48.74
CA ARG BA 288 -50.37 -29.57 -49.70
C ARG BA 288 -50.30 -28.06 -49.81
N THR BA 289 -49.68 -27.58 -50.89
CA THR BA 289 -49.60 -26.16 -51.22
C THR BA 289 -50.80 -25.92 -52.12
N ALA BA 290 -51.72 -25.04 -51.73
CA ALA BA 290 -52.96 -24.80 -52.48
C ALA BA 290 -53.19 -23.35 -52.92
N LYS BA 291 -53.97 -23.17 -54.00
CA LYS BA 291 -54.37 -21.87 -54.57
C LYS BA 291 -55.77 -21.96 -55.19
N THR BA 292 -56.50 -20.85 -55.22
CA THR BA 292 -57.83 -20.81 -55.82
C THR BA 292 -57.72 -20.12 -57.18
N LEU BA 293 -58.13 -20.83 -58.25
CA LEU BA 293 -58.08 -20.32 -59.62
C LEU BA 293 -59.44 -20.04 -60.21
N PHE BA 294 -59.54 -18.91 -60.93
CA PHE BA 294 -60.76 -18.51 -61.61
C PHE BA 294 -60.57 -18.50 -63.10
N TYR BA 295 -61.45 -19.22 -63.79
CA TYR BA 295 -61.42 -19.32 -65.24
C TYR BA 295 -62.73 -18.93 -65.88
N ASP BA 296 -62.62 -18.35 -67.09
CA ASP BA 296 -63.73 -17.93 -67.90
C ASP BA 296 -63.92 -18.94 -69.02
N ARG BA 297 -65.16 -19.35 -69.26
CA ARG BA 297 -65.48 -20.31 -70.31
C ARG BA 297 -65.19 -19.75 -71.69
N ASP BA 298 -64.59 -20.58 -72.55
CA ASP BA 298 -64.24 -20.26 -73.93
C ASP BA 298 -65.48 -19.95 -74.79
N ASP BA 299 -65.28 -19.44 -76.01
CA ASP BA 299 -66.36 -19.10 -76.95
C ASP BA 299 -67.22 -20.33 -77.29
N HIS BA 300 -66.60 -21.53 -77.33
CA HIS BA 300 -67.27 -22.80 -77.59
C HIS BA 300 -68.18 -23.21 -76.42
N GLY BA 301 -67.81 -22.83 -75.20
CA GLY BA 301 -68.55 -23.13 -73.98
C GLY BA 301 -67.99 -24.27 -73.16
N ASN BA 302 -66.98 -24.98 -73.69
CA ASN BA 302 -66.33 -26.12 -73.02
C ASN BA 302 -65.47 -25.69 -71.81
N PRO BA 303 -65.41 -26.52 -70.73
CA PRO BA 303 -64.57 -26.15 -69.57
C PRO BA 303 -63.07 -26.10 -69.91
N PRO BA 304 -62.22 -25.32 -69.19
CA PRO BA 304 -60.78 -25.28 -69.55
C PRO BA 304 -60.09 -26.63 -69.43
N GLU BA 305 -59.21 -26.93 -70.42
CA GLU BA 305 -58.43 -28.16 -70.59
C GLU BA 305 -57.67 -28.54 -69.32
N LEU BA 306 -57.52 -29.85 -69.04
CA LEU BA 306 -56.77 -30.36 -67.88
C LEU BA 306 -55.33 -29.88 -68.01
N SER BA 307 -54.74 -30.01 -69.21
CA SER BA 307 -53.37 -29.62 -69.55
C SER BA 307 -53.06 -28.16 -69.25
N THR BA 308 -54.02 -27.25 -69.47
CA THR BA 308 -53.83 -25.82 -69.20
C THR BA 308 -53.72 -25.55 -67.70
N ILE BA 309 -54.49 -26.29 -66.88
CA ILE BA 309 -54.46 -26.21 -65.41
C ILE BA 309 -53.12 -26.80 -64.91
N LYS BA 310 -52.71 -27.95 -65.50
CA LYS BA 310 -51.48 -28.69 -65.22
C LYS BA 310 -50.23 -27.81 -65.24
N VAL BA 311 -50.07 -26.95 -66.26
CA VAL BA 311 -48.97 -26.01 -66.46
C VAL BA 311 -48.85 -25.04 -65.26
N GLU BA 312 -50.02 -24.59 -64.74
CA GLU BA 312 -50.02 -23.70 -63.59
C GLU BA 312 -49.72 -24.38 -62.25
N ILE BA 313 -50.02 -25.68 -62.10
CA ILE BA 313 -49.71 -26.38 -60.84
C ILE BA 313 -48.39 -27.19 -60.90
N SER BA 314 -47.79 -27.30 -62.11
CA SER BA 314 -46.55 -28.02 -62.39
C SER BA 314 -45.33 -27.57 -61.55
N PRO BA 315 -44.43 -28.51 -61.15
CA PRO BA 315 -43.29 -28.14 -60.30
C PRO BA 315 -42.14 -27.42 -61.00
N SER BA 316 -41.41 -26.59 -60.23
CA SER BA 316 -40.24 -25.84 -60.71
C SER BA 316 -38.95 -26.60 -60.41
N THR BA 317 -37.89 -26.33 -61.20
CA THR BA 317 -36.60 -27.00 -61.08
C THR BA 317 -35.84 -26.67 -59.80
N ILE BA 318 -35.94 -27.56 -58.79
CA ILE BA 318 -35.25 -27.44 -57.50
C ILE BA 318 -33.79 -27.82 -57.79
N VAL BA 319 -32.88 -26.86 -57.68
CA VAL BA 319 -31.46 -27.02 -57.99
C VAL BA 319 -30.58 -26.67 -56.78
N THR BA 320 -29.55 -27.49 -56.48
CA THR BA 320 -28.66 -27.28 -55.33
C THR BA 320 -27.37 -26.52 -55.71
N ARG BA 321 -27.06 -25.43 -54.98
CA ARG BA 321 -25.85 -24.63 -55.18
C ARG BA 321 -24.87 -24.86 -54.03
N LEU BA 322 -23.59 -25.18 -54.37
CA LEU BA 322 -22.56 -25.44 -53.37
C LEU BA 322 -21.35 -24.50 -53.52
N ILE BA 323 -21.08 -23.72 -52.47
CA ILE BA 323 -19.96 -22.77 -52.43
C ILE BA 323 -18.96 -23.32 -51.41
N PHE BA 324 -17.76 -23.68 -51.87
CA PHE BA 324 -16.72 -24.30 -51.03
C PHE BA 324 -15.29 -23.88 -51.40
N ASN BA 325 -14.33 -24.12 -50.49
CA ASN BA 325 -12.91 -23.82 -50.68
C ASN BA 325 -12.29 -24.72 -51.74
N GLN BA 326 -11.29 -24.19 -52.47
CA GLN BA 326 -10.56 -24.90 -53.52
C GLN BA 326 -9.69 -25.99 -52.91
N ASN BA 327 -9.87 -27.22 -53.41
CA ASN BA 327 -9.11 -28.37 -52.92
C ASN BA 327 -7.86 -28.51 -53.80
N GLU BA 328 -6.66 -28.39 -53.20
CA GLU BA 328 -5.40 -28.49 -53.94
C GLU BA 328 -5.07 -29.91 -54.41
N LEU BA 329 -5.75 -30.93 -53.81
CA LEU BA 329 -5.60 -32.35 -54.17
C LEU BA 329 -6.27 -32.62 -55.51
N LEU BA 330 -7.40 -31.95 -55.79
CA LEU BA 330 -8.17 -32.03 -57.03
C LEU BA 330 -8.72 -30.63 -57.35
N PRO BA 331 -7.95 -29.77 -58.05
CA PRO BA 331 -8.42 -28.40 -58.33
C PRO BA 331 -9.55 -28.35 -59.35
N LEU BA 332 -10.55 -27.48 -59.09
CA LEU BA 332 -11.72 -27.30 -59.94
C LEU BA 332 -11.75 -25.85 -60.42
N TYR BA 333 -11.57 -25.66 -61.73
CA TYR BA 333 -11.57 -24.32 -62.33
C TYR BA 333 -12.94 -24.01 -62.95
N VAL BA 334 -13.20 -22.74 -63.30
CA VAL BA 334 -14.46 -22.29 -63.89
C VAL BA 334 -14.66 -22.92 -65.28
N ASN BA 335 -15.93 -23.25 -65.64
CA ASN BA 335 -16.38 -23.84 -66.90
C ASN BA 335 -15.93 -25.31 -67.06
N ASP BA 336 -16.13 -26.10 -66.00
CA ASP BA 336 -15.80 -27.53 -65.95
C ASP BA 336 -17.02 -28.35 -65.52
N LEU BA 337 -17.36 -29.41 -66.28
CA LEU BA 337 -18.49 -30.30 -65.99
C LEU BA 337 -18.07 -31.24 -64.86
N VAL BA 338 -18.72 -31.15 -63.68
CA VAL BA 338 -18.38 -31.95 -62.49
C VAL BA 338 -19.54 -32.75 -61.87
N ASP BA 339 -19.19 -33.84 -61.16
CA ASP BA 339 -20.12 -34.70 -60.42
C ASP BA 339 -19.62 -34.78 -58.98
N ILE BA 340 -20.16 -33.88 -58.15
CA ILE BA 340 -19.80 -33.69 -56.74
C ILE BA 340 -20.53 -34.60 -55.74
N TRP BA 341 -19.75 -35.23 -54.85
CA TRP BA 341 -20.23 -36.08 -53.76
C TRP BA 341 -20.20 -35.27 -52.47
N TYR BA 342 -21.36 -34.99 -51.88
CA TYR BA 342 -21.44 -34.22 -50.63
C TYR BA 342 -22.37 -34.83 -49.58
N GLU BA 343 -21.77 -35.31 -48.48
CA GLU BA 343 -22.43 -35.94 -47.32
C GLU BA 343 -23.23 -37.21 -47.66
N GLY BA 344 -22.72 -37.98 -48.62
CA GLY BA 344 -23.33 -39.22 -49.09
C GLY BA 344 -24.28 -39.09 -50.26
N LYS BA 345 -24.55 -37.85 -50.71
CA LYS BA 345 -25.45 -37.55 -51.82
C LYS BA 345 -24.67 -37.03 -53.02
N LEU BA 346 -25.05 -37.48 -54.24
CA LEU BA 346 -24.40 -37.06 -55.49
C LEU BA 346 -25.18 -35.93 -56.16
N TYR BA 347 -24.44 -34.86 -56.49
CA TYR BA 347 -24.92 -33.64 -57.14
C TYR BA 347 -24.12 -33.47 -58.44
N SER BA 348 -24.79 -33.26 -59.58
CA SER BA 348 -24.14 -33.10 -60.88
C SER BA 348 -24.36 -31.72 -61.50
N GLY BA 349 -23.27 -31.09 -61.95
CA GLY BA 349 -23.37 -29.76 -62.55
C GLY BA 349 -22.08 -29.14 -63.01
N TYR BA 350 -21.98 -27.80 -62.94
CA TYR BA 350 -20.75 -27.11 -63.38
C TYR BA 350 -20.23 -26.04 -62.40
N ILE BA 351 -18.95 -25.62 -62.55
CA ILE BA 351 -18.35 -24.56 -61.74
C ILE BA 351 -18.61 -23.20 -62.43
N ALA BA 352 -19.56 -22.42 -61.89
CA ALA BA 352 -20.00 -21.14 -62.43
C ALA BA 352 -19.10 -19.96 -62.12
N ASP BA 353 -18.66 -19.81 -60.86
CA ASP BA 353 -17.83 -18.69 -60.43
C ASP BA 353 -16.66 -19.13 -59.54
N ARG BA 354 -15.71 -18.21 -59.29
CA ARG BA 354 -14.53 -18.45 -58.47
C ARG BA 354 -14.09 -17.16 -57.80
N VAL BA 355 -14.03 -17.14 -56.46
CA VAL BA 355 -13.61 -15.95 -55.73
C VAL BA 355 -12.14 -15.97 -55.31
N LYS BA 356 -11.40 -14.96 -55.77
CA LYS BA 356 -9.99 -14.78 -55.46
C LYS BA 356 -9.91 -13.74 -54.35
N THR BA 357 -9.81 -14.21 -53.09
CA THR BA 357 -9.71 -13.35 -51.92
C THR BA 357 -8.31 -13.45 -51.31
N GLU BA 358 -8.07 -12.68 -50.24
CA GLU BA 358 -6.79 -12.67 -49.54
C GLU BA 358 -6.65 -13.92 -48.69
N PHE BA 359 -7.75 -14.37 -48.07
CA PHE BA 359 -7.78 -15.54 -47.20
C PHE BA 359 -8.01 -16.86 -47.93
N ASN BA 360 -9.08 -16.97 -48.72
CA ASN BA 360 -9.38 -18.22 -49.41
C ASN BA 360 -9.59 -18.13 -50.93
N ASP BA 361 -9.74 -19.29 -51.57
CA ASP BA 361 -10.02 -19.47 -52.98
C ASP BA 361 -11.26 -20.38 -52.97
N ARG BA 362 -12.43 -19.85 -53.39
CA ARG BA 362 -13.69 -20.60 -53.36
C ARG BA 362 -14.36 -20.78 -54.71
N LEU BA 363 -15.23 -21.81 -54.83
CA LEU BA 363 -15.96 -22.14 -56.06
C LEU BA 363 -17.47 -22.15 -55.88
N ILE BA 364 -18.23 -21.78 -56.93
CA ILE BA 364 -19.69 -21.83 -56.94
C ILE BA 364 -20.09 -22.98 -57.88
N PHE BA 365 -20.68 -24.03 -57.31
CA PHE BA 365 -21.13 -25.21 -58.05
C PHE BA 365 -22.63 -25.12 -58.27
N VAL BA 366 -23.07 -25.26 -59.53
CA VAL BA 366 -24.49 -25.19 -59.89
C VAL BA 366 -24.94 -26.54 -60.47
N GLU BA 367 -25.80 -27.26 -59.73
CA GLU BA 367 -26.38 -28.55 -60.15
C GLU BA 367 -27.34 -28.27 -61.32
N SER BA 368 -26.99 -28.74 -62.52
CA SER BA 368 -27.77 -28.50 -63.75
C SER BA 368 -29.13 -29.19 -63.79
N GLY BA 369 -29.35 -30.12 -62.88
CA GLY BA 369 -30.57 -30.90 -62.79
C GLY BA 369 -30.59 -31.99 -63.84
N ASP BA 370 -31.77 -32.22 -64.46
CA ASP BA 370 -32.01 -33.22 -65.52
C ASP BA 370 -31.53 -34.63 -65.07
N LYS BA 371 -31.84 -34.97 -63.80
CA LYS BA 371 -31.48 -36.23 -63.14
C LYS BA 371 -32.24 -37.48 -63.67
N PRO BA 372 -33.60 -37.54 -63.72
CA PRO BA 372 -34.24 -38.76 -64.23
C PRO BA 372 -34.33 -38.79 -65.75
N THR CA 1 -50.60 80.55 -16.63
CA THR CA 1 -49.44 81.44 -16.52
C THR CA 1 -48.85 81.75 -17.90
N ILE CA 2 -48.15 82.89 -18.02
CA ILE CA 2 -47.50 83.28 -19.25
C ILE CA 2 -46.00 83.25 -19.05
N LYS CA 3 -45.30 82.46 -19.88
CA LYS CA 3 -43.85 82.33 -19.86
C LYS CA 3 -43.28 83.11 -21.03
N ASN CA 4 -42.49 84.13 -20.74
CA ASN CA 4 -41.90 85.02 -21.74
C ASN CA 4 -40.48 84.64 -22.07
N PHE CA 5 -40.10 84.76 -23.34
CA PHE CA 5 -38.76 84.38 -23.77
C PHE CA 5 -37.99 85.48 -24.51
N THR CA 6 -38.56 86.02 -25.59
CA THR CA 6 -37.88 87.05 -26.38
C THR CA 6 -38.07 88.43 -25.74
N PHE CA 7 -37.65 88.54 -24.47
CA PHE CA 7 -37.79 89.78 -23.67
C PHE CA 7 -36.57 89.99 -22.80
N PHE CA 8 -36.23 91.26 -22.50
CA PHE CA 8 -35.07 91.55 -21.67
C PHE CA 8 -35.25 91.22 -20.18
N SER CA 9 -34.20 90.63 -19.61
CA SER CA 9 -34.13 90.21 -18.21
C SER CA 9 -33.37 91.30 -17.43
N PRO CA 10 -34.08 92.19 -16.71
CA PRO CA 10 -33.42 93.29 -15.98
C PRO CA 10 -32.29 92.89 -15.03
N ASN CA 11 -32.44 91.74 -14.36
CA ASN CA 11 -31.44 91.24 -13.43
C ASN CA 11 -30.75 89.98 -13.97
N SER CA 12 -30.75 89.83 -15.32
CA SER CA 12 -30.15 88.74 -16.11
C SER CA 12 -30.65 87.33 -15.75
N THR CA 13 -31.79 87.23 -15.02
CA THR CA 13 -32.32 85.94 -14.55
C THR CA 13 -33.80 85.70 -14.87
N GLU CA 14 -34.57 86.77 -15.15
CA GLU CA 14 -36.01 86.73 -15.40
C GLU CA 14 -36.53 85.80 -16.50
N PHE CA 15 -35.99 85.92 -17.73
CA PHE CA 15 -36.48 85.13 -18.85
C PHE CA 15 -35.42 84.25 -19.55
N PRO CA 16 -34.98 83.13 -18.94
CA PRO CA 16 -34.01 82.27 -19.63
C PRO CA 16 -34.67 81.49 -20.78
N VAL CA 17 -33.96 81.38 -21.91
CA VAL CA 17 -34.53 80.67 -23.05
C VAL CA 17 -33.98 79.26 -23.19
N GLY CA 18 -34.87 78.28 -23.06
CA GLY CA 18 -34.54 76.88 -23.15
C GLY CA 18 -34.43 76.39 -24.58
N SER CA 19 -33.76 75.26 -24.78
CA SER CA 19 -33.61 74.68 -26.11
C SER CA 19 -34.96 74.21 -26.68
N ASN CA 20 -35.90 73.76 -25.80
CA ASN CA 20 -37.24 73.33 -26.21
C ASN CA 20 -38.08 74.51 -26.66
N ASN CA 21 -37.90 75.69 -26.03
CA ASN CA 21 -38.63 76.91 -26.37
C ASN CA 21 -38.16 77.43 -27.72
N ASP CA 22 -36.84 77.39 -27.96
CA ASP CA 22 -36.31 77.78 -29.26
C ASP CA 22 -36.71 76.76 -30.34
N GLY CA 23 -36.75 75.47 -29.98
CA GLY CA 23 -37.20 74.40 -30.86
C GLY CA 23 -38.60 74.67 -31.38
N LYS CA 24 -39.53 74.97 -30.46
CA LYS CA 24 -40.91 75.29 -30.81
C LYS CA 24 -40.99 76.57 -31.64
N LEU CA 25 -40.21 77.60 -31.26
CA LEU CA 25 -40.15 78.87 -31.98
C LEU CA 25 -39.75 78.61 -33.43
N TYR CA 26 -38.65 77.87 -33.65
CA TYR CA 26 -38.14 77.57 -34.98
C TYR CA 26 -39.13 76.78 -35.82
N MET CA 27 -39.80 75.78 -35.21
CA MET CA 27 -40.81 74.98 -35.89
C MET CA 27 -41.94 75.86 -36.39
N MET CA 28 -42.37 76.83 -35.56
CA MET CA 28 -43.44 77.75 -35.88
C MET CA 28 -43.05 78.75 -36.97
N LEU CA 29 -41.80 79.24 -36.96
CA LEU CA 29 -41.33 80.19 -37.97
C LEU CA 29 -41.27 79.57 -39.36
N THR CA 30 -40.80 78.32 -39.47
CA THR CA 30 -40.65 77.62 -40.74
C THR CA 30 -41.89 76.83 -41.18
N GLY CA 31 -42.79 76.59 -40.25
CA GLY CA 31 -44.01 75.83 -40.51
C GLY CA 31 -43.73 74.36 -40.70
N MET CA 32 -43.05 73.74 -39.70
CA MET CA 32 -42.74 72.31 -39.74
C MET CA 32 -43.36 71.60 -38.55
N ASP CA 33 -43.71 70.33 -38.75
CA ASP CA 33 -44.22 69.48 -37.68
C ASP CA 33 -43.10 68.48 -37.31
N TYR CA 34 -43.41 67.49 -36.47
CA TYR CA 34 -42.42 66.51 -36.08
C TYR CA 34 -42.19 65.40 -37.12
N ARG CA 35 -42.92 65.44 -38.24
CA ARG CA 35 -42.83 64.43 -39.29
C ARG CA 35 -42.07 64.86 -40.54
N THR CA 36 -41.40 66.02 -40.45
CA THR CA 36 -40.60 66.55 -41.54
C THR CA 36 -39.28 67.12 -41.02
N ILE CA 37 -38.44 67.60 -41.93
CA ILE CA 37 -37.15 68.20 -41.61
C ILE CA 37 -36.91 69.43 -42.48
N ARG CA 38 -35.82 70.12 -42.17
CA ARG CA 38 -35.20 71.13 -42.98
C ARG CA 38 -33.81 70.54 -43.15
N ARG CA 39 -33.32 70.46 -44.39
CA ARG CA 39 -32.06 69.83 -44.68
C ARG CA 39 -31.33 70.55 -45.80
N LYS CA 40 -30.01 70.71 -45.65
CA LYS CA 40 -29.19 71.35 -46.67
C LYS CA 40 -27.83 70.72 -46.73
N ASP CA 41 -27.46 70.19 -47.91
CA ASP CA 41 -26.13 69.66 -48.15
C ASP CA 41 -25.29 70.84 -48.64
N TRP CA 42 -24.45 71.42 -47.74
CA TRP CA 42 -23.59 72.54 -48.10
C TRP CA 42 -22.50 72.06 -49.05
N SER CA 43 -22.11 70.79 -48.90
CA SER CA 43 -21.21 70.04 -49.78
C SER CA 43 -21.83 68.66 -50.01
N SER CA 44 -21.57 68.06 -51.17
CA SER CA 44 -22.16 66.78 -51.53
C SER CA 44 -21.71 65.62 -50.65
N PRO CA 45 -22.66 64.79 -50.16
CA PRO CA 45 -22.27 63.58 -49.42
C PRO CA 45 -21.47 62.64 -50.34
N LEU CA 46 -20.55 61.86 -49.78
CA LEU CA 46 -19.71 60.96 -50.56
C LEU CA 46 -20.02 59.51 -50.30
N ASN CA 47 -20.22 58.74 -51.38
CA ASN CA 47 -20.52 57.32 -51.31
C ASN CA 47 -19.24 56.52 -51.51
N THR CA 48 -18.93 55.63 -50.55
CA THR CA 48 -17.75 54.76 -50.57
C THR CA 48 -18.22 53.38 -50.13
N ALA CA 49 -18.19 52.40 -51.05
CA ALA CA 49 -18.69 51.04 -50.83
C ALA CA 49 -20.14 51.14 -50.28
N LEU CA 50 -20.49 50.37 -49.23
CA LEU CA 50 -21.83 50.43 -48.64
C LEU CA 50 -21.87 51.43 -47.47
N ASN CA 51 -21.52 52.69 -47.78
CA ASN CA 51 -21.47 53.79 -46.81
C ASN CA 51 -21.76 55.12 -47.48
N VAL CA 52 -22.41 56.02 -46.74
CA VAL CA 52 -22.66 57.40 -47.16
C VAL CA 52 -22.02 58.32 -46.14
N GLN CA 53 -21.11 59.18 -46.60
CA GLN CA 53 -20.44 60.14 -45.75
C GLN CA 53 -21.05 61.50 -45.96
N TYR CA 54 -21.72 62.03 -44.93
CA TYR CA 54 -22.28 63.38 -44.99
C TYR CA 54 -21.13 64.30 -44.64
N THR CA 55 -20.62 65.00 -45.67
CA THR CA 55 -19.46 65.88 -45.57
C THR CA 55 -19.77 67.15 -44.79
N ASN CA 56 -20.87 67.81 -45.16
CA ASN CA 56 -21.35 69.01 -44.49
C ASN CA 56 -22.82 69.20 -44.80
N THR CA 57 -23.66 68.59 -43.96
CA THR CA 57 -25.12 68.67 -44.07
C THR CA 57 -25.70 69.21 -42.77
N SER CA 58 -26.57 70.22 -42.88
CA SER CA 58 -27.27 70.77 -41.73
C SER CA 58 -28.69 70.23 -41.75
N ILE CA 59 -29.21 69.88 -40.57
CA ILE CA 59 -30.57 69.37 -40.42
C ILE CA 59 -31.27 70.06 -39.26
N ILE CA 60 -32.56 70.34 -39.44
CA ILE CA 60 -33.45 70.83 -38.41
C ILE CA 60 -34.52 69.76 -38.27
N ALA CA 61 -34.59 69.14 -37.09
CA ALA CA 61 -35.58 68.10 -36.78
C ALA CA 61 -36.17 68.45 -35.42
N GLY CA 62 -37.50 68.62 -35.38
CA GLY CA 62 -38.22 69.03 -34.18
C GLY CA 62 -37.76 70.40 -33.69
N GLY CA 63 -37.38 71.26 -34.63
CA GLY CA 63 -36.87 72.59 -34.37
C GLY CA 63 -35.45 72.63 -33.83
N ARG CA 64 -34.78 71.48 -33.79
CA ARG CA 64 -33.42 71.35 -33.28
C ARG CA 64 -32.44 71.32 -34.43
N TYR CA 65 -31.46 72.23 -34.40
CA TYR CA 65 -30.45 72.35 -35.44
C TYR CA 65 -29.19 71.60 -35.06
N PHE CA 66 -28.66 70.85 -36.03
CA PHE CA 66 -27.41 70.10 -35.89
C PHE CA 66 -26.73 69.94 -37.24
N GLU CA 67 -25.42 69.69 -37.20
CA GLU CA 67 -24.59 69.55 -38.39
C GLU CA 67 -23.90 68.21 -38.46
N LEU CA 68 -23.92 67.63 -39.66
CA LEU CA 68 -23.26 66.36 -39.94
C LEU CA 68 -21.98 66.71 -40.66
N LEU CA 69 -20.84 66.59 -39.96
CA LEU CA 69 -19.53 66.94 -40.51
C LEU CA 69 -18.69 65.69 -40.56
N ASN CA 70 -18.50 65.18 -41.79
CA ASN CA 70 -17.80 63.91 -42.08
C ASN CA 70 -18.35 62.78 -41.21
N GLU CA 71 -19.68 62.62 -41.28
CA GLU CA 71 -20.43 61.61 -40.54
C GLU CA 71 -20.84 60.51 -41.49
N THR CA 72 -20.29 59.30 -41.28
CA THR CA 72 -20.52 58.14 -42.13
C THR CA 72 -21.60 57.21 -41.56
N VAL CA 73 -22.53 56.80 -42.44
CA VAL CA 73 -23.60 55.87 -42.12
C VAL CA 73 -23.38 54.60 -42.93
N ALA CA 74 -23.27 53.44 -42.26
CA ALA CA 74 -23.09 52.14 -42.89
C ALA CA 74 -24.43 51.67 -43.45
N LEU CA 75 -24.41 51.12 -44.67
CA LEU CA 75 -25.61 50.68 -45.38
C LEU CA 75 -25.71 49.19 -45.59
N LYS CA 76 -26.95 48.71 -45.78
CA LYS CA 76 -27.27 47.33 -46.09
C LYS CA 76 -27.17 47.20 -47.63
N GLY CA 77 -26.55 46.13 -48.08
CA GLY CA 77 -26.38 45.86 -49.52
C GLY CA 77 -27.65 45.40 -50.18
N ASP CA 78 -27.80 45.70 -51.50
CA ASP CA 78 -28.96 45.35 -52.34
C ASP CA 78 -30.28 45.72 -51.65
N SER CA 79 -30.32 46.93 -51.09
CA SER CA 79 -31.45 47.39 -50.30
C SER CA 79 -31.73 48.86 -50.47
N VAL CA 80 -32.94 49.27 -50.04
CA VAL CA 80 -33.37 50.65 -49.99
C VAL CA 80 -33.20 51.05 -48.52
N ASN CA 81 -32.19 51.91 -48.26
CA ASN CA 81 -31.85 52.35 -46.91
C ASN CA 81 -32.52 53.67 -46.59
N TYR CA 82 -33.31 53.70 -45.50
CA TYR CA 82 -33.99 54.90 -45.03
C TYR CA 82 -33.14 55.51 -43.92
N ILE CA 83 -32.50 56.64 -44.21
CA ILE CA 83 -31.61 57.33 -43.28
C ILE CA 83 -32.40 58.20 -42.34
N HIS CA 84 -32.28 57.92 -41.03
CA HIS CA 84 -33.00 58.63 -39.99
C HIS CA 84 -32.10 59.43 -39.08
N ALA CA 85 -32.63 60.57 -38.61
CA ALA CA 85 -32.02 61.38 -37.57
C ALA CA 85 -32.83 61.00 -36.32
N ASN CA 86 -32.14 60.55 -35.26
CA ASN CA 86 -32.78 60.14 -34.02
C ASN CA 86 -32.37 61.05 -32.89
N ILE CA 87 -33.34 61.68 -32.23
CA ILE CA 87 -33.08 62.62 -31.14
C ILE CA 87 -33.58 62.10 -29.80
N ASP CA 88 -32.65 61.87 -28.87
CA ASP CA 88 -32.96 61.40 -27.52
C ASP CA 88 -32.35 62.40 -26.57
N LEU CA 89 -33.19 63.26 -25.99
CA LEU CA 89 -32.75 64.33 -25.08
C LEU CA 89 -32.15 63.87 -23.76
N THR CA 90 -32.44 62.61 -23.36
CA THR CA 90 -31.89 62.01 -22.13
C THR CA 90 -30.40 61.70 -22.31
N GLN CA 91 -29.96 61.49 -23.56
CA GLN CA 91 -28.56 61.25 -23.91
C GLN CA 91 -27.90 62.63 -24.01
N THR CA 92 -27.72 63.27 -22.85
CA THR CA 92 -27.16 64.60 -22.66
C THR CA 92 -25.92 64.94 -23.50
N ALA CA 93 -24.92 64.04 -23.52
CA ALA CA 93 -23.66 64.25 -24.24
C ALA CA 93 -23.78 64.07 -25.76
N ASN CA 94 -24.63 63.13 -26.22
CA ASN CA 94 -24.83 62.85 -27.65
C ASN CA 94 -26.33 62.67 -27.94
N PRO CA 95 -27.13 63.77 -27.99
CA PRO CA 95 -28.58 63.61 -28.19
C PRO CA 95 -29.01 63.14 -29.58
N VAL CA 96 -28.16 63.37 -30.59
CA VAL CA 96 -28.46 63.01 -31.97
C VAL CA 96 -27.59 61.87 -32.48
N SER CA 97 -28.22 60.93 -33.21
CA SER CA 97 -27.57 59.80 -33.85
C SER CA 97 -28.26 59.50 -35.18
N LEU CA 98 -27.52 58.90 -36.12
CA LEU CA 98 -28.06 58.52 -37.43
C LEU CA 98 -28.19 57.01 -37.56
N SER CA 99 -29.22 56.56 -38.28
CA SER CA 99 -29.44 55.15 -38.52
C SER CA 99 -29.88 54.92 -39.96
N ALA CA 100 -29.55 53.74 -40.51
CA ALA CA 100 -29.95 53.29 -41.84
C ALA CA 100 -30.93 52.15 -41.58
N GLU CA 101 -32.19 52.34 -41.97
CA GLU CA 101 -33.25 51.39 -41.67
C GLU CA 101 -33.95 50.83 -42.92
N THR CA 102 -34.60 49.67 -42.75
CA THR CA 102 -35.29 48.95 -43.81
C THR CA 102 -36.61 49.60 -44.26
N ALA CA 103 -37.16 50.52 -43.46
CA ALA CA 103 -38.41 51.21 -43.73
C ALA CA 103 -38.37 52.64 -43.22
N ASN CA 104 -39.34 53.48 -43.63
CA ASN CA 104 -39.45 54.83 -43.10
C ASN CA 104 -40.17 54.71 -41.76
N ASN CA 105 -39.39 54.83 -40.69
CA ASN CA 105 -39.87 54.66 -39.32
C ASN CA 105 -40.03 55.97 -38.54
N SER CA 106 -40.32 57.08 -39.27
CA SER CA 106 -40.57 58.40 -38.66
C SER CA 106 -41.75 58.26 -37.70
N ASN CA 107 -41.58 58.70 -36.44
CA ASN CA 107 -42.58 58.51 -35.39
C ASN CA 107 -43.37 59.74 -34.91
N GLY CA 108 -42.96 60.93 -35.34
CA GLY CA 108 -43.59 62.20 -34.98
C GLY CA 108 -43.67 62.53 -33.51
N VAL CA 109 -42.72 62.01 -32.70
CA VAL CA 109 -42.67 62.22 -31.25
C VAL CA 109 -42.37 63.68 -30.88
N ASP CA 110 -43.26 64.29 -30.07
CA ASP CA 110 -43.12 65.68 -29.61
C ASP CA 110 -42.06 65.78 -28.50
N ILE CA 111 -40.81 66.01 -28.90
CA ILE CA 111 -39.68 66.11 -27.98
C ILE CA 111 -39.57 67.44 -27.23
N ASN CA 112 -40.31 68.46 -27.70
CA ASN CA 112 -40.25 69.78 -27.07
C ASN CA 112 -41.26 69.96 -25.95
N ASN CA 113 -42.29 69.09 -25.89
CA ASN CA 113 -43.34 69.11 -24.88
C ASN CA 113 -43.38 67.88 -23.99
N GLY CA 114 -42.85 66.76 -24.48
CA GLY CA 114 -42.87 65.51 -23.73
C GLY CA 114 -41.62 64.66 -23.87
N SER CA 115 -41.69 63.45 -23.30
CA SER CA 115 -40.61 62.46 -23.33
C SER CA 115 -40.71 61.59 -24.59
N GLY CA 116 -39.62 60.86 -24.88
CA GLY CA 116 -39.55 59.98 -26.03
C GLY CA 116 -38.43 60.31 -26.99
N VAL CA 117 -38.15 59.39 -27.90
CA VAL CA 117 -37.12 59.55 -28.92
C VAL CA 117 -37.78 59.95 -30.23
N LEU CA 118 -37.34 61.07 -30.82
CA LEU CA 118 -37.87 61.50 -32.11
C LEU CA 118 -37.05 60.81 -33.20
N LYS CA 119 -37.73 60.15 -34.12
CA LYS CA 119 -37.12 59.51 -35.28
C LYS CA 119 -37.71 60.16 -36.50
N VAL CA 120 -36.86 60.66 -37.39
CA VAL CA 120 -37.33 61.30 -38.61
C VAL CA 120 -36.42 60.95 -39.78
N CYS CA 121 -37.00 60.39 -40.85
CA CYS CA 121 -36.28 59.99 -42.05
C CYS CA 121 -36.02 61.23 -42.91
N PHE CA 122 -34.77 61.39 -43.41
CA PHE CA 122 -34.41 62.53 -44.25
C PHE CA 122 -33.79 62.17 -45.61
N ASP CA 123 -33.33 60.92 -45.76
CA ASP CA 123 -32.69 60.46 -46.99
C ASP CA 123 -33.05 59.02 -47.31
N ILE CA 124 -33.11 58.69 -48.61
CA ILE CA 124 -33.37 57.34 -49.10
C ILE CA 124 -32.19 56.96 -50.00
N VAL CA 125 -31.37 55.99 -49.55
CA VAL CA 125 -30.18 55.57 -50.27
C VAL CA 125 -30.33 54.12 -50.74
N THR CA 126 -30.37 53.92 -52.06
CA THR CA 126 -30.50 52.60 -52.67
C THR CA 126 -29.11 52.04 -53.02
N THR CA 127 -28.89 50.76 -52.70
CA THR CA 127 -27.61 50.10 -52.93
C THR CA 127 -27.70 48.90 -53.87
N SER CA 128 -26.52 48.46 -54.34
CA SER CA 128 -26.32 47.25 -55.10
C SER CA 128 -25.59 46.38 -54.07
N GLY CA 129 -24.95 45.31 -54.51
CA GLY CA 129 -24.18 44.47 -53.61
C GLY CA 129 -22.84 45.09 -53.24
N THR CA 130 -22.40 46.09 -54.04
CA THR CA 130 -21.09 46.75 -53.90
C THR CA 130 -21.06 48.20 -53.43
N GLY CA 131 -22.12 48.95 -53.73
CA GLY CA 131 -22.19 50.37 -53.38
C GLY CA 131 -23.52 51.04 -53.64
N VAL CA 132 -23.53 52.38 -53.55
CA VAL CA 132 -24.72 53.21 -53.74
C VAL CA 132 -25.05 53.34 -55.24
N THR CA 133 -26.32 53.08 -55.60
CA THR CA 133 -26.78 53.22 -56.99
C THR CA 133 -27.55 54.53 -57.18
N SER CA 134 -28.32 54.96 -56.15
CA SER CA 134 -29.09 56.21 -56.20
C SER CA 134 -29.41 56.74 -54.80
N THR CA 135 -29.64 58.05 -54.71
CA THR CA 135 -30.02 58.75 -53.49
C THR CA 135 -31.18 59.69 -53.80
N LYS CA 136 -32.20 59.66 -52.95
CA LYS CA 136 -33.37 60.51 -53.07
C LYS CA 136 -33.65 61.14 -51.70
N PRO CA 137 -33.72 62.48 -51.61
CA PRO CA 137 -34.02 63.09 -50.32
C PRO CA 137 -35.50 63.03 -49.97
N ILE CA 138 -35.80 63.09 -48.67
CA ILE CA 138 -37.18 63.15 -48.19
C ILE CA 138 -37.63 64.60 -48.38
N VAL CA 139 -38.90 64.80 -48.76
CA VAL CA 139 -39.53 66.09 -48.98
C VAL CA 139 -39.55 66.92 -47.69
N GLN CA 140 -39.25 68.23 -47.80
CA GLN CA 140 -39.27 69.17 -46.69
C GLN CA 140 -40.63 69.90 -46.78
N THR CA 141 -41.55 69.58 -45.86
CA THR CA 141 -42.90 70.14 -45.88
C THR CA 141 -43.04 71.44 -45.10
N SER CA 142 -43.65 72.45 -45.74
CA SER CA 142 -43.97 73.73 -45.14
C SER CA 142 -45.50 73.76 -44.96
N THR CA 143 -45.97 73.74 -43.71
CA THR CA 143 -47.39 73.78 -43.40
C THR CA 143 -47.74 75.22 -43.03
N LEU CA 144 -48.49 75.89 -43.91
CA LEU CA 144 -48.83 77.30 -43.72
C LEU CA 144 -50.34 77.56 -43.68
N ASP CA 145 -50.75 78.64 -42.98
CA ASP CA 145 -52.17 79.00 -42.92
C ASP CA 145 -52.69 79.85 -44.09
N SER CA 146 -52.01 80.95 -44.40
CA SER CA 146 -52.49 81.89 -45.44
C SER CA 146 -51.30 82.56 -46.02
N ILE CA 147 -51.20 82.55 -47.36
CA ILE CA 147 -50.08 83.15 -48.08
C ILE CA 147 -50.54 84.31 -48.96
N SER CA 148 -49.84 85.43 -48.85
CA SER CA 148 -49.97 86.59 -49.71
C SER CA 148 -48.59 86.60 -50.42
N VAL CA 149 -48.57 86.36 -51.76
CA VAL CA 149 -47.36 86.30 -52.58
C VAL CA 149 -47.50 87.11 -53.86
N ASN CA 150 -46.35 87.54 -54.43
CA ASN CA 150 -46.35 88.26 -55.68
C ASN CA 150 -46.30 87.28 -56.84
N ASP CA 151 -45.24 86.46 -56.92
CA ASP CA 151 -45.11 85.47 -57.98
C ASP CA 151 -44.67 84.12 -57.44
N MET CA 152 -45.07 83.05 -58.13
CA MET CA 152 -44.74 81.68 -57.75
C MET CA 152 -44.47 80.81 -58.98
N THR CA 153 -43.45 79.95 -58.88
CA THR CA 153 -43.12 78.98 -59.91
C THR CA 153 -43.25 77.60 -59.31
N VAL CA 154 -44.04 76.74 -59.98
CA VAL CA 154 -44.29 75.35 -59.57
C VAL CA 154 -43.67 74.42 -60.60
N SER CA 155 -42.77 73.51 -60.16
CA SER CA 155 -42.11 72.56 -61.04
C SER CA 155 -42.90 71.23 -61.14
N GLY CA 156 -43.65 70.90 -60.10
CA GLY CA 156 -44.48 69.72 -60.04
C GLY CA 156 -45.92 70.06 -60.32
N SER CA 157 -46.79 69.95 -59.32
CA SER CA 157 -48.22 70.26 -59.48
C SER CA 157 -48.84 70.89 -58.25
N ILE CA 158 -49.94 71.61 -58.44
CA ILE CA 158 -50.72 72.20 -57.35
C ILE CA 158 -51.99 71.36 -57.24
N ASP CA 159 -52.28 70.87 -56.04
CA ASP CA 159 -53.50 70.15 -55.76
C ASP CA 159 -54.51 71.11 -55.12
N VAL CA 160 -55.61 71.39 -55.82
CA VAL CA 160 -56.67 72.28 -55.34
C VAL CA 160 -57.93 71.47 -55.01
N PRO CA 161 -58.85 71.96 -54.13
CA PRO CA 161 -60.06 71.19 -53.85
C PRO CA 161 -60.94 70.96 -55.09
N VAL CA 162 -61.54 69.76 -55.15
CA VAL CA 162 -62.41 69.33 -56.24
C VAL CA 162 -63.74 68.87 -55.67
N GLN CA 163 -64.83 69.36 -56.25
CA GLN CA 163 -66.19 68.98 -55.90
C GLN CA 163 -66.90 68.52 -57.17
N THR CA 164 -67.70 67.45 -57.06
CA THR CA 164 -68.46 66.92 -58.20
C THR CA 164 -69.95 66.89 -57.87
N LEU CA 165 -70.78 67.03 -58.91
CA LEU CA 165 -72.24 67.03 -58.78
C LEU CA 165 -72.87 66.50 -60.05
N THR CA 166 -73.83 65.58 -59.90
CA THR CA 166 -74.61 65.06 -61.02
C THR CA 166 -76.01 65.65 -60.87
N VAL CA 167 -76.51 66.30 -61.92
CA VAL CA 167 -77.83 66.92 -61.91
C VAL CA 167 -78.73 66.25 -62.92
N GLU CA 168 -79.89 65.75 -62.46
CA GLU CA 168 -80.92 65.21 -63.32
C GLU CA 168 -81.79 66.43 -63.61
N ALA CA 169 -81.37 67.20 -64.61
CA ALA CA 169 -81.94 68.49 -64.99
C ALA CA 169 -83.40 68.46 -65.42
N GLY CA 170 -83.86 67.32 -65.90
CA GLY CA 170 -85.21 67.13 -66.39
C GLY CA 170 -85.22 66.91 -67.88
N ASN CA 171 -86.34 66.36 -68.40
CA ASN CA 171 -86.55 66.07 -69.82
C ASN CA 171 -85.53 65.07 -70.39
N GLY CA 172 -84.86 64.34 -69.49
CA GLY CA 172 -83.84 63.34 -69.83
C GLY CA 172 -82.42 63.85 -69.83
N LEU CA 173 -82.22 65.17 -69.65
CA LEU CA 173 -80.89 65.78 -69.64
C LEU CA 173 -80.18 65.54 -68.31
N GLN CA 174 -78.90 65.15 -68.38
CA GLN CA 174 -78.06 64.95 -67.21
C GLN CA 174 -76.81 65.82 -67.35
N LEU CA 175 -76.41 66.48 -66.25
CA LEU CA 175 -75.19 67.27 -66.21
C LEU CA 175 -74.27 66.67 -65.17
N GLN CA 176 -72.99 66.51 -65.50
CA GLN CA 176 -71.98 66.05 -64.56
C GLN CA 176 -71.01 67.23 -64.43
N LEU CA 177 -71.08 67.92 -63.30
CA LEU CA 177 -70.28 69.11 -63.03
C LEU CA 177 -69.09 68.81 -62.16
N THR CA 178 -67.92 69.33 -62.54
CA THR CA 178 -66.69 69.21 -61.77
C THR CA 178 -66.18 70.61 -61.51
N LYS CA 179 -66.06 70.98 -60.23
CA LYS CA 179 -65.61 72.30 -59.82
C LYS CA 179 -64.26 72.22 -59.13
N LYS CA 180 -63.30 73.04 -59.58
CA LYS CA 180 -61.96 73.06 -59.02
C LYS CA 180 -61.61 74.45 -58.51
N ASN CA 181 -60.96 74.52 -57.33
CA ASN CA 181 -60.57 75.76 -56.66
C ASN CA 181 -61.81 76.59 -56.28
N ASN CA 182 -63.00 75.94 -56.29
CA ASN CA 182 -64.28 76.57 -55.98
C ASN CA 182 -64.65 77.63 -57.03
N ASP CA 183 -63.99 77.59 -58.20
CA ASP CA 183 -64.22 78.59 -59.24
C ASP CA 183 -64.48 78.02 -60.62
N LEU CA 184 -63.53 77.28 -61.19
CA LEU CA 184 -63.67 76.73 -62.54
C LEU CA 184 -64.53 75.49 -62.55
N VAL CA 185 -65.58 75.52 -63.39
CA VAL CA 185 -66.50 74.39 -63.54
C VAL CA 185 -66.48 73.88 -64.97
N ILE CA 186 -66.37 72.56 -65.14
CA ILE CA 186 -66.52 71.92 -66.45
C ILE CA 186 -67.76 71.04 -66.35
N VAL CA 187 -68.74 71.31 -67.22
CA VAL CA 187 -70.00 70.57 -67.30
C VAL CA 187 -69.90 69.58 -68.44
N ARG CA 188 -70.22 68.31 -68.17
CA ARG CA 188 -70.25 67.24 -69.16
C ARG CA 188 -71.71 66.83 -69.34
N PHE CA 189 -72.22 66.92 -70.57
CA PHE CA 189 -73.62 66.56 -70.84
C PHE CA 189 -73.79 65.09 -71.09
N PHE CA 190 -74.87 64.51 -70.55
CA PHE CA 190 -75.26 63.12 -70.74
C PHE CA 190 -76.77 63.00 -70.85
N GLY CA 191 -77.26 61.78 -71.07
CA GLY CA 191 -78.69 61.52 -71.23
C GLY CA 191 -79.19 61.80 -72.63
N SER CA 192 -80.53 61.92 -72.76
CA SER CA 192 -81.20 62.17 -74.03
C SER CA 192 -82.44 63.03 -73.76
N VAL CA 193 -82.55 64.16 -74.49
CA VAL CA 193 -83.62 65.14 -74.29
C VAL CA 193 -84.84 64.93 -75.20
N SER CA 194 -86.05 65.13 -74.64
CA SER CA 194 -87.34 65.05 -75.34
C SER CA 194 -88.38 65.94 -74.65
N ASN CA 195 -89.44 66.33 -75.40
CA ASN CA 195 -90.57 67.12 -74.92
C ASN CA 195 -90.18 68.43 -74.21
N ILE CA 196 -89.46 69.30 -74.93
CA ILE CA 196 -89.00 70.60 -74.43
C ILE CA 196 -89.11 71.67 -75.52
N GLN CA 197 -89.32 72.93 -75.11
CA GLN CA 197 -89.38 74.06 -76.04
C GLN CA 197 -88.32 75.08 -75.70
N LYS CA 198 -87.91 75.88 -76.70
CA LYS CA 198 -86.94 76.96 -76.53
C LYS CA 198 -87.47 77.97 -75.50
N GLY CA 199 -86.61 78.38 -74.59
CA GLY CA 199 -86.94 79.33 -73.53
C GLY CA 199 -87.55 78.71 -72.29
N TRP CA 200 -87.88 77.41 -72.35
CA TRP CA 200 -88.49 76.71 -71.22
C TRP CA 200 -87.49 76.18 -70.24
N ASN CA 201 -87.84 76.25 -68.95
CA ASN CA 201 -87.06 75.76 -67.84
C ASN CA 201 -87.14 74.23 -67.88
N MET CA 202 -86.01 73.51 -67.66
CA MET CA 202 -86.01 72.03 -67.63
C MET CA 202 -86.84 71.60 -66.40
N SER CA 203 -87.59 70.51 -66.51
CA SER CA 203 -88.53 70.01 -65.50
C SER CA 203 -87.97 69.31 -64.25
N GLY CA 204 -86.65 69.19 -64.15
CA GLY CA 204 -86.03 68.48 -63.03
C GLY CA 204 -85.36 69.32 -61.96
N THR CA 205 -84.30 68.75 -61.38
CA THR CA 205 -83.51 69.32 -60.29
C THR CA 205 -82.71 70.54 -60.70
N TRP CA 206 -82.72 71.58 -59.85
CA TRP CA 206 -81.94 72.80 -60.05
C TRP CA 206 -80.52 72.55 -59.54
N VAL CA 207 -79.56 73.33 -60.04
CA VAL CA 207 -78.14 73.22 -59.66
C VAL CA 207 -77.96 73.63 -58.20
N ASP CA 208 -77.25 72.80 -57.41
CA ASP CA 208 -76.96 73.06 -56.00
C ASP CA 208 -76.21 74.37 -55.84
N ARG CA 209 -76.52 75.10 -54.75
CA ARG CA 209 -75.91 76.41 -54.43
C ARG CA 209 -74.38 76.49 -54.66
N PRO CA 210 -73.54 75.50 -54.21
CA PRO CA 210 -72.08 75.61 -54.43
C PRO CA 210 -71.60 75.63 -55.88
N PHE CA 211 -72.46 75.25 -56.83
CA PHE CA 211 -72.12 75.22 -58.25
C PHE CA 211 -72.79 76.35 -59.05
N ARG CA 212 -73.63 77.15 -58.40
CA ARG CA 212 -74.33 78.26 -59.05
C ARG CA 212 -73.40 79.41 -59.43
N PRO CA 213 -73.46 79.89 -60.70
CA PRO CA 213 -72.61 81.02 -61.09
C PRO CA 213 -73.17 82.37 -60.62
N ALA CA 214 -72.32 83.41 -60.60
CA ALA CA 214 -72.73 84.76 -60.21
C ALA CA 214 -73.60 85.40 -61.31
N ALA CA 215 -73.32 85.03 -62.58
CA ALA CA 215 -74.03 85.51 -63.76
C ALA CA 215 -74.44 84.33 -64.64
N VAL CA 216 -75.51 84.48 -65.44
CA VAL CA 216 -76.02 83.44 -66.34
C VAL CA 216 -74.93 82.89 -67.27
N GLN CA 217 -74.84 81.55 -67.37
CA GLN CA 217 -73.82 80.91 -68.20
C GLN CA 217 -74.46 80.05 -69.28
N SER CA 218 -74.17 80.36 -70.56
CA SER CA 218 -74.68 79.64 -71.72
C SER CA 218 -73.68 78.55 -72.11
N LEU CA 219 -74.10 77.28 -72.01
CA LEU CA 219 -73.22 76.16 -72.32
C LEU CA 219 -73.69 75.39 -73.55
N VAL CA 220 -72.83 75.35 -74.58
CA VAL CA 220 -73.10 74.69 -75.87
C VAL CA 220 -72.93 73.17 -75.75
N GLY CA 221 -73.90 72.44 -76.31
CA GLY CA 221 -73.90 70.99 -76.38
C GLY CA 221 -74.13 70.49 -77.79
N HIS CA 222 -73.92 69.18 -78.02
CA HIS CA 222 -74.08 68.56 -79.33
C HIS CA 222 -74.98 67.31 -79.27
N PHE CA 223 -75.75 67.09 -80.34
CA PHE CA 223 -76.59 65.90 -80.47
C PHE CA 223 -75.79 64.81 -81.16
N ALA CA 224 -75.53 63.71 -80.42
CA ALA CA 224 -74.75 62.58 -80.89
C ALA CA 224 -75.23 61.99 -82.23
N GLY CA 225 -74.30 61.87 -83.16
CA GLY CA 225 -74.54 61.33 -84.50
C GLY CA 225 -75.25 62.27 -85.45
N ARG CA 226 -75.38 63.56 -85.07
CA ARG CA 226 -76.07 64.58 -85.87
C ARG CA 226 -75.18 65.79 -86.14
N ASP CA 227 -75.63 66.69 -87.02
CA ASP CA 227 -74.97 67.95 -87.35
C ASP CA 227 -75.54 69.09 -86.51
N THR CA 228 -76.49 68.76 -85.63
CA THR CA 228 -77.23 69.71 -84.81
C THR CA 228 -76.68 69.93 -83.41
N SER CA 229 -76.92 71.11 -82.85
CA SER CA 229 -76.45 71.50 -81.52
C SER CA 229 -77.53 72.19 -80.71
N PHE CA 230 -77.26 72.44 -79.43
CA PHE CA 230 -78.15 73.12 -78.51
C PHE CA 230 -77.30 73.91 -77.52
N HIS CA 231 -77.96 74.69 -76.66
CA HIS CA 231 -77.33 75.34 -75.53
C HIS CA 231 -78.31 75.46 -74.40
N ILE CA 232 -77.79 75.45 -73.17
CA ILE CA 232 -78.59 75.60 -71.97
C ILE CA 232 -78.02 76.77 -71.19
N ASP CA 233 -78.86 77.44 -70.42
CA ASP CA 233 -78.42 78.53 -69.55
C ASP CA 233 -78.51 78.08 -68.12
N ILE CA 234 -77.39 78.15 -67.38
CA ILE CA 234 -77.39 77.88 -65.95
C ILE CA 234 -77.55 79.25 -65.34
N ASN CA 235 -78.72 79.49 -64.75
CA ASN CA 235 -79.06 80.78 -64.16
C ASN CA 235 -78.50 80.91 -62.74
N PRO CA 236 -78.19 82.15 -62.26
CA PRO CA 236 -77.68 82.31 -60.89
C PRO CA 236 -78.55 81.70 -59.78
N ASN CA 237 -79.87 81.53 -60.02
CA ASN CA 237 -80.79 80.93 -59.05
C ASN CA 237 -80.72 79.38 -59.03
N GLY CA 238 -79.99 78.80 -59.97
CA GLY CA 238 -79.82 77.36 -60.08
C GLY CA 238 -80.65 76.69 -61.16
N SER CA 239 -81.66 77.41 -61.69
CA SER CA 239 -82.52 76.88 -62.75
C SER CA 239 -81.76 76.74 -64.07
N ILE CA 240 -82.24 75.84 -64.93
CA ILE CA 240 -81.65 75.58 -66.24
C ILE CA 240 -82.68 75.85 -67.32
N THR CA 241 -82.36 76.76 -68.26
CA THR CA 241 -83.23 77.12 -69.38
C THR CA 241 -82.75 76.46 -70.67
N TRP CA 242 -83.66 75.80 -71.40
CA TRP CA 242 -83.38 75.17 -72.69
C TRP CA 242 -83.32 76.21 -73.79
N TRP CA 243 -82.23 76.21 -74.55
CA TRP CA 243 -82.09 77.13 -75.66
C TRP CA 243 -81.76 76.50 -77.00
N GLY CA 244 -82.07 75.21 -77.13
CA GLY CA 244 -81.98 74.50 -78.39
C GLY CA 244 -83.33 74.65 -79.08
N ALA CA 245 -83.54 73.96 -80.21
CA ALA CA 245 -84.83 73.99 -80.90
C ALA CA 245 -85.85 73.16 -80.11
N ASN CA 246 -87.15 73.27 -80.43
CA ASN CA 246 -88.20 72.46 -79.76
C ASN CA 246 -88.00 70.98 -80.05
N ILE CA 247 -88.07 70.13 -79.03
CA ILE CA 247 -87.91 68.68 -79.22
C ILE CA 247 -89.22 67.94 -78.99
N ASP CA 248 -89.52 67.01 -79.90
CA ASP CA 248 -90.67 66.13 -79.90
C ASP CA 248 -90.39 64.93 -79.04
N LYS CA 249 -91.33 63.98 -79.03
CA LYS CA 249 -91.34 62.80 -78.18
C LYS CA 249 -90.10 61.93 -78.24
N THR CA 250 -89.47 61.82 -79.42
CA THR CA 250 -88.28 60.99 -79.62
C THR CA 250 -87.05 61.60 -78.95
N PRO CA 251 -86.43 60.89 -78.01
CA PRO CA 251 -85.27 61.46 -77.29
C PRO CA 251 -84.04 61.51 -78.20
N ILE CA 252 -83.24 62.56 -78.06
CA ILE CA 252 -82.01 62.75 -78.82
C ILE CA 252 -80.87 62.82 -77.79
N ALA CA 253 -79.82 62.00 -77.98
CA ALA CA 253 -78.67 61.94 -77.07
C ALA CA 253 -77.90 63.27 -77.05
N THR CA 254 -77.66 63.79 -75.84
CA THR CA 254 -77.01 65.07 -75.59
C THR CA 254 -75.64 64.89 -74.98
N ARG CA 255 -74.60 65.46 -75.61
CA ARG CA 255 -73.21 65.33 -75.14
C ARG CA 255 -72.46 66.66 -75.27
N GLY CA 256 -71.26 66.71 -74.68
CA GLY CA 256 -70.40 67.88 -74.78
C GLY CA 256 -69.90 68.47 -73.48
N ASN CA 257 -68.75 69.17 -73.56
CA ASN CA 257 -68.12 69.85 -72.44
C ASN CA 257 -68.24 71.36 -72.57
N GLY CA 258 -68.65 72.00 -71.49
CA GLY CA 258 -68.79 73.45 -71.38
C GLY CA 258 -68.17 73.92 -70.09
N SER CA 259 -67.45 75.06 -70.12
CA SER CA 259 -66.78 75.60 -68.94
C SER CA 259 -67.31 76.97 -68.54
N TYR CA 260 -67.28 77.26 -67.23
CA TYR CA 260 -67.68 78.55 -66.67
C TYR CA 260 -66.97 78.85 -65.36
N PHE CA 261 -66.92 80.13 -65.00
CA PHE CA 261 -66.37 80.61 -63.73
C PHE CA 261 -67.54 80.93 -62.81
N ILE CA 262 -67.45 80.51 -61.56
CA ILE CA 262 -68.46 80.82 -60.55
C ILE CA 262 -68.28 82.28 -60.11
N LYS CA 263 -67.02 82.67 -59.85
CA LYS CA 263 -66.65 84.00 -59.37
C LYS CA 263 -66.41 84.99 -60.51
N THR DA 1 -24.83 104.59 -40.70
CA THR DA 1 -24.28 103.70 -39.68
C THR DA 1 -24.86 102.29 -39.84
N ILE DA 2 -23.99 101.26 -39.80
CA ILE DA 2 -24.41 99.86 -39.93
C ILE DA 2 -24.28 99.14 -38.58
N LYS DA 3 -25.39 98.53 -38.12
CA LYS DA 3 -25.48 97.76 -36.88
C LYS DA 3 -25.50 96.27 -37.22
N ASN DA 4 -24.37 95.58 -37.00
CA ASN DA 4 -24.23 94.15 -37.27
C ASN DA 4 -24.67 93.31 -36.07
N PHE DA 5 -25.34 92.16 -36.32
CA PHE DA 5 -25.83 91.31 -35.24
C PHE DA 5 -25.42 89.85 -35.27
N THR DA 6 -25.72 89.11 -36.37
CA THR DA 6 -25.37 87.69 -36.48
C THR DA 6 -23.87 87.54 -36.85
N PHE DA 7 -22.99 88.06 -35.97
CA PHE DA 7 -21.54 88.05 -36.17
C PHE DA 7 -20.78 87.86 -34.86
N PHE DA 8 -19.52 87.39 -34.98
CA PHE DA 8 -18.64 87.13 -33.86
C PHE DA 8 -18.09 88.41 -33.24
N SER DA 9 -18.09 88.45 -31.89
CA SER DA 9 -17.57 89.56 -31.11
C SER DA 9 -16.18 89.16 -30.56
N PRO DA 10 -15.07 89.69 -31.15
CA PRO DA 10 -13.72 89.29 -30.72
C PRO DA 10 -13.41 89.52 -29.24
N ASN DA 11 -13.72 90.73 -28.73
CA ASN DA 11 -13.49 91.10 -27.33
C ASN DA 11 -14.74 90.89 -26.48
N SER DA 12 -15.74 90.15 -27.02
CA SER DA 12 -17.03 89.82 -26.39
C SER DA 12 -17.86 91.06 -25.99
N THR DA 13 -17.76 92.13 -26.80
CA THR DA 13 -18.45 93.41 -26.60
C THR DA 13 -18.93 94.01 -27.92
N GLU DA 14 -18.30 93.59 -29.04
CA GLU DA 14 -18.55 94.09 -30.40
C GLU DA 14 -19.99 94.04 -30.93
N PHE DA 15 -20.61 92.85 -31.00
CA PHE DA 15 -21.97 92.75 -31.54
C PHE DA 15 -23.03 92.16 -30.59
N PRO DA 16 -23.56 92.98 -29.65
CA PRO DA 16 -24.59 92.47 -28.74
C PRO DA 16 -25.96 92.50 -29.39
N VAL DA 17 -26.65 91.35 -29.41
CA VAL DA 17 -27.98 91.25 -30.02
C VAL DA 17 -29.13 91.32 -28.99
N GLY DA 18 -29.98 92.33 -29.14
CA GLY DA 18 -31.12 92.59 -28.28
C GLY DA 18 -32.39 91.85 -28.63
N SER DA 19 -33.40 91.95 -27.74
CA SER DA 19 -34.72 91.31 -27.88
C SER DA 19 -35.50 91.85 -29.09
N ASN DA 20 -35.35 93.17 -29.38
CA ASN DA 20 -36.00 93.83 -30.51
C ASN DA 20 -35.31 93.46 -31.83
N ASN DA 21 -33.96 93.33 -31.80
CA ASN DA 21 -33.13 92.97 -32.95
C ASN DA 21 -33.45 91.55 -33.41
N ASP DA 22 -33.60 90.61 -32.46
CA ASP DA 22 -33.97 89.23 -32.73
C ASP DA 22 -35.45 89.17 -33.11
N GLY DA 23 -36.26 90.02 -32.48
CA GLY DA 23 -37.70 90.15 -32.73
C GLY DA 23 -37.97 90.51 -34.18
N LYS DA 24 -37.24 91.51 -34.71
CA LYS DA 24 -37.34 91.95 -36.10
C LYS DA 24 -36.85 90.83 -37.02
N LEU DA 25 -35.74 90.16 -36.63
CA LEU DA 25 -35.12 89.05 -37.35
C LEU DA 25 -36.11 87.89 -37.56
N TYR DA 26 -36.80 87.47 -36.47
CA TYR DA 26 -37.79 86.38 -36.50
C TYR DA 26 -39.00 86.70 -37.40
N MET DA 27 -39.43 87.97 -37.43
CA MET DA 27 -40.56 88.45 -38.24
C MET DA 27 -40.29 88.28 -39.73
N MET DA 28 -39.09 88.69 -40.17
CA MET DA 28 -38.63 88.65 -41.56
C MET DA 28 -38.49 87.22 -42.09
N LEU DA 29 -38.10 86.27 -41.21
CA LEU DA 29 -37.92 84.86 -41.55
C LEU DA 29 -39.25 84.18 -41.89
N THR DA 30 -40.28 84.38 -41.04
CA THR DA 30 -41.61 83.80 -41.23
C THR DA 30 -42.49 84.64 -42.17
N GLY DA 31 -42.16 85.91 -42.34
CA GLY DA 31 -42.88 86.84 -43.20
C GLY DA 31 -44.17 87.34 -42.55
N MET DA 32 -44.04 88.02 -41.40
CA MET DA 32 -45.17 88.55 -40.64
C MET DA 32 -45.03 90.04 -40.30
N ASP DA 33 -46.17 90.71 -40.07
CA ASP DA 33 -46.24 92.10 -39.68
C ASP DA 33 -46.72 92.18 -38.21
N TYR DA 34 -46.97 93.40 -37.70
CA TYR DA 34 -47.44 93.58 -36.32
C TYR DA 34 -48.96 93.35 -36.18
N ARG DA 35 -49.63 92.99 -37.29
CA ARG DA 35 -51.07 92.73 -37.33
C ARG DA 35 -51.43 91.23 -37.33
N THR DA 36 -50.44 90.34 -37.55
CA THR DA 36 -50.64 88.89 -37.55
C THR DA 36 -49.78 88.18 -36.48
N ILE DA 37 -50.12 86.92 -36.17
CA ILE DA 37 -49.43 86.09 -35.18
C ILE DA 37 -48.98 84.75 -35.76
N ARG DA 38 -48.24 84.00 -34.93
CA ARG DA 38 -47.81 82.63 -35.18
C ARG DA 38 -48.25 81.91 -33.92
N ARG DA 39 -49.33 81.12 -34.03
CA ARG DA 39 -49.95 80.44 -32.90
C ARG DA 39 -50.07 78.94 -33.14
N LYS DA 40 -49.76 78.14 -32.11
CA LYS DA 40 -49.87 76.68 -32.15
C LYS DA 40 -50.34 76.11 -30.83
N ASP DA 41 -51.45 75.36 -30.86
CA ASP DA 41 -52.02 74.69 -29.70
C ASP DA 41 -51.43 73.28 -29.62
N TRP DA 42 -50.41 73.10 -28.75
CA TRP DA 42 -49.73 71.81 -28.53
C TRP DA 42 -50.69 70.85 -27.85
N SER DA 43 -51.54 71.39 -26.95
CA SER DA 43 -52.60 70.70 -26.23
C SER DA 43 -53.84 71.58 -26.33
N SER DA 44 -54.98 71.00 -26.76
CA SER DA 44 -56.25 71.69 -26.97
C SER DA 44 -56.71 72.50 -25.73
N PRO DA 45 -57.04 73.81 -25.91
CA PRO DA 45 -57.48 74.62 -24.75
C PRO DA 45 -58.82 74.15 -24.17
N LEU DA 46 -58.93 74.19 -22.84
CA LEU DA 46 -60.13 73.77 -22.11
C LEU DA 46 -61.08 74.92 -21.82
N ASN DA 47 -62.38 74.70 -22.06
CA ASN DA 47 -63.44 75.68 -21.83
C ASN DA 47 -64.30 75.27 -20.64
N THR DA 48 -64.19 76.01 -19.53
CA THR DA 48 -64.96 75.77 -18.30
C THR DA 48 -65.79 77.03 -18.03
N ALA DA 49 -67.14 76.90 -18.09
CA ALA DA 49 -68.11 78.00 -17.92
C ALA DA 49 -67.79 79.17 -18.89
N LEU DA 50 -67.88 80.44 -18.43
CA LEU DA 50 -67.56 81.60 -19.26
C LEU DA 50 -66.07 81.98 -19.12
N ASN DA 51 -65.19 80.98 -19.29
CA ASN DA 51 -63.73 81.10 -19.18
C ASN DA 51 -63.04 80.12 -20.14
N VAL DA 52 -61.91 80.54 -20.74
CA VAL DA 52 -61.11 79.70 -21.64
C VAL DA 52 -59.67 79.60 -21.15
N GLN DA 53 -59.24 78.37 -20.81
CA GLN DA 53 -57.89 78.09 -20.32
C GLN DA 53 -57.01 77.53 -21.44
N TYR DA 54 -55.91 78.23 -21.74
CA TYR DA 54 -54.96 77.78 -22.76
C TYR DA 54 -53.93 76.88 -22.08
N THR DA 55 -54.17 75.56 -22.13
CA THR DA 55 -53.35 74.50 -21.54
C THR DA 55 -51.86 74.63 -21.91
N ASN DA 56 -51.57 74.64 -23.23
CA ASN DA 56 -50.22 74.84 -23.79
C ASN DA 56 -50.35 75.37 -25.20
N THR DA 57 -50.18 76.69 -25.32
CA THR DA 57 -50.27 77.41 -26.59
C THR DA 57 -49.12 78.41 -26.67
N SER DA 58 -48.27 78.26 -27.69
CA SER DA 58 -47.15 79.16 -27.93
C SER DA 58 -47.57 80.20 -28.97
N ILE DA 59 -47.22 81.48 -28.74
CA ILE DA 59 -47.57 82.59 -29.64
C ILE DA 59 -46.37 83.49 -29.93
N ILE DA 60 -46.16 83.82 -31.22
CA ILE DA 60 -45.12 84.73 -31.68
C ILE DA 60 -45.81 85.98 -32.22
N ALA DA 61 -45.92 87.01 -31.37
CA ALA DA 61 -46.55 88.28 -31.71
C ALA DA 61 -45.48 89.37 -31.76
N GLY DA 62 -45.34 90.00 -32.92
CA GLY DA 62 -44.34 91.03 -33.18
C GLY DA 62 -42.92 90.50 -33.10
N GLY DA 63 -42.75 89.22 -33.45
CA GLY DA 63 -41.49 88.50 -33.42
C GLY DA 63 -41.04 88.13 -32.02
N ARG DA 64 -41.95 88.27 -31.04
CA ARG DA 64 -41.67 87.97 -29.63
C ARG DA 64 -42.36 86.66 -29.23
N TYR DA 65 -41.56 85.64 -28.84
CA TYR DA 65 -42.04 84.32 -28.44
C TYR DA 65 -42.43 84.25 -26.98
N PHE DA 66 -43.62 83.66 -26.71
CA PHE DA 66 -44.16 83.44 -25.37
C PHE DA 66 -45.08 82.23 -25.31
N GLU DA 67 -45.12 81.54 -24.17
CA GLU DA 67 -45.95 80.35 -23.96
C GLU DA 67 -47.06 80.60 -22.95
N LEU DA 68 -48.27 80.11 -23.26
CA LEU DA 68 -49.42 80.23 -22.36
C LEU DA 68 -49.59 78.86 -21.73
N LEU DA 69 -49.20 78.72 -20.46
CA LEU DA 69 -49.26 77.44 -19.75
C LEU DA 69 -50.35 77.49 -18.69
N ASN DA 70 -51.53 76.92 -19.03
CA ASN DA 70 -52.74 76.87 -18.19
C ASN DA 70 -53.23 78.28 -17.77
N GLU DA 71 -53.10 79.25 -18.69
CA GLU DA 71 -53.52 80.63 -18.53
C GLU DA 71 -54.98 80.77 -18.92
N THR DA 72 -55.85 81.02 -17.91
CA THR DA 72 -57.30 81.16 -18.08
C THR DA 72 -57.68 82.63 -18.25
N VAL DA 73 -58.56 82.91 -19.22
CA VAL DA 73 -59.05 84.26 -19.50
C VAL DA 73 -60.59 84.31 -19.44
N ALA DA 74 -61.15 85.22 -18.60
CA ALA DA 74 -62.58 85.41 -18.39
C ALA DA 74 -63.28 85.91 -19.66
N LEU DA 75 -64.53 85.46 -19.88
CA LEU DA 75 -65.31 85.81 -21.07
C LEU DA 75 -66.62 86.53 -20.75
N LYS DA 76 -67.21 87.18 -21.79
CA LYS DA 76 -68.47 87.91 -21.72
C LYS DA 76 -69.61 86.99 -22.18
N GLY DA 77 -70.70 86.94 -21.39
CA GLY DA 77 -71.86 86.11 -21.64
C GLY DA 77 -72.64 86.50 -22.89
N ASP DA 78 -72.98 85.49 -23.73
CA ASP DA 78 -73.72 85.61 -25.00
C ASP DA 78 -73.08 86.61 -25.97
N SER DA 79 -71.74 86.66 -25.99
CA SER DA 79 -71.00 87.59 -26.84
C SER DA 79 -69.86 86.93 -27.61
N VAL DA 80 -69.42 87.59 -28.69
CA VAL DA 80 -68.32 87.15 -29.54
C VAL DA 80 -67.05 87.82 -28.98
N ASN DA 81 -66.28 87.07 -28.17
CA ASN DA 81 -65.07 87.55 -27.52
C ASN DA 81 -63.82 87.43 -28.39
N TYR DA 82 -63.13 88.55 -28.58
CA TYR DA 82 -61.89 88.66 -29.37
C TYR DA 82 -60.71 88.67 -28.42
N ILE DA 83 -60.02 87.51 -28.29
CA ILE DA 83 -58.88 87.32 -27.39
C ILE DA 83 -57.64 87.97 -27.98
N HIS DA 84 -57.04 88.92 -27.25
CA HIS DA 84 -55.86 89.67 -27.67
C HIS DA 84 -54.63 89.38 -26.84
N ALA DA 85 -53.46 89.43 -27.49
CA ALA DA 85 -52.15 89.29 -26.87
C ALA DA 85 -51.60 90.71 -26.77
N ASN DA 86 -51.45 91.23 -25.54
CA ASN DA 86 -51.00 92.59 -25.30
C ASN DA 86 -49.56 92.65 -24.81
N ILE DA 87 -48.68 93.31 -25.58
CA ILE DA 87 -47.26 93.44 -25.24
C ILE DA 87 -46.90 94.89 -24.90
N ASP DA 88 -46.43 95.09 -23.66
CA ASP DA 88 -45.99 96.38 -23.17
C ASP DA 88 -44.59 96.19 -22.58
N LEU DA 89 -43.57 96.64 -23.33
CA LEU DA 89 -42.15 96.51 -22.99
C LEU DA 89 -41.75 97.26 -21.71
N THR DA 90 -42.49 98.33 -21.35
CA THR DA 90 -42.26 99.13 -20.14
C THR DA 90 -42.55 98.30 -18.89
N GLN DA 91 -43.53 97.37 -18.98
CA GLN DA 91 -43.89 96.44 -17.91
C GLN DA 91 -42.85 95.31 -17.94
N THR DA 92 -41.64 95.62 -17.45
CA THR DA 92 -40.48 94.72 -17.46
C THR DA 92 -40.66 93.38 -16.75
N ALA DA 93 -41.47 93.33 -15.69
CA ALA DA 93 -41.75 92.13 -14.92
C ALA DA 93 -42.62 91.15 -15.72
N ASN DA 94 -43.73 91.65 -16.30
CA ASN DA 94 -44.67 90.87 -17.11
C ASN DA 94 -45.10 91.64 -18.37
N PRO DA 95 -44.35 91.52 -19.49
CA PRO DA 95 -44.69 92.28 -20.70
C PRO DA 95 -45.94 91.79 -21.41
N VAL DA 96 -46.17 90.47 -21.44
CA VAL DA 96 -47.34 89.88 -22.11
C VAL DA 96 -48.51 89.69 -21.16
N SER DA 97 -49.69 90.17 -21.58
CA SER DA 97 -50.96 90.07 -20.87
C SER DA 97 -52.06 89.72 -21.88
N LEU DA 98 -53.05 88.94 -21.45
CA LEU DA 98 -54.16 88.54 -22.31
C LEU DA 98 -55.45 89.28 -21.95
N SER DA 99 -56.32 89.49 -22.95
CA SER DA 99 -57.59 90.19 -22.75
C SER DA 99 -58.65 89.75 -23.75
N ALA DA 100 -59.85 89.44 -23.24
CA ALA DA 100 -61.01 89.08 -24.05
C ALA DA 100 -61.77 90.39 -24.29
N GLU DA 101 -61.90 90.79 -25.57
CA GLU DA 101 -62.54 92.06 -25.93
C GLU DA 101 -63.80 91.95 -26.80
N THR DA 102 -64.55 93.07 -26.88
CA THR DA 102 -65.79 93.21 -27.65
C THR DA 102 -65.58 93.10 -29.16
N ALA DA 103 -64.49 93.71 -29.69
CA ALA DA 103 -64.16 93.70 -31.11
C ALA DA 103 -62.65 93.48 -31.36
N ASN DA 104 -62.27 93.21 -32.63
CA ASN DA 104 -60.87 93.00 -33.03
C ASN DA 104 -60.15 94.35 -33.01
N ASN DA 105 -59.52 94.65 -31.86
CA ASN DA 105 -58.80 95.90 -31.59
C ASN DA 105 -57.29 95.80 -31.85
N SER DA 106 -56.89 95.11 -32.94
CA SER DA 106 -55.49 94.96 -33.33
C SER DA 106 -54.96 96.30 -33.84
N ASN DA 107 -53.89 96.82 -33.19
CA ASN DA 107 -53.30 98.12 -33.53
C ASN DA 107 -52.14 98.09 -34.51
N GLY DA 108 -51.27 97.10 -34.39
CA GLY DA 108 -50.10 96.95 -35.24
C GLY DA 108 -48.98 97.91 -34.89
N VAL DA 109 -48.80 98.20 -33.59
CA VAL DA 109 -47.79 99.10 -33.03
C VAL DA 109 -46.40 98.48 -33.19
N ASP DA 110 -45.46 99.23 -33.79
CA ASP DA 110 -44.08 98.80 -34.00
C ASP DA 110 -43.30 98.91 -32.68
N ILE DA 111 -43.39 97.85 -31.85
CA ILE DA 111 -42.74 97.76 -30.54
C ILE DA 111 -41.23 97.57 -30.63
N ASN DA 112 -40.74 96.92 -31.70
CA ASN DA 112 -39.32 96.66 -31.92
C ASN DA 112 -38.51 97.91 -32.29
N ASN DA 113 -39.09 98.81 -33.11
CA ASN DA 113 -38.42 100.04 -33.53
C ASN DA 113 -38.80 101.25 -32.67
N GLY DA 114 -40.08 101.37 -32.33
CA GLY DA 114 -40.59 102.47 -31.52
C GLY DA 114 -41.20 102.04 -30.20
N SER DA 115 -41.97 102.96 -29.58
CA SER DA 115 -42.65 102.74 -28.31
C SER DA 115 -44.12 102.37 -28.52
N GLY DA 116 -44.83 102.15 -27.41
CA GLY DA 116 -46.26 101.81 -27.42
C GLY DA 116 -46.59 100.40 -26.97
N VAL DA 117 -47.90 100.10 -26.93
CA VAL DA 117 -48.44 98.79 -26.54
C VAL DA 117 -49.00 98.10 -27.77
N LEU DA 118 -48.49 96.90 -28.08
CA LEU DA 118 -48.94 96.12 -29.23
C LEU DA 118 -50.12 95.22 -28.86
N LYS DA 119 -51.22 95.36 -29.62
CA LYS DA 119 -52.43 94.57 -29.45
C LYS DA 119 -52.64 93.77 -30.74
N VAL DA 120 -52.93 92.46 -30.61
CA VAL DA 120 -53.16 91.57 -31.74
C VAL DA 120 -54.05 90.38 -31.37
N CYS DA 121 -55.19 90.24 -32.08
CA CYS DA 121 -56.15 89.16 -31.85
C CYS DA 121 -55.65 87.86 -32.47
N PHE DA 122 -55.82 86.74 -31.75
CA PHE DA 122 -55.40 85.41 -32.20
C PHE DA 122 -56.54 84.39 -32.18
N ASP DA 123 -57.52 84.57 -31.28
CA ASP DA 123 -58.64 83.66 -31.11
C ASP DA 123 -59.97 84.41 -30.99
N ILE DA 124 -61.04 83.85 -31.58
CA ILE DA 124 -62.39 84.40 -31.54
C ILE DA 124 -63.29 83.37 -30.85
N VAL DA 125 -63.68 83.67 -29.60
CA VAL DA 125 -64.50 82.78 -28.78
C VAL DA 125 -65.96 83.26 -28.71
N THR DA 126 -66.87 82.46 -29.31
CA THR DA 126 -68.30 82.74 -29.31
C THR DA 126 -68.91 82.01 -28.10
N THR DA 127 -69.61 82.76 -27.23
CA THR DA 127 -70.18 82.22 -26.00
C THR DA 127 -71.71 82.31 -25.91
N SER DA 128 -72.27 81.58 -24.93
CA SER DA 128 -73.70 81.55 -24.60
C SER DA 128 -73.86 82.13 -23.17
N GLY DA 129 -75.00 81.86 -22.54
CA GLY DA 129 -75.28 82.31 -21.18
C GLY DA 129 -74.52 81.51 -20.14
N THR DA 130 -74.31 80.21 -20.43
CA THR DA 130 -73.63 79.26 -19.55
C THR DA 130 -72.13 79.12 -19.85
N GLY DA 131 -71.81 78.71 -21.08
CA GLY DA 131 -70.43 78.51 -21.50
C GLY DA 131 -70.09 78.95 -22.91
N VAL DA 132 -69.15 78.23 -23.54
CA VAL DA 132 -68.65 78.49 -24.90
C VAL DA 132 -69.41 77.66 -25.93
N THR DA 133 -69.81 78.28 -27.06
CA THR DA 133 -70.52 77.62 -28.15
C THR DA 133 -69.58 77.18 -29.28
N SER DA 134 -68.74 78.11 -29.78
CA SER DA 134 -67.79 77.86 -30.87
C SER DA 134 -66.51 78.71 -30.75
N THR DA 135 -65.39 78.20 -31.27
CA THR DA 135 -64.09 78.87 -31.26
C THR DA 135 -63.47 78.86 -32.67
N LYS DA 136 -63.10 80.04 -33.17
CA LYS DA 136 -62.49 80.23 -34.49
C LYS DA 136 -61.17 81.03 -34.34
N PRO DA 137 -60.00 80.44 -34.68
CA PRO DA 137 -58.75 81.21 -34.54
C PRO DA 137 -58.50 82.17 -35.69
N ILE DA 138 -57.74 83.25 -35.42
CA ILE DA 138 -57.34 84.28 -36.40
C ILE DA 138 -56.34 83.66 -37.39
N VAL DA 139 -56.46 84.06 -38.67
CA VAL DA 139 -55.60 83.61 -39.76
C VAL DA 139 -54.13 84.06 -39.58
N GLN DA 140 -53.17 83.20 -39.99
CA GLN DA 140 -51.74 83.49 -39.88
C GLN DA 140 -51.18 83.84 -41.26
N THR DA 141 -51.22 85.14 -41.61
CA THR DA 141 -50.79 85.58 -42.93
C THR DA 141 -49.27 85.66 -43.10
N SER DA 142 -48.75 84.79 -43.99
CA SER DA 142 -47.32 84.71 -44.33
C SER DA 142 -47.08 85.51 -45.61
N THR DA 143 -46.69 86.78 -45.46
CA THR DA 143 -46.42 87.72 -46.56
C THR DA 143 -45.06 87.40 -47.18
N LEU DA 144 -45.06 87.00 -48.46
CA LEU DA 144 -43.85 86.64 -49.21
C LEU DA 144 -43.74 87.37 -50.55
N ASP DA 145 -42.51 87.48 -51.09
CA ASP DA 145 -42.20 88.16 -52.34
C ASP DA 145 -42.23 87.19 -53.53
N SER DA 146 -41.37 86.15 -53.52
CA SER DA 146 -41.29 85.15 -54.59
C SER DA 146 -41.15 83.74 -54.02
N ILE DA 147 -41.88 82.78 -54.61
CA ILE DA 147 -41.87 81.37 -54.18
C ILE DA 147 -41.36 80.45 -55.30
N SER DA 148 -40.41 79.57 -54.96
CA SER DA 148 -39.82 78.57 -55.85
C SER DA 148 -40.13 77.19 -55.25
N VAL DA 149 -41.36 76.71 -55.47
CA VAL DA 149 -41.85 75.44 -54.91
C VAL DA 149 -41.97 74.31 -55.96
N ASN DA 150 -41.93 73.05 -55.50
CA ASN DA 150 -42.08 71.86 -56.34
C ASN DA 150 -43.54 71.41 -56.33
N ASP DA 151 -44.12 71.12 -55.15
CA ASP DA 151 -45.52 70.68 -55.04
C ASP DA 151 -46.33 71.48 -54.01
N MET DA 152 -47.67 71.48 -54.15
CA MET DA 152 -48.58 72.21 -53.26
C MET DA 152 -49.93 71.51 -53.11
N THR DA 153 -50.51 71.58 -51.89
CA THR DA 153 -51.83 71.05 -51.55
C THR DA 153 -52.62 72.14 -50.82
N VAL DA 154 -53.75 72.55 -51.42
CA VAL DA 154 -54.63 73.61 -50.91
C VAL DA 154 -55.95 73.02 -50.39
N SER DA 155 -56.36 73.43 -49.17
CA SER DA 155 -57.61 72.97 -48.54
C SER DA 155 -58.77 73.96 -48.73
N GLY DA 156 -58.45 75.20 -49.09
CA GLY DA 156 -59.42 76.26 -49.33
C GLY DA 156 -59.45 76.74 -50.76
N SER DA 157 -58.87 77.93 -51.04
CA SER DA 157 -58.83 78.51 -52.38
C SER DA 157 -57.64 79.43 -52.63
N ILE DA 158 -57.25 79.57 -53.92
CA ILE DA 158 -56.16 80.44 -54.37
C ILE DA 158 -56.75 81.62 -55.14
N ASP DA 159 -56.42 82.86 -54.72
CA ASP DA 159 -56.90 84.06 -55.38
C ASP DA 159 -55.89 84.49 -56.45
N VAL DA 160 -56.32 84.48 -57.71
CA VAL DA 160 -55.49 84.82 -58.87
C VAL DA 160 -55.96 86.15 -59.50
N PRO DA 161 -55.07 86.96 -60.14
CA PRO DA 161 -55.53 88.24 -60.73
C PRO DA 161 -56.54 88.08 -61.86
N VAL DA 162 -57.75 88.63 -61.64
CA VAL DA 162 -58.88 88.58 -62.58
C VAL DA 162 -59.05 89.90 -63.32
N GLN DA 163 -59.12 89.84 -64.66
CA GLN DA 163 -59.30 90.99 -65.56
C GLN DA 163 -60.52 90.74 -66.46
N THR DA 164 -61.42 91.73 -66.57
CA THR DA 164 -62.63 91.63 -67.40
C THR DA 164 -62.70 92.67 -68.50
N LEU DA 165 -63.23 92.28 -69.67
CA LEU DA 165 -63.35 93.13 -70.86
C LEU DA 165 -64.60 92.79 -71.67
N THR DA 166 -65.31 93.83 -72.14
CA THR DA 166 -66.51 93.69 -72.97
C THR DA 166 -66.23 94.34 -74.33
N VAL DA 167 -66.05 93.50 -75.37
CA VAL DA 167 -65.74 93.93 -76.73
C VAL DA 167 -66.98 93.87 -77.63
N GLU DA 168 -67.32 95.01 -78.26
CA GLU DA 168 -68.43 95.11 -79.20
C GLU DA 168 -67.84 94.78 -80.57
N ALA DA 169 -67.70 93.46 -80.85
CA ALA DA 169 -67.13 92.88 -82.07
C ALA DA 169 -67.65 93.47 -83.38
N GLY DA 170 -68.93 93.79 -83.42
CA GLY DA 170 -69.59 94.35 -84.59
C GLY DA 170 -70.62 93.42 -85.19
N ASN DA 171 -71.39 93.94 -86.18
CA ASN DA 171 -72.47 93.23 -86.88
C ASN DA 171 -73.61 92.76 -85.96
N GLY DA 172 -73.48 93.04 -84.66
CA GLY DA 172 -74.44 92.67 -83.62
C GLY DA 172 -73.91 91.69 -82.61
N LEU DA 173 -72.58 91.58 -82.47
CA LEU DA 173 -71.93 90.66 -81.53
C LEU DA 173 -71.27 91.37 -80.35
N GLN DA 174 -71.43 90.77 -79.15
CA GLN DA 174 -70.86 91.23 -77.89
C GLN DA 174 -70.08 90.07 -77.26
N LEU DA 175 -68.85 90.33 -76.80
CA LEU DA 175 -67.98 89.33 -76.19
C LEU DA 175 -67.59 89.72 -74.76
N GLN DA 176 -67.95 88.89 -73.78
CA GLN DA 176 -67.65 89.12 -72.37
C GLN DA 176 -66.48 88.20 -71.97
N LEU DA 177 -65.27 88.77 -71.94
CA LEU DA 177 -64.03 88.06 -71.60
C LEU DA 177 -63.70 88.15 -70.12
N THR DA 178 -63.26 87.02 -69.53
CA THR DA 178 -62.87 86.93 -68.12
C THR DA 178 -61.52 86.22 -68.04
N LYS DA 179 -60.44 87.00 -67.84
CA LYS DA 179 -59.06 86.51 -67.76
C LYS DA 179 -58.61 86.32 -66.32
N LYS DA 180 -58.14 85.10 -65.98
CA LYS DA 180 -57.65 84.78 -64.65
C LYS DA 180 -56.21 84.28 -64.73
N ASN DA 181 -55.33 84.83 -63.87
CA ASN DA 181 -53.88 84.55 -63.78
C ASN DA 181 -53.11 84.95 -65.06
N ASN DA 182 -53.73 85.84 -65.89
CA ASN DA 182 -53.22 86.35 -67.16
C ASN DA 182 -53.00 85.21 -68.19
N ASP DA 183 -53.77 84.11 -68.06
CA ASP DA 183 -53.64 82.93 -68.92
C ASP DA 183 -54.98 82.39 -69.45
N LEU DA 184 -55.82 81.78 -68.58
CA LEU DA 184 -57.11 81.21 -68.96
C LEU DA 184 -58.18 82.29 -69.11
N VAL DA 185 -58.88 82.30 -70.27
CA VAL DA 185 -59.95 83.27 -70.57
C VAL DA 185 -61.21 82.54 -71.05
N ILE DA 186 -62.35 82.82 -70.40
CA ILE DA 186 -63.65 82.28 -70.81
C ILE DA 186 -64.47 83.42 -71.43
N VAL DA 187 -64.79 83.29 -72.72
CA VAL DA 187 -65.53 84.30 -73.49
C VAL DA 187 -67.00 83.92 -73.58
N ARG DA 188 -67.89 84.86 -73.25
CA ARG DA 188 -69.34 84.67 -73.29
C ARG DA 188 -69.94 85.44 -74.48
N PHE DA 189 -70.76 84.76 -75.30
CA PHE DA 189 -71.41 85.36 -76.47
C PHE DA 189 -72.72 86.04 -76.11
N PHE DA 190 -72.91 87.29 -76.60
CA PHE DA 190 -74.11 88.10 -76.38
C PHE DA 190 -74.49 88.92 -77.62
N GLY DA 191 -75.75 89.32 -77.68
CA GLY DA 191 -76.30 90.12 -78.79
C GLY DA 191 -76.94 89.29 -79.89
N SER DA 192 -77.22 89.94 -81.04
CA SER DA 192 -77.84 89.31 -82.20
C SER DA 192 -77.14 89.75 -83.50
N VAL DA 193 -76.36 88.84 -84.10
CA VAL DA 193 -75.58 89.09 -85.31
C VAL DA 193 -76.45 89.16 -86.57
N SER DA 194 -76.20 90.17 -87.42
CA SER DA 194 -76.87 90.42 -88.69
C SER DA 194 -75.93 90.99 -89.75
N ASN DA 195 -76.13 90.60 -91.03
CA ASN DA 195 -75.37 91.04 -92.21
C ASN DA 195 -73.87 90.73 -92.13
N ILE DA 196 -73.50 89.44 -92.30
CA ILE DA 196 -72.12 88.96 -92.26
C ILE DA 196 -71.92 87.71 -93.16
N GLN DA 197 -70.72 87.58 -93.75
CA GLN DA 197 -70.35 86.47 -94.64
C GLN DA 197 -69.23 85.62 -94.02
N LYS DA 198 -69.09 84.36 -94.47
CA LYS DA 198 -68.06 83.43 -93.99
C LYS DA 198 -66.65 83.85 -94.42
N GLY DA 199 -65.72 83.84 -93.46
CA GLY DA 199 -64.33 84.22 -93.67
C GLY DA 199 -64.07 85.71 -93.62
N TRP DA 200 -65.13 86.53 -93.44
CA TRP DA 200 -65.06 87.98 -93.38
C TRP DA 200 -64.80 88.48 -91.95
N ASN DA 201 -64.05 89.59 -91.84
CA ASN DA 201 -63.69 90.22 -90.57
C ASN DA 201 -64.89 90.94 -89.93
N MET DA 202 -64.79 91.25 -88.62
CA MET DA 202 -65.84 91.94 -87.85
C MET DA 202 -65.72 93.45 -87.96
N SER DA 203 -66.86 94.13 -88.25
CA SER DA 203 -66.98 95.57 -88.46
C SER DA 203 -66.61 96.48 -87.27
N GLY DA 204 -67.01 96.08 -86.06
CA GLY DA 204 -66.80 96.85 -84.84
C GLY DA 204 -65.42 96.81 -84.24
N THR DA 205 -65.37 96.94 -82.89
CA THR DA 205 -64.16 96.99 -82.05
C THR DA 205 -63.31 95.72 -82.10
N TRP DA 206 -61.98 95.90 -81.97
CA TRP DA 206 -60.98 94.83 -81.95
C TRP DA 206 -60.62 94.45 -80.50
N VAL DA 207 -60.08 93.23 -80.30
CA VAL DA 207 -59.67 92.72 -78.98
C VAL DA 207 -58.42 93.46 -78.50
N ASP DA 208 -58.45 93.95 -77.25
CA ASP DA 208 -57.36 94.69 -76.60
C ASP DA 208 -56.12 93.80 -76.41
N ARG DA 209 -54.92 94.43 -76.40
CA ARG DA 209 -53.61 93.77 -76.25
C ARG DA 209 -53.48 92.78 -75.06
N PRO DA 210 -53.94 93.08 -73.80
CA PRO DA 210 -53.78 92.09 -72.73
C PRO DA 210 -54.62 90.82 -72.89
N PHE DA 211 -55.68 90.87 -73.71
CA PHE DA 211 -56.59 89.75 -73.97
C PHE DA 211 -56.29 89.00 -75.28
N ARG DA 212 -55.30 89.49 -76.06
CA ARG DA 212 -54.89 88.88 -77.33
C ARG DA 212 -54.13 87.56 -77.12
N PRO DA 213 -54.56 86.44 -77.75
CA PRO DA 213 -53.83 85.17 -77.56
C PRO DA 213 -52.57 85.08 -78.43
N ALA DA 214 -51.71 84.09 -78.15
CA ALA DA 214 -50.46 83.85 -78.90
C ALA DA 214 -50.74 83.33 -80.31
N ALA DA 215 -51.76 82.47 -80.45
CA ALA DA 215 -52.19 81.87 -81.71
C ALA DA 215 -53.69 82.06 -81.92
N VAL DA 216 -54.17 81.89 -83.16
CA VAL DA 216 -55.58 82.02 -83.53
C VAL DA 216 -56.47 80.96 -82.85
N GLN DA 217 -57.34 81.41 -81.94
CA GLN DA 217 -58.23 80.53 -81.17
C GLN DA 217 -59.63 80.49 -81.80
N SER DA 218 -60.08 79.29 -82.17
CA SER DA 218 -61.39 79.07 -82.77
C SER DA 218 -62.40 78.80 -81.65
N LEU DA 219 -63.25 79.81 -81.34
CA LEU DA 219 -64.24 79.70 -80.26
C LEU DA 219 -65.65 79.47 -80.78
N VAL DA 220 -66.23 78.30 -80.43
CA VAL DA 220 -67.57 77.85 -80.86
C VAL DA 220 -68.69 78.51 -80.04
N GLY DA 221 -69.74 78.96 -80.74
CA GLY DA 221 -70.94 79.57 -80.19
C GLY DA 221 -72.19 78.85 -80.65
N HIS DA 222 -73.39 79.39 -80.30
CA HIS DA 222 -74.68 78.79 -80.67
C HIS DA 222 -75.80 79.83 -80.82
N PHE DA 223 -76.71 79.63 -81.79
CA PHE DA 223 -77.84 80.52 -82.04
C PHE DA 223 -79.03 80.09 -81.18
N ALA DA 224 -79.45 80.96 -80.24
CA ALA DA 224 -80.53 80.73 -79.28
C ALA DA 224 -81.86 80.31 -79.91
N GLY DA 225 -82.41 79.20 -79.42
CA GLY DA 225 -83.67 78.60 -79.86
C GLY DA 225 -83.59 77.82 -81.16
N ARG DA 226 -82.38 77.58 -81.67
CA ARG DA 226 -82.16 76.88 -82.93
C ARG DA 226 -81.24 75.66 -82.74
N ASP DA 227 -81.07 74.85 -83.81
CA ASP DA 227 -80.17 73.70 -83.81
C ASP DA 227 -78.93 73.96 -84.68
N THR DA 228 -78.71 75.25 -85.00
CA THR DA 228 -77.60 75.78 -85.80
C THR DA 228 -76.58 76.44 -84.89
N SER DA 229 -75.28 76.29 -85.21
CA SER DA 229 -74.17 76.85 -84.43
C SER DA 229 -73.22 77.70 -85.29
N PHE DA 230 -72.21 78.32 -84.65
CA PHE DA 230 -71.20 79.16 -85.30
C PHE DA 230 -69.87 79.11 -84.54
N HIS DA 231 -68.80 79.65 -85.16
CA HIS DA 231 -67.48 79.74 -84.54
C HIS DA 231 -66.72 80.98 -85.03
N ILE DA 232 -66.04 81.67 -84.10
CA ILE DA 232 -65.25 82.88 -84.40
C ILE DA 232 -63.76 82.65 -84.19
N ASP DA 233 -62.93 83.30 -85.02
CA ASP DA 233 -61.48 83.20 -84.96
C ASP DA 233 -60.86 84.48 -84.41
N ILE DA 234 -60.37 84.44 -83.15
CA ILE DA 234 -59.71 85.57 -82.51
C ILE DA 234 -58.22 85.46 -82.80
N ASN DA 235 -57.78 86.15 -83.87
CA ASN DA 235 -56.40 86.19 -84.37
C ASN DA 235 -55.46 86.91 -83.36
N PRO DA 236 -54.13 86.62 -83.37
CA PRO DA 236 -53.23 87.28 -82.40
C PRO DA 236 -53.11 88.80 -82.48
N ASN DA 237 -53.48 89.40 -83.64
CA ASN DA 237 -53.42 90.86 -83.83
C ASN DA 237 -54.65 91.60 -83.25
N GLY DA 238 -55.60 90.85 -82.69
CA GLY DA 238 -56.81 91.38 -82.09
C GLY DA 238 -58.06 91.27 -82.95
N SER DA 239 -57.88 91.00 -84.26
CA SER DA 239 -58.97 90.87 -85.22
C SER DA 239 -59.84 89.64 -84.98
N ILE DA 240 -61.16 89.79 -85.18
CA ILE DA 240 -62.15 88.73 -85.02
C ILE DA 240 -62.67 88.38 -86.42
N THR DA 241 -62.54 87.10 -86.82
CA THR DA 241 -62.97 86.62 -88.13
C THR DA 241 -64.14 85.65 -87.98
N TRP DA 242 -65.29 85.98 -88.62
CA TRP DA 242 -66.50 85.16 -88.61
C TRP DA 242 -66.28 83.91 -89.46
N TRP DA 243 -66.70 82.75 -88.96
CA TRP DA 243 -66.56 81.47 -89.66
C TRP DA 243 -67.80 80.55 -89.57
N GLY DA 244 -68.97 81.17 -89.43
CA GLY DA 244 -70.25 80.47 -89.38
C GLY DA 244 -70.97 80.57 -90.71
N ALA DA 245 -72.30 80.42 -90.69
CA ALA DA 245 -73.13 80.54 -91.90
C ALA DA 245 -73.32 82.02 -92.25
N ASN DA 246 -73.57 82.36 -93.53
CA ASN DA 246 -73.79 83.76 -93.91
C ASN DA 246 -75.11 84.23 -93.34
N ILE DA 247 -75.08 85.38 -92.66
CA ILE DA 247 -76.26 85.93 -92.00
C ILE DA 247 -76.84 87.09 -92.79
N ASP DA 248 -78.16 87.04 -93.02
CA ASP DA 248 -78.93 88.06 -93.72
C ASP DA 248 -79.45 89.11 -92.74
N LYS DA 249 -80.16 90.10 -93.26
CA LYS DA 249 -80.65 91.27 -92.52
C LYS DA 249 -81.27 91.00 -91.16
N THR DA 250 -81.96 89.85 -91.01
CA THR DA 250 -82.59 89.42 -89.76
C THR DA 250 -81.55 89.04 -88.70
N PRO DA 251 -81.59 89.68 -87.51
CA PRO DA 251 -80.60 89.36 -86.46
C PRO DA 251 -81.03 88.16 -85.63
N ILE DA 252 -80.11 87.22 -85.42
CA ILE DA 252 -80.33 86.01 -84.63
C ILE DA 252 -79.48 86.06 -83.37
N ALA DA 253 -80.11 85.83 -82.19
CA ALA DA 253 -79.42 85.87 -80.89
C ALA DA 253 -78.28 84.86 -80.81
N THR DA 254 -77.12 85.33 -80.34
CA THR DA 254 -75.91 84.51 -80.21
C THR DA 254 -75.51 84.37 -78.75
N ARG DA 255 -75.44 83.11 -78.27
CA ARG DA 255 -75.09 82.76 -76.90
C ARG DA 255 -74.07 81.61 -76.89
N GLY DA 256 -73.35 81.46 -75.77
CA GLY DA 256 -72.36 80.39 -75.62
C GLY DA 256 -71.12 80.79 -74.84
N ASN DA 257 -70.33 79.77 -74.41
CA ASN DA 257 -69.08 79.94 -73.65
C ASN DA 257 -67.93 79.20 -74.33
N GLY DA 258 -66.83 79.92 -74.54
CA GLY DA 258 -65.62 79.39 -75.17
C GLY DA 258 -64.37 79.78 -74.41
N SER DA 259 -63.57 78.76 -74.00
CA SER DA 259 -62.33 78.97 -73.25
C SER DA 259 -61.06 78.76 -74.07
N TYR DA 260 -60.02 79.56 -73.78
CA TYR DA 260 -58.71 79.52 -74.45
C TYR DA 260 -57.56 79.98 -73.53
N PHE DA 261 -56.31 79.60 -73.88
CA PHE DA 261 -55.10 80.00 -73.15
C PHE DA 261 -54.38 81.11 -73.92
N ILE DA 262 -53.83 82.11 -73.21
CA ILE DA 262 -53.08 83.21 -73.83
C ILE DA 262 -51.63 82.77 -74.06
N LYS DA 263 -50.95 82.31 -73.00
CA LYS DA 263 -49.55 81.85 -73.04
C LYS DA 263 -49.37 80.52 -73.78
N THR EA 1 -18.67 63.17 -37.60
CA THR EA 1 -19.05 63.87 -36.37
C THR EA 1 -20.38 64.60 -36.49
N ILE EA 2 -21.17 64.60 -35.41
CA ILE EA 2 -22.45 65.29 -35.34
C ILE EA 2 -22.33 66.44 -34.35
N LYS EA 3 -22.29 67.68 -34.87
CA LYS EA 3 -22.20 68.89 -34.07
C LYS EA 3 -23.62 69.34 -33.70
N ASN EA 4 -23.98 69.18 -32.42
CA ASN EA 4 -25.29 69.53 -31.87
C ASN EA 4 -25.30 71.00 -31.44
N PHE EA 5 -26.44 71.70 -31.67
CA PHE EA 5 -26.55 73.12 -31.32
C PHE EA 5 -27.74 73.52 -30.47
N THR EA 6 -28.98 73.22 -30.89
CA THR EA 6 -30.20 73.58 -30.15
C THR EA 6 -30.44 72.59 -28.98
N PHE EA 7 -29.43 72.46 -28.11
CA PHE EA 7 -29.46 71.55 -26.96
C PHE EA 7 -28.69 72.17 -25.79
N PHE EA 8 -29.24 72.06 -24.58
CA PHE EA 8 -28.68 72.62 -23.36
C PHE EA 8 -27.36 71.94 -22.93
N SER EA 9 -26.47 72.73 -22.32
CA SER EA 9 -25.18 72.25 -21.82
C SER EA 9 -25.21 72.30 -20.30
N PRO EA 10 -25.17 71.14 -19.59
CA PRO EA 10 -25.25 71.15 -18.13
C PRO EA 10 -24.04 71.81 -17.45
N ASN EA 11 -22.84 71.59 -18.02
CA ASN EA 11 -21.59 72.17 -17.53
C ASN EA 11 -21.30 73.52 -18.24
N SER EA 12 -22.30 74.02 -19.02
CA SER EA 12 -22.31 75.26 -19.79
C SER EA 12 -21.16 75.42 -20.81
N THR EA 13 -20.67 74.29 -21.36
CA THR EA 13 -19.58 74.26 -22.35
C THR EA 13 -19.82 73.27 -23.50
N GLU EA 14 -20.69 72.26 -23.27
CA GLU EA 14 -21.03 71.19 -24.21
C GLU EA 14 -21.44 71.61 -25.63
N PHE EA 15 -22.51 72.41 -25.78
CA PHE EA 15 -22.99 72.81 -27.10
C PHE EA 15 -23.04 74.31 -27.38
N PRO EA 16 -21.87 74.93 -27.70
CA PRO EA 16 -21.88 76.37 -28.02
C PRO EA 16 -22.26 76.60 -29.48
N VAL EA 17 -23.13 77.59 -29.71
CA VAL EA 17 -23.61 77.93 -31.05
C VAL EA 17 -23.10 79.28 -31.55
N GLY EA 18 -22.36 79.24 -32.67
CA GLY EA 18 -21.75 80.39 -33.31
C GLY EA 18 -22.59 81.08 -34.36
N SER EA 19 -22.08 82.21 -34.87
CA SER EA 19 -22.70 83.07 -35.88
C SER EA 19 -23.01 82.36 -37.19
N ASN EA 20 -22.07 81.52 -37.67
CA ASN EA 20 -22.21 80.75 -38.90
C ASN EA 20 -23.21 79.61 -38.74
N ASN EA 21 -23.24 79.00 -37.54
CA ASN EA 21 -24.11 77.89 -37.17
C ASN EA 21 -25.57 78.35 -37.15
N ASP EA 22 -25.83 79.54 -36.57
CA ASP EA 22 -27.15 80.16 -36.53
C ASP EA 22 -27.50 80.71 -37.91
N GLY EA 23 -26.50 81.23 -38.62
CA GLY EA 23 -26.63 81.77 -39.98
C GLY EA 23 -27.18 80.75 -40.95
N LYS EA 24 -26.64 79.52 -40.86
CA LYS EA 24 -27.07 78.38 -41.68
C LYS EA 24 -28.49 77.96 -41.28
N LEU EA 25 -28.80 78.02 -39.96
CA LEU EA 25 -30.11 77.69 -39.38
C LEU EA 25 -31.19 78.63 -39.93
N TYR EA 26 -30.94 79.96 -39.89
CA TYR EA 26 -31.88 80.99 -40.37
C TYR EA 26 -32.19 80.86 -41.87
N MET EA 27 -31.18 80.50 -42.68
CA MET EA 27 -31.30 80.29 -44.12
C MET EA 27 -32.28 79.18 -44.46
N MET EA 28 -32.27 78.11 -43.65
CA MET EA 28 -33.14 76.94 -43.83
C MET EA 28 -34.57 77.23 -43.40
N LEU EA 29 -34.76 78.03 -42.33
CA LEU EA 29 -36.06 78.41 -41.78
C LEU EA 29 -36.90 79.19 -42.80
N THR EA 30 -36.30 80.20 -43.45
CA THR EA 30 -36.97 81.03 -44.44
C THR EA 30 -36.92 80.48 -45.87
N GLY EA 31 -35.94 79.63 -46.14
CA GLY EA 31 -35.74 79.02 -47.46
C GLY EA 31 -35.04 79.94 -48.44
N MET EA 32 -33.87 80.47 -48.06
CA MET EA 32 -33.07 81.38 -48.88
C MET EA 32 -31.66 80.82 -49.18
N ASP EA 33 -31.05 81.30 -50.27
CA ASP EA 33 -29.68 80.93 -50.65
C ASP EA 33 -28.76 82.15 -50.47
N TYR EA 34 -27.51 82.07 -50.98
CA TYR EA 34 -26.56 83.18 -50.88
C TYR EA 34 -26.76 84.21 -52.01
N ARG EA 35 -27.72 83.95 -52.91
CA ARG EA 35 -28.05 84.82 -54.05
C ARG EA 35 -29.26 85.72 -53.79
N THR EA 36 -30.07 85.38 -52.77
CA THR EA 36 -31.26 86.15 -52.37
C THR EA 36 -31.12 86.69 -50.93
N ILE EA 37 -32.00 87.65 -50.54
CA ILE EA 37 -32.00 88.29 -49.22
C ILE EA 37 -33.40 88.41 -48.62
N ARG EA 38 -33.44 88.84 -47.34
CA ARG EA 38 -34.65 89.16 -46.59
C ARG EA 38 -34.47 90.62 -46.19
N ARG EA 39 -35.29 91.51 -46.78
CA ARG EA 39 -35.18 92.95 -46.56
C ARG EA 39 -36.52 93.56 -46.20
N LYS EA 40 -36.52 94.48 -45.21
CA LYS EA 40 -37.70 95.20 -44.75
C LYS EA 40 -37.36 96.65 -44.39
N ASP EA 41 -38.08 97.60 -45.00
CA ASP EA 41 -37.91 99.02 -44.74
C ASP EA 41 -38.94 99.46 -43.70
N TRP EA 42 -38.47 99.73 -42.48
CA TRP EA 42 -39.32 100.18 -41.36
C TRP EA 42 -39.71 101.64 -41.58
N SER EA 43 -38.82 102.39 -42.26
CA SER EA 43 -38.97 103.79 -42.65
C SER EA 43 -38.32 103.95 -44.03
N SER EA 44 -39.06 104.55 -44.99
CA SER EA 44 -38.63 104.75 -46.37
C SER EA 44 -37.28 105.44 -46.51
N PRO EA 45 -36.36 104.94 -47.38
CA PRO EA 45 -35.05 105.58 -47.53
C PRO EA 45 -35.11 106.90 -48.27
N LEU EA 46 -34.40 107.92 -47.74
CA LEU EA 46 -34.34 109.27 -48.30
C LEU EA 46 -33.39 109.35 -49.49
N ASN EA 47 -33.73 110.16 -50.49
CA ASN EA 47 -32.93 110.38 -51.69
C ASN EA 47 -32.52 111.85 -51.80
N THR EA 48 -31.23 112.12 -51.62
CA THR EA 48 -30.66 113.47 -51.69
C THR EA 48 -29.66 113.51 -52.85
N ALA EA 49 -30.12 114.03 -54.01
CA ALA EA 49 -29.36 114.14 -55.27
C ALA EA 49 -28.79 112.77 -55.68
N LEU EA 50 -27.46 112.64 -55.86
CA LEU EA 50 -26.82 111.38 -56.23
C LEU EA 50 -26.35 110.58 -55.01
N ASN EA 51 -27.24 110.45 -54.01
CA ASN EA 51 -27.02 109.73 -52.75
C ASN EA 51 -28.33 109.11 -52.24
N VAL EA 52 -28.25 107.93 -51.59
CA VAL EA 52 -29.39 107.22 -51.02
C VAL EA 52 -29.13 106.82 -49.55
N GLN EA 53 -29.86 107.47 -48.62
CA GLN EA 53 -29.72 107.23 -47.18
C GLN EA 53 -30.81 106.29 -46.68
N TYR EA 54 -30.43 105.11 -46.19
CA TYR EA 54 -31.34 104.11 -45.64
C TYR EA 54 -31.61 104.44 -44.17
N THR EA 55 -32.75 105.11 -43.89
CA THR EA 55 -33.18 105.55 -42.57
C THR EA 55 -33.22 104.42 -41.52
N ASN EA 56 -33.97 103.35 -41.81
CA ASN EA 56 -34.09 102.14 -40.99
C ASN EA 56 -34.51 100.95 -41.85
N THR EA 57 -33.51 100.18 -42.31
CA THR EA 57 -33.69 99.01 -43.16
C THR EA 57 -32.91 97.83 -42.61
N SER EA 58 -33.61 96.74 -42.27
CA SER EA 58 -33.03 95.50 -41.75
C SER EA 58 -32.84 94.52 -42.92
N ILE EA 59 -31.66 93.88 -43.00
CA ILE EA 59 -31.33 92.93 -44.08
C ILE EA 59 -30.71 91.64 -43.52
N ILE EA 60 -31.16 90.49 -44.05
CA ILE EA 60 -30.63 89.16 -43.73
C ILE EA 60 -29.98 88.62 -45.00
N ALA EA 61 -28.65 88.78 -45.12
CA ALA EA 61 -27.87 88.32 -46.26
C ALA EA 61 -26.99 87.15 -45.84
N GLY EA 62 -27.21 85.99 -46.48
CA GLY EA 62 -26.51 84.75 -46.18
C GLY EA 62 -26.76 84.25 -44.78
N GLY EA 63 -27.96 84.52 -44.25
CA GLY EA 63 -28.38 84.15 -42.91
C GLY EA 63 -27.85 85.06 -41.82
N ARG EA 64 -27.14 86.15 -42.20
CA ARG EA 64 -26.55 87.11 -41.27
C ARG EA 64 -27.38 88.38 -41.25
N TYR EA 65 -27.93 88.72 -40.07
CA TYR EA 65 -28.78 89.89 -39.85
C TYR EA 65 -27.99 91.16 -39.50
N PHE EA 66 -28.40 92.30 -40.07
CA PHE EA 66 -27.81 93.62 -39.85
C PHE EA 66 -28.80 94.75 -40.16
N GLU EA 67 -28.71 95.85 -39.40
CA GLU EA 67 -29.58 97.02 -39.54
C GLU EA 67 -28.83 98.21 -40.12
N LEU EA 68 -29.47 98.93 -41.05
CA LEU EA 68 -28.91 100.14 -41.66
C LEU EA 68 -29.63 101.33 -41.05
N LEU EA 69 -28.93 102.07 -40.17
CA LEU EA 69 -29.51 103.22 -39.48
C LEU EA 69 -28.89 104.53 -39.96
N ASN EA 70 -29.59 105.22 -40.89
CA ASN EA 70 -29.20 106.46 -41.56
C ASN EA 70 -27.86 106.34 -42.29
N GLU EA 71 -27.70 105.23 -43.02
CA GLU EA 71 -26.50 104.90 -43.80
C GLU EA 71 -26.68 105.37 -45.25
N THR EA 72 -25.85 106.35 -45.68
CA THR EA 72 -25.89 106.94 -47.02
C THR EA 72 -24.99 106.18 -47.99
N VAL EA 73 -25.50 105.93 -49.21
CA VAL EA 73 -24.79 105.22 -50.28
C VAL EA 73 -24.58 106.19 -51.46
N ALA EA 74 -23.31 106.39 -51.88
CA ALA EA 74 -22.94 107.26 -53.00
C ALA EA 74 -23.38 106.64 -54.33
N LEU EA 75 -23.96 107.45 -55.22
CA LEU EA 75 -24.48 106.99 -56.52
C LEU EA 75 -23.75 107.58 -57.73
N LYS EA 76 -23.77 106.85 -58.86
CA LYS EA 76 -23.17 107.24 -60.14
C LYS EA 76 -24.16 108.08 -60.94
N GLY EA 77 -23.66 109.17 -61.54
CA GLY EA 77 -24.45 110.10 -62.34
C GLY EA 77 -24.92 109.53 -63.66
N ASP EA 78 -26.24 109.64 -63.93
CA ASP EA 78 -26.94 109.19 -65.14
C ASP EA 78 -26.64 107.72 -65.47
N SER EA 79 -26.88 106.82 -64.50
CA SER EA 79 -26.64 105.40 -64.61
C SER EA 79 -27.59 104.58 -63.74
N VAL EA 80 -27.74 103.28 -64.05
CA VAL EA 80 -28.59 102.35 -63.30
C VAL EA 80 -27.70 101.62 -62.29
N ASN EA 81 -27.66 102.14 -61.06
CA ASN EA 81 -26.86 101.61 -59.95
C ASN EA 81 -27.50 100.37 -59.31
N TYR EA 82 -26.65 99.45 -58.85
CA TYR EA 82 -27.05 98.22 -58.17
C TYR EA 82 -26.42 98.22 -56.77
N ILE EA 83 -27.26 98.38 -55.72
CA ILE EA 83 -26.78 98.43 -54.34
C ILE EA 83 -26.54 97.02 -53.81
N HIS EA 84 -25.28 96.73 -53.45
CA HIS EA 84 -24.86 95.42 -52.96
C HIS EA 84 -24.46 95.43 -51.48
N ALA EA 85 -24.73 94.31 -50.79
CA ALA EA 85 -24.36 94.09 -49.40
C ALA EA 85 -23.11 93.19 -49.44
N ASN EA 86 -21.98 93.72 -48.96
CA ASN EA 86 -20.70 93.00 -48.98
C ASN EA 86 -20.30 92.51 -47.59
N ILE EA 87 -20.25 91.19 -47.40
CA ILE EA 87 -19.89 90.58 -46.12
C ILE EA 87 -18.52 89.90 -46.16
N ASP EA 88 -17.53 90.52 -45.49
CA ASP EA 88 -16.18 89.97 -45.37
C ASP EA 88 -15.91 89.71 -43.90
N LEU EA 89 -16.00 88.43 -43.52
CA LEU EA 89 -15.82 87.95 -42.15
C LEU EA 89 -14.43 88.18 -41.55
N THR EA 90 -13.41 88.42 -42.40
CA THR EA 90 -12.03 88.71 -41.98
C THR EA 90 -11.99 90.06 -41.24
N GLN EA 91 -12.86 91.00 -41.64
CA GLN EA 91 -13.00 92.32 -41.02
C GLN EA 91 -13.88 92.11 -39.78
N THR EA 92 -13.24 91.70 -38.65
CA THR EA 92 -13.92 91.40 -37.38
C THR EA 92 -14.68 92.60 -36.79
N ALA EA 93 -14.18 93.82 -37.02
CA ALA EA 93 -14.78 95.06 -36.54
C ALA EA 93 -15.96 95.50 -37.42
N ASN EA 94 -15.80 95.46 -38.75
CA ASN EA 94 -16.84 95.87 -39.71
C ASN EA 94 -17.01 94.87 -40.85
N PRO EA 95 -17.74 93.75 -40.62
CA PRO EA 95 -17.91 92.75 -41.69
C PRO EA 95 -18.79 93.19 -42.86
N VAL EA 96 -19.87 93.95 -42.58
CA VAL EA 96 -20.80 94.41 -43.61
C VAL EA 96 -20.44 95.81 -44.13
N SER EA 97 -20.36 95.94 -45.46
CA SER EA 97 -20.08 97.17 -46.19
C SER EA 97 -21.01 97.27 -47.42
N LEU EA 98 -21.39 98.49 -47.82
CA LEU EA 98 -22.28 98.69 -48.97
C LEU EA 98 -21.56 99.29 -50.17
N SER EA 99 -22.05 98.97 -51.39
CA SER EA 99 -21.47 99.46 -52.65
C SER EA 99 -22.50 99.56 -53.77
N ALA EA 100 -22.45 100.66 -54.55
CA ALA EA 100 -23.32 100.89 -55.70
C ALA EA 100 -22.50 100.54 -56.94
N GLU EA 101 -22.89 99.45 -57.62
CA GLU EA 101 -22.17 98.93 -58.78
C GLU EA 101 -22.91 99.08 -60.10
N THR EA 102 -22.15 99.05 -61.22
CA THR EA 102 -22.63 99.19 -62.60
C THR EA 102 -23.62 98.08 -63.00
N ALA EA 103 -23.29 96.82 -62.67
CA ALA EA 103 -24.12 95.65 -62.97
C ALA EA 103 -24.37 94.81 -61.71
N ASN EA 104 -25.33 93.85 -61.79
CA ASN EA 104 -25.65 92.95 -60.67
C ASN EA 104 -24.53 91.92 -60.52
N ASN EA 105 -23.67 92.14 -59.51
CA ASN EA 105 -22.50 91.31 -59.21
C ASN EA 105 -22.71 90.40 -58.00
N SER EA 106 -23.87 89.70 -57.94
CA SER EA 106 -24.18 88.76 -56.86
C SER EA 106 -23.37 87.50 -57.08
N ASN EA 107 -22.40 87.23 -56.17
CA ASN EA 107 -21.49 86.08 -56.28
C ASN EA 107 -22.02 84.77 -55.69
N GLY EA 108 -22.78 84.87 -54.60
CA GLY EA 108 -23.35 83.72 -53.91
C GLY EA 108 -22.33 82.85 -53.20
N VAL EA 109 -21.28 83.49 -52.64
CA VAL EA 109 -20.18 82.85 -51.91
C VAL EA 109 -20.66 82.30 -50.57
N ASP EA 110 -20.39 81.01 -50.30
CA ASP EA 110 -20.76 80.34 -49.06
C ASP EA 110 -19.81 80.80 -47.94
N ILE EA 111 -20.26 81.79 -47.14
CA ILE EA 111 -19.48 82.38 -46.04
C ILE EA 111 -19.60 81.63 -44.72
N ASN EA 112 -20.75 81.00 -44.47
CA ASN EA 112 -21.01 80.24 -43.24
C ASN EA 112 -20.20 78.95 -43.16
N ASN EA 113 -19.81 78.37 -44.32
CA ASN EA 113 -19.03 77.14 -44.38
C ASN EA 113 -17.58 77.38 -44.80
N GLY EA 114 -17.40 78.11 -45.90
CA GLY EA 114 -16.08 78.43 -46.44
C GLY EA 114 -15.72 79.89 -46.33
N SER EA 115 -14.54 80.23 -46.88
CA SER EA 115 -14.00 81.59 -46.89
C SER EA 115 -14.50 82.39 -48.11
N GLY EA 116 -14.24 83.69 -48.09
CA GLY EA 116 -14.63 84.60 -49.18
C GLY EA 116 -15.50 85.76 -48.75
N VAL EA 117 -15.80 86.65 -49.71
CA VAL EA 117 -16.61 87.83 -49.50
C VAL EA 117 -17.95 87.62 -50.23
N LEU EA 118 -19.07 87.75 -49.49
CA LEU EA 118 -20.41 87.58 -50.06
C LEU EA 118 -20.98 88.90 -50.57
N LYS EA 119 -21.25 88.95 -51.88
CA LYS EA 119 -21.83 90.10 -52.56
C LYS EA 119 -23.24 89.71 -53.02
N VAL EA 120 -24.24 90.54 -52.69
CA VAL EA 120 -25.64 90.30 -53.04
C VAL EA 120 -26.44 91.60 -53.20
N CYS EA 121 -27.08 91.78 -54.36
CA CYS EA 121 -27.87 92.96 -54.70
C CYS EA 121 -29.25 92.88 -54.03
N PHE EA 122 -29.71 94.02 -53.48
CA PHE EA 122 -30.99 94.12 -52.79
C PHE EA 122 -31.87 95.27 -53.30
N ASP EA 123 -31.24 96.32 -53.84
CA ASP EA 123 -31.94 97.50 -54.37
C ASP EA 123 -31.28 98.03 -55.65
N ILE EA 124 -32.12 98.34 -56.66
CA ILE EA 124 -31.68 98.88 -57.96
C ILE EA 124 -32.09 100.35 -58.01
N VAL EA 125 -31.12 101.26 -58.13
CA VAL EA 125 -31.36 102.70 -58.16
C VAL EA 125 -31.04 103.29 -59.54
N THR EA 126 -32.08 103.76 -60.25
CA THR EA 126 -31.96 104.39 -61.57
C THR EA 126 -31.81 105.90 -61.32
N THR EA 127 -30.69 106.48 -61.81
CA THR EA 127 -30.39 107.90 -61.60
C THR EA 127 -30.19 108.71 -62.89
N SER EA 128 -30.32 110.04 -62.78
CA SER EA 128 -30.09 111.03 -63.83
C SER EA 128 -28.84 111.83 -63.47
N GLY EA 129 -28.60 112.94 -64.16
CA GLY EA 129 -27.45 113.81 -63.91
C GLY EA 129 -27.56 114.55 -62.58
N THR EA 130 -28.80 114.91 -62.19
CA THR EA 130 -29.10 115.63 -60.96
C THR EA 130 -29.32 114.71 -59.76
N GLY EA 131 -30.36 113.89 -59.81
CA GLY EA 131 -30.70 112.97 -58.73
C GLY EA 131 -31.35 111.66 -59.12
N VAL EA 132 -31.95 110.97 -58.12
CA VAL EA 132 -32.62 109.68 -58.24
C VAL EA 132 -33.93 109.83 -59.04
N THR EA 133 -34.11 109.00 -60.07
CA THR EA 133 -35.33 109.00 -60.90
C THR EA 133 -36.34 107.96 -60.43
N SER EA 134 -35.89 106.70 -60.23
CA SER EA 134 -36.73 105.59 -59.77
C SER EA 134 -35.92 104.52 -59.03
N THR EA 135 -36.59 103.79 -58.12
CA THR EA 135 -35.97 102.70 -57.34
C THR EA 135 -36.80 101.42 -57.40
N LYS EA 136 -36.11 100.28 -57.62
CA LYS EA 136 -36.73 98.96 -57.72
C LYS EA 136 -36.00 97.96 -56.80
N PRO EA 137 -36.69 97.31 -55.82
CA PRO EA 137 -35.99 96.36 -54.97
C PRO EA 137 -35.90 94.95 -55.56
N ILE EA 138 -34.79 94.25 -55.27
CA ILE EA 138 -34.53 92.87 -55.74
C ILE EA 138 -35.53 91.92 -55.06
N VAL EA 139 -36.15 91.02 -55.85
CA VAL EA 139 -37.13 90.04 -55.37
C VAL EA 139 -36.56 89.09 -54.33
N GLN EA 140 -37.31 88.86 -53.24
CA GLN EA 140 -36.92 87.97 -52.14
C GLN EA 140 -37.39 86.55 -52.45
N THR EA 141 -36.47 85.71 -52.96
CA THR EA 141 -36.75 84.32 -53.34
C THR EA 141 -36.87 83.43 -52.12
N SER EA 142 -37.97 82.64 -52.06
CA SER EA 142 -38.22 81.69 -50.98
C SER EA 142 -38.35 80.27 -51.55
N THR EA 143 -37.20 79.58 -51.68
CA THR EA 143 -37.11 78.23 -52.22
C THR EA 143 -37.63 77.23 -51.20
N LEU EA 144 -38.71 76.51 -51.57
CA LEU EA 144 -39.37 75.51 -50.71
C LEU EA 144 -39.62 74.20 -51.47
N ASP EA 145 -39.71 73.07 -50.73
CA ASP EA 145 -39.90 71.74 -51.32
C ASP EA 145 -41.39 71.40 -51.53
N SER EA 146 -42.22 71.54 -50.49
CA SER EA 146 -43.67 71.28 -50.55
C SER EA 146 -44.44 72.16 -49.58
N ILE EA 147 -45.64 72.61 -50.00
CA ILE EA 147 -46.48 73.48 -49.18
C ILE EA 147 -47.88 72.92 -48.94
N SER EA 148 -48.25 72.85 -47.66
CA SER EA 148 -49.58 72.48 -47.17
C SER EA 148 -50.15 73.83 -46.73
N VAL EA 149 -51.19 74.32 -47.43
CA VAL EA 149 -51.75 75.64 -47.14
C VAL EA 149 -53.29 75.71 -47.20
N ASN EA 150 -53.91 76.57 -46.36
CA ASN EA 150 -55.35 76.75 -46.36
C ASN EA 150 -55.79 77.67 -47.48
N ASP EA 151 -55.34 78.94 -47.47
CA ASP EA 151 -55.67 79.94 -48.48
C ASP EA 151 -54.45 80.66 -49.05
N MET EA 152 -54.56 81.16 -50.30
CA MET EA 152 -53.49 81.88 -50.97
C MET EA 152 -54.01 83.06 -51.79
N THR EA 153 -53.20 84.12 -51.90
CA THR EA 153 -53.52 85.32 -52.69
C THR EA 153 -52.29 85.67 -53.53
N VAL EA 154 -52.47 85.71 -54.85
CA VAL EA 154 -51.40 86.00 -55.82
C VAL EA 154 -51.68 87.34 -56.52
N SER EA 155 -50.72 88.28 -56.45
CA SER EA 155 -50.83 89.61 -57.06
C SER EA 155 -50.24 89.67 -58.48
N GLY EA 156 -49.27 88.80 -58.77
CA GLY EA 156 -48.61 88.72 -60.07
C GLY EA 156 -49.16 87.61 -60.94
N SER EA 157 -48.50 86.42 -60.90
CA SER EA 157 -48.89 85.22 -61.66
C SER EA 157 -48.23 83.93 -61.13
N ILE EA 158 -48.79 82.78 -61.54
CA ILE EA 158 -48.31 81.43 -61.17
C ILE EA 158 -47.80 80.73 -62.45
N ASP EA 159 -46.59 80.16 -62.37
CA ASP EA 159 -46.01 79.41 -63.49
C ASP EA 159 -46.16 77.91 -63.25
N VAL EA 160 -47.18 77.31 -63.89
CA VAL EA 160 -47.48 75.87 -63.79
C VAL EA 160 -46.87 75.14 -65.01
N PRO EA 161 -46.41 73.86 -64.87
CA PRO EA 161 -45.80 73.17 -66.02
C PRO EA 161 -46.75 72.97 -67.19
N VAL EA 162 -46.28 73.37 -68.40
CA VAL EA 162 -47.05 73.30 -69.64
C VAL EA 162 -46.52 72.16 -70.52
N GLN EA 163 -47.46 71.42 -71.17
CA GLN EA 163 -47.16 70.31 -72.08
C GLN EA 163 -47.99 70.43 -73.36
N THR EA 164 -47.33 70.38 -74.53
CA THR EA 164 -47.98 70.48 -75.84
C THR EA 164 -47.97 69.15 -76.58
N LEU EA 165 -49.05 68.88 -77.36
CA LEU EA 165 -49.22 67.65 -78.13
C LEU EA 165 -50.05 67.91 -79.39
N THR EA 166 -49.64 67.31 -80.52
CA THR EA 166 -50.33 67.42 -81.80
C THR EA 166 -50.56 66.02 -82.39
N VAL EA 167 -51.71 65.42 -82.05
CA VAL EA 167 -52.10 64.08 -82.48
C VAL EA 167 -52.97 64.13 -83.75
N GLU EA 168 -52.54 63.41 -84.80
CA GLU EA 168 -53.26 63.30 -86.06
C GLU EA 168 -54.27 62.17 -85.90
N ALA EA 169 -55.50 62.52 -85.45
CA ALA EA 169 -56.61 61.60 -85.17
C ALA EA 169 -56.99 60.67 -86.34
N GLY EA 170 -56.77 61.14 -87.57
CA GLY EA 170 -57.08 60.40 -88.78
C GLY EA 170 -58.25 60.95 -89.55
N ASN EA 171 -58.51 60.39 -90.74
CA ASN EA 171 -59.57 60.78 -91.68
C ASN EA 171 -59.48 62.24 -92.16
N GLY EA 172 -58.46 62.96 -91.68
CA GLY EA 172 -58.19 64.36 -92.01
C GLY EA 172 -58.30 65.31 -90.84
N LEU EA 173 -58.41 64.78 -89.60
CA LEU EA 173 -58.53 65.57 -88.38
C LEU EA 173 -57.19 65.71 -87.64
N GLN EA 174 -56.90 66.94 -87.19
CA GLN EA 174 -55.71 67.29 -86.42
C GLN EA 174 -56.15 67.96 -85.11
N LEU EA 175 -55.51 67.57 -83.98
CA LEU EA 175 -55.82 68.09 -82.65
C LEU EA 175 -54.60 68.74 -82.02
N GLN EA 176 -54.75 69.95 -81.47
CA GLN EA 176 -53.67 70.67 -80.80
C GLN EA 176 -54.01 70.79 -79.31
N LEU EA 177 -53.37 69.94 -78.50
CA LEU EA 177 -53.58 69.86 -77.05
C LEU EA 177 -52.54 70.66 -76.26
N THR EA 178 -52.98 71.33 -75.19
CA THR EA 178 -52.13 72.13 -74.29
C THR EA 178 -52.52 71.82 -72.84
N LYS EA 179 -51.70 71.01 -72.15
CA LYS EA 179 -51.92 70.57 -70.77
C LYS EA 179 -51.10 71.40 -69.78
N LYS EA 180 -51.79 72.03 -68.81
CA LYS EA 180 -51.15 72.85 -67.77
C LYS EA 180 -51.50 72.29 -66.38
N ASN EA 181 -50.48 72.12 -65.51
CA ASN EA 181 -50.57 71.58 -64.14
C ASN EA 181 -51.10 70.12 -64.12
N ASN EA 182 -50.84 69.36 -65.21
CA ASN EA 182 -51.24 67.96 -65.42
C ASN EA 182 -52.74 67.68 -65.22
N ASP EA 183 -53.60 68.69 -65.45
CA ASP EA 183 -55.04 68.56 -65.28
C ASP EA 183 -55.88 69.16 -66.40
N LEU EA 184 -55.88 70.50 -66.56
CA LEU EA 184 -56.66 71.20 -67.58
C LEU EA 184 -55.98 71.16 -68.95
N VAL EA 185 -56.72 70.68 -69.97
CA VAL EA 185 -56.24 70.56 -71.35
C VAL EA 185 -57.24 71.24 -72.29
N ILE EA 186 -56.74 72.11 -73.20
CA ILE EA 186 -57.56 72.79 -74.20
C ILE EA 186 -57.20 72.23 -75.58
N VAL EA 187 -58.14 71.50 -76.19
CA VAL EA 187 -57.99 70.87 -77.50
C VAL EA 187 -58.42 71.84 -78.59
N ARG EA 188 -57.53 72.07 -79.58
CA ARG EA 188 -57.77 72.94 -80.72
C ARG EA 188 -57.95 72.10 -81.99
N PHE EA 189 -59.12 72.21 -82.64
CA PHE EA 189 -59.45 71.46 -83.86
C PHE EA 189 -58.85 72.08 -85.11
N PHE EA 190 -58.21 71.23 -85.95
CA PHE EA 190 -57.58 71.63 -87.22
C PHE EA 190 -57.69 70.54 -88.29
N GLY EA 191 -57.51 70.93 -89.55
CA GLY EA 191 -57.58 70.03 -90.70
C GLY EA 191 -58.93 70.03 -91.40
N SER EA 192 -59.26 68.90 -92.08
CA SER EA 192 -60.52 68.70 -92.81
C SER EA 192 -60.87 67.21 -92.85
N VAL EA 193 -61.88 66.79 -92.08
CA VAL EA 193 -62.32 65.39 -91.98
C VAL EA 193 -63.13 64.89 -93.19
N SER EA 194 -62.84 63.65 -93.66
CA SER EA 194 -63.48 62.97 -94.79
C SER EA 194 -63.51 61.45 -94.61
N ASN EA 195 -64.58 60.80 -95.12
CA ASN EA 195 -64.83 59.35 -95.07
C ASN EA 195 -64.92 58.78 -93.65
N ILE EA 196 -65.97 59.18 -92.91
CA ILE EA 196 -66.21 58.75 -91.52
C ILE EA 196 -67.72 58.64 -91.20
N GLN EA 197 -68.10 57.65 -90.36
CA GLN EA 197 -69.47 57.39 -89.93
C GLN EA 197 -69.63 57.64 -88.42
N LYS EA 198 -70.88 57.79 -87.94
CA LYS EA 198 -71.20 58.01 -86.53
C LYS EA 198 -70.94 56.77 -85.67
N GLY EA 199 -70.22 56.98 -84.57
CA GLY EA 199 -69.85 55.92 -83.62
C GLY EA 199 -68.62 55.12 -84.02
N TRP EA 200 -68.00 55.47 -85.16
CA TRP EA 200 -66.81 54.80 -85.69
C TRP EA 200 -65.52 55.42 -85.19
N ASN EA 201 -64.56 54.57 -84.79
CA ASN EA 201 -63.24 54.97 -84.29
C ASN EA 201 -62.41 55.57 -85.43
N MET EA 202 -61.64 56.63 -85.12
CA MET EA 202 -60.83 57.35 -86.10
C MET EA 202 -59.49 56.67 -86.41
N SER EA 203 -59.28 56.39 -87.71
CA SER EA 203 -58.15 55.69 -88.35
C SER EA 203 -56.72 55.97 -87.87
N GLY EA 204 -56.39 57.25 -87.71
CA GLY EA 204 -55.04 57.70 -87.34
C GLY EA 204 -54.56 57.44 -85.92
N THR EA 205 -53.56 58.23 -85.50
CA THR EA 205 -52.87 58.19 -84.21
C THR EA 205 -53.82 58.37 -83.01
N TRP EA 206 -53.52 57.68 -81.89
CA TRP EA 206 -54.26 57.73 -80.64
C TRP EA 206 -53.62 58.75 -79.69
N VAL EA 207 -54.40 59.25 -78.70
CA VAL EA 207 -53.95 60.23 -77.70
C VAL EA 207 -52.93 59.60 -76.74
N ASP EA 208 -51.79 60.28 -76.54
CA ASP EA 208 -50.70 59.86 -75.66
C ASP EA 208 -51.13 59.75 -74.20
N ARG EA 209 -50.51 58.82 -73.44
CA ARG EA 209 -50.78 58.56 -72.02
C ARG EA 209 -50.79 59.79 -71.08
N PRO EA 210 -49.87 60.79 -71.16
CA PRO EA 210 -49.96 61.95 -70.24
C PRO EA 210 -51.15 62.89 -70.52
N PHE EA 211 -51.79 62.74 -71.69
CA PHE EA 211 -52.93 63.55 -72.14
C PHE EA 211 -54.27 62.80 -72.08
N ARG EA 212 -54.26 61.49 -71.79
CA ARG EA 212 -55.46 60.65 -71.70
C ARG EA 212 -56.29 60.99 -70.46
N PRO EA 213 -57.63 61.17 -70.57
CA PRO EA 213 -58.44 61.48 -69.39
C PRO EA 213 -58.89 60.25 -68.59
N ALA EA 214 -59.43 60.45 -67.38
CA ALA EA 214 -59.92 59.37 -66.51
C ALA EA 214 -61.20 58.75 -67.04
N ALA EA 215 -62.11 59.59 -67.59
CA ALA EA 215 -63.38 59.19 -68.17
C ALA EA 215 -63.50 59.73 -69.60
N VAL EA 216 -64.48 59.20 -70.37
CA VAL EA 216 -64.73 59.62 -71.75
C VAL EA 216 -65.19 61.09 -71.81
N GLN EA 217 -64.38 61.94 -72.49
CA GLN EA 217 -64.65 63.37 -72.62
C GLN EA 217 -65.24 63.73 -73.98
N SER EA 218 -66.49 64.20 -73.98
CA SER EA 218 -67.22 64.60 -75.19
C SER EA 218 -66.89 66.07 -75.51
N LEU EA 219 -66.09 66.31 -76.57
CA LEU EA 219 -65.65 67.66 -76.97
C LEU EA 219 -66.26 68.12 -78.28
N VAL EA 220 -66.99 69.25 -78.24
CA VAL EA 220 -67.71 69.84 -79.37
C VAL EA 220 -66.81 70.73 -80.24
N GLY EA 221 -66.93 70.55 -81.55
CA GLY EA 221 -66.23 71.32 -82.59
C GLY EA 221 -67.21 71.93 -83.57
N HIS EA 222 -66.70 72.64 -84.59
CA HIS EA 222 -67.56 73.30 -85.59
C HIS EA 222 -66.98 73.24 -87.01
N PHE EA 223 -67.86 73.09 -88.02
CA PHE EA 223 -67.46 73.05 -89.43
C PHE EA 223 -67.43 74.49 -89.97
N ALA EA 224 -66.21 74.98 -90.31
CA ALA EA 224 -65.95 76.34 -90.80
C ALA EA 224 -66.76 76.72 -92.04
N GLY EA 225 -67.43 77.86 -91.96
CA GLY EA 225 -68.27 78.40 -93.03
C GLY EA 225 -69.69 77.86 -93.09
N ARG EA 226 -70.04 76.98 -92.15
CA ARG EA 226 -71.37 76.35 -92.07
C ARG EA 226 -72.07 76.62 -90.73
N ASP EA 227 -73.25 76.02 -90.52
CA ASP EA 227 -74.02 76.12 -89.28
C ASP EA 227 -74.19 74.71 -88.66
N THR EA 228 -73.39 73.75 -89.17
CA THR EA 228 -73.35 72.34 -88.74
C THR EA 228 -72.23 72.15 -87.72
N SER EA 229 -72.46 71.26 -86.74
CA SER EA 229 -71.51 70.97 -85.66
C SER EA 229 -71.17 69.48 -85.53
N PHE EA 230 -70.12 69.17 -84.75
CA PHE EA 230 -69.68 67.80 -84.48
C PHE EA 230 -69.10 67.67 -83.07
N HIS EA 231 -68.93 66.42 -82.60
CA HIS EA 231 -68.32 66.12 -81.29
C HIS EA 231 -67.54 64.80 -81.32
N ILE EA 232 -66.38 64.78 -80.66
CA ILE EA 232 -65.51 63.61 -80.59
C ILE EA 232 -65.29 63.11 -79.16
N ASP EA 233 -65.48 61.81 -78.95
CA ASP EA 233 -65.33 61.15 -77.66
C ASP EA 233 -63.91 60.63 -77.44
N ILE EA 234 -63.15 61.30 -76.56
CA ILE EA 234 -61.78 60.90 -76.22
C ILE EA 234 -61.88 59.94 -75.02
N ASN EA 235 -61.91 58.64 -75.32
CA ASN EA 235 -62.01 57.54 -74.36
C ASN EA 235 -60.75 57.43 -73.48
N PRO EA 236 -60.80 56.81 -72.28
CA PRO EA 236 -59.58 56.74 -71.43
C PRO EA 236 -58.37 56.00 -72.02
N ASN EA 237 -58.59 55.12 -73.02
CA ASN EA 237 -57.51 54.36 -73.68
C ASN EA 237 -56.77 55.15 -74.79
N GLY EA 238 -57.17 56.40 -75.01
CA GLY EA 238 -56.57 57.28 -76.01
C GLY EA 238 -57.28 57.30 -77.35
N SER EA 239 -58.25 56.39 -77.55
CA SER EA 239 -59.04 56.27 -78.77
C SER EA 239 -60.01 57.44 -78.96
N ILE EA 240 -60.05 57.99 -80.18
CA ILE EA 240 -60.92 59.11 -80.55
C ILE EA 240 -62.07 58.57 -81.40
N THR EA 241 -63.28 58.53 -80.82
CA THR EA 241 -64.48 58.03 -81.49
C THR EA 241 -65.30 59.21 -82.03
N TRP EA 242 -65.57 59.20 -83.35
CA TRP EA 242 -66.35 60.22 -84.05
C TRP EA 242 -67.82 60.11 -83.68
N TRP EA 243 -68.49 61.25 -83.42
CA TRP EA 243 -69.91 61.28 -83.06
C TRP EA 243 -70.73 62.38 -83.76
N GLY EA 244 -70.29 62.78 -84.95
CA GLY EA 244 -70.99 63.75 -85.79
C GLY EA 244 -71.77 63.03 -86.87
N ALA EA 245 -72.29 63.77 -87.87
CA ALA EA 245 -73.02 63.15 -88.97
C ALA EA 245 -72.06 62.50 -89.96
N ASN EA 246 -72.51 61.46 -90.67
CA ASN EA 246 -71.72 60.71 -91.65
C ASN EA 246 -71.16 61.60 -92.75
N ILE EA 247 -69.82 61.61 -92.88
CA ILE EA 247 -69.12 62.44 -93.87
C ILE EA 247 -68.59 61.59 -95.02
N ASP EA 248 -68.86 62.05 -96.24
CA ASP EA 248 -68.46 61.41 -97.48
C ASP EA 248 -67.02 61.77 -97.90
N LYS EA 249 -66.72 61.57 -99.17
CA LYS EA 249 -65.40 61.81 -99.77
C LYS EA 249 -64.93 63.26 -99.75
N THR EA 250 -65.87 64.23 -99.76
CA THR EA 250 -65.58 65.66 -99.74
C THR EA 250 -65.12 66.10 -98.34
N PRO EA 251 -63.91 66.69 -98.19
CA PRO EA 251 -63.47 67.10 -96.85
C PRO EA 251 -63.95 68.49 -96.42
N ILE EA 252 -64.45 68.60 -95.18
CA ILE EA 252 -64.97 69.85 -94.60
C ILE EA 252 -64.04 70.30 -93.46
N ALA EA 253 -63.62 71.59 -93.50
CA ALA EA 253 -62.72 72.21 -92.51
C ALA EA 253 -63.31 72.19 -91.10
N THR EA 254 -62.55 71.61 -90.14
CA THR EA 254 -62.95 71.46 -88.74
C THR EA 254 -62.13 72.36 -87.83
N ARG EA 255 -62.80 73.26 -87.09
CA ARG EA 255 -62.17 74.19 -86.15
C ARG EA 255 -62.98 74.29 -84.85
N GLY EA 256 -62.30 74.55 -83.74
CA GLY EA 256 -62.93 74.69 -82.43
C GLY EA 256 -62.04 74.47 -81.23
N ASN EA 257 -62.53 74.91 -80.05
CA ASN EA 257 -61.83 74.77 -78.76
C ASN EA 257 -62.68 73.99 -77.76
N GLY EA 258 -62.06 73.00 -77.12
CA GLY EA 258 -62.71 72.15 -76.13
C GLY EA 258 -61.84 71.90 -74.91
N SER EA 259 -62.39 72.17 -73.72
CA SER EA 259 -61.69 72.01 -72.44
C SER EA 259 -62.19 70.78 -71.66
N TYR EA 260 -61.26 70.09 -70.97
CA TYR EA 260 -61.55 68.90 -70.16
C TYR EA 260 -60.53 68.71 -69.03
N PHE EA 261 -60.94 68.02 -67.95
CA PHE EA 261 -60.08 67.69 -66.81
C PHE EA 261 -59.65 66.23 -66.89
N ILE EA 262 -58.35 65.96 -66.68
CA ILE EA 262 -57.80 64.60 -66.68
C ILE EA 262 -58.17 63.95 -65.33
N LYS EA 263 -57.78 64.59 -64.22
CA LYS EA 263 -58.01 64.15 -62.84
C LYS EA 263 -59.49 64.23 -62.46
N THR FA 1 -93.83 15.09 19.06
CA THR FA 1 -93.20 16.23 19.75
C THR FA 1 -93.28 17.52 18.91
N ILE FA 2 -93.58 18.65 19.55
CA ILE FA 2 -93.66 19.95 18.88
C ILE FA 2 -92.54 20.85 19.40
N LYS FA 3 -91.77 21.45 18.47
CA LYS FA 3 -90.66 22.34 18.80
C LYS FA 3 -91.05 23.78 18.52
N ASN FA 4 -91.07 24.59 19.58
CA ASN FA 4 -91.47 25.99 19.51
C ASN FA 4 -90.29 26.93 19.41
N PHE FA 5 -90.36 27.91 18.51
CA PHE FA 5 -89.26 28.84 18.32
C PHE FA 5 -89.64 30.29 18.52
N THR FA 6 -90.68 30.71 17.84
CA THR FA 6 -91.15 32.11 17.94
C THR FA 6 -92.04 32.30 19.18
N PHE FA 7 -91.49 32.02 20.38
CA PHE FA 7 -92.21 32.15 21.62
C PHE FA 7 -91.25 32.63 22.68
N PHE FA 8 -91.76 33.36 23.67
CA PHE FA 8 -90.93 33.88 24.74
C PHE FA 8 -90.48 32.77 25.71
N SER FA 9 -89.24 32.85 26.17
CA SER FA 9 -88.61 31.90 27.06
C SER FA 9 -88.59 32.48 28.47
N PRO FA 10 -89.47 32.02 29.37
CA PRO FA 10 -89.54 32.59 30.75
C PRO FA 10 -88.23 32.66 31.51
N ASN FA 11 -87.38 31.64 31.36
CA ASN FA 11 -86.10 31.58 32.03
C ASN FA 11 -84.94 31.72 31.05
N SER FA 12 -85.20 32.36 29.88
CA SER FA 12 -84.26 32.64 28.79
C SER FA 12 -83.55 31.41 28.20
N THR FA 13 -84.09 30.20 28.45
CA THR FA 13 -83.48 28.94 28.01
C THR FA 13 -84.43 27.98 27.28
N GLU FA 14 -85.75 28.14 27.47
CA GLU FA 14 -86.80 27.27 26.90
C GLU FA 14 -86.82 27.09 25.38
N PHE FA 15 -86.86 28.19 24.61
CA PHE FA 15 -86.96 28.09 23.15
C PHE FA 15 -85.83 28.78 22.37
N PRO FA 16 -84.60 28.21 22.35
CA PRO FA 16 -83.53 28.84 21.55
C PRO FA 16 -83.73 28.65 20.05
N VAL FA 17 -83.47 29.68 19.28
CA VAL FA 17 -83.67 29.57 17.83
C VAL FA 17 -82.38 29.28 17.08
N GLY FA 18 -82.32 28.06 16.53
CA GLY FA 18 -81.17 27.57 15.76
C GLY FA 18 -81.17 28.12 14.36
N SER FA 19 -79.98 28.24 13.74
CA SER FA 19 -79.83 28.78 12.39
C SER FA 19 -80.62 28.00 11.33
N ASN FA 20 -80.75 26.67 11.49
CA ASN FA 20 -81.51 25.85 10.56
C ASN FA 20 -83.02 26.09 10.69
N ASN FA 21 -83.48 26.45 11.89
CA ASN FA 21 -84.89 26.75 12.15
C ASN FA 21 -85.27 28.06 11.48
N ASP FA 22 -84.36 29.07 11.56
CA ASP FA 22 -84.58 30.33 10.88
C ASP FA 22 -84.49 30.13 9.36
N GLY FA 23 -83.59 29.24 8.92
CA GLY FA 23 -83.42 28.87 7.52
C GLY FA 23 -84.72 28.36 6.94
N LYS FA 24 -85.34 27.39 7.64
CA LYS FA 24 -86.63 26.85 7.22
C LYS FA 24 -87.72 27.93 7.23
N LEU FA 25 -87.78 28.73 8.32
CA LEU FA 25 -88.75 29.82 8.46
C LEU FA 25 -88.66 30.76 7.26
N TYR FA 26 -87.45 31.23 6.94
CA TYR FA 26 -87.22 32.15 5.83
C TYR FA 26 -87.60 31.56 4.50
N MET FA 27 -87.26 30.28 4.26
CA MET FA 27 -87.63 29.59 3.03
C MET FA 27 -89.14 29.57 2.86
N MET FA 28 -89.87 29.32 3.95
CA MET FA 28 -91.32 29.26 3.94
C MET FA 28 -91.96 30.62 3.73
N LEU FA 29 -91.40 31.68 4.33
CA LEU FA 29 -91.93 33.04 4.17
C LEU FA 29 -91.82 33.54 2.74
N THR FA 30 -90.69 33.26 2.09
CA THR FA 30 -90.44 33.70 0.71
C THR FA 30 -90.90 32.75 -0.38
N GLY FA 31 -91.18 31.50 -0.01
CA GLY FA 31 -91.62 30.47 -0.94
C GLY FA 31 -90.49 30.00 -1.83
N MET FA 32 -89.36 29.61 -1.23
CA MET FA 32 -88.21 29.10 -1.97
C MET FA 32 -87.89 27.67 -1.57
N ASP FA 33 -87.34 26.89 -2.51
CA ASP FA 33 -86.88 25.53 -2.24
C ASP FA 33 -85.35 25.57 -2.25
N TYR FA 34 -84.69 24.41 -2.21
CA TYR FA 34 -83.24 24.36 -2.21
C TYR FA 34 -82.61 24.50 -3.60
N ARG FA 35 -83.45 24.67 -4.64
CA ARG FA 35 -82.98 24.79 -6.02
C ARG FA 35 -83.05 26.20 -6.59
N THR FA 36 -83.29 27.19 -5.73
CA THR FA 36 -83.34 28.59 -6.11
C THR FA 36 -82.65 29.46 -5.06
N ILE FA 37 -82.61 30.77 -5.31
CA ILE FA 37 -82.00 31.75 -4.43
C ILE FA 37 -82.85 33.00 -4.38
N ARG FA 38 -82.46 33.91 -3.49
CA ARG FA 38 -82.88 35.29 -3.42
C ARG FA 38 -81.55 35.99 -3.57
N ARG FA 39 -81.46 36.96 -4.48
CA ARG FA 39 -80.20 37.63 -4.77
C ARG FA 39 -80.44 39.10 -5.09
N LYS FA 40 -79.57 39.97 -4.57
CA LYS FA 40 -79.65 41.39 -4.82
C LYS FA 40 -78.27 42.01 -4.91
N ASP FA 41 -77.97 42.64 -6.06
CA ASP FA 41 -76.72 43.37 -6.25
C ASP FA 41 -77.02 44.80 -5.79
N TRP FA 42 -76.58 45.15 -4.57
CA TRP FA 42 -76.78 46.51 -4.04
C TRP FA 42 -75.94 47.49 -4.84
N SER FA 43 -74.77 47.03 -5.29
CA SER FA 43 -73.86 47.71 -6.20
C SER FA 43 -73.47 46.71 -7.28
N SER FA 44 -73.17 47.22 -8.48
CA SER FA 44 -72.85 46.38 -9.62
C SER FA 44 -71.55 45.58 -9.46
N PRO FA 45 -71.57 44.26 -9.76
CA PRO FA 45 -70.31 43.50 -9.75
C PRO FA 45 -69.36 44.06 -10.82
N LEU FA 46 -68.05 43.96 -10.59
CA LEU FA 46 -67.06 44.50 -11.52
C LEU FA 46 -66.24 43.40 -12.18
N ASN FA 47 -66.14 43.46 -13.50
CA ASN FA 47 -65.41 42.50 -14.30
C ASN FA 47 -64.02 43.04 -14.61
N THR FA 48 -62.99 42.27 -14.27
CA THR FA 48 -61.58 42.60 -14.50
C THR FA 48 -60.91 41.35 -15.03
N ALA FA 49 -60.48 41.37 -16.32
CA ALA FA 49 -59.90 40.21 -17.02
C ALA FA 49 -60.87 39.01 -16.85
N LEU FA 50 -60.36 37.80 -16.52
CA LEU FA 50 -61.20 36.63 -16.34
C LEU FA 50 -61.59 36.47 -14.85
N ASN FA 51 -62.24 37.51 -14.30
CA ASN FA 51 -62.69 37.58 -12.92
C ASN FA 51 -63.92 38.44 -12.78
N VAL FA 52 -64.78 38.07 -11.84
CA VAL FA 52 -65.96 38.85 -11.46
C VAL FA 52 -65.85 39.18 -9.98
N GLN FA 53 -65.89 40.47 -9.65
CA GLN FA 53 -65.84 40.92 -8.28
C GLN FA 53 -67.22 41.33 -7.85
N TYR FA 54 -67.80 40.59 -6.89
CA TYR FA 54 -69.09 40.95 -6.33
C TYR FA 54 -68.78 42.00 -5.28
N THR FA 55 -69.13 43.25 -5.58
CA THR FA 55 -68.85 44.41 -4.73
C THR FA 55 -69.72 44.44 -3.48
N ASN FA 56 -71.03 44.26 -3.65
CA ASN FA 56 -71.99 44.20 -2.57
C ASN FA 56 -73.24 43.48 -3.05
N THR FA 57 -73.23 42.16 -2.91
CA THR FA 57 -74.33 41.28 -3.30
C THR FA 57 -74.79 40.47 -2.09
N SER FA 58 -76.11 40.47 -1.83
CA SER FA 58 -76.68 39.66 -0.77
C SER FA 58 -77.34 38.45 -1.41
N ILE FA 59 -77.18 37.27 -0.79
CA ILE FA 59 -77.77 36.04 -1.27
C ILE FA 59 -78.44 35.29 -0.14
N ILE FA 60 -79.59 34.68 -0.43
CA ILE FA 60 -80.29 33.77 0.47
C ILE FA 60 -80.31 32.44 -0.27
N ALA FA 61 -79.66 31.43 0.30
CA ALA FA 61 -79.59 30.08 -0.26
C ALA FA 61 -79.91 29.11 0.87
N GLY FA 62 -80.95 28.29 0.68
CA GLY FA 62 -81.43 27.37 1.70
C GLY FA 62 -81.89 28.09 2.95
N GLY FA 63 -82.42 29.30 2.78
CA GLY FA 63 -82.87 30.17 3.86
C GLY FA 63 -81.76 30.83 4.65
N ARG FA 64 -80.50 30.66 4.19
CA ARG FA 64 -79.32 31.22 4.85
C ARG FA 64 -78.89 32.49 4.15
N TYR FA 65 -78.81 33.59 4.90
CA TYR FA 65 -78.41 34.90 4.40
C TYR FA 65 -76.92 35.14 4.55
N PHE FA 66 -76.29 35.64 3.50
CA PHE FA 66 -74.88 36.00 3.48
C PHE FA 66 -74.62 37.12 2.49
N GLU FA 67 -73.51 37.83 2.68
CA GLU FA 67 -73.13 38.96 1.85
C GLU FA 67 -71.79 38.77 1.20
N LEU FA 68 -71.71 39.12 -0.08
CA LEU FA 68 -70.47 39.06 -0.86
C LEU FA 68 -69.96 40.50 -0.94
N LEU FA 69 -68.90 40.80 -0.18
CA LEU FA 69 -68.34 42.14 -0.11
C LEU FA 69 -66.94 42.09 -0.67
N ASN FA 70 -66.77 42.62 -1.90
CA ASN FA 70 -65.52 42.60 -2.66
C ASN FA 70 -64.95 41.17 -2.73
N GLU FA 71 -65.81 40.24 -3.18
CA GLU FA 71 -65.51 38.83 -3.32
C GLU FA 71 -65.31 38.51 -4.81
N THR FA 72 -64.07 38.14 -5.17
CA THR FA 72 -63.70 37.86 -6.56
C THR FA 72 -63.71 36.36 -6.86
N VAL FA 73 -64.33 36.00 -7.99
CA VAL FA 73 -64.39 34.63 -8.50
C VAL FA 73 -63.60 34.60 -9.81
N ALA FA 74 -62.62 33.70 -9.91
CA ALA FA 74 -61.80 33.51 -11.11
C ALA FA 74 -62.57 32.68 -12.13
N LEU FA 75 -62.48 33.08 -13.40
CA LEU FA 75 -63.23 32.45 -14.50
C LEU FA 75 -62.38 31.72 -15.52
N LYS FA 76 -63.01 30.78 -16.23
CA LYS FA 76 -62.42 30.03 -17.33
C LYS FA 76 -62.65 30.88 -18.59
N GLY FA 77 -61.61 31.00 -19.42
CA GLY FA 77 -61.67 31.76 -20.66
C GLY FA 77 -62.45 31.05 -21.75
N ASP FA 78 -63.07 31.84 -22.67
CA ASP FA 78 -63.87 31.37 -23.81
C ASP FA 78 -64.89 30.32 -23.37
N SER FA 79 -65.58 30.59 -22.26
CA SER FA 79 -66.49 29.65 -21.65
C SER FA 79 -67.70 30.29 -21.01
N VAL FA 80 -68.72 29.47 -20.74
CA VAL FA 80 -69.92 29.87 -20.02
C VAL FA 80 -69.68 29.38 -18.59
N ASN FA 81 -69.47 30.33 -17.66
CA ASN FA 81 -69.18 30.04 -16.26
C ASN FA 81 -70.44 30.10 -15.42
N TYR FA 82 -70.75 29.00 -14.72
CA TYR FA 82 -71.90 28.91 -13.83
C TYR FA 82 -71.41 29.18 -12.42
N ILE FA 83 -71.78 30.34 -11.87
CA ILE FA 83 -71.35 30.77 -10.54
C ILE FA 83 -72.24 30.18 -9.48
N HIS FA 84 -71.65 29.41 -8.56
CA HIS FA 84 -72.38 28.72 -7.50
C HIS FA 84 -72.03 29.22 -6.12
N ALA FA 85 -73.03 29.20 -5.23
CA ALA FA 85 -72.86 29.44 -3.80
C ALA FA 85 -72.87 28.03 -3.21
N ASN FA 86 -71.83 27.67 -2.45
CA ASN FA 86 -71.70 26.35 -1.86
C ASN FA 86 -71.71 26.47 -0.35
N ILE FA 87 -72.66 25.80 0.30
CA ILE FA 87 -72.81 25.85 1.76
C ILE FA 87 -72.49 24.51 2.41
N ASP FA 88 -71.45 24.50 3.26
CA ASP FA 88 -71.02 23.32 4.01
C ASP FA 88 -71.01 23.71 5.47
N LEU FA 89 -72.03 23.25 6.21
CA LEU FA 89 -72.21 23.58 7.62
C LEU FA 89 -71.15 23.02 8.58
N THR FA 90 -70.41 21.99 8.13
CA THR FA 90 -69.33 21.39 8.93
C THR FA 90 -68.12 22.31 8.97
N GLN FA 91 -67.98 23.18 7.94
CA GLN FA 91 -66.91 24.18 7.85
C GLN FA 91 -67.38 25.37 8.68
N THR FA 92 -67.38 25.19 10.00
CA THR FA 92 -67.82 26.13 11.03
C THR FA 92 -67.34 27.58 10.86
N ALA FA 93 -66.05 27.78 10.55
CA ALA FA 93 -65.46 29.10 10.37
C ALA FA 93 -65.81 29.77 9.03
N ASN FA 94 -65.91 28.99 7.94
CA ASN FA 94 -66.22 29.49 6.59
C ASN FA 94 -67.25 28.57 5.92
N PRO FA 95 -68.54 28.64 6.29
CA PRO FA 95 -69.52 27.71 5.71
C PRO FA 95 -69.84 27.94 4.24
N VAL FA 96 -69.67 29.19 3.76
CA VAL FA 96 -69.98 29.56 2.39
C VAL FA 96 -68.73 29.82 1.55
N SER FA 97 -68.76 29.32 0.30
CA SER FA 97 -67.72 29.52 -0.69
C SER FA 97 -68.34 29.64 -2.09
N LEU FA 98 -67.65 30.35 -2.99
CA LEU FA 98 -68.12 30.52 -4.37
C LEU FA 98 -67.27 29.73 -5.35
N SER FA 99 -67.87 29.23 -6.42
CA SER FA 99 -67.17 28.49 -7.45
C SER FA 99 -67.69 28.87 -8.84
N ALA FA 100 -66.82 28.77 -9.86
CA ALA FA 100 -67.16 29.01 -11.27
C ALA FA 100 -67.04 27.64 -11.93
N GLU FA 101 -68.17 27.12 -12.42
CA GLU FA 101 -68.23 25.76 -12.97
C GLU FA 101 -68.68 25.69 -14.42
N THR FA 102 -68.35 24.58 -15.10
CA THR FA 102 -68.66 24.34 -16.51
C THR FA 102 -70.13 24.05 -16.81
N ALA FA 103 -70.92 23.72 -15.77
CA ALA FA 103 -72.33 23.39 -15.90
C ALA FA 103 -73.11 23.87 -14.68
N ASN FA 104 -74.45 23.91 -14.76
CA ASN FA 104 -75.28 24.24 -13.60
C ASN FA 104 -75.36 22.96 -12.77
N ASN FA 105 -74.61 22.93 -11.68
CA ASN FA 105 -74.50 21.80 -10.79
C ASN FA 105 -75.27 21.92 -9.48
N SER FA 106 -76.38 22.70 -9.49
CA SER FA 106 -77.27 22.87 -8.34
C SER FA 106 -77.77 21.48 -7.93
N ASN FA 107 -77.63 21.13 -6.64
CA ASN FA 107 -77.94 19.79 -6.15
C ASN FA 107 -79.19 19.62 -5.27
N GLY FA 108 -79.78 20.74 -4.86
CA GLY FA 108 -80.97 20.76 -4.01
C GLY FA 108 -80.87 20.07 -2.67
N VAL FA 109 -79.65 19.99 -2.10
CA VAL FA 109 -79.38 19.34 -0.82
C VAL FA 109 -80.03 20.08 0.35
N ASP FA 110 -80.85 19.35 1.15
CA ASP FA 110 -81.55 19.90 2.31
C ASP FA 110 -80.59 20.03 3.49
N ILE FA 111 -79.95 21.19 3.59
CA ILE FA 111 -78.98 21.49 4.65
C ILE FA 111 -79.61 21.83 6.01
N ASN FA 112 -80.91 22.12 6.04
CA ASN FA 112 -81.58 22.46 7.29
C ASN FA 112 -82.12 21.25 8.04
N ASN FA 113 -82.27 20.12 7.33
CA ASN FA 113 -82.78 18.87 7.90
C ASN FA 113 -81.77 17.74 7.94
N GLY FA 114 -80.80 17.78 7.02
CA GLY FA 114 -79.79 16.73 6.91
C GLY FA 114 -78.39 17.20 6.63
N SER FA 115 -77.48 16.24 6.40
CA SER FA 115 -76.07 16.48 6.10
C SER FA 115 -75.88 16.68 4.59
N GLY FA 116 -74.70 17.16 4.21
CA GLY FA 116 -74.33 17.40 2.82
C GLY FA 116 -74.02 18.85 2.51
N VAL FA 117 -73.45 19.07 1.33
CA VAL FA 117 -73.09 20.41 0.85
C VAL FA 117 -74.16 20.88 -0.12
N LEU FA 118 -74.74 22.06 0.14
CA LEU FA 118 -75.72 22.64 -0.76
C LEU FA 118 -74.97 23.43 -1.83
N LYS FA 119 -75.25 23.14 -3.10
CA LYS FA 119 -74.68 23.86 -4.24
C LYS FA 119 -75.85 24.48 -4.97
N VAL FA 120 -75.80 25.78 -5.20
CA VAL FA 120 -76.85 26.46 -5.92
C VAL FA 120 -76.26 27.53 -6.84
N CYS FA 121 -76.58 27.43 -8.13
CA CYS FA 121 -76.11 28.38 -9.15
C CYS FA 121 -76.95 29.66 -9.08
N PHE FA 122 -76.29 30.83 -9.10
CA PHE FA 122 -76.99 32.12 -9.04
C PHE FA 122 -76.66 33.08 -10.19
N ASP FA 123 -75.55 32.84 -10.90
CA ASP FA 123 -75.11 33.70 -12.00
C ASP FA 123 -74.50 32.90 -13.13
N ILE FA 124 -74.66 33.41 -14.36
CA ILE FA 124 -74.07 32.81 -15.57
C ILE FA 124 -73.20 33.90 -16.22
N VAL FA 125 -71.89 33.69 -16.21
CA VAL FA 125 -70.92 34.65 -16.74
C VAL FA 125 -70.21 34.06 -17.97
N THR FA 126 -70.42 34.67 -19.14
CA THR FA 126 -69.80 34.24 -20.39
C THR FA 126 -68.54 35.06 -20.65
N THR FA 127 -67.46 34.37 -21.05
CA THR FA 127 -66.17 35.01 -21.29
C THR FA 127 -65.66 34.86 -22.72
N SER FA 128 -64.67 35.68 -23.07
CA SER FA 128 -63.92 35.60 -24.31
C SER FA 128 -62.58 35.06 -23.80
N GLY FA 129 -61.52 35.19 -24.59
CA GLY FA 129 -60.20 34.78 -24.15
C GLY FA 129 -59.56 35.77 -23.21
N THR FA 130 -60.10 37.02 -23.18
CA THR FA 130 -59.56 38.14 -22.40
C THR FA 130 -60.39 38.66 -21.22
N GLY FA 131 -61.71 38.50 -21.29
CA GLY FA 131 -62.60 38.99 -20.24
C GLY FA 131 -64.04 38.59 -20.38
N VAL FA 132 -64.90 39.21 -19.57
CA VAL FA 132 -66.34 38.95 -19.53
C VAL FA 132 -67.05 39.63 -20.72
N THR FA 133 -67.86 38.86 -21.47
CA THR FA 133 -68.63 39.38 -22.59
C THR FA 133 -70.08 39.65 -22.21
N SER FA 134 -70.66 38.81 -21.33
CA SER FA 134 -72.04 38.96 -20.84
C SER FA 134 -72.26 38.25 -19.50
N THR FA 135 -73.27 38.73 -18.76
CA THR FA 135 -73.70 38.16 -17.49
C THR FA 135 -75.21 38.04 -17.48
N LYS FA 136 -75.71 36.89 -17.05
CA LYS FA 136 -77.13 36.62 -16.95
C LYS FA 136 -77.41 36.01 -15.58
N PRO FA 137 -78.32 36.59 -14.78
CA PRO FA 137 -78.60 36.00 -13.47
C PRO FA 137 -79.53 34.79 -13.57
N ILE FA 138 -79.48 33.91 -12.57
CA ILE FA 138 -80.37 32.77 -12.48
C ILE FA 138 -81.69 33.32 -11.94
N VAL FA 139 -82.81 32.78 -12.44
CA VAL FA 139 -84.17 33.15 -12.04
C VAL FA 139 -84.40 32.86 -10.54
N GLN FA 140 -85.08 33.78 -9.84
CA GLN FA 140 -85.44 33.62 -8.43
C GLN FA 140 -86.89 33.14 -8.41
N THR FA 141 -87.11 31.86 -8.07
CA THR FA 141 -88.46 31.27 -8.09
C THR FA 141 -89.20 31.43 -6.77
N SER FA 142 -90.46 31.91 -6.85
CA SER FA 142 -91.37 32.03 -5.72
C SER FA 142 -92.47 30.99 -5.93
N THR FA 143 -92.48 29.96 -5.09
CA THR FA 143 -93.48 28.89 -5.18
C THR FA 143 -94.58 29.17 -4.16
N LEU FA 144 -95.78 29.50 -4.65
CA LEU FA 144 -96.91 29.85 -3.79
C LEU FA 144 -98.15 28.98 -4.04
N ASP FA 145 -99.00 28.85 -2.99
CA ASP FA 145 -100.22 28.07 -3.13
C ASP FA 145 -101.44 28.81 -3.70
N SER FA 146 -101.80 29.92 -3.06
CA SER FA 146 -102.99 30.69 -3.46
C SER FA 146 -102.67 32.16 -3.27
N ILE FA 147 -102.96 33.00 -4.28
CA ILE FA 147 -102.68 34.44 -4.24
C ILE FA 147 -103.93 35.29 -4.37
N SER FA 148 -104.06 36.29 -3.51
CA SER FA 148 -105.09 37.32 -3.54
C SER FA 148 -104.36 38.60 -3.92
N VAL FA 149 -104.71 39.22 -5.08
CA VAL FA 149 -104.04 40.43 -5.55
C VAL FA 149 -104.98 41.47 -6.15
N ASN FA 150 -104.57 42.75 -6.07
CA ASN FA 150 -105.36 43.81 -6.67
C ASN FA 150 -104.90 44.01 -8.12
N ASP FA 151 -103.61 44.32 -8.33
CA ASP FA 151 -103.06 44.51 -9.68
C ASP FA 151 -101.74 43.80 -9.89
N MET FA 152 -101.46 43.36 -11.13
CA MET FA 152 -100.23 42.67 -11.50
C MET FA 152 -99.71 43.14 -12.86
N THR FA 153 -98.39 43.25 -12.99
CA THR FA 153 -97.73 43.60 -14.25
C THR FA 153 -96.81 42.45 -14.62
N VAL FA 154 -96.97 41.93 -15.85
CA VAL FA 154 -96.15 40.82 -16.38
C VAL FA 154 -95.33 41.34 -17.55
N SER FA 155 -93.99 41.20 -17.48
CA SER FA 155 -93.09 41.64 -18.55
C SER FA 155 -92.80 40.52 -19.55
N GLY FA 156 -92.90 39.27 -19.09
CA GLY FA 156 -92.69 38.09 -19.91
C GLY FA 156 -94.02 37.49 -20.32
N SER FA 157 -94.34 36.30 -19.82
CA SER FA 157 -95.62 35.63 -20.14
C SER FA 157 -96.19 34.85 -18.97
N ILE FA 158 -97.52 34.65 -18.99
CA ILE FA 158 -98.23 33.83 -18.02
C ILE FA 158 -98.58 32.53 -18.72
N ASP FA 159 -98.21 31.40 -18.12
CA ASP FA 159 -98.56 30.09 -18.64
C ASP FA 159 -99.76 29.57 -17.85
N VAL FA 160 -100.90 29.39 -18.53
CA VAL FA 160 -102.13 28.89 -17.91
C VAL FA 160 -102.44 27.47 -18.43
N PRO FA 161 -103.23 26.65 -17.69
CA PRO FA 161 -103.55 25.30 -18.19
C PRO FA 161 -104.31 25.31 -19.51
N VAL FA 162 -104.00 24.32 -20.37
CA VAL FA 162 -104.61 24.16 -21.69
C VAL FA 162 -105.15 22.74 -21.83
N GLN FA 163 -106.40 22.63 -22.31
CA GLN FA 163 -107.06 21.36 -22.60
C GLN FA 163 -107.56 21.39 -24.03
N THR FA 164 -107.43 20.26 -24.74
CA THR FA 164 -107.88 20.13 -26.13
C THR FA 164 -108.88 18.99 -26.27
N LEU FA 165 -109.80 19.12 -27.23
CA LEU FA 165 -110.82 18.12 -27.51
C LEU FA 165 -111.22 18.16 -28.97
N THR FA 166 -111.29 16.98 -29.61
CA THR FA 166 -111.76 16.84 -30.97
C THR FA 166 -113.13 16.16 -30.89
N VAL FA 167 -114.14 16.79 -31.50
CA VAL FA 167 -115.50 16.27 -31.49
C VAL FA 167 -115.94 15.93 -32.90
N GLU FA 168 -116.36 14.66 -33.11
CA GLU FA 168 -116.95 14.23 -34.37
C GLU FA 168 -118.44 14.46 -34.15
N ALA FA 169 -118.87 15.72 -34.41
CA ALA FA 169 -120.21 16.23 -34.16
C ALA FA 169 -121.34 15.51 -34.89
N GLY FA 170 -121.00 14.87 -36.00
CA GLY FA 170 -121.96 14.17 -36.85
C GLY FA 170 -122.14 14.91 -38.15
N ASN FA 171 -122.70 14.21 -39.16
CA ASN FA 171 -122.98 14.73 -40.51
C ASN FA 171 -121.70 15.19 -41.24
N GLY FA 172 -120.55 14.71 -40.76
CA GLY FA 172 -119.24 15.03 -41.32
C GLY FA 172 -118.52 16.21 -40.68
N LEU FA 173 -119.20 16.93 -39.77
CA LEU FA 173 -118.63 18.08 -39.08
C LEU FA 173 -117.67 17.66 -37.97
N GLN FA 174 -116.51 18.31 -37.90
CA GLN FA 174 -115.52 18.09 -36.86
C GLN FA 174 -115.20 19.41 -36.17
N LEU FA 175 -115.12 19.39 -34.84
CA LEU FA 175 -114.74 20.56 -34.04
C LEU FA 175 -113.45 20.24 -33.32
N GLN FA 176 -112.48 21.16 -33.34
CA GLN FA 176 -111.25 21.03 -32.58
C GLN FA 176 -111.29 22.19 -31.59
N LEU FA 177 -111.54 21.87 -30.32
CA LEU FA 177 -111.69 22.86 -29.25
C LEU FA 177 -110.43 22.96 -28.41
N THR FA 178 -110.00 24.20 -28.12
CA THR FA 178 -108.85 24.49 -27.26
C THR FA 178 -109.34 25.41 -26.15
N LYS FA 179 -109.23 24.94 -24.91
CA LYS FA 179 -109.67 25.68 -23.72
C LYS FA 179 -108.47 26.11 -22.90
N LYS FA 180 -108.41 27.40 -22.54
CA LYS FA 180 -107.32 27.96 -21.74
C LYS FA 180 -107.87 28.61 -20.48
N ASN FA 181 -107.17 28.42 -19.35
CA ASN FA 181 -107.55 28.91 -18.02
C ASN FA 181 -108.92 28.34 -17.57
N ASN FA 182 -109.36 27.24 -18.24
CA ASN FA 182 -110.62 26.56 -17.97
C ASN FA 182 -111.82 27.47 -18.32
N ASP FA 183 -111.57 28.53 -19.11
CA ASP FA 183 -112.63 29.47 -19.45
C ASP FA 183 -112.76 29.81 -20.94
N LEU FA 184 -111.70 30.36 -21.55
CA LEU FA 184 -111.75 30.76 -22.95
C LEU FA 184 -111.57 29.58 -23.88
N VAL FA 185 -112.53 29.38 -24.80
CA VAL FA 185 -112.48 28.30 -25.77
C VAL FA 185 -112.46 28.85 -27.19
N ILE FA 186 -111.57 28.32 -28.04
CA ILE FA 186 -111.54 28.64 -29.46
C ILE FA 186 -111.83 27.33 -30.18
N VAL FA 187 -112.90 27.35 -30.98
CA VAL FA 187 -113.36 26.20 -31.77
C VAL FA 187 -112.89 26.39 -33.20
N ARG FA 188 -112.24 25.36 -33.76
CA ARG FA 188 -111.78 25.36 -35.15
C ARG FA 188 -112.60 24.32 -35.89
N PHE FA 189 -113.31 24.73 -36.95
CA PHE FA 189 -114.14 23.81 -37.73
C PHE FA 189 -113.35 23.08 -38.79
N PHE FA 190 -113.64 21.78 -38.95
CA PHE FA 190 -113.05 20.91 -39.97
C PHE FA 190 -114.10 19.94 -40.51
N GLY FA 191 -113.71 19.12 -41.48
CA GLY FA 191 -114.60 18.17 -42.11
C GLY FA 191 -115.46 18.78 -43.20
N SER FA 192 -116.54 18.07 -43.58
CA SER FA 192 -117.47 18.48 -44.62
C SER FA 192 -118.88 18.00 -44.25
N VAL FA 193 -119.85 18.92 -44.23
CA VAL FA 193 -121.22 18.64 -43.83
C VAL FA 193 -122.17 18.26 -44.98
N SER FA 194 -123.06 17.28 -44.73
CA SER FA 194 -124.08 16.80 -45.66
C SER FA 194 -125.26 16.20 -44.89
N ASN FA 195 -126.44 16.14 -45.55
CA ASN FA 195 -127.68 15.56 -45.02
C ASN FA 195 -128.10 16.11 -43.64
N ILE FA 196 -128.30 17.44 -43.57
CA ILE FA 196 -128.71 18.12 -42.33
C ILE FA 196 -129.73 19.22 -42.64
N GLN FA 197 -130.62 19.50 -41.69
CA GLN FA 197 -131.61 20.56 -41.82
C GLN FA 197 -131.46 21.58 -40.71
N LYS FA 198 -131.88 22.82 -40.96
CA LYS FA 198 -131.86 23.92 -39.99
C LYS FA 198 -132.68 23.54 -38.76
N GLY FA 199 -132.11 23.78 -37.58
CA GLY FA 199 -132.76 23.47 -36.31
C GLY FA 199 -132.54 22.05 -35.82
N TRP FA 200 -131.96 21.19 -36.65
CA TRP FA 200 -131.71 19.80 -36.29
C TRP FA 200 -130.42 19.61 -35.53
N ASN FA 201 -130.47 18.70 -34.55
CA ASN FA 201 -129.35 18.30 -33.72
C ASN FA 201 -128.43 17.46 -34.61
N MET FA 202 -127.12 17.67 -34.52
CA MET FA 202 -126.15 16.92 -35.31
C MET FA 202 -126.11 15.47 -34.79
N SER FA 203 -125.97 14.51 -35.69
CA SER FA 203 -126.06 13.07 -35.43
C SER FA 203 -124.93 12.36 -34.66
N GLY FA 204 -123.87 13.07 -34.32
CA GLY FA 204 -122.73 12.47 -33.65
C GLY FA 204 -122.56 12.74 -32.17
N THR FA 205 -121.29 12.79 -31.75
CA THR FA 205 -120.85 12.96 -30.37
C THR FA 205 -121.17 14.35 -29.81
N TRP FA 206 -121.65 14.39 -28.56
CA TRP FA 206 -121.93 15.63 -27.85
C TRP FA 206 -120.63 16.13 -27.21
N VAL FA 207 -120.54 17.44 -26.94
CA VAL FA 207 -119.37 18.07 -26.34
C VAL FA 207 -119.19 17.56 -24.90
N ASP FA 208 -117.95 17.13 -24.56
CA ASP FA 208 -117.61 16.65 -23.21
C ASP FA 208 -117.88 17.73 -22.17
N ARG FA 209 -118.34 17.31 -20.98
CA ARG FA 209 -118.67 18.19 -19.85
C ARG FA 209 -117.66 19.33 -19.60
N PRO FA 210 -116.32 19.10 -19.56
CA PRO FA 210 -115.38 20.21 -19.30
C PRO FA 210 -115.35 21.35 -20.32
N PHE FA 211 -115.93 21.14 -21.52
CA PHE FA 211 -115.98 22.13 -22.57
C PHE FA 211 -117.37 22.75 -22.76
N ARG FA 212 -118.37 22.26 -22.02
CA ARG FA 212 -119.74 22.77 -22.12
C ARG FA 212 -119.89 24.18 -21.54
N PRO FA 213 -120.52 25.10 -22.29
CA PRO FA 213 -120.73 26.46 -21.77
C PRO FA 213 -121.91 26.54 -20.79
N ALA FA 214 -121.97 27.61 -19.98
CA ALA FA 214 -123.07 27.84 -19.04
C ALA FA 214 -124.35 28.23 -19.79
N ALA FA 215 -124.19 28.94 -20.93
CA ALA FA 215 -125.27 29.40 -21.79
C ALA FA 215 -124.99 29.01 -23.24
N VAL FA 216 -126.04 28.88 -24.07
CA VAL FA 216 -125.93 28.51 -25.49
C VAL FA 216 -124.99 29.44 -26.25
N GLN FA 217 -124.07 28.86 -27.04
CA GLN FA 217 -123.10 29.64 -27.81
C GLN FA 217 -123.24 29.40 -29.29
N SER FA 218 -123.51 30.46 -30.05
CA SER FA 218 -123.66 30.41 -31.51
C SER FA 218 -122.32 30.72 -32.16
N LEU FA 219 -121.77 29.73 -32.89
CA LEU FA 219 -120.46 29.88 -33.53
C LEU FA 219 -120.56 29.88 -35.04
N VAL FA 220 -120.14 30.99 -35.67
CA VAL FA 220 -120.18 31.21 -37.11
C VAL FA 220 -119.04 30.47 -37.83
N GLY FA 221 -119.40 29.78 -38.92
CA GLY FA 221 -118.46 29.06 -39.77
C GLY FA 221 -118.61 29.44 -41.22
N HIS FA 222 -117.67 29.01 -42.08
CA HIS FA 222 -117.69 29.32 -43.50
C HIS FA 222 -117.49 28.10 -44.38
N PHE FA 223 -118.13 28.10 -45.56
CA PHE FA 223 -117.99 27.02 -46.53
C PHE FA 223 -116.85 27.34 -47.46
N ALA FA 224 -115.78 26.53 -47.42
CA ALA FA 224 -114.57 26.71 -48.21
C ALA FA 224 -114.83 26.86 -49.71
N GLY FA 225 -114.27 27.92 -50.29
CA GLY FA 225 -114.38 28.26 -51.70
C GLY FA 225 -115.72 28.82 -52.12
N ARG FA 226 -116.57 29.19 -51.15
CA ARG FA 226 -117.91 29.73 -51.40
C ARG FA 226 -118.11 31.07 -50.71
N ASP FA 227 -119.23 31.76 -51.02
CA ASP FA 227 -119.58 33.03 -50.38
C ASP FA 227 -120.64 32.79 -49.30
N THR FA 228 -120.90 31.51 -48.99
CA THR FA 228 -121.90 31.05 -48.03
C THR FA 228 -121.32 30.71 -46.66
N SER FA 229 -122.15 30.86 -45.62
CA SER FA 229 -121.76 30.62 -44.24
C SER FA 229 -122.83 29.81 -43.49
N PHE FA 230 -122.52 29.40 -42.26
CA PHE FA 230 -123.41 28.66 -41.37
C PHE FA 230 -123.09 29.05 -39.94
N HIS FA 231 -123.89 28.56 -39.01
CA HIS FA 231 -123.62 28.66 -37.58
C HIS FA 231 -124.15 27.44 -36.87
N ILE FA 232 -123.51 27.08 -35.77
CA ILE FA 232 -123.92 25.97 -34.93
C ILE FA 232 -124.09 26.49 -33.52
N ASP FA 233 -124.98 25.87 -32.76
CA ASP FA 233 -125.19 26.23 -31.37
C ASP FA 233 -124.64 25.12 -30.49
N ILE FA 234 -123.71 25.46 -29.59
CA ILE FA 234 -123.22 24.51 -28.59
C ILE FA 234 -124.11 24.78 -27.38
N ASN FA 235 -124.98 23.83 -27.09
CA ASN FA 235 -125.94 23.97 -25.99
C ASN FA 235 -125.32 23.59 -24.65
N PRO FA 236 -125.79 24.16 -23.51
CA PRO FA 236 -125.22 23.78 -22.20
C PRO FA 236 -125.20 22.29 -21.88
N ASN FA 237 -126.12 21.50 -22.49
CA ASN FA 237 -126.17 20.04 -22.29
C ASN FA 237 -125.12 19.26 -23.11
N GLY FA 238 -124.40 19.96 -24.00
CA GLY FA 238 -123.36 19.38 -24.84
C GLY FA 238 -123.78 19.11 -26.26
N SER FA 239 -125.10 19.15 -26.55
CA SER FA 239 -125.62 18.92 -27.89
C SER FA 239 -125.26 20.08 -28.83
N ILE FA 240 -125.21 19.77 -30.13
CA ILE FA 240 -124.89 20.75 -31.17
C ILE FA 240 -126.06 20.84 -32.15
N THR FA 241 -126.60 22.04 -32.32
CA THR FA 241 -127.72 22.30 -33.24
C THR FA 241 -127.22 23.01 -34.50
N TRP FA 242 -127.62 22.49 -35.67
CA TRP FA 242 -127.27 23.08 -36.96
C TRP FA 242 -128.14 24.28 -37.25
N TRP FA 243 -127.52 25.42 -37.57
CA TRP FA 243 -128.25 26.61 -37.92
C TRP FA 243 -127.90 27.26 -39.25
N GLY FA 244 -127.32 26.46 -40.13
CA GLY FA 244 -127.06 26.86 -41.50
C GLY FA 244 -128.28 26.47 -42.31
N ALA FA 245 -128.22 26.61 -43.65
CA ALA FA 245 -129.32 26.20 -44.51
C ALA FA 245 -129.34 24.67 -44.62
N ASN FA 246 -130.41 24.09 -45.17
CA ASN FA 246 -130.51 22.64 -45.33
C ASN FA 246 -129.44 22.17 -46.32
N ILE FA 247 -128.74 21.08 -46.00
CA ILE FA 247 -127.70 20.55 -46.86
C ILE FA 247 -128.08 19.19 -47.44
N ASP FA 248 -127.87 19.05 -48.76
CA ASP FA 248 -128.15 17.82 -49.49
C ASP FA 248 -127.00 16.84 -49.33
N LYS FA 249 -127.09 15.76 -50.09
CA LYS FA 249 -126.14 14.63 -50.05
C LYS FA 249 -124.67 14.99 -50.30
N THR FA 250 -124.40 15.99 -51.17
CA THR FA 250 -123.04 16.44 -51.50
C THR FA 250 -122.38 17.19 -50.34
N PRO FA 251 -121.28 16.67 -49.82
CA PRO FA 251 -120.65 17.32 -48.64
C PRO FA 251 -120.01 18.64 -49.05
N ILE FA 252 -120.09 19.62 -48.15
CA ILE FA 252 -119.50 20.95 -48.32
C ILE FA 252 -118.49 21.15 -47.19
N ALA FA 253 -117.23 21.52 -47.52
CA ALA FA 253 -116.17 21.74 -46.53
C ALA FA 253 -116.52 22.88 -45.58
N THR FA 254 -116.35 22.61 -44.28
CA THR FA 254 -116.67 23.56 -43.20
C THR FA 254 -115.41 24.00 -42.46
N ARG FA 255 -115.18 25.31 -42.39
CA ARG FA 255 -113.99 25.86 -41.72
C ARG FA 255 -114.33 27.11 -40.90
N GLY FA 256 -113.38 27.57 -40.10
CA GLY FA 256 -113.54 28.78 -39.30
C GLY FA 256 -113.27 28.67 -37.82
N ASN FA 257 -112.92 29.81 -37.21
CA ASN FA 257 -112.65 29.93 -35.78
C ASN FA 257 -113.75 30.71 -35.08
N GLY FA 258 -114.23 30.18 -33.97
CA GLY FA 258 -115.25 30.78 -33.13
C GLY FA 258 -114.84 30.69 -31.68
N SER FA 259 -115.06 31.76 -30.89
CA SER FA 259 -114.68 31.80 -29.48
C SER FA 259 -115.87 31.95 -28.55
N TYR FA 260 -115.76 31.37 -27.34
CA TYR FA 260 -116.76 31.48 -26.29
C TYR FA 260 -116.15 31.34 -24.90
N PHE FA 261 -116.87 31.82 -23.89
CA PHE FA 261 -116.51 31.69 -22.48
C PHE FA 261 -117.36 30.60 -21.87
N ILE FA 262 -116.74 29.72 -21.08
CA ILE FA 262 -117.47 28.67 -20.37
C ILE FA 262 -118.19 29.29 -19.17
N LYS FA 263 -117.47 30.14 -18.42
CA LYS FA 263 -117.97 30.80 -17.21
C LYS FA 263 -118.69 32.12 -17.51
N THR GA 1 -97.12 57.56 19.88
CA THR GA 1 -95.89 56.91 20.31
C THR GA 1 -95.41 55.92 19.25
N ILE GA 2 -94.10 55.96 18.91
CA ILE GA 2 -93.50 55.08 17.91
C ILE GA 2 -92.60 54.04 18.59
N LYS GA 3 -92.88 52.75 18.33
CA LYS GA 3 -92.13 51.61 18.84
C LYS GA 3 -91.24 51.06 17.73
N ASN GA 4 -89.93 51.34 17.81
CA ASN GA 4 -88.95 50.89 16.81
C ASN GA 4 -88.41 49.50 17.16
N PHE GA 5 -88.19 48.63 16.15
CA PHE GA 5 -87.71 47.28 16.39
C PHE GA 5 -86.44 46.85 15.65
N THR GA 6 -86.43 46.90 14.30
CA THR GA 6 -85.28 46.50 13.50
C THR GA 6 -84.21 47.61 13.52
N PHE GA 7 -83.70 47.94 14.73
CA PHE GA 7 -82.71 48.99 14.97
C PHE GA 7 -81.79 48.64 16.14
N PHE GA 8 -80.57 49.22 16.16
CA PHE GA 8 -79.60 48.96 17.22
C PHE GA 8 -79.97 49.66 18.53
N SER GA 9 -79.62 49.02 19.66
CA SER GA 9 -79.84 49.55 21.01
C SER GA 9 -78.48 50.01 21.56
N PRO GA 10 -78.21 51.34 21.65
CA PRO GA 10 -76.89 51.81 22.14
C PRO GA 10 -76.47 51.32 23.52
N ASN GA 11 -77.38 51.43 24.50
CA ASN GA 11 -77.14 51.00 25.88
C ASN GA 11 -77.67 49.58 26.14
N SER GA 12 -77.99 48.85 25.04
CA SER GA 12 -78.52 47.47 25.03
C SER GA 12 -79.84 47.31 25.80
N THR GA 13 -80.69 48.37 25.78
CA THR GA 13 -82.00 48.44 26.44
C THR GA 13 -83.05 49.15 25.58
N GLU GA 14 -82.58 49.99 24.64
CA GLU GA 14 -83.41 50.83 23.76
C GLU GA 14 -84.49 50.13 22.93
N PHE GA 15 -84.09 49.17 22.06
CA PHE GA 15 -85.07 48.50 21.20
C PHE GA 15 -85.17 46.99 21.34
N PRO GA 16 -85.88 46.49 22.38
CA PRO GA 16 -86.03 45.04 22.55
C PRO GA 16 -87.17 44.51 21.69
N VAL GA 17 -86.88 43.49 20.85
CA VAL GA 17 -87.89 42.90 19.97
C VAL GA 17 -88.49 41.59 20.52
N GLY GA 18 -89.80 41.61 20.75
CA GLY GA 18 -90.56 40.50 21.29
C GLY GA 18 -91.04 39.50 20.27
N SER GA 19 -91.61 38.37 20.77
CA SER GA 19 -92.14 37.27 19.95
C SER GA 19 -93.35 37.70 19.12
N ASN GA 20 -94.19 38.60 19.67
CA ASN GA 20 -95.38 39.13 18.99
C ASN GA 20 -94.97 40.16 17.92
N ASN GA 21 -93.93 40.97 18.21
CA ASN GA 21 -93.39 41.99 17.31
C ASN GA 21 -92.78 41.34 16.07
N ASP GA 22 -92.02 40.25 16.26
CA ASP GA 22 -91.43 39.47 15.17
C ASP GA 22 -92.53 38.67 14.46
N GLY GA 23 -93.51 38.20 15.24
CA GLY GA 23 -94.67 37.45 14.75
C GLY GA 23 -95.47 38.25 13.74
N LYS GA 24 -95.75 39.53 14.07
CA LYS GA 24 -96.45 40.48 13.20
C LYS GA 24 -95.59 40.78 11.96
N LEU GA 25 -94.27 40.95 12.17
CA LEU GA 25 -93.27 41.21 11.13
C LEU GA 25 -93.25 40.10 10.08
N TYR GA 26 -93.18 38.82 10.52
CA TYR GA 26 -93.16 37.65 9.64
C TYR GA 26 -94.45 37.50 8.81
N MET GA 27 -95.62 37.87 9.40
CA MET GA 27 -96.93 37.82 8.75
C MET GA 27 -97.00 38.76 7.55
N MET GA 28 -96.53 40.00 7.73
CA MET GA 28 -96.53 41.06 6.73
C MET GA 28 -95.60 40.76 5.55
N LEU GA 29 -94.49 40.05 5.80
CA LEU GA 29 -93.50 39.66 4.78
C LEU GA 29 -94.08 38.63 3.81
N THR GA 30 -94.73 37.58 4.33
CA THR GA 30 -95.32 36.54 3.50
C THR GA 30 -96.73 36.89 3.01
N GLY GA 31 -97.39 37.84 3.69
CA GLY GA 31 -98.73 38.29 3.36
C GLY GA 31 -99.81 37.34 3.82
N MET GA 32 -99.87 37.09 5.15
CA MET GA 32 -100.84 36.18 5.75
C MET GA 32 -101.65 36.81 6.88
N ASP GA 33 -102.84 36.26 7.15
CA ASP GA 33 -103.72 36.67 8.24
C ASP GA 33 -103.75 35.56 9.32
N TYR GA 34 -104.60 35.69 10.34
CA TYR GA 34 -104.72 34.70 11.40
C TYR GA 34 -105.59 33.50 10.99
N ARG GA 35 -106.10 33.51 9.74
CA ARG GA 35 -106.96 32.45 9.19
C ARG GA 35 -106.22 31.48 8.26
N THR GA 36 -104.98 31.82 7.84
CA THR GA 36 -104.15 30.98 6.97
C THR GA 36 -102.81 30.60 7.63
N ILE GA 37 -102.13 29.57 7.07
CA ILE GA 37 -100.84 29.07 7.57
C ILE GA 37 -99.77 29.03 6.48
N ARG GA 38 -98.56 28.69 6.89
CA ARG GA 38 -97.39 28.44 6.04
C ARG GA 38 -96.92 27.08 6.52
N ARG GA 39 -97.17 26.04 5.71
CA ARG GA 39 -96.88 24.65 6.06
C ARG GA 39 -96.02 23.97 5.00
N LYS GA 40 -95.01 23.20 5.45
CA LYS GA 40 -94.13 22.45 4.57
C LYS GA 40 -93.77 21.09 5.18
N ASP GA 41 -94.05 20.02 4.42
CA ASP GA 41 -93.73 18.65 4.81
C ASP GA 41 -92.34 18.30 4.25
N TRP GA 42 -91.32 18.37 5.11
CA TRP GA 42 -89.93 18.07 4.75
C TRP GA 42 -89.79 16.57 4.48
N SER GA 43 -90.53 15.78 5.25
CA SER GA 43 -90.63 14.32 5.14
C SER GA 43 -92.13 14.00 5.22
N SER GA 44 -92.63 13.21 4.25
CA SER GA 44 -94.05 12.84 4.13
C SER GA 44 -94.61 12.23 5.42
N PRO GA 45 -95.77 12.75 5.93
CA PRO GA 45 -96.34 12.19 7.17
C PRO GA 45 -96.84 10.76 7.01
N LEU GA 46 -96.64 9.93 8.05
CA LEU GA 46 -97.03 8.52 8.05
C LEU GA 46 -98.41 8.30 8.66
N ASN GA 47 -99.23 7.48 7.98
CA ASN GA 47 -100.58 7.13 8.42
C ASN GA 47 -100.64 5.68 8.87
N THR GA 48 -100.80 5.46 10.19
CA THR GA 48 -100.90 4.13 10.79
C THR GA 48 -102.26 4.05 11.48
N ALA GA 49 -103.15 3.15 10.99
CA ALA GA 49 -104.53 2.95 11.48
C ALA GA 49 -105.31 4.29 11.48
N LEU GA 50 -106.10 4.58 12.53
CA LEU GA 50 -106.84 5.84 12.62
C LEU GA 50 -106.00 6.91 13.36
N ASN GA 51 -104.75 7.10 12.91
CA ASN GA 51 -103.78 8.06 13.45
C ASN GA 51 -102.86 8.58 12.34
N VAL GA 52 -102.48 9.86 12.43
CA VAL GA 52 -101.58 10.51 11.47
C VAL GA 52 -100.37 11.13 12.19
N GLN GA 53 -99.17 10.60 11.88
CA GLN GA 53 -97.92 11.07 12.47
C GLN GA 53 -97.17 12.01 11.52
N TYR GA 54 -96.93 13.25 11.97
CA TYR GA 54 -96.20 14.25 11.18
C TYR GA 54 -94.72 14.09 11.49
N THR GA 55 -94.03 13.30 10.64
CA THR GA 55 -92.59 12.98 10.74
C THR GA 55 -91.73 14.24 10.92
N ASN GA 56 -91.84 15.19 9.98
CA ASN GA 56 -91.16 16.50 10.02
C ASN GA 56 -91.95 17.49 9.17
N THR GA 57 -92.74 18.32 9.85
CA THR GA 57 -93.58 19.35 9.24
C THR GA 57 -93.45 20.64 10.04
N SER GA 58 -93.00 21.71 9.38
CA SER GA 58 -92.86 23.04 9.98
C SER GA 58 -94.09 23.86 9.64
N ILE GA 59 -94.64 24.61 10.63
CA ILE GA 59 -95.84 25.42 10.44
C ILE GA 59 -95.66 26.84 11.02
N ILE GA 60 -96.05 27.87 10.25
CA ILE GA 60 -96.03 29.27 10.66
C ILE GA 60 -97.49 29.74 10.76
N ALA GA 61 -98.04 29.67 11.98
CA ALA GA 61 -99.41 30.09 12.26
C ALA GA 61 -99.39 31.35 13.11
N GLY GA 62 -100.01 32.41 12.59
CA GLY GA 62 -100.05 33.73 13.23
C GLY GA 62 -98.67 34.36 13.35
N GLY GA 63 -97.81 34.04 12.39
CA GLY GA 63 -96.42 34.51 12.33
C GLY GA 63 -95.50 33.84 13.34
N ARG GA 64 -95.99 32.75 13.97
CA ARG GA 64 -95.24 31.98 14.97
C ARG GA 64 -94.77 30.65 14.38
N TYR GA 65 -93.44 30.46 14.31
CA TYR GA 65 -92.80 29.27 13.74
C TYR GA 65 -92.65 28.14 14.76
N PHE GA 66 -93.06 26.91 14.36
CA PHE GA 66 -92.96 25.70 15.16
C PHE GA 66 -92.80 24.44 14.29
N GLU GA 67 -92.12 23.41 14.81
CA GLU GA 67 -91.90 22.17 14.08
C GLU GA 67 -92.59 20.98 14.73
N LEU GA 68 -93.18 20.09 13.90
CA LEU GA 68 -93.84 18.86 14.36
C LEU GA 68 -92.91 17.70 14.04
N LEU GA 69 -92.23 17.17 15.07
CA LEU GA 69 -91.26 16.08 14.88
C LEU GA 69 -91.80 14.78 15.45
N ASN GA 70 -92.34 13.91 14.56
CA ASN GA 70 -92.97 12.62 14.85
C ASN GA 70 -94.15 12.74 15.83
N GLU GA 71 -94.92 13.84 15.68
CA GLU GA 71 -96.09 14.15 16.48
C GLU GA 71 -97.32 13.47 15.86
N THR GA 72 -97.86 12.45 16.55
CA THR GA 72 -99.01 11.67 16.11
C THR GA 72 -100.30 12.25 16.70
N VAL GA 73 -101.34 12.34 15.86
CA VAL GA 73 -102.66 12.84 16.27
C VAL GA 73 -103.76 11.82 15.92
N ALA GA 74 -104.56 11.41 16.93
CA ALA GA 74 -105.65 10.44 16.81
C ALA GA 74 -106.77 10.96 15.92
N LEU GA 75 -107.41 10.05 15.15
CA LEU GA 75 -108.48 10.40 14.21
C LEU GA 75 -109.81 9.71 14.51
N LYS GA 76 -110.90 10.24 13.92
CA LYS GA 76 -112.27 9.73 14.04
C LYS GA 76 -112.57 8.81 12.86
N GLY GA 77 -113.12 7.63 13.14
CA GLY GA 77 -113.47 6.61 12.16
C GLY GA 77 -114.56 7.02 11.20
N ASP GA 78 -114.34 6.79 9.88
CA ASP GA 78 -115.23 7.11 8.76
C ASP GA 78 -115.68 8.58 8.74
N SER GA 79 -114.77 9.49 9.12
CA SER GA 79 -115.05 10.91 9.19
C SER GA 79 -113.99 11.77 8.53
N VAL GA 80 -114.36 13.01 8.19
CA VAL GA 80 -113.50 14.01 7.57
C VAL GA 80 -112.92 14.83 8.73
N ASN GA 81 -111.67 14.50 9.15
CA ASN GA 81 -110.98 15.15 10.26
C ASN GA 81 -110.22 16.41 9.85
N TYR GA 82 -110.52 17.53 10.52
CA TYR GA 82 -109.92 18.83 10.30
C TYR GA 82 -108.84 19.07 11.36
N ILE GA 83 -107.56 18.87 10.99
CA ILE GA 83 -106.42 19.02 11.90
C ILE GA 83 -106.11 20.49 12.13
N HIS GA 84 -106.13 20.92 13.40
CA HIS GA 84 -105.91 22.31 13.81
C HIS GA 84 -104.64 22.50 14.62
N ALA GA 85 -104.01 23.68 14.44
CA ALA GA 85 -102.83 24.11 15.20
C ALA GA 85 -103.36 25.12 16.22
N ASN GA 86 -103.29 24.77 17.51
CA ASN GA 86 -103.82 25.60 18.59
C ASN GA 86 -102.73 26.30 19.38
N ILE GA 87 -102.74 27.65 19.37
CA ILE GA 87 -101.74 28.47 20.07
C ILE GA 87 -102.36 29.22 21.24
N ASP GA 88 -101.84 28.96 22.44
CA ASP GA 88 -102.25 29.60 23.68
C ASP GA 88 -101.00 30.11 24.37
N LEU GA 89 -100.78 31.44 24.29
CA LEU GA 89 -99.61 32.13 24.85
C LEU GA 89 -99.50 32.06 26.37
N THR GA 90 -100.63 31.87 27.08
CA THR GA 90 -100.69 31.75 28.54
C THR GA 90 -100.02 30.44 28.99
N GLN GA 91 -100.10 29.39 28.14
CA GLN GA 91 -99.46 28.10 28.37
C GLN GA 91 -97.99 28.27 27.96
N THR GA 92 -97.22 28.96 28.82
CA THR GA 92 -95.82 29.32 28.61
C THR GA 92 -94.86 28.16 28.36
N ALA GA 93 -95.13 26.99 28.98
CA ALA GA 93 -94.31 25.79 28.84
C ALA GA 93 -94.46 25.20 27.44
N ASN GA 94 -95.71 25.00 26.97
CA ASN GA 94 -96.01 24.46 25.64
C ASN GA 94 -97.19 25.20 25.00
N PRO GA 95 -96.90 26.29 24.24
CA PRO GA 95 -97.98 27.08 23.62
C PRO GA 95 -98.74 26.39 22.49
N VAL GA 96 -98.04 25.58 21.66
CA VAL GA 96 -98.65 24.90 20.53
C VAL GA 96 -99.12 23.48 20.88
N SER GA 97 -100.37 23.16 20.48
CA SER GA 97 -101.02 21.87 20.64
C SER GA 97 -101.82 21.54 19.37
N LEU GA 98 -101.90 20.26 19.01
CA LEU GA 98 -102.65 19.81 17.83
C LEU GA 98 -103.95 19.12 18.19
N SER GA 99 -104.96 19.22 17.28
CA SER GA 99 -106.27 18.61 17.48
C SER GA 99 -106.97 18.26 16.18
N ALA GA 100 -107.50 17.02 16.08
CA ALA GA 100 -108.28 16.56 14.93
C ALA GA 100 -109.74 16.83 15.28
N GLU GA 101 -110.42 17.67 14.48
CA GLU GA 101 -111.79 18.08 14.74
C GLU GA 101 -112.81 17.71 13.67
N THR GA 102 -114.11 17.80 14.03
CA THR GA 102 -115.26 17.50 13.19
C THR GA 102 -115.41 18.46 12.01
N ALA GA 103 -115.18 19.77 12.23
CA ALA GA 103 -115.29 20.81 11.20
C ALA GA 103 -114.13 21.83 11.28
N ASN GA 104 -113.99 22.68 10.25
CA ASN GA 104 -112.97 23.72 10.18
C ASN GA 104 -113.35 24.83 11.16
N ASN GA 105 -112.82 24.73 12.39
CA ASN GA 105 -113.09 25.65 13.50
C ASN GA 105 -112.01 26.75 13.64
N SER GA 106 -111.54 27.30 12.50
CA SER GA 106 -110.54 28.37 12.47
C SER GA 106 -111.19 29.66 12.98
N ASN GA 107 -110.62 30.26 14.04
CA ASN GA 107 -111.16 31.46 14.67
C ASN GA 107 -110.57 32.79 14.17
N GLY GA 108 -109.27 32.80 13.92
CA GLY GA 108 -108.55 33.99 13.47
C GLY GA 108 -108.33 35.00 14.58
N VAL GA 109 -108.06 34.52 15.81
CA VAL GA 109 -107.80 35.31 17.01
C VAL GA 109 -106.45 36.02 16.89
N ASP GA 110 -106.44 37.36 17.08
CA ASP GA 110 -105.24 38.18 17.01
C ASP GA 110 -104.43 38.00 18.31
N ILE GA 111 -103.59 36.95 18.33
CA ILE GA 111 -102.73 36.60 19.47
C ILE GA 111 -101.57 37.57 19.69
N ASN GA 112 -101.07 38.17 18.60
CA ASN GA 112 -99.94 39.11 18.64
C ASN GA 112 -100.30 40.47 19.25
N ASN GA 113 -101.51 40.99 18.98
CA ASN GA 113 -101.96 42.29 19.51
C ASN GA 113 -102.81 42.13 20.78
N GLY GA 114 -103.71 41.15 20.78
CA GLY GA 114 -104.60 40.89 21.92
C GLY GA 114 -104.41 39.53 22.56
N SER GA 115 -105.41 39.12 23.36
CA SER GA 115 -105.41 37.83 24.08
C SER GA 115 -106.25 36.79 23.33
N GLY GA 116 -106.33 35.57 23.89
CA GLY GA 116 -107.11 34.48 23.33
C GLY GA 116 -106.31 33.32 22.80
N VAL GA 117 -107.02 32.27 22.33
CA VAL GA 117 -106.43 31.06 21.77
C VAL GA 117 -106.68 31.04 20.25
N LEU GA 118 -105.60 30.96 19.47
CA LEU GA 118 -105.69 30.93 18.02
C LEU GA 118 -105.83 29.50 17.50
N LYS GA 119 -106.87 29.27 16.71
CA LYS GA 119 -107.17 27.99 16.07
C LYS GA 119 -107.11 28.18 14.57
N VAL GA 120 -106.41 27.28 13.86
CA VAL GA 120 -106.26 27.35 12.40
C VAL GA 120 -106.00 25.96 11.79
N CYS GA 121 -106.88 25.55 10.86
CA CYS GA 121 -106.79 24.27 10.16
C CYS GA 121 -105.72 24.31 9.08
N PHE GA 122 -104.93 23.24 8.97
CA PHE GA 122 -103.85 23.12 7.98
C PHE GA 122 -103.96 21.86 7.12
N ASP GA 123 -104.57 20.79 7.66
CA ASP GA 123 -104.71 19.51 6.97
C ASP GA 123 -106.12 18.94 7.14
N ILE GA 124 -106.65 18.32 6.07
CA ILE GA 124 -107.96 17.67 6.05
C ILE GA 124 -107.73 16.19 5.77
N VAL GA 125 -107.93 15.35 6.80
CA VAL GA 125 -107.71 13.91 6.72
C VAL GA 125 -109.05 13.17 6.64
N THR GA 126 -109.31 12.53 5.48
CA THR GA 126 -110.52 11.73 5.25
C THR GA 126 -110.17 10.29 5.61
N THR GA 127 -110.95 9.69 6.52
CA THR GA 127 -110.71 8.33 7.02
C THR GA 127 -111.83 7.34 6.73
N SER GA 128 -111.52 6.04 6.92
CA SER GA 128 -112.43 4.91 6.77
C SER GA 128 -112.61 4.26 8.16
N GLY GA 129 -113.07 3.01 8.19
CA GLY GA 129 -113.26 2.27 9.44
C GLY GA 129 -111.94 1.76 10.00
N THR GA 130 -110.99 1.43 9.09
CA THR GA 130 -109.67 0.90 9.44
C THR GA 130 -108.59 1.99 9.53
N GLY GA 131 -108.38 2.71 8.42
CA GLY GA 131 -107.36 3.76 8.35
C GLY GA 131 -107.75 5.01 7.60
N VAL GA 132 -106.76 5.64 6.95
CA VAL GA 132 -106.88 6.88 6.19
C VAL GA 132 -107.11 6.58 4.69
N THR GA 133 -108.07 7.28 4.06
CA THR GA 133 -108.40 7.12 2.65
C THR GA 133 -107.71 8.18 1.77
N SER GA 134 -107.86 9.47 2.14
CA SER GA 134 -107.27 10.60 1.41
C SER GA 134 -106.91 11.77 2.33
N THR GA 135 -105.89 12.55 1.93
CA THR GA 135 -105.41 13.71 2.69
C THR GA 135 -105.29 14.92 1.75
N LYS GA 136 -105.95 16.03 2.12
CA LYS GA 136 -105.97 17.27 1.36
C LYS GA 136 -105.52 18.44 2.29
N PRO GA 137 -104.38 19.11 2.01
CA PRO GA 137 -103.96 20.22 2.89
C PRO GA 137 -104.71 21.52 2.60
N ILE GA 138 -104.86 22.37 3.63
CA ILE GA 138 -105.51 23.68 3.55
C ILE GA 138 -104.66 24.62 2.70
N VAL GA 139 -105.34 25.45 1.88
CA VAL GA 139 -104.72 26.42 0.98
C VAL GA 139 -103.91 27.49 1.74
N GLN GA 140 -102.76 27.90 1.18
CA GLN GA 140 -101.90 28.92 1.80
C GLN GA 140 -102.08 30.25 1.09
N THR GA 141 -102.98 31.09 1.66
CA THR GA 141 -103.37 32.42 1.18
C THR GA 141 -102.25 33.44 1.31
N SER GA 142 -101.86 34.03 0.17
CA SER GA 142 -100.84 35.06 0.08
C SER GA 142 -101.49 36.38 -0.35
N THR GA 143 -102.00 37.14 0.64
CA THR GA 143 -102.68 38.42 0.41
C THR GA 143 -101.64 39.49 0.05
N LEU GA 144 -101.72 39.99 -1.19
CA LEU GA 144 -100.81 41.00 -1.73
C LEU GA 144 -101.56 42.18 -2.36
N ASP GA 145 -100.88 43.34 -2.44
CA ASP GA 145 -101.45 44.59 -2.98
C ASP GA 145 -101.10 44.75 -4.46
N SER GA 146 -99.80 44.79 -4.81
CA SER GA 146 -99.35 44.95 -6.19
C SER GA 146 -98.17 44.02 -6.50
N ILE GA 147 -98.19 43.38 -7.69
CA ILE GA 147 -97.15 42.44 -8.13
C ILE GA 147 -96.44 42.94 -9.40
N SER GA 148 -95.10 42.93 -9.39
CA SER GA 148 -94.25 43.29 -10.52
C SER GA 148 -93.40 42.06 -10.88
N VAL GA 149 -94.02 41.12 -11.63
CA VAL GA 149 -93.39 39.84 -12.01
C VAL GA 149 -92.98 39.78 -13.50
N ASN GA 150 -92.02 38.89 -13.82
CA ASN GA 150 -91.54 38.67 -15.18
C ASN GA 150 -92.29 37.48 -15.80
N ASP GA 151 -92.26 36.29 -15.17
CA ASP GA 151 -92.94 35.09 -15.68
C ASP GA 151 -93.82 34.41 -14.63
N MET GA 152 -94.82 33.62 -15.09
CA MET GA 152 -95.76 32.89 -14.23
C MET GA 152 -96.25 31.57 -14.85
N THR GA 153 -96.43 30.54 -14.00
CA THR GA 153 -96.96 29.22 -14.40
C THR GA 153 -98.07 28.86 -13.41
N VAL GA 154 -99.30 28.69 -13.94
CA VAL GA 154 -100.51 28.39 -13.17
C VAL GA 154 -100.95 26.94 -13.42
N SER GA 155 -101.24 26.20 -12.32
CA SER GA 155 -101.70 24.81 -12.39
C SER GA 155 -103.23 24.67 -12.28
N GLY GA 156 -103.89 25.72 -11.80
CA GLY GA 156 -105.34 25.77 -11.63
C GLY GA 156 -106.00 26.80 -12.52
N SER GA 157 -106.44 27.94 -11.92
CA SER GA 157 -107.11 29.02 -12.66
C SER GA 157 -106.91 30.41 -12.03
N ILE GA 158 -107.03 31.47 -12.85
CA ILE GA 158 -106.93 32.86 -12.45
C ILE GA 158 -108.31 33.52 -12.55
N ASP GA 159 -108.79 34.11 -11.44
CA ASP GA 159 -110.08 34.79 -11.41
C ASP GA 159 -109.87 36.26 -11.78
N VAL GA 160 -110.45 36.69 -12.91
CA VAL GA 160 -110.36 38.04 -13.44
C VAL GA 160 -111.70 38.79 -13.32
N PRO GA 161 -111.71 40.16 -13.18
CA PRO GA 161 -113.00 40.86 -13.06
C PRO GA 161 -113.87 40.77 -14.32
N VAL GA 162 -115.07 40.16 -14.17
CA VAL GA 162 -116.03 39.96 -15.25
C VAL GA 162 -117.19 40.96 -15.14
N GLN GA 163 -117.47 41.67 -16.26
CA GLN GA 163 -118.55 42.64 -16.38
C GLN GA 163 -119.47 42.26 -17.55
N THR GA 164 -120.79 42.26 -17.32
CA THR GA 164 -121.78 41.90 -18.35
C THR GA 164 -122.75 43.04 -18.67
N LEU GA 165 -123.14 43.15 -19.95
CA LEU GA 165 -124.04 44.20 -20.46
C LEU GA 165 -124.90 43.68 -21.60
N THR GA 166 -126.19 44.03 -21.59
CA THR GA 166 -127.15 43.67 -22.64
C THR GA 166 -127.67 44.96 -23.29
N VAL GA 167 -127.21 45.23 -24.53
CA VAL GA 167 -127.57 46.43 -25.29
C VAL GA 167 -128.63 46.11 -26.35
N GLU GA 168 -129.76 46.84 -26.33
CA GLU GA 168 -130.83 46.72 -27.31
C GLU GA 168 -130.49 47.70 -28.42
N ALA GA 169 -129.60 47.26 -29.34
CA ALA GA 169 -129.06 48.01 -30.48
C ALA GA 169 -130.10 48.73 -31.33
N GLY GA 170 -131.26 48.10 -31.52
CA GLY GA 170 -132.36 48.64 -32.31
C GLY GA 170 -132.62 47.84 -33.56
N ASN GA 171 -133.74 48.18 -34.26
CA ASN GA 171 -134.22 47.53 -35.49
C ASN GA 171 -134.54 46.03 -35.32
N GLY GA 172 -134.34 45.52 -34.10
CA GLY GA 172 -134.58 44.12 -33.72
C GLY GA 172 -133.33 43.37 -33.32
N LEU GA 173 -132.25 44.10 -32.92
CA LEU GA 173 -130.98 43.49 -32.51
C LEU GA 173 -130.71 43.61 -31.01
N GLN GA 174 -130.17 42.53 -30.43
CA GLN GA 174 -129.78 42.41 -29.02
C GLN GA 174 -128.32 41.95 -28.96
N LEU GA 175 -127.50 42.61 -28.13
CA LEU GA 175 -126.08 42.30 -27.98
C LEU GA 175 -125.73 41.94 -26.53
N GLN GA 176 -125.25 40.71 -26.30
CA GLN GA 176 -124.87 40.23 -24.97
C GLN GA 176 -123.33 40.26 -24.85
N LEU GA 177 -122.82 41.33 -24.20
CA LEU GA 177 -121.38 41.55 -24.01
C LEU GA 177 -120.87 40.96 -22.69
N THR GA 178 -119.68 40.33 -22.73
CA THR GA 178 -119.04 39.73 -21.56
C THR GA 178 -117.56 40.17 -21.50
N LYS GA 179 -117.29 41.27 -20.75
CA LYS GA 179 -115.96 41.87 -20.58
C LYS GA 179 -115.21 41.18 -19.44
N LYS GA 180 -113.98 40.70 -19.72
CA LYS GA 180 -113.13 40.03 -18.72
C LYS GA 180 -111.77 40.72 -18.64
N ASN GA 181 -111.30 41.03 -17.40
CA ASN GA 181 -110.04 41.74 -17.08
C ASN GA 181 -110.03 43.18 -17.68
N ASN GA 182 -111.23 43.72 -18.01
CA ASN GA 182 -111.48 45.04 -18.61
C ASN GA 182 -110.81 45.18 -20.00
N ASP GA 183 -110.63 44.05 -20.71
CA ASP GA 183 -109.98 44.02 -22.02
C ASP GA 183 -110.72 43.18 -23.07
N LEU GA 184 -110.69 41.82 -22.95
CA LEU GA 184 -111.35 40.91 -23.90
C LEU GA 184 -112.86 40.86 -23.68
N VAL GA 185 -113.63 41.08 -24.77
CA VAL GA 185 -115.09 41.08 -24.74
C VAL GA 185 -115.64 40.18 -25.86
N ILE GA 186 -116.50 39.20 -25.50
CA ILE GA 186 -117.16 38.32 -26.47
C ILE GA 186 -118.63 38.74 -26.54
N VAL GA 187 -119.07 39.22 -27.72
CA VAL GA 187 -120.42 39.70 -27.96
C VAL GA 187 -121.27 38.62 -28.63
N ARG GA 188 -122.46 38.35 -28.08
CA ARG GA 188 -123.41 37.35 -28.59
C ARG GA 188 -124.60 38.05 -29.26
N PHE GA 189 -124.93 37.63 -30.50
CA PHE GA 189 -126.04 38.19 -31.27
C PHE GA 189 -127.37 37.51 -30.95
N PHE GA 190 -128.41 38.32 -30.69
CA PHE GA 190 -129.78 37.85 -30.38
C PHE GA 190 -130.85 38.74 -31.01
N GLY GA 191 -132.05 38.18 -31.18
CA GLY GA 191 -133.20 38.88 -31.75
C GLY GA 191 -133.37 38.66 -33.24
N SER GA 192 -134.24 39.47 -33.87
CA SER GA 192 -134.55 39.41 -35.31
C SER GA 192 -134.61 40.81 -35.91
N VAL GA 193 -133.58 41.17 -36.69
CA VAL GA 193 -133.43 42.49 -37.32
C VAL GA 193 -134.38 42.69 -38.51
N SER GA 194 -135.04 43.86 -38.56
CA SER GA 194 -135.98 44.28 -39.61
C SER GA 194 -135.90 45.78 -39.89
N ASN GA 195 -136.07 46.16 -41.19
CA ASN GA 195 -136.04 47.54 -41.69
C ASN GA 195 -134.74 48.30 -41.41
N ILE GA 196 -133.67 47.96 -42.15
CA ILE GA 196 -132.34 48.57 -42.02
C ILE GA 196 -131.57 48.56 -43.37
N GLN GA 197 -130.75 49.60 -43.61
CA GLN GA 197 -129.94 49.75 -44.83
C GLN GA 197 -128.45 49.66 -44.51
N LYS GA 198 -127.61 49.36 -45.52
CA LYS GA 198 -126.15 49.26 -45.40
C LYS GA 198 -125.49 50.62 -45.15
N GLY GA 199 -124.61 50.66 -44.15
CA GLY GA 199 -123.88 51.87 -43.75
C GLY GA 199 -124.66 52.79 -42.82
N TRP GA 200 -125.92 52.43 -42.50
CA TRP GA 200 -126.81 53.19 -41.62
C TRP GA 200 -126.64 52.82 -40.15
N ASN GA 201 -126.79 53.81 -39.26
CA ASN GA 201 -126.67 53.64 -37.81
C ASN GA 201 -127.88 52.90 -37.21
N MET GA 202 -127.73 52.38 -35.98
CA MET GA 202 -128.76 51.63 -35.26
C MET GA 202 -129.70 52.57 -34.48
N SER GA 203 -131.02 52.35 -34.63
CA SER GA 203 -132.10 53.13 -34.03
C SER GA 203 -132.17 53.17 -32.50
N GLY GA 204 -131.94 52.03 -31.86
CA GLY GA 204 -132.03 51.87 -30.41
C GLY GA 204 -130.86 52.40 -29.59
N THR GA 205 -130.61 51.73 -28.44
CA THR GA 205 -129.60 52.04 -27.44
C THR GA 205 -128.16 51.95 -27.96
N TRP GA 206 -127.27 52.82 -27.43
CA TRP GA 206 -125.84 52.89 -27.73
C TRP GA 206 -125.03 52.10 -26.69
N VAL GA 207 -123.79 51.69 -27.06
CA VAL GA 207 -122.87 50.95 -26.19
C VAL GA 207 -122.34 51.86 -25.08
N ASP GA 208 -122.42 51.38 -23.81
CA ASP GA 208 -121.96 52.09 -22.61
C ASP GA 208 -120.45 52.32 -22.63
N ARG GA 209 -119.99 53.40 -21.98
CA ARG GA 209 -118.58 53.81 -21.87
C ARG GA 209 -117.58 52.71 -21.43
N PRO GA 210 -117.83 51.87 -20.39
CA PRO GA 210 -116.84 50.83 -20.03
C PRO GA 210 -116.64 49.72 -21.08
N PHE GA 211 -117.63 49.54 -21.98
CA PHE GA 211 -117.60 48.53 -23.03
C PHE GA 211 -117.18 49.08 -24.41
N ARG GA 212 -116.95 50.40 -24.51
CA ARG GA 212 -116.54 51.06 -25.75
C ARG GA 212 -115.08 50.75 -26.12
N PRO GA 213 -114.80 50.24 -27.34
CA PRO GA 213 -113.40 49.94 -27.70
C PRO GA 213 -112.61 51.19 -28.11
N ALA GA 214 -111.28 51.07 -28.22
CA ALA GA 214 -110.38 52.16 -28.62
C ALA GA 214 -110.55 52.51 -30.10
N ALA GA 215 -110.76 51.49 -30.95
CA ALA GA 215 -110.96 51.63 -32.39
C ALA GA 215 -112.21 50.88 -32.85
N VAL GA 216 -112.73 51.20 -34.05
CA VAL GA 216 -113.92 50.57 -34.64
C VAL GA 216 -113.72 49.06 -34.91
N GLN GA 217 -114.44 48.22 -34.16
CA GLN GA 217 -114.36 46.76 -34.26
C GLN GA 217 -115.47 46.21 -35.14
N SER GA 218 -115.10 45.50 -36.21
CA SER GA 218 -116.03 44.88 -37.16
C SER GA 218 -116.35 43.47 -36.67
N LEU GA 219 -117.55 43.28 -36.09
CA LEU GA 219 -117.96 41.97 -35.55
C LEU GA 219 -118.96 41.25 -36.45
N VAL GA 220 -118.55 40.07 -36.97
CA VAL GA 220 -119.30 39.22 -37.89
C VAL GA 220 -120.37 38.37 -37.18
N GLY GA 221 -121.57 38.35 -37.75
CA GLY GA 221 -122.72 37.59 -37.29
C GLY GA 221 -123.27 36.67 -38.37
N HIS GA 222 -124.41 36.01 -38.10
CA HIS GA 222 -125.05 35.08 -39.05
C HIS GA 222 -126.58 35.02 -38.89
N PHE GA 223 -127.31 34.84 -40.01
CA PHE GA 223 -128.77 34.72 -40.01
C PHE GA 223 -129.17 33.25 -39.88
N ALA GA 224 -129.83 32.91 -38.75
CA ALA GA 224 -130.27 31.55 -38.40
C ALA GA 224 -131.11 30.86 -39.48
N GLY GA 225 -130.68 29.64 -39.83
CA GLY GA 225 -131.34 28.81 -40.84
C GLY GA 225 -131.12 29.25 -42.27
N ARG GA 226 -130.07 30.06 -42.51
CA ARG GA 226 -129.72 30.58 -43.84
C ARG GA 226 -128.23 30.42 -44.13
N ASP GA 227 -127.80 30.71 -45.38
CA ASP GA 227 -126.41 30.68 -45.78
C ASP GA 227 -125.87 32.11 -46.01
N THR GA 228 -126.61 33.10 -45.50
CA THR GA 228 -126.32 34.54 -45.56
C THR GA 228 -125.80 35.02 -44.20
N SER GA 229 -124.83 35.95 -44.21
CA SER GA 229 -124.23 36.50 -43.00
C SER GA 229 -124.28 38.04 -42.96
N PHE GA 230 -123.80 38.64 -41.85
CA PHE GA 230 -123.76 40.10 -41.65
C PHE GA 230 -122.60 40.49 -40.73
N HIS GA 231 -122.31 41.80 -40.64
CA HIS GA 231 -121.28 42.35 -39.75
C HIS GA 231 -121.64 43.76 -39.28
N ILE GA 232 -121.40 44.03 -37.97
CA ILE GA 232 -121.68 45.33 -37.35
C ILE GA 232 -120.40 46.04 -36.92
N ASP GA 233 -120.40 47.37 -37.01
CA ASP GA 233 -119.27 48.21 -36.64
C ASP GA 233 -119.54 48.98 -35.34
N ILE GA 234 -118.89 48.55 -34.24
CA ILE GA 234 -119.01 49.20 -32.93
C ILE GA 234 -117.91 50.26 -32.84
N ASN GA 235 -118.28 51.51 -33.19
CA ASN GA 235 -117.41 52.67 -33.21
C ASN GA 235 -116.98 53.09 -31.79
N PRO GA 236 -115.82 53.78 -31.60
CA PRO GA 236 -115.38 54.16 -30.24
C PRO GA 236 -116.32 55.08 -29.44
N ASN GA 237 -117.22 55.81 -30.11
CA ASN GA 237 -118.18 56.72 -29.45
C ASN GA 237 -119.43 55.99 -28.90
N GLY GA 238 -119.51 54.68 -29.11
CA GLY GA 238 -120.61 53.84 -28.65
C GLY GA 238 -121.62 53.48 -29.72
N SER GA 239 -121.59 54.18 -30.87
CA SER GA 239 -122.50 53.97 -31.99
C SER GA 239 -122.29 52.63 -32.70
N ILE GA 240 -123.38 51.99 -33.11
CA ILE GA 240 -123.38 50.71 -33.82
C ILE GA 240 -123.83 50.99 -35.27
N THR GA 241 -122.99 50.63 -36.24
CA THR GA 241 -123.27 50.85 -37.66
C THR GA 241 -123.46 49.51 -38.39
N TRP GA 242 -124.64 49.33 -39.00
CA TRP GA 242 -124.98 48.11 -39.76
C TRP GA 242 -124.19 48.09 -41.07
N TRP GA 243 -123.64 46.91 -41.42
CA TRP GA 243 -122.86 46.74 -42.64
C TRP GA 243 -123.14 45.41 -43.40
N GLY GA 244 -124.36 44.91 -43.24
CA GLY GA 244 -124.82 43.71 -43.91
C GLY GA 244 -125.69 44.05 -45.11
N ALA GA 245 -126.55 43.11 -45.52
CA ALA GA 245 -127.51 43.32 -46.62
C ALA GA 245 -128.68 44.17 -46.13
N ASN GA 246 -129.37 44.92 -47.01
CA ASN GA 246 -130.53 45.73 -46.60
C ASN GA 246 -131.67 44.81 -46.22
N ILE GA 247 -132.26 45.06 -45.05
CA ILE GA 247 -133.33 44.24 -44.53
C ILE GA 247 -134.66 44.93 -44.66
N ASP GA 248 -135.64 44.19 -45.21
CA ASP GA 248 -137.01 44.64 -45.39
C ASP GA 248 -137.83 44.38 -44.14
N LYS GA 249 -139.13 44.63 -44.22
CA LYS GA 249 -140.06 44.54 -43.09
C LYS GA 249 -140.01 43.22 -42.33
N THR GA 250 -139.82 42.10 -43.05
CA THR GA 250 -139.71 40.76 -42.47
C THR GA 250 -138.46 40.65 -41.57
N PRO GA 251 -138.64 40.22 -40.30
CA PRO GA 251 -137.50 40.09 -39.39
C PRO GA 251 -136.85 38.71 -39.48
N ILE GA 252 -135.52 38.69 -39.60
CA ILE GA 252 -134.72 37.47 -39.70
C ILE GA 252 -133.86 37.33 -38.44
N ALA GA 253 -133.91 36.14 -37.79
CA ALA GA 253 -133.17 35.85 -36.56
C ALA GA 253 -131.65 36.01 -36.76
N THR GA 254 -131.01 36.73 -35.84
CA THR GA 254 -129.58 37.01 -35.87
C THR GA 254 -128.86 36.35 -34.68
N ARG GA 255 -127.90 35.48 -34.97
CA ARG GA 255 -127.11 34.73 -33.98
C ARG GA 255 -125.62 34.77 -34.35
N GLY GA 256 -124.76 34.53 -33.37
CA GLY GA 256 -123.31 34.51 -33.58
C GLY GA 256 -122.50 35.07 -32.42
N ASN GA 257 -121.18 34.82 -32.44
CA ASN GA 257 -120.25 35.30 -31.43
C ASN GA 257 -119.06 36.01 -32.06
N GLY GA 258 -118.76 37.21 -31.55
CA GLY GA 258 -117.65 38.04 -32.03
C GLY GA 258 -116.84 38.62 -30.90
N SER GA 259 -115.51 38.37 -30.91
CA SER GA 259 -114.58 38.84 -29.88
C SER GA 259 -113.70 40.01 -30.32
N TYR GA 260 -113.40 40.94 -29.38
CA TYR GA 260 -112.58 42.12 -29.60
C TYR GA 260 -111.85 42.58 -28.32
N PHE GA 261 -110.76 43.38 -28.48
CA PHE GA 261 -110.00 43.95 -27.36
C PHE GA 261 -110.36 45.42 -27.18
N ILE GA 262 -110.46 45.88 -25.93
CA ILE GA 262 -110.77 47.28 -25.61
C ILE GA 262 -109.48 48.12 -25.66
N LYS GA 263 -108.45 47.72 -24.89
CA LYS GA 263 -107.15 48.39 -24.80
C LYS GA 263 -106.32 48.23 -26.07
N THR HA 1 -64.42 39.12 0.22
CA THR HA 1 -64.77 38.63 1.57
C THR HA 1 -66.24 38.23 1.64
N ILE HA 2 -66.54 37.11 2.31
CA ILE HA 2 -67.90 36.61 2.47
C ILE HA 2 -68.34 36.79 3.93
N LYS HA 3 -69.38 37.61 4.16
CA LYS HA 3 -69.94 37.85 5.49
C LYS HA 3 -71.15 36.94 5.71
N ASN HA 4 -70.97 35.91 6.55
CA ASN HA 4 -72.00 34.92 6.87
C ASN HA 4 -72.87 35.41 8.03
N PHE HA 5 -74.19 35.14 7.98
CA PHE HA 5 -75.12 35.59 9.01
C PHE HA 5 -76.01 34.53 9.64
N THR HA 6 -76.81 33.79 8.84
CA THR HA 6 -77.72 32.75 9.34
C THR HA 6 -76.95 31.47 9.67
N PHE HA 7 -75.94 31.59 10.56
CA PHE HA 7 -75.05 30.52 10.97
C PHE HA 7 -74.68 30.69 12.44
N PHE HA 8 -74.63 29.57 13.19
CA PHE HA 8 -74.31 29.56 14.61
C PHE HA 8 -72.84 29.89 14.90
N SER HA 9 -72.58 30.54 16.06
CA SER HA 9 -71.23 30.90 16.48
C SER HA 9 -70.87 30.06 17.73
N PRO HA 10 -69.89 29.12 17.62
CA PRO HA 10 -69.58 28.27 18.79
C PRO HA 10 -68.94 29.02 19.95
N ASN HA 11 -68.08 30.00 19.64
CA ASN HA 11 -67.41 30.85 20.63
C ASN HA 11 -68.23 32.13 20.91
N SER HA 12 -69.48 32.17 20.37
CA SER HA 12 -70.48 33.23 20.47
C SER HA 12 -70.02 34.62 19.98
N THR HA 13 -69.10 34.65 19.00
CA THR HA 13 -68.55 35.90 18.42
C THR HA 13 -68.42 35.85 16.89
N GLU HA 14 -68.33 34.64 16.32
CA GLU HA 14 -68.13 34.37 14.88
C GLU HA 14 -69.07 35.08 13.91
N PHE HA 15 -70.39 34.84 14.00
CA PHE HA 15 -71.34 35.44 13.06
C PHE HA 15 -72.44 36.32 13.68
N PRO HA 16 -72.11 37.58 14.05
CA PRO HA 16 -73.15 38.47 14.61
C PRO HA 16 -73.94 39.14 13.49
N VAL HA 17 -75.27 39.17 13.63
CA VAL HA 17 -76.16 39.78 12.64
C VAL HA 17 -76.82 41.06 13.15
N GLY HA 18 -76.56 42.16 12.44
CA GLY HA 18 -77.04 43.49 12.77
C GLY HA 18 -78.37 43.87 12.14
N SER HA 19 -78.89 45.05 12.51
CA SER HA 19 -80.16 45.64 12.06
C SER HA 19 -80.22 45.82 10.55
N ASN HA 20 -79.13 46.30 9.94
CA ASN HA 20 -79.02 46.52 8.48
C ASN HA 20 -78.92 45.19 7.72
N ASN HA 21 -78.24 44.19 8.33
CA ASN HA 21 -78.05 42.85 7.75
C ASN HA 21 -79.37 42.10 7.68
N ASP HA 22 -80.21 42.22 8.72
CA ASP HA 22 -81.54 41.62 8.77
C ASP HA 22 -82.50 42.43 7.91
N GLY HA 23 -82.31 43.75 7.89
CA GLY HA 23 -83.10 44.69 7.10
C GLY HA 23 -83.05 44.37 5.61
N LYS HA 24 -81.83 44.04 5.11
CA LYS HA 24 -81.58 43.65 3.72
C LYS HA 24 -82.23 42.29 3.45
N LEU HA 25 -82.15 41.37 4.45
CA LEU HA 25 -82.73 40.02 4.40
C LEU HA 25 -84.25 40.07 4.24
N TYR HA 26 -84.93 40.89 5.07
CA TYR HA 26 -86.39 41.05 5.04
C TYR HA 26 -86.89 41.62 3.72
N MET HA 27 -86.14 42.57 3.12
CA MET HA 27 -86.46 43.20 1.83
C MET HA 27 -86.49 42.19 0.68
N MET HA 28 -85.56 41.22 0.72
CA MET HA 28 -85.42 40.16 -0.29
C MET HA 28 -86.51 39.10 -0.17
N LEU HA 29 -86.95 38.79 1.06
CA LEU HA 29 -87.98 37.79 1.35
C LEU HA 29 -89.34 38.20 0.79
N THR HA 30 -89.76 39.46 1.05
CA THR HA 30 -91.05 40.00 0.59
C THR HA 30 -91.01 40.58 -0.84
N GLY HA 31 -89.82 40.96 -1.29
CA GLY HA 31 -89.59 41.53 -2.61
C GLY HA 31 -89.95 42.99 -2.70
N MET HA 32 -89.37 43.82 -1.80
CA MET HA 32 -89.61 45.26 -1.75
C MET HA 32 -88.33 46.08 -1.94
N ASP HA 33 -88.49 47.34 -2.37
CA ASP HA 33 -87.38 48.28 -2.54
C ASP HA 33 -87.47 49.39 -1.48
N TYR HA 34 -86.67 50.46 -1.60
CA TYR HA 34 -86.70 51.59 -0.67
C TYR HA 34 -87.81 52.61 -1.02
N ARG HA 35 -88.54 52.36 -2.12
CA ARG HA 35 -89.63 53.22 -2.61
C ARG HA 35 -91.02 52.71 -2.20
N THR HA 36 -91.11 51.43 -1.79
CA THR HA 36 -92.36 50.80 -1.34
C THR HA 36 -92.27 50.35 0.14
N ILE HA 37 -93.41 50.02 0.75
CA ILE HA 37 -93.51 49.59 2.16
C ILE HA 37 -94.44 48.38 2.35
N ARG HA 38 -94.45 47.85 3.58
CA ARG HA 38 -95.32 46.79 4.04
C ARG HA 38 -96.07 47.41 5.22
N ARG HA 39 -97.38 47.64 5.06
CA ARG HA 39 -98.20 48.30 6.06
C ARG HA 39 -99.48 47.51 6.36
N LYS HA 40 -99.84 47.42 7.66
CA LYS HA 40 -101.03 46.73 8.13
C LYS HA 40 -101.66 47.46 9.32
N ASP HA 41 -102.95 47.81 9.20
CA ASP HA 41 -103.71 48.48 10.25
C ASP HA 41 -104.46 47.42 11.05
N TRP HA 42 -104.00 47.17 12.29
CA TRP HA 42 -104.62 46.20 13.20
C TRP HA 42 -105.92 46.79 13.77
N SER HA 43 -105.96 48.13 13.88
CA SER HA 43 -107.09 48.95 14.32
C SER HA 43 -107.07 50.23 13.49
N SER HA 44 -108.23 50.58 12.90
CA SER HA 44 -108.41 51.77 12.04
C SER HA 44 -107.94 53.08 12.67
N PRO HA 45 -107.19 53.92 11.93
CA PRO HA 45 -106.71 55.19 12.51
C PRO HA 45 -107.81 56.24 12.66
N LEU HA 46 -107.84 56.90 13.84
CA LEU HA 46 -108.83 57.93 14.17
C LEU HA 46 -108.50 59.28 13.54
N ASN HA 47 -109.54 60.02 13.15
CA ASN HA 47 -109.40 61.35 12.52
C ASN HA 47 -110.10 62.41 13.38
N THR HA 48 -109.30 63.30 14.00
CA THR HA 48 -109.80 64.37 14.86
C THR HA 48 -109.41 65.70 14.23
N ALA HA 49 -110.36 66.33 13.49
CA ALA HA 49 -110.20 67.60 12.76
C ALA HA 49 -109.00 67.53 11.79
N LEU HA 50 -108.01 68.44 11.91
CA LEU HA 50 -106.82 68.44 11.05
C LEU HA 50 -105.65 67.66 11.68
N ASN HA 51 -105.95 66.43 12.17
CA ASN HA 51 -105.01 65.50 12.79
C ASN HA 51 -105.43 64.04 12.52
N VAL HA 52 -104.43 63.16 12.36
CA VAL HA 52 -104.64 61.72 12.13
C VAL HA 52 -103.83 60.85 13.11
N GLN HA 53 -104.54 60.17 14.03
CA GLN HA 53 -103.93 59.32 15.06
C GLN HA 53 -103.96 57.85 14.64
N TYR HA 54 -102.78 57.24 14.45
CA TYR HA 54 -102.65 55.83 14.08
C TYR HA 54 -102.68 54.99 15.35
N THR HA 55 -103.86 54.41 15.66
CA THR HA 55 -104.13 53.59 16.85
C THR HA 55 -103.15 52.42 17.02
N ASN HA 56 -103.05 51.56 15.98
CA ASN HA 56 -102.13 50.41 15.93
C ASN HA 56 -101.85 50.04 14.48
N THR HA 57 -100.75 50.57 13.93
CA THR HA 57 -100.33 50.36 12.55
C THR HA 57 -98.85 49.98 12.50
N SER HA 58 -98.54 48.78 11.98
CA SER HA 58 -97.18 48.27 11.83
C SER HA 58 -96.69 48.56 10.41
N ILE HA 59 -95.45 49.08 10.28
CA ILE HA 59 -94.86 49.43 8.98
C ILE HA 59 -93.42 48.88 8.84
N ILE HA 60 -93.10 48.32 7.66
CA ILE HA 60 -91.77 47.83 7.30
C ILE HA 60 -91.26 48.71 6.16
N ALA HA 61 -90.46 49.73 6.50
CA ALA HA 61 -89.88 50.66 5.53
C ALA HA 61 -88.37 50.42 5.43
N GLY HA 62 -87.93 50.07 4.23
CA GLY HA 62 -86.54 49.75 3.92
C GLY HA 62 -86.02 48.54 4.69
N GLY HA 63 -86.93 47.59 4.94
CA GLY HA 63 -86.65 46.37 5.70
C GLY HA 63 -86.60 46.55 7.20
N ARG HA 64 -86.92 47.78 7.68
CA ARG HA 64 -86.91 48.12 9.11
C ARG HA 64 -88.34 48.19 9.63
N TYR HA 65 -88.66 47.34 10.62
CA TYR HA 65 -89.98 47.23 11.24
C TYR HA 65 -90.17 48.19 12.42
N PHE HA 66 -91.37 48.79 12.50
CA PHE HA 66 -91.77 49.72 13.57
C PHE HA 66 -93.29 49.79 13.72
N GLU HA 67 -93.77 49.95 14.96
CA GLU HA 67 -95.19 50.04 15.30
C GLU HA 67 -95.59 51.46 15.70
N LEU HA 68 -96.76 51.92 15.22
CA LEU HA 68 -97.30 53.22 15.57
C LEU HA 68 -98.45 53.00 16.54
N LEU HA 69 -98.22 53.31 17.82
CA LEU HA 69 -99.22 53.11 18.87
C LEU HA 69 -99.76 54.44 19.39
N ASN HA 70 -100.94 54.83 18.87
CA ASN HA 70 -101.66 56.08 19.17
C ASN HA 70 -100.81 57.34 18.86
N GLU HA 71 -100.14 57.31 17.69
CA GLU HA 71 -99.27 58.38 17.19
C GLU HA 71 -100.06 59.30 16.28
N THR HA 72 -100.23 60.57 16.71
CA THR HA 72 -100.98 61.60 15.99
C THR HA 72 -100.08 62.38 15.02
N VAL HA 73 -100.57 62.59 13.79
CA VAL HA 73 -99.86 63.33 12.72
C VAL HA 73 -100.64 64.62 12.40
N ALA HA 74 -99.97 65.78 12.51
CA ALA HA 74 -100.55 67.09 12.22
C ALA HA 74 -100.78 67.25 10.72
N LEU HA 75 -101.95 67.79 10.33
CA LEU HA 75 -102.33 67.96 8.92
C LEU HA 75 -102.51 69.42 8.49
N LYS HA 76 -102.31 69.68 7.18
CA LYS HA 76 -102.45 71.00 6.56
C LYS HA 76 -103.92 71.22 6.15
N GLY HA 77 -104.42 72.43 6.44
CA GLY HA 77 -105.79 72.83 6.14
C GLY HA 77 -106.08 73.00 4.66
N ASP HA 78 -107.16 72.34 4.18
CA ASP HA 78 -107.66 72.34 2.80
C ASP HA 78 -106.56 72.00 1.78
N SER HA 79 -105.92 70.84 1.98
CA SER HA 79 -104.82 70.35 1.13
C SER HA 79 -104.76 68.82 1.12
N VAL HA 80 -104.08 68.26 0.09
CA VAL HA 80 -103.90 66.81 -0.07
C VAL HA 80 -102.53 66.45 0.54
N ASN HA 81 -102.53 66.04 1.81
CA ASN HA 81 -101.34 65.67 2.57
C ASN HA 81 -100.82 64.28 2.21
N TYR HA 82 -99.49 64.11 2.26
CA TYR HA 82 -98.80 62.86 1.99
C TYR HA 82 -98.01 62.47 3.25
N ILE HA 83 -98.45 61.40 3.95
CA ILE HA 83 -97.81 60.96 5.19
C ILE HA 83 -96.57 60.12 4.86
N HIS HA 84 -95.39 60.59 5.29
CA HIS HA 84 -94.11 59.95 5.06
C HIS HA 84 -93.47 59.39 6.31
N ALA HA 85 -92.76 58.26 6.15
CA ALA HA 85 -91.99 57.61 7.21
C ALA HA 85 -90.53 58.00 6.99
N ASN HA 86 -89.95 58.74 7.94
CA ASN HA 86 -88.57 59.24 7.84
C ASN HA 86 -87.62 58.48 8.77
N ILE HA 87 -86.66 57.75 8.18
CA ILE HA 87 -85.69 56.96 8.94
C ILE HA 87 -84.28 57.55 8.86
N ASP HA 88 -83.82 58.12 9.99
CA ASP HA 88 -82.47 58.67 10.12
C ASP HA 88 -81.75 57.89 11.21
N LEU HA 89 -80.87 56.97 10.78
CA LEU HA 89 -80.10 56.06 11.64
C LEU HA 89 -79.14 56.76 12.61
N THR HA 90 -78.77 58.03 12.32
CA THR HA 90 -77.88 58.84 13.18
C THR HA 90 -78.57 59.14 14.51
N GLN HA 91 -79.92 59.27 14.49
CA GLN HA 91 -80.74 59.50 15.68
C GLN HA 91 -80.94 58.13 16.34
N THR HA 92 -79.96 57.72 17.17
CA THR HA 92 -79.96 56.42 17.86
C THR HA 92 -81.14 56.21 18.81
N ALA HA 93 -81.65 57.30 19.41
CA ALA HA 93 -82.81 57.26 20.32
C ALA HA 93 -84.13 57.18 19.56
N ASN HA 94 -84.31 58.01 18.51
CA ASN HA 94 -85.54 58.05 17.71
C ASN HA 94 -85.24 58.05 16.20
N PRO HA 95 -84.95 56.88 15.59
CA PRO HA 95 -84.66 56.85 14.14
C PRO HA 95 -85.85 57.14 13.24
N VAL HA 96 -87.05 56.65 13.61
CA VAL HA 96 -88.26 56.84 12.83
C VAL HA 96 -89.06 58.06 13.30
N SER HA 97 -89.42 58.94 12.34
CA SER HA 97 -90.21 60.15 12.54
C SER HA 97 -91.22 60.27 11.40
N LEU HA 98 -92.40 60.86 11.68
CA LEU HA 98 -93.45 61.01 10.68
C LEU HA 98 -93.62 62.46 10.25
N SER HA 99 -94.06 62.68 8.99
CA SER HA 99 -94.29 64.00 8.42
C SER HA 99 -95.37 64.01 7.34
N ALA HA 100 -96.24 65.03 7.38
CA ALA HA 100 -97.30 65.23 6.39
C ALA HA 100 -96.79 66.30 5.41
N GLU HA 101 -96.51 65.89 4.17
CA GLU HA 101 -95.96 66.76 3.14
C GLU HA 101 -96.91 67.10 2.00
N THR HA 102 -96.62 68.22 1.29
CA THR HA 102 -97.39 68.75 0.17
C THR HA 102 -97.47 67.78 -1.02
N ALA HA 103 -96.34 67.18 -1.39
CA ALA HA 103 -96.23 66.23 -2.50
C ALA HA 103 -95.54 64.93 -2.06
N ASN HA 104 -95.60 63.87 -2.89
CA ASN HA 104 -94.96 62.58 -2.60
C ASN HA 104 -93.45 62.73 -2.78
N ASN HA 105 -92.73 62.82 -1.65
CA ASN HA 105 -91.28 63.01 -1.61
C ASN HA 105 -90.52 61.73 -1.21
N SER HA 106 -90.87 60.60 -1.85
CA SER HA 106 -90.21 59.31 -1.61
C SER HA 106 -88.84 59.35 -2.29
N ASN HA 107 -87.76 59.34 -1.49
CA ASN HA 107 -86.38 59.42 -2.00
C ASN HA 107 -85.74 58.10 -2.41
N GLY HA 108 -86.08 57.02 -1.68
CA GLY HA 108 -85.54 55.69 -1.94
C GLY HA 108 -84.07 55.53 -1.62
N VAL HA 109 -83.61 56.22 -0.55
CA VAL HA 109 -82.22 56.22 -0.07
C VAL HA 109 -81.87 54.86 0.56
N ASP HA 110 -80.76 54.25 0.10
CA ASP HA 110 -80.26 52.97 0.61
C ASP HA 110 -79.61 53.20 1.99
N ILE HA 111 -80.38 52.92 3.05
CA ILE HA 111 -79.96 53.11 4.45
C ILE HA 111 -79.20 51.91 5.04
N ASN HA 112 -79.53 50.70 4.58
CA ASN HA 112 -78.91 49.45 5.04
C ASN HA 112 -77.45 49.31 4.58
N ASN HA 113 -77.09 49.92 3.43
CA ASN HA 113 -75.74 49.85 2.88
C ASN HA 113 -74.99 51.18 3.05
N GLY HA 114 -75.62 52.27 2.64
CA GLY HA 114 -75.03 53.61 2.73
C GLY HA 114 -75.71 54.52 3.74
N SER HA 115 -75.24 55.78 3.79
CA SER HA 115 -75.75 56.82 4.69
C SER HA 115 -76.94 57.56 4.07
N GLY HA 116 -77.62 58.37 4.89
CA GLY HA 116 -78.75 59.16 4.46
C GLY HA 116 -80.03 58.93 5.24
N VAL HA 117 -81.06 59.72 4.93
CA VAL HA 117 -82.39 59.65 5.54
C VAL HA 117 -83.37 59.09 4.52
N LEU HA 118 -84.07 58.00 4.89
CA LEU HA 118 -85.05 57.36 4.01
C LEU HA 118 -86.45 57.92 4.21
N LYS HA 119 -87.00 58.51 3.14
CA LYS HA 119 -88.35 59.08 3.11
C LYS HA 119 -89.20 58.22 2.18
N VAL HA 120 -90.37 57.79 2.66
CA VAL HA 120 -91.30 56.94 1.89
C VAL HA 120 -92.77 57.16 2.31
N CYS HA 121 -93.62 57.49 1.32
CA CYS HA 121 -95.06 57.73 1.53
C CYS HA 121 -95.82 56.41 1.67
N PHE HA 122 -96.75 56.36 2.63
CA PHE HA 122 -97.57 55.17 2.89
C PHE HA 122 -99.07 55.46 2.92
N ASP HA 123 -99.47 56.70 3.26
CA ASP HA 123 -100.86 57.11 3.35
C ASP HA 123 -101.06 58.54 2.80
N ILE HA 124 -102.11 58.72 1.97
CA ILE HA 124 -102.48 60.02 1.38
C ILE HA 124 -103.76 60.51 2.07
N VAL HA 125 -103.68 61.67 2.73
CA VAL HA 125 -104.81 62.24 3.47
C VAL HA 125 -105.31 63.52 2.80
N THR HA 126 -106.55 63.48 2.26
CA THR HA 126 -107.21 64.62 1.63
C THR HA 126 -108.03 65.34 2.71
N THR HA 127 -107.73 66.63 2.94
CA THR HA 127 -108.40 67.43 3.98
C THR HA 127 -109.11 68.68 3.48
N SER HA 128 -110.04 69.20 4.29
CA SER HA 128 -110.79 70.43 4.08
C SER HA 128 -110.33 71.45 5.14
N GLY HA 129 -111.06 72.56 5.28
CA GLY HA 129 -110.75 73.59 6.26
C GLY HA 129 -110.99 73.15 7.69
N THR HA 130 -112.01 72.29 7.90
CA THR HA 130 -112.39 71.75 9.20
C THR HA 130 -111.65 70.47 9.56
N GLY HA 131 -111.87 69.40 8.79
CA GLY HA 131 -111.24 68.11 9.03
C GLY HA 131 -110.94 67.26 7.81
N VAL HA 132 -110.67 65.95 8.06
CA VAL HA 132 -110.34 64.94 7.06
C VAL HA 132 -111.55 64.60 6.21
N THR HA 133 -111.40 64.65 4.87
CA THR HA 133 -112.46 64.33 3.92
C THR HA 133 -112.39 62.88 3.46
N SER HA 134 -111.19 62.43 3.01
CA SER HA 134 -110.94 61.07 2.52
C SER HA 134 -109.48 60.64 2.69
N THR HA 135 -109.24 59.33 2.82
CA THR HA 135 -107.90 58.75 2.96
C THR HA 135 -107.65 57.60 1.98
N LYS HA 136 -106.47 57.60 1.33
CA LYS HA 136 -106.07 56.59 0.35
C LYS HA 136 -104.66 56.06 0.67
N PRO HA 137 -104.48 54.73 0.89
CA PRO HA 137 -103.13 54.23 1.20
C PRO HA 137 -102.29 53.93 -0.04
N ILE HA 138 -100.96 54.14 0.07
CA ILE HA 138 -99.98 53.89 -1.01
C ILE HA 138 -99.89 52.38 -1.26
N VAL HA 139 -99.92 51.97 -2.55
CA VAL HA 139 -99.84 50.56 -2.98
C VAL HA 139 -98.54 49.88 -2.56
N GLN HA 140 -98.65 48.65 -2.02
CA GLN HA 140 -97.52 47.85 -1.57
C GLN HA 140 -96.99 47.00 -2.74
N THR HA 141 -95.90 47.47 -3.37
CA THR HA 141 -95.27 46.82 -4.52
C THR HA 141 -94.45 45.59 -4.09
N SER HA 142 -94.69 44.45 -4.77
CA SER HA 142 -93.99 43.19 -4.51
C SER HA 142 -93.29 42.73 -5.79
N THR HA 143 -92.05 43.20 -5.99
CA THR HA 143 -91.22 42.88 -7.15
C THR HA 143 -90.69 41.45 -7.03
N LEU HA 144 -91.06 40.58 -7.99
CA LEU HA 144 -90.66 39.18 -8.02
C LEU HA 144 -90.15 38.76 -9.41
N ASP HA 145 -89.31 37.71 -9.47
CA ASP HA 145 -88.72 37.21 -10.71
C ASP HA 145 -89.63 36.22 -11.44
N SER HA 146 -90.04 35.13 -10.77
CA SER HA 146 -90.94 34.10 -11.33
C SER HA 146 -91.83 33.50 -10.25
N ILE HA 147 -93.11 33.24 -10.59
CA ILE HA 147 -94.10 32.68 -9.66
C ILE HA 147 -94.69 31.35 -10.15
N SER HA 148 -94.64 30.32 -9.29
CA SER HA 148 -95.25 29.00 -9.50
C SER HA 148 -96.44 28.96 -8.55
N VAL HA 149 -97.66 29.17 -9.09
CA VAL HA 149 -98.89 29.26 -8.31
C VAL HA 149 -99.98 28.26 -8.72
N ASN HA 150 -100.85 27.86 -7.77
CA ASN HA 150 -101.99 26.98 -8.02
C ASN HA 150 -103.20 27.80 -8.48
N ASP HA 151 -103.71 28.70 -7.63
CA ASP HA 151 -104.87 29.54 -7.95
C ASP HA 151 -104.64 31.02 -7.64
N MET HA 152 -105.31 31.92 -8.40
CA MET HA 152 -105.17 33.37 -8.24
C MET HA 152 -106.51 34.10 -8.38
N THR HA 153 -106.67 35.23 -7.67
CA THR HA 153 -107.85 36.10 -7.71
C THR HA 153 -107.40 37.55 -7.88
N VAL HA 154 -107.82 38.18 -8.98
CA VAL HA 154 -107.46 39.56 -9.33
C VAL HA 154 -108.70 40.46 -9.21
N SER HA 155 -108.60 41.53 -8.39
CA SER HA 155 -109.69 42.48 -8.18
C SER HA 155 -109.63 43.70 -9.11
N GLY HA 156 -108.43 44.04 -9.58
CA GLY HA 156 -108.18 45.15 -10.48
C GLY HA 156 -108.02 44.73 -11.92
N SER HA 157 -106.77 44.51 -12.38
CA SER HA 157 -106.42 44.08 -13.74
C SER HA 157 -104.99 43.55 -13.86
N ILE HA 158 -104.70 42.82 -14.97
CA ILE HA 158 -103.40 42.25 -15.30
C ILE HA 158 -102.86 42.93 -16.56
N ASP HA 159 -101.59 43.38 -16.52
CA ASP HA 159 -100.94 44.01 -17.67
C ASP HA 159 -100.01 43.01 -18.36
N VAL HA 160 -100.50 42.39 -19.45
CA VAL HA 160 -99.75 41.43 -20.26
C VAL HA 160 -99.09 42.12 -21.48
N PRO HA 161 -97.89 41.69 -21.95
CA PRO HA 161 -97.27 42.39 -23.09
C PRO HA 161 -98.07 42.32 -24.38
N VAL HA 162 -98.26 43.50 -25.01
CA VAL HA 162 -99.05 43.67 -26.24
C VAL HA 162 -98.10 43.91 -27.44
N GLN HA 163 -98.44 43.30 -28.59
CA GLN HA 163 -97.71 43.42 -29.84
C GLN HA 163 -98.66 43.67 -31.01
N THR HA 164 -98.41 44.74 -31.79
CA THR HA 164 -99.24 45.11 -32.95
C THR HA 164 -98.52 44.85 -34.27
N LEU HA 165 -99.28 44.46 -35.30
CA LEU HA 165 -98.77 44.15 -36.64
C LEU HA 165 -99.81 44.46 -37.72
N THR HA 166 -99.37 45.05 -38.84
CA THR HA 166 -100.22 45.38 -39.98
C THR HA 166 -99.60 44.84 -41.27
N VAL HA 167 -99.96 43.60 -41.63
CA VAL HA 167 -99.46 42.90 -42.82
C VAL HA 167 -100.40 43.08 -44.02
N GLU HA 168 -99.85 43.58 -45.14
CA GLU HA 168 -100.58 43.77 -46.39
C GLU HA 168 -100.53 42.44 -47.14
N ALA HA 169 -101.56 41.59 -46.91
CA ALA HA 169 -101.70 40.24 -47.48
C ALA HA 169 -101.64 40.17 -49.01
N GLY HA 170 -102.04 41.25 -49.67
CA GLY HA 170 -102.04 41.36 -51.13
C GLY HA 170 -103.43 41.33 -51.73
N ASN HA 171 -103.51 41.56 -53.06
CA ASN HA 171 -104.74 41.61 -53.86
C ASN HA 171 -105.73 42.70 -53.41
N GLY HA 172 -105.36 43.46 -52.37
CA GLY HA 172 -106.14 44.53 -51.79
C GLY HA 172 -106.59 44.30 -50.36
N LEU HA 173 -106.06 43.24 -49.71
CA LEU HA 173 -106.39 42.89 -48.32
C LEU HA 173 -105.35 43.40 -47.32
N GLN HA 174 -105.84 43.97 -46.20
CA GLN HA 174 -105.04 44.48 -45.09
C GLN HA 174 -105.50 43.80 -43.80
N LEU HA 175 -104.54 43.37 -42.96
CA LEU HA 175 -104.82 42.68 -41.70
C LEU HA 175 -104.22 43.45 -40.52
N GLN HA 176 -105.01 43.68 -39.45
CA GLN HA 176 -104.56 44.36 -38.25
C GLN HA 176 -104.54 43.36 -37.09
N LEU HA 177 -103.34 42.87 -36.74
CA LEU HA 177 -103.13 41.87 -35.68
C LEU HA 177 -102.73 42.51 -34.36
N THR HA 178 -103.26 41.97 -33.24
CA THR HA 178 -102.97 42.43 -31.88
C THR HA 178 -102.73 41.20 -30.99
N LYS HA 179 -101.45 40.91 -30.68
CA LYS HA 179 -101.02 39.76 -29.87
C LYS HA 179 -100.75 40.16 -28.42
N LYS HA 180 -101.44 39.50 -27.48
CA LYS HA 180 -101.29 39.73 -26.04
C LYS HA 180 -100.87 38.44 -25.33
N ASN HA 181 -99.82 38.53 -24.47
CA ASN HA 181 -99.23 37.42 -23.71
C ASN HA 181 -98.66 36.30 -24.63
N ASN HA 182 -98.22 36.70 -25.85
CA ASN HA 182 -97.64 35.83 -26.90
C ASN HA 182 -98.49 34.60 -27.27
N ASP HA 183 -99.84 34.71 -27.12
CA ASP HA 183 -100.75 33.61 -27.42
C ASP HA 183 -102.00 34.02 -28.20
N LEU HA 184 -102.91 34.80 -27.58
CA LEU HA 184 -104.15 35.24 -28.22
C LEU HA 184 -103.94 36.43 -29.15
N VAL HA 185 -104.38 36.28 -30.41
CA VAL HA 185 -104.27 37.31 -31.45
C VAL HA 185 -105.64 37.55 -32.08
N ILE HA 186 -106.05 38.83 -32.18
CA ILE HA 186 -107.31 39.22 -32.83
C ILE HA 186 -106.98 39.95 -34.14
N VAL HA 187 -107.32 39.31 -35.27
CA VAL HA 187 -107.08 39.82 -36.62
C VAL HA 187 -108.27 40.68 -37.07
N ARG HA 188 -107.98 41.92 -37.50
CA ARG HA 188 -108.98 42.86 -37.98
C ARG HA 188 -108.83 43.04 -39.51
N PHE HA 189 -109.90 42.70 -40.26
CA PHE HA 189 -109.91 42.79 -41.72
C PHE HA 189 -110.14 44.22 -42.22
N PHE HA 190 -109.32 44.67 -43.19
CA PHE HA 190 -109.40 45.98 -43.82
C PHE HA 190 -109.01 45.94 -45.30
N GLY HA 191 -109.40 46.99 -46.04
CA GLY HA 191 -109.12 47.13 -47.47
C GLY HA 191 -110.25 46.66 -48.37
N SER HA 192 -109.91 46.26 -49.61
CA SER HA 192 -110.84 45.76 -50.62
C SER HA 192 -110.13 44.79 -51.58
N VAL HA 193 -110.43 43.49 -51.46
CA VAL HA 193 -109.82 42.42 -52.26
C VAL HA 193 -110.34 42.34 -53.71
N SER HA 194 -109.42 42.15 -54.68
CA SER HA 194 -109.70 42.04 -56.11
C SER HA 194 -108.69 41.12 -56.82
N ASN HA 195 -109.15 40.40 -57.86
CA ASN HA 195 -108.38 39.46 -58.69
C ASN HA 195 -107.75 38.29 -57.88
N ILE HA 196 -108.62 37.40 -57.36
CA ILE HA 196 -108.21 36.23 -56.56
C ILE HA 196 -109.15 35.03 -56.75
N GLN HA 197 -108.59 33.80 -56.72
CA GLN HA 197 -109.32 32.54 -56.88
C GLN HA 197 -109.27 31.70 -55.58
N LYS HA 198 -110.17 30.71 -55.45
CA LYS HA 198 -110.23 29.82 -54.27
C LYS HA 198 -109.05 28.86 -54.20
N GLY HA 199 -108.41 28.79 -53.03
CA GLY HA 199 -107.26 27.95 -52.78
C GLY HA 199 -105.92 28.54 -53.22
N TRP HA 200 -105.95 29.77 -53.77
CA TRP HA 200 -104.77 30.49 -54.26
C TRP HA 200 -104.12 31.35 -53.18
N ASN HA 201 -102.79 31.29 -53.09
CA ASN HA 201 -101.98 32.06 -52.14
C ASN HA 201 -102.03 33.54 -52.49
N MET HA 202 -102.09 34.40 -51.47
CA MET HA 202 -102.19 35.85 -51.65
C MET HA 202 -100.84 36.54 -51.92
N SER HA 203 -100.79 37.27 -53.05
CA SER HA 203 -99.66 37.98 -53.65
C SER HA 203 -98.71 38.78 -52.75
N GLY HA 204 -99.25 39.56 -51.82
CA GLY HA 204 -98.50 40.44 -50.94
C GLY HA 204 -97.66 39.81 -49.84
N THR HA 205 -97.37 40.62 -48.80
CA THR HA 205 -96.55 40.31 -47.62
C THR HA 205 -97.10 39.12 -46.82
N TRP HA 206 -96.19 38.33 -46.23
CA TRP HA 206 -96.48 37.17 -45.40
C TRP HA 206 -96.47 37.57 -43.91
N VAL HA 207 -97.15 36.78 -43.06
CA VAL HA 207 -97.25 37.01 -41.61
C VAL HA 207 -95.88 36.78 -40.93
N ASP HA 208 -95.46 37.77 -40.10
CA ASP HA 208 -94.21 37.76 -39.35
C ASP HA 208 -94.13 36.59 -38.36
N ARG HA 209 -92.91 36.08 -38.11
CA ARG HA 209 -92.61 34.97 -37.20
C ARG HA 209 -93.23 35.07 -35.78
N PRO HA 210 -93.23 36.23 -35.05
CA PRO HA 210 -93.85 36.25 -33.71
C PRO HA 210 -95.38 36.14 -33.72
N PHE HA 211 -96.01 36.30 -34.90
CA PHE HA 211 -97.46 36.24 -35.09
C PHE HA 211 -97.93 34.97 -35.80
N ARG HA 212 -97.00 34.13 -36.30
CA ARG HA 212 -97.30 32.87 -36.98
C ARG HA 212 -97.85 31.81 -36.02
N PRO HA 213 -98.96 31.11 -36.37
CA PRO HA 213 -99.49 30.08 -35.45
C PRO HA 213 -98.84 28.71 -35.62
N ALA HA 214 -99.09 27.77 -34.67
CA ALA HA 214 -98.55 26.41 -34.70
C ALA HA 214 -99.20 25.58 -35.80
N ALA HA 215 -100.52 25.74 -36.00
CA ALA HA 215 -101.31 25.03 -37.01
C ALA HA 215 -102.06 26.04 -37.88
N VAL HA 216 -102.59 25.58 -39.04
CA VAL HA 216 -103.35 26.41 -39.97
C VAL HA 216 -104.66 26.92 -39.33
N GLN HA 217 -104.78 28.26 -39.20
CA GLN HA 217 -105.93 28.91 -38.58
C GLN HA 217 -106.89 29.48 -39.61
N SER HA 218 -108.11 28.93 -39.64
CA SER HA 218 -109.18 29.35 -40.55
C SER HA 218 -109.93 30.52 -39.91
N LEU HA 219 -109.76 31.74 -40.47
CA LEU HA 219 -110.42 32.94 -39.94
C LEU HA 219 -111.45 33.54 -40.88
N VAL HA 220 -112.70 33.62 -40.42
CA VAL HA 220 -113.86 34.12 -41.17
C VAL HA 220 -113.98 35.65 -41.14
N GLY HA 221 -114.23 36.23 -42.31
CA GLY HA 221 -114.45 37.66 -42.53
C GLY HA 221 -115.78 37.90 -43.22
N HIS HA 222 -116.10 39.18 -43.51
CA HIS HA 222 -117.36 39.54 -44.17
C HIS HA 222 -117.22 40.70 -45.18
N PHE HA 223 -117.96 40.62 -46.29
CA PHE HA 223 -117.97 41.66 -47.33
C PHE HA 223 -119.00 42.72 -46.95
N ALA HA 224 -118.51 43.95 -46.64
CA ALA HA 224 -119.32 45.10 -46.22
C ALA HA 224 -120.43 45.49 -47.20
N GLY HA 225 -121.64 45.60 -46.69
CA GLY HA 225 -122.83 45.96 -47.45
C GLY HA 225 -123.52 44.81 -48.16
N ARG HA 226 -122.99 43.58 -47.98
CA ARG HA 226 -123.53 42.37 -48.62
C ARG HA 226 -123.92 41.31 -47.57
N ASP HA 227 -124.34 40.12 -48.04
CA ASP HA 227 -124.68 38.97 -47.20
C ASP HA 227 -123.76 37.78 -47.52
N THR HA 228 -122.67 38.07 -48.26
CA THR HA 228 -121.63 37.13 -48.67
C THR HA 228 -120.47 37.17 -47.68
N SER HA 229 -119.84 36.00 -47.43
CA SER HA 229 -118.72 35.88 -46.49
C SER HA 229 -117.48 35.20 -47.12
N PHE HA 230 -116.34 35.29 -46.42
CA PHE HA 230 -115.06 34.70 -46.85
C PHE HA 230 -114.25 34.20 -45.66
N HIS HA 231 -113.21 33.39 -45.93
CA HIS HA 231 -112.29 32.89 -44.91
C HIS HA 231 -110.88 32.72 -45.46
N ILE HA 232 -109.87 33.07 -44.64
CA ILE HA 232 -108.46 32.98 -45.01
C ILE HA 232 -107.67 32.06 -44.09
N ASP HA 233 -106.90 31.14 -44.70
CA ASP HA 233 -106.08 30.16 -43.98
C ASP HA 233 -104.66 30.68 -43.74
N ILE HA 234 -104.36 31.02 -42.47
CA ILE HA 234 -103.03 31.49 -42.07
C ILE HA 234 -102.21 30.26 -41.67
N ASN HA 235 -101.45 29.73 -42.64
CA ASN HA 235 -100.60 28.55 -42.50
C ASN HA 235 -99.41 28.82 -41.54
N PRO HA 236 -98.78 27.78 -40.92
CA PRO HA 236 -97.67 28.04 -39.98
C PRO HA 236 -96.44 28.77 -40.55
N ASN HA 237 -96.24 28.74 -41.88
CA ASN HA 237 -95.11 29.41 -42.54
C ASN HA 237 -95.33 30.91 -42.81
N GLY HA 238 -96.48 31.43 -42.40
CA GLY HA 238 -96.84 32.84 -42.56
C GLY HA 238 -97.67 33.15 -43.79
N SER HA 239 -97.81 32.17 -44.69
CA SER HA 239 -98.58 32.29 -45.94
C SER HA 239 -100.08 32.38 -45.70
N ILE HA 240 -100.74 33.34 -46.37
CA ILE HA 240 -102.19 33.57 -46.27
C ILE HA 240 -102.86 33.03 -47.54
N THR HA 241 -103.58 31.91 -47.41
CA THR HA 241 -104.27 31.27 -48.53
C THR HA 241 -105.75 31.66 -48.52
N TRP HA 242 -106.22 32.23 -49.65
CA TRP HA 242 -107.61 32.66 -49.84
C TRP HA 242 -108.53 31.44 -49.99
N TRP HA 243 -109.70 31.47 -49.33
CA TRP HA 243 -110.67 30.37 -49.40
C TRP HA 243 -112.14 30.81 -49.55
N GLY HA 244 -112.34 31.97 -50.17
CA GLY HA 244 -113.67 32.49 -50.48
C GLY HA 244 -113.99 32.25 -51.93
N ALA HA 245 -115.07 32.87 -52.45
CA ALA HA 245 -115.45 32.71 -53.86
C ALA HA 245 -114.54 33.55 -54.75
N ASN HA 246 -114.34 33.13 -56.01
CA ASN HA 246 -113.49 33.80 -57.00
C ASN HA 246 -113.92 35.25 -57.24
N ILE HA 247 -112.99 36.19 -57.00
CA ILE HA 247 -113.23 37.63 -57.14
C ILE HA 247 -112.55 38.20 -58.38
N ASP HA 248 -113.32 38.96 -59.17
CA ASP HA 248 -112.87 39.60 -60.40
C ASP HA 248 -112.17 40.95 -60.16
N LYS HA 249 -112.06 41.75 -61.22
CA LYS HA 249 -111.40 43.07 -61.22
C LYS HA 249 -112.01 44.11 -60.26
N THR HA 250 -113.33 44.02 -59.99
CA THR HA 250 -114.05 44.93 -59.11
C THR HA 250 -113.71 44.64 -57.63
N PRO HA 251 -113.18 45.63 -56.86
CA PRO HA 251 -112.83 45.36 -55.46
C PRO HA 251 -113.99 45.52 -54.48
N ILE HA 252 -114.15 44.55 -53.57
CA ILE HA 252 -115.22 44.53 -52.55
C ILE HA 252 -114.59 44.72 -51.16
N ALA HA 253 -115.12 45.68 -50.38
CA ALA HA 253 -114.66 46.01 -49.02
C ALA HA 253 -114.76 44.82 -48.06
N THR HA 254 -113.62 44.46 -47.43
CA THR HA 254 -113.51 43.33 -46.50
C THR HA 254 -113.30 43.80 -45.07
N ARG HA 255 -114.21 43.41 -44.16
CA ARG HA 255 -114.17 43.77 -42.73
C ARG HA 255 -114.53 42.57 -41.86
N GLY HA 256 -113.96 42.51 -40.65
CA GLY HA 256 -114.23 41.43 -39.70
C GLY HA 256 -113.18 41.20 -38.63
N ASN HA 257 -113.56 40.46 -37.58
CA ASN HA 257 -112.69 40.11 -36.46
C ASN HA 257 -112.58 38.60 -36.31
N GLY HA 258 -111.34 38.11 -36.20
CA GLY HA 258 -111.03 36.69 -36.04
C GLY HA 258 -109.97 36.43 -34.99
N SER HA 259 -110.29 35.54 -34.02
CA SER HA 259 -109.40 35.18 -32.92
C SER HA 259 -108.79 33.78 -33.11
N TYR HA 260 -107.51 33.63 -32.71
CA TYR HA 260 -106.76 32.36 -32.78
C TYR HA 260 -105.65 32.28 -31.73
N PHE HA 261 -105.26 31.05 -31.35
CA PHE HA 261 -104.17 30.79 -30.41
C PHE HA 261 -102.92 30.35 -31.17
N ILE HA 262 -101.76 30.94 -30.82
CA ILE HA 262 -100.48 30.58 -31.42
C ILE HA 262 -100.01 29.25 -30.80
N LYS HA 263 -99.91 29.21 -29.46
CA LYS HA 263 -99.48 28.05 -28.67
C LYS HA 263 -100.52 26.92 -28.71
N THR IA 1 -69.20 -66.56 3.58
CA THR IA 1 -69.49 -66.16 4.95
C THR IA 1 -70.66 -65.16 5.00
N ILE IA 2 -71.47 -65.23 6.07
CA ILE IA 2 -72.62 -64.33 6.26
C ILE IA 2 -72.33 -63.34 7.38
N LYS IA 3 -72.39 -62.04 7.04
CA LYS IA 3 -72.18 -60.95 7.98
C LYS IA 3 -73.53 -60.36 8.37
N ASN IA 4 -73.85 -60.45 9.67
CA ASN IA 4 -75.13 -60.04 10.26
C ASN IA 4 -75.00 -58.67 10.91
N PHE IA 5 -75.94 -57.76 10.58
CA PHE IA 5 -75.92 -56.39 11.09
C PHE IA 5 -77.07 -56.03 12.00
N THR IA 6 -78.33 -56.09 11.51
CA THR IA 6 -79.52 -55.74 12.29
C THR IA 6 -79.91 -56.87 13.26
N PHE IA 7 -78.98 -57.24 14.16
CA PHE IA 7 -79.15 -58.33 15.12
C PHE IA 7 -78.51 -57.97 16.44
N PHE IA 8 -79.02 -58.51 17.55
CA PHE IA 8 -78.45 -58.19 18.85
C PHE IA 8 -77.11 -58.87 19.10
N SER IA 9 -76.21 -58.15 19.76
CA SER IA 9 -74.86 -58.59 20.12
C SER IA 9 -74.88 -58.97 21.61
N PRO IA 10 -74.94 -60.29 21.92
CA PRO IA 10 -75.00 -60.72 23.34
C PRO IA 10 -73.90 -60.19 24.25
N ASN IA 11 -72.67 -60.07 23.72
CA ASN IA 11 -71.54 -59.57 24.48
C ASN IA 11 -71.08 -58.19 23.98
N SER IA 12 -72.02 -57.45 23.35
CA SER IA 12 -71.87 -56.09 22.80
C SER IA 12 -70.73 -55.94 21.76
N THR IA 13 -70.25 -57.06 21.17
CA THR IA 13 -69.13 -57.05 20.23
C THR IA 13 -69.39 -57.81 18.92
N GLU IA 14 -70.33 -58.77 18.92
CA GLU IA 14 -70.67 -59.65 17.80
C GLU IA 14 -70.98 -59.02 16.46
N PHE IA 15 -71.97 -58.09 16.42
CA PHE IA 15 -72.40 -57.49 15.15
C PHE IA 15 -72.29 -55.96 15.07
N PRO IA 16 -71.07 -55.41 14.91
CA PRO IA 16 -70.97 -53.94 14.77
C PRO IA 16 -71.43 -53.48 13.39
N VAL IA 17 -72.16 -52.37 13.36
CA VAL IA 17 -72.66 -51.84 12.09
C VAL IA 17 -71.84 -50.67 11.56
N GLY IA 18 -71.20 -50.89 10.42
CA GLY IA 18 -70.35 -49.91 9.77
C GLY IA 18 -71.14 -48.90 8.97
N SER IA 19 -70.51 -47.75 8.67
CA SER IA 19 -71.14 -46.69 7.90
C SER IA 19 -71.44 -47.13 6.46
N ASN IA 20 -70.59 -48.00 5.88
CA ASN IA 20 -70.80 -48.52 4.52
C ASN IA 20 -71.94 -49.52 4.48
N ASN IA 21 -72.14 -50.28 5.58
CA ASN IA 21 -73.23 -51.25 5.70
C ASN IA 21 -74.56 -50.51 5.78
N ASP IA 22 -74.60 -49.42 6.56
CA ASP IA 22 -75.80 -48.60 6.65
C ASP IA 22 -76.05 -47.86 5.33
N GLY IA 23 -74.97 -47.44 4.66
CA GLY IA 23 -75.05 -46.81 3.35
C GLY IA 23 -75.75 -47.71 2.35
N LYS IA 24 -75.32 -48.99 2.26
CA LYS IA 24 -75.93 -49.98 1.37
C LYS IA 24 -77.37 -50.26 1.75
N LEU IA 25 -77.64 -50.39 3.07
CA LEU IA 25 -78.99 -50.60 3.59
C LEU IA 25 -79.92 -49.46 3.14
N TYR IA 26 -79.49 -48.20 3.35
CA TYR IA 26 -80.29 -47.03 2.98
C TYR IA 26 -80.54 -46.94 1.49
N MET IA 27 -79.52 -47.24 0.67
CA MET IA 27 -79.66 -47.26 -0.79
C MET IA 27 -80.71 -48.27 -1.21
N MET IA 28 -80.71 -49.46 -0.57
CA MET IA 28 -81.66 -50.51 -0.87
C MET IA 28 -83.08 -50.18 -0.44
N LEU IA 29 -83.25 -49.53 0.73
CA LEU IA 29 -84.57 -49.13 1.23
C LEU IA 29 -85.25 -48.11 0.33
N THR IA 30 -84.49 -47.11 -0.15
CA THR IA 30 -85.04 -46.04 -1.00
C THR IA 30 -85.03 -46.36 -2.50
N GLY IA 31 -84.25 -47.35 -2.89
CA GLY IA 31 -84.11 -47.73 -4.29
C GLY IA 31 -83.29 -46.74 -5.07
N MET IA 32 -82.08 -46.44 -4.59
CA MET IA 32 -81.17 -45.52 -5.28
C MET IA 32 -79.87 -46.22 -5.66
N ASP IA 33 -79.26 -45.77 -6.75
CA ASP IA 33 -77.95 -46.26 -7.16
C ASP IA 33 -76.92 -45.15 -6.88
N TYR IA 34 -75.69 -45.30 -7.34
CA TYR IA 34 -74.65 -44.29 -7.11
C TYR IA 34 -74.74 -43.10 -8.06
N ARG IA 35 -75.70 -43.11 -8.99
CA ARG IA 35 -75.87 -42.06 -9.99
C ARG IA 35 -77.03 -41.11 -9.72
N THR IA 36 -77.63 -41.20 -8.53
CA THR IA 36 -78.72 -40.33 -8.11
C THR IA 36 -78.53 -39.90 -6.66
N ILE IA 37 -79.46 -39.08 -6.16
CA ILE IA 37 -79.45 -38.58 -4.80
C ILE IA 37 -80.86 -38.57 -4.23
N ARG IA 38 -80.94 -38.25 -2.95
CA ARG IA 38 -82.15 -37.88 -2.23
C ARG IA 38 -81.76 -36.50 -1.74
N ARG IA 39 -82.61 -35.50 -1.98
CA ARG IA 39 -82.29 -34.12 -1.63
C ARG IA 39 -83.52 -33.39 -1.15
N LYS IA 40 -83.38 -32.57 -0.10
CA LYS IA 40 -84.46 -31.77 0.42
C LYS IA 40 -83.97 -30.43 0.92
N ASP IA 41 -84.51 -29.34 0.35
CA ASP IA 41 -84.22 -27.99 0.81
C ASP IA 41 -85.25 -27.70 1.90
N TRP IA 42 -84.86 -27.79 3.17
CA TRP IA 42 -85.75 -27.50 4.30
C TRP IA 42 -86.07 -26.01 4.31
N SER IA 43 -85.10 -25.20 3.89
CA SER IA 43 -85.20 -23.77 3.64
C SER IA 43 -84.55 -23.47 2.29
N SER IA 44 -85.04 -22.43 1.61
CA SER IA 44 -84.58 -22.08 0.28
C SER IA 44 -83.12 -21.65 0.23
N PRO IA 45 -82.31 -22.19 -0.72
CA PRO IA 45 -80.94 -21.69 -0.90
C PRO IA 45 -80.98 -20.21 -1.32
N LEU IA 46 -79.95 -19.43 -0.95
CA LEU IA 46 -79.90 -18.01 -1.26
C LEU IA 46 -78.81 -17.67 -2.25
N ASN IA 47 -79.16 -16.92 -3.30
CA ASN IA 47 -78.24 -16.50 -4.34
C ASN IA 47 -77.77 -15.09 -4.06
N THR IA 48 -76.44 -14.92 -4.02
CA THR IA 48 -75.78 -13.62 -3.78
C THR IA 48 -74.63 -13.53 -4.76
N ALA IA 49 -74.72 -12.59 -5.75
CA ALA IA 49 -73.75 -12.43 -6.84
C ALA IA 49 -73.54 -13.81 -7.51
N LEU IA 50 -72.29 -14.22 -7.79
CA LEU IA 50 -72.02 -15.52 -8.41
C LEU IA 50 -71.75 -16.59 -7.33
N ASN IA 51 -72.74 -16.78 -6.43
CA ASN IA 51 -72.68 -17.74 -5.33
C ASN IA 51 -74.06 -18.25 -4.98
N VAL IA 52 -74.14 -19.51 -4.53
CA VAL IA 52 -75.36 -20.14 -4.03
C VAL IA 52 -75.08 -20.59 -2.61
N GLN IA 53 -75.90 -20.13 -1.66
CA GLN IA 53 -75.76 -20.52 -0.26
C GLN IA 53 -76.85 -21.51 0.08
N TYR IA 54 -76.46 -22.75 0.38
CA TYR IA 54 -77.41 -23.77 0.82
C TYR IA 54 -77.62 -23.52 2.29
N THR IA 55 -78.80 -22.99 2.65
CA THR IA 55 -79.16 -22.60 4.01
C THR IA 55 -79.39 -23.80 4.91
N ASN IA 56 -80.21 -24.74 4.44
CA ASN IA 56 -80.52 -25.98 5.14
C ASN IA 56 -81.01 -27.00 4.14
N THR IA 57 -80.07 -27.74 3.54
CA THR IA 57 -80.34 -28.78 2.57
C THR IA 57 -79.76 -30.11 3.06
N SER IA 58 -80.57 -31.16 3.04
CA SER IA 58 -80.11 -32.50 3.39
C SER IA 58 -79.93 -33.28 2.09
N ILE IA 59 -78.86 -34.07 2.02
CA ILE IA 59 -78.57 -34.91 0.85
C ILE IA 59 -78.19 -36.31 1.28
N ILE IA 60 -78.63 -37.30 0.50
CA ILE IA 60 -78.24 -38.69 0.63
C ILE IA 60 -77.56 -39.03 -0.69
N ALA IA 61 -76.27 -39.35 -0.64
CA ALA IA 61 -75.48 -39.72 -1.81
C ALA IA 61 -74.72 -40.98 -1.44
N GLY IA 62 -74.93 -42.05 -2.22
CA GLY IA 62 -74.33 -43.36 -1.96
C GLY IA 62 -74.76 -43.92 -0.61
N GLY IA 63 -75.99 -43.59 -0.21
CA GLY IA 63 -76.57 -43.99 1.07
C GLY IA 63 -76.04 -43.24 2.28
N ARG IA 64 -75.20 -42.21 2.03
CA ARG IA 64 -74.60 -41.41 3.09
C ARG IA 64 -75.37 -40.11 3.27
N TYR IA 65 -75.84 -39.86 4.50
CA TYR IA 65 -76.59 -38.67 4.84
C TYR IA 65 -75.70 -37.56 5.36
N PHE IA 66 -75.91 -36.35 4.85
CA PHE IA 66 -75.20 -35.15 5.29
C PHE IA 66 -76.06 -33.92 5.09
N GLU IA 67 -75.73 -32.86 5.82
CA GLU IA 67 -76.47 -31.60 5.80
C GLU IA 67 -75.62 -30.43 5.39
N LEU IA 68 -76.18 -29.57 4.55
CA LEU IA 68 -75.52 -28.35 4.10
C LEU IA 68 -76.17 -27.22 4.88
N LEU IA 69 -75.44 -26.67 5.86
CA LEU IA 69 -75.94 -25.61 6.73
C LEU IA 69 -75.11 -24.38 6.49
N ASN IA 70 -75.71 -23.39 5.78
CA ASN IA 70 -75.06 -22.14 5.35
C ASN IA 70 -73.73 -22.43 4.65
N GLU IA 71 -73.81 -23.30 3.63
CA GLU IA 71 -72.69 -23.74 2.81
C GLU IA 71 -72.77 -23.05 1.45
N THR IA 72 -71.79 -22.17 1.18
CA THR IA 72 -71.74 -21.39 -0.07
C THR IA 72 -70.84 -22.02 -1.11
N VAL IA 73 -71.34 -22.07 -2.36
CA VAL IA 73 -70.60 -22.57 -3.52
C VAL IA 73 -70.41 -21.40 -4.49
N ALA IA 74 -69.15 -21.12 -4.85
CA ALA IA 74 -68.80 -20.06 -5.80
C ALA IA 74 -69.08 -20.55 -7.22
N LEU IA 75 -69.67 -19.67 -8.05
CA LEU IA 75 -70.07 -20.01 -9.42
C LEU IA 75 -69.30 -19.28 -10.49
N LYS IA 76 -69.27 -19.88 -11.69
CA LYS IA 76 -68.69 -19.32 -12.89
C LYS IA 76 -69.77 -18.44 -13.53
N GLY IA 77 -69.39 -17.24 -13.99
CA GLY IA 77 -70.30 -16.30 -14.63
C GLY IA 77 -70.65 -16.72 -16.04
N ASP IA 78 -71.87 -16.32 -16.51
CA ASP IA 78 -72.42 -16.60 -17.85
C ASP IA 78 -72.26 -18.07 -18.21
N SER IA 79 -72.60 -18.95 -17.27
CA SER IA 79 -72.39 -20.38 -17.41
C SER IA 79 -73.47 -21.20 -16.74
N VAL IA 80 -73.54 -22.48 -17.13
CA VAL IA 80 -74.43 -23.47 -16.54
C VAL IA 80 -73.53 -24.22 -15.56
N ASN IA 81 -73.76 -24.03 -14.25
CA ASN IA 81 -72.96 -24.65 -13.20
C ASN IA 81 -73.62 -25.91 -12.70
N TYR IA 82 -72.90 -27.03 -12.77
CA TYR IA 82 -73.36 -28.32 -12.28
C TYR IA 82 -72.80 -28.52 -10.89
N ILE IA 83 -73.67 -28.46 -9.87
CA ILE IA 83 -73.29 -28.57 -8.47
C ILE IA 83 -73.19 -30.02 -8.07
N HIS IA 84 -72.00 -30.43 -7.62
CA HIS IA 84 -71.73 -31.81 -7.25
C HIS IA 84 -71.43 -31.98 -5.77
N ALA IA 85 -71.85 -33.12 -5.23
CA ALA IA 85 -71.49 -33.56 -3.88
C ALA IA 85 -70.37 -34.58 -4.15
N ASN IA 86 -69.21 -34.38 -3.54
CA ASN IA 86 -68.05 -35.25 -3.71
C ASN IA 86 -67.72 -35.92 -2.39
N ILE IA 87 -67.70 -37.26 -2.39
CA ILE IA 87 -67.42 -38.04 -1.18
C ILE IA 87 -66.11 -38.81 -1.30
N ASP IA 88 -65.16 -38.47 -0.44
CA ASP IA 88 -63.85 -39.13 -0.36
C ASP IA 88 -63.69 -39.62 1.05
N LEU IA 89 -63.85 -40.92 1.25
CA LEU IA 89 -63.78 -41.55 2.57
C LEU IA 89 -62.41 -41.54 3.23
N THR IA 90 -61.35 -41.31 2.43
CA THR IA 90 -59.97 -41.24 2.93
C THR IA 90 -59.75 -39.92 3.68
N GLN IA 91 -60.54 -38.89 3.34
CA GLN IA 91 -60.51 -37.58 3.99
C GLN IA 91 -61.39 -37.70 5.24
N THR IA 92 -60.90 -38.45 6.23
CA THR IA 92 -61.55 -38.77 7.50
C THR IA 92 -62.26 -37.61 8.21
N ALA IA 93 -61.60 -36.44 8.30
CA ALA IA 93 -62.14 -35.25 8.97
C ALA IA 93 -63.22 -34.52 8.16
N ASN IA 94 -63.09 -34.47 6.82
CA ASN IA 94 -64.02 -33.79 5.92
C ASN IA 94 -64.29 -34.67 4.68
N PRO IA 95 -65.10 -35.75 4.81
CA PRO IA 95 -65.31 -36.65 3.66
C PRO IA 95 -66.13 -36.06 2.51
N VAL IA 96 -66.96 -35.05 2.81
CA VAL IA 96 -67.84 -34.44 1.82
C VAL IA 96 -67.41 -33.01 1.47
N SER IA 97 -67.46 -32.68 0.18
CA SER IA 97 -67.17 -31.35 -0.36
C SER IA 97 -68.06 -31.07 -1.55
N LEU IA 98 -68.34 -29.79 -1.81
CA LEU IA 98 -69.16 -29.37 -2.94
C LEU IA 98 -68.33 -28.69 -4.02
N SER IA 99 -68.71 -28.88 -5.28
CA SER IA 99 -68.02 -28.24 -6.40
C SER IA 99 -69.03 -27.74 -7.42
N ALA IA 100 -68.67 -26.69 -8.18
CA ALA IA 100 -69.46 -26.14 -9.27
C ALA IA 100 -68.65 -26.44 -10.52
N GLU IA 101 -69.21 -27.28 -11.41
CA GLU IA 101 -68.48 -27.74 -12.59
C GLU IA 101 -69.17 -27.40 -13.90
N THR IA 102 -68.39 -27.41 -14.99
CA THR IA 102 -68.83 -27.06 -16.34
C THR IA 102 -69.73 -28.12 -17.01
N ALA IA 103 -69.74 -29.34 -16.47
CA ALA IA 103 -70.53 -30.46 -17.00
C ALA IA 103 -71.01 -31.36 -15.87
N ASN IA 104 -71.98 -32.26 -16.17
CA ASN IA 104 -72.43 -33.24 -15.19
C ASN IA 104 -71.39 -34.36 -15.20
N ASN IA 105 -70.55 -34.36 -14.17
CA ASN IA 105 -69.44 -35.29 -14.02
C ASN IA 105 -69.68 -36.40 -13.00
N SER IA 106 -70.97 -36.79 -12.81
CA SER IA 106 -71.35 -37.89 -11.92
C SER IA 106 -70.65 -39.15 -12.41
N ASN IA 107 -69.94 -39.85 -11.50
CA ASN IA 107 -69.10 -41.00 -11.85
C ASN IA 107 -69.59 -42.39 -11.44
N GLY IA 108 -70.62 -42.45 -10.61
CA GLY IA 108 -71.22 -43.69 -10.11
C GLY IA 108 -70.29 -44.61 -9.34
N VAL IA 109 -69.24 -44.05 -8.70
CA VAL IA 109 -68.25 -44.82 -7.94
C VAL IA 109 -68.86 -45.47 -6.69
N ASP IA 110 -68.69 -46.81 -6.57
CA ASP IA 110 -69.20 -47.58 -5.43
C ASP IA 110 -68.30 -47.40 -4.21
N ILE IA 111 -68.61 -46.39 -3.40
CA ILE IA 111 -67.85 -46.06 -2.19
C ILE IA 111 -68.11 -46.99 -1.00
N ASN IA 112 -69.19 -47.77 -1.05
CA ASN IA 112 -69.51 -48.68 0.05
C ASN IA 112 -68.86 -50.05 -0.07
N ASN IA 113 -68.39 -50.40 -1.27
CA ASN IA 113 -67.74 -51.68 -1.55
C ASN IA 113 -66.28 -51.57 -1.98
N GLY IA 114 -65.89 -50.41 -2.49
CA GLY IA 114 -64.53 -50.19 -2.98
C GLY IA 114 -63.98 -48.81 -2.72
N SER IA 115 -62.78 -48.55 -3.27
CA SER IA 115 -62.07 -47.28 -3.16
C SER IA 115 -62.52 -46.32 -4.26
N GLY IA 116 -62.16 -45.05 -4.10
CA GLY IA 116 -62.49 -44.00 -5.05
C GLY IA 116 -63.32 -42.88 -4.49
N VAL IA 117 -63.42 -41.79 -5.26
CA VAL IA 117 -64.20 -40.61 -4.88
C VAL IA 117 -65.52 -40.67 -5.62
N LEU IA 118 -66.64 -40.59 -4.87
CA LEU IA 118 -67.96 -40.54 -5.49
C LEU IA 118 -68.28 -39.10 -5.83
N LYS IA 119 -68.65 -38.83 -7.08
CA LYS IA 119 -69.07 -37.52 -7.53
C LYS IA 119 -70.50 -37.67 -8.02
N VAL IA 120 -71.41 -36.86 -7.51
CA VAL IA 120 -72.81 -36.91 -7.93
C VAL IA 120 -73.39 -35.50 -8.02
N CYS IA 121 -73.92 -35.15 -9.19
CA CYS IA 121 -74.53 -33.85 -9.44
C CYS IA 121 -75.93 -33.82 -8.86
N PHE IA 122 -76.29 -32.74 -8.13
CA PHE IA 122 -77.62 -32.62 -7.52
C PHE IA 122 -78.37 -31.32 -7.89
N ASP IA 123 -77.64 -30.32 -8.42
CA ASP IA 123 -78.24 -29.03 -8.79
C ASP IA 123 -77.62 -28.47 -10.05
N ILE IA 124 -78.42 -27.72 -10.82
CA ILE IA 124 -77.97 -27.03 -12.03
C ILE IA 124 -78.29 -25.55 -11.83
N VAL IA 125 -77.26 -24.73 -11.71
CA VAL IA 125 -77.41 -23.29 -11.47
C VAL IA 125 -76.87 -22.50 -12.66
N THR IA 126 -77.77 -21.78 -13.36
CA THR IA 126 -77.41 -20.96 -14.52
C THR IA 126 -77.19 -19.52 -14.08
N THR IA 127 -76.10 -18.91 -14.58
CA THR IA 127 -75.73 -17.54 -14.24
C THR IA 127 -75.70 -16.60 -15.43
N SER IA 128 -75.69 -15.30 -15.14
CA SER IA 128 -75.49 -14.23 -16.09
C SER IA 128 -74.07 -13.78 -15.71
N GLY IA 129 -73.67 -12.59 -16.14
CA GLY IA 129 -72.37 -12.05 -15.75
C GLY IA 129 -72.35 -11.52 -14.34
N THR IA 130 -73.55 -11.28 -13.75
CA THR IA 130 -73.73 -10.67 -12.43
C THR IA 130 -74.29 -11.56 -11.29
N GLY IA 131 -75.07 -12.58 -11.65
CA GLY IA 131 -75.68 -13.45 -10.66
C GLY IA 131 -76.45 -14.62 -11.23
N VAL IA 132 -77.22 -15.31 -10.37
CA VAL IA 132 -78.01 -16.47 -10.73
C VAL IA 132 -79.28 -16.06 -11.48
N THR IA 133 -79.52 -16.68 -12.65
CA THR IA 133 -80.73 -16.43 -13.45
C THR IA 133 -81.78 -17.51 -13.24
N SER IA 134 -81.35 -18.78 -13.04
CA SER IA 134 -82.25 -19.90 -12.80
C SER IA 134 -81.54 -21.06 -12.11
N THR IA 135 -82.33 -21.90 -11.41
CA THR IA 135 -81.87 -23.10 -10.73
C THR IA 135 -82.82 -24.24 -11.05
N LYS IA 136 -82.26 -25.39 -11.39
CA LYS IA 136 -83.02 -26.59 -11.70
C LYS IA 136 -82.40 -27.76 -10.94
N PRO IA 137 -83.18 -28.49 -10.12
CA PRO IA 137 -82.60 -29.63 -9.40
C PRO IA 137 -82.44 -30.85 -10.30
N ILE IA 138 -81.53 -31.75 -9.93
CA ILE IA 138 -81.35 -33.02 -10.61
C ILE IA 138 -82.46 -33.94 -10.10
N VAL IA 139 -83.02 -34.77 -11.00
CA VAL IA 139 -84.09 -35.73 -10.70
C VAL IA 139 -83.62 -36.77 -9.68
N GLN IA 140 -84.49 -37.12 -8.73
CA GLN IA 140 -84.23 -38.14 -7.71
C GLN IA 140 -84.89 -39.43 -8.21
N THR IA 141 -84.07 -40.40 -8.64
CA THR IA 141 -84.58 -41.65 -9.22
C THR IA 141 -84.81 -42.75 -8.19
N SER IA 142 -85.99 -43.37 -8.26
CA SER IA 142 -86.37 -44.52 -7.44
C SER IA 142 -86.41 -45.73 -8.36
N THR IA 143 -85.45 -46.66 -8.20
CA THR IA 143 -85.40 -47.87 -9.01
C THR IA 143 -86.05 -49.00 -8.22
N LEU IA 144 -87.23 -49.44 -8.68
CA LEU IA 144 -88.01 -50.48 -8.01
C LEU IA 144 -88.33 -51.67 -8.91
N ASP IA 145 -88.57 -52.84 -8.30
CA ASP IA 145 -88.88 -54.06 -9.05
C ASP IA 145 -90.36 -54.25 -9.36
N SER IA 146 -91.23 -54.16 -8.34
CA SER IA 146 -92.67 -54.40 -8.50
C SER IA 146 -93.39 -53.53 -7.50
N ILE IA 147 -94.41 -52.81 -7.98
CA ILE IA 147 -95.20 -51.91 -7.16
C ILE IA 147 -96.66 -52.34 -7.15
N SER IA 148 -97.25 -52.40 -5.95
CA SER IA 148 -98.66 -52.60 -5.73
C SER IA 148 -99.09 -51.25 -5.13
N VAL IA 149 -99.99 -50.51 -5.82
CA VAL IA 149 -100.46 -49.20 -5.38
C VAL IA 149 -101.98 -49.09 -5.57
N ASN IA 150 -102.61 -48.21 -4.76
CA ASN IA 150 -104.04 -47.97 -4.90
C ASN IA 150 -104.25 -46.86 -5.91
N ASP IA 151 -103.67 -45.68 -5.69
CA ASP IA 151 -103.82 -44.56 -6.61
C ASP IA 151 -102.51 -43.86 -6.87
N MET IA 152 -102.36 -43.29 -8.08
CA MET IA 152 -101.16 -42.57 -8.49
C MET IA 152 -101.50 -41.33 -9.32
N THR IA 153 -100.76 -40.24 -9.09
CA THR IA 153 -100.89 -39.00 -9.85
C THR IA 153 -99.54 -38.74 -10.52
N VAL IA 154 -99.57 -38.55 -11.85
CA VAL IA 154 -98.40 -38.27 -12.67
C VAL IA 154 -98.51 -36.85 -13.22
N SER IA 155 -97.51 -36.01 -12.94
CA SER IA 155 -97.49 -34.63 -13.42
C SER IA 155 -96.79 -34.49 -14.77
N GLY IA 156 -95.86 -35.40 -15.05
CA GLY IA 156 -95.11 -35.45 -16.30
C GLY IA 156 -95.69 -36.49 -17.23
N SER IA 157 -94.94 -37.58 -17.48
CA SER IA 157 -95.41 -38.65 -18.36
C SER IA 157 -94.95 -40.02 -17.91
N ILE IA 158 -95.70 -41.05 -18.34
CA ILE IA 158 -95.33 -42.45 -18.10
C ILE IA 158 -94.85 -43.00 -19.43
N ASP IA 159 -93.65 -43.59 -19.42
CA ASP IA 159 -93.09 -44.23 -20.60
C ASP IA 159 -93.31 -45.74 -20.47
N VAL IA 160 -94.11 -46.32 -21.38
CA VAL IA 160 -94.42 -47.76 -21.39
C VAL IA 160 -93.76 -48.43 -22.61
N PRO IA 161 -93.51 -49.77 -22.58
CA PRO IA 161 -92.90 -50.42 -23.76
C PRO IA 161 -93.77 -50.33 -25.02
N VAL IA 162 -93.08 -50.19 -26.17
CA VAL IA 162 -93.71 -50.07 -27.49
C VAL IA 162 -93.12 -51.11 -28.44
N GLN IA 163 -94.00 -51.80 -29.18
CA GLN IA 163 -93.63 -52.76 -30.21
C GLN IA 163 -94.34 -52.40 -31.50
N THR IA 164 -93.65 -52.53 -32.64
CA THR IA 164 -94.23 -52.24 -33.95
C THR IA 164 -94.14 -53.46 -34.87
N LEU IA 165 -95.09 -53.58 -35.80
CA LEU IA 165 -95.14 -54.68 -36.76
C LEU IA 165 -95.82 -54.23 -38.04
N THR IA 166 -95.21 -54.55 -39.18
CA THR IA 166 -95.79 -54.29 -40.50
C THR IA 166 -96.21 -55.65 -41.06
N VAL IA 167 -97.48 -55.77 -41.46
CA VAL IA 167 -98.02 -57.00 -42.01
C VAL IA 167 -98.44 -56.81 -43.46
N GLU IA 168 -97.90 -57.64 -44.36
CA GLU IA 168 -98.32 -57.66 -45.75
C GLU IA 168 -99.42 -58.71 -45.75
N ALA IA 169 -100.64 -58.26 -45.41
CA ALA IA 169 -101.84 -59.08 -45.23
C ALA IA 169 -102.28 -59.90 -46.44
N GLY IA 170 -101.89 -59.44 -47.63
CA GLY IA 170 -102.25 -60.05 -48.89
C GLY IA 170 -103.24 -59.20 -49.64
N ASN IA 171 -103.40 -59.47 -50.95
CA ASN IA 171 -104.29 -58.74 -51.85
C ASN IA 171 -103.95 -57.24 -51.96
N GLY IA 172 -102.72 -56.88 -51.57
CA GLY IA 172 -102.22 -55.50 -51.61
C GLY IA 172 -102.41 -54.70 -50.32
N LEU IA 173 -103.12 -55.28 -49.33
CA LEU IA 173 -103.35 -54.62 -48.05
C LEU IA 173 -102.13 -54.70 -47.14
N GLN IA 174 -101.80 -53.58 -46.51
CA GLN IA 174 -100.71 -53.48 -45.54
C GLN IA 174 -101.24 -52.93 -44.22
N LEU IA 175 -100.81 -53.53 -43.11
CA LEU IA 175 -101.17 -53.07 -41.77
C LEU IA 175 -99.90 -52.66 -41.05
N GLN IA 176 -99.91 -51.50 -40.41
CA GLN IA 176 -98.79 -51.05 -39.58
C GLN IA 176 -99.36 -50.98 -38.17
N LEU IA 177 -98.98 -51.94 -37.32
CA LEU IA 177 -99.48 -52.08 -35.97
C LEU IA 177 -98.49 -51.53 -34.95
N THR IA 178 -99.00 -50.75 -33.99
CA THR IA 178 -98.21 -50.21 -32.88
C THR IA 178 -98.89 -50.64 -31.59
N LYS IA 179 -98.17 -51.38 -30.75
CA LYS IA 179 -98.68 -51.90 -29.49
C LYS IA 179 -97.97 -51.24 -28.32
N LYS IA 180 -98.74 -50.71 -27.36
CA LYS IA 180 -98.19 -50.07 -26.17
C LYS IA 180 -98.69 -50.74 -24.91
N ASN IA 181 -97.79 -50.88 -23.91
CA ASN IA 181 -98.07 -51.56 -22.62
C ASN IA 181 -98.44 -53.04 -22.84
N ASN IA 182 -98.14 -53.57 -24.05
CA ASN IA 182 -98.43 -54.95 -24.46
C ASN IA 182 -99.95 -55.17 -24.53
N ASP IA 183 -100.74 -54.08 -24.58
CA ASP IA 183 -102.19 -54.19 -24.61
C ASP IA 183 -102.90 -53.40 -25.70
N LEU IA 184 -102.73 -52.07 -25.72
CA LEU IA 184 -103.41 -51.23 -26.70
C LEU IA 184 -102.71 -51.23 -28.03
N VAL IA 185 -103.44 -51.57 -29.09
CA VAL IA 185 -102.92 -51.61 -30.46
C VAL IA 185 -103.66 -50.62 -31.34
N ILE IA 186 -102.91 -49.84 -32.12
CA ILE IA 186 -103.47 -48.96 -33.14
C ILE IA 186 -102.95 -49.48 -34.47
N VAL IA 187 -103.87 -49.85 -35.36
CA VAL IA 187 -103.59 -50.36 -36.70
C VAL IA 187 -103.79 -49.23 -37.70
N ARG IA 188 -102.79 -49.01 -38.55
CA ARG IA 188 -102.83 -48.00 -39.62
C ARG IA 188 -102.85 -48.75 -40.94
N PHE IA 189 -103.89 -48.53 -41.76
CA PHE IA 189 -104.00 -49.21 -43.06
C PHE IA 189 -103.24 -48.49 -44.15
N PHE IA 190 -102.58 -49.28 -45.01
CA PHE IA 190 -101.84 -48.79 -46.18
C PHE IA 190 -102.01 -49.76 -47.35
N GLY IA 191 -101.43 -49.42 -48.49
CA GLY IA 191 -101.52 -50.22 -49.70
C GLY IA 191 -102.80 -50.00 -50.47
N SER IA 192 -103.13 -50.94 -51.36
CA SER IA 192 -104.32 -50.91 -52.21
C SER IA 192 -104.82 -52.33 -52.44
N VAL IA 193 -106.12 -52.57 -52.17
CA VAL IA 193 -106.73 -53.89 -52.26
C VAL IA 193 -107.38 -54.19 -53.61
N SER IA 194 -107.24 -55.45 -54.09
CA SER IA 194 -107.82 -55.97 -55.32
C SER IA 194 -107.99 -57.48 -55.24
N ASN IA 195 -108.91 -58.04 -56.06
CA ASN IA 195 -109.18 -59.48 -56.18
C ASN IA 195 -109.50 -60.17 -54.85
N ILE IA 196 -110.52 -59.68 -54.15
CA ILE IA 196 -110.96 -60.23 -52.86
C ILE IA 196 -112.49 -60.26 -52.77
N GLN IA 197 -113.04 -61.23 -52.02
CA GLN IA 197 -114.47 -61.34 -51.80
C GLN IA 197 -114.78 -61.25 -50.31
N LYS IA 198 -115.99 -60.81 -49.98
CA LYS IA 198 -116.48 -60.72 -48.60
C LYS IA 198 -116.44 -62.12 -47.94
N GLY IA 199 -115.93 -62.17 -46.73
CA GLY IA 199 -115.80 -63.40 -45.96
C GLY IA 199 -114.54 -64.20 -46.23
N TRP IA 200 -113.76 -63.78 -47.24
CA TRP IA 200 -112.53 -64.48 -47.60
C TRP IA 200 -111.34 -64.01 -46.79
N ASN IA 201 -110.49 -64.98 -46.45
CA ASN IA 201 -109.24 -64.78 -45.72
C ASN IA 201 -108.28 -64.11 -46.70
N MET IA 202 -107.53 -63.11 -46.24
CA MET IA 202 -106.56 -62.41 -47.08
C MET IA 202 -105.39 -63.36 -47.37
N SER IA 203 -104.87 -63.31 -48.60
CA SER IA 203 -103.85 -64.23 -49.13
C SER IA 203 -102.41 -64.15 -48.62
N GLY IA 204 -102.11 -63.21 -47.74
CA GLY IA 204 -100.75 -63.02 -47.25
C GLY IA 204 -100.43 -63.49 -45.86
N THR IA 205 -99.51 -62.76 -45.21
CA THR IA 205 -98.98 -63.03 -43.87
C THR IA 205 -100.02 -62.83 -42.77
N TRP IA 206 -100.05 -63.76 -41.81
CA TRP IA 206 -100.91 -63.68 -40.64
C TRP IA 206 -100.23 -62.81 -39.58
N VAL IA 207 -101.02 -62.23 -38.67
CA VAL IA 207 -100.51 -61.37 -37.60
C VAL IA 207 -99.66 -62.19 -36.62
N ASP IA 208 -98.45 -61.69 -36.29
CA ASP IA 208 -97.53 -62.34 -35.35
C ASP IA 208 -98.19 -62.51 -33.99
N ARG IA 209 -97.90 -63.63 -33.30
CA ARG IA 209 -98.44 -63.97 -32.00
C ARG IA 209 -98.51 -62.81 -30.96
N PRO IA 210 -97.43 -61.98 -30.78
CA PRO IA 210 -97.52 -60.88 -29.80
C PRO IA 210 -98.56 -59.80 -30.05
N PHE IA 211 -99.10 -59.74 -31.28
CA PHE IA 211 -100.12 -58.75 -31.66
C PHE IA 211 -101.52 -59.34 -31.80
N ARG IA 212 -101.65 -60.66 -31.64
CA ARG IA 212 -102.95 -61.34 -31.75
C ARG IA 212 -103.88 -61.03 -30.57
N PRO IA 213 -105.15 -60.66 -30.87
CA PRO IA 213 -106.10 -60.37 -29.78
C PRO IA 213 -106.70 -61.65 -29.18
N ALA IA 214 -107.27 -61.55 -27.97
CA ALA IA 214 -107.92 -62.68 -27.31
C ALA IA 214 -109.25 -63.04 -27.99
N ALA IA 215 -109.92 -62.01 -28.54
CA ALA IA 215 -111.20 -62.13 -29.25
C ALA IA 215 -111.11 -61.41 -30.60
N VAL IA 216 -111.93 -61.83 -31.58
CA VAL IA 216 -111.98 -61.24 -32.93
C VAL IA 216 -112.18 -59.72 -32.88
N GLN IA 217 -111.38 -58.97 -33.65
CA GLN IA 217 -111.46 -57.51 -33.68
C GLN IA 217 -111.78 -57.01 -35.08
N SER IA 218 -112.91 -56.29 -35.22
CA SER IA 218 -113.35 -55.72 -36.49
C SER IA 218 -112.83 -54.28 -36.60
N LEU IA 219 -111.97 -54.04 -37.59
CA LEU IA 219 -111.37 -52.72 -37.77
C LEU IA 219 -111.82 -52.05 -39.06
N VAL IA 220 -112.48 -50.89 -38.92
CA VAL IA 220 -113.03 -50.10 -40.02
C VAL IA 220 -111.94 -49.32 -40.76
N GLY IA 221 -111.98 -49.38 -42.09
CA GLY IA 221 -111.07 -48.66 -42.98
C GLY IA 221 -111.81 -47.86 -44.02
N HIS IA 222 -111.10 -46.99 -44.74
CA HIS IA 222 -111.71 -46.14 -45.77
C HIS IA 222 -110.96 -46.19 -47.09
N PHE IA 223 -111.70 -46.08 -48.21
CA PHE IA 223 -111.11 -46.06 -49.54
C PHE IA 223 -110.81 -44.61 -49.92
N ALA IA 224 -109.51 -44.30 -50.07
CA ALA IA 224 -109.03 -42.95 -50.39
C ALA IA 224 -109.69 -42.33 -51.61
N GLY IA 225 -110.21 -41.12 -51.43
CA GLY IA 225 -110.89 -40.33 -52.46
C GLY IA 225 -112.29 -40.80 -52.81
N ARG IA 226 -112.86 -41.69 -51.98
CA ARG IA 226 -114.20 -42.26 -52.20
C ARG IA 226 -115.10 -42.05 -50.98
N ASP IA 227 -116.40 -42.35 -51.12
CA ASP IA 227 -117.35 -42.28 -50.02
C ASP IA 227 -117.62 -43.69 -49.47
N THR IA 228 -116.81 -44.67 -49.92
CA THR IA 228 -116.91 -46.08 -49.54
C THR IA 228 -115.93 -46.50 -48.46
N SER IA 229 -116.31 -47.52 -47.69
CA SER IA 229 -115.53 -48.05 -46.58
C SER IA 229 -115.49 -49.57 -46.59
N PHE IA 230 -114.67 -50.16 -45.71
CA PHE IA 230 -114.52 -51.60 -45.55
C PHE IA 230 -114.21 -51.88 -44.09
N HIS IA 231 -114.16 -53.15 -43.72
CA HIS IA 231 -113.67 -53.60 -42.44
C HIS IA 231 -113.00 -54.95 -42.58
N ILE IA 232 -112.03 -55.20 -41.71
CA ILE IA 232 -111.32 -56.47 -41.67
C ILE IA 232 -111.43 -57.02 -40.27
N ASP IA 233 -111.38 -58.33 -40.13
CA ASP IA 233 -111.40 -58.98 -38.84
C ASP IA 233 -110.04 -59.57 -38.55
N ILE IA 234 -109.43 -59.17 -37.43
CA ILE IA 234 -108.17 -59.78 -36.98
C ILE IA 234 -108.65 -60.87 -36.03
N ASN IA 235 -108.49 -62.12 -36.45
CA ASN IA 235 -108.93 -63.27 -35.68
C ASN IA 235 -107.90 -63.66 -34.62
N PRO IA 236 -108.31 -64.28 -33.48
CA PRO IA 236 -107.33 -64.70 -32.45
C PRO IA 236 -106.20 -65.60 -32.96
N ASN IA 237 -106.41 -66.35 -34.06
CA ASN IA 237 -105.37 -67.20 -34.64
C ASN IA 237 -104.34 -66.44 -35.51
N GLY IA 238 -104.60 -65.14 -35.73
CA GLY IA 238 -103.73 -64.27 -36.51
C GLY IA 238 -104.18 -64.01 -37.93
N SER IA 239 -105.14 -64.81 -38.43
CA SER IA 239 -105.68 -64.64 -39.77
C SER IA 239 -106.49 -63.36 -39.88
N ILE IA 240 -106.60 -62.83 -41.11
CA ILE IA 240 -107.34 -61.61 -41.40
C ILE IA 240 -108.43 -61.92 -42.42
N THR IA 241 -109.68 -61.63 -42.07
CA THR IA 241 -110.84 -61.86 -42.93
C THR IA 241 -111.33 -60.53 -43.52
N TRP IA 242 -111.56 -60.51 -44.84
CA TRP IA 242 -112.06 -59.33 -45.54
C TRP IA 242 -113.57 -59.21 -45.35
N TRP IA 243 -114.03 -58.03 -44.93
CA TRP IA 243 -115.45 -57.77 -44.74
C TRP IA 243 -115.98 -56.54 -45.45
N GLY IA 244 -115.26 -56.10 -46.48
CA GLY IA 244 -115.73 -55.04 -47.36
C GLY IA 244 -116.49 -55.73 -48.48
N ALA IA 245 -116.90 -54.95 -49.50
CA ALA IA 245 -117.58 -55.53 -50.66
C ALA IA 245 -116.56 -56.28 -51.53
N ASN IA 246 -117.01 -57.07 -52.52
CA ASN IA 246 -116.10 -57.78 -53.41
C ASN IA 246 -115.32 -56.78 -54.25
N ILE IA 247 -114.01 -57.00 -54.40
CA ILE IA 247 -113.16 -56.10 -55.17
C ILE IA 247 -112.61 -56.79 -56.41
N ASP IA 248 -112.71 -56.08 -57.55
CA ASP IA 248 -112.22 -56.55 -58.83
C ASP IA 248 -110.70 -56.29 -58.96
N LYS IA 249 -110.19 -56.54 -60.15
CA LYS IA 249 -108.79 -56.42 -60.53
C LYS IA 249 -108.14 -55.07 -60.23
N THR IA 250 -108.89 -53.96 -60.44
CA THR IA 250 -108.39 -52.60 -60.20
C THR IA 250 -108.18 -52.32 -58.69
N PRO IA 251 -106.95 -52.00 -58.29
CA PRO IA 251 -106.69 -51.78 -56.84
C PRO IA 251 -107.29 -50.47 -56.36
N ILE IA 252 -107.78 -50.48 -55.12
CA ILE IA 252 -108.35 -49.31 -54.47
C ILE IA 252 -107.52 -49.04 -53.20
N ALA IA 253 -107.04 -47.79 -53.03
CA ALA IA 253 -106.22 -47.40 -51.87
C ALA IA 253 -106.99 -47.55 -50.56
N THR IA 254 -106.35 -48.20 -49.58
CA THR IA 254 -106.94 -48.48 -48.27
C THR IA 254 -106.22 -47.72 -47.17
N ARG IA 255 -106.95 -46.93 -46.38
CA ARG IA 255 -106.37 -46.12 -45.30
C ARG IA 255 -107.26 -46.15 -44.04
N GLY IA 256 -106.73 -45.62 -42.93
CA GLY IA 256 -107.47 -45.52 -41.69
C GLY IA 256 -106.83 -46.11 -40.45
N ASN IA 257 -107.24 -45.58 -39.29
CA ASN IA 257 -106.77 -46.03 -37.97
C ASN IA 257 -107.87 -46.75 -37.23
N GLY IA 258 -107.52 -47.92 -36.68
CA GLY IA 258 -108.41 -48.76 -35.88
C GLY IA 258 -107.69 -49.21 -34.63
N SER IA 259 -108.38 -49.20 -33.48
CA SER IA 259 -107.80 -49.60 -32.20
C SER IA 259 -108.44 -50.83 -31.60
N TYR IA 260 -107.65 -51.63 -30.86
CA TYR IA 260 -108.12 -52.81 -30.15
C TYR IA 260 -107.25 -53.12 -28.94
N PHE IA 261 -107.82 -53.89 -28.00
CA PHE IA 261 -107.13 -54.38 -26.81
C PHE IA 261 -106.77 -55.83 -27.04
N ILE IA 262 -105.54 -56.22 -26.69
CA ILE IA 262 -105.10 -57.61 -26.80
C ILE IA 262 -105.71 -58.41 -25.64
N LYS IA 263 -105.65 -57.84 -24.42
CA LYS IA 263 -106.13 -58.45 -23.18
C LYS IA 263 -107.60 -58.15 -22.91
N THR JA 1 -100.18 -48.00 26.19
CA THR JA 1 -98.78 -47.66 26.43
C THR JA 1 -98.09 -47.31 25.10
N ILE JA 2 -97.33 -46.20 25.08
CA ILE JA 2 -96.61 -45.73 23.91
C ILE JA 2 -95.10 -45.95 24.07
N LYS JA 3 -94.49 -46.67 23.12
CA LYS JA 3 -93.05 -46.96 23.08
C LYS JA 3 -92.39 -46.07 22.02
N ASN JA 4 -91.68 -45.02 22.48
CA ASN JA 4 -90.99 -44.08 21.60
C ASN JA 4 -89.58 -44.57 21.26
N PHE JA 5 -89.12 -44.35 20.02
CA PHE JA 5 -87.79 -44.82 19.59
C PHE JA 5 -86.86 -43.78 18.98
N THR JA 6 -87.27 -43.08 17.91
CA THR JA 6 -86.44 -42.07 17.25
C THR JA 6 -86.50 -40.74 18.05
N PHE JA 7 -86.04 -40.81 19.33
CA PHE JA 7 -86.05 -39.67 20.25
C PHE JA 7 -84.84 -39.67 21.19
N PHE JA 8 -84.51 -38.50 21.75
CA PHE JA 8 -83.40 -38.31 22.66
C PHE JA 8 -83.69 -38.85 24.07
N SER JA 9 -82.69 -39.52 24.65
CA SER JA 9 -82.73 -40.10 25.99
C SER JA 9 -81.94 -39.18 26.95
N PRO JA 10 -82.64 -38.39 27.82
CA PRO JA 10 -81.93 -37.45 28.71
C PRO JA 10 -80.92 -38.08 29.66
N ASN JA 11 -81.30 -39.16 30.35
CA ASN JA 11 -80.44 -39.88 31.29
C ASN JA 11 -79.74 -41.08 30.63
N SER JA 12 -79.78 -41.13 29.27
CA SER JA 12 -79.20 -42.17 28.40
C SER JA 12 -79.74 -43.59 28.69
N THR JA 13 -81.03 -43.67 29.08
CA THR JA 13 -81.74 -44.92 29.41
C THR JA 13 -83.19 -44.90 28.92
N GLU JA 14 -83.74 -43.68 28.67
CA GLU JA 14 -85.12 -43.44 28.25
C GLU JA 14 -85.63 -44.17 27.00
N PHE JA 15 -84.99 -43.97 25.83
CA PHE JA 15 -85.47 -44.61 24.61
C PHE JA 15 -84.46 -45.54 23.89
N PRO JA 16 -84.28 -46.79 24.39
CA PRO JA 16 -83.36 -47.71 23.73
C PRO JA 16 -84.03 -48.39 22.53
N VAL JA 17 -83.39 -48.31 21.35
CA VAL JA 17 -83.94 -48.92 20.14
C VAL JA 17 -83.30 -50.27 19.79
N GLY JA 18 -84.14 -51.32 19.77
CA GLY JA 18 -83.74 -52.69 19.49
C GLY JA 18 -83.70 -53.06 18.02
N SER JA 19 -83.18 -54.27 17.74
CA SER JA 19 -83.03 -54.84 16.40
C SER JA 19 -84.38 -55.07 15.70
N ASN JA 20 -85.41 -55.46 16.48
CA ASN JA 20 -86.76 -55.70 15.99
C ASN JA 20 -87.48 -54.39 15.72
N ASN JA 21 -87.23 -53.35 16.57
CA ASN JA 21 -87.82 -52.02 16.47
C ASN JA 21 -87.32 -51.32 15.21
N ASP JA 22 -86.01 -51.43 14.92
CA ASP JA 22 -85.40 -50.89 13.71
C ASP JA 22 -85.80 -51.73 12.50
N GLY JA 23 -85.93 -53.04 12.71
CA GLY JA 23 -86.36 -54.00 11.70
C GLY JA 23 -87.73 -53.67 11.14
N LYS JA 24 -88.69 -53.37 12.05
CA LYS JA 24 -90.05 -52.97 11.71
C LYS JA 24 -90.06 -51.60 11.04
N LEU JA 25 -89.17 -50.68 11.50
CA LEU JA 25 -88.98 -49.33 10.98
C LEU JA 25 -88.52 -49.38 9.51
N TYR JA 26 -87.49 -50.20 9.20
CA TYR JA 26 -86.94 -50.36 7.85
C TYR JA 26 -87.94 -50.94 6.85
N MET JA 27 -88.81 -51.87 7.31
CA MET JA 27 -89.85 -52.52 6.50
C MET JA 27 -90.87 -51.50 5.99
N MET JA 28 -91.35 -50.62 6.88
CA MET JA 28 -92.34 -49.57 6.63
C MET JA 28 -91.83 -48.51 5.66
N LEU JA 29 -90.52 -48.21 5.68
CA LEU JA 29 -89.88 -47.22 4.82
C LEU JA 29 -89.86 -47.68 3.36
N THR JA 30 -89.44 -48.93 3.11
CA THR JA 30 -89.37 -49.51 1.77
C THR JA 30 -90.70 -50.10 1.29
N GLY JA 31 -91.59 -50.40 2.23
CA GLY JA 31 -92.90 -50.96 1.94
C GLY JA 31 -92.86 -52.44 1.62
N MET JA 32 -92.37 -53.25 2.58
CA MET JA 32 -92.23 -54.70 2.43
C MET JA 32 -92.90 -55.50 3.56
N ASP JA 33 -93.25 -56.76 3.27
CA ASP JA 33 -93.83 -57.70 4.23
C ASP JA 33 -92.79 -58.81 4.54
N TYR JA 34 -93.18 -59.84 5.31
CA TYR JA 34 -92.28 -60.94 5.65
C TYR JA 34 -92.18 -61.99 4.51
N ARG JA 35 -92.88 -61.74 3.38
CA ARG JA 35 -92.89 -62.63 2.22
C ARG JA 35 -91.99 -62.16 1.07
N THR JA 36 -91.51 -60.90 1.12
CA THR JA 36 -90.61 -60.33 0.11
C THR JA 36 -89.26 -59.89 0.70
N ILE JA 37 -88.26 -59.66 -0.18
CA ILE JA 37 -86.90 -59.26 0.20
C ILE JA 37 -86.47 -57.99 -0.53
N ARG JA 38 -85.28 -57.49 -0.14
CA ARG JA 38 -84.57 -56.39 -0.77
C ARG JA 38 -83.19 -56.99 -1.00
N ARG JA 39 -82.89 -57.33 -2.25
CA ARG JA 39 -81.65 -58.00 -2.65
C ARG JA 39 -80.91 -57.23 -3.74
N LYS JA 40 -79.57 -57.13 -3.58
CA LYS JA 40 -78.71 -56.46 -4.55
C LYS JA 40 -77.37 -57.17 -4.69
N ASP JA 41 -77.04 -57.58 -5.93
CA ASP JA 41 -75.78 -58.23 -6.25
C ASP JA 41 -74.77 -57.15 -6.64
N TRP JA 42 -73.89 -56.76 -5.70
CA TRP JA 42 -72.85 -55.75 -5.91
C TRP JA 42 -71.80 -56.29 -6.88
N SER JA 43 -71.53 -57.60 -6.78
CA SER JA 43 -70.65 -58.37 -7.65
C SER JA 43 -71.40 -59.65 -8.01
N SER JA 44 -71.47 -59.96 -9.32
CA SER JA 44 -72.18 -61.12 -9.87
C SER JA 44 -71.79 -62.45 -9.20
N PRO JA 45 -72.78 -63.25 -8.72
CA PRO JA 45 -72.43 -64.53 -8.06
C PRO JA 45 -71.83 -65.56 -9.03
N LEU JA 46 -70.84 -66.32 -8.55
CA LEU JA 46 -70.13 -67.32 -9.34
C LEU JA 46 -70.73 -68.71 -9.19
N ASN JA 47 -70.89 -69.42 -10.32
CA ASN JA 47 -71.44 -70.78 -10.37
C ASN JA 47 -70.35 -71.78 -10.73
N THR JA 48 -69.94 -72.62 -9.76
CA THR JA 48 -68.92 -73.65 -9.95
C THR JA 48 -69.59 -75.00 -9.65
N ALA JA 49 -69.69 -75.88 -10.68
CA ALA JA 49 -70.34 -77.20 -10.61
C ALA JA 49 -71.79 -77.07 -10.08
N LEU JA 50 -72.24 -77.98 -9.19
CA LEU JA 50 -73.58 -77.91 -8.61
C LEU JA 50 -73.56 -77.10 -7.30
N ASN JA 51 -72.97 -75.90 -7.36
CA ASN JA 51 -72.83 -74.96 -6.24
C ASN JA 51 -72.87 -73.52 -6.73
N VAL JA 52 -73.49 -72.62 -5.94
CA VAL JA 52 -73.59 -71.18 -6.27
C VAL JA 52 -73.01 -70.33 -5.13
N GLN JA 53 -71.92 -69.59 -5.44
CA GLN JA 53 -71.24 -68.72 -4.47
C GLN JA 53 -71.66 -67.27 -4.67
N TYR JA 54 -72.23 -66.67 -3.61
CA TYR JA 54 -72.64 -65.26 -3.62
C TYR JA 54 -71.45 -64.42 -3.18
N THR JA 55 -70.68 -63.91 -4.17
CA THR JA 55 -69.46 -63.10 -3.99
C THR JA 55 -69.70 -61.92 -3.04
N ASN JA 56 -70.69 -61.06 -3.36
CA ASN JA 56 -71.12 -59.92 -2.53
C ASN JA 56 -72.56 -59.59 -2.88
N THR JA 57 -73.48 -60.05 -2.02
CA THR JA 57 -74.91 -59.85 -2.15
C THR JA 57 -75.49 -59.48 -0.79
N SER JA 58 -76.11 -58.29 -0.70
CA SER JA 58 -76.74 -57.80 0.52
C SER JA 58 -78.23 -58.10 0.44
N ILE JA 59 -78.83 -58.60 1.54
CA ILE JA 59 -80.26 -58.95 1.60
C ILE JA 59 -80.92 -58.38 2.86
N ILE JA 60 -82.10 -57.75 2.68
CA ILE JA 60 -82.91 -57.21 3.76
C ILE JA 60 -84.19 -58.06 3.83
N ALA JA 61 -84.18 -59.06 4.70
CA ALA JA 61 -85.31 -59.97 4.90
C ALA JA 61 -85.91 -59.70 6.28
N GLY JA 62 -87.20 -59.34 6.29
CA GLY JA 62 -87.94 -59.00 7.51
C GLY JA 62 -87.40 -57.76 8.19
N GLY JA 63 -86.86 -56.84 7.38
CA GLY JA 63 -86.25 -55.59 7.83
C GLY JA 63 -84.89 -55.76 8.47
N ARG JA 64 -84.30 -56.97 8.34
CA ARG JA 64 -83.00 -57.30 8.91
C ARG JA 64 -81.94 -57.37 7.81
N TYR JA 65 -80.93 -56.49 7.90
CA TYR JA 65 -79.83 -56.39 6.94
C TYR JA 65 -78.72 -57.39 7.22
N PHE JA 66 -78.24 -58.07 6.15
CA PHE JA 66 -77.14 -59.02 6.19
C PHE JA 66 -76.43 -59.12 4.84
N GLU JA 67 -75.12 -59.37 4.87
CA GLU JA 67 -74.28 -59.48 3.67
C GLU JA 67 -73.77 -60.91 3.46
N LEU JA 68 -73.84 -61.38 2.21
CA LEU JA 68 -73.33 -62.69 1.83
C LEU JA 68 -71.99 -62.46 1.14
N LEU JA 69 -70.89 -62.72 1.85
CA LEU JA 69 -69.55 -62.50 1.32
C LEU JA 69 -68.86 -63.83 1.03
N ASN JA 70 -68.87 -64.23 -0.26
CA ASN JA 70 -68.32 -65.49 -0.79
C ASN JA 70 -68.93 -66.73 -0.13
N GLU JA 71 -70.24 -66.67 0.18
CA GLU JA 71 -71.01 -67.73 0.79
C GLU JA 71 -71.54 -68.65 -0.30
N THR JA 72 -71.01 -69.89 -0.34
CA THR JA 72 -71.38 -70.92 -1.32
C THR JA 72 -72.47 -71.84 -0.76
N VAL JA 73 -73.48 -72.13 -1.60
CA VAL JA 73 -74.59 -73.01 -1.24
C VAL JA 73 -74.73 -74.17 -2.25
N ALA JA 74 -74.70 -75.42 -1.74
CA ALA JA 74 -74.81 -76.65 -2.52
C ALA JA 74 -76.17 -76.77 -3.22
N LEU JA 75 -76.18 -77.34 -4.44
CA LEU JA 75 -77.39 -77.48 -5.24
C LEU JA 75 -77.74 -78.94 -5.59
N LYS JA 76 -78.99 -79.16 -6.01
CA LYS JA 76 -79.52 -80.47 -6.41
C LYS JA 76 -79.41 -80.60 -7.94
N GLY JA 77 -78.89 -81.74 -8.39
CA GLY JA 77 -78.68 -82.05 -9.80
C GLY JA 77 -79.96 -82.18 -10.61
N ASP JA 78 -80.01 -81.53 -11.79
CA ASP JA 78 -81.13 -81.49 -12.73
C ASP JA 78 -82.46 -81.04 -12.08
N SER JA 79 -82.37 -80.10 -11.14
CA SER JA 79 -83.53 -79.60 -10.40
C SER JA 79 -83.60 -78.08 -10.33
N VAL JA 80 -84.81 -77.56 -10.04
CA VAL JA 80 -85.08 -76.13 -9.89
C VAL JA 80 -84.94 -75.83 -8.41
N ASN JA 81 -83.77 -75.30 -8.00
CA ASN JA 81 -83.44 -74.98 -6.61
C ASN JA 81 -83.91 -73.60 -6.18
N TYR JA 82 -84.71 -73.56 -5.09
CA TYR JA 82 -85.26 -72.35 -4.51
C TYR JA 82 -84.41 -71.95 -3.29
N ILE JA 83 -83.52 -70.97 -3.48
CA ILE JA 83 -82.59 -70.49 -2.43
C ILE JA 83 -83.34 -69.62 -1.42
N HIS JA 84 -83.30 -70.03 -0.15
CA HIS JA 84 -83.98 -69.34 0.95
C HIS JA 84 -83.04 -68.72 1.96
N ALA JA 85 -83.46 -67.58 2.54
CA ALA JA 85 -82.75 -66.87 3.60
C ALA JA 85 -83.52 -67.22 4.88
N ASN JA 86 -82.87 -67.97 5.78
CA ASN JA 86 -83.49 -68.44 7.02
C ASN JA 86 -82.99 -67.67 8.24
N ILE JA 87 -83.93 -66.98 8.93
CA ILE JA 87 -83.61 -66.19 10.13
C ILE JA 87 -84.22 -66.82 11.39
N ASP JA 88 -83.35 -67.18 12.34
CA ASP JA 88 -83.73 -67.75 13.63
C ASP JA 88 -83.02 -66.93 14.70
N LEU JA 89 -83.79 -66.05 15.37
CA LEU JA 89 -83.30 -65.14 16.42
C LEU JA 89 -82.74 -65.84 17.66
N THR JA 90 -83.21 -67.08 17.94
CA THR JA 90 -82.75 -67.90 19.07
C THR JA 90 -81.29 -68.31 18.88
N GLN JA 91 -80.87 -68.52 17.60
CA GLN JA 91 -79.50 -68.84 17.23
C GLN JA 91 -78.72 -67.51 17.24
N THR JA 92 -78.42 -67.04 18.45
CA THR JA 92 -77.75 -65.76 18.72
C THR JA 92 -76.37 -65.57 18.07
N ALA JA 93 -75.60 -66.67 17.91
CA ALA JA 93 -74.27 -66.65 17.30
C ALA JA 93 -74.37 -66.41 15.80
N ASN JA 94 -75.24 -67.16 15.10
CA ASN JA 94 -75.46 -67.04 13.66
C ASN JA 94 -76.96 -67.13 13.31
N PRO JA 95 -77.68 -65.97 13.31
CA PRO JA 95 -79.12 -66.00 13.03
C PRO JA 95 -79.49 -66.31 11.59
N VAL JA 96 -78.70 -65.83 10.62
CA VAL JA 96 -78.97 -66.05 9.20
C VAL JA 96 -78.22 -67.27 8.66
N SER JA 97 -78.96 -68.14 7.95
CA SER JA 97 -78.49 -69.35 7.31
C SER JA 97 -79.15 -69.47 5.94
N LEU JA 98 -78.43 -70.02 4.95
CA LEU JA 98 -78.96 -70.20 3.60
C LEU JA 98 -79.27 -71.66 3.30
N SER JA 99 -80.26 -71.90 2.43
CA SER JA 99 -80.68 -73.25 2.05
C SER JA 99 -81.28 -73.31 0.65
N ALA JA 100 -80.81 -74.27 -0.16
CA ALA JA 100 -81.33 -74.53 -1.50
C ALA JA 100 -82.40 -75.60 -1.33
N GLU JA 101 -83.66 -75.26 -1.70
CA GLU JA 101 -84.79 -76.18 -1.51
C GLU JA 101 -85.52 -76.59 -2.79
N THR JA 102 -86.36 -77.63 -2.66
CA THR JA 102 -87.17 -78.22 -3.74
C THR JA 102 -88.25 -77.27 -4.26
N ALA JA 103 -88.92 -76.54 -3.36
CA ALA JA 103 -89.99 -75.59 -3.71
C ALA JA 103 -89.89 -74.28 -2.91
N ASN JA 104 -90.67 -73.25 -3.31
CA ASN JA 104 -90.70 -71.95 -2.65
C ASN JA 104 -91.46 -72.11 -1.31
N ASN JA 105 -90.70 -72.36 -0.24
CA ASN JA 105 -91.21 -72.59 1.11
C ASN JA 105 -91.19 -71.32 1.99
N SER JA 106 -91.56 -70.17 1.40
CA SER JA 106 -91.64 -68.89 2.13
C SER JA 106 -92.81 -68.92 3.10
N ASN JA 107 -92.53 -68.72 4.40
CA ASN JA 107 -93.54 -68.77 5.46
C ASN JA 107 -94.18 -67.43 5.85
N GLY JA 108 -93.37 -66.37 5.90
CA GLY JA 108 -93.83 -65.05 6.28
C GLY JA 108 -94.05 -64.89 7.77
N VAL JA 109 -93.19 -65.54 8.58
CA VAL JA 109 -93.23 -65.53 10.05
C VAL JA 109 -92.82 -64.15 10.58
N ASP JA 110 -93.67 -63.55 11.45
CA ASP JA 110 -93.42 -62.25 12.05
C ASP JA 110 -92.37 -62.39 13.17
N ILE JA 111 -91.09 -62.34 12.79
CA ILE JA 111 -89.95 -62.47 13.71
C ILE JA 111 -89.75 -61.25 14.61
N ASN JA 112 -90.11 -60.05 14.12
CA ASN JA 112 -89.96 -58.80 14.85
C ASN JA 112 -90.95 -58.64 16.02
N ASN JA 113 -92.21 -59.10 15.85
CA ASN JA 113 -93.22 -59.02 16.89
C ASN JA 113 -93.36 -60.30 17.71
N GLY JA 114 -93.31 -61.45 17.03
CA GLY JA 114 -93.43 -62.76 17.66
C GLY JA 114 -92.22 -63.64 17.51
N SER JA 115 -92.39 -64.95 17.78
CA SER JA 115 -91.34 -65.96 17.69
C SER JA 115 -91.42 -66.73 16.37
N GLY JA 116 -90.50 -67.69 16.18
CA GLY JA 116 -90.44 -68.53 14.99
C GLY JA 116 -89.25 -68.30 14.09
N VAL JA 117 -89.16 -69.11 13.03
CA VAL JA 117 -88.08 -69.04 12.03
C VAL JA 117 -88.67 -68.50 10.72
N LEU JA 118 -88.10 -67.39 10.22
CA LEU JA 118 -88.54 -66.76 8.98
C LEU JA 118 -87.81 -67.35 7.78
N LYS JA 119 -88.58 -67.83 6.80
CA LYS JA 119 -88.09 -68.40 5.55
C LYS JA 119 -88.60 -67.54 4.41
N VAL JA 120 -87.71 -67.15 3.48
CA VAL JA 120 -88.05 -66.33 2.32
C VAL JA 120 -87.10 -66.57 1.13
N CYS JA 121 -87.67 -66.96 -0.02
CA CYS JA 121 -86.92 -67.23 -1.24
C CYS JA 121 -86.54 -65.93 -1.94
N PHE JA 122 -85.30 -65.86 -2.43
CA PHE JA 122 -84.77 -64.68 -3.12
C PHE JA 122 -84.22 -65.01 -4.52
N ASP JA 123 -83.74 -66.24 -4.72
CA ASP JA 123 -83.16 -66.69 -5.99
C ASP JA 123 -83.65 -68.07 -6.40
N ILE JA 124 -83.87 -68.26 -7.71
CA ILE JA 124 -84.32 -69.53 -8.30
C ILE JA 124 -83.21 -70.01 -9.25
N VAL JA 125 -82.48 -71.06 -8.85
CA VAL JA 125 -81.37 -71.61 -9.61
C VAL JA 125 -81.77 -72.92 -10.30
N THR JA 126 -81.82 -72.90 -11.65
CA THR JA 126 -82.13 -74.07 -12.47
C THR JA 126 -80.80 -74.74 -12.85
N THR JA 127 -80.67 -76.03 -12.51
CA THR JA 127 -79.43 -76.78 -12.75
C THR JA 127 -79.57 -77.97 -13.71
N SER JA 128 -78.42 -78.50 -14.14
CA SER JA 128 -78.28 -79.67 -15.01
C SER JA 128 -77.57 -80.77 -14.20
N GLY JA 129 -77.01 -81.76 -14.89
CA GLY JA 129 -76.27 -82.86 -14.26
C GLY JA 129 -74.90 -82.43 -13.81
N THR JA 130 -74.28 -81.50 -14.57
CA THR JA 130 -72.93 -80.98 -14.31
C THR JA 130 -72.94 -79.69 -13.49
N GLY JA 131 -73.59 -78.65 -14.01
CA GLY JA 131 -73.65 -77.34 -13.35
C GLY JA 131 -74.99 -76.63 -13.41
N VAL JA 132 -74.93 -75.29 -13.45
CA VAL JA 132 -76.09 -74.39 -13.49
C VAL JA 132 -76.44 -74.02 -14.95
N THR JA 133 -77.75 -74.05 -15.28
CA THR JA 133 -78.24 -73.70 -16.62
C THR JA 133 -78.75 -72.25 -16.68
N SER JA 134 -79.65 -71.87 -15.75
CA SER JA 134 -80.22 -70.52 -15.68
C SER JA 134 -80.54 -70.09 -14.24
N THR JA 135 -80.51 -68.76 -13.99
CA THR JA 135 -80.80 -68.17 -12.69
C THR JA 135 -81.81 -67.02 -12.83
N LYS JA 136 -82.91 -67.09 -12.06
CA LYS JA 136 -83.98 -66.10 -12.05
C LYS JA 136 -84.24 -65.62 -10.61
N PRO JA 137 -84.01 -64.32 -10.29
CA PRO JA 137 -84.25 -63.87 -8.91
C PRO JA 137 -85.73 -63.58 -8.62
N ILE JA 138 -86.13 -63.71 -7.34
CA ILE JA 138 -87.49 -63.45 -6.85
C ILE JA 138 -87.79 -61.95 -6.92
N VAL JA 139 -89.04 -61.59 -7.28
CA VAL JA 139 -89.52 -60.21 -7.40
C VAL JA 139 -89.50 -59.47 -6.04
N GLN JA 140 -89.18 -58.16 -6.07
CA GLN JA 140 -89.12 -57.33 -4.86
C GLN JA 140 -90.36 -56.43 -4.76
N THR JA 141 -91.38 -56.92 -4.03
CA THR JA 141 -92.66 -56.26 -3.85
C THR JA 141 -92.57 -55.00 -2.99
N SER JA 142 -93.02 -53.86 -3.55
CA SER JA 142 -93.05 -52.57 -2.88
C SER JA 142 -94.50 -52.14 -2.69
N THR JA 143 -95.10 -52.55 -1.55
CA THR JA 143 -96.48 -52.26 -1.19
C THR JA 143 -96.61 -50.81 -0.72
N LEU JA 144 -97.37 -50.00 -1.48
CA LEU JA 144 -97.59 -48.57 -1.21
C LEU JA 144 -99.09 -48.21 -1.25
N ASP JA 145 -99.46 -47.10 -0.60
CA ASP JA 145 -100.85 -46.62 -0.53
C ASP JA 145 -101.15 -45.65 -1.68
N SER JA 146 -100.51 -44.47 -1.69
CA SER JA 146 -100.68 -43.44 -2.72
C SER JA 146 -99.34 -42.91 -3.22
N ILE JA 147 -99.22 -42.68 -4.54
CA ILE JA 147 -98.00 -42.19 -5.18
C ILE JA 147 -98.19 -40.81 -5.83
N SER JA 148 -97.26 -39.87 -5.53
CA SER JA 148 -97.24 -38.52 -6.09
C SER JA 148 -95.92 -38.37 -6.86
N VAL JA 149 -95.89 -38.90 -8.11
CA VAL JA 149 -94.71 -38.91 -8.96
C VAL JA 149 -94.78 -37.93 -10.15
N ASN JA 150 -93.61 -37.53 -10.68
CA ASN JA 150 -93.49 -36.64 -11.83
C ASN JA 150 -93.33 -37.46 -13.11
N ASP JA 151 -92.32 -38.34 -13.20
CA ASP JA 151 -92.08 -39.19 -14.36
C ASP JA 151 -91.92 -40.68 -14.04
N MET JA 152 -92.15 -41.56 -15.05
CA MET JA 152 -92.05 -43.01 -14.90
C MET JA 152 -91.62 -43.71 -16.19
N THR JA 153 -90.79 -44.77 -16.07
CA THR JA 153 -90.33 -45.61 -17.17
C THR JA 153 -90.55 -47.07 -16.79
N VAL JA 154 -91.39 -47.77 -17.57
CA VAL JA 154 -91.78 -49.18 -17.34
C VAL JA 154 -91.12 -50.09 -18.37
N SER JA 155 -90.52 -51.20 -17.90
CA SER JA 155 -89.86 -52.20 -18.75
C SER JA 155 -90.76 -53.41 -19.06
N GLY JA 156 -91.81 -53.59 -18.26
CA GLY JA 156 -92.77 -54.68 -18.42
C GLY JA 156 -94.16 -54.21 -18.77
N SER JA 157 -95.09 -54.23 -17.79
CA SER JA 157 -96.48 -53.82 -18.00
C SER JA 157 -97.16 -53.29 -16.73
N ILE JA 158 -98.19 -52.43 -16.91
CA ILE JA 158 -98.99 -51.86 -15.83
C ILE JA 158 -100.39 -52.47 -15.88
N ASP JA 159 -100.85 -53.05 -14.75
CA ASP JA 159 -102.18 -53.62 -14.63
C ASP JA 159 -103.15 -52.54 -14.15
N VAL JA 160 -104.11 -52.19 -15.01
CA VAL JA 160 -105.12 -51.16 -14.75
C VAL JA 160 -106.51 -51.80 -14.55
N PRO JA 161 -107.42 -51.21 -13.72
CA PRO JA 161 -108.75 -51.83 -13.54
C PRO JA 161 -109.60 -51.89 -14.81
N VAL JA 162 -109.92 -53.12 -15.24
CA VAL JA 162 -110.70 -53.40 -16.46
C VAL JA 162 -112.15 -53.77 -16.09
N GLN JA 163 -113.12 -53.07 -16.73
CA GLN JA 163 -114.56 -53.29 -16.55
C GLN JA 163 -115.19 -53.56 -17.91
N THR JA 164 -116.02 -54.62 -18.00
CA THR JA 164 -116.70 -55.00 -19.24
C THR JA 164 -118.22 -54.97 -19.12
N LEU JA 165 -118.90 -54.55 -20.21
CA LEU JA 165 -120.35 -54.42 -20.29
C LEU JA 165 -120.87 -54.74 -21.69
N THR JA 166 -121.98 -55.49 -21.78
CA THR JA 166 -122.63 -55.84 -23.03
C THR JA 166 -124.05 -55.25 -23.03
N VAL JA 167 -124.25 -54.18 -23.82
CA VAL JA 167 -125.51 -53.46 -23.92
C VAL JA 167 -126.27 -53.85 -25.18
N GLU JA 168 -127.52 -54.30 -25.02
CA GLU JA 168 -128.42 -54.65 -26.12
C GLU JA 168 -129.16 -53.37 -26.48
N ALA JA 169 -128.49 -52.52 -27.28
CA ALA JA 169 -128.95 -51.19 -27.74
C ALA JA 169 -130.37 -51.16 -28.29
N GLY JA 170 -130.76 -52.21 -29.00
CA GLY JA 170 -132.08 -52.34 -29.62
C GLY JA 170 -132.02 -52.32 -31.13
N ASN JA 171 -133.18 -52.61 -31.78
CA ASN JA 171 -133.36 -52.68 -33.23
C ASN JA 171 -132.48 -53.74 -33.92
N GLY JA 172 -131.69 -54.46 -33.12
CA GLY JA 172 -130.78 -55.51 -33.56
C GLY JA 172 -129.31 -55.20 -33.35
N LEU JA 173 -129.00 -54.26 -32.44
CA LEU JA 173 -127.62 -53.85 -32.14
C LEU JA 173 -127.13 -54.33 -30.77
N GLN JA 174 -125.87 -54.78 -30.73
CA GLN JA 174 -125.17 -55.25 -29.54
C GLN JA 174 -123.84 -54.46 -29.42
N LEU JA 175 -123.55 -53.95 -28.21
CA LEU JA 175 -122.33 -53.17 -27.96
C LEU JA 175 -121.48 -53.82 -26.87
N GLN JA 176 -120.24 -54.20 -27.20
CA GLN JA 176 -119.30 -54.82 -26.25
C GLN JA 176 -118.28 -53.77 -25.83
N LEU JA 177 -118.50 -53.19 -24.64
CA LEU JA 177 -117.65 -52.14 -24.05
C LEU JA 177 -116.56 -52.71 -23.15
N THR JA 178 -115.34 -52.16 -23.26
CA THR JA 178 -114.18 -52.57 -22.45
C THR JA 178 -113.49 -51.32 -21.88
N LYS JA 179 -113.87 -50.95 -20.64
CA LYS JA 179 -113.36 -49.79 -19.91
C LYS JA 179 -112.08 -50.15 -19.16
N LYS JA 180 -111.00 -49.38 -19.37
CA LYS JA 180 -109.71 -49.59 -18.71
C LYS JA 180 -109.27 -48.31 -18.01
N ASN JA 181 -108.85 -48.44 -16.72
CA ASN JA 181 -108.41 -47.34 -15.83
C ASN JA 181 -109.55 -46.31 -15.58
N ASN JA 182 -110.82 -46.73 -15.83
CA ASN JA 182 -112.06 -45.95 -15.71
C ASN JA 182 -112.06 -44.71 -16.65
N ASP JA 183 -111.34 -44.82 -17.80
CA ASP JA 183 -111.23 -43.73 -18.77
C ASP JA 183 -111.41 -44.18 -20.23
N LEU JA 184 -110.42 -44.89 -20.81
CA LEU JA 184 -110.45 -45.36 -22.20
C LEU JA 184 -111.38 -46.57 -22.37
N VAL JA 185 -112.34 -46.48 -23.32
CA VAL JA 185 -113.31 -47.54 -23.61
C VAL JA 185 -113.34 -47.83 -25.11
N ILE JA 186 -113.13 -49.11 -25.49
CA ILE JA 186 -113.21 -49.56 -26.88
C ILE JA 186 -114.51 -50.36 -27.03
N VAL JA 187 -115.44 -49.86 -27.86
CA VAL JA 187 -116.74 -50.46 -28.10
C VAL JA 187 -116.73 -51.28 -29.39
N ARG JA 188 -117.20 -52.53 -29.31
CA ARG JA 188 -117.26 -53.47 -30.44
C ARG JA 188 -118.71 -53.64 -30.90
N PHE JA 189 -118.97 -53.48 -32.21
CA PHE JA 189 -120.30 -53.61 -32.80
C PHE JA 189 -120.64 -55.06 -33.15
N PHE JA 190 -121.83 -55.53 -32.74
CA PHE JA 190 -122.33 -56.88 -32.99
C PHE JA 190 -123.84 -56.89 -33.29
N GLY JA 191 -124.29 -57.95 -33.97
CA GLY JA 191 -125.69 -58.14 -34.33
C GLY JA 191 -126.03 -57.65 -35.72
N SER JA 192 -127.34 -57.56 -36.01
CA SER JA 192 -127.87 -57.11 -37.29
C SER JA 192 -129.05 -56.15 -37.08
N VAL JA 193 -128.82 -54.84 -37.35
CA VAL JA 193 -129.79 -53.76 -37.17
C VAL JA 193 -130.88 -53.77 -38.26
N SER JA 194 -132.15 -53.63 -37.84
CA SER JA 194 -133.34 -53.59 -38.71
C SER JA 194 -134.40 -52.63 -38.15
N ASN JA 195 -135.12 -51.93 -39.04
CA ASN JA 195 -136.19 -50.97 -38.75
C ASN JA 195 -135.78 -49.79 -37.85
N ILE JA 196 -135.02 -48.83 -38.42
CA ILE JA 196 -134.53 -47.62 -37.74
C ILE JA 196 -134.36 -46.44 -38.71
N GLN JA 197 -134.59 -45.21 -38.21
CA GLN JA 197 -134.47 -43.97 -38.98
C GLN JA 197 -133.34 -43.09 -38.45
N LYS JA 198 -132.83 -42.16 -39.28
CA LYS JA 198 -131.75 -41.23 -38.93
C LYS JA 198 -132.19 -40.20 -37.88
N GLY JA 199 -131.36 -40.02 -36.85
CA GLY JA 199 -131.62 -39.10 -35.75
C GLY JA 199 -132.53 -39.63 -34.66
N TRP JA 200 -133.05 -40.87 -34.84
CA TRP JA 200 -133.95 -41.54 -33.90
C TRP JA 200 -133.19 -42.33 -32.83
N ASN JA 201 -133.75 -42.37 -31.62
CA ASN JA 201 -133.18 -43.08 -30.47
C ASN JA 201 -133.31 -44.61 -30.60
N MET JA 202 -132.53 -45.36 -29.80
CA MET JA 202 -132.51 -46.83 -29.80
C MET JA 202 -133.59 -47.40 -28.87
N SER JA 203 -134.36 -48.38 -29.38
CA SER JA 203 -135.48 -49.04 -28.71
C SER JA 203 -135.14 -49.81 -27.43
N GLY JA 204 -134.03 -50.54 -27.43
CA GLY JA 204 -133.60 -51.39 -26.32
C GLY JA 204 -132.98 -50.69 -25.13
N THR JA 205 -132.05 -51.42 -24.46
CA THR JA 205 -131.33 -51.02 -23.25
C THR JA 205 -130.44 -49.79 -23.43
N TRP JA 206 -130.31 -48.98 -22.36
CA TRP JA 206 -129.48 -47.77 -22.28
C TRP JA 206 -128.12 -48.10 -21.65
N VAL JA 207 -127.11 -47.24 -21.90
CA VAL JA 207 -125.75 -47.39 -21.38
C VAL JA 207 -125.74 -47.09 -19.87
N ASP JA 208 -125.13 -48.00 -19.07
CA ASP JA 208 -125.01 -47.90 -17.61
C ASP JA 208 -124.15 -46.69 -17.19
N ARG JA 209 -124.43 -46.14 -16.00
CA ARG JA 209 -123.75 -44.99 -15.41
C ARG JA 209 -122.20 -45.04 -15.40
N PRO JA 210 -121.51 -46.15 -15.02
CA PRO JA 210 -120.03 -46.14 -15.05
C PRO JA 210 -119.40 -46.05 -16.45
N PHE JA 211 -120.17 -46.41 -17.49
CA PHE JA 211 -119.72 -46.39 -18.88
C PHE JA 211 -120.17 -45.14 -19.66
N ARG JA 212 -120.97 -44.26 -19.02
CA ARG JA 212 -121.48 -43.02 -19.63
C ARG JA 212 -120.37 -41.96 -19.79
N PRO JA 213 -120.15 -41.43 -21.02
CA PRO JA 213 -119.11 -40.40 -21.18
C PRO JA 213 -119.56 -39.01 -20.72
N ALA JA 214 -118.60 -38.07 -20.59
CA ALA JA 214 -118.86 -36.68 -20.19
C ALA JA 214 -119.60 -35.90 -21.27
N ALA JA 215 -119.26 -36.16 -22.55
CA ALA JA 215 -119.86 -35.52 -23.72
C ALA JA 215 -120.29 -36.58 -24.74
N VAL JA 216 -121.17 -36.20 -25.69
CA VAL JA 216 -121.69 -37.08 -26.74
C VAL JA 216 -120.57 -37.56 -27.70
N GLN JA 217 -120.28 -38.87 -27.66
CA GLN JA 217 -119.23 -39.50 -28.47
C GLN JA 217 -119.82 -40.15 -29.72
N SER JA 218 -119.35 -39.71 -30.90
CA SER JA 218 -119.79 -40.23 -32.19
C SER JA 218 -118.88 -41.41 -32.58
N LEU JA 219 -119.41 -42.65 -32.44
CA LEU JA 219 -118.64 -43.86 -32.74
C LEU JA 219 -119.03 -44.50 -34.07
N VAL JA 220 -118.07 -44.54 -35.01
CA VAL JA 220 -118.22 -45.05 -36.38
C VAL JA 220 -118.17 -46.60 -36.45
N GLY JA 221 -119.10 -47.18 -37.19
CA GLY JA 221 -119.22 -48.62 -37.43
C GLY JA 221 -119.24 -48.94 -38.91
N HIS JA 222 -119.46 -50.22 -39.27
CA HIS JA 222 -119.50 -50.69 -40.67
C HIS JA 222 -120.45 -51.88 -40.88
N PHE JA 223 -121.09 -51.94 -42.07
CA PHE JA 223 -121.98 -53.04 -42.42
C PHE JA 223 -121.19 -54.14 -43.15
N ALA JA 224 -121.10 -55.34 -42.53
CA ALA JA 224 -120.35 -56.50 -43.03
C ALA JA 224 -120.72 -56.92 -44.44
N GLY JA 225 -119.69 -57.07 -45.28
CA GLY JA 225 -119.82 -57.46 -46.68
C GLY JA 225 -120.38 -56.38 -47.59
N ARG JA 226 -120.25 -55.10 -47.17
CA ARG JA 226 -120.72 -53.95 -47.93
C ARG JA 226 -119.69 -52.81 -47.95
N ASP JA 227 -119.94 -51.76 -48.75
CA ASP JA 227 -119.08 -50.58 -48.81
C ASP JA 227 -119.77 -49.36 -48.16
N THR JA 228 -120.83 -49.64 -47.38
CA THR JA 228 -121.65 -48.68 -46.63
C THR JA 228 -121.30 -48.74 -45.14
N SER JA 229 -121.30 -47.57 -44.48
CA SER JA 229 -120.97 -47.45 -43.05
C SER JA 229 -122.06 -46.73 -42.25
N PHE JA 230 -121.87 -46.63 -40.91
CA PHE JA 230 -122.80 -45.97 -39.99
C PHE JA 230 -122.06 -45.39 -38.78
N HIS JA 231 -122.76 -44.56 -37.97
CA HIS JA 231 -122.22 -43.99 -36.75
C HIS JA 231 -123.30 -43.77 -35.70
N ILE JA 232 -123.00 -44.09 -34.44
CA ILE JA 232 -123.93 -43.94 -33.30
C ILE JA 232 -123.46 -42.88 -32.31
N ASP JA 233 -124.41 -42.16 -31.71
CA ASP JA 233 -124.14 -41.11 -30.73
C ASP JA 233 -124.51 -41.55 -29.31
N ILE JA 234 -123.49 -41.84 -28.48
CA ILE JA 234 -123.70 -42.23 -27.09
C ILE JA 234 -123.67 -40.96 -26.24
N ASN JA 235 -124.88 -40.42 -25.97
CA ASN JA 235 -125.12 -39.20 -25.20
C ASN JA 235 -124.74 -39.38 -23.72
N PRO JA 236 -124.41 -38.29 -22.96
CA PRO JA 236 -124.03 -38.45 -21.54
C PRO JA 236 -125.08 -39.05 -20.60
N ASN JA 237 -126.37 -39.00 -20.97
CA ASN JA 237 -127.47 -39.54 -20.17
C ASN JA 237 -127.67 -41.07 -20.34
N GLY JA 238 -126.85 -41.67 -21.20
CA GLY JA 238 -126.89 -43.11 -21.48
C GLY JA 238 -127.58 -43.50 -22.76
N SER JA 239 -128.36 -42.57 -23.35
CA SER JA 239 -129.11 -42.77 -24.59
C SER JA 239 -128.21 -42.95 -25.82
N ILE JA 240 -128.61 -43.86 -26.71
CA ILE JA 240 -127.90 -44.15 -27.96
C ILE JA 240 -128.77 -43.63 -29.12
N THR JA 241 -128.21 -42.73 -29.95
CA THR JA 241 -128.92 -42.13 -31.07
C THR JA 241 -128.30 -42.60 -32.39
N TRP JA 242 -129.12 -43.23 -33.25
CA TRP JA 242 -128.70 -43.72 -34.57
C TRP JA 242 -128.49 -42.53 -35.51
N TRP JA 243 -127.40 -42.55 -36.29
CA TRP JA 243 -127.07 -41.49 -37.24
C TRP JA 243 -126.54 -41.98 -38.60
N GLY JA 244 -126.97 -43.19 -38.98
CA GLY JA 244 -126.61 -43.80 -40.25
C GLY JA 244 -127.74 -43.67 -41.26
N ALA JA 245 -127.77 -44.57 -42.26
CA ALA JA 245 -128.85 -44.59 -43.26
C ALA JA 245 -130.10 -45.25 -42.66
N ASN JA 246 -131.32 -44.94 -43.14
CA ASN JA 246 -132.56 -45.57 -42.62
C ASN JA 246 -132.57 -47.03 -43.00
N ILE JA 247 -132.80 -47.90 -42.01
CA ILE JA 247 -132.79 -49.35 -42.23
C ILE JA 247 -134.19 -49.95 -42.24
N ASP JA 248 -134.47 -50.71 -43.28
CA ASP JA 248 -135.72 -51.41 -43.47
C ASP JA 248 -135.68 -52.78 -42.76
N LYS JA 249 -136.81 -53.47 -42.82
CA LYS JA 249 -137.09 -54.75 -42.17
C LYS JA 249 -135.96 -55.74 -42.25
N THR JA 250 -135.28 -55.81 -43.42
CA THR JA 250 -134.14 -56.70 -43.62
C THR JA 250 -132.97 -56.30 -42.70
N PRO JA 251 -132.46 -57.24 -41.90
CA PRO JA 251 -131.36 -56.92 -40.96
C PRO JA 251 -129.99 -57.09 -41.61
N ILE JA 252 -129.12 -56.08 -41.45
CA ILE JA 252 -127.77 -56.08 -42.01
C ILE JA 252 -126.78 -56.14 -40.84
N ALA JA 253 -125.81 -57.09 -40.91
CA ALA JA 253 -124.80 -57.31 -39.87
C ALA JA 253 -123.95 -56.05 -39.65
N THR JA 254 -123.79 -55.67 -38.37
CA THR JA 254 -123.02 -54.50 -37.97
C THR JA 254 -121.80 -54.90 -37.16
N ARG JA 255 -120.62 -54.51 -37.66
CA ARG JA 255 -119.31 -54.80 -37.05
C ARG JA 255 -118.44 -53.53 -37.03
N GLY JA 256 -117.43 -53.52 -36.16
CA GLY JA 256 -116.52 -52.40 -36.04
C GLY JA 256 -116.06 -52.11 -34.62
N ASN JA 257 -115.01 -51.28 -34.49
CA ASN JA 257 -114.45 -50.86 -33.21
C ASN JA 257 -114.32 -49.34 -33.13
N GLY JA 258 -114.82 -48.78 -32.02
CA GLY JA 258 -114.79 -47.34 -31.76
C GLY JA 258 -114.35 -47.01 -30.35
N SER JA 259 -113.30 -46.20 -30.22
CA SER JA 259 -112.74 -45.79 -28.93
C SER JA 259 -113.08 -44.36 -28.52
N TYR JA 260 -113.28 -44.14 -27.19
CA TYR JA 260 -113.61 -42.84 -26.59
C TYR JA 260 -113.10 -42.72 -25.14
N PHE JA 261 -112.97 -41.46 -24.63
CA PHE JA 261 -112.58 -41.17 -23.26
C PHE JA 261 -113.79 -40.78 -22.43
N ILE JA 262 -113.86 -41.23 -21.16
CA ILE JA 262 -114.95 -40.89 -20.25
C ILE JA 262 -114.68 -39.52 -19.60
N LYS JA 263 -113.51 -39.37 -18.95
CA LYS JA 263 -113.09 -38.16 -18.26
C LYS JA 263 -112.75 -37.02 -19.23
N THR KA 1 -71.14 -24.54 6.09
CA THR KA 1 -70.66 -25.68 6.88
C THR KA 1 -71.37 -26.96 6.47
N ILE KA 2 -70.61 -28.07 6.36
CA ILE KA 2 -71.16 -29.38 6.00
C ILE KA 2 -71.16 -30.31 7.22
N LYS KA 3 -72.36 -30.74 7.65
CA LYS KA 3 -72.52 -31.66 8.78
C LYS KA 3 -72.66 -33.09 8.28
N ASN KA 4 -71.60 -33.88 8.45
CA ASN KA 4 -71.54 -35.28 8.01
C ASN KA 4 -72.11 -36.21 9.08
N PHE KA 5 -72.85 -37.26 8.66
CA PHE KA 5 -73.47 -38.20 9.60
C PHE KA 5 -73.17 -39.68 9.41
N THR KA 6 -73.44 -40.24 8.20
CA THR KA 6 -73.22 -41.67 7.91
C THR KA 6 -71.73 -41.93 7.62
N PHE KA 7 -70.86 -41.57 8.57
CA PHE KA 7 -69.41 -41.69 8.46
C PHE KA 7 -68.82 -42.00 9.83
N PHE KA 8 -67.80 -42.86 9.89
CA PHE KA 8 -67.16 -43.27 11.14
C PHE KA 8 -66.32 -42.17 11.81
N SER KA 9 -66.21 -42.24 13.15
CA SER KA 9 -65.44 -41.30 13.96
C SER KA 9 -64.27 -42.04 14.64
N PRO KA 10 -63.00 -41.78 14.24
CA PRO KA 10 -61.87 -42.52 14.83
C PRO KA 10 -61.64 -42.22 16.31
N ASN KA 11 -61.81 -40.95 16.71
CA ASN KA 11 -61.65 -40.49 18.09
C ASN KA 11 -63.00 -40.56 18.85
N SER KA 12 -64.03 -41.19 18.20
CA SER KA 12 -65.39 -41.41 18.68
C SER KA 12 -66.17 -40.15 19.08
N THR KA 13 -65.86 -39.01 18.44
CA THR KA 13 -66.51 -37.70 18.71
C THR KA 13 -66.84 -36.93 17.43
N GLU KA 14 -66.12 -37.21 16.33
CA GLU KA 14 -66.23 -36.54 15.03
C GLU KA 14 -67.63 -36.40 14.42
N PHE KA 15 -68.33 -37.51 14.16
CA PHE KA 15 -69.65 -37.45 13.54
C PHE KA 15 -70.81 -38.09 14.33
N PRO KA 16 -71.33 -37.37 15.36
CA PRO KA 16 -72.48 -37.93 16.11
C PRO KA 16 -73.80 -37.65 15.40
N VAL KA 17 -74.67 -38.67 15.31
CA VAL KA 17 -75.97 -38.54 14.65
C VAL KA 17 -77.14 -38.61 15.64
N GLY KA 18 -77.92 -37.53 15.67
CA GLY KA 18 -79.07 -37.37 16.56
C GLY KA 18 -80.40 -37.83 15.99
N SER KA 19 -81.45 -37.77 16.85
CA SER KA 19 -82.84 -38.16 16.55
C SER KA 19 -83.44 -37.38 15.38
N ASN KA 20 -83.20 -36.06 15.32
CA ASN KA 20 -83.68 -35.17 14.26
C ASN KA 20 -82.94 -35.41 12.94
N ASN KA 21 -81.62 -35.72 13.03
CA ASN KA 21 -80.74 -35.99 11.89
C ASN KA 21 -81.15 -37.28 11.18
N ASP KA 22 -81.50 -38.32 11.96
CA ASP KA 22 -81.98 -39.60 11.44
C ASP KA 22 -83.43 -39.45 10.97
N GLY KA 23 -84.20 -38.63 11.69
CA GLY KA 23 -85.59 -38.33 11.39
C GLY KA 23 -85.78 -37.73 10.00
N LYS KA 24 -84.89 -36.79 9.63
CA LYS KA 24 -84.86 -36.15 8.31
C LYS KA 24 -84.41 -37.14 7.23
N LEU KA 25 -83.49 -38.06 7.61
CA LEU KA 25 -82.95 -39.13 6.75
C LEU KA 25 -84.08 -40.11 6.36
N TYR KA 26 -84.85 -40.60 7.35
CA TYR KA 26 -85.96 -41.53 7.15
C TYR KA 26 -87.06 -40.96 6.26
N MET KA 27 -87.36 -39.65 6.41
CA MET KA 27 -88.37 -38.93 5.62
C MET KA 27 -88.04 -38.91 4.13
N MET KA 28 -86.75 -38.74 3.79
CA MET KA 28 -86.26 -38.69 2.42
C MET KA 28 -86.24 -40.06 1.76
N LEU KA 29 -85.93 -41.13 2.54
CA LEU KA 29 -85.87 -42.51 2.07
C LEU KA 29 -87.24 -43.00 1.57
N THR KA 30 -88.30 -42.80 2.38
CA THR KA 30 -89.66 -43.22 2.03
C THR KA 30 -90.43 -42.21 1.17
N GLY KA 31 -90.02 -40.94 1.22
CA GLY KA 31 -90.64 -39.86 0.46
C GLY KA 31 -91.91 -39.33 1.10
N MET KA 32 -91.81 -38.94 2.39
CA MET KA 32 -92.93 -38.41 3.17
C MET KA 32 -92.66 -36.98 3.68
N ASP KA 33 -93.74 -36.23 3.97
CA ASP KA 33 -93.67 -34.89 4.54
C ASP KA 33 -94.20 -34.91 5.99
N TYR KA 34 -94.41 -33.74 6.60
CA TYR KA 34 -94.93 -33.63 7.96
C TYR KA 34 -96.47 -33.73 8.02
N ARG KA 35 -97.12 -33.85 6.83
CA ARG KA 35 -98.57 -33.96 6.68
C ARG KA 35 -99.05 -35.41 6.50
N THR KA 36 -98.13 -36.33 6.13
CA THR KA 36 -98.41 -37.76 5.95
C THR KA 36 -97.62 -38.63 6.93
N ILE KA 37 -98.01 -39.91 7.07
CA ILE KA 37 -97.37 -40.88 7.97
C ILE KA 37 -97.13 -42.24 7.32
N ARG KA 38 -96.42 -43.12 8.05
CA ARG KA 38 -96.16 -44.51 7.71
C ARG KA 38 -96.75 -45.29 8.88
N ARG KA 39 -97.83 -46.04 8.63
CA ARG KA 39 -98.56 -46.78 9.65
C ARG KA 39 -98.79 -48.23 9.24
N LYS KA 40 -98.61 -49.16 10.20
CA LYS KA 40 -98.81 -50.59 10.00
C LYS KA 40 -99.40 -51.24 11.26
N ASP KA 41 -100.54 -51.92 11.10
CA ASP KA 41 -101.22 -52.64 12.17
C ASP KA 41 -100.78 -54.11 12.15
N TRP KA 42 -99.95 -54.50 13.12
CA TRP KA 42 -99.45 -55.87 13.25
C TRP KA 42 -100.57 -56.77 13.78
N SER KA 43 -101.46 -56.17 14.59
CA SER KA 43 -102.66 -56.78 15.18
C SER KA 43 -103.76 -55.73 15.18
N SER KA 44 -104.95 -56.08 14.67
CA SER KA 44 -106.11 -55.20 14.54
C SER KA 44 -106.51 -54.50 15.84
N PRO KA 45 -106.79 -53.18 15.81
CA PRO KA 45 -107.14 -52.47 17.05
C PRO KA 45 -108.56 -52.82 17.53
N LEU KA 46 -108.70 -53.07 18.85
CA LEU KA 46 -109.97 -53.42 19.49
C LEU KA 46 -110.84 -52.20 19.74
N ASN KA 47 -112.17 -52.36 19.60
CA ASN KA 47 -113.15 -51.30 19.81
C ASN KA 47 -114.10 -51.68 20.95
N THR KA 48 -114.00 -50.97 22.08
CA THR KA 48 -114.82 -51.19 23.26
C THR KA 48 -115.66 -49.93 23.52
N ALA KA 49 -116.93 -49.94 23.07
CA ALA KA 49 -117.89 -48.84 23.15
C ALA KA 49 -117.30 -47.54 22.54
N LEU KA 50 -117.22 -46.44 23.31
CA LEU KA 50 -116.66 -45.17 22.83
C LEU KA 50 -115.16 -45.03 23.14
N ASN KA 51 -114.40 -46.10 22.85
CA ASN KA 51 -112.94 -46.20 23.05
C ASN KA 51 -112.31 -47.10 21.98
N VAL KA 52 -111.07 -46.76 21.57
CA VAL KA 52 -110.30 -47.52 20.57
C VAL KA 52 -108.89 -47.85 21.08
N GLN KA 53 -108.64 -49.15 21.36
CA GLN KA 53 -107.36 -49.64 21.86
C GLN KA 53 -106.50 -50.21 20.73
N TYR KA 54 -105.34 -49.57 20.48
CA TYR KA 54 -104.39 -50.01 19.45
C TYR KA 54 -103.48 -51.08 20.05
N THR KA 55 -103.80 -52.37 19.78
CA THR KA 55 -103.08 -53.55 20.28
C THR KA 55 -101.58 -53.53 19.97
N ASN KA 56 -101.22 -53.39 18.69
CA ASN KA 56 -99.84 -53.28 18.20
C ASN KA 56 -99.81 -52.57 16.85
N THR KA 57 -99.59 -51.24 16.88
CA THR KA 57 -99.55 -50.38 15.70
C THR KA 57 -98.30 -49.49 15.75
N SER KA 58 -97.43 -49.63 14.73
CA SER KA 58 -96.21 -48.85 14.58
C SER KA 58 -96.47 -47.67 13.66
N ILE KA 59 -96.02 -46.46 14.05
CA ILE KA 59 -96.23 -45.22 13.27
C ILE KA 59 -94.93 -44.41 13.14
N ILE KA 60 -94.66 -43.90 11.92
CA ILE KA 60 -93.52 -43.03 11.62
C ILE KA 60 -94.10 -41.66 11.23
N ALA KA 61 -94.16 -40.73 12.20
CA ALA KA 61 -94.68 -39.38 12.00
C ALA KA 61 -93.54 -38.38 12.07
N GLY KA 62 -93.33 -37.66 10.97
CA GLY KA 62 -92.26 -36.68 10.82
C GLY KA 62 -90.87 -37.29 10.90
N GLY KA 63 -90.76 -38.54 10.45
CA GLY KA 63 -89.53 -39.33 10.47
C GLY KA 63 -89.19 -39.92 11.82
N ARG KA 64 -90.10 -39.77 12.80
CA ARG KA 64 -89.92 -40.28 14.17
C ARG KA 64 -90.79 -41.53 14.36
N TYR KA 65 -90.14 -42.67 14.66
CA TYR KA 65 -90.78 -43.97 14.87
C TYR KA 65 -91.23 -44.17 16.31
N PHE KA 66 -92.42 -44.78 16.50
CA PHE KA 66 -93.01 -45.12 17.79
C PHE KA 66 -94.05 -46.23 17.66
N GLU KA 67 -94.13 -47.09 18.69
CA GLU KA 67 -95.07 -48.21 18.76
C GLU KA 67 -96.19 -47.95 19.76
N LEU KA 68 -97.42 -48.35 19.41
CA LEU KA 68 -98.58 -48.24 20.28
C LEU KA 68 -98.92 -49.65 20.75
N LEU KA 69 -98.63 -49.95 22.03
CA LEU KA 69 -98.87 -51.28 22.61
C LEU KA 69 -99.99 -51.23 23.64
N ASN KA 70 -101.20 -51.63 23.21
CA ASN KA 70 -102.46 -51.64 23.98
C ASN KA 70 -102.81 -50.25 24.54
N GLU KA 71 -102.67 -49.23 23.68
CA GLU KA 71 -102.96 -47.82 23.99
C GLU KA 71 -104.39 -47.48 23.59
N THR KA 72 -105.24 -47.16 24.58
CA THR KA 72 -106.65 -46.83 24.39
C THR KA 72 -106.85 -45.33 24.17
N VAL KA 73 -107.68 -44.97 23.17
CA VAL KA 73 -108.01 -43.58 22.81
C VAL KA 73 -109.50 -43.34 23.08
N ALA KA 74 -109.82 -42.31 23.91
CA ALA KA 74 -111.19 -41.94 24.26
C ALA KA 74 -111.88 -41.29 23.05
N LEU KA 75 -113.15 -41.67 22.79
CA LEU KA 75 -113.92 -41.17 21.65
C LEU KA 75 -115.15 -40.35 22.03
N LYS KA 76 -115.57 -39.45 21.12
CA LYS KA 76 -116.74 -38.58 21.28
C LYS KA 76 -118.00 -39.32 20.79
N GLY KA 77 -119.08 -39.21 21.55
CA GLY KA 77 -120.36 -39.84 21.26
C GLY KA 77 -121.09 -39.24 20.08
N ASP KA 78 -121.50 -40.12 19.13
CA ASP KA 78 -122.24 -39.80 17.89
C ASP KA 78 -121.55 -38.70 17.06
N SER KA 79 -120.26 -38.91 16.75
CA SER KA 79 -119.43 -37.97 15.99
C SER KA 79 -118.34 -38.69 15.19
N VAL KA 80 -117.80 -38.00 14.16
CA VAL KA 80 -116.73 -38.51 13.32
C VAL KA 80 -115.39 -38.01 13.88
N ASN KA 81 -114.75 -38.83 14.72
CA ASN KA 81 -113.48 -38.54 15.38
C ASN KA 81 -112.29 -38.70 14.44
N TYR KA 82 -111.26 -37.85 14.64
CA TYR KA 82 -110.01 -37.86 13.88
C TYR KA 82 -108.86 -38.11 14.87
N ILE KA 83 -108.24 -39.29 14.79
CA ILE KA 83 -107.14 -39.66 15.71
C ILE KA 83 -105.83 -39.05 15.23
N HIS KA 84 -105.24 -38.17 16.06
CA HIS KA 84 -103.99 -37.46 15.75
C HIS KA 84 -102.82 -37.90 16.61
N ALA KA 85 -101.62 -37.88 16.01
CA ALA KA 85 -100.36 -38.19 16.69
C ALA KA 85 -99.70 -36.84 16.98
N ASN KA 86 -99.54 -36.51 18.28
CA ASN KA 86 -98.98 -35.23 18.72
C ASN KA 86 -97.57 -35.39 19.25
N ILE KA 87 -96.58 -34.78 18.55
CA ILE KA 87 -95.18 -34.86 18.94
C ILE KA 87 -94.65 -33.51 19.46
N ASP KA 88 -94.41 -33.45 20.78
CA ASP KA 88 -93.84 -32.27 21.43
C ASP KA 88 -92.51 -32.67 22.05
N LEU KA 89 -91.41 -32.29 21.38
CA LEU KA 89 -90.04 -32.61 21.75
C LEU KA 89 -89.58 -32.04 23.10
N THR KA 90 -90.28 -31.00 23.61
CA THR KA 90 -90.00 -30.37 24.90
C THR KA 90 -90.28 -31.36 26.04
N GLN KA 91 -91.28 -32.25 25.84
CA GLN KA 91 -91.65 -33.31 26.78
C GLN KA 91 -90.65 -34.45 26.56
N THR KA 92 -89.48 -34.36 27.21
CA THR KA 92 -88.38 -35.33 27.09
C THR KA 92 -88.76 -36.76 27.52
N ALA KA 93 -89.67 -36.88 28.50
CA ALA KA 93 -90.14 -38.17 29.02
C ALA KA 93 -91.20 -38.79 28.11
N ASN KA 94 -92.19 -37.99 27.66
CA ASN KA 94 -93.28 -38.46 26.80
C ASN KA 94 -93.53 -37.51 25.61
N PRO KA 95 -92.71 -37.60 24.52
CA PRO KA 95 -92.92 -36.69 23.39
C PRO KA 95 -94.18 -36.97 22.57
N VAL KA 96 -94.54 -38.25 22.39
CA VAL KA 96 -95.72 -38.64 21.61
C VAL KA 96 -96.96 -38.82 22.51
N SER KA 97 -98.06 -38.17 22.11
CA SER KA 97 -99.36 -38.22 22.77
C SER KA 97 -100.46 -38.33 21.71
N LEU KA 98 -101.56 -39.01 22.03
CA LEU KA 98 -102.67 -39.18 21.09
C LEU KA 98 -103.90 -38.37 21.47
N SER KA 99 -104.71 -37.97 20.46
CA SER KA 99 -105.93 -37.18 20.66
C SER KA 99 -106.96 -37.42 19.56
N ALA KA 100 -108.24 -37.55 19.96
CA ALA KA 100 -109.38 -37.73 19.06
C ALA KA 100 -110.04 -36.35 18.91
N GLU KA 101 -109.92 -35.76 17.72
CA GLU KA 101 -110.43 -34.42 17.44
C GLU KA 101 -111.63 -34.38 16.50
N THR KA 102 -112.39 -33.27 16.56
CA THR KA 102 -113.60 -33.00 15.77
C THR KA 102 -113.33 -32.97 14.26
N ALA KA 103 -112.25 -32.28 13.85
CA ALA KA 103 -111.85 -32.14 12.44
C ALA KA 103 -110.37 -32.52 12.26
N ASN KA 104 -109.92 -32.70 10.98
CA ASN KA 104 -108.54 -33.04 10.66
C ASN KA 104 -107.67 -31.79 10.86
N ASN KA 105 -106.93 -31.77 11.99
CA ASN KA 105 -106.07 -30.67 12.40
C ASN KA 105 -104.57 -30.97 12.19
N SER KA 106 -104.21 -31.47 11.00
CA SER KA 106 -102.82 -31.77 10.63
C SER KA 106 -102.11 -30.44 10.34
N ASN KA 107 -101.15 -30.06 11.20
CA ASN KA 107 -100.43 -28.79 11.09
C ASN KA 107 -99.20 -28.81 10.16
N GLY KA 108 -98.49 -29.94 10.13
CA GLY KA 108 -97.30 -30.12 9.30
C GLY KA 108 -96.10 -29.31 9.76
N VAL KA 109 -95.96 -29.14 11.10
CA VAL KA 109 -94.88 -28.39 11.75
C VAL KA 109 -93.54 -29.13 11.61
N ASP KA 110 -92.50 -28.43 11.12
CA ASP KA 110 -91.16 -28.97 10.95
C ASP KA 110 -90.48 -29.05 12.33
N ILE KA 111 -90.52 -30.25 12.93
CA ILE KA 111 -89.95 -30.54 14.26
C ILE KA 111 -88.46 -30.89 14.25
N ASN KA 112 -87.98 -31.52 13.15
CA ASN KA 112 -86.59 -31.93 13.00
C ASN KA 112 -85.63 -30.75 12.80
N ASN KA 113 -86.13 -29.62 12.25
CA ASN KA 113 -85.34 -28.41 12.02
C ASN KA 113 -85.67 -27.30 13.00
N GLY KA 114 -86.96 -26.99 13.14
CA GLY KA 114 -87.45 -25.94 14.02
C GLY KA 114 -88.24 -26.44 15.22
N SER KA 115 -88.76 -25.51 16.02
CA SER KA 115 -89.56 -25.79 17.22
C SER KA 115 -91.05 -25.96 16.88
N GLY KA 116 -91.82 -26.43 17.86
CA GLY KA 116 -93.26 -26.63 17.71
C GLY KA 116 -93.74 -28.04 17.99
N VAL KA 117 -95.07 -28.21 17.96
CA VAL KA 117 -95.75 -29.50 18.19
C VAL KA 117 -96.31 -29.99 16.85
N LEU KA 118 -95.95 -31.22 16.45
CA LEU KA 118 -96.41 -31.81 15.20
C LEU KA 118 -97.68 -32.61 15.40
N LYS KA 119 -98.77 -32.20 14.73
CA LYS KA 119 -100.06 -32.85 14.76
C LYS KA 119 -100.33 -33.43 13.37
N VAL KA 120 -100.69 -34.73 13.31
CA VAL KA 120 -100.95 -35.45 12.07
C VAL KA 120 -101.97 -36.59 12.25
N CYS KA 121 -103.06 -36.56 11.45
CA CYS KA 121 -104.13 -37.55 11.48
C CYS KA 121 -103.70 -38.82 10.76
N PHE KA 122 -104.03 -40.00 11.35
CA PHE KA 122 -103.69 -41.30 10.78
C PHE KA 122 -104.89 -42.24 10.68
N ASP KA 123 -105.91 -42.05 11.54
CA ASP KA 123 -107.11 -42.89 11.57
C ASP KA 123 -108.37 -42.05 11.83
N ILE KA 124 -109.43 -42.30 11.05
CA ILE KA 124 -110.73 -41.62 11.18
C ILE KA 124 -111.73 -42.63 11.76
N VAL KA 125 -112.28 -42.31 12.95
CA VAL KA 125 -113.22 -43.19 13.65
C VAL KA 125 -114.64 -42.58 13.68
N THR KA 126 -115.59 -43.22 12.98
CA THR KA 126 -116.98 -42.80 12.93
C THR KA 126 -117.72 -43.55 14.05
N THR KA 127 -118.34 -42.80 14.98
CA THR KA 127 -119.04 -43.38 16.14
C THR KA 127 -120.52 -43.01 16.24
N SER KA 128 -121.27 -43.81 17.03
CA SER KA 128 -122.67 -43.63 17.35
C SER KA 128 -122.77 -43.29 18.86
N GLY KA 129 -123.97 -43.32 19.42
CA GLY KA 129 -124.19 -43.05 20.84
C GLY KA 129 -123.63 -44.14 21.74
N THR KA 130 -123.69 -45.41 21.26
CA THR KA 130 -123.21 -46.59 21.99
C THR KA 130 -121.73 -46.87 21.74
N GLY KA 131 -121.36 -47.19 20.50
CA GLY KA 131 -119.99 -47.52 20.14
C GLY KA 131 -119.54 -47.14 18.74
N VAL KA 132 -118.41 -47.72 18.31
CA VAL KA 132 -117.77 -47.51 17.00
C VAL KA 132 -118.60 -48.14 15.89
N THR KA 133 -118.91 -47.36 14.84
CA THR KA 133 -119.68 -47.82 13.68
C THR KA 133 -118.76 -48.27 12.54
N SER KA 134 -117.79 -47.42 12.17
CA SER KA 134 -116.83 -47.68 11.09
C SER KA 134 -115.51 -46.94 11.28
N THR KA 135 -114.41 -47.50 10.73
CA THR KA 135 -113.07 -46.90 10.80
C THR KA 135 -112.40 -46.83 9.42
N LYS KA 136 -111.79 -45.67 9.11
CA LYS KA 136 -111.12 -45.40 7.84
C LYS KA 136 -109.70 -44.83 8.09
N PRO KA 137 -108.62 -45.48 7.61
CA PRO KA 137 -107.28 -44.92 7.84
C PRO KA 137 -106.87 -43.86 6.82
N ILE KA 138 -106.08 -42.87 7.26
CA ILE KA 138 -105.56 -41.77 6.43
C ILE KA 138 -104.55 -42.33 5.43
N VAL KA 139 -104.67 -41.93 4.15
CA VAL KA 139 -103.81 -42.36 3.04
C VAL KA 139 -102.33 -42.01 3.28
N GLN KA 140 -101.46 -43.01 3.11
CA GLN KA 140 -100.01 -42.88 3.31
C GLN KA 140 -99.38 -42.38 2.01
N THR KA 141 -99.24 -41.05 1.90
CA THR KA 141 -98.70 -40.33 0.74
C THR KA 141 -97.20 -40.56 0.57
N SER KA 142 -96.79 -40.98 -0.64
CA SER KA 142 -95.40 -41.23 -0.99
C SER KA 142 -95.01 -40.35 -2.18
N THR KA 143 -94.44 -39.18 -1.88
CA THR KA 143 -94.01 -38.20 -2.88
C THR KA 143 -92.64 -38.59 -3.43
N LEU KA 144 -92.57 -38.82 -4.76
CA LEU KA 144 -91.33 -39.22 -5.44
C LEU KA 144 -91.09 -38.39 -6.70
N ASP KA 145 -89.82 -38.28 -7.14
CA ASP KA 145 -89.45 -37.50 -8.33
C ASP KA 145 -89.59 -38.33 -9.62
N SER KA 146 -88.94 -39.51 -9.68
CA SER KA 146 -89.01 -40.40 -10.84
C SER KA 146 -88.88 -41.87 -10.43
N ILE KA 147 -89.59 -42.76 -11.15
CA ILE KA 147 -89.60 -44.20 -10.85
C ILE KA 147 -89.22 -45.05 -12.07
N SER KA 148 -88.25 -45.96 -11.88
CA SER KA 148 -87.81 -46.94 -12.87
C SER KA 148 -88.34 -48.28 -12.34
N VAL KA 149 -89.47 -48.76 -12.90
CA VAL KA 149 -90.17 -49.97 -12.45
C VAL KA 149 -90.33 -51.05 -13.55
N ASN KA 150 -90.29 -52.34 -13.15
CA ASN KA 150 -90.47 -53.47 -14.06
C ASN KA 150 -91.97 -53.69 -14.29
N ASP KA 151 -92.73 -54.03 -13.24
CA ASP KA 151 -94.18 -54.27 -13.33
C ASP KA 151 -94.97 -53.52 -12.26
N MET KA 152 -96.22 -53.16 -12.58
CA MET KA 152 -97.10 -52.41 -11.69
C MET KA 152 -98.54 -52.91 -11.72
N THR KA 153 -99.24 -52.81 -10.57
CA THR KA 153 -100.64 -53.20 -10.43
C THR KA 153 -101.38 -52.09 -9.67
N VAL KA 154 -102.36 -51.45 -10.33
CA VAL KA 154 -103.15 -50.36 -9.78
C VAL KA 154 -104.60 -50.84 -9.54
N SER KA 155 -105.13 -50.60 -8.33
CA SER KA 155 -106.48 -50.98 -7.92
C SER KA 155 -107.52 -49.86 -8.08
N GLY KA 156 -107.07 -48.61 -8.01
CA GLY KA 156 -107.92 -47.43 -8.13
C GLY KA 156 -107.91 -46.84 -9.53
N SER KA 157 -107.15 -45.74 -9.72
CA SER KA 157 -107.00 -45.03 -11.00
C SER KA 157 -105.76 -44.15 -11.06
N ILE KA 158 -105.13 -44.06 -12.25
CA ILE KA 158 -103.95 -43.25 -12.53
C ILE KA 158 -104.39 -41.91 -13.13
N ASP KA 159 -103.85 -40.79 -12.59
CA ASP KA 159 -104.16 -39.45 -13.08
C ASP KA 159 -103.03 -38.95 -13.99
N VAL KA 160 -103.23 -39.06 -15.31
CA VAL KA 160 -102.26 -38.63 -16.33
C VAL KA 160 -102.62 -37.23 -16.89
N PRO KA 161 -101.63 -36.37 -17.25
CA PRO KA 161 -101.96 -35.02 -17.76
C PRO KA 161 -102.75 -35.00 -19.06
N VAL KA 162 -103.84 -34.22 -19.05
CA VAL KA 162 -104.79 -34.07 -20.15
C VAL KA 162 -104.62 -32.70 -20.83
N GLN KA 163 -104.71 -32.67 -22.18
CA GLN KA 163 -104.61 -31.47 -23.00
C GLN KA 163 -105.74 -31.46 -24.05
N THR KA 164 -106.50 -30.36 -24.10
CA THR KA 164 -107.61 -30.19 -25.04
C THR KA 164 -107.29 -29.17 -26.14
N LEU KA 165 -107.80 -29.41 -27.36
CA LEU KA 165 -107.58 -28.55 -28.52
C LEU KA 165 -108.78 -28.62 -29.48
N THR KA 166 -109.18 -27.45 -30.03
CA THR KA 166 -110.28 -27.33 -30.97
C THR KA 166 -109.82 -26.53 -32.21
N VAL KA 167 -109.30 -27.24 -33.22
CA VAL KA 167 -108.78 -26.66 -34.46
C VAL KA 167 -109.85 -26.65 -35.56
N GLU KA 168 -110.12 -25.46 -36.12
CA GLU KA 168 -111.06 -25.27 -37.22
C GLU KA 168 -110.30 -25.54 -38.51
N ALA KA 169 -110.33 -26.81 -38.97
CA ALA KA 169 -109.63 -27.32 -40.17
C ALA KA 169 -109.95 -26.56 -41.47
N GLY KA 170 -111.14 -25.98 -41.55
CA GLY KA 170 -111.59 -25.22 -42.70
C GLY KA 170 -112.66 -25.93 -43.52
N ASN KA 171 -113.21 -25.22 -44.52
CA ASN KA 171 -114.29 -25.68 -45.42
C ASN KA 171 -115.59 -26.06 -44.69
N GLY KA 172 -115.60 -25.92 -43.37
CA GLY KA 172 -116.73 -26.22 -42.49
C GLY KA 172 -116.49 -27.35 -41.51
N LEU KA 173 -115.22 -27.81 -41.40
CA LEU KA 173 -114.84 -28.90 -40.50
C LEU KA 173 -114.24 -28.40 -39.19
N GLN KA 174 -114.68 -29.01 -38.07
CA GLN KA 174 -114.21 -28.72 -36.71
C GLN KA 174 -113.71 -30.03 -36.08
N LEU KA 175 -112.55 -29.97 -35.41
CA LEU KA 175 -111.93 -31.13 -34.76
C LEU KA 175 -111.75 -30.89 -33.26
N GLN KA 176 -112.17 -31.85 -32.42
CA GLN KA 176 -112.02 -31.78 -30.96
C GLN KA 176 -111.02 -32.84 -30.50
N LEU KA 177 -109.79 -32.40 -30.22
CA LEU KA 177 -108.68 -33.27 -29.81
C LEU KA 177 -108.51 -33.31 -28.29
N THR KA 178 -108.20 -34.51 -27.74
CA THR KA 178 -107.97 -34.73 -26.32
C THR KA 178 -106.73 -35.62 -26.16
N LYS KA 179 -105.59 -35.00 -25.77
CA LYS KA 179 -104.29 -35.66 -25.60
C LYS KA 179 -104.01 -35.99 -24.13
N LYS KA 180 -103.78 -37.27 -23.82
CA LYS KA 180 -103.48 -37.74 -22.47
C LYS KA 180 -102.13 -38.46 -22.45
N ASN KA 181 -101.26 -38.10 -21.47
CA ASN KA 181 -99.90 -38.63 -21.28
C ASN KA 181 -98.97 -38.30 -22.48
N ASN KA 182 -99.26 -37.20 -23.21
CA ASN KA 182 -98.53 -36.71 -24.40
C ASN KA 182 -98.34 -37.74 -25.52
N ASP KA 183 -99.28 -38.71 -25.63
CA ASP KA 183 -99.19 -39.77 -26.64
C ASP KA 183 -100.52 -40.07 -27.35
N LEU KA 184 -101.51 -40.63 -26.61
CA LEU KA 184 -102.82 -40.99 -27.18
C LEU KA 184 -103.74 -39.79 -27.31
N VAL KA 185 -104.27 -39.56 -28.53
CA VAL KA 185 -105.17 -38.45 -28.85
C VAL KA 185 -106.43 -38.99 -29.54
N ILE KA 186 -107.62 -38.59 -29.06
CA ILE KA 186 -108.89 -38.97 -29.66
C ILE KA 186 -109.52 -37.73 -30.31
N VAL KA 187 -109.59 -37.74 -31.65
CA VAL KA 187 -110.14 -36.67 -32.46
C VAL KA 187 -111.64 -36.85 -32.64
N ARG KA 188 -112.43 -35.82 -32.31
CA ARG KA 188 -113.88 -35.81 -32.45
C ARG KA 188 -114.30 -34.89 -33.59
N PHE KA 189 -114.97 -35.44 -34.62
CA PHE KA 189 -115.42 -34.69 -35.79
C PHE KA 189 -116.70 -33.91 -35.52
N PHE KA 190 -116.71 -32.61 -35.93
CA PHE KA 190 -117.85 -31.70 -35.79
C PHE KA 190 -117.94 -30.71 -36.97
N GLY KA 191 -119.12 -30.11 -37.13
CA GLY KA 191 -119.41 -29.14 -38.18
C GLY KA 191 -120.07 -29.75 -39.42
N SER KA 192 -119.88 -29.09 -40.58
CA SER KA 192 -120.42 -29.52 -41.87
C SER KA 192 -119.52 -29.04 -43.02
N VAL KA 193 -118.77 -29.96 -43.64
CA VAL KA 193 -117.83 -29.67 -44.73
C VAL KA 193 -118.50 -29.38 -46.09
N SER KA 194 -118.01 -28.34 -46.80
CA SER KA 194 -118.49 -27.89 -48.11
C SER KA 194 -117.36 -27.30 -48.97
N ASN KA 195 -117.43 -27.48 -50.29
CA ASN KA 195 -116.47 -26.99 -51.31
C ASN KA 195 -115.04 -27.53 -51.10
N ILE KA 196 -114.85 -28.85 -51.30
CA ILE KA 196 -113.56 -29.54 -51.15
C ILE KA 196 -113.40 -30.72 -52.12
N GLN KA 197 -112.17 -30.95 -52.60
CA GLN KA 197 -111.81 -32.04 -53.53
C GLN KA 197 -110.87 -33.04 -52.86
N LYS KA 198 -110.74 -34.26 -53.45
CA LYS KA 198 -109.86 -35.33 -52.95
C LYS KA 198 -108.38 -35.00 -53.14
N GLY KA 199 -107.61 -35.16 -52.05
CA GLY KA 199 -106.18 -34.88 -52.03
C GLY KA 199 -105.82 -33.42 -51.82
N TRP KA 200 -106.83 -32.55 -51.66
CA TRP KA 200 -106.66 -31.12 -51.45
C TRP KA 200 -106.55 -30.74 -49.98
N ASN KA 201 -105.59 -29.85 -49.66
CA ASN KA 201 -105.34 -29.36 -48.30
C ASN KA 201 -106.49 -28.48 -47.84
N MET KA 202 -106.87 -28.59 -46.55
CA MET KA 202 -107.99 -27.84 -45.98
C MET KA 202 -107.65 -26.40 -45.58
N SER KA 203 -108.41 -25.44 -46.14
CA SER KA 203 -108.30 -23.98 -46.04
C SER KA 203 -107.98 -23.34 -44.68
N GLY KA 204 -108.65 -23.80 -43.62
CA GLY KA 204 -108.53 -23.24 -42.27
C GLY KA 204 -107.24 -23.50 -41.51
N THR KA 205 -107.35 -23.39 -40.17
CA THR KA 205 -106.28 -23.55 -39.17
C THR KA 205 -105.61 -24.92 -39.22
N TRP KA 206 -104.29 -24.95 -38.96
CA TRP KA 206 -103.47 -26.16 -38.91
C TRP KA 206 -103.35 -26.68 -37.47
N VAL KA 207 -103.03 -27.97 -37.30
CA VAL KA 207 -102.89 -28.64 -36.00
C VAL KA 207 -101.65 -28.11 -35.25
N ASP KA 208 -101.83 -27.72 -33.97
CA ASP KA 208 -100.78 -27.20 -33.08
C ASP KA 208 -99.67 -28.22 -32.85
N ARG KA 209 -98.43 -27.73 -32.65
CA ARG KA 209 -97.21 -28.52 -32.38
C ARG KA 209 -97.33 -29.60 -31.27
N PRO KA 210 -97.95 -29.37 -30.07
CA PRO KA 210 -98.03 -30.46 -29.08
C PRO KA 210 -98.98 -31.60 -29.46
N PHE KA 211 -99.82 -31.38 -30.50
CA PHE KA 211 -100.81 -32.35 -30.99
C PHE KA 211 -100.42 -32.99 -32.34
N ARG KA 212 -99.34 -32.50 -32.98
CA ARG KA 212 -98.85 -33.01 -34.26
C ARG KA 212 -98.23 -34.41 -34.12
N PRO KA 213 -98.57 -35.39 -35.00
CA PRO KA 213 -97.97 -36.73 -34.87
C PRO KA 213 -96.63 -36.87 -35.58
N ALA KA 214 -95.91 -37.99 -35.32
CA ALA KA 214 -94.60 -38.28 -35.92
C ALA KA 214 -94.73 -38.62 -37.41
N ALA KA 215 -95.78 -39.38 -37.77
CA ALA KA 215 -96.08 -39.81 -39.13
C ALA KA 215 -97.51 -39.40 -39.50
N VAL KA 216 -97.85 -39.45 -40.81
CA VAL KA 216 -99.18 -39.12 -41.33
C VAL KA 216 -100.24 -40.10 -40.80
N GLN KA 217 -101.22 -39.59 -40.04
CA GLN KA 217 -102.28 -40.38 -39.42
C GLN KA 217 -103.59 -40.27 -40.21
N SER KA 218 -104.03 -41.41 -40.76
CA SER KA 218 -105.27 -41.52 -41.53
C SER KA 218 -106.43 -41.77 -40.56
N LEU KA 219 -107.31 -40.77 -40.36
CA LEU KA 219 -108.45 -40.89 -39.44
C LEU KA 219 -109.79 -40.86 -40.15
N VAL KA 220 -110.57 -41.94 -39.98
CA VAL KA 220 -111.89 -42.15 -40.59
C VAL KA 220 -113.03 -41.48 -39.80
N GLY KA 221 -113.90 -40.79 -40.53
CA GLY KA 221 -115.10 -40.12 -40.04
C GLY KA 221 -116.34 -40.60 -40.77
N HIS KA 222 -117.52 -40.05 -40.41
CA HIS KA 222 -118.78 -40.45 -41.05
C HIS KA 222 -119.75 -39.28 -41.26
N PHE KA 223 -120.49 -39.30 -42.39
CA PHE KA 223 -121.49 -38.29 -42.72
C PHE KA 223 -122.82 -38.65 -42.07
N ALA KA 224 -123.27 -37.84 -41.09
CA ALA KA 224 -124.50 -38.05 -40.31
C ALA KA 224 -125.76 -38.16 -41.17
N GLY KA 225 -126.53 -39.23 -40.93
CA GLY KA 225 -127.77 -39.52 -41.64
C GLY KA 225 -127.60 -40.25 -42.96
N ARG KA 226 -126.35 -40.57 -43.33
CA ARG KA 226 -126.03 -41.26 -44.59
C ARG KA 226 -125.29 -42.58 -44.34
N ASP KA 227 -124.87 -43.25 -45.43
CA ASP KA 227 -124.08 -44.48 -45.39
C ASP KA 227 -122.72 -44.26 -46.08
N THR KA 228 -122.38 -42.98 -46.31
CA THR KA 228 -121.14 -42.51 -46.92
C THR KA 228 -120.13 -42.14 -45.84
N SER KA 229 -118.83 -42.41 -46.09
CA SER KA 229 -117.75 -42.13 -45.14
C SER KA 229 -116.61 -41.29 -45.75
N PHE KA 230 -115.72 -40.76 -44.88
CA PHE KA 230 -114.58 -39.94 -45.28
C PHE KA 230 -113.37 -40.19 -44.37
N HIS KA 231 -112.18 -39.73 -44.79
CA HIS KA 231 -110.94 -39.82 -44.01
C HIS KA 231 -110.01 -38.63 -44.25
N ILE KA 232 -109.39 -38.13 -43.18
CA ILE KA 232 -108.48 -36.98 -43.24
C ILE KA 232 -107.06 -37.33 -42.78
N ASP KA 233 -106.07 -36.96 -43.60
CA ASP KA 233 -104.65 -37.22 -43.32
C ASP KA 233 -103.99 -36.07 -42.56
N ILE KA 234 -103.71 -36.30 -41.26
CA ILE KA 234 -103.04 -35.31 -40.41
C ILE KA 234 -101.54 -35.54 -40.53
N ASN KA 235 -100.90 -34.79 -41.45
CA ASN KA 235 -99.48 -34.85 -41.76
C ASN KA 235 -98.62 -34.34 -40.57
N PRO KA 236 -97.31 -34.71 -40.46
CA PRO KA 236 -96.50 -34.25 -39.31
C PRO KA 236 -96.34 -32.73 -39.15
N ASN KA 237 -96.53 -31.95 -40.24
CA ASN KA 237 -96.41 -30.49 -40.21
C ASN KA 237 -97.67 -29.75 -39.71
N GLY KA 238 -98.70 -30.52 -39.34
CA GLY KA 238 -99.96 -29.98 -38.83
C GLY KA 238 -101.05 -29.81 -39.87
N SER KA 239 -100.69 -29.97 -41.16
CA SER KA 239 -101.61 -29.84 -42.29
C SER KA 239 -102.63 -30.99 -42.36
N ILE KA 240 -103.91 -30.64 -42.57
CA ILE KA 240 -105.01 -31.61 -42.67
C ILE KA 240 -105.42 -31.74 -44.15
N THR KA 241 -105.08 -32.88 -44.77
CA THR KA 241 -105.39 -33.15 -46.18
C THR KA 241 -106.65 -34.01 -46.28
N TRP KA 242 -107.66 -33.51 -47.02
CA TRP KA 242 -108.93 -34.20 -47.25
C TRP KA 242 -108.74 -35.39 -48.20
N TRP KA 243 -109.37 -36.53 -47.88
CA TRP KA 243 -109.28 -37.75 -48.69
C TRP KA 243 -110.60 -38.50 -48.90
N GLY KA 244 -111.71 -37.76 -48.87
CA GLY KA 244 -113.05 -38.28 -49.12
C GLY KA 244 -113.47 -37.93 -50.54
N ALA KA 245 -114.76 -38.14 -50.87
CA ALA KA 245 -115.26 -37.79 -52.21
C ALA KA 245 -115.47 -36.29 -52.33
N ASN KA 246 -115.38 -35.74 -53.56
CA ASN KA 246 -115.52 -34.31 -53.86
C ASN KA 246 -116.88 -33.77 -53.40
N ILE KA 247 -116.85 -32.76 -52.53
CA ILE KA 247 -118.05 -32.13 -51.97
C ILE KA 247 -118.31 -30.76 -52.56
N ASP KA 248 -119.55 -30.54 -53.00
CA ASP KA 248 -120.03 -29.29 -53.60
C ASP KA 248 -120.43 -28.23 -52.56
N LYS KA 249 -121.20 -27.24 -53.00
CA LYS KA 249 -121.68 -26.11 -52.20
C LYS KA 249 -122.55 -26.48 -51.00
N THR KA 250 -123.31 -27.60 -51.10
CA THR KA 250 -124.20 -28.09 -50.04
C THR KA 250 -123.37 -28.71 -48.88
N PRO KA 251 -123.51 -28.20 -47.63
CA PRO KA 251 -122.72 -28.78 -46.52
C PRO KA 251 -123.36 -30.00 -45.88
N ILE KA 252 -122.55 -31.06 -45.64
CA ILE KA 252 -122.99 -32.32 -45.02
C ILE KA 252 -122.34 -32.46 -43.65
N ALA KA 253 -123.16 -32.74 -42.61
CA ALA KA 253 -122.73 -32.91 -41.21
C ALA KA 253 -121.72 -34.05 -41.04
N THR KA 254 -120.55 -33.72 -40.46
CA THR KA 254 -119.45 -34.66 -40.24
C THR KA 254 -119.26 -34.97 -38.76
N ARG KA 255 -119.37 -36.27 -38.40
CA ARG KA 255 -119.21 -36.74 -37.01
C ARG KA 255 -118.39 -38.04 -36.98
N GLY KA 256 -117.66 -38.24 -35.88
CA GLY KA 256 -116.84 -39.44 -35.70
C GLY KA 256 -115.71 -39.33 -34.70
N ASN KA 257 -115.17 -40.49 -34.27
CA ASN KA 257 -114.05 -40.58 -33.34
C ASN KA 257 -112.88 -41.37 -33.93
N GLY KA 258 -111.69 -40.77 -33.87
CA GLY KA 258 -110.46 -41.34 -34.41
C GLY KA 258 -109.29 -41.23 -33.45
N SER KA 259 -108.64 -42.37 -33.16
CA SER KA 259 -107.50 -42.46 -32.24
C SER KA 259 -106.17 -42.64 -32.98
N TYR KA 260 -105.10 -42.00 -32.46
CA TYR KA 260 -103.74 -42.07 -33.00
C TYR KA 260 -102.67 -41.83 -31.94
N PHE KA 261 -101.45 -42.35 -32.17
CA PHE KA 261 -100.30 -42.17 -31.28
C PHE KA 261 -99.34 -41.12 -31.88
N ILE KA 262 -98.89 -40.17 -31.04
CA ILE KA 262 -97.93 -39.14 -31.46
C ILE KA 262 -96.53 -39.79 -31.53
N LYS KA 263 -96.10 -40.38 -30.41
CA LYS KA 263 -94.80 -41.05 -30.25
C LYS KA 263 -94.70 -42.34 -31.07
N THR LA 1 -32.38 -63.89 -25.28
CA THR LA 1 -31.03 -64.42 -25.17
C THR LA 1 -30.72 -65.33 -26.37
N ILE LA 2 -29.54 -65.16 -26.94
CA ILE LA 2 -29.10 -65.94 -28.09
C ILE LA 2 -28.22 -67.08 -27.59
N LYS LA 3 -28.49 -68.31 -28.06
CA LYS LA 3 -27.71 -69.52 -27.76
C LYS LA 3 -26.98 -69.98 -29.03
N ASN LA 4 -25.63 -70.06 -28.95
CA ASN LA 4 -24.72 -70.38 -30.05
C ASN LA 4 -24.27 -71.84 -30.00
N PHE LA 5 -24.63 -72.63 -31.04
CA PHE LA 5 -24.29 -74.06 -31.11
C PHE LA 5 -23.18 -74.47 -32.05
N THR LA 6 -23.26 -74.11 -33.35
CA THR LA 6 -22.24 -74.48 -34.34
C THR LA 6 -21.09 -73.47 -34.42
N PHE LA 7 -20.45 -73.20 -33.28
CA PHE LA 7 -19.34 -72.26 -33.15
C PHE LA 7 -18.25 -72.86 -32.28
N PHE LA 8 -17.00 -72.43 -32.48
CA PHE LA 8 -15.87 -72.95 -31.71
C PHE LA 8 -15.85 -72.45 -30.26
N SER LA 9 -15.50 -73.36 -29.34
CA SER LA 9 -15.41 -73.07 -27.91
C SER LA 9 -13.93 -72.86 -27.54
N PRO LA 10 -13.50 -71.59 -27.34
CA PRO LA 10 -12.07 -71.32 -27.05
C PRO LA 10 -11.48 -72.08 -25.86
N ASN LA 11 -12.28 -72.28 -24.81
CA ASN LA 11 -11.86 -73.01 -23.61
C ASN LA 11 -12.58 -74.36 -23.48
N SER LA 12 -13.06 -74.88 -24.62
CA SER LA 12 -13.78 -76.17 -24.80
C SER LA 12 -15.04 -76.32 -23.93
N THR LA 13 -15.60 -75.20 -23.42
CA THR LA 13 -16.77 -75.23 -22.54
C THR LA 13 -17.90 -74.27 -22.95
N GLU LA 14 -17.58 -73.23 -23.74
CA GLU LA 14 -18.51 -72.17 -24.16
C GLU LA 14 -19.75 -72.62 -24.88
N PHE LA 15 -19.58 -73.48 -25.89
CA PHE LA 15 -20.71 -73.89 -26.70
C PHE LA 15 -21.03 -75.40 -26.77
N PRO LA 16 -21.64 -76.00 -25.72
CA PRO LA 16 -21.99 -77.42 -25.81
C PRO LA 16 -23.30 -77.68 -26.55
N VAL LA 17 -23.28 -78.70 -27.41
CA VAL LA 17 -24.46 -79.03 -28.19
C VAL LA 17 -25.20 -80.27 -27.69
N GLY LA 18 -26.46 -80.08 -27.32
CA GLY LA 18 -27.34 -81.13 -26.81
C GLY LA 18 -28.04 -81.92 -27.89
N SER LA 19 -28.58 -83.09 -27.52
CA SER LA 19 -29.28 -83.96 -28.46
C SER LA 19 -30.56 -83.34 -29.02
N ASN LA 20 -31.26 -82.51 -28.21
CA ASN LA 20 -32.47 -81.81 -28.64
C ASN LA 20 -32.14 -80.68 -29.62
N ASN LA 21 -30.96 -80.05 -29.45
CA ASN LA 21 -30.49 -78.98 -30.32
C ASN LA 21 -30.12 -79.54 -31.69
N ASP LA 22 -29.49 -80.73 -31.72
CA ASP LA 22 -29.16 -81.41 -32.97
C ASP LA 22 -30.40 -82.00 -33.61
N GLY LA 23 -31.35 -82.45 -32.77
CA GLY LA 23 -32.64 -82.98 -33.20
C GLY LA 23 -33.39 -81.93 -33.99
N LYS LA 24 -33.45 -80.70 -33.44
CA LYS LA 24 -34.05 -79.52 -34.08
C LYS LA 24 -33.28 -79.10 -35.34
N LEU LA 25 -31.93 -79.21 -35.32
CA LEU LA 25 -31.03 -78.90 -36.45
C LEU LA 25 -31.27 -79.88 -37.61
N TYR LA 26 -31.34 -81.19 -37.33
CA TYR LA 26 -31.56 -82.23 -38.33
C TYR LA 26 -32.93 -82.15 -38.97
N MET LA 27 -33.97 -81.76 -38.19
CA MET LA 27 -35.35 -81.59 -38.67
C MET LA 27 -35.42 -80.44 -39.69
N MET LA 28 -34.75 -79.31 -39.36
CA MET LA 28 -34.72 -78.09 -40.19
C MET LA 28 -33.96 -78.26 -41.51
N LEU LA 29 -32.95 -79.14 -41.51
CA LEU LA 29 -32.17 -79.46 -42.71
C LEU LA 29 -33.00 -80.29 -43.68
N THR LA 30 -33.45 -81.47 -43.23
CA THR LA 30 -34.23 -82.39 -44.06
C THR LA 30 -35.63 -81.88 -44.37
N GLY LA 31 -36.12 -80.91 -43.62
CA GLY LA 31 -37.46 -80.35 -43.79
C GLY LA 31 -38.53 -81.31 -43.32
N MET LA 32 -38.44 -81.75 -42.06
CA MET LA 32 -39.42 -82.66 -41.46
C MET LA 32 -40.05 -82.05 -40.22
N ASP LA 33 -41.30 -82.42 -39.95
CA ASP LA 33 -42.00 -82.00 -38.75
C ASP LA 33 -42.11 -83.21 -37.81
N TYR LA 34 -42.88 -83.10 -36.72
CA TYR LA 34 -43.03 -84.22 -35.78
C TYR LA 34 -44.04 -85.27 -36.25
N ARG LA 35 -44.65 -85.08 -37.43
CA ARG LA 35 -45.66 -85.99 -37.96
C ARG LA 35 -45.18 -86.87 -39.13
N THR LA 36 -43.88 -86.85 -39.39
CA THR LA 36 -43.27 -87.66 -40.43
C THR LA 36 -41.97 -88.28 -39.92
N ILE LA 37 -41.31 -89.08 -40.78
CA ILE LA 37 -40.06 -89.75 -40.49
C ILE LA 37 -39.13 -89.73 -41.70
N ARG LA 38 -37.90 -90.17 -41.48
CA ARG LA 38 -36.92 -90.52 -42.49
C ARG LA 38 -36.67 -91.97 -42.16
N ARG LA 39 -36.80 -92.86 -43.15
CA ARG LA 39 -36.67 -94.30 -42.93
C ARG LA 39 -35.93 -94.97 -44.08
N LYS LA 40 -35.04 -95.91 -43.75
CA LYS LA 40 -34.31 -96.66 -44.75
C LYS LA 40 -34.08 -98.08 -44.30
N ASP LA 41 -34.58 -99.06 -45.10
CA ASP LA 41 -34.34 -100.47 -44.86
C ASP LA 41 -33.05 -100.80 -45.60
N TRP LA 42 -31.91 -100.90 -44.88
CA TRP LA 42 -30.61 -101.23 -45.49
C TRP LA 42 -30.65 -102.69 -45.95
N SER LA 43 -31.44 -103.51 -45.23
CA SER LA 43 -31.76 -104.90 -45.55
C SER LA 43 -33.26 -105.10 -45.32
N SER LA 44 -33.88 -105.98 -46.09
CA SER LA 44 -35.30 -106.22 -46.03
C SER LA 44 -35.79 -106.79 -44.69
N PRO LA 45 -36.87 -106.22 -44.11
CA PRO LA 45 -37.44 -106.81 -42.88
C PRO LA 45 -37.98 -108.21 -43.17
N LEU LA 46 -37.97 -109.11 -42.18
CA LEU LA 46 -38.41 -110.48 -42.37
C LEU LA 46 -39.68 -110.79 -41.60
N ASN LA 47 -40.66 -111.38 -42.30
CA ASN LA 47 -41.93 -111.74 -41.72
C ASN LA 47 -41.94 -113.22 -41.35
N THR LA 48 -42.25 -113.50 -40.07
CA THR LA 48 -42.32 -114.85 -39.51
C THR LA 48 -43.58 -114.92 -38.67
N ALA LA 49 -44.57 -115.74 -39.08
CA ALA LA 49 -45.90 -115.85 -38.45
C ALA LA 49 -46.48 -114.42 -38.29
N LEU LA 50 -47.05 -114.07 -37.12
CA LEU LA 50 -47.60 -112.73 -36.89
C LEU LA 50 -46.54 -111.81 -36.23
N ASN LA 51 -45.40 -111.66 -36.93
CA ASN LA 51 -44.26 -110.86 -36.48
C ASN LA 51 -43.51 -110.28 -37.66
N VAL LA 52 -42.95 -109.08 -37.48
CA VAL LA 52 -42.09 -108.41 -38.46
C VAL LA 52 -40.75 -108.16 -37.78
N GLN LA 53 -39.67 -108.67 -38.37
CA GLN LA 53 -38.33 -108.47 -37.85
C GLN LA 53 -37.63 -107.43 -38.70
N TYR LA 54 -37.30 -106.29 -38.11
CA TYR LA 54 -36.54 -105.26 -38.81
C TYR LA 54 -35.10 -105.65 -38.65
N THR LA 55 -34.50 -106.14 -39.74
CA THR LA 55 -33.14 -106.64 -39.78
C THR LA 55 -32.10 -105.53 -39.63
N ASN LA 56 -32.23 -104.48 -40.44
CA ASN LA 56 -31.36 -103.30 -40.41
C ASN LA 56 -32.10 -102.12 -41.03
N THR LA 57 -32.85 -101.42 -40.20
CA THR LA 57 -33.63 -100.25 -40.59
C THR LA 57 -33.19 -99.05 -39.75
N SER LA 58 -32.93 -97.91 -40.40
CA SER LA 58 -32.60 -96.66 -39.72
C SER LA 58 -33.81 -95.74 -39.79
N ILE LA 59 -34.11 -95.07 -38.68
CA ILE LA 59 -35.23 -94.13 -38.60
C ILE LA 59 -34.80 -92.84 -37.95
N ILE LA 60 -35.31 -91.73 -38.48
CA ILE LA 60 -35.16 -90.39 -37.90
C ILE LA 60 -36.58 -89.96 -37.56
N ALA LA 61 -36.85 -89.76 -36.27
CA ALA LA 61 -38.16 -89.32 -35.77
C ALA LA 61 -37.90 -88.18 -34.80
N GLY LA 62 -38.47 -87.01 -35.08
CA GLY LA 62 -38.25 -85.80 -34.30
C GLY LA 62 -36.79 -85.35 -34.28
N GLY LA 63 -36.08 -85.61 -35.40
CA GLY LA 63 -34.66 -85.32 -35.58
C GLY LA 63 -33.72 -86.28 -34.86
N ARG LA 64 -34.28 -87.33 -34.23
CA ARG LA 64 -33.52 -88.33 -33.47
C ARG LA 64 -33.28 -89.56 -34.30
N TYR LA 65 -32.01 -89.94 -34.45
CA TYR LA 65 -31.60 -91.07 -35.24
C TYR LA 65 -31.42 -92.31 -34.39
N PHE LA 66 -31.98 -93.43 -34.86
CA PHE LA 66 -31.86 -94.71 -34.21
C PHE LA 66 -31.92 -95.84 -35.22
N GLU LA 67 -31.25 -96.94 -34.91
CA GLU LA 67 -31.20 -98.11 -35.78
C GLU LA 67 -32.04 -99.21 -35.15
N LEU LA 68 -32.71 -100.04 -36.00
CA LEU LA 68 -33.47 -101.24 -35.61
C LEU LA 68 -32.67 -102.44 -36.16
N LEU LA 69 -31.97 -103.14 -35.27
CA LEU LA 69 -31.12 -104.26 -35.65
C LEU LA 69 -31.69 -105.52 -35.06
N ASN LA 70 -32.28 -106.38 -35.92
CA ASN LA 70 -32.99 -107.60 -35.55
C ASN LA 70 -34.01 -107.34 -34.43
N GLU LA 71 -34.88 -106.35 -34.68
CA GLU LA 71 -35.93 -105.92 -33.76
C GLU LA 71 -37.28 -106.42 -34.26
N THR LA 72 -37.89 -107.33 -33.48
CA THR LA 72 -39.16 -107.98 -33.83
C THR LA 72 -40.35 -107.30 -33.16
N VAL LA 73 -41.39 -107.03 -33.95
CA VAL LA 73 -42.66 -106.45 -33.49
C VAL LA 73 -43.74 -107.51 -33.68
N ALA LA 74 -44.47 -107.85 -32.59
CA ALA LA 74 -45.57 -108.81 -32.62
C ALA LA 74 -46.81 -108.15 -33.20
N LEU LA 75 -47.53 -108.86 -34.08
CA LEU LA 75 -48.70 -108.34 -34.78
C LEU LA 75 -50.01 -109.00 -34.39
N LYS LA 76 -51.11 -108.28 -34.62
CA LYS LA 76 -52.48 -108.75 -34.41
C LYS LA 76 -52.88 -109.45 -35.71
N GLY LA 77 -53.51 -110.61 -35.59
CA GLY LA 77 -53.97 -111.42 -36.73
C GLY LA 77 -55.20 -110.83 -37.39
N ASP LA 78 -55.35 -111.07 -38.73
CA ASP LA 78 -56.45 -110.59 -39.58
C ASP LA 78 -56.72 -109.10 -39.37
N SER LA 79 -55.65 -108.31 -39.32
CA SER LA 79 -55.74 -106.90 -39.02
C SER LA 79 -54.73 -106.08 -39.81
N VAL LA 80 -54.96 -104.75 -39.82
CA VAL LA 80 -54.06 -103.76 -40.41
C VAL LA 80 -53.29 -103.16 -39.21
N ASN LA 81 -51.99 -103.49 -39.12
CA ASN LA 81 -51.13 -103.08 -38.03
C ASN LA 81 -50.37 -101.83 -38.40
N TYR LA 82 -50.52 -100.78 -37.59
CA TYR LA 82 -49.81 -99.51 -37.77
C TYR LA 82 -48.61 -99.52 -36.83
N ILE LA 83 -47.40 -99.63 -37.42
CA ILE LA 83 -46.15 -99.71 -36.67
C ILE LA 83 -45.66 -98.33 -36.31
N HIS LA 84 -45.52 -98.08 -35.01
CA HIS LA 84 -45.11 -96.79 -34.49
C HIS LA 84 -43.76 -96.84 -33.80
N ALA LA 85 -43.03 -95.73 -33.93
CA ALA LA 85 -41.80 -95.48 -33.19
C ALA LA 85 -42.25 -94.55 -32.07
N ASN LA 86 -41.98 -94.94 -30.81
CA ASN LA 86 -42.38 -94.15 -29.65
C ASN LA 86 -41.15 -93.67 -28.90
N ILE LA 87 -41.04 -92.35 -28.72
CA ILE LA 87 -39.88 -91.74 -28.05
C ILE LA 87 -40.28 -91.08 -26.74
N ASP LA 88 -39.73 -91.59 -25.64
CA ASP LA 88 -39.95 -91.07 -24.29
C ASP LA 88 -38.58 -90.78 -23.71
N LEU LA 89 -38.22 -89.49 -23.65
CA LEU LA 89 -36.92 -89.04 -23.17
C LEU LA 89 -36.66 -89.24 -21.68
N THR LA 90 -37.74 -89.44 -20.89
CA THR LA 90 -37.63 -89.69 -19.45
C THR LA 90 -37.10 -91.12 -19.21
N GLN LA 91 -37.31 -92.03 -20.18
CA GLN LA 91 -36.84 -93.42 -20.14
C GLN LA 91 -35.39 -93.39 -20.64
N THR LA 92 -34.51 -92.83 -19.80
CA THR LA 92 -33.08 -92.63 -20.03
C THR LA 92 -32.32 -93.81 -20.68
N ALA LA 93 -32.52 -95.04 -20.18
CA ALA LA 93 -31.84 -96.23 -20.70
C ALA LA 93 -32.42 -96.75 -22.03
N ASN LA 94 -33.75 -96.66 -22.23
CA ASN LA 94 -34.42 -97.14 -23.45
C ASN LA 94 -35.44 -96.07 -23.90
N PRO LA 95 -35.00 -94.97 -24.53
CA PRO LA 95 -35.95 -93.92 -24.93
C PRO LA 95 -36.88 -94.28 -26.08
N VAL LA 96 -36.46 -95.23 -26.94
CA VAL LA 96 -37.23 -95.65 -28.10
C VAL LA 96 -37.80 -97.06 -27.96
N SER LA 97 -39.07 -97.22 -28.35
CA SER LA 97 -39.78 -98.50 -28.36
C SER LA 97 -40.71 -98.55 -29.57
N LEU LA 98 -41.00 -99.76 -30.05
CA LEU LA 98 -41.90 -99.97 -31.19
C LEU LA 98 -43.22 -100.59 -30.76
N SER LA 99 -44.32 -100.21 -31.42
CA SER LA 99 -45.64 -100.74 -31.12
C SER LA 99 -46.39 -101.01 -32.41
N ALA LA 100 -47.30 -101.99 -32.38
CA ALA LA 100 -48.19 -102.35 -33.48
C ALA LA 100 -49.59 -101.97 -33.00
N GLU LA 101 -50.19 -100.99 -33.66
CA GLU LA 101 -51.48 -100.45 -33.23
C GLU LA 101 -52.58 -100.58 -34.26
N THR LA 102 -53.84 -100.53 -33.80
CA THR LA 102 -55.05 -100.67 -34.61
C THR LA 102 -55.34 -99.47 -35.52
N ALA LA 103 -54.72 -98.31 -35.25
CA ALA LA 103 -54.92 -97.08 -36.01
C ALA LA 103 -53.62 -96.27 -36.09
N ASN LA 104 -53.55 -95.26 -36.98
CA ASN LA 104 -52.41 -94.38 -37.06
C ASN LA 104 -52.58 -93.36 -35.94
N ASN LA 105 -51.84 -93.56 -34.87
CA ASN LA 105 -51.91 -92.73 -33.66
C ASN LA 105 -50.76 -91.74 -33.50
N SER LA 106 -50.20 -91.25 -34.63
CA SER LA 106 -49.13 -90.24 -34.64
C SER LA 106 -49.66 -89.00 -33.95
N ASN LA 107 -48.93 -88.50 -32.93
CA ASN LA 107 -49.39 -87.39 -32.08
C ASN LA 107 -48.74 -86.04 -32.30
N GLY LA 108 -47.63 -85.99 -33.03
CA GLY LA 108 -46.87 -84.78 -33.34
C GLY LA 108 -46.31 -84.02 -32.15
N VAL LA 109 -46.02 -84.74 -31.04
CA VAL LA 109 -45.48 -84.17 -29.80
C VAL LA 109 -44.06 -83.63 -29.96
N ASP LA 110 -43.85 -82.35 -29.62
CA ASP LA 110 -42.56 -81.67 -29.71
C ASP LA 110 -41.65 -82.10 -28.55
N ILE LA 111 -40.89 -83.16 -28.76
CA ILE LA 111 -39.96 -83.71 -27.77
C ILE LA 111 -38.65 -82.92 -27.59
N ASN LA 112 -38.33 -82.05 -28.54
CA ASN LA 112 -37.09 -81.26 -28.46
C ASN LA 112 -37.26 -79.97 -27.69
N ASN LA 113 -38.50 -79.50 -27.52
CA ASN LA 113 -38.81 -78.27 -26.80
C ASN LA 113 -39.60 -78.46 -25.52
N GLY LA 114 -40.38 -79.54 -25.45
CA GLY LA 114 -41.19 -79.82 -24.27
C GLY LA 114 -41.26 -81.27 -23.85
N SER LA 115 -42.13 -81.56 -22.87
CA SER LA 115 -42.36 -82.89 -22.32
C SER LA 115 -43.40 -83.67 -23.14
N GLY LA 116 -43.47 -84.98 -22.92
CA GLY LA 116 -44.40 -85.86 -23.61
C GLY LA 116 -43.74 -86.95 -24.41
N VAL LA 117 -44.54 -87.94 -24.81
CA VAL LA 117 -44.08 -89.07 -25.60
C VAL LA 117 -44.41 -88.79 -27.06
N LEU LA 118 -43.41 -88.89 -27.95
CA LEU LA 118 -43.64 -88.72 -29.38
C LEU LA 118 -43.99 -90.09 -29.96
N LYS LA 119 -45.12 -90.15 -30.67
CA LYS LA 119 -45.58 -91.36 -31.36
C LYS LA 119 -45.66 -91.02 -32.84
N VAL LA 120 -45.00 -91.81 -33.68
CA VAL LA 120 -45.02 -91.58 -35.12
C VAL LA 120 -45.07 -92.90 -35.85
N CYS LA 121 -46.09 -93.06 -36.71
CA CYS LA 121 -46.27 -94.27 -37.51
C CYS LA 121 -45.33 -94.25 -38.73
N PHE LA 122 -44.63 -95.38 -38.99
CA PHE LA 122 -43.71 -95.48 -40.12
C PHE LA 122 -43.98 -96.65 -41.08
N ASP LA 123 -44.77 -97.64 -40.65
CA ASP LA 123 -45.08 -98.82 -41.45
C ASP LA 123 -46.52 -99.28 -41.24
N ILE LA 124 -47.11 -99.86 -42.30
CA ILE LA 124 -48.46 -100.43 -42.26
C ILE LA 124 -48.32 -101.90 -42.69
N VAL LA 125 -48.56 -102.82 -41.75
CA VAL LA 125 -48.42 -104.25 -41.98
C VAL LA 125 -49.78 -104.95 -41.88
N THR LA 126 -50.27 -105.50 -42.99
CA THR LA 126 -51.55 -106.21 -43.04
C THR LA 126 -51.32 -107.71 -42.86
N THR LA 127 -52.14 -108.34 -42.02
CA THR LA 127 -52.03 -109.77 -41.71
C THR LA 127 -53.25 -110.58 -42.09
N SER LA 128 -53.07 -111.91 -42.13
CA SER LA 128 -54.12 -112.90 -42.29
C SER LA 128 -54.19 -113.51 -40.87
N GLY LA 129 -54.78 -114.68 -40.73
CA GLY LA 129 -54.82 -115.34 -39.44
C GLY LA 129 -53.51 -116.03 -39.11
N THR LA 130 -52.65 -116.24 -40.12
CA THR LA 130 -51.38 -116.97 -40.01
C THR LA 130 -50.09 -116.16 -40.17
N GLY LA 131 -50.14 -115.07 -40.93
CA GLY LA 131 -48.95 -114.25 -41.18
C GLY LA 131 -49.20 -112.96 -41.94
N VAL LA 132 -48.11 -112.30 -42.38
CA VAL LA 132 -48.14 -111.04 -43.11
C VAL LA 132 -48.55 -111.26 -44.56
N THR LA 133 -49.55 -110.49 -45.04
CA THR LA 133 -50.02 -110.56 -46.42
C THR LA 133 -49.43 -109.43 -47.27
N SER LA 134 -49.27 -108.22 -46.68
CA SER LA 134 -48.70 -107.06 -47.35
C SER LA 134 -48.11 -106.04 -46.37
N THR LA 135 -47.16 -105.24 -46.85
CA THR LA 135 -46.51 -104.17 -46.10
C THR LA 135 -46.45 -102.92 -46.96
N LYS LA 136 -46.85 -101.78 -46.40
CA LYS LA 136 -46.83 -100.49 -47.05
C LYS LA 136 -46.16 -99.48 -46.14
N PRO LA 137 -45.09 -98.78 -46.60
CA PRO LA 137 -44.45 -97.80 -45.73
C PRO LA 137 -45.22 -96.49 -45.68
N ILE LA 138 -45.03 -95.72 -44.59
CA ILE LA 138 -45.63 -94.40 -44.45
C ILE LA 138 -44.75 -93.45 -45.28
N VAL LA 139 -45.39 -92.48 -45.95
CA VAL LA 139 -44.74 -91.47 -46.80
C VAL LA 139 -43.80 -90.60 -45.95
N GLN LA 140 -42.61 -90.31 -46.51
CA GLN LA 140 -41.61 -89.45 -45.87
C GLN LA 140 -41.79 -88.05 -46.49
N THR LA 141 -42.38 -87.12 -45.72
CA THR LA 141 -42.68 -85.77 -46.20
C THR LA 141 -41.51 -84.81 -46.03
N SER LA 142 -41.17 -84.11 -47.12
CA SER LA 142 -40.11 -83.11 -47.15
C SER LA 142 -40.79 -81.75 -47.38
N THR LA 143 -40.97 -80.99 -46.29
CA THR LA 143 -41.61 -79.68 -46.34
C THR LA 143 -40.56 -78.63 -46.65
N LEU LA 144 -40.70 -77.99 -47.82
CA LEU LA 144 -39.74 -76.99 -48.29
C LEU LA 144 -40.41 -75.67 -48.72
N ASP LA 145 -39.67 -74.55 -48.65
CA ASP LA 145 -40.24 -73.26 -48.99
C ASP LA 145 -40.08 -72.89 -50.48
N SER LA 146 -38.87 -73.02 -51.02
CA SER LA 146 -38.60 -72.64 -52.41
C SER LA 146 -37.51 -73.52 -52.98
N ILE LA 147 -37.70 -73.97 -54.23
CA ILE LA 147 -36.74 -74.86 -54.89
C ILE LA 147 -36.26 -74.34 -56.23
N SER LA 148 -34.93 -74.26 -56.41
CA SER LA 148 -34.28 -73.93 -57.67
C SER LA 148 -33.58 -75.30 -58.00
N VAL LA 149 -34.06 -76.02 -59.05
CA VAL LA 149 -33.53 -77.32 -59.50
C VAL LA 149 -33.43 -77.42 -61.04
N ASN LA 150 -32.44 -78.20 -61.53
CA ASN LA 150 -32.23 -78.42 -62.96
C ASN LA 150 -33.28 -79.36 -63.56
N ASP LA 151 -33.22 -80.66 -63.22
CA ASP LA 151 -34.16 -81.66 -63.73
C ASP LA 151 -34.86 -82.47 -62.63
N MET LA 152 -36.06 -83.00 -62.93
CA MET LA 152 -36.87 -83.78 -61.99
C MET LA 152 -37.59 -84.96 -62.66
N THR LA 153 -37.64 -86.11 -61.95
CA THR LA 153 -38.31 -87.33 -62.40
C THR LA 153 -39.44 -87.64 -61.41
N VAL LA 154 -40.69 -87.49 -61.86
CA VAL LA 154 -41.89 -87.73 -61.06
C VAL LA 154 -42.51 -89.08 -61.43
N SER LA 155 -42.65 -89.99 -60.45
CA SER LA 155 -43.25 -91.31 -60.70
C SER LA 155 -44.77 -91.30 -60.48
N GLY LA 156 -45.23 -90.43 -59.59
CA GLY LA 156 -46.65 -90.27 -59.26
C GLY LA 156 -47.25 -89.07 -59.96
N SER LA 157 -47.90 -88.17 -59.19
CA SER LA 157 -48.52 -86.96 -59.74
C SER LA 157 -48.24 -85.69 -58.96
N ILE LA 158 -47.99 -84.58 -59.69
CA ILE LA 158 -47.76 -83.26 -59.13
C ILE LA 158 -49.11 -82.60 -58.99
N ASP LA 159 -49.42 -82.09 -57.79
CA ASP LA 159 -50.66 -81.38 -57.53
C ASP LA 159 -50.33 -79.88 -57.56
N VAL LA 160 -50.88 -79.17 -58.55
CA VAL LA 160 -50.68 -77.72 -58.71
C VAL LA 160 -51.98 -76.98 -58.38
N PRO LA 161 -51.95 -75.68 -57.99
CA PRO LA 161 -53.21 -74.97 -57.70
C PRO LA 161 -54.15 -74.88 -58.90
N VAL LA 162 -55.46 -75.02 -58.64
CA VAL LA 162 -56.51 -74.98 -59.65
C VAL LA 162 -57.55 -73.93 -59.25
N GLN LA 163 -57.91 -73.07 -60.22
CA GLN LA 163 -58.95 -72.05 -60.05
C GLN LA 163 -59.96 -72.23 -61.17
N THR LA 164 -61.26 -72.06 -60.85
CA THR LA 164 -62.34 -72.17 -61.83
C THR LA 164 -63.17 -70.90 -61.85
N LEU LA 165 -63.74 -70.58 -63.03
CA LEU LA 165 -64.56 -69.39 -63.23
C LEU LA 165 -65.60 -69.64 -64.31
N THR LA 166 -66.85 -69.28 -64.03
CA THR LA 166 -67.94 -69.35 -65.01
C THR LA 166 -68.26 -67.90 -65.40
N VAL LA 167 -68.24 -67.62 -66.70
CA VAL LA 167 -68.51 -66.29 -67.22
C VAL LA 167 -69.76 -66.29 -68.08
N GLU LA 168 -70.74 -65.43 -67.73
CA GLU LA 168 -71.93 -65.22 -68.54
C GLU LA 168 -71.52 -64.07 -69.44
N ALA LA 169 -70.83 -64.43 -70.55
CA ALA LA 169 -70.24 -63.51 -71.53
C ALA LA 169 -71.20 -62.55 -72.21
N GLY LA 170 -72.47 -62.93 -72.28
CA GLY LA 170 -73.53 -62.15 -72.92
C GLY LA 170 -73.98 -62.83 -74.20
N ASN LA 171 -75.16 -62.42 -74.70
CA ASN LA 171 -75.78 -62.95 -75.91
C ASN LA 171 -76.10 -64.47 -75.81
N GLY LA 172 -76.12 -64.98 -74.58
CA GLY LA 172 -76.40 -66.38 -74.29
C GLY LA 172 -75.18 -67.27 -74.18
N LEU LA 173 -73.98 -66.73 -74.47
CA LEU LA 173 -72.73 -67.48 -74.39
C LEU LA 173 -72.24 -67.62 -72.95
N GLN LA 174 -71.81 -68.84 -72.59
CA GLN LA 174 -71.26 -69.14 -71.28
C GLN LA 174 -69.87 -69.76 -71.46
N LEU LA 175 -68.90 -69.32 -70.64
CA LEU LA 175 -67.55 -69.88 -70.63
C LEU LA 175 -67.29 -70.48 -69.26
N GLN LA 176 -66.74 -71.70 -69.23
CA GLN LA 176 -66.33 -72.34 -67.99
C GLN LA 176 -64.82 -72.50 -68.11
N LEU LA 177 -64.08 -71.65 -67.37
CA LEU LA 177 -62.62 -71.60 -67.42
C LEU LA 177 -61.99 -72.34 -66.24
N THR LA 178 -60.97 -73.15 -66.53
CA THR LA 178 -60.20 -73.88 -65.52
C THR LA 178 -58.73 -73.51 -65.72
N LYS LA 179 -58.12 -72.91 -64.69
CA LYS LA 179 -56.73 -72.46 -64.72
C LYS LA 179 -55.89 -73.30 -63.77
N LYS LA 180 -54.77 -73.84 -64.27
CA LYS LA 180 -53.86 -74.66 -63.48
C LYS LA 180 -52.46 -74.07 -63.48
N ASN LA 181 -51.78 -74.10 -62.32
CA ASN LA 181 -50.44 -73.53 -62.09
C ASN LA 181 -50.42 -72.01 -62.34
N ASN LA 182 -51.62 -71.38 -62.36
CA ASN LA 182 -51.83 -69.95 -62.59
C ASN LA 182 -51.41 -69.56 -64.03
N ASP LA 183 -51.29 -70.57 -64.92
CA ASP LA 183 -50.86 -70.32 -66.29
C ASP LA 183 -51.73 -70.93 -67.39
N LEU LA 184 -51.87 -72.27 -67.40
CA LEU LA 184 -52.64 -72.94 -68.44
C LEU LA 184 -54.14 -72.88 -68.17
N VAL LA 185 -54.90 -72.36 -69.14
CA VAL LA 185 -56.35 -72.25 -69.04
C VAL LA 185 -57.02 -73.06 -70.15
N ILE LA 186 -58.05 -73.82 -69.78
CA ILE LA 186 -58.89 -74.54 -70.72
C ILE LA 186 -60.30 -73.97 -70.58
N VAL LA 187 -60.82 -73.42 -71.67
CA VAL LA 187 -62.14 -72.80 -71.74
C VAL LA 187 -63.11 -73.80 -72.37
N ARG LA 188 -64.25 -74.05 -71.70
CA ARG LA 188 -65.30 -74.94 -72.20
C ARG LA 188 -66.51 -74.05 -72.52
N PHE LA 189 -66.98 -74.09 -73.78
CA PHE LA 189 -68.13 -73.28 -74.20
C PHE LA 189 -69.45 -73.96 -73.90
N PHE LA 190 -70.41 -73.16 -73.43
CA PHE LA 190 -71.79 -73.60 -73.15
C PHE LA 190 -72.78 -72.51 -73.53
N GLY LA 191 -74.07 -72.79 -73.39
CA GLY LA 191 -75.14 -71.88 -73.73
C GLY LA 191 -75.49 -71.89 -75.21
N SER LA 192 -76.19 -70.83 -75.66
CA SER LA 192 -76.64 -70.66 -77.05
C SER LA 192 -76.60 -69.18 -77.41
N VAL LA 193 -75.92 -68.84 -78.51
CA VAL LA 193 -75.71 -67.46 -78.96
C VAL LA 193 -76.76 -66.95 -79.96
N SER LA 194 -77.17 -65.68 -79.79
CA SER LA 194 -78.14 -64.96 -80.64
C SER LA 194 -77.90 -63.45 -80.57
N ASN LA 195 -78.36 -62.72 -81.61
CA ASN LA 195 -78.29 -61.25 -81.71
C ASN LA 195 -76.88 -60.67 -81.53
N ILE LA 196 -75.94 -61.13 -82.36
CA ILE LA 196 -74.54 -60.68 -82.32
C ILE LA 196 -73.97 -60.51 -83.74
N GLN LA 197 -73.02 -59.58 -83.90
CA GLN LA 197 -72.35 -59.36 -85.18
C GLN LA 197 -70.85 -59.57 -85.04
N LYS LA 198 -70.18 -59.90 -86.16
CA LYS LA 198 -68.73 -60.08 -86.21
C LYS LA 198 -68.03 -58.79 -85.81
N GLY LA 199 -67.02 -58.91 -84.93
CA GLY LA 199 -66.25 -57.78 -84.43
C GLY LA 199 -66.85 -57.09 -83.23
N TRP LA 200 -68.07 -57.46 -82.84
CA TRP LA 200 -68.77 -56.86 -81.70
C TRP LA 200 -68.42 -57.52 -80.40
N ASN LA 201 -68.30 -56.68 -79.36
CA ASN LA 201 -68.03 -57.06 -77.98
C ASN LA 201 -69.30 -57.72 -77.45
N MET LA 202 -69.15 -58.83 -76.72
CA MET LA 202 -70.29 -59.54 -76.13
C MET LA 202 -70.88 -58.71 -75.00
N SER LA 203 -72.22 -58.66 -74.89
CA SER LA 203 -72.98 -57.81 -73.97
C SER LA 203 -72.97 -58.09 -72.47
N GLY LA 204 -72.28 -59.15 -72.04
CA GLY LA 204 -72.26 -59.53 -70.63
C GLY LA 204 -71.01 -59.23 -69.84
N THR LA 205 -70.72 -60.10 -68.87
CA THR LA 205 -69.60 -60.02 -67.93
C THR LA 205 -68.24 -60.23 -68.62
N TRP LA 206 -67.26 -59.40 -68.22
CA TRP LA 206 -65.89 -59.51 -68.71
C TRP LA 206 -65.16 -60.54 -67.85
N VAL LA 207 -64.08 -61.13 -68.39
CA VAL LA 207 -63.27 -62.14 -67.70
C VAL LA 207 -62.55 -61.51 -66.50
N ASP LA 208 -62.65 -62.16 -65.32
CA ASP LA 208 -61.99 -61.69 -64.09
C ASP LA 208 -60.49 -61.59 -64.28
N ARG LA 209 -59.87 -60.58 -63.64
CA ARG LA 209 -58.43 -60.31 -63.72
C ARG LA 209 -57.51 -61.55 -63.61
N PRO LA 210 -57.71 -62.50 -62.65
CA PRO LA 210 -56.82 -63.68 -62.57
C PRO LA 210 -56.81 -64.62 -63.77
N PHE LA 211 -57.81 -64.51 -64.67
CA PHE LA 211 -57.92 -65.35 -65.86
C PHE LA 211 -57.56 -64.60 -67.16
N ARG LA 212 -57.29 -63.30 -67.06
CA ARG LA 212 -56.94 -62.47 -68.23
C ARG LA 212 -55.57 -62.80 -68.80
N PRO LA 213 -55.47 -63.02 -70.14
CA PRO LA 213 -54.16 -63.31 -70.74
C PRO LA 213 -53.32 -62.05 -70.96
N ALA LA 214 -52.00 -62.20 -71.16
CA ALA LA 214 -51.09 -61.08 -71.42
C ALA LA 214 -51.31 -60.52 -72.83
N ALA LA 215 -51.69 -61.42 -73.78
CA ALA LA 215 -51.96 -61.09 -75.18
C ALA LA 215 -53.31 -61.69 -75.59
N VAL LA 216 -53.96 -61.09 -76.61
CA VAL LA 216 -55.25 -61.54 -77.14
C VAL LA 216 -55.24 -63.03 -77.52
N GLN LA 217 -56.26 -63.78 -77.08
CA GLN LA 217 -56.36 -65.22 -77.35
C GLN LA 217 -57.62 -65.54 -78.13
N SER LA 218 -57.45 -66.13 -79.33
CA SER LA 218 -58.54 -66.52 -80.21
C SER LA 218 -58.91 -67.98 -79.93
N LEU LA 219 -60.13 -68.22 -79.45
CA LEU LA 219 -60.58 -69.58 -79.11
C LEU LA 219 -61.69 -70.06 -80.01
N VAL LA 220 -61.43 -71.16 -80.74
CA VAL LA 220 -62.35 -71.78 -81.70
C VAL LA 220 -63.44 -72.59 -80.99
N GLY LA 221 -64.68 -72.40 -81.41
CA GLY LA 221 -65.86 -73.12 -80.92
C GLY LA 221 -66.66 -73.73 -82.05
N HIS LA 222 -67.61 -74.62 -81.71
CA HIS LA 222 -68.43 -75.32 -82.70
C HIS LA 222 -69.93 -75.29 -82.38
N PHE LA 223 -70.78 -75.07 -83.41
CA PHE LA 223 -72.24 -75.05 -83.26
C PHE LA 223 -72.78 -76.46 -83.28
N ALA LA 224 -73.36 -76.90 -82.14
CA ALA LA 224 -73.89 -78.25 -81.96
C ALA LA 224 -74.89 -78.67 -83.04
N GLY LA 225 -74.63 -79.84 -83.63
CA GLY LA 225 -75.44 -80.44 -84.67
C GLY LA 225 -75.30 -79.80 -86.04
N ARG LA 226 -74.28 -78.94 -86.22
CA ARG LA 226 -74.03 -78.22 -87.48
C ARG LA 226 -72.60 -78.45 -87.97
N ASP LA 227 -72.30 -78.01 -89.20
CA ASP LA 227 -70.96 -78.08 -89.78
C ASP LA 227 -70.28 -76.71 -89.71
N THR LA 228 -70.90 -75.78 -88.95
CA THR LA 228 -70.45 -74.41 -88.76
C THR LA 228 -69.68 -74.21 -87.45
N SER LA 229 -68.77 -73.24 -87.45
CA SER LA 229 -67.93 -72.91 -86.30
C SER LA 229 -67.85 -71.39 -86.08
N PHE LA 230 -67.24 -71.00 -84.96
CA PHE LA 230 -67.04 -69.60 -84.58
C PHE LA 230 -65.74 -69.51 -83.80
N HIS LA 231 -65.33 -68.28 -83.47
CA HIS LA 231 -64.23 -68.01 -82.57
C HIS LA 231 -64.48 -66.73 -81.81
N ILE LA 232 -63.94 -66.66 -80.60
CA ILE LA 232 -64.05 -65.48 -79.74
C ILE LA 232 -62.65 -65.07 -79.35
N ASP LA 233 -62.46 -63.78 -79.10
CA ASP LA 233 -61.17 -63.26 -78.66
C ASP LA 233 -61.29 -62.83 -77.21
N ILE LA 234 -60.44 -63.40 -76.34
CA ILE LA 234 -60.37 -62.97 -74.95
C ILE LA 234 -59.26 -61.94 -74.96
N ASN LA 235 -59.62 -60.67 -74.79
CA ASN LA 235 -58.69 -59.56 -74.82
C ASN LA 235 -57.99 -59.37 -73.48
N PRO LA 236 -56.73 -58.84 -73.44
CA PRO LA 236 -56.05 -58.63 -72.15
C PRO LA 236 -56.81 -57.80 -71.11
N ASN LA 237 -57.76 -56.95 -71.55
CA ASN LA 237 -58.58 -56.13 -70.65
C ASN LA 237 -59.77 -56.91 -70.02
N GLY LA 238 -59.98 -58.14 -70.50
CA GLY LA 238 -61.05 -59.01 -70.01
C GLY LA 238 -62.27 -59.10 -70.92
N SER LA 239 -62.39 -58.18 -71.89
CA SER LA 239 -63.50 -58.14 -72.83
C SER LA 239 -63.43 -59.33 -73.79
N ILE LA 240 -64.60 -59.72 -74.32
CA ILE LA 240 -64.73 -60.83 -75.27
C ILE LA 240 -65.34 -60.30 -76.57
N THR LA 241 -64.62 -60.50 -77.69
CA THR LA 241 -65.05 -60.07 -79.01
C THR LA 241 -65.54 -61.27 -79.83
N TRP LA 242 -66.73 -61.16 -80.43
CA TRP LA 242 -67.32 -62.20 -81.27
C TRP LA 242 -66.67 -62.19 -82.65
N TRP LA 243 -66.19 -63.35 -83.09
CA TRP LA 243 -65.58 -63.45 -84.41
C TRP LA 243 -66.15 -64.55 -85.31
N GLY LA 244 -67.38 -64.96 -85.01
CA GLY LA 244 -68.14 -65.88 -85.84
C GLY LA 244 -68.94 -65.03 -86.80
N ALA LA 245 -69.83 -65.65 -87.59
CA ALA LA 245 -70.70 -64.90 -88.51
C ALA LA 245 -71.81 -64.18 -87.70
N ASN LA 246 -72.54 -63.23 -88.32
CA ASN LA 246 -73.64 -62.52 -87.66
C ASN LA 246 -74.76 -63.49 -87.30
N ILE LA 247 -75.30 -63.38 -86.08
CA ILE LA 247 -76.36 -64.26 -85.61
C ILE LA 247 -77.67 -63.51 -85.37
N ASP LA 248 -78.77 -64.07 -85.90
CA ASP LA 248 -80.13 -63.56 -85.72
C ASP LA 248 -80.74 -64.03 -84.39
N LYS LA 249 -81.98 -63.62 -84.16
CA LYS LA 249 -82.77 -63.85 -82.95
C LYS LA 249 -82.75 -65.28 -82.49
N THR LA 250 -82.84 -66.25 -83.42
CA THR LA 250 -82.81 -67.67 -83.10
C THR LA 250 -81.45 -68.10 -82.50
N PRO LA 251 -81.46 -68.68 -81.29
CA PRO LA 251 -80.19 -69.05 -80.62
C PRO LA 251 -79.65 -70.35 -81.21
N ILE LA 252 -78.32 -70.42 -81.29
CA ILE LA 252 -77.58 -71.59 -81.76
C ILE LA 252 -76.66 -72.07 -80.62
N ALA LA 253 -76.71 -73.37 -80.28
CA ALA LA 253 -75.90 -73.96 -79.22
C ALA LA 253 -74.41 -73.83 -79.52
N THR LA 254 -73.64 -73.40 -78.52
CA THR LA 254 -72.19 -73.18 -78.63
C THR LA 254 -71.43 -74.12 -77.71
N ARG LA 255 -70.51 -74.91 -78.27
CA ARG LA 255 -69.71 -75.88 -77.50
C ARG LA 255 -68.24 -75.88 -77.96
N GLY LA 256 -67.38 -76.56 -77.20
CA GLY LA 256 -65.97 -76.72 -77.54
C GLY LA 256 -64.96 -76.32 -76.48
N ASN LA 257 -63.76 -76.92 -76.56
CA ASN LA 257 -62.64 -76.65 -75.68
C ASN LA 257 -61.54 -75.89 -76.40
N GLY LA 258 -61.05 -74.83 -75.75
CA GLY LA 258 -59.97 -73.99 -76.23
C GLY LA 258 -58.97 -73.73 -75.11
N SER LA 259 -57.67 -73.79 -75.44
CA SER LA 259 -56.61 -73.58 -74.44
C SER LA 259 -55.76 -72.35 -74.72
N TYR LA 260 -55.25 -71.72 -73.65
CA TYR LA 260 -54.35 -70.56 -73.73
C TYR LA 260 -53.45 -70.46 -72.50
N PHE LA 261 -52.33 -69.73 -72.65
CA PHE LA 261 -51.39 -69.44 -71.59
C PHE LA 261 -51.63 -68.00 -71.14
N ILE LA 262 -51.66 -67.78 -69.82
CA ILE LA 262 -51.80 -66.43 -69.27
C ILE LA 262 -50.46 -65.70 -69.39
N LYS LA 263 -49.36 -66.40 -69.02
CA LYS LA 263 -47.99 -65.87 -69.02
C LYS LA 263 -47.31 -66.04 -70.38
N THR MA 1 -3.88 -81.93 -51.14
CA THR MA 1 -4.07 -82.42 -49.77
C THR MA 1 -5.55 -82.69 -49.50
N ILE MA 2 -5.86 -83.85 -48.90
CA ILE MA 2 -7.24 -84.26 -48.58
C ILE MA 2 -7.46 -84.19 -47.06
N LYS MA 3 -8.48 -83.41 -46.65
CA LYS MA 3 -8.89 -83.24 -45.26
C LYS MA 3 -10.15 -84.05 -44.99
N ASN MA 4 -10.00 -85.19 -44.30
CA ASN MA 4 -11.11 -86.09 -43.98
C ASN MA 4 -11.78 -85.68 -42.66
N PHE MA 5 -13.12 -85.79 -42.58
CA PHE MA 5 -13.87 -85.38 -41.37
C PHE MA 5 -14.79 -86.43 -40.75
N THR MA 6 -15.73 -87.00 -41.54
CA THR MA 6 -16.67 -88.03 -41.05
C THR MA 6 -16.00 -89.42 -41.07
N PHE MA 7 -14.88 -89.57 -40.36
CA PHE MA 7 -14.11 -90.81 -40.29
C PHE MA 7 -13.54 -91.05 -38.91
N PHE MA 8 -13.29 -92.32 -38.57
CA PHE MA 8 -12.75 -92.78 -37.30
C PHE MA 8 -11.33 -92.28 -37.05
N SER MA 9 -11.07 -91.80 -35.81
CA SER MA 9 -9.79 -91.27 -35.34
C SER MA 9 -9.14 -92.29 -34.37
N PRO MA 10 -8.19 -93.14 -34.84
CA PRO MA 10 -7.59 -94.15 -33.96
C PRO MA 10 -7.10 -93.67 -32.59
N ASN MA 11 -6.21 -92.65 -32.58
CA ASN MA 11 -5.62 -92.09 -31.36
C ASN MA 11 -6.40 -90.90 -30.82
N SER MA 12 -7.69 -90.78 -31.22
CA SER MA 12 -8.63 -89.71 -30.84
C SER MA 12 -8.07 -88.29 -31.12
N THR MA 13 -7.27 -88.17 -32.20
CA THR MA 13 -6.62 -86.94 -32.66
C THR MA 13 -6.65 -86.86 -34.20
N GLU MA 14 -7.03 -87.97 -34.88
CA GLU MA 14 -7.03 -88.10 -36.33
C GLU MA 14 -7.94 -87.18 -37.14
N PHE MA 15 -9.25 -87.20 -36.92
CA PHE MA 15 -10.08 -86.32 -37.73
C PHE MA 15 -10.89 -85.34 -36.91
N PRO MA 16 -10.23 -84.25 -36.44
CA PRO MA 16 -10.97 -83.25 -35.64
C PRO MA 16 -11.83 -82.40 -36.56
N VAL MA 17 -13.15 -82.39 -36.30
CA VAL MA 17 -14.10 -81.63 -37.11
C VAL MA 17 -14.50 -80.30 -36.46
N GLY MA 18 -14.18 -79.21 -37.16
CA GLY MA 18 -14.45 -77.85 -36.73
C GLY MA 18 -15.84 -77.35 -37.04
N SER MA 19 -16.18 -76.16 -36.50
CA SER MA 19 -17.49 -75.53 -36.70
C SER MA 19 -17.72 -75.09 -38.14
N ASN MA 20 -16.64 -74.68 -38.85
CA ASN MA 20 -16.71 -74.28 -40.26
C ASN MA 20 -16.87 -75.52 -41.16
N ASN MA 21 -16.20 -76.63 -40.79
CA ASN MA 21 -16.23 -77.91 -41.51
C ASN MA 21 -17.63 -78.52 -41.45
N ASP MA 22 -18.26 -78.49 -40.27
CA ASP MA 22 -19.63 -78.96 -40.08
C ASP MA 22 -20.60 -77.97 -40.70
N GLY MA 23 -20.26 -76.68 -40.61
CA GLY MA 23 -21.03 -75.58 -41.19
C GLY MA 23 -21.21 -75.75 -42.69
N LYS MA 24 -20.10 -76.09 -43.38
CA LYS MA 24 -20.05 -76.37 -44.81
C LYS MA 24 -20.81 -77.65 -45.13
N LEU MA 25 -20.68 -78.67 -44.24
CA LEU MA 25 -21.38 -79.95 -44.36
C LEU MA 25 -22.90 -79.77 -44.33
N TYR MA 26 -23.42 -79.09 -43.28
CA TYR MA 26 -24.84 -78.82 -43.09
C TYR MA 26 -25.48 -78.04 -44.25
N MET MA 27 -24.74 -77.09 -44.86
CA MET MA 27 -25.19 -76.29 -46.00
C MET MA 27 -25.47 -77.15 -47.23
N MET MA 28 -24.55 -78.06 -47.56
CA MET MA 28 -24.61 -78.96 -48.70
C MET MA 28 -25.76 -79.98 -48.59
N LEU MA 29 -26.08 -80.40 -47.36
CA LEU MA 29 -27.14 -81.36 -47.06
C LEU MA 29 -28.52 -80.78 -47.37
N THR MA 30 -28.80 -79.55 -46.87
CA THR MA 30 -30.07 -78.86 -47.09
C THR MA 30 -30.14 -78.10 -48.43
N GLY MA 31 -28.98 -77.81 -49.00
CA GLY MA 31 -28.85 -77.10 -50.28
C GLY MA 31 -29.07 -75.62 -50.15
N MET MA 32 -28.23 -74.95 -49.33
CA MET MA 32 -28.32 -73.51 -49.08
C MET MA 32 -27.01 -72.78 -49.35
N ASP MA 33 -27.11 -71.46 -49.63
CA ASP MA 33 -25.97 -70.58 -49.84
C ASP MA 33 -25.87 -69.60 -48.65
N TYR MA 34 -24.97 -68.61 -48.73
CA TYR MA 34 -24.80 -67.62 -47.66
C TYR MA 34 -25.85 -66.49 -47.72
N ARG MA 35 -26.77 -66.58 -48.70
CA ARG MA 35 -27.83 -65.59 -48.91
C ARG MA 35 -29.20 -66.02 -48.38
N THR MA 36 -29.35 -67.32 -48.03
CA THR MA 36 -30.59 -67.86 -47.46
C THR MA 36 -30.41 -68.48 -46.08
N ILE MA 37 -31.52 -68.70 -45.36
CA ILE MA 37 -31.55 -69.27 -44.01
C ILE MA 37 -32.46 -70.50 -43.91
N ARG MA 38 -32.42 -71.14 -42.73
CA ARG MA 38 -33.29 -72.24 -42.33
C ARG MA 38 -33.83 -71.76 -40.99
N ARG MA 39 -35.10 -71.32 -40.97
CA ARG MA 39 -35.74 -70.74 -39.80
C ARG MA 39 -37.03 -71.46 -39.43
N LYS MA 40 -37.23 -71.70 -38.13
CA LYS MA 40 -38.44 -72.32 -37.60
C LYS MA 40 -38.85 -71.72 -36.26
N ASP MA 41 -40.10 -71.24 -36.19
CA ASP MA 41 -40.69 -70.67 -34.99
C ASP MA 41 -41.41 -71.79 -34.24
N TRP MA 42 -40.75 -72.33 -33.20
CA TRP MA 42 -41.30 -73.40 -32.36
C TRP MA 42 -42.46 -72.87 -31.54
N SER MA 43 -42.34 -71.61 -31.10
CA SER MA 43 -43.35 -70.86 -30.38
C SER MA 43 -43.42 -69.49 -31.05
N SER MA 44 -44.64 -69.05 -31.41
CA SER MA 44 -44.91 -67.79 -32.11
C SER MA 44 -44.27 -66.57 -31.42
N PRO MA 45 -43.50 -65.74 -32.16
CA PRO MA 45 -42.87 -64.56 -31.53
C PRO MA 45 -43.88 -63.52 -31.07
N LEU MA 46 -43.63 -62.90 -29.91
CA LEU MA 46 -44.51 -61.90 -29.32
C LEU MA 46 -44.10 -60.47 -29.69
N ASN MA 47 -45.10 -59.65 -30.05
CA ASN MA 47 -44.92 -58.26 -30.44
C ASN MA 47 -45.47 -57.32 -29.38
N THR MA 48 -44.59 -56.62 -28.66
CA THR MA 48 -44.96 -55.67 -27.60
C THR MA 48 -44.41 -54.31 -28.03
N ALA MA 49 -45.30 -53.32 -28.28
CA ALA MA 49 -44.99 -51.96 -28.76
C ALA MA 49 -44.14 -52.02 -30.04
N LEU MA 50 -43.11 -51.15 -30.16
CA LEU MA 50 -42.20 -51.16 -31.33
C LEU MA 50 -41.00 -52.09 -31.08
N ASN MA 51 -41.28 -53.33 -30.64
CA ASN MA 51 -40.30 -54.37 -30.34
C ASN MA 51 -40.87 -55.75 -30.65
N VAL MA 52 -40.01 -56.66 -31.16
CA VAL MA 52 -40.38 -58.04 -31.48
C VAL MA 52 -39.50 -59.04 -30.72
N GLN MA 53 -40.13 -59.85 -29.85
CA GLN MA 53 -39.44 -60.85 -29.04
C GLN MA 53 -39.60 -62.23 -29.64
N TYR MA 54 -38.48 -62.89 -29.99
CA TYR MA 54 -38.48 -64.23 -30.55
C TYR MA 54 -38.42 -65.21 -29.38
N THR MA 55 -39.61 -65.68 -28.94
CA THR MA 55 -39.81 -66.63 -27.81
C THR MA 55 -38.91 -67.86 -27.94
N ASN MA 56 -39.02 -68.59 -29.06
CA ASN MA 56 -38.20 -69.75 -29.40
C ASN MA 56 -38.17 -69.93 -30.91
N THR MA 57 -37.07 -69.47 -31.52
CA THR MA 57 -36.84 -69.53 -32.96
C THR MA 57 -35.42 -69.98 -33.22
N SER MA 58 -35.26 -71.11 -33.93
CA SER MA 58 -33.96 -71.65 -34.29
C SER MA 58 -33.64 -71.22 -35.72
N ILE MA 59 -32.39 -70.78 -35.97
CA ILE MA 59 -31.94 -70.32 -37.28
C ILE MA 59 -30.60 -70.94 -37.68
N ILE MA 60 -30.52 -71.44 -38.93
CA ILE MA 60 -29.31 -72.00 -39.50
C ILE MA 60 -28.86 -71.05 -40.62
N ALA MA 61 -27.94 -70.13 -40.28
CA ALA MA 61 -27.40 -69.15 -41.22
C ALA MA 61 -25.94 -69.49 -41.50
N GLY MA 62 -25.62 -69.72 -42.76
CA GLY MA 62 -24.29 -70.11 -43.22
C GLY MA 62 -23.85 -71.44 -42.65
N GLY MA 63 -24.83 -72.33 -42.45
CA GLY MA 63 -24.64 -73.67 -41.88
C GLY MA 63 -24.38 -73.68 -40.40
N ARG MA 64 -24.57 -72.53 -39.72
CA ARG MA 64 -24.35 -72.42 -38.28
C ARG MA 64 -25.68 -72.32 -37.54
N TYR MA 65 -25.94 -73.30 -36.65
CA TYR MA 65 -27.16 -73.40 -35.87
C TYR MA 65 -27.08 -72.59 -34.58
N PHE MA 66 -28.15 -71.79 -34.34
CA PHE MA 66 -28.31 -70.95 -33.14
C PHE MA 66 -29.78 -70.79 -32.78
N GLU MA 67 -30.07 -70.70 -31.47
CA GLU MA 67 -31.43 -70.55 -30.94
C GLU MA 67 -31.68 -69.16 -30.34
N LEU MA 68 -32.83 -68.53 -30.66
CA LEU MA 68 -33.22 -67.23 -30.12
C LEU MA 68 -34.25 -67.52 -29.03
N LEU MA 69 -33.84 -67.42 -27.77
CA LEU MA 69 -34.72 -67.72 -26.63
C LEU MA 69 -35.08 -66.43 -25.89
N ASN MA 70 -36.30 -65.90 -26.19
CA ASN MA 70 -36.86 -64.65 -25.65
C ASN MA 70 -35.98 -63.43 -25.94
N GLU MA 71 -35.35 -63.42 -27.13
CA GLU MA 71 -34.47 -62.36 -27.61
C GLU MA 71 -35.33 -61.28 -28.30
N THR MA 72 -35.41 -60.11 -27.67
CA THR MA 72 -36.20 -58.97 -28.17
C THR MA 72 -35.33 -58.02 -28.99
N VAL MA 73 -35.85 -57.55 -30.13
CA VAL MA 73 -35.16 -56.61 -31.02
C VAL MA 73 -36.02 -55.36 -31.28
N ALA MA 74 -35.45 -54.16 -31.00
CA ALA MA 74 -36.11 -52.86 -31.17
C ALA MA 74 -36.43 -52.57 -32.62
N LEU MA 75 -37.57 -51.89 -32.87
CA LEU MA 75 -38.04 -51.56 -34.23
C LEU MA 75 -38.18 -50.06 -34.49
N LYS MA 76 -38.26 -49.68 -35.78
CA LYS MA 76 -38.45 -48.31 -36.26
C LYS MA 76 -39.93 -48.05 -36.50
N GLY MA 77 -40.43 -46.93 -36.00
CA GLY MA 77 -41.83 -46.53 -36.11
C GLY MA 77 -42.28 -46.21 -37.53
N ASP MA 78 -43.45 -46.76 -37.93
CA ASP MA 78 -44.08 -46.61 -39.24
C ASP MA 78 -43.15 -47.00 -40.40
N SER MA 79 -42.32 -48.03 -40.20
CA SER MA 79 -41.34 -48.48 -41.18
C SER MA 79 -41.35 -49.99 -41.39
N VAL MA 80 -40.79 -50.42 -42.53
CA VAL MA 80 -40.67 -51.83 -42.91
C VAL MA 80 -39.27 -52.28 -42.44
N ASN MA 81 -39.22 -52.94 -41.26
CA ASN MA 81 -37.98 -53.39 -40.65
C ASN MA 81 -37.52 -54.76 -41.14
N TYR MA 82 -36.28 -54.83 -41.64
CA TYR MA 82 -35.65 -56.04 -42.16
C TYR MA 82 -34.72 -56.61 -41.07
N ILE MA 83 -35.19 -57.65 -40.37
CA ILE MA 83 -34.45 -58.30 -39.27
C ILE MA 83 -33.34 -59.18 -39.83
N HIS MA 84 -32.09 -58.90 -39.43
CA HIS MA 84 -30.91 -59.63 -39.90
C HIS MA 84 -30.21 -60.42 -38.81
N ALA MA 85 -29.63 -61.56 -39.20
CA ALA MA 85 -28.83 -62.42 -38.33
C ALA MA 85 -27.38 -62.13 -38.71
N ASN MA 86 -26.62 -61.53 -37.78
CA ASN MA 86 -25.24 -61.12 -38.03
C ASN MA 86 -24.24 -62.03 -37.35
N ILE MA 87 -23.38 -62.70 -38.15
CA ILE MA 87 -22.36 -63.62 -37.63
C ILE MA 87 -20.95 -63.06 -37.84
N ASP MA 88 -20.23 -62.87 -36.72
CA ASP MA 88 -18.85 -62.39 -36.71
C ASP MA 88 -18.03 -63.37 -35.88
N LEU MA 89 -17.26 -64.23 -36.56
CA LEU MA 89 -16.44 -65.28 -35.94
C LEU MA 89 -15.32 -64.75 -35.04
N THR MA 90 -14.86 -63.51 -35.26
CA THR MA 90 -13.83 -62.86 -34.45
C THR MA 90 -14.36 -62.58 -33.04
N GLN MA 91 -15.68 -62.31 -32.91
CA GLN MA 91 -16.36 -62.10 -31.64
C GLN MA 91 -16.63 -63.50 -31.06
N THR MA 92 -15.56 -64.13 -30.54
CA THR MA 92 -15.56 -65.51 -30.02
C THR MA 92 -16.54 -65.79 -28.87
N ALA MA 93 -16.79 -64.78 -28.02
CA ALA MA 93 -17.71 -64.88 -26.88
C ALA MA 93 -19.16 -64.96 -27.36
N ASN MA 94 -19.57 -64.04 -28.26
CA ASN MA 94 -20.93 -63.98 -28.83
C ASN MA 94 -20.88 -63.70 -30.34
N PRO MA 95 -20.80 -64.75 -31.18
CA PRO MA 95 -20.70 -64.53 -32.64
C PRO MA 95 -21.99 -64.03 -33.30
N VAL MA 96 -23.15 -64.49 -32.83
CA VAL MA 96 -24.44 -64.10 -33.40
C VAL MA 96 -25.07 -62.91 -32.68
N SER MA 97 -25.51 -61.91 -33.47
CA SER MA 97 -26.17 -60.69 -33.04
C SER MA 97 -27.31 -60.39 -34.00
N LEU MA 98 -28.42 -59.83 -33.49
CA LEU MA 98 -29.58 -59.46 -34.32
C LEU MA 98 -29.69 -57.97 -34.54
N SER MA 99 -30.26 -57.56 -35.69
CA SER MA 99 -30.44 -56.14 -36.03
C SER MA 99 -31.63 -55.90 -36.94
N ALA MA 100 -32.47 -54.91 -36.59
CA ALA MA 100 -33.61 -54.49 -37.40
C ALA MA 100 -33.10 -53.35 -38.28
N GLU MA 101 -33.16 -53.53 -39.60
CA GLU MA 101 -32.63 -52.55 -40.54
C GLU MA 101 -33.64 -51.97 -41.52
N THR MA 102 -33.25 -50.86 -42.18
CA THR MA 102 -34.05 -50.11 -43.16
C THR MA 102 -34.33 -50.91 -44.43
N ALA MA 103 -33.34 -51.66 -44.94
CA ALA MA 103 -33.45 -52.47 -46.15
C ALA MA 103 -32.80 -53.85 -46.00
N ASN MA 104 -33.05 -54.77 -46.96
CA ASN MA 104 -32.49 -56.11 -46.98
C ASN MA 104 -31.00 -56.01 -47.36
N ASN MA 105 -30.15 -55.92 -46.32
CA ASN MA 105 -28.69 -55.77 -46.46
C ASN MA 105 -27.93 -57.10 -46.37
N SER MA 106 -28.47 -58.17 -47.00
CA SER MA 106 -27.84 -59.50 -47.03
C SER MA 106 -26.59 -59.45 -47.92
N ASN MA 107 -25.42 -59.80 -47.35
CA ASN MA 107 -24.14 -59.75 -48.06
C ASN MA 107 -23.69 -61.05 -48.72
N GLY MA 108 -23.92 -62.17 -48.04
CA GLY MA 108 -23.52 -63.48 -48.54
C GLY MA 108 -22.04 -63.77 -48.40
N VAL MA 109 -21.43 -63.27 -47.30
CA VAL MA 109 -20.00 -63.42 -46.97
C VAL MA 109 -19.70 -64.88 -46.61
N ASP MA 110 -18.69 -65.48 -47.27
CA ASP MA 110 -18.26 -66.86 -47.00
C ASP MA 110 -17.44 -66.91 -45.71
N ILE MA 111 -18.14 -67.03 -44.57
CA ILE MA 111 -17.55 -67.08 -43.23
C ILE MA 111 -16.82 -68.39 -42.94
N ASN MA 112 -17.29 -69.51 -43.53
CA ASN MA 112 -16.70 -70.83 -43.32
C ASN MA 112 -15.33 -71.01 -43.98
N ASN MA 113 -15.14 -70.44 -45.18
CA ASN MA 113 -13.87 -70.54 -45.91
C ASN MA 113 -12.97 -69.32 -45.71
N GLY MA 114 -13.55 -68.13 -45.72
CA GLY MA 114 -12.82 -66.88 -45.57
C GLY MA 114 -13.22 -66.07 -44.35
N SER MA 115 -12.84 -64.79 -44.34
CA SER MA 115 -13.11 -63.85 -43.25
C SER MA 115 -14.32 -62.96 -43.56
N GLY MA 116 -14.66 -62.07 -42.63
CA GLY MA 116 -15.77 -61.13 -42.76
C GLY MA 116 -16.95 -61.38 -41.85
N VAL MA 117 -17.96 -60.49 -41.93
CA VAL MA 117 -19.19 -60.56 -41.16
C VAL MA 117 -20.34 -60.93 -42.09
N LEU MA 118 -21.04 -62.04 -41.79
CA LEU MA 118 -22.17 -62.50 -42.59
C LEU MA 118 -23.47 -61.88 -42.12
N LYS MA 119 -24.18 -61.24 -43.05
CA LYS MA 119 -25.49 -60.61 -42.82
C LYS MA 119 -26.51 -61.31 -43.70
N VAL MA 120 -27.65 -61.69 -43.10
CA VAL MA 120 -28.74 -62.37 -43.81
C VAL MA 120 -30.11 -62.12 -43.16
N CYS MA 121 -31.05 -61.56 -43.95
CA CYS MA 121 -32.40 -61.25 -43.50
C CYS MA 121 -33.25 -62.50 -43.45
N PHE MA 122 -34.06 -62.64 -42.38
CA PHE MA 122 -34.93 -63.79 -42.17
C PHE MA 122 -36.40 -63.40 -41.95
N ASP MA 123 -36.64 -62.19 -41.40
CA ASP MA 123 -37.98 -61.70 -41.10
C ASP MA 123 -38.16 -60.25 -41.53
N ILE MA 124 -39.35 -59.91 -42.04
CA ILE MA 124 -39.72 -58.57 -42.48
C ILE MA 124 -40.90 -58.11 -41.61
N VAL MA 125 -40.63 -57.18 -40.69
CA VAL MA 125 -41.61 -56.66 -39.74
C VAL MA 125 -42.10 -55.27 -40.15
N THR MA 126 -43.38 -55.17 -40.53
CA THR MA 126 -44.02 -53.91 -40.92
C THR MA 126 -44.68 -53.33 -39.66
N THR MA 127 -44.32 -52.09 -39.32
CA THR MA 127 -44.81 -51.43 -38.10
C THR MA 127 -45.62 -50.17 -38.33
N SER MA 128 -46.31 -49.70 -37.27
CA SER MA 128 -47.10 -48.48 -37.23
C SER MA 128 -46.43 -47.51 -36.24
N GLY MA 129 -47.19 -46.51 -35.77
CA GLY MA 129 -46.70 -45.55 -34.80
C GLY MA 129 -46.63 -46.12 -33.40
N THR MA 130 -47.57 -47.03 -33.08
CA THR MA 130 -47.69 -47.68 -31.78
C THR MA 130 -46.98 -49.04 -31.72
N GLY MA 131 -47.38 -49.97 -32.58
CA GLY MA 131 -46.80 -51.31 -32.61
C GLY MA 131 -46.57 -51.90 -33.99
N VAL MA 132 -46.71 -53.24 -34.09
CA VAL MA 132 -46.51 -54.03 -35.31
C VAL MA 132 -47.85 -54.24 -36.04
N THR MA 133 -47.86 -54.07 -37.37
CA THR MA 133 -49.04 -54.26 -38.22
C THR MA 133 -49.06 -55.65 -38.86
N SER MA 134 -47.96 -56.04 -39.55
CA SER MA 134 -47.83 -57.33 -40.23
C SER MA 134 -46.39 -57.85 -40.24
N THR MA 135 -46.24 -59.19 -40.29
CA THR MA 135 -44.94 -59.86 -40.32
C THR MA 135 -44.89 -60.88 -41.44
N LYS MA 136 -43.87 -60.79 -42.32
CA LYS MA 136 -43.66 -61.67 -43.45
C LYS MA 136 -42.23 -62.26 -43.40
N PRO MA 137 -42.06 -63.58 -43.25
CA PRO MA 137 -40.69 -64.14 -43.20
C PRO MA 137 -40.06 -64.30 -44.59
N ILE MA 138 -38.71 -64.25 -44.63
CA ILE MA 138 -37.90 -64.42 -45.85
C ILE MA 138 -38.00 -65.87 -46.34
N VAL MA 139 -38.03 -66.05 -47.67
CA VAL MA 139 -38.10 -67.35 -48.34
C VAL MA 139 -36.85 -68.22 -48.07
N GLN MA 140 -37.04 -69.55 -47.92
CA GLN MA 140 -35.96 -70.49 -47.65
C GLN MA 140 -35.59 -71.26 -48.91
N THR MA 141 -34.58 -70.76 -49.64
CA THR MA 141 -34.09 -71.31 -50.91
C THR MA 141 -33.38 -72.65 -50.75
N SER MA 142 -33.87 -73.67 -51.47
CA SER MA 142 -33.31 -75.03 -51.48
C SER MA 142 -32.76 -75.33 -52.89
N THR MA 143 -31.47 -74.98 -53.10
CA THR MA 143 -30.77 -75.17 -54.37
C THR MA 143 -30.38 -76.63 -54.54
N LEU MA 144 -30.93 -77.30 -55.58
CA LEU MA 144 -30.69 -78.71 -55.87
C LEU MA 144 -30.28 -78.96 -57.32
N ASP MA 145 -29.65 -80.12 -57.60
CA ASP MA 145 -29.17 -80.51 -58.93
C ASP MA 145 -30.21 -81.37 -59.67
N SER MA 146 -30.57 -82.54 -59.09
CA SER MA 146 -31.54 -83.48 -59.67
C SER MA 146 -32.46 -84.07 -58.61
N ILE MA 147 -33.75 -84.23 -58.95
CA ILE MA 147 -34.76 -84.78 -58.03
C ILE MA 147 -35.43 -86.05 -58.61
N SER MA 148 -35.58 -87.07 -57.75
CA SER MA 148 -36.25 -88.33 -58.07
C SER MA 148 -37.39 -88.47 -57.04
N VAL MA 149 -38.47 -87.70 -57.26
CA VAL MA 149 -39.64 -87.66 -56.36
C VAL MA 149 -40.83 -88.48 -56.85
N ASN MA 150 -41.62 -89.01 -55.90
CA ASN MA 150 -42.82 -89.78 -56.22
C ASN MA 150 -44.01 -88.83 -56.37
N ASP MA 151 -44.34 -88.05 -55.31
CA ASP MA 151 -45.46 -87.10 -55.33
C ASP MA 151 -45.07 -85.68 -54.91
N MET MA 152 -45.87 -84.68 -55.34
CA MET MA 152 -45.62 -83.27 -55.04
C MET MA 152 -46.92 -82.47 -54.92
N THR MA 153 -46.94 -81.53 -53.96
CA THR MA 153 -48.04 -80.61 -53.66
C THR MA 153 -47.47 -79.18 -53.71
N VAL MA 154 -47.99 -78.35 -54.64
CA VAL MA 154 -47.55 -76.97 -54.82
C VAL MA 154 -48.67 -76.00 -54.41
N SER MA 155 -48.35 -75.00 -53.56
CA SER MA 155 -49.29 -73.99 -53.07
C SER MA 155 -49.21 -72.69 -53.89
N GLY MA 156 -48.12 -72.49 -54.62
CA GLY MA 156 -47.88 -71.32 -55.45
C GLY MA 156 -47.82 -71.63 -56.93
N SER MA 157 -46.60 -71.64 -57.51
CA SER MA 157 -46.39 -71.91 -58.94
C SER MA 157 -45.02 -72.51 -59.26
N ILE MA 158 -44.93 -73.24 -60.39
CA ILE MA 158 -43.70 -73.85 -60.89
C ILE MA 158 -43.27 -73.11 -62.16
N ASP MA 159 -42.02 -72.61 -62.17
CA ASP MA 159 -41.45 -71.91 -63.32
C ASP MA 159 -40.76 -72.93 -64.22
N VAL MA 160 -41.29 -73.09 -65.45
CA VAL MA 160 -40.78 -74.02 -66.45
C VAL MA 160 -40.12 -73.29 -67.62
N PRO MA 161 -39.09 -73.86 -68.31
CA PRO MA 161 -38.46 -73.13 -69.43
C PRO MA 161 -39.41 -72.86 -70.61
N VAL MA 162 -39.63 -71.56 -70.89
CA VAL MA 162 -40.52 -71.09 -71.95
C VAL MA 162 -39.70 -70.61 -73.17
N GLN MA 163 -40.05 -71.13 -74.36
CA GLN MA 163 -39.42 -70.79 -75.65
C GLN MA 163 -40.49 -70.32 -76.62
N THR MA 164 -40.25 -69.18 -77.30
CA THR MA 164 -41.19 -68.61 -78.25
C THR MA 164 -40.61 -68.50 -79.67
N LEU MA 165 -41.47 -68.73 -80.68
CA LEU MA 165 -41.10 -68.70 -82.09
C LEU MA 165 -42.25 -68.20 -82.96
N THR MA 166 -41.93 -67.34 -83.95
CA THR MA 166 -42.89 -66.79 -84.90
C THR MA 166 -42.48 -67.23 -86.31
N VAL MA 167 -43.24 -68.18 -86.87
CA VAL MA 167 -42.98 -68.76 -88.19
C VAL MA 167 -43.93 -68.16 -89.24
N GLU MA 168 -43.35 -67.61 -90.32
CA GLU MA 168 -44.10 -67.07 -91.44
C GLU MA 168 -44.29 -68.23 -92.43
N ALA MA 169 -45.31 -69.05 -92.15
CA ALA MA 169 -45.68 -70.28 -92.88
C ALA MA 169 -45.77 -70.10 -94.39
N GLY MA 170 -46.26 -68.95 -94.83
CA GLY MA 170 -46.42 -68.63 -96.25
C GLY MA 170 -47.87 -68.50 -96.67
N ASN MA 171 -48.10 -68.04 -97.92
CA ASN MA 171 -49.42 -67.81 -98.51
C ASN MA 171 -50.27 -66.76 -97.75
N GLY MA 172 -49.72 -66.22 -96.67
CA GLY MA 172 -50.36 -65.23 -95.81
C GLY MA 172 -50.64 -65.71 -94.40
N LEU MA 173 -49.93 -66.76 -93.95
CA LEU MA 173 -50.11 -67.34 -92.61
C LEU MA 173 -48.93 -67.05 -91.67
N GLN MA 174 -49.26 -66.75 -90.41
CA GLN MA 174 -48.31 -66.47 -89.32
C GLN MA 174 -48.66 -67.39 -88.15
N LEU MA 175 -47.65 -68.05 -87.56
CA LEU MA 175 -47.83 -68.97 -86.44
C LEU MA 175 -47.01 -68.53 -85.23
N GLN MA 176 -47.69 -68.24 -84.11
CA GLN MA 176 -47.05 -67.82 -82.86
C GLN MA 176 -47.02 -69.01 -81.89
N LEU MA 177 -45.87 -69.68 -81.81
CA LEU MA 177 -45.65 -70.86 -80.98
C LEU MA 177 -45.09 -70.50 -79.59
N THR MA 178 -45.61 -71.16 -78.54
CA THR MA 178 -45.18 -70.95 -77.16
C THR MA 178 -44.93 -72.32 -76.49
N LYS MA 179 -43.66 -72.76 -76.53
CA LYS MA 179 -43.20 -74.04 -75.97
C LYS MA 179 -42.86 -73.88 -74.49
N LYS MA 180 -43.45 -74.74 -73.63
CA LYS MA 180 -43.21 -74.73 -72.19
C LYS MA 180 -42.76 -76.12 -71.72
N ASN MA 181 -41.67 -76.17 -70.92
CA ASN MA 181 -41.03 -77.40 -70.39
C ASN MA 181 -40.51 -78.32 -71.53
N ASN MA 182 -40.32 -77.74 -72.74
CA ASN MA 182 -39.87 -78.41 -73.97
C ASN MA 182 -40.84 -79.53 -74.42
N ASP MA 183 -42.14 -79.39 -74.07
CA ASP MA 183 -43.17 -80.37 -74.38
C ASP MA 183 -44.48 -79.76 -74.94
N LEU MA 184 -45.28 -79.11 -74.08
CA LEU MA 184 -46.56 -78.50 -74.48
C LEU MA 184 -46.35 -77.19 -75.25
N VAL MA 185 -46.97 -77.09 -76.45
CA VAL MA 185 -46.87 -75.91 -77.32
C VAL MA 185 -48.27 -75.47 -77.76
N ILE MA 186 -48.61 -74.18 -77.52
CA ILE MA 186 -49.88 -73.60 -77.97
C ILE MA 186 -49.56 -72.65 -79.14
N VAL MA 187 -50.09 -72.97 -80.32
CA VAL MA 187 -49.87 -72.22 -81.55
C VAL MA 187 -51.05 -71.27 -81.82
N ARG MA 188 -50.75 -69.99 -82.08
CA ARG MA 188 -51.74 -68.95 -82.36
C ARG MA 188 -51.71 -68.59 -83.86
N PHE MA 189 -52.88 -68.58 -84.51
CA PHE MA 189 -53.02 -68.27 -85.93
C PHE MA 189 -53.16 -66.76 -86.17
N PHE MA 190 -52.37 -66.22 -87.11
CA PHE MA 190 -52.38 -64.80 -87.49
C PHE MA 190 -52.19 -64.61 -89.00
N GLY MA 191 -52.61 -63.45 -89.50
CA GLY MA 191 -52.52 -63.08 -90.90
C GLY MA 191 -53.76 -63.40 -91.71
N SER MA 192 -53.63 -63.33 -93.05
CA SER MA 192 -54.71 -63.60 -93.99
C SER MA 192 -54.21 -64.43 -95.17
N VAL MA 193 -54.60 -65.72 -95.20
CA VAL MA 193 -54.20 -66.71 -96.20
C VAL MA 193 -54.89 -66.48 -97.56
N SER MA 194 -54.09 -66.54 -98.65
CA SER MA 194 -54.53 -66.37 -100.03
C SER MA 194 -53.73 -67.26 -101.00
N ASN MA 195 -54.41 -67.79 -102.04
CA ASN MA 195 -53.86 -68.66 -103.10
C ASN MA 195 -53.23 -69.97 -102.58
N ILE MA 196 -54.08 -70.93 -102.16
CA ILE MA 196 -53.66 -72.24 -101.63
C ILE MA 196 -54.71 -73.33 -101.91
N GLN MA 197 -54.24 -74.57 -102.14
CA GLN MA 197 -55.09 -75.74 -102.42
C GLN MA 197 -54.99 -76.78 -101.29
N LYS MA 198 -55.99 -77.66 -101.19
CA LYS MA 198 -56.04 -78.73 -100.18
C LYS MA 198 -54.98 -79.81 -100.41
N GLY MA 199 -54.27 -80.17 -99.34
CA GLY MA 199 -53.20 -81.17 -99.37
C GLY MA 199 -51.85 -80.65 -99.84
N TRP MA 200 -51.79 -79.36 -100.22
CA TRP MA 200 -50.58 -78.69 -100.71
C TRP MA 200 -49.76 -78.09 -99.57
N ASN MA 201 -48.42 -78.11 -99.72
CA ASN MA 201 -47.46 -77.59 -98.74
C ASN MA 201 -47.46 -76.05 -98.71
N MET MA 202 -46.90 -75.47 -97.63
CA MET MA 202 -46.81 -74.01 -97.43
C MET MA 202 -45.55 -73.43 -98.09
N SER MA 203 -45.74 -72.33 -98.85
CA SER MA 203 -44.71 -71.63 -99.62
C SER MA 203 -43.54 -71.02 -98.82
N GLY MA 204 -43.85 -70.41 -97.67
CA GLY MA 204 -42.88 -69.74 -96.83
C GLY MA 204 -41.99 -70.60 -95.96
N THR MA 205 -41.60 -70.06 -94.79
CA THR MA 205 -40.70 -70.65 -93.80
C THR MA 205 -41.23 -71.94 -93.16
N TRP MA 206 -40.30 -72.86 -92.83
CA TRP MA 206 -40.56 -74.15 -92.18
C TRP MA 206 -40.36 -74.03 -90.66
N VAL MA 207 -40.97 -74.96 -89.89
CA VAL MA 207 -40.89 -75.00 -88.43
C VAL MA 207 -39.48 -75.45 -88.01
N ASP MA 208 -38.85 -74.69 -87.07
CA ASP MA 208 -37.52 -74.95 -86.53
C ASP MA 208 -37.47 -76.26 -85.75
N ARG MA 209 -36.28 -76.91 -85.72
CA ARG MA 209 -36.02 -78.19 -85.04
C ARG MA 209 -36.48 -78.29 -83.57
N PRO MA 210 -36.27 -77.29 -82.67
CA PRO MA 210 -36.75 -77.45 -81.28
C PRO MA 210 -38.27 -77.47 -81.12
N PHE MA 211 -39.01 -76.94 -82.11
CA PHE MA 211 -40.47 -76.85 -82.11
C PHE MA 211 -41.15 -77.96 -82.94
N ARG MA 212 -40.35 -78.82 -83.61
CA ARG MA 212 -40.84 -79.93 -84.43
C ARG MA 212 -41.42 -81.07 -83.57
N PRO MA 213 -42.67 -81.51 -83.79
CA PRO MA 213 -43.22 -82.61 -82.98
C PRO MA 213 -42.73 -83.99 -83.44
N ALA MA 214 -42.97 -85.04 -82.62
CA ALA MA 214 -42.58 -86.41 -82.93
C ALA MA 214 -43.43 -87.00 -84.06
N ALA MA 215 -44.73 -86.67 -84.08
CA ALA MA 215 -45.69 -87.11 -85.08
C ALA MA 215 -46.46 -85.92 -85.66
N VAL MA 216 -47.11 -86.12 -86.83
CA VAL MA 216 -47.90 -85.08 -87.52
C VAL MA 216 -49.12 -84.63 -86.69
N GLN MA 217 -49.08 -83.36 -86.24
CA GLN MA 217 -50.14 -82.77 -85.41
C GLN MA 217 -51.10 -81.94 -86.27
N SER MA 218 -52.39 -82.31 -86.24
CA SER MA 218 -53.45 -81.62 -86.97
C SER MA 218 -54.02 -80.51 -86.09
N LEU MA 219 -53.65 -79.24 -86.38
CA LEU MA 219 -54.10 -78.10 -85.59
C LEU MA 219 -55.20 -77.29 -86.27
N VAL MA 220 -56.39 -77.24 -85.65
CA VAL MA 220 -57.60 -76.59 -86.15
C VAL MA 220 -57.57 -75.07 -85.91
N GLY MA 221 -57.96 -74.32 -86.95
CA GLY MA 221 -58.07 -72.86 -86.94
C GLY MA 221 -59.44 -72.40 -87.37
N HIS MA 222 -59.64 -71.07 -87.53
CA HIS MA 222 -60.92 -70.47 -87.92
C HIS MA 222 -60.75 -69.17 -88.71
N PHE MA 223 -61.66 -68.92 -89.68
CA PHE MA 223 -61.67 -67.71 -90.49
C PHE MA 223 -62.53 -66.63 -89.82
N ALA MA 224 -61.90 -65.52 -89.39
CA ALA MA 224 -62.52 -64.39 -88.69
C ALA MA 224 -63.74 -63.81 -89.41
N GLY MA 225 -64.84 -63.69 -88.66
CA GLY MA 225 -66.11 -63.14 -89.15
C GLY MA 225 -66.89 -64.08 -90.07
N ARG MA 226 -66.57 -65.38 -90.03
CA ARG MA 226 -67.23 -66.40 -90.86
C ARG MA 226 -67.63 -67.62 -90.03
N ASP MA 227 -68.38 -68.56 -90.64
CA ASP MA 227 -68.77 -69.82 -90.01
C ASP MA 227 -68.02 -71.01 -90.61
N THR MA 228 -66.93 -70.69 -91.34
CA THR MA 228 -66.02 -71.64 -92.01
C THR MA 228 -64.72 -71.77 -91.22
N SER MA 229 -64.16 -72.99 -91.16
CA SER MA 229 -62.92 -73.28 -90.44
C SER MA 229 -61.86 -73.96 -91.32
N PHE MA 230 -60.66 -74.21 -90.75
CA PHE MA 230 -59.54 -74.86 -91.44
C PHE MA 230 -58.67 -75.64 -90.45
N HIS MA 231 -57.74 -76.46 -90.97
CA HIS MA 231 -56.78 -77.21 -90.16
C HIS MA 231 -55.45 -77.41 -90.90
N ILE MA 232 -54.33 -77.24 -90.19
CA ILE MA 232 -52.99 -77.42 -90.74
C ILE MA 232 -52.26 -78.61 -90.14
N ASP MA 233 -51.42 -79.28 -90.95
CA ASP MA 233 -50.65 -80.44 -90.53
C ASP MA 233 -49.17 -80.11 -90.40
N ILE MA 234 -48.68 -80.02 -89.15
CA ILE MA 234 -47.26 -79.74 -88.86
C ILE MA 234 -46.55 -81.10 -88.75
N ASN MA 235 -45.96 -81.52 -89.88
CA ASN MA 235 -45.23 -82.80 -90.03
C ASN MA 235 -43.93 -82.80 -89.21
N PRO MA 236 -43.39 -83.99 -88.81
CA PRO MA 236 -42.15 -84.00 -87.99
C PRO MA 236 -40.90 -83.39 -88.63
N ASN MA 237 -40.85 -83.29 -89.97
CA ASN MA 237 -39.71 -82.71 -90.69
C ASN MA 237 -39.71 -81.17 -90.73
N GLY MA 238 -40.75 -80.56 -90.15
CA GLY MA 238 -40.90 -79.10 -90.08
C GLY MA 238 -41.88 -78.52 -91.08
N SER MA 239 -42.26 -79.31 -92.11
CA SER MA 239 -43.18 -78.90 -93.17
C SER MA 239 -44.61 -78.70 -92.66
N ILE MA 240 -45.28 -77.66 -93.19
CA ILE MA 240 -46.67 -77.33 -92.86
C ILE MA 240 -47.52 -77.64 -94.10
N THR MA 241 -48.53 -78.50 -93.93
CA THR MA 241 -49.42 -78.91 -95.02
C THR MA 241 -50.84 -78.39 -94.78
N TRP MA 242 -51.36 -77.58 -95.73
CA TRP MA 242 -52.72 -77.02 -95.67
C TRP MA 242 -53.74 -78.13 -95.90
N TRP MA 243 -54.82 -78.14 -95.10
CA TRP MA 243 -55.89 -79.13 -95.22
C TRP MA 243 -57.30 -78.56 -95.06
N GLY MA 244 -57.47 -77.28 -95.42
CA GLY MA 244 -58.75 -76.60 -95.40
C GLY MA 244 -59.34 -76.50 -96.78
N ALA MA 245 -60.23 -75.52 -97.00
CA ALA MA 245 -60.86 -75.28 -98.32
C ALA MA 245 -59.85 -74.57 -99.23
N ASN MA 246 -59.97 -74.70 -100.56
CA ASN MA 246 -59.06 -74.01 -101.49
C ASN MA 246 -59.32 -72.53 -101.45
N ILE MA 247 -58.25 -71.74 -101.29
CA ILE MA 247 -58.35 -70.29 -101.18
C ILE MA 247 -57.89 -69.61 -102.45
N ASP MA 248 -58.72 -68.68 -102.92
CA ASP MA 248 -58.45 -67.87 -104.09
C ASP MA 248 -57.63 -66.63 -103.71
N LYS MA 249 -57.45 -65.74 -104.69
CA LYS MA 249 -56.64 -64.52 -104.57
C LYS MA 249 -56.99 -63.67 -103.37
N THR MA 250 -58.29 -63.56 -103.04
CA THR MA 250 -58.77 -62.79 -101.89
C THR MA 250 -58.27 -63.40 -100.57
N PRO MA 251 -57.61 -62.57 -99.73
CA PRO MA 251 -57.09 -63.08 -98.45
C PRO MA 251 -58.13 -62.98 -97.33
N ILE MA 252 -58.31 -64.08 -96.58
CA ILE MA 252 -59.25 -64.16 -95.47
C ILE MA 252 -58.47 -64.30 -94.17
N ALA MA 253 -58.78 -63.46 -93.16
CA ALA MA 253 -58.11 -63.46 -91.86
C ALA MA 253 -58.24 -64.81 -91.15
N THR MA 254 -57.10 -65.33 -90.65
CA THR MA 254 -57.01 -66.61 -89.95
C THR MA 254 -56.62 -66.41 -88.50
N ARG MA 255 -57.48 -66.86 -87.58
CA ARG MA 255 -57.29 -66.77 -86.13
C ARG MA 255 -57.61 -68.12 -85.46
N GLY MA 256 -57.11 -68.32 -84.25
CA GLY MA 256 -57.34 -69.53 -83.48
C GLY MA 256 -56.16 -70.01 -82.66
N ASN MA 257 -56.42 -70.95 -81.74
CA ASN MA 257 -55.40 -71.55 -80.86
C ASN MA 257 -55.45 -73.07 -80.92
N GLY MA 258 -54.30 -73.69 -81.13
CA GLY MA 258 -54.15 -75.14 -81.21
C GLY MA 258 -52.96 -75.64 -80.41
N SER MA 259 -53.23 -76.58 -79.48
CA SER MA 259 -52.20 -77.16 -78.60
C SER MA 259 -51.79 -78.60 -78.99
N TYR MA 260 -50.49 -78.92 -78.80
CA TYR MA 260 -49.90 -80.23 -79.10
C TYR MA 260 -48.69 -80.55 -78.20
N PHE MA 261 -48.34 -81.86 -78.09
CA PHE MA 261 -47.18 -82.32 -77.32
C PHE MA 261 -46.03 -82.66 -78.28
N ILE MA 262 -44.79 -82.34 -77.90
CA ILE MA 262 -43.60 -82.66 -78.71
C ILE MA 262 -43.14 -84.10 -78.43
N LYS MA 263 -42.91 -84.43 -77.15
CA LYS MA 263 -42.47 -85.75 -76.70
C LYS MA 263 -43.57 -86.82 -76.82
N THR NA 1 -33.13 -105.65 -31.32
CA THR NA 1 -32.41 -104.66 -30.53
C THR NA 1 -32.48 -103.27 -31.17
N ILE NA 2 -32.69 -102.23 -30.35
CA ILE NA 2 -32.77 -100.85 -30.82
C ILE NA 2 -31.52 -100.08 -30.40
N LYS NA 3 -30.73 -99.60 -31.39
CA LYS NA 3 -29.52 -98.81 -31.14
C LYS NA 3 -29.86 -97.32 -31.22
N ASN NA 4 -29.90 -96.64 -30.07
CA ASN NA 4 -30.23 -95.22 -29.95
C ASN NA 4 -28.97 -94.37 -30.13
N PHE NA 5 -29.09 -93.22 -30.81
CA PHE NA 5 -27.94 -92.35 -31.06
C PHE NA 5 -28.07 -90.89 -30.64
N THR NA 6 -29.09 -90.15 -31.14
CA THR NA 6 -29.26 -88.75 -30.77
C THR NA 6 -29.98 -88.63 -29.42
N PHE NA 7 -29.36 -89.20 -28.37
CA PHE NA 7 -29.87 -89.24 -27.00
C PHE NA 7 -28.73 -89.09 -25.99
N PHE NA 8 -29.05 -89.06 -24.67
CA PHE NA 8 -28.04 -88.86 -23.64
C PHE NA 8 -27.47 -90.06 -22.91
N SER NA 9 -26.17 -89.96 -22.59
CA SER NA 9 -25.41 -90.94 -21.84
C SER NA 9 -25.07 -90.28 -20.48
N PRO NA 10 -25.93 -90.39 -19.44
CA PRO NA 10 -25.63 -89.76 -18.14
C PRO NA 10 -24.35 -90.27 -17.50
N ASN NA 11 -24.05 -91.57 -17.68
CA ASN NA 11 -22.84 -92.21 -17.19
C ASN NA 11 -21.71 -92.14 -18.25
N SER NA 12 -21.94 -91.34 -19.32
CA SER NA 12 -21.04 -91.07 -20.45
C SER NA 12 -20.58 -92.30 -21.24
N THR NA 13 -21.42 -93.35 -21.30
CA THR NA 13 -21.13 -94.60 -22.01
C THR NA 13 -22.33 -95.16 -22.80
N GLU NA 14 -23.55 -94.81 -22.36
CA GLU NA 14 -24.83 -95.30 -22.90
C GLU NA 14 -25.03 -95.23 -24.42
N PHE NA 15 -25.01 -94.02 -25.01
CA PHE NA 15 -25.26 -93.89 -26.45
C PHE NA 15 -24.14 -93.25 -27.28
N PRO NA 16 -23.08 -94.01 -27.61
CA PRO NA 16 -22.00 -93.46 -28.45
C PRO NA 16 -22.36 -93.52 -29.93
N VAL NA 17 -22.12 -92.42 -30.66
CA VAL NA 17 -22.41 -92.35 -32.10
C VAL NA 17 -21.13 -92.30 -32.95
N GLY NA 18 -20.99 -93.31 -33.82
CA GLY NA 18 -19.84 -93.49 -34.69
C GLY NA 18 -19.97 -92.83 -36.07
N SER NA 19 -18.86 -92.90 -36.85
CA SER NA 19 -18.76 -92.33 -38.20
C SER NA 19 -19.78 -92.91 -39.18
N ASN NA 20 -19.99 -94.23 -39.12
CA ASN NA 20 -20.95 -94.94 -39.98
C ASN NA 20 -22.40 -94.60 -39.59
N ASN NA 21 -22.65 -94.41 -38.27
CA ASN NA 21 -23.97 -94.08 -37.71
C ASN NA 21 -24.40 -92.67 -38.13
N ASP NA 22 -23.44 -91.72 -38.13
CA ASP NA 22 -23.68 -90.35 -38.58
C ASP NA 22 -23.74 -90.31 -40.11
N GLY NA 23 -22.91 -91.14 -40.77
CA GLY NA 23 -22.84 -91.28 -42.21
C GLY NA 23 -24.17 -91.68 -42.81
N LYS NA 24 -24.84 -92.66 -42.16
CA LYS NA 24 -26.16 -93.16 -42.54
C LYS NA 24 -27.21 -92.07 -42.32
N LEU NA 25 -27.10 -91.30 -41.21
CA LEU NA 25 -27.99 -90.17 -40.87
C LEU NA 25 -27.93 -89.10 -41.95
N TYR NA 26 -26.71 -88.62 -42.30
CA TYR NA 26 -26.51 -87.58 -43.31
C TYR NA 26 -27.10 -87.95 -44.68
N MET NA 27 -26.99 -89.24 -45.07
CA MET NA 27 -27.53 -89.78 -46.33
C MET NA 27 -29.04 -89.66 -46.40
N MET NA 28 -29.72 -89.97 -45.28
CA MET NA 28 -31.17 -89.94 -45.13
C MET NA 28 -31.71 -88.51 -45.15
N LEU NA 29 -30.95 -87.57 -44.53
CA LEU NA 29 -31.34 -86.15 -44.45
C LEU NA 29 -31.34 -85.47 -45.82
N THR NA 30 -30.29 -85.69 -46.63
CA THR NA 30 -30.15 -85.10 -47.96
C THR NA 30 -30.83 -85.91 -49.09
N GLY NA 31 -31.12 -87.19 -48.81
CA GLY NA 31 -31.77 -88.10 -49.74
C GLY NA 31 -30.85 -88.59 -50.84
N MET NA 32 -29.68 -89.12 -50.46
CA MET NA 32 -28.68 -89.64 -51.40
C MET NA 32 -28.38 -91.13 -51.18
N ASP NA 33 -27.86 -91.80 -52.23
CA ASP NA 33 -27.45 -93.20 -52.17
C ASP NA 33 -25.91 -93.29 -52.29
N TYR NA 34 -25.37 -94.50 -52.47
CA TYR NA 34 -23.92 -94.71 -52.61
C TYR NA 34 -23.43 -94.46 -54.06
N ARG NA 35 -24.37 -94.17 -54.97
CA ARG NA 35 -24.10 -93.92 -56.39
C ARG NA 35 -24.02 -92.42 -56.73
N THR NA 36 -24.55 -91.56 -55.85
CA THR NA 36 -24.54 -90.10 -56.00
C THR NA 36 -23.73 -89.42 -54.87
N ILE NA 37 -23.41 -88.12 -55.07
CA ILE NA 37 -22.63 -87.31 -54.11
C ILE NA 37 -23.22 -85.91 -53.90
N ARG NA 38 -22.65 -85.19 -52.92
CA ARG NA 38 -22.94 -83.80 -52.61
C ARG NA 38 -21.60 -83.10 -52.78
N ARG NA 39 -21.49 -82.25 -53.80
CA ARG NA 39 -20.25 -81.56 -54.15
C ARG NA 39 -20.46 -80.05 -54.33
N LYS NA 40 -19.53 -79.25 -53.80
CA LYS NA 40 -19.55 -77.79 -53.91
C LYS NA 40 -18.15 -77.23 -54.05
N ASP NA 41 -17.92 -76.44 -55.12
CA ASP NA 41 -16.65 -75.79 -55.39
C ASP NA 41 -16.69 -74.37 -54.82
N TRP NA 42 -15.95 -74.14 -53.72
CA TRP NA 42 -15.87 -72.84 -53.07
C TRP NA 42 -14.97 -71.91 -53.89
N SER NA 43 -14.00 -72.51 -54.59
CA SER NA 43 -13.05 -71.86 -55.49
C SER NA 43 -12.82 -72.82 -56.66
N SER NA 44 -12.96 -72.30 -57.90
CA SER NA 44 -12.82 -73.06 -59.14
C SER NA 44 -11.51 -73.85 -59.25
N PRO NA 45 -11.56 -75.14 -59.66
CA PRO NA 45 -10.32 -75.93 -59.75
C PRO NA 45 -9.44 -75.52 -60.93
N LEU NA 46 -8.13 -75.39 -60.68
CA LEU NA 46 -7.15 -74.99 -61.68
C LEU NA 46 -6.76 -76.16 -62.58
N ASN NA 47 -6.50 -75.86 -63.87
CA ASN NA 47 -6.10 -76.85 -64.87
C ASN NA 47 -4.72 -76.50 -65.43
N THR NA 48 -3.73 -77.35 -65.11
CA THR NA 48 -2.34 -77.17 -65.57
C THR NA 48 -1.96 -78.37 -66.42
N ALA NA 49 -2.04 -78.21 -67.76
CA ALA NA 49 -1.77 -79.23 -68.78
C ALA NA 49 -2.63 -80.49 -68.54
N LEU NA 50 -1.99 -81.68 -68.38
CA LEU NA 50 -2.72 -82.92 -68.12
C LEU NA 50 -2.83 -83.23 -66.61
N ASN NA 51 -3.25 -82.21 -65.84
CA ASN NA 51 -3.45 -82.25 -64.39
C ASN NA 51 -4.59 -81.31 -63.96
N VAL NA 52 -5.35 -81.71 -62.93
CA VAL NA 52 -6.46 -80.92 -62.38
C VAL NA 52 -6.34 -80.77 -60.85
N GLN NA 53 -6.05 -79.54 -60.39
CA GLN NA 53 -5.88 -79.22 -58.97
C GLN NA 53 -7.17 -78.61 -58.39
N TYR NA 54 -7.78 -79.32 -57.42
CA TYR NA 54 -9.00 -78.86 -56.74
C TYR NA 54 -8.59 -77.94 -55.59
N THR NA 55 -8.67 -76.62 -55.82
CA THR NA 55 -8.30 -75.56 -54.88
C THR NA 55 -9.02 -75.68 -53.52
N ASN NA 56 -10.36 -75.72 -53.54
CA ASN NA 56 -11.22 -75.89 -52.36
C ASN NA 56 -12.57 -76.45 -52.79
N THR NA 57 -12.70 -77.79 -52.71
CA THR NA 57 -13.91 -78.53 -53.09
C THR NA 57 -14.28 -79.51 -51.97
N SER NA 58 -15.49 -79.35 -51.40
CA SER NA 58 -16.02 -80.20 -50.34
C SER NA 58 -16.93 -81.26 -50.99
N ILE NA 59 -16.77 -82.53 -50.57
CA ILE NA 59 -17.55 -83.67 -51.11
C ILE NA 59 -18.10 -84.57 -49.99
N ILE NA 60 -19.38 -84.98 -50.12
CA ILE NA 60 -20.05 -85.91 -49.21
C ILE NA 60 -20.36 -87.17 -50.02
N ALA NA 61 -19.50 -88.20 -49.91
CA ALA NA 61 -19.65 -89.46 -50.61
C ALA NA 61 -19.99 -90.57 -49.62
N GLY NA 62 -21.17 -91.19 -49.80
CA GLY NA 62 -21.70 -92.24 -48.94
C GLY NA 62 -21.95 -91.76 -47.52
N GLY NA 63 -22.30 -90.49 -47.38
CA GLY NA 63 -22.56 -89.82 -46.12
C GLY NA 63 -21.32 -89.40 -45.37
N ARG NA 64 -20.14 -89.51 -46.01
CA ARG NA 64 -18.86 -89.16 -45.40
C ARG NA 64 -18.28 -87.89 -46.01
N TYR NA 65 -18.09 -86.86 -45.17
CA TYR NA 65 -17.59 -85.54 -45.56
C TYR NA 65 -16.07 -85.44 -45.60
N PHE NA 66 -15.55 -84.76 -46.64
CA PHE NA 66 -14.13 -84.51 -46.84
C PHE NA 66 -13.87 -83.30 -47.74
N GLU NA 67 -12.79 -82.55 -47.45
CA GLU NA 67 -12.39 -81.36 -48.21
C GLU NA 67 -11.12 -81.61 -49.03
N LEU NA 68 -11.12 -81.11 -50.28
CA LEU NA 68 -9.95 -81.20 -51.16
C LEU NA 68 -9.29 -79.83 -51.20
N LEU NA 69 -8.14 -79.70 -50.54
CA LEU NA 69 -7.42 -78.42 -50.48
C LEU NA 69 -6.12 -78.48 -51.27
N ASN NA 70 -6.17 -77.94 -52.50
CA ASN NA 70 -5.08 -77.89 -53.49
C ASN NA 70 -4.55 -79.29 -53.84
N GLU NA 71 -5.49 -80.24 -54.05
CA GLU NA 71 -5.22 -81.64 -54.40
C GLU NA 71 -5.23 -81.81 -55.91
N THR NA 72 -4.07 -82.14 -56.49
CA THR NA 72 -3.89 -82.33 -57.94
C THR NA 72 -4.15 -83.78 -58.36
N VAL NA 73 -4.90 -83.96 -59.46
CA VAL NA 73 -5.26 -85.26 -60.02
C VAL NA 73 -4.61 -85.40 -61.41
N ALA NA 74 -3.80 -86.47 -61.60
CA ALA NA 74 -3.12 -86.77 -62.86
C ALA NA 74 -4.13 -87.22 -63.92
N LEU NA 75 -4.00 -86.70 -65.16
CA LEU NA 75 -4.92 -87.00 -66.26
C LEU NA 75 -4.27 -87.74 -67.43
N LYS NA 76 -5.09 -88.51 -68.18
CA LYS NA 76 -4.69 -89.27 -69.35
C LYS NA 76 -4.76 -88.38 -70.61
N GLY NA 77 -3.73 -88.47 -71.45
CA GLY NA 77 -3.60 -87.70 -72.68
C GLY NA 77 -4.59 -88.10 -73.77
N ASP NA 78 -5.31 -87.09 -74.31
CA ASP NA 78 -6.32 -87.21 -75.37
C ASP NA 78 -7.39 -88.28 -75.07
N SER NA 79 -8.03 -88.15 -73.90
CA SER NA 79 -9.06 -89.07 -73.41
C SER NA 79 -10.07 -88.38 -72.51
N VAL NA 80 -11.26 -89.01 -72.34
CA VAL NA 80 -12.32 -88.50 -71.47
C VAL NA 80 -12.19 -89.19 -70.11
N ASN NA 81 -11.50 -88.51 -69.17
CA ASN NA 81 -11.25 -88.98 -67.81
C ASN NA 81 -12.46 -88.83 -66.90
N TYR NA 82 -12.62 -89.78 -65.96
CA TYR NA 82 -13.69 -89.81 -64.97
C TYR NA 82 -13.06 -89.77 -63.58
N ILE NA 83 -13.20 -88.64 -62.87
CA ILE NA 83 -12.61 -88.48 -61.53
C ILE NA 83 -13.48 -89.14 -60.47
N HIS NA 84 -12.92 -90.15 -59.78
CA HIS NA 84 -13.62 -90.94 -58.76
C HIS NA 84 -13.09 -90.69 -57.35
N ALA NA 85 -13.99 -90.76 -56.36
CA ALA NA 85 -13.69 -90.63 -54.94
C ALA NA 85 -13.69 -92.07 -54.38
N ASN NA 86 -12.53 -92.54 -53.91
CA ASN NA 86 -12.37 -93.90 -53.40
C ASN NA 86 -12.25 -93.93 -51.88
N ILE NA 87 -13.24 -94.54 -51.20
CA ILE NA 87 -13.27 -94.62 -49.75
C ILE NA 87 -13.03 -96.05 -49.24
N ASP NA 88 -11.85 -96.27 -48.64
CA ASP NA 88 -11.50 -97.57 -48.05
C ASP NA 88 -11.25 -97.33 -46.56
N LEU NA 89 -12.24 -97.72 -45.74
CA LEU NA 89 -12.24 -97.56 -44.28
C LEU NA 89 -11.12 -98.29 -43.54
N THR NA 90 -10.53 -99.33 -44.18
CA THR NA 90 -9.41 -100.11 -43.62
C THR NA 90 -8.17 -99.23 -43.48
N GLN NA 91 -8.01 -98.25 -44.39
CA GLN NA 91 -6.92 -97.28 -44.39
C GLN NA 91 -7.31 -96.20 -43.37
N THR NA 92 -7.02 -96.45 -42.08
CA THR NA 92 -7.35 -95.57 -40.96
C THR NA 92 -6.72 -94.18 -41.06
N ALA NA 93 -5.51 -94.09 -41.65
CA ALA NA 93 -4.79 -92.83 -41.84
C ALA NA 93 -5.31 -92.04 -43.04
N ASN NA 94 -5.53 -92.72 -44.19
CA ASN NA 94 -6.00 -92.07 -45.41
C ASN NA 94 -7.16 -92.85 -46.06
N PRO NA 95 -8.41 -92.70 -45.56
CA PRO NA 95 -9.53 -93.46 -46.15
C PRO NA 95 -9.93 -93.00 -47.56
N VAL NA 96 -9.88 -91.68 -47.82
CA VAL NA 96 -10.25 -91.11 -49.12
C VAL NA 96 -9.04 -90.92 -50.03
N SER NA 97 -9.15 -91.43 -51.27
CA SER NA 97 -8.15 -91.33 -52.33
C SER NA 97 -8.86 -91.01 -53.65
N LEU NA 98 -8.18 -90.28 -54.56
CA LEU NA 98 -8.74 -89.91 -55.85
C LEU NA 98 -8.09 -90.65 -57.02
N SER NA 99 -8.87 -90.87 -58.11
CA SER NA 99 -8.40 -91.56 -59.30
C SER NA 99 -9.14 -91.10 -60.57
N ALA NA 100 -8.38 -90.90 -61.67
CA ALA NA 100 -8.93 -90.54 -62.98
C ALA NA 100 -8.98 -91.82 -63.80
N GLU NA 101 -10.21 -92.30 -64.08
CA GLU NA 101 -10.44 -93.56 -64.80
C GLU NA 101 -11.01 -93.39 -66.21
N THR NA 102 -10.82 -94.42 -67.04
CA THR NA 102 -11.26 -94.50 -68.45
C THR NA 102 -12.78 -94.40 -68.59
N ALA NA 103 -13.53 -95.13 -67.75
CA ALA NA 103 -14.99 -95.16 -67.75
C ALA NA 103 -15.56 -94.90 -66.36
N ASN NA 104 -16.88 -94.63 -66.26
CA ASN NA 104 -17.55 -94.38 -64.98
C ASN NA 104 -17.69 -95.71 -64.23
N ASN NA 105 -16.84 -95.91 -63.22
CA ASN NA 105 -16.77 -97.13 -62.41
C ASN NA 105 -17.37 -96.95 -61.00
N SER NA 106 -18.57 -96.34 -60.93
CA SER NA 106 -19.28 -96.13 -59.67
C SER NA 106 -19.87 -97.47 -59.21
N ASN NA 107 -19.35 -98.02 -58.10
CA ASN NA 107 -19.77 -99.33 -57.57
C ASN NA 107 -20.99 -99.31 -56.66
N GLY NA 108 -21.13 -98.26 -55.86
CA GLY NA 108 -22.25 -98.11 -54.92
C GLY NA 108 -22.21 -99.08 -53.76
N VAL NA 109 -20.99 -99.39 -53.27
CA VAL NA 109 -20.74 -100.30 -52.15
C VAL NA 109 -21.19 -99.69 -50.82
N ASP NA 110 -22.02 -100.42 -50.05
CA ASP NA 110 -22.53 -99.99 -48.75
C ASP NA 110 -21.40 -100.12 -47.72
N ILE NA 111 -20.71 -98.99 -47.44
CA ILE NA 111 -19.59 -98.90 -46.51
C ILE NA 111 -19.99 -98.69 -45.05
N ASN NA 112 -21.12 -98.00 -44.82
CA ASN NA 112 -21.64 -97.71 -43.48
C ASN NA 112 -22.20 -98.94 -42.77
N ASN NA 113 -22.68 -99.95 -43.53
CA ASN NA 113 -23.22 -101.19 -42.97
C ASN NA 113 -22.25 -102.38 -43.16
N GLY NA 114 -21.78 -102.57 -44.39
CA GLY NA 114 -20.87 -103.66 -44.74
C GLY NA 114 -19.47 -103.20 -45.09
N SER NA 115 -18.62 -104.17 -45.48
CA SER NA 115 -17.22 -103.94 -45.86
C SER NA 115 -17.10 -103.60 -47.37
N GLY NA 116 -15.91 -103.16 -47.78
CA GLY NA 116 -15.63 -102.81 -49.17
C GLY NA 116 -15.13 -101.41 -49.39
N VAL NA 117 -14.76 -101.12 -50.65
CA VAL NA 117 -14.26 -99.81 -51.09
C VAL NA 117 -15.33 -99.13 -51.94
N LEU NA 118 -15.72 -97.90 -51.56
CA LEU NA 118 -16.73 -97.14 -52.28
C LEU NA 118 -16.11 -96.26 -53.36
N LYS NA 119 -16.48 -96.50 -54.62
CA LYS NA 119 -16.03 -95.74 -55.78
C LYS NA 119 -17.23 -94.99 -56.34
N VAL NA 120 -17.09 -93.67 -56.56
CA VAL NA 120 -18.15 -92.81 -57.07
C VAL NA 120 -17.60 -91.61 -57.86
N CYS NA 121 -18.07 -91.46 -59.12
CA CYS NA 121 -17.66 -90.38 -60.02
C CYS NA 121 -18.37 -89.09 -59.67
N PHE NA 122 -17.62 -87.96 -59.68
CA PHE NA 122 -18.15 -86.63 -59.37
C PHE NA 122 -17.84 -85.59 -60.44
N ASP NA 123 -16.75 -85.78 -61.20
CA ASP NA 123 -16.33 -84.85 -62.25
C ASP NA 123 -15.79 -85.60 -63.48
N ILE NA 124 -16.22 -85.16 -64.68
CA ILE NA 124 -15.79 -85.74 -65.97
C ILE NA 124 -14.87 -84.72 -66.64
N VAL NA 125 -13.62 -85.10 -66.89
CA VAL NA 125 -12.62 -84.22 -67.50
C VAL NA 125 -12.24 -84.71 -68.91
N THR NA 126 -12.60 -83.91 -69.94
CA THR NA 126 -12.29 -84.19 -71.34
C THR NA 126 -10.96 -83.50 -71.66
N THR NA 127 -9.95 -84.29 -72.08
CA THR NA 127 -8.61 -83.77 -72.37
C THR NA 127 -8.12 -84.01 -73.81
N SER NA 128 -7.11 -83.24 -74.22
CA SER NA 128 -6.42 -83.32 -75.50
C SER NA 128 -4.98 -83.80 -75.23
N GLY NA 129 -4.10 -83.74 -76.23
CA GLY NA 129 -2.71 -84.13 -76.10
C GLY NA 129 -1.91 -83.19 -75.20
N THR NA 130 -2.26 -81.89 -75.22
CA THR NA 130 -1.60 -80.84 -74.44
C THR NA 130 -2.22 -80.67 -73.05
N GLY NA 131 -3.49 -80.25 -73.00
CA GLY NA 131 -4.18 -80.00 -71.75
C GLY NA 131 -5.68 -80.27 -71.73
N VAL NA 132 -6.37 -79.75 -70.70
CA VAL NA 132 -7.80 -79.88 -70.45
C VAL NA 132 -8.60 -79.06 -71.48
N THR NA 133 -9.57 -79.70 -72.14
CA THR NA 133 -10.44 -79.05 -73.14
C THR NA 133 -11.75 -78.57 -72.51
N SER NA 134 -12.45 -79.47 -71.77
CA SER NA 134 -13.72 -79.16 -71.11
C SER NA 134 -13.96 -80.05 -69.88
N THR NA 135 -14.76 -79.54 -68.92
CA THR NA 135 -15.11 -80.26 -67.69
C THR NA 135 -16.62 -80.24 -67.42
N LYS NA 136 -17.17 -81.41 -67.07
CA LYS NA 136 -18.60 -81.61 -66.79
C LYS NA 136 -18.79 -82.33 -65.45
N PRO NA 137 -19.51 -81.73 -64.47
CA PRO NA 137 -19.70 -82.43 -63.18
C PRO NA 137 -20.87 -83.40 -63.18
N ILE NA 138 -20.73 -84.51 -62.42
CA ILE NA 138 -21.76 -85.55 -62.27
C ILE NA 138 -22.96 -84.96 -61.49
N VAL NA 139 -24.19 -85.21 -61.98
CA VAL NA 139 -25.43 -84.73 -61.37
C VAL NA 139 -25.65 -85.26 -59.95
N GLN NA 140 -26.05 -84.36 -59.04
CA GLN NA 140 -26.31 -84.69 -57.63
C GLN NA 140 -27.77 -85.09 -57.47
N THR NA 141 -28.02 -86.42 -57.41
CA THR NA 141 -29.35 -87.01 -57.29
C THR NA 141 -29.89 -86.87 -55.87
N SER NA 142 -31.12 -86.37 -55.75
CA SER NA 142 -31.80 -86.19 -54.48
C SER NA 142 -33.11 -86.97 -54.49
N THR NA 143 -33.05 -88.24 -54.06
CA THR NA 143 -34.19 -89.16 -54.02
C THR NA 143 -35.06 -88.81 -52.80
N LEU NA 144 -36.31 -88.40 -53.04
CA LEU NA 144 -37.28 -87.99 -52.02
C LEU NA 144 -38.63 -88.69 -52.21
N ASP NA 145 -39.38 -88.91 -51.11
CA ASP NA 145 -40.69 -89.58 -51.16
C ASP NA 145 -41.81 -88.62 -51.58
N SER NA 146 -41.98 -87.50 -50.85
CA SER NA 146 -43.00 -86.49 -51.15
C SER NA 146 -42.52 -85.09 -50.78
N ILE NA 147 -42.83 -84.12 -51.66
CA ILE NA 147 -42.43 -82.73 -51.48
C ILE NA 147 -43.65 -81.79 -51.37
N SER NA 148 -43.74 -81.04 -50.26
CA SER NA 148 -44.77 -80.04 -50.01
C SER NA 148 -44.06 -78.69 -50.11
N VAL NA 149 -44.11 -78.09 -51.32
CA VAL NA 149 -43.40 -76.85 -51.66
C VAL NA 149 -44.32 -75.67 -52.00
N ASN NA 150 -43.85 -74.42 -51.75
CA ASN NA 150 -44.57 -73.20 -52.08
C ASN NA 150 -44.32 -72.83 -53.54
N ASP NA 151 -43.05 -72.55 -53.91
CA ASP NA 151 -42.67 -72.18 -55.29
C ASP NA 151 -41.48 -72.99 -55.80
N MET NA 152 -41.41 -73.19 -57.14
CA MET NA 152 -40.34 -73.94 -57.79
C MET NA 152 -39.88 -73.30 -59.09
N THR NA 153 -38.57 -73.46 -59.42
CA THR NA 153 -37.97 -72.95 -60.65
C THR NA 153 -37.15 -74.09 -61.29
N VAL NA 154 -37.52 -74.47 -62.52
CA VAL NA 154 -36.88 -75.55 -63.28
C VAL NA 154 -36.12 -74.97 -64.48
N SER NA 155 -34.81 -75.26 -64.56
CA SER NA 155 -33.95 -74.80 -65.65
C SER NA 155 -33.85 -75.82 -66.80
N GLY NA 156 -34.07 -77.10 -66.48
CA GLY NA 156 -34.03 -78.21 -67.44
C GLY NA 156 -35.42 -78.65 -67.87
N SER NA 157 -35.91 -79.78 -67.29
CA SER NA 157 -37.24 -80.34 -67.59
C SER NA 157 -37.78 -81.29 -66.52
N ILE NA 158 -39.11 -81.28 -66.34
CA ILE NA 158 -39.84 -82.14 -65.41
C ILE NA 158 -40.35 -83.36 -66.20
N ASP NA 159 -40.03 -84.57 -65.74
CA ASP NA 159 -40.48 -85.80 -66.38
C ASP NA 159 -41.73 -86.36 -65.66
N VAL NA 160 -42.91 -86.10 -66.23
CA VAL NA 160 -44.20 -86.55 -65.69
C VAL NA 160 -44.65 -87.87 -66.36
N PRO NA 161 -45.35 -88.79 -65.65
CA PRO NA 161 -45.78 -90.04 -66.28
C PRO NA 161 -46.72 -89.87 -67.47
N VAL NA 162 -46.38 -90.51 -68.60
CA VAL NA 162 -47.12 -90.45 -69.87
C VAL NA 162 -47.91 -91.74 -70.10
N GLN NA 163 -49.14 -91.63 -70.61
CA GLN NA 163 -50.03 -92.74 -70.94
C GLN NA 163 -50.67 -92.54 -72.32
N THR NA 164 -50.55 -93.54 -73.21
CA THR NA 164 -51.11 -93.50 -74.57
C THR NA 164 -52.30 -94.44 -74.73
N LEU NA 165 -53.28 -94.03 -75.55
CA LEU NA 165 -54.52 -94.79 -75.82
C LEU NA 165 -55.04 -94.50 -77.22
N THR NA 166 -55.50 -95.56 -77.91
CA THR NA 166 -56.07 -95.47 -79.26
C THR NA 166 -57.43 -96.19 -79.30
N VAL NA 167 -58.51 -95.44 -79.02
CA VAL NA 167 -59.88 -95.95 -78.99
C VAL NA 167 -60.59 -95.74 -80.32
N GLU NA 168 -61.11 -96.84 -80.90
CA GLU NA 168 -61.87 -96.82 -82.16
C GLU NA 168 -63.32 -96.50 -81.79
N ALA NA 169 -63.66 -95.20 -81.80
CA ALA NA 169 -64.99 -94.65 -81.44
C ALA NA 169 -66.16 -95.25 -82.22
N GLY NA 170 -65.90 -95.69 -83.45
CA GLY NA 170 -66.91 -96.28 -84.33
C GLY NA 170 -67.29 -95.39 -85.49
N ASN NA 171 -68.12 -95.94 -86.40
CA ASN NA 171 -68.61 -95.28 -87.63
C ASN NA 171 -67.49 -94.84 -88.60
N GLY NA 172 -66.23 -95.11 -88.22
CA GLY NA 172 -65.04 -94.78 -88.98
C GLY NA 172 -64.11 -93.80 -88.31
N LEU NA 173 -64.37 -93.47 -87.03
CA LEU NA 173 -63.57 -92.51 -86.25
C LEU NA 173 -62.54 -93.21 -85.35
N GLN NA 174 -61.32 -92.67 -85.34
CA GLN NA 174 -60.19 -93.13 -84.53
C GLN NA 174 -59.66 -91.96 -83.70
N LEU NA 175 -59.39 -92.20 -82.41
CA LEU NA 175 -58.90 -91.18 -81.48
C LEU NA 175 -57.55 -91.58 -80.89
N GLN NA 176 -56.57 -90.67 -80.90
CA GLN NA 176 -55.23 -90.90 -80.33
C GLN NA 176 -55.05 -89.99 -79.11
N LEU NA 177 -55.19 -90.57 -77.92
CA LEU NA 177 -55.09 -89.88 -76.63
C LEU NA 177 -53.70 -90.01 -76.00
N THR NA 178 -53.21 -88.91 -75.40
CA THR NA 178 -51.91 -88.85 -74.71
C THR NA 178 -52.10 -88.11 -73.38
N LYS NA 179 -52.13 -88.87 -72.26
CA LYS NA 179 -52.33 -88.37 -70.90
C LYS NA 179 -51.00 -88.23 -70.15
N LYS NA 180 -50.71 -87.01 -69.67
CA LYS NA 180 -49.50 -86.70 -68.90
C LYS NA 180 -49.86 -86.15 -67.54
N ASN NA 181 -49.24 -86.71 -66.46
CA ASN NA 181 -49.45 -86.36 -65.04
C ASN NA 181 -50.89 -86.65 -64.56
N ASN NA 182 -51.58 -87.61 -65.22
CA ASN NA 182 -52.95 -88.04 -64.96
C ASN NA 182 -54.00 -86.92 -64.99
N ASP NA 183 -53.74 -85.85 -65.78
CA ASP NA 183 -54.66 -84.72 -65.87
C ASP NA 183 -54.89 -84.21 -67.30
N LEU NA 184 -53.85 -83.64 -67.96
CA LEU NA 184 -53.95 -83.09 -69.31
C LEU NA 184 -53.86 -84.18 -70.38
N VAL NA 185 -54.88 -84.24 -71.27
CA VAL NA 185 -54.97 -85.21 -72.36
C VAL NA 185 -55.18 -84.47 -73.69
N ILE NA 186 -54.38 -84.79 -74.72
CA ILE NA 186 -54.53 -84.22 -76.05
C ILE NA 186 -55.02 -85.32 -77.01
N VAL NA 187 -56.26 -85.17 -77.48
CA VAL NA 187 -56.94 -86.11 -78.38
C VAL NA 187 -56.62 -85.74 -79.83
N ARG NA 188 -56.13 -86.72 -80.61
CA ARG NA 188 -55.80 -86.56 -82.02
C ARG NA 188 -56.81 -87.33 -82.88
N PHE NA 189 -57.54 -86.62 -83.76
CA PHE NA 189 -58.56 -87.20 -84.63
C PHE NA 189 -57.96 -87.87 -85.87
N PHE NA 190 -58.42 -89.10 -86.16
CA PHE NA 190 -57.99 -89.91 -87.31
C PHE NA 190 -59.14 -90.77 -87.88
N GLY NA 191 -58.96 -91.22 -89.12
CA GLY NA 191 -59.94 -92.04 -89.84
C GLY NA 191 -60.86 -91.25 -90.75
N SER NA 192 -62.06 -91.80 -91.01
CA SER NA 192 -63.09 -91.21 -91.86
C SER NA 192 -64.48 -91.66 -91.41
N VAL NA 193 -65.26 -90.75 -90.78
CA VAL NA 193 -66.60 -91.04 -90.25
C VAL NA 193 -67.70 -91.12 -91.34
N SER NA 194 -68.59 -92.13 -91.23
CA SER NA 194 -69.72 -92.39 -92.14
C SER NA 194 -70.91 -93.02 -91.40
N ASN NA 195 -72.14 -92.68 -91.85
CA ASN NA 195 -73.43 -93.16 -91.31
C ASN NA 195 -73.64 -92.81 -89.83
N ILE NA 196 -73.80 -91.49 -89.54
CA ILE NA 196 -74.02 -90.96 -88.19
C ILE NA 196 -74.92 -89.71 -88.18
N GLN NA 197 -75.75 -89.57 -87.13
CA GLN NA 197 -76.67 -88.44 -86.95
C GLN NA 197 -76.27 -87.60 -85.71
N LYS NA 198 -76.79 -86.36 -85.62
CA LYS NA 198 -76.53 -85.45 -84.50
C LYS NA 198 -77.19 -85.91 -83.20
N GLY NA 199 -76.40 -85.94 -82.13
CA GLY NA 199 -76.84 -86.36 -80.80
C GLY NA 199 -76.84 -87.87 -80.58
N TRP NA 200 -76.42 -88.63 -81.60
CA TRP NA 200 -76.36 -90.10 -81.57
C TRP NA 200 -75.03 -90.61 -81.06
N ASN NA 201 -75.07 -91.62 -80.17
CA ASN NA 201 -73.90 -92.27 -79.58
C ASN NA 201 -73.15 -93.07 -80.65
N MET NA 202 -71.81 -93.05 -80.60
CA MET NA 202 -70.97 -93.74 -81.59
C MET NA 202 -70.80 -95.24 -81.31
N SER NA 203 -71.14 -96.04 -82.33
CA SER NA 203 -71.17 -97.52 -82.39
C SER NA 203 -70.02 -98.31 -81.76
N GLY NA 204 -68.78 -97.90 -82.01
CA GLY NA 204 -67.58 -98.60 -81.55
C GLY NA 204 -67.24 -98.55 -80.08
N THR NA 205 -65.94 -98.77 -79.78
CA THR NA 205 -65.32 -98.83 -78.45
C THR NA 205 -65.50 -97.53 -77.66
N TRP NA 206 -65.65 -97.66 -76.33
CA TRP NA 206 -65.79 -96.55 -75.39
C TRP NA 206 -64.42 -96.20 -74.77
N VAL NA 207 -64.29 -94.96 -74.25
CA VAL NA 207 -63.06 -94.44 -73.64
C VAL NA 207 -62.77 -95.17 -72.31
N ASP NA 208 -61.53 -95.66 -72.14
CA ASP NA 208 -61.05 -96.37 -70.95
C ASP NA 208 -61.10 -95.50 -69.70
N ARG NA 209 -61.33 -96.14 -68.53
CA ARG NA 209 -61.42 -95.51 -67.21
C ARG NA 209 -60.27 -94.53 -66.84
N PRO NA 210 -58.95 -94.82 -67.09
CA PRO NA 210 -57.91 -93.82 -66.72
C PRO NA 210 -57.91 -92.56 -67.59
N PHE NA 211 -58.63 -92.59 -68.72
CA PHE NA 211 -58.74 -91.48 -69.67
C PHE NA 211 -60.09 -90.76 -69.63
N ARG NA 212 -61.07 -91.28 -68.87
CA ARG NA 212 -62.41 -90.70 -68.73
C ARG NA 212 -62.37 -89.39 -67.93
N PRO NA 213 -63.04 -88.31 -68.38
CA PRO NA 213 -63.02 -87.05 -67.62
C PRO NA 213 -64.11 -86.98 -66.53
N ALA NA 214 -64.02 -85.98 -65.63
CA ALA NA 214 -64.99 -85.76 -64.55
C ALA NA 214 -66.33 -85.26 -65.07
N ALA NA 215 -66.29 -84.37 -66.07
CA ALA NA 215 -67.47 -83.79 -66.72
C ALA NA 215 -67.39 -84.00 -68.25
N VAL NA 216 -68.53 -83.79 -68.94
CA VAL NA 216 -68.61 -83.93 -70.40
C VAL NA 216 -67.73 -82.89 -71.12
N GLN NA 217 -66.73 -83.39 -71.88
CA GLN NA 217 -65.77 -82.56 -72.59
C GLN NA 217 -66.10 -82.45 -74.07
N SER NA 218 -66.42 -81.23 -74.53
CA SER NA 218 -66.75 -80.92 -75.91
C SER NA 218 -65.45 -80.64 -76.68
N LEU NA 219 -65.06 -81.56 -77.58
CA LEU NA 219 -63.82 -81.43 -78.36
C LEU NA 219 -64.07 -81.25 -79.85
N VAL NA 220 -63.59 -80.12 -80.40
CA VAL NA 220 -63.75 -79.71 -81.80
C VAL NA 220 -62.69 -80.34 -82.73
N GLY NA 221 -63.16 -80.85 -83.86
CA GLY NA 221 -62.35 -81.43 -84.91
C GLY NA 221 -62.62 -80.76 -86.26
N HIS NA 222 -61.96 -81.22 -87.33
CA HIS NA 222 -62.14 -80.63 -88.67
C HIS NA 222 -62.11 -81.67 -89.80
N PHE NA 223 -62.95 -81.46 -90.84
CA PHE NA 223 -63.01 -82.33 -92.01
C PHE NA 223 -61.97 -81.89 -93.02
N ALA NA 224 -60.95 -82.74 -93.25
CA ALA NA 224 -59.82 -82.49 -94.15
C ALA NA 224 -60.23 -82.17 -95.59
N GLY NA 225 -59.70 -81.06 -96.11
CA GLY NA 225 -59.96 -80.57 -97.46
C GLY NA 225 -61.21 -79.74 -97.61
N ARG NA 226 -61.94 -79.50 -96.49
CA ARG NA 226 -63.20 -78.73 -96.48
C ARG NA 226 -63.11 -77.53 -95.53
N ASP NA 227 -64.22 -76.80 -95.37
CA ASP NA 227 -64.36 -75.67 -94.46
C ASP NA 227 -65.45 -75.95 -93.41
N THR NA 228 -65.85 -77.24 -93.32
CA THR NA 228 -66.85 -77.77 -92.40
C THR NA 228 -66.15 -78.35 -91.16
N SER NA 229 -66.78 -78.20 -89.98
CA SER NA 229 -66.24 -78.68 -88.70
C SER NA 229 -67.21 -79.56 -87.93
N PHE NA 230 -66.70 -80.27 -86.89
CA PHE NA 230 -67.49 -81.16 -86.04
C PHE NA 230 -67.00 -81.12 -84.59
N HIS NA 231 -67.80 -81.65 -83.65
CA HIS NA 231 -67.44 -81.77 -82.24
C HIS NA 231 -68.03 -83.02 -81.59
N ILE NA 232 -67.24 -83.68 -80.73
CA ILE NA 232 -67.65 -84.90 -80.04
C ILE NA 232 -67.64 -84.75 -78.52
N ASP NA 233 -68.75 -85.14 -77.87
CA ASP NA 233 -68.92 -85.06 -76.43
C ASP NA 233 -68.47 -86.33 -75.71
N ILE NA 234 -67.31 -86.27 -75.03
CA ILE NA 234 -66.78 -87.40 -74.26
C ILE NA 234 -67.35 -87.31 -72.84
N ASN NA 235 -68.46 -88.03 -72.62
CA ASN NA 235 -69.20 -88.08 -71.36
C ASN NA 235 -68.38 -88.80 -70.26
N PRO NA 236 -68.66 -88.57 -68.94
CA PRO NA 236 -67.85 -89.23 -67.89
C PRO NA 236 -67.84 -90.76 -67.88
N ASN NA 237 -68.86 -91.41 -68.49
CA ASN NA 237 -68.97 -92.87 -68.56
C ASN NA 237 -68.14 -93.51 -69.69
N GLY NA 238 -67.43 -92.69 -70.46
CA GLY NA 238 -66.58 -93.13 -71.56
C GLY NA 238 -67.23 -93.09 -72.92
N SER NA 239 -68.55 -92.84 -72.96
CA SER NA 239 -69.35 -92.77 -74.19
C SER NA 239 -69.02 -91.52 -75.01
N ILE NA 240 -68.84 -91.71 -76.33
CA ILE NA 240 -68.54 -90.63 -77.28
C ILE NA 240 -69.80 -90.32 -78.09
N THR NA 241 -70.42 -89.15 -77.82
CA THR NA 241 -71.64 -88.73 -78.50
C THR NA 241 -71.29 -87.73 -79.62
N TRP NA 242 -71.71 -88.05 -80.86
CA TRP NA 242 -71.48 -87.22 -82.04
C TRP NA 242 -72.36 -85.97 -81.99
N TRP NA 243 -71.79 -84.80 -82.34
CA TRP NA 243 -72.53 -83.53 -82.34
C TRP NA 243 -72.26 -82.63 -83.56
N GLY NA 244 -71.93 -83.25 -84.69
CA GLY NA 244 -71.72 -82.57 -85.96
C GLY NA 244 -72.95 -82.73 -86.83
N ALA NA 245 -72.85 -82.37 -88.12
CA ALA NA 245 -73.98 -82.52 -89.05
C ALA NA 245 -74.12 -83.98 -89.48
N ASN NA 246 -75.36 -84.41 -89.82
CA ASN NA 246 -75.68 -85.77 -90.25
C ASN NA 246 -74.86 -86.21 -91.46
N ILE NA 247 -74.10 -87.31 -91.30
CA ILE NA 247 -73.23 -87.85 -92.34
C ILE NA 247 -73.81 -89.12 -92.95
N ASP NA 248 -73.83 -89.17 -94.29
CA ASP NA 248 -74.34 -90.29 -95.07
C ASP NA 248 -73.30 -91.41 -95.26
N LYS NA 249 -73.55 -92.27 -96.26
CA LYS NA 249 -72.70 -93.42 -96.60
C LYS NA 249 -71.27 -93.08 -97.03
N THR NA 250 -71.05 -91.89 -97.62
CA THR NA 250 -69.74 -91.43 -98.08
C THR NA 250 -68.86 -91.02 -96.88
N PRO NA 251 -67.66 -91.63 -96.69
CA PRO NA 251 -66.83 -91.24 -95.54
C PRO NA 251 -65.93 -90.02 -95.80
N ILE NA 252 -65.90 -89.09 -94.83
CA ILE NA 252 -65.10 -87.86 -94.88
C ILE NA 252 -63.99 -87.92 -93.84
N ALA NA 253 -62.72 -87.67 -94.26
CA ALA NA 253 -61.53 -87.68 -93.41
C ALA NA 253 -61.62 -86.67 -92.26
N THR NA 254 -61.45 -87.17 -91.03
CA THR NA 254 -61.53 -86.37 -89.79
C THR NA 254 -60.17 -86.23 -89.13
N ARG NA 255 -59.71 -84.98 -88.96
CA ARG NA 255 -58.41 -84.65 -88.34
C ARG NA 255 -58.55 -83.46 -87.38
N GLY NA 256 -57.73 -83.44 -86.33
CA GLY NA 256 -57.74 -82.35 -85.35
C GLY NA 256 -57.16 -82.69 -83.99
N ASN NA 257 -56.86 -81.63 -83.21
CA ASN NA 257 -56.32 -81.73 -81.85
C ASN NA 257 -57.22 -81.04 -80.83
N GLY NA 258 -57.54 -81.75 -79.75
CA GLY NA 258 -58.39 -81.26 -78.67
C GLY NA 258 -57.85 -81.58 -77.30
N SER NA 259 -57.72 -80.55 -76.46
CA SER NA 259 -57.20 -80.66 -75.09
C SER NA 259 -58.30 -80.55 -74.03
N TYR NA 260 -58.17 -81.35 -72.94
CA TYR NA 260 -59.12 -81.36 -71.81
C TYR NA 260 -58.46 -81.82 -70.50
N PHE NA 261 -59.03 -81.39 -69.36
CA PHE NA 261 -58.56 -81.77 -68.02
C PHE NA 261 -59.48 -82.84 -67.44
N ILE NA 262 -58.90 -83.91 -66.87
CA ILE NA 262 -59.66 -84.99 -66.23
C ILE NA 262 -60.12 -84.48 -64.86
N LYS NA 263 -59.17 -84.04 -64.02
CA LYS NA 263 -59.39 -83.54 -62.67
C LYS NA 263 -60.11 -82.19 -62.67
N THR OA 1 14.79 -40.12 -62.26
CA THR OA 1 16.08 -39.43 -62.21
C THR OA 1 16.57 -39.09 -63.62
N ILE OA 2 17.19 -37.90 -63.79
CA ILE OA 2 17.70 -37.43 -65.08
C ILE OA 2 19.22 -37.55 -65.13
N LYS OA 3 19.72 -38.28 -66.14
CA LYS OA 3 21.15 -38.47 -66.38
C LYS OA 3 21.59 -37.55 -67.53
N ASN OA 4 22.47 -36.58 -67.23
CA ASN OA 4 22.95 -35.52 -68.13
C ASN OA 4 24.25 -35.94 -68.80
N PHE OA 5 24.21 -36.10 -70.13
CA PHE OA 5 25.41 -36.51 -70.85
C PHE OA 5 26.23 -35.44 -71.55
N THR OA 6 25.62 -34.66 -72.47
CA THR OA 6 26.30 -33.63 -73.26
C THR OA 6 26.39 -32.28 -72.52
N PHE OA 7 26.97 -32.31 -71.33
CA PHE OA 7 27.12 -31.12 -70.49
C PHE OA 7 28.50 -31.09 -69.86
N PHE OA 8 28.94 -29.89 -69.39
CA PHE OA 8 30.25 -29.71 -68.78
C PHE OA 8 30.31 -30.18 -67.34
N SER OA 9 31.42 -30.84 -67.00
CA SER OA 9 31.68 -31.37 -65.66
C SER OA 9 32.64 -30.40 -64.93
N PRO OA 10 32.11 -29.57 -64.00
CA PRO OA 10 32.96 -28.58 -63.30
C PRO OA 10 34.19 -29.15 -62.60
N ASN OA 11 34.08 -30.35 -62.03
CA ASN OA 11 35.18 -31.01 -61.33
C ASN OA 11 35.66 -32.26 -62.10
N SER OA 12 35.40 -32.28 -63.43
CA SER OA 12 35.77 -33.32 -64.40
C SER OA 12 35.26 -34.74 -64.07
N THR OA 13 34.25 -34.84 -63.18
CA THR OA 13 33.72 -36.12 -62.73
C THR OA 13 32.19 -36.25 -62.82
N GLU OA 14 31.46 -35.11 -62.85
CA GLU OA 14 29.99 -35.02 -62.86
C GLU OA 14 29.25 -35.80 -63.93
N PHE OA 15 29.58 -35.59 -65.22
CA PHE OA 15 28.86 -36.23 -66.31
C PHE OA 15 29.68 -37.12 -67.25
N PRO OA 16 30.09 -38.34 -66.82
CA PRO OA 16 30.81 -39.22 -67.75
C PRO OA 16 29.90 -39.87 -68.78
N VAL OA 17 30.37 -39.97 -70.02
CA VAL OA 17 29.59 -40.56 -71.09
C VAL OA 17 30.05 -41.96 -71.48
N GLY OA 18 29.15 -42.92 -71.31
CA GLY OA 18 29.41 -44.32 -71.61
C GLY OA 18 29.22 -44.66 -73.07
N SER OA 19 29.77 -45.81 -73.49
CA SER OA 19 29.64 -46.29 -74.86
C SER OA 19 28.20 -46.62 -75.27
N ASN OA 20 27.36 -47.10 -74.32
CA ASN OA 20 25.95 -47.41 -74.57
C ASN OA 20 25.14 -46.13 -74.70
N ASN OA 21 25.57 -45.08 -73.96
CA ASN OA 21 24.95 -43.76 -73.96
C ASN OA 21 25.20 -43.02 -75.28
N ASP OA 22 26.37 -43.28 -75.92
CA ASP OA 22 26.71 -42.72 -77.23
C ASP OA 22 26.10 -43.59 -78.32
N GLY OA 23 26.01 -44.89 -78.09
CA GLY OA 23 25.36 -45.86 -78.99
C GLY OA 23 23.91 -45.46 -79.18
N LYS OA 24 23.21 -45.14 -78.06
CA LYS OA 24 21.83 -44.66 -78.04
C LYS OA 24 21.72 -43.28 -78.71
N LEU OA 25 22.69 -42.39 -78.47
CA LEU OA 25 22.77 -41.04 -79.05
C LEU OA 25 22.94 -41.11 -80.58
N TYR OA 26 23.88 -41.95 -81.06
CA TYR OA 26 24.14 -42.13 -82.48
C TYR OA 26 22.98 -42.76 -83.24
N MET OA 27 22.16 -43.63 -82.59
CA MET OA 27 21.00 -44.30 -83.21
C MET OA 27 19.83 -43.34 -83.45
N MET OA 28 19.67 -42.34 -82.57
CA MET OA 28 18.59 -41.36 -82.61
C MET OA 28 18.86 -40.26 -83.63
N LEU OA 29 20.16 -40.01 -83.91
CA LEU OA 29 20.62 -39.02 -84.90
C LEU OA 29 20.32 -39.53 -86.30
N THR OA 30 20.98 -40.62 -86.72
CA THR OA 30 20.79 -41.22 -88.03
C THR OA 30 19.37 -41.79 -88.22
N GLY OA 31 18.67 -42.05 -87.11
CA GLY OA 31 17.34 -42.62 -87.09
C GLY OA 31 17.33 -44.09 -87.45
N MET OA 32 18.16 -44.88 -86.75
CA MET OA 32 18.30 -46.32 -86.98
C MET OA 32 17.80 -47.14 -85.79
N ASP OA 33 17.40 -48.38 -86.06
CA ASP OA 33 16.94 -49.31 -85.03
C ASP OA 33 17.93 -50.47 -84.92
N TYR OA 34 17.66 -51.43 -84.03
CA TYR OA 34 18.56 -52.58 -83.88
C TYR OA 34 18.47 -53.60 -85.02
N ARG OA 35 17.58 -53.35 -86.01
CA ARG OA 35 17.37 -54.23 -87.15
C ARG OA 35 17.96 -53.73 -88.47
N THR OA 36 18.72 -52.62 -88.40
CA THR OA 36 19.40 -52.01 -89.54
C THR OA 36 20.85 -51.62 -89.19
N ILE OA 37 21.63 -51.25 -90.22
CA ILE OA 37 23.03 -50.83 -90.09
C ILE OA 37 23.29 -49.56 -90.88
N ARG OA 38 24.48 -49.02 -90.69
CA ARG OA 38 25.09 -47.99 -91.51
C ARG OA 38 26.36 -48.69 -91.97
N ARG OA 39 26.61 -48.70 -93.28
CA ARG OA 39 27.74 -49.44 -93.83
C ARG OA 39 28.38 -48.67 -94.97
N LYS OA 40 29.71 -48.66 -95.03
CA LYS OA 40 30.44 -48.01 -96.10
C LYS OA 40 31.70 -48.78 -96.45
N ASP OA 41 31.81 -49.20 -97.72
CA ASP OA 41 33.00 -49.86 -98.23
C ASP OA 41 33.90 -48.73 -98.76
N TRP OA 42 34.92 -48.33 -97.98
CA TRP OA 42 35.86 -47.27 -98.39
C TRP OA 42 36.71 -47.78 -99.57
N SER OA 43 36.96 -49.09 -99.56
CA SER OA 43 37.60 -49.85 -100.64
C SER OA 43 36.77 -51.13 -100.87
N SER OA 44 36.76 -51.63 -102.11
CA SER OA 44 35.97 -52.78 -102.49
C SER OA 44 36.41 -54.07 -101.79
N PRO OA 45 35.45 -54.85 -101.21
CA PRO OA 45 35.82 -56.16 -100.66
C PRO OA 45 36.33 -57.09 -101.77
N LEU OA 46 37.23 -58.02 -101.44
CA LEU OA 46 37.83 -58.92 -102.42
C LEU OA 46 37.39 -60.35 -102.23
N ASN OA 47 36.93 -60.99 -103.31
CA ASN OA 47 36.47 -62.38 -103.31
C ASN OA 47 37.60 -63.28 -103.79
N THR OA 48 37.94 -64.28 -102.99
CA THR OA 48 38.98 -65.28 -103.28
C THR OA 48 38.41 -66.62 -102.88
N ALA OA 49 38.18 -67.53 -103.87
CA ALA OA 49 37.55 -68.85 -103.67
C ALA OA 49 36.23 -68.64 -102.89
N LEU OA 50 35.94 -69.46 -101.87
CA LEU OA 50 34.73 -69.31 -101.06
C LEU OA 50 34.99 -68.45 -99.82
N ASN OA 51 35.46 -67.20 -100.06
CA ASN OA 51 35.81 -66.23 -99.03
C ASN OA 51 35.58 -64.81 -99.52
N VAL OA 52 35.17 -63.91 -98.61
CA VAL OA 52 35.03 -62.48 -98.88
C VAL OA 52 35.95 -61.75 -97.91
N GLN OA 53 36.85 -60.94 -98.45
CA GLN OA 53 37.76 -60.15 -97.64
C GLN OA 53 37.29 -58.71 -97.62
N TYR OA 54 36.90 -58.22 -96.46
CA TYR OA 54 36.51 -56.81 -96.32
C TYR OA 54 37.79 -56.06 -96.10
N THR OA 55 38.22 -55.32 -97.13
CA THR OA 55 39.47 -54.59 -97.15
C THR OA 55 39.45 -53.38 -96.23
N ASN OA 56 38.41 -52.55 -96.34
CA ASN OA 56 38.19 -51.37 -95.50
C ASN OA 56 36.72 -51.00 -95.53
N THR OA 57 35.97 -51.61 -94.62
CA THR OA 57 34.53 -51.39 -94.47
C THR OA 57 34.24 -50.91 -93.06
N SER OA 58 33.45 -49.83 -92.94
CA SER OA 58 33.01 -49.32 -91.64
C SER OA 58 31.55 -49.68 -91.45
N ILE OA 59 31.18 -50.11 -90.24
CA ILE OA 59 29.81 -50.49 -89.91
C ILE OA 59 29.39 -49.86 -88.59
N ILE OA 60 28.13 -49.42 -88.53
CA ILE OA 60 27.48 -48.94 -87.32
C ILE OA 60 26.34 -49.91 -87.09
N ALA OA 61 26.37 -50.65 -85.98
CA ALA OA 61 25.34 -51.61 -85.61
C ALA OA 61 25.01 -51.35 -84.15
N GLY OA 62 23.74 -51.04 -83.87
CA GLY OA 62 23.27 -50.68 -82.53
C GLY OA 62 23.95 -49.42 -81.98
N GLY OA 63 24.29 -48.49 -82.89
CA GLY OA 63 24.99 -47.24 -82.60
C GLY OA 63 26.47 -47.39 -82.33
N ARG OA 64 27.00 -48.63 -82.49
CA ARG OA 64 28.40 -48.96 -82.24
C ARG OA 64 29.17 -48.98 -83.53
N TYR OA 65 30.24 -48.18 -83.58
CA TYR OA 65 31.10 -48.05 -84.75
C TYR OA 65 32.28 -48.98 -84.68
N PHE OA 66 32.55 -49.67 -85.79
CA PHE OA 66 33.69 -50.56 -85.92
C PHE OA 66 34.15 -50.66 -87.37
N GLU OA 67 35.45 -50.91 -87.55
CA GLU OA 67 36.07 -51.02 -88.87
C GLU OA 67 36.43 -52.49 -89.15
N LEU OA 68 36.31 -52.92 -90.42
CA LEU OA 68 36.72 -54.24 -90.91
C LEU OA 68 37.92 -54.00 -91.84
N LEU OA 69 39.13 -54.30 -91.34
CA LEU OA 69 40.36 -54.05 -92.08
C LEU OA 69 40.99 -55.38 -92.39
N ASN OA 70 40.95 -55.78 -93.69
CA ASN OA 70 41.41 -57.08 -94.18
C ASN OA 70 40.86 -58.23 -93.33
N GLU OA 71 39.53 -58.25 -93.18
CA GLU OA 71 38.79 -59.24 -92.41
C GLU OA 71 38.09 -60.19 -93.38
N THR OA 72 38.52 -61.47 -93.36
CA THR OA 72 38.02 -62.51 -94.25
C THR OA 72 36.95 -63.36 -93.58
N VAL OA 73 35.84 -63.57 -94.30
CA VAL OA 73 34.72 -64.41 -93.88
C VAL OA 73 34.66 -65.61 -94.82
N ALA OA 74 34.71 -66.83 -94.27
CA ALA OA 74 34.63 -68.08 -95.04
C ALA OA 74 33.17 -68.34 -95.41
N LEU OA 75 32.93 -68.78 -96.65
CA LEU OA 75 31.59 -69.01 -97.19
C LEU OA 75 31.27 -70.46 -97.50
N LYS OA 76 29.97 -70.77 -97.51
CA LYS OA 76 29.43 -72.07 -97.87
C LYS OA 76 29.27 -72.05 -99.40
N GLY OA 77 29.68 -73.14 -100.06
CA GLY OA 77 29.58 -73.29 -101.51
C GLY OA 77 28.17 -73.54 -101.98
N ASP OA 78 27.85 -73.10 -103.23
CA ASP OA 78 26.54 -73.22 -103.89
C ASP OA 78 25.39 -72.78 -102.96
N SER OA 79 25.60 -71.67 -102.28
CA SER OA 79 24.66 -71.18 -101.29
C SER OA 79 24.54 -69.66 -101.28
N VAL OA 80 23.48 -69.17 -100.63
CA VAL OA 80 23.24 -67.75 -100.38
C VAL OA 80 23.70 -67.51 -98.94
N ASN OA 81 24.82 -66.79 -98.78
CA ASN OA 81 25.43 -66.52 -97.48
C ASN OA 81 24.98 -65.17 -96.96
N TYR OA 82 24.40 -65.18 -95.75
CA TYR OA 82 23.95 -63.96 -95.08
C TYR OA 82 25.03 -63.56 -94.07
N ILE OA 83 25.75 -62.47 -94.36
CA ILE OA 83 26.85 -61.99 -93.54
C ILE OA 83 26.35 -61.13 -92.40
N HIS OA 84 26.64 -61.56 -91.18
CA HIS OA 84 26.18 -60.89 -89.97
C HIS OA 84 27.29 -60.29 -89.15
N ALA OA 85 27.00 -59.16 -88.52
CA ALA OA 85 27.86 -58.53 -87.53
C ALA OA 85 27.23 -58.95 -86.21
N ASN OA 86 28.02 -59.58 -85.32
CA ASN OA 86 27.54 -60.07 -84.02
C ASN OA 86 28.24 -59.31 -82.92
N ILE OA 87 27.47 -58.66 -82.02
CA ILE OA 87 28.01 -57.86 -80.93
C ILE OA 87 27.67 -58.48 -79.58
N ASP OA 88 28.69 -58.89 -78.83
CA ASP OA 88 28.56 -59.45 -77.50
C ASP OA 88 29.44 -58.63 -76.59
N LEU OA 89 28.81 -57.77 -75.78
CA LEU OA 89 29.51 -56.87 -74.87
C LEU OA 89 30.25 -57.52 -73.71
N THR OA 90 29.91 -58.78 -73.39
CA THR OA 90 30.54 -59.56 -72.32
C THR OA 90 31.94 -60.01 -72.77
N GLN OA 91 32.15 -60.12 -74.11
CA GLN OA 91 33.42 -60.48 -74.72
C GLN OA 91 34.24 -59.18 -74.82
N THR OA 92 34.68 -58.69 -73.65
CA THR OA 92 35.45 -57.47 -73.44
C THR OA 92 36.58 -57.18 -74.46
N ALA OA 93 37.43 -58.20 -74.75
CA ALA OA 93 38.56 -58.04 -75.68
C ALA OA 93 38.16 -58.05 -77.16
N ASN OA 94 37.15 -58.85 -77.54
CA ASN OA 94 36.67 -58.96 -78.93
C ASN OA 94 35.13 -58.93 -78.94
N PRO OA 95 34.49 -57.74 -78.77
CA PRO OA 95 33.02 -57.71 -78.74
C PRO OA 95 32.32 -57.97 -80.05
N VAL OA 96 33.01 -57.71 -81.19
CA VAL OA 96 32.45 -57.88 -82.52
C VAL OA 96 33.09 -59.07 -83.27
N SER OA 97 32.24 -59.85 -83.95
CA SER OA 97 32.63 -60.98 -84.77
C SER OA 97 31.69 -61.08 -85.98
N LEU OA 98 32.21 -61.64 -87.09
CA LEU OA 98 31.42 -61.83 -88.31
C LEU OA 98 31.09 -63.29 -88.56
N SER OA 99 29.91 -63.54 -89.14
CA SER OA 99 29.48 -64.90 -89.45
C SER OA 99 28.79 -64.92 -90.80
N ALA OA 100 28.86 -66.07 -91.49
CA ALA OA 100 28.20 -66.33 -92.77
C ALA OA 100 27.14 -67.38 -92.46
N GLU OA 101 25.87 -67.00 -92.59
CA GLU OA 101 24.77 -67.86 -92.20
C GLU OA 101 23.82 -68.20 -93.35
N THR OA 102 23.08 -69.30 -93.18
CA THR OA 102 22.12 -69.84 -94.16
C THR OA 102 20.84 -69.00 -94.33
N ALA OA 103 20.55 -68.12 -93.35
CA ALA OA 103 19.36 -67.27 -93.36
C ALA OA 103 19.66 -65.91 -92.73
N ASN OA 104 18.75 -64.93 -92.90
CA ASN OA 104 18.89 -63.63 -92.27
C ASN OA 104 18.38 -63.80 -90.83
N ASN OA 105 19.33 -63.91 -89.91
CA ASN OA 105 19.06 -64.16 -88.50
C ASN OA 105 19.20 -62.92 -87.60
N SER OA 106 18.91 -61.72 -88.16
CA SER OA 106 18.93 -60.45 -87.42
C SER OA 106 17.91 -60.56 -86.27
N ASN OA 107 18.35 -60.30 -85.03
CA ASN OA 107 17.52 -60.51 -83.84
C ASN OA 107 16.96 -59.28 -83.15
N GLY OA 108 17.46 -58.09 -83.51
CA GLY OA 108 17.04 -56.81 -82.96
C GLY OA 108 17.24 -56.62 -81.46
N VAL OA 109 18.24 -57.31 -80.88
CA VAL OA 109 18.55 -57.26 -79.45
C VAL OA 109 19.09 -55.89 -79.02
N ASP OA 110 18.43 -55.27 -78.01
CA ASP OA 110 18.80 -53.97 -77.45
C ASP OA 110 20.02 -54.11 -76.54
N ILE OA 111 21.21 -53.98 -77.13
CA ILE OA 111 22.48 -54.09 -76.41
C ILE OA 111 22.86 -52.86 -75.57
N ASN OA 112 22.21 -51.71 -75.82
CA ASN OA 112 22.52 -50.49 -75.09
C ASN OA 112 21.73 -50.34 -73.78
N ASN OA 113 20.63 -51.08 -73.65
CA ASN OA 113 19.83 -51.03 -72.42
C ASN OA 113 19.81 -52.34 -71.66
N GLY OA 114 19.95 -53.47 -72.37
CA GLY OA 114 19.92 -54.78 -71.74
C GLY OA 114 21.01 -55.74 -72.17
N SER OA 115 20.90 -56.99 -71.70
CA SER OA 115 21.84 -58.08 -72.01
C SER OA 115 21.45 -58.81 -73.30
N GLY OA 116 22.37 -59.61 -73.83
CA GLY OA 116 22.18 -60.37 -75.05
C GLY OA 116 23.16 -60.04 -76.15
N VAL OA 117 23.18 -60.90 -77.17
CA VAL OA 117 24.04 -60.74 -78.33
C VAL OA 117 23.23 -60.13 -79.45
N LEU OA 118 23.71 -59.02 -80.03
CA LEU OA 118 23.05 -58.39 -81.16
C LEU OA 118 23.58 -59.03 -82.44
N LYS OA 119 22.67 -59.52 -83.29
CA LYS OA 119 23.00 -60.10 -84.59
C LYS OA 119 22.30 -59.26 -85.64
N VAL OA 120 23.05 -58.75 -86.61
CA VAL OA 120 22.48 -57.94 -87.67
C VAL OA 120 23.15 -58.27 -89.00
N CYS OA 121 22.33 -58.64 -90.00
CA CYS OA 121 22.81 -58.97 -91.34
C CYS OA 121 23.09 -57.69 -92.13
N PHE OA 122 24.25 -57.61 -92.81
CA PHE OA 122 24.63 -56.44 -93.60
C PHE OA 122 24.96 -56.73 -95.06
N ASP OA 123 25.23 -58.00 -95.40
CA ASP OA 123 25.61 -58.40 -96.75
C ASP OA 123 25.02 -59.75 -97.13
N ILE OA 124 24.71 -59.94 -98.42
CA ILE OA 124 24.21 -61.20 -98.98
C ILE OA 124 25.18 -61.60 -100.09
N VAL OA 125 25.92 -62.69 -99.86
CA VAL OA 125 26.92 -63.18 -100.80
C VAL OA 125 26.51 -64.55 -101.36
N THR OA 126 26.24 -64.61 -102.67
CA THR OA 126 25.85 -65.84 -103.35
C THR OA 126 27.09 -66.50 -103.97
N THR OA 127 27.21 -67.82 -103.79
CA THR OA 127 28.34 -68.59 -104.29
C THR OA 127 27.96 -69.68 -105.29
N SER OA 128 28.98 -70.18 -106.01
CA SER OA 128 28.90 -71.34 -106.88
C SER OA 128 29.68 -72.39 -106.08
N GLY OA 129 30.11 -73.46 -106.71
CA GLY OA 129 30.92 -74.46 -106.03
C GLY OA 129 32.37 -74.03 -105.87
N THR OA 130 32.80 -73.00 -106.64
CA THR OA 130 34.18 -72.51 -106.69
C THR OA 130 34.45 -71.12 -106.11
N GLY OA 131 33.46 -70.22 -106.15
CA GLY OA 131 33.61 -68.86 -105.66
C GLY OA 131 32.35 -68.03 -105.63
N VAL OA 132 32.51 -66.73 -105.42
CA VAL OA 132 31.42 -65.75 -105.34
C VAL OA 132 30.88 -65.43 -106.73
N THR OA 133 29.54 -65.52 -106.90
CA THR OA 133 28.87 -65.19 -108.16
C THR OA 133 28.26 -63.80 -108.13
N SER OA 134 27.72 -63.38 -106.95
CA SER OA 134 27.12 -62.06 -106.76
C SER OA 134 27.11 -61.64 -105.29
N THR OA 135 27.05 -60.33 -105.06
CA THR OA 135 26.97 -59.72 -103.73
C THR OA 135 25.91 -58.63 -103.76
N LYS OA 136 25.04 -58.64 -102.76
CA LYS OA 136 23.96 -57.66 -102.60
C LYS OA 136 24.00 -57.14 -101.16
N PRO OA 137 24.12 -55.81 -100.95
CA PRO OA 137 24.12 -55.31 -99.57
C PRO OA 137 22.72 -55.24 -98.98
N ILE OA 138 22.62 -55.27 -97.65
CA ILE OA 138 21.36 -55.12 -96.94
C ILE OA 138 21.05 -53.62 -96.95
N VAL OA 139 19.76 -53.27 -97.10
CA VAL OA 139 19.26 -51.90 -97.11
C VAL OA 139 19.55 -51.21 -95.77
N GLN OA 140 20.00 -49.94 -95.83
CA GLN OA 140 20.26 -49.11 -94.65
C GLN OA 140 19.01 -48.26 -94.43
N THR OA 141 18.23 -48.61 -93.39
CA THR OA 141 16.96 -47.98 -93.04
C THR OA 141 17.18 -46.72 -92.18
N SER OA 142 16.58 -45.61 -92.63
CA SER OA 142 16.63 -44.32 -91.96
C SER OA 142 15.20 -43.89 -91.63
N THR OA 143 14.70 -44.33 -90.46
CA THR OA 143 13.35 -44.08 -89.97
C THR OA 143 13.26 -42.66 -89.42
N LEU OA 144 12.44 -41.81 -90.06
CA LEU OA 144 12.28 -40.40 -89.68
C LEU OA 144 10.82 -40.02 -89.44
N ASP OA 145 10.59 -38.95 -88.66
CA ASP OA 145 9.23 -38.53 -88.31
C ASP OA 145 8.64 -37.51 -89.30
N SER OA 146 9.38 -36.45 -89.60
CA SER OA 146 8.90 -35.39 -90.49
C SER OA 146 10.07 -34.74 -91.20
N ILE OA 147 9.91 -34.48 -92.50
CA ILE OA 147 10.98 -33.91 -93.32
C ILE OA 147 10.59 -32.62 -94.04
N SER OA 148 11.41 -31.58 -93.86
CA SER OA 148 11.33 -30.31 -94.55
C SER OA 148 12.61 -30.34 -95.44
N VAL OA 149 12.43 -30.51 -96.77
CA VAL OA 149 13.54 -30.57 -97.73
C VAL OA 149 13.26 -29.71 -98.98
N ASN OA 150 14.34 -29.24 -99.64
CA ASN OA 150 14.26 -28.42 -100.85
C ASN OA 150 14.11 -29.29 -102.09
N ASP OA 151 15.09 -30.17 -102.36
CA ASP OA 151 15.04 -31.05 -103.54
C ASP OA 151 15.38 -32.50 -103.22
N MET OA 152 14.82 -33.44 -104.01
CA MET OA 152 15.03 -34.87 -103.84
C MET OA 152 15.12 -35.62 -105.17
N THR OA 153 16.02 -36.63 -105.23
CA THR OA 153 16.22 -37.49 -106.39
C THR OA 153 16.07 -38.95 -105.95
N VAL OA 154 15.03 -39.63 -106.50
CA VAL OA 154 14.69 -41.03 -106.20
C VAL OA 154 15.10 -41.90 -107.38
N SER OA 155 15.92 -42.94 -107.13
CA SER OA 155 16.37 -43.87 -108.16
C SER OA 155 15.44 -45.08 -108.31
N GLY OA 156 14.77 -45.44 -107.22
CA GLY OA 156 13.82 -46.54 -107.17
C GLY OA 156 12.40 -46.02 -107.26
N SER OA 157 11.63 -46.15 -106.18
CA SER OA 157 10.24 -45.68 -106.14
C SER OA 157 9.81 -45.15 -104.79
N ILE OA 158 8.79 -44.27 -104.79
CA ILE OA 158 8.18 -43.73 -103.57
C ILE OA 158 6.85 -44.43 -103.40
N ASP OA 159 6.62 -45.01 -102.22
CA ASP OA 159 5.35 -45.64 -101.88
C ASP OA 159 4.54 -44.66 -101.04
N VAL OA 160 3.40 -44.20 -101.58
CA VAL OA 160 2.50 -43.25 -100.89
C VAL OA 160 1.19 -43.96 -100.51
N PRO OA 161 0.41 -43.46 -99.50
CA PRO OA 161 -0.85 -44.16 -99.14
C PRO OA 161 -1.91 -44.15 -100.24
N VAL OA 162 -2.56 -45.31 -100.45
CA VAL OA 162 -3.58 -45.54 -101.47
C VAL OA 162 -4.91 -45.93 -100.82
N GLN OA 163 -5.99 -45.29 -101.24
CA GLN OA 163 -7.35 -45.57 -100.80
C GLN OA 163 -8.21 -45.82 -102.03
N THR OA 164 -9.11 -46.81 -101.95
CA THR OA 164 -10.03 -47.15 -103.04
C THR OA 164 -11.47 -47.08 -102.57
N LEU OA 165 -12.38 -46.74 -103.50
CA LEU OA 165 -13.81 -46.61 -103.23
C LEU OA 165 -14.62 -46.93 -104.47
N THR OA 166 -15.65 -47.77 -104.30
CA THR OA 166 -16.60 -48.09 -105.38
C THR OA 166 -17.90 -47.39 -105.02
N VAL OA 167 -18.42 -46.58 -105.94
CA VAL OA 167 -19.67 -45.84 -105.74
C VAL OA 167 -20.73 -46.30 -106.72
N GLU OA 168 -21.89 -46.72 -106.18
CA GLU OA 168 -23.05 -47.05 -107.00
C GLU OA 168 -23.81 -45.73 -107.06
N ALA OA 169 -23.39 -44.89 -108.02
CA ALA OA 169 -23.86 -43.52 -108.23
C ALA OA 169 -25.36 -43.37 -108.48
N GLY OA 170 -25.97 -44.43 -109.01
CA GLY OA 170 -27.39 -44.45 -109.36
C GLY OA 170 -27.56 -44.48 -110.86
N ASN OA 171 -28.77 -44.86 -111.31
CA ASN OA 171 -29.14 -44.97 -112.72
C ASN OA 171 -28.29 -46.00 -113.49
N GLY OA 172 -27.63 -46.89 -112.75
CA GLY OA 172 -26.78 -47.95 -113.29
C GLY OA 172 -25.31 -47.59 -113.40
N LEU OA 173 -24.95 -46.33 -113.12
CA LEU OA 173 -23.56 -45.86 -113.18
C LEU OA 173 -22.77 -46.30 -111.96
N GLN OA 174 -21.54 -46.80 -112.21
CA GLN OA 174 -20.61 -47.21 -111.16
C GLN OA 174 -19.30 -46.45 -111.34
N LEU OA 175 -18.72 -45.96 -110.23
CA LEU OA 175 -17.42 -45.29 -110.24
C LEU OA 175 -16.49 -46.09 -109.36
N GLN OA 176 -15.27 -46.33 -109.84
CA GLN OA 176 -14.22 -46.99 -109.06
C GLN OA 176 -13.13 -45.94 -108.92
N LEU OA 177 -13.01 -45.36 -107.73
CA LEU OA 177 -12.07 -44.28 -107.42
C LEU OA 177 -10.83 -44.79 -106.71
N THR OA 178 -9.65 -44.34 -107.15
CA THR OA 178 -8.36 -44.67 -106.54
C THR OA 178 -7.68 -43.35 -106.19
N LYS OA 179 -7.41 -43.13 -104.91
CA LYS OA 179 -6.78 -41.91 -104.41
C LYS OA 179 -5.38 -42.21 -103.88
N LYS OA 180 -4.39 -41.44 -104.34
CA LYS OA 180 -2.99 -41.60 -103.92
C LYS OA 180 -2.47 -40.32 -103.31
N ASN OA 181 -1.67 -40.45 -102.22
CA ASN OA 181 -1.09 -39.35 -101.42
C ASN OA 181 -2.19 -38.41 -100.88
N ASN OA 182 -3.44 -38.93 -100.80
CA ASN OA 182 -4.64 -38.23 -100.30
C ASN OA 182 -5.00 -37.03 -101.21
N ASP OA 183 -4.46 -37.01 -102.44
CA ASP OA 183 -4.69 -35.90 -103.36
C ASP OA 183 -5.14 -36.27 -104.77
N LEU OA 184 -4.33 -37.04 -105.51
CA LEU OA 184 -4.65 -37.43 -106.88
C LEU OA 184 -5.64 -38.57 -106.93
N VAL OA 185 -6.76 -38.36 -107.64
CA VAL OA 185 -7.81 -39.38 -107.79
C VAL OA 185 -7.98 -39.72 -109.27
N ILE OA 186 -8.06 -41.02 -109.59
CA ILE OA 186 -8.38 -41.50 -110.92
C ILE OA 186 -9.69 -42.26 -110.78
N VAL OA 187 -10.72 -41.81 -111.52
CA VAL OA 187 -12.05 -42.41 -111.53
C VAL OA 187 -12.18 -43.28 -112.77
N ARG OA 188 -12.60 -44.54 -112.59
CA ARG OA 188 -12.83 -45.48 -113.68
C ARG OA 188 -14.35 -45.73 -113.74
N PHE OA 189 -14.96 -45.46 -114.90
CA PHE OA 189 -16.41 -45.64 -115.07
C PHE OA 189 -16.75 -47.07 -115.45
N PHE OA 190 -17.84 -47.58 -114.85
CA PHE OA 190 -18.39 -48.91 -115.13
C PHE OA 190 -19.93 -48.87 -115.09
N GLY OA 191 -20.56 -49.99 -115.39
CA GLY OA 191 -22.01 -50.11 -115.42
C GLY OA 191 -22.62 -49.63 -116.72
N SER OA 192 -23.94 -49.37 -116.70
CA SER OA 192 -24.72 -48.91 -117.85
C SER OA 192 -25.80 -47.95 -117.38
N VAL OA 193 -25.86 -46.75 -117.97
CA VAL OA 193 -26.79 -45.69 -117.58
C VAL OA 193 -28.11 -45.67 -118.35
N SER OA 194 -29.23 -45.40 -117.63
CA SER OA 194 -30.59 -45.31 -118.17
C SER OA 194 -31.45 -44.40 -117.28
N ASN OA 195 -32.53 -43.84 -117.85
CA ASN OA 195 -33.53 -43.00 -117.17
C ASN OA 195 -32.92 -41.80 -116.43
N ILE OA 196 -32.19 -40.95 -117.15
CA ILE OA 196 -31.54 -39.76 -116.60
C ILE OA 196 -31.64 -38.58 -117.56
N GLN OA 197 -31.67 -37.35 -117.01
CA GLN OA 197 -31.70 -36.13 -117.81
C GLN OA 197 -30.51 -35.24 -117.49
N LYS OA 198 -30.11 -34.39 -118.45
CA LYS OA 198 -29.02 -33.43 -118.29
C LYS OA 198 -29.33 -32.49 -117.13
N GLY OA 199 -28.34 -32.27 -116.27
CA GLY OA 199 -28.47 -31.40 -115.10
C GLY OA 199 -29.04 -32.07 -113.87
N TRP OA 200 -29.52 -33.32 -114.00
CA TRP OA 200 -30.10 -34.06 -112.89
C TRP OA 200 -29.07 -34.80 -112.07
N ASN OA 201 -29.30 -34.81 -110.75
CA ASN OA 201 -28.49 -35.49 -109.75
C ASN OA 201 -28.75 -36.98 -109.92
N MET OA 202 -27.70 -37.81 -109.86
CA MET OA 202 -27.83 -39.26 -109.99
C MET OA 202 -28.51 -39.82 -108.72
N SER OA 203 -29.41 -40.79 -108.91
CA SER OA 203 -30.28 -41.36 -107.86
C SER OA 203 -29.68 -42.24 -106.76
N GLY OA 204 -28.37 -42.51 -106.80
CA GLY OA 204 -27.75 -43.38 -105.83
C GLY OA 204 -26.88 -42.73 -104.76
N THR OA 205 -25.84 -43.46 -104.35
CA THR OA 205 -24.89 -43.09 -103.29
C THR OA 205 -24.01 -41.90 -103.68
N TRP OA 206 -23.81 -40.97 -102.73
CA TRP OA 206 -22.94 -39.82 -102.90
C TRP OA 206 -21.51 -40.25 -102.57
N VAL OA 207 -20.51 -39.53 -103.10
CA VAL OA 207 -19.09 -39.81 -102.88
C VAL OA 207 -18.73 -39.58 -101.40
N ASP OA 208 -18.04 -40.56 -100.78
CA ASP OA 208 -17.60 -40.48 -99.39
C ASP OA 208 -16.69 -39.27 -99.18
N ARG OA 209 -16.81 -38.63 -97.99
CA ARG OA 209 -16.04 -37.45 -97.61
C ARG OA 209 -14.53 -37.49 -97.97
N PRO OA 210 -13.77 -38.60 -97.72
CA PRO OA 210 -12.33 -38.59 -98.07
C PRO OA 210 -11.99 -38.46 -99.55
N PHE OA 211 -12.98 -38.67 -100.45
CA PHE OA 211 -12.78 -38.57 -101.89
C PHE OA 211 -13.39 -37.31 -102.51
N ARG OA 212 -14.08 -36.49 -101.70
CA ARG OA 212 -14.72 -35.26 -102.16
C ARG OA 212 -13.70 -34.17 -102.52
N PRO OA 213 -13.84 -33.55 -103.71
CA PRO OA 213 -12.91 -32.47 -104.09
C PRO OA 213 -13.27 -31.14 -103.44
N ALA OA 214 -12.32 -30.18 -103.41
CA ALA OA 214 -12.54 -28.84 -102.86
C ALA OA 214 -13.44 -28.01 -103.79
N ALA OA 215 -13.33 -28.26 -105.11
CA ALA OA 215 -14.10 -27.60 -106.16
C ALA OA 215 -14.71 -28.65 -107.09
N VAL OA 216 -15.83 -28.30 -107.76
CA VAL OA 216 -16.54 -29.18 -108.70
C VAL OA 216 -15.60 -29.73 -109.79
N GLN OA 217 -15.66 -31.05 -110.03
CA GLN OA 217 -14.81 -31.70 -111.02
C GLN OA 217 -15.64 -32.38 -112.10
N SER OA 218 -15.44 -31.95 -113.36
CA SER OA 218 -16.13 -32.50 -114.53
C SER OA 218 -15.30 -33.62 -115.13
N LEU OA 219 -15.84 -34.85 -115.12
CA LEU OA 219 -15.12 -36.01 -115.63
C LEU OA 219 -15.77 -36.60 -116.87
N VAL OA 220 -15.04 -36.61 -117.98
CA VAL OA 220 -15.49 -37.09 -119.29
C VAL OA 220 -15.47 -38.63 -119.35
N GLY OA 221 -16.56 -39.20 -119.87
CA GLY OA 221 -16.74 -40.63 -120.08
C GLY OA 221 -17.15 -40.95 -121.50
N HIS OA 222 -17.10 -42.24 -121.88
CA HIS OA 222 -17.44 -42.67 -123.25
C HIS OA 222 -18.37 -43.88 -123.28
N PHE OA 223 -19.37 -43.86 -124.19
CA PHE OA 223 -20.33 -44.94 -124.36
C PHE OA 223 -19.73 -46.03 -125.22
N ALA OA 224 -19.52 -47.23 -124.63
CA ALA OA 224 -18.91 -48.38 -125.29
C ALA OA 224 -19.58 -48.77 -126.61
N GLY OA 225 -18.75 -48.89 -127.65
CA GLY OA 225 -19.17 -49.24 -129.00
C GLY OA 225 -19.87 -48.13 -129.78
N ARG OA 226 -19.82 -46.89 -129.26
CA ARG OA 226 -20.46 -45.73 -129.87
C ARG OA 226 -19.47 -44.59 -130.11
N ASP OA 227 -19.90 -43.55 -130.83
CA ASP OA 227 -19.09 -42.35 -131.09
C ASP OA 227 -19.54 -41.23 -130.15
N THR OA 228 -20.41 -41.56 -129.18
CA THR OA 228 -20.99 -40.63 -128.21
C THR OA 228 -20.28 -40.64 -126.86
N SER OA 229 -20.32 -39.50 -126.17
CA SER OA 229 -19.68 -39.32 -124.86
C SER OA 229 -20.62 -38.61 -123.88
N PHE OA 230 -20.18 -38.53 -122.61
CA PHE OA 230 -20.90 -37.87 -121.52
C PHE OA 230 -19.88 -37.29 -120.56
N HIS OA 231 -20.37 -36.54 -119.57
CA HIS OA 231 -19.58 -36.07 -118.44
C HIS OA 231 -20.43 -35.98 -117.21
N ILE OA 232 -19.79 -36.17 -116.06
CA ILE OA 232 -20.45 -36.08 -114.76
C ILE OA 232 -19.69 -35.07 -113.92
N ASP OA 233 -20.39 -34.41 -113.01
CA ASP OA 233 -19.75 -33.46 -112.09
C ASP OA 233 -19.75 -34.05 -110.70
N ILE OA 234 -18.56 -34.17 -110.09
CA ILE OA 234 -18.45 -34.60 -108.71
C ILE OA 234 -18.40 -33.28 -107.94
N ASN OA 235 -19.48 -32.99 -107.22
CA ASN OA 235 -19.62 -31.74 -106.49
C ASN OA 235 -18.92 -31.82 -105.12
N PRO OA 236 -18.43 -30.69 -104.55
CA PRO OA 236 -17.78 -30.74 -103.23
C PRO OA 236 -18.60 -31.38 -102.10
N ASN OA 237 -19.94 -31.39 -102.21
CA ASN OA 237 -20.82 -32.01 -101.21
C ASN OA 237 -20.92 -33.54 -101.36
N GLY OA 238 -20.35 -34.08 -102.43
CA GLY OA 238 -20.34 -35.51 -102.70
C GLY OA 238 -21.35 -35.97 -103.75
N SER OA 239 -22.31 -35.10 -104.10
CA SER OA 239 -23.33 -35.41 -105.10
C SER OA 239 -22.73 -35.48 -106.49
N ILE OA 240 -23.38 -36.25 -107.38
CA ILE OA 240 -22.95 -36.42 -108.77
C ILE OA 240 -24.07 -35.94 -109.71
N THR OA 241 -23.73 -34.98 -110.58
CA THR OA 241 -24.67 -34.41 -111.55
C THR OA 241 -24.37 -34.95 -112.95
N TRP OA 242 -25.43 -35.43 -113.64
CA TRP OA 242 -25.32 -35.96 -115.01
C TRP OA 242 -25.26 -34.82 -116.00
N TRP OA 243 -24.24 -34.85 -116.87
CA TRP OA 243 -24.11 -33.81 -117.89
C TRP OA 243 -23.98 -34.33 -119.33
N GLY OA 244 -24.44 -35.55 -119.54
CA GLY OA 244 -24.54 -36.14 -120.87
C GLY OA 244 -25.92 -35.79 -121.40
N ALA OA 245 -26.31 -36.36 -122.56
CA ALA OA 245 -27.65 -36.12 -123.11
C ALA OA 245 -28.68 -36.94 -122.29
N ASN OA 246 -29.99 -36.67 -122.49
CA ASN OA 246 -31.05 -37.41 -121.78
C ASN OA 246 -31.04 -38.87 -122.23
N ILE OA 247 -31.18 -39.80 -121.27
CA ILE OA 247 -31.17 -41.23 -121.56
C ILE OA 247 -32.51 -41.90 -121.25
N ASP OA 248 -33.01 -42.69 -122.20
CA ASP OA 248 -34.25 -43.46 -122.09
C ASP OA 248 -34.02 -44.79 -121.38
N LYS OA 249 -35.11 -45.55 -121.19
CA LYS OA 249 -35.12 -46.84 -120.51
C LYS OA 249 -33.98 -47.79 -120.86
N THR OA 250 -33.60 -47.88 -122.17
CA THR OA 250 -32.51 -48.73 -122.63
C THR OA 250 -31.13 -48.31 -122.08
N PRO OA 251 -30.46 -49.20 -121.32
CA PRO OA 251 -29.17 -48.84 -120.70
C PRO OA 251 -28.07 -48.81 -121.76
N ILE OA 252 -27.13 -47.88 -121.59
CA ILE OA 252 -25.96 -47.72 -122.44
C ILE OA 252 -24.71 -47.87 -121.55
N ALA OA 253 -23.75 -48.74 -121.95
CA ALA OA 253 -22.52 -48.98 -121.21
C ALA OA 253 -21.67 -47.72 -121.09
N THR OA 254 -21.19 -47.45 -119.86
CA THR OA 254 -20.38 -46.27 -119.55
C THR OA 254 -18.98 -46.66 -119.11
N ARG OA 255 -17.95 -46.14 -119.79
CA ARG OA 255 -16.55 -46.44 -119.48
C ARG OA 255 -15.67 -45.18 -119.56
N GLY OA 256 -14.43 -45.30 -119.10
CA GLY OA 256 -13.45 -44.22 -119.17
C GLY OA 256 -12.77 -43.83 -117.87
N ASN OA 257 -11.57 -43.24 -118.00
CA ASN OA 257 -10.75 -42.75 -116.90
C ASN OA 257 -10.72 -41.23 -116.87
N GLY OA 258 -10.96 -40.68 -115.68
CA GLY OA 258 -10.92 -39.25 -115.41
C GLY OA 258 -10.14 -38.96 -114.15
N SER OA 259 -9.29 -37.92 -114.17
CA SER OA 259 -8.47 -37.56 -113.02
C SER OA 259 -8.80 -36.19 -112.43
N TYR OA 260 -8.62 -36.05 -111.10
CA TYR OA 260 -8.83 -34.80 -110.38
C TYR OA 260 -7.97 -34.72 -109.12
N PHE OA 261 -7.75 -33.49 -108.64
CA PHE OA 261 -7.04 -33.20 -107.40
C PHE OA 261 -8.06 -32.86 -106.33
N ILE OA 262 -7.90 -33.42 -105.13
CA ILE OA 262 -8.78 -33.12 -104.00
C ILE OA 262 -8.41 -31.74 -103.44
N LYS OA 263 -7.09 -31.50 -103.27
CA LYS OA 263 -6.53 -30.27 -102.71
C LYS OA 263 -6.30 -29.19 -103.78
N THR PA 1 38.98 -15.94 -87.28
CA THR PA 1 39.56 -16.99 -86.45
C THR PA 1 38.82 -18.31 -86.67
N ILE PA 2 39.59 -19.40 -86.87
CA ILE PA 2 39.03 -20.75 -87.10
C ILE PA 2 39.25 -21.63 -85.88
N LYS PA 3 38.15 -22.17 -85.33
CA LYS PA 3 38.15 -23.08 -84.19
C LYS PA 3 37.94 -24.51 -84.67
N ASN PA 4 39.02 -25.32 -84.67
CA ASN PA 4 38.98 -26.71 -85.12
C ASN PA 4 38.62 -27.63 -83.95
N PHE PA 5 37.82 -28.69 -84.22
CA PHE PA 5 37.39 -29.62 -83.16
C PHE PA 5 37.67 -31.10 -83.37
N THR PA 6 37.20 -31.70 -84.48
CA THR PA 6 37.43 -33.12 -84.76
C THR PA 6 38.82 -33.30 -85.42
N PHE PA 7 39.88 -32.95 -84.66
CA PHE PA 7 41.28 -32.99 -85.08
C PHE PA 7 42.21 -33.33 -83.91
N PHE PA 8 43.37 -33.94 -84.23
CA PHE PA 8 44.41 -34.34 -83.29
C PHE PA 8 45.10 -33.17 -82.58
N SER PA 9 45.29 -33.30 -81.27
CA SER PA 9 45.97 -32.31 -80.43
C SER PA 9 47.38 -32.86 -80.12
N PRO PA 10 48.45 -32.31 -80.76
CA PRO PA 10 49.81 -32.83 -80.54
C PRO PA 10 50.30 -32.81 -79.09
N ASN PA 11 50.14 -31.66 -78.41
CA ASN PA 11 50.55 -31.50 -77.01
C ASN PA 11 49.38 -31.75 -76.04
N SER PA 12 48.28 -32.36 -76.55
CA SER PA 12 47.05 -32.70 -75.82
C SER PA 12 46.35 -31.48 -75.19
N THR PA 13 46.46 -30.31 -75.85
CA THR PA 13 45.88 -29.03 -75.41
C THR PA 13 45.32 -28.22 -76.60
N GLU PA 14 45.78 -28.54 -77.83
CA GLU PA 14 45.42 -27.85 -79.07
C GLU PA 14 43.92 -27.75 -79.41
N PHE PA 15 43.21 -28.89 -79.53
CA PHE PA 15 41.79 -28.85 -79.89
C PHE PA 15 40.81 -29.47 -78.87
N PRO PA 16 40.49 -28.74 -77.77
CA PRO PA 16 39.54 -29.28 -76.79
C PRO PA 16 38.10 -29.04 -77.24
N VAL PA 17 37.30 -30.10 -77.27
CA VAL PA 17 35.91 -30.02 -77.71
C VAL PA 17 34.91 -29.96 -76.54
N GLY PA 18 34.16 -28.86 -76.49
CA GLY PA 18 33.17 -28.59 -75.47
C GLY PA 18 31.79 -29.17 -75.73
N SER PA 19 30.91 -29.08 -74.72
CA SER PA 19 29.54 -29.59 -74.77
C SER PA 19 28.67 -28.85 -75.79
N ASN PA 20 28.90 -27.54 -75.96
CA ASN PA 20 28.18 -26.69 -76.92
C ASN PA 20 28.67 -26.97 -78.35
N ASN PA 21 29.98 -27.23 -78.51
CA ASN PA 21 30.64 -27.54 -79.78
C ASN PA 21 30.14 -28.86 -80.33
N ASP PA 22 30.02 -29.88 -79.46
CA ASP PA 22 29.48 -31.19 -79.83
C ASP PA 22 27.97 -31.09 -80.01
N GLY PA 23 27.33 -30.24 -79.21
CA GLY PA 23 25.90 -29.96 -79.25
C GLY PA 23 25.47 -29.42 -80.60
N LYS PA 24 26.22 -28.43 -81.12
CA LYS PA 24 25.99 -27.83 -82.45
C LYS PA 24 26.25 -28.87 -83.54
N LEU PA 25 27.32 -29.68 -83.38
CA LEU PA 25 27.72 -30.75 -84.29
C LEU PA 25 26.61 -31.79 -84.44
N TYR PA 26 26.05 -32.29 -83.32
CA TYR PA 26 24.97 -33.28 -83.32
C TYR PA 26 23.69 -32.78 -83.99
N MET PA 27 23.38 -31.48 -83.83
CA MET PA 27 22.20 -30.84 -84.42
C MET PA 27 22.25 -30.86 -85.95
N MET PA 28 23.42 -30.50 -86.51
CA MET PA 28 23.68 -30.44 -87.95
C MET PA 28 23.63 -31.82 -88.63
N LEU PA 29 24.04 -32.87 -87.91
CA LEU PA 29 24.05 -34.25 -88.41
C LEU PA 29 22.63 -34.77 -88.62
N THR PA 30 21.75 -34.59 -87.61
CA THR PA 30 20.35 -35.05 -87.67
C THR PA 30 19.42 -34.06 -88.37
N GLY PA 31 19.84 -32.81 -88.46
CA GLY PA 31 19.09 -31.73 -89.09
C GLY PA 31 17.95 -31.21 -88.22
N MET PA 32 18.29 -30.69 -87.03
CA MET PA 32 17.32 -30.15 -86.08
C MET PA 32 17.62 -28.72 -85.63
N ASP PA 33 16.58 -28.01 -85.17
CA ASP PA 33 16.67 -26.66 -84.64
C ASP PA 33 16.42 -26.70 -83.12
N TYR PA 34 16.33 -25.53 -82.45
CA TYR PA 34 16.08 -25.46 -81.02
C TYR PA 34 14.58 -25.61 -80.67
N ARG PA 35 13.73 -25.82 -81.70
CA ARG PA 35 12.28 -25.98 -81.54
C ARG PA 35 11.81 -27.44 -81.62
N THR PA 36 12.69 -28.36 -82.07
CA THR PA 36 12.38 -29.80 -82.17
C THR PA 36 13.31 -30.66 -81.32
N ILE PA 37 12.92 -31.92 -81.08
CA ILE PA 37 13.68 -32.89 -80.28
C ILE PA 37 13.95 -34.19 -81.05
N ARG PA 38 14.73 -35.08 -80.42
CA ARG PA 38 15.01 -36.44 -80.85
C ARG PA 38 14.70 -37.25 -79.60
N ARG PA 39 13.56 -37.95 -79.61
CA ARG PA 39 13.06 -38.70 -78.46
C ARG PA 39 12.79 -40.16 -78.80
N LYS PA 40 13.19 -41.07 -77.90
CA LYS PA 40 12.96 -42.50 -78.05
C LYS PA 40 12.65 -43.17 -76.72
N ASP PA 41 11.49 -43.85 -76.65
CA ASP PA 41 11.05 -44.60 -75.47
C ASP PA 41 11.54 -46.04 -75.61
N TRP PA 42 12.65 -46.36 -74.91
CA TRP PA 42 13.26 -47.69 -74.93
C TRP PA 42 12.32 -48.67 -74.21
N SER PA 43 11.69 -48.18 -73.14
CA SER PA 43 10.70 -48.88 -72.33
C SER PA 43 9.53 -47.91 -72.16
N SER PA 44 8.30 -48.39 -72.46
CA SER PA 44 7.06 -47.61 -72.41
C SER PA 44 6.85 -46.90 -71.06
N PRO PA 45 6.60 -45.57 -71.06
CA PRO PA 45 6.40 -44.85 -69.79
C PRO PA 45 5.13 -45.29 -69.06
N LEU PA 46 5.21 -45.37 -67.72
CA LEU PA 46 4.11 -45.79 -66.88
C LEU PA 46 3.29 -44.62 -66.35
N ASN PA 47 1.95 -44.74 -66.41
CA ASN PA 47 1.02 -43.72 -65.94
C ASN PA 47 0.30 -44.19 -64.69
N THR PA 48 0.61 -43.57 -63.53
CA THR PA 48 0.00 -43.90 -62.24
C THR PA 48 -0.68 -42.62 -61.74
N ALA PA 49 -2.04 -42.66 -61.61
CA ALA PA 49 -2.89 -41.54 -61.20
C ALA PA 49 -2.62 -40.30 -62.10
N LEU PA 50 -2.55 -39.07 -61.52
CA LEU PA 50 -2.26 -37.86 -62.29
C LEU PA 50 -0.75 -37.58 -62.33
N ASN PA 51 0.03 -38.62 -62.71
CA ASN PA 51 1.49 -38.58 -62.81
C ASN PA 51 1.96 -39.51 -63.94
N VAL PA 52 3.02 -39.10 -64.65
CA VAL PA 52 3.63 -39.89 -65.74
C VAL PA 52 5.12 -40.12 -65.48
N GLN PA 53 5.50 -41.40 -65.33
CA GLN PA 53 6.88 -41.81 -65.06
C GLN PA 53 7.54 -42.31 -66.34
N TYR PA 54 8.64 -41.65 -66.75
CA TYR PA 54 9.40 -42.05 -67.92
C TYR PA 54 10.45 -43.07 -67.49
N THR PA 55 10.10 -44.37 -67.62
CA THR PA 55 10.92 -45.53 -67.25
C THR PA 55 12.34 -45.45 -67.83
N ASN PA 56 12.44 -45.32 -69.17
CA ASN PA 56 13.69 -45.15 -69.90
C ASN PA 56 13.40 -44.46 -71.23
N THR PA 57 13.65 -43.15 -71.26
CA THR PA 57 13.43 -42.30 -72.44
C THR PA 57 14.63 -41.37 -72.61
N SER PA 58 15.30 -41.47 -73.75
CA SER PA 58 16.44 -40.63 -74.09
C SER PA 58 15.96 -39.48 -74.95
N ILE PA 59 16.43 -38.25 -74.67
CA ILE PA 59 16.03 -37.04 -75.42
C ILE PA 59 17.24 -36.20 -75.81
N ILE PA 60 17.29 -35.76 -77.08
CA ILE PA 60 18.33 -34.89 -77.61
C ILE PA 60 17.66 -33.54 -77.93
N ALA PA 61 17.74 -32.61 -76.98
CA ALA PA 61 17.17 -31.26 -77.10
C ALA PA 61 18.31 -30.26 -77.21
N GLY PA 62 18.33 -29.51 -78.32
CA GLY PA 62 19.38 -28.53 -78.63
C GLY PA 62 20.74 -29.17 -78.81
N GLY PA 63 20.75 -30.41 -79.31
CA GLY PA 63 21.94 -31.21 -79.53
C GLY PA 63 22.54 -31.77 -78.26
N ARG PA 64 21.82 -31.67 -77.13
CA ARG PA 64 22.27 -32.13 -75.83
C ARG PA 64 21.54 -33.42 -75.44
N TYR PA 65 22.30 -34.51 -75.29
CA TYR PA 65 21.77 -35.83 -74.94
C TYR PA 65 21.60 -36.00 -73.44
N PHE PA 66 20.44 -36.53 -73.03
CA PHE PA 66 20.10 -36.83 -71.64
C PHE PA 66 19.10 -37.98 -71.55
N GLU PA 67 19.19 -38.77 -70.47
CA GLU PA 67 18.31 -39.92 -70.24
C GLU PA 67 17.38 -39.70 -69.06
N LEU PA 68 16.11 -40.07 -69.22
CA LEU PA 68 15.10 -39.99 -68.15
C LEU PA 68 14.91 -41.40 -67.62
N LEU PA 69 15.49 -41.69 -66.45
CA LEU PA 69 15.42 -43.02 -65.85
C LEU PA 69 14.52 -43.02 -64.63
N ASN PA 70 13.26 -43.48 -64.83
CA ASN PA 70 12.18 -43.53 -63.83
C ASN PA 70 11.85 -42.16 -63.22
N GLU PA 71 11.93 -41.11 -64.08
CA GLU PA 71 11.65 -39.72 -63.73
C GLU PA 71 10.15 -39.46 -63.87
N THR PA 72 9.46 -39.26 -62.73
CA THR PA 72 8.01 -39.02 -62.67
C THR PA 72 7.72 -37.52 -62.65
N VAL PA 73 6.73 -37.09 -63.45
CA VAL PA 73 6.30 -35.69 -63.52
C VAL PA 73 4.79 -35.55 -63.24
N ALA PA 74 4.44 -34.70 -62.25
CA ALA PA 74 3.06 -34.45 -61.81
C ALA PA 74 2.23 -33.79 -62.91
N LEU PA 75 0.93 -34.14 -62.98
CA LEU PA 75 0.02 -33.63 -64.01
C LEU PA 75 -1.19 -32.86 -63.43
N LYS PA 76 -1.86 -32.09 -64.30
CA LYS PA 76 -3.05 -31.31 -63.99
C LYS PA 76 -4.30 -32.11 -64.37
N GLY PA 77 -5.26 -32.16 -63.43
CA GLY PA 77 -6.52 -32.89 -63.59
C GLY PA 77 -7.42 -32.34 -64.67
N ASP PA 78 -7.95 -33.24 -65.54
CA ASP PA 78 -8.85 -32.95 -66.67
C ASP PA 78 -8.28 -31.88 -67.62
N SER PA 79 -6.95 -31.91 -67.84
CA SER PA 79 -6.27 -30.95 -68.69
C SER PA 79 -5.31 -31.60 -69.68
N VAL PA 80 -4.97 -30.86 -70.74
CA VAL PA 80 -4.04 -31.27 -71.78
C VAL PA 80 -2.65 -30.74 -71.35
N ASN PA 81 -1.83 -31.61 -70.74
CA ASN PA 81 -0.50 -31.28 -70.24
C ASN PA 81 0.59 -31.39 -71.28
N TYR PA 82 1.33 -30.29 -71.47
CA TYR PA 82 2.43 -30.17 -72.42
C TYR PA 82 3.75 -30.34 -71.66
N ILE PA 83 4.35 -31.53 -71.74
CA ILE PA 83 5.60 -31.88 -71.05
C ILE PA 83 6.79 -31.26 -71.76
N HIS PA 84 7.55 -30.42 -71.04
CA HIS PA 84 8.71 -29.71 -71.57
C HIS PA 84 10.03 -30.15 -70.97
N ALA PA 85 11.09 -30.11 -71.79
CA ALA PA 85 12.45 -30.40 -71.38
C ALA PA 85 13.13 -29.02 -71.24
N ASN PA 86 13.49 -28.65 -70.01
CA ASN PA 86 14.08 -27.35 -69.72
C ASN PA 86 15.58 -27.44 -69.44
N ILE PA 87 16.38 -26.76 -70.29
CA ILE PA 87 17.84 -26.75 -70.16
C ILE PA 87 18.35 -25.37 -69.75
N ASP PA 88 19.02 -25.32 -68.59
CA ASP PA 88 19.63 -24.11 -68.05
C ASP PA 88 21.08 -24.44 -67.71
N LEU PA 89 22.00 -23.98 -68.57
CA LEU PA 89 23.44 -24.23 -68.46
C LEU PA 89 24.10 -23.63 -67.21
N THR PA 90 23.49 -22.57 -66.64
CA THR PA 90 23.96 -21.90 -65.42
C THR PA 90 23.81 -22.83 -64.22
N GLN PA 91 22.77 -23.69 -64.23
CA GLN PA 91 22.51 -24.70 -63.21
C GLN PA 91 23.44 -25.87 -63.51
N THR PA 92 24.73 -25.69 -63.20
CA THR PA 92 25.81 -26.64 -63.46
C THR PA 92 25.65 -28.03 -62.85
N ALA PA 93 24.99 -28.12 -61.67
CA ALA PA 93 24.74 -29.38 -60.97
C ALA PA 93 23.69 -30.23 -61.70
N ASN PA 94 22.54 -29.60 -62.07
CA ASN PA 94 21.45 -30.26 -62.78
C ASN PA 94 20.89 -29.34 -63.88
N PRO PA 95 21.44 -29.40 -65.12
CA PRO PA 95 20.97 -28.51 -66.19
C PRO PA 95 19.59 -28.85 -66.74
N VAL PA 96 19.25 -30.14 -66.84
CA VAL PA 96 17.96 -30.59 -67.36
C VAL PA 96 16.92 -30.80 -66.27
N SER PA 97 15.73 -30.21 -66.46
CA SER PA 97 14.57 -30.29 -65.59
C SER PA 97 13.32 -30.47 -66.44
N LEU PA 98 12.33 -31.24 -65.94
CA LEU PA 98 11.08 -31.47 -66.66
C LEU PA 98 9.93 -30.70 -66.04
N SER PA 99 8.93 -30.33 -66.87
CA SER PA 99 7.76 -29.59 -66.43
C SER PA 99 6.54 -29.86 -67.29
N ALA PA 100 5.39 -30.14 -66.63
CA ALA PA 100 4.11 -30.34 -67.29
C ALA PA 100 3.42 -28.98 -67.29
N GLU PA 101 3.13 -28.44 -68.48
CA GLU PA 101 2.55 -27.11 -68.62
C GLU PA 101 1.19 -27.05 -69.30
N THR PA 102 0.53 -25.90 -69.17
CA THR PA 102 -0.80 -25.59 -69.70
C THR PA 102 -0.82 -25.55 -71.24
N ALA PA 103 0.22 -24.96 -71.86
CA ALA PA 103 0.34 -24.85 -73.32
C ALA PA 103 1.77 -25.13 -73.81
N ASN PA 104 1.94 -25.30 -75.15
CA ASN PA 104 3.25 -25.55 -75.78
C ASN PA 104 4.07 -24.26 -75.73
N ASN PA 105 4.88 -24.12 -74.68
CA ASN PA 105 5.71 -22.95 -74.42
C ASN PA 105 7.17 -23.11 -74.90
N SER PA 106 7.35 -23.70 -76.11
CA SER PA 106 8.67 -23.89 -76.72
C SER PA 106 9.23 -22.55 -77.18
N ASN PA 107 10.42 -22.17 -76.66
CA ASN PA 107 11.04 -20.89 -76.96
C ASN PA 107 12.05 -20.88 -78.11
N GLY PA 108 12.85 -21.94 -78.21
CA GLY PA 108 13.88 -22.06 -79.25
C GLY PA 108 15.10 -21.21 -78.99
N VAL PA 109 15.49 -21.08 -77.70
CA VAL PA 109 16.65 -20.32 -77.23
C VAL PA 109 17.96 -21.00 -77.66
N ASP PA 110 18.87 -20.25 -78.31
CA ASP PA 110 20.16 -20.76 -78.76
C ASP PA 110 21.12 -20.86 -77.56
N ILE PA 111 21.05 -21.98 -76.84
CA ILE PA 111 21.87 -22.25 -75.65
C ILE PA 111 23.33 -22.54 -75.97
N ASN PA 112 23.61 -23.12 -77.15
CA ASN PA 112 24.96 -23.47 -77.58
C ASN PA 112 25.82 -22.25 -77.94
N ASN PA 113 25.23 -21.23 -78.58
CA ASN PA 113 25.93 -20.00 -78.98
C ASN PA 113 25.78 -18.86 -77.98
N GLY PA 114 24.56 -18.69 -77.46
CA GLY PA 114 24.25 -17.63 -76.50
C GLY PA 114 23.79 -18.14 -75.15
N SER PA 115 23.19 -17.23 -74.35
CA SER PA 115 22.67 -17.52 -73.02
C SER PA 115 21.16 -17.76 -73.04
N GLY PA 116 20.58 -18.04 -71.87
CA GLY PA 116 19.15 -18.28 -71.70
C GLY PA 116 18.77 -19.69 -71.34
N VAL PA 117 17.47 -19.92 -71.12
CA VAL PA 117 16.89 -21.22 -70.76
C VAL PA 117 16.12 -21.76 -71.96
N LEU PA 118 16.48 -22.95 -72.45
CA LEU PA 118 15.81 -23.58 -73.59
C LEU PA 118 14.63 -24.43 -73.12
N LYS PA 119 13.45 -24.15 -73.68
CA LYS PA 119 12.21 -24.89 -73.41
C LYS PA 119 11.75 -25.53 -74.71
N VAL PA 120 11.40 -26.82 -74.65
CA VAL PA 120 10.93 -27.58 -75.82
C VAL PA 120 10.02 -28.74 -75.43
N CYS PA 121 8.78 -28.74 -75.96
CA CYS PA 121 7.79 -29.78 -75.69
C CYS PA 121 8.09 -31.03 -76.50
N PHE PA 122 7.94 -32.20 -75.86
CA PHE PA 122 8.18 -33.50 -76.49
C PHE PA 122 7.00 -34.45 -76.40
N ASP PA 123 6.17 -34.30 -75.34
CA ASP PA 123 5.02 -35.16 -75.10
C ASP PA 123 3.78 -34.35 -74.70
N ILE PA 124 2.60 -34.77 -75.18
CA ILE PA 124 1.31 -34.15 -74.89
C ILE PA 124 0.45 -35.21 -74.16
N VAL PA 125 0.26 -35.00 -72.86
CA VAL PA 125 -0.49 -35.92 -72.00
C VAL PA 125 -1.88 -35.37 -71.68
N THR PA 126 -2.93 -36.03 -72.20
CA THR PA 126 -4.32 -35.68 -71.96
C THR PA 126 -4.80 -36.48 -70.75
N THR PA 127 -5.31 -35.79 -69.73
CA THR PA 127 -5.74 -36.42 -68.48
C THR PA 127 -7.22 -36.25 -68.17
N SER PA 128 -7.71 -37.04 -67.19
CA SER PA 128 -9.07 -37.02 -66.67
C SER PA 128 -9.00 -36.57 -65.19
N GLY PA 129 -10.05 -36.85 -64.42
CA GLY PA 129 -10.11 -36.53 -63.01
C GLY PA 129 -9.28 -37.46 -62.16
N THR PA 130 -9.21 -38.74 -62.59
CA THR PA 130 -8.48 -39.81 -61.91
C THR PA 130 -7.06 -40.00 -62.44
N GLY PA 131 -6.93 -40.30 -63.73
CA GLY PA 131 -5.64 -40.54 -64.36
C GLY PA 131 -5.46 -39.98 -65.76
N VAL PA 132 -4.67 -40.69 -66.59
CA VAL PA 132 -4.35 -40.32 -67.97
C VAL PA 132 -5.31 -41.01 -68.96
N THR PA 133 -5.81 -40.25 -69.94
CA THR PA 133 -6.72 -40.76 -70.97
C THR PA 133 -5.97 -41.13 -72.26
N SER PA 134 -5.15 -40.19 -72.80
CA SER PA 134 -4.38 -40.39 -74.03
C SER PA 134 -3.05 -39.63 -74.02
N THR PA 135 -2.05 -40.16 -74.75
CA THR PA 135 -0.72 -39.56 -74.86
C THR PA 135 -0.31 -39.48 -76.34
N LYS PA 136 0.06 -38.27 -76.78
CA LYS PA 136 0.49 -37.99 -78.15
C LYS PA 136 1.86 -37.29 -78.14
N PRO PA 137 2.94 -37.90 -78.70
CA PRO PA 137 4.24 -37.24 -78.67
C PRO PA 137 4.41 -36.19 -79.77
N ILE PA 138 5.27 -35.17 -79.51
CA ILE PA 138 5.58 -34.08 -80.44
C ILE PA 138 6.37 -34.62 -81.64
N VAL PA 139 6.10 -34.07 -82.84
CA VAL PA 139 6.74 -34.45 -84.10
C VAL PA 139 8.26 -34.13 -84.09
N GLN PA 140 9.07 -34.99 -84.72
CA GLN PA 140 10.53 -34.83 -84.80
C GLN PA 140 10.94 -34.32 -86.19
N THR PA 141 11.06 -33.00 -86.32
CA THR PA 141 11.40 -32.29 -87.56
C THR PA 141 12.86 -32.52 -88.01
N SER PA 142 13.02 -33.01 -89.25
CA SER PA 142 14.32 -33.26 -89.87
C SER PA 142 14.52 -32.32 -91.07
N THR PA 143 15.07 -31.13 -90.79
CA THR PA 143 15.32 -30.10 -91.80
C THR PA 143 16.55 -30.45 -92.63
N LEU PA 144 16.36 -30.66 -93.95
CA LEU PA 144 17.43 -31.05 -94.88
C LEU PA 144 17.47 -30.17 -96.14
N ASP PA 145 18.63 -30.15 -96.85
CA ASP PA 145 18.83 -29.36 -98.08
C ASP PA 145 18.54 -30.19 -99.34
N SER PA 146 19.29 -31.30 -99.54
CA SER PA 146 19.11 -32.16 -100.71
C SER PA 146 19.17 -33.64 -100.32
N ILE PA 147 18.25 -34.45 -100.87
CA ILE PA 147 18.14 -35.89 -100.59
C ILE PA 147 18.43 -36.75 -101.84
N SER PA 148 19.38 -37.68 -101.71
CA SER PA 148 19.77 -38.64 -102.74
C SER PA 148 19.40 -40.04 -102.21
N VAL PA 149 18.14 -40.42 -102.38
CA VAL PA 149 17.59 -41.69 -101.88
C VAL PA 149 17.24 -42.68 -103.01
N ASN PA 150 17.17 -43.99 -102.67
CA ASN PA 150 16.80 -45.06 -103.59
C ASN PA 150 15.30 -45.35 -103.46
N ASP PA 151 14.82 -45.69 -102.25
CA ASP PA 151 13.41 -46.00 -102.01
C ASP PA 151 12.80 -45.23 -100.83
N MET PA 152 11.46 -45.08 -100.82
CA MET PA 152 10.73 -44.35 -99.77
C MET PA 152 9.33 -44.92 -99.54
N THR PA 153 8.88 -44.94 -98.26
CA THR PA 153 7.56 -45.38 -97.83
C THR PA 153 6.97 -44.30 -96.92
N VAL PA 154 5.85 -43.70 -97.34
CA VAL PA 154 5.15 -42.62 -96.64
C VAL PA 154 3.85 -43.14 -96.02
N SER PA 155 3.62 -42.81 -94.73
CA SER PA 155 2.41 -43.22 -94.00
C SER PA 155 1.36 -42.10 -93.95
N GLY PA 156 1.76 -40.86 -94.24
CA GLY PA 156 0.88 -39.70 -94.26
C GLY PA 156 0.74 -39.07 -95.62
N SER PA 157 1.41 -37.92 -95.85
CA SER PA 157 1.36 -37.20 -97.13
C SER PA 157 2.60 -36.36 -97.42
N ILE PA 158 2.86 -36.10 -98.71
CA ILE PA 158 3.98 -35.29 -99.19
C ILE PA 158 3.43 -33.98 -99.76
N ASP PA 159 3.93 -32.84 -99.25
CA ASP PA 159 3.52 -31.52 -99.72
C ASP PA 159 4.46 -31.10 -100.87
N VAL PA 160 3.88 -30.95 -102.08
CA VAL PA 160 4.62 -30.57 -103.29
C VAL PA 160 4.24 -29.14 -103.74
N PRO PA 161 5.16 -28.38 -104.40
CA PRO PA 161 4.79 -27.00 -104.81
C PRO PA 161 3.66 -26.95 -105.85
N VAL PA 162 2.54 -26.31 -105.45
CA VAL PA 162 1.34 -26.16 -106.28
C VAL PA 162 1.24 -24.76 -106.86
N GLN PA 163 1.06 -24.67 -108.20
CA GLN PA 163 0.92 -23.42 -108.96
C GLN PA 163 -0.39 -23.45 -109.75
N THR PA 164 -1.19 -22.37 -109.66
CA THR PA 164 -2.47 -22.27 -110.36
C THR PA 164 -2.52 -21.11 -111.34
N LEU PA 165 -3.20 -21.32 -112.48
CA LEU PA 165 -3.34 -20.34 -113.56
C LEU PA 165 -4.69 -20.47 -114.26
N THR PA 166 -5.32 -19.33 -114.56
CA THR PA 166 -6.60 -19.26 -115.27
C THR PA 166 -6.38 -18.49 -116.58
N VAL PA 167 -6.39 -19.23 -117.70
CA VAL PA 167 -6.17 -18.68 -119.04
C VAL PA 167 -7.48 -18.53 -119.80
N GLU PA 168 -7.75 -17.30 -120.28
CA GLU PA 168 -8.93 -17.00 -121.09
C GLU PA 168 -8.51 -17.23 -122.55
N ALA PA 169 -8.55 -18.52 -122.96
CA ALA PA 169 -8.16 -19.03 -124.28
C ALA PA 169 -8.73 -18.25 -125.46
N GLY PA 170 -9.97 -17.80 -125.33
CA GLY PA 170 -10.66 -17.04 -126.37
C GLY PA 170 -11.84 -17.80 -126.94
N ASN PA 171 -12.63 -17.11 -127.79
CA ASN PA 171 -13.84 -17.63 -128.45
C ASN PA 171 -14.94 -18.08 -127.47
N GLY PA 172 -14.66 -17.96 -126.17
CA GLY PA 172 -15.56 -18.33 -125.08
C GLY PA 172 -15.05 -19.48 -124.22
N LEU PA 173 -13.73 -19.72 -124.24
CA LEU PA 173 -13.11 -20.80 -123.46
C LEU PA 173 -12.26 -20.30 -122.29
N GLN PA 174 -12.36 -20.99 -121.16
CA GLN PA 174 -11.63 -20.72 -119.91
C GLN PA 174 -10.93 -22.02 -119.49
N LEU PA 175 -9.64 -21.93 -119.14
CA LEU PA 175 -8.84 -23.08 -118.71
C LEU PA 175 -8.27 -22.89 -117.31
N GLN PA 176 -8.64 -23.78 -116.38
CA GLN PA 176 -8.17 -23.74 -114.99
C GLN PA 176 -7.07 -24.79 -114.80
N LEU PA 177 -5.80 -24.35 -114.85
CA LEU PA 177 -4.63 -25.21 -114.71
C LEU PA 177 -4.15 -25.32 -113.27
N THR PA 178 -3.77 -26.54 -112.85
CA THR PA 178 -3.26 -26.82 -111.50
C THR PA 178 -1.97 -27.66 -111.60
N LYS PA 179 -0.82 -26.97 -111.60
CA LYS PA 179 0.51 -27.57 -111.70
C LYS PA 179 1.02 -27.99 -110.32
N LYS PA 180 1.44 -29.26 -110.18
CA LYS PA 180 1.97 -29.80 -108.91
C LYS PA 180 3.34 -30.43 -109.15
N ASN PA 181 4.33 -30.07 -108.29
CA ASN PA 181 5.74 -30.50 -108.36
C ASN PA 181 6.42 -30.05 -109.67
N ASN PA 182 5.84 -29.01 -110.34
CA ASN PA 182 6.28 -28.42 -111.61
C ASN PA 182 6.29 -29.46 -112.76
N ASP PA 183 5.43 -30.49 -112.65
CA ASP PA 183 5.32 -31.58 -113.62
C ASP PA 183 3.87 -31.90 -114.05
N LEU PA 184 3.08 -32.56 -113.19
CA LEU PA 184 1.70 -32.94 -113.48
C LEU PA 184 0.74 -31.75 -113.39
N VAL PA 185 -0.06 -31.54 -114.46
CA VAL PA 185 -1.02 -30.44 -114.56
C VAL PA 185 -2.40 -30.98 -114.99
N ILE PA 186 -3.45 -30.69 -114.20
CA ILE PA 186 -4.82 -31.07 -114.52
C ILE PA 186 -5.56 -29.78 -114.93
N VAL PA 187 -6.01 -29.73 -116.20
CA VAL PA 187 -6.70 -28.58 -116.78
C VAL PA 187 -8.21 -28.81 -116.76
N ARG PA 188 -8.96 -27.81 -116.24
CA ARG PA 188 -10.43 -27.85 -116.15
C ARG PA 188 -11.04 -26.91 -117.18
N PHE PA 189 -12.01 -27.41 -117.98
CA PHE PA 189 -12.70 -26.64 -119.02
C PHE PA 189 -13.89 -25.86 -118.46
N PHE PA 190 -13.98 -24.55 -118.80
CA PHE PA 190 -15.06 -23.66 -118.38
C PHE PA 190 -15.45 -22.68 -119.49
N GLY PA 191 -16.68 -22.15 -119.39
CA GLY PA 191 -17.22 -21.19 -120.35
C GLY PA 191 -18.06 -21.82 -121.45
N SER PA 192 -18.37 -21.03 -122.50
CA SER PA 192 -19.16 -21.45 -123.65
C SER PA 192 -18.54 -20.96 -124.95
N VAL PA 193 -17.93 -21.88 -125.73
CA VAL PA 193 -17.24 -21.59 -126.98
C VAL PA 193 -18.21 -21.29 -128.13
N SER PA 194 -17.92 -20.22 -128.90
CA SER PA 194 -18.69 -19.77 -130.06
C SER PA 194 -17.78 -19.17 -131.15
N ASN PA 195 -18.13 -19.40 -132.43
CA ASN PA 195 -17.43 -18.93 -133.63
C ASN PA 195 -15.97 -19.39 -133.74
N ILE PA 196 -15.76 -20.68 -134.07
CA ILE PA 196 -14.45 -21.32 -134.23
C ILE PA 196 -14.47 -22.47 -135.26
N GLN PA 197 -13.36 -22.65 -135.98
CA GLN PA 197 -13.19 -23.69 -137.00
C GLN PA 197 -12.12 -24.71 -136.58
N LYS PA 198 -12.16 -25.92 -137.17
CA LYS PA 198 -11.21 -27.01 -136.89
C LYS PA 198 -9.81 -26.69 -137.42
N GLY PA 199 -8.80 -26.90 -136.58
CA GLY PA 199 -7.40 -26.64 -136.88
C GLY PA 199 -6.96 -25.20 -136.72
N TRP PA 200 -7.90 -24.31 -136.36
CA TRP PA 200 -7.67 -22.88 -136.15
C TRP PA 200 -7.23 -22.56 -134.73
N ASN PA 201 -6.37 -21.55 -134.58
CA ASN PA 201 -5.83 -21.09 -133.29
C ASN PA 201 -6.88 -20.33 -132.47
N MET PA 202 -6.63 -20.16 -131.16
CA MET PA 202 -7.51 -19.47 -130.23
C MET PA 202 -7.24 -17.96 -130.20
N SER PA 203 -8.32 -17.16 -130.31
CA SER PA 203 -8.30 -15.69 -130.35
C SER PA 203 -7.72 -14.96 -129.13
N GLY PA 204 -8.07 -15.44 -127.94
CA GLY PA 204 -7.65 -14.82 -126.67
C GLY PA 204 -6.23 -15.06 -126.23
N THR PA 205 -6.04 -15.08 -124.89
CA THR PA 205 -4.77 -15.25 -124.17
C THR PA 205 -4.07 -16.59 -124.43
N TRP PA 206 -2.72 -16.56 -124.43
CA TRP PA 206 -1.84 -17.72 -124.62
C TRP PA 206 -1.39 -18.28 -123.26
N VAL PA 207 -0.98 -19.56 -123.23
CA VAL PA 207 -0.50 -20.25 -122.02
C VAL PA 207 0.87 -19.69 -121.60
N ASP PA 208 1.01 -19.33 -120.31
CA ASP PA 208 2.24 -18.78 -119.72
C ASP PA 208 3.38 -19.80 -119.75
N ARG PA 209 4.64 -19.30 -119.81
CA ARG PA 209 5.87 -20.09 -119.85
C ARG PA 209 6.01 -21.21 -118.78
N PRO PA 210 5.70 -21.00 -117.47
CA PRO PA 210 5.85 -22.11 -116.51
C PRO PA 210 4.87 -23.27 -116.70
N PHE PA 211 3.75 -23.03 -117.41
CA PHE PA 211 2.71 -24.02 -117.67
C PHE PA 211 2.79 -24.65 -119.08
N ARG PA 212 3.76 -24.19 -119.90
CA ARG PA 212 3.98 -24.69 -121.27
C ARG PA 212 4.60 -26.10 -121.26
N PRO PA 213 3.99 -27.09 -121.94
CA PRO PA 213 4.60 -28.44 -121.96
C PRO PA 213 5.75 -28.57 -122.95
N ALA PA 214 6.53 -29.67 -122.85
CA ALA PA 214 7.66 -29.95 -123.75
C ALA PA 214 7.19 -30.29 -125.17
N ALA PA 215 6.08 -31.02 -125.28
CA ALA PA 215 5.47 -31.44 -126.55
C ALA PA 215 3.98 -31.08 -126.57
N VAL PA 216 3.37 -31.06 -127.78
CA VAL PA 216 1.95 -30.75 -127.98
C VAL PA 216 1.02 -31.79 -127.32
N GLN PA 217 0.29 -31.35 -126.27
CA GLN PA 217 -0.62 -32.21 -125.50
C GLN PA 217 -2.06 -32.05 -125.98
N SER PA 218 -2.68 -33.15 -126.42
CA SER PA 218 -4.05 -33.19 -126.90
C SER PA 218 -4.98 -33.46 -125.70
N LEU PA 219 -5.68 -32.42 -125.22
CA LEU PA 219 -6.57 -32.55 -124.06
C LEU PA 219 -8.05 -32.57 -124.45
N VAL PA 220 -8.71 -33.70 -124.16
CA VAL PA 220 -10.12 -33.97 -124.48
C VAL PA 220 -11.09 -33.30 -123.49
N GLY PA 221 -12.13 -32.68 -124.04
CA GLY PA 221 -13.21 -32.02 -123.31
C GLY PA 221 -14.57 -32.54 -123.71
N HIS PA 222 -15.65 -31.92 -123.18
CA HIS PA 222 -17.03 -32.33 -123.46
C HIS PA 222 -18.03 -31.16 -123.42
N PHE PA 223 -19.07 -31.20 -124.28
CA PHE PA 223 -20.12 -30.18 -124.33
C PHE PA 223 -21.26 -30.59 -123.39
N ALA PA 224 -21.49 -29.78 -122.33
CA ALA PA 224 -22.50 -30.00 -121.29
C ALA PA 224 -23.91 -30.21 -121.83
N GLY PA 225 -24.56 -31.29 -121.38
CA GLY PA 225 -25.91 -31.68 -121.78
C GLY PA 225 -26.04 -32.25 -123.18
N ARG PA 226 -24.91 -32.70 -123.76
CA ARG PA 226 -24.88 -33.27 -125.11
C ARG PA 226 -24.09 -34.59 -125.14
N ASP PA 227 -24.11 -35.29 -126.29
CA ASP PA 227 -23.35 -36.51 -126.50
C ASP PA 227 -22.17 -36.28 -127.47
N THR PA 228 -21.84 -34.99 -127.68
CA THR PA 228 -20.76 -34.51 -128.54
C THR PA 228 -19.58 -34.05 -127.67
N SER PA 229 -18.35 -34.30 -128.14
CA SER PA 229 -17.11 -33.93 -127.44
C SER PA 229 -16.15 -33.09 -128.30
N PHE PA 230 -15.03 -32.65 -127.71
CA PHE PA 230 -14.00 -31.85 -128.38
C PHE PA 230 -12.61 -32.10 -127.78
N HIS PA 231 -11.55 -31.61 -128.44
CA HIS PA 231 -10.17 -31.72 -127.95
C HIS PA 231 -9.32 -30.52 -128.40
N ILE PA 232 -8.50 -30.00 -127.49
CA ILE PA 232 -7.62 -28.85 -127.74
C ILE PA 232 -6.14 -29.25 -127.70
N ASP PA 233 -5.33 -28.60 -128.55
CA ASP PA 233 -3.90 -28.86 -128.64
C ASP PA 233 -3.08 -27.71 -128.05
N ILE PA 234 -2.49 -27.93 -126.86
CA ILE PA 234 -1.66 -26.94 -126.19
C ILE PA 234 -0.21 -27.18 -126.64
N ASN PA 235 0.20 -26.41 -127.67
CA ASN PA 235 1.51 -26.47 -128.31
C ASN PA 235 2.62 -25.96 -127.37
N PRO PA 236 3.90 -26.37 -127.53
CA PRO PA 236 4.96 -25.91 -126.61
C PRO PA 236 5.24 -24.41 -126.55
N ASN PA 237 4.83 -23.65 -127.60
CA ASN PA 237 5.02 -22.20 -127.65
C ASN PA 237 3.95 -21.40 -126.88
N GLY PA 238 2.98 -22.11 -126.30
CA GLY PA 238 1.89 -21.52 -125.53
C GLY PA 238 0.57 -21.42 -126.25
N SER PA 239 0.59 -21.57 -127.59
CA SER PA 239 -0.60 -21.49 -128.45
C SER PA 239 -1.57 -22.64 -128.23
N ILE PA 240 -2.87 -22.33 -128.28
CA ILE PA 240 -3.95 -23.31 -128.12
C ILE PA 240 -4.64 -23.46 -129.48
N THR PA 241 -4.68 -24.69 -130.01
CA THR PA 241 -5.28 -24.98 -131.32
C THR PA 241 -6.54 -25.84 -131.14
N TRP PA 242 -7.69 -25.34 -131.62
CA TRP PA 242 -8.98 -26.03 -131.56
C TRP PA 242 -8.97 -27.19 -132.55
N TRP PA 243 -9.49 -28.35 -132.12
CA TRP PA 243 -9.55 -29.55 -132.95
C TRP PA 243 -10.87 -30.34 -132.83
N GLY PA 244 -11.94 -29.63 -132.50
CA GLY PA 244 -13.29 -30.20 -132.38
C GLY PA 244 -14.10 -29.89 -133.62
N ALA PA 245 -15.44 -29.90 -133.48
CA ALA PA 245 -16.37 -29.57 -134.57
C ALA PA 245 -16.41 -28.05 -134.75
N ASN PA 246 -16.74 -27.52 -135.96
CA ASN PA 246 -16.84 -26.06 -136.18
C ASN PA 246 -18.02 -25.51 -135.42
N ILE PA 247 -17.79 -24.44 -134.64
CA ILE PA 247 -18.82 -23.83 -133.82
C ILE PA 247 -19.31 -22.52 -134.39
N ASP PA 248 -20.64 -22.42 -134.54
CA ASP PA 248 -21.31 -21.24 -135.02
C ASP PA 248 -21.57 -20.26 -133.86
N LYS PA 249 -22.18 -19.13 -134.18
CA LYS PA 249 -22.51 -18.03 -133.27
C LYS PA 249 -23.07 -18.46 -131.92
N THR PA 250 -23.93 -19.50 -131.89
CA THR PA 250 -24.52 -20.02 -130.65
C THR PA 250 -23.43 -20.64 -129.75
N PRO PA 251 -23.34 -20.18 -128.50
CA PRO PA 251 -22.29 -20.70 -127.60
C PRO PA 251 -22.77 -21.92 -126.83
N ILE PA 252 -21.93 -22.97 -126.81
CA ILE PA 252 -22.22 -24.23 -126.12
C ILE PA 252 -21.25 -24.39 -124.94
N ALA PA 253 -21.80 -24.69 -123.74
CA ALA PA 253 -21.01 -24.87 -122.51
C ALA PA 253 -19.98 -25.99 -122.63
N THR PA 254 -18.73 -25.69 -122.24
CA THR PA 254 -17.62 -26.62 -122.29
C THR PA 254 -17.13 -26.96 -120.90
N ARG PA 255 -17.10 -28.26 -120.59
CA ARG PA 255 -16.67 -28.79 -119.30
C ARG PA 255 -15.78 -30.03 -119.51
N GLY PA 256 -14.98 -30.38 -118.51
CA GLY PA 256 -14.10 -31.55 -118.55
C GLY PA 256 -12.76 -31.36 -117.88
N ASN PA 257 -12.05 -32.47 -117.65
CA ASN PA 257 -10.72 -32.49 -117.03
C ASN PA 257 -9.72 -33.28 -117.87
N GLY PA 258 -8.57 -32.67 -118.12
CA GLY PA 258 -7.49 -33.25 -118.91
C GLY PA 258 -6.13 -33.06 -118.26
N SER PA 259 -5.42 -34.19 -118.03
CA SER PA 259 -4.10 -34.20 -117.39
C SER PA 259 -2.94 -34.44 -118.36
N TYR PA 260 -1.79 -33.78 -118.11
CA TYR PA 260 -0.57 -33.88 -118.91
C TYR PA 260 0.71 -33.63 -118.08
N PHE PA 261 1.88 -34.09 -118.58
CA PHE PA 261 3.19 -33.89 -117.94
C PHE PA 261 3.94 -32.79 -118.68
N ILE PA 262 4.67 -31.93 -117.93
CA ILE PA 262 5.47 -30.85 -118.51
C ILE PA 262 6.85 -31.41 -118.94
N LYS PA 263 7.56 -32.05 -118.00
CA LYS PA 263 8.89 -32.62 -118.23
C LYS PA 263 8.85 -33.88 -119.10
N THR QA 1 41.21 -58.42 -89.52
CA THR QA 1 41.27 -57.71 -88.25
C THR QA 1 40.13 -56.70 -88.11
N ILE QA 2 39.41 -56.75 -86.98
CA ILE QA 2 38.29 -55.86 -86.70
C ILE QA 2 38.71 -54.84 -85.65
N LYS QA 3 38.61 -53.55 -86.01
CA LYS QA 3 38.93 -52.45 -85.11
C LYS QA 3 37.66 -51.91 -84.45
N ASN QA 4 37.49 -52.17 -83.14
CA ASN QA 4 36.34 -51.75 -82.36
C ASN QA 4 36.55 -50.37 -81.78
N PHE QA 5 35.51 -49.52 -81.80
CA PHE QA 5 35.63 -48.16 -81.29
C PHE QA 5 34.65 -47.73 -80.21
N THR QA 6 33.35 -47.89 -80.44
CA THR QA 6 32.33 -47.47 -79.46
C THR QA 6 32.17 -48.55 -78.41
N PHE QA 7 33.27 -48.87 -77.72
CA PHE QA 7 33.37 -49.94 -76.73
C PHE QA 7 34.35 -49.56 -75.61
N PHE QA 8 34.37 -50.34 -74.52
CA PHE QA 8 35.19 -50.06 -73.35
C PHE QA 8 36.59 -50.64 -73.29
N SER QA 9 37.51 -49.87 -72.71
CA SER QA 9 38.89 -50.26 -72.45
C SER QA 9 39.05 -50.35 -70.92
N PRO QA 10 38.89 -51.55 -70.33
CA PRO QA 10 39.02 -51.68 -68.85
C PRO QA 10 40.43 -51.35 -68.34
N ASN QA 11 41.45 -51.69 -69.13
CA ASN QA 11 42.86 -51.41 -68.83
C ASN QA 11 43.29 -50.06 -69.43
N SER QA 12 42.30 -49.28 -69.92
CA SER QA 12 42.42 -47.94 -70.51
C SER QA 12 43.35 -47.83 -71.74
N THR QA 13 43.47 -48.93 -72.51
CA THR QA 13 44.31 -48.99 -73.72
C THR QA 13 43.65 -49.72 -74.89
N GLU QA 14 42.70 -50.63 -74.59
CA GLU QA 14 42.00 -51.49 -75.55
C GLU QA 14 41.39 -50.85 -76.79
N PHE QA 15 40.42 -49.93 -76.63
CA PHE QA 15 39.74 -49.32 -77.78
C PHE QA 15 39.82 -47.79 -77.87
N PRO QA 16 40.97 -47.24 -78.33
CA PRO QA 16 41.06 -45.79 -78.49
C PRO QA 16 40.45 -45.32 -79.82
N VAL QA 17 39.65 -44.25 -79.78
CA VAL QA 17 39.00 -43.71 -80.97
C VAL QA 17 39.59 -42.34 -81.36
N GLY QA 18 40.13 -42.27 -82.57
CA GLY QA 18 40.76 -41.09 -83.12
C GLY QA 18 39.85 -40.17 -83.92
N SER QA 19 40.42 -39.04 -84.38
CA SER QA 19 39.76 -38.00 -85.17
C SER QA 19 39.19 -38.53 -86.49
N ASN QA 20 39.96 -39.39 -87.19
CA ASN QA 20 39.56 -40.00 -88.46
C ASN QA 20 38.47 -41.07 -88.25
N ASN QA 21 38.55 -41.81 -87.12
CA ASN QA 21 37.61 -42.87 -86.75
C ASN QA 21 36.23 -42.30 -86.42
N ASP QA 22 36.18 -41.12 -85.76
CA ASP QA 22 34.95 -40.42 -85.46
C ASP QA 22 34.45 -39.69 -86.70
N GLY QA 23 35.40 -39.18 -87.51
CA GLY QA 23 35.14 -38.49 -88.76
C GLY QA 23 34.37 -39.34 -89.75
N LYS QA 24 34.76 -40.61 -89.90
CA LYS QA 24 34.08 -41.58 -90.77
C LYS QA 24 32.69 -41.90 -90.21
N LEU QA 25 32.59 -42.01 -88.86
CA LEU QA 25 31.37 -42.27 -88.11
C LEU QA 25 30.31 -41.18 -88.35
N TYR QA 26 30.71 -39.89 -88.23
CA TYR QA 26 29.83 -38.73 -88.46
C TYR QA 26 29.31 -38.67 -89.91
N MET QA 27 30.17 -39.02 -90.89
CA MET QA 27 29.83 -39.05 -92.31
C MET QA 27 28.72 -40.04 -92.62
N MET QA 28 28.74 -41.20 -91.95
CA MET QA 28 27.76 -42.27 -92.11
C MET QA 28 26.42 -41.94 -91.47
N LEU QA 29 26.44 -41.21 -90.34
CA LEU QA 29 25.24 -40.82 -89.59
C LEU QA 29 24.37 -39.84 -90.38
N THR QA 30 24.98 -38.80 -90.97
CA THR QA 30 24.26 -37.79 -91.75
C THR QA 30 24.09 -38.17 -93.23
N GLY QA 31 24.94 -39.06 -93.73
CA GLY QA 31 24.90 -39.54 -95.10
C GLY QA 31 25.55 -38.58 -96.08
N MET QA 32 26.82 -38.21 -95.81
CA MET QA 32 27.59 -37.28 -96.65
C MET QA 32 28.87 -37.92 -97.21
N ASP QA 33 29.39 -37.37 -98.31
CA ASP QA 33 30.65 -37.80 -98.92
C ASP QA 33 31.71 -36.70 -98.75
N TYR QA 34 32.87 -36.81 -99.43
CA TYR QA 34 33.93 -35.82 -99.35
C TYR QA 34 33.69 -34.64 -100.33
N ARG QA 35 32.60 -34.70 -101.11
CA ARG QA 35 32.23 -33.68 -102.10
C ARG QA 35 31.15 -32.71 -101.57
N THR QA 36 30.44 -33.11 -100.50
CA THR QA 36 29.40 -32.30 -99.85
C THR QA 36 29.77 -31.93 -98.40
N ILE QA 37 29.05 -30.97 -97.81
CA ILE QA 37 29.28 -30.49 -96.43
C ILE QA 37 27.99 -30.31 -95.64
N ARG QA 38 28.14 -30.04 -94.34
CA ARG QA 38 27.08 -29.71 -93.41
C ARG QA 38 27.44 -28.32 -92.89
N ARG QA 39 26.64 -27.31 -93.26
CA ARG QA 39 26.91 -25.91 -92.93
C ARG QA 39 25.68 -25.22 -92.32
N LYS QA 40 25.91 -24.42 -91.27
CA LYS QA 40 24.86 -23.67 -90.58
C LYS QA 40 25.37 -22.31 -90.12
N ASP QA 41 24.68 -21.24 -90.53
CA ASP QA 41 25.01 -19.87 -90.15
C ASP QA 41 24.17 -19.47 -88.95
N TRP QA 42 24.80 -19.38 -87.77
CA TRP QA 42 24.14 -19.00 -86.53
C TRP QA 42 23.88 -17.49 -86.53
N SER QA 43 24.76 -16.75 -87.22
CA SER QA 43 24.70 -15.31 -87.44
C SER QA 43 25.19 -15.05 -88.86
N SER QA 44 24.41 -14.27 -89.64
CA SER QA 44 24.68 -13.93 -91.04
C SER QA 44 26.08 -13.35 -91.28
N PRO QA 45 26.82 -13.82 -92.31
CA PRO QA 45 28.17 -13.28 -92.55
C PRO QA 45 28.16 -11.87 -93.12
N LEU QA 46 29.02 -10.99 -92.58
CA LEU QA 46 29.14 -9.60 -92.99
C LEU QA 46 29.96 -9.45 -94.27
N ASN QA 47 29.57 -8.49 -95.13
CA ASN QA 47 30.25 -8.20 -96.38
C ASN QA 47 30.79 -6.77 -96.38
N THR QA 48 32.12 -6.63 -96.35
CA THR QA 48 32.81 -5.34 -96.34
C THR QA 48 33.66 -5.25 -97.60
N ALA QA 49 33.12 -4.55 -98.64
CA ALA QA 49 33.73 -4.36 -99.96
C ALA QA 49 34.10 -5.72 -100.60
N LEU QA 50 35.38 -5.93 -100.97
CA LEU QA 50 35.84 -7.19 -101.56
C LEU QA 50 36.37 -8.18 -100.49
N ASN QA 51 35.60 -8.35 -99.41
CA ASN QA 51 35.89 -9.24 -98.28
C ASN QA 51 34.60 -9.79 -97.67
N VAL QA 52 34.63 -11.05 -97.19
CA VAL QA 52 33.50 -11.71 -96.55
C VAL QA 52 33.89 -12.31 -95.19
N GLN QA 53 33.36 -11.72 -94.10
CA GLN QA 53 33.63 -12.15 -92.72
C GLN QA 53 32.52 -13.04 -92.18
N TYR QA 54 32.85 -14.32 -91.89
CA TYR QA 54 31.90 -15.28 -91.35
C TYR QA 54 31.86 -15.11 -89.82
N THR QA 55 30.83 -14.40 -89.34
CA THR QA 55 30.60 -14.07 -87.92
C THR QA 55 30.58 -15.31 -87.02
N ASN QA 56 29.69 -16.27 -87.32
CA ASN QA 56 29.56 -17.56 -86.61
C ASN QA 56 28.92 -18.59 -87.54
N THR QA 57 29.78 -19.39 -88.21
CA THR QA 57 29.37 -20.43 -89.15
C THR QA 57 30.11 -21.73 -88.83
N SER QA 58 29.34 -22.79 -88.52
CA SER QA 58 29.86 -24.12 -88.22
C SER QA 58 29.81 -24.97 -89.49
N ILE QA 59 30.91 -25.69 -89.79
CA ILE QA 59 31.02 -26.54 -90.99
C ILE QA 59 31.57 -27.94 -90.66
N ILE QA 60 30.96 -28.99 -91.25
CA ILE QA 60 31.40 -30.38 -91.12
C ILE QA 60 31.83 -30.83 -92.52
N ALA QA 61 33.14 -30.77 -92.80
CA ALA QA 61 33.72 -31.16 -94.08
C ALA QA 61 34.54 -32.44 -93.91
N GLY QA 62 34.12 -33.48 -94.63
CA GLY QA 62 34.73 -34.81 -94.57
C GLY QA 62 34.62 -35.46 -93.20
N GLY QA 63 33.54 -35.15 -92.50
CA GLY QA 63 33.25 -35.63 -91.15
C GLY QA 63 34.02 -34.91 -90.05
N ARG QA 64 34.76 -33.85 -90.41
CA ARG QA 64 35.55 -33.05 -89.48
C ARG QA 64 34.85 -31.72 -89.21
N TYR QA 65 34.48 -31.48 -87.93
CA TYR QA 65 33.78 -30.27 -87.47
C TYR QA 65 34.73 -29.12 -87.12
N PHE QA 66 34.34 -27.88 -87.50
CA PHE QA 66 35.08 -26.65 -87.24
C PHE QA 66 34.17 -25.41 -87.28
N GLU QA 67 34.45 -24.42 -86.43
CA GLU QA 67 33.70 -23.18 -86.34
C GLU QA 67 34.48 -21.99 -86.88
N LEU QA 68 33.80 -21.12 -87.63
CA LEU QA 68 34.40 -19.89 -88.18
C LEU QA 68 33.89 -18.73 -87.35
N LEU QA 69 34.75 -18.16 -86.50
CA LEU QA 69 34.37 -17.05 -85.62
C LEU QA 69 35.06 -15.76 -86.03
N ASN QA 70 34.32 -14.91 -86.78
CA ASN QA 70 34.75 -13.63 -87.33
C ASN QA 70 35.98 -13.77 -88.26
N GLU QA 71 35.94 -14.81 -89.13
CA GLU QA 71 37.00 -15.13 -90.09
C GLU QA 71 36.68 -14.48 -91.43
N THR QA 72 37.55 -13.53 -91.85
CA THR QA 72 37.40 -12.78 -93.09
C THR QA 72 38.11 -13.48 -94.26
N VAL QA 73 37.43 -13.56 -95.41
CA VAL QA 73 37.94 -14.19 -96.64
C VAL QA 73 38.09 -13.11 -97.72
N ALA QA 74 39.32 -12.97 -98.27
CA ALA QA 74 39.64 -12.00 -99.33
C ALA QA 74 38.99 -12.42 -100.64
N LEU QA 75 38.38 -11.46 -101.37
CA LEU QA 75 37.68 -11.71 -102.62
C LEU QA 75 38.30 -11.04 -103.84
N LYS QA 76 38.08 -11.64 -105.04
CA LYS QA 76 38.57 -11.14 -106.32
C LYS QA 76 37.57 -10.13 -106.90
N GLY QA 77 38.11 -9.03 -107.42
CA GLY QA 77 37.33 -7.94 -108.00
C GLY QA 77 36.65 -8.30 -109.31
N ASP QA 78 35.33 -8.03 -109.40
CA ASP QA 78 34.44 -8.28 -110.54
C ASP QA 78 34.55 -9.72 -111.08
N SER QA 79 34.34 -10.70 -110.18
CA SER QA 79 34.42 -12.13 -110.48
C SER QA 79 33.50 -12.96 -109.58
N VAL QA 80 33.18 -14.19 -110.02
CA VAL QA 80 32.34 -15.13 -109.28
C VAL QA 80 33.26 -16.06 -108.48
N ASN QA 81 33.50 -15.69 -107.20
CA ASN QA 81 34.37 -16.43 -106.27
C ASN QA 81 33.69 -17.67 -105.70
N TYR QA 82 34.49 -18.71 -105.46
CA TYR QA 82 34.06 -19.99 -104.87
C TYR QA 82 34.84 -20.21 -103.58
N ILE QA 83 34.15 -20.10 -102.42
CA ILE QA 83 34.79 -20.25 -101.11
C ILE QA 83 34.95 -21.74 -100.77
N HIS QA 84 36.21 -22.18 -100.62
CA HIS QA 84 36.56 -23.57 -100.32
C HIS QA 84 37.14 -23.76 -98.93
N ALA QA 85 36.84 -24.94 -98.34
CA ALA QA 85 37.36 -25.35 -97.04
C ALA QA 85 38.48 -26.34 -97.33
N ASN QA 86 39.73 -25.98 -96.97
CA ASN QA 86 40.92 -26.79 -97.23
C ASN QA 86 41.44 -27.46 -95.96
N ILE QA 87 41.38 -28.80 -95.94
CA ILE QA 87 41.84 -29.59 -94.79
C ILE QA 87 43.12 -30.37 -95.08
N ASP QA 88 44.23 -29.92 -94.48
CA ASP QA 88 45.53 -30.58 -94.60
C ASP QA 88 45.96 -31.01 -93.21
N LEU QA 89 45.81 -32.32 -92.94
CA LEU QA 89 46.10 -32.96 -91.65
C LEU QA 89 47.57 -32.88 -91.21
N THR QA 90 48.50 -32.64 -92.17
CA THR QA 90 49.94 -32.50 -91.90
C THR QA 90 50.20 -31.24 -91.06
N GLN QA 91 49.37 -30.19 -91.25
CA GLN QA 91 49.43 -28.93 -90.51
C GLN QA 91 48.71 -29.20 -89.18
N THR QA 92 49.45 -29.74 -88.21
CA THR QA 92 48.93 -30.09 -86.88
C THR QA 92 48.36 -28.90 -86.08
N ALA QA 93 48.93 -27.70 -86.28
CA ALA QA 93 48.49 -26.48 -85.62
C ALA QA 93 47.25 -25.88 -86.28
N ASN QA 94 47.24 -25.80 -87.62
CA ASN QA 94 46.12 -25.23 -88.38
C ASN QA 94 45.72 -26.12 -89.58
N PRO QA 95 44.94 -27.21 -89.33
CA PRO QA 95 44.55 -28.09 -90.46
C PRO QA 95 43.57 -27.46 -91.46
N VAL QA 96 42.60 -26.66 -90.95
CA VAL QA 96 41.60 -26.01 -91.80
C VAL QA 96 42.02 -24.59 -92.21
N SER QA 97 41.97 -24.32 -93.51
CA SER QA 97 42.28 -23.03 -94.14
C SER QA 97 41.23 -22.73 -95.20
N LEU QA 98 40.92 -21.43 -95.41
CA LEU QA 98 39.92 -21.02 -96.39
C LEU QA 98 40.55 -20.35 -97.62
N SER QA 99 39.89 -20.47 -98.78
CA SER QA 99 40.35 -19.90 -100.04
C SER QA 99 39.20 -19.57 -101.00
N ALA QA 100 39.28 -18.39 -101.64
CA ALA QA 100 38.30 -17.95 -102.64
C ALA QA 100 38.92 -18.22 -104.01
N GLU QA 101 38.35 -19.19 -104.74
CA GLU QA 101 38.87 -19.62 -106.04
C GLU QA 101 37.99 -19.25 -107.22
N THR QA 102 38.61 -19.22 -108.43
CA THR QA 102 37.98 -18.87 -109.71
C THR QA 102 36.85 -19.83 -110.10
N ALA QA 103 37.08 -21.15 -109.94
CA ALA QA 103 36.11 -22.19 -110.26
C ALA QA 103 35.92 -23.16 -109.08
N ASN QA 104 34.88 -24.01 -109.13
CA ASN QA 104 34.61 -25.01 -108.09
C ASN QA 104 35.63 -26.14 -108.20
N ASN QA 105 36.62 -26.12 -107.29
CA ASN QA 105 37.72 -27.08 -107.25
C ASN QA 105 37.57 -28.11 -106.12
N SER QA 106 36.37 -28.72 -105.99
CA SER QA 106 36.08 -29.75 -104.98
C SER QA 106 36.74 -31.05 -105.43
N ASN QA 107 37.78 -31.50 -104.71
CA ASN QA 107 38.54 -32.70 -105.05
C ASN QA 107 37.97 -34.02 -104.53
N GLY QA 108 37.36 -34.00 -103.35
CA GLY QA 108 36.76 -35.17 -102.72
C GLY QA 108 37.78 -36.19 -102.26
N VAL QA 109 38.96 -35.73 -101.78
CA VAL QA 109 40.06 -36.54 -101.29
C VAL QA 109 39.70 -37.22 -99.96
N ASP QA 110 39.86 -38.55 -99.88
CA ASP QA 110 39.58 -39.35 -98.68
C ASP QA 110 40.71 -39.10 -97.66
N ILE QA 111 40.47 -38.20 -96.70
CA ILE QA 111 41.43 -37.81 -95.67
C ILE QA 111 41.41 -38.71 -94.43
N ASN QA 112 40.24 -39.29 -94.11
CA ASN QA 112 40.05 -40.18 -92.95
C ASN QA 112 40.72 -41.54 -93.13
N ASN QA 113 40.89 -42.01 -94.38
CA ASN QA 113 41.52 -43.29 -94.70
C ASN QA 113 42.93 -43.11 -95.27
N GLY QA 114 43.06 -42.26 -96.30
CA GLY QA 114 44.32 -41.98 -96.97
C GLY QA 114 44.85 -40.57 -96.74
N SER QA 115 45.98 -40.26 -97.40
CA SER QA 115 46.65 -38.96 -97.32
C SER QA 115 46.09 -37.96 -98.35
N GLY QA 116 46.47 -36.70 -98.22
CA GLY QA 116 46.04 -35.63 -99.12
C GLY QA 116 45.36 -34.45 -98.46
N VAL QA 117 45.05 -33.43 -99.26
CA VAL QA 117 44.38 -32.20 -98.83
C VAL QA 117 42.95 -32.21 -99.39
N LEU QA 118 41.94 -32.08 -98.50
CA LEU QA 118 40.54 -32.06 -98.91
C LEU QA 118 40.04 -30.64 -99.20
N LYS QA 119 39.62 -30.42 -100.44
CA LYS QA 119 39.06 -29.15 -100.91
C LYS QA 119 37.59 -29.36 -101.22
N VAL QA 120 36.72 -28.49 -100.67
CA VAL QA 120 35.28 -28.57 -100.85
C VAL QA 120 34.60 -27.18 -100.76
N CYS QA 121 33.84 -26.82 -101.81
CA CYS QA 121 33.12 -25.54 -101.91
C CYS QA 121 31.85 -25.58 -101.09
N PHE QA 122 31.57 -24.48 -100.35
CA PHE QA 122 30.39 -24.36 -99.50
C PHE QA 122 29.58 -23.09 -99.77
N ASP QA 123 30.24 -22.02 -100.28
CA ASP QA 123 29.61 -20.74 -100.56
C ASP QA 123 30.14 -20.12 -101.86
N ILE QA 124 29.24 -19.61 -102.72
CA ILE QA 124 29.57 -18.96 -103.98
C ILE QA 124 29.30 -17.46 -103.83
N VAL QA 125 30.35 -16.63 -103.97
CA VAL QA 125 30.25 -15.18 -103.81
C VAL QA 125 30.45 -14.45 -105.14
N THR QA 126 29.39 -13.81 -105.65
CA THR QA 126 29.42 -13.03 -106.89
C THR QA 126 29.75 -11.58 -106.52
N THR QA 127 30.86 -11.04 -107.06
CA THR QA 127 31.33 -9.68 -106.75
C THR QA 127 31.44 -8.75 -107.96
N SER QA 128 31.47 -7.44 -107.68
CA SER QA 128 31.66 -6.35 -108.65
C SER QA 128 33.03 -5.71 -108.36
N GLY QA 129 33.30 -4.55 -108.95
CA GLY QA 129 34.55 -3.82 -108.76
C GLY QA 129 34.67 -3.24 -107.37
N THR QA 130 33.53 -2.82 -106.77
CA THR QA 130 33.46 -2.22 -105.44
C THR QA 130 33.28 -3.27 -104.33
N GLY QA 131 32.16 -3.99 -104.34
CA GLY QA 131 31.86 -4.99 -103.32
C GLY QA 131 31.05 -6.19 -103.78
N VAL QA 132 30.50 -6.93 -102.79
CA VAL QA 132 29.69 -8.15 -102.96
C VAL QA 132 28.32 -7.79 -103.55
N THR QA 133 27.93 -8.47 -104.63
CA THR QA 133 26.63 -8.27 -105.30
C THR QA 133 25.59 -9.27 -104.80
N SER QA 134 25.94 -10.57 -104.81
CA SER QA 134 25.06 -11.66 -104.38
C SER QA 134 25.83 -12.88 -103.88
N THR QA 135 25.21 -13.66 -102.98
CA THR QA 135 25.79 -14.89 -102.40
C THR QA 135 24.84 -16.08 -102.49
N LYS QA 136 25.37 -17.24 -102.92
CA LYS QA 136 24.62 -18.49 -103.08
C LYS QA 136 25.34 -19.65 -102.39
N PRO QA 137 24.72 -20.34 -101.41
CA PRO QA 137 25.42 -21.46 -100.75
C PRO QA 137 25.30 -22.79 -101.51
N ILE QA 138 26.36 -23.62 -101.44
CA ILE QA 138 26.41 -24.95 -102.06
C ILE QA 138 25.43 -25.88 -101.34
N VAL QA 139 24.63 -26.64 -102.12
CA VAL QA 139 23.63 -27.59 -101.61
C VAL QA 139 24.23 -28.71 -100.77
N GLN QA 140 23.60 -29.00 -99.61
CA GLN QA 140 24.04 -30.05 -98.68
C GLN QA 140 23.38 -31.38 -99.06
N THR QA 141 24.13 -32.24 -99.76
CA THR QA 141 23.67 -33.54 -100.23
C THR QA 141 23.62 -34.56 -99.09
N SER QA 142 22.48 -35.27 -98.97
CA SER QA 142 22.26 -36.30 -97.96
C SER QA 142 21.92 -37.63 -98.62
N THR QA 143 22.97 -38.39 -99.00
CA THR QA 143 22.85 -39.69 -99.66
C THR QA 143 22.36 -40.74 -98.66
N LEU QA 144 21.18 -41.32 -98.92
CA LEU QA 144 20.55 -42.32 -98.06
C LEU QA 144 20.06 -43.53 -98.87
N ASP QA 145 19.90 -44.70 -98.23
CA ASP QA 145 19.46 -45.93 -98.88
C ASP QA 145 17.94 -46.04 -98.96
N SER QA 146 17.23 -46.00 -97.82
CA SER QA 146 15.77 -46.07 -97.75
C SER QA 146 15.21 -45.28 -96.58
N ILE QA 147 14.14 -44.53 -96.83
CA ILE QA 147 13.51 -43.67 -95.82
C ILE QA 147 12.08 -44.11 -95.48
N SER QA 148 11.81 -44.28 -94.19
CA SER QA 148 10.49 -44.60 -93.63
C SER QA 148 10.06 -43.31 -92.92
N VAL QA 149 9.16 -42.54 -93.57
CA VAL QA 149 8.72 -41.23 -93.09
C VAL QA 149 7.19 -41.11 -92.93
N ASN QA 150 6.74 -40.24 -92.01
CA ASN QA 150 5.33 -39.97 -91.77
C ASN QA 150 4.83 -38.87 -92.73
N ASP QA 151 5.39 -37.65 -92.62
CA ASP QA 151 5.02 -36.51 -93.46
C ASP QA 151 6.23 -35.80 -94.06
N MET QA 152 6.05 -35.19 -95.25
CA MET QA 152 7.13 -34.49 -95.96
C MET QA 152 6.66 -33.19 -96.62
N THR QA 153 7.55 -32.19 -96.71
CA THR QA 153 7.30 -30.89 -97.33
C THR QA 153 8.46 -30.57 -98.28
N VAL QA 154 8.15 -30.42 -99.58
CA VAL QA 154 9.12 -30.14 -100.63
C VAL QA 154 8.92 -28.72 -101.16
N SER QA 155 9.98 -27.90 -101.11
CA SER QA 155 9.95 -26.51 -101.58
C SER QA 155 10.39 -26.35 -103.05
N GLY QA 156 11.22 -27.27 -103.52
CA GLY QA 156 11.73 -27.28 -104.89
C GLY QA 156 10.99 -28.24 -105.79
N SER QA 157 11.51 -29.49 -105.93
CA SER QA 157 10.93 -30.55 -106.76
C SER QA 157 11.50 -31.94 -106.44
N ILE QA 158 10.79 -33.00 -106.89
CA ILE QA 158 11.17 -34.41 -106.71
C ILE QA 158 11.47 -35.03 -108.09
N ASP QA 159 12.62 -35.71 -108.21
CA ASP QA 159 13.01 -36.39 -109.45
C ASP QA 159 12.73 -37.90 -109.35
N VAL QA 160 11.59 -38.32 -109.92
CA VAL QA 160 11.16 -39.72 -109.95
C VAL QA 160 11.55 -40.38 -111.28
N PRO QA 161 11.90 -41.69 -111.31
CA PRO QA 161 12.31 -42.31 -112.59
C PRO QA 161 11.24 -42.29 -113.67
N VAL QA 162 11.62 -41.81 -114.87
CA VAL QA 162 10.75 -41.67 -116.03
C VAL QA 162 11.05 -42.77 -117.06
N GLN QA 163 9.99 -43.33 -117.67
CA GLN QA 163 10.08 -44.36 -118.70
C GLN QA 163 9.15 -44.02 -119.87
N THR QA 164 9.70 -44.01 -121.10
CA THR QA 164 8.93 -43.72 -122.32
C THR QA 164 8.72 -44.95 -123.19
N LEU QA 165 7.56 -45.02 -123.86
CA LEU QA 165 7.18 -46.14 -124.73
C LEU QA 165 6.27 -45.68 -125.86
N THR QA 166 6.50 -46.19 -127.08
CA THR QA 166 5.71 -45.88 -128.27
C THR QA 166 5.27 -47.18 -128.96
N VAL QA 167 4.10 -47.70 -128.55
CA VAL QA 167 3.52 -48.94 -129.09
C VAL QA 167 2.55 -48.67 -130.24
N GLU QA 168 2.81 -49.31 -131.39
CA GLU QA 168 1.96 -49.21 -132.58
C GLU QA 168 0.85 -50.25 -132.41
N ALA QA 169 -0.28 -49.83 -131.81
CA ALA QA 169 -1.46 -50.66 -131.52
C ALA QA 169 -2.05 -51.41 -132.71
N GLY QA 170 -1.90 -50.84 -133.91
CA GLY QA 170 -2.39 -51.42 -135.15
C GLY QA 170 -3.57 -50.66 -135.74
N ASN QA 171 -3.99 -51.06 -136.95
CA ASN QA 171 -5.10 -50.47 -137.72
C ASN QA 171 -4.89 -48.98 -138.07
N GLY QA 172 -3.76 -48.42 -137.63
CA GLY QA 172 -3.37 -47.03 -137.84
C GLY QA 172 -3.25 -46.21 -136.58
N LEU QA 173 -3.31 -46.86 -135.40
CA LEU QA 173 -3.23 -46.20 -134.09
C LEU QA 173 -1.82 -46.27 -133.49
N GLN QA 174 -1.35 -45.13 -132.94
CA GLN QA 174 -0.07 -44.98 -132.27
C GLN QA 174 -0.31 -44.43 -130.86
N LEU QA 175 0.38 -45.00 -129.86
CA LEU QA 175 0.25 -44.60 -128.45
C LEU QA 175 1.60 -44.14 -127.90
N GLN QA 176 1.63 -42.97 -127.22
CA GLN QA 176 2.85 -42.44 -126.60
C GLN QA 176 2.66 -42.45 -125.08
N LEU QA 177 3.29 -43.45 -124.42
CA LEU QA 177 3.21 -43.66 -122.97
C LEU QA 177 4.40 -43.05 -122.23
N THR QA 178 4.13 -42.45 -121.05
CA THR QA 178 5.16 -41.85 -120.19
C THR QA 178 4.87 -42.27 -118.73
N LYS QA 179 5.66 -43.24 -118.22
CA LYS QA 179 5.53 -43.79 -116.87
C LYS QA 179 6.52 -43.15 -115.90
N LYS QA 180 6.01 -42.57 -114.80
CA LYS QA 180 6.81 -41.94 -113.75
C LYS QA 180 6.54 -42.60 -112.41
N ASN QA 181 7.62 -42.96 -111.68
CA ASN QA 181 7.60 -43.64 -110.37
C ASN QA 181 6.93 -45.03 -110.42
N ASN QA 182 7.00 -45.68 -111.61
CA ASN QA 182 6.43 -47.00 -111.91
C ASN QA 182 4.94 -47.17 -111.57
N ASP QA 183 4.17 -46.06 -111.62
CA ASP QA 183 2.75 -46.06 -111.30
C ASP QA 183 1.87 -45.27 -112.27
N LEU QA 184 2.00 -43.92 -112.29
CA LEU QA 184 1.21 -43.05 -113.15
C LEU QA 184 1.74 -43.01 -114.58
N VAL QA 185 0.87 -43.30 -115.56
CA VAL QA 185 1.19 -43.32 -116.99
C VAL QA 185 0.18 -42.44 -117.75
N ILE QA 186 0.69 -41.53 -118.60
CA ILE QA 186 -0.15 -40.69 -119.45
C ILE QA 186 0.02 -41.12 -120.90
N VAL QA 187 -1.05 -41.68 -121.48
CA VAL QA 187 -1.09 -42.18 -122.86
C VAL QA 187 -1.51 -41.06 -123.80
N ARG QA 188 -0.71 -40.82 -124.85
CA ARG QA 188 -0.96 -39.80 -125.87
C ARG QA 188 -1.34 -40.49 -127.19
N PHE QA 189 -2.56 -40.20 -127.69
CA PHE QA 189 -3.07 -40.78 -128.94
C PHE QA 189 -2.52 -40.09 -130.18
N PHE QA 190 -2.06 -40.89 -131.16
CA PHE QA 190 -1.52 -40.43 -132.44
C PHE QA 190 -1.86 -41.38 -133.60
N GLY QA 191 -1.75 -40.88 -134.83
CA GLY QA 191 -2.03 -41.63 -136.05
C GLY QA 191 -3.43 -41.41 -136.59
N SER QA 192 -3.93 -42.41 -137.34
CA SER QA 192 -5.27 -42.41 -137.95
C SER QA 192 -5.78 -43.85 -138.12
N VAL QA 193 -6.76 -44.25 -137.28
CA VAL QA 193 -7.34 -45.60 -137.28
C VAL QA 193 -8.31 -45.88 -138.45
N SER QA 194 -8.19 -47.08 -139.07
CA SER QA 194 -9.01 -47.55 -140.19
C SER QA 194 -9.20 -49.07 -140.16
N ASN QA 195 -10.38 -49.55 -140.62
CA ASN QA 195 -10.78 -50.96 -140.69
C ASN QA 195 -10.79 -51.68 -139.32
N ILE QA 196 -11.72 -51.27 -138.44
CA ILE QA 196 -11.87 -51.82 -137.09
C ILE QA 196 -13.35 -51.82 -136.62
N GLN QA 197 -13.74 -52.86 -135.85
CA GLN QA 197 -15.09 -53.03 -135.30
C GLN QA 197 -15.07 -52.94 -133.76
N LYS QA 198 -16.25 -52.72 -133.15
CA LYS QA 198 -16.41 -52.62 -131.68
C LYS QA 198 -16.20 -53.97 -130.99
N GLY QA 199 -15.37 -53.97 -129.95
CA GLY QA 199 -15.03 -55.15 -129.17
C GLY QA 199 -13.94 -56.01 -129.76
N TRP QA 200 -13.40 -55.60 -130.92
CA TRP QA 200 -12.34 -56.32 -131.64
C TRP QA 200 -10.94 -55.89 -131.20
N ASN QA 201 -10.04 -56.88 -131.00
CA ASN QA 201 -8.66 -56.67 -130.61
C ASN QA 201 -7.87 -56.02 -131.75
N MET QA 202 -6.97 -55.09 -131.42
CA MET QA 202 -6.19 -54.35 -132.41
C MET QA 202 -4.96 -55.11 -132.92
N SER QA 203 -4.90 -55.28 -134.27
CA SER QA 203 -3.93 -56.00 -135.08
C SER QA 203 -2.43 -55.92 -134.73
N GLY QA 204 -1.95 -54.71 -134.46
CA GLY QA 204 -0.53 -54.44 -134.21
C GLY QA 204 0.04 -54.90 -132.88
N THR QA 205 1.16 -54.25 -132.48
CA THR QA 205 1.96 -54.51 -131.28
C THR QA 205 1.15 -54.36 -129.97
N TRP QA 206 1.49 -55.19 -128.98
CA TRP QA 206 0.88 -55.20 -127.65
C TRP QA 206 1.71 -54.36 -126.67
N VAL QA 207 1.09 -53.90 -125.57
CA VAL QA 207 1.74 -53.08 -124.53
C VAL QA 207 2.77 -53.91 -123.75
N ASP QA 208 3.99 -53.36 -123.60
CA ASP QA 208 5.12 -53.97 -122.89
C ASP QA 208 4.81 -54.19 -121.41
N ARG QA 209 5.40 -55.26 -120.81
CA ARG QA 209 5.24 -55.66 -119.41
C ARG QA 209 5.45 -54.52 -118.36
N PRO QA 210 6.47 -53.62 -118.44
CA PRO QA 210 6.59 -52.57 -117.40
C PRO QA 210 5.50 -51.50 -117.46
N PHE QA 211 4.72 -51.45 -118.57
CA PHE QA 211 3.65 -50.49 -118.80
C PHE QA 211 2.24 -51.10 -118.67
N ARG QA 212 2.14 -52.44 -118.52
CA ARG QA 212 0.87 -53.16 -118.39
C ARG QA 212 0.20 -52.87 -117.03
N PRO QA 213 -1.11 -52.56 -116.99
CA PRO QA 213 -1.77 -52.30 -115.69
C PRO QA 213 -2.28 -53.56 -114.99
N ALA QA 214 -2.66 -53.43 -113.71
CA ALA QA 214 -3.19 -54.54 -112.90
C ALA QA 214 -4.58 -54.97 -113.36
N ALA QA 215 -5.43 -54.00 -113.71
CA ALA QA 215 -6.79 -54.21 -114.20
C ALA QA 215 -6.99 -53.51 -115.55
N VAL QA 216 -8.08 -53.86 -116.26
CA VAL QA 216 -8.42 -53.27 -117.56
C VAL QA 216 -8.73 -51.77 -117.44
N GLN QA 217 -7.90 -50.94 -118.10
CA GLN QA 217 -8.02 -49.48 -118.07
C GLN QA 217 -8.70 -48.93 -119.31
N SER QA 218 -9.87 -48.30 -119.11
CA SER QA 218 -10.67 -47.70 -120.18
C SER QA 218 -10.18 -46.27 -120.39
N LEU QA 219 -9.52 -46.00 -121.53
CA LEU QA 219 -8.97 -44.67 -121.84
C LEU QA 219 -9.66 -44.02 -123.04
N VAL QA 220 -10.25 -42.83 -122.80
CA VAL QA 220 -11.01 -42.06 -123.79
C VAL QA 220 -10.10 -41.17 -124.65
N GLY QA 221 -10.35 -41.20 -125.96
CA GLY QA 221 -9.68 -40.39 -126.98
C GLY QA 221 -10.68 -39.58 -127.79
N HIS QA 222 -10.20 -38.81 -128.78
CA HIS QA 222 -11.06 -37.98 -129.63
C HIS QA 222 -10.63 -37.93 -131.09
N PHE QA 223 -11.61 -37.90 -132.01
CA PHE QA 223 -11.35 -37.80 -133.45
C PHE QA 223 -11.21 -36.34 -133.84
N ALA QA 224 -10.00 -35.93 -134.26
CA ALA QA 224 -9.63 -34.56 -134.64
C ALA QA 224 -10.50 -33.98 -135.75
N GLY QA 225 -11.04 -32.78 -135.49
CA GLY QA 225 -11.89 -32.05 -136.41
C GLY QA 225 -13.37 -32.44 -136.37
N ARG QA 226 -13.72 -33.38 -135.48
CA ARG QA 226 -15.11 -33.87 -135.34
C ARG QA 226 -15.63 -33.68 -133.90
N ASP QA 227 -16.85 -34.18 -133.63
CA ASP QA 227 -17.48 -34.15 -132.31
C ASP QA 227 -17.75 -35.58 -131.82
N THR QA 228 -17.12 -36.56 -132.50
CA THR QA 228 -17.19 -37.99 -132.22
C THR QA 228 -16.01 -38.41 -131.34
N SER QA 229 -16.23 -39.36 -130.42
CA SER QA 229 -15.19 -39.86 -129.50
C SER QA 229 -15.05 -41.39 -129.52
N PHE QA 230 -13.95 -41.89 -128.92
CA PHE QA 230 -13.65 -43.32 -128.84
C PHE QA 230 -12.96 -43.67 -127.52
N HIS QA 231 -12.89 -44.97 -127.18
CA HIS QA 231 -12.20 -45.47 -125.99
C HIS QA 231 -11.57 -46.84 -126.23
N ILE QA 232 -10.36 -47.05 -125.70
CA ILE QA 232 -9.62 -48.31 -125.84
C ILE QA 232 -9.31 -48.97 -124.51
N ASP QA 233 -9.63 -50.27 -124.40
CA ASP QA 233 -9.42 -51.07 -123.20
C ASP QA 233 -8.06 -51.75 -123.18
N ILE QA 234 -7.13 -51.24 -122.33
CA ILE QA 234 -5.80 -51.82 -122.18
C ILE QA 234 -5.88 -52.88 -121.08
N ASN QA 235 -6.08 -54.14 -121.49
CA ASN QA 235 -6.22 -55.32 -120.63
C ASN QA 235 -4.88 -55.63 -119.92
N PRO QA 236 -4.88 -56.38 -118.76
CA PRO QA 236 -3.61 -56.65 -118.06
C PRO QA 236 -2.54 -57.44 -118.85
N ASN QA 237 -2.94 -58.18 -119.90
CA ASN QA 237 -2.03 -58.97 -120.74
C ASN QA 237 -1.32 -58.15 -121.84
N GLY QA 238 -1.61 -56.84 -121.90
CA GLY QA 238 -1.01 -55.93 -122.87
C GLY QA 238 -1.84 -55.69 -124.12
N SER QA 239 -2.92 -56.48 -124.29
CA SER QA 239 -3.83 -56.39 -125.43
C SER QA 239 -4.68 -55.12 -125.40
N ILE QA 240 -4.77 -54.43 -126.56
CA ILE QA 240 -5.55 -53.20 -126.71
C ILE QA 240 -6.84 -53.53 -127.49
N THR QA 241 -7.98 -53.51 -126.80
CA THR QA 241 -9.28 -53.81 -127.39
C THR QA 241 -10.02 -52.51 -127.73
N TRP QA 242 -10.41 -52.35 -129.01
CA TRP QA 242 -11.13 -51.19 -129.51
C TRP QA 242 -12.57 -51.20 -129.00
N TRP QA 243 -13.09 -50.03 -128.58
CA TRP QA 243 -14.46 -49.91 -128.06
C TRP QA 243 -15.22 -48.65 -128.55
N GLY QA 244 -14.86 -48.18 -129.75
CA GLY QA 244 -15.52 -47.05 -130.40
C GLY QA 244 -16.47 -47.57 -131.46
N ALA QA 245 -16.98 -46.67 -132.32
CA ALA QA 245 -17.89 -47.09 -133.40
C ALA QA 245 -17.09 -47.72 -134.54
N ASN QA 246 -17.73 -48.64 -135.32
CA ASN QA 246 -17.11 -49.34 -136.44
C ASN QA 246 -16.57 -48.39 -137.50
N ILE QA 247 -15.26 -48.49 -137.78
CA ILE QA 247 -14.57 -47.63 -138.74
C ILE QA 247 -14.23 -48.38 -140.02
N ASP QA 248 -14.58 -47.77 -141.16
CA ASP QA 248 -14.36 -48.30 -142.50
C ASP QA 248 -12.93 -48.03 -143.03
N LYS QA 249 -12.77 -48.14 -144.35
CA LYS QA 249 -11.49 -47.96 -145.06
C LYS QA 249 -10.87 -46.57 -144.93
N THR QA 250 -11.70 -45.52 -144.75
CA THR QA 250 -11.24 -44.13 -144.61
C THR QA 250 -10.62 -43.90 -143.22
N PRO QA 251 -9.34 -43.46 -143.13
CA PRO QA 251 -8.73 -43.24 -141.81
C PRO QA 251 -9.04 -41.87 -141.20
N ILE QA 252 -9.40 -41.85 -139.90
CA ILE QA 252 -9.71 -40.64 -139.15
C ILE QA 252 -8.65 -40.41 -138.07
N ALA QA 253 -8.08 -39.18 -138.02
CA ALA QA 253 -7.03 -38.76 -137.09
C ALA QA 253 -7.49 -38.89 -135.62
N THR QA 254 -6.71 -39.64 -134.81
CA THR QA 254 -6.99 -39.90 -133.40
C THR QA 254 -6.00 -39.20 -132.49
N ARG QA 255 -6.50 -38.32 -131.60
CA ARG QA 255 -5.69 -37.56 -130.65
C ARG QA 255 -6.35 -37.53 -129.26
N GLY QA 256 -5.54 -37.45 -128.21
CA GLY QA 256 -6.04 -37.39 -126.84
C GLY QA 256 -5.07 -37.82 -125.76
N ASN QA 257 -5.39 -37.47 -124.50
CA ASN QA 257 -4.61 -37.79 -123.30
C ASN QA 257 -5.44 -38.61 -122.32
N GLY QA 258 -4.86 -39.71 -121.84
CA GLY QA 258 -5.49 -40.61 -120.88
C GLY QA 258 -4.55 -41.07 -119.80
N SER QA 259 -4.95 -40.87 -118.53
CA SER QA 259 -4.16 -41.25 -117.35
C SER QA 259 -4.70 -42.49 -116.65
N TYR QA 260 -3.79 -43.34 -116.14
CA TYR QA 260 -4.13 -44.56 -115.40
C TYR QA 260 -3.03 -44.99 -114.42
N PHE QA 261 -3.41 -45.75 -113.37
CA PHE QA 261 -2.48 -46.26 -112.36
C PHE QA 261 -2.22 -47.75 -112.63
N ILE QA 262 -0.94 -48.16 -112.60
CA ILE QA 262 -0.55 -49.56 -112.78
C ILE QA 262 -0.85 -50.32 -111.48
N LYS QA 263 -0.28 -49.84 -110.36
CA LYS QA 263 -0.43 -50.40 -109.01
C LYS QA 263 -1.84 -50.22 -108.47
N THR RA 1 17.21 65.37 -68.40
CA THR RA 1 18.59 64.97 -68.28
C THR RA 1 18.92 63.93 -69.36
N ILE RA 2 20.06 64.09 -70.01
CA ILE RA 2 20.45 63.17 -71.06
C ILE RA 2 21.49 62.19 -70.53
N LYS RA 3 21.29 60.89 -70.81
CA LYS RA 3 22.21 59.83 -70.45
C LYS RA 3 22.90 59.27 -71.70
N ASN RA 4 24.23 59.22 -71.70
CA ASN RA 4 25.06 58.78 -72.82
C ASN RA 4 25.73 57.44 -72.56
N PHE RA 5 25.51 56.48 -73.47
CA PHE RA 5 26.06 55.13 -73.29
C PHE RA 5 27.15 54.75 -74.29
N THR RA 6 26.89 54.90 -75.59
CA THR RA 6 27.88 54.51 -76.60
C THR RA 6 28.86 55.64 -76.89
N PHE RA 7 29.55 56.10 -75.84
CA PHE RA 7 30.53 57.17 -75.96
C PHE RA 7 31.65 56.84 -75.02
N PHE RA 8 32.87 57.31 -75.35
CA PHE RA 8 34.04 57.03 -74.53
C PHE RA 8 34.06 57.75 -73.19
N SER RA 9 34.58 57.08 -72.17
CA SER RA 9 34.72 57.62 -70.81
C SER RA 9 36.21 57.95 -70.56
N PRO RA 10 36.52 59.26 -70.43
CA PRO RA 10 37.92 59.70 -70.22
C PRO RA 10 38.57 59.13 -68.96
N ASN RA 11 37.81 59.04 -67.86
CA ASN RA 11 38.33 58.54 -66.58
C ASN RA 11 37.75 57.17 -66.23
N SER RA 12 37.27 56.43 -67.27
CA SER RA 12 36.68 55.08 -67.22
C SER RA 12 35.45 54.95 -66.30
N THR RA 13 34.82 56.08 -65.93
CA THR RA 13 33.68 56.08 -65.00
C THR RA 13 32.45 56.87 -65.50
N GLU RA 14 32.64 57.78 -66.47
CA GLU RA 14 31.61 58.67 -67.02
C GLU RA 14 30.36 58.02 -67.58
N PHE RA 15 30.51 57.08 -68.53
CA PHE RA 15 29.36 56.47 -69.18
C PHE RA 15 29.27 54.94 -69.06
N PRO RA 16 28.87 54.39 -67.88
CA PRO RA 16 28.76 52.93 -67.78
C PRO RA 16 27.49 52.40 -68.44
N VAL RA 17 27.61 51.27 -69.13
CA VAL RA 17 26.46 50.68 -69.82
C VAL RA 17 25.85 49.45 -69.09
N GLY RA 18 24.56 49.52 -68.80
CA GLY RA 18 23.81 48.48 -68.11
C GLY RA 18 22.95 47.59 -69.00
N SER RA 19 22.59 46.40 -68.48
CA SER RA 19 21.79 45.41 -69.20
C SER RA 19 20.40 45.86 -69.68
N ASN RA 20 19.78 46.84 -68.99
CA ASN RA 20 18.48 47.37 -69.41
C ASN RA 20 18.70 48.36 -70.57
N ASN RA 21 19.83 49.09 -70.54
CA ASN RA 21 20.23 50.07 -71.55
C ASN RA 21 20.57 49.38 -72.86
N ASP RA 22 21.26 48.23 -72.80
CA ASP RA 22 21.58 47.42 -73.98
C ASP RA 22 20.36 46.62 -74.38
N GLY RA 23 19.53 46.23 -73.39
CA GLY RA 23 18.27 45.53 -73.59
C GLY RA 23 17.34 46.37 -74.44
N LYS RA 24 17.22 47.67 -74.11
CA LYS RA 24 16.44 48.66 -74.86
C LYS RA 24 17.07 48.90 -76.25
N LEU RA 25 18.41 48.97 -76.32
CA LEU RA 25 19.21 49.18 -77.53
C LEU RA 25 19.04 48.05 -78.54
N TYR RA 26 19.06 46.78 -78.08
CA TYR RA 26 18.89 45.61 -78.95
C TYR RA 26 17.47 45.44 -79.49
N MET RA 27 16.45 45.96 -78.75
CA MET RA 27 15.02 45.90 -79.14
C MET RA 27 14.68 46.93 -80.23
N MET RA 28 15.47 48.01 -80.30
CA MET RA 28 15.31 49.12 -81.25
C MET RA 28 15.99 48.83 -82.58
N LEU RA 29 17.03 47.96 -82.55
CA LEU RA 29 17.78 47.53 -83.71
C LEU RA 29 17.00 46.44 -84.45
N THR RA 30 16.73 45.29 -83.79
CA THR RA 30 15.97 44.21 -84.41
C THR RA 30 14.50 44.54 -84.62
N GLY RA 31 14.00 45.59 -83.97
CA GLY RA 31 12.62 46.06 -84.06
C GLY RA 31 11.64 45.10 -83.39
N MET RA 32 11.84 44.84 -82.10
CA MET RA 32 10.98 43.93 -81.34
C MET RA 32 10.35 44.63 -80.15
N ASP RA 33 9.16 44.17 -79.75
CA ASP RA 33 8.49 44.67 -78.56
C ASP RA 33 8.58 43.59 -77.46
N TYR RA 34 7.89 43.77 -76.34
CA TYR RA 34 7.92 42.79 -75.26
C TYR RA 34 7.01 41.57 -75.49
N ARG RA 35 6.30 41.54 -76.62
CA ARG RA 35 5.37 40.46 -76.95
C ARG RA 35 5.86 39.48 -78.02
N THR RA 36 7.14 39.60 -78.37
CA THR RA 36 7.78 38.72 -79.35
C THR RA 36 9.17 38.32 -78.88
N ILE RA 37 9.84 37.48 -79.67
CA ILE RA 37 11.19 36.99 -79.40
C ILE RA 37 12.01 36.96 -80.68
N ARG RA 38 13.29 36.66 -80.52
CA ARG RA 38 14.23 36.28 -81.57
C ARG RA 38 14.67 34.91 -81.07
N ARG RA 39 14.59 33.89 -81.93
CA ARG RA 39 14.90 32.52 -81.52
C ARG RA 39 15.61 31.77 -82.63
N LYS RA 40 16.63 30.99 -82.26
CA LYS RA 40 17.37 30.17 -83.21
C LYS RA 40 17.80 28.86 -82.59
N ASP RA 41 17.37 27.74 -83.19
CA ASP RA 41 17.77 26.40 -82.78
C ASP RA 41 19.03 26.10 -83.59
N TRP RA 42 20.21 26.23 -82.97
CA TRP RA 42 21.49 25.95 -83.63
C TRP RA 42 21.59 24.45 -83.91
N SER RA 43 21.01 23.66 -83.00
CA SER RA 43 20.83 22.21 -83.10
C SER RA 43 19.38 21.90 -82.73
N SER RA 44 18.80 20.85 -83.33
CA SER RA 44 17.42 20.48 -83.11
C SER RA 44 17.11 20.05 -81.68
N PRO RA 45 16.02 20.60 -81.07
CA PRO RA 45 15.61 20.12 -79.74
C PRO RA 45 15.22 18.64 -79.80
N LEU RA 46 15.43 17.89 -78.70
CA LEU RA 46 15.15 16.47 -78.67
C LEU RA 46 13.98 16.14 -77.76
N ASN RA 47 13.03 15.37 -78.29
CA ASN RA 47 11.84 14.94 -77.55
C ASN RA 47 12.05 13.55 -76.98
N THR RA 48 11.87 13.42 -75.67
CA THR RA 48 12.01 12.15 -74.94
C THR RA 48 10.82 12.05 -73.99
N ALA RA 49 9.91 11.08 -74.21
CA ALA RA 49 8.66 10.92 -73.46
C ALA RA 49 7.92 12.29 -73.44
N LEU RA 50 7.39 12.73 -72.28
CA LEU RA 50 6.71 14.02 -72.18
C LEU RA 50 7.67 15.13 -71.74
N ASN RA 51 8.74 15.32 -72.54
CA ASN RA 51 9.81 16.29 -72.30
C ASN RA 51 10.40 16.77 -73.61
N VAL RA 52 10.81 18.05 -73.63
CA VAL RA 52 11.52 18.66 -74.77
C VAL RA 52 12.86 19.15 -74.25
N GLN RA 53 13.94 18.68 -74.85
CA GLN RA 53 15.29 19.10 -74.48
C GLN RA 53 15.80 20.06 -75.52
N TYR RA 54 16.03 21.31 -75.11
CA TYR RA 54 16.61 22.31 -76.00
C TYR RA 54 18.10 22.10 -75.91
N THR RA 55 18.67 21.53 -76.98
CA THR RA 55 20.07 21.16 -77.07
C THR RA 55 20.98 22.39 -77.16
N ASN RA 56 20.66 23.29 -78.09
CA ASN RA 56 21.38 24.55 -78.29
C ASN RA 56 20.46 25.54 -78.98
N THR RA 57 19.69 26.28 -78.19
CA THR RA 57 18.77 27.30 -78.66
C THR RA 57 19.12 28.64 -78.04
N SER RA 58 19.19 29.70 -78.86
CA SER RA 58 19.44 31.06 -78.39
C SER RA 58 18.13 31.84 -78.48
N ILE RA 59 17.83 32.64 -77.44
CA ILE RA 59 16.62 33.45 -77.40
C ILE RA 59 16.94 34.86 -76.96
N ILE RA 60 16.26 35.83 -77.60
CA ILE RA 60 16.31 37.24 -77.22
C ILE RA 60 14.88 37.57 -76.80
N ALA RA 61 14.68 37.88 -75.53
CA ALA RA 61 13.36 38.19 -74.98
C ALA RA 61 13.48 39.50 -74.22
N GLY RA 62 12.88 40.55 -74.76
CA GLY RA 62 12.95 41.90 -74.17
C GLY RA 62 14.33 42.52 -74.21
N GLY RA 63 15.12 42.17 -75.25
CA GLY RA 63 16.49 42.62 -75.49
C GLY RA 63 17.59 41.81 -74.80
N ARG RA 64 17.18 40.79 -74.03
CA ARG RA 64 18.05 39.95 -73.22
C ARG RA 64 18.41 38.64 -73.91
N TYR RA 65 19.70 38.49 -74.21
CA TYR RA 65 20.23 37.32 -74.87
C TYR RA 65 20.60 36.23 -73.88
N PHE RA 66 20.04 35.04 -74.10
CA PHE RA 66 20.34 33.88 -73.28
C PHE RA 66 20.34 32.61 -74.13
N GLU RA 67 21.13 31.62 -73.72
CA GLU RA 67 21.26 30.35 -74.42
C GLU RA 67 20.67 29.21 -73.58
N LEU RA 68 19.98 28.25 -74.24
CA LEU RA 68 19.41 27.03 -73.64
C LEU RA 68 20.30 25.88 -74.09
N LEU RA 69 21.14 25.38 -73.18
CA LEU RA 69 22.09 24.31 -73.49
C LEU RA 69 21.70 23.10 -72.68
N ASN RA 70 21.15 22.07 -73.37
CA ASN RA 70 20.63 20.84 -72.78
C ASN RA 70 19.68 21.15 -71.62
N GLU RA 71 18.67 22.00 -71.92
CA GLU RA 71 17.65 22.44 -70.98
C GLU RA 71 16.34 21.72 -71.29
N THR RA 72 15.89 20.87 -70.35
CA THR RA 72 14.69 20.05 -70.51
C THR RA 72 13.50 20.69 -69.82
N VAL RA 73 12.38 20.74 -70.55
CA VAL RA 73 11.09 21.23 -70.07
C VAL RA 73 10.12 20.05 -70.02
N ALA RA 74 9.52 19.79 -68.85
CA ALA RA 74 8.54 18.71 -68.65
C ALA RA 74 7.19 19.15 -69.20
N LEU RA 75 6.51 18.24 -69.91
CA LEU RA 75 5.23 18.52 -70.58
C LEU RA 75 4.05 17.79 -70.00
N LYS RA 76 2.85 18.34 -70.23
CA LYS RA 76 1.58 17.76 -69.84
C LYS RA 76 1.16 16.83 -71.00
N GLY RA 77 0.69 15.64 -70.68
CA GLY RA 77 0.25 14.64 -71.66
C GLY RA 77 -1.07 14.99 -72.29
N ASP RA 78 -1.29 14.55 -73.56
CA ASP RA 78 -2.50 14.78 -74.38
C ASP RA 78 -2.94 16.24 -74.33
N SER RA 79 -1.96 17.14 -74.49
CA SER RA 79 -2.19 18.57 -74.37
C SER RA 79 -1.35 19.38 -75.33
N VAL RA 80 -1.75 20.66 -75.49
CA VAL RA 80 -1.02 21.66 -76.27
C VAL RA 80 -0.24 22.50 -75.24
N ASN RA 81 1.09 22.33 -75.22
CA ASN RA 81 1.97 22.99 -74.27
C ASN RA 81 2.56 24.25 -74.86
N TYR RA 82 2.35 25.39 -74.18
CA TYR RA 82 2.88 26.69 -74.58
C TYR RA 82 4.15 26.94 -73.77
N ILE RA 83 5.31 26.89 -74.44
CA ILE RA 83 6.62 27.04 -73.79
C ILE RA 83 6.97 28.51 -73.66
N HIS RA 84 7.18 28.95 -72.42
CA HIS RA 84 7.46 30.34 -72.12
C HIS RA 84 8.83 30.55 -71.55
N ALA RA 85 9.44 31.69 -71.88
CA ALA RA 85 10.68 32.17 -71.30
C ALA RA 85 10.20 33.21 -70.28
N ASN RA 86 10.59 33.03 -69.01
CA ASN RA 86 10.18 33.93 -67.93
C ASN RA 86 11.39 34.64 -67.37
N ILE RA 87 11.37 35.98 -67.39
CA ILE RA 87 12.50 36.80 -66.91
C ILE RA 87 12.13 37.58 -65.66
N ASP RA 88 12.82 37.31 -64.55
CA ASP RA 88 12.62 37.99 -63.27
C ASP RA 88 13.98 38.51 -62.86
N LEU RA 89 14.19 39.82 -63.01
CA LEU RA 89 15.45 40.48 -62.71
C LEU RA 89 15.85 40.52 -61.25
N THR RA 90 14.87 40.31 -60.34
CA THR RA 90 15.12 40.27 -58.89
C THR RA 90 15.84 38.97 -58.52
N GLN RA 91 15.67 37.92 -59.33
CA GLN RA 91 16.32 36.63 -59.17
C GLN RA 91 17.70 36.74 -59.80
N THR RA 92 18.57 37.51 -59.13
CA THR RA 92 19.96 37.82 -59.52
C THR RA 92 20.80 36.65 -60.07
N ALA RA 93 20.79 35.49 -59.38
CA ALA RA 93 21.55 34.29 -59.78
C ALA RA 93 20.95 33.53 -60.96
N ASN RA 94 19.60 33.45 -61.05
CA ASN RA 94 18.90 32.74 -62.13
C ASN RA 94 17.74 33.61 -62.63
N PRO RA 95 17.99 34.67 -63.46
CA PRO RA 95 16.89 35.53 -63.90
C PRO RA 95 15.92 34.91 -64.90
N VAL RA 96 16.38 33.90 -65.65
CA VAL RA 96 15.58 33.23 -66.68
C VAL RA 96 15.19 31.80 -66.29
N SER RA 97 13.93 31.45 -66.55
CA SER RA 97 13.37 30.13 -66.31
C SER RA 97 12.37 29.80 -67.42
N LEU RA 98 12.19 28.51 -67.70
CA LEU RA 98 11.23 28.04 -68.72
C LEU RA 98 10.03 27.35 -68.08
N SER RA 99 8.86 27.50 -68.71
CA SER RA 99 7.63 26.88 -68.23
C SER RA 99 6.84 26.34 -69.40
N ALA RA 100 6.06 25.28 -69.17
CA ALA RA 100 5.14 24.67 -70.13
C ALA RA 100 3.75 24.96 -69.59
N GLU RA 101 2.97 25.77 -70.31
CA GLU RA 101 1.67 26.22 -69.84
C GLU RA 101 0.52 25.82 -70.75
N THR RA 102 -0.69 25.81 -70.18
CA THR RA 102 -1.93 25.42 -70.86
C THR RA 102 -2.44 26.43 -71.89
N ALA RA 103 -1.94 27.68 -71.84
CA ALA RA 103 -2.33 28.77 -72.74
C ALA RA 103 -1.14 29.70 -73.02
N ASN RA 104 -1.27 30.56 -74.05
CA ASN RA 104 -0.24 31.54 -74.34
C ASN RA 104 -0.46 32.71 -73.37
N ASN RA 105 0.38 32.73 -72.34
CA ASN RA 105 0.30 33.70 -71.25
C ASN RA 105 1.33 34.83 -71.34
N SER RA 106 1.74 35.21 -72.56
CA SER RA 106 2.68 36.32 -72.81
C SER RA 106 2.05 37.60 -72.23
N ASN RA 107 2.80 38.32 -71.36
CA ASN RA 107 2.27 39.47 -70.63
C ASN RA 107 2.74 40.85 -71.07
N GLY RA 108 3.77 40.90 -71.92
CA GLY RA 108 4.35 42.14 -72.43
C GLY RA 108 4.91 43.11 -71.41
N VAL RA 109 5.36 42.60 -70.24
CA VAL RA 109 5.90 43.40 -69.13
C VAL RA 109 7.24 44.08 -69.50
N ASP RA 110 7.31 45.42 -69.36
CA ASP RA 110 8.49 46.20 -69.64
C ASP RA 110 9.51 46.06 -68.52
N ILE RA 111 10.39 45.07 -68.65
CA ILE RA 111 11.46 44.77 -67.68
C ILE RA 111 12.65 45.72 -67.72
N ASN RA 112 12.81 46.49 -68.81
CA ASN RA 112 13.94 47.40 -68.94
C ASN RA 112 13.66 48.78 -68.35
N ASN RA 113 12.39 49.12 -68.15
CA ASN RA 113 11.97 50.41 -67.58
C ASN RA 113 11.32 50.31 -66.21
N GLY RA 114 10.69 49.16 -65.92
CA GLY RA 114 10.01 48.96 -64.65
C GLY RA 114 10.17 47.58 -64.04
N SER RA 115 9.42 47.33 -62.95
CA SER RA 115 9.42 46.05 -62.23
C SER RA 115 8.40 45.07 -62.82
N GLY RA 116 8.52 43.79 -62.43
CA GLY RA 116 7.64 42.73 -62.90
C GLY RA 116 8.37 41.60 -63.61
N VAL RA 117 7.66 40.49 -63.80
CA VAL RA 117 8.20 39.32 -64.48
C VAL RA 117 7.73 39.34 -65.92
N LEU RA 118 8.66 39.25 -66.88
CA LEU RA 118 8.32 39.17 -68.30
C LEU RA 118 8.09 37.72 -68.67
N LYS RA 119 6.92 37.43 -69.24
CA LYS RA 119 6.56 36.09 -69.71
C LYS RA 119 6.35 36.21 -71.21
N VAL RA 120 7.05 35.39 -71.99
CA VAL RA 120 6.89 35.41 -73.44
C VAL RA 120 6.94 33.98 -74.00
N CYS RA 121 5.89 33.60 -74.72
CA CYS RA 121 5.79 32.27 -75.33
C CYS RA 121 6.62 32.21 -76.62
N PHE RA 122 7.43 31.14 -76.79
CA PHE RA 122 8.28 30.99 -77.98
C PHE RA 122 8.08 29.68 -78.75
N ASP RA 123 7.44 28.68 -78.11
CA ASP RA 123 7.21 27.37 -78.73
C ASP RA 123 5.86 26.78 -78.33
N ILE RA 124 5.26 26.00 -79.25
CA ILE RA 124 4.01 25.29 -79.02
C ILE RA 124 4.29 23.81 -79.26
N VAL RA 125 4.23 23.01 -78.19
CA VAL RA 125 4.52 21.58 -78.26
C VAL RA 125 3.26 20.76 -77.93
N THR RA 126 2.77 19.99 -78.92
CA THR RA 126 1.59 19.15 -78.77
C THR RA 126 2.02 17.72 -78.42
N THR RA 127 1.33 17.12 -77.43
CA THR RA 127 1.63 15.78 -76.96
C THR RA 127 0.49 14.79 -77.12
N SER RA 128 0.83 13.50 -77.00
CA SER RA 128 -0.10 12.39 -76.95
C SER RA 128 0.01 11.98 -75.47
N GLY RA 129 -0.44 10.77 -75.12
CA GLY RA 129 -0.31 10.29 -73.77
C GLY RA 129 1.10 9.80 -73.46
N THR RA 130 1.90 9.55 -74.51
CA THR RA 130 3.26 8.99 -74.42
C THR RA 130 4.43 9.91 -74.78
N GLY RA 131 4.21 10.87 -75.68
CA GLY RA 131 5.25 11.79 -76.13
C GLY RA 131 4.79 12.92 -77.02
N VAL RA 132 5.77 13.61 -77.62
CA VAL RA 132 5.53 14.76 -78.51
C VAL RA 132 5.04 14.29 -79.89
N THR RA 133 3.94 14.88 -80.37
CA THR RA 133 3.39 14.57 -81.69
C THR RA 133 3.77 15.62 -82.72
N SER RA 134 3.84 16.91 -82.29
CA SER RA 134 4.22 18.03 -83.16
C SER RA 134 4.74 19.23 -82.37
N THR RA 135 5.56 20.07 -83.03
CA THR RA 135 6.12 21.30 -82.48
C THR RA 135 5.96 22.41 -83.51
N LYS RA 136 5.47 23.56 -83.06
CA LYS RA 136 5.29 24.74 -83.89
C LYS RA 136 5.89 25.95 -83.18
N PRO RA 137 6.83 26.68 -83.81
CA PRO RA 137 7.41 27.85 -83.14
C PRO RA 137 6.49 29.07 -83.20
N ILE RA 138 6.67 30.00 -82.25
CA ILE RA 138 5.94 31.26 -82.24
C ILE RA 138 6.63 32.17 -83.25
N VAL RA 139 5.83 32.97 -83.97
CA VAL RA 139 6.29 33.92 -85.00
C VAL RA 139 7.19 35.00 -84.36
N GLN RA 140 8.29 35.35 -85.05
CA GLN RA 140 9.22 36.39 -84.62
C GLN RA 140 8.83 37.67 -85.35
N THR RA 141 8.23 38.62 -84.63
CA THR RA 141 7.72 39.89 -85.18
C THR RA 141 8.81 40.97 -85.24
N SER RA 142 8.96 41.60 -86.41
CA SER RA 142 9.89 42.69 -86.65
C SER RA 142 9.07 43.93 -87.03
N THR RA 143 9.06 44.96 -86.18
CA THR RA 143 8.31 46.20 -86.37
C THR RA 143 9.24 47.29 -86.89
N LEU RA 144 8.99 47.74 -88.13
CA LEU RA 144 9.82 48.76 -88.78
C LEU RA 144 9.00 49.94 -89.32
N ASP RA 145 9.64 51.10 -89.43
CA ASP RA 145 8.96 52.32 -89.95
C ASP RA 145 8.95 52.49 -91.49
N SER RA 146 10.11 52.38 -92.14
CA SER RA 146 10.24 52.59 -93.57
C SER RA 146 11.37 51.75 -94.11
N ILE RA 147 11.14 51.10 -95.25
CA ILE RA 147 12.11 50.20 -95.86
C ILE RA 147 12.45 50.58 -97.31
N SER RA 148 13.75 50.73 -97.59
CA SER RA 148 14.32 50.93 -98.91
C SER RA 148 15.05 49.57 -99.14
N VAL RA 149 14.49 48.73 -100.03
CA VAL RA 149 15.02 47.39 -100.37
C VAL RA 149 15.13 47.17 -101.90
N ASN RA 150 16.03 46.28 -102.33
CA ASN RA 150 16.23 45.93 -103.74
C ASN RA 150 15.29 44.78 -104.13
N ASP RA 151 15.42 43.61 -103.49
CA ASP RA 151 14.57 42.46 -103.80
C ASP RA 151 14.02 41.78 -102.55
N MET RA 152 12.82 41.17 -102.67
CA MET RA 152 12.15 40.48 -101.57
C MET RA 152 11.41 39.21 -102.06
N THR RA 153 11.49 38.12 -101.27
CA THR RA 153 10.82 36.85 -101.56
C THR RA 153 9.88 36.51 -100.39
N VAL RA 154 8.56 36.48 -100.66
CA VAL RA 154 7.50 36.21 -99.68
C VAL RA 154 6.99 34.78 -99.87
N SER RA 155 7.02 33.97 -98.80
CA SER RA 155 6.54 32.58 -98.83
C SER RA 155 5.06 32.47 -98.45
N GLY RA 156 4.56 33.41 -97.65
CA GLY RA 156 3.17 33.45 -97.20
C GLY RA 156 2.32 34.42 -97.97
N SER RA 157 1.97 35.58 -97.36
CA SER RA 157 1.14 36.62 -97.98
C SER RA 157 1.39 38.03 -97.42
N ILE RA 158 1.39 39.05 -98.30
CA ILE RA 158 1.55 40.46 -97.93
C ILE RA 158 0.15 41.04 -97.76
N ASP RA 159 -0.11 41.66 -96.61
CA ASP RA 159 -1.37 42.33 -96.34
C ASP RA 159 -1.18 43.82 -96.57
N VAL RA 160 -1.87 44.37 -97.59
CA VAL RA 160 -1.80 45.79 -97.94
C VAL RA 160 -3.13 46.49 -97.58
N PRO RA 161 -3.15 47.83 -97.37
CA PRO RA 161 -4.43 48.49 -97.03
C PRO RA 161 -5.47 48.36 -98.14
N VAL RA 162 -6.74 48.20 -97.73
CA VAL RA 162 -7.88 48.04 -98.62
C VAL RA 162 -8.94 49.08 -98.27
N GLN RA 163 -9.44 49.78 -99.30
CA GLN RA 163 -10.50 50.75 -99.19
C GLN RA 163 -11.60 50.37 -100.17
N THR RA 164 -12.87 50.50 -99.73
CA THR RA 164 -14.02 50.18 -100.57
C THR RA 164 -14.94 51.39 -100.69
N LEU RA 165 -15.63 51.50 -101.83
CA LEU RA 165 -16.55 52.60 -102.12
C LEU RA 165 -17.65 52.13 -103.05
N THR RA 166 -18.90 52.45 -102.70
CA THR RA 166 -20.07 52.18 -103.55
C THR RA 166 -20.52 53.52 -104.09
N VAL RA 167 -20.64 53.62 -105.43
CA VAL RA 167 -21.05 54.85 -106.09
C VAL RA 167 -22.37 54.64 -106.82
N GLU RA 168 -23.36 55.48 -106.50
CA GLU RA 168 -24.64 55.49 -107.20
C GLU RA 168 -24.40 56.52 -108.30
N ALA RA 169 -23.80 56.05 -109.40
CA ALA RA 169 -23.35 56.84 -110.56
C ALA RA 169 -24.45 57.64 -111.26
N GLY RA 170 -25.69 57.19 -111.15
CA GLY RA 170 -26.85 57.79 -111.79
C GLY RA 170 -27.36 56.91 -112.90
N ASN RA 171 -28.61 57.16 -113.33
CA ASN RA 171 -29.30 56.41 -114.39
C ASN RA 171 -29.49 54.92 -114.05
N GLY RA 172 -29.36 54.59 -112.76
CA GLY RA 172 -29.51 53.23 -112.25
C GLY RA 172 -28.22 52.44 -112.13
N LEU RA 173 -27.09 53.00 -112.63
CA LEU RA 173 -25.79 52.35 -112.56
C LEU RA 173 -25.17 52.45 -111.18
N GLN RA 174 -24.62 51.33 -110.69
CA GLN RA 174 -23.93 51.27 -109.41
C GLN RA 174 -22.53 50.71 -109.63
N LEU RA 175 -21.52 51.32 -108.99
CA LEU RA 175 -20.14 50.84 -109.04
C LEU RA 175 -19.72 50.47 -107.64
N GLN RA 176 -19.08 49.31 -107.48
CA GLN RA 176 -18.51 48.88 -106.22
C GLN RA 176 -17.01 48.81 -106.46
N LEU RA 177 -16.27 49.79 -105.93
CA LEU RA 177 -14.83 49.92 -106.13
C LEU RA 177 -14.05 49.40 -104.94
N THR RA 178 -13.01 48.61 -105.20
CA THR RA 178 -12.10 48.08 -104.18
C THR RA 178 -10.70 48.51 -104.59
N LYS RA 179 -10.04 49.29 -103.71
CA LYS RA 179 -8.70 49.81 -103.94
C LYS RA 179 -7.72 49.16 -102.97
N LYS RA 180 -6.62 48.63 -103.51
CA LYS RA 180 -5.58 47.98 -102.71
C LYS RA 180 -4.24 48.66 -102.94
N ASN RA 181 -3.47 48.83 -101.85
CA ASN RA 181 -2.15 49.50 -101.84
C ASN RA 181 -2.27 50.97 -102.29
N ASN RA 182 -3.51 51.51 -102.28
CA ASN RA 182 -3.84 52.89 -102.69
C ASN RA 182 -3.58 53.09 -104.20
N ASP RA 183 -3.46 51.97 -104.96
CA ASP RA 183 -3.16 52.04 -106.37
C ASP RA 183 -4.07 51.23 -107.28
N LEU RA 184 -4.11 49.90 -107.10
CA LEU RA 184 -4.93 49.03 -107.95
C LEU RA 184 -6.38 49.04 -107.54
N VAL RA 185 -7.27 49.37 -108.49
CA VAL RA 185 -8.71 49.41 -108.28
C VAL RA 185 -9.41 48.41 -109.18
N ILE RA 186 -10.35 47.64 -108.60
CA ILE RA 186 -11.22 46.74 -109.35
C ILE RA 186 -12.63 47.26 -109.14
N VAL RA 187 -13.29 47.61 -110.25
CA VAL RA 187 -14.66 48.13 -110.26
C VAL RA 187 -15.60 47.00 -110.65
N ARG RA 188 -16.64 46.78 -109.84
CA ARG RA 188 -17.67 45.77 -110.09
C ARG RA 188 -18.96 46.51 -110.41
N PHE RA 189 -19.53 46.26 -111.60
CA PHE RA 189 -20.78 46.93 -112.01
C PHE RA 189 -22.00 46.22 -111.50
N PHE RA 190 -22.98 47.02 -111.04
CA PHE RA 190 -24.29 46.55 -110.56
C PHE RA 190 -25.40 47.51 -111.00
N GLY RA 191 -26.64 47.17 -110.67
CA GLY RA 191 -27.80 47.97 -111.05
C GLY RA 191 -28.28 47.71 -112.46
N SER RA 192 -29.09 48.64 -112.98
CA SER RA 192 -29.67 48.58 -114.33
C SER RA 192 -29.78 49.99 -114.90
N VAL RA 193 -29.21 50.20 -116.11
CA VAL RA 193 -29.16 51.51 -116.76
C VAL RA 193 -30.33 51.80 -117.70
N SER RA 194 -30.83 53.05 -117.67
CA SER RA 194 -31.91 53.57 -118.50
C SER RA 194 -31.78 55.09 -118.68
N ASN RA 195 -32.38 55.63 -119.76
CA ASN RA 195 -32.44 57.07 -120.08
C ASN RA 195 -31.06 57.76 -120.14
N ILE RA 196 -30.16 57.24 -120.99
CA ILE RA 196 -28.81 57.77 -121.15
C ILE RA 196 -28.38 57.77 -122.62
N GLN RA 197 -27.52 58.72 -123.01
CA GLN RA 197 -27.00 58.80 -124.37
C GLN RA 197 -25.48 58.71 -124.35
N LYS RA 198 -24.89 58.25 -125.47
CA LYS RA 198 -23.44 58.15 -125.65
C LYS RA 198 -22.80 59.53 -125.50
N GLY RA 199 -21.71 59.60 -124.73
CA GLY RA 199 -20.99 60.84 -124.46
C GLY RA 199 -21.53 61.67 -123.32
N TRP RA 200 -22.69 61.28 -122.77
CA TRP RA 200 -23.31 62.00 -121.66
C TRP RA 200 -22.80 61.56 -120.31
N ASN RA 201 -22.65 62.55 -119.41
CA ASN RA 201 -22.23 62.40 -118.03
C ASN RA 201 -23.39 61.75 -117.29
N MET RA 202 -23.10 60.76 -116.43
CA MET RA 202 -24.12 60.08 -115.65
C MET RA 202 -24.67 61.05 -114.58
N SER RA 203 -25.99 61.01 -114.35
CA SER RA 203 -26.73 61.95 -113.49
C SER RA 203 -26.55 61.88 -111.97
N GLY RA 204 -25.76 60.95 -111.46
CA GLY RA 204 -25.59 60.79 -110.02
C GLY RA 204 -24.28 61.27 -109.42
N THR RA 205 -23.85 60.57 -108.36
CA THR RA 205 -22.66 60.86 -107.57
C THR RA 205 -21.35 60.64 -108.33
N TRP RA 206 -20.41 61.56 -108.18
CA TRP RA 206 -19.08 61.47 -108.77
C TRP RA 206 -18.20 60.63 -107.85
N VAL RA 207 -17.14 60.03 -108.41
CA VAL RA 207 -16.19 59.18 -107.67
C VAL RA 207 -15.42 60.03 -106.64
N ASP RA 208 -15.36 59.55 -105.38
CA ASP RA 208 -14.64 60.23 -104.30
C ASP RA 208 -13.17 60.39 -104.65
N ARG RA 209 -12.57 61.51 -104.24
CA ARG RA 209 -11.16 61.86 -104.48
C ARG RA 209 -10.15 60.70 -104.29
N PRO RA 210 -10.19 59.89 -103.19
CA PRO RA 210 -9.21 58.80 -103.04
C PRO RA 210 -9.25 57.68 -104.10
N PHE RA 211 -10.33 57.61 -104.90
CA PHE RA 211 -10.48 56.60 -105.94
C PHE RA 211 -10.30 57.16 -107.35
N ARG RA 212 -10.12 58.49 -107.48
CA ARG RA 212 -9.94 59.15 -108.77
C ARG RA 212 -8.60 58.82 -109.43
N PRO RA 213 -8.60 58.42 -110.72
CA PRO RA 213 -7.33 58.12 -111.40
C PRO RA 213 -6.62 59.40 -111.88
N ALA RA 214 -5.31 59.29 -112.18
CA ALA RA 214 -4.52 60.41 -112.69
C ALA RA 214 -4.90 60.73 -114.14
N ALA RA 215 -5.29 59.70 -114.91
CA ALA RA 215 -5.71 59.79 -116.30
C ALA RA 215 -7.05 59.07 -116.49
N VAL RA 216 -7.82 59.46 -117.52
CA VAL RA 216 -9.14 58.87 -117.85
C VAL RA 216 -9.04 57.34 -118.02
N GLN RA 217 -9.96 56.60 -117.38
CA GLN RA 217 -9.97 55.14 -117.44
C GLN RA 217 -11.27 54.62 -118.03
N SER RA 218 -11.16 53.88 -119.15
CA SER RA 218 -12.31 53.29 -119.85
C SER RA 218 -12.52 51.88 -119.33
N LEU RA 219 -13.69 51.63 -118.70
CA LEU RA 219 -13.99 50.32 -118.13
C LEU RA 219 -15.15 49.64 -118.84
N VAL RA 220 -14.88 48.46 -119.43
CA VAL RA 220 -15.83 47.66 -120.19
C VAL RA 220 -16.79 46.89 -119.27
N GLY RA 221 -18.08 46.94 -119.59
CA GLY RA 221 -19.13 46.24 -118.88
C GLY RA 221 -19.99 45.41 -119.83
N HIS RA 222 -20.85 44.54 -119.28
CA HIS RA 222 -21.70 43.66 -120.08
C HIS RA 222 -23.16 43.64 -119.60
N PHE RA 223 -24.11 43.64 -120.57
CA PHE RA 223 -25.54 43.60 -120.28
C PHE RA 223 -25.98 42.16 -120.04
N ALA RA 224 -26.41 41.85 -118.80
CA ALA RA 224 -26.84 40.51 -118.36
C ALA RA 224 -27.92 39.86 -119.22
N GLY RA 225 -27.60 38.67 -119.72
CA GLY RA 225 -28.47 37.88 -120.59
C GLY RA 225 -28.50 38.31 -122.04
N ARG RA 226 -27.57 39.20 -122.44
CA ARG RA 226 -27.48 39.73 -123.80
C ARG RA 226 -26.09 39.53 -124.41
N ASP RA 227 -25.94 39.80 -125.71
CA ASP RA 227 -24.67 39.72 -126.42
C ASP RA 227 -24.07 41.13 -126.58
N THR RA 228 -24.69 42.11 -125.92
CA THR RA 228 -24.31 43.52 -125.96
C THR RA 228 -23.46 43.97 -124.78
N SER RA 229 -22.62 44.98 -125.01
CA SER RA 229 -21.70 45.53 -124.01
C SER RA 229 -21.72 47.06 -124.01
N PHE RA 230 -21.03 47.65 -123.02
CA PHE RA 230 -20.90 49.11 -122.87
C PHE RA 230 -19.54 49.39 -122.25
N HIS RA 231 -19.21 50.68 -122.13
CA HIS RA 231 -18.05 51.14 -121.40
C HIS RA 231 -18.33 52.50 -120.80
N ILE RA 232 -17.69 52.78 -119.68
CA ILE RA 232 -17.81 54.05 -118.98
C ILE RA 232 -16.41 54.61 -118.80
N ASP RA 233 -16.29 55.94 -118.76
CA ASP RA 233 -15.02 56.59 -118.52
C ASP RA 233 -15.03 57.21 -117.14
N ILE RA 234 -14.07 56.83 -116.29
CA ILE RA 234 -13.91 57.47 -114.98
C ILE RA 234 -12.88 58.56 -115.25
N ASN RA 235 -13.32 59.80 -115.22
CA ASN RA 235 -12.48 60.96 -115.50
C ASN RA 235 -11.67 61.38 -114.27
N PRO RA 236 -10.46 61.99 -114.45
CA PRO RA 236 -9.68 62.42 -113.27
C PRO RA 236 -10.41 63.35 -112.28
N ASN RA 237 -11.46 64.08 -112.74
CA ASN RA 237 -12.24 64.96 -111.88
C ASN RA 237 -13.31 64.21 -111.05
N GLY RA 238 -13.47 62.91 -111.31
CA GLY RA 238 -14.43 62.06 -110.60
C GLY RA 238 -15.72 61.77 -111.36
N SER RA 239 -15.99 62.54 -112.43
CA SER RA 239 -17.18 62.35 -113.25
C SER RA 239 -17.11 61.05 -114.04
N ILE RA 240 -18.29 60.51 -114.39
CA ILE RA 240 -18.42 59.27 -115.16
C ILE RA 240 -19.18 59.56 -116.45
N THR RA 241 -18.55 59.25 -117.60
CA THR RA 241 -19.14 59.45 -118.92
C THR RA 241 -19.60 58.12 -119.51
N TRP RA 242 -20.85 58.07 -120.01
CA TRP RA 242 -21.43 56.87 -120.63
C TRP RA 242 -20.91 56.72 -122.04
N TRP RA 243 -20.39 55.54 -122.37
CA TRP RA 243 -19.90 55.27 -123.71
C TRP RA 243 -20.47 54.03 -124.39
N GLY RA 244 -21.62 53.60 -123.90
CA GLY RA 244 -22.38 52.52 -124.52
C GLY RA 244 -23.33 53.17 -125.51
N ALA RA 245 -24.25 52.38 -126.11
CA ALA RA 245 -25.25 52.95 -127.02
C ALA RA 245 -26.31 53.70 -126.23
N ASN RA 246 -27.18 54.48 -126.90
CA ASN RA 246 -28.25 55.22 -126.23
C ASN RA 246 -29.26 54.24 -125.63
N ILE RA 247 -29.69 54.51 -124.39
CA ILE RA 247 -30.63 53.63 -123.70
C ILE RA 247 -31.97 54.32 -123.44
N ASP RA 248 -33.06 53.61 -123.73
CA ASP RA 248 -34.41 54.07 -123.48
C ASP RA 248 -34.84 53.76 -122.03
N LYS RA 249 -36.08 54.10 -121.74
CA LYS RA 249 -36.78 54.00 -120.45
C LYS RA 249 -36.62 52.65 -119.80
N THR RA 250 -36.72 51.54 -120.58
CA THR RA 250 -36.56 50.18 -120.07
C THR RA 250 -35.14 49.92 -119.56
N PRO RA 251 -34.99 49.59 -118.27
CA PRO RA 251 -33.65 49.40 -117.68
C PRO RA 251 -33.05 48.08 -118.14
N ILE RA 252 -31.74 48.07 -118.36
CA ILE RA 252 -30.97 46.90 -118.74
C ILE RA 252 -29.92 46.65 -117.65
N ALA RA 253 -29.85 45.41 -117.13
CA ALA RA 253 -28.88 45.04 -116.09
C ALA RA 253 -27.45 45.25 -116.56
N THR RA 254 -26.62 45.84 -115.69
CA THR RA 254 -25.22 46.12 -115.99
C THR RA 254 -24.31 45.37 -115.02
N ARG RA 255 -23.38 44.57 -115.54
CA ARG RA 255 -22.44 43.78 -114.73
C ARG RA 255 -21.03 43.80 -115.34
N GLY RA 256 -20.03 43.37 -114.58
CA GLY RA 256 -18.64 43.33 -115.05
C GLY RA 256 -17.58 43.79 -114.09
N ASN RA 257 -16.33 43.32 -114.31
CA ASN RA 257 -15.15 43.65 -113.50
C ASN RA 257 -14.06 44.31 -114.33
N GLY RA 258 -13.81 45.59 -114.05
CA GLY RA 258 -12.81 46.41 -114.74
C GLY RA 258 -11.75 46.89 -113.79
N SER RA 259 -10.47 46.87 -114.22
CA SER RA 259 -9.34 47.29 -113.38
C SER RA 259 -8.61 48.51 -113.91
N TYR RA 260 -8.06 49.33 -112.99
CA TYR RA 260 -7.26 50.51 -113.32
C TYR RA 260 -6.27 50.85 -112.21
N PHE RA 261 -5.22 51.61 -112.59
CA PHE RA 261 -4.22 52.12 -111.66
C PHE RA 261 -4.51 53.59 -111.39
N ILE RA 262 -4.44 54.00 -110.13
CA ILE RA 262 -4.63 55.40 -109.75
C ILE RA 262 -3.36 56.18 -110.11
N LYS RA 263 -2.19 55.61 -109.77
CA LYS RA 263 -0.88 56.21 -109.96
C LYS RA 263 -0.30 55.89 -111.35
N THR SA 1 45.60 46.87 -93.76
CA THR SA 1 45.50 46.54 -92.34
C THR SA 1 44.11 45.97 -92.03
N ILE SA 2 44.06 44.83 -91.34
CA ILE SA 2 42.81 44.17 -90.93
C ILE SA 2 42.61 44.42 -89.44
N LYS SA 3 41.53 45.14 -89.09
CA LYS SA 3 41.19 45.46 -87.70
C LYS SA 3 40.04 44.57 -87.23
N ASN SA 4 40.36 43.56 -86.42
CA ASN SA 4 39.37 42.61 -85.89
C ASN SA 4 38.77 43.13 -84.58
N PHE SA 5 37.45 42.92 -84.37
CA PHE SA 5 36.78 43.42 -83.17
C PHE SA 5 36.01 42.39 -82.35
N THR SA 6 35.04 41.66 -82.94
CA THR SA 6 34.23 40.66 -82.23
C THR SA 6 35.03 39.36 -82.07
N PHE SA 7 36.19 39.44 -81.40
CA PHE SA 7 37.12 38.33 -81.18
C PHE SA 7 37.81 38.36 -79.82
N PHE SA 8 38.30 37.20 -79.37
CA PHE SA 8 39.00 37.01 -78.10
C PHE SA 8 40.42 37.59 -78.12
N SER SA 9 40.78 38.28 -77.04
CA SER SA 9 42.10 38.88 -76.84
C SER SA 9 42.89 37.98 -75.85
N PRO SA 10 43.87 37.19 -76.34
CA PRO SA 10 44.62 36.27 -75.45
C PRO SA 10 45.35 36.93 -74.28
N ASN SA 11 46.10 38.01 -74.56
CA ASN SA 11 46.86 38.75 -73.55
C ASN SA 11 46.07 39.97 -73.04
N SER SA 12 44.75 40.02 -73.34
CA SER SA 12 43.78 41.06 -72.96
C SER SA 12 44.19 42.46 -73.47
N THR SA 13 44.82 42.51 -74.67
CA THR SA 13 45.28 43.73 -75.35
C THR SA 13 45.06 43.67 -76.86
N GLU SA 14 44.93 42.45 -77.41
CA GLU SA 14 44.77 42.17 -78.84
C GLU SA 14 43.65 42.88 -79.60
N PHE SA 15 42.38 42.69 -79.18
CA PHE SA 15 41.26 43.31 -79.91
C PHE SA 15 40.36 44.25 -79.10
N PRO SA 16 40.81 45.50 -78.86
CA PRO SA 16 39.98 46.45 -78.10
C PRO SA 16 38.94 47.11 -79.02
N VAL SA 17 37.66 47.04 -78.62
CA VAL SA 17 36.56 47.61 -79.40
C VAL SA 17 36.09 48.98 -78.87
N GLY SA 18 36.22 49.99 -79.72
CA GLY SA 18 35.84 51.37 -79.40
C GLY SA 18 34.40 51.72 -79.64
N SER SA 19 34.02 52.95 -79.22
CA SER SA 19 32.67 53.51 -79.34
C SER SA 19 32.25 53.69 -80.81
N ASN SA 20 33.22 54.05 -81.67
CA ASN SA 20 32.98 54.25 -83.10
C ASN SA 20 32.85 52.91 -83.84
N ASN SA 21 33.64 51.90 -83.42
CA ASN SA 21 33.64 50.56 -84.00
C ASN SA 21 32.31 49.85 -83.71
N ASP SA 22 31.80 50.00 -82.47
CA ASP SA 22 30.50 49.46 -82.08
C ASP SA 22 29.39 50.29 -82.72
N GLY SA 23 29.61 51.61 -82.83
CA GLY SA 23 28.70 52.55 -83.45
C GLY SA 23 28.42 52.19 -84.90
N LYS SA 24 29.49 51.85 -85.65
CA LYS SA 24 29.43 51.41 -87.04
C LYS SA 24 28.78 50.03 -87.13
N LEU SA 25 29.07 49.15 -86.14
CA LEU SA 25 28.51 47.80 -86.04
C LEU SA 25 27.00 47.84 -85.88
N TYR SA 26 26.49 48.69 -84.96
CA TYR SA 26 25.06 48.84 -84.69
C TYR SA 26 24.29 49.41 -85.89
N MET SA 27 24.91 50.32 -86.66
CA MET SA 27 24.31 50.94 -87.85
C MET SA 27 24.01 49.91 -88.94
N MET SA 28 25.00 49.02 -89.21
CA MET SA 28 24.92 47.96 -90.22
C MET SA 28 23.88 46.89 -89.90
N LEU SA 29 23.67 46.61 -88.59
CA LEU SA 29 22.70 45.62 -88.11
C LEU SA 29 21.26 46.07 -88.38
N THR SA 30 20.94 47.33 -88.03
CA THR SA 30 19.60 47.90 -88.24
C THR SA 30 19.39 48.45 -89.65
N GLY SA 31 20.48 48.75 -90.35
CA GLY SA 31 20.47 49.29 -91.70
C GLY SA 31 20.13 50.77 -91.75
N MET SA 32 20.96 51.60 -91.09
CA MET SA 32 20.77 53.05 -91.02
C MET SA 32 21.99 53.85 -91.46
N ASP SA 33 21.77 55.11 -91.89
CA ASP SA 33 22.82 56.05 -92.29
C ASP SA 33 22.91 57.17 -91.24
N TYR SA 34 23.73 58.21 -91.49
CA TYR SA 34 23.87 59.34 -90.57
C TYR SA 34 22.74 60.37 -90.71
N ARG SA 35 21.77 60.10 -91.60
CA ARG SA 35 20.62 60.97 -91.86
C ARG SA 35 19.32 60.50 -91.19
N THR SA 36 19.29 59.26 -90.68
CA THR SA 36 18.14 58.69 -89.98
C THR SA 36 18.45 58.29 -88.53
N ILE SA 37 17.40 58.07 -87.72
CA ILE SA 37 17.51 57.68 -86.31
C ILE SA 37 16.72 56.42 -85.99
N ARG SA 38 16.86 55.94 -84.75
CA ARG SA 38 16.12 54.85 -84.15
C ARG SA 38 15.62 55.47 -82.85
N ARG SA 39 14.32 55.80 -82.81
CA ARG SA 39 13.69 56.49 -81.68
C ARG SA 39 12.48 55.73 -81.15
N LYS SA 40 12.36 55.64 -79.81
CA LYS SA 40 11.24 55.00 -79.15
C LYS SA 40 10.84 55.73 -77.88
N ASP SA 41 9.56 56.13 -77.80
CA ASP SA 41 8.98 56.80 -76.64
C ASP SA 41 8.39 55.74 -75.72
N TRP SA 42 9.14 55.38 -74.66
CA TRP SA 42 8.69 54.37 -73.67
C TRP SA 42 7.53 54.94 -72.88
N SER SA 43 7.60 56.25 -72.58
CA SER SA 43 6.57 57.03 -71.91
C SER SA 43 6.36 58.30 -72.74
N SER SA 44 5.09 58.60 -73.07
CA SER SA 44 4.70 59.75 -73.90
C SER SA 44 5.27 61.09 -73.41
N PRO SA 45 5.94 61.87 -74.29
CA PRO SA 45 6.50 63.16 -73.85
C PRO SA 45 5.43 64.18 -73.47
N LEU SA 46 5.71 64.97 -72.42
CA LEU SA 46 4.79 65.98 -71.90
C LEU SA 46 5.06 67.36 -72.46
N ASN SA 47 3.98 68.06 -72.86
CA ASN SA 47 4.05 69.41 -73.44
C ASN SA 47 3.46 70.43 -72.46
N THR SA 48 4.34 71.28 -71.89
CA THR SA 48 3.96 72.33 -70.94
C THR SA 48 4.38 73.66 -71.55
N ALA SA 49 3.39 74.53 -71.87
CA ALA SA 49 3.56 75.85 -72.54
C ALA SA 49 4.38 75.69 -73.84
N LEU SA 50 5.33 76.60 -74.14
CA LEU SA 50 6.17 76.51 -75.34
C LEU SA 50 7.45 75.71 -75.05
N ASN SA 51 7.28 74.51 -74.45
CA ASN SA 51 8.36 73.58 -74.07
C ASN SA 51 7.88 72.14 -74.19
N VAL SA 52 8.77 71.23 -74.62
CA VAL SA 52 8.48 69.80 -74.75
C VAL SA 52 9.48 68.96 -73.93
N GLN SA 53 8.96 68.24 -72.93
CA GLN SA 53 9.77 67.39 -72.05
C GLN SA 53 9.68 65.93 -72.47
N TYR SA 54 10.82 65.32 -72.81
CA TYR SA 54 10.90 63.92 -73.18
C TYR SA 54 11.10 63.09 -71.92
N THR SA 55 9.97 62.60 -71.35
CA THR SA 55 9.91 61.80 -70.12
C THR SA 55 10.89 60.62 -70.13
N ASN SA 56 10.78 59.74 -71.14
CA ASN SA 56 11.67 58.61 -71.38
C ASN SA 56 11.64 58.24 -72.85
N THR SA 57 12.66 58.71 -73.58
CA THR SA 57 12.82 58.47 -75.02
C THR SA 57 14.27 58.10 -75.30
N SER SA 58 14.49 56.91 -75.87
CA SER SA 58 15.80 56.42 -76.25
C SER SA 58 16.03 56.70 -77.73
N ILE SA 59 17.22 57.20 -78.11
CA ILE SA 59 17.56 57.51 -79.50
C ILE SA 59 18.93 56.95 -79.91
N ILE SA 60 18.99 56.29 -81.08
CA ILE SA 60 20.23 55.76 -81.65
C ILE SA 60 20.53 56.58 -82.91
N ALA SA 61 21.38 57.59 -82.76
CA ALA SA 61 21.79 58.48 -83.85
C ALA SA 61 23.26 58.21 -84.17
N GLY SA 62 23.53 57.83 -85.42
CA GLY SA 62 24.87 57.48 -85.90
C GLY SA 62 25.44 56.25 -85.22
N GLY SA 63 24.54 55.34 -84.84
CA GLY SA 63 24.87 54.10 -84.14
C GLY SA 63 25.22 54.29 -82.68
N ARG SA 64 24.96 55.50 -82.15
CA ARG SA 64 25.26 55.88 -80.78
C ARG SA 64 23.97 55.99 -79.96
N TYR SA 65 23.84 55.14 -78.94
CA TYR SA 65 22.69 55.07 -78.06
C TYR SA 65 22.76 56.07 -76.92
N PHE SA 66 21.63 56.73 -76.64
CA PHE SA 66 21.46 57.70 -75.56
C PHE SA 66 19.99 57.79 -75.13
N GLU SA 67 19.75 58.07 -73.84
CA GLU SA 67 18.41 58.18 -73.28
C GLU SA 67 18.09 59.59 -72.82
N LEU SA 68 16.87 60.06 -73.12
CA LEU SA 68 16.39 61.39 -72.72
C LEU SA 68 15.45 61.16 -71.55
N LEU SA 69 15.92 61.45 -70.33
CA LEU SA 69 15.13 61.24 -69.11
C LEU SA 69 14.69 62.58 -68.52
N ASN SA 70 13.42 62.97 -68.80
CA ASN SA 70 12.80 64.23 -68.39
C ASN SA 70 13.57 65.48 -68.88
N GLU SA 71 14.13 65.37 -70.10
CA GLU SA 71 14.89 66.44 -70.76
C GLU SA 71 13.93 67.35 -71.52
N THR SA 72 13.78 68.59 -71.02
CA THR SA 72 12.89 69.60 -71.60
C THR SA 72 13.65 70.49 -72.59
N VAL SA 73 13.04 70.77 -73.74
CA VAL SA 73 13.61 71.64 -74.78
C VAL SA 73 12.64 72.79 -75.14
N ALA SA 74 13.13 74.05 -75.04
CA ALA SA 74 12.37 75.27 -75.32
C ALA SA 74 11.96 75.36 -76.79
N LEU SA 75 10.76 75.92 -77.06
CA LEU SA 75 10.21 76.03 -78.41
C LEU SA 75 9.93 77.48 -78.85
N LYS SA 76 9.75 77.68 -80.17
CA LYS SA 76 9.45 78.97 -80.80
C LYS SA 76 7.94 79.09 -80.98
N GLY SA 77 7.38 80.23 -80.58
CA GLY SA 77 5.96 80.53 -80.66
C GLY SA 77 5.42 80.64 -82.08
N ASP SA 78 4.27 79.96 -82.34
CA ASP SA 78 3.56 79.90 -83.62
C ASP SA 78 4.47 79.44 -84.79
N SER SA 79 5.37 78.50 -84.50
CA SER SA 79 6.33 77.99 -85.49
C SER SA 79 6.42 76.46 -85.51
N VAL SA 80 6.93 75.93 -86.62
CA VAL SA 80 7.13 74.49 -86.83
C VAL SA 80 8.58 74.20 -86.40
N ASN SA 81 8.75 73.70 -85.16
CA ASN SA 81 10.05 73.41 -84.56
C ASN SA 81 10.57 72.02 -84.91
N TYR SA 82 11.79 71.97 -85.47
CA TYR SA 82 12.49 70.76 -85.87
C TYR SA 82 13.51 70.39 -84.79
N ILE SA 83 13.16 69.41 -83.94
CA ILE SA 83 14.00 68.97 -82.82
C ILE SA 83 15.15 68.10 -83.33
N HIS SA 84 16.39 68.52 -83.07
CA HIS SA 84 17.59 67.82 -83.50
C HIS SA 84 18.41 67.23 -82.37
N ALA SA 85 19.06 66.10 -82.64
CA ALA SA 85 19.97 65.41 -81.73
C ALA SA 85 21.37 65.76 -82.24
N ASN SA 86 22.13 66.54 -81.45
CA ASN SA 86 23.46 67.01 -81.83
C ASN SA 86 24.57 66.27 -81.10
N ILE SA 87 25.43 65.57 -81.86
CA ILE SA 87 26.55 64.80 -81.30
C ILE SA 87 27.89 65.43 -81.67
N ASP SA 88 28.65 65.84 -80.65
CA ASP SA 88 29.98 66.42 -80.79
C ASP SA 88 30.91 65.64 -79.87
N LEU SA 89 31.73 64.75 -80.47
CA LEU SA 89 32.67 63.87 -79.77
C LEU SA 89 33.77 64.60 -79.01
N THR SA 90 34.12 65.83 -79.43
CA THR SA 90 35.13 66.68 -78.79
C THR SA 90 34.65 67.12 -77.41
N GLN SA 91 33.33 67.32 -77.25
CA GLN SA 91 32.69 67.67 -75.98
C GLN SA 91 32.57 66.37 -75.18
N THR SA 92 33.71 65.91 -74.63
CA THR SA 92 33.84 64.66 -73.90
C THR SA 92 32.94 64.50 -72.66
N ALA SA 93 32.63 65.62 -71.97
CA ALA SA 93 31.78 65.63 -70.79
C ALA SA 93 30.32 65.36 -71.15
N ASN SA 94 29.79 66.08 -72.17
CA ASN SA 94 28.42 65.93 -72.67
C ASN SA 94 28.38 65.96 -74.20
N PRO SA 95 28.52 64.79 -74.86
CA PRO SA 95 28.53 64.77 -76.35
C PRO SA 95 27.18 65.04 -76.99
N VAL SA 96 26.08 64.54 -76.39
CA VAL SA 96 24.73 64.74 -76.93
C VAL SA 96 24.04 65.97 -76.33
N SER SA 97 23.50 66.81 -77.21
CA SER SA 97 22.75 68.02 -76.89
C SER SA 97 21.54 68.12 -77.81
N LEU SA 98 20.43 68.66 -77.30
CA LEU SA 98 19.20 68.80 -78.08
C LEU SA 98 18.97 70.26 -78.46
N SER SA 99 18.31 70.47 -79.62
CA SER SA 99 18.01 71.81 -80.13
C SER SA 99 16.75 71.84 -80.99
N ALA SA 100 15.86 72.81 -80.71
CA ALA SA 100 14.65 73.03 -81.48
C ALA SA 100 15.02 74.10 -82.53
N GLU SA 101 14.91 73.74 -83.82
CA GLU SA 101 15.30 74.62 -84.91
C GLU SA 101 14.19 75.00 -85.88
N THR SA 102 14.47 76.04 -86.70
CA THR SA 102 13.57 76.61 -87.72
C THR SA 102 13.27 75.63 -88.86
N ALA SA 103 14.30 74.89 -89.33
CA ALA SA 103 14.17 73.92 -90.43
C ALA SA 103 14.93 72.61 -90.15
N ASN SA 104 14.69 71.56 -90.96
CA ASN SA 104 15.36 70.27 -90.84
C ASN SA 104 16.82 70.43 -91.33
N ASN SA 105 17.71 70.71 -90.38
CA ASN SA 105 19.13 70.95 -90.62
C ASN SA 105 20.01 69.69 -90.42
N SER SA 106 19.52 68.52 -90.87
CA SER SA 106 20.24 67.24 -90.78
C SER SA 106 21.43 67.26 -91.74
N ASN SA 107 22.65 67.08 -91.22
CA ASN SA 107 23.89 67.13 -92.01
C ASN SA 107 24.40 65.79 -92.52
N GLY SA 108 24.30 64.75 -91.69
CA GLY SA 108 24.77 63.41 -92.04
C GLY SA 108 26.27 63.26 -91.96
N VAL SA 109 26.90 63.94 -90.99
CA VAL SA 109 28.35 63.94 -90.73
C VAL SA 109 28.79 62.56 -90.21
N ASP SA 110 29.82 61.97 -90.86
CA ASP SA 110 30.36 60.67 -90.46
C ASP SA 110 31.27 60.85 -89.24
N ILE SA 111 30.65 60.82 -88.04
CA ILE SA 111 31.33 60.97 -86.74
C ILE SA 111 32.17 59.76 -86.35
N ASN SA 112 31.77 58.56 -86.79
CA ASN SA 112 32.47 57.31 -86.48
C ASN SA 112 33.80 57.15 -87.22
N ASN SA 113 33.87 57.59 -88.49
CA ASN SA 113 35.10 57.49 -89.30
C ASN SA 113 35.92 58.79 -89.29
N GLY SA 114 35.24 59.93 -89.39
CA GLY SA 114 35.87 61.24 -89.40
C GLY SA 114 35.48 62.14 -88.25
N SER SA 115 35.77 63.45 -88.38
CA SER SA 115 35.47 64.48 -87.40
C SER SA 115 34.18 65.24 -87.75
N GLY SA 116 33.82 66.20 -86.91
CA GLY SA 116 32.64 67.04 -87.12
C GLY SA 116 31.51 66.83 -86.12
N VAL SA 117 30.45 67.64 -86.26
CA VAL SA 117 29.25 67.58 -85.40
C VAL SA 117 28.10 67.00 -86.20
N LEU SA 118 27.51 65.90 -85.71
CA LEU SA 118 26.37 65.25 -86.37
C LEU SA 118 25.05 65.83 -85.90
N LYS SA 119 24.24 66.30 -86.86
CA LYS SA 119 22.91 66.86 -86.62
C LYS SA 119 21.90 65.97 -87.33
N VAL SA 120 20.82 65.61 -86.62
CA VAL SA 120 19.75 64.76 -87.17
C VAL SA 120 18.41 64.99 -86.47
N CYS SA 121 17.39 65.38 -87.26
CA CYS SA 121 16.04 65.64 -86.77
C CYS SA 121 15.29 64.34 -86.50
N PHE SA 122 14.56 64.29 -85.39
CA PHE SA 122 13.78 63.11 -84.98
C PHE SA 122 12.31 63.42 -84.70
N ASP SA 123 12.01 64.68 -84.30
CA ASP SA 123 10.65 65.12 -83.98
C ASP SA 123 10.34 66.49 -84.59
N ILE SA 124 9.09 66.67 -85.06
CA ILE SA 124 8.58 67.92 -85.63
C ILE SA 124 7.44 68.41 -84.75
N VAL SA 125 7.68 69.47 -83.98
CA VAL SA 125 6.73 70.05 -83.05
C VAL SA 125 6.11 71.35 -83.60
N THR SA 126 4.80 71.31 -83.90
CA THR SA 126 4.06 72.47 -84.40
C THR SA 126 3.43 73.16 -83.18
N THR SA 127 3.72 74.45 -83.01
CA THR SA 127 3.25 75.23 -81.85
C THR SA 127 2.32 76.40 -82.21
N SER SA 128 1.67 76.96 -81.18
CA SER SA 128 0.79 78.12 -81.23
C SER SA 128 1.44 79.24 -80.40
N GLY SA 129 0.64 80.24 -80.01
CA GLY SA 129 1.12 81.35 -79.18
C GLY SA 129 1.29 80.96 -77.74
N THR SA 130 0.44 80.03 -77.25
CA THR SA 130 0.43 79.55 -75.88
C THR SA 130 1.24 78.26 -75.69
N GLY SA 131 0.87 77.20 -76.42
CA GLY SA 131 1.53 75.90 -76.32
C GLY SA 131 1.73 75.16 -77.63
N VAL SA 132 1.69 73.82 -77.56
CA VAL SA 132 1.88 72.89 -78.68
C VAL SA 132 0.52 72.51 -79.30
N THR SA 133 0.43 72.51 -80.64
CA THR SA 133 -0.77 72.13 -81.38
C THR SA 133 -0.73 70.68 -81.85
N SER SA 134 0.36 70.28 -82.54
CA SER SA 134 0.56 68.92 -83.08
C SER SA 134 2.02 68.50 -83.10
N THR SA 135 2.28 67.18 -83.00
CA THR SA 135 3.62 66.59 -83.01
C THR SA 135 3.68 65.42 -84.00
N LYS SA 136 4.64 65.48 -84.94
CA LYS SA 136 4.87 64.45 -85.96
C LYS SA 136 6.34 63.98 -85.92
N PRO SA 137 6.62 62.70 -85.61
CA PRO SA 137 8.02 62.25 -85.58
C PRO SA 137 8.60 61.93 -86.97
N ILE SA 138 9.93 62.07 -87.10
CA ILE SA 138 10.68 61.78 -88.34
C ILE SA 138 10.68 60.26 -88.61
N VAL SA 139 10.58 59.89 -89.90
CA VAL SA 139 10.57 58.50 -90.36
C VAL SA 139 11.91 57.77 -90.07
N GLN SA 140 11.84 56.47 -89.74
CA GLN SA 140 13.01 55.66 -89.43
C GLN SA 140 13.37 54.74 -90.60
N THR SA 141 14.28 55.22 -91.47
CA THR SA 141 14.73 54.53 -92.68
C THR SA 141 15.56 53.28 -92.40
N SER SA 142 15.11 52.12 -92.93
CA SER SA 142 15.78 50.84 -92.80
C SER SA 142 16.25 50.38 -94.19
N THR SA 143 17.48 50.79 -94.56
CA THR SA 143 18.09 50.48 -95.85
C THR SA 143 18.60 49.03 -95.85
N LEU SA 144 18.02 48.19 -96.72
CA LEU SA 144 18.35 46.76 -96.84
C LEU SA 144 18.64 46.34 -98.29
N ASP SA 145 19.36 45.21 -98.47
CA ASP SA 145 19.73 44.67 -99.78
C ASP SA 145 18.72 43.61 -100.26
N SER SA 146 18.56 42.51 -99.50
CA SER SA 146 17.64 41.43 -99.87
C SER SA 146 16.86 40.93 -98.64
N ILE SA 147 15.55 40.69 -98.82
CA ILE SA 147 14.66 40.23 -97.75
C ILE SA 147 14.07 38.84 -98.05
N SER SA 148 14.17 37.94 -97.06
CA SER SA 148 13.62 36.59 -97.10
C SER SA 148 12.59 36.48 -95.97
N VAL SA 149 11.36 36.95 -96.24
CA VAL SA 149 10.26 36.99 -95.27
C VAL SA 149 9.13 35.99 -95.58
N ASN SA 150 8.35 35.62 -94.54
CA ASN SA 150 7.20 34.73 -94.66
C ASN SA 150 5.92 35.55 -94.82
N ASP SA 151 5.62 36.46 -93.86
CA ASP SA 151 4.43 37.31 -93.90
C ASP SA 151 4.72 38.81 -93.68
N MET SA 152 3.81 39.68 -94.14
CA MET SA 152 3.95 41.13 -94.04
C MET SA 152 2.59 41.84 -93.92
N THR SA 153 2.55 42.93 -93.11
CA THR SA 153 1.37 43.78 -92.93
C THR SA 153 1.81 45.24 -93.10
N VAL SA 154 1.24 45.91 -94.12
CA VAL SA 154 1.55 47.30 -94.48
C VAL SA 154 0.39 48.24 -94.10
N SER SA 155 0.71 49.36 -93.43
CA SER SA 155 -0.28 50.37 -93.02
C SER SA 155 -0.37 51.56 -93.99
N GLY SA 156 0.64 51.71 -94.85
CA GLY SA 156 0.71 52.77 -95.85
C GLY SA 156 0.69 52.25 -97.27
N SER SA 157 1.84 52.26 -97.96
CA SER SA 157 1.97 51.80 -99.35
C SER SA 157 3.36 51.27 -99.72
N ILE SA 158 3.41 50.39 -100.74
CA ILE SA 158 4.65 49.80 -101.27
C ILE SA 158 4.91 50.38 -102.67
N ASP SA 159 6.11 50.96 -102.87
CA ASP SA 159 6.50 51.51 -104.16
C ASP SA 159 7.20 50.41 -104.97
N VAL SA 160 6.59 50.04 -106.10
CA VAL SA 160 7.09 49.00 -107.01
C VAL SA 160 7.59 49.61 -108.34
N PRO SA 161 8.60 49.00 -109.04
CA PRO SA 161 9.08 49.60 -110.29
C PRO SA 161 8.03 49.63 -111.40
N VAL SA 162 7.67 50.85 -111.85
CA VAL SA 162 6.67 51.11 -112.88
C VAL SA 162 7.33 51.45 -114.22
N GLN SA 163 6.93 50.74 -115.28
CA GLN SA 163 7.41 50.93 -116.66
C GLN SA 163 6.22 51.18 -117.58
N THR SA 164 6.31 52.22 -118.43
CA THR SA 164 5.25 52.59 -119.37
C THR SA 164 5.70 52.52 -120.83
N LEU SA 165 4.77 52.10 -121.70
CA LEU SA 165 5.01 51.93 -123.14
C LEU SA 165 3.76 52.24 -123.96
N THR SA 166 3.92 52.95 -125.08
CA THR SA 166 2.83 53.29 -126.00
C THR SA 166 3.14 52.67 -127.37
N VAL SA 167 2.41 51.60 -127.71
CA VAL SA 167 2.59 50.86 -128.96
C VAL SA 167 1.51 51.23 -129.98
N GLU SA 168 1.95 51.66 -131.18
CA GLU SA 168 1.06 52.00 -132.29
C GLU SA 168 0.87 50.69 -133.08
N ALA SA 169 -0.05 49.84 -132.58
CA ALA SA 169 -0.40 48.52 -133.09
C ALA SA 169 -0.64 48.45 -134.61
N GLY SA 170 -1.25 49.50 -135.16
CA GLY SA 170 -1.56 49.59 -136.58
C GLY SA 170 -3.04 49.57 -136.85
N ASN SA 171 -3.42 49.82 -138.13
CA ASN SA 171 -4.81 49.89 -138.62
C ASN SA 171 -5.66 50.97 -137.93
N GLY SA 172 -5.05 51.70 -136.99
CA GLY SA 172 -5.69 52.78 -136.23
C GLY SA 172 -5.81 52.49 -134.74
N LEU SA 173 -4.98 51.56 -134.21
CA LEU SA 173 -4.98 51.17 -132.80
C LEU SA 173 -3.75 51.67 -132.04
N GLN SA 174 -3.99 52.14 -130.80
CA GLN SA 174 -2.98 52.63 -129.87
C GLN SA 174 -3.15 51.87 -128.54
N LEU SA 175 -2.03 51.37 -127.98
CA LEU SA 175 -2.05 50.62 -126.72
C LEU SA 175 -1.16 51.27 -125.67
N GLN SA 176 -1.76 51.69 -124.53
CA GLN SA 176 -1.04 52.32 -123.42
C GLN SA 176 -0.84 51.29 -122.30
N LEU SA 177 0.38 50.71 -122.26
CA LEU SA 177 0.76 49.68 -121.29
C LEU SA 177 1.40 50.28 -120.03
N THR SA 178 1.03 49.75 -118.85
CA THR SA 178 1.57 50.19 -117.56
C THR SA 178 1.98 48.95 -116.74
N LYS SA 179 3.27 48.59 -116.84
CA LYS SA 179 3.87 47.43 -116.15
C LYS SA 179 4.33 47.82 -114.75
N LYS SA 180 3.90 47.07 -113.73
CA LYS SA 180 4.26 47.31 -112.32
C LYS SA 180 4.85 46.03 -111.72
N ASN SA 181 6.03 46.17 -111.05
CA ASN SA 181 6.79 45.09 -110.41
C ASN SA 181 7.28 44.03 -111.45
N ASN SA 182 7.31 44.44 -112.74
CA ASN SA 182 7.70 43.63 -113.90
C ASN SA 182 6.77 42.39 -114.09
N ASP SA 183 5.51 42.50 -113.64
CA ASP SA 183 4.53 41.42 -113.70
C ASP SA 183 3.14 41.85 -114.20
N LEU SA 184 2.36 42.58 -113.37
CA LEU SA 184 1.01 43.04 -113.72
C LEU SA 184 1.06 44.23 -114.68
N VAL SA 185 0.33 44.12 -115.82
CA VAL SA 185 0.25 45.16 -116.85
C VAL SA 185 -1.21 45.46 -117.21
N ILE SA 186 -1.62 46.73 -117.12
CA ILE SA 186 -2.97 47.17 -117.50
C ILE SA 186 -2.83 47.95 -118.82
N VAL SA 187 -3.44 47.42 -119.90
CA VAL SA 187 -3.38 48.00 -121.24
C VAL SA 187 -4.66 48.82 -121.52
N ARG SA 188 -4.47 50.06 -121.98
CA ARG SA 188 -5.56 50.99 -122.31
C ARG SA 188 -5.69 51.14 -123.83
N PHE SA 189 -6.92 50.97 -124.37
CA PHE SA 189 -7.20 51.07 -125.80
C PHE SA 189 -7.48 52.51 -126.22
N PHE SA 190 -6.82 52.95 -127.31
CA PHE SA 190 -6.98 54.29 -127.89
C PHE SA 190 -6.94 54.28 -129.42
N GLY SA 191 -7.49 55.32 -130.03
CA GLY SA 191 -7.55 55.48 -131.47
C GLY SA 191 -8.83 54.98 -132.10
N SER SA 192 -8.83 54.86 -133.45
CA SER SA 192 -9.97 54.39 -134.24
C SER SA 192 -9.52 53.41 -135.32
N VAL SA 193 -9.81 52.11 -135.13
CA VAL SA 193 -9.42 51.01 -136.02
C VAL SA 193 -10.25 50.99 -137.32
N SER SA 194 -9.55 50.83 -138.47
CA SER SA 194 -10.14 50.76 -139.81
C SER SA 194 -9.36 49.79 -140.71
N ASN SA 195 -10.09 49.07 -141.59
CA ASN SA 195 -9.58 48.09 -142.56
C ASN SA 195 -8.80 46.91 -141.93
N ILE SA 196 -9.53 45.98 -141.29
CA ILE SA 196 -8.96 44.79 -140.64
C ILE SA 196 -9.94 43.60 -140.65
N GLN SA 197 -9.42 42.37 -140.76
CA GLN SA 197 -10.19 41.12 -140.78
C GLN SA 197 -9.91 40.28 -139.53
N LYS SA 198 -10.83 39.35 -139.20
CA LYS SA 198 -10.72 38.44 -138.06
C LYS SA 198 -9.60 37.41 -138.23
N GLY SA 199 -8.77 37.26 -137.20
CA GLY SA 199 -7.64 36.33 -137.19
C GLY SA 199 -6.38 36.86 -137.86
N TRP SA 200 -6.45 38.08 -138.43
CA TRP SA 200 -5.34 38.75 -139.12
C TRP SA 200 -4.47 39.55 -138.17
N ASN SA 201 -3.15 39.60 -138.45
CA ASN SA 201 -2.15 40.32 -137.66
C ASN SA 201 -2.26 41.83 -137.85
N MET SA 202 -1.64 42.61 -136.93
CA MET SA 202 -1.65 44.07 -136.94
C MET SA 202 -0.51 44.63 -137.79
N SER SA 203 -0.84 45.59 -138.68
CA SER SA 203 0.06 46.23 -139.64
C SER SA 203 1.23 47.02 -139.05
N GLY SA 204 0.99 47.78 -137.98
CA GLY SA 204 1.98 48.63 -137.34
C GLY SA 204 3.01 47.96 -136.45
N THR SA 205 3.47 48.70 -135.43
CA THR SA 205 4.49 48.32 -134.45
C THR SA 205 4.12 47.10 -133.59
N TRP SA 206 5.15 46.30 -133.22
CA TRP SA 206 5.05 45.11 -132.38
C TRP SA 206 5.36 45.47 -130.91
N VAL SA 207 4.90 44.62 -129.96
CA VAL SA 207 5.11 44.79 -128.52
C VAL SA 207 6.60 44.51 -128.18
N ASP SA 208 7.23 45.44 -127.44
CA ASP SA 208 8.63 45.35 -127.00
C ASP SA 208 8.86 44.16 -126.05
N ARG SA 209 10.09 43.60 -126.05
CA ARG SA 209 10.51 42.46 -125.24
C ARG SA 209 10.19 42.54 -123.72
N PRO SA 210 10.40 43.68 -122.98
CA PRO SA 210 10.06 43.69 -121.55
C PRO SA 210 8.57 43.61 -121.23
N PHE SA 211 7.71 43.94 -122.22
CA PHE SA 211 6.25 43.93 -122.08
C PHE SA 211 5.59 42.66 -122.67
N ARG SA 212 6.39 41.77 -123.29
CA ARG SA 212 5.90 40.52 -123.89
C ARG SA 212 5.51 39.49 -122.83
N PRO SA 213 4.27 38.94 -122.86
CA PRO SA 213 3.88 37.93 -121.86
C PRO SA 213 4.43 36.54 -122.17
N ALA SA 214 4.35 35.62 -121.19
CA ALA SA 214 4.81 34.23 -121.34
C ALA SA 214 3.90 33.43 -122.28
N ALA SA 215 2.57 33.69 -122.22
CA ALA SA 215 1.57 33.04 -123.04
C ALA SA 215 0.66 34.09 -123.71
N VAL SA 216 -0.08 33.67 -124.77
CA VAL SA 216 -1.00 34.54 -125.51
C VAL SA 216 -2.17 35.04 -124.64
N GLN SA 217 -2.19 36.36 -124.37
CA GLN SA 217 -3.21 37.00 -123.53
C GLN SA 217 -4.30 37.63 -124.39
N SER SA 218 -5.55 37.19 -124.20
CA SER SA 218 -6.71 37.71 -124.91
C SER SA 218 -7.28 38.89 -124.13
N LEU SA 219 -7.06 40.12 -124.63
CA LEU SA 219 -7.52 41.35 -123.97
C LEU SA 219 -8.74 41.97 -124.65
N VAL SA 220 -9.86 42.03 -123.91
CA VAL SA 220 -11.16 42.54 -124.37
C VAL SA 220 -11.22 44.08 -124.36
N GLY SA 221 -11.75 44.64 -125.44
CA GLY SA 221 -11.97 46.07 -125.64
C GLY SA 221 -13.42 46.39 -125.99
N HIS SA 222 -13.71 47.66 -126.31
CA HIS SA 222 -15.06 48.12 -126.65
C HIS SA 222 -15.07 49.29 -127.64
N PHE SA 223 -16.08 49.34 -128.53
CA PHE SA 223 -16.25 50.42 -129.51
C PHE SA 223 -17.12 51.53 -128.90
N ALA SA 224 -16.53 52.73 -128.70
CA ALA SA 224 -17.18 53.90 -128.10
C ALA SA 224 -18.50 54.31 -128.77
N GLY SA 225 -19.53 54.47 -127.95
CA GLY SA 225 -20.87 54.85 -128.38
C GLY SA 225 -21.66 53.75 -129.07
N ARG SA 226 -21.25 52.49 -128.88
CA ARG SA 226 -21.89 51.32 -129.49
C ARG SA 226 -22.13 50.21 -128.46
N ASP SA 227 -22.86 49.16 -128.86
CA ASP SA 227 -23.11 47.98 -128.01
C ASP SA 227 -22.32 46.76 -128.51
N THR SA 228 -21.33 47.03 -129.38
CA THR SA 228 -20.43 46.05 -130.00
C THR SA 228 -19.05 46.12 -129.33
N SER SA 229 -18.40 44.95 -129.17
CA SER SA 229 -17.08 44.84 -128.54
C SER SA 229 -16.06 44.11 -129.41
N PHE SA 230 -14.80 44.02 -128.94
CA PHE SA 230 -13.69 43.34 -129.64
C PHE SA 230 -12.68 42.78 -128.64
N HIS SA 231 -11.74 41.95 -129.13
CA HIS SA 231 -10.65 41.39 -128.32
C HIS SA 231 -9.39 41.15 -129.16
N ILE SA 232 -8.23 41.49 -128.59
CA ILE SA 232 -6.92 41.33 -129.25
C ILE SA 232 -6.05 40.28 -128.56
N ASP SA 233 -5.26 39.54 -129.35
CA ASP SA 233 -4.36 38.50 -128.85
C ASP SA 233 -2.90 38.94 -128.92
N ILE SA 234 -2.30 39.26 -127.74
CA ILE SA 234 -0.90 39.66 -127.65
C ILE SA 234 -0.07 38.38 -127.42
N ASN SA 235 0.45 37.83 -128.53
CA ASN SA 235 1.25 36.60 -128.58
C ASN SA 235 2.62 36.80 -127.89
N PRO SA 236 3.29 35.71 -127.38
CA PRO SA 236 4.58 35.90 -126.71
C PRO SA 236 5.73 36.48 -127.54
N ASN SA 237 5.65 36.40 -128.89
CA ASN SA 237 6.67 36.93 -129.80
C ASN SA 237 6.55 38.45 -130.04
N GLY SA 238 5.53 39.07 -129.45
CA GLY SA 238 5.27 40.50 -129.58
C GLY SA 238 4.17 40.88 -130.54
N SER SA 239 3.76 39.92 -131.40
CA SER SA 239 2.71 40.11 -132.41
C SER SA 239 1.32 40.29 -131.81
N ILE SA 240 0.53 41.19 -132.41
CA ILE SA 240 -0.84 41.48 -131.99
C ILE SA 240 -1.78 40.95 -133.07
N THR SA 241 -2.72 40.06 -132.69
CA THR SA 241 -3.66 39.44 -133.61
C THR SA 241 -5.09 39.91 -133.30
N TRP SA 242 -5.75 40.52 -134.30
CA TRP SA 242 -7.13 41.01 -134.18
C TRP SA 242 -8.09 39.81 -134.16
N TRP SA 243 -9.08 39.86 -133.26
CA TRP SA 243 -10.08 38.80 -133.12
C TRP SA 243 -11.52 39.30 -132.90
N GLY SA 244 -11.80 40.49 -133.42
CA GLY SA 244 -13.13 41.10 -133.36
C GLY SA 244 -13.85 40.95 -134.69
N ALA SA 245 -14.83 41.84 -134.96
CA ALA SA 245 -15.58 41.84 -136.22
C ALA SA 245 -14.73 42.47 -137.32
N ASN SA 246 -14.95 42.13 -138.60
CA ASN SA 246 -14.18 42.73 -139.71
C ASN SA 246 -14.55 44.19 -139.85
N ILE SA 247 -13.53 45.06 -139.92
CA ILE SA 247 -13.73 46.49 -140.01
C ILE SA 247 -13.42 47.01 -141.41
N ASP SA 248 -14.32 47.84 -141.93
CA ASP SA 248 -14.21 48.47 -143.24
C ASP SA 248 -13.58 49.86 -143.14
N LYS SA 249 -13.34 50.47 -144.30
CA LYS SA 249 -12.67 51.77 -144.41
C LYS SA 249 -12.97 52.75 -143.27
N THR SA 250 -14.26 52.87 -142.86
CA THR SA 250 -14.72 53.74 -141.76
C THR SA 250 -14.10 53.37 -140.40
N PRO SA 251 -13.45 54.36 -139.74
CA PRO SA 251 -12.79 54.08 -138.46
C PRO SA 251 -13.73 54.28 -137.28
N ILE SA 252 -13.75 53.31 -136.36
CA ILE SA 252 -14.58 53.32 -135.16
C ILE SA 252 -13.65 53.43 -133.93
N ALA SA 253 -13.94 54.39 -133.02
CA ALA SA 253 -13.16 54.63 -131.81
C ALA SA 253 -13.12 53.39 -130.90
N THR SA 254 -11.91 53.03 -130.45
CA THR SA 254 -11.67 51.87 -129.59
C THR SA 254 -11.14 52.30 -128.23
N ARG SA 255 -11.89 51.93 -127.17
CA ARG SA 255 -11.58 52.26 -125.77
C ARG SA 255 -11.73 51.01 -124.89
N GLY SA 256 -11.11 51.01 -123.71
CA GLY SA 256 -11.18 49.91 -122.76
C GLY SA 256 -9.89 49.63 -122.01
N ASN SA 257 -10.00 48.83 -120.94
CA ASN SA 257 -8.87 48.43 -120.11
C ASN SA 257 -8.81 46.92 -119.93
N GLY SA 258 -7.63 46.34 -120.17
CA GLY SA 258 -7.38 44.91 -120.07
C GLY SA 258 -6.10 44.60 -119.32
N SER SA 259 -6.20 43.80 -118.24
CA SER SA 259 -5.06 43.41 -117.41
C SER SA 259 -4.59 41.97 -117.63
N TYR SA 260 -3.25 41.76 -117.53
CA TYR SA 260 -2.60 40.44 -117.70
C TYR SA 260 -1.29 40.34 -116.89
N PHE SA 261 -0.83 39.09 -116.63
CA PHE SA 261 0.43 38.81 -115.94
C PHE SA 261 1.51 38.40 -116.94
N ILE SA 262 2.76 38.86 -116.73
CA ILE SA 262 3.88 38.50 -117.60
C ILE SA 262 4.47 37.14 -117.18
N LYS SA 263 4.84 37.02 -115.88
CA LYS SA 263 5.43 35.81 -115.30
C LYS SA 263 4.41 34.68 -115.16
N THR TA 1 20.57 23.35 -68.86
CA THR TA 1 21.23 24.51 -68.27
C THR TA 1 20.94 25.78 -69.09
N ILE TA 2 20.68 26.90 -68.39
CA ILE TA 2 20.40 28.19 -69.04
C ILE TA 2 21.58 29.13 -68.84
N LYS TA 3 22.22 29.54 -69.94
CA LYS TA 3 23.35 30.48 -69.91
C LYS TA 3 22.84 31.88 -70.19
N ASN TA 4 22.81 32.71 -69.14
CA ASN TA 4 22.34 34.10 -69.19
C ASN TA 4 23.50 35.02 -69.58
N PHE TA 5 23.21 36.05 -70.41
CA PHE TA 5 24.26 36.97 -70.87
C PHE TA 5 24.00 38.46 -70.64
N THR TA 6 22.84 38.97 -71.11
CA THR TA 6 22.46 40.39 -70.96
C THR TA 6 21.90 40.62 -69.54
N PHE TA 7 22.68 40.28 -68.50
CA PHE TA 7 22.29 40.38 -67.08
C PHE TA 7 23.49 40.79 -66.19
N PHE TA 8 23.30 40.80 -64.84
CA PHE TA 8 24.34 41.25 -63.91
C PHE TA 8 25.13 40.26 -63.15
N SER TA 9 26.39 40.62 -62.95
CA SER TA 9 27.35 39.89 -62.16
C SER TA 9 27.68 40.82 -60.98
N PRO TA 10 26.87 40.83 -59.88
CA PRO TA 10 27.19 41.68 -58.72
C PRO TA 10 28.58 41.41 -58.15
N ASN TA 11 29.02 40.13 -58.18
CA ASN TA 11 30.34 39.69 -57.72
C ASN TA 11 31.35 39.71 -58.90
N SER TA 12 30.94 40.30 -60.05
CA SER TA 12 31.70 40.48 -61.29
C SER TA 12 32.22 39.20 -61.94
N THR TA 13 31.52 38.06 -61.73
CA THR TA 13 31.90 36.75 -62.28
C THR TA 13 30.71 35.95 -62.82
N GLU TA 14 29.49 36.24 -62.34
CA GLU TA 14 28.23 35.55 -62.68
C GLU TA 14 27.90 35.38 -64.16
N PHE TA 15 27.76 36.48 -64.93
CA PHE TA 15 27.40 36.37 -66.34
C PHE TA 15 28.39 36.98 -67.35
N PRO TA 16 29.50 36.28 -67.66
CA PRO TA 16 30.45 36.81 -68.65
C PRO TA 16 30.00 36.48 -70.07
N VAL TA 17 30.07 37.47 -70.96
CA VAL TA 17 29.67 37.31 -72.37
C VAL TA 17 30.87 37.36 -73.33
N GLY TA 18 31.06 36.26 -74.06
CA GLY TA 18 32.15 36.09 -75.01
C GLY TA 18 31.86 36.52 -76.43
N SER TA 19 32.89 36.45 -77.30
CA SER TA 19 32.87 36.81 -78.72
C SER TA 19 31.84 36.00 -79.52
N ASN TA 20 31.74 34.69 -79.26
CA ASN TA 20 30.80 33.78 -79.91
C ASN TA 20 29.37 34.02 -79.44
N ASN TA 21 29.19 34.37 -78.15
CA ASN TA 21 27.89 34.65 -77.52
C ASN TA 21 27.28 35.93 -78.08
N ASP TA 22 28.11 36.96 -78.29
CA ASP TA 22 27.68 38.22 -78.90
C ASP TA 22 27.51 38.05 -80.40
N GLY TA 23 28.36 37.21 -81.00
CA GLY TA 23 28.34 36.88 -82.43
C GLY TA 23 27.02 36.26 -82.85
N LYS TA 24 26.49 35.32 -82.02
CA LYS TA 24 25.20 34.68 -82.23
C LYS TA 24 24.05 35.66 -81.99
N LEU TA 25 24.25 36.63 -81.05
CA LEU TA 25 23.29 37.68 -80.73
C LEU TA 25 23.11 38.60 -81.95
N TYR TA 26 24.23 39.12 -82.51
CA TYR TA 26 24.23 40.02 -83.67
C TYR TA 26 23.58 39.42 -84.91
N MET TA 27 23.80 38.11 -85.14
CA MET TA 27 23.22 37.34 -86.26
C MET TA 27 21.70 37.30 -86.22
N MET TA 28 21.15 37.11 -85.00
CA MET TA 28 19.72 37.06 -84.73
C MET TA 28 19.07 38.44 -84.83
N LEU TA 29 19.85 39.50 -84.52
CA LEU TA 29 19.38 40.89 -84.59
C LEU TA 29 19.11 41.33 -86.04
N THR TA 30 20.11 41.17 -86.93
CA THR TA 30 20.00 41.56 -88.34
C THR TA 30 19.31 40.51 -89.23
N GLY TA 31 19.23 39.27 -88.75
CA GLY TA 31 18.60 38.17 -89.47
C GLY TA 31 19.49 37.62 -90.58
N MET TA 32 20.73 37.24 -90.24
CA MET TA 32 21.71 36.69 -91.18
C MET TA 32 22.16 35.28 -90.80
N ASP TA 33 22.65 34.51 -91.79
CA ASP TA 33 23.20 33.17 -91.57
C ASP TA 33 24.72 33.19 -91.81
N TYR TA 34 25.37 32.02 -91.87
CA TYR TA 34 26.81 31.91 -92.11
C TYR TA 34 27.16 31.98 -93.62
N ARG TA 35 26.12 32.07 -94.49
CA ARG TA 35 26.26 32.15 -95.94
C ARG TA 35 26.17 33.58 -96.48
N THR TA 36 25.62 34.51 -95.67
CA THR TA 36 25.48 35.93 -96.01
C THR TA 36 26.30 36.83 -95.07
N ILE TA 37 26.49 38.12 -95.46
CA ILE TA 37 27.26 39.11 -94.69
C ILE TA 37 26.57 40.47 -94.62
N ARG TA 38 27.14 41.36 -93.80
CA ARG TA 38 26.75 42.76 -93.65
C ARG TA 38 27.99 43.55 -94.02
N ARG TA 39 27.95 44.25 -95.15
CA ARG TA 39 29.09 44.98 -95.70
C ARG TA 39 28.72 46.43 -96.05
N LYS TA 40 29.62 47.37 -95.71
CA LYS TA 40 29.45 48.79 -96.00
C LYS TA 40 30.79 49.44 -96.34
N ASP TA 41 30.86 50.09 -97.52
CA ASP TA 41 32.04 50.81 -97.98
C ASP TA 41 31.91 52.28 -97.61
N TRP TA 42 32.70 52.72 -96.63
CA TRP TA 42 32.72 54.10 -96.15
C TRP TA 42 33.46 54.98 -97.14
N SER TA 43 34.41 54.36 -97.86
CA SER TA 43 35.22 54.95 -98.93
C SER TA 43 35.45 53.86 -99.97
N SER TA 44 35.17 54.18 -101.26
CA SER TA 44 35.28 53.26 -102.39
C SER TA 44 36.65 52.57 -102.51
N PRO TA 45 36.70 51.25 -102.74
CA PRO TA 45 37.99 50.55 -102.83
C PRO TA 45 38.73 50.86 -104.13
N LEU TA 46 40.04 51.14 -104.02
CA LEU TA 46 40.92 51.47 -105.15
C LEU TA 46 41.35 50.22 -105.92
N ASN TA 47 41.48 50.35 -107.25
CA ASN TA 47 41.90 49.27 -108.14
C ASN TA 47 43.19 49.64 -108.86
N THR TA 48 44.29 48.93 -108.51
CA THR TA 48 45.61 49.16 -109.09
C THR TA 48 46.03 47.87 -109.81
N ALA TA 49 45.85 47.85 -111.15
CA ALA TA 49 46.14 46.71 -112.05
C ALA TA 49 45.43 45.43 -111.56
N LEU TA 50 46.17 44.33 -111.30
CA LEU TA 50 45.59 43.08 -110.81
C LEU TA 50 45.61 42.99 -109.27
N ASN TA 51 45.16 44.07 -108.61
CA ASN TA 51 45.07 44.22 -107.15
C ASN TA 51 43.89 45.12 -106.77
N VAL TA 52 43.24 44.80 -105.63
CA VAL TA 52 42.10 45.57 -105.09
C VAL TA 52 42.32 45.95 -103.62
N GLN TA 53 42.53 47.25 -103.35
CA GLN TA 53 42.77 47.78 -102.02
C GLN TA 53 41.49 48.36 -101.41
N TYR TA 54 41.01 47.75 -100.31
CA TYR TA 54 39.82 48.20 -99.60
C TYR TA 54 40.21 49.31 -98.61
N THR TA 55 40.00 50.56 -99.01
CA THR TA 55 40.33 51.78 -98.25
C THR TA 55 39.73 51.79 -96.83
N ASN TA 56 38.41 51.65 -96.73
CA ASN TA 56 37.66 51.57 -95.47
C ASN TA 56 36.33 50.84 -95.69
N THR TA 57 36.34 49.52 -95.43
CA THR TA 57 35.18 48.64 -95.59
C THR TA 57 34.99 47.79 -94.33
N SER TA 58 33.83 47.94 -93.69
CA SER TA 58 33.46 47.18 -92.49
C SER TA 58 32.61 45.98 -92.90
N ILE TA 59 32.91 44.79 -92.34
CA ILE TA 59 32.20 43.54 -92.66
C ILE TA 59 31.82 42.76 -91.38
N ILE TA 60 30.58 42.23 -91.35
CA ILE TA 60 30.07 41.39 -90.27
C ILE TA 60 29.81 40.01 -90.88
N ALA TA 61 30.78 39.08 -90.72
CA ALA TA 61 30.69 37.72 -91.23
C ALA TA 61 30.54 36.74 -90.07
N GLY TA 62 29.42 36.01 -90.07
CA GLY TA 62 29.08 35.05 -89.02
C GLY TA 62 28.89 35.71 -87.66
N GLY TA 63 28.42 36.95 -87.68
CA GLY TA 63 28.19 37.77 -86.48
C GLY TA 63 29.44 38.40 -85.91
N ARG TA 64 30.57 38.29 -86.63
CA ARG TA 64 31.86 38.84 -86.22
C ARG TA 64 32.21 40.06 -87.06
N TYR TA 65 32.36 41.22 -86.41
CA TYR TA 65 32.68 42.51 -87.03
C TYR TA 65 34.18 42.74 -87.15
N PHE TA 66 34.63 43.23 -88.32
CA PHE TA 66 36.01 43.55 -88.64
C PHE TA 66 36.09 44.65 -89.71
N GLU TA 67 37.10 45.52 -89.62
CA GLU TA 67 37.32 46.63 -90.55
C GLU TA 67 38.54 46.38 -91.44
N LEU TA 68 38.41 46.72 -92.73
CA LEU TA 68 39.50 46.59 -93.70
C LEU TA 68 40.02 47.99 -93.97
N LEU TA 69 41.21 48.33 -93.44
CA LEU TA 69 41.80 49.65 -93.59
C LEU TA 69 43.05 49.60 -94.49
N ASN TA 70 42.85 49.96 -95.78
CA ASN TA 70 43.85 49.95 -96.85
C ASN TA 70 44.49 48.56 -97.05
N GLU TA 71 43.63 47.53 -97.06
CA GLU TA 71 44.00 46.12 -97.24
C GLU TA 71 43.89 45.76 -98.71
N THR TA 72 45.03 45.40 -99.33
CA THR TA 72 45.12 45.03 -100.75
C THR TA 72 44.96 43.52 -100.94
N VAL TA 73 44.16 43.12 -101.94
CA VAL TA 73 43.87 41.72 -102.29
C VAL TA 73 44.44 41.44 -103.69
N ALA TA 74 45.33 40.42 -103.80
CA ALA TA 74 45.93 40.01 -105.07
C ALA TA 74 44.90 39.33 -105.98
N LEU TA 75 44.89 39.67 -107.27
CA LEU TA 75 43.93 39.14 -108.23
C LEU TA 75 44.55 38.29 -109.35
N LYS TA 76 43.75 37.36 -109.91
CA LYS TA 76 44.14 36.47 -111.00
C LYS TA 76 43.90 37.17 -112.35
N GLY TA 77 44.87 37.05 -113.26
CA GLY TA 77 44.84 37.64 -114.59
C GLY TA 77 43.82 37.01 -115.52
N ASP TA 78 42.98 37.86 -116.15
CA ASP TA 78 41.90 37.51 -117.09
C ASP TA 78 40.97 36.42 -116.55
N SER TA 79 40.40 36.65 -115.36
CA SER TA 79 39.50 35.72 -114.67
C SER TA 79 38.48 36.46 -113.79
N VAL TA 80 37.38 35.77 -113.44
CA VAL TA 80 36.33 36.31 -112.58
C VAL TA 80 36.62 35.85 -111.14
N ASN TA 81 37.31 36.70 -110.37
CA ASN TA 81 37.70 36.45 -108.98
C ASN TA 81 36.54 36.62 -108.00
N TYR TA 82 36.54 35.81 -106.94
CA TYR TA 82 35.55 35.84 -105.87
C TYR TA 82 36.29 36.12 -104.55
N ILE TA 83 36.09 37.32 -103.98
CA ILE TA 83 36.76 37.73 -102.74
C ILE TA 83 36.03 37.14 -101.53
N HIS TA 84 36.73 36.29 -100.77
CA HIS TA 84 36.20 35.61 -99.59
C HIS TA 84 36.81 36.08 -98.29
N ALA TA 85 35.99 36.09 -97.23
CA ALA TA 85 36.39 36.43 -95.86
C ALA TA 85 36.57 35.10 -95.13
N ASN TA 86 37.81 34.78 -94.71
CA ASN TA 86 38.14 33.52 -94.04
C ASN TA 86 38.38 33.71 -92.56
N ILE TA 87 37.50 33.13 -91.72
CA ILE TA 87 37.61 33.24 -90.26
C ILE TA 87 38.03 31.93 -89.60
N ASP TA 88 39.27 31.87 -89.11
CA ASP TA 88 39.81 30.72 -88.40
C ASP TA 88 40.15 31.16 -86.98
N LEU TA 89 39.27 30.79 -86.03
CA LEU TA 89 39.37 31.15 -84.62
C LEU TA 89 40.61 30.61 -83.90
N THR TA 90 41.25 29.55 -84.46
CA THR TA 90 42.48 28.95 -83.91
C THR TA 90 43.64 29.94 -83.99
N GLN TA 91 43.62 30.81 -85.03
CA GLN TA 91 44.62 31.87 -85.23
C GLN TA 91 44.20 33.02 -84.33
N THR TA 92 44.60 32.97 -83.05
CA THR TA 92 44.27 33.97 -82.04
C THR TA 92 44.77 35.38 -82.36
N ALA TA 93 45.91 35.50 -83.06
CA ALA TA 93 46.50 36.77 -83.45
C ALA TA 93 45.81 37.36 -84.69
N ASN TA 94 45.56 36.53 -85.73
CA ASN TA 94 44.93 36.97 -86.97
C ASN TA 94 43.82 36.01 -87.42
N PRO TA 95 42.60 36.11 -86.84
CA PRO TA 95 41.52 35.18 -87.22
C PRO TA 95 40.97 35.42 -88.63
N VAL TA 96 40.86 36.69 -89.06
CA VAL TA 96 40.32 37.04 -90.38
C VAL TA 96 41.43 37.20 -91.42
N SER TA 97 41.28 36.52 -92.56
CA SER TA 97 42.18 36.54 -93.71
C SER TA 97 41.34 36.61 -94.99
N LEU TA 98 41.86 37.27 -96.02
CA LEU TA 98 41.15 37.41 -97.30
C LEU TA 98 41.78 36.58 -98.41
N SER TA 99 40.95 36.15 -99.38
CA SER TA 99 41.38 35.33 -100.51
C SER TA 99 40.52 35.54 -101.75
N ALA TA 100 41.17 35.63 -102.93
CA ALA TA 100 40.50 35.77 -104.22
C ALA TA 100 40.49 34.38 -104.85
N GLU TA 101 39.30 33.78 -104.96
CA GLU TA 101 39.13 32.42 -105.48
C GLU TA 101 38.45 32.34 -106.84
N THR TA 102 38.66 31.21 -107.55
CA THR TA 102 38.14 30.90 -108.88
C THR TA 102 36.60 30.87 -108.91
N ALA TA 103 35.98 30.20 -107.92
CA ALA TA 103 34.53 30.07 -107.80
C ALA TA 103 34.05 30.48 -106.40
N ASN TA 104 32.72 30.65 -106.22
CA ASN TA 104 32.12 31.02 -104.93
C ASN TA 104 32.16 29.80 -104.01
N ASN TA 105 33.11 29.80 -103.07
CA ASN TA 105 33.35 28.73 -102.10
C ASN TA 105 32.85 29.06 -100.69
N SER TA 106 31.59 29.57 -100.58
CA SER TA 106 30.97 29.89 -99.30
C SER TA 106 30.56 28.58 -98.63
N ASN TA 107 31.21 28.24 -97.51
CA ASN TA 107 30.95 26.98 -96.78
C ASN TA 107 29.82 27.02 -95.76
N GLY TA 108 29.64 28.16 -95.10
CA GLY TA 108 28.60 28.36 -94.10
C GLY TA 108 28.82 27.58 -92.81
N VAL TA 109 30.10 27.43 -92.41
CA VAL TA 109 30.55 26.71 -91.21
C VAL TA 109 30.14 27.48 -89.94
N ASP TA 110 29.46 26.79 -89.00
CA ASP TA 110 29.03 27.36 -87.72
C ASP TA 110 30.26 27.48 -86.80
N ILE TA 111 30.83 28.69 -86.74
CA ILE TA 111 32.04 28.99 -85.94
C ILE TA 111 31.73 29.38 -84.49
N ASN TA 112 30.57 30.01 -84.26
CA ASN TA 112 30.14 30.45 -82.93
C ASN TA 112 29.77 29.29 -82.00
N ASN TA 113 29.33 28.15 -82.56
CA ASN TA 113 28.96 26.96 -81.80
C ASN TA 113 30.00 25.85 -81.90
N GLY TA 114 30.38 25.51 -83.14
CA GLY TA 114 31.36 24.46 -83.41
C GLY TA 114 32.67 24.96 -83.98
N SER TA 115 33.57 24.02 -84.30
CA SER TA 115 34.89 24.30 -84.86
C SER TA 115 34.84 24.42 -86.39
N GLY TA 116 35.95 24.88 -86.98
CA GLY TA 116 36.09 25.04 -88.42
C GLY TA 116 36.44 26.44 -88.88
N VAL TA 117 36.67 26.59 -90.19
CA VAL TA 117 37.01 27.86 -90.83
C VAL TA 117 35.81 28.33 -91.66
N LEU TA 118 35.33 29.56 -91.40
CA LEU TA 118 34.20 30.13 -92.12
C LEU TA 118 34.64 30.90 -93.35
N LYS TA 119 34.19 30.45 -94.53
CA LYS TA 119 34.47 31.08 -95.82
C LYS TA 119 33.16 31.65 -96.36
N VAL TA 120 33.17 32.92 -96.76
CA VAL TA 120 31.99 33.63 -97.28
C VAL TA 120 32.37 34.74 -98.28
N CYS TA 121 31.79 34.68 -99.49
CA CYS TA 121 32.03 35.65 -100.56
C CYS TA 121 31.24 36.93 -100.32
N PHE TA 122 31.87 38.09 -100.55
CA PHE TA 122 31.25 39.40 -100.37
C PHE TA 122 31.38 40.31 -101.59
N ASP TA 123 32.42 40.10 -102.41
CA ASP TA 123 32.69 40.91 -103.61
C ASP TA 123 33.20 40.04 -104.77
N ILE TA 124 32.64 40.26 -105.98
CA ILE TA 124 33.02 39.55 -107.21
C ILE TA 124 33.79 40.53 -108.10
N VAL TA 125 35.06 40.21 -108.40
CA VAL TA 125 35.93 41.07 -109.20
C VAL TA 125 36.24 40.43 -110.56
N THR TA 126 35.74 41.04 -111.65
CA THR TA 126 35.98 40.58 -113.02
C THR TA 126 37.22 41.32 -113.54
N THR TA 127 38.26 40.57 -113.95
CA THR TA 127 39.52 41.15 -114.41
C THR TA 127 39.93 40.74 -115.82
N SER TA 128 40.84 41.53 -116.42
CA SER TA 128 41.44 41.30 -117.74
C SER TA 128 42.93 40.99 -117.52
N GLY TA 129 43.72 40.99 -118.59
CA GLY TA 129 45.16 40.74 -118.52
C GLY TA 129 45.93 41.86 -117.83
N THR TA 130 45.46 43.11 -118.00
CA THR TA 130 46.07 44.31 -117.43
C THR TA 130 45.53 44.64 -116.03
N GLY TA 131 44.24 44.95 -115.93
CA GLY TA 131 43.61 45.31 -114.66
C GLY TA 131 42.15 44.93 -114.50
N VAL TA 132 41.50 45.54 -113.48
CA VAL TA 132 40.10 45.32 -113.11
C VAL TA 132 39.16 45.92 -114.17
N THR TA 133 38.20 45.12 -114.66
CA THR TA 133 37.21 45.54 -115.65
C THR TA 133 35.91 46.00 -115.00
N SER TA 134 35.36 45.17 -114.08
CA SER TA 134 34.11 45.45 -113.36
C SER TA 134 34.04 44.74 -112.01
N THR TA 135 33.28 45.31 -111.06
CA THR TA 135 33.08 44.76 -109.72
C THR TA 135 31.60 44.69 -109.33
N LYS TA 136 31.18 43.54 -108.76
CA LYS TA 136 29.81 43.28 -108.34
C LYS TA 136 29.78 42.75 -106.90
N PRO TA 137 29.08 43.42 -105.95
CA PRO TA 137 29.05 42.90 -104.57
C PRO TA 137 27.96 41.84 -104.33
N ILE TA 138 28.26 40.87 -103.45
CA ILE TA 138 27.34 39.78 -103.06
C ILE TA 138 26.17 40.38 -102.27
N VAL TA 139 24.93 39.97 -102.61
CA VAL TA 139 23.69 40.42 -101.97
C VAL TA 139 23.62 40.08 -100.47
N GLN TA 140 23.22 41.06 -99.65
CA GLN TA 140 23.10 40.92 -98.19
C GLN TA 140 21.70 40.42 -97.85
N THR TA 141 21.59 39.11 -97.59
CA THR TA 141 20.33 38.43 -97.27
C THR TA 141 19.89 38.72 -95.84
N SER TA 142 18.62 39.15 -95.66
CA SER TA 142 18.04 39.44 -94.35
C SER TA 142 16.80 38.56 -94.13
N THR TA 143 17.02 37.33 -93.61
CA THR TA 143 15.98 36.34 -93.33
C THR TA 143 15.18 36.77 -92.10
N LEU TA 144 13.87 37.00 -92.28
CA LEU TA 144 12.96 37.43 -91.22
C LEU TA 144 11.66 36.60 -91.21
N ASP TA 145 10.98 36.52 -90.06
CA ASP TA 145 9.74 35.74 -89.90
C ASP TA 145 8.49 36.53 -90.33
N SER TA 146 8.27 37.72 -89.72
CA SER TA 146 7.13 38.60 -90.03
C SER TA 146 7.51 40.07 -89.87
N ILE TA 147 7.05 40.93 -90.79
CA ILE TA 147 7.34 42.37 -90.78
C ILE TA 147 6.08 43.24 -90.69
N SER TA 148 6.07 44.17 -89.71
CA SER TA 148 5.02 45.17 -89.52
C SER TA 148 5.65 46.50 -89.95
N VAL TA 149 5.30 46.96 -91.17
CA VAL TA 149 5.88 48.17 -91.77
C VAL TA 149 4.85 49.23 -92.17
N ASN TA 150 5.26 50.52 -92.17
CA ASN TA 150 4.42 51.63 -92.60
C ASN TA 150 4.52 51.83 -94.12
N ASP TA 151 5.73 52.14 -94.63
CA ASP TA 151 5.96 52.34 -96.06
C ASP TA 151 7.18 51.56 -96.59
N MET TA 152 7.17 51.20 -97.88
CA MET TA 152 8.25 50.44 -98.51
C MET TA 152 8.54 50.90 -99.94
N THR TA 153 9.81 50.78 -100.36
CA THR TA 153 10.28 51.14 -101.71
C THR TA 153 11.13 49.98 -102.25
N VAL TA 154 10.69 49.39 -103.38
CA VAL TA 154 11.34 48.26 -104.03
C VAL TA 154 11.95 48.71 -105.37
N SER TA 155 13.28 48.51 -105.54
CA SER TA 155 13.99 48.88 -106.76
C SER TA 155 14.10 47.74 -107.79
N GLY TA 156 14.04 46.50 -107.30
CA GLY TA 156 14.10 45.30 -108.14
C GLY TA 156 12.74 44.70 -108.41
N SER TA 157 12.33 43.71 -107.59
CA SER TA 157 11.05 43.01 -107.69
C SER TA 157 10.67 42.22 -106.43
N ILE TA 158 9.38 41.86 -106.29
CA ILE TA 158 8.82 41.08 -105.18
C ILE TA 158 8.34 39.72 -105.72
N ASP TA 159 8.75 38.62 -105.05
CA ASP TA 159 8.32 37.28 -105.43
C ASP TA 159 7.21 36.79 -104.49
N VAL TA 160 5.95 36.90 -104.96
CA VAL TA 160 4.76 36.48 -104.22
C VAL TA 160 4.33 35.05 -104.66
N PRO TA 161 3.76 34.22 -103.76
CA PRO TA 161 3.38 32.84 -104.18
C PRO TA 161 2.33 32.80 -105.27
N VAL TA 162 2.61 32.02 -106.32
CA VAL TA 162 1.75 31.86 -107.50
C VAL TA 162 1.05 30.49 -107.47
N GLN TA 163 -0.24 30.46 -107.84
CA GLN TA 163 -1.07 29.26 -107.93
C GLN TA 163 -1.85 29.22 -109.24
N THR TA 164 -1.73 28.10 -109.98
CA THR TA 164 -2.42 27.91 -111.27
C THR TA 164 -3.55 26.89 -111.17
N LEU TA 165 -4.62 27.12 -111.94
CA LEU TA 165 -5.81 26.27 -111.96
C LEU TA 165 -6.48 26.30 -113.34
N THR TA 166 -6.93 25.13 -113.83
CA THR TA 166 -7.62 24.98 -115.11
C THR TA 166 -8.92 24.19 -114.91
N VAL TA 167 -10.02 24.91 -114.62
CA VAL TA 167 -11.34 24.33 -114.39
C VAL TA 167 -12.19 24.29 -115.66
N GLU TA 168 -12.67 23.09 -116.02
CA GLU TA 168 -13.54 22.89 -117.18
C GLU TA 168 -14.98 23.17 -116.72
N ALA TA 169 -15.41 24.44 -116.87
CA ALA TA 169 -16.73 24.95 -116.46
C ALA TA 169 -17.93 24.18 -117.03
N GLY TA 170 -17.74 23.58 -118.21
CA GLY TA 170 -18.78 22.81 -118.89
C GLY TA 170 -19.34 23.49 -120.10
N ASN TA 171 -20.20 22.76 -120.85
CA ASN TA 171 -20.85 23.20 -122.10
C ASN TA 171 -19.86 23.56 -123.23
N GLY TA 172 -18.56 23.42 -122.94
CA GLY TA 172 -17.47 23.70 -123.87
C GLY TA 172 -16.56 24.84 -123.44
N LEU TA 173 -16.72 25.34 -122.19
CA LEU TA 173 -15.92 26.44 -121.65
C LEU TA 173 -14.77 25.95 -120.76
N GLN TA 174 -13.58 26.55 -120.96
CA GLN TA 174 -12.36 26.28 -120.21
C GLN TA 174 -11.86 27.60 -119.61
N LEU TA 175 -11.45 27.57 -118.33
CA LEU TA 175 -10.95 28.74 -117.61
C LEU TA 175 -9.52 28.50 -117.11
N GLN TA 176 -8.61 29.47 -117.34
CA GLN TA 176 -7.22 29.40 -116.89
C GLN TA 176 -6.99 30.48 -115.84
N LEU TA 177 -6.98 30.07 -114.55
CA LEU TA 177 -6.82 30.96 -113.40
C LEU TA 177 -5.37 31.00 -112.91
N THR TA 178 -4.91 32.21 -112.52
CA THR TA 178 -3.56 32.44 -111.99
C THR TA 178 -3.68 33.35 -110.75
N LYS TA 179 -3.56 32.76 -109.54
CA LYS TA 179 -3.67 33.44 -108.26
C LYS TA 179 -2.29 33.78 -107.67
N LYS TA 180 -2.05 35.07 -107.40
CA LYS TA 180 -0.80 35.55 -106.81
C LYS TA 180 -1.08 36.28 -105.50
N ASN TA 181 -0.31 35.93 -104.43
CA ASN TA 181 -0.42 36.47 -103.07
C ASN TA 181 -1.80 36.19 -102.42
N ASN TA 182 -2.46 35.07 -102.84
CA ASN TA 182 -3.76 34.60 -102.39
C ASN TA 182 -4.90 35.64 -102.48
N ASP TA 183 -4.80 36.60 -103.42
CA ASP TA 183 -5.79 37.65 -103.59
C ASP TA 183 -6.19 37.93 -105.04
N LEU TA 184 -5.26 38.47 -105.86
CA LEU TA 184 -5.53 38.80 -107.26
C LEU TA 184 -5.45 37.57 -108.17
N VAL TA 185 -6.53 37.33 -108.94
CA VAL TA 185 -6.65 36.20 -109.87
C VAL TA 185 -7.04 36.73 -111.26
N ILE TA 186 -6.31 36.30 -112.31
CA ILE TA 186 -6.62 36.66 -113.69
C ILE TA 186 -7.12 35.41 -114.42
N VAL TA 187 -8.41 35.42 -114.79
CA VAL TA 187 -9.09 34.30 -115.47
C VAL TA 187 -8.94 34.48 -116.98
N ARG TA 188 -8.45 33.43 -117.66
CA ARG TA 188 -8.26 33.39 -119.11
C ARG TA 188 -9.29 32.46 -119.73
N PHE TA 189 -10.14 32.98 -120.63
CA PHE TA 189 -11.19 32.23 -121.30
C PHE TA 189 -10.65 31.41 -122.48
N PHE TA 190 -11.05 30.13 -122.55
CA PHE TA 190 -10.67 29.19 -123.62
C PHE TA 190 -11.81 28.19 -123.95
N GLY TA 191 -11.70 27.56 -125.12
CA GLY TA 191 -12.68 26.59 -125.61
C GLY TA 191 -13.73 27.18 -126.53
N SER TA 192 -14.91 26.53 -126.59
CA SER TA 192 -16.05 26.93 -127.40
C SER TA 192 -17.37 26.47 -126.76
N VAL TA 193 -18.14 27.41 -126.19
CA VAL TA 193 -19.41 27.12 -125.50
C VAL TA 193 -20.59 26.82 -126.44
N SER TA 194 -21.40 25.79 -126.08
CA SER TA 194 -22.57 25.33 -126.84
C SER TA 194 -23.64 24.75 -125.90
N ASN TA 195 -24.93 24.93 -126.26
CA ASN TA 195 -26.13 24.46 -125.54
C ASN TA 195 -26.24 25.01 -124.11
N ILE TA 196 -26.47 26.34 -123.99
CA ILE TA 196 -26.59 27.06 -122.71
C ILE TA 196 -27.58 28.24 -122.79
N GLN TA 197 -28.32 28.49 -121.69
CA GLN TA 197 -29.30 29.58 -121.57
C GLN TA 197 -28.86 30.60 -120.52
N LYS TA 198 -29.45 31.82 -120.55
CA LYS TA 198 -29.15 32.90 -119.60
C LYS TA 198 -29.65 32.60 -118.19
N GLY TA 199 -28.77 32.78 -117.21
CA GLY TA 199 -29.05 32.53 -115.80
C GLY TA 199 -28.93 31.07 -115.37
N TRP TA 200 -28.55 30.19 -116.31
CA TRP TA 200 -28.38 28.75 -116.08
C TRP TA 200 -26.97 28.39 -115.64
N ASN TA 201 -26.86 27.52 -114.61
CA ASN TA 201 -25.59 27.05 -114.06
C ASN TA 201 -24.90 26.13 -115.07
N MET TA 202 -23.56 26.25 -115.17
CA MET TA 202 -22.76 25.47 -116.13
C MET TA 202 -22.45 24.04 -115.67
N SER TA 203 -22.83 23.07 -116.52
CA SER TA 203 -22.75 21.61 -116.36
C SER TA 203 -21.50 20.99 -115.75
N GLY TA 204 -20.31 21.43 -116.18
CA GLY TA 204 -19.03 20.89 -115.76
C GLY TA 204 -18.55 21.17 -114.35
N THR TA 205 -17.23 21.07 -114.15
CA THR TA 205 -16.49 21.24 -112.90
C THR TA 205 -16.68 22.63 -112.28
N TRP TA 206 -16.70 22.69 -110.94
CA TRP TA 206 -16.84 23.91 -110.14
C TRP TA 206 -15.46 24.44 -109.73
N VAL TA 207 -15.37 25.74 -109.40
CA VAL TA 207 -14.13 26.41 -109.00
C VAL TA 207 -13.67 25.90 -107.61
N ASP TA 208 -12.38 25.52 -107.50
CA ASP TA 208 -11.74 25.02 -106.28
C ASP TA 208 -11.74 26.06 -105.16
N ARG TA 209 -11.82 25.60 -103.90
CA ARG TA 209 -11.83 26.42 -102.68
C ARG TA 209 -10.72 27.50 -102.56
N PRO TA 210 -9.42 27.26 -102.90
CA PRO TA 210 -8.42 28.35 -102.80
C PRO TA 210 -8.60 29.47 -103.83
N PHE TA 211 -9.42 29.23 -104.87
CA PHE TA 211 -9.68 30.18 -105.95
C PHE TA 211 -11.09 30.82 -105.87
N ARG TA 212 -11.95 30.34 -104.95
CA ARG TA 212 -13.31 30.87 -104.76
C ARG TA 212 -13.30 32.28 -104.14
N PRO TA 213 -14.09 33.25 -104.70
CA PRO TA 213 -14.08 34.60 -104.11
C PRO TA 213 -15.07 34.76 -102.94
N ALA TA 214 -14.97 35.89 -102.21
CA ALA TA 214 -15.85 36.20 -101.07
C ALA TA 214 -17.27 36.54 -101.53
N ALA TA 215 -17.39 37.29 -102.64
CA ALA TA 215 -18.66 37.69 -103.24
C ALA TA 215 -18.70 37.26 -104.72
N VAL TA 216 -19.91 37.30 -105.32
CA VAL TA 216 -20.12 36.94 -106.73
C VAL TA 216 -19.38 37.91 -107.67
N GLN TA 217 -18.43 37.37 -108.45
CA GLN TA 217 -17.60 38.15 -109.37
C GLN TA 217 -18.07 38.01 -110.82
N SER TA 218 -18.54 39.12 -111.41
CA SER TA 218 -19.03 39.19 -112.79
C SER TA 218 -17.85 39.46 -113.73
N LEU TA 219 -17.42 38.43 -114.49
CA LEU TA 219 -16.27 38.53 -115.41
C LEU TA 219 -16.66 38.47 -116.87
N VAL TA 220 -16.32 39.54 -117.62
CA VAL TA 220 -16.64 39.72 -119.04
C VAL TA 220 -15.63 39.03 -119.96
N GLY TA 221 -16.15 38.33 -120.97
CA GLY TA 221 -15.40 37.64 -122.01
C GLY TA 221 -15.85 38.10 -123.38
N HIS TA 222 -15.25 37.52 -124.46
CA HIS TA 222 -15.59 37.90 -125.83
C HIS TA 222 -15.60 36.71 -126.80
N PHE TA 223 -16.54 36.71 -127.77
CA PHE TA 223 -16.65 35.68 -128.79
C PHE TA 223 -15.72 36.03 -129.96
N ALA TA 224 -14.67 35.22 -130.18
CA ALA TA 224 -13.64 35.40 -131.20
C ALA TA 224 -14.21 35.48 -132.62
N GLY TA 225 -13.81 36.53 -133.34
CA GLY TA 225 -14.23 36.80 -134.72
C GLY TA 225 -15.55 37.53 -134.86
N ARG TA 226 -16.18 37.88 -133.72
CA ARG TA 226 -17.48 38.56 -133.70
C ARG TA 226 -17.40 39.90 -132.93
N ASP TA 227 -18.55 40.57 -132.77
CA ASP TA 227 -18.68 41.81 -132.02
C ASP TA 227 -19.65 41.62 -130.83
N THR TA 228 -19.94 40.34 -130.53
CA THR TA 228 -20.83 39.89 -129.44
C THR TA 228 -19.98 39.55 -128.20
N SER TA 229 -20.51 39.83 -127.01
CA SER TA 229 -19.82 39.58 -125.74
C SER TA 229 -20.65 38.75 -124.75
N PHE TA 230 -20.00 38.25 -123.69
CA PHE TA 230 -20.63 37.45 -122.63
C PHE TA 230 -20.01 37.73 -121.26
N HIS TA 231 -20.68 37.29 -120.18
CA HIS TA 231 -20.18 37.41 -118.81
C HIS TA 231 -20.63 36.23 -117.94
N ILE TA 232 -19.71 35.75 -117.08
CA ILE TA 232 -19.97 34.62 -116.18
C ILE TA 232 -19.83 34.99 -114.71
N ASP TA 233 -20.84 34.64 -113.91
CA ASP TA 233 -20.89 34.92 -112.48
C ASP TA 233 -20.28 33.79 -111.64
N ILE TA 234 -19.07 34.02 -111.09
CA ILE TA 234 -18.39 33.06 -110.23
C ILE TA 234 -18.84 33.32 -108.79
N ASN TA 235 -19.87 32.57 -108.36
CA ASN TA 235 -20.49 32.66 -107.03
C ASN TA 235 -19.52 32.17 -105.93
N PRO TA 236 -19.68 32.57 -104.63
CA PRO TA 236 -18.74 32.13 -103.59
C PRO TA 236 -18.61 30.61 -103.36
N ASN TA 237 -19.64 29.82 -103.76
CA ASN TA 237 -19.64 28.37 -103.61
C ASN TA 237 -18.88 27.61 -104.72
N GLY TA 238 -18.30 28.35 -105.66
CA GLY TA 238 -17.53 27.80 -106.78
C GLY TA 238 -18.30 27.60 -108.06
N SER TA 239 -19.65 27.77 -108.00
CA SER TA 239 -20.54 27.62 -109.14
C SER TA 239 -20.39 28.74 -110.16
N ILE TA 240 -20.31 28.37 -111.45
CA ILE TA 240 -20.17 29.32 -112.56
C ILE TA 240 -21.53 29.43 -113.28
N THR TA 241 -22.21 30.58 -113.11
CA THR TA 241 -23.51 30.84 -113.73
C THR TA 241 -23.33 31.67 -115.00
N TRP TA 242 -23.85 31.16 -116.13
CA TRP TA 242 -23.80 31.81 -117.44
C TRP TA 242 -24.76 33.00 -117.48
N TRP TA 243 -24.31 34.13 -118.05
CA TRP TA 243 -25.12 35.34 -118.16
C TRP TA 243 -25.04 36.07 -119.50
N GLY TA 244 -24.76 35.31 -120.56
CA GLY TA 244 -24.72 35.80 -121.94
C GLY TA 244 -26.02 35.45 -122.65
N ALA TA 245 -26.06 35.63 -123.97
CA ALA TA 245 -27.25 35.27 -124.76
C ALA TA 245 -27.33 33.76 -124.96
N ASN TA 246 -28.56 33.21 -125.12
CA ASN TA 246 -28.81 31.78 -125.30
C ASN TA 246 -28.08 31.22 -126.51
N ILE TA 247 -27.23 30.20 -126.28
CA ILE TA 247 -26.42 29.57 -127.32
C ILE TA 247 -26.95 28.19 -127.68
N ASP TA 248 -27.11 27.94 -128.99
CA ASP TA 248 -27.59 26.68 -129.55
C ASP TA 248 -26.49 25.62 -129.69
N LYS TA 249 -26.76 24.61 -130.52
CA LYS TA 249 -25.87 23.47 -130.78
C LYS TA 249 -24.51 23.83 -131.39
N THR TA 250 -24.44 24.94 -132.18
CA THR TA 250 -23.21 25.40 -132.83
C THR TA 250 -22.27 26.05 -131.78
N PRO TA 251 -21.01 25.54 -131.63
CA PRO TA 251 -20.10 26.14 -130.64
C PRO TA 251 -19.33 27.35 -131.15
N ILE TA 252 -19.28 28.42 -130.33
CA ILE TA 252 -18.57 29.67 -130.65
C ILE TA 252 -17.37 29.83 -129.72
N ALA TA 253 -16.17 30.10 -130.31
CA ALA TA 253 -14.90 30.28 -129.58
C ALA TA 253 -14.96 31.43 -128.58
N THR TA 254 -14.65 31.14 -127.31
CA THR TA 254 -14.67 32.10 -126.20
C THR TA 254 -13.27 32.42 -125.71
N ARG TA 255 -12.88 33.71 -125.75
CA ARG TA 255 -11.56 34.20 -125.32
C ARG TA 255 -11.70 35.51 -124.53
N GLY TA 256 -10.79 35.74 -123.58
CA GLY TA 256 -10.79 36.95 -122.78
C GLY TA 256 -10.07 36.86 -121.45
N ASN TA 257 -9.79 38.03 -120.86
CA ASN TA 257 -9.13 38.17 -119.55
C ASN TA 257 -10.03 38.92 -118.58
N GLY TA 258 -10.12 38.39 -117.35
CA GLY TA 258 -10.92 38.96 -116.28
C GLY TA 258 -10.23 38.89 -114.94
N SER TA 259 -10.10 40.04 -114.26
CA SER TA 259 -9.44 40.16 -112.96
C SER TA 259 -10.46 40.35 -111.82
N TYR TA 260 -10.18 39.74 -110.65
CA TYR TA 260 -11.00 39.84 -109.45
C TYR TA 260 -10.20 39.62 -108.16
N PHE TA 261 -10.70 40.16 -107.03
CA PHE TA 261 -10.09 40.01 -105.71
C PHE TA 261 -10.86 38.98 -104.89
N ILE TA 262 -10.16 38.04 -104.24
CA ILE TA 262 -10.78 37.03 -103.38
C ILE TA 262 -11.14 37.70 -102.05
N LYS TA 263 -10.14 38.31 -101.38
CA LYS TA 263 -10.27 39.00 -100.10
C LYS TA 263 -11.09 40.29 -100.22
N MET UA 1 -15.28 39.37 4.25
CA MET UA 1 -14.02 38.64 4.12
C MET UA 1 -14.18 37.30 3.45
N VAL UA 2 -14.68 36.31 4.19
CA VAL UA 2 -14.89 34.94 3.72
C VAL UA 2 -16.19 34.86 2.88
N ARG UA 3 -16.35 33.77 2.11
CA ARG UA 3 -17.44 33.42 1.21
C ARG UA 3 -18.73 33.05 1.95
N GLN UA 4 -19.87 33.52 1.44
CA GLN UA 4 -21.19 33.24 2.01
C GLN UA 4 -22.06 32.52 1.01
N TYR UA 5 -22.55 31.32 1.35
CA TYR UA 5 -23.49 30.56 0.52
C TYR UA 5 -24.84 30.57 1.20
N LYS UA 6 -25.90 30.89 0.44
CA LYS UA 6 -27.28 30.94 0.96
C LYS UA 6 -28.24 30.31 -0.02
N ILE UA 7 -29.19 29.54 0.53
CA ILE UA 7 -30.21 28.85 -0.23
C ILE UA 7 -31.54 29.54 -0.03
N HIS UA 8 -32.19 29.93 -1.13
CA HIS UA 8 -33.48 30.60 -1.12
C HIS UA 8 -34.55 29.74 -1.77
N THR UA 9 -35.67 29.57 -1.06
CA THR UA 9 -36.80 28.79 -1.55
C THR UA 9 -37.48 29.51 -2.72
N ASN UA 10 -37.75 30.81 -2.57
CA ASN UA 10 -38.36 31.60 -3.64
C ASN UA 10 -37.81 33.02 -3.67
N LEU UA 11 -36.65 33.20 -4.32
CA LEU UA 11 -36.06 34.52 -4.46
C LEU UA 11 -37.01 35.37 -5.34
N ASP UA 12 -37.16 36.64 -4.98
CA ASP UA 12 -38.08 37.56 -5.70
C ASP UA 12 -39.53 37.32 -5.26
N GLY UA 13 -39.71 36.57 -4.18
CA GLY UA 13 -41.04 36.27 -3.66
C GLY UA 13 -41.14 36.54 -2.18
N THR UA 14 -42.36 36.86 -1.71
CA THR UA 14 -42.62 37.14 -0.29
C THR UA 14 -42.35 35.93 0.63
N ASP UA 15 -42.67 34.70 0.17
CA ASP UA 15 -42.48 33.44 0.90
C ASP UA 15 -41.04 32.88 0.71
N ASP UA 16 -40.05 33.71 1.08
CA ASP UA 16 -38.66 33.33 0.89
C ASP UA 16 -37.98 32.93 2.18
N LYS UA 17 -37.80 31.62 2.35
CA LYS UA 17 -37.14 31.05 3.51
C LYS UA 17 -35.68 30.91 3.10
N VAL UA 18 -34.78 31.46 3.92
CA VAL UA 18 -33.36 31.45 3.61
C VAL UA 18 -32.63 30.48 4.53
N TRP UA 19 -31.79 29.62 3.92
CA TRP UA 19 -30.96 28.67 4.65
C TRP UA 19 -29.49 29.10 4.55
N ASP UA 20 -28.84 29.38 5.71
CA ASP UA 20 -27.44 29.79 5.73
C ASP UA 20 -26.59 28.54 5.73
N VAL UA 21 -26.12 28.17 4.55
CA VAL UA 21 -25.29 26.99 4.33
C VAL UA 21 -23.79 27.23 4.60
N THR UA 22 -23.48 28.48 4.91
CA THR UA 22 -22.15 28.88 5.40
C THR UA 22 -22.14 28.94 6.97
N ASN UA 23 -23.17 29.53 7.59
CA ASN UA 23 -23.24 29.77 9.02
C ASN UA 23 -24.21 28.94 9.83
N GLY UA 24 -25.36 28.65 9.25
CA GLY UA 24 -26.43 27.91 9.91
C GLY UA 24 -26.16 26.48 10.30
N LYS UA 25 -27.21 25.81 10.84
CA LYS UA 25 -27.17 24.42 11.29
C LYS UA 25 -26.88 23.44 10.15
N VAL UA 26 -27.45 23.69 8.96
CA VAL UA 26 -27.22 22.86 7.77
C VAL UA 26 -26.18 23.59 6.91
N ARG UA 27 -25.00 22.97 6.72
CA ARG UA 27 -23.93 23.60 5.98
C ARG UA 27 -23.47 22.87 4.73
N PHE UA 28 -23.17 23.65 3.67
CA PHE UA 28 -22.62 23.19 2.40
C PHE UA 28 -21.12 23.42 2.46
N TYR UA 29 -20.34 22.42 2.03
CA TYR UA 29 -18.88 22.46 2.01
C TYR UA 29 -18.34 21.82 0.72
N GLN UA 30 -17.09 22.15 0.32
CA GLN UA 30 -16.37 21.62 -0.85
C GLN UA 30 -17.19 21.50 -2.15
N PRO UA 31 -17.56 22.63 -2.81
CA PRO UA 31 -18.28 22.52 -4.08
C PRO UA 31 -17.41 21.80 -5.12
N SER UA 32 -18.02 20.86 -5.88
CA SER UA 32 -17.32 20.06 -6.90
C SER UA 32 -16.68 20.94 -7.98
N ASN UA 33 -17.50 21.69 -8.73
CA ASN UA 33 -17.00 22.59 -9.76
C ASN UA 33 -17.88 23.82 -9.83
N LEU UA 34 -17.27 25.00 -9.79
CA LEU UA 34 -17.97 26.28 -9.91
C LEU UA 34 -17.64 26.94 -11.25
N GLY UA 35 -16.75 26.32 -12.01
CA GLY UA 35 -16.31 26.78 -13.33
C GLY UA 35 -17.30 26.50 -14.43
N LEU UA 36 -16.80 26.22 -15.65
CA LEU UA 36 -17.64 25.92 -16.82
C LEU UA 36 -16.93 25.07 -17.85
N GLN UA 37 -17.72 24.42 -18.72
CA GLN UA 37 -17.25 23.61 -19.86
C GLN UA 37 -17.84 24.22 -21.12
N SER UA 38 -17.11 24.15 -22.24
CA SER UA 38 -17.60 24.70 -23.50
C SER UA 38 -17.26 23.81 -24.68
N THR UA 39 -18.21 23.68 -25.61
CA THR UA 39 -18.07 22.92 -26.86
C THR UA 39 -18.10 23.89 -28.03
N ASN UA 40 -16.91 24.16 -28.57
CA ASN UA 40 -16.63 25.16 -29.57
C ASN UA 40 -16.91 24.84 -31.07
N ASN UA 41 -17.21 23.55 -31.40
CA ASN UA 41 -17.52 23.06 -32.76
C ASN UA 41 -16.43 23.38 -33.82
N ILE UA 42 -15.18 23.09 -33.48
CA ILE UA 42 -14.05 23.36 -34.34
C ILE UA 42 -13.85 22.24 -35.33
N TRP UA 43 -14.09 22.57 -36.60
CA TRP UA 43 -13.87 21.67 -37.72
C TRP UA 43 -12.65 22.20 -38.46
N GLN UA 44 -11.75 21.31 -38.87
CA GLN UA 44 -10.50 21.73 -39.53
C GLN UA 44 -10.36 21.25 -40.96
N SER UA 45 -10.04 22.18 -41.86
CA SER UA 45 -9.82 21.92 -43.27
C SER UA 45 -8.33 22.14 -43.57
N ASN UA 46 -7.65 21.09 -44.06
CA ASN UA 46 -6.23 21.07 -44.44
C ASN UA 46 -5.28 21.77 -43.43
N GLY UA 47 -5.43 21.43 -42.15
CA GLY UA 47 -4.61 22.00 -41.08
C GLY UA 47 -5.09 23.34 -40.53
N ILE UA 48 -5.89 24.09 -41.32
CA ILE UA 48 -6.44 25.38 -40.94
C ILE UA 48 -7.71 25.13 -40.12
N GLY UA 49 -7.87 25.87 -39.03
CA GLY UA 49 -9.00 25.71 -38.12
C GLY UA 49 -10.08 26.75 -38.22
N VAL UA 50 -11.31 26.27 -38.37
CA VAL UA 50 -12.50 27.09 -38.46
C VAL UA 50 -13.33 26.80 -37.21
N MET UA 51 -13.73 27.86 -36.49
CA MET UA 51 -14.51 27.73 -35.26
C MET UA 51 -15.97 28.12 -35.41
N GLY UA 52 -16.86 27.23 -34.97
CA GLY UA 52 -18.31 27.41 -34.98
C GLY UA 52 -18.81 28.27 -33.85
N THR UA 53 -19.84 27.78 -33.12
CA THR UA 53 -20.46 28.49 -32.01
C THR UA 53 -20.25 27.74 -30.72
N ARG UA 54 -19.85 28.47 -29.68
CA ARG UA 54 -19.57 27.92 -28.35
C ARG UA 54 -20.79 27.74 -27.48
N SER UA 55 -21.13 26.48 -27.21
CA SER UA 55 -22.23 26.14 -26.32
C SER UA 55 -21.62 25.97 -24.95
N ILE UA 56 -21.79 26.98 -24.09
CA ILE UA 56 -21.27 26.97 -22.74
C ILE UA 56 -22.18 26.08 -21.91
N THR UA 57 -21.65 24.91 -21.52
CA THR UA 57 -22.31 23.87 -20.75
C THR UA 57 -21.96 24.02 -19.27
N GLN UA 58 -22.98 23.97 -18.40
CA GLN UA 58 -22.77 24.08 -16.97
C GLN UA 58 -22.84 22.72 -16.27
N PRO UA 59 -21.83 22.41 -15.43
CA PRO UA 59 -21.80 21.10 -14.78
C PRO UA 59 -22.47 21.08 -13.41
N GLN UA 60 -22.94 19.89 -13.01
CA GLN UA 60 -23.59 19.65 -11.70
C GLN UA 60 -22.69 20.06 -10.54
N ILE UA 61 -23.26 20.70 -9.52
CA ILE UA 61 -22.48 21.08 -8.35
C ILE UA 61 -22.87 20.13 -7.22
N GLU UA 62 -21.86 19.46 -6.65
CA GLU UA 62 -22.01 18.50 -5.56
C GLU UA 62 -21.35 19.08 -4.30
N PHE UA 63 -22.17 19.26 -3.24
CA PHE UA 63 -21.74 19.80 -1.95
C PHE UA 63 -21.69 18.74 -0.87
N LYS UA 64 -20.72 18.88 0.04
CA LYS UA 64 -20.56 18.00 1.18
C LYS UA 64 -21.45 18.64 2.23
N LEU UA 65 -22.70 18.16 2.30
CA LEU UA 65 -23.72 18.68 3.22
C LEU UA 65 -23.55 18.12 4.62
N GLU UA 66 -23.31 19.01 5.59
CA GLU UA 66 -23.10 18.66 6.99
C GLU UA 66 -24.17 19.31 7.83
N THR UA 67 -24.63 18.62 8.90
CA THR UA 67 -25.63 19.14 9.84
C THR UA 67 -25.00 19.39 11.21
N PHE UA 68 -25.46 20.41 11.94
CA PHE UA 68 -24.87 20.75 13.24
C PHE UA 68 -25.82 20.72 14.44
N GLY UA 69 -26.68 19.70 14.50
CA GLY UA 69 -27.62 19.53 15.60
C GLY UA 69 -26.96 19.26 16.93
N GLU UA 70 -27.77 19.31 18.00
CA GLU UA 70 -27.31 19.06 19.37
C GLU UA 70 -27.68 17.64 19.84
N SER UA 71 -28.67 17.00 19.19
CA SER UA 71 -29.16 15.67 19.52
C SER UA 71 -29.46 14.91 18.24
N LEU UA 72 -29.77 13.61 18.36
CA LEU UA 72 -30.15 12.77 17.22
C LEU UA 72 -31.45 13.28 16.63
N GLU UA 73 -32.37 13.74 17.52
CA GLU UA 73 -33.68 14.31 17.22
C GLU UA 73 -33.53 15.58 16.36
N GLU UA 74 -32.61 16.51 16.73
CA GLU UA 74 -32.39 17.75 15.98
C GLU UA 74 -31.76 17.56 14.59
N ASN UA 75 -30.80 16.62 14.44
CA ASN UA 75 -30.14 16.31 13.17
C ASN UA 75 -31.08 15.65 12.17
N TYR UA 76 -32.01 14.79 12.64
CA TYR UA 76 -33.02 14.14 11.81
C TYR UA 76 -34.04 15.20 11.39
N GLN UA 77 -34.31 16.16 12.30
CA GLN UA 77 -35.23 17.27 12.11
C GLN UA 77 -34.69 18.27 11.11
N LEU UA 78 -33.36 18.38 10.97
CA LEU UA 78 -32.76 19.28 9.98
C LEU UA 78 -32.82 18.65 8.59
N MET UA 79 -32.38 17.39 8.46
CA MET UA 79 -32.37 16.67 7.19
C MET UA 79 -33.76 16.62 6.55
N LYS UA 80 -34.81 16.38 7.38
CA LYS UA 80 -36.22 16.34 6.95
C LYS UA 80 -36.69 17.72 6.51
N ASP UA 81 -36.34 18.77 7.28
CA ASP UA 81 -36.71 20.15 6.94
C ASP UA 81 -36.01 20.68 5.70
N PHE UA 82 -34.65 20.70 5.70
CA PHE UA 82 -33.85 21.19 4.58
C PHE UA 82 -34.13 20.55 3.23
N VAL UA 83 -34.21 19.20 3.15
CA VAL UA 83 -34.49 18.49 1.90
C VAL UA 83 -35.93 18.68 1.39
N ASN UA 84 -36.96 18.67 2.27
CA ASN UA 84 -38.35 18.88 1.84
C ASN UA 84 -38.62 20.32 1.40
N ASP UA 85 -37.91 21.31 1.99
CA ASP UA 85 -38.04 22.72 1.58
C ASP UA 85 -37.54 22.91 0.16
N ILE UA 86 -36.48 22.16 -0.21
CA ILE UA 86 -35.92 22.13 -1.56
C ILE UA 86 -36.90 21.44 -2.52
N LEU UA 87 -37.63 20.41 -2.04
CA LEU UA 87 -38.60 19.68 -2.83
C LEU UA 87 -39.92 20.42 -3.03
N SER UA 88 -40.38 21.19 -2.03
CA SER UA 88 -41.62 21.98 -2.07
C SER UA 88 -41.69 22.98 -3.24
N LYS UA 89 -40.55 23.62 -3.56
CA LYS UA 89 -40.41 24.59 -4.66
C LYS UA 89 -39.78 23.82 -5.82
N LYS UA 90 -40.26 24.01 -7.05
CA LYS UA 90 -39.74 23.29 -8.22
C LYS UA 90 -38.24 23.51 -8.52
N PHE UA 91 -37.71 24.68 -8.08
CA PHE UA 91 -36.30 25.05 -8.23
C PHE UA 91 -35.87 25.98 -7.10
N VAL UA 92 -34.61 25.82 -6.65
CA VAL UA 92 -34.00 26.57 -5.55
C VAL UA 92 -32.91 27.56 -6.05
N THR UA 93 -32.80 28.75 -5.42
CA THR UA 93 -31.79 29.76 -5.77
C THR UA 93 -30.63 29.82 -4.77
N LEU UA 94 -29.41 29.57 -5.26
CA LEU UA 94 -28.17 29.65 -4.48
C LEU UA 94 -27.68 31.12 -4.49
N GLU UA 95 -26.90 31.54 -3.48
CA GLU UA 95 -26.35 32.89 -3.36
C GLU UA 95 -24.84 32.83 -3.09
N TYR UA 96 -24.03 33.02 -4.14
CA TYR UA 96 -22.58 33.00 -4.02
C TYR UA 96 -22.14 34.41 -3.69
N GLN UA 97 -21.72 34.62 -2.45
CA GLN UA 97 -21.31 35.93 -1.98
C GLN UA 97 -19.85 35.99 -1.55
N THR UA 98 -19.15 37.07 -1.93
CA THR UA 98 -17.74 37.33 -1.61
C THR UA 98 -17.53 38.84 -1.45
N GLU UA 99 -16.30 39.25 -1.10
CA GLU UA 99 -15.93 40.64 -0.92
C GLU UA 99 -16.23 41.49 -2.15
N ILE UA 100 -16.01 40.92 -3.35
CA ILE UA 100 -16.22 41.58 -4.63
C ILE UA 100 -17.58 41.37 -5.33
N PHE UA 101 -18.19 40.19 -5.18
CA PHE UA 101 -19.42 39.92 -5.90
C PHE UA 101 -20.52 39.21 -5.11
N GLN UA 102 -21.73 39.29 -5.65
CA GLN UA 102 -22.90 38.58 -5.12
C GLN UA 102 -23.73 37.97 -6.26
N VAL UA 103 -23.36 36.78 -6.73
CA VAL UA 103 -24.05 36.09 -7.83
C VAL UA 103 -25.04 35.01 -7.36
N TYR UA 104 -26.01 34.63 -8.21
CA TYR UA 104 -27.01 33.62 -7.89
C TYR UA 104 -27.14 32.55 -8.96
N ALA UA 105 -27.49 31.32 -8.55
CA ALA UA 105 -27.69 30.16 -9.43
C ALA UA 105 -29.08 29.59 -9.20
N ASP UA 106 -29.71 29.05 -10.25
CA ASP UA 106 -31.03 28.42 -10.19
C ASP UA 106 -30.82 26.93 -10.30
N LEU UA 107 -30.80 26.27 -9.13
CA LEU UA 107 -30.53 24.86 -8.99
C LEU UA 107 -31.80 24.03 -8.85
N ALA UA 108 -31.71 22.76 -9.28
CA ALA UA 108 -32.76 21.76 -9.15
C ALA UA 108 -32.10 20.55 -8.48
N LEU UA 109 -32.79 19.96 -7.49
CA LEU UA 109 -32.24 18.83 -6.74
C LEU UA 109 -32.02 17.61 -7.63
N ALA UA 110 -30.75 17.24 -7.81
CA ALA UA 110 -30.34 16.09 -8.62
C ALA UA 110 -30.25 14.81 -7.79
N ASP UA 111 -29.56 14.84 -6.61
CA ASP UA 111 -29.36 13.68 -5.73
C ASP UA 111 -28.98 14.13 -4.32
N VAL UA 112 -29.62 13.51 -3.30
CA VAL UA 112 -29.32 13.74 -1.89
C VAL UA 112 -29.15 12.36 -1.22
N THR UA 113 -28.18 12.24 -0.31
CA THR UA 113 -27.90 10.97 0.35
C THR UA 113 -28.23 10.97 1.84
N LYS UA 114 -28.71 9.85 2.37
CA LYS UA 114 -29.00 9.68 3.79
C LYS UA 114 -28.43 8.34 4.22
N THR UA 115 -27.43 8.37 5.12
CA THR UA 115 -26.74 7.17 5.64
C THR UA 115 -26.72 7.13 7.18
N GLU UA 116 -26.39 5.95 7.73
CA GLU UA 116 -26.35 5.74 9.18
C GLU UA 116 -24.98 5.87 9.86
N GLY UA 117 -24.06 6.60 9.23
CA GLY UA 117 -22.75 6.89 9.78
C GLY UA 117 -22.82 8.21 10.52
N TYR UA 118 -23.31 8.16 11.77
CA TYR UA 118 -23.49 9.34 12.62
C TYR UA 118 -22.28 9.56 13.50
N GLY UA 119 -21.81 10.81 13.53
CA GLY UA 119 -20.58 11.25 14.19
C GLY UA 119 -20.50 11.39 15.70
N LYS UA 120 -21.21 12.38 16.24
CA LYS UA 120 -21.41 12.74 17.64
C LYS UA 120 -22.75 13.43 17.70
N ASN UA 121 -23.63 12.99 18.61
CA ASN UA 121 -25.01 13.47 18.80
C ASN UA 121 -25.88 13.31 17.53
N GLY UA 122 -25.58 12.25 16.78
CA GLY UA 122 -26.26 11.91 15.55
C GLY UA 122 -26.00 12.84 14.38
N THR UA 123 -24.77 13.36 14.28
CA THR UA 123 -24.28 14.26 13.22
C THR UA 123 -24.46 13.66 11.81
N PHE UA 124 -24.61 14.50 10.77
CA PHE UA 124 -24.76 14.02 9.40
C PHE UA 124 -23.69 14.59 8.47
N SER UA 125 -23.11 13.72 7.64
CA SER UA 125 -22.14 14.08 6.61
C SER UA 125 -22.63 13.37 5.35
N GLU UA 126 -23.26 14.13 4.43
CA GLU UA 126 -23.89 13.59 3.22
C GLU UA 126 -23.58 14.43 2.00
N LYS UA 127 -23.62 13.82 0.80
CA LYS UA 127 -23.37 14.54 -0.45
C LYS UA 127 -24.67 14.91 -1.14
N ILE UA 128 -24.80 16.19 -1.49
CA ILE UA 128 -25.98 16.74 -2.17
C ILE UA 128 -25.57 17.25 -3.57
N THR UA 129 -26.20 16.73 -4.63
CA THR UA 129 -25.90 17.08 -6.02
C THR UA 129 -27.04 17.91 -6.57
N PHE UA 130 -26.70 18.93 -7.36
CA PHE UA 130 -27.66 19.84 -7.97
C PHE UA 130 -27.47 19.92 -9.46
N ASP UA 131 -28.57 20.08 -10.20
CA ASP UA 131 -28.56 20.27 -11.63
C ASP UA 131 -28.65 21.77 -11.91
N ILE UA 132 -27.88 22.26 -12.87
CA ILE UA 132 -27.87 23.69 -13.21
C ILE UA 132 -28.97 24.08 -14.19
N ILE UA 133 -29.81 25.05 -13.80
CA ILE UA 133 -30.82 25.63 -14.68
C ILE UA 133 -30.13 26.87 -15.29
N THR UA 134 -29.83 27.89 -14.46
CA THR UA 134 -29.13 29.11 -14.87
C THR UA 134 -27.95 29.26 -13.92
N LYS UA 135 -26.74 29.43 -14.46
CA LYS UA 135 -25.56 29.63 -13.62
C LYS UA 135 -25.02 31.06 -13.68
N TRP UA 136 -24.88 31.64 -12.47
CA TRP UA 136 -24.48 33.00 -12.12
C TRP UA 136 -25.22 34.13 -12.79
N TYR UA 137 -26.16 34.72 -12.05
CA TYR UA 137 -26.93 35.85 -12.52
C TYR UA 137 -26.96 36.89 -11.43
N THR UA 138 -26.77 38.15 -11.80
CA THR UA 138 -26.81 39.25 -10.83
C THR UA 138 -28.28 39.59 -10.58
N TYR UA 139 -28.67 39.87 -9.33
CA TYR UA 139 -30.04 40.26 -9.02
C TYR UA 139 -29.91 41.65 -8.47
N GLU UA 140 -30.32 42.64 -9.27
CA GLU UA 140 -30.18 44.04 -8.90
C GLU UA 140 -31.47 44.82 -9.07
N ASN UA 141 -31.57 45.95 -8.35
CA ASN UA 141 -32.72 46.84 -8.34
C ASN UA 141 -32.53 47.86 -9.47
N LEU UA 142 -33.43 47.84 -10.46
CA LEU UA 142 -33.38 48.78 -11.59
C LEU UA 142 -34.28 49.99 -11.29
N THR UA 143 -33.68 51.21 -11.35
CA THR UA 143 -34.35 52.48 -11.14
C THR UA 143 -34.06 53.43 -12.30
N PHE UA 144 -35.02 54.33 -12.57
CA PHE UA 144 -34.94 55.37 -13.58
C PHE UA 144 -33.93 56.43 -13.18
N ASP UA 145 -33.49 57.24 -14.15
CA ASP UA 145 -32.54 58.32 -13.92
C ASP UA 145 -33.20 59.66 -14.19
N LYS UA 146 -32.85 60.67 -13.38
CA LYS UA 146 -33.43 62.01 -13.49
C LYS UA 146 -32.46 62.97 -14.14
N ILE UA 147 -32.99 63.96 -14.85
CA ILE UA 147 -32.19 64.97 -15.54
C ILE UA 147 -32.37 66.33 -14.85
N GLN UA 148 -31.24 66.97 -14.47
CA GLN UA 148 -31.22 68.26 -13.79
C GLN UA 148 -30.65 69.38 -14.64
N ASN UA 149 -31.24 70.58 -14.50
CA ASN UA 149 -30.86 71.80 -15.22
C ASN UA 149 -29.48 72.30 -14.83
N GLY UA 150 -28.68 72.64 -15.83
CA GLY UA 150 -27.34 73.22 -15.66
C GLY UA 150 -27.43 74.63 -15.13
N LYS UA 151 -26.42 75.07 -14.39
CA LYS UA 151 -26.39 76.42 -13.78
C LYS UA 151 -26.23 77.54 -14.80
N VAL UA 152 -26.81 78.71 -14.51
CA VAL UA 152 -26.75 79.89 -15.37
C VAL UA 152 -25.50 80.72 -15.07
N ILE UA 153 -24.70 81.00 -16.11
CA ILE UA 153 -23.45 81.75 -16.03
C ILE UA 153 -23.48 82.92 -17.01
N ALA UA 154 -23.02 84.11 -16.55
CA ALA UA 154 -22.98 85.33 -17.34
C ALA UA 154 -21.93 85.26 -18.44
N GLY UA 155 -22.39 85.48 -19.67
CA GLY UA 155 -21.55 85.41 -20.87
C GLY UA 155 -21.52 84.04 -21.52
N MET UA 156 -21.67 82.98 -20.71
CA MET UA 156 -21.64 81.60 -21.17
C MET UA 156 -23.02 81.09 -21.57
N SER UA 157 -24.07 81.54 -20.88
CA SER UA 157 -25.44 81.10 -21.12
C SER UA 157 -26.22 82.01 -22.03
N LYS UA 158 -27.34 81.50 -22.60
CA LYS UA 158 -28.19 82.33 -23.43
C LYS UA 158 -29.18 83.10 -22.54
N ILE UA 159 -28.83 84.35 -22.24
CA ILE UA 159 -29.60 85.31 -21.44
C ILE UA 159 -29.25 86.69 -21.98
N TYR UA 160 -30.19 87.63 -21.84
CA TYR UA 160 -29.95 89.03 -22.20
C TYR UA 160 -29.75 89.74 -20.86
N GLY UA 161 -28.51 89.88 -20.41
CA GLY UA 161 -28.22 90.46 -19.11
C GLY UA 161 -27.38 91.70 -19.14
N GLY UA 162 -26.91 92.09 -17.96
CA GLY UA 162 -26.07 93.26 -17.75
C GLY UA 162 -26.79 94.55 -18.13
N THR UA 163 -26.10 95.43 -18.89
CA THR UA 163 -26.60 96.71 -19.38
C THR UA 163 -27.77 96.54 -20.36
N ALA UA 164 -28.84 97.33 -20.15
CA ALA UA 164 -30.09 97.31 -20.92
C ALA UA 164 -29.90 97.65 -22.41
N PRO UA 165 -30.62 96.98 -23.35
CA PRO UA 165 -31.65 95.95 -23.16
C PRO UA 165 -31.17 94.50 -23.25
N GLY UA 166 -30.18 94.10 -22.44
CA GLY UA 166 -29.64 92.75 -22.37
C GLY UA 166 -28.71 92.47 -23.51
N ASN UA 167 -27.63 91.76 -23.23
CA ASN UA 167 -26.68 91.45 -24.30
C ASN UA 167 -26.08 90.06 -24.17
N TYR UA 168 -26.14 89.26 -25.24
CA TYR UA 168 -25.50 87.94 -25.29
C TYR UA 168 -24.47 87.93 -26.43
N LYS UA 169 -23.21 87.57 -26.13
CA LYS UA 169 -22.14 87.62 -27.11
C LYS UA 169 -21.75 86.28 -27.75
N TYR UA 170 -21.53 86.29 -29.07
CA TYR UA 170 -21.05 85.12 -29.81
C TYR UA 170 -19.53 85.13 -29.68
N ILE UA 171 -19.00 84.17 -28.92
CA ILE UA 171 -17.56 84.03 -28.71
C ILE UA 171 -17.10 82.76 -29.46
N LYS UA 172 -15.80 82.45 -29.44
CA LYS UA 172 -15.25 81.29 -30.11
C LYS UA 172 -14.94 80.23 -29.05
N GLY UA 173 -15.84 79.26 -28.91
CA GLY UA 173 -15.71 78.18 -27.95
C GLY UA 173 -16.53 78.37 -26.69
N THR UA 174 -16.48 79.57 -26.10
CA THR UA 174 -17.24 79.87 -24.89
C THR UA 174 -18.68 80.29 -25.21
N SER UA 175 -18.86 81.04 -26.33
CA SER UA 175 -20.10 81.55 -26.96
C SER UA 175 -21.36 81.50 -26.10
N TYR UA 176 -22.44 80.86 -26.58
CA TYR UA 176 -23.65 80.70 -25.79
C TYR UA 176 -24.08 79.25 -25.74
N THR UA 177 -24.22 78.71 -24.52
CA THR UA 177 -24.65 77.35 -24.26
C THR UA 177 -25.91 77.44 -23.42
N TYR UA 178 -26.99 76.79 -23.85
CA TYR UA 178 -28.27 76.78 -23.16
C TYR UA 178 -28.14 76.20 -21.73
N TYR UA 179 -28.77 76.86 -20.73
CA TYR UA 179 -28.70 76.44 -19.33
C TYR UA 179 -29.32 75.06 -19.05
N GLY UA 180 -30.55 74.88 -19.47
CA GLY UA 180 -31.31 73.65 -19.30
C GLY UA 180 -32.62 73.76 -20.04
N GLU UA 181 -33.61 73.03 -19.58
CA GLU UA 181 -34.92 73.05 -20.21
C GLU UA 181 -36.02 73.38 -19.20
N SER UA 182 -37.04 74.14 -19.63
CA SER UA 182 -38.18 74.47 -18.80
C SER UA 182 -38.90 73.14 -18.52
N ASP UA 183 -39.26 72.87 -17.26
CA ASP UA 183 -39.87 71.60 -16.87
C ASP UA 183 -39.01 70.38 -17.26
N ILE UA 184 -37.73 70.40 -16.90
CA ILE UA 184 -36.82 69.30 -17.15
C ILE UA 184 -37.16 68.07 -16.26
N ASP UA 185 -38.19 68.22 -15.41
CA ASP UA 185 -38.71 67.18 -14.54
C ASP UA 185 -39.55 66.13 -15.32
N ARG UA 186 -39.89 66.43 -16.58
CA ARG UA 186 -40.64 65.52 -17.46
C ARG UA 186 -39.74 64.41 -18.00
N LEU UA 187 -38.42 64.69 -18.18
CA LEU UA 187 -37.44 63.74 -18.70
C LEU UA 187 -36.99 62.73 -17.65
N SER UA 188 -37.22 61.46 -17.95
CA SER UA 188 -36.82 60.33 -17.10
C SER UA 188 -36.43 59.20 -18.01
N ARG UA 189 -35.22 58.68 -17.84
CA ARG UA 189 -34.74 57.55 -18.63
C ARG UA 189 -34.60 56.33 -17.74
N TRP UA 190 -35.23 55.23 -18.14
CA TRP UA 190 -35.04 53.93 -17.52
C TRP UA 190 -33.95 53.33 -18.42
N ASP UA 191 -32.68 53.39 -17.97
CA ASP UA 191 -31.56 52.96 -18.80
C ASP UA 191 -31.22 51.49 -18.71
N ILE UA 192 -31.03 50.88 -19.89
CA ILE UA 192 -30.63 49.48 -20.05
C ILE UA 192 -29.25 49.52 -20.72
N LYS UA 193 -28.20 49.17 -19.97
CA LYS UA 193 -26.83 49.22 -20.46
C LYS UA 193 -26.25 47.90 -20.94
N GLU UA 194 -26.66 46.78 -20.33
CA GLU UA 194 -26.22 45.43 -20.70
C GLU UA 194 -27.48 44.57 -20.95
N GLU UA 195 -27.34 43.51 -21.76
CA GLU UA 195 -28.46 42.60 -22.10
C GLU UA 195 -29.00 41.84 -20.88
N ILE UA 196 -30.29 42.00 -20.60
CA ILE UA 196 -30.93 41.34 -19.46
C ILE UA 196 -31.86 40.21 -19.94
N PHE UA 197 -32.00 39.12 -19.13
CA PHE UA 197 -32.83 37.96 -19.47
C PHE UA 197 -34.24 37.92 -18.87
N SER UA 198 -34.37 37.94 -17.54
CA SER UA 198 -35.68 37.99 -16.88
C SER UA 198 -35.75 39.17 -15.91
N PHE UA 199 -36.97 39.54 -15.48
CA PHE UA 199 -37.19 40.66 -14.55
C PHE UA 199 -38.51 40.55 -13.78
N MET UA 200 -38.57 41.14 -12.57
CA MET UA 200 -39.75 41.12 -11.71
C MET UA 200 -40.21 42.56 -11.43
N GLY UA 201 -41.06 43.07 -12.31
CA GLY UA 201 -41.56 44.42 -12.17
C GLY UA 201 -42.91 44.49 -11.52
N ILE UA 202 -43.10 45.52 -10.68
CA ILE UA 202 -44.38 45.83 -10.02
C ILE UA 202 -44.87 47.10 -10.71
N LEU UA 203 -45.81 46.95 -11.64
CA LEU UA 203 -46.33 48.06 -12.43
C LEU UA 203 -47.53 48.72 -11.77
N TYR UA 204 -47.52 50.05 -11.59
CA TYR UA 204 -48.64 50.78 -11.00
C TYR UA 204 -49.38 51.52 -12.14
N PRO UA 205 -50.56 51.03 -12.57
CA PRO UA 205 -51.27 51.65 -13.72
C PRO UA 205 -52.10 52.90 -13.40
N LYS UA 206 -52.23 53.79 -14.38
CA LYS UA 206 -52.99 55.04 -14.21
C LYS UA 206 -54.46 54.97 -14.63
N LEU UA 207 -54.71 54.79 -15.93
CA LEU UA 207 -56.05 54.81 -16.51
C LEU UA 207 -56.58 53.44 -16.86
N PRO UA 208 -57.85 53.16 -16.52
CA PRO UA 208 -58.42 51.85 -16.87
C PRO UA 208 -58.82 51.77 -18.33
N LYS UA 209 -58.71 50.57 -18.90
CA LYS UA 209 -59.15 50.28 -20.29
C LYS UA 209 -58.19 50.76 -21.35
N THR UA 210 -57.09 51.33 -20.91
CA THR UA 210 -56.02 51.83 -21.78
C THR UA 210 -54.89 50.84 -21.59
N PRO UA 211 -54.25 50.38 -22.68
CA PRO UA 211 -53.18 49.40 -22.53
C PRO UA 211 -52.07 49.89 -21.58
N ALA UA 212 -51.97 49.21 -20.44
CA ALA UA 212 -51.02 49.53 -19.39
C ALA UA 212 -49.98 48.44 -19.26
N GLY UA 213 -48.71 48.83 -19.34
CA GLY UA 213 -47.57 47.93 -19.27
C GLY UA 213 -46.34 48.55 -19.88
N VAL UA 214 -45.17 47.92 -19.67
CA VAL UA 214 -43.92 48.44 -20.21
C VAL UA 214 -43.65 47.99 -21.64
N ARG UA 215 -42.93 48.83 -22.41
CA ARG UA 215 -42.44 48.59 -23.76
C ARG UA 215 -40.92 48.82 -23.74
N PHE UA 216 -40.18 48.19 -24.66
CA PHE UA 216 -38.73 48.35 -24.69
C PHE UA 216 -38.23 48.96 -25.99
N LEU UA 217 -37.40 49.99 -25.85
CA LEU UA 217 -36.80 50.71 -26.96
C LEU UA 217 -35.37 50.29 -27.17
N ASP UA 218 -35.01 50.17 -28.43
CA ASP UA 218 -33.64 49.87 -28.82
C ASP UA 218 -32.87 51.20 -28.87
N ASP UA 219 -31.61 51.15 -29.25
CA ASP UA 219 -30.70 52.30 -29.36
C ASP UA 219 -31.13 53.42 -30.35
N ILE UA 220 -32.02 53.08 -31.30
CA ILE UA 220 -32.52 54.02 -32.30
C ILE UA 220 -33.94 54.54 -32.03
N GLY UA 221 -34.50 54.19 -30.87
CA GLY UA 221 -35.82 54.65 -30.46
C GLY UA 221 -37.00 53.94 -31.08
N ASN UA 222 -36.82 52.65 -31.43
CA ASN UA 222 -37.86 51.76 -31.99
C ASN UA 222 -38.23 50.67 -30.99
N GLU UA 223 -39.41 50.06 -31.17
CA GLU UA 223 -39.86 49.02 -30.26
C GLU UA 223 -39.69 47.60 -30.80
N TYR UA 224 -39.12 46.71 -29.98
CA TYR UA 224 -38.93 45.32 -30.30
C TYR UA 224 -39.91 44.42 -29.55
N THR UA 225 -40.05 44.62 -28.22
CA THR UA 225 -40.97 43.87 -27.36
C THR UA 225 -41.74 44.80 -26.44
N ALA UA 226 -42.95 44.37 -26.02
CA ALA UA 226 -43.83 45.13 -25.13
C ALA UA 226 -44.80 44.20 -24.40
N ILE UA 227 -44.82 44.30 -23.07
CA ILE UA 227 -45.74 43.52 -22.25
C ILE UA 227 -46.85 44.49 -21.94
N VAL UA 228 -47.93 44.44 -22.70
CA VAL UA 228 -49.01 45.38 -22.50
C VAL UA 228 -50.35 44.71 -22.26
N PHE UA 229 -51.05 45.13 -21.21
CA PHE UA 229 -52.34 44.56 -20.84
C PHE UA 229 -53.44 45.59 -20.92
N LYS UA 230 -54.62 45.20 -21.39
CA LYS UA 230 -55.78 46.10 -21.44
C LYS UA 230 -56.90 45.61 -20.50
N THR UA 231 -56.89 46.13 -19.26
CA THR UA 231 -57.82 45.78 -18.18
C THR UA 231 -59.11 46.59 -18.23
N GLU UA 232 -60.17 46.07 -17.59
CA GLU UA 232 -61.46 46.74 -17.53
C GLU UA 232 -61.52 47.78 -16.41
N GLN UA 233 -60.92 47.47 -15.25
CA GLN UA 233 -60.86 48.39 -14.12
C GLN UA 233 -59.38 48.66 -13.76
N VAL UA 234 -59.12 49.74 -13.01
CA VAL UA 234 -57.77 50.12 -12.59
C VAL UA 234 -57.23 49.14 -11.55
N GLN UA 235 -56.19 48.41 -11.91
CA GLN UA 235 -55.54 47.48 -11.00
C GLN UA 235 -54.66 48.32 -10.10
N ASP UA 236 -54.55 47.96 -8.82
CA ASP UA 236 -53.73 48.71 -7.87
C ASP UA 236 -52.24 48.58 -8.23
N TYR UA 237 -51.87 47.42 -8.79
CA TYR UA 237 -50.54 47.07 -9.31
C TYR UA 237 -50.57 45.79 -10.15
N ILE UA 238 -49.86 45.78 -11.29
CA ILE UA 238 -49.71 44.62 -12.15
C ILE UA 238 -48.36 43.99 -11.78
N LEU UA 239 -48.34 42.68 -11.48
CA LEU UA 239 -47.08 42.00 -11.18
C LEU UA 239 -46.68 41.16 -12.36
N ILE UA 240 -45.54 41.50 -12.94
CA ILE UA 240 -45.01 40.77 -14.08
C ILE UA 240 -43.68 40.11 -13.80
N ASN UA 241 -43.57 38.82 -14.12
CA ASN UA 241 -42.31 38.08 -14.00
C ASN UA 241 -42.03 37.41 -15.34
N THR UA 242 -40.82 37.67 -15.85
CA THR UA 242 -40.35 37.15 -17.13
C THR UA 242 -39.57 35.84 -16.99
N ASP UA 243 -39.42 35.35 -15.74
CA ASP UA 243 -38.71 34.09 -15.51
C ASP UA 243 -39.37 32.98 -16.33
N VAL UA 244 -38.56 32.21 -17.05
CA VAL UA 244 -39.04 31.17 -17.95
C VAL UA 244 -39.81 30.06 -17.23
N ASN UA 245 -39.27 29.64 -16.09
CA ASN UA 245 -39.81 28.57 -15.28
C ASN UA 245 -41.12 28.87 -14.60
N ASP UA 246 -41.25 30.06 -13.97
CA ASP UA 246 -42.53 30.43 -13.35
C ASP UA 246 -43.00 31.84 -13.78
N GLU UA 247 -43.52 31.97 -15.01
CA GLU UA 247 -44.01 33.26 -15.51
C GLU UA 247 -45.26 33.68 -14.72
N THR UA 248 -45.28 34.92 -14.25
CA THR UA 248 -46.45 35.47 -13.53
C THR UA 248 -46.85 36.76 -14.21
N TYR UA 249 -48.14 36.90 -14.55
CA TYR UA 249 -48.72 38.10 -15.14
C TYR UA 249 -50.07 38.34 -14.41
N GLN UA 250 -50.02 38.78 -13.14
CA GLN UA 250 -51.23 38.99 -12.34
C GLN UA 250 -51.56 40.43 -11.92
N GLY UA 251 -52.80 40.84 -12.16
CA GLY UA 251 -53.27 42.16 -11.79
C GLY UA 251 -53.92 42.17 -10.42
N TRP UA 252 -53.23 42.74 -9.43
CA TRP UA 252 -53.80 42.79 -8.08
C TRP UA 252 -54.66 44.04 -7.89
N LYS UA 253 -55.86 43.86 -7.31
CA LYS UA 253 -56.79 44.91 -6.93
C LYS UA 253 -57.24 44.50 -5.51
N GLY UA 254 -56.87 45.30 -4.51
CA GLY UA 254 -57.17 45.02 -3.11
C GLY UA 254 -56.41 43.79 -2.62
N THR UA 255 -57.16 42.74 -2.24
CA THR UA 255 -56.64 41.46 -1.78
C THR UA 255 -56.87 40.36 -2.84
N THR UA 256 -57.46 40.74 -3.98
CA THR UA 256 -57.80 39.84 -5.08
C THR UA 256 -56.74 39.82 -6.21
N ALA UA 257 -56.29 38.60 -6.59
CA ALA UA 257 -55.30 38.38 -7.66
C ALA UA 257 -55.98 37.88 -8.93
N LEU UA 258 -55.77 38.59 -10.04
CA LEU UA 258 -56.39 38.29 -11.33
C LEU UA 258 -55.37 37.89 -12.35
N ASN UA 259 -55.64 36.81 -13.10
CA ASN UA 259 -54.72 36.34 -14.16
C ASN UA 259 -54.84 37.24 -15.39
N LEU UA 260 -53.73 37.88 -15.79
CA LEU UA 260 -53.72 38.80 -16.92
C LEU UA 260 -53.23 38.25 -18.24
N PHE UA 261 -52.97 36.93 -18.32
CA PHE UA 261 -52.53 36.30 -19.56
C PHE UA 261 -53.46 36.51 -20.78
N PRO UA 262 -54.80 36.26 -20.73
CA PRO UA 262 -55.61 36.46 -21.95
C PRO UA 262 -55.80 37.90 -22.39
N VAL UA 263 -55.66 38.85 -21.47
CA VAL UA 263 -55.85 40.28 -21.72
C VAL UA 263 -54.60 40.92 -22.36
N MET UA 264 -53.43 40.27 -22.25
CA MET UA 264 -52.11 40.67 -22.77
C MET UA 264 -52.09 40.74 -24.31
N ASP UA 265 -51.22 41.62 -24.87
CA ASP UA 265 -51.02 41.74 -26.33
C ASP UA 265 -49.92 40.76 -26.73
N PHE UA 266 -50.35 39.69 -27.40
CA PHE UA 266 -49.47 38.61 -27.84
C PHE UA 266 -48.56 39.00 -29.00
N GLU UA 267 -49.01 39.91 -29.88
CA GLU UA 267 -48.21 40.35 -31.03
C GLU UA 267 -47.07 41.29 -30.67
N ARG UA 268 -47.31 42.21 -29.71
CA ARG UA 268 -46.32 43.18 -29.24
C ARG UA 268 -45.19 42.53 -28.43
N TYR UA 269 -45.51 41.49 -27.63
CA TYR UA 269 -44.55 40.73 -26.82
C TYR UA 269 -43.81 39.74 -27.73
N ARG UA 270 -42.78 40.24 -28.42
CA ARG UA 270 -41.98 39.47 -29.37
C ARG UA 270 -40.85 38.65 -28.74
N THR UA 271 -40.15 39.21 -27.73
CA THR UA 271 -39.06 38.51 -27.05
C THR UA 271 -38.97 38.82 -25.56
N ARG UA 272 -38.35 37.91 -24.81
CA ARG UA 272 -38.15 38.00 -23.38
C ARG UA 272 -36.82 38.69 -23.08
N ILE UA 273 -35.82 38.46 -23.96
CA ILE UA 273 -34.46 38.99 -23.89
C ILE UA 273 -34.48 40.49 -24.19
N ILE UA 274 -34.12 41.31 -23.18
CA ILE UA 274 -34.09 42.77 -23.31
C ILE UA 274 -32.71 43.23 -23.78
N GLU UA 275 -32.68 44.04 -24.85
CA GLU UA 275 -31.45 44.58 -25.44
C GLU UA 275 -31.10 45.99 -24.97
N LYS UA 276 -29.88 46.45 -25.27
CA LYS UA 276 -29.35 47.76 -24.92
C LYS UA 276 -30.21 48.89 -25.53
N GLY UA 277 -30.70 49.74 -24.64
CA GLY UA 277 -31.56 50.87 -24.98
C GLY UA 277 -32.25 51.42 -23.75
N GLN UA 278 -33.55 51.73 -23.89
CA GLN UA 278 -34.35 52.26 -22.78
C GLN UA 278 -35.74 51.66 -22.66
N MET UA 279 -36.31 51.68 -21.45
CA MET UA 279 -37.65 51.17 -21.18
C MET UA 279 -38.62 52.32 -21.04
N GLU UA 280 -39.80 52.19 -21.67
CA GLU UA 280 -40.86 53.20 -21.59
C GLU UA 280 -42.07 52.62 -20.88
N LEU UA 281 -42.71 53.43 -20.01
CA LEU UA 281 -43.87 53.04 -19.25
C LEU UA 281 -45.14 53.50 -19.96
N ILE UA 282 -46.02 52.57 -20.36
CA ILE UA 282 -47.27 52.92 -21.03
C ILE UA 282 -48.39 52.91 -20.00
N ASN UA 283 -49.05 54.07 -19.81
CA ASN UA 283 -50.17 54.28 -18.88
C ASN UA 283 -49.81 53.82 -17.44
N LEU UA 284 -48.67 54.32 -16.93
CA LEU UA 284 -48.19 53.98 -15.59
C LEU UA 284 -47.83 55.23 -14.78
N SER UA 285 -48.25 55.24 -13.50
CA SER UA 285 -48.02 56.33 -12.55
C SER UA 285 -46.68 56.18 -11.84
N LYS UA 286 -46.29 54.94 -11.52
CA LYS UA 286 -45.06 54.59 -10.80
C LYS UA 286 -44.62 53.18 -11.24
N ALA UA 287 -43.31 52.86 -11.10
CA ALA UA 287 -42.77 51.54 -11.45
C ALA UA 287 -41.61 51.14 -10.54
N GLU UA 288 -41.56 49.84 -10.17
CA GLU UA 288 -40.52 49.26 -9.32
C GLU UA 288 -39.99 47.99 -9.97
N PHE UA 289 -38.73 48.01 -10.42
CA PHE UA 289 -38.12 46.89 -11.13
C PHE UA 289 -36.94 46.22 -10.47
N LYS UA 290 -36.84 44.89 -10.66
CA LYS UA 290 -35.75 44.04 -10.19
C LYS UA 290 -35.20 43.30 -11.39
N ILE UA 291 -34.00 43.67 -11.83
CA ILE UA 291 -33.38 43.09 -13.00
C ILE UA 291 -32.34 42.02 -12.72
N LYS UA 292 -32.52 40.86 -13.35
CA LYS UA 292 -31.58 39.76 -13.28
C LYS UA 292 -30.88 39.61 -14.62
N ARG UA 293 -29.55 39.60 -14.58
CA ARG UA 293 -28.66 39.58 -15.74
C ARG UA 293 -27.60 38.49 -15.56
N LYS UA 294 -27.45 37.60 -16.56
CA LYS UA 294 -26.53 36.46 -16.53
C LYS UA 294 -25.05 36.77 -16.75
N ALA UA 295 -24.19 35.97 -16.10
CA ALA UA 295 -22.73 35.99 -16.16
C ALA UA 295 -22.28 34.52 -16.18
N ASP UA 296 -21.59 34.10 -17.24
CA ASP UA 296 -21.15 32.71 -17.41
C ASP UA 296 -20.16 32.23 -16.35
N PHE UA 297 -19.08 32.99 -16.11
CA PHE UA 297 -18.09 32.67 -15.09
C PHE UA 297 -17.86 33.86 -14.18
N VAL UA 298 -17.91 33.61 -12.86
CA VAL UA 298 -17.69 34.59 -11.81
C VAL UA 298 -16.89 33.94 -10.67
N MET VA 1 -35.64 6.43 21.32
CA MET VA 1 -34.31 6.99 21.12
C MET VA 1 -33.71 6.63 19.78
N VAL VA 2 -33.20 5.39 19.67
CA VAL VA 2 -32.57 4.87 18.46
C VAL VA 2 -33.65 4.43 17.44
N ARG VA 3 -33.25 4.26 16.17
CA ARG VA 3 -34.05 3.87 15.00
C ARG VA 3 -34.48 2.39 15.04
N GLN VA 4 -35.75 2.15 14.72
CA GLN VA 4 -36.32 0.80 14.71
C GLN VA 4 -36.78 0.42 13.31
N TYR VA 5 -36.18 -0.63 12.74
CA TYR VA 5 -36.62 -1.17 11.46
C TYR VA 5 -37.45 -2.43 11.70
N LYS VA 6 -38.57 -2.57 10.99
CA LYS VA 6 -39.45 -3.72 11.08
C LYS VA 6 -39.95 -4.15 9.72
N ILE VA 7 -39.88 -5.45 9.47
CA ILE VA 7 -40.33 -6.09 8.25
C ILE VA 7 -41.67 -6.74 8.53
N HIS VA 8 -42.67 -6.45 7.69
CA HIS VA 8 -44.02 -6.96 7.85
C HIS VA 8 -44.45 -7.76 6.65
N THR VA 9 -45.05 -8.93 6.91
CA THR VA 9 -45.57 -9.79 5.85
C THR VA 9 -46.83 -9.20 5.23
N ASN VA 10 -47.87 -8.94 6.03
CA ASN VA 10 -49.10 -8.34 5.53
C ASN VA 10 -49.54 -7.18 6.39
N LEU VA 11 -48.85 -6.04 6.25
CA LEU VA 11 -49.21 -4.82 6.99
C LEU VA 11 -50.63 -4.41 6.52
N ASP VA 12 -51.49 -4.02 7.47
CA ASP VA 12 -52.92 -3.71 7.20
C ASP VA 12 -53.74 -4.98 7.08
N GLY VA 13 -53.17 -6.09 7.51
CA GLY VA 13 -53.83 -7.39 7.46
C GLY VA 13 -53.75 -8.17 8.76
N THR VA 14 -54.59 -9.20 8.90
CA THR VA 14 -54.64 -10.04 10.09
C THR VA 14 -53.47 -11.02 10.24
N ASP VA 15 -53.00 -11.61 9.14
CA ASP VA 15 -51.90 -12.58 9.11
C ASP VA 15 -50.53 -11.91 8.97
N ASP VA 16 -50.24 -10.90 9.80
CA ASP VA 16 -49.01 -10.14 9.72
C ASP VA 16 -47.92 -10.55 10.71
N LYS VA 17 -47.05 -11.49 10.30
CA LYS VA 17 -45.91 -11.85 11.15
C LYS VA 17 -44.90 -10.67 11.04
N VAL VA 18 -44.40 -10.17 12.16
CA VAL VA 18 -43.48 -9.03 12.14
C VAL VA 18 -42.07 -9.50 12.47
N TRP VA 19 -41.10 -9.06 11.66
CA TRP VA 19 -39.69 -9.37 11.88
C TRP VA 19 -38.99 -8.12 12.38
N ASP VA 20 -38.47 -8.15 13.63
CA ASP VA 20 -37.78 -7.02 14.24
C ASP VA 20 -36.35 -7.14 13.77
N VAL VA 21 -36.09 -6.52 12.64
CA VAL VA 21 -34.76 -6.55 12.05
C VAL VA 21 -33.73 -5.71 12.79
N THR VA 22 -34.17 -4.73 13.57
CA THR VA 22 -33.25 -3.93 14.37
C THR VA 22 -32.83 -4.71 15.61
N ASN VA 23 -33.82 -5.37 16.27
CA ASN VA 23 -33.60 -6.08 17.52
C ASN VA 23 -33.37 -7.57 17.46
N GLY VA 24 -34.21 -8.29 16.72
CA GLY VA 24 -34.22 -9.74 16.60
C GLY VA 24 -32.98 -10.48 16.14
N LYS VA 25 -33.13 -11.80 15.98
CA LYS VA 25 -32.06 -12.71 15.55
C LYS VA 25 -31.54 -12.38 14.16
N VAL VA 26 -32.44 -12.02 13.21
CA VAL VA 26 -32.04 -11.61 11.86
C VAL VA 26 -31.98 -10.07 11.85
N ARG VA 27 -30.83 -9.49 11.45
CA ARG VA 27 -30.67 -8.04 11.51
C ARG VA 27 -30.30 -7.32 10.24
N PHE VA 28 -30.93 -6.14 10.03
CA PHE VA 28 -30.68 -5.23 8.91
C PHE VA 28 -29.79 -4.12 9.42
N TYR VA 29 -28.65 -3.94 8.76
CA TYR VA 29 -27.65 -2.92 9.10
C TYR VA 29 -27.18 -2.18 7.84
N GLN VA 30 -26.61 -0.96 8.01
CA GLN VA 30 -26.05 -0.10 6.97
C GLN VA 30 -26.88 0.02 5.67
N PRO VA 31 -28.06 0.69 5.71
CA PRO VA 31 -28.83 0.85 4.47
C PRO VA 31 -28.03 1.64 3.44
N SER VA 32 -28.03 1.18 2.16
CA SER VA 32 -27.30 1.81 1.06
C SER VA 32 -27.71 3.27 0.86
N ASN VA 33 -28.98 3.52 0.52
CA ASN VA 33 -29.48 4.88 0.36
C ASN VA 33 -30.92 4.95 0.78
N LEU VA 34 -31.26 5.90 1.65
CA LEU VA 34 -32.63 6.11 2.11
C LEU VA 34 -33.17 7.42 1.52
N GLY VA 35 -32.31 8.10 0.77
CA GLY VA 35 -32.63 9.35 0.09
C GLY VA 35 -33.41 9.17 -1.19
N LEU VA 36 -33.22 10.07 -2.16
CA LEU VA 36 -33.90 10.04 -3.45
C LEU VA 36 -33.09 10.67 -4.54
N GLN VA 37 -33.41 10.34 -5.80
CA GLN VA 37 -32.82 10.90 -7.01
C GLN VA 37 -33.95 11.52 -7.84
N SER VA 38 -33.66 12.59 -8.57
CA SER VA 38 -34.65 13.25 -9.42
C SER VA 38 -34.06 13.68 -10.74
N THR VA 39 -34.83 13.49 -11.82
CA THR VA 39 -34.46 13.89 -13.18
C THR VA 39 -35.40 14.99 -13.62
N ASN VA 40 -34.89 16.23 -13.56
CA ASN VA 40 -35.60 17.48 -13.77
C ASN VA 40 -35.86 17.96 -15.22
N ASN VA 41 -35.22 17.31 -16.24
CA ASN VA 41 -35.35 17.62 -17.68
C ASN VA 41 -35.05 19.08 -18.04
N ILE VA 42 -33.93 19.59 -17.53
CA ILE VA 42 -33.51 20.97 -17.74
C ILE VA 42 -32.74 21.10 -19.05
N TRP VA 43 -33.38 21.76 -20.04
CA TRP VA 43 -32.73 22.10 -21.30
C TRP VA 43 -32.48 23.60 -21.26
N GLN VA 44 -31.29 24.03 -21.74
CA GLN VA 44 -30.88 25.44 -21.73
C GLN VA 44 -30.56 25.93 -23.12
N SER VA 45 -31.15 27.05 -23.50
CA SER VA 45 -30.91 27.69 -24.79
C SER VA 45 -30.28 29.03 -24.52
N ASN VA 46 -29.11 29.30 -25.11
CA ASN VA 46 -28.40 30.57 -24.97
C ASN VA 46 -28.21 31.04 -23.49
N GLY VA 47 -27.70 30.14 -22.65
CA GLY VA 47 -27.44 30.42 -21.23
C GLY VA 47 -28.60 30.43 -20.26
N ILE VA 48 -29.84 30.67 -20.76
CA ILE VA 48 -31.06 30.73 -19.95
C ILE VA 48 -31.70 29.36 -19.81
N GLY VA 49 -32.06 29.00 -18.58
CA GLY VA 49 -32.57 27.68 -18.23
C GLY VA 49 -34.05 27.50 -18.09
N VAL VA 50 -34.55 26.48 -18.79
CA VAL VA 50 -35.94 26.07 -18.79
C VAL VA 50 -36.03 24.70 -18.12
N MET VA 51 -36.92 24.57 -17.12
CA MET VA 51 -37.11 23.31 -16.39
C MET VA 51 -38.42 22.60 -16.75
N GLY VA 52 -38.31 21.31 -17.09
CA GLY VA 52 -39.41 20.43 -17.44
C GLY VA 52 -40.13 19.88 -16.22
N THR VA 53 -40.34 18.55 -16.20
CA THR VA 53 -41.03 17.85 -15.12
C THR VA 53 -40.08 16.92 -14.42
N ARG VA 54 -40.03 17.00 -13.09
CA ARG VA 54 -39.13 16.16 -12.32
C ARG VA 54 -39.66 14.80 -11.90
N SER VA 55 -39.10 13.77 -12.53
CA SER VA 55 -39.44 12.38 -12.26
C SER VA 55 -38.64 11.99 -11.04
N ILE VA 56 -39.33 11.89 -9.91
CA ILE VA 56 -38.75 11.56 -8.61
C ILE VA 56 -38.50 10.04 -8.46
N THR VA 57 -37.30 9.63 -8.90
CA THR VA 57 -36.81 8.25 -8.91
C THR VA 57 -36.38 7.76 -7.51
N GLN VA 58 -36.66 6.48 -7.19
CA GLN VA 58 -36.27 5.87 -5.92
C GLN VA 58 -35.23 4.77 -6.14
N PRO VA 59 -34.09 4.83 -5.41
CA PRO VA 59 -33.04 3.83 -5.62
C PRO VA 59 -33.22 2.61 -4.74
N GLN VA 60 -32.73 1.43 -5.20
CA GLN VA 60 -32.76 0.17 -4.45
C GLN VA 60 -32.18 0.37 -3.06
N ILE VA 61 -32.68 -0.40 -2.07
CA ILE VA 61 -32.17 -0.33 -0.71
C ILE VA 61 -31.50 -1.66 -0.42
N GLU VA 62 -30.19 -1.63 -0.10
CA GLU VA 62 -29.37 -2.80 0.18
C GLU VA 62 -28.91 -2.78 1.64
N PHE VA 63 -29.31 -3.81 2.41
CA PHE VA 63 -28.98 -3.96 3.82
C PHE VA 63 -27.95 -5.05 4.06
N LYS VA 64 -27.11 -4.85 5.08
CA LYS VA 64 -26.11 -5.79 5.51
C LYS VA 64 -26.86 -6.66 6.48
N LEU VA 65 -27.28 -7.84 6.02
CA LEU VA 65 -28.06 -8.78 6.81
C LEU VA 65 -27.19 -9.75 7.61
N GLU VA 66 -27.23 -9.63 8.95
CA GLU VA 66 -26.47 -10.48 9.86
C GLU VA 66 -27.45 -11.30 10.65
N THR VA 67 -27.11 -12.58 10.89
CA THR VA 67 -27.93 -13.49 11.72
C THR VA 67 -27.26 -13.71 13.08
N PHE VA 68 -28.05 -13.92 14.13
CA PHE VA 68 -27.49 -14.08 15.49
C PHE VA 68 -27.84 -15.39 16.21
N GLY VA 69 -27.84 -16.50 15.47
CA GLY VA 69 -28.13 -17.82 16.03
C GLY VA 69 -27.13 -18.30 17.06
N GLU VA 70 -27.45 -19.41 17.71
CA GLU VA 70 -26.61 -20.01 18.74
C GLU VA 70 -25.75 -21.18 18.20
N SER VA 71 -26.17 -21.83 17.11
CA SER VA 71 -25.49 -22.95 16.48
C SER VA 71 -25.58 -22.79 14.98
N LEU VA 72 -24.88 -23.66 14.21
CA LEU VA 72 -24.93 -23.65 12.74
C LEU VA 72 -26.34 -24.00 12.30
N GLU VA 73 -27.00 -24.91 13.04
CA GLU VA 73 -28.37 -25.37 12.86
C GLU VA 73 -29.35 -24.20 13.00
N GLU VA 74 -29.18 -23.36 14.05
CA GLU VA 74 -30.04 -22.20 14.33
C GLU VA 74 -29.92 -21.06 13.30
N ASN VA 75 -28.70 -20.78 12.79
CA ASN VA 75 -28.46 -19.74 11.77
C ASN VA 75 -29.02 -20.15 10.41
N TYR VA 76 -28.92 -21.44 10.02
CA TYR VA 76 -29.46 -21.97 8.77
C TYR VA 76 -30.99 -21.93 8.81
N GLN VA 77 -31.56 -22.20 10.01
CA GLN VA 77 -32.99 -22.19 10.27
C GLN VA 77 -33.57 -20.78 10.22
N LEU VA 78 -32.76 -19.75 10.53
CA LEU VA 78 -33.20 -18.35 10.43
C LEU VA 78 -33.27 -17.89 8.97
N MET VA 79 -32.16 -18.06 8.23
CA MET VA 79 -32.04 -17.71 6.82
C MET VA 79 -33.17 -18.33 5.98
N LYS VA 80 -33.49 -19.62 6.22
CA LYS VA 80 -34.56 -20.35 5.55
C LYS VA 80 -35.94 -19.80 5.92
N ASP VA 81 -36.20 -19.59 7.22
CA ASP VA 81 -37.48 -19.05 7.71
C ASP VA 81 -37.75 -17.60 7.29
N PHE VA 82 -36.75 -16.69 7.44
CA PHE VA 82 -36.85 -15.28 7.08
C PHE VA 82 -37.03 -15.04 5.58
N VAL VA 83 -36.10 -15.52 4.71
CA VAL VA 83 -36.15 -15.36 3.25
C VAL VA 83 -37.42 -15.95 2.62
N ASN VA 84 -37.91 -17.14 3.06
CA ASN VA 84 -39.14 -17.73 2.54
C ASN VA 84 -40.40 -16.97 2.94
N ASP VA 85 -40.41 -16.34 4.13
CA ASP VA 85 -41.53 -15.50 4.58
C ASP VA 85 -41.67 -14.28 3.69
N ILE VA 86 -40.53 -13.74 3.22
CA ILE VA 86 -40.49 -12.62 2.28
C ILE VA 86 -40.97 -13.08 0.90
N LEU VA 87 -40.67 -14.34 0.53
CA LEU VA 87 -41.09 -14.92 -0.75
C LEU VA 87 -42.56 -15.31 -0.80
N SER VA 88 -43.14 -15.79 0.32
CA SER VA 88 -44.54 -16.20 0.44
C SER VA 88 -45.55 -15.09 0.09
N LYS VA 89 -45.25 -13.84 0.47
CA LYS VA 89 -46.06 -12.66 0.19
C LYS VA 89 -45.42 -11.97 -1.01
N LYS VA 90 -46.22 -11.52 -1.98
CA LYS VA 90 -45.72 -10.87 -3.19
C LYS VA 90 -44.89 -9.61 -2.96
N PHE VA 91 -45.14 -8.91 -1.84
CA PHE VA 91 -44.40 -7.69 -1.43
C PHE VA 91 -44.36 -7.58 0.10
N VAL VA 92 -43.22 -7.13 0.63
CA VAL VA 92 -42.98 -7.02 2.07
C VAL VA 92 -42.83 -5.55 2.53
N THR VA 93 -43.68 -5.11 3.50
CA THR VA 93 -43.69 -3.74 4.04
C THR VA 93 -42.62 -3.49 5.11
N LEU VA 94 -41.73 -2.51 4.87
CA LEU VA 94 -40.70 -2.08 5.83
C LEU VA 94 -41.26 -0.91 6.64
N GLU VA 95 -40.79 -0.74 7.88
CA GLU VA 95 -41.22 0.34 8.77
C GLU VA 95 -40.00 1.13 9.30
N TYR VA 96 -39.94 2.41 8.95
CA TYR VA 96 -38.87 3.29 9.38
C TYR VA 96 -39.40 4.07 10.56
N GLN VA 97 -38.89 3.76 11.74
CA GLN VA 97 -39.35 4.40 12.97
C GLN VA 97 -38.23 5.09 13.74
N THR VA 98 -38.49 6.32 14.20
CA THR VA 98 -37.58 7.13 15.01
C THR VA 98 -38.37 7.94 16.03
N GLU VA 99 -37.69 8.75 16.84
CA GLU VA 99 -38.29 9.58 17.88
C GLU VA 99 -39.36 10.52 17.31
N ILE VA 100 -39.11 11.05 16.11
CA ILE VA 100 -40.00 11.99 15.41
C ILE VA 100 -41.00 11.40 14.40
N PHE VA 101 -40.65 10.32 13.71
CA PHE VA 101 -41.54 9.79 12.68
C PHE VA 101 -41.67 8.28 12.61
N GLN VA 102 -42.76 7.84 11.98
CA GLN VA 102 -42.99 6.42 11.68
C GLN VA 102 -43.57 6.24 10.28
N VAL VA 103 -42.72 5.91 9.30
CA VAL VA 103 -43.10 5.75 7.89
C VAL VA 103 -42.95 4.32 7.42
N TYR VA 104 -43.52 4.01 6.24
CA TYR VA 104 -43.46 2.66 5.68
C TYR VA 104 -43.06 2.65 4.20
N ALA VA 105 -42.42 1.57 3.76
CA ALA VA 105 -41.98 1.33 2.40
C ALA VA 105 -42.47 -0.05 1.97
N ASP VA 106 -42.88 -0.21 0.71
CA ASP VA 106 -43.38 -1.48 0.18
C ASP VA 106 -42.33 -2.10 -0.72
N LEU VA 107 -41.32 -2.70 -0.12
CA LEU VA 107 -40.23 -3.31 -0.84
C LEU VA 107 -40.63 -4.64 -1.44
N ALA VA 108 -40.00 -4.99 -2.57
CA ALA VA 108 -40.14 -6.25 -3.29
C ALA VA 108 -38.72 -6.86 -3.27
N LEU VA 109 -38.60 -8.13 -2.89
CA LEU VA 109 -37.29 -8.79 -2.73
C LEU VA 109 -36.56 -8.88 -4.06
N ALA VA 110 -35.46 -8.13 -4.21
CA ALA VA 110 -34.71 -8.10 -5.45
C ALA VA 110 -33.59 -9.11 -5.48
N ASP VA 111 -32.73 -9.16 -4.43
CA ASP VA 111 -31.57 -10.07 -4.35
C ASP VA 111 -31.16 -10.35 -2.91
N VAL VA 112 -30.91 -11.63 -2.61
CA VAL VA 112 -30.41 -12.10 -1.32
C VAL VA 112 -29.20 -13.01 -1.59
N THR VA 113 -28.17 -12.90 -0.75
CA THR VA 113 -26.95 -13.68 -0.94
C THR VA 113 -26.74 -14.73 0.15
N LYS VA 114 -26.20 -15.89 -0.23
CA LYS VA 114 -25.88 -16.96 0.71
C LYS VA 114 -24.48 -17.47 0.36
N THR VA 115 -23.53 -17.30 1.30
CA THR VA 115 -22.12 -17.70 1.14
C THR VA 115 -21.64 -18.57 2.31
N GLU VA 116 -20.48 -19.23 2.15
CA GLU VA 116 -19.92 -20.10 3.18
C GLU VA 116 -18.85 -19.50 4.10
N GLY VA 117 -18.83 -18.18 4.21
CA GLY VA 117 -17.94 -17.46 5.10
C GLY VA 117 -18.66 -17.23 6.41
N TYR VA 118 -18.65 -18.26 7.28
CA TYR VA 118 -19.35 -18.23 8.54
C TYR VA 118 -18.49 -17.78 9.69
N GLY VA 119 -19.06 -16.86 10.46
CA GLY VA 119 -18.51 -16.37 11.70
C GLY VA 119 -18.97 -17.36 12.75
N LYS VA 120 -18.66 -17.06 13.97
CA LYS VA 120 -18.85 -17.89 15.17
C LYS VA 120 -20.21 -18.50 15.33
N ASN VA 121 -20.24 -19.84 15.50
CA ASN VA 121 -21.43 -20.70 15.60
C ASN VA 121 -22.28 -20.65 14.33
N GLY VA 122 -21.58 -20.56 13.20
CA GLY VA 122 -22.17 -20.52 11.86
C GLY VA 122 -23.00 -19.30 11.53
N THR VA 123 -22.64 -18.14 12.10
CA THR VA 123 -23.32 -16.86 11.89
C THR VA 123 -23.18 -16.38 10.43
N PHE VA 124 -24.03 -15.43 10.00
CA PHE VA 124 -24.03 -14.95 8.62
C PHE VA 124 -23.83 -13.45 8.49
N SER VA 125 -23.15 -13.04 7.41
CA SER VA 125 -22.94 -11.65 7.00
C SER VA 125 -23.27 -11.64 5.52
N GLU VA 126 -24.47 -11.16 5.16
CA GLU VA 126 -24.97 -11.20 3.78
C GLU VA 126 -25.61 -9.89 3.36
N LYS VA 127 -25.68 -9.66 2.05
CA LYS VA 127 -26.32 -8.46 1.55
C LYS VA 127 -27.67 -8.78 0.94
N ILE VA 128 -28.70 -8.07 1.40
CA ILE VA 128 -30.08 -8.21 0.94
C ILE VA 128 -30.52 -6.92 0.21
N THR VA 129 -30.88 -7.04 -1.08
CA THR VA 129 -31.27 -5.92 -1.93
C THR VA 129 -32.77 -5.97 -2.15
N PHE VA 130 -33.39 -4.79 -2.15
CA PHE VA 130 -34.82 -4.63 -2.36
C PHE VA 130 -35.10 -3.64 -3.46
N ASP VA 131 -36.19 -3.89 -4.19
CA ASP VA 131 -36.72 -3.04 -5.24
C ASP VA 131 -37.89 -2.30 -4.61
N ILE VA 132 -38.05 -1.00 -4.93
CA ILE VA 132 -39.11 -0.23 -4.30
C ILE VA 132 -40.38 -0.07 -5.12
N ILE VA 133 -41.51 -0.31 -4.45
CA ILE VA 133 -42.84 -0.16 -4.97
C ILE VA 133 -43.24 1.27 -4.55
N THR VA 134 -43.35 1.55 -3.24
CA THR VA 134 -43.67 2.88 -2.72
C THR VA 134 -42.67 3.21 -1.64
N LYS VA 135 -41.94 4.32 -1.81
CA LYS VA 135 -40.97 4.76 -0.81
C LYS VA 135 -41.51 5.91 0.04
N TRP VA 136 -41.66 5.62 1.34
CA TRP VA 136 -42.23 6.40 2.45
C TRP VA 136 -43.68 6.82 2.32
N TYR VA 137 -44.55 6.16 3.10
CA TYR VA 137 -45.97 6.43 3.15
C TYR VA 137 -46.43 6.28 4.58
N THR VA 138 -47.17 7.27 5.08
CA THR VA 138 -47.70 7.25 6.45
C THR VA 138 -48.91 6.33 6.51
N TYR VA 139 -49.17 5.70 7.67
CA TYR VA 139 -50.35 4.85 7.85
C TYR VA 139 -51.22 5.42 9.02
N GLU VA 140 -51.82 6.56 8.76
CA GLU VA 140 -52.64 7.29 9.71
C GLU VA 140 -54.06 6.72 9.83
N ASN VA 141 -54.69 6.90 11.00
CA ASN VA 141 -56.04 6.49 11.32
C ASN VA 141 -57.00 7.64 11.03
N LEU VA 142 -57.93 7.44 10.09
CA LEU VA 142 -58.91 8.44 9.69
C LEU VA 142 -60.24 8.27 10.45
N THR VA 143 -60.72 9.34 11.12
CA THR VA 143 -61.98 9.36 11.86
C THR VA 143 -62.76 10.63 11.52
N PHE VA 144 -64.10 10.55 11.61
CA PHE VA 144 -65.03 11.65 11.35
C PHE VA 144 -64.92 12.71 12.46
N ASP VA 145 -65.43 13.89 12.18
CA ASP VA 145 -65.46 14.99 13.14
C ASP VA 145 -66.91 15.37 13.47
N LYS VA 146 -67.16 15.75 14.73
CA LYS VA 146 -68.49 16.11 15.18
C LYS VA 146 -68.65 17.61 15.33
N ILE VA 147 -69.88 18.12 15.14
CA ILE VA 147 -70.19 19.55 15.24
C ILE VA 147 -71.04 19.82 16.49
N GLN VA 148 -70.60 20.81 17.30
CA GLN VA 148 -71.24 21.19 18.55
C GLN VA 148 -71.97 22.51 18.52
N ASN VA 149 -73.11 22.57 19.22
CA ASN VA 149 -73.98 23.73 19.35
C ASN VA 149 -73.38 24.75 20.32
N GLY VA 150 -73.28 26.00 19.84
CA GLY VA 150 -72.78 27.12 20.64
C GLY VA 150 -73.71 27.45 21.78
N LYS VA 151 -73.14 27.86 22.92
CA LYS VA 151 -73.84 28.17 24.16
C LYS VA 151 -74.82 29.34 24.02
N VAL VA 152 -75.94 29.29 24.78
CA VAL VA 152 -76.95 30.35 24.77
C VAL VA 152 -76.62 31.41 25.83
N ILE VA 153 -76.58 32.68 25.40
CA ILE VA 153 -76.27 33.81 26.27
C ILE VA 153 -77.33 34.90 26.09
N ALA VA 154 -77.75 35.51 27.21
CA ALA VA 154 -78.77 36.55 27.23
C ALA VA 154 -78.27 37.87 26.65
N GLY VA 155 -78.96 38.34 25.63
CA GLY VA 155 -78.61 39.56 24.91
C GLY VA 155 -77.78 39.32 23.66
N MET VA 156 -76.94 38.27 23.65
CA MET VA 156 -76.09 37.98 22.51
C MET VA 156 -76.73 37.01 21.51
N SER VA 157 -77.60 36.10 21.98
CA SER VA 157 -78.23 35.11 21.11
C SER VA 157 -79.63 35.49 20.63
N LYS VA 158 -80.26 34.63 19.80
CA LYS VA 158 -81.61 34.91 19.33
C LYS VA 158 -82.63 34.13 20.16
N ILE VA 159 -83.21 34.83 21.14
CA ILE VA 159 -84.23 34.34 22.07
C ILE VA 159 -85.11 35.53 22.42
N TYR VA 160 -86.38 35.26 22.73
CA TYR VA 160 -87.32 36.29 23.16
C TYR VA 160 -87.40 36.11 24.68
N GLY VA 161 -86.53 36.79 25.42
CA GLY VA 161 -86.45 36.64 26.87
C GLY VA 161 -86.82 37.87 27.66
N GLY VA 162 -86.57 37.80 28.96
CA GLY VA 162 -86.87 38.87 29.91
C GLY VA 162 -88.35 39.16 30.02
N THR VA 163 -88.73 40.45 29.94
CA THR VA 163 -90.11 40.95 30.03
C THR VA 163 -90.96 40.48 28.83
N ALA VA 164 -92.18 39.97 29.13
CA ALA VA 164 -93.11 39.42 28.16
C ALA VA 164 -93.65 40.48 27.16
N PRO VA 165 -93.85 40.15 25.87
CA PRO VA 165 -93.69 38.84 25.20
C PRO VA 165 -92.34 38.63 24.51
N GLY VA 166 -91.27 38.79 25.29
CA GLY VA 166 -89.89 38.58 24.86
C GLY VA 166 -89.25 39.74 24.14
N ASN VA 167 -87.89 39.79 24.12
CA ASN VA 167 -87.16 40.86 23.47
C ASN VA 167 -85.73 40.49 23.09
N TYR VA 168 -85.34 40.75 21.84
CA TYR VA 168 -83.97 40.56 21.35
C TYR VA 168 -83.50 41.87 20.71
N LYS VA 169 -82.37 42.40 21.18
CA LYS VA 169 -81.86 43.71 20.74
C LYS VA 169 -80.76 43.66 19.69
N TYR VA 170 -80.84 44.56 18.69
CA TYR VA 170 -79.81 44.69 17.65
C TYR VA 170 -78.70 45.61 18.17
N ILE VA 171 -77.46 45.10 18.28
CA ILE VA 171 -76.32 45.91 18.74
C ILE VA 171 -75.11 45.72 17.81
N LYS VA 172 -74.25 46.76 17.69
CA LYS VA 172 -73.05 46.76 16.85
C LYS VA 172 -72.03 45.79 17.45
N GLY VA 173 -71.92 44.62 16.84
CA GLY VA 173 -70.98 43.58 17.24
C GLY VA 173 -71.60 42.49 18.06
N THR VA 174 -72.45 42.84 19.03
CA THR VA 174 -73.11 41.87 19.90
C THR VA 174 -74.40 41.27 19.29
N SER VA 175 -75.31 42.14 18.74
CA SER VA 175 -76.61 41.85 18.06
C SER VA 175 -77.23 40.48 18.38
N TYR VA 176 -77.65 39.71 17.36
CA TYR VA 176 -78.13 38.36 17.61
C TYR VA 176 -77.31 37.35 16.85
N THR VA 177 -76.66 36.46 17.58
CA THR VA 177 -75.84 35.41 17.01
C THR VA 177 -76.54 34.12 17.37
N TYR VA 178 -77.01 33.38 16.37
CA TYR VA 178 -77.70 32.10 16.54
C TYR VA 178 -76.90 31.11 17.40
N TYR VA 179 -77.57 30.40 18.33
CA TYR VA 179 -76.89 29.46 19.23
C TYR VA 179 -76.29 28.23 18.51
N GLY VA 180 -77.13 27.48 17.80
CA GLY VA 180 -76.76 26.27 17.07
C GLY VA 180 -77.91 25.83 16.22
N GLU VA 181 -77.99 24.53 15.96
CA GLU VA 181 -79.06 23.98 15.15
C GLU VA 181 -79.79 22.86 15.86
N SER VA 182 -81.11 22.78 15.67
CA SER VA 182 -81.95 21.72 16.25
C SER VA 182 -81.50 20.41 15.60
N ASP VA 183 -81.01 19.46 16.41
CA ASP VA 183 -80.42 18.23 15.91
C ASP VA 183 -79.11 18.45 15.07
N ILE VA 184 -78.14 19.16 15.68
CA ILE VA 184 -76.81 19.39 15.12
C ILE VA 184 -76.02 18.06 15.01
N ASP VA 185 -76.49 17.03 15.74
CA ASP VA 185 -75.92 15.70 15.80
C ASP VA 185 -75.98 14.97 14.44
N ARG VA 186 -76.72 15.56 13.48
CA ARG VA 186 -76.93 15.07 12.11
C ARG VA 186 -75.77 15.41 11.17
N LEU VA 187 -74.88 16.35 11.59
CA LEU VA 187 -73.73 16.80 10.83
C LEU VA 187 -72.46 16.09 11.31
N SER VA 188 -71.81 15.40 10.39
CA SER VA 188 -70.56 14.68 10.60
C SER VA 188 -69.73 14.82 9.35
N ARG VA 189 -68.51 15.32 9.50
CA ARG VA 189 -67.60 15.48 8.38
C ARG VA 189 -66.44 14.51 8.51
N TRP VA 190 -66.22 13.69 7.47
CA TRP VA 190 -65.06 12.83 7.36
C TRP VA 190 -64.15 13.72 6.52
N ASP VA 191 -63.23 14.43 7.18
CA ASP VA 191 -62.38 15.40 6.49
C ASP VA 191 -61.16 14.79 5.85
N ILE VA 192 -60.90 15.18 4.60
CA ILE VA 192 -59.74 14.76 3.81
C ILE VA 192 -58.91 16.03 3.60
N LYS VA 193 -57.75 16.10 4.24
CA LYS VA 193 -56.89 17.29 4.19
C LYS VA 193 -55.73 17.22 3.21
N GLU VA 194 -55.17 16.01 2.99
CA GLU VA 194 -54.07 15.78 2.03
C GLU VA 194 -54.49 14.65 1.08
N GLU VA 195 -53.91 14.62 -0.13
CA GLU VA 195 -54.19 13.61 -1.18
C GLU VA 195 -53.69 12.22 -0.75
N ILE VA 196 -54.57 11.21 -0.82
CA ILE VA 196 -54.26 9.82 -0.45
C ILE VA 196 -54.31 8.93 -1.69
N PHE VA 197 -53.55 7.81 -1.67
CA PHE VA 197 -53.55 6.86 -2.78
C PHE VA 197 -54.31 5.57 -2.47
N SER VA 198 -53.98 4.89 -1.36
CA SER VA 198 -54.69 3.70 -0.93
C SER VA 198 -55.21 3.85 0.51
N PHE VA 199 -56.26 3.08 0.85
CA PHE VA 199 -56.90 3.06 2.16
C PHE VA 199 -57.56 1.72 2.47
N MET VA 200 -57.65 1.35 3.76
CA MET VA 200 -58.21 0.09 4.23
C MET VA 200 -59.38 0.41 5.16
N GLY VA 201 -60.53 0.67 4.55
CA GLY VA 201 -61.72 1.02 5.32
C GLY VA 201 -62.67 -0.13 5.54
N ILE VA 202 -63.02 -0.37 6.81
CA ILE VA 202 -64.01 -1.38 7.19
C ILE VA 202 -65.31 -0.61 7.27
N LEU VA 203 -66.33 -1.05 6.53
CA LEU VA 203 -67.63 -0.39 6.54
C LEU VA 203 -68.79 -1.33 6.84
N TYR VA 204 -69.57 -1.02 7.88
CA TYR VA 204 -70.72 -1.81 8.30
C TYR VA 204 -71.99 -1.17 7.72
N PRO VA 205 -72.73 -1.90 6.87
CA PRO VA 205 -73.95 -1.35 6.23
C PRO VA 205 -75.19 -1.35 7.13
N LYS VA 206 -76.16 -0.48 6.82
CA LYS VA 206 -77.39 -0.42 7.62
C LYS VA 206 -78.52 -1.32 7.09
N LEU VA 207 -78.94 -1.07 5.85
CA LEU VA 207 -80.10 -1.74 5.26
C LEU VA 207 -79.70 -2.58 4.08
N PRO VA 208 -80.24 -3.80 3.97
CA PRO VA 208 -79.93 -4.64 2.80
C PRO VA 208 -80.68 -4.18 1.55
N LYS VA 209 -80.06 -4.36 0.37
CA LYS VA 209 -80.69 -4.03 -0.92
C LYS VA 209 -80.73 -2.53 -1.19
N THR VA 210 -80.00 -1.77 -0.40
CA THR VA 210 -79.87 -0.34 -0.57
C THR VA 210 -78.38 -0.19 -0.87
N PRO VA 211 -78.01 0.59 -1.89
CA PRO VA 211 -76.57 0.73 -2.22
C PRO VA 211 -75.73 1.20 -1.03
N ALA VA 212 -74.76 0.36 -0.65
CA ALA VA 212 -73.88 0.63 0.48
C ALA VA 212 -72.44 0.82 0.05
N GLY VA 213 -71.86 1.92 0.51
CA GLY VA 213 -70.49 2.28 0.22
C GLY VA 213 -70.16 3.71 0.54
N VAL VA 214 -68.92 4.09 0.25
CA VAL VA 214 -68.47 5.46 0.51
C VAL VA 214 -68.35 6.25 -0.77
N ARG VA 215 -68.71 7.53 -0.70
CA ARG VA 215 -68.57 8.46 -1.81
C ARG VA 215 -67.63 9.58 -1.38
N PHE VA 216 -66.94 10.20 -2.35
CA PHE VA 216 -65.99 11.27 -2.06
C PHE VA 216 -66.38 12.56 -2.74
N LEU VA 217 -66.31 13.66 -1.98
CA LEU VA 217 -66.66 15.00 -2.42
C LEU VA 217 -65.43 15.89 -2.42
N ASP VA 218 -65.33 16.72 -3.44
CA ASP VA 218 -64.25 17.69 -3.57
C ASP VA 218 -64.57 18.94 -2.74
N ASP VA 219 -63.71 19.94 -2.81
CA ASP VA 219 -63.84 21.23 -2.09
C ASP VA 219 -65.11 22.05 -2.43
N ILE VA 220 -65.73 21.80 -3.60
CA ILE VA 220 -66.94 22.48 -4.05
C ILE VA 220 -68.23 21.66 -3.89
N GLY VA 221 -68.13 20.50 -3.28
CA GLY VA 221 -69.27 19.63 -3.03
C GLY VA 221 -69.76 18.80 -4.20
N ASN VA 222 -68.85 18.44 -5.13
CA ASN VA 222 -69.11 17.61 -6.29
C ASN VA 222 -68.44 16.25 -6.12
N GLU VA 223 -69.10 15.17 -6.54
CA GLU VA 223 -68.57 13.83 -6.40
C GLU VA 223 -67.61 13.44 -7.53
N TYR VA 224 -66.46 12.87 -7.18
CA TYR VA 224 -65.48 12.42 -8.16
C TYR VA 224 -65.39 10.91 -8.28
N THR VA 225 -65.40 10.20 -7.13
CA THR VA 225 -65.36 8.74 -7.04
C THR VA 225 -66.25 8.25 -5.91
N ALA VA 226 -66.74 7.01 -6.03
CA ALA VA 226 -67.59 6.37 -5.04
C ALA VA 226 -67.49 4.85 -5.15
N ILE VA 227 -67.17 4.20 -4.04
CA ILE VA 227 -67.09 2.75 -4.01
C ILE VA 227 -68.47 2.34 -3.51
N VAL VA 228 -69.38 1.98 -4.42
CA VAL VA 228 -70.78 1.67 -4.10
C VAL VA 228 -71.10 0.21 -4.42
N PHE VA 229 -71.55 -0.55 -3.42
CA PHE VA 229 -71.95 -1.94 -3.58
C PHE VA 229 -73.44 -2.10 -3.40
N LYS VA 230 -74.04 -3.07 -4.10
CA LYS VA 230 -75.45 -3.42 -3.94
C LYS VA 230 -75.51 -4.87 -3.46
N THR VA 231 -76.21 -5.13 -2.35
CA THR VA 231 -76.25 -6.48 -1.80
C THR VA 231 -77.65 -6.97 -1.58
N GLU VA 232 -77.83 -8.29 -1.60
CA GLU VA 232 -79.12 -8.93 -1.40
C GLU VA 232 -79.44 -9.02 0.09
N GLN VA 233 -78.44 -9.39 0.91
CA GLN VA 233 -78.58 -9.48 2.36
C GLN VA 233 -77.55 -8.58 3.02
N VAL VA 234 -77.76 -8.26 4.30
CA VAL VA 234 -76.83 -7.40 5.02
C VAL VA 234 -75.59 -8.13 5.47
N GLN VA 235 -74.44 -7.74 4.89
CA GLN VA 235 -73.14 -8.29 5.23
C GLN VA 235 -72.71 -7.49 6.45
N ASP VA 236 -72.37 -8.17 7.54
CA ASP VA 236 -72.01 -7.57 8.82
C ASP VA 236 -71.06 -6.37 8.66
N TYR VA 237 -70.08 -6.49 7.73
CA TYR VA 237 -69.13 -5.43 7.36
C TYR VA 237 -68.55 -5.67 5.97
N ILE VA 238 -68.29 -4.59 5.22
CA ILE VA 238 -67.65 -4.62 3.91
C ILE VA 238 -66.20 -4.22 4.15
N LEU VA 239 -65.27 -5.09 3.76
CA LEU VA 239 -63.84 -4.92 3.95
C LEU VA 239 -63.16 -4.57 2.64
N ILE VA 240 -63.18 -3.28 2.33
CA ILE VA 240 -62.58 -2.79 1.11
C ILE VA 240 -61.16 -2.28 1.27
N ASN VA 241 -60.26 -2.69 0.39
CA ASN VA 241 -58.88 -2.22 0.39
C ASN VA 241 -58.57 -1.68 -1.00
N THR VA 242 -58.06 -0.45 -1.06
CA THR VA 242 -57.73 0.22 -2.30
C THR VA 242 -56.31 0.01 -2.78
N ASP VA 243 -55.45 -0.70 -2.03
CA ASP VA 243 -54.08 -0.97 -2.47
C ASP VA 243 -54.11 -1.64 -3.85
N VAL VA 244 -53.31 -1.11 -4.78
CA VAL VA 244 -53.21 -1.58 -6.17
C VAL VA 244 -52.68 -3.01 -6.30
N ASN VA 245 -51.62 -3.32 -5.51
CA ASN VA 245 -50.92 -4.59 -5.51
C ASN VA 245 -51.79 -5.76 -5.06
N ASP VA 246 -52.57 -5.59 -3.99
CA ASP VA 246 -53.47 -6.61 -3.46
C ASP VA 246 -54.85 -5.99 -3.21
N GLU VA 247 -55.49 -5.47 -4.28
CA GLU VA 247 -56.80 -4.85 -4.14
C GLU VA 247 -57.79 -5.86 -3.58
N THR VA 248 -58.45 -5.53 -2.47
CA THR VA 248 -59.38 -6.46 -1.84
C THR VA 248 -60.72 -5.82 -1.60
N TYR VA 249 -61.79 -6.47 -2.05
CA TYR VA 249 -63.18 -6.09 -1.78
C TYR VA 249 -63.88 -7.34 -1.32
N GLN VA 250 -64.53 -7.31 -0.15
CA GLN VA 250 -65.24 -8.47 0.40
C GLN VA 250 -66.25 -8.18 1.52
N GLY VA 251 -67.48 -8.63 1.31
CA GLY VA 251 -68.55 -8.46 2.28
C GLY VA 251 -68.63 -9.63 3.24
N TRP VA 252 -68.28 -9.39 4.50
CA TRP VA 252 -68.30 -10.46 5.48
C TRP VA 252 -69.65 -10.61 6.15
N LYS VA 253 -70.18 -11.84 6.17
CA LYS VA 253 -71.40 -12.23 6.88
C LYS VA 253 -71.00 -13.47 7.67
N GLY VA 254 -71.08 -13.38 9.00
CA GLY VA 254 -70.69 -14.46 9.90
C GLY VA 254 -69.21 -14.80 9.78
N THR VA 255 -68.91 -16.04 9.37
CA THR VA 255 -67.56 -16.54 9.15
C THR VA 255 -67.25 -16.71 7.66
N THR VA 256 -68.22 -16.36 6.80
CA THR VA 256 -68.13 -16.47 5.34
C THR VA 256 -67.74 -15.14 4.68
N ALA VA 257 -66.70 -15.17 3.82
CA ALA VA 257 -66.17 -14.02 3.07
C ALA VA 257 -66.60 -14.11 1.61
N LEU VA 258 -67.34 -13.10 1.12
CA LEU VA 258 -67.86 -13.06 -0.23
C LEU VA 258 -67.24 -11.95 -1.03
N ASN VA 259 -66.86 -12.24 -2.30
CA ASN VA 259 -66.26 -11.21 -3.17
C ASN VA 259 -67.33 -10.27 -3.72
N LEU VA 260 -67.22 -8.97 -3.42
CA LEU VA 260 -68.22 -7.98 -3.82
C LEU VA 260 -67.90 -7.16 -5.06
N PHE VA 261 -66.80 -7.48 -5.76
CA PHE VA 261 -66.40 -6.78 -6.97
C PHE VA 261 -67.44 -6.75 -8.11
N PRO VA 262 -68.07 -7.88 -8.54
CA PRO VA 262 -69.04 -7.80 -9.65
C PRO VA 262 -70.33 -7.08 -9.32
N VAL VA 263 -70.65 -6.97 -8.03
CA VAL VA 263 -71.87 -6.33 -7.53
C VAL VA 263 -71.64 -4.82 -7.22
N MET VA 264 -70.43 -4.30 -7.47
CA MET VA 264 -70.03 -2.91 -7.26
C MET VA 264 -70.39 -2.02 -8.46
N ASP VA 265 -70.72 -0.74 -8.18
CA ASP VA 265 -71.06 0.27 -9.18
C ASP VA 265 -69.80 0.76 -9.91
N PHE VA 266 -69.60 0.26 -11.15
CA PHE VA 266 -68.43 0.58 -11.95
C PHE VA 266 -68.36 2.00 -12.49
N GLU VA 267 -69.52 2.64 -12.72
CA GLU VA 267 -69.62 4.00 -13.25
C GLU VA 267 -69.20 5.06 -12.21
N ARG VA 268 -69.63 4.86 -10.94
CA ARG VA 268 -69.36 5.78 -9.83
C ARG VA 268 -67.89 5.78 -9.40
N TYR VA 269 -67.24 4.59 -9.42
CA TYR VA 269 -65.84 4.40 -9.06
C TYR VA 269 -64.96 4.84 -10.24
N ARG VA 270 -64.72 6.16 -10.33
CA ARG VA 270 -63.93 6.78 -11.39
C ARG VA 270 -62.42 6.76 -11.12
N THR VA 271 -62.01 7.01 -9.84
CA THR VA 271 -60.60 7.03 -9.46
C THR VA 271 -60.31 6.44 -8.07
N ARG VA 272 -59.04 6.06 -7.84
CA ARG VA 272 -58.55 5.50 -6.58
C ARG VA 272 -57.93 6.63 -5.75
N ILE VA 273 -57.31 7.62 -6.44
CA ILE VA 273 -56.66 8.78 -5.86
C ILE VA 273 -57.70 9.72 -5.27
N ILE VA 274 -57.65 9.88 -3.93
CA ILE VA 274 -58.57 10.71 -3.16
C ILE VA 274 -58.03 12.13 -3.07
N GLU VA 275 -58.86 13.12 -3.44
CA GLU VA 275 -58.48 14.53 -3.39
C GLU VA 275 -59.03 15.25 -2.16
N LYS VA 276 -58.48 16.46 -1.88
CA LYS VA 276 -58.85 17.32 -0.76
C LYS VA 276 -60.33 17.69 -0.80
N GLY VA 277 -61.04 17.39 0.27
CA GLY VA 277 -62.47 17.62 0.40
C GLY VA 277 -63.04 16.86 1.57
N GLN VA 278 -64.09 16.07 1.32
CA GLN VA 278 -64.72 15.26 2.35
C GLN VA 278 -65.29 13.94 1.84
N MET VA 279 -65.55 13.00 2.76
CA MET VA 279 -66.11 11.69 2.43
C MET VA 279 -67.47 11.50 3.10
N GLU VA 280 -68.44 10.98 2.35
CA GLU VA 280 -69.78 10.72 2.84
C GLU VA 280 -70.08 9.23 2.85
N LEU VA 281 -70.80 8.76 3.88
CA LEU VA 281 -71.17 7.35 4.02
C LEU VA 281 -72.57 7.12 3.47
N ILE VA 282 -72.69 6.13 2.57
CA ILE VA 282 -73.98 5.78 1.97
C ILE VA 282 -74.40 4.44 2.54
N ASN VA 283 -75.58 4.42 3.19
CA ASN VA 283 -76.18 3.24 3.81
C ASN VA 283 -75.23 2.60 4.86
N LEU VA 284 -74.57 3.43 5.67
CA LEU VA 284 -73.61 2.93 6.67
C LEU VA 284 -73.89 3.43 8.08
N SER VA 285 -74.01 2.49 9.01
CA SER VA 285 -74.20 2.80 10.43
C SER VA 285 -72.89 3.22 11.09
N LYS VA 286 -71.77 2.56 10.73
CA LYS VA 286 -70.45 2.78 11.30
C LYS VA 286 -69.34 2.51 10.29
N ALA VA 287 -68.18 3.17 10.44
CA ALA VA 287 -67.01 2.97 9.58
C ALA VA 287 -65.70 3.24 10.32
N GLU VA 288 -64.69 2.42 10.04
CA GLU VA 288 -63.34 2.56 10.60
C GLU VA 288 -62.39 2.57 9.40
N PHE VA 289 -61.71 3.69 9.19
CA PHE VA 289 -60.79 3.88 8.08
C PHE VA 289 -59.36 4.06 8.51
N LYS VA 290 -58.43 3.55 7.69
CA LYS VA 290 -56.98 3.65 7.86
C LYS VA 290 -56.42 4.23 6.56
N ILE VA 291 -55.99 5.49 6.64
CA ILE VA 291 -55.46 6.27 5.53
C ILE VA 291 -53.96 6.10 5.34
N LYS VA 292 -53.54 5.92 4.07
CA LYS VA 292 -52.11 5.83 3.76
C LYS VA 292 -51.63 6.76 2.65
N ARG VA 293 -51.17 7.98 3.06
CA ARG VA 293 -50.66 9.00 2.14
C ARG VA 293 -49.14 9.10 2.08
N LYS VA 294 -48.62 9.50 0.91
CA LYS VA 294 -47.19 9.57 0.58
C LYS VA 294 -46.33 10.61 1.30
N ALA VA 295 -45.00 10.43 1.15
CA ALA VA 295 -43.90 11.24 1.66
C ALA VA 295 -42.66 10.80 0.86
N ASP VA 296 -42.19 11.65 -0.06
CA ASP VA 296 -41.03 11.32 -0.90
C ASP VA 296 -39.73 11.14 -0.11
N PHE VA 297 -39.41 12.09 0.79
CA PHE VA 297 -38.22 12.03 1.64
C PHE VA 297 -38.60 12.25 3.09
N VAL VA 298 -38.10 11.36 3.97
CA VAL VA 298 -38.32 11.42 5.42
C VAL VA 298 -37.02 11.01 6.13
N MET WA 1 -23.73 -31.88 12.28
CA MET WA 1 -23.18 -30.59 12.69
C MET WA 1 -22.85 -29.67 11.54
N VAL WA 2 -21.72 -29.94 10.86
CA VAL WA 2 -21.23 -29.15 9.72
C VAL WA 2 -22.00 -29.55 8.44
N ARG WA 3 -21.92 -28.72 7.37
CA ARG WA 3 -22.60 -28.93 6.10
C ARG WA 3 -21.97 -30.04 5.23
N GLN WA 4 -22.81 -30.92 4.70
CA GLN WA 4 -22.37 -32.04 3.90
C GLN WA 4 -22.69 -31.83 2.44
N TYR WA 5 -21.66 -31.65 1.61
CA TYR WA 5 -21.81 -31.51 0.17
C TYR WA 5 -21.42 -32.82 -0.49
N LYS WA 6 -22.25 -33.28 -1.45
CA LYS WA 6 -22.04 -34.52 -2.19
C LYS WA 6 -22.45 -34.33 -3.62
N ILE WA 7 -21.55 -34.70 -4.51
CA ILE WA 7 -21.76 -34.65 -5.95
C ILE WA 7 -22.20 -36.05 -6.38
N HIS WA 8 -23.44 -36.15 -6.91
CA HIS WA 8 -24.04 -37.38 -7.38
C HIS WA 8 -24.10 -37.38 -8.90
N THR WA 9 -23.60 -38.47 -9.53
CA THR WA 9 -23.62 -38.60 -10.99
C THR WA 9 -25.03 -38.84 -11.51
N ASN WA 10 -25.71 -39.86 -10.98
CA ASN WA 10 -27.08 -40.15 -11.35
C ASN WA 10 -27.94 -40.49 -10.13
N LEU WA 11 -28.42 -39.43 -9.44
CA LEU WA 11 -29.29 -39.60 -8.28
C LEU WA 11 -30.60 -40.25 -8.79
N ASP WA 12 -31.16 -41.18 -8.02
CA ASP WA 12 -32.38 -41.91 -8.43
C ASP WA 12 -32.07 -43.02 -9.41
N GLY WA 13 -30.78 -43.30 -9.58
CA GLY WA 13 -30.32 -44.31 -10.53
C GLY WA 13 -29.34 -45.28 -9.93
N THR WA 14 -29.33 -46.52 -10.47
CA THR WA 14 -28.45 -47.59 -9.99
C THR WA 14 -26.95 -47.30 -10.13
N ASP WA 15 -26.57 -46.63 -11.24
CA ASP WA 15 -25.19 -46.26 -11.54
C ASP WA 15 -24.80 -44.91 -10.89
N ASP WA 16 -24.93 -44.82 -9.57
CA ASP WA 16 -24.65 -43.58 -8.86
C ASP WA 16 -23.31 -43.54 -8.11
N LYS WA 17 -22.32 -42.92 -8.75
CA LYS WA 17 -21.01 -42.71 -8.17
C LYS WA 17 -21.15 -41.45 -7.31
N VAL WA 18 -20.85 -41.56 -6.02
CA VAL WA 18 -20.99 -40.42 -5.11
C VAL WA 18 -19.61 -39.86 -4.79
N TRP WA 19 -19.43 -38.57 -5.05
CA TRP WA 19 -18.19 -37.88 -4.72
C TRP WA 19 -18.38 -37.08 -3.43
N ASP WA 20 -17.54 -37.31 -2.40
CA ASP WA 20 -17.66 -36.62 -1.13
C ASP WA 20 -16.78 -35.40 -1.20
N VAL WA 21 -17.39 -34.30 -1.60
CA VAL WA 21 -16.68 -33.03 -1.72
C VAL WA 21 -16.50 -32.29 -0.39
N THR WA 22 -17.02 -32.89 0.69
CA THR WA 22 -16.86 -32.30 2.03
C THR WA 22 -15.75 -33.06 2.75
N ASN WA 23 -15.74 -34.39 2.62
CA ASN WA 23 -14.81 -35.28 3.31
C ASN WA 23 -13.74 -35.93 2.47
N GLY WA 24 -14.10 -36.29 1.25
CA GLY WA 24 -13.22 -37.00 0.33
C GLY WA 24 -11.98 -36.29 -0.17
N LYS WA 25 -11.26 -36.98 -1.07
CA LYS WA 25 -10.01 -36.49 -1.68
C LYS WA 25 -10.24 -35.22 -2.48
N VAL WA 26 -11.35 -35.13 -3.24
CA VAL WA 26 -11.70 -33.95 -4.03
C VAL WA 26 -12.71 -33.14 -3.22
N ARG WA 27 -12.33 -31.91 -2.82
CA ARG WA 27 -13.19 -31.09 -2.00
C ARG WA 27 -13.61 -29.77 -2.60
N PHE WA 28 -14.89 -29.40 -2.36
CA PHE WA 28 -15.49 -28.12 -2.76
C PHE WA 28 -15.45 -27.22 -1.53
N TYR WA 29 -15.03 -25.97 -1.73
CA TYR WA 29 -14.92 -24.95 -0.69
C TYR WA 29 -15.42 -23.58 -1.21
N GLN WA 30 -15.80 -22.67 -0.29
CA GLN WA 30 -16.26 -21.29 -0.56
C GLN WA 30 -17.25 -21.14 -1.73
N PRO WA 31 -18.51 -21.61 -1.59
CA PRO WA 31 -19.48 -21.41 -2.67
C PRO WA 31 -19.71 -19.92 -2.91
N SER WA 32 -19.73 -19.49 -4.20
CA SER WA 32 -19.92 -18.09 -4.58
C SER WA 32 -21.23 -17.51 -4.06
N ASN WA 33 -22.37 -18.04 -4.48
CA ASN WA 33 -23.67 -17.59 -3.99
C ASN WA 33 -24.62 -18.75 -3.93
N LEU WA 34 -25.27 -18.93 -2.77
CA LEU WA 34 -26.27 -19.98 -2.56
C LEU WA 34 -27.67 -19.37 -2.46
N GLY WA 35 -27.75 -18.04 -2.55
CA GLY WA 35 -29.00 -17.29 -2.49
C GLY WA 35 -29.76 -17.29 -3.80
N LEU WA 36 -30.46 -16.18 -4.08
CA LEU WA 36 -31.24 -16.02 -5.29
C LEU WA 36 -31.41 -14.57 -5.70
N GLN WA 37 -31.96 -14.37 -6.88
CA GLN WA 37 -32.30 -13.05 -7.42
C GLN WA 37 -33.55 -13.16 -8.28
N SER WA 38 -34.25 -12.05 -8.45
CA SER WA 38 -35.44 -11.97 -9.29
C SER WA 38 -35.54 -10.62 -9.94
N THR WA 39 -36.38 -10.56 -10.96
CA THR WA 39 -36.80 -9.38 -11.68
C THR WA 39 -38.26 -9.35 -11.29
N ASN WA 40 -38.72 -8.21 -10.80
CA ASN WA 40 -40.08 -8.10 -10.28
C ASN WA 40 -41.12 -7.36 -11.16
N ASN WA 41 -40.69 -6.92 -12.38
CA ASN WA 41 -41.51 -6.20 -13.39
C ASN WA 41 -42.36 -5.05 -12.84
N ILE WA 42 -41.73 -4.20 -12.04
CA ILE WA 42 -42.39 -3.08 -11.39
C ILE WA 42 -42.41 -1.89 -12.31
N TRP WA 43 -43.63 -1.54 -12.75
CA TRP WA 43 -43.92 -0.37 -13.58
C TRP WA 43 -44.57 0.64 -12.64
N GLN WA 44 -44.20 1.93 -12.71
CA GLN WA 44 -44.76 2.92 -11.79
C GLN WA 44 -45.57 4.01 -12.43
N SER WA 45 -46.76 4.25 -11.89
CA SER WA 45 -47.68 5.30 -12.31
C SER WA 45 -47.78 6.34 -11.20
N ASN WA 46 -47.41 7.60 -11.49
CA ASN WA 46 -47.46 8.75 -10.58
C ASN WA 46 -46.91 8.48 -9.15
N GLY WA 47 -45.73 7.86 -9.08
CA GLY WA 47 -45.09 7.53 -7.81
C GLY WA 47 -45.55 6.24 -7.15
N ILE WA 48 -46.75 5.75 -7.52
CA ILE WA 48 -47.33 4.51 -7.01
C ILE WA 48 -46.79 3.36 -7.86
N GLY WA 49 -46.42 2.26 -7.20
CA GLY WA 49 -45.86 1.10 -7.87
C GLY WA 49 -46.82 -0.07 -8.06
N VAL WA 50 -46.89 -0.57 -9.29
CA VAL WA 50 -47.69 -1.75 -9.65
C VAL WA 50 -46.69 -2.86 -9.93
N MET WA 51 -46.76 -3.97 -9.18
CA MET WA 51 -45.83 -5.08 -9.32
C MET WA 51 -46.41 -6.23 -10.12
N GLY WA 52 -45.64 -6.67 -11.12
CA GLY WA 52 -45.97 -7.78 -12.00
C GLY WA 52 -45.68 -9.13 -11.39
N THR WA 53 -44.95 -9.98 -12.12
CA THR WA 53 -44.59 -11.33 -11.71
C THR WA 53 -43.09 -11.47 -11.54
N ARG WA 54 -42.69 -12.10 -10.44
CA ARG WA 54 -41.30 -12.32 -10.09
C ARG WA 54 -40.67 -13.55 -10.74
N SER WA 55 -39.75 -13.32 -11.66
CA SER WA 55 -39.02 -14.38 -12.33
C SER WA 55 -37.79 -14.64 -11.48
N ILE WA 56 -37.80 -15.74 -10.70
CA ILE WA 56 -36.68 -16.07 -9.82
C ILE WA 56 -35.51 -16.70 -10.58
N THR WA 57 -34.58 -15.84 -10.98
CA THR WA 57 -33.34 -16.13 -11.70
C THR WA 57 -32.37 -16.81 -10.72
N GLN WA 58 -31.63 -17.83 -11.19
CA GLN WA 58 -30.66 -18.52 -10.34
C GLN WA 58 -29.24 -18.27 -10.80
N PRO WA 59 -28.34 -17.84 -9.87
CA PRO WA 59 -26.96 -17.52 -10.30
C PRO WA 59 -26.03 -18.71 -10.25
N GLN WA 60 -24.99 -18.68 -11.11
CA GLN WA 60 -23.94 -19.71 -11.18
C GLN WA 60 -23.25 -19.90 -9.84
N ILE WA 61 -22.95 -21.16 -9.48
CA ILE WA 61 -22.27 -21.44 -8.23
C ILE WA 61 -20.86 -21.88 -8.57
N GLU WA 62 -19.86 -21.13 -8.05
CA GLU WA 62 -18.43 -21.33 -8.26
C GLU WA 62 -17.78 -21.79 -6.96
N PHE WA 63 -17.17 -22.99 -7.00
CA PHE WA 63 -16.50 -23.61 -5.86
C PHE WA 63 -14.99 -23.60 -6.01
N LYS WA 64 -14.29 -23.47 -4.88
CA LYS WA 64 -12.84 -23.50 -4.81
C LYS WA 64 -12.56 -24.99 -4.65
N LEU WA 65 -12.32 -25.67 -5.78
CA LEU WA 65 -12.06 -27.10 -5.84
C LEU WA 65 -10.62 -27.43 -5.49
N GLU WA 66 -10.44 -28.19 -4.39
CA GLU WA 66 -9.15 -28.60 -3.88
C GLU WA 66 -9.04 -30.11 -3.90
N THR WA 67 -7.81 -30.62 -4.07
CA THR WA 67 -7.48 -32.04 -4.08
C THR WA 67 -6.56 -32.40 -2.91
N PHE WA 68 -6.67 -33.62 -2.37
CA PHE WA 68 -5.87 -34.06 -1.23
C PHE WA 68 -5.08 -35.35 -1.48
N GLY WA 69 -4.55 -35.49 -2.69
CA GLY WA 69 -3.75 -36.63 -3.09
C GLY WA 69 -2.45 -36.73 -2.30
N GLU WA 70 -1.84 -37.90 -2.36
CA GLU WA 70 -0.58 -38.19 -1.66
C GLU WA 70 0.66 -38.02 -2.55
N SER WA 71 0.48 -38.07 -3.88
CA SER WA 71 1.57 -37.93 -4.86
C SER WA 71 1.06 -37.14 -6.03
N LEU WA 72 1.95 -36.79 -6.97
CA LEU WA 72 1.61 -36.07 -8.19
C LEU WA 72 0.73 -36.98 -9.05
N GLU WA 73 1.02 -38.29 -9.05
CA GLU WA 73 0.31 -39.35 -9.77
C GLU WA 73 -1.15 -39.45 -9.29
N GLU WA 74 -1.38 -39.42 -7.97
CA GLU WA 74 -2.73 -39.51 -7.39
C GLU WA 74 -3.59 -38.27 -7.63
N ASN WA 75 -2.99 -37.05 -7.62
CA ASN WA 75 -3.69 -35.80 -7.86
C ASN WA 75 -4.12 -35.65 -9.33
N TYR WA 76 -3.28 -36.13 -10.28
CA TYR WA 76 -3.58 -36.12 -11.71
C TYR WA 76 -4.71 -37.12 -11.98
N GLN WA 77 -4.69 -38.26 -11.25
CA GLN WA 77 -5.70 -39.31 -11.35
C GLN WA 77 -7.04 -38.86 -10.78
N LEU WA 78 -7.03 -37.96 -9.77
CA LEU WA 78 -8.25 -37.41 -9.19
C LEU WA 78 -8.89 -36.37 -10.11
N MET WA 79 -8.11 -35.36 -10.53
CA MET WA 79 -8.61 -34.30 -11.40
C MET WA 79 -9.20 -34.85 -12.70
N LYS WA 80 -8.58 -35.91 -13.29
CA LYS WA 80 -9.05 -36.58 -14.51
C LYS WA 80 -10.34 -37.35 -14.25
N ASP WA 81 -10.41 -38.10 -13.13
CA ASP WA 81 -11.59 -38.87 -12.76
C ASP WA 81 -12.79 -37.99 -12.39
N PHE WA 82 -12.63 -37.11 -11.38
CA PHE WA 82 -13.70 -36.22 -10.93
C PHE WA 82 -14.35 -35.40 -12.04
N VAL WA 83 -13.55 -34.80 -12.94
CA VAL WA 83 -14.08 -34.02 -14.06
C VAL WA 83 -14.80 -34.86 -15.14
N ASN WA 84 -14.18 -35.96 -15.65
CA ASN WA 84 -14.78 -36.85 -16.66
C ASN WA 84 -16.09 -37.53 -16.21
N ASP WA 85 -16.31 -37.64 -14.89
CA ASP WA 85 -17.54 -38.18 -14.33
C ASP WA 85 -18.67 -37.18 -14.45
N ILE WA 86 -18.32 -35.89 -14.52
CA ILE WA 86 -19.26 -34.78 -14.68
C ILE WA 86 -19.51 -34.53 -16.18
N LEU WA 87 -18.72 -35.17 -17.06
CA LEU WA 87 -18.86 -35.04 -18.50
C LEU WA 87 -19.56 -36.21 -19.18
N SER WA 88 -19.55 -37.39 -18.53
CA SER WA 88 -20.23 -38.60 -19.02
C SER WA 88 -21.74 -38.47 -18.80
N LYS WA 89 -22.13 -37.70 -17.77
CA LYS WA 89 -23.49 -37.39 -17.34
C LYS WA 89 -23.76 -35.93 -17.71
N LYS WA 90 -24.75 -35.70 -18.59
CA LYS WA 90 -25.14 -34.38 -19.09
C LYS WA 90 -25.41 -33.32 -18.00
N PHE WA 91 -25.90 -33.76 -16.82
CA PHE WA 91 -26.15 -32.92 -15.65
C PHE WA 91 -25.88 -33.71 -14.36
N VAL WA 92 -25.16 -33.08 -13.41
CA VAL WA 92 -24.75 -33.68 -12.14
C VAL WA 92 -25.52 -33.08 -10.92
N THR WA 93 -25.99 -33.95 -9.99
CA THR WA 93 -26.76 -33.52 -8.82
C THR WA 93 -25.93 -33.26 -7.55
N LEU WA 94 -25.94 -32.00 -7.07
CA LEU WA 94 -25.27 -31.61 -5.82
C LEU WA 94 -26.25 -31.82 -4.66
N GLU WA 95 -25.76 -32.10 -3.45
CA GLU WA 95 -26.58 -32.33 -2.28
C GLU WA 95 -26.17 -31.37 -1.15
N TYR WA 96 -27.12 -30.55 -0.71
CA TYR WA 96 -26.87 -29.61 0.38
C TYR WA 96 -27.48 -30.21 1.62
N GLN WA 97 -26.62 -30.72 2.50
CA GLN WA 97 -27.06 -31.34 3.74
C GLN WA 97 -26.59 -30.57 4.97
N THR WA 98 -27.51 -30.30 5.90
CA THR WA 98 -27.24 -29.59 7.14
C THR WA 98 -28.00 -30.23 8.29
N GLU WA 99 -27.84 -29.70 9.50
CA GLU WA 99 -28.53 -30.21 10.69
C GLU WA 99 -30.05 -30.19 10.53
N ILE WA 100 -30.59 -29.16 9.88
CA ILE WA 100 -32.02 -28.98 9.64
C ILE WA 100 -32.58 -29.48 8.31
N PHE WA 101 -31.79 -29.45 7.23
CA PHE WA 101 -32.31 -29.84 5.92
C PHE WA 101 -31.37 -30.64 5.03
N GLN WA 102 -31.97 -31.32 4.05
CA GLN WA 102 -31.23 -32.08 3.04
C GLN WA 102 -31.75 -31.83 1.61
N VAL WA 103 -31.42 -30.66 1.04
CA VAL WA 103 -31.84 -30.27 -0.32
C VAL WA 103 -30.82 -30.64 -1.40
N TYR WA 104 -31.23 -30.60 -2.68
CA TYR WA 104 -30.38 -30.94 -3.82
C TYR WA 104 -30.44 -29.88 -4.92
N ALA WA 105 -29.39 -29.79 -5.74
CA ALA WA 105 -29.28 -28.86 -6.86
C ALA WA 105 -28.94 -29.67 -8.10
N ASP WA 106 -29.44 -29.24 -9.27
CA ASP WA 106 -29.22 -29.92 -10.55
C ASP WA 106 -28.25 -29.10 -11.38
N LEU WA 107 -26.99 -29.16 -11.01
CA LEU WA 107 -25.92 -28.42 -11.67
C LEU WA 107 -25.58 -29.01 -13.02
N ALA WA 108 -24.97 -28.19 -13.89
CA ALA WA 108 -24.45 -28.53 -15.20
C ALA WA 108 -23.11 -27.81 -15.27
N LEU WA 109 -22.02 -28.56 -15.54
CA LEU WA 109 -20.65 -28.08 -15.59
C LEU WA 109 -20.47 -26.82 -16.46
N ALA WA 110 -20.15 -25.69 -15.81
CA ALA WA 110 -19.93 -24.42 -16.51
C ALA WA 110 -18.48 -24.19 -16.97
N ASP WA 111 -17.46 -24.26 -16.06
CA ASP WA 111 -16.05 -24.02 -16.37
C ASP WA 111 -15.15 -24.57 -15.26
N VAL WA 112 -14.31 -25.56 -15.57
CA VAL WA 112 -13.33 -26.11 -14.64
C VAL WA 112 -11.93 -25.66 -15.12
N THR WA 113 -11.03 -25.31 -14.19
CA THR WA 113 -9.69 -24.85 -14.53
C THR WA 113 -8.61 -25.84 -14.10
N LYS WA 114 -7.62 -26.11 -14.97
CA LYS WA 114 -6.47 -26.96 -14.64
C LYS WA 114 -5.23 -26.10 -14.89
N THR WA 115 -4.44 -25.85 -13.84
CA THR WA 115 -3.22 -25.02 -13.88
C THR WA 115 -2.00 -25.75 -13.32
N GLU WA 116 -0.79 -25.24 -13.63
CA GLU WA 116 0.45 -25.84 -13.13
C GLU WA 116 1.07 -25.20 -11.89
N GLY WA 117 0.27 -24.54 -11.05
CA GLY WA 117 0.71 -24.03 -9.77
C GLY WA 117 0.44 -25.09 -8.72
N TYR WA 118 1.38 -26.01 -8.51
CA TYR WA 118 1.20 -27.11 -7.55
C TYR WA 118 1.74 -26.79 -6.18
N GLY WA 119 1.09 -27.33 -5.16
CA GLY WA 119 1.46 -27.08 -3.78
C GLY WA 119 2.43 -28.12 -3.30
N LYS WA 120 1.96 -29.00 -2.42
CA LYS WA 120 2.77 -30.08 -1.88
C LYS WA 120 2.25 -31.40 -2.40
N ASN WA 121 3.17 -32.25 -2.92
CA ASN WA 121 2.90 -33.56 -3.53
C ASN WA 121 1.99 -33.44 -4.76
N GLY WA 122 2.14 -32.33 -5.47
CA GLY WA 122 1.39 -32.00 -6.66
C GLY WA 122 -0.09 -31.70 -6.44
N THR WA 123 -0.44 -31.07 -5.31
CA THR WA 123 -1.82 -30.73 -4.97
C THR WA 123 -2.38 -29.60 -5.81
N PHE WA 124 -3.70 -29.63 -6.10
CA PHE WA 124 -4.40 -28.67 -6.95
C PHE WA 124 -5.38 -27.79 -6.17
N SER WA 125 -5.41 -26.49 -6.52
CA SER WA 125 -6.35 -25.49 -6.01
C SER WA 125 -6.90 -24.79 -7.26
N GLU WA 126 -8.15 -25.12 -7.64
CA GLU WA 126 -8.78 -24.64 -8.87
C GLU WA 126 -10.21 -24.20 -8.65
N LYS WA 127 -10.72 -23.36 -9.53
CA LYS WA 127 -12.11 -22.91 -9.46
C LYS WA 127 -12.99 -23.65 -10.45
N ILE WA 128 -14.10 -24.19 -9.97
CA ILE WA 128 -15.09 -24.93 -10.77
C ILE WA 128 -16.42 -24.19 -10.70
N THR WA 129 -16.99 -23.82 -11.88
CA THR WA 129 -18.25 -23.08 -11.96
C THR WA 129 -19.32 -24.04 -12.40
N PHE WA 130 -20.55 -23.82 -11.94
CA PHE WA 130 -21.67 -24.66 -12.30
C PHE WA 130 -22.87 -23.83 -12.67
N ASP WA 131 -23.56 -24.24 -13.73
CA ASP WA 131 -24.76 -23.60 -14.23
C ASP WA 131 -25.97 -24.24 -13.55
N ILE WA 132 -26.94 -23.42 -13.13
CA ILE WA 132 -28.14 -23.92 -12.44
C ILE WA 132 -29.24 -24.40 -13.38
N ILE WA 133 -29.66 -25.67 -13.21
CA ILE WA 133 -30.80 -26.22 -13.93
C ILE WA 133 -31.98 -26.03 -12.97
N THR WA 134 -31.96 -26.69 -11.80
CA THR WA 134 -32.99 -26.54 -10.77
C THR WA 134 -32.29 -26.34 -9.44
N LYS WA 135 -32.62 -25.23 -8.74
CA LYS WA 135 -32.03 -24.91 -7.44
C LYS WA 135 -32.94 -25.23 -6.26
N TRP WA 136 -32.41 -26.04 -5.32
CA TRP WA 136 -33.02 -26.64 -4.12
C TRP WA 136 -34.35 -27.37 -4.30
N TYR WA 137 -34.28 -28.71 -4.32
CA TYR WA 137 -35.42 -29.59 -4.47
C TYR WA 137 -35.20 -30.80 -3.60
N THR WA 138 -36.23 -31.19 -2.85
CA THR WA 138 -36.14 -32.32 -1.95
C THR WA 138 -36.42 -33.63 -2.67
N TYR WA 139 -35.64 -34.68 -2.38
CA TYR WA 139 -35.85 -36.02 -2.90
C TYR WA 139 -36.41 -36.81 -1.73
N GLU WA 140 -37.74 -36.99 -1.73
CA GLU WA 140 -38.47 -37.65 -0.65
C GLU WA 140 -39.12 -38.91 -1.19
N ASN WA 141 -39.36 -39.87 -0.28
CA ASN WA 141 -40.02 -41.14 -0.56
C ASN WA 141 -41.51 -40.96 -0.33
N LEU WA 142 -42.30 -41.09 -1.40
CA LEU WA 142 -43.76 -40.96 -1.31
C LEU WA 142 -44.41 -42.34 -1.16
N THR WA 143 -45.21 -42.50 -0.08
CA THR WA 143 -45.92 -43.75 0.20
C THR WA 143 -47.39 -43.45 0.48
N PHE WA 144 -48.25 -44.42 0.19
CA PHE WA 144 -49.68 -44.38 0.41
C PHE WA 144 -49.99 -44.41 1.91
N ASP WA 145 -51.20 -44.02 2.28
CA ASP WA 145 -51.64 -44.02 3.66
C ASP WA 145 -52.79 -45.01 3.83
N LYS WA 146 -52.82 -45.70 4.98
CA LYS WA 146 -53.82 -46.71 5.26
C LYS WA 146 -54.86 -46.18 6.25
N ILE WA 147 -56.10 -46.67 6.12
CA ILE WA 147 -57.21 -46.27 6.99
C ILE WA 147 -57.59 -47.44 7.90
N GLN WA 148 -57.62 -47.17 9.22
CA GLN WA 148 -57.94 -48.17 10.24
C GLN WA 148 -59.27 -47.93 10.92
N ASN WA 149 -59.98 -49.02 11.21
CA ASN WA 149 -61.29 -49.05 11.87
C ASN WA 149 -61.18 -48.60 13.32
N GLY WA 150 -62.10 -47.70 13.71
CA GLY WA 150 -62.20 -47.20 15.07
C GLY WA 150 -62.73 -48.28 16.01
N LYS WA 151 -62.34 -48.21 17.29
CA LYS WA 151 -62.75 -49.20 18.29
C LYS WA 151 -64.24 -49.15 18.64
N VAL WA 152 -64.81 -50.31 18.99
CA VAL WA 152 -66.22 -50.44 19.36
C VAL WA 152 -66.40 -50.21 20.86
N ILE WA 153 -67.30 -49.28 21.22
CA ILE WA 153 -67.59 -48.89 22.59
C ILE WA 153 -69.11 -49.01 22.85
N ALA WA 154 -69.48 -49.56 24.02
CA ALA WA 154 -70.87 -49.76 24.42
C ALA WA 154 -71.57 -48.44 24.74
N GLY WA 155 -72.68 -48.19 24.04
CA GLY WA 155 -73.46 -46.97 24.18
C GLY WA 155 -73.05 -45.88 23.19
N MET WA 156 -71.77 -45.86 22.81
CA MET WA 156 -71.21 -44.88 21.89
C MET WA 156 -71.31 -45.32 20.43
N SER WA 157 -71.20 -46.63 20.17
CA SER WA 157 -71.22 -47.17 18.82
C SER WA 157 -72.60 -47.66 18.39
N LYS WA 158 -72.76 -47.91 17.06
CA LYS WA 158 -74.01 -48.47 16.55
C LYS WA 158 -73.93 -50.01 16.57
N ILE WA 159 -74.49 -50.60 17.62
CA ILE WA 159 -74.56 -52.05 17.90
C ILE WA 159 -75.84 -52.28 18.66
N TYR WA 160 -76.42 -53.48 18.53
CA TYR WA 160 -77.61 -53.87 19.29
C TYR WA 160 -77.07 -54.80 20.37
N GLY WA 161 -76.67 -54.24 21.52
CA GLY WA 161 -76.05 -55.02 22.58
C GLY WA 161 -76.87 -55.09 23.86
N GLY WA 162 -76.24 -55.67 24.87
CA GLY WA 162 -76.82 -55.86 26.20
C GLY WA 162 -78.02 -56.78 26.19
N THR WA 163 -79.13 -56.36 26.82
CA THR WA 163 -80.40 -57.08 26.94
C THR WA 163 -81.07 -57.27 25.57
N ALA WA 164 -81.53 -58.50 25.29
CA ALA WA 164 -82.17 -58.91 24.04
C ALA WA 164 -83.52 -58.20 23.78
N PRO WA 165 -83.85 -57.81 22.51
CA PRO WA 165 -83.12 -58.05 21.26
C PRO WA 165 -82.21 -56.88 20.82
N GLY WA 166 -81.32 -56.47 21.71
CA GLY WA 166 -80.33 -55.41 21.48
C GLY WA 166 -80.87 -54.00 21.70
N ASN WA 167 -79.96 -53.05 21.98
CA ASN WA 167 -80.37 -51.67 22.21
C ASN WA 167 -79.28 -50.65 21.94
N TYR WA 168 -79.61 -49.61 21.16
CA TYR WA 168 -78.74 -48.46 20.89
C TYR WA 168 -79.51 -47.19 21.20
N LYS WA 169 -78.97 -46.35 22.09
CA LYS WA 169 -79.66 -45.15 22.57
C LYS WA 169 -79.23 -43.85 21.90
N TYR WA 170 -80.21 -42.99 21.55
CA TYR WA 170 -79.96 -41.67 21.00
C TYR WA 170 -79.70 -40.74 22.16
N ILE WA 171 -78.45 -40.30 22.31
CA ILE WA 171 -78.06 -39.38 23.38
C ILE WA 171 -77.75 -38.02 22.72
N LYS WA 172 -77.40 -37.00 23.52
CA LYS WA 172 -77.08 -35.68 23.01
C LYS WA 172 -75.56 -35.49 23.06
N GLY WA 173 -74.93 -35.66 21.90
CA GLY WA 173 -73.49 -35.52 21.75
C GLY WA 173 -72.77 -36.85 21.72
N THR WA 174 -73.08 -37.75 22.67
CA THR WA 174 -72.45 -39.07 22.73
C THR WA 174 -73.11 -40.08 21.78
N SER WA 175 -74.45 -39.98 21.63
CA SER WA 175 -75.38 -40.73 20.77
C SER WA 175 -74.84 -42.03 20.15
N TYR WA 176 -74.89 -42.17 18.82
CA TYR WA 176 -74.31 -43.32 18.14
C TYR WA 176 -73.38 -42.88 17.03
N THR WA 177 -72.13 -43.35 17.09
CA THR WA 177 -71.09 -43.05 16.11
C THR WA 177 -70.64 -44.38 15.55
N TYR WA 178 -70.66 -44.53 14.23
CA TYR WA 178 -70.24 -45.75 13.53
C TYR WA 178 -68.79 -46.12 13.85
N TYR WA 179 -68.52 -47.41 14.12
CA TYR WA 179 -67.18 -47.89 14.47
C TYR WA 179 -66.14 -47.72 13.33
N GLY WA 180 -66.44 -48.24 12.16
CA GLY WA 180 -65.60 -48.20 10.98
C GLY WA 180 -66.36 -48.75 9.80
N GLU WA 181 -65.64 -49.33 8.84
CA GLU WA 181 -66.23 -49.90 7.63
C GLU WA 181 -65.80 -51.34 7.41
N SER WA 182 -66.75 -52.17 6.94
CA SER WA 182 -66.53 -53.57 6.63
C SER WA 182 -65.52 -53.61 5.49
N ASP WA 183 -64.37 -54.23 5.73
CA ASP WA 183 -63.24 -54.26 4.78
C ASP WA 183 -62.69 -52.84 4.47
N ILE WA 184 -62.30 -52.13 5.53
CA ILE WA 184 -61.67 -50.81 5.47
C ILE WA 184 -60.31 -50.87 4.73
N ASP WA 185 -59.75 -52.09 4.61
CA ASP WA 185 -58.47 -52.37 3.97
C ASP WA 185 -58.44 -52.03 2.47
N ARG WA 186 -59.61 -51.76 1.87
CA ARG WA 186 -59.73 -51.37 0.47
C ARG WA 186 -59.30 -49.91 0.25
N LEU WA 187 -59.52 -49.04 1.26
CA LEU WA 187 -59.20 -47.61 1.20
C LEU WA 187 -57.72 -47.35 1.40
N SER WA 188 -57.11 -46.72 0.40
CA SER WA 188 -55.71 -46.31 0.40
C SER WA 188 -55.61 -45.00 -0.33
N ARG WA 189 -55.04 -43.98 0.33
CA ARG WA 189 -54.86 -42.67 -0.27
C ARG WA 189 -53.38 -42.41 -0.46
N TRP WA 190 -52.99 -42.06 -1.70
CA TRP WA 190 -51.65 -41.60 -2.02
C TRP WA 190 -51.83 -40.10 -1.95
N ASP WA 191 -51.48 -39.49 -0.80
CA ASP WA 191 -51.74 -38.06 -0.57
C ASP WA 191 -50.69 -37.14 -1.15
N ILE WA 192 -51.16 -36.09 -1.84
CA ILE WA 192 -50.35 -35.03 -2.43
C ILE WA 192 -50.75 -33.75 -1.69
N LYS WA 193 -49.83 -33.22 -0.87
CA LYS WA 193 -50.09 -32.03 -0.06
C LYS WA 193 -49.51 -30.72 -0.58
N GLU WA 194 -48.36 -30.76 -1.27
CA GLU WA 194 -47.72 -29.59 -1.86
C GLU WA 194 -47.46 -29.88 -3.34
N GLU WA 195 -47.35 -28.85 -4.19
CA GLU WA 195 -47.12 -28.96 -5.63
C GLU WA 195 -45.73 -29.54 -5.96
N ILE WA 196 -45.69 -30.59 -6.81
CA ILE WA 196 -44.43 -31.24 -7.20
C ILE WA 196 -44.16 -31.14 -8.71
N PHE WA 197 -42.90 -31.45 -9.14
CA PHE WA 197 -42.52 -31.41 -10.55
C PHE WA 197 -42.13 -32.75 -11.22
N SER WA 198 -41.13 -33.48 -10.68
CA SER WA 198 -40.65 -34.75 -11.25
C SER WA 198 -40.82 -35.87 -10.24
N PHE WA 199 -40.93 -37.14 -10.72
CA PHE WA 199 -41.09 -38.31 -9.85
C PHE WA 199 -40.62 -39.63 -10.44
N MET WA 200 -39.86 -40.40 -9.65
CA MET WA 200 -39.29 -41.68 -10.02
C MET WA 200 -40.18 -42.83 -9.53
N GLY WA 201 -41.27 -43.05 -10.24
CA GLY WA 201 -42.22 -44.08 -9.86
C GLY WA 201 -41.97 -45.42 -10.53
N ILE WA 202 -42.02 -46.52 -9.74
CA ILE WA 202 -41.89 -47.90 -10.19
C ILE WA 202 -43.29 -48.48 -10.09
N LEU WA 203 -43.94 -48.67 -11.24
CA LEU WA 203 -45.30 -49.21 -11.32
C LEU WA 203 -45.26 -50.71 -11.60
N TYR WA 204 -46.09 -51.50 -10.91
CA TYR WA 204 -46.20 -52.97 -11.10
C TYR WA 204 -47.60 -53.29 -11.66
N PRO WA 205 -47.71 -53.63 -12.97
CA PRO WA 205 -49.05 -53.87 -13.58
C PRO WA 205 -49.71 -55.20 -13.28
N LYS WA 206 -51.05 -55.21 -13.27
CA LYS WA 206 -51.85 -56.42 -12.98
C LYS WA 206 -52.27 -57.22 -14.22
N LEU WA 207 -53.14 -56.64 -15.04
CA LEU WA 207 -53.73 -57.30 -16.20
C LEU WA 207 -53.16 -56.79 -17.51
N PRO WA 208 -52.86 -57.69 -18.45
CA PRO WA 208 -52.34 -57.24 -19.74
C PRO WA 208 -53.41 -56.67 -20.66
N LYS WA 209 -53.04 -55.68 -21.48
CA LYS WA 209 -53.95 -55.08 -22.48
C LYS WA 209 -54.99 -54.16 -21.86
N THR WA 210 -54.83 -53.86 -20.58
CA THR WA 210 -55.71 -52.95 -19.87
C THR WA 210 -54.80 -51.78 -19.53
N PRO WA 211 -55.24 -50.54 -19.74
CA PRO WA 211 -54.37 -49.39 -19.45
C PRO WA 211 -53.86 -49.36 -18.01
N ALA WA 212 -52.52 -49.41 -17.87
CA ALA WA 212 -51.84 -49.42 -16.58
C ALA WA 212 -50.98 -48.17 -16.39
N GLY WA 213 -51.06 -47.60 -15.20
CA GLY WA 213 -50.31 -46.39 -14.84
C GLY WA 213 -51.08 -45.50 -13.91
N VAL WA 214 -50.42 -44.49 -13.37
CA VAL WA 214 -51.06 -43.58 -12.42
C VAL WA 214 -51.84 -42.46 -13.09
N ARG WA 215 -52.91 -41.99 -12.42
CA ARG WA 215 -53.73 -40.84 -12.78
C ARG WA 215 -53.73 -39.89 -11.57
N PHE WA 216 -53.87 -38.59 -11.82
CA PHE WA 216 -53.84 -37.60 -10.74
C PHE WA 216 -55.14 -36.86 -10.55
N LEU WA 217 -55.63 -36.85 -9.31
CA LEU WA 217 -56.88 -36.23 -8.92
C LEU WA 217 -56.65 -34.98 -8.10
N ASP WA 218 -57.44 -33.97 -8.42
CA ASP WA 218 -57.40 -32.72 -7.70
C ASP WA 218 -58.23 -32.85 -6.42
N ASP WA 219 -58.37 -31.77 -5.68
CA ASP WA 219 -59.12 -31.68 -4.41
C ASP WA 219 -60.63 -31.96 -4.50
N ILE WA 220 -61.21 -31.86 -5.72
CA ILE WA 220 -62.63 -32.12 -5.97
C ILE WA 220 -62.91 -33.48 -6.63
N GLY WA 221 -61.88 -34.30 -6.79
CA GLY WA 221 -61.99 -35.63 -7.37
C GLY WA 221 -62.09 -35.69 -8.88
N ASN WA 222 -61.50 -34.70 -9.57
CA ASN WA 222 -61.46 -34.63 -11.04
C ASN WA 222 -60.04 -34.89 -11.54
N GLU WA 223 -59.91 -35.57 -12.68
CA GLU WA 223 -58.62 -35.90 -13.25
C GLU WA 223 -58.00 -34.75 -14.05
N TYR WA 224 -56.72 -34.47 -13.79
CA TYR WA 224 -56.03 -33.44 -14.55
C TYR WA 224 -54.97 -34.02 -15.47
N THR WA 225 -54.16 -34.99 -14.99
CA THR WA 225 -53.11 -35.65 -15.77
C THR WA 225 -53.08 -37.15 -15.46
N ALA WA 226 -52.63 -37.97 -16.42
CA ALA WA 226 -52.53 -39.42 -16.27
C ALA WA 226 -51.46 -40.03 -17.18
N ILE WA 227 -50.51 -40.79 -16.61
CA ILE WA 227 -49.46 -41.45 -17.39
C ILE WA 227 -49.88 -42.92 -17.53
N VAL WA 228 -50.77 -43.19 -18.49
CA VAL WA 228 -51.32 -44.51 -18.69
C VAL WA 228 -50.81 -45.21 -19.95
N PHE WA 229 -50.40 -46.48 -19.80
CA PHE WA 229 -49.85 -47.29 -20.89
C PHE WA 229 -50.74 -48.50 -21.14
N LYS WA 230 -50.93 -48.87 -22.41
CA LYS WA 230 -51.68 -50.07 -22.79
C LYS WA 230 -50.80 -51.08 -23.55
N THR WA 231 -50.21 -52.02 -22.78
CA THR WA 231 -49.27 -53.05 -23.23
C THR WA 231 -49.96 -54.31 -23.74
N GLU WA 232 -49.25 -55.11 -24.54
CA GLU WA 232 -49.76 -56.35 -25.08
C GLU WA 232 -49.64 -57.52 -24.10
N GLN WA 233 -48.51 -57.58 -23.37
CA GLN WA 233 -48.27 -58.60 -22.36
C GLN WA 233 -48.01 -57.96 -21.01
N VAL WA 234 -48.16 -58.73 -19.92
CA VAL WA 234 -47.94 -58.23 -18.56
C VAL WA 234 -46.48 -57.92 -18.30
N GLN WA 235 -46.18 -56.66 -18.01
CA GLN WA 235 -44.84 -56.20 -17.70
C GLN WA 235 -44.59 -56.40 -16.21
N ASP WA 236 -43.41 -56.91 -15.86
CA ASP WA 236 -43.05 -57.14 -14.47
C ASP WA 236 -43.15 -55.83 -13.66
N TYR WA 237 -42.65 -54.72 -14.24
CA TYR WA 237 -42.72 -53.38 -13.68
C TYR WA 237 -42.50 -52.29 -14.74
N ILE WA 238 -43.20 -51.15 -14.61
CA ILE WA 238 -43.06 -49.98 -15.48
C ILE WA 238 -42.20 -48.96 -14.71
N LEU WA 239 -41.09 -48.52 -15.30
CA LEU WA 239 -40.18 -47.58 -14.69
C LEU WA 239 -40.37 -46.24 -15.37
N ILE WA 240 -41.12 -45.38 -14.69
CA ILE WA 240 -41.42 -44.04 -15.19
C ILE WA 240 -40.77 -42.91 -14.42
N ASN WA 241 -40.10 -42.01 -15.14
CA ASN WA 241 -39.48 -40.84 -14.52
C ASN WA 241 -39.97 -39.60 -15.24
N THR WA 242 -40.42 -38.61 -14.46
CA THR WA 242 -40.96 -37.35 -14.95
C THR WA 242 -39.89 -36.26 -15.17
N ASP WA 243 -38.63 -36.50 -14.77
CA ASP WA 243 -37.58 -35.50 -14.98
C ASP WA 243 -37.50 -35.13 -16.45
N VAL WA 244 -37.51 -33.82 -16.73
CA VAL WA 244 -37.51 -33.27 -18.09
C VAL WA 244 -36.28 -33.62 -18.92
N ASN WA 245 -35.08 -33.50 -18.29
CA ASN WA 245 -33.78 -33.74 -18.89
C ASN WA 245 -33.53 -35.18 -19.31
N ASP WA 246 -33.95 -36.16 -18.50
CA ASP WA 246 -33.83 -37.60 -18.78
C ASP WA 246 -35.16 -38.34 -18.53
N GLU WA 247 -36.20 -38.00 -19.28
CA GLU WA 247 -37.50 -38.64 -19.13
C GLU WA 247 -37.42 -40.13 -19.47
N THR WA 248 -37.97 -41.00 -18.63
CA THR WA 248 -37.94 -42.44 -18.89
C THR WA 248 -39.33 -43.05 -18.78
N TYR WA 249 -39.72 -43.86 -19.78
CA TYR WA 249 -40.97 -44.62 -19.80
C TYR WA 249 -40.67 -46.02 -20.30
N GLN WA 250 -40.16 -46.92 -19.43
CA GLN WA 250 -39.80 -48.29 -19.84
C GLN WA 250 -40.41 -49.44 -19.03
N GLY WA 251 -41.05 -50.37 -19.73
CA GLY WA 251 -41.67 -51.54 -19.14
C GLY WA 251 -40.74 -52.73 -19.12
N TRP WA 252 -40.30 -53.13 -17.93
CA TRP WA 252 -39.40 -54.27 -17.80
C TRP WA 252 -40.16 -55.58 -17.69
N LYS WA 253 -39.72 -56.59 -18.45
CA LYS WA 253 -40.23 -57.97 -18.42
C LYS WA 253 -38.97 -58.85 -18.37
N GLY WA 254 -38.75 -59.53 -17.25
CA GLY WA 254 -37.55 -60.35 -17.04
C GLY WA 254 -36.31 -59.49 -16.96
N THR WA 255 -35.38 -59.69 -17.90
CA THR WA 255 -34.13 -58.94 -18.02
C THR WA 255 -34.18 -57.98 -19.24
N THR WA 256 -35.33 -57.96 -19.94
CA THR WA 256 -35.54 -57.16 -21.14
C THR WA 256 -36.27 -55.82 -20.86
N ALA WA 257 -35.71 -54.71 -21.39
CA ALA WA 257 -36.28 -53.37 -21.23
C ALA WA 257 -36.99 -52.93 -22.51
N LEU WA 258 -38.27 -52.54 -22.38
CA LEU WA 258 -39.09 -52.14 -23.51
C LEU WA 258 -39.46 -50.68 -23.40
N ASN WA 259 -39.33 -49.93 -24.51
CA ASN WA 259 -39.70 -48.50 -24.57
C ASN WA 259 -41.22 -48.38 -24.63
N LEU WA 260 -41.83 -47.70 -23.64
CA LEU WA 260 -43.28 -47.54 -23.56
C LEU WA 260 -43.83 -46.20 -24.06
N PHE WA 261 -42.99 -45.37 -24.67
CA PHE WA 261 -43.40 -44.07 -25.22
C PHE WA 261 -44.55 -44.14 -26.26
N PRO WA 262 -44.53 -45.01 -27.31
CA PRO WA 262 -45.65 -44.99 -28.28
C PRO WA 262 -46.95 -45.58 -27.75
N VAL WA 263 -46.84 -46.43 -26.72
CA VAL WA 263 -47.95 -47.11 -26.11
C VAL WA 263 -48.79 -46.18 -25.24
N MET WA 264 -48.16 -45.23 -24.51
CA MET WA 264 -48.87 -44.30 -23.62
C MET WA 264 -49.92 -43.38 -24.24
N ASP WA 265 -50.89 -42.92 -23.41
CA ASP WA 265 -51.96 -42.02 -23.83
C ASP WA 265 -51.53 -40.57 -23.74
N PHE WA 266 -51.26 -39.97 -24.90
CA PHE WA 266 -50.81 -38.59 -25.04
C PHE WA 266 -51.86 -37.55 -24.66
N GLU WA 267 -53.17 -37.85 -24.81
CA GLU WA 267 -54.24 -36.92 -24.46
C GLU WA 267 -54.49 -36.84 -22.94
N ARG WA 268 -54.39 -37.98 -22.24
CA ARG WA 268 -54.57 -38.05 -20.78
C ARG WA 268 -53.44 -37.37 -20.00
N TYR WA 269 -52.19 -37.48 -20.51
CA TYR WA 269 -50.98 -36.89 -19.94
C TYR WA 269 -50.96 -35.40 -20.33
N ARG WA 270 -51.80 -34.60 -19.66
CA ARG WA 270 -51.96 -33.17 -19.92
C ARG WA 270 -50.81 -32.34 -19.41
N THR WA 271 -50.36 -32.58 -18.16
CA THR WA 271 -49.25 -31.83 -17.56
C THR WA 271 -48.30 -32.70 -16.75
N ARG WA 272 -47.08 -32.21 -16.59
CA ARG WA 272 -46.04 -32.87 -15.81
C ARG WA 272 -46.15 -32.46 -14.34
N ILE WA 273 -46.54 -31.19 -14.09
CA ILE WA 273 -46.69 -30.59 -12.76
C ILE WA 273 -47.89 -31.19 -12.01
N ILE WA 274 -47.62 -31.76 -10.83
CA ILE WA 274 -48.64 -32.37 -9.98
C ILE WA 274 -49.18 -31.37 -8.96
N GLU WA 275 -50.51 -31.25 -8.88
CA GLU WA 275 -51.19 -30.32 -7.97
C GLU WA 275 -51.74 -31.03 -6.74
N LYS WA 276 -52.17 -30.22 -5.73
CA LYS WA 276 -52.71 -30.68 -4.46
C LYS WA 276 -53.96 -31.55 -4.65
N GLY WA 277 -53.93 -32.74 -4.06
CA GLY WA 277 -55.03 -33.71 -4.12
C GLY WA 277 -54.56 -35.11 -3.81
N GLN WA 278 -54.90 -36.07 -4.70
CA GLN WA 278 -54.50 -37.48 -4.53
C GLN WA 278 -54.18 -38.20 -5.85
N MET WA 279 -53.38 -39.26 -5.77
CA MET WA 279 -52.97 -40.08 -6.91
C MET WA 279 -53.67 -41.44 -6.87
N GLU WA 280 -54.22 -41.89 -8.01
CA GLU WA 280 -54.87 -43.19 -8.14
C GLU WA 280 -54.07 -44.10 -9.04
N LEU WA 281 -54.00 -45.40 -8.69
CA LEU WA 281 -53.27 -46.41 -9.46
C LEU WA 281 -54.25 -47.16 -10.37
N ILE WA 282 -54.03 -47.09 -11.69
CA ILE WA 282 -54.88 -47.79 -12.65
C ILE WA 282 -54.21 -49.11 -13.03
N ASN WA 283 -54.91 -50.25 -12.81
CA ASN WA 283 -54.47 -51.62 -13.11
C ASN WA 283 -53.06 -51.91 -12.56
N LEU WA 284 -52.87 -51.64 -11.25
CA LEU WA 284 -51.59 -51.85 -10.56
C LEU WA 284 -51.75 -52.67 -9.28
N SER WA 285 -50.79 -53.57 -9.02
CA SER WA 285 -50.76 -54.44 -7.85
C SER WA 285 -49.90 -53.85 -6.73
N LYS WA 286 -48.87 -53.06 -7.11
CA LYS WA 286 -47.91 -52.43 -6.21
C LYS WA 286 -47.33 -51.19 -6.90
N ALA WA 287 -46.87 -50.19 -6.11
CA ALA WA 287 -46.25 -48.97 -6.62
C ALA WA 287 -45.24 -48.40 -5.63
N GLU WA 288 -44.08 -47.97 -6.13
CA GLU WA 288 -43.00 -47.37 -5.33
C GLU WA 288 -42.66 -46.00 -5.89
N PHE WA 289 -42.83 -44.93 -5.10
CA PHE WA 289 -42.60 -43.56 -5.56
C PHE WA 289 -41.56 -42.75 -4.82
N LYS WA 290 -40.81 -41.94 -5.57
CA LYS WA 290 -39.80 -41.00 -5.08
C LYS WA 290 -40.14 -39.63 -5.65
N ILE WA 291 -40.62 -38.73 -4.79
CA ILE WA 291 -41.06 -37.40 -5.19
C ILE WA 291 -40.05 -36.27 -4.97
N LYS WA 292 -39.84 -35.45 -6.01
CA LYS WA 292 -38.96 -34.28 -5.96
C LYS WA 292 -39.67 -32.95 -6.15
N ARG WA 293 -39.68 -32.15 -5.07
CA ARG WA 293 -40.40 -30.89 -4.89
C ARG WA 293 -39.44 -29.71 -4.63
N LYS WA 294 -39.60 -28.61 -5.41
CA LYS WA 294 -38.73 -27.42 -5.35
C LYS WA 294 -38.97 -26.45 -4.19
N ALA WA 295 -37.89 -25.77 -3.79
CA ALA WA 295 -37.82 -24.72 -2.77
C ALA WA 295 -36.82 -23.68 -3.30
N ASP WA 296 -37.26 -22.43 -3.50
CA ASP WA 296 -36.41 -21.37 -4.06
C ASP WA 296 -35.21 -21.00 -3.21
N PHE WA 297 -35.42 -20.74 -1.90
CA PHE WA 297 -34.34 -20.42 -0.96
C PHE WA 297 -34.41 -21.33 0.25
N VAL WA 298 -33.28 -21.97 0.57
CA VAL WA 298 -33.12 -22.87 1.71
C VAL WA 298 -31.71 -22.72 2.28
N MET XA 1 8.03 -38.70 -13.04
CA MET XA 1 7.64 -37.91 -11.87
C MET XA 1 7.00 -36.58 -12.24
N VAL XA 2 7.82 -35.61 -12.63
CA VAL XA 2 7.37 -34.27 -13.01
C VAL XA 2 6.83 -34.32 -14.46
N ARG XA 3 6.02 -33.31 -14.86
CA ARG XA 3 5.41 -33.22 -16.18
C ARG XA 3 6.40 -32.81 -17.28
N GLN XA 4 6.10 -33.17 -18.53
CA GLN XA 4 6.94 -32.84 -19.69
C GLN XA 4 6.13 -32.20 -20.82
N TYR XA 5 6.57 -31.02 -21.30
CA TYR XA 5 5.98 -30.29 -22.43
C TYR XA 5 6.99 -30.36 -23.57
N LYS XA 6 6.54 -30.77 -24.77
CA LYS XA 6 7.40 -30.91 -25.95
C LYS XA 6 6.67 -30.39 -27.17
N ILE XA 7 7.22 -29.35 -27.79
CA ILE XA 7 6.70 -28.78 -29.04
C ILE XA 7 7.24 -29.61 -30.22
N HIS XA 8 6.35 -30.03 -31.16
CA HIS XA 8 6.69 -30.84 -32.34
C HIS XA 8 6.36 -30.06 -33.60
N THR XA 9 7.33 -29.93 -34.55
CA THR XA 9 7.12 -29.24 -35.83
C THR XA 9 6.09 -30.02 -36.64
N ASN XA 10 6.35 -31.31 -36.85
CA ASN XA 10 5.40 -32.21 -37.53
C ASN XA 10 5.42 -33.60 -36.89
N LEU XA 11 4.42 -33.91 -36.06
CA LEU XA 11 4.26 -35.23 -35.44
C LEU XA 11 3.72 -36.14 -36.56
N ASP XA 12 3.92 -37.46 -36.47
CA ASP XA 12 3.47 -38.46 -37.47
C ASP XA 12 4.23 -38.35 -38.78
N GLY XA 13 5.25 -37.52 -38.79
CA GLY XA 13 6.02 -37.26 -39.99
C GLY XA 13 7.53 -37.40 -39.86
N THR XA 14 8.16 -37.74 -40.99
CA THR XA 14 9.60 -37.94 -41.16
C THR XA 14 10.42 -36.68 -40.92
N ASP XA 15 9.87 -35.49 -41.23
CA ASP XA 15 10.53 -34.19 -41.08
C ASP XA 15 10.25 -33.56 -39.72
N ASP XA 16 10.07 -34.40 -38.68
CA ASP XA 16 9.79 -33.91 -37.33
C ASP XA 16 11.05 -33.32 -36.68
N LYS XA 17 10.85 -32.29 -35.84
CA LYS XA 17 11.86 -31.61 -35.03
C LYS XA 17 11.18 -31.31 -33.70
N VAL XA 18 11.79 -31.77 -32.61
CA VAL XA 18 11.20 -31.61 -31.29
C VAL XA 18 12.02 -30.66 -30.43
N TRP XA 19 11.33 -29.74 -29.73
CA TRP XA 19 11.91 -28.76 -28.80
C TRP XA 19 11.42 -29.11 -27.40
N ASP XA 20 12.34 -29.29 -26.45
CA ASP XA 20 11.90 -29.58 -25.09
C ASP XA 20 11.71 -28.26 -24.36
N VAL XA 21 10.43 -27.91 -24.11
CA VAL XA 21 10.05 -26.68 -23.41
C VAL XA 21 10.02 -26.86 -21.89
N THR XA 22 10.34 -28.08 -21.47
CA THR XA 22 10.52 -28.45 -20.06
C THR XA 22 12.04 -28.51 -19.61
N ASN XA 23 12.90 -29.13 -20.42
CA ASN XA 23 14.33 -29.27 -20.13
C ASN XA 23 15.35 -28.52 -21.01
N GLY XA 24 14.98 -28.15 -22.23
CA GLY XA 24 15.86 -27.49 -23.19
C GLY XA 24 16.28 -26.05 -22.87
N LYS XA 25 16.91 -25.41 -23.87
CA LYS XA 25 17.37 -24.03 -23.77
C LYS XA 25 16.20 -23.03 -23.72
N VAL XA 26 15.09 -23.32 -24.44
CA VAL XA 26 13.88 -22.49 -24.46
C VAL XA 26 12.70 -23.20 -23.77
N ARG XA 27 12.23 -22.64 -22.66
CA ARG XA 27 11.24 -23.28 -21.82
C ARG XA 27 9.93 -22.56 -21.68
N PHE XA 28 8.85 -23.35 -21.59
CA PHE XA 28 7.48 -22.92 -21.33
C PHE XA 28 7.24 -23.09 -19.82
N TYR XA 29 6.65 -22.07 -19.16
CA TYR XA 29 6.34 -22.07 -17.73
C TYR XA 29 4.96 -21.47 -17.42
N GLN XA 30 4.33 -21.93 -16.33
CA GLN XA 30 3.01 -21.49 -15.81
C GLN XA 30 1.90 -21.36 -16.88
N PRO XA 31 1.38 -22.49 -17.42
CA PRO XA 31 0.32 -22.40 -18.43
C PRO XA 31 -0.89 -21.68 -17.86
N SER XA 32 -1.49 -20.76 -18.66
CA SER XA 32 -2.65 -19.96 -18.26
C SER XA 32 -3.85 -20.82 -17.84
N ASN XA 33 -4.40 -21.62 -18.77
CA ASN XA 33 -5.49 -22.52 -18.44
C ASN XA 33 -5.38 -23.79 -19.26
N LEU XA 34 -5.45 -24.94 -18.60
CA LEU XA 34 -5.40 -26.25 -19.24
C LEU XA 34 -6.77 -26.94 -19.17
N GLY XA 35 -7.71 -26.29 -18.49
CA GLY XA 35 -9.08 -26.76 -18.29
C GLY XA 35 -9.98 -26.53 -19.47
N LEU XA 36 -11.26 -26.20 -19.22
CA LEU XA 36 -12.27 -25.98 -20.26
C LEU XA 36 -13.48 -25.16 -19.79
N GLN XA 37 -14.04 -24.35 -20.72
CA GLN XA 37 -15.26 -23.57 -20.50
C GLN XA 37 -16.41 -24.29 -21.23
N SER XA 38 -17.54 -24.53 -20.56
CA SER XA 38 -18.69 -25.18 -21.19
C SER XA 38 -19.91 -24.25 -21.17
N THR XA 39 -20.67 -24.20 -22.29
CA THR XA 39 -21.92 -23.42 -22.43
C THR XA 39 -23.10 -24.37 -22.72
N ASN XA 40 -23.89 -24.66 -21.66
CA ASN XA 40 -24.97 -25.65 -21.63
C ASN XA 40 -26.34 -25.24 -22.17
N ASN XA 41 -26.55 -23.95 -22.52
CA ASN XA 41 -27.80 -23.39 -23.09
C ASN XA 41 -29.03 -23.68 -22.20
N ILE XA 42 -28.88 -23.41 -20.92
CA ILE XA 42 -29.93 -23.66 -19.94
C ILE XA 42 -30.91 -22.52 -19.87
N TRP XA 43 -32.18 -22.86 -20.08
CA TRP XA 43 -33.27 -21.92 -19.95
C TRP XA 43 -34.20 -22.39 -18.85
N GLN XA 44 -34.57 -21.50 -17.91
CA GLN XA 44 -35.48 -21.90 -16.85
C GLN XA 44 -36.86 -21.30 -17.01
N SER XA 45 -37.89 -22.17 -16.99
CA SER XA 45 -39.30 -21.77 -17.07
C SER XA 45 -39.95 -22.11 -15.74
N ASN XA 46 -40.51 -21.08 -15.05
CA ASN XA 46 -41.22 -21.19 -13.77
C ASN XA 46 -40.51 -22.05 -12.70
N GLY XA 47 -39.21 -21.81 -12.52
CA GLY XA 47 -38.40 -22.54 -11.56
C GLY XA 47 -37.85 -23.87 -12.03
N ILE XA 48 -38.47 -24.48 -13.06
CA ILE XA 48 -38.06 -25.74 -13.66
C ILE XA 48 -36.95 -25.45 -14.67
N GLY XA 49 -35.90 -26.27 -14.66
CA GLY XA 49 -34.75 -26.09 -15.53
C GLY XA 49 -34.67 -27.03 -16.70
N VAL XA 50 -34.50 -26.44 -17.90
CA VAL XA 50 -34.38 -27.17 -19.16
C VAL XA 50 -32.97 -26.94 -19.73
N MET XA 51 -32.27 -28.02 -20.06
CA MET XA 51 -30.91 -27.95 -20.59
C MET XA 51 -30.81 -28.35 -22.07
N GLY XA 52 -30.16 -27.49 -22.86
CA GLY XA 52 -29.92 -27.70 -24.27
C GLY XA 52 -28.73 -28.59 -24.54
N THR XA 53 -27.81 -28.13 -25.40
CA THR XA 53 -26.60 -28.88 -25.77
C THR XA 53 -25.35 -28.17 -25.32
N ARG XA 54 -24.42 -28.93 -24.72
CA ARG XA 54 -23.18 -28.38 -24.21
C ARG XA 54 -22.08 -28.21 -25.25
N SER XA 55 -21.71 -26.95 -25.49
CA SER XA 55 -20.64 -26.62 -26.41
C SER XA 55 -19.39 -26.43 -25.58
N ILE XA 56 -18.53 -27.44 -25.58
CA ILE XA 56 -17.29 -27.42 -24.83
C ILE XA 56 -16.34 -26.52 -25.62
N THR XA 57 -16.02 -25.34 -25.03
CA THR XA 57 -15.15 -24.31 -25.60
C THR XA 57 -13.75 -24.42 -25.01
N GLN XA 58 -12.73 -24.38 -25.87
CA GLN XA 58 -11.35 -24.45 -25.43
C GLN XA 58 -10.68 -23.09 -25.44
N PRO XA 59 -10.01 -22.72 -24.33
CA PRO XA 59 -9.39 -21.39 -24.25
C PRO XA 59 -7.91 -21.38 -24.64
N GLN XA 60 -7.43 -20.21 -25.10
CA GLN XA 60 -6.04 -19.99 -25.50
C GLN XA 60 -5.07 -20.31 -24.34
N ILE XA 61 -4.01 -21.07 -24.61
CA ILE XA 61 -3.04 -21.32 -23.56
C ILE XA 61 -1.98 -20.25 -23.73
N GLU XA 62 -1.65 -19.53 -22.63
CA GLU XA 62 -0.62 -18.51 -22.61
C GLU XA 62 0.47 -19.04 -21.70
N PHE XA 63 1.65 -19.25 -22.28
CA PHE XA 63 2.82 -19.73 -21.54
C PHE XA 63 3.73 -18.56 -21.16
N LYS XA 64 4.86 -18.84 -20.49
CA LYS XA 64 5.83 -17.85 -20.05
C LYS XA 64 7.16 -18.27 -20.68
N LEU XA 65 7.34 -17.94 -21.97
CA LEU XA 65 8.53 -18.26 -22.76
C LEU XA 65 9.81 -17.71 -22.09
N GLU XA 66 10.77 -18.60 -21.81
CA GLU XA 66 12.01 -18.24 -21.12
C GLU XA 66 13.17 -18.98 -21.71
N THR XA 67 14.16 -18.22 -22.20
CA THR XA 67 15.37 -18.77 -22.80
C THR XA 67 16.54 -18.67 -21.83
N PHE XA 68 17.42 -19.68 -21.87
CA PHE XA 68 18.64 -19.75 -21.05
C PHE XA 68 19.79 -19.89 -22.03
N GLY XA 69 20.58 -18.83 -22.15
CA GLY XA 69 21.67 -18.77 -23.10
C GLY XA 69 22.89 -18.08 -22.56
N GLU XA 70 24.03 -18.70 -22.84
CA GLU XA 70 25.37 -18.28 -22.43
C GLU XA 70 25.74 -16.83 -22.81
N SER XA 71 25.27 -16.34 -23.98
CA SER XA 71 25.54 -15.00 -24.51
C SER XA 71 24.26 -14.36 -25.08
N LEU XA 72 24.30 -13.03 -25.32
CA LEU XA 72 23.18 -12.28 -25.94
C LEU XA 72 22.91 -12.82 -27.34
N GLU XA 73 24.00 -13.21 -28.05
CA GLU XA 73 24.01 -13.82 -29.37
C GLU XA 73 23.23 -15.14 -29.36
N GLU XA 74 23.47 -15.97 -28.34
CA GLU XA 74 22.80 -17.25 -28.16
C GLU XA 74 21.26 -17.14 -28.00
N ASN XA 75 20.78 -16.23 -27.12
CA ASN XA 75 19.35 -16.04 -26.85
C ASN XA 75 18.57 -15.41 -28.00
N TYR XA 76 19.23 -14.54 -28.79
CA TYR XA 76 18.63 -13.93 -29.99
C TYR XA 76 18.48 -15.01 -31.09
N GLN XA 77 19.46 -15.95 -31.12
CA GLN XA 77 19.48 -17.08 -32.04
C GLN XA 77 18.40 -18.08 -31.65
N LEU XA 78 18.06 -18.17 -30.35
CA LEU XA 78 17.02 -19.06 -29.83
C LEU XA 78 15.60 -18.56 -30.14
N MET XA 79 15.37 -17.24 -30.04
CA MET XA 79 14.09 -16.62 -30.33
C MET XA 79 13.77 -16.66 -31.81
N LYS XA 80 14.77 -16.35 -32.67
CA LYS XA 80 14.64 -16.38 -34.13
C LYS XA 80 14.36 -17.82 -34.60
N ASP XA 81 15.03 -18.82 -34.00
CA ASP XA 81 14.84 -20.24 -34.32
C ASP XA 81 13.49 -20.82 -33.88
N PHE XA 82 13.19 -20.85 -32.56
CA PHE XA 82 11.95 -21.40 -32.00
C PHE XA 82 10.68 -20.83 -32.64
N VAL XA 83 10.57 -19.50 -32.82
CA VAL XA 83 9.40 -18.86 -33.44
C VAL XA 83 9.26 -19.22 -34.94
N ASN XA 84 10.34 -19.06 -35.77
CA ASN XA 84 10.32 -19.43 -37.20
C ASN XA 84 9.92 -20.90 -37.37
N ASP XA 85 10.44 -21.78 -36.50
CA ASP XA 85 10.11 -23.20 -36.53
C ASP XA 85 8.61 -23.47 -36.30
N ILE XA 86 7.94 -22.63 -35.47
CA ILE XA 86 6.51 -22.69 -35.24
C ILE XA 86 5.79 -22.09 -36.45
N LEU XA 87 6.33 -20.99 -37.01
CA LEU XA 87 5.78 -20.33 -38.18
C LEU XA 87 5.92 -21.12 -39.49
N SER XA 88 7.03 -21.87 -39.64
CA SER XA 88 7.34 -22.68 -40.83
C SER XA 88 6.26 -23.72 -41.16
N LYS XA 89 5.69 -24.36 -40.13
CA LYS XA 89 4.60 -25.35 -40.24
C LYS XA 89 3.31 -24.62 -39.91
N LYS XA 90 2.21 -24.90 -40.64
CA LYS XA 90 0.93 -24.21 -40.41
C LYS XA 90 0.33 -24.39 -39.01
N PHE XA 91 0.68 -25.51 -38.32
CA PHE XA 91 0.25 -25.82 -36.97
C PHE XA 91 1.28 -26.68 -36.25
N VAL XA 92 1.41 -26.48 -34.94
CA VAL XA 92 2.37 -27.20 -34.11
C VAL XA 92 1.70 -27.97 -32.96
N THR XA 93 2.08 -29.25 -32.82
CA THR XA 93 1.54 -30.14 -31.81
C THR XA 93 2.35 -30.11 -30.52
N LEU XA 94 1.71 -29.65 -29.46
CA LEU XA 94 2.27 -29.59 -28.11
C LEU XA 94 1.88 -30.89 -27.39
N GLU XA 95 2.90 -31.61 -26.90
CA GLU XA 95 2.74 -32.87 -26.17
C GLU XA 95 2.67 -32.62 -24.67
N TYR XA 96 1.66 -33.16 -24.01
CA TYR XA 96 1.50 -33.05 -22.57
C TYR XA 96 1.77 -34.42 -21.98
N GLN XA 97 2.80 -34.53 -21.14
CA GLN XA 97 3.17 -35.81 -20.54
C GLN XA 97 3.26 -35.72 -19.02
N THR XA 98 2.74 -36.74 -18.33
CA THR XA 98 2.76 -36.88 -16.87
C THR XA 98 2.95 -38.37 -16.53
N GLU XA 99 3.00 -38.70 -15.24
CA GLU XA 99 3.16 -40.08 -14.76
C GLU XA 99 2.08 -41.01 -15.30
N ILE XA 100 0.84 -40.51 -15.37
CA ILE XA 100 -0.33 -41.26 -15.83
C ILE XA 100 -0.72 -41.18 -17.33
N PHE XA 101 -0.43 -40.08 -18.03
CA PHE XA 101 -0.87 -39.94 -19.43
C PHE XA 101 0.11 -39.27 -20.38
N GLN XA 102 -0.15 -39.44 -21.68
CA GLN XA 102 0.62 -38.77 -22.74
C GLN XA 102 -0.29 -38.18 -23.83
N VAL XA 103 -1.02 -37.10 -23.50
CA VAL XA 103 -1.92 -36.43 -24.44
C VAL XA 103 -1.20 -35.44 -25.36
N TYR XA 104 -1.89 -34.99 -26.43
CA TYR XA 104 -1.38 -34.04 -27.41
C TYR XA 104 -2.43 -32.98 -27.78
N ALA XA 105 -2.00 -31.74 -28.07
CA ALA XA 105 -2.89 -30.68 -28.50
C ALA XA 105 -2.33 -30.04 -29.78
N ASP XA 106 -3.20 -29.82 -30.78
CA ASP XA 106 -2.82 -29.15 -32.03
C ASP XA 106 -2.95 -27.65 -31.82
N LEU XA 107 -1.83 -26.92 -31.93
CA LEU XA 107 -1.83 -25.48 -31.66
C LEU XA 107 -1.40 -24.65 -32.84
N ALA XA 108 -1.87 -23.40 -32.84
CA ALA XA 108 -1.54 -22.41 -33.85
C ALA XA 108 -1.06 -21.19 -33.10
N LEU XA 109 0.03 -20.58 -33.58
CA LEU XA 109 0.62 -19.41 -32.92
C LEU XA 109 -0.32 -18.21 -32.98
N ALA XA 110 -0.79 -17.80 -31.80
CA ALA XA 110 -1.71 -16.67 -31.67
C ALA XA 110 -0.97 -15.35 -31.46
N ASP XA 111 0.02 -15.31 -30.55
CA ASP XA 111 0.82 -14.13 -30.23
C ASP XA 111 2.12 -14.52 -29.54
N VAL XA 112 3.21 -13.85 -29.93
CA VAL XA 112 4.52 -14.00 -29.33
C VAL XA 112 5.09 -12.59 -29.08
N THR XA 113 5.73 -12.39 -27.92
CA THR XA 113 6.27 -11.09 -27.55
C THR XA 113 7.79 -11.04 -27.52
N LYS XA 114 8.37 -9.91 -27.93
CA LYS XA 114 9.80 -9.68 -27.89
C LYS XA 114 10.02 -8.29 -27.32
N THR XA 115 10.68 -8.21 -26.14
CA THR XA 115 10.97 -6.96 -25.41
C THR XA 115 12.44 -6.86 -25.06
N GLU XA 116 12.88 -5.65 -24.66
CA GLU XA 116 14.27 -5.39 -24.30
C GLU XA 116 14.63 -5.44 -22.80
N GLY XA 117 13.82 -6.15 -22.03
CA GLY XA 117 14.05 -6.36 -20.61
C GLY XA 117 14.80 -7.66 -20.45
N TYR XA 118 16.13 -7.60 -20.66
CA TYR XA 118 17.00 -8.78 -20.60
C TYR XA 118 17.60 -8.97 -19.22
N GLY XA 119 17.67 -10.23 -18.81
CA GLY XA 119 18.26 -10.60 -17.53
C GLY XA 119 19.76 -10.72 -17.69
N LYS XA 120 20.28 -11.86 -17.29
CA LYS XA 120 21.73 -12.09 -17.34
C LYS XA 120 22.16 -12.83 -18.57
N ASN XA 121 23.17 -12.27 -19.28
CA ASN XA 121 23.74 -12.74 -20.56
C ASN XA 121 22.68 -12.70 -21.67
N GLY XA 122 21.80 -11.68 -21.56
CA GLY XA 122 20.69 -11.38 -22.45
C GLY XA 122 19.66 -12.48 -22.53
N THR XA 123 18.95 -12.74 -21.42
CA THR XA 123 17.93 -13.79 -21.35
C THR XA 123 16.48 -13.31 -21.39
N PHE XA 124 15.73 -13.84 -22.36
CA PHE XA 124 14.33 -13.52 -22.61
C PHE XA 124 13.38 -14.10 -21.57
N SER XA 125 12.32 -13.34 -21.25
CA SER XA 125 11.23 -13.67 -20.34
C SER XA 125 9.98 -13.05 -20.96
N GLU XA 126 9.33 -13.80 -21.86
CA GLU XA 126 8.20 -13.35 -22.66
C GLU XA 126 6.93 -14.21 -22.54
N LYS XA 127 5.80 -13.73 -23.13
CA LYS XA 127 4.52 -14.46 -23.13
C LYS XA 127 4.22 -14.96 -24.55
N ILE XA 128 4.00 -16.28 -24.66
CA ILE XA 128 3.67 -16.98 -25.91
C ILE XA 128 2.24 -17.54 -25.83
N THR XA 129 1.33 -16.96 -26.62
CA THR XA 129 -0.08 -17.35 -26.66
C THR XA 129 -0.37 -18.24 -27.87
N PHE XA 130 -1.17 -19.30 -27.65
CA PHE XA 130 -1.54 -20.27 -28.68
C PHE XA 130 -3.04 -20.39 -28.82
N ASP XA 131 -3.51 -20.62 -30.05
CA ASP XA 131 -4.91 -20.86 -30.34
C ASP XA 131 -5.14 -22.37 -30.41
N ILE XA 132 -6.26 -22.84 -29.85
CA ILE XA 132 -6.60 -24.26 -29.83
C ILE XA 132 -7.24 -24.74 -31.12
N ILE XA 133 -6.63 -25.75 -31.77
CA ILE XA 133 -7.21 -26.41 -32.93
C ILE XA 133 -8.00 -27.59 -32.34
N THR XA 134 -7.29 -28.54 -31.68
CA THR XA 134 -7.87 -29.69 -30.99
C THR XA 134 -7.17 -29.85 -29.64
N LYS XA 135 -7.93 -29.81 -28.53
CA LYS XA 135 -7.33 -29.96 -27.21
C LYS XA 135 -7.48 -31.38 -26.70
N TRP XA 136 -6.33 -31.96 -26.34
CA TRP XA 136 -6.12 -33.31 -25.82
C TRP XA 136 -6.62 -34.47 -26.67
N TYR XA 137 -5.68 -35.16 -27.31
CA TYR XA 137 -5.95 -36.34 -28.11
C TYR XA 137 -4.86 -37.39 -27.90
N THR XA 138 -5.20 -38.67 -27.95
CA THR XA 138 -4.23 -39.75 -27.72
C THR XA 138 -3.72 -40.32 -29.03
N TYR XA 139 -2.40 -40.21 -29.29
CA TYR XA 139 -1.80 -40.77 -30.49
C TYR XA 139 -1.23 -42.15 -30.15
N GLU XA 140 -1.96 -43.21 -30.56
CA GLU XA 140 -1.62 -44.62 -30.26
C GLU XA 140 -1.59 -45.54 -31.48
N ASN XA 141 -0.94 -46.70 -31.32
CA ASN XA 141 -0.75 -47.67 -32.39
C ASN XA 141 -1.91 -48.65 -32.46
N LEU XA 142 -2.57 -48.72 -33.63
CA LEU XA 142 -3.70 -49.63 -33.86
C LEU XA 142 -3.23 -50.88 -34.62
N THR XA 143 -3.45 -52.07 -34.03
CA THR XA 143 -3.07 -53.35 -34.62
C THR XA 143 -4.23 -54.34 -34.60
N PHE XA 144 -4.23 -55.26 -35.57
CA PHE XA 144 -5.21 -56.34 -35.72
C PHE XA 144 -5.02 -57.38 -34.62
N ASP XA 145 -6.04 -58.22 -34.43
CA ASP XA 145 -6.01 -59.32 -33.46
C ASP XA 145 -6.13 -60.66 -34.19
N LYS XA 146 -5.42 -61.67 -33.70
CA LYS XA 146 -5.43 -63.00 -34.32
C LYS XA 146 -6.27 -64.00 -33.51
N ILE XA 147 -6.89 -64.97 -34.21
CA ILE XA 147 -7.73 -65.99 -33.59
C ILE XA 147 -7.05 -67.36 -33.67
N GLN XA 148 -6.94 -68.05 -32.52
CA GLN XA 148 -6.31 -69.37 -32.43
C GLN XA 148 -7.29 -70.49 -32.06
N ASN XA 149 -7.08 -71.67 -32.67
CA ASN XA 149 -7.89 -72.88 -32.48
C ASN XA 149 -7.79 -73.44 -31.06
N GLY XA 150 -8.92 -73.82 -30.50
CA GLY XA 150 -9.00 -74.44 -29.18
C GLY XA 150 -8.46 -75.86 -29.20
N LYS XA 151 -7.94 -76.34 -28.07
CA LYS XA 151 -7.35 -77.68 -27.97
C LYS XA 151 -8.38 -78.82 -28.09
N VAL XA 152 -7.95 -79.97 -28.63
CA VAL XA 152 -8.80 -81.16 -28.82
C VAL XA 152 -8.74 -82.02 -27.55
N ILE XA 153 -9.92 -82.30 -26.96
CA ILE XA 153 -10.06 -83.09 -25.74
C ILE XA 153 -10.98 -84.29 -26.01
N ALA XA 154 -10.58 -85.49 -25.56
CA ALA XA 154 -11.35 -86.71 -25.73
C ALA XA 154 -12.63 -86.65 -24.89
N GLY XA 155 -13.76 -86.86 -25.55
CA GLY XA 155 -15.09 -86.81 -24.94
C GLY XA 155 -15.74 -85.45 -25.02
N MET XA 156 -14.92 -84.38 -24.99
CA MET XA 156 -15.36 -82.99 -25.04
C MET XA 156 -15.49 -82.44 -26.46
N SER XA 157 -14.56 -82.80 -27.36
CA SER XA 157 -14.52 -82.31 -28.75
C SER XA 157 -15.20 -83.26 -29.74
N LYS XA 158 -15.70 -82.71 -30.89
CA LYS XA 158 -16.35 -83.53 -31.91
C LYS XA 158 -15.30 -84.28 -32.73
N ILE XA 159 -15.08 -85.55 -32.37
CA ILE XA 159 -14.16 -86.50 -32.99
C ILE XA 159 -14.75 -87.90 -32.85
N TYR XA 160 -14.42 -88.79 -33.78
CA TYR XA 160 -14.86 -90.18 -33.71
C TYR XA 160 -13.62 -90.94 -33.21
N GLY XA 161 -13.46 -91.05 -31.90
CA GLY XA 161 -12.29 -91.69 -31.31
C GLY XA 161 -12.56 -92.97 -30.55
N GLY XA 162 -11.52 -93.45 -29.87
CA GLY XA 162 -11.56 -94.67 -29.07
C GLY XA 162 -11.78 -95.92 -29.90
N THR XA 163 -12.75 -96.75 -29.48
CA THR XA 163 -13.14 -98.01 -30.14
C THR XA 163 -13.75 -97.76 -31.52
N ALA XA 164 -13.29 -98.51 -32.53
CA ALA XA 164 -13.71 -98.42 -33.94
C ALA XA 164 -15.20 -98.76 -34.14
N PRO XA 165 -15.95 -98.07 -35.04
CA PRO XA 165 -15.52 -97.00 -35.96
C PRO XA 165 -15.76 -95.58 -35.42
N GLY XA 166 -15.24 -95.34 -34.21
CA GLY XA 166 -15.32 -94.04 -33.53
C GLY XA 166 -16.57 -93.84 -32.71
N ASN XA 167 -16.54 -92.84 -31.80
CA ASN XA 167 -17.68 -92.50 -30.94
C ASN XA 167 -17.60 -91.13 -30.28
N TYR XA 168 -18.68 -90.36 -30.36
CA TYR XA 168 -18.83 -89.06 -29.70
C TYR XA 168 -20.15 -89.07 -28.93
N LYS XA 169 -20.10 -88.81 -27.63
CA LYS XA 169 -21.28 -88.92 -26.76
C LYS XA 169 -21.95 -87.59 -26.42
N TYR XA 170 -23.29 -87.58 -26.46
CA TYR XA 170 -24.09 -86.41 -26.08
C TYR XA 170 -24.26 -86.48 -24.56
N ILE XA 171 -23.61 -85.55 -23.85
CA ILE XA 171 -23.69 -85.47 -22.40
C ILE XA 171 -24.49 -84.18 -22.09
N LYS XA 172 -24.61 -83.79 -20.81
CA LYS XA 172 -25.32 -82.59 -20.41
C LYS XA 172 -24.32 -81.56 -19.88
N GLY XA 173 -23.97 -80.59 -20.71
CA GLY XA 173 -23.02 -79.54 -20.36
C GLY XA 173 -21.64 -79.77 -20.95
N THR XA 174 -21.12 -81.00 -20.82
CA THR XA 174 -19.79 -81.35 -21.36
C THR XA 174 -19.85 -81.76 -22.82
N SER XA 175 -20.91 -82.55 -23.20
CA SER XA 175 -21.29 -83.07 -24.54
C SER XA 175 -20.22 -82.97 -25.66
N TYR XA 176 -20.50 -82.24 -26.77
CA TYR XA 176 -19.53 -82.02 -27.83
C TYR XA 176 -19.41 -80.56 -28.20
N THR XA 177 -18.18 -80.03 -28.11
CA THR XA 177 -17.86 -78.64 -28.45
C THR XA 177 -16.81 -78.69 -29.55
N TYR XA 178 -17.06 -77.99 -30.67
CA TYR XA 178 -16.13 -77.94 -31.80
C TYR XA 178 -14.77 -77.37 -31.36
N TYR XA 179 -13.66 -78.03 -31.75
CA TYR XA 179 -12.30 -77.63 -31.36
C TYR XA 179 -11.93 -76.23 -31.85
N GLY XA 180 -12.13 -75.99 -33.14
CA GLY XA 180 -11.84 -74.73 -33.80
C GLY XA 180 -12.39 -74.73 -35.21
N GLU XA 181 -11.64 -74.14 -36.14
CA GLU XA 181 -11.99 -74.11 -37.55
C GLU XA 181 -10.78 -74.40 -38.41
N SER XA 182 -10.99 -75.15 -39.51
CA SER XA 182 -9.94 -75.48 -40.47
C SER XA 182 -9.47 -74.17 -41.09
N ASP XA 183 -8.17 -73.90 -41.00
CA ASP XA 183 -7.60 -72.62 -41.45
C ASP XA 183 -8.20 -71.43 -40.65
N ILE XA 184 -7.88 -71.38 -39.34
CA ILE XA 184 -8.29 -70.30 -38.44
C ILE XA 184 -7.43 -69.04 -38.67
N ASP XA 185 -6.32 -69.19 -39.43
CA ASP XA 185 -5.38 -68.11 -39.77
C ASP XA 185 -5.99 -67.06 -40.72
N ARG XA 186 -7.16 -67.35 -41.32
CA ARG XA 186 -7.85 -66.43 -42.21
C ARG XA 186 -8.53 -65.30 -41.42
N LEU XA 187 -9.01 -65.60 -40.20
CA LEU XA 187 -9.71 -64.64 -39.35
C LEU XA 187 -8.78 -63.65 -38.68
N SER XA 188 -9.00 -62.36 -38.92
CA SER XA 188 -8.25 -61.26 -38.34
C SER XA 188 -9.20 -60.08 -38.11
N ARG XA 189 -9.13 -59.46 -36.92
CA ARG XA 189 -10.00 -58.33 -36.58
C ARG XA 189 -9.24 -57.08 -36.15
N TRP XA 190 -9.45 -55.97 -36.89
CA TRP XA 190 -8.89 -54.67 -36.56
C TRP XA 190 -9.98 -54.01 -35.73
N ASP XA 191 -10.03 -54.35 -34.43
CA ASP XA 191 -11.06 -53.87 -33.52
C ASP XA 191 -10.99 -52.38 -33.19
N ILE XA 192 -12.14 -51.72 -33.32
CA ILE XA 192 -12.33 -50.30 -33.02
C ILE XA 192 -13.32 -50.28 -31.84
N LYS XA 193 -12.82 -49.89 -30.65
CA LYS XA 193 -13.65 -49.88 -29.45
C LYS XA 193 -14.24 -48.54 -29.04
N GLU XA 194 -13.55 -47.44 -29.35
CA GLU XA 194 -14.03 -46.07 -29.07
C GLU XA 194 -13.98 -45.26 -30.38
N GLU XA 195 -14.82 -44.21 -30.51
CA GLU XA 195 -14.88 -43.36 -31.70
C GLU XA 195 -13.58 -42.59 -31.92
N ILE XA 196 -12.94 -42.79 -33.09
CA ILE XA 196 -11.70 -42.13 -33.45
C ILE XA 196 -11.98 -41.01 -34.46
N PHE XA 197 -11.18 -39.92 -34.45
CA PHE XA 197 -11.43 -38.79 -35.33
C PHE XA 197 -10.50 -38.58 -36.55
N SER XA 198 -9.26 -39.12 -36.50
CA SER XA 198 -8.28 -39.12 -37.60
C SER XA 198 -7.18 -40.18 -37.41
N PHE XA 199 -6.50 -40.57 -38.50
CA PHE XA 199 -5.50 -41.66 -38.51
C PHE XA 199 -4.44 -41.57 -39.61
N MET XA 200 -3.25 -42.16 -39.36
CA MET XA 200 -2.12 -42.20 -40.28
C MET XA 200 -1.75 -43.66 -40.60
N GLY XA 201 -2.37 -44.19 -41.64
CA GLY XA 201 -2.14 -45.55 -42.08
C GLY XA 201 -1.13 -45.70 -43.19
N ILE XA 202 -0.30 -46.77 -43.13
CA ILE XA 202 0.72 -47.13 -44.12
C ILE XA 202 0.25 -48.46 -44.69
N LEU XA 203 -0.37 -48.41 -45.87
CA LEU XA 203 -0.96 -49.55 -46.56
C LEU XA 203 -0.05 -50.12 -47.64
N TYR XA 204 0.18 -51.44 -47.65
CA TYR XA 204 1.02 -52.12 -48.64
C TYR XA 204 0.10 -52.96 -49.57
N PRO XA 205 -0.08 -52.53 -50.83
CA PRO XA 205 -1.02 -53.22 -51.73
C PRO XA 205 -0.57 -54.58 -52.25
N LYS XA 206 -1.55 -55.42 -52.65
CA LYS XA 206 -1.27 -56.75 -53.20
C LYS XA 206 -1.27 -56.80 -54.74
N LEU XA 207 -2.44 -56.63 -55.34
CA LEU XA 207 -2.64 -56.73 -56.79
C LEU XA 207 -2.89 -55.39 -57.46
N PRO XA 208 -2.23 -55.15 -58.62
CA PRO XA 208 -2.46 -53.88 -59.32
C PRO XA 208 -3.76 -53.88 -60.12
N LYS XA 209 -4.39 -52.69 -60.21
CA LYS XA 209 -5.62 -52.47 -61.00
C LYS XA 209 -6.86 -52.99 -60.31
N THR XA 210 -6.67 -53.53 -59.11
CA THR XA 210 -7.75 -54.03 -58.29
C THR XA 210 -7.82 -53.02 -57.14
N PRO XA 211 -9.01 -52.46 -56.86
CA PRO XA 211 -9.12 -51.44 -55.80
C PRO XA 211 -8.46 -51.87 -54.49
N ALA XA 212 -7.50 -51.06 -54.03
CA ALA XA 212 -6.72 -51.30 -52.82
C ALA XA 212 -6.88 -50.17 -51.80
N GLY XA 213 -7.12 -50.54 -50.55
CA GLY XA 213 -7.31 -49.62 -49.45
C GLY XA 213 -8.00 -50.25 -48.25
N VAL XA 214 -8.69 -49.42 -47.45
CA VAL XA 214 -9.41 -49.87 -46.25
C VAL XA 214 -10.91 -49.55 -46.27
N ARG XA 215 -11.71 -50.41 -45.62
CA ARG XA 215 -13.15 -50.23 -45.45
C ARG XA 215 -13.52 -50.43 -43.99
N PHE XA 216 -14.49 -49.64 -43.52
CA PHE XA 216 -14.91 -49.66 -42.12
C PHE XA 216 -16.34 -50.13 -41.96
N LEU XA 217 -16.56 -51.08 -41.04
CA LEU XA 217 -17.88 -51.66 -40.76
C LEU XA 217 -18.35 -51.32 -39.34
N ASP XA 218 -19.66 -51.14 -39.18
CA ASP XA 218 -20.25 -50.84 -37.88
C ASP XA 218 -20.49 -52.13 -37.06
N ASP XA 219 -21.14 -51.98 -35.91
CA ASP XA 219 -21.46 -53.08 -34.99
C ASP XA 219 -22.36 -54.20 -35.57
N ILE XA 220 -23.12 -53.88 -36.63
CA ILE XA 220 -24.01 -54.84 -37.31
C ILE XA 220 -23.46 -55.38 -38.65
N GLY XA 221 -22.22 -55.02 -38.95
CA GLY XA 221 -21.53 -55.47 -40.16
C GLY XA 221 -21.87 -54.70 -41.43
N ASN XA 222 -22.22 -53.41 -41.30
CA ASN XA 222 -22.54 -52.54 -42.43
C ASN XA 222 -21.47 -51.50 -42.65
N GLU XA 223 -21.06 -51.30 -43.90
CA GLU XA 223 -20.04 -50.32 -44.27
C GLU XA 223 -20.61 -48.91 -44.22
N TYR XA 224 -19.90 -47.98 -43.56
CA TYR XA 224 -20.30 -46.58 -43.45
C TYR XA 224 -19.36 -45.65 -44.22
N THR XA 225 -18.08 -46.05 -44.38
CA THR XA 225 -17.04 -45.32 -45.12
C THR XA 225 -15.94 -46.26 -45.61
N ALA XA 226 -15.20 -45.86 -46.67
CA ALA XA 226 -14.10 -46.64 -47.23
C ALA XA 226 -13.13 -45.80 -48.07
N ILE XA 227 -11.84 -45.88 -47.73
CA ILE XA 227 -10.77 -45.18 -48.45
C ILE XA 227 -10.15 -46.27 -49.34
N VAL XA 228 -10.45 -46.24 -50.64
CA VAL XA 228 -9.94 -47.25 -51.56
C VAL XA 228 -9.43 -46.60 -52.87
N PHE XA 229 -8.34 -47.14 -53.44
CA PHE XA 229 -7.69 -46.60 -54.63
C PHE XA 229 -7.45 -47.64 -55.73
N LYS XA 230 -7.71 -47.25 -57.00
CA LYS XA 230 -7.47 -48.14 -58.14
C LYS XA 230 -6.32 -47.63 -59.03
N THR XA 231 -5.09 -48.07 -58.68
CA THR XA 231 -3.85 -47.69 -59.35
C THR XA 231 -3.49 -48.65 -60.48
N GLU XA 232 -2.74 -48.15 -61.47
CA GLU XA 232 -2.32 -48.92 -62.64
C GLU XA 232 -1.22 -49.92 -62.34
N GLN XA 233 -0.27 -49.55 -61.48
CA GLN XA 233 0.81 -50.42 -61.06
C GLN XA 233 0.79 -50.60 -59.53
N VAL XA 234 1.44 -51.67 -59.04
CA VAL XA 234 1.52 -51.98 -57.61
C VAL XA 234 2.42 -50.96 -56.91
N GLN XA 235 1.84 -50.17 -56.01
CA GLN XA 235 2.61 -49.21 -55.24
C GLN XA 235 3.33 -49.98 -54.14
N ASP XA 236 4.53 -49.53 -53.74
CA ASP XA 236 5.29 -50.16 -52.66
C ASP XA 236 4.49 -50.00 -51.37
N TYR XA 237 3.83 -48.82 -51.22
CA TYR XA 237 2.93 -48.48 -50.13
C TYR XA 237 2.13 -47.23 -50.42
N ILE XA 238 0.93 -47.13 -49.83
CA ILE XA 238 0.03 -45.99 -49.93
C ILE XA 238 -0.01 -45.35 -48.54
N LEU XA 239 0.60 -44.16 -48.42
CA LEU XA 239 0.65 -43.40 -47.18
C LEU XA 239 -0.56 -42.49 -47.14
N ILE XA 240 -1.44 -42.75 -46.17
CA ILE XA 240 -2.68 -41.98 -46.03
C ILE XA 240 -2.77 -41.29 -44.68
N ASN XA 241 -3.13 -40.00 -44.70
CA ASN XA 241 -3.36 -39.27 -43.48
C ASN XA 241 -4.77 -38.67 -43.56
N THR XA 242 -5.62 -38.99 -42.58
CA THR XA 242 -6.99 -38.49 -42.54
C THR XA 242 -7.12 -37.16 -41.83
N ASP XA 243 -6.02 -36.63 -41.27
CA ASP XA 243 -6.04 -35.34 -40.58
C ASP XA 243 -6.61 -34.29 -41.52
N VAL XA 244 -7.56 -33.50 -41.01
CA VAL XA 244 -8.28 -32.45 -41.74
C VAL XA 244 -7.36 -31.33 -42.24
N ASN XA 245 -6.44 -30.86 -41.37
CA ASN XA 245 -5.49 -29.77 -41.63
C ASN XA 245 -4.49 -30.07 -42.72
N ASP XA 246 -3.91 -31.28 -42.75
CA ASP XA 246 -3.02 -31.65 -43.83
C ASP XA 246 -3.38 -33.04 -44.39
N GLU XA 247 -4.53 -33.15 -45.04
CA GLU XA 247 -4.98 -34.41 -45.59
C GLU XA 247 -3.99 -34.91 -46.65
N THR XA 248 -3.52 -36.18 -46.54
CA THR XA 248 -2.58 -36.74 -47.50
C THR XA 248 -3.02 -38.12 -47.96
N TYR XA 249 -3.07 -38.32 -49.27
CA TYR XA 249 -3.42 -39.61 -49.88
C TYR XA 249 -2.40 -39.85 -50.97
N GLN XA 250 -1.20 -40.25 -50.58
CA GLN XA 250 -0.12 -40.46 -51.54
C GLN XA 250 0.44 -41.88 -51.61
N GLY XA 251 0.69 -42.33 -52.83
CA GLY XA 251 1.28 -43.63 -53.13
C GLY XA 251 2.76 -43.52 -53.39
N TRP XA 252 3.51 -44.51 -52.95
CA TRP XA 252 4.95 -44.54 -53.10
C TRP XA 252 5.42 -45.77 -53.84
N LYS XA 253 6.29 -45.57 -54.84
CA LYS XA 253 6.92 -46.61 -55.63
C LYS XA 253 8.39 -46.20 -55.75
N GLY XA 254 9.25 -46.94 -55.08
CA GLY XA 254 10.69 -46.65 -55.02
C GLY XA 254 10.94 -45.40 -54.22
N THR XA 255 11.50 -44.38 -54.87
CA THR XA 255 11.80 -43.06 -54.28
C THR XA 255 10.83 -42.00 -54.79
N THR XA 256 9.87 -42.41 -55.64
CA THR XA 256 8.87 -41.54 -56.26
C THR XA 256 7.53 -41.50 -55.50
N ALA XA 257 7.05 -40.28 -55.19
CA ALA XA 257 5.79 -40.03 -54.49
C ALA XA 257 4.73 -39.56 -55.47
N LEU XA 258 3.58 -40.25 -55.48
CA LEU XA 258 2.47 -40.00 -56.39
C LEU XA 258 1.23 -39.60 -55.57
N ASN XA 259 0.51 -38.54 -56.00
CA ASN XA 259 -0.75 -38.15 -55.32
C ASN XA 259 -1.85 -39.08 -55.82
N LEU XA 260 -2.49 -39.84 -54.89
CA LEU XA 260 -3.52 -40.80 -55.24
C LEU XA 260 -4.97 -40.34 -55.07
N PHE XA 261 -5.17 -39.05 -54.70
CA PHE XA 261 -6.51 -38.47 -54.52
C PHE XA 261 -7.47 -38.63 -55.72
N PRO XA 262 -7.09 -38.32 -56.99
CA PRO XA 262 -8.06 -38.47 -58.10
C PRO XA 262 -8.41 -39.91 -58.46
N VAL XA 263 -7.55 -40.87 -58.12
CA VAL XA 263 -7.75 -42.30 -58.39
C VAL XA 263 -8.69 -42.99 -57.36
N MET XA 264 -8.86 -42.35 -56.20
CA MET XA 264 -9.70 -42.79 -55.07
C MET XA 264 -11.19 -42.89 -55.43
N ASP XA 265 -11.91 -43.80 -54.75
CA ASP XA 265 -13.35 -43.97 -54.91
C ASP XA 265 -14.01 -42.96 -53.97
N PHE XA 266 -14.64 -41.93 -54.55
CA PHE XA 266 -15.29 -40.84 -53.83
C PHE XA 266 -16.65 -41.20 -53.22
N GLU XA 267 -17.33 -42.20 -53.79
CA GLU XA 267 -18.66 -42.67 -53.33
C GLU XA 267 -18.57 -43.41 -51.99
N ARG XA 268 -17.58 -44.30 -51.86
CA ARG XA 268 -17.37 -45.13 -50.67
C ARG XA 268 -16.91 -44.32 -49.47
N TYR XA 269 -16.06 -43.30 -49.69
CA TYR XA 269 -15.55 -42.42 -48.64
C TYR XA 269 -16.63 -41.40 -48.25
N ARG XA 270 -17.56 -41.83 -47.38
CA ARG XA 270 -18.69 -41.02 -46.91
C ARG XA 270 -18.33 -40.15 -45.70
N THR XA 271 -17.53 -40.69 -44.74
CA THR XA 271 -17.12 -39.98 -43.53
C THR XA 271 -15.67 -40.23 -43.09
N ARG XA 272 -15.14 -39.32 -42.26
CA ARG XA 272 -13.80 -39.37 -41.70
C ARG XA 272 -13.86 -39.95 -40.28
N ILE XA 273 -14.98 -39.67 -39.58
CA ILE XA 273 -15.27 -40.12 -38.22
C ILE XA 273 -15.55 -41.62 -38.23
N ILE XA 274 -14.65 -42.38 -37.60
CA ILE XA 274 -14.74 -43.83 -37.50
C ILE XA 274 -15.50 -44.22 -36.24
N GLU XA 275 -16.53 -45.06 -36.41
CA GLU XA 275 -17.40 -45.53 -35.33
C GLU XA 275 -17.01 -46.92 -34.81
N LYS XA 276 -17.59 -47.32 -33.67
CA LYS XA 276 -17.37 -48.61 -33.00
C LYS XA 276 -17.73 -49.76 -33.92
N GLY XA 277 -16.75 -50.64 -34.14
CA GLY XA 277 -16.87 -51.81 -35.00
C GLY XA 277 -15.53 -52.40 -35.40
N GLN XA 278 -15.37 -52.74 -36.68
CA GLN XA 278 -14.13 -53.30 -37.20
C GLN XA 278 -13.71 -52.68 -38.54
N MET XA 279 -12.46 -52.91 -38.94
CA MET XA 279 -11.88 -52.42 -40.19
C MET XA 279 -11.39 -53.60 -41.03
N GLU XA 280 -11.64 -53.54 -42.34
CA GLU XA 280 -11.20 -54.58 -43.27
C GLU XA 280 -10.14 -54.05 -44.21
N LEU XA 281 -9.27 -54.95 -44.71
CA LEU XA 281 -8.19 -54.60 -45.65
C LEU XA 281 -8.54 -55.07 -47.06
N ILE XA 282 -8.75 -54.11 -47.97
CA ILE XA 282 -9.08 -54.40 -49.36
C ILE XA 282 -7.80 -54.46 -50.17
N ASN XA 283 -7.51 -55.64 -50.77
CA ASN XA 283 -6.34 -55.90 -51.62
C ASN XA 283 -4.99 -55.49 -50.98
N LEU XA 284 -4.89 -55.67 -49.65
CA LEU XA 284 -3.68 -55.32 -48.90
C LEU XA 284 -3.01 -56.54 -48.31
N SER XA 285 -1.67 -56.57 -48.41
CA SER XA 285 -0.86 -57.67 -47.88
C SER XA 285 -0.42 -57.40 -46.45
N LYS XA 286 -0.16 -56.12 -46.14
CA LYS XA 286 0.28 -55.62 -44.84
C LYS XA 286 -0.26 -54.20 -44.63
N ALA XA 287 -0.48 -53.79 -43.37
CA ALA XA 287 -0.98 -52.47 -42.99
C ALA XA 287 -0.48 -52.07 -41.61
N GLU XA 288 -0.07 -50.79 -41.46
CA GLU XA 288 0.41 -50.24 -40.20
C GLU XA 288 -0.42 -48.99 -39.87
N PHE XA 289 -1.14 -49.01 -38.73
CA PHE XA 289 -2.01 -47.89 -38.37
C PHE XA 289 -1.68 -47.19 -37.08
N LYS XA 290 -1.85 -45.86 -37.07
CA LYS XA 290 -1.65 -45.00 -35.91
C LYS XA 290 -2.93 -44.20 -35.71
N ILE XA 291 -3.66 -44.50 -34.63
CA ILE XA 291 -4.94 -43.88 -34.34
C ILE XA 291 -4.91 -42.77 -33.30
N LYS XA 292 -5.50 -41.59 -33.65
CA LYS XA 292 -5.62 -40.45 -32.75
C LYS XA 292 -7.07 -40.17 -32.39
N ARG XA 293 -7.37 -40.26 -31.08
CA ARG XA 293 -8.70 -40.18 -30.48
C ARG XA 293 -8.75 -39.07 -29.41
N LYS XA 294 -9.77 -38.18 -29.49
CA LYS XA 294 -9.94 -37.01 -28.61
C LYS XA 294 -10.44 -37.27 -27.18
N ALA XA 295 -10.00 -36.40 -26.24
CA ALA XA 295 -10.37 -36.35 -24.83
C ALA XA 295 -10.50 -34.87 -24.45
N ASP XA 296 -11.70 -34.45 -24.01
CA ASP XA 296 -11.96 -33.05 -23.67
C ASP XA 296 -11.12 -32.49 -22.51
N PHE XA 297 -11.10 -33.20 -21.37
CA PHE XA 297 -10.30 -32.80 -20.21
C PHE XA 297 -9.43 -33.95 -19.75
N VAL XA 298 -8.14 -33.65 -19.54
CA VAL XA 298 -7.12 -34.60 -19.07
C VAL XA 298 -6.19 -33.87 -18.09
N MET YA 1 28.57 -6.81 -30.43
CA MET YA 1 28.13 -7.34 -29.15
C MET YA 1 26.69 -6.97 -28.80
N VAL YA 2 26.50 -5.73 -28.34
CA VAL YA 2 25.20 -5.21 -27.94
C VAL YA 2 24.39 -4.77 -29.20
N ARG YA 3 23.07 -4.60 -29.03
CA ARG YA 3 22.08 -4.21 -30.04
C ARG YA 3 22.25 -2.74 -30.49
N GLN YA 4 22.09 -2.51 -31.81
CA GLN YA 4 22.18 -1.17 -32.41
C GLN YA 4 20.87 -0.77 -33.12
N TYR YA 5 20.41 0.47 -32.90
CA TYR YA 5 19.18 1.01 -33.51
C TYR YA 5 19.43 2.26 -34.34
N LYS YA 6 19.48 2.12 -35.67
CA LYS YA 6 19.62 3.31 -36.52
C LYS YA 6 18.27 3.76 -37.06
N ILE YA 7 18.12 5.05 -37.32
CA ILE YA 7 16.91 5.66 -37.85
C ILE YA 7 17.31 6.36 -39.16
N HIS YA 8 16.93 5.78 -40.29
CA HIS YA 8 17.29 6.31 -41.60
C HIS YA 8 16.12 7.10 -42.15
N THR YA 9 16.40 8.26 -42.77
CA THR YA 9 15.39 9.11 -43.41
C THR YA 9 14.96 8.46 -44.73
N ASN YA 10 15.93 8.23 -45.63
CA ASN YA 10 15.69 7.55 -46.88
C ASN YA 10 16.77 6.50 -47.16
N LEU YA 11 16.63 5.25 -46.62
CA LEU YA 11 17.57 4.14 -46.90
C LEU YA 11 17.47 3.89 -48.41
N ASP YA 12 18.57 3.50 -49.06
CA ASP YA 12 18.75 3.28 -50.51
C ASP YA 12 18.84 4.61 -51.23
N GLY YA 13 18.90 5.69 -50.47
CA GLY YA 13 18.86 7.00 -51.10
C GLY YA 13 20.05 7.90 -50.87
N THR YA 14 20.30 8.76 -51.86
CA THR YA 14 21.38 9.76 -51.82
C THR YA 14 21.16 10.79 -50.71
N ASP YA 15 19.88 11.12 -50.40
CA ASP YA 15 19.51 12.07 -49.36
C ASP YA 15 19.23 11.36 -48.03
N ASP YA 16 20.01 10.31 -47.71
CA ASP YA 16 19.83 9.61 -46.45
C ASP YA 16 20.51 10.37 -45.32
N LYS YA 17 19.86 10.38 -44.14
CA LYS YA 17 20.30 10.98 -42.88
C LYS YA 17 20.11 9.91 -41.80
N VAL YA 18 21.19 9.60 -41.08
CA VAL YA 18 21.16 8.55 -40.08
C VAL YA 18 21.21 9.11 -38.67
N TRP YA 19 20.32 8.60 -37.81
CA TRP YA 19 20.22 8.94 -36.40
C TRP YA 19 20.54 7.70 -35.56
N ASP YA 20 21.54 7.78 -34.67
CA ASP YA 20 21.90 6.65 -33.83
C ASP YA 20 21.10 6.79 -32.55
N VAL YA 21 20.07 5.97 -32.43
CA VAL YA 21 19.21 5.99 -31.26
C VAL YA 21 19.74 5.10 -30.13
N THR YA 22 20.87 4.46 -30.39
CA THR YA 22 21.59 3.64 -29.41
C THR YA 22 22.87 4.37 -28.87
N ASN YA 23 23.51 5.17 -29.71
CA ASN YA 23 24.72 5.90 -29.31
C ASN YA 23 24.64 7.43 -29.29
N GLY YA 24 23.91 8.03 -30.23
CA GLY YA 24 23.81 9.48 -30.37
C GLY YA 24 23.14 10.25 -29.26
N LYS YA 25 22.90 11.53 -29.52
CA LYS YA 25 22.26 12.46 -28.59
C LYS YA 25 20.80 12.12 -28.33
N VAL YA 26 20.06 11.70 -29.37
CA VAL YA 26 18.65 11.29 -29.26
C VAL YA 26 18.59 9.75 -29.20
N ARG YA 27 18.16 9.21 -28.06
CA ARG YA 27 18.17 7.77 -27.87
C ARG YA 27 16.82 7.14 -27.67
N PHE YA 28 16.63 5.96 -28.28
CA PHE YA 28 15.44 5.13 -28.15
C PHE YA 28 15.77 4.04 -27.11
N TYR YA 29 14.85 3.81 -26.18
CA TYR YA 29 14.98 2.81 -25.09
C TYR YA 29 13.65 2.06 -24.88
N GLN YA 30 13.72 0.85 -24.28
CA GLN YA 30 12.60 -0.03 -23.94
C GLN YA 30 11.51 -0.19 -25.03
N PRO YA 31 11.79 -0.89 -26.15
CA PRO YA 31 10.75 -1.07 -27.17
C PRO YA 31 9.59 -1.86 -26.57
N SER YA 32 8.33 -1.42 -26.85
CA SER YA 32 7.11 -2.05 -26.33
C SER YA 32 7.00 -3.52 -26.77
N ASN YA 33 6.93 -3.79 -28.08
CA ASN YA 33 6.89 -5.15 -28.58
C ASN YA 33 7.60 -5.25 -29.92
N LEU YA 34 8.51 -6.22 -30.04
CA LEU YA 34 9.27 -6.48 -31.27
C LEU YA 34 8.82 -7.79 -31.93
N GLY YA 35 7.88 -8.48 -31.26
CA GLY YA 35 7.29 -9.74 -31.71
C GLY YA 35 6.22 -9.57 -32.77
N LEU YA 36 5.20 -10.44 -32.74
CA LEU YA 36 4.08 -10.40 -33.70
C LEU YA 36 2.81 -11.01 -33.14
N GLN YA 37 1.67 -10.62 -33.73
CA GLN YA 37 0.34 -11.15 -33.41
C GLN YA 37 -0.19 -11.82 -34.68
N SER YA 38 -0.95 -12.92 -34.54
CA SER YA 38 -1.50 -13.62 -35.69
C SER YA 38 -2.95 -14.07 -35.46
N THR YA 39 -3.79 -13.90 -36.49
CA THR YA 39 -5.20 -14.32 -36.50
C THR YA 39 -5.35 -15.46 -37.51
N ASN YA 40 -5.43 -16.68 -36.96
CA ASN YA 40 -5.43 -17.96 -37.68
C ASN YA 40 -6.75 -18.44 -38.31
N ASN YA 41 -7.90 -17.79 -38.02
CA ASN YA 41 -9.25 -18.11 -38.53
C ASN YA 41 -9.68 -19.57 -38.28
N ILE YA 42 -9.50 -20.03 -37.05
CA ILE YA 42 -9.83 -21.39 -36.67
C ILE YA 42 -11.30 -21.50 -36.34
N TRP YA 43 -12.01 -22.24 -37.19
CA TRP YA 43 -13.41 -22.54 -37.03
C TRP YA 43 -13.52 -24.03 -36.68
N GLN YA 44 -14.36 -24.36 -35.70
CA GLN YA 44 -14.46 -25.74 -35.24
C GLN YA 44 -15.82 -26.37 -35.48
N SER YA 45 -15.83 -27.56 -36.08
CA SER YA 45 -17.04 -28.34 -36.34
C SER YA 45 -17.00 -29.59 -35.45
N ASN YA 46 -18.02 -29.75 -34.59
CA ASN YA 46 -18.20 -30.89 -33.67
C ASN YA 46 -16.93 -31.32 -32.91
N GLY YA 47 -16.23 -30.34 -32.33
CA GLY YA 47 -15.00 -30.58 -31.59
C GLY YA 47 -13.74 -30.68 -32.42
N ILE YA 48 -13.86 -31.00 -33.73
CA ILE YA 48 -12.75 -31.10 -34.68
C ILE YA 48 -12.40 -29.68 -35.14
N GLY YA 49 -11.11 -29.37 -35.18
CA GLY YA 49 -10.63 -28.04 -35.55
C GLY YA 49 -10.04 -27.92 -36.94
N VAL YA 50 -10.55 -26.95 -37.70
CA VAL YA 50 -10.12 -26.62 -39.05
C VAL YA 50 -9.49 -25.23 -39.04
N MET YA 51 -8.30 -25.10 -39.63
CA MET YA 51 -7.57 -23.84 -39.67
C MET YA 51 -7.54 -23.18 -41.05
N GLY YA 52 -7.91 -21.89 -41.08
CA GLY YA 52 -7.92 -21.07 -42.28
C GLY YA 52 -6.56 -20.53 -42.64
N THR YA 53 -6.48 -19.22 -42.88
CA THR YA 53 -5.25 -18.54 -43.25
C THR YA 53 -4.81 -17.55 -42.19
N ARG YA 54 -3.53 -17.59 -41.86
CA ARG YA 54 -2.94 -16.74 -40.83
C ARG YA 54 -2.58 -15.35 -41.33
N SER YA 55 -3.26 -14.33 -40.78
CA SER YA 55 -2.97 -12.95 -41.08
C SER YA 55 -2.07 -12.44 -39.98
N ILE YA 56 -0.77 -12.38 -40.29
CA ILE YA 56 0.24 -11.94 -39.35
C ILE YA 56 0.10 -10.42 -39.25
N THR YA 57 -0.34 -9.94 -38.08
CA THR YA 57 -0.57 -8.54 -37.73
C THR YA 57 0.62 -8.00 -36.94
N GLN YA 58 1.12 -6.83 -37.35
CA GLN YA 58 2.26 -6.22 -36.66
C GLN YA 58 1.81 -5.11 -35.72
N PRO YA 59 2.31 -5.10 -34.46
CA PRO YA 59 1.86 -4.10 -33.50
C PRO YA 59 2.77 -2.88 -33.43
N GLN YA 60 2.19 -1.73 -33.00
CA GLN YA 60 2.88 -0.45 -32.83
C GLN YA 60 4.07 -0.57 -31.89
N ILE YA 61 5.22 0.02 -32.26
CA ILE YA 61 6.38 -0.02 -31.37
C ILE YA 61 6.46 1.35 -30.71
N GLU YA 62 6.48 1.35 -29.36
CA GLU YA 62 6.57 2.54 -28.54
C GLU YA 62 7.93 2.53 -27.83
N PHE YA 63 8.73 3.58 -28.08
CA PHE YA 63 10.05 3.76 -27.51
C PHE YA 63 10.09 4.86 -26.46
N LYS YA 64 10.93 4.69 -25.45
CA LYS YA 64 11.15 5.67 -24.40
C LYS YA 64 12.27 6.54 -24.98
N LEU YA 65 11.88 7.63 -25.65
CA LEU YA 65 12.79 8.56 -26.29
C LEU YA 65 13.43 9.50 -25.29
N GLU YA 66 14.76 9.46 -25.19
CA GLU YA 66 15.55 10.30 -24.29
C GLU YA 66 16.52 11.15 -25.08
N THR YA 67 16.73 12.41 -24.65
CA THR YA 67 17.66 13.36 -25.30
C THR YA 67 18.84 13.62 -24.37
N PHE YA 68 20.05 13.74 -24.93
CA PHE YA 68 21.27 13.92 -24.14
C PHE YA 68 22.01 15.24 -24.34
N GLY YA 69 21.25 16.34 -24.37
CA GLY YA 69 21.78 17.70 -24.54
C GLY YA 69 22.54 18.24 -23.35
N GLU YA 70 23.44 19.21 -23.61
CA GLU YA 70 24.29 19.85 -22.59
C GLU YA 70 23.61 21.08 -21.98
N SER YA 71 22.66 21.68 -22.70
CA SER YA 71 21.92 22.88 -22.31
C SER YA 71 20.43 22.72 -22.64
N LEU YA 72 19.56 23.59 -22.10
CA LEU YA 72 18.14 23.58 -22.43
C LEU YA 72 17.98 23.83 -23.94
N GLU YA 73 18.86 24.71 -24.49
CA GLU YA 73 18.96 25.06 -25.90
C GLU YA 73 19.25 23.82 -26.77
N GLU YA 74 20.21 22.97 -26.35
CA GLU YA 74 20.56 21.74 -27.06
C GLU YA 74 19.37 20.77 -27.13
N ASN YA 75 18.83 20.36 -25.97
CA ASN YA 75 17.70 19.44 -25.83
C ASN YA 75 16.43 19.82 -26.61
N TYR YA 76 16.18 21.14 -26.77
CA TYR YA 76 15.04 21.66 -27.55
C TYR YA 76 15.35 21.52 -29.05
N GLN YA 77 16.60 21.85 -29.48
CA GLN YA 77 17.09 21.74 -30.86
C GLN YA 77 17.09 20.28 -31.33
N LEU YA 78 17.34 19.34 -30.42
CA LEU YA 78 17.31 17.89 -30.69
C LEU YA 78 15.87 17.40 -30.92
N MET YA 79 14.90 17.92 -30.16
CA MET YA 79 13.49 17.58 -30.31
C MET YA 79 12.90 18.22 -31.57
N LYS YA 80 13.22 19.52 -31.80
CA LYS YA 80 12.78 20.29 -32.97
C LYS YA 80 13.38 19.68 -34.25
N ASP YA 81 14.59 19.09 -34.17
CA ASP YA 81 15.21 18.46 -35.34
C ASP YA 81 14.80 17.02 -35.60
N PHE YA 82 15.07 16.09 -34.66
CA PHE YA 82 14.73 14.67 -34.79
C PHE YA 82 13.28 14.40 -35.20
N VAL YA 83 12.30 15.04 -34.53
CA VAL YA 83 10.88 14.86 -34.83
C VAL YA 83 10.50 15.42 -36.21
N ASN YA 84 11.02 16.60 -36.58
CA ASN YA 84 10.73 17.14 -37.90
C ASN YA 84 11.34 16.33 -39.04
N ASP YA 85 12.53 15.74 -38.83
CA ASP YA 85 13.17 14.88 -39.83
C ASP YA 85 12.32 13.65 -40.16
N ILE YA 86 11.66 13.07 -39.15
CA ILE YA 86 10.73 11.93 -39.29
C ILE YA 86 9.48 12.41 -40.03
N LEU YA 87 9.08 13.67 -39.83
CA LEU YA 87 7.90 14.25 -40.48
C LEU YA 87 8.14 14.64 -41.93
N SER YA 88 9.35 15.13 -42.28
CA SER YA 88 9.74 15.54 -43.63
C SER YA 88 9.59 14.42 -44.68
N LYS YA 89 9.90 13.16 -44.30
CA LYS YA 89 9.79 11.98 -45.14
C LYS YA 89 8.49 11.30 -44.77
N LYS YA 90 7.73 10.78 -45.75
CA LYS YA 90 6.44 10.12 -45.48
C LYS YA 90 6.55 8.87 -44.59
N PHE YA 91 7.73 8.22 -44.58
CA PHE YA 91 8.03 7.04 -43.77
C PHE YA 91 9.52 6.93 -43.45
N VAL YA 92 9.87 6.39 -42.28
CA VAL YA 92 11.26 6.25 -41.82
C VAL YA 92 11.67 4.80 -41.55
N THR YA 93 12.89 4.44 -41.99
CA THR YA 93 13.42 3.10 -41.87
C THR YA 93 14.22 2.90 -40.59
N LEU YA 94 13.68 2.07 -39.69
CA LEU YA 94 14.35 1.69 -38.44
C LEU YA 94 15.18 0.44 -38.67
N GLU YA 95 16.47 0.50 -38.38
CA GLU YA 95 17.34 -0.65 -38.53
C GLU YA 95 17.63 -1.34 -37.21
N TYR YA 96 17.29 -2.62 -37.12
CA TYR YA 96 17.56 -3.46 -35.95
C TYR YA 96 18.87 -4.15 -36.26
N GLN YA 97 19.87 -4.02 -35.37
CA GLN YA 97 21.17 -4.65 -35.60
C GLN YA 97 21.65 -5.40 -34.36
N THR YA 98 22.19 -6.61 -34.57
CA THR YA 98 22.73 -7.49 -33.53
C THR YA 98 23.91 -8.29 -34.09
N GLU YA 99 24.54 -9.12 -33.25
CA GLU YA 99 25.67 -9.96 -33.63
C GLU YA 99 25.34 -10.89 -34.80
N ILE YA 100 24.11 -11.42 -34.80
CA ILE YA 100 23.62 -12.34 -35.83
C ILE YA 100 22.85 -11.74 -37.03
N PHE YA 101 22.12 -10.64 -36.84
CA PHE YA 101 21.31 -10.09 -37.93
C PHE YA 101 21.30 -8.57 -38.06
N GLN YA 102 20.89 -8.10 -39.24
CA GLN YA 102 20.72 -6.68 -39.51
C GLN YA 102 19.40 -6.39 -40.26
N VAL YA 103 18.26 -6.61 -39.59
CA VAL YA 103 16.93 -6.38 -40.18
C VAL YA 103 16.50 -4.91 -40.16
N TYR YA 104 15.53 -4.55 -41.00
CA TYR YA 104 15.00 -3.19 -41.11
C TYR YA 104 13.46 -3.18 -41.10
N ALA YA 105 12.85 -2.16 -40.47
CA ALA YA 105 11.39 -2.01 -40.44
C ALA YA 105 10.98 -0.58 -40.80
N ASP YA 106 10.10 -0.45 -41.81
CA ASP YA 106 9.59 0.84 -42.24
C ASP YA 106 8.48 1.33 -41.32
N LEU YA 107 8.76 2.43 -40.59
CA LEU YA 107 7.85 3.03 -39.61
C LEU YA 107 7.27 4.33 -40.10
N ALA YA 108 6.09 4.68 -39.54
CA ALA YA 108 5.39 5.93 -39.75
C ALA YA 108 5.08 6.47 -38.35
N LEU YA 109 5.27 7.79 -38.16
CA LEU YA 109 5.05 8.43 -36.87
C LEU YA 109 3.59 8.37 -36.45
N ALA YA 110 3.32 7.63 -35.37
CA ALA YA 110 1.99 7.46 -34.81
C ALA YA 110 1.69 8.48 -33.72
N ASP YA 111 2.59 8.68 -32.74
CA ASP YA 111 2.44 9.62 -31.63
C ASP YA 111 3.79 9.98 -30.99
N VAL YA 112 4.01 11.28 -30.72
CA VAL YA 112 5.19 11.80 -30.04
C VAL YA 112 4.72 12.76 -28.93
N THR YA 113 5.39 12.69 -27.77
CA THR YA 113 5.01 13.52 -26.62
C THR YA 113 6.07 14.56 -26.26
N LYS YA 114 5.63 15.75 -25.83
CA LYS YA 114 6.52 16.81 -25.38
C LYS YA 114 5.91 17.39 -24.11
N THR YA 115 6.65 17.26 -22.98
CA THR YA 115 6.23 17.73 -21.65
C THR YA 115 7.30 18.61 -21.01
N GLU YA 116 6.92 19.37 -19.95
CA GLU YA 116 7.84 20.25 -19.23
C GLU YA 116 8.44 19.70 -17.93
N GLY YA 117 8.44 18.37 -17.82
CA GLY YA 117 9.05 17.65 -16.71
C GLY YA 117 10.48 17.32 -17.06
N TYR YA 118 11.38 18.28 -16.81
CA TYR YA 118 12.79 18.16 -17.16
C TYR YA 118 13.68 17.76 -15.99
N GLY YA 119 14.81 17.15 -16.34
CA GLY YA 119 15.82 16.77 -15.36
C GLY YA 119 16.82 17.90 -15.19
N LYS YA 120 18.10 17.62 -15.50
CA LYS YA 120 19.24 18.51 -15.42
C LYS YA 120 19.65 18.95 -16.82
N ASN YA 121 19.87 20.26 -16.97
CA ASN YA 121 20.22 20.96 -18.22
C ASN YA 121 19.12 20.80 -19.27
N GLY YA 122 17.89 20.73 -18.79
CA GLY YA 122 16.68 20.59 -19.60
C GLY YA 122 16.52 19.28 -20.34
N THR YA 123 16.86 18.16 -19.68
CA THR YA 123 16.80 16.82 -20.24
C THR YA 123 15.37 16.36 -20.59
N PHE YA 124 15.20 15.57 -21.68
CA PHE YA 124 13.90 15.08 -22.14
C PHE YA 124 13.74 13.58 -21.96
N SER YA 125 12.57 13.15 -21.46
CA SER YA 125 12.19 11.74 -21.31
C SER YA 125 10.74 11.65 -21.75
N GLU YA 126 10.54 11.24 -23.01
CA GLU YA 126 9.22 11.19 -23.64
C GLU YA 126 8.99 9.87 -24.36
N LYS YA 127 7.71 9.55 -24.69
CA LYS YA 127 7.33 8.33 -25.39
C LYS YA 127 6.97 8.60 -26.84
N ILE YA 128 7.62 7.85 -27.76
CA ILE YA 128 7.43 7.95 -29.21
C ILE YA 128 6.84 6.65 -29.73
N THR YA 129 5.66 6.73 -30.37
CA THR YA 129 4.98 5.57 -30.91
C THR YA 129 5.02 5.59 -32.44
N PHE YA 130 5.26 4.43 -33.05
CA PHE YA 130 5.33 4.29 -34.50
C PHE YA 130 4.37 3.22 -35.00
N ASP YA 131 3.82 3.44 -36.20
CA ASP YA 131 2.93 2.50 -36.88
C ASP YA 131 3.78 1.66 -37.83
N ILE YA 132 3.50 0.34 -37.90
CA ILE YA 132 4.27 -0.57 -38.75
C ILE YA 132 3.77 -0.59 -40.19
N ILE YA 133 4.68 -0.33 -41.15
CA ILE YA 133 4.40 -0.44 -42.56
C ILE YA 133 4.79 -1.89 -42.94
N THR YA 134 6.09 -2.23 -42.85
CA THR YA 134 6.61 -3.57 -43.12
C THR YA 134 7.61 -3.92 -42.02
N LYS YA 135 7.35 -4.98 -41.22
CA LYS YA 135 8.26 -5.37 -40.15
C LYS YA 135 9.25 -6.45 -40.58
N TRP YA 136 10.54 -6.14 -40.35
CA TRP YA 136 11.74 -6.93 -40.63
C TRP YA 136 11.93 -7.43 -42.05
N TYR YA 137 12.87 -6.80 -42.75
CA TYR YA 137 13.25 -7.16 -44.10
C TYR YA 137 14.75 -6.99 -44.27
N THR YA 138 15.38 -7.80 -45.12
CA THR YA 138 16.82 -7.73 -45.33
C THR YA 138 17.17 -6.92 -46.58
N TYR YA 139 17.87 -5.78 -46.39
CA TYR YA 139 18.31 -4.96 -47.52
C TYR YA 139 19.74 -5.42 -47.83
N GLU YA 140 19.91 -6.14 -48.96
CA GLU YA 140 21.20 -6.70 -49.35
C GLU YA 140 21.47 -6.56 -50.85
N ASN YA 141 22.76 -6.53 -51.21
CA ASN YA 141 23.23 -6.42 -52.60
C ASN YA 141 22.98 -7.72 -53.37
N LEU YA 142 22.49 -7.59 -54.60
CA LEU YA 142 22.19 -8.69 -55.52
C LEU YA 142 23.15 -8.62 -56.71
N THR YA 143 23.92 -9.70 -56.94
CA THR YA 143 24.90 -9.77 -58.03
C THR YA 143 24.75 -11.07 -58.81
N PHE YA 144 25.10 -11.02 -60.09
CA PHE YA 144 25.10 -12.15 -61.02
C PHE YA 144 26.20 -13.14 -60.65
N ASP YA 145 26.07 -14.39 -61.14
CA ASP YA 145 27.04 -15.46 -60.92
C ASP YA 145 27.69 -15.80 -62.25
N LYS YA 146 29.01 -16.06 -62.23
CA LYS YA 146 29.77 -16.39 -63.43
C LYS YA 146 30.05 -17.90 -63.48
N ILE YA 147 30.13 -18.44 -64.72
CA ILE YA 147 30.39 -19.87 -64.94
C ILE YA 147 31.79 -20.05 -65.53
N GLN YA 148 32.62 -20.90 -64.91
CA GLN YA 148 33.98 -21.16 -65.37
C GLN YA 148 34.18 -22.56 -65.92
N ASN YA 149 35.02 -22.67 -66.97
CA ASN YA 149 35.37 -23.91 -67.65
C ASN YA 149 36.19 -24.83 -66.76
N GLY YA 150 35.82 -26.11 -66.75
CA GLY YA 150 36.53 -27.14 -66.00
C GLY YA 150 37.86 -27.45 -66.65
N LYS YA 151 38.85 -27.89 -65.85
CA LYS YA 151 40.20 -28.18 -66.32
C LYS YA 151 40.27 -29.41 -67.22
N VAL YA 152 41.22 -29.40 -68.18
CA VAL YA 152 41.42 -30.49 -69.14
C VAL YA 152 42.38 -31.53 -68.54
N ILE YA 153 41.95 -32.80 -68.51
CA ILE YA 153 42.70 -33.92 -67.97
C ILE YA 153 42.80 -35.02 -69.04
N ALA YA 154 44.00 -35.62 -69.20
CA ALA YA 154 44.27 -36.68 -70.16
C ALA YA 154 43.56 -37.97 -69.78
N GLY YA 155 42.75 -38.49 -70.70
CA GLY YA 155 41.97 -39.71 -70.50
C GLY YA 155 40.58 -39.46 -69.97
N MET YA 156 40.41 -38.34 -69.21
CA MET YA 156 39.15 -37.92 -68.60
C MET YA 156 38.33 -37.02 -69.51
N SER YA 157 38.97 -36.03 -70.16
CA SER YA 157 38.33 -35.06 -71.04
C SER YA 157 38.20 -35.56 -72.49
N LYS YA 158 37.26 -34.99 -73.28
CA LYS YA 158 37.13 -35.35 -74.70
C LYS YA 158 38.14 -34.53 -75.50
N ILE YA 159 39.26 -35.18 -75.82
CA ILE YA 159 40.40 -34.67 -76.60
C ILE YA 159 41.01 -35.83 -77.36
N TYR YA 160 41.63 -35.53 -78.52
CA TYR YA 160 42.33 -36.54 -79.30
C TYR YA 160 43.81 -36.28 -79.00
N GLY YA 161 44.32 -36.91 -77.94
CA GLY YA 161 45.70 -36.70 -77.50
C GLY YA 161 46.61 -37.91 -77.61
N GLY YA 162 47.80 -37.76 -77.05
CA GLY YA 162 48.84 -38.79 -77.05
C GLY YA 162 49.36 -39.12 -78.43
N THR YA 163 49.40 -40.42 -78.76
CA THR YA 163 49.86 -40.96 -80.05
C THR YA 163 48.92 -40.55 -81.20
N ALA YA 164 49.50 -40.05 -82.31
CA ALA YA 164 48.79 -39.59 -83.50
C ALA YA 164 48.00 -40.70 -84.21
N PRO YA 165 46.79 -40.42 -84.77
CA PRO YA 165 46.07 -39.15 -84.85
C PRO YA 165 45.05 -38.91 -83.73
N GLY YA 166 45.52 -39.03 -82.48
CA GLY YA 166 44.73 -38.80 -81.28
C GLY YA 166 43.91 -39.97 -80.82
N ASN YA 167 43.55 -40.00 -79.52
CA ASN YA 167 42.76 -41.09 -78.94
C ASN YA 167 42.01 -40.72 -77.66
N TYR YA 168 40.73 -41.06 -77.60
CA TYR YA 168 39.89 -40.89 -76.42
C TYR YA 168 39.20 -42.23 -76.12
N LYS YA 169 39.37 -42.73 -74.89
CA LYS YA 169 38.87 -44.06 -74.51
C LYS YA 169 37.58 -44.05 -73.70
N TYR YA 170 36.65 -44.97 -74.05
CA TYR YA 170 35.40 -45.16 -73.33
C TYR YA 170 35.69 -46.06 -72.14
N ILE YA 171 35.65 -45.50 -70.94
CA ILE YA 171 35.90 -46.24 -69.70
C ILE YA 171 34.56 -46.34 -68.95
N LYS YA 172 34.52 -47.02 -67.80
CA LYS YA 172 33.31 -47.16 -67.01
C LYS YA 172 33.40 -46.24 -65.79
N GLY YA 173 32.74 -45.09 -65.88
CA GLY YA 173 32.73 -44.10 -64.82
C GLY YA 173 33.65 -42.93 -65.08
N THR YA 174 34.91 -43.21 -65.47
CA THR YA 174 35.90 -42.17 -65.77
C THR YA 174 35.75 -41.64 -67.21
N SER YA 175 35.42 -42.54 -68.16
CA SER YA 175 35.16 -42.35 -69.61
C SER YA 175 35.59 -41.00 -70.20
N TYR YA 176 34.65 -40.26 -70.83
CA TYR YA 176 34.92 -38.94 -71.35
C TYR YA 176 33.88 -37.94 -70.86
N THR YA 177 34.36 -36.88 -70.20
CA THR YA 177 33.53 -35.80 -69.68
C THR YA 177 34.02 -34.52 -70.34
N TYR YA 178 33.11 -33.76 -70.97
CA TYR YA 178 33.44 -32.49 -71.63
C TYR YA 178 34.06 -31.50 -70.65
N TYR YA 179 35.18 -30.86 -71.05
CA TYR YA 179 35.95 -29.92 -70.20
C TYR YA 179 35.11 -28.70 -69.80
N GLY YA 180 34.50 -28.07 -70.78
CA GLY YA 180 33.67 -26.89 -70.61
C GLY YA 180 33.04 -26.51 -71.94
N GLU YA 181 32.76 -25.22 -72.13
CA GLU YA 181 32.17 -24.71 -73.35
C GLU YA 181 32.99 -23.60 -73.96
N SER YA 182 33.07 -23.58 -75.31
CA SER YA 182 33.80 -22.54 -76.05
C SER YA 182 33.10 -21.22 -75.75
N ASP YA 183 33.84 -20.29 -75.15
CA ASP YA 183 33.31 -18.98 -74.72
C ASP YA 183 32.18 -19.13 -73.64
N ILE YA 184 32.50 -19.80 -72.52
CA ILE YA 184 31.57 -19.96 -71.40
C ILE YA 184 31.29 -18.60 -70.71
N ASP YA 185 32.11 -17.57 -71.03
CA ASP YA 185 32.02 -16.20 -70.52
C ASP YA 185 30.71 -15.50 -70.91
N ARG YA 186 29.94 -16.09 -71.85
CA ARG YA 186 28.62 -15.57 -72.26
C ARG YA 186 27.55 -15.88 -71.20
N LEU YA 187 27.70 -17.01 -70.47
CA LEU YA 187 26.75 -17.47 -69.45
C LEU YA 187 26.88 -16.69 -68.15
N SER YA 188 25.78 -16.07 -67.74
CA SER YA 188 25.68 -15.30 -66.49
C SER YA 188 24.28 -15.49 -65.95
N ARG YA 189 24.18 -15.95 -64.70
CA ARG YA 189 22.90 -16.16 -64.04
C ARG YA 189 22.73 -15.18 -62.90
N TRP YA 190 21.62 -14.43 -62.91
CA TRP YA 190 21.23 -13.55 -61.82
C TRP YA 190 20.27 -14.46 -61.06
N ASP YA 191 20.77 -15.16 -60.02
CA ASP YA 191 19.99 -16.16 -59.30
C ASP YA 191 19.08 -15.58 -58.23
N ILE YA 192 17.83 -16.05 -58.23
CA ILE YA 192 16.81 -15.69 -57.24
C ILE YA 192 16.48 -16.98 -56.49
N LYS YA 193 16.90 -17.06 -55.22
CA LYS YA 193 16.73 -18.25 -54.39
C LYS YA 193 15.54 -18.24 -53.45
N GLU YA 194 15.17 -17.05 -52.94
CA GLU YA 194 14.01 -16.88 -52.05
C GLU YA 194 13.12 -15.78 -52.63
N GLU YA 195 11.81 -15.80 -52.29
CA GLU YA 195 10.82 -14.82 -52.77
C GLU YA 195 11.15 -13.40 -52.32
N ILE YA 196 11.39 -12.48 -53.27
CA ILE YA 196 11.72 -11.09 -52.96
C ILE YA 196 10.49 -10.19 -53.09
N PHE YA 197 10.27 -9.33 -52.09
CA PHE YA 197 9.09 -8.46 -52.03
C PHE YA 197 9.22 -7.10 -52.73
N SER YA 198 10.40 -6.45 -52.63
CA SER YA 198 10.70 -5.15 -53.24
C SER YA 198 12.19 -5.04 -53.58
N PHE YA 199 12.56 -4.14 -54.52
CA PHE YA 199 13.95 -3.93 -54.94
C PHE YA 199 14.25 -2.54 -55.49
N MET YA 200 15.54 -2.24 -55.68
CA MET YA 200 16.06 -0.98 -56.20
C MET YA 200 17.21 -1.33 -57.14
N GLY YA 201 16.99 -1.12 -58.43
CA GLY YA 201 17.97 -1.44 -59.46
C GLY YA 201 18.43 -0.27 -60.32
N ILE YA 202 19.70 -0.32 -60.76
CA ILE YA 202 20.34 0.68 -61.63
C ILE YA 202 20.68 -0.06 -62.91
N LEU YA 203 20.02 0.29 -64.00
CA LEU YA 203 20.24 -0.39 -65.29
C LEU YA 203 20.93 0.50 -66.31
N TYR YA 204 21.98 -0.02 -66.95
CA TYR YA 204 22.73 0.72 -67.97
C TYR YA 204 22.38 0.18 -69.37
N PRO YA 205 21.60 0.96 -70.14
CA PRO YA 205 21.14 0.49 -71.48
C PRO YA 205 22.22 0.47 -72.55
N LYS YA 206 22.10 -0.46 -73.51
CA LYS YA 206 23.05 -0.57 -74.62
C LYS YA 206 22.62 0.16 -75.90
N LEU YA 207 21.43 -0.17 -76.39
CA LEU YA 207 20.93 0.32 -77.67
C LEU YA 207 19.68 1.16 -77.49
N PRO YA 208 19.64 2.32 -78.14
CA PRO YA 208 18.44 3.17 -78.03
C PRO YA 208 17.28 2.67 -78.88
N LYS YA 209 16.04 2.90 -78.42
CA LYS YA 209 14.82 2.56 -79.18
C LYS YA 209 14.50 1.08 -79.17
N THR YA 210 15.24 0.33 -78.37
CA THR YA 210 15.04 -1.10 -78.20
C THR YA 210 14.57 -1.21 -76.76
N PRO YA 211 13.45 -1.93 -76.48
CA PRO YA 211 12.98 -2.03 -75.10
C PRO YA 211 14.13 -2.47 -74.18
N ALA YA 212 14.40 -1.64 -73.16
CA ALA YA 212 15.48 -1.86 -72.21
C ALA YA 212 14.96 -1.99 -70.79
N GLY YA 213 15.51 -2.97 -70.09
CA GLY YA 213 15.15 -3.28 -68.71
C GLY YA 213 15.37 -4.73 -68.35
N VAL YA 214 14.65 -5.21 -67.32
CA VAL YA 214 14.78 -6.59 -66.84
C VAL YA 214 13.50 -7.39 -66.86
N ARG YA 215 13.60 -8.67 -67.22
CA ARG YA 215 12.50 -9.63 -67.20
C ARG YA 215 12.79 -10.72 -66.19
N PHE YA 216 11.74 -11.29 -65.59
CA PHE YA 216 11.89 -12.32 -64.58
C PHE YA 216 11.32 -13.66 -65.03
N LEU YA 217 12.12 -14.72 -64.84
CA LEU YA 217 11.75 -16.08 -65.24
C LEU YA 217 11.64 -17.01 -64.03
N ASP YA 218 10.73 -17.96 -64.13
CA ASP YA 218 10.54 -18.97 -63.09
C ASP YA 218 11.53 -20.14 -63.28
N ASP YA 219 11.37 -21.17 -62.46
CA ASP YA 219 12.22 -22.38 -62.47
C ASP YA 219 12.19 -23.19 -63.78
N ILE YA 220 11.11 -23.02 -64.59
CA ILE YA 220 10.94 -23.73 -65.86
C ILE YA 220 11.25 -22.89 -67.12
N GLY YA 221 11.77 -21.68 -66.90
CA GLY YA 221 12.17 -20.78 -67.97
C GLY YA 221 11.05 -20.01 -68.66
N ASN YA 222 9.95 -19.75 -67.92
CA ASN YA 222 8.80 -18.99 -68.42
C ASN YA 222 8.77 -17.59 -67.79
N GLU YA 223 8.51 -16.55 -68.61
CA GLU YA 223 8.45 -15.17 -68.14
C GLU YA 223 7.09 -14.88 -67.49
N TYR YA 224 7.13 -14.27 -66.30
CA TYR YA 224 5.90 -13.91 -65.58
C TYR YA 224 5.76 -12.40 -65.43
N THR YA 225 6.89 -11.68 -65.22
CA THR YA 225 6.91 -10.22 -65.08
C THR YA 225 8.13 -9.59 -65.75
N ALA YA 226 7.99 -8.33 -66.21
CA ALA YA 226 9.08 -7.60 -66.88
C ALA YA 226 8.97 -6.08 -66.71
N ILE YA 227 10.12 -5.43 -66.42
CA ILE YA 227 10.22 -3.98 -66.28
C ILE YA 227 10.95 -3.52 -67.53
N VAL YA 228 10.20 -3.26 -68.63
CA VAL YA 228 10.81 -2.87 -69.89
C VAL YA 228 10.35 -1.51 -70.43
N PHE YA 229 11.32 -0.67 -70.87
CA PHE YA 229 11.06 0.69 -71.35
C PHE YA 229 11.63 0.92 -72.74
N LYS YA 230 10.82 1.49 -73.65
CA LYS YA 230 11.31 1.81 -75.01
C LYS YA 230 11.55 3.32 -75.18
N THR YA 231 12.78 3.74 -74.89
CA THR YA 231 13.23 5.14 -74.96
C THR YA 231 13.61 5.56 -76.38
N GLU YA 232 13.83 6.86 -76.61
CA GLU YA 232 14.23 7.40 -77.91
C GLU YA 232 15.74 7.53 -78.03
N GLN YA 233 16.42 7.93 -76.94
CA GLN YA 233 17.88 8.03 -76.90
C GLN YA 233 18.45 7.14 -75.79
N VAL YA 234 19.76 6.82 -75.87
CA VAL YA 234 20.45 5.98 -74.89
C VAL YA 234 20.58 6.72 -73.57
N GLN YA 235 19.91 6.20 -72.53
CA GLN YA 235 20.01 6.78 -71.21
C GLN YA 235 21.33 6.29 -70.61
N ASP YA 236 21.97 7.13 -69.78
CA ASP YA 236 23.22 6.76 -69.12
C ASP YA 236 22.93 5.58 -68.18
N TYR YA 237 21.82 5.70 -67.42
CA TYR YA 237 21.30 4.67 -66.53
C TYR YA 237 19.80 4.84 -66.25
N ILE YA 238 19.10 3.73 -65.98
CA ILE YA 238 17.69 3.70 -65.64
C ILE YA 238 17.58 3.28 -64.17
N LEU YA 239 17.06 4.19 -63.32
CA LEU YA 239 16.91 3.98 -61.87
C LEU YA 239 15.50 3.51 -61.57
N ILE YA 240 15.35 2.21 -61.26
CA ILE YA 240 14.03 1.62 -60.99
C ILE YA 240 13.90 1.14 -59.56
N ASN YA 241 12.84 1.58 -58.88
CA ASN YA 241 12.55 1.16 -57.52
C ASN YA 241 11.15 0.58 -57.48
N THR YA 242 11.05 -0.64 -56.95
CA THR YA 242 9.77 -1.35 -56.84
C THR YA 242 9.02 -1.08 -55.55
N ASP YA 243 9.61 -0.30 -54.62
CA ASP YA 243 8.94 -0.01 -53.36
C ASP YA 243 7.59 0.62 -53.61
N VAL YA 244 6.55 0.05 -53.00
CA VAL YA 244 5.16 0.50 -53.17
C VAL YA 244 4.96 1.96 -52.70
N ASN YA 245 5.56 2.30 -51.54
CA ASN YA 245 5.44 3.61 -50.92
C ASN YA 245 6.05 4.75 -51.71
N ASP YA 246 7.24 4.52 -52.28
CA ASP YA 246 7.94 5.52 -53.11
C ASP YA 246 8.41 4.89 -54.43
N GLU YA 247 7.45 4.45 -55.25
CA GLU YA 247 7.77 3.84 -56.53
C GLU YA 247 8.50 4.84 -57.40
N THR YA 248 9.71 4.47 -57.85
CA THR YA 248 10.52 5.34 -58.69
C THR YA 248 10.96 4.65 -59.96
N TYR YA 249 10.67 5.26 -61.09
CA TYR YA 249 11.12 4.82 -62.40
C TYR YA 249 11.60 6.06 -63.08
N GLN YA 250 12.87 6.07 -63.50
CA GLN YA 250 13.45 7.22 -64.17
C GLN YA 250 14.68 6.94 -65.01
N GLY YA 251 14.78 7.68 -66.10
CA GLY YA 251 15.90 7.61 -67.04
C GLY YA 251 16.82 8.78 -66.85
N TRP YA 252 18.10 8.48 -66.58
CA TRP YA 252 19.09 9.53 -66.39
C TRP YA 252 20.02 9.64 -67.58
N LYS YA 253 20.19 10.87 -68.07
CA LYS YA 253 21.09 11.22 -69.16
C LYS YA 253 21.80 12.49 -68.70
N GLY YA 254 23.09 12.38 -68.40
CA GLY YA 254 23.89 13.49 -67.89
C GLY YA 254 23.46 13.85 -66.48
N THR YA 255 22.95 15.10 -66.32
CA THR YA 255 22.45 15.62 -65.04
C THR YA 255 20.91 15.74 -65.08
N THR YA 256 20.29 15.33 -66.19
CA THR YA 256 18.85 15.39 -66.42
C THR YA 256 18.13 14.07 -66.10
N ALA YA 257 17.06 14.16 -65.28
CA ALA YA 257 16.24 13.02 -64.87
C ALA YA 257 14.90 13.04 -65.63
N LEU YA 258 14.57 11.93 -66.27
CA LEU YA 258 13.37 11.78 -67.11
C LEU YA 258 12.43 10.74 -66.52
N ASN YA 259 11.12 11.03 -66.46
CA ASN YA 259 10.11 10.09 -65.98
C ASN YA 259 9.83 9.04 -67.06
N LEU YA 260 10.06 7.76 -66.73
CA LEU YA 260 9.88 6.66 -67.67
C LEU YA 260 8.58 5.88 -67.56
N PHE YA 261 7.65 6.32 -66.71
CA PHE YA 261 6.35 5.67 -66.53
C PHE YA 261 5.54 5.47 -67.82
N PRO YA 262 5.28 6.51 -68.66
CA PRO YA 262 4.43 6.26 -69.85
C PRO YA 262 5.07 5.41 -70.94
N VAL YA 263 6.41 5.36 -70.99
CA VAL YA 263 7.18 4.62 -71.99
C VAL YA 263 7.29 3.11 -71.67
N MET YA 264 7.05 2.74 -70.39
CA MET YA 264 7.08 1.39 -69.83
C MET YA 264 6.02 0.46 -70.46
N ASP YA 265 6.32 -0.86 -70.53
CA ASP YA 265 5.35 -1.83 -71.03
C ASP YA 265 4.52 -2.29 -69.84
N PHE YA 266 3.24 -1.91 -69.86
CA PHE YA 266 2.26 -2.19 -68.82
C PHE YA 266 1.75 -3.63 -68.81
N GLU YA 267 1.72 -4.29 -69.98
CA GLU YA 267 1.25 -5.67 -70.09
C GLU YA 267 2.30 -6.66 -69.60
N ARG YA 268 3.59 -6.40 -69.86
CA ARG YA 268 4.69 -7.28 -69.44
C ARG YA 268 4.93 -7.27 -67.93
N TYR YA 269 4.72 -6.11 -67.27
CA TYR YA 269 4.87 -5.90 -65.83
C TYR YA 269 3.62 -6.46 -65.15
N ARG YA 270 3.56 -7.78 -64.96
CA ARG YA 270 2.40 -8.44 -64.35
C ARG YA 270 2.38 -8.41 -62.84
N THR YA 271 3.54 -8.58 -62.18
CA THR YA 271 3.66 -8.57 -60.71
C THR YA 271 4.92 -7.89 -60.17
N ARG YA 272 4.89 -7.50 -58.89
CA ARG YA 272 5.99 -6.87 -58.16
C ARG YA 272 6.74 -7.95 -57.37
N ILE YA 273 6.00 -8.96 -56.88
CA ILE YA 273 6.51 -10.10 -56.11
C ILE YA 273 7.31 -11.03 -57.03
N ILE YA 274 8.62 -11.13 -56.77
CA ILE YA 274 9.52 -11.96 -57.56
C ILE YA 274 9.63 -13.36 -56.96
N GLU YA 275 9.42 -14.39 -57.80
CA GLU YA 275 9.47 -15.80 -57.38
C GLU YA 275 10.83 -16.45 -57.69
N LYS YA 276 11.04 -17.66 -57.12
CA LYS YA 276 12.27 -18.46 -57.28
C LYS YA 276 12.50 -18.79 -58.76
N GLY YA 277 13.66 -18.37 -59.27
CA GLY YA 277 14.07 -18.56 -60.66
C GLY YA 277 15.28 -17.72 -61.01
N GLN YA 278 15.19 -16.95 -62.11
CA GLN YA 278 16.29 -16.08 -62.57
C GLN YA 278 15.85 -14.78 -63.26
N MET YA 279 16.79 -13.81 -63.34
CA MET YA 279 16.56 -12.50 -63.97
C MET YA 279 17.44 -12.39 -65.21
N GLU YA 280 16.86 -11.86 -66.32
CA GLU YA 280 17.55 -11.63 -67.57
C GLU YA 280 17.56 -10.14 -67.90
N LEU YA 281 18.70 -9.66 -68.43
CA LEU YA 281 18.87 -8.26 -68.78
C LEU YA 281 18.55 -8.02 -70.24
N ILE YA 282 17.46 -7.29 -70.53
CA ILE YA 282 17.03 -6.98 -71.88
C ILE YA 282 17.71 -5.68 -72.30
N ASN YA 283 18.60 -5.76 -73.33
CA ASN YA 283 19.35 -4.63 -73.89
C ASN YA 283 20.09 -3.80 -72.82
N LEU YA 284 20.92 -4.48 -72.01
CA LEU YA 284 21.69 -3.84 -70.95
C LEU YA 284 23.15 -4.25 -70.99
N SER YA 285 24.05 -3.28 -70.76
CA SER YA 285 25.49 -3.46 -70.75
C SER YA 285 25.99 -3.81 -69.35
N LYS YA 286 25.38 -3.21 -68.31
CA LYS YA 286 25.71 -3.37 -66.91
C LYS YA 286 24.43 -3.18 -66.07
N ALA YA 287 24.37 -3.82 -64.88
CA ALA YA 287 23.24 -3.73 -63.96
C ALA YA 287 23.68 -3.87 -62.50
N GLU YA 288 23.13 -3.02 -61.62
CA GLU YA 288 23.42 -3.02 -60.19
C GLU YA 288 22.12 -3.16 -59.41
N PHE YA 289 21.99 -4.24 -58.61
CA PHE YA 289 20.77 -4.51 -57.85
C PHE YA 289 20.94 -4.62 -56.35
N LYS YA 290 19.95 -4.08 -55.61
CA LYS YA 290 19.85 -4.11 -54.16
C LYS YA 290 18.47 -4.67 -53.83
N ILE YA 291 18.43 -5.92 -53.35
CA ILE YA 291 17.19 -6.63 -53.07
C ILE YA 291 16.75 -6.61 -51.60
N LYS YA 292 15.47 -6.28 -51.35
CA LYS YA 292 14.87 -6.27 -50.01
C LYS YA 292 13.77 -7.32 -49.85
N ARG YA 293 14.05 -8.32 -49.02
CA ARG YA 293 13.27 -9.53 -48.77
C ARG YA 293 12.77 -9.59 -47.32
N LYS YA 294 11.47 -9.82 -47.13
CA LYS YA 294 10.82 -9.84 -45.82
C LYS YA 294 11.01 -11.08 -44.93
N ALA YA 295 10.96 -10.86 -43.61
CA ALA YA 295 11.05 -11.85 -42.53
C ALA YA 295 10.06 -11.41 -41.45
N ASP YA 296 9.06 -12.24 -41.13
CA ASP YA 296 8.02 -11.90 -40.15
C ASP YA 296 8.53 -11.71 -38.73
N PHE YA 297 9.30 -12.68 -38.21
CA PHE YA 297 9.90 -12.60 -36.87
C PHE YA 297 11.39 -12.84 -36.95
N VAL YA 298 12.16 -11.95 -36.31
CA VAL YA 298 13.61 -12.01 -36.23
C VAL YA 298 14.03 -11.50 -34.84
N MET ZA 1 16.86 31.94 -21.44
CA MET ZA 1 17.17 30.66 -20.80
C MET ZA 1 15.96 29.77 -20.63
N VAL ZA 2 15.13 30.07 -19.64
CA VAL ZA 2 13.92 29.31 -19.31
C VAL ZA 2 12.78 29.69 -20.28
N ARG ZA 3 11.74 28.83 -20.35
CA ARG ZA 3 10.55 28.90 -21.19
C ARG ZA 3 9.57 29.98 -20.73
N GLN ZA 4 8.97 30.70 -21.69
CA GLN ZA 4 7.98 31.74 -21.41
C GLN ZA 4 6.65 31.42 -22.07
N TYR ZA 5 5.56 31.40 -21.28
CA TYR ZA 5 4.19 31.16 -21.78
C TYR ZA 5 3.37 32.45 -21.66
N LYS ZA 6 2.82 32.94 -22.77
CA LYS ZA 6 2.01 34.15 -22.73
C LYS ZA 6 0.67 33.92 -23.35
N ILE ZA 7 -0.36 34.53 -22.75
CA ILE ZA 7 -1.75 34.44 -23.20
C ILE ZA 7 -2.20 35.81 -23.71
N HIS ZA 8 -2.53 35.86 -25.00
CA HIS ZA 8 -2.95 37.08 -25.69
C HIS ZA 8 -4.44 37.02 -25.97
N THR ZA 9 -5.17 38.13 -25.73
CA THR ZA 9 -6.61 38.21 -26.00
C THR ZA 9 -6.81 38.20 -27.50
N ASN ZA 10 -6.40 39.28 -28.18
CA ASN ZA 10 -6.44 39.37 -29.64
C ASN ZA 10 -5.07 39.82 -30.10
N LEU ZA 11 -4.27 38.92 -30.71
CA LEU ZA 11 -2.95 39.25 -31.24
C LEU ZA 11 -3.17 39.90 -32.61
N ASP ZA 12 -2.15 40.53 -33.18
CA ASP ZA 12 -2.25 41.25 -34.47
C ASP ZA 12 -3.35 42.29 -34.32
N GLY ZA 13 -3.50 42.77 -33.09
CA GLY ZA 13 -4.55 43.72 -32.78
C GLY ZA 13 -4.19 44.75 -31.75
N THR ZA 14 -4.72 45.97 -31.93
CA THR ZA 14 -4.53 47.13 -31.07
C THR ZA 14 -5.09 46.95 -29.66
N ASP ZA 15 -6.19 46.20 -29.50
CA ASP ZA 15 -6.85 45.94 -28.22
C ASP ZA 15 -6.31 44.69 -27.56
N ASP ZA 16 -5.02 44.37 -27.77
CA ASP ZA 16 -4.41 43.19 -27.17
C ASP ZA 16 -4.16 43.38 -25.68
N LYS ZA 17 -4.35 42.30 -24.90
CA LYS ZA 17 -4.07 42.22 -23.46
C LYS ZA 17 -3.25 40.95 -23.26
N VAL ZA 18 -2.09 41.10 -22.63
CA VAL ZA 18 -1.18 39.99 -22.44
C VAL ZA 18 -1.13 39.56 -20.97
N TRP ZA 19 -1.23 38.24 -20.74
CA TRP ZA 19 -1.16 37.59 -19.44
C TRP ZA 19 0.10 36.73 -19.36
N ASP ZA 20 0.98 36.98 -18.37
CA ASP ZA 20 2.19 36.19 -18.21
C ASP ZA 20 1.89 34.98 -17.36
N VAL ZA 21 1.70 33.85 -18.04
CA VAL ZA 21 1.40 32.57 -17.41
C VAL ZA 21 2.66 31.87 -16.87
N THR ZA 22 3.81 32.36 -17.25
CA THR ZA 22 5.10 32.07 -16.59
C THR ZA 22 5.46 33.04 -15.36
N ASN ZA 23 5.30 34.37 -15.46
CA ASN ZA 23 5.73 35.28 -14.40
C ASN ZA 23 4.67 35.97 -13.54
N GLY ZA 24 3.51 36.29 -14.13
CA GLY ZA 24 2.44 37.01 -13.45
C GLY ZA 24 1.74 36.29 -12.30
N LYS ZA 25 0.66 36.91 -11.84
CA LYS ZA 25 -0.15 36.41 -10.73
C LYS ZA 25 -0.89 35.12 -11.08
N VAL ZA 26 -1.39 34.99 -12.32
CA VAL ZA 26 -2.07 33.79 -12.82
C VAL ZA 26 -1.06 32.96 -13.65
N ARG ZA 27 -0.70 31.77 -13.16
CA ARG ZA 27 0.32 30.98 -13.82
C ARG ZA 27 -0.13 29.65 -14.34
N PHE ZA 28 0.36 29.26 -15.53
CA PHE ZA 28 0.13 27.97 -16.17
C PHE ZA 28 1.34 27.09 -15.86
N TYR ZA 29 1.09 25.83 -15.47
CA TYR ZA 29 2.10 24.83 -15.13
C TYR ZA 29 1.73 23.45 -15.70
N GLN ZA 30 2.73 22.55 -15.85
CA GLN ZA 30 2.60 21.17 -16.34
C GLN ZA 30 1.67 20.96 -17.55
N PRO ZA 31 2.05 21.41 -18.77
CA PRO ZA 31 1.19 21.17 -19.94
C PRO ZA 31 1.03 19.67 -20.16
N SER ZA 32 -0.20 19.20 -20.44
CA SER ZA 32 -0.51 17.79 -20.65
C SER ZA 32 0.28 17.21 -21.83
N ASN ZA 33 0.06 17.72 -23.05
CA ASN ZA 33 0.83 17.27 -24.21
C ASN ZA 33 1.05 18.43 -25.15
N LEU ZA 34 2.30 18.60 -25.58
CA LEU ZA 34 2.70 19.66 -26.52
C LEU ZA 34 3.09 19.04 -27.87
N GLY ZA 35 3.07 17.70 -27.93
CA GLY ZA 35 3.40 16.91 -29.10
C GLY ZA 35 2.28 16.82 -30.11
N LEU ZA 36 2.16 15.67 -30.78
CA LEU ZA 36 1.13 15.44 -31.80
C LEU ZA 36 0.80 13.98 -31.97
N GLN ZA 37 -0.38 13.69 -32.49
CA GLN ZA 37 -0.85 12.34 -32.82
C GLN ZA 37 -1.08 12.31 -34.33
N SER ZA 38 -0.74 11.20 -34.98
CA SER ZA 38 -0.94 11.08 -36.43
C SER ZA 38 -1.52 9.73 -36.79
N THR ZA 39 -2.54 9.75 -37.66
CA THR ZA 39 -3.20 8.56 -38.18
C THR ZA 39 -2.86 8.45 -39.67
N ASN ZA 40 -1.87 7.58 -39.98
CA ASN ZA 40 -1.29 7.38 -41.31
C ASN ZA 40 -2.05 6.49 -42.27
N ASN ZA 41 -3.12 5.76 -41.80
CA ASN ZA 41 -3.98 4.84 -42.57
C ASN ZA 41 -3.19 3.70 -43.24
N ILE ZA 42 -2.31 3.05 -42.47
CA ILE ZA 42 -1.49 1.95 -42.97
C ILE ZA 42 -2.23 0.65 -42.83
N TRP ZA 43 -2.60 0.11 -43.99
CA TRP ZA 43 -3.26 -1.17 -44.09
C TRP ZA 43 -2.26 -2.13 -44.76
N GLN ZA 44 -2.16 -3.37 -44.26
CA GLN ZA 44 -1.20 -4.32 -44.79
C GLN ZA 44 -1.83 -5.53 -45.45
N SER ZA 45 -1.38 -5.83 -46.68
CA SER ZA 45 -1.83 -6.99 -47.46
C SER ZA 45 -0.66 -7.95 -47.60
N ASN ZA 46 -0.85 -9.20 -47.12
CA ASN ZA 46 0.12 -10.31 -47.18
C ASN ZA 46 1.57 -9.92 -46.77
N GLY ZA 47 1.68 -9.20 -45.66
CA GLY ZA 47 2.97 -8.75 -45.13
C GLY ZA 47 3.50 -7.46 -45.73
N ILE ZA 48 3.04 -7.09 -46.95
CA ILE ZA 48 3.43 -5.88 -47.66
C ILE ZA 48 2.58 -4.73 -47.10
N GLY ZA 49 3.23 -3.59 -46.85
CA GLY ZA 49 2.58 -2.43 -46.28
C GLY ZA 49 2.26 -1.32 -47.25
N VAL ZA 50 1.00 -0.88 -47.24
CA VAL ZA 50 0.48 0.20 -48.06
C VAL ZA 50 0.11 1.36 -47.13
N MET ZA 51 0.64 2.56 -47.43
CA MET ZA 51 0.39 3.75 -46.63
C MET ZA 51 -0.51 4.77 -47.33
N GLY ZA 52 -1.57 5.18 -46.63
CA GLY ZA 52 -2.52 6.17 -47.12
C GLY ZA 52 -2.05 7.59 -46.91
N THR ZA 53 -2.89 8.42 -46.29
CA THR ZA 53 -2.60 9.84 -46.01
C THR ZA 53 -2.57 10.10 -44.52
N ARG ZA 54 -1.54 10.82 -44.06
CA ARG ZA 54 -1.38 11.14 -42.64
C ARG ZA 54 -2.17 12.37 -42.20
N SER ZA 55 -3.15 12.16 -41.33
CA SER ZA 55 -3.93 13.28 -40.82
C SER ZA 55 -3.49 13.59 -39.40
N ILE ZA 56 -2.56 14.55 -39.32
CA ILE ZA 56 -1.95 15.00 -38.09
C ILE ZA 56 -3.03 15.61 -37.21
N THR ZA 57 -3.33 14.94 -36.09
CA THR ZA 57 -4.35 15.31 -35.11
C THR ZA 57 -3.69 15.99 -33.92
N GLN ZA 58 -4.24 17.14 -33.49
CA GLN ZA 58 -3.71 17.87 -32.35
C GLN ZA 58 -4.54 17.65 -31.10
N PRO ZA 59 -3.88 17.32 -29.96
CA PRO ZA 59 -4.61 17.03 -28.73
C PRO ZA 59 -4.79 18.25 -27.81
N GLN ZA 60 -5.86 18.23 -26.99
CA GLN ZA 60 -6.18 19.27 -26.02
C GLN ZA 60 -5.03 19.50 -25.04
N ILE ZA 61 -4.71 20.77 -24.74
CA ILE ZA 61 -3.66 21.05 -23.76
C ILE ZA 61 -4.34 21.43 -22.46
N GLU ZA 62 -3.99 20.72 -21.38
CA GLU ZA 62 -4.50 20.93 -20.03
C GLU ZA 62 -3.36 21.46 -19.16
N PHE ZA 63 -3.55 22.66 -18.60
CA PHE ZA 63 -2.58 23.32 -17.73
C PHE ZA 63 -3.04 23.33 -16.28
N LYS ZA 64 -2.08 23.25 -15.36
CA LYS ZA 64 -2.31 23.32 -13.93
C LYS ZA 64 -2.25 24.82 -13.64
N LEU ZA 65 -3.42 25.47 -13.67
CA LEU ZA 65 -3.56 26.90 -13.45
C LEU ZA 65 -3.50 27.24 -11.96
N GLU ZA 66 -2.50 28.05 -11.58
CA GLU ZA 66 -2.29 28.48 -10.20
C GLU ZA 66 -2.39 29.99 -10.11
N THR ZA 67 -2.93 30.50 -8.99
CA THR ZA 67 -3.08 31.95 -8.71
C THR ZA 67 -2.14 32.35 -7.59
N PHE ZA 68 -1.59 33.57 -7.64
CA PHE ZA 68 -0.64 34.03 -6.61
C PHE ZA 68 -1.04 35.30 -5.86
N GLY ZA 69 -2.31 35.37 -5.47
CA GLY ZA 69 -2.89 36.51 -4.76
C GLY ZA 69 -2.48 36.67 -3.31
N GLU ZA 70 -2.59 37.91 -2.79
CA GLU ZA 70 -2.23 38.29 -1.43
C GLU ZA 70 -3.38 38.10 -0.40
N SER ZA 71 -4.65 38.15 -0.86
CA SER ZA 71 -5.85 38.01 -0.01
C SER ZA 71 -6.90 37.18 -0.74
N LEU ZA 72 -7.91 36.64 0.00
CA LEU ZA 72 -9.01 35.86 -0.61
C LEU ZA 72 -9.71 36.70 -1.66
N GLU ZA 73 -9.84 38.01 -1.38
CA GLU ZA 73 -10.41 39.05 -2.24
C GLU ZA 73 -9.61 39.15 -3.55
N GLU ZA 74 -8.26 39.26 -3.46
CA GLU ZA 74 -7.38 39.35 -4.62
C GLU ZA 74 -7.42 38.09 -5.49
N ASN ZA 75 -7.33 36.89 -4.87
CA ASN ZA 75 -7.35 35.59 -5.55
C ASN ZA 75 -8.62 35.29 -6.35
N TYR ZA 76 -9.77 35.83 -5.88
CA TYR ZA 76 -11.10 35.72 -6.52
C TYR ZA 76 -11.22 36.68 -7.71
N GLN ZA 77 -10.65 37.91 -7.59
CA GLN ZA 77 -10.63 38.90 -8.67
C GLN ZA 77 -9.72 38.39 -9.80
N LEU ZA 78 -8.61 37.71 -9.44
CA LEU ZA 78 -7.63 37.11 -10.35
C LEU ZA 78 -8.22 36.04 -11.27
N MET ZA 79 -9.10 35.18 -10.74
CA MET ZA 79 -9.78 34.13 -11.50
C MET ZA 79 -10.88 34.71 -12.38
N LYS ZA 80 -11.73 35.61 -11.81
CA LYS ZA 80 -12.82 36.29 -12.49
C LYS ZA 80 -12.30 37.08 -13.70
N ASP ZA 81 -11.14 37.78 -13.55
CA ASP ZA 81 -10.51 38.53 -14.63
C ASP ZA 81 -9.95 37.65 -15.73
N PHE ZA 82 -9.02 36.72 -15.40
CA PHE ZA 82 -8.39 35.83 -16.36
C PHE ZA 82 -9.35 34.98 -17.19
N VAL ZA 83 -10.35 34.31 -16.57
CA VAL ZA 83 -11.32 33.47 -17.27
C VAL ZA 83 -12.28 34.27 -18.18
N ASN ZA 84 -12.79 35.45 -17.73
CA ASN ZA 84 -13.67 36.28 -18.54
C ASN ZA 84 -12.97 36.93 -19.73
N ASP ZA 85 -11.69 37.27 -19.58
CA ASP ZA 85 -10.87 37.82 -20.67
C ASP ZA 85 -10.72 36.80 -21.80
N ILE ZA 86 -10.61 35.51 -21.45
CA ILE ZA 86 -10.53 34.38 -22.40
C ILE ZA 86 -11.89 34.20 -23.07
N LEU ZA 87 -12.99 34.45 -22.32
CA LEU ZA 87 -14.35 34.32 -22.84
C LEU ZA 87 -14.76 35.46 -23.75
N SER ZA 88 -14.34 36.71 -23.44
CA SER ZA 88 -14.66 37.91 -24.22
C SER ZA 88 -14.25 37.82 -25.71
N LYS ZA 89 -13.09 37.21 -26.01
CA LYS ZA 89 -12.57 37.00 -27.36
C LYS ZA 89 -12.94 35.57 -27.75
N LYS ZA 90 -13.39 35.34 -29.01
CA LYS ZA 90 -13.79 34.00 -29.46
C LYS ZA 90 -12.67 32.94 -29.40
N PHE ZA 91 -11.40 33.39 -29.49
CA PHE ZA 91 -10.22 32.53 -29.42
C PHE ZA 91 -9.02 33.28 -28.85
N VAL ZA 92 -8.13 32.58 -28.14
CA VAL ZA 92 -6.94 33.13 -27.47
C VAL ZA 92 -5.62 32.53 -27.97
N THR ZA 93 -4.63 33.40 -28.23
CA THR ZA 93 -3.33 33.00 -28.74
C THR ZA 93 -2.35 32.72 -27.60
N LEU ZA 94 -1.87 31.47 -27.55
CA LEU ZA 94 -0.89 31.00 -26.57
C LEU ZA 94 0.52 31.02 -27.20
N GLU ZA 95 1.37 31.89 -26.69
CA GLU ZA 95 2.74 31.99 -27.19
C GLU ZA 95 3.71 31.13 -26.41
N TYR ZA 96 4.40 30.23 -27.13
CA TYR ZA 96 5.42 29.36 -26.58
C TYR ZA 96 6.75 30.03 -26.90
N GLN ZA 97 7.54 30.35 -25.89
CA GLN ZA 97 8.83 31.01 -26.10
C GLN ZA 97 9.98 30.28 -25.41
N THR ZA 98 11.09 30.11 -26.13
CA THR ZA 98 12.30 29.45 -25.65
C THR ZA 98 13.54 30.11 -26.27
N GLU ZA 99 14.73 29.65 -25.90
CA GLU ZA 99 16.01 30.15 -26.41
C GLU ZA 99 16.09 30.09 -27.92
N ILE ZA 100 15.55 29.01 -28.51
CA ILE ZA 100 15.56 28.77 -29.95
C ILE ZA 100 14.33 29.23 -30.76
N PHE ZA 101 13.12 29.20 -30.16
CA PHE ZA 101 11.92 29.54 -30.92
C PHE ZA 101 10.88 30.38 -30.20
N GLN ZA 102 10.02 31.02 -30.98
CA GLN ZA 102 8.89 31.79 -30.46
C GLN ZA 102 7.59 31.49 -31.25
N VAL ZA 103 7.02 30.29 -31.05
CA VAL ZA 103 5.78 29.88 -31.73
C VAL ZA 103 4.53 30.37 -31.01
N TYR ZA 104 3.37 30.31 -31.71
CA TYR ZA 104 2.06 30.73 -31.21
C TYR ZA 104 0.98 29.69 -31.55
N ALA ZA 105 -0.03 29.51 -30.68
CA ALA ZA 105 -1.12 28.58 -30.94
C ALA ZA 105 -2.46 29.20 -30.59
N ASP ZA 106 -3.41 29.13 -31.53
CA ASP ZA 106 -4.76 29.65 -31.31
C ASP ZA 106 -5.62 28.62 -30.57
N LEU ZA 107 -6.08 28.96 -29.36
CA LEU ZA 107 -6.89 28.05 -28.54
C LEU ZA 107 -8.21 28.64 -28.10
N ALA ZA 108 -9.23 27.77 -28.09
CA ALA ZA 108 -10.57 28.06 -27.60
C ALA ZA 108 -10.62 27.42 -26.21
N LEU ZA 109 -11.38 27.99 -25.27
CA LEU ZA 109 -11.53 27.47 -23.91
C LEU ZA 109 -12.44 26.23 -23.93
N ALA ZA 110 -11.87 25.09 -23.54
CA ALA ZA 110 -12.58 23.82 -23.50
C ALA ZA 110 -13.20 23.54 -22.12
N ASP ZA 111 -12.43 23.72 -21.01
CA ASP ZA 111 -12.88 23.48 -19.64
C ASP ZA 111 -12.00 24.21 -18.63
N VAL ZA 112 -12.63 24.86 -17.64
CA VAL ZA 112 -11.97 25.53 -16.52
C VAL ZA 112 -12.66 25.09 -15.22
N THR ZA 113 -11.87 24.88 -14.17
CA THR ZA 113 -12.40 24.41 -12.89
C THR ZA 113 -12.27 25.42 -11.76
N LYS ZA 114 -13.26 25.46 -10.87
CA LYS ZA 114 -13.26 26.32 -9.69
C LYS ZA 114 -13.72 25.49 -8.51
N THR ZA 115 -12.83 25.30 -7.51
CA THR ZA 115 -13.07 24.49 -6.31
C THR ZA 115 -12.77 25.27 -5.04
N GLU ZA 116 -13.23 24.76 -3.87
CA GLU ZA 116 -13.00 25.41 -2.59
C GLU ZA 116 -11.83 24.90 -1.76
N GLY ZA 117 -10.85 24.29 -2.42
CA GLY ZA 117 -9.62 23.82 -1.79
C GLY ZA 117 -8.58 24.90 -1.90
N TYR ZA 118 -8.67 25.90 -1.02
CA TYR ZA 118 -7.77 27.05 -0.99
C TYR ZA 118 -6.66 26.80 0.03
N GLY ZA 119 -5.46 27.25 -0.29
CA GLY ZA 119 -4.35 27.11 0.61
C GLY ZA 119 -4.23 28.30 1.53
N LYS ZA 120 -3.20 29.10 1.30
CA LYS ZA 120 -2.90 30.27 2.10
C LYS ZA 120 -3.30 31.56 1.39
N ASN ZA 121 -4.09 32.41 2.10
CA ASN ZA 121 -4.67 33.67 1.62
C ASN ZA 121 -5.60 33.44 0.42
N GLY ZA 122 -6.24 32.28 0.40
CA GLY ZA 122 -7.21 31.86 -0.61
C GLY ZA 122 -6.70 31.52 -2.00
N THR ZA 123 -5.49 30.94 -2.12
CA THR ZA 123 -4.85 30.58 -3.39
C THR ZA 123 -5.45 29.36 -4.10
N PHE ZA 124 -5.70 29.50 -5.41
CA PHE ZA 124 -6.29 28.48 -6.28
C PHE ZA 124 -5.26 27.60 -6.97
N SER ZA 125 -5.60 26.31 -7.13
CA SER ZA 125 -4.83 25.30 -7.85
C SER ZA 125 -5.88 24.51 -8.64
N GLU ZA 126 -6.05 24.91 -9.92
CA GLU ZA 126 -7.09 24.36 -10.78
C GLU ZA 126 -6.55 23.87 -12.11
N LYS ZA 127 -7.39 23.16 -12.89
CA LYS ZA 127 -7.02 22.65 -14.20
C LYS ZA 127 -7.81 23.34 -15.30
N ILE ZA 128 -7.08 23.90 -16.28
CA ILE ZA 128 -7.64 24.61 -17.42
C ILE ZA 128 -7.33 23.83 -18.70
N THR ZA 129 -8.38 23.46 -19.46
CA THR ZA 129 -8.26 22.71 -20.70
C THR ZA 129 -8.56 23.60 -21.89
N PHE ZA 130 -7.82 23.40 -22.99
CA PHE ZA 130 -8.00 24.18 -24.22
C PHE ZA 130 -8.14 23.28 -25.42
N ASP ZA 131 -8.95 23.71 -26.39
CA ASP ZA 131 -9.13 23.01 -27.65
C ASP ZA 131 -8.21 23.64 -28.69
N ILE ZA 132 -7.56 22.81 -29.53
CA ILE ZA 132 -6.63 23.30 -30.55
C ILE ZA 132 -7.33 23.75 -31.84
N ILE ZA 133 -7.10 25.01 -32.24
CA ILE ZA 133 -7.58 25.55 -33.50
C ILE ZA 133 -6.42 25.29 -34.48
N THR ZA 134 -5.24 25.87 -34.18
CA THR ZA 134 -4.01 25.71 -34.96
C THR ZA 134 -2.81 25.62 -34.01
N LYS ZA 135 -2.07 24.49 -34.05
CA LYS ZA 135 -0.89 24.31 -33.19
C LYS ZA 135 0.39 24.71 -33.90
N TRP ZA 136 1.12 25.63 -33.25
CA TRP ZA 136 2.39 26.23 -33.64
C TRP ZA 136 2.43 26.93 -34.99
N TYR ZA 137 2.48 28.26 -34.94
CA TYR ZA 137 2.59 29.11 -36.12
C TYR ZA 137 3.50 30.30 -35.84
N THR ZA 138 4.47 30.54 -36.73
CA THR ZA 138 5.44 31.62 -36.57
C THR ZA 138 4.91 32.95 -37.09
N TYR ZA 139 4.82 33.96 -36.20
CA TYR ZA 139 4.36 35.30 -36.55
C TYR ZA 139 5.61 36.16 -36.79
N GLU ZA 140 5.95 36.37 -38.07
CA GLU ZA 140 7.12 37.11 -38.52
C GLU ZA 140 6.76 38.31 -39.40
N ASN ZA 141 7.69 39.25 -39.53
CA ASN ZA 141 7.53 40.47 -40.31
C ASN ZA 141 8.01 40.23 -41.76
N LEU ZA 142 7.12 40.47 -42.77
CA LEU ZA 142 7.44 40.25 -44.20
C LEU ZA 142 7.73 41.57 -44.94
N THR ZA 143 9.02 41.83 -45.24
CA THR ZA 143 9.47 43.05 -45.91
C THR ZA 143 10.08 42.73 -47.27
N PHE ZA 144 9.99 43.69 -48.19
CA PHE ZA 144 10.51 43.62 -49.55
C PHE ZA 144 12.05 43.62 -49.53
N ASP ZA 145 12.65 43.21 -50.65
CA ASP ZA 145 14.09 43.20 -50.82
C ASP ZA 145 14.48 44.15 -51.94
N LYS ZA 146 15.62 44.84 -51.78
CA LYS ZA 146 16.10 45.81 -52.76
C LYS ZA 146 17.26 45.25 -53.58
N ILE ZA 147 17.37 45.70 -54.84
CA ILE ZA 147 18.43 45.27 -55.77
C ILE ZA 147 19.42 46.40 -56.00
N GLN ZA 148 20.73 46.13 -55.82
CA GLN ZA 148 21.79 47.13 -56.00
C GLN ZA 148 22.70 46.86 -57.19
N ASN ZA 149 23.13 47.94 -57.86
CA ASN ZA 149 24.03 47.93 -59.01
C ASN ZA 149 25.45 47.50 -58.62
N GLY ZA 150 26.03 46.63 -59.42
CA GLY ZA 150 27.41 46.19 -59.23
C GLY ZA 150 28.39 47.28 -59.66
N LYS ZA 151 29.58 47.30 -59.05
CA LYS ZA 151 30.61 48.31 -59.36
C LYS ZA 151 31.21 48.18 -60.75
N VAL ZA 152 31.64 49.32 -61.33
CA VAL ZA 152 32.23 49.39 -62.67
C VAL ZA 152 33.74 49.13 -62.57
N ILE ZA 153 34.23 48.15 -63.37
CA ILE ZA 153 35.64 47.75 -63.40
C ILE ZA 153 36.17 47.83 -64.84
N ALA ZA 154 37.38 48.40 -65.01
CA ALA ZA 154 38.04 48.56 -66.31
C ALA ZA 154 38.48 47.21 -66.88
N GLY ZA 155 38.02 46.92 -68.10
CA GLY ZA 155 38.31 45.67 -68.79
C GLY ZA 155 37.29 44.58 -68.54
N MET ZA 156 36.65 44.60 -67.35
CA MET ZA 156 35.65 43.62 -66.94
C MET ZA 156 34.23 44.02 -67.33
N SER ZA 157 33.89 45.32 -67.29
CA SER ZA 157 32.54 45.79 -67.62
C SER ZA 157 32.41 46.46 -69.00
N LYS ZA 158 31.15 46.62 -69.50
CA LYS ZA 158 30.88 47.22 -70.80
C LYS ZA 158 30.93 48.75 -70.75
N ILE ZA 159 32.09 49.30 -71.16
CA ILE ZA 159 32.42 50.73 -71.23
C ILE ZA 159 33.43 50.93 -72.35
N TYR ZA 160 33.42 52.10 -72.97
CA TYR ZA 160 34.40 52.47 -74.00
C TYR ZA 160 35.34 53.42 -73.25
N GLY ZA 161 36.34 52.86 -72.56
CA GLY ZA 161 37.27 53.64 -71.75
C GLY ZA 161 38.70 53.74 -72.24
N GLY ZA 162 39.53 54.44 -71.46
CA GLY ZA 162 40.94 54.66 -71.75
C GLY ZA 162 41.18 55.54 -72.97
N THR ZA 163 42.01 55.04 -73.90
CA THR ZA 163 42.38 55.72 -75.15
C THR ZA 163 41.19 55.89 -76.09
N ALA ZA 164 41.04 57.11 -76.63
CA ALA ZA 164 39.97 57.52 -77.54
C ALA ZA 164 39.98 56.75 -78.88
N PRO ZA 165 38.82 56.39 -79.48
CA PRO ZA 165 37.44 56.66 -79.06
C PRO ZA 165 36.80 55.52 -78.25
N GLY ZA 166 37.53 55.07 -77.24
CA GLY ZA 166 37.09 54.01 -76.34
C GLY ZA 166 37.36 52.60 -76.82
N ASN ZA 167 37.26 51.63 -75.87
CA ASN ZA 167 37.49 50.21 -76.14
C ASN ZA 167 36.92 49.30 -75.05
N TYR ZA 168 36.56 48.07 -75.46
CA TYR ZA 168 36.12 46.96 -74.60
C TYR ZA 168 36.56 45.66 -75.27
N LYS ZA 169 37.33 44.84 -74.56
CA LYS ZA 169 37.92 43.61 -75.12
C LYS ZA 169 37.17 42.33 -74.78
N TYR ZA 170 37.02 41.44 -75.78
CA TYR ZA 170 36.42 40.12 -75.61
C TYR ZA 170 37.52 39.19 -75.12
N ILE ZA 171 37.44 38.79 -73.85
CA ILE ZA 171 38.40 37.89 -73.23
C ILE ZA 171 37.71 36.53 -72.99
N LYS ZA 172 38.43 35.53 -72.47
CA LYS ZA 172 37.87 34.21 -72.19
C LYS ZA 172 37.63 34.08 -70.69
N GLY ZA 173 36.38 34.27 -70.28
CA GLY ZA 173 35.97 34.20 -68.89
C GLY ZA 173 35.80 35.55 -68.23
N THR ZA 174 36.79 36.43 -68.39
CA THR ZA 174 36.75 37.78 -67.82
C THR ZA 174 35.94 38.75 -68.67
N SER ZA 175 36.04 38.61 -70.02
CA SER ZA 175 35.37 39.33 -71.12
C SER ZA 175 34.66 40.64 -70.74
N TYR ZA 176 33.35 40.76 -71.03
CA TYR ZA 176 32.56 41.92 -70.62
C TYR ZA 176 31.29 41.50 -69.91
N THR ZA 177 31.13 41.99 -68.68
CA THR ZA 177 29.96 41.72 -67.84
C THR ZA 177 29.32 43.05 -67.53
N TYR ZA 178 28.02 43.20 -67.81
CA TYR ZA 178 27.26 44.42 -67.56
C TYR ZA 178 27.32 44.84 -66.08
N TYR ZA 179 27.56 46.13 -65.81
CA TYR ZA 179 27.72 46.67 -64.45
C TYR ZA 179 26.45 46.61 -63.59
N GLY ZA 180 25.35 47.16 -64.09
CA GLY ZA 180 24.06 47.29 -63.42
C GLY ZA 180 23.07 48.03 -64.29
N GLU ZA 181 21.78 48.01 -63.91
CA GLU ZA 181 20.75 48.67 -64.71
C GLU ZA 181 20.58 50.12 -64.36
N SER ZA 182 20.34 50.97 -65.39
CA SER ZA 182 20.09 52.40 -65.19
C SER ZA 182 18.79 52.51 -64.38
N ASP ZA 183 18.88 53.08 -63.18
CA ASP ZA 183 17.75 53.17 -62.24
C ASP ZA 183 17.26 51.76 -61.76
N ILE ZA 184 18.17 50.99 -61.15
CA ILE ZA 184 17.87 49.66 -60.59
C ILE ZA 184 16.92 49.75 -59.37
N ASP ZA 185 16.69 51.00 -58.88
CA ASP ZA 185 15.82 51.32 -57.76
C ASP ZA 185 14.33 51.00 -58.02
N ARG ZA 186 13.96 50.69 -59.29
CA ARG ZA 186 12.58 50.32 -59.64
C ARG ZA 186 12.25 48.84 -59.33
N LEU ZA 187 13.29 48.00 -59.16
CA LEU ZA 187 13.11 46.58 -58.84
C LEU ZA 187 13.04 46.35 -57.34
N SER ZA 188 11.94 45.72 -56.91
CA SER ZA 188 11.68 45.35 -55.53
C SER ZA 188 10.93 44.04 -55.52
N ARG ZA 189 11.46 43.05 -54.79
CA ARG ZA 189 10.85 41.73 -54.68
C ARG ZA 189 10.36 41.46 -53.27
N TRP ZA 190 9.11 40.97 -53.14
CA TRP ZA 190 8.48 40.53 -51.90
C TRP ZA 190 8.48 38.99 -52.00
N ASP ZA 191 9.63 38.38 -51.64
CA ASP ZA 191 9.87 36.95 -51.75
C ASP ZA 191 9.14 36.09 -50.72
N ILE ZA 192 8.28 35.19 -51.22
CA ILE ZA 192 7.54 34.19 -50.43
C ILE ZA 192 8.34 32.91 -50.63
N LYS ZA 193 9.17 32.56 -49.65
CA LYS ZA 193 10.07 31.41 -49.71
C LYS ZA 193 9.45 30.08 -49.27
N GLU ZA 194 8.51 30.12 -48.30
CA GLU ZA 194 7.79 28.93 -47.80
C GLU ZA 194 6.29 29.23 -47.87
N GLU ZA 195 5.44 28.17 -47.94
CA GLU ZA 195 3.98 28.31 -48.01
C GLU ZA 195 3.38 28.93 -46.73
N ILE ZA 196 2.57 29.98 -46.88
CA ILE ZA 196 1.94 30.69 -45.76
C ILE ZA 196 0.40 30.53 -45.76
N PHE ZA 197 -0.25 30.57 -44.56
CA PHE ZA 197 -1.70 30.42 -44.49
C PHE ZA 197 -2.49 31.71 -44.33
N SER ZA 198 -2.19 32.51 -43.29
CA SER ZA 198 -2.85 33.79 -43.05
C SER ZA 198 -1.86 34.94 -42.78
N PHE ZA 199 -2.27 36.19 -43.04
CA PHE ZA 199 -1.41 37.37 -42.92
C PHE ZA 199 -2.13 38.67 -42.59
N MET ZA 200 -1.42 39.57 -41.89
CA MET ZA 200 -1.88 40.88 -41.46
C MET ZA 200 -1.16 41.91 -42.33
N GLY ZA 201 -1.91 42.72 -43.07
CA GLY ZA 201 -1.33 43.71 -43.97
C GLY ZA 201 -1.91 45.10 -43.89
N ILE ZA 202 -1.01 46.10 -43.91
CA ILE ZA 202 -1.37 47.51 -43.92
C ILE ZA 202 -0.95 48.03 -45.29
N LEU ZA 203 -1.92 48.36 -46.14
CA LEU ZA 203 -1.60 48.83 -47.48
C LEU ZA 203 -1.90 50.30 -47.63
N TYR ZA 204 -0.94 51.06 -48.14
CA TYR ZA 204 -1.11 52.48 -48.37
C TYR ZA 204 -1.36 52.72 -49.87
N PRO ZA 205 -2.62 53.03 -50.23
CA PRO ZA 205 -2.98 53.21 -51.66
C PRO ZA 205 -2.44 54.50 -52.27
N LYS ZA 206 -2.26 54.50 -53.59
CA LYS ZA 206 -1.78 55.68 -54.30
C LYS ZA 206 -2.89 56.50 -55.00
N LEU ZA 207 -3.63 55.83 -55.87
CA LEU ZA 207 -4.65 56.48 -56.71
C LEU ZA 207 -6.04 56.00 -56.41
N PRO ZA 208 -7.00 56.91 -56.27
CA PRO ZA 208 -8.39 56.49 -56.00
C PRO ZA 208 -9.11 55.95 -57.21
N LYS ZA 209 -9.98 54.95 -57.01
CA LYS ZA 209 -10.83 54.39 -58.08
C LYS ZA 209 -10.09 53.41 -58.97
N THR ZA 210 -8.84 53.14 -58.63
CA THR ZA 210 -8.01 52.21 -59.38
C THR ZA 210 -7.85 51.04 -58.42
N PRO ZA 211 -8.02 49.79 -58.90
CA PRO ZA 211 -7.92 48.65 -57.99
C PRO ZA 211 -6.62 48.65 -57.20
N ALA ZA 212 -6.77 48.78 -55.87
CA ALA ZA 212 -5.67 48.85 -54.92
C ALA ZA 212 -5.66 47.63 -54.01
N GLY ZA 213 -4.48 47.08 -53.81
CA GLY ZA 213 -4.26 45.90 -53.00
C GLY ZA 213 -3.03 45.11 -53.42
N VAL ZA 214 -3.08 43.79 -53.24
CA VAL ZA 214 -1.96 42.90 -53.57
C VAL ZA 214 -2.34 41.72 -54.46
N ARG ZA 215 -1.38 41.24 -55.26
CA ARG ZA 215 -1.53 40.06 -56.12
C ARG ZA 215 -0.37 39.10 -55.86
N PHE ZA 216 -0.59 37.81 -56.09
CA PHE ZA 216 0.43 36.80 -55.83
C PHE ZA 216 0.84 36.02 -57.06
N LEU ZA 217 2.16 35.97 -57.31
CA LEU ZA 217 2.74 35.26 -58.45
C LEU ZA 217 3.50 34.02 -58.02
N ASP ZA 218 3.39 32.96 -58.82
CA ASP ZA 218 4.09 31.71 -58.57
C ASP ZA 218 5.54 31.81 -59.12
N ASP ZA 219 6.28 30.71 -59.04
CA ASP ZA 219 7.66 30.60 -59.51
C ASP ZA 219 7.86 30.87 -61.02
N ILE ZA 220 6.79 30.72 -61.82
CA ILE ZA 220 6.80 30.94 -63.27
C ILE ZA 220 6.19 32.28 -63.71
N GLY ZA 221 5.83 33.13 -62.74
CA GLY ZA 221 5.26 34.46 -62.95
C GLY ZA 221 3.79 34.52 -63.29
N ASN ZA 222 3.01 33.50 -62.87
CA ASN ZA 222 1.57 33.43 -63.11
C ASN ZA 222 0.79 33.79 -61.85
N GLU ZA 223 -0.28 34.59 -62.01
CA GLU ZA 223 -1.13 35.00 -60.89
C GLU ZA 223 -2.09 33.87 -60.50
N TYR ZA 224 -2.15 33.56 -59.19
CA TYR ZA 224 -3.01 32.53 -58.64
C TYR ZA 224 -4.10 33.10 -57.73
N THR ZA 225 -3.77 34.17 -56.99
CA THR ZA 225 -4.69 34.87 -56.08
C THR ZA 225 -4.35 36.36 -55.97
N ALA ZA 226 -5.38 37.20 -55.76
CA ALA ZA 226 -5.23 38.65 -55.64
C ALA ZA 226 -6.32 39.30 -54.79
N ILE ZA 227 -5.91 40.02 -53.75
CA ILE ZA 227 -6.83 40.76 -52.88
C ILE ZA 227 -6.81 42.19 -53.41
N VAL ZA 228 -7.82 42.57 -54.19
CA VAL ZA 228 -7.88 43.90 -54.77
C VAL ZA 228 -9.21 44.62 -54.52
N PHE ZA 229 -9.13 45.92 -54.20
CA PHE ZA 229 -10.30 46.73 -53.87
C PHE ZA 229 -10.36 47.97 -54.73
N LYS ZA 230 -11.55 48.27 -55.28
CA LYS ZA 230 -11.76 49.47 -56.06
C LYS ZA 230 -12.63 50.49 -55.32
N THR ZA 231 -11.96 51.37 -54.55
CA THR ZA 231 -12.55 52.42 -53.69
C THR ZA 231 -12.88 53.69 -54.46
N GLU ZA 232 -13.78 54.52 -53.91
CA GLU ZA 232 -14.18 55.79 -54.53
C GLU ZA 232 -13.20 56.91 -54.21
N GLN ZA 233 -12.71 56.97 -52.97
CA GLN ZA 233 -11.72 57.95 -52.54
C GLN ZA 233 -10.47 57.25 -52.02
N VAL ZA 234 -9.33 57.98 -51.94
CA VAL ZA 234 -8.06 57.45 -51.46
C VAL ZA 234 -8.13 57.15 -49.98
N GLN ZA 235 -8.03 55.87 -49.64
CA GLN ZA 235 -8.01 55.46 -48.24
C GLN ZA 235 -6.61 55.75 -47.73
N ASP ZA 236 -6.48 56.24 -46.50
CA ASP ZA 236 -5.18 56.54 -45.90
C ASP ZA 236 -4.37 55.24 -45.86
N TYR ZA 237 -5.04 54.13 -45.52
CA TYR ZA 237 -4.52 52.75 -45.51
C TYR ZA 237 -5.65 51.72 -45.51
N ILE ZA 238 -5.37 50.52 -46.03
CA ILE ZA 238 -6.31 49.39 -46.05
C ILE ZA 238 -5.73 48.34 -45.10
N LEU ZA 239 -6.55 47.86 -44.15
CA LEU ZA 239 -6.14 46.87 -43.17
C LEU ZA 239 -6.75 45.53 -43.55
N ILE ZA 240 -5.91 44.60 -44.03
CA ILE ZA 240 -6.36 43.29 -44.46
C ILE ZA 240 -5.80 42.16 -43.62
N ASN ZA 241 -6.69 41.27 -43.15
CA ASN ZA 241 -6.25 40.09 -42.42
C ASN ZA 241 -6.84 38.86 -43.11
N THR ZA 242 -5.97 37.91 -43.48
CA THR ZA 242 -6.39 36.69 -44.15
C THR ZA 242 -6.80 35.58 -43.21
N ASP ZA 243 -6.62 35.76 -41.90
CA ASP ZA 243 -7.01 34.77 -40.91
C ASP ZA 243 -8.48 34.42 -41.10
N VAL ZA 244 -8.76 33.12 -41.07
CA VAL ZA 244 -10.08 32.53 -41.28
C VAL ZA 244 -11.10 32.89 -40.21
N ASN ZA 245 -10.68 32.82 -38.93
CA ASN ZA 245 -11.49 33.08 -37.75
C ASN ZA 245 -12.02 34.51 -37.63
N ASP ZA 246 -11.17 35.50 -37.96
CA ASP ZA 246 -11.54 36.92 -37.94
C ASP ZA 246 -11.09 37.64 -39.23
N GLU ZA 247 -11.64 37.24 -40.38
CA GLU ZA 247 -11.29 37.87 -41.66
C GLU ZA 247 -11.56 39.37 -41.61
N THR ZA 248 -10.58 40.19 -42.00
CA THR ZA 248 -10.73 41.64 -41.99
C THR ZA 248 -10.33 42.29 -43.30
N TYR ZA 249 -11.24 43.09 -43.87
CA TYR ZA 249 -10.98 43.84 -45.08
C TYR ZA 249 -11.56 45.23 -44.88
N GLN ZA 250 -10.82 46.07 -44.14
CA GLN ZA 250 -11.30 47.42 -43.85
C GLN ZA 250 -10.40 48.57 -44.28
N GLY ZA 251 -11.02 49.51 -44.99
CA GLY ZA 251 -10.37 50.72 -45.47
C GLY ZA 251 -10.43 51.83 -44.44
N TRP ZA 252 -9.30 52.49 -44.21
CA TRP ZA 252 -9.22 53.55 -43.22
C TRP ZA 252 -8.94 54.90 -43.83
N LYS ZA 253 -9.75 55.89 -43.44
CA LYS ZA 253 -9.61 57.28 -43.87
C LYS ZA 253 -9.85 58.10 -42.60
N GLY ZA 254 -8.77 58.72 -42.11
CA GLY ZA 254 -8.79 59.48 -40.88
C GLY ZA 254 -8.97 58.57 -39.68
N THR ZA 255 -10.09 58.73 -38.96
CA THR ZA 255 -10.45 57.93 -37.79
C THR ZA 255 -11.63 56.99 -38.12
N THR ZA 256 -12.09 57.02 -39.39
CA THR ZA 256 -13.22 56.25 -39.88
C THR ZA 256 -12.79 54.94 -40.58
N ALA ZA 257 -13.40 53.81 -40.15
CA ALA ZA 257 -13.16 52.46 -40.67
C ALA ZA 257 -14.33 52.05 -41.57
N LEU ZA 258 -14.01 51.64 -42.79
CA LEU ZA 258 -14.98 51.25 -43.81
C LEU ZA 258 -14.88 49.77 -44.17
N ASN ZA 259 -16.02 49.07 -44.35
CA ASN ZA 259 -16.00 47.65 -44.74
C ASN ZA 259 -15.72 47.55 -46.25
N LEU ZA 260 -14.50 47.13 -46.61
CA LEU ZA 260 -14.09 47.02 -48.01
C LEU ZA 260 -14.44 45.71 -48.72
N PHE ZA 261 -15.01 44.73 -47.98
CA PHE ZA 261 -15.41 43.43 -48.54
C PHE ZA 261 -16.30 43.50 -49.80
N PRO ZA 262 -17.40 44.30 -49.86
CA PRO ZA 262 -18.22 44.30 -51.09
C PRO ZA 262 -17.57 44.96 -52.31
N VAL ZA 263 -16.59 45.84 -52.08
CA VAL ZA 263 -15.87 46.55 -53.14
C VAL ZA 263 -14.75 45.70 -53.79
N MET ZA 264 -14.32 44.64 -53.08
CA MET ZA 264 -13.26 43.70 -53.47
C MET ZA 264 -13.59 42.94 -54.75
N ASP ZA 265 -12.54 42.51 -55.48
CA ASP ZA 265 -12.59 41.70 -56.70
C ASP ZA 265 -12.67 40.23 -56.27
N PHE ZA 266 -13.88 39.66 -56.35
CA PHE ZA 266 -14.14 38.28 -55.96
C PHE ZA 266 -13.57 37.22 -56.90
N GLU ZA 267 -13.39 37.58 -58.18
CA GLU ZA 267 -12.84 36.69 -59.21
C GLU ZA 267 -11.34 36.43 -59.03
N ARG ZA 268 -10.56 37.50 -58.76
CA ARG ZA 268 -9.10 37.43 -58.59
C ARG ZA 268 -8.65 36.78 -57.29
N TYR ZA 269 -9.48 36.84 -56.23
CA TYR ZA 269 -9.21 36.23 -54.92
C TYR ZA 269 -9.68 34.76 -54.98
N ARG ZA 270 -8.83 33.89 -55.57
CA ARG ZA 270 -9.12 32.47 -55.74
C ARG ZA 270 -8.75 31.64 -54.50
N THR ZA 271 -7.62 31.97 -53.83
CA THR ZA 271 -7.16 31.25 -52.63
C THR ZA 271 -6.57 32.14 -51.54
N ARG ZA 272 -6.54 31.62 -50.31
CA ARG ZA 272 -6.00 32.26 -49.12
C ARG ZA 272 -4.56 31.77 -48.90
N ILE ZA 273 -4.30 30.51 -49.26
CA ILE ZA 273 -3.01 29.83 -49.14
C ILE ZA 273 -2.04 30.40 -50.17
N ILE ZA 274 -0.98 31.05 -49.68
CA ILE ZA 274 0.05 31.67 -50.49
C ILE ZA 274 1.18 30.69 -50.79
N GLU ZA 275 1.51 30.54 -52.08
CA GLU ZA 275 2.56 29.62 -52.54
C GLU ZA 275 3.90 30.32 -52.80
N LYS ZA 276 4.97 29.52 -52.98
CA LYS ZA 276 6.33 29.98 -53.24
C LYS ZA 276 6.40 30.78 -54.53
N GLY ZA 277 6.95 31.98 -54.43
CA GLY ZA 277 7.10 32.91 -55.54
C GLY ZA 277 7.28 34.32 -55.05
N GLN ZA 278 6.44 35.24 -55.54
CA GLN ZA 278 6.50 36.65 -55.12
C GLN ZA 278 5.14 37.35 -55.08
N MET ZA 279 5.07 38.40 -54.25
CA MET ZA 279 3.88 39.23 -54.09
C MET ZA 279 4.14 40.58 -54.75
N GLU ZA 280 3.20 41.03 -55.60
CA GLU ZA 280 3.26 42.32 -56.28
C GLU ZA 280 2.21 43.26 -55.69
N LEU ZA 281 2.57 44.54 -55.53
CA LEU ZA 281 1.68 45.56 -54.97
C LEU ZA 281 0.98 46.32 -56.08
N ILE ZA 282 -0.36 46.27 -56.12
CA ILE ZA 282 -1.14 46.99 -57.14
C ILE ZA 282 -1.65 48.30 -56.57
N ASN ZA 283 -1.30 49.42 -57.23
CA ASN ZA 283 -1.71 50.79 -56.90
C ASN ZA 283 -1.34 51.18 -55.45
N LEU ZA 284 -0.15 50.76 -54.99
CA LEU ZA 284 0.30 51.07 -53.64
C LEU ZA 284 1.58 51.89 -53.61
N SER ZA 285 1.67 52.78 -52.61
CA SER ZA 285 2.83 53.62 -52.39
C SER ZA 285 3.78 52.97 -51.39
N LYS ZA 286 3.21 52.28 -50.38
CA LYS ZA 286 3.92 51.60 -49.29
C LYS ZA 286 3.05 50.44 -48.78
N ALA ZA 287 3.67 49.39 -48.21
CA ALA ZA 287 2.96 48.23 -47.65
C ALA ZA 287 3.73 47.61 -46.49
N GLU ZA 288 3.01 47.25 -45.42
CA GLU ZA 288 3.59 46.64 -44.21
C GLU ZA 288 2.89 45.31 -43.95
N PHE ZA 289 3.68 44.22 -43.92
CA PHE ZA 289 3.13 42.88 -43.73
C PHE ZA 289 3.64 42.09 -42.54
N LYS ZA 290 2.76 41.24 -41.99
CA LYS ZA 290 3.05 40.34 -40.89
C LYS ZA 290 2.57 38.94 -41.32
N ILE ZA 291 3.53 38.07 -41.62
CA ILE ZA 291 3.34 36.71 -42.12
C ILE ZA 291 3.26 35.62 -41.01
N LYS ZA 292 2.31 34.68 -41.17
CA LYS ZA 292 2.17 33.58 -40.22
C LYS ZA 292 2.06 32.20 -40.84
N ARG ZA 293 3.18 31.43 -40.78
CA ARG ZA 293 3.35 30.07 -41.31
C ARG ZA 293 3.16 29.04 -40.22
N LYS ZA 294 2.54 27.90 -40.55
CA LYS ZA 294 2.32 26.82 -39.60
C LYS ZA 294 3.50 25.84 -39.51
N ALA ZA 295 3.65 25.20 -38.33
CA ALA ZA 295 4.65 24.19 -38.01
C ALA ZA 295 3.95 23.16 -37.13
N ASP ZA 296 3.91 21.89 -37.59
CA ASP ZA 296 3.22 20.82 -36.86
C ASP ZA 296 3.80 20.50 -35.49
N PHE ZA 297 5.13 20.28 -35.42
CA PHE ZA 297 5.82 20.02 -34.14
C PHE ZA 297 6.99 20.97 -33.97
N VAL ZA 298 7.05 21.60 -32.78
CA VAL ZA 298 8.11 22.52 -32.39
C VAL ZA 298 8.45 22.29 -30.90
N MET AB 1 -33.33 31.73 -26.32
CA MET AB 1 -34.40 30.96 -26.93
C MET AB 1 -35.30 31.83 -27.83
N LEU AB 2 -36.24 31.18 -28.54
CA LEU AB 2 -37.20 31.85 -29.40
C LEU AB 2 -38.60 31.75 -28.82
N GLU AB 3 -39.41 32.80 -28.99
CA GLU AB 3 -40.79 32.86 -28.48
C GLU AB 3 -41.78 32.24 -29.44
N ALA AB 4 -42.72 31.44 -28.92
CA ALA AB 4 -43.73 30.79 -29.74
C ALA AB 4 -45.16 31.00 -29.27
N ASN AB 5 -46.05 31.25 -30.24
CA ASN AB 5 -47.48 31.46 -30.03
C ASN AB 5 -48.20 30.23 -30.58
N VAL AB 6 -48.78 29.43 -29.68
CA VAL AB 6 -49.49 28.20 -30.05
C VAL AB 6 -51.01 28.43 -30.13
N TYR AB 7 -51.55 28.23 -31.33
CA TYR AB 7 -52.99 28.37 -31.63
C TYR AB 7 -53.52 27.00 -32.04
N ASP AB 8 -54.84 26.78 -31.89
CA ASP AB 8 -55.47 25.54 -32.36
C ASP AB 8 -55.64 25.66 -33.88
N ASN AB 9 -55.78 24.50 -34.58
CA ASN AB 9 -55.91 24.43 -36.04
C ASN AB 9 -56.78 25.53 -36.64
N PHE AB 10 -56.26 26.24 -37.66
CA PHE AB 10 -56.98 27.30 -38.35
C PHE AB 10 -57.96 26.66 -39.33
N ASN AB 11 -59.02 26.06 -38.76
CA ASN AB 11 -60.07 25.33 -39.44
C ASN AB 11 -60.86 26.28 -40.35
N PRO AB 12 -60.82 26.07 -41.68
CA PRO AB 12 -61.59 26.96 -42.58
C PRO AB 12 -63.10 26.68 -42.52
N ASN AB 13 -63.51 25.57 -41.89
CA ASN AB 13 -64.90 25.20 -41.67
C ASN AB 13 -65.53 26.13 -40.61
N TYR AB 14 -64.68 26.86 -39.86
CA TYR AB 14 -65.05 27.80 -38.81
C TYR AB 14 -64.71 29.25 -39.18
N TYR AB 15 -63.43 29.53 -39.48
CA TYR AB 15 -62.93 30.88 -39.78
C TYR AB 15 -63.33 31.50 -41.12
N ASN AB 16 -63.78 30.69 -42.10
CA ASN AB 16 -64.21 31.18 -43.41
C ASN AB 16 -65.72 31.50 -43.40
N ILE AB 17 -66.13 32.33 -42.42
CA ILE AB 17 -67.51 32.78 -42.22
C ILE AB 17 -67.47 34.30 -41.98
N SER AB 18 -68.17 35.07 -42.84
CA SER AB 18 -68.23 36.53 -42.76
C SER AB 18 -69.33 37.03 -41.81
N ASP AB 19 -69.25 36.66 -40.52
CA ASP AB 19 -70.22 37.06 -39.50
C ASP AB 19 -69.67 38.00 -38.42
N PHE AB 20 -68.34 38.31 -38.48
CA PHE AB 20 -67.69 39.22 -37.54
C PHE AB 20 -68.17 40.64 -37.79
N SER AB 21 -68.75 41.27 -36.75
CA SER AB 21 -69.25 42.64 -36.83
C SER AB 21 -68.11 43.64 -36.64
N MET AB 22 -67.75 44.37 -37.72
CA MET AB 22 -66.69 45.38 -37.73
C MET AB 22 -67.15 46.64 -36.99
N PRO AB 23 -66.23 47.46 -36.41
CA PRO AB 23 -66.66 48.68 -35.70
C PRO AB 23 -67.46 49.70 -36.52
N ASN AB 24 -67.24 49.75 -37.86
CA ASN AB 24 -67.98 50.67 -38.74
C ASN AB 24 -69.42 50.20 -38.95
N GLY AB 25 -69.63 48.87 -38.92
CA GLY AB 25 -70.94 48.26 -39.09
C GLY AB 25 -70.98 47.02 -39.97
N LYS AB 26 -70.27 47.04 -41.12
CA LYS AB 26 -70.25 45.94 -42.09
C LYS AB 26 -69.66 44.61 -41.56
N LYS AB 27 -70.01 43.49 -42.21
CA LYS AB 27 -69.57 42.16 -41.80
C LYS AB 27 -68.35 41.66 -42.56
N GLU AB 28 -67.34 41.14 -41.82
CA GLU AB 28 -66.09 40.59 -42.34
C GLU AB 28 -65.84 39.17 -41.82
N LYS AB 29 -64.86 38.45 -42.39
CA LYS AB 29 -64.51 37.07 -41.99
C LYS AB 29 -63.93 37.02 -40.58
N ARG AB 30 -64.17 35.92 -39.86
CA ARG AB 30 -63.69 35.71 -38.48
C ARG AB 30 -62.17 35.82 -38.39
N GLY AB 31 -61.70 36.70 -37.51
CA GLY AB 31 -60.28 36.92 -37.28
C GLY AB 31 -59.63 35.79 -36.51
N LEU AB 32 -58.29 35.66 -36.62
CA LEU AB 32 -57.51 34.62 -35.94
C LEU AB 32 -57.61 34.72 -34.41
N PRO AB 33 -57.59 33.59 -33.67
CA PRO AB 33 -57.72 33.68 -32.20
C PRO AB 33 -56.44 34.13 -31.49
N ILE AB 34 -56.51 34.25 -30.17
CA ILE AB 34 -55.36 34.57 -29.33
C ILE AB 34 -54.65 33.24 -29.04
N PRO AB 35 -53.30 33.20 -28.85
CA PRO AB 35 -52.65 31.91 -28.57
C PRO AB 35 -53.18 31.28 -27.29
N LYS AB 36 -53.55 29.98 -27.36
CA LYS AB 36 -54.05 29.24 -26.20
C LYS AB 36 -52.99 29.14 -25.09
N ALA AB 37 -51.69 29.23 -25.51
CA ALA AB 37 -50.53 29.20 -24.63
C ALA AB 37 -49.31 29.86 -25.29
N ARG AB 38 -48.59 30.69 -24.52
CA ARG AB 38 -47.36 31.33 -24.93
C ARG AB 38 -46.25 30.47 -24.35
N CYS AB 39 -45.41 29.94 -25.23
CA CYS AB 39 -44.32 29.08 -24.81
C CYS AB 39 -43.01 29.56 -25.42
N GLN AB 40 -41.95 28.77 -25.25
CA GLN AB 40 -40.63 29.06 -25.77
C GLN AB 40 -40.03 27.85 -26.46
N VAL AB 41 -39.52 28.05 -27.67
CA VAL AB 41 -38.94 26.97 -28.47
C VAL AB 41 -37.44 26.74 -28.23
N ILE AB 42 -37.09 25.50 -27.84
CA ILE AB 42 -35.74 25.00 -27.54
C ILE AB 42 -35.40 23.78 -28.40
N ASN AB 43 -34.09 23.54 -28.66
CA ASN AB 43 -33.56 22.43 -29.48
C ASN AB 43 -34.30 22.37 -30.82
N TYR AB 44 -34.10 23.41 -31.64
CA TYR AB 44 -34.81 23.59 -32.91
C TYR AB 44 -33.98 23.61 -34.19
N GLU AB 45 -34.67 23.32 -35.30
CA GLU AB 45 -34.22 23.33 -36.68
C GLU AB 45 -35.42 23.94 -37.42
N LEU AB 46 -35.37 25.26 -37.69
CA LEU AB 46 -36.48 25.97 -38.31
C LEU AB 46 -36.19 26.46 -39.72
N TRP AB 47 -36.96 25.95 -40.70
CA TRP AB 47 -36.83 26.30 -42.12
C TRP AB 47 -37.75 27.45 -42.51
N GLU AB 48 -37.20 28.45 -43.23
CA GLU AB 48 -37.90 29.66 -43.67
C GLU AB 48 -39.06 29.40 -44.65
N THR AB 49 -38.84 28.56 -45.69
CA THR AB 49 -39.85 28.25 -46.71
C THR AB 49 -40.24 26.78 -46.76
N GLY AB 50 -39.30 25.91 -46.40
CA GLY AB 50 -39.50 24.46 -46.42
C GLY AB 50 -39.43 23.86 -47.80
N TYR AB 51 -38.44 24.32 -48.59
CA TYR AB 51 -38.19 23.88 -49.95
C TYR AB 51 -37.66 22.44 -50.03
N LEU AB 52 -36.84 22.02 -49.04
CA LEU AB 52 -36.25 20.70 -49.05
C LEU AB 52 -36.52 19.84 -47.80
N TYR AB 53 -36.31 20.41 -46.61
CA TYR AB 53 -36.50 19.70 -45.35
C TYR AB 53 -37.68 20.23 -44.54
N THR AB 54 -38.24 19.38 -43.65
CA THR AB 54 -39.32 19.73 -42.73
C THR AB 54 -38.71 20.11 -41.38
N SER AB 55 -39.26 21.15 -40.73
CA SER AB 55 -38.78 21.68 -39.46
C SER AB 55 -39.09 20.78 -38.23
N SER AB 56 -38.33 20.96 -37.14
CA SER AB 56 -38.48 20.22 -35.86
C SER AB 56 -38.10 21.10 -34.68
N ALA AB 57 -38.86 21.00 -33.56
CA ALA AB 57 -38.63 21.79 -32.34
C ALA AB 57 -39.28 21.18 -31.11
N THR AB 58 -38.60 21.28 -29.95
CA THR AB 58 -39.11 20.80 -28.66
C THR AB 58 -39.71 22.02 -27.95
N LEU AB 59 -41.04 22.01 -27.75
CA LEU AB 59 -41.75 23.15 -27.16
C LEU AB 59 -42.09 22.92 -25.70
N THR AB 60 -42.05 24.00 -24.89
CA THR AB 60 -42.32 23.94 -23.45
C THR AB 60 -43.72 23.46 -23.10
N VAL AB 61 -44.75 23.98 -23.79
CA VAL AB 61 -46.14 23.56 -23.58
C VAL AB 61 -46.41 22.27 -24.39
N SER AB 62 -47.31 21.42 -23.89
CA SER AB 62 -47.62 20.14 -24.55
C SER AB 62 -48.58 20.31 -25.73
N VAL AB 63 -48.03 20.73 -26.88
CA VAL AB 63 -48.76 20.94 -28.14
C VAL AB 63 -49.24 19.59 -28.71
N GLU AB 64 -50.33 19.61 -29.50
CA GLU AB 64 -50.85 18.41 -30.14
C GLU AB 64 -50.95 18.58 -31.67
N VAL AB 65 -51.04 17.46 -32.40
CA VAL AB 65 -51.15 17.42 -33.87
C VAL AB 65 -52.35 18.26 -34.34
N GLY AB 66 -52.10 19.18 -35.26
CA GLY AB 66 -53.10 20.08 -35.81
C GLY AB 66 -52.87 21.53 -35.47
N ASP AB 67 -52.34 21.80 -34.26
CA ASP AB 67 -52.03 23.13 -33.74
C ASP AB 67 -51.07 23.90 -34.62
N ILE AB 68 -51.25 25.24 -34.69
CA ILE AB 68 -50.42 26.14 -35.49
C ILE AB 68 -49.39 26.84 -34.59
N VAL AB 69 -48.10 26.77 -34.96
CA VAL AB 69 -47.01 27.37 -34.19
C VAL AB 69 -46.41 28.59 -34.90
N GLN AB 70 -46.51 29.76 -34.25
CA GLN AB 70 -46.00 31.04 -34.73
C GLN AB 70 -44.72 31.40 -33.95
N ILE AB 71 -43.56 31.27 -34.61
CA ILE AB 71 -42.27 31.59 -33.98
C ILE AB 71 -41.95 33.06 -34.22
N LEU AB 72 -41.73 33.80 -33.11
CA LEU AB 72 -41.49 35.24 -33.12
C LEU AB 72 -40.02 35.63 -33.03
N PHE AB 73 -39.63 36.68 -33.78
CA PHE AB 73 -38.29 37.24 -33.83
C PHE AB 73 -38.38 38.77 -33.58
N PRO AB 74 -37.52 39.37 -32.73
CA PRO AB 74 -37.62 40.81 -32.48
C PRO AB 74 -37.05 41.70 -33.59
N GLU AB 75 -37.32 41.34 -34.86
CA GLU AB 75 -36.89 42.08 -36.04
C GLU AB 75 -38.02 42.21 -37.07
N VAL AB 76 -37.89 43.19 -37.97
CA VAL AB 76 -38.89 43.49 -38.99
C VAL AB 76 -38.42 43.34 -40.43
N VAL AB 77 -39.28 42.76 -41.27
CA VAL AB 77 -39.04 42.51 -42.70
C VAL AB 77 -39.83 43.49 -43.59
N PRO AB 78 -39.15 44.29 -44.42
CA PRO AB 78 -39.88 45.21 -45.30
C PRO AB 78 -40.22 44.56 -46.65
N ILE AB 79 -41.52 44.39 -46.94
CA ILE AB 79 -41.92 43.81 -48.22
C ILE AB 79 -42.56 44.85 -49.14
N GLU AB 80 -42.09 44.89 -50.40
CA GLU AB 80 -42.62 45.83 -51.39
C GLU AB 80 -43.82 45.19 -52.09
N GLU AB 81 -45.04 45.60 -51.69
CA GLU AB 81 -46.33 45.12 -52.20
C GLU AB 81 -46.84 45.85 -53.45
N ALA AB 82 -46.43 47.12 -53.64
CA ALA AB 82 -46.74 47.97 -54.80
C ALA AB 82 -45.45 48.66 -55.25
N LEU AB 83 -45.38 49.14 -56.49
CA LEU AB 83 -44.16 49.71 -57.11
C LEU AB 83 -43.37 50.57 -56.13
N GLY AB 84 -44.07 51.43 -55.44
CA GLY AB 84 -43.47 52.34 -54.47
C GLY AB 84 -43.79 52.03 -53.02
N LYS AB 85 -44.93 51.35 -52.77
CA LYS AB 85 -45.39 51.02 -51.43
C LYS AB 85 -44.67 49.85 -50.79
N LYS AB 86 -44.22 50.08 -49.55
CA LYS AB 86 -43.55 49.13 -48.67
C LYS AB 86 -44.34 49.08 -47.36
N LYS AB 87 -44.42 47.90 -46.73
CA LYS AB 87 -45.11 47.77 -45.45
C LYS AB 87 -44.29 47.09 -44.37
N LYS AB 88 -44.37 47.61 -43.14
CA LYS AB 88 -43.65 47.10 -41.98
C LYS AB 88 -44.23 45.76 -41.51
N LEU AB 89 -43.62 44.67 -41.98
CA LEU AB 89 -44.03 43.30 -41.68
C LEU AB 89 -43.09 42.71 -40.62
N ASN AB 90 -43.64 42.24 -39.48
CA ASN AB 90 -42.86 41.64 -38.39
C ASN AB 90 -42.38 40.24 -38.78
N LEU AB 91 -41.11 39.88 -38.44
CA LEU AB 91 -40.56 38.56 -38.77
C LEU AB 91 -41.25 37.40 -38.05
N ASP AB 92 -41.78 36.45 -38.85
CA ASP AB 92 -42.53 35.29 -38.38
C ASP AB 92 -42.17 34.00 -39.11
N MET AB 93 -42.28 32.89 -38.38
CA MET AB 93 -42.09 31.54 -38.89
C MET AB 93 -43.30 30.73 -38.44
N VAL AB 94 -44.28 30.56 -39.36
CA VAL AB 94 -45.56 29.89 -39.12
C VAL AB 94 -45.56 28.46 -39.67
N TYR AB 95 -45.85 27.48 -38.79
CA TYR AB 95 -45.87 26.05 -39.10
C TYR AB 95 -47.11 25.35 -38.56
N LEU AB 96 -47.41 24.17 -39.11
CA LEU AB 96 -48.49 23.28 -38.68
C LEU AB 96 -47.82 22.08 -37.99
N VAL AB 97 -48.35 21.66 -36.83
CA VAL AB 97 -47.82 20.49 -36.12
C VAL AB 97 -48.29 19.22 -36.83
N THR AB 98 -47.35 18.42 -37.34
CA THR AB 98 -47.65 17.17 -38.05
C THR AB 98 -47.56 15.94 -37.14
N ASP AB 99 -46.61 15.93 -36.17
CA ASP AB 99 -46.44 14.85 -35.19
C ASP AB 99 -45.56 15.26 -34.00
N VAL AB 100 -45.98 14.86 -32.79
CA VAL AB 100 -45.28 15.10 -31.52
C VAL AB 100 -44.92 13.73 -30.94
N ASP AB 101 -43.66 13.54 -30.53
CA ASP AB 101 -43.23 12.28 -29.91
C ASP AB 101 -43.41 12.32 -28.37
N GLU AB 102 -42.87 11.32 -27.66
CA GLU AB 102 -42.94 11.17 -26.21
C GLU AB 102 -42.23 12.33 -25.48
N SER AB 103 -41.07 12.75 -26.02
CA SER AB 103 -40.23 13.84 -25.49
C SER AB 103 -40.68 15.26 -25.92
N ASN AB 104 -41.94 15.38 -26.39
CA ASN AB 104 -42.58 16.62 -26.88
C ASN AB 104 -41.86 17.35 -28.02
N LYS AB 105 -41.06 16.62 -28.83
CA LYS AB 105 -40.37 17.18 -29.99
C LYS AB 105 -41.38 17.14 -31.15
N ALA AB 106 -41.83 18.32 -31.57
CA ALA AB 106 -42.83 18.47 -32.63
C ALA AB 106 -42.23 18.61 -34.02
N THR AB 107 -42.78 17.85 -34.98
CA THR AB 107 -42.37 17.89 -36.39
C THR AB 107 -43.23 18.97 -37.04
N LEU AB 108 -42.59 20.08 -37.45
CA LEU AB 108 -43.26 21.25 -38.02
C LEU AB 108 -43.18 21.34 -39.54
N LYS AB 109 -44.34 21.50 -40.20
CA LYS AB 109 -44.44 21.64 -41.65
C LYS AB 109 -44.86 23.08 -41.95
N ASN AB 110 -44.11 23.75 -42.86
CA ASN AB 110 -44.36 25.13 -43.27
C ASN AB 110 -45.80 25.30 -43.75
N TYR AB 111 -46.53 26.26 -43.14
CA TYR AB 111 -47.95 26.55 -43.37
C TYR AB 111 -48.45 26.48 -44.82
N PHE AB 112 -47.71 27.07 -45.78
CA PHE AB 112 -48.10 27.08 -47.19
C PHE AB 112 -48.23 25.69 -47.81
N TRP AB 113 -47.17 24.86 -47.69
CA TRP AB 113 -47.13 23.52 -48.26
C TRP AB 113 -48.13 22.57 -47.59
N ALA AB 114 -48.50 22.86 -46.33
CA ALA AB 114 -49.48 22.11 -45.55
C ALA AB 114 -50.90 22.56 -45.91
N MET AB 115 -51.02 23.74 -46.55
CA MET AB 115 -52.27 24.37 -46.99
C MET AB 115 -52.68 23.86 -48.38
N ILE AB 116 -51.72 23.80 -49.33
CA ILE AB 116 -51.95 23.33 -50.70
C ILE AB 116 -51.92 21.79 -50.83
N GLU AB 117 -52.07 21.08 -49.69
CA GLU AB 117 -52.10 19.62 -49.59
C GLU AB 117 -53.34 19.02 -50.22
N SER AB 118 -53.17 17.87 -50.92
CA SER AB 118 -54.19 17.03 -51.55
C SER AB 118 -54.95 17.72 -52.67
N LEU AB 119 -54.57 18.95 -52.96
CA LEU AB 119 -55.19 19.74 -54.03
C LEU AB 119 -54.59 19.35 -55.37
N ASP AB 120 -55.46 19.01 -56.34
CA ASP AB 120 -55.07 18.64 -57.70
C ASP AB 120 -55.49 19.73 -58.66
N VAL AB 121 -54.70 19.95 -59.71
CA VAL AB 121 -54.95 20.98 -60.71
C VAL AB 121 -54.87 20.44 -62.15
N PRO AB 122 -55.95 20.58 -62.96
CA PRO AB 122 -55.89 20.10 -64.35
C PRO AB 122 -55.08 21.04 -65.25
N ASN AB 123 -54.74 20.57 -66.47
CA ASN AB 123 -53.97 21.30 -67.47
C ASN AB 123 -54.65 22.61 -67.93
N ALA AB 124 -56.00 22.67 -67.86
CA ALA AB 124 -56.84 23.81 -68.23
C ALA AB 124 -56.46 25.09 -67.48
N ILE AB 125 -56.10 24.96 -66.19
CA ILE AB 125 -55.69 26.08 -65.33
C ILE AB 125 -54.24 26.50 -65.65
N THR AB 126 -53.37 25.55 -66.01
CA THR AB 126 -51.97 25.80 -66.35
C THR AB 126 -51.78 26.53 -67.70
N LYS AB 127 -52.87 26.67 -68.49
CA LYS AB 127 -52.86 27.34 -69.81
C LYS AB 127 -52.66 28.84 -69.72
N THR AB 128 -53.17 29.49 -68.65
CA THR AB 128 -53.08 30.93 -68.42
C THR AB 128 -51.76 31.34 -67.73
N THR AB 129 -51.67 32.61 -67.27
CA THR AB 129 -50.50 33.15 -66.58
C THR AB 129 -50.33 32.56 -65.18
N ASN AB 130 -49.15 32.76 -64.57
CA ASN AB 130 -48.82 32.27 -63.23
C ASN AB 130 -49.70 32.87 -62.12
N PHE AB 131 -50.27 34.07 -62.35
CA PHE AB 131 -51.17 34.77 -61.42
C PHE AB 131 -52.46 33.96 -61.19
N ALA AB 132 -52.98 33.36 -62.28
CA ALA AB 132 -54.21 32.55 -62.26
C ALA AB 132 -54.05 31.26 -61.44
N ILE AB 133 -52.84 30.66 -61.46
CA ILE AB 133 -52.52 29.44 -60.72
C ILE AB 133 -52.41 29.77 -59.22
N ILE AB 134 -51.72 30.89 -58.89
CA ILE AB 134 -51.56 31.38 -57.51
C ILE AB 134 -52.93 31.72 -56.90
N ASP AB 135 -53.80 32.39 -57.69
CA ASP AB 135 -55.15 32.76 -57.26
C ASP AB 135 -56.05 31.53 -57.03
N TYR AB 136 -55.77 30.42 -57.75
CA TYR AB 136 -56.48 29.16 -57.60
C TYR AB 136 -55.99 28.43 -56.34
N LEU AB 137 -54.64 28.22 -56.25
CA LEU AB 137 -53.96 27.55 -55.13
C LEU AB 137 -54.26 28.16 -53.76
N ILE AB 138 -54.28 29.51 -53.67
CA ILE AB 138 -54.58 30.23 -52.43
C ILE AB 138 -56.07 30.64 -52.43
N ASP AB 139 -56.90 29.84 -51.72
CA ASP AB 139 -58.35 30.03 -51.58
C ASP AB 139 -58.83 29.31 -50.30
N PRO AB 140 -59.31 30.03 -49.26
CA PRO AB 140 -59.76 29.36 -48.02
C PRO AB 140 -61.01 28.50 -48.16
N ASN AB 141 -61.66 28.52 -49.34
CA ASN AB 141 -62.87 27.75 -49.64
C ASN AB 141 -62.53 26.32 -50.10
N LYS AB 142 -61.30 26.12 -50.62
CA LYS AB 142 -60.81 24.82 -51.09
C LYS AB 142 -59.77 24.20 -50.15
N ASN AB 143 -58.80 25.02 -49.69
CA ASN AB 143 -57.67 24.65 -48.83
C ASN AB 143 -58.04 23.96 -47.52
N ASN AB 144 -57.13 23.11 -47.01
CA ASN AB 144 -57.26 22.39 -45.74
C ASN AB 144 -57.10 23.37 -44.56
N LEU AB 145 -56.35 24.47 -44.78
CA LEU AB 145 -56.04 25.51 -43.80
C LEU AB 145 -56.54 26.90 -44.21
N MET AB 146 -56.84 27.76 -43.22
CA MET AB 146 -57.34 29.12 -43.42
C MET AB 146 -56.26 30.06 -43.97
N SER AB 147 -56.67 31.00 -44.85
CA SER AB 147 -55.81 32.00 -45.47
C SER AB 147 -56.60 33.29 -45.73
N TYR AB 148 -56.04 34.45 -45.32
CA TYR AB 148 -56.71 35.75 -45.49
C TYR AB 148 -56.09 36.60 -46.62
N GLY AB 149 -55.84 35.96 -47.76
CA GLY AB 149 -55.28 36.62 -48.95
C GLY AB 149 -53.77 36.63 -49.01
N TYR AB 150 -53.24 36.50 -50.23
CA TYR AB 150 -51.80 36.49 -50.52
C TYR AB 150 -51.28 37.88 -50.92
N PHE AB 151 -49.96 38.09 -50.76
CA PHE AB 151 -49.27 39.32 -51.16
C PHE AB 151 -48.33 38.92 -52.27
N PHE AB 152 -48.48 39.47 -53.49
CA PHE AB 152 -47.60 39.06 -54.59
C PHE AB 152 -47.03 40.14 -55.49
N ASN AB 153 -45.72 40.01 -55.76
CA ASN AB 153 -44.91 40.87 -56.62
C ASN AB 153 -45.28 40.51 -58.07
N SER AB 154 -45.97 41.42 -58.75
CA SER AB 154 -46.47 41.25 -60.12
C SER AB 154 -45.42 40.93 -61.17
N SER AB 155 -44.25 41.60 -61.11
CA SER AB 155 -43.14 41.45 -62.08
C SER AB 155 -42.60 40.02 -62.21
N ILE AB 156 -42.46 39.30 -61.08
CA ILE AB 156 -41.94 37.93 -61.05
C ILE AB 156 -42.93 36.86 -61.53
N PHE AB 157 -44.24 37.08 -61.32
CA PHE AB 157 -45.28 36.14 -61.77
C PHE AB 157 -46.03 36.67 -63.01
N ALA AB 158 -45.44 37.65 -63.72
CA ALA AB 158 -46.00 38.26 -64.93
C ALA AB 158 -45.93 37.31 -66.14
N GLY AB 159 -44.83 36.57 -66.25
CA GLY AB 159 -44.56 35.64 -67.34
C GLY AB 159 -45.57 34.52 -67.52
N LYS AB 160 -45.58 33.94 -68.74
CA LYS AB 160 -46.45 32.82 -69.13
C LYS AB 160 -45.99 31.56 -68.39
N ALA AB 161 -46.96 30.76 -67.90
CA ALA AB 161 -46.73 29.52 -67.15
C ALA AB 161 -45.98 28.45 -67.93
N THR AB 162 -45.16 27.65 -67.22
CA THR AB 162 -44.37 26.55 -67.78
C THR AB 162 -45.28 25.47 -68.37
N ILE AB 163 -44.88 24.88 -69.51
CA ILE AB 163 -45.67 23.84 -70.18
C ILE AB 163 -45.63 22.51 -69.44
N ASN AB 164 -46.80 21.91 -69.19
CA ASN AB 164 -46.98 20.64 -68.47
C ASN AB 164 -46.54 19.44 -69.29
N ARG AB 165 -46.01 18.40 -68.60
CA ARG AB 165 -45.63 17.14 -69.24
C ARG AB 165 -46.88 16.28 -69.45
N LYS AB 166 -47.08 15.81 -70.70
CA LYS AB 166 -48.23 14.99 -71.15
C LYS AB 166 -49.60 15.71 -71.05
N ALA AB 167 -49.61 17.00 -70.62
CA ALA AB 167 -50.80 17.86 -70.42
C ALA AB 167 -51.83 17.17 -69.49
N GLU AB 168 -51.32 16.49 -68.45
CA GLU AB 168 -52.08 15.72 -67.47
C GLU AB 168 -52.51 16.54 -66.25
N THR AB 169 -53.20 15.86 -65.31
CA THR AB 169 -53.63 16.43 -64.05
C THR AB 169 -52.46 16.29 -63.06
N SER AB 170 -51.92 17.44 -62.64
CA SER AB 170 -50.81 17.50 -61.69
C SER AB 170 -51.33 17.94 -60.32
N SER AB 171 -50.55 17.66 -59.26
CA SER AB 171 -50.91 18.06 -57.90
C SER AB 171 -50.45 19.50 -57.67
N ALA AB 172 -51.05 20.19 -56.67
CA ALA AB 172 -50.71 21.58 -56.34
C ALA AB 172 -49.24 21.72 -55.92
N HIS AB 173 -48.67 20.66 -55.31
CA HIS AB 173 -47.27 20.60 -54.87
C HIS AB 173 -46.31 20.59 -56.07
N ASP AB 174 -46.55 19.69 -57.04
CA ASP AB 174 -45.73 19.52 -58.25
C ASP AB 174 -45.71 20.77 -59.15
N VAL AB 175 -46.88 21.44 -59.32
CA VAL AB 175 -46.99 22.66 -60.14
C VAL AB 175 -46.30 23.84 -59.47
N ALA AB 176 -46.51 24.01 -58.14
CA ALA AB 176 -45.89 25.09 -57.35
C ALA AB 176 -44.38 24.97 -57.45
N LYS AB 177 -43.84 23.75 -57.23
CA LYS AB 177 -42.40 23.44 -57.34
C LYS AB 177 -41.86 23.79 -58.73
N ARG AB 178 -42.62 23.44 -59.79
CA ARG AB 178 -42.25 23.71 -61.18
C ARG AB 178 -42.27 25.21 -61.47
N ILE AB 179 -43.26 25.94 -60.93
CA ILE AB 179 -43.41 27.40 -61.08
C ILE AB 179 -42.34 28.14 -60.28
N PHE AB 180 -42.18 27.80 -58.99
CA PHE AB 180 -41.20 28.40 -58.08
C PHE AB 180 -39.73 28.22 -58.52
N SER AB 181 -39.47 27.21 -59.38
CA SER AB 181 -38.14 26.93 -59.93
C SER AB 181 -37.81 27.91 -61.06
N LYS AB 182 -38.79 28.19 -61.93
CA LYS AB 182 -38.64 29.11 -63.07
C LYS AB 182 -38.65 30.58 -62.63
N VAL AB 183 -39.60 30.95 -61.73
CA VAL AB 183 -39.72 32.33 -61.21
C VAL AB 183 -38.60 32.68 -60.22
N GLN AB 184 -37.91 31.65 -59.68
CA GLN AB 184 -36.81 31.74 -58.71
C GLN AB 184 -37.26 32.43 -57.42
N PHE AB 185 -38.40 31.98 -56.88
CA PHE AB 185 -39.02 32.51 -55.67
C PHE AB 185 -39.58 31.38 -54.80
N GLN AB 186 -39.75 31.64 -53.50
CA GLN AB 186 -40.30 30.71 -52.52
C GLN AB 186 -41.30 31.42 -51.58
N PRO AB 187 -42.41 30.76 -51.18
CA PRO AB 187 -43.40 31.43 -50.32
C PRO AB 187 -43.13 31.37 -48.83
N THR AB 188 -43.54 32.44 -48.12
CA THR AB 188 -43.39 32.61 -46.68
C THR AB 188 -44.71 33.05 -46.04
N THR AB 189 -45.29 32.21 -45.18
CA THR AB 189 -46.54 32.51 -44.48
C THR AB 189 -46.23 33.41 -43.28
N THR AB 190 -47.04 34.47 -43.07
CA THR AB 190 -46.85 35.40 -41.97
C THR AB 190 -48.16 35.83 -41.30
N ILE AB 191 -48.17 35.92 -39.96
CA ILE AB 191 -49.32 36.36 -39.16
C ILE AB 191 -49.10 37.83 -38.81
N GLN AB 192 -50.07 38.69 -39.13
CA GLN AB 192 -50.01 40.12 -38.89
C GLN AB 192 -51.39 40.75 -38.76
N HIS AB 193 -51.52 41.74 -37.86
CA HIS AB 193 -52.75 42.48 -37.62
C HIS AB 193 -53.16 43.26 -38.90
N ALA AB 194 -54.48 43.33 -39.18
CA ALA AB 194 -55.09 43.99 -40.34
C ALA AB 194 -54.54 45.40 -40.62
N PRO AB 195 -54.33 45.79 -41.91
CA PRO AB 195 -53.75 47.12 -42.20
C PRO AB 195 -54.51 48.33 -41.63
N SER AB 196 -55.85 48.35 -41.79
CA SER AB 196 -56.70 49.43 -41.29
C SER AB 196 -56.81 49.40 -39.76
N GLU AB 197 -56.65 50.57 -39.12
CA GLU AB 197 -56.71 50.75 -37.67
C GLU AB 197 -58.09 50.44 -37.09
N THR AB 198 -59.16 50.61 -37.90
CA THR AB 198 -60.55 50.34 -37.53
C THR AB 198 -60.76 48.83 -37.33
N ASP AB 199 -60.21 48.00 -38.24
CA ASP AB 199 -60.29 46.54 -38.19
C ASP AB 199 -59.37 46.00 -37.06
N PRO AB 200 -59.92 45.38 -35.99
CA PRO AB 200 -59.06 44.90 -34.90
C PRO AB 200 -58.56 43.46 -35.04
N ARG AB 201 -58.94 42.77 -36.14
CA ARG AB 201 -58.59 41.38 -36.44
C ARG AB 201 -57.10 41.13 -36.62
N ASN AB 202 -56.69 39.90 -36.32
CA ASN AB 202 -55.34 39.39 -36.53
C ASN AB 202 -55.49 38.45 -37.74
N LEU AB 203 -54.71 38.68 -38.81
CA LEU AB 203 -54.85 37.89 -40.04
C LEU AB 203 -53.58 37.16 -40.49
N LEU AB 204 -53.76 36.09 -41.28
CA LEU AB 204 -52.68 35.27 -41.83
C LEU AB 204 -52.60 35.48 -43.33
N PHE AB 205 -51.43 35.90 -43.82
CA PHE AB 205 -51.19 36.15 -45.25
C PHE AB 205 -50.02 35.32 -45.77
N ILE AB 206 -50.08 34.93 -47.05
CA ILE AB 206 -49.00 34.20 -47.72
C ILE AB 206 -48.16 35.26 -48.45
N ASN AB 207 -46.83 35.19 -48.34
CA ASN AB 207 -45.96 36.18 -48.98
C ASN AB 207 -45.24 35.71 -50.23
N PHE AB 208 -45.41 36.48 -51.31
CA PHE AB 208 -44.76 36.31 -52.59
C PHE AB 208 -44.16 37.67 -53.00
N ALA AB 209 -43.72 38.45 -51.98
CA ALA AB 209 -43.14 39.77 -52.14
C ALA AB 209 -41.68 39.80 -51.67
N SER AB 210 -40.89 40.75 -52.22
CA SER AB 210 -39.47 40.94 -51.93
C SER AB 210 -39.14 42.36 -51.46
N ARG AB 211 -37.95 42.55 -50.81
CA ARG AB 211 -37.46 43.85 -50.33
C ARG AB 211 -37.30 44.87 -51.46
N ASN AB 212 -37.12 44.37 -52.70
CA ASN AB 212 -37.02 45.15 -53.94
C ASN AB 212 -38.12 44.66 -54.88
N TRP AB 213 -38.94 45.60 -55.41
CA TRP AB 213 -40.02 45.26 -56.36
C TRP AB 213 -39.41 44.72 -57.65
N ASN AB 214 -38.36 45.40 -58.14
CA ASN AB 214 -37.61 45.02 -59.33
C ASN AB 214 -36.29 44.43 -58.85
N ARG AB 215 -36.29 43.10 -58.58
CA ARG AB 215 -35.16 42.33 -58.07
C ARG AB 215 -33.88 42.48 -58.88
N LYS AB 216 -32.76 42.70 -58.18
CA LYS AB 216 -31.43 42.89 -58.76
C LYS AB 216 -30.55 41.68 -58.42
N ARG AB 217 -29.61 41.34 -59.32
CA ARG AB 217 -28.71 40.20 -59.13
C ARG AB 217 -27.39 40.61 -58.45
N ILE AB 218 -27.08 39.96 -57.31
CA ILE AB 218 -25.87 40.19 -56.50
C ILE AB 218 -24.81 39.13 -56.83
N THR AB 219 -23.53 39.53 -56.85
CA THR AB 219 -22.43 38.61 -57.09
C THR AB 219 -21.53 38.51 -55.85
N THR AB 220 -21.44 37.29 -55.26
CA THR AB 220 -20.70 37.02 -54.02
C THR AB 220 -19.82 35.75 -54.09
N ARG AB 221 -19.02 35.50 -53.03
CA ARG AB 221 -18.14 34.33 -52.91
C ARG AB 221 -18.48 33.53 -51.66
N VAL AB 222 -18.49 32.20 -51.80
CA VAL AB 222 -18.75 31.25 -50.73
C VAL AB 222 -17.47 30.44 -50.50
N ASP AB 223 -16.87 30.61 -49.32
CA ASP AB 223 -15.64 29.92 -48.93
C ASP AB 223 -15.96 28.56 -48.33
N ILE AB 224 -15.02 27.61 -48.45
CA ILE AB 224 -15.13 26.25 -47.90
C ILE AB 224 -15.30 26.25 -46.35
N LYS AB 225 -14.84 27.32 -45.67
CA LYS AB 225 -14.93 27.49 -44.21
C LYS AB 225 -16.39 27.61 -43.73
N GLN AB 226 -17.31 27.92 -44.67
CA GLN AB 226 -18.75 28.07 -44.42
C GLN AB 226 -19.47 26.73 -44.36
N SER AB 227 -18.70 25.63 -44.33
CA SER AB 227 -19.23 24.25 -44.22
C SER AB 227 -20.25 23.89 -45.32
N VAL AB 228 -19.85 24.08 -46.57
CA VAL AB 228 -20.66 23.85 -47.78
C VAL AB 228 -21.09 22.39 -48.04
N THR AB 229 -22.36 22.20 -48.45
CA THR AB 229 -22.96 20.92 -48.83
C THR AB 229 -23.34 21.02 -50.33
N MET AB 230 -22.45 20.54 -51.19
CA MET AB 230 -22.65 20.54 -52.64
C MET AB 230 -23.34 19.26 -53.09
N ASP AB 231 -24.52 19.41 -53.69
CA ASP AB 231 -25.32 18.30 -54.23
C ASP AB 231 -26.03 18.72 -55.52
N THR AB 232 -26.55 17.73 -56.27
CA THR AB 232 -27.20 18.00 -57.55
C THR AB 232 -28.67 17.65 -57.59
N GLU AB 233 -29.48 18.59 -58.11
CA GLU AB 233 -30.93 18.47 -58.29
C GLU AB 233 -31.27 18.58 -59.78
N THR AB 234 -32.46 18.11 -60.16
CA THR AB 234 -32.94 18.21 -61.53
C THR AB 234 -34.28 18.93 -61.52
N ILE AB 235 -34.34 20.09 -62.17
CA ILE AB 235 -35.54 20.93 -62.26
C ILE AB 235 -36.58 20.22 -63.14
N VAL AB 236 -36.17 19.89 -64.38
CA VAL AB 236 -37.00 19.25 -65.39
C VAL AB 236 -36.73 17.75 -65.47
N ASP AB 237 -37.80 16.95 -65.56
CA ASP AB 237 -37.71 15.52 -65.69
C ASP AB 237 -37.56 15.19 -67.17
N ARG AB 238 -36.32 14.94 -67.59
CA ARG AB 238 -36.01 14.58 -68.97
C ARG AB 238 -35.27 13.25 -68.94
N SER AB 239 -35.44 12.44 -69.99
CA SER AB 239 -34.90 11.08 -70.09
C SER AB 239 -33.39 10.88 -69.85
N ALA AB 240 -33.07 9.82 -69.07
CA ALA AB 240 -31.72 9.50 -68.60
C ALA AB 240 -30.85 8.45 -69.35
N TYR AB 241 -31.34 7.85 -70.44
CA TYR AB 241 -30.51 6.87 -71.14
C TYR AB 241 -30.10 7.57 -72.44
N ASN AB 242 -28.83 8.00 -72.50
CA ASN AB 242 -28.33 8.85 -73.60
C ASN AB 242 -28.40 8.33 -75.01
N PHE AB 243 -28.32 7.01 -75.22
CA PHE AB 243 -28.42 6.44 -76.57
C PHE AB 243 -29.44 5.28 -76.65
N ALA AB 244 -30.39 5.32 -77.62
CA ALA AB 244 -31.43 4.29 -77.77
C ALA AB 244 -31.29 3.29 -78.94
N VAL AB 245 -31.46 1.98 -78.62
CA VAL AB 245 -31.48 0.85 -79.55
C VAL AB 245 -32.96 0.75 -79.95
N VAL AB 246 -33.30 1.26 -81.15
CA VAL AB 246 -34.67 1.34 -81.63
C VAL AB 246 -35.04 0.18 -82.56
N PHE AB 247 -36.13 -0.52 -82.22
CA PHE AB 247 -36.69 -1.63 -82.98
C PHE AB 247 -38.01 -1.22 -83.65
N VAL AB 248 -38.18 -1.61 -84.92
CA VAL AB 248 -39.38 -1.32 -85.71
C VAL AB 248 -40.00 -2.66 -86.15
N LYS AB 249 -41.30 -2.86 -85.84
CA LYS AB 249 -42.07 -4.06 -86.18
C LYS AB 249 -42.24 -4.17 -87.70
N ASN AB 250 -42.15 -5.40 -88.23
CA ASN AB 250 -42.33 -5.71 -89.66
C ASN AB 250 -43.83 -5.92 -89.93
N LYS AB 251 -44.36 -5.32 -91.01
CA LYS AB 251 -45.77 -5.42 -91.39
C LYS AB 251 -46.21 -6.84 -91.74
N ALA AB 252 -45.41 -7.56 -92.55
CA ALA AB 252 -45.70 -8.92 -93.02
C ALA AB 252 -45.70 -9.97 -91.89
N THR AB 253 -44.77 -9.86 -90.92
CA THR AB 253 -44.67 -10.80 -89.82
C THR AB 253 -45.46 -10.36 -88.59
N ASP AB 254 -45.86 -9.04 -88.52
CA ASP AB 254 -46.53 -8.39 -87.38
C ASP AB 254 -45.63 -8.62 -86.12
N ASP AB 255 -44.32 -8.74 -86.37
CA ASP AB 255 -43.29 -9.05 -85.40
C ASP AB 255 -42.05 -8.17 -85.64
N TYR AB 256 -41.09 -8.22 -84.73
CA TYR AB 256 -39.91 -7.33 -84.79
C TYR AB 256 -38.75 -7.89 -85.60
N THR AB 257 -39.06 -8.78 -86.54
CA THR AB 257 -38.09 -9.58 -87.32
C THR AB 257 -36.93 -8.81 -87.90
N ASP AB 258 -37.17 -7.58 -88.30
CA ASP AB 258 -36.13 -6.68 -88.83
C ASP AB 258 -35.10 -6.21 -87.77
N PRO AB 259 -33.81 -6.06 -88.16
CA PRO AB 259 -32.78 -5.65 -87.19
C PRO AB 259 -32.94 -4.21 -86.66
N PRO AB 260 -32.40 -3.89 -85.47
CA PRO AB 260 -32.55 -2.53 -84.92
C PRO AB 260 -31.65 -1.45 -85.50
N LYS AB 261 -32.08 -0.18 -85.37
CA LYS AB 261 -31.32 1.00 -85.79
C LYS AB 261 -30.94 1.79 -84.56
N MET AB 262 -29.62 1.97 -84.35
CA MET AB 262 -29.07 2.66 -83.19
C MET AB 262 -28.95 4.16 -83.38
N TYR AB 263 -29.50 4.94 -82.43
CA TYR AB 263 -29.49 6.41 -82.47
C TYR AB 263 -28.75 7.00 -81.27
N ILE AB 264 -27.71 7.81 -81.56
CA ILE AB 264 -26.86 8.47 -80.56
C ILE AB 264 -27.13 9.98 -80.47
N ALA AB 265 -27.15 10.52 -79.24
CA ALA AB 265 -27.35 11.95 -78.98
C ALA AB 265 -25.99 12.60 -78.75
N LYS AB 266 -25.63 13.57 -79.61
CA LYS AB 266 -24.37 14.32 -79.54
C LYS AB 266 -24.34 15.29 -78.35
N ASN AB 267 -23.14 15.81 -78.00
CA ASN AB 267 -22.94 16.76 -76.90
C ASN AB 267 -23.73 18.06 -77.06
N ASN AB 268 -23.91 18.51 -78.31
CA ASN AB 268 -24.69 19.71 -78.65
C ASN AB 268 -26.20 19.46 -78.46
N GLY AB 269 -26.62 18.21 -78.63
CA GLY AB 269 -28.01 17.79 -78.47
C GLY AB 269 -28.62 17.15 -79.70
N ASP AB 270 -27.90 17.21 -80.85
CA ASP AB 270 -28.36 16.64 -82.12
C ASP AB 270 -28.37 15.12 -82.08
N VAL AB 271 -29.54 14.53 -82.39
CA VAL AB 271 -29.73 13.08 -82.41
C VAL AB 271 -29.56 12.57 -83.84
N ILE AB 272 -28.55 11.73 -84.04
CA ILE AB 272 -28.20 11.12 -85.32
C ILE AB 272 -28.18 9.60 -85.22
N ASP AB 273 -28.16 8.90 -86.35
CA ASP AB 273 -28.04 7.44 -86.36
C ASP AB 273 -26.58 7.13 -86.03
N TYR AB 274 -26.32 6.02 -85.33
CA TYR AB 274 -24.94 5.65 -85.00
C TYR AB 274 -24.12 5.32 -86.25
N SER AB 275 -24.76 4.68 -87.25
CA SER AB 275 -24.15 4.31 -88.53
C SER AB 275 -23.70 5.54 -89.33
N THR AB 276 -24.50 6.63 -89.28
CA THR AB 276 -24.23 7.88 -90.00
C THR AB 276 -23.05 8.69 -89.44
N TYR AB 277 -22.63 8.39 -88.21
CA TYR AB 277 -21.53 9.08 -87.53
C TYR AB 277 -20.18 8.92 -88.24
N HIS AB 278 -19.47 10.03 -88.43
CA HIS AB 278 -18.15 10.04 -89.06
C HIS AB 278 -17.08 10.82 -88.26
N GLY AB 279 -17.37 11.09 -86.99
CA GLY AB 279 -16.46 11.87 -86.14
C GLY AB 279 -15.38 11.11 -85.40
N ASP AB 280 -14.71 11.81 -84.47
CA ASP AB 280 -13.60 11.29 -83.64
C ASP AB 280 -13.96 10.97 -82.18
N GLY AB 281 -15.23 11.14 -81.83
CA GLY AB 281 -15.74 10.87 -80.48
C GLY AB 281 -15.84 12.08 -79.56
N THR AB 282 -15.07 13.15 -79.88
CA THR AB 282 -15.02 14.41 -79.10
C THR AB 282 -16.37 15.10 -78.96
N ASP AB 283 -17.24 14.95 -79.98
CA ASP AB 283 -18.59 15.53 -79.99
C ASP AB 283 -19.65 14.58 -79.41
N LEU AB 284 -19.23 13.36 -79.00
CA LEU AB 284 -20.09 12.34 -78.40
C LEU AB 284 -19.90 12.23 -76.87
N PRO AB 285 -20.88 11.70 -76.09
CA PRO AB 285 -20.69 11.63 -74.62
C PRO AB 285 -19.52 10.76 -74.15
N ASP AB 286 -18.96 11.14 -72.99
CA ASP AB 286 -17.84 10.45 -72.33
C ASP AB 286 -18.23 9.09 -71.75
N VAL AB 287 -19.55 8.88 -71.54
CA VAL AB 287 -20.14 7.63 -71.05
C VAL AB 287 -21.37 7.27 -71.88
N ARG AB 288 -21.57 5.97 -72.14
CA ARG AB 288 -22.70 5.51 -72.92
C ARG AB 288 -23.78 4.84 -72.08
N THR AB 289 -24.94 5.51 -71.94
CA THR AB 289 -26.10 5.00 -71.22
C THR AB 289 -27.11 4.55 -72.27
N ALA AB 290 -27.11 3.24 -72.56
CA ALA AB 290 -27.99 2.64 -73.57
C ALA AB 290 -29.35 2.20 -73.03
N LYS AB 291 -30.36 2.15 -73.92
CA LYS AB 291 -31.73 1.68 -73.64
C LYS AB 291 -32.32 1.07 -74.91
N THR AB 292 -33.25 0.11 -74.75
CA THR AB 292 -33.90 -0.53 -75.90
C THR AB 292 -35.37 -0.14 -75.96
N LEU AB 293 -35.76 0.52 -77.07
CA LEU AB 293 -37.13 0.98 -77.31
C LEU AB 293 -37.80 0.26 -78.46
N PHE AB 294 -39.08 -0.12 -78.24
CA PHE AB 294 -39.89 -0.80 -79.23
C PHE AB 294 -41.05 0.08 -79.67
N TYR AB 295 -41.22 0.23 -80.99
CA TYR AB 295 -42.29 1.05 -81.56
C TYR AB 295 -43.14 0.29 -82.57
N ASP AB 296 -44.43 0.65 -82.63
CA ASP AB 296 -45.40 0.09 -83.54
C ASP AB 296 -45.58 1.02 -84.73
N ARG AB 297 -45.60 0.45 -85.94
CA ARG AB 297 -45.76 1.20 -87.20
C ARG AB 297 -47.12 1.88 -87.23
N ASP AB 298 -47.15 3.12 -87.74
CA ASP AB 298 -48.36 3.92 -87.85
C ASP AB 298 -49.33 3.34 -88.91
N ASP AB 299 -50.54 3.91 -89.01
CA ASP AB 299 -51.56 3.51 -89.98
C ASP AB 299 -51.11 3.71 -91.42
N HIS AB 300 -50.30 4.75 -91.68
CA HIS AB 300 -49.72 5.07 -92.99
C HIS AB 300 -48.69 3.99 -93.39
N GLY AB 301 -48.03 3.40 -92.40
CA GLY AB 301 -47.05 2.35 -92.57
C GLY AB 301 -45.60 2.80 -92.41
N ASN AB 302 -45.39 4.13 -92.33
CA ASN AB 302 -44.06 4.74 -92.22
C ASN AB 302 -43.37 4.54 -90.85
N PRO AB 303 -42.02 4.38 -90.84
CA PRO AB 303 -41.30 4.23 -89.54
C PRO AB 303 -41.38 5.49 -88.67
N PRO AB 304 -41.27 5.38 -87.32
CA PRO AB 304 -41.37 6.60 -86.49
C PRO AB 304 -40.26 7.62 -86.75
N GLU AB 305 -40.61 8.92 -86.79
CA GLU AB 305 -39.66 10.00 -87.06
C GLU AB 305 -38.56 10.09 -86.01
N LEU AB 306 -37.39 10.58 -86.42
CA LEU AB 306 -36.21 10.83 -85.62
C LEU AB 306 -36.52 11.77 -84.43
N SER AB 307 -37.28 12.86 -84.69
CA SER AB 307 -37.67 13.88 -83.70
C SER AB 307 -38.46 13.31 -82.52
N THR AB 308 -39.28 12.26 -82.75
CA THR AB 308 -40.07 11.60 -81.72
C THR AB 308 -39.17 10.74 -80.82
N ILE AB 309 -38.10 10.16 -81.41
CA ILE AB 309 -37.10 9.36 -80.69
C ILE AB 309 -36.30 10.29 -79.77
N LYS AB 310 -35.91 11.48 -80.28
CA LYS AB 310 -35.13 12.53 -79.61
C LYS AB 310 -35.60 12.87 -78.21
N VAL AB 311 -36.95 13.06 -78.03
CA VAL AB 311 -37.49 13.43 -76.71
C VAL AB 311 -37.24 12.37 -75.60
N GLU AB 312 -37.26 11.08 -75.99
CA GLU AB 312 -37.03 9.92 -75.13
C GLU AB 312 -35.53 9.65 -74.83
N ILE AB 313 -34.64 10.44 -75.46
CA ILE AB 313 -33.17 10.31 -75.37
C ILE AB 313 -32.47 11.66 -75.01
N SER AB 314 -33.27 12.72 -74.72
CA SER AB 314 -32.83 14.08 -74.37
C SER AB 314 -32.29 14.24 -72.93
N PRO AB 315 -31.28 15.12 -72.71
CA PRO AB 315 -30.74 15.28 -71.33
C PRO AB 315 -31.62 16.11 -70.39
N SER AB 316 -31.52 15.83 -69.08
CA SER AB 316 -32.25 16.55 -68.03
C SER AB 316 -31.41 17.68 -67.43
N THR AB 317 -32.07 18.68 -66.83
CA THR AB 317 -31.41 19.84 -66.25
C THR AB 317 -30.58 19.53 -64.99
N ILE AB 318 -29.25 19.34 -65.17
CA ILE AB 318 -28.31 19.08 -64.07
C ILE AB 318 -28.11 20.42 -63.37
N VAL AB 319 -28.61 20.52 -62.13
CA VAL AB 319 -28.58 21.74 -61.35
C VAL AB 319 -27.92 21.56 -59.98
N THR AB 320 -26.98 22.46 -59.62
CA THR AB 320 -26.27 22.41 -58.34
C THR AB 320 -27.12 23.01 -57.20
N ARG AB 321 -26.88 22.54 -55.98
CA ARG AB 321 -27.56 22.95 -54.76
C ARG AB 321 -26.49 23.18 -53.69
N LEU AB 322 -26.31 24.44 -53.23
CA LEU AB 322 -25.29 24.77 -52.24
C LEU AB 322 -25.90 25.19 -50.91
N ILE AB 323 -25.53 24.46 -49.84
CA ILE AB 323 -26.00 24.72 -48.48
C ILE AB 323 -24.79 25.15 -47.65
N PHE AB 324 -24.80 26.38 -47.11
CA PHE AB 324 -23.67 26.94 -46.37
C PHE AB 324 -24.05 27.89 -45.24
N ASN AB 325 -23.09 28.17 -44.32
CA ASN AB 325 -23.25 29.10 -43.20
C ASN AB 325 -23.39 30.53 -43.68
N GLN AB 326 -24.18 31.33 -42.94
CA GLN AB 326 -24.43 32.75 -43.21
C GLN AB 326 -23.13 33.54 -43.01
N ASN AB 327 -22.71 34.28 -44.04
CA ASN AB 327 -21.51 35.12 -43.98
C ASN AB 327 -21.95 36.49 -43.46
N GLU AB 328 -21.45 36.90 -42.28
CA GLU AB 328 -21.80 38.19 -41.69
C GLU AB 328 -21.20 39.39 -42.41
N LEU AB 329 -20.18 39.16 -43.26
CA LEU AB 329 -19.51 40.17 -44.08
C LEU AB 329 -20.43 40.61 -45.23
N LEU AB 330 -21.19 39.64 -45.80
CA LEU AB 330 -22.16 39.84 -46.88
C LEU AB 330 -23.36 38.91 -46.62
N PRO AB 331 -24.37 39.36 -45.82
CA PRO AB 331 -25.51 38.48 -45.51
C PRO AB 331 -26.44 38.27 -46.70
N LEU AB 332 -26.93 37.03 -46.82
CA LEU AB 332 -27.83 36.61 -47.89
C LEU AB 332 -29.14 36.11 -47.29
N TYR AB 333 -30.28 36.52 -47.87
CA TYR AB 333 -31.61 36.15 -47.37
C TYR AB 333 -32.45 35.45 -48.44
N VAL AB 334 -33.55 34.79 -48.02
CA VAL AB 334 -34.50 34.07 -48.88
C VAL AB 334 -35.08 34.98 -49.97
N ASN AB 335 -35.19 34.44 -51.22
CA ASN AB 335 -35.72 35.11 -52.41
C ASN AB 335 -34.89 36.29 -52.87
N ASP AB 336 -33.63 36.00 -53.19
CA ASP AB 336 -32.64 36.97 -53.64
C ASP AB 336 -31.93 36.38 -54.85
N LEU AB 337 -31.89 37.14 -55.96
CA LEU AB 337 -31.20 36.70 -57.18
C LEU AB 337 -29.70 36.84 -56.92
N VAL AB 338 -28.98 35.72 -56.88
CA VAL AB 338 -27.55 35.69 -56.55
C VAL AB 338 -26.64 34.91 -57.51
N ASP AB 339 -25.37 35.34 -57.59
CA ASP AB 339 -24.30 34.72 -58.37
C ASP AB 339 -23.19 34.37 -57.38
N ILE AB 340 -22.96 33.06 -57.19
CA ILE AB 340 -21.98 32.56 -56.22
C ILE AB 340 -20.70 31.99 -56.82
N TRP AB 341 -19.55 32.37 -56.24
CA TRP AB 341 -18.24 31.86 -56.62
C TRP AB 341 -17.85 30.78 -55.61
N TYR AB 342 -17.80 29.53 -56.05
CA TYR AB 342 -17.45 28.43 -55.15
C TYR AB 342 -16.43 27.46 -55.73
N GLU AB 343 -15.23 27.43 -55.12
CA GLU AB 343 -14.08 26.61 -55.46
C GLU AB 343 -13.55 26.83 -56.90
N GLY AB 344 -13.62 28.09 -57.36
CA GLY AB 344 -13.15 28.51 -58.68
C GLY AB 344 -14.21 28.50 -59.78
N LYS AB 345 -15.42 28.00 -59.46
CA LYS AB 345 -16.52 27.91 -60.42
C LYS AB 345 -17.64 28.89 -60.06
N LEU AB 346 -18.24 29.52 -61.07
CA LEU AB 346 -19.34 30.48 -60.88
C LEU AB 346 -20.71 29.81 -61.10
N TYR AB 347 -21.65 30.04 -60.17
CA TYR AB 347 -23.00 29.49 -60.20
C TYR AB 347 -24.06 30.59 -60.12
N SER AB 348 -25.06 30.57 -61.02
CA SER AB 348 -26.14 31.56 -61.06
C SER AB 348 -27.50 30.94 -60.70
N GLY AB 349 -28.12 31.46 -59.65
CA GLY AB 349 -29.40 30.96 -59.17
C GLY AB 349 -30.03 31.82 -58.11
N TYR AB 350 -30.75 31.21 -57.14
CA TYR AB 350 -31.39 31.97 -56.05
C TYR AB 350 -31.30 31.31 -54.68
N ILE AB 351 -31.58 32.06 -53.59
CA ILE AB 351 -31.61 31.54 -52.21
C ILE AB 351 -33.03 31.00 -51.95
N ALA AB 352 -33.17 29.67 -51.87
CA ALA AB 352 -34.44 28.98 -51.68
C ALA AB 352 -34.89 28.83 -50.23
N ASP AB 353 -33.96 28.56 -49.30
CA ASP AB 353 -34.29 28.38 -47.87
C ASP AB 353 -33.24 28.95 -46.91
N ARG AB 354 -33.60 29.05 -45.63
CA ARG AB 354 -32.76 29.57 -44.55
C ARG AB 354 -33.11 28.83 -43.25
N VAL AB 355 -32.13 28.14 -42.65
CA VAL AB 355 -32.35 27.41 -41.40
C VAL AB 355 -31.86 28.15 -40.17
N LYS AB 356 -32.79 28.48 -39.27
CA LYS AB 356 -32.50 29.16 -38.02
C LYS AB 356 -32.42 28.09 -36.93
N THR AB 357 -31.21 27.89 -36.37
CA THR AB 357 -30.95 26.91 -35.31
C THR AB 357 -30.31 27.60 -34.11
N GLU AB 358 -30.07 26.84 -33.02
CA GLU AB 358 -29.43 27.34 -31.82
C GLU AB 358 -27.94 27.58 -32.06
N PHE AB 359 -27.34 26.84 -33.00
CA PHE AB 359 -25.91 26.90 -33.32
C PHE AB 359 -25.58 27.69 -34.58
N ASN AB 360 -26.20 27.35 -35.73
CA ASN AB 360 -25.89 28.05 -36.98
C ASN AB 360 -27.07 28.67 -37.72
N ASP AB 361 -26.73 29.44 -38.76
CA ASP AB 361 -27.65 30.12 -39.67
C ASP AB 361 -27.15 29.69 -41.06
N ARG AB 362 -27.93 28.84 -41.76
CA ARG AB 362 -27.53 28.32 -43.06
C ARG AB 362 -28.52 28.59 -44.18
N LEU AB 363 -28.01 28.70 -45.43
CA LEU AB 363 -28.82 28.99 -46.63
C LEU AB 363 -28.84 27.80 -47.59
N ILE AB 364 -29.84 27.75 -48.50
CA ILE AB 364 -29.94 26.76 -49.57
C ILE AB 364 -29.97 27.52 -50.90
N PHE AB 365 -28.82 27.56 -51.57
CA PHE AB 365 -28.70 28.19 -52.89
C PHE AB 365 -29.04 27.14 -53.94
N VAL AB 366 -29.89 27.50 -54.92
CA VAL AB 366 -30.29 26.59 -55.99
C VAL AB 366 -30.07 27.25 -57.35
N GLU AB 367 -29.15 26.67 -58.17
CA GLU AB 367 -28.84 27.13 -59.52
C GLU AB 367 -30.08 26.89 -60.39
N SER AB 368 -30.45 27.84 -61.25
CA SER AB 368 -31.62 27.69 -62.10
C SER AB 368 -31.29 27.31 -63.54
N GLY AB 369 -30.00 27.25 -63.85
CA GLY AB 369 -29.51 26.89 -65.16
C GLY AB 369 -29.60 28.07 -66.12
N ASP AB 370 -29.87 27.76 -67.41
CA ASP AB 370 -30.01 28.72 -68.51
C ASP AB 370 -28.76 29.64 -68.61
N LYS AB 371 -27.57 29.02 -68.47
CA LYS AB 371 -26.26 29.67 -68.48
C LYS AB 371 -25.81 30.18 -69.87
N PRO AB 372 -25.78 29.38 -70.97
CA PRO AB 372 -25.33 29.95 -72.26
C PRO AB 372 -26.45 30.65 -73.01
N MET BB 1 -43.74 -24.78 -16.73
CA MET BB 1 -43.82 -24.90 -18.17
C MET BB 1 -45.16 -25.53 -18.63
N LEU BB 2 -45.38 -25.60 -19.96
CA LEU BB 2 -46.56 -26.18 -20.59
C LEU BB 2 -46.17 -27.44 -21.38
N GLU BB 3 -47.08 -28.42 -21.46
CA GLU BB 3 -46.86 -29.67 -22.18
C GLU BB 3 -47.22 -29.53 -23.66
N ALA BB 4 -46.37 -30.09 -24.55
CA ALA BB 4 -46.60 -30.00 -25.99
C ALA BB 4 -46.51 -31.33 -26.72
N ASN BB 5 -47.46 -31.57 -27.63
CA ASN BB 5 -47.52 -32.76 -28.47
C ASN BB 5 -47.14 -32.34 -29.88
N VAL BB 6 -46.06 -32.93 -30.42
CA VAL BB 6 -45.58 -32.60 -31.77
C VAL BB 6 -45.90 -33.71 -32.77
N TYR BB 7 -46.70 -33.37 -33.79
CA TYR BB 7 -47.12 -34.27 -34.86
C TYR BB 7 -46.57 -33.74 -36.17
N ASP BB 8 -46.39 -34.61 -37.19
CA ASP BB 8 -45.98 -34.17 -38.52
C ASP BB 8 -47.21 -33.56 -39.21
N ASN BB 9 -46.98 -32.71 -40.24
CA ASN BB 9 -48.04 -32.01 -40.99
C ASN BB 9 -49.28 -32.87 -41.26
N PHE BB 10 -50.47 -32.35 -40.91
CA PHE BB 10 -51.73 -33.03 -41.14
C PHE BB 10 -52.12 -32.88 -42.62
N ASN BB 11 -51.37 -33.59 -43.46
CA ASN BB 11 -51.49 -33.60 -44.91
C ASN BB 11 -52.85 -34.16 -45.33
N PRO BB 12 -53.72 -33.35 -45.97
CA PRO BB 12 -55.03 -33.86 -46.40
C PRO BB 12 -54.93 -34.79 -47.61
N ASN BB 13 -53.75 -34.82 -48.26
CA ASN BB 13 -53.46 -35.72 -49.40
C ASN BB 13 -53.32 -37.16 -48.90
N TYR BB 14 -53.16 -37.33 -47.57
CA TYR BB 14 -53.02 -38.62 -46.88
C TYR BB 14 -54.23 -38.94 -45.98
N TYR BB 15 -54.54 -38.04 -45.02
CA TYR BB 15 -55.61 -38.23 -44.04
C TYR BB 15 -57.06 -38.12 -44.53
N ASN BB 16 -57.28 -37.50 -45.71
CA ASN BB 16 -58.63 -37.37 -46.28
C ASN BB 16 -58.94 -38.55 -47.23
N ILE BB 17 -58.82 -39.77 -46.67
CA ILE BB 17 -59.08 -41.04 -47.35
C ILE BB 17 -59.91 -41.90 -46.38
N SER BB 18 -61.13 -42.29 -46.82
CA SER BB 18 -62.06 -43.10 -46.03
C SER BB 18 -61.81 -44.60 -46.17
N ASP BB 19 -60.61 -45.06 -45.78
CA ASP BB 19 -60.21 -46.47 -45.84
C ASP BB 19 -60.00 -47.13 -44.47
N PHE BB 20 -60.15 -46.35 -43.36
CA PHE BB 20 -60.00 -46.83 -41.99
C PHE BB 20 -61.16 -47.76 -41.64
N SER BB 21 -60.85 -49.03 -41.32
CA SER BB 21 -61.85 -50.04 -40.97
C SER BB 21 -62.26 -49.88 -39.50
N MET BB 22 -63.50 -49.40 -39.27
CA MET BB 22 -64.07 -49.19 -37.95
C MET BB 22 -64.40 -50.53 -37.27
N PRO BB 23 -64.43 -50.61 -35.91
CA PRO BB 23 -64.75 -51.88 -35.24
C PRO BB 23 -66.09 -52.52 -35.62
N ASN BB 24 -67.11 -51.71 -35.97
CA ASN BB 24 -68.43 -52.21 -36.37
C ASN BB 24 -68.39 -52.84 -37.77
N GLY BB 25 -67.53 -52.31 -38.64
CA GLY BB 25 -67.37 -52.80 -40.00
C GLY BB 25 -67.22 -51.74 -41.07
N LYS BB 26 -68.02 -50.65 -40.99
CA LYS BB 26 -68.02 -49.56 -41.98
C LYS BB 26 -66.69 -48.77 -42.09
N LYS BB 27 -66.48 -48.09 -43.23
CA LYS BB 27 -65.25 -47.33 -43.49
C LYS BB 27 -65.37 -45.84 -43.20
N GLU BB 28 -64.39 -45.30 -42.45
CA GLU BB 28 -64.29 -43.88 -42.07
C GLU BB 28 -62.92 -43.30 -42.46
N LYS BB 29 -62.76 -41.96 -42.35
CA LYS BB 29 -61.53 -41.22 -42.66
C LYS BB 29 -60.37 -41.63 -41.73
N ARG BB 30 -59.11 -41.46 -42.20
CA ARG BB 30 -57.91 -41.80 -41.43
C ARG BB 30 -57.75 -40.87 -40.21
N GLY BB 31 -57.68 -41.46 -39.02
CA GLY BB 31 -57.52 -40.74 -37.77
C GLY BB 31 -56.14 -40.13 -37.60
N LEU BB 32 -56.03 -39.10 -36.74
CA LEU BB 32 -54.77 -38.39 -36.47
C LEU BB 32 -53.71 -39.30 -35.86
N PRO BB 33 -52.40 -39.09 -36.15
CA PRO BB 33 -51.37 -39.98 -35.59
C PRO BB 33 -51.05 -39.69 -34.12
N ILE BB 34 -50.13 -40.49 -33.55
CA ILE BB 34 -49.63 -40.27 -32.19
C ILE BB 34 -48.49 -39.25 -32.29
N PRO BB 35 -48.22 -38.40 -31.26
CA PRO BB 35 -47.13 -37.42 -31.39
C PRO BB 35 -45.79 -38.12 -31.58
N LYS BB 36 -45.00 -37.68 -32.60
CA LYS BB 36 -43.68 -38.24 -32.88
C LYS BB 36 -42.71 -38.02 -31.70
N ALA BB 37 -42.99 -36.97 -30.89
CA ALA BB 37 -42.25 -36.60 -29.70
C ALA BB 37 -43.09 -35.75 -28.74
N ARG BB 38 -43.00 -36.07 -27.44
CA ARG BB 38 -43.65 -35.31 -26.36
C ARG BB 38 -42.58 -34.38 -25.82
N CYS BB 39 -42.85 -33.09 -25.89
CA CYS BB 39 -41.92 -32.09 -25.42
C CYS BB 39 -42.62 -31.06 -24.53
N GLN BB 40 -41.83 -30.12 -23.98
CA GLN BB 40 -42.33 -29.07 -23.11
C GLN BB 40 -42.01 -27.71 -23.68
N VAL BB 41 -43.05 -26.88 -23.85
CA VAL BB 41 -42.94 -25.53 -24.41
C VAL BB 41 -42.51 -24.52 -23.35
N ILE BB 42 -41.35 -23.87 -23.61
CA ILE BB 42 -40.72 -22.88 -22.74
C ILE BB 42 -40.48 -21.54 -23.47
N ASN BB 43 -40.47 -20.40 -22.72
CA ASN BB 43 -40.32 -19.03 -23.24
C ASN BB 43 -41.36 -18.78 -24.35
N TYR BB 44 -42.63 -18.68 -23.94
CA TYR BB 44 -43.76 -18.56 -24.84
C TYR BB 44 -44.64 -17.32 -24.75
N GLU BB 45 -45.32 -17.03 -25.88
CA GLU BB 45 -46.31 -16.00 -26.14
C GLU BB 45 -47.36 -16.77 -26.95
N LEU BB 46 -48.39 -17.32 -26.28
CA LEU BB 46 -49.39 -18.17 -26.95
C LEU BB 46 -50.79 -17.57 -27.08
N TRP BB 47 -51.18 -17.27 -28.32
CA TRP BB 47 -52.46 -16.66 -28.66
C TRP BB 47 -53.55 -17.71 -28.85
N GLU BB 48 -54.67 -17.52 -28.12
CA GLU BB 48 -55.83 -18.41 -28.14
C GLU BB 48 -56.52 -18.51 -29.50
N THR BB 49 -56.66 -17.39 -30.23
CA THR BB 49 -57.33 -17.37 -31.54
C THR BB 49 -56.45 -16.90 -32.71
N GLY BB 50 -55.54 -15.98 -32.44
CA GLY BB 50 -54.65 -15.39 -33.45
C GLY BB 50 -55.29 -14.25 -34.22
N TYR BB 51 -56.00 -13.36 -33.50
CA TYR BB 51 -56.71 -12.20 -34.04
C TYR BB 51 -55.76 -11.13 -34.58
N LEU BB 52 -54.70 -10.81 -33.82
CA LEU BB 52 -53.77 -9.74 -34.19
C LEU BB 52 -52.32 -10.18 -34.32
N TYR BB 53 -51.80 -10.93 -33.33
CA TYR BB 53 -50.41 -11.37 -33.32
C TYR BB 53 -50.29 -12.89 -33.52
N THR BB 54 -49.11 -13.31 -34.03
CA THR BB 54 -48.77 -14.73 -34.23
C THR BB 54 -47.96 -15.21 -33.04
N SER BB 55 -48.24 -16.45 -32.59
CA SER BB 55 -47.57 -17.07 -31.45
C SER BB 55 -46.11 -17.43 -31.69
N SER BB 56 -45.33 -17.53 -30.60
CA SER BB 56 -43.91 -17.87 -30.62
C SER BB 56 -43.57 -18.66 -29.37
N ALA BB 57 -42.73 -19.72 -29.52
CA ALA BB 57 -42.33 -20.60 -28.42
C ALA BB 57 -41.06 -21.40 -28.71
N THR BB 58 -40.20 -21.56 -27.69
CA THR BB 58 -38.98 -22.36 -27.78
C THR BB 58 -39.33 -23.76 -27.28
N LEU BB 59 -39.16 -24.78 -28.12
CA LEU BB 59 -39.53 -26.15 -27.77
C LEU BB 59 -38.32 -27.02 -27.50
N THR BB 60 -38.42 -27.97 -26.56
CA THR BB 60 -37.32 -28.86 -26.18
C THR BB 60 -36.84 -29.76 -27.31
N VAL BB 61 -37.77 -30.38 -28.05
CA VAL BB 61 -37.44 -31.23 -29.18
C VAL BB 61 -37.21 -30.36 -30.43
N SER BB 62 -36.35 -30.80 -31.36
CA SER BB 62 -36.03 -30.04 -32.56
C SER BB 62 -37.09 -30.18 -33.65
N VAL BB 63 -38.19 -29.42 -33.51
CA VAL BB 63 -39.31 -29.38 -34.44
C VAL BB 63 -38.89 -28.73 -35.77
N GLU BB 64 -39.57 -29.07 -36.87
CA GLU BB 64 -39.30 -28.48 -38.18
C GLU BB 64 -40.56 -27.86 -38.80
N VAL BB 65 -40.37 -26.98 -39.80
CA VAL BB 65 -41.45 -26.27 -40.50
C VAL BB 65 -42.44 -27.29 -41.10
N GLY BB 66 -43.72 -27.10 -40.79
CA GLY BB 66 -44.80 -27.96 -41.27
C GLY BB 66 -45.48 -28.73 -40.15
N ASP BB 67 -44.71 -29.12 -39.12
CA ASP BB 67 -45.18 -29.86 -37.95
C ASP BB 67 -46.29 -29.14 -37.18
N ILE BB 68 -47.23 -29.91 -36.62
CA ILE BB 68 -48.36 -29.39 -35.85
C ILE BB 68 -48.07 -29.51 -34.34
N VAL BB 69 -48.20 -28.39 -33.61
CA VAL BB 69 -47.95 -28.34 -32.17
C VAL BB 69 -49.24 -28.19 -31.36
N GLN BB 70 -49.53 -29.19 -30.52
CA GLN BB 70 -50.72 -29.23 -29.65
C GLN BB 70 -50.28 -28.96 -28.21
N ILE BB 71 -50.59 -27.76 -27.71
CA ILE BB 71 -50.24 -27.37 -26.34
C ILE BB 71 -51.37 -27.79 -25.40
N LEU BB 72 -51.00 -28.58 -24.38
CA LEU BB 72 -51.93 -29.16 -23.41
C LEU BB 72 -52.01 -28.40 -22.09
N PHE BB 73 -53.22 -28.30 -21.53
CA PHE BB 73 -53.55 -27.64 -20.27
C PHE BB 73 -54.37 -28.61 -19.40
N PRO BB 74 -54.06 -28.77 -18.08
CA PRO BB 74 -54.84 -29.70 -17.24
C PRO BB 74 -56.21 -29.18 -16.81
N GLU BB 75 -56.94 -28.55 -17.74
CA GLU BB 75 -58.27 -28.00 -17.49
C GLU BB 75 -59.21 -28.30 -18.66
N VAL BB 76 -60.53 -28.24 -18.40
CA VAL BB 76 -61.56 -28.56 -19.39
C VAL BB 76 -62.48 -27.40 -19.72
N VAL BB 77 -62.77 -27.25 -21.01
CA VAL BB 77 -63.64 -26.22 -21.55
C VAL BB 77 -64.98 -26.82 -22.02
N PRO BB 78 -66.11 -26.35 -21.47
CA PRO BB 78 -67.41 -26.85 -21.92
C PRO BB 78 -68.01 -25.90 -22.98
N ILE BB 79 -68.16 -26.41 -24.20
CA ILE BB 79 -68.78 -25.66 -25.29
C ILE BB 79 -70.20 -26.18 -25.46
N GLU BB 80 -71.17 -25.28 -25.71
CA GLU BB 80 -72.56 -25.68 -25.90
C GLU BB 80 -72.83 -25.84 -27.40
N GLU BB 81 -72.89 -27.12 -27.88
CA GLU BB 81 -73.10 -27.46 -29.30
C GLU BB 81 -74.58 -27.49 -29.72
N ALA BB 82 -75.49 -27.66 -28.76
CA ALA BB 82 -76.94 -27.65 -28.94
C ALA BB 82 -77.56 -26.87 -27.78
N LEU BB 83 -78.84 -26.52 -27.87
CA LEU BB 83 -79.54 -25.71 -26.86
C LEU BB 83 -79.29 -26.23 -25.44
N GLY BB 84 -79.41 -27.53 -25.28
CA GLY BB 84 -79.20 -28.18 -24.00
C GLY BB 84 -77.94 -29.01 -23.88
N LYS BB 85 -77.43 -29.50 -25.02
CA LYS BB 85 -76.25 -30.36 -25.06
C LYS BB 85 -74.92 -29.61 -24.91
N LYS BB 86 -74.09 -30.10 -23.96
CA LYS BB 86 -72.74 -29.62 -23.66
C LYS BB 86 -71.76 -30.78 -23.79
N LYS BB 87 -70.56 -30.51 -24.35
CA LYS BB 87 -69.54 -31.55 -24.51
C LYS BB 87 -68.26 -31.23 -23.74
N LYS BB 88 -67.78 -32.22 -22.96
CA LYS BB 88 -66.55 -32.11 -22.18
C LYS BB 88 -65.33 -32.09 -23.09
N LEU BB 89 -64.92 -30.89 -23.47
CA LEU BB 89 -63.80 -30.60 -24.36
C LEU BB 89 -62.56 -30.22 -23.53
N ASN BB 90 -61.44 -30.94 -23.72
CA ASN BB 90 -60.18 -30.67 -23.02
C ASN BB 90 -59.51 -29.42 -23.61
N LEU BB 91 -58.93 -28.53 -22.76
CA LEU BB 91 -58.27 -27.30 -23.23
C LEU BB 91 -57.02 -27.55 -24.07
N ASP BB 92 -57.05 -27.01 -25.30
CA ASP BB 92 -55.99 -27.17 -26.29
C ASP BB 92 -55.66 -25.88 -27.04
N MET BB 93 -54.39 -25.76 -27.44
CA MET BB 93 -53.86 -24.67 -28.25
C MET BB 93 -53.08 -25.32 -29.40
N VAL BB 94 -53.73 -25.43 -30.56
CA VAL BB 94 -53.20 -26.07 -31.77
C VAL BB 94 -52.64 -25.03 -32.75
N TYR BB 95 -51.38 -25.23 -33.17
CA TYR BB 95 -50.68 -24.35 -34.10
C TYR BB 95 -49.90 -25.13 -35.16
N LEU BB 96 -49.55 -24.44 -36.27
CA LEU BB 96 -48.71 -24.95 -37.35
C LEU BB 96 -47.38 -24.24 -37.25
N VAL BB 97 -46.26 -24.98 -37.38
CA VAL BB 97 -44.93 -24.39 -37.34
C VAL BB 97 -44.66 -23.70 -38.69
N THR BB 98 -44.44 -22.37 -38.66
CA THR BB 98 -44.17 -21.57 -39.86
C THR BB 98 -42.67 -21.36 -40.11
N ASP BB 99 -41.87 -21.19 -39.02
CA ASP BB 99 -40.42 -21.03 -39.08
C ASP BB 99 -39.74 -21.25 -37.73
N VAL BB 100 -38.59 -21.95 -37.75
CA VAL BB 100 -37.75 -22.25 -36.59
C VAL BB 100 -36.38 -21.61 -36.84
N ASP BB 101 -35.85 -20.85 -35.86
CA ASP BB 101 -34.53 -20.24 -35.99
C ASP BB 101 -33.43 -21.17 -35.46
N GLU BB 102 -32.19 -20.67 -35.34
CA GLU BB 102 -31.00 -21.38 -34.87
C GLU BB 102 -31.18 -21.87 -33.41
N SER BB 103 -31.77 -21.00 -32.56
CA SER BB 103 -32.02 -21.25 -31.13
C SER BB 103 -33.32 -22.05 -30.84
N ASN BB 104 -33.85 -22.74 -31.89
CA ASN BB 104 -35.06 -23.56 -31.86
C ASN BB 104 -36.37 -22.85 -31.41
N LYS BB 105 -36.41 -21.51 -31.57
CA LYS BB 105 -37.60 -20.72 -31.25
C LYS BB 105 -38.52 -20.80 -32.48
N ALA BB 106 -39.66 -21.50 -32.33
CA ALA BB 106 -40.62 -21.72 -33.41
C ALA BB 106 -41.71 -20.66 -33.48
N THR BB 107 -41.97 -20.14 -34.69
CA THR BB 107 -43.03 -19.17 -34.97
C THR BB 107 -44.28 -19.98 -35.25
N LEU BB 108 -45.27 -19.90 -34.34
CA LEU BB 108 -46.51 -20.66 -34.42
C LEU BB 108 -47.69 -19.85 -34.95
N LYS BB 109 -48.38 -20.41 -35.95
CA LYS BB 109 -49.57 -19.79 -36.54
C LYS BB 109 -50.78 -20.66 -36.18
N ASN BB 110 -51.84 -20.03 -35.64
CA ASN BB 110 -53.08 -20.69 -35.23
C ASN BB 110 -53.65 -21.52 -36.39
N TYR BB 111 -53.89 -22.83 -36.13
CA TYR BB 111 -54.35 -23.83 -37.09
C TYR BB 111 -55.42 -23.39 -38.09
N PHE BB 112 -56.48 -22.69 -37.62
CA PHE BB 112 -57.57 -22.24 -38.50
C PHE BB 112 -57.10 -21.29 -39.61
N TRP BB 113 -56.41 -20.20 -39.26
CA TRP BB 113 -55.93 -19.19 -40.20
C TRP BB 113 -54.87 -19.74 -41.16
N ALA BB 114 -54.18 -20.82 -40.75
CA ALA BB 114 -53.17 -21.53 -41.54
C ALA BB 114 -53.85 -22.52 -42.50
N MET BB 115 -55.07 -22.96 -42.15
CA MET BB 115 -55.89 -23.91 -42.90
C MET BB 115 -56.63 -23.22 -44.06
N ILE BB 116 -57.24 -22.04 -43.79
CA ILE BB 116 -57.97 -21.26 -44.80
C ILE BB 116 -57.05 -20.42 -45.70
N GLU BB 117 -55.73 -20.70 -45.67
CA GLU BB 117 -54.69 -20.02 -46.44
C GLU BB 117 -54.84 -20.22 -47.94
N SER BB 118 -54.60 -19.14 -48.71
CA SER BB 118 -54.58 -19.03 -50.16
C SER BB 118 -55.93 -19.32 -50.78
N LEU BB 119 -56.96 -19.45 -49.92
CA LEU BB 119 -58.30 -19.73 -50.41
C LEU BB 119 -59.00 -18.46 -50.83
N ASP BB 120 -59.55 -18.44 -52.05
CA ASP BB 120 -60.29 -17.29 -52.56
C ASP BB 120 -61.75 -17.64 -52.69
N VAL BB 121 -62.62 -16.68 -52.37
CA VAL BB 121 -64.07 -16.85 -52.40
C VAL BB 121 -64.78 -15.68 -53.11
N PRO BB 122 -65.43 -15.95 -54.27
CA PRO BB 122 -66.13 -14.87 -55.00
C PRO BB 122 -67.38 -14.36 -54.30
N ASN BB 123 -67.97 -13.29 -54.85
CA ASN BB 123 -69.19 -12.65 -54.35
C ASN BB 123 -70.39 -13.61 -54.36
N ALA BB 124 -70.37 -14.63 -55.25
CA ALA BB 124 -71.43 -15.63 -55.41
C ALA BB 124 -71.70 -16.48 -54.15
N ILE BB 125 -70.63 -16.90 -53.45
CA ILE BB 125 -70.75 -17.72 -52.24
C ILE BB 125 -71.16 -16.86 -51.04
N THR BB 126 -70.73 -15.58 -51.00
CA THR BB 126 -71.04 -14.64 -49.93
C THR BB 126 -72.52 -14.19 -49.92
N LYS BB 127 -73.25 -14.39 -51.03
CA LYS BB 127 -74.67 -14.04 -51.22
C LYS BB 127 -75.61 -14.75 -50.23
N THR BB 128 -75.25 -15.96 -49.80
CA THR BB 128 -76.02 -16.78 -48.86
C THR BB 128 -75.75 -16.43 -47.38
N THR BB 129 -76.25 -17.26 -46.45
CA THR BB 129 -76.07 -17.09 -45.01
C THR BB 129 -74.64 -17.40 -44.58
N ASN BB 130 -74.27 -17.04 -43.32
CA ASN BB 130 -72.94 -17.27 -42.76
C ASN BB 130 -72.58 -18.77 -42.64
N PHE BB 131 -73.60 -19.65 -42.53
CA PHE BB 131 -73.43 -21.11 -42.46
C PHE BB 131 -72.81 -21.69 -43.73
N ALA BB 132 -73.26 -21.21 -44.91
CA ALA BB 132 -72.79 -21.66 -46.23
C ALA BB 132 -71.32 -21.29 -46.48
N ILE BB 133 -70.90 -20.10 -46.00
CA ILE BB 133 -69.53 -19.59 -46.12
C ILE BB 133 -68.58 -20.41 -45.23
N ILE BB 134 -69.03 -20.74 -44.00
CA ILE BB 134 -68.28 -21.56 -43.03
C ILE BB 134 -68.15 -23.00 -43.55
N ASP BB 135 -69.24 -23.56 -44.14
CA ASP BB 135 -69.26 -24.90 -44.71
C ASP BB 135 -68.33 -25.01 -45.93
N TYR BB 136 -68.11 -23.90 -46.65
CA TYR BB 136 -67.21 -23.83 -47.80
C TYR BB 136 -65.76 -23.76 -47.31
N LEU BB 137 -65.46 -22.79 -46.42
CA LEU BB 137 -64.12 -22.55 -45.85
C LEU BB 137 -63.54 -23.75 -45.10
N ILE BB 138 -64.37 -24.48 -44.34
CA ILE BB 138 -63.94 -25.67 -43.62
C ILE BB 138 -64.32 -26.91 -44.44
N ASP BB 139 -63.35 -27.45 -45.20
CA ASP BB 139 -63.50 -28.62 -46.06
C ASP BB 139 -62.13 -29.25 -46.31
N PRO BB 140 -61.90 -30.53 -45.91
CA PRO BB 140 -60.58 -31.14 -46.13
C PRO BB 140 -60.26 -31.50 -47.59
N ASN BB 141 -61.26 -31.36 -48.50
CA ASN BB 141 -61.14 -31.64 -49.92
C ASN BB 141 -60.57 -30.42 -50.70
N LYS BB 142 -60.36 -29.28 -50.00
CA LYS BB 142 -59.85 -28.04 -50.58
C LYS BB 142 -58.65 -27.47 -49.79
N ASN BB 143 -58.81 -27.37 -48.45
CA ASN BB 143 -57.84 -26.80 -47.49
C ASN BB 143 -56.43 -27.38 -47.56
N ASN BB 144 -55.42 -26.56 -47.20
CA ASN BB 144 -54.01 -26.93 -47.13
C ASN BB 144 -53.78 -27.93 -45.97
N LEU BB 145 -54.62 -27.83 -44.91
CA LEU BB 145 -54.55 -28.66 -43.70
C LEU BB 145 -55.80 -29.50 -43.47
N MET BB 146 -55.63 -30.64 -42.79
CA MET BB 146 -56.70 -31.59 -42.48
C MET BB 146 -57.63 -31.10 -41.37
N SER BB 147 -58.94 -31.35 -41.53
CA SER BB 147 -60.01 -31.01 -40.60
C SER BB 147 -61.11 -32.06 -40.71
N TYR BB 148 -61.63 -32.54 -39.57
CA TYR BB 148 -62.63 -33.61 -39.54
C TYR BB 148 -64.07 -33.14 -39.36
N GLY BB 149 -64.27 -32.14 -38.51
CA GLY BB 149 -65.58 -31.58 -38.23
C GLY BB 149 -65.53 -30.21 -37.58
N TYR BB 150 -66.70 -29.63 -37.33
CA TYR BB 150 -66.82 -28.33 -36.69
C TYR BB 150 -68.08 -28.21 -35.86
N PHE BB 151 -67.97 -27.63 -34.65
CA PHE BB 151 -69.11 -27.43 -33.77
C PHE BB 151 -69.41 -25.94 -33.75
N PHE BB 152 -70.67 -25.55 -33.98
CA PHE BB 152 -71.04 -24.14 -33.96
C PHE BB 152 -72.43 -23.82 -33.43
N ASN BB 153 -72.58 -22.57 -32.97
CA ASN BB 153 -73.82 -22.01 -32.47
C ASN BB 153 -74.64 -21.52 -33.67
N SER BB 154 -75.82 -22.12 -33.85
CA SER BB 154 -76.76 -21.80 -34.92
C SER BB 154 -77.20 -20.34 -34.87
N SER BB 155 -77.39 -19.77 -33.67
CA SER BB 155 -77.85 -18.40 -33.46
C SER BB 155 -76.89 -17.30 -33.93
N ILE BB 156 -75.58 -17.45 -33.65
CA ILE BB 156 -74.57 -16.44 -34.02
C ILE BB 156 -74.30 -16.33 -35.54
N PHE BB 157 -74.39 -17.46 -36.29
CA PHE BB 157 -74.19 -17.48 -37.74
C PHE BB 157 -75.51 -17.55 -38.52
N ALA BB 158 -76.65 -17.41 -37.81
CA ALA BB 158 -78.00 -17.46 -38.38
C ALA BB 158 -78.29 -16.31 -39.33
N GLY BB 159 -77.79 -15.12 -38.96
CA GLY BB 159 -77.98 -13.88 -39.71
C GLY BB 159 -77.40 -13.88 -41.11
N LYS BB 160 -77.93 -12.99 -41.96
CA LYS BB 160 -77.52 -12.80 -43.35
C LYS BB 160 -76.10 -12.21 -43.39
N ALA BB 161 -75.25 -12.71 -44.30
CA ALA BB 161 -73.87 -12.28 -44.47
C ALA BB 161 -73.72 -10.80 -44.84
N THR BB 162 -72.56 -10.22 -44.52
CA THR BB 162 -72.21 -8.83 -44.82
C THR BB 162 -72.01 -8.64 -46.32
N ILE BB 163 -72.46 -7.48 -46.86
CA ILE BB 163 -72.32 -7.16 -48.29
C ILE BB 163 -70.88 -6.82 -48.67
N ASN BB 164 -70.36 -7.47 -49.72
CA ASN BB 164 -68.99 -7.31 -50.22
C ASN BB 164 -68.75 -5.96 -50.91
N ARG BB 165 -67.51 -5.45 -50.79
CA ARG BB 165 -67.07 -4.21 -51.43
C ARG BB 165 -66.75 -4.47 -52.90
N LYS BB 166 -67.38 -3.70 -53.82
CA LYS BB 166 -67.24 -3.80 -55.28
C LYS BB 166 -67.73 -5.14 -55.90
N ALA BB 167 -68.27 -6.06 -55.05
CA ALA BB 167 -68.77 -7.40 -55.40
C ALA BB 167 -67.69 -8.23 -56.14
N GLU BB 168 -66.42 -8.07 -55.70
CA GLU BB 168 -65.24 -8.71 -56.27
C GLU BB 168 -64.94 -10.07 -55.64
N THR BB 169 -63.79 -10.65 -56.01
CA THR BB 169 -63.27 -11.90 -55.48
C THR BB 169 -62.41 -11.56 -54.26
N SER BB 170 -62.85 -12.04 -53.08
CA SER BB 170 -62.16 -11.81 -51.80
C SER BB 170 -61.50 -13.08 -51.30
N SER BB 171 -60.39 -12.94 -50.54
CA SER BB 171 -59.68 -14.08 -49.97
C SER BB 171 -60.44 -14.62 -48.75
N ALA BB 172 -60.18 -15.88 -48.36
CA ALA BB 172 -60.83 -16.52 -47.21
C ALA BB 172 -60.51 -15.80 -45.90
N HIS BB 173 -59.31 -15.18 -45.81
CA HIS BB 173 -58.85 -14.41 -44.67
C HIS BB 173 -59.67 -13.12 -44.48
N ASP BB 174 -59.82 -12.33 -45.57
CA ASP BB 174 -60.56 -11.06 -45.59
C ASP BB 174 -62.05 -11.21 -45.27
N VAL BB 175 -62.69 -12.28 -45.82
CA VAL BB 175 -64.12 -12.54 -45.58
C VAL BB 175 -64.37 -13.02 -44.15
N ALA BB 176 -63.52 -13.92 -43.64
CA ALA BB 176 -63.60 -14.45 -42.28
C ALA BB 176 -63.49 -13.30 -41.29
N LYS BB 177 -62.48 -12.41 -41.47
CA LYS BB 177 -62.27 -11.21 -40.66
C LYS BB 177 -63.49 -10.30 -40.68
N ARG BB 178 -64.11 -10.11 -41.86
CA ARG BB 178 -65.29 -9.27 -42.05
C ARG BB 178 -66.52 -9.90 -41.36
N ILE BB 179 -66.66 -11.24 -41.44
CA ILE BB 179 -67.75 -12.00 -40.82
C ILE BB 179 -67.58 -12.03 -39.30
N PHE BB 180 -66.38 -12.44 -38.81
CA PHE BB 180 -66.05 -12.52 -37.39
C PHE BB 180 -66.16 -11.19 -36.63
N SER BB 181 -66.10 -10.05 -37.35
CA SER BB 181 -66.24 -8.71 -36.79
C SER BB 181 -67.71 -8.39 -36.49
N LYS BB 182 -68.61 -8.77 -37.42
CA LYS BB 182 -70.05 -8.55 -37.29
C LYS BB 182 -70.70 -9.54 -36.31
N VAL BB 183 -70.35 -10.84 -36.40
CA VAL BB 183 -70.89 -11.89 -35.52
C VAL BB 183 -70.31 -11.83 -34.10
N GLN BB 184 -69.19 -11.09 -33.91
CA GLN BB 184 -68.46 -10.91 -32.65
C GLN BB 184 -67.97 -12.24 -32.07
N PHE BB 185 -67.33 -13.05 -32.92
CA PHE BB 185 -66.81 -14.36 -32.55
C PHE BB 185 -65.46 -14.62 -33.19
N GLN BB 186 -64.68 -15.54 -32.62
CA GLN BB 186 -63.36 -15.95 -33.11
C GLN BB 186 -63.19 -17.49 -33.04
N PRO BB 187 -62.54 -18.12 -34.05
CA PRO BB 187 -62.42 -19.59 -34.02
C PRO BB 187 -61.24 -20.14 -33.23
N THR BB 188 -61.44 -21.32 -32.62
CA THR BB 188 -60.44 -22.05 -31.83
C THR BB 188 -60.32 -23.49 -32.34
N THR BB 189 -59.09 -23.94 -32.65
CA THR BB 189 -58.86 -25.31 -33.12
C THR BB 189 -58.47 -26.20 -31.93
N THR BB 190 -59.09 -27.40 -31.83
CA THR BB 190 -58.84 -28.35 -30.74
C THR BB 190 -58.83 -29.82 -31.20
N ILE BB 191 -57.85 -30.59 -30.67
CA ILE BB 191 -57.69 -32.02 -30.94
C ILE BB 191 -58.36 -32.81 -29.81
N GLN BB 192 -59.29 -33.69 -30.19
CA GLN BB 192 -60.07 -34.51 -29.26
C GLN BB 192 -60.45 -35.86 -29.84
N HIS BB 193 -60.49 -36.89 -28.98
CA HIS BB 193 -60.90 -38.25 -29.33
C HIS BB 193 -62.38 -38.24 -29.76
N ALA BB 194 -62.72 -38.99 -30.82
CA ALA BB 194 -64.07 -39.10 -31.40
C ALA BB 194 -65.18 -39.29 -30.34
N PRO BB 195 -66.36 -38.64 -30.48
CA PRO BB 195 -67.41 -38.76 -29.45
C PRO BB 195 -67.87 -40.18 -29.13
N SER BB 196 -68.14 -41.01 -30.16
CA SER BB 196 -68.58 -42.40 -29.99
C SER BB 196 -67.44 -43.28 -29.47
N GLU BB 197 -67.75 -44.11 -28.46
CA GLU BB 197 -66.80 -45.03 -27.81
C GLU BB 197 -66.30 -46.13 -28.75
N THR BB 198 -67.11 -46.49 -29.77
CA THR BB 198 -66.77 -47.49 -30.79
C THR BB 198 -65.62 -46.99 -31.67
N ASP BB 199 -65.68 -45.71 -32.10
CA ASP BB 199 -64.67 -45.06 -32.93
C ASP BB 199 -63.40 -44.77 -32.08
N PRO BB 200 -62.25 -45.42 -32.38
CA PRO BB 200 -61.05 -45.18 -31.57
C PRO BB 200 -60.13 -44.04 -32.06
N ARG BB 201 -60.51 -43.37 -33.16
CA ARG BB 201 -59.76 -42.28 -33.79
C ARG BB 201 -59.60 -41.05 -32.91
N ASN BB 202 -58.51 -40.30 -33.14
CA ASN BB 202 -58.21 -39.03 -32.52
C ASN BB 202 -58.49 -38.01 -33.63
N LEU BB 203 -59.36 -37.01 -33.37
CA LEU BB 203 -59.74 -36.05 -34.42
C LEU BB 203 -59.52 -34.58 -34.09
N LEU BB 204 -59.43 -33.74 -35.14
CA LEU BB 204 -59.24 -32.29 -35.06
C LEU BB 204 -60.54 -31.60 -35.47
N PHE BB 205 -61.03 -30.68 -34.62
CA PHE BB 205 -62.27 -29.94 -34.88
C PHE BB 205 -62.08 -28.44 -34.68
N ILE BB 206 -62.68 -27.64 -35.59
CA ILE BB 206 -62.65 -26.17 -35.49
C ILE BB 206 -63.86 -25.77 -34.64
N ASN BB 207 -63.66 -24.89 -33.65
CA ASN BB 207 -64.73 -24.48 -32.74
C ASN BB 207 -65.30 -23.10 -32.99
N PHE BB 208 -66.63 -23.05 -33.13
CA PHE BB 208 -67.43 -21.86 -33.29
C PHE BB 208 -68.57 -21.92 -32.27
N ALA BB 209 -68.29 -22.53 -31.10
CA ALA BB 209 -69.22 -22.69 -29.98
C ALA BB 209 -68.76 -21.97 -28.73
N SER BB 210 -69.70 -21.66 -27.82
CA SER BB 210 -69.44 -20.96 -26.56
C SER BB 210 -70.05 -21.66 -25.35
N ARG BB 211 -69.65 -21.25 -24.13
CA ARG BB 211 -70.12 -21.78 -22.83
C ARG BB 211 -71.65 -21.58 -22.64
N ASN BB 212 -72.21 -20.56 -23.31
CA ASN BB 212 -73.63 -20.24 -23.32
C ASN BB 212 -74.12 -20.27 -24.76
N TRP BB 213 -75.20 -21.01 -25.05
CA TRP BB 213 -75.79 -21.09 -26.39
C TRP BB 213 -76.35 -19.73 -26.76
N ASN BB 214 -77.10 -19.11 -25.83
CA ASN BB 214 -77.65 -17.77 -26.02
C ASN BB 214 -76.79 -16.81 -25.21
N ARG BB 215 -75.72 -16.30 -25.86
CA ARG BB 215 -74.72 -15.39 -25.29
C ARG BB 215 -75.31 -14.15 -24.62
N LYS BB 216 -74.81 -13.86 -23.41
CA LYS BB 216 -75.25 -12.74 -22.58
C LYS BB 216 -74.13 -11.69 -22.51
N ARG BB 217 -74.51 -10.40 -22.43
CA ARG BB 217 -73.58 -9.28 -22.36
C ARG BB 217 -73.28 -8.92 -20.90
N ILE BB 218 -71.98 -8.86 -20.56
CA ILE BB 218 -71.47 -8.58 -19.22
C ILE BB 218 -70.96 -7.14 -19.16
N THR BB 219 -71.12 -6.47 -18.00
CA THR BB 219 -70.62 -5.12 -17.82
C THR BB 219 -69.56 -5.07 -16.70
N THR BB 220 -68.30 -4.77 -17.07
CA THR BB 220 -67.15 -4.75 -16.15
C THR BB 220 -66.27 -3.49 -16.26
N ARG BB 221 -65.28 -3.35 -15.35
CA ARG BB 221 -64.32 -2.24 -15.30
C ARG BB 221 -62.90 -2.76 -15.45
N VAL BB 222 -62.09 -2.06 -16.25
CA VAL BB 222 -60.69 -2.37 -16.48
C VAL BB 222 -59.87 -1.18 -15.94
N ASP BB 223 -59.01 -1.45 -14.94
CA ASP BB 223 -58.18 -0.45 -14.27
C ASP BB 223 -56.86 -0.21 -15.00
N ILE BB 224 -56.23 0.97 -14.74
CA ILE BB 224 -54.95 1.39 -15.31
C ILE BB 224 -53.79 0.46 -14.84
N LYS BB 225 -53.97 -0.17 -13.65
CA LYS BB 225 -53.00 -1.11 -13.08
C LYS BB 225 -52.85 -2.41 -13.89
N GLN BB 226 -53.84 -2.71 -14.74
CA GLN BB 226 -53.88 -3.90 -15.60
C GLN BB 226 -53.02 -3.71 -16.88
N SER BB 227 -52.27 -2.60 -16.94
CA SER BB 227 -51.34 -2.28 -18.06
C SER BB 227 -51.98 -2.23 -19.48
N VAL BB 228 -52.97 -1.37 -19.63
CA VAL BB 228 -53.74 -1.23 -20.87
C VAL BB 228 -53.02 -0.51 -22.03
N THR BB 229 -53.01 -1.16 -23.21
CA THR BB 229 -52.47 -0.64 -24.46
C THR BB 229 -53.68 -0.26 -25.32
N MET BB 230 -53.99 1.04 -25.37
CA MET BB 230 -55.14 1.59 -26.09
C MET BB 230 -54.73 2.05 -27.49
N ASP BB 231 -55.38 1.45 -28.51
CA ASP BB 231 -55.14 1.75 -29.92
C ASP BB 231 -56.43 1.66 -30.74
N THR BB 232 -56.40 2.08 -32.01
CA THR BB 232 -57.60 2.09 -32.87
C THR BB 232 -57.49 1.21 -34.13
N GLU BB 233 -58.56 0.41 -34.40
CA GLU BB 233 -58.71 -0.46 -35.58
C GLU BB 233 -59.95 -0.01 -36.36
N THR BB 234 -59.97 -0.25 -37.69
CA THR BB 234 -61.12 0.09 -38.53
C THR BB 234 -61.75 -1.16 -39.15
N ILE BB 235 -63.04 -1.41 -38.84
CA ILE BB 235 -63.79 -2.58 -39.34
C ILE BB 235 -64.16 -2.37 -40.81
N VAL BB 236 -64.85 -1.26 -41.11
CA VAL BB 236 -65.33 -0.94 -42.45
C VAL BB 236 -64.39 0.04 -43.16
N ASP BB 237 -64.28 -0.09 -44.48
CA ASP BB 237 -63.46 0.77 -45.33
C ASP BB 237 -64.26 1.92 -45.88
N ARG BB 238 -63.87 3.14 -45.50
CA ARG BB 238 -64.51 4.37 -45.99
C ARG BB 238 -63.39 5.41 -46.13
N SER BB 239 -63.50 6.29 -47.14
CA SER BB 239 -62.44 7.26 -47.45
C SER BB 239 -62.07 8.29 -46.37
N ALA BB 240 -60.76 8.63 -46.32
CA ALA BB 240 -60.17 9.49 -45.29
C ALA BB 240 -59.94 10.99 -45.59
N TYR BB 241 -60.35 11.51 -46.76
CA TYR BB 241 -60.21 12.93 -47.01
C TYR BB 241 -61.65 13.45 -46.96
N ASN BB 242 -62.03 14.03 -45.81
CA ASN BB 242 -63.42 14.43 -45.54
C ASN BB 242 -64.00 15.58 -46.35
N PHE BB 243 -63.16 16.26 -47.14
CA PHE BB 243 -63.55 17.37 -47.98
C PHE BB 243 -63.28 17.01 -49.45
N ALA BB 244 -64.22 17.27 -50.35
CA ALA BB 244 -64.03 16.93 -51.76
C ALA BB 244 -64.10 18.10 -52.74
N VAL BB 245 -62.99 18.29 -53.49
CA VAL BB 245 -62.85 19.29 -54.55
C VAL BB 245 -63.21 18.53 -55.83
N VAL BB 246 -64.49 18.60 -56.22
CA VAL BB 246 -65.02 17.86 -57.38
C VAL BB 246 -64.99 18.68 -58.67
N PHE BB 247 -64.37 18.11 -59.71
CA PHE BB 247 -64.27 18.70 -61.05
C PHE BB 247 -65.17 17.94 -62.03
N VAL BB 248 -65.89 18.69 -62.88
CA VAL BB 248 -66.78 18.14 -63.91
C VAL BB 248 -66.31 18.64 -65.27
N LYS BB 249 -66.14 17.72 -66.22
CA LYS BB 249 -65.71 18.00 -67.60
C LYS BB 249 -66.80 18.81 -68.34
N ASN BB 250 -66.38 19.72 -69.24
CA ASN BB 250 -67.27 20.52 -70.08
C ASN BB 250 -67.48 19.78 -71.40
N LYS BB 251 -68.74 19.68 -71.86
CA LYS BB 251 -69.09 18.98 -73.11
C LYS BB 251 -68.51 19.62 -74.37
N ALA BB 252 -68.60 20.97 -74.47
CA ALA BB 252 -68.12 21.74 -75.63
C ALA BB 252 -66.60 21.70 -75.80
N THR BB 253 -65.84 21.77 -74.69
CA THR BB 253 -64.37 21.75 -74.73
C THR BB 253 -63.79 20.33 -74.59
N ASP BB 254 -64.61 19.35 -74.12
CA ASP BB 254 -64.21 17.95 -73.82
C ASP BB 254 -63.04 18.02 -72.82
N ASP BB 255 -63.05 19.10 -71.99
CA ASP BB 255 -62.06 19.44 -70.99
C ASP BB 255 -62.69 19.89 -69.67
N TYR BB 256 -61.85 20.05 -68.64
CA TYR BB 256 -62.34 20.37 -67.29
C TYR BB 256 -62.41 21.86 -67.08
N THR BB 257 -62.65 22.59 -68.16
CA THR BB 257 -62.60 24.07 -68.21
C THR BB 257 -63.40 24.78 -67.14
N ASP BB 258 -64.55 24.21 -66.80
CA ASP BB 258 -65.42 24.73 -65.74
C ASP BB 258 -64.80 24.64 -64.33
N PRO BB 259 -65.05 25.65 -63.45
CA PRO BB 259 -64.47 25.63 -62.09
C PRO BB 259 -65.02 24.52 -61.21
N PRO BB 260 -64.27 24.08 -60.16
CA PRO BB 260 -64.76 22.99 -59.30
C PRO BB 260 -65.83 23.37 -58.28
N LYS BB 261 -66.61 22.36 -57.84
CA LYS BB 261 -67.64 22.50 -56.82
C LYS BB 261 -67.20 21.72 -55.58
N MET BB 262 -67.06 22.41 -54.46
CA MET BB 262 -66.61 21.85 -53.20
C MET BB 262 -67.74 21.28 -52.37
N TYR BB 263 -67.59 20.03 -51.92
CA TYR BB 263 -68.58 19.33 -51.13
C TYR BB 263 -68.03 18.96 -49.76
N ILE BB 264 -68.76 19.38 -48.70
CA ILE BB 264 -68.40 19.14 -47.31
C ILE BB 264 -69.36 18.16 -46.63
N ALA BB 265 -68.79 17.25 -45.82
CA ALA BB 265 -69.55 16.27 -45.07
C ALA BB 265 -69.69 16.77 -43.62
N LYS BB 266 -70.94 17.00 -43.18
CA LYS BB 266 -71.28 17.47 -41.83
C LYS BB 266 -71.02 16.39 -40.77
N ASN BB 267 -71.01 16.80 -39.47
CA ASN BB 267 -70.80 15.89 -38.33
C ASN BB 267 -71.84 14.77 -38.24
N ASN BB 268 -73.09 15.07 -38.64
CA ASN BB 268 -74.19 14.10 -38.67
C ASN BB 268 -74.01 13.07 -39.80
N GLY BB 269 -73.33 13.48 -40.87
CA GLY BB 269 -73.05 12.65 -42.03
C GLY BB 269 -73.60 13.17 -43.34
N ASP BB 270 -74.43 14.23 -43.29
CA ASP BB 270 -75.04 14.84 -44.48
C ASP BB 270 -74.02 15.56 -45.34
N VAL BB 271 -73.97 15.20 -46.63
CA VAL BB 271 -73.04 15.79 -47.60
C VAL BB 271 -73.77 16.88 -48.38
N ILE BB 272 -73.28 18.12 -48.23
CA ILE BB 272 -73.81 19.33 -48.84
C ILE BB 272 -72.71 20.04 -49.64
N ASP BB 273 -73.10 20.96 -50.55
CA ASP BB 273 -72.16 21.79 -51.32
C ASP BB 273 -71.61 22.82 -50.31
N TYR BB 274 -70.30 23.17 -50.37
CA TYR BB 274 -69.72 24.15 -49.41
C TYR BB 274 -70.34 25.53 -49.54
N SER BB 275 -70.70 25.93 -50.77
CA SER BB 275 -71.33 27.22 -51.07
C SER BB 275 -72.73 27.33 -50.41
N THR BB 276 -73.47 26.20 -50.36
CA THR BB 276 -74.82 26.14 -49.76
C THR BB 276 -74.85 26.26 -48.23
N TYR BB 277 -73.69 26.08 -47.57
CA TYR BB 277 -73.56 26.15 -46.12
C TYR BB 277 -73.88 27.52 -45.56
N HIS BB 278 -74.68 27.56 -44.50
CA HIS BB 278 -75.08 28.81 -43.82
C HIS BB 278 -74.94 28.76 -42.29
N GLY BB 279 -74.17 27.79 -41.78
CA GLY BB 279 -74.01 27.60 -40.34
C GLY BB 279 -72.88 28.35 -39.68
N ASP BB 280 -72.59 27.99 -38.41
CA ASP BB 280 -71.55 28.60 -37.57
C ASP BB 280 -70.25 27.76 -37.38
N GLY BB 281 -70.19 26.60 -38.03
CA GLY BB 281 -69.03 25.72 -37.97
C GLY BB 281 -69.12 24.60 -36.95
N THR BB 282 -70.06 24.72 -35.98
CA THR BB 282 -70.28 23.73 -34.91
C THR BB 282 -70.74 22.36 -35.44
N ASP BB 283 -71.47 22.34 -36.56
CA ASP BB 283 -71.96 21.11 -37.20
C ASP BB 283 -70.98 20.56 -38.26
N LEU BB 284 -69.83 21.25 -38.46
CA LEU BB 284 -68.78 20.85 -39.41
C LEU BB 284 -67.56 20.26 -38.67
N PRO BB 285 -66.70 19.43 -39.34
CA PRO BB 285 -65.54 18.85 -38.63
C PRO BB 285 -64.52 19.86 -38.09
N ASP BB 286 -63.83 19.49 -36.99
CA ASP BB 286 -62.81 20.29 -36.33
C ASP BB 286 -61.51 20.40 -37.15
N VAL BB 287 -61.32 19.46 -38.10
CA VAL BB 287 -60.18 19.40 -39.03
C VAL BB 287 -60.67 19.13 -40.44
N ARG BB 288 -60.05 19.78 -41.44
CA ARG BB 288 -60.42 19.58 -42.83
C ARG BB 288 -59.37 18.79 -43.60
N THR BB 289 -59.70 17.54 -43.93
CA THR BB 289 -58.86 16.67 -44.74
C THR BB 289 -59.49 16.74 -46.14
N ALA BB 290 -58.78 17.33 -47.11
CA ALA BB 290 -59.31 17.51 -48.46
C ALA BB 290 -58.78 16.54 -49.49
N LYS BB 291 -59.48 16.41 -50.65
CA LYS BB 291 -59.12 15.58 -51.80
C LYS BB 291 -59.73 16.11 -53.08
N THR BB 292 -59.00 16.00 -54.20
CA THR BB 292 -59.48 16.47 -55.50
C THR BB 292 -59.92 15.27 -56.36
N LEU BB 293 -61.20 15.27 -56.77
CA LEU BB 293 -61.81 14.20 -57.56
C LEU BB 293 -62.17 14.62 -58.97
N PHE BB 294 -61.89 13.76 -59.96
CA PHE BB 294 -62.20 14.02 -61.37
C PHE BB 294 -63.29 13.10 -61.87
N TYR BB 295 -64.29 13.68 -62.54
CA TYR BB 295 -65.43 12.95 -63.08
C TYR BB 295 -65.68 13.20 -64.55
N ASP BB 296 -66.19 12.17 -65.23
CA ASP BB 296 -66.57 12.22 -66.63
C ASP BB 296 -68.08 12.26 -66.71
N ARG BB 297 -68.63 13.19 -67.51
CA ARG BB 297 -70.08 13.34 -67.69
C ARG BB 297 -70.69 12.09 -68.28
N ASP BB 298 -71.89 11.71 -67.81
CA ASP BB 298 -72.61 10.54 -68.29
C ASP BB 298 -73.08 10.70 -69.74
N ASP BB 299 -73.67 9.64 -70.31
CA ASP BB 299 -74.17 9.59 -71.69
C ASP BB 299 -75.28 10.62 -71.93
N HIS BB 300 -76.12 10.89 -70.89
CA HIS BB 300 -77.20 11.87 -70.93
C HIS BB 300 -76.62 13.29 -70.92
N GLY BB 301 -75.45 13.44 -70.28
CA GLY BB 301 -74.75 14.70 -70.15
C GLY BB 301 -74.83 15.33 -68.77
N ASN BB 302 -75.77 14.86 -67.92
CA ASN BB 302 -76.01 15.38 -66.57
C ASN BB 302 -74.83 15.20 -65.59
N PRO BB 303 -74.59 16.16 -64.66
CA PRO BB 303 -73.48 16.00 -63.70
C PRO BB 303 -73.62 14.78 -62.77
N PRO BB 304 -72.51 14.21 -62.21
CA PRO BB 304 -72.67 13.04 -61.30
C PRO BB 304 -73.48 13.36 -60.04
N GLU BB 305 -74.33 12.40 -59.65
CA GLU BB 305 -75.22 12.46 -58.49
C GLU BB 305 -74.50 12.78 -57.18
N LEU BB 306 -75.21 13.42 -56.23
CA LEU BB 306 -74.68 13.79 -54.91
C LEU BB 306 -74.33 12.57 -54.08
N SER BB 307 -75.23 11.56 -54.05
CA SER BB 307 -75.08 10.32 -53.31
C SER BB 307 -73.83 9.53 -53.73
N THR BB 308 -73.48 9.55 -55.04
CA THR BB 308 -72.29 8.86 -55.59
C THR BB 308 -70.99 9.50 -55.11
N ILE BB 309 -70.98 10.84 -54.95
CA ILE BB 309 -69.85 11.60 -54.42
C ILE BB 309 -69.68 11.26 -52.93
N LYS BB 310 -70.82 11.22 -52.20
CA LYS BB 310 -70.91 10.90 -50.77
C LYS BB 310 -70.10 9.66 -50.35
N VAL BB 311 -70.20 8.57 -51.13
CA VAL BB 311 -69.50 7.29 -50.90
C VAL BB 311 -67.97 7.49 -50.87
N GLU BB 312 -67.41 8.33 -51.76
CA GLU BB 312 -65.98 8.63 -51.90
C GLU BB 312 -65.46 9.61 -50.81
N ILE BB 313 -66.36 10.13 -49.96
CA ILE BB 313 -66.06 11.10 -48.89
C ILE BB 313 -66.77 10.73 -47.54
N SER BB 314 -66.94 9.42 -47.28
CA SER BB 314 -67.62 8.90 -46.09
C SER BB 314 -66.69 8.53 -44.91
N PRO BB 315 -67.10 8.74 -43.63
CA PRO BB 315 -66.23 8.35 -42.51
C PRO BB 315 -66.18 6.84 -42.25
N SER BB 316 -65.02 6.32 -41.83
CA SER BB 316 -64.83 4.90 -41.51
C SER BB 316 -65.06 4.59 -40.04
N THR BB 317 -65.38 3.32 -39.72
CA THR BB 317 -65.66 2.87 -38.36
C THR BB 317 -64.45 2.91 -37.42
N ILE BB 318 -64.34 3.99 -36.61
CA ILE BB 318 -63.25 4.16 -35.62
C ILE BB 318 -63.61 3.25 -34.44
N VAL BB 319 -62.79 2.21 -34.21
CA VAL BB 319 -63.00 1.22 -33.16
C VAL BB 319 -61.77 1.12 -32.25
N THR BB 320 -61.97 1.19 -30.91
CA THR BB 320 -60.89 1.13 -29.92
C THR BB 320 -60.56 -0.29 -29.47
N ARG BB 321 -59.26 -0.66 -29.54
CA ARG BB 321 -58.76 -1.97 -29.12
C ARG BB 321 -58.00 -1.86 -27.81
N LEU BB 322 -58.46 -2.57 -26.77
CA LEU BB 322 -57.85 -2.56 -25.44
C LEU BB 322 -57.23 -3.91 -25.08
N ILE BB 323 -55.89 -3.97 -24.95
CA ILE BB 323 -55.15 -5.18 -24.57
C ILE BB 323 -54.80 -5.00 -23.09
N PHE BB 324 -55.32 -5.89 -22.21
CA PHE BB 324 -55.14 -5.76 -20.77
C PHE BB 324 -54.90 -7.08 -20.03
N ASN BB 325 -54.33 -7.01 -18.81
CA ASN BB 325 -54.07 -8.15 -17.94
C ASN BB 325 -55.38 -8.71 -17.37
N GLN BB 326 -55.42 -10.03 -17.12
CA GLN BB 326 -56.56 -10.75 -16.57
C GLN BB 326 -56.81 -10.34 -15.11
N ASN BB 327 -58.07 -9.98 -14.79
CA ASN BB 327 -58.47 -9.60 -13.44
C ASN BB 327 -59.06 -10.83 -12.77
N GLU BB 328 -58.44 -11.31 -11.68
CA GLU BB 328 -58.91 -12.50 -10.96
C GLU BB 328 -60.21 -12.28 -10.17
N LEU BB 329 -60.59 -11.01 -9.95
CA LEU BB 329 -61.83 -10.61 -9.27
C LEU BB 329 -63.03 -10.84 -10.19
N LEU BB 330 -62.85 -10.61 -11.51
CA LEU BB 330 -63.85 -10.82 -12.57
C LEU BB 330 -63.12 -11.34 -13.82
N PRO BB 331 -62.92 -12.67 -13.93
CA PRO BB 331 -62.19 -13.21 -15.10
C PRO BB 331 -62.99 -13.14 -16.39
N LEU BB 332 -62.29 -12.79 -17.48
CA LEU BB 332 -62.86 -12.67 -18.84
C LEU BB 332 -62.15 -13.66 -19.76
N TYR BB 333 -62.93 -14.39 -20.58
CA TYR BB 333 -62.38 -15.39 -21.51
C TYR BB 333 -62.77 -15.09 -22.96
N VAL BB 334 -62.13 -15.80 -23.91
CA VAL BB 334 -62.35 -15.66 -25.36
C VAL BB 334 -63.83 -15.88 -25.74
N ASN BB 335 -64.35 -15.01 -26.65
CA ASN BB 335 -65.72 -15.00 -27.18
C ASN BB 335 -66.82 -14.57 -26.20
N ASP BB 336 -66.47 -13.71 -25.23
CA ASP BB 336 -67.41 -13.18 -24.24
C ASP BB 336 -67.85 -11.78 -24.61
N LEU BB 337 -69.18 -11.55 -24.67
CA LEU BB 337 -69.76 -10.25 -24.97
C LEU BB 337 -69.63 -9.38 -23.73
N VAL BB 338 -68.86 -8.29 -23.83
CA VAL BB 338 -68.54 -7.42 -22.71
C VAL BB 338 -68.74 -5.91 -22.93
N ASP BB 339 -68.91 -5.17 -21.82
CA ASP BB 339 -69.04 -3.72 -21.76
C ASP BB 339 -68.00 -3.24 -20.76
N ILE BB 340 -66.89 -2.68 -21.27
CA ILE BB 340 -65.77 -2.24 -20.45
C ILE BB 340 -65.74 -0.76 -20.11
N TRP BB 341 -65.51 -0.44 -18.82
CA TRP BB 341 -65.37 0.90 -18.31
C TRP BB 341 -63.88 1.18 -18.14
N TYR BB 342 -63.34 2.14 -18.93
CA TYR BB 342 -61.93 2.48 -18.87
C TYR BB 342 -61.65 3.98 -18.85
N GLU BB 343 -61.15 4.47 -17.70
CA GLU BB 343 -60.81 5.87 -17.40
C GLU BB 343 -61.99 6.85 -17.53
N GLY BB 344 -63.17 6.39 -17.14
CA GLY BB 344 -64.41 7.16 -17.16
C GLY BB 344 -65.24 7.04 -18.43
N LYS BB 345 -64.72 6.31 -19.45
CA LYS BB 345 -65.40 6.12 -20.73
C LYS BB 345 -65.83 4.66 -20.90
N LEU BB 346 -67.05 4.46 -21.46
CA LEU BB 346 -67.60 3.13 -21.69
C LEU BB 346 -67.37 2.68 -23.14
N TYR BB 347 -66.80 1.48 -23.31
CA TYR BB 347 -66.50 0.86 -24.61
C TYR BB 347 -67.19 -0.51 -24.66
N SER BB 348 -67.93 -0.80 -25.75
CA SER BB 348 -68.66 -2.07 -25.88
C SER BB 348 -68.18 -2.93 -27.04
N GLY BB 349 -67.91 -4.20 -26.77
CA GLY BB 349 -67.44 -5.13 -27.79
C GLY BB 349 -67.21 -6.54 -27.30
N TYR BB 350 -66.22 -7.25 -27.86
CA TYR BB 350 -65.97 -8.65 -27.43
C TYR BB 350 -64.50 -9.01 -27.13
N ILE BB 351 -64.26 -10.09 -26.34
CA ILE BB 351 -62.91 -10.59 -26.04
C ILE BB 351 -62.45 -11.46 -27.23
N ALA BB 352 -61.68 -10.86 -28.15
CA ALA BB 352 -61.21 -11.51 -29.37
C ALA BB 352 -60.10 -12.53 -29.19
N ASP BB 353 -59.13 -12.25 -28.30
CA ASP BB 353 -57.99 -13.14 -28.08
C ASP BB 353 -57.55 -13.22 -26.61
N ARG BB 354 -56.59 -14.12 -26.31
CA ARG BB 354 -56.02 -14.37 -24.99
C ARG BB 354 -54.58 -14.84 -25.15
N VAL BB 355 -53.63 -14.13 -24.50
CA VAL BB 355 -52.21 -14.49 -24.59
C VAL BB 355 -51.67 -15.18 -23.33
N LYS BB 356 -51.28 -16.44 -23.49
CA LYS BB 356 -50.71 -17.25 -22.41
C LYS BB 356 -49.20 -17.14 -22.46
N THR BB 357 -48.63 -16.48 -21.45
CA THR BB 357 -47.18 -16.30 -21.29
C THR BB 357 -46.77 -16.90 -19.94
N GLU BB 358 -45.47 -17.11 -19.73
CA GLU BB 358 -44.90 -17.66 -18.50
C GLU BB 358 -45.15 -16.74 -17.31
N PHE BB 359 -45.31 -15.43 -17.58
CA PHE BB 359 -45.50 -14.42 -16.54
C PHE BB 359 -46.94 -13.96 -16.35
N ASN BB 360 -47.60 -13.48 -17.43
CA ASN BB 360 -48.96 -12.98 -17.31
C ASN BB 360 -49.98 -13.59 -18.28
N ASP BB 361 -51.26 -13.27 -18.06
CA ASP BB 361 -52.37 -13.70 -18.88
C ASP BB 361 -53.11 -12.42 -19.29
N ARG BB 362 -53.16 -12.16 -20.61
CA ARG BB 362 -53.80 -10.95 -21.16
C ARG BB 362 -54.96 -11.23 -22.11
N LEU BB 363 -55.82 -10.21 -22.33
CA LEU BB 363 -57.00 -10.27 -23.20
C LEU BB 363 -57.02 -9.09 -24.16
N ILE BB 364 -57.53 -9.30 -25.39
CA ILE BB 364 -57.71 -8.24 -26.40
C ILE BB 364 -59.21 -7.96 -26.49
N PHE BB 365 -59.60 -6.71 -26.21
CA PHE BB 365 -60.99 -6.28 -26.30
C PHE BB 365 -61.17 -5.47 -27.58
N VAL BB 366 -62.15 -5.89 -28.41
CA VAL BB 366 -62.47 -5.25 -29.69
C VAL BB 366 -63.89 -4.70 -29.63
N GLU BB 367 -64.03 -3.36 -29.71
CA GLU BB 367 -65.31 -2.65 -29.70
C GLU BB 367 -66.04 -2.96 -31.02
N SER BB 368 -67.31 -3.38 -30.98
CA SER BB 368 -68.05 -3.69 -32.21
C SER BB 368 -68.59 -2.45 -32.93
N GLY BB 369 -68.52 -1.31 -32.25
CA GLY BB 369 -69.00 -0.03 -32.76
C GLY BB 369 -70.50 0.06 -32.72
N ASP BB 370 -71.10 0.67 -33.76
CA ASP BB 370 -72.54 0.89 -33.93
C ASP BB 370 -73.17 1.57 -32.68
N LYS BB 371 -72.46 2.57 -32.14
CA LYS BB 371 -72.83 3.33 -30.95
C LYS BB 371 -74.01 4.31 -31.16
N PRO BB 372 -74.02 5.25 -32.15
CA PRO BB 372 -75.19 6.14 -32.29
C PRO BB 372 -76.30 5.50 -33.10
#